data_3J9L
#
_entry.id   3J9L
#
_cell.length_a   1.000
_cell.length_b   1.000
_cell.length_c   1.000
_cell.angle_alpha   90.00
_cell.angle_beta   90.00
_cell.angle_gamma   90.00
#
_symmetry.space_group_name_H-M   'P 1'
#
loop_
_entity.id
_entity.type
_entity.pdbx_description
1 polymer 'Apaf-1 related killer DARK'
2 non-polymer "2'-DEOXYADENOSINE 5'-TRIPHOSPHATE"
#
_entity_poly.entity_id   1
_entity_poly.type   'polypeptide(L)'
_entity_poly.pdbx_seq_one_letter_code
;MDFETGEHQYQYKDILSVFEDAFVDNFDCKDVQDMPKSILSKEEIDHIIMSKDAVSGTLRLFWTLLSKQEEMVQKFVEEV
LRINYKFLMSPIKTEQRQPSMMTRMYIEQRDRLYNDNQVFAKYNVSRLQPYLKLRQALLELRPAKNVLIDGVLGSGKTWV
ALDVCLSYKVQCKMDFKIFWLNLKNCNSPETVLEMLQKLLYQIDPNWTSRSDHSSNIKLRIHSIQAELRRLLKSKPYENC
LLVLLNVQNAKAWNAFNLSCKILLTTRFKQVTDFLSAATTTHISLDHHSMTLTPDEVKSLLLKYLDCRPQDLPREVLTTN
PRRLSIIAESIRDGLATWDNWKHVNCDKLTTIIESSLNVLEPAEYRKMFDRLSVFPPSAHIPTILLSLIWFDVIKSDVMV
VVNKLHKYSLVEKQPKESTISIPSIYLELKVKLENEYALHRSIVDHYNIPKTFDSDDLIPPYLDQYFYSHIGHHLKNIEH
PERMTLFRMVFLDFRFLEQKIRHDSTAWNASGSILNTLQQLKFYKPYICDNDPKYERLVNAILDFLPKIEENLICSKYTD
LLRIALMAEDEAIFEEAHKQVQR(UNK)(UNK)(UNK)(UNK)(UNK)(UNK)(UNK)(UNK)(UNK)(UNK)(UNK)
(UNK)(UNK)(UNK)(UNK)(UNK)(UNK)(UNK)(UNK)(UNK)(UNK)(UNK)(UNK)(UNK)(UNK)(UNK)(UNK)
(UNK)(UNK)(UNK)(UNK)(UNK)(UNK)(UNK)(UNK)(UNK)(UNK)(UNK)(UNK)(UNK)(UNK)(UNK)(UNK)
(UNK)(UNK)(UNK)(UNK)(UNK)(UNK)(UNK)(UNK)(UNK)(UNK)(UNK)(UNK)(UNK)(UNK)(UNK)(UNK)
(UNK)(UNK)(UNK)(UNK)(UNK)(UNK)(UNK)(UNK)(UNK)(UNK)(UNK)(UNK)(UNK)(UNK)(UNK)(UNK)
(UNK)(UNK)(UNK)(UNK)(UNK)(UNK)(UNK)(UNK)(UNK)(UNK)(UNK)(UNK)(UNK)(UNK)(UNK)(UNK)
(UNK)(UNK)(UNK)(UNK)(UNK)(UNK)(UNK)(UNK)(UNK)(UNK)(UNK)(UNK)(UNK)(UNK)(UNK)(UNK)
(UNK)(UNK)(UNK)(UNK)(UNK)(UNK)(UNK)(UNK)(UNK)(UNK)(UNK)(UNK)(UNK)(UNK)(UNK)(UNK)
(UNK)(UNK)(UNK)(UNK)(UNK)(UNK)(UNK)(UNK)(UNK)(UNK)(UNK)(UNK)(UNK)(UNK)(UNK)(UNK)
(UNK)(UNK)(UNK)(UNK)(UNK)(UNK)(UNK)(UNK)(UNK)(UNK)(UNK)(UNK)(UNK)(UNK)(UNK)(UNK)
(UNK)(UNK)(UNK)(UNK)(UNK)(UNK)(UNK)(UNK)(UNK)(UNK)(UNK)(UNK)(UNK)(UNK)(UNK)(UNK)
(UNK)(UNK)(UNK)(UNK)(UNK)(UNK)(UNK)(UNK)(UNK)(UNK)(UNK)(UNK)(UNK)(UNK)(UNK)(UNK)
(UNK)(UNK)(UNK)(UNK)(UNK)(UNK)(UNK)(UNK)(UNK)(UNK)(UNK)(UNK)(UNK)(UNK)(UNK)(UNK)
(UNK)(UNK)(UNK)(UNK)(UNK)(UNK)(UNK)(UNK)(UNK)(UNK)(UNK)(UNK)(UNK)(UNK)(UNK)(UNK)
(UNK)(UNK)(UNK)(UNK)(UNK)(UNK)(UNK)(UNK)(UNK)(UNK)(UNK)(UNK)(UNK)(UNK)(UNK)(UNK)
(UNK)(UNK)(UNK)(UNK)(UNK)(UNK)(UNK)(UNK)(UNK)(UNK)(UNK)(UNK)(UNK)(UNK)(UNK)(UNK)
(UNK)(UNK)(UNK)(UNK)(UNK)(UNK)(UNK)(UNK)(UNK)(UNK)(UNK)(UNK)(UNK)(UNK)(UNK)(UNK)
(UNK)(UNK)(UNK)(UNK)(UNK)(UNK)(UNK)(UNK)(UNK)(UNK)(UNK)(UNK)(UNK)(UNK)(UNK)(UNK)
(UNK)(UNK)(UNK)(UNK)(UNK)(UNK)(UNK)(UNK)(UNK)(UNK)(UNK)(UNK)(UNK)(UNK)(UNK)(UNK)
(UNK)(UNK)(UNK)(UNK)(UNK)(UNK)(UNK)(UNK)(UNK)(UNK)(UNK)(UNK)(UNK)(UNK)(UNK)(UNK)
(UNK)(UNK)(UNK)(UNK)(UNK)(UNK)(UNK)(UNK)(UNK)(UNK)(UNK)(UNK)(UNK)(UNK)(UNK)(UNK)
(UNK)(UNK)(UNK)(UNK)(UNK)(UNK)(UNK)(UNK)(UNK)(UNK)(UNK)(UNK)(UNK)(UNK)(UNK)(UNK)
(UNK)(UNK)(UNK)(UNK)(UNK)(UNK)(UNK)(UNK)(UNK)(UNK)(UNK)(UNK)(UNK)(UNK)(UNK)(UNK)
(UNK)(UNK)(UNK)(UNK)(UNK)(UNK)(UNK)(UNK)(UNK)(UNK)(UNK)(UNK)(UNK)(UNK)(UNK)(UNK)
(UNK)(UNK)(UNK)(UNK)(UNK)(UNK)(UNK)(UNK)(UNK)(UNK)(UNK)(UNK)(UNK)(UNK)(UNK)(UNK)
(UNK)(UNK)(UNK)(UNK)(UNK)(UNK)(UNK)(UNK)(UNK)(UNK)(UNK)(UNK)(UNK)(UNK)(UNK)(UNK)
(UNK)(UNK)(UNK)(UNK)(UNK)(UNK)(UNK)(UNK)(UNK)(UNK)(UNK)(UNK)(UNK)(UNK)(UNK)(UNK)
(UNK)(UNK)(UNK)(UNK)(UNK)(UNK)(UNK)(UNK)(UNK)(UNK)(UNK)(UNK)(UNK)(UNK)(UNK)(UNK)
(UNK)(UNK)(UNK)(UNK)(UNK)(UNK)(UNK)(UNK)(UNK)(UNK)(UNK)(UNK)(UNK)(UNK)(UNK)(UNK)
(UNK)(UNK)(UNK)(UNK)(UNK)(UNK)(UNK)(UNK)(UNK)(UNK)(UNK)(UNK)(UNK)(UNK)(UNK)(UNK)
(UNK)(UNK)(UNK)(UNK)(UNK)(UNK)(UNK)(UNK)(UNK)(UNK)(UNK)(UNK)(UNK)(UNK)(UNK)(UNK)
(UNK)(UNK)(UNK)(UNK)(UNK)(UNK)(UNK)(UNK)(UNK)(UNK)(UNK)(UNK)(UNK)(UNK)(UNK)(UNK)
(UNK)(UNK)(UNK)(UNK)(UNK)(UNK)(UNK)(UNK)(UNK)(UNK)(UNK)(UNK)(UNK)
;
_entity_poly.pdbx_strand_id   A,C,D,E,F,G,H,I,J,K,L,M,N,O,P,Q
#
loop_
_chem_comp.id
_chem_comp.type
_chem_comp.name
_chem_comp.formula
DTP non-polymer '2'-DEOXYADENOSINE 5'-TRIPHOSPHATE' 'C10 H16 N5 O12 P3'
#
# COMPACT_ATOMS: atom_id res chain seq x y z
N TYR A 10 -7.98 48.19 -5.90
CA TYR A 10 -9.19 48.23 -5.08
C TYR A 10 -9.69 49.65 -4.98
N GLN A 11 -10.30 50.01 -3.85
CA GLN A 11 -10.84 51.36 -3.72
C GLN A 11 -10.67 51.90 -2.30
N TYR A 12 -10.32 53.19 -2.21
CA TYR A 12 -10.18 53.83 -0.91
C TYR A 12 -11.41 53.85 -0.06
N LYS A 13 -12.55 54.11 -0.67
CA LYS A 13 -13.76 54.22 0.11
C LYS A 13 -14.15 52.91 0.78
N ASP A 14 -14.04 51.80 0.07
CA ASP A 14 -14.35 50.51 0.66
C ASP A 14 -13.39 50.15 1.78
N ILE A 15 -12.13 50.46 1.61
CA ILE A 15 -11.12 50.04 2.56
C ILE A 15 -11.44 50.63 3.91
N LEU A 16 -11.96 51.84 3.94
CA LEU A 16 -11.97 52.67 5.14
C LEU A 16 -12.69 52.02 6.27
N SER A 17 -13.86 51.53 5.96
CA SER A 17 -14.77 51.00 6.97
C SER A 17 -14.11 49.92 7.83
N VAL A 18 -13.16 49.21 7.22
CA VAL A 18 -12.43 48.14 7.88
C VAL A 18 -11.87 48.56 9.24
N PHE A 19 -11.00 49.55 9.25
CA PHE A 19 -10.35 49.95 10.48
C PHE A 19 -11.07 51.14 11.09
N GLU A 20 -12.39 51.05 11.12
CA GLU A 20 -13.20 52.04 11.84
C GLU A 20 -13.02 51.79 13.33
N ASP A 21 -12.84 50.53 13.72
CA ASP A 21 -12.55 50.16 15.12
C ASP A 21 -11.49 51.06 15.74
N ALA A 22 -10.44 51.35 14.95
CA ALA A 22 -9.34 52.23 15.37
C ALA A 22 -9.80 53.69 15.40
N PHE A 23 -10.46 54.13 14.34
CA PHE A 23 -10.87 55.52 14.19
C PHE A 23 -11.66 56.08 15.39
N VAL A 24 -12.33 55.19 16.13
CA VAL A 24 -13.01 55.56 17.37
C VAL A 24 -12.03 55.70 18.49
N ASP A 25 -11.06 54.80 18.47
CA ASP A 25 -10.06 54.75 19.51
C ASP A 25 -9.25 56.04 19.61
N ASN A 26 -8.72 56.57 18.52
CA ASN A 26 -8.00 57.83 18.63
C ASN A 26 -8.43 59.06 17.83
N PHE A 27 -8.99 58.89 16.64
CA PHE A 27 -9.34 60.04 15.82
C PHE A 27 -10.45 60.78 16.51
N ASP A 28 -10.40 62.10 16.46
CA ASP A 28 -11.59 62.91 16.71
C ASP A 28 -11.81 64.01 15.70
N CYS A 29 -13.00 64.05 15.10
CA CYS A 29 -13.33 65.15 14.20
C CYS A 29 -13.48 66.51 14.85
N LYS A 30 -14.24 66.54 15.94
CA LYS A 30 -14.69 67.80 16.55
C LYS A 30 -13.52 68.77 16.67
N ASP A 31 -12.45 68.33 17.28
CA ASP A 31 -11.24 69.14 17.32
C ASP A 31 -10.76 69.25 15.89
N VAL A 32 -10.91 68.13 15.19
CA VAL A 32 -10.09 67.73 14.08
C VAL A 32 -10.53 68.25 12.73
N GLN A 33 -10.50 69.56 12.54
CA GLN A 33 -10.91 70.10 11.25
C GLN A 33 -10.33 71.42 10.78
N ASP A 34 -9.45 71.35 9.80
CA ASP A 34 -9.37 72.27 8.68
C ASP A 34 -10.68 72.04 7.92
N MET A 35 -11.06 70.77 7.84
CA MET A 35 -12.25 70.34 7.13
C MET A 35 -12.35 70.79 5.68
N PRO A 36 -11.26 70.45 4.86
CA PRO A 36 -11.25 71.18 3.58
C PRO A 36 -12.49 70.90 2.77
N LYS A 37 -13.05 71.99 2.31
CA LYS A 37 -14.46 72.17 2.08
C LYS A 37 -14.95 71.15 1.09
N SER A 38 -14.15 70.87 0.09
CA SER A 38 -14.53 69.87 -0.91
C SER A 38 -14.49 68.38 -0.49
N ILE A 39 -13.42 67.92 0.16
CA ILE A 39 -13.46 66.58 0.74
C ILE A 39 -14.69 66.38 1.66
N LEU A 40 -14.85 67.25 2.65
CA LEU A 40 -16.02 67.23 3.52
C LEU A 40 -16.75 68.57 3.51
N SER A 41 -18.07 68.54 3.47
CA SER A 41 -18.88 69.76 3.50
C SER A 41 -18.58 70.56 4.76
N LYS A 42 -19.15 71.75 4.88
CA LYS A 42 -18.82 72.61 6.01
C LYS A 42 -19.86 72.40 7.10
N GLU A 43 -21.09 72.10 6.68
CA GLU A 43 -22.16 71.71 7.61
C GLU A 43 -21.86 70.34 8.19
N GLU A 44 -21.60 69.39 7.30
CA GLU A 44 -21.37 68.00 7.68
C GLU A 44 -20.19 67.88 8.64
N ILE A 45 -19.15 68.65 8.37
CA ILE A 45 -18.15 68.91 9.34
C ILE A 45 -18.89 69.60 10.47
N ASP A 46 -19.83 70.44 10.07
CA ASP A 46 -20.61 71.17 11.04
C ASP A 46 -21.37 70.13 11.83
N HIS A 47 -22.00 69.20 11.12
CA HIS A 47 -22.86 68.26 11.78
C HIS A 47 -22.13 67.35 12.75
N ILE A 48 -21.04 66.78 12.28
CA ILE A 48 -20.49 65.65 12.97
C ILE A 48 -20.06 65.94 14.39
N ILE A 49 -19.29 67.00 14.58
CA ILE A 49 -18.60 67.25 15.84
C ILE A 49 -19.61 67.47 16.96
N MET A 50 -20.83 67.77 16.54
CA MET A 50 -21.88 68.06 17.48
C MET A 50 -22.73 66.85 17.82
N SER A 51 -22.43 65.70 17.23
CA SER A 51 -23.08 64.47 17.65
C SER A 51 -22.51 64.02 18.99
N LYS A 52 -23.25 63.20 19.71
CA LYS A 52 -23.02 63.03 21.13
C LYS A 52 -21.67 62.46 21.53
N ASP A 53 -21.21 61.42 20.86
CA ASP A 53 -20.17 60.55 21.41
C ASP A 53 -18.94 60.38 20.56
N ALA A 54 -18.18 59.31 20.84
CA ALA A 54 -17.16 58.92 19.90
C ALA A 54 -17.62 57.85 18.91
N VAL A 55 -18.33 56.85 19.39
CA VAL A 55 -18.69 55.74 18.52
C VAL A 55 -19.62 56.14 17.40
N SER A 56 -20.32 57.25 17.60
CA SER A 56 -21.34 57.76 16.71
C SER A 56 -20.71 58.77 15.75
N GLY A 57 -19.78 59.54 16.27
CA GLY A 57 -19.07 60.47 15.41
C GLY A 57 -18.31 59.69 14.38
N THR A 58 -17.66 58.63 14.77
CA THR A 58 -16.90 58.00 13.73
C THR A 58 -17.97 57.81 12.68
N LEU A 59 -19.14 57.31 13.07
CA LEU A 59 -20.10 56.81 12.13
C LEU A 59 -20.63 57.82 11.14
N ARG A 60 -20.85 59.04 11.60
CA ARG A 60 -21.16 60.07 10.63
C ARG A 60 -19.97 60.30 9.72
N LEU A 61 -18.77 60.39 10.29
CA LEU A 61 -17.64 60.73 9.44
C LEU A 61 -17.49 59.68 8.34
N PHE A 62 -17.41 58.41 8.75
CA PHE A 62 -17.24 57.32 7.81
C PHE A 62 -18.47 57.20 6.93
N TRP A 63 -19.61 57.68 7.39
CA TRP A 63 -20.80 57.59 6.56
C TRP A 63 -20.80 58.61 5.44
N THR A 64 -20.90 59.89 5.81
CA THR A 64 -20.99 60.98 4.85
C THR A 64 -19.86 60.95 3.81
N LEU A 65 -18.67 60.62 4.29
CA LEU A 65 -17.47 60.64 3.47
C LEU A 65 -17.42 59.50 2.45
N LEU A 66 -18.11 58.43 2.79
CA LEU A 66 -18.44 57.36 1.86
C LEU A 66 -19.35 57.86 0.75
N SER A 67 -20.19 58.84 1.10
CA SER A 67 -21.20 59.36 0.19
C SER A 67 -20.58 60.05 -1.02
N LYS A 68 -19.50 60.77 -0.74
CA LYS A 68 -18.83 61.59 -1.74
C LYS A 68 -18.06 60.76 -2.75
N GLN A 69 -17.75 61.36 -3.89
CA GLN A 69 -17.11 60.65 -4.98
C GLN A 69 -15.76 60.13 -4.52
N GLU A 70 -15.40 58.97 -5.04
CA GLU A 70 -14.31 58.16 -4.54
C GLU A 70 -12.94 58.82 -4.60
N GLU A 71 -12.84 59.89 -5.38
CA GLU A 71 -11.57 60.54 -5.63
C GLU A 71 -11.13 61.49 -4.52
N MET A 72 -12.09 62.16 -3.87
CA MET A 72 -11.74 63.15 -2.88
C MET A 72 -11.29 62.48 -1.59
N VAL A 73 -11.99 61.43 -1.21
CA VAL A 73 -11.66 60.83 0.06
C VAL A 73 -10.16 60.86 0.13
N GLN A 74 -9.51 60.50 -0.98
CA GLN A 74 -8.06 60.48 -1.06
C GLN A 74 -7.50 61.77 -0.46
N LYS A 75 -8.24 62.85 -0.63
CA LYS A 75 -7.85 64.12 -0.06
C LYS A 75 -7.78 63.88 1.44
N PHE A 76 -8.81 63.20 1.89
CA PHE A 76 -8.99 62.94 3.30
C PHE A 76 -7.98 61.92 3.76
N VAL A 77 -7.91 60.85 3.01
CA VAL A 77 -7.08 59.72 3.33
C VAL A 77 -5.62 60.13 3.34
N GLU A 78 -5.25 61.02 2.44
CA GLU A 78 -3.84 61.29 2.27
C GLU A 78 -3.36 62.60 2.84
N GLU A 79 -3.57 63.65 2.09
CA GLU A 79 -3.06 64.93 2.50
C GLU A 79 -3.64 65.44 3.79
N VAL A 80 -4.95 65.31 3.94
CA VAL A 80 -5.61 65.77 5.16
C VAL A 80 -5.14 65.02 6.40
N LEU A 81 -5.53 63.77 6.47
CA LEU A 81 -5.50 63.04 7.70
C LEU A 81 -4.08 62.92 8.18
N ARG A 82 -3.19 63.01 7.21
CA ARG A 82 -1.76 63.04 7.42
C ARG A 82 -1.30 64.29 8.18
N ILE A 83 -1.97 65.41 7.94
CA ILE A 83 -1.46 66.68 8.44
C ILE A 83 -1.36 66.72 9.97
N ASN A 84 -2.36 66.16 10.65
CA ASN A 84 -2.27 66.03 12.08
C ASN A 84 -2.13 64.58 12.49
N TYR A 85 -1.98 63.70 11.51
CA TYR A 85 -1.98 62.28 11.79
C TYR A 85 -0.92 61.57 11.00
N LYS A 86 -0.35 60.55 11.67
CA LYS A 86 0.54 59.54 11.08
C LYS A 86 0.12 58.09 11.28
N PHE A 87 0.05 57.73 12.56
CA PHE A 87 -0.25 56.36 12.97
C PHE A 87 -1.39 55.84 12.14
N LEU A 88 -2.45 56.61 12.05
CA LEU A 88 -3.50 56.26 11.18
C LEU A 88 -3.27 56.07 9.67
N MET A 89 -2.81 57.13 8.99
CA MET A 89 -2.70 57.14 7.54
C MET A 89 -2.13 55.85 6.95
N SER A 90 -1.04 55.38 7.55
CA SER A 90 -0.33 54.25 7.05
C SER A 90 -1.23 53.05 7.13
N PRO A 91 -1.90 52.88 8.36
CA PRO A 91 -2.77 51.71 8.38
C PRO A 91 -3.76 51.63 7.24
N ILE A 92 -4.43 52.69 6.85
CA ILE A 92 -5.29 52.55 5.68
C ILE A 92 -4.46 52.31 4.45
N LYS A 93 -3.45 53.15 4.26
CA LYS A 93 -2.66 53.17 3.05
C LYS A 93 -2.05 51.82 2.73
N THR A 94 -1.76 51.06 3.79
CA THR A 94 -1.16 49.76 3.65
C THR A 94 -2.26 48.87 3.14
N GLU A 95 -3.46 49.40 3.16
CA GLU A 95 -4.64 48.68 2.73
C GLU A 95 -5.00 48.83 1.25
N GLN A 96 -4.92 50.05 0.78
CA GLN A 96 -5.45 50.26 -0.51
C GLN A 96 -4.66 49.27 -1.34
N ARG A 97 -3.35 49.19 -1.15
CA ARG A 97 -2.65 48.08 -1.76
C ARG A 97 -2.88 46.72 -1.09
N GLN A 98 -2.75 46.68 0.23
CA GLN A 98 -2.58 45.40 0.92
C GLN A 98 -3.75 44.43 0.97
N PRO A 99 -4.94 44.92 1.22
CA PRO A 99 -6.14 44.12 1.19
C PRO A 99 -6.07 42.79 1.97
N SER A 100 -5.76 42.83 3.26
CA SER A 100 -5.54 41.63 4.04
C SER A 100 -6.74 40.74 3.90
N MET A 101 -6.54 39.44 3.86
CA MET A 101 -7.57 38.59 3.30
C MET A 101 -8.89 38.70 4.03
N MET A 102 -8.89 38.63 5.34
CA MET A 102 -10.17 38.91 5.98
C MET A 102 -10.84 40.16 5.38
N THR A 103 -10.06 41.20 5.12
CA THR A 103 -10.58 42.44 4.57
C THR A 103 -11.27 42.21 3.23
N ARG A 104 -10.57 41.64 2.27
CA ARG A 104 -11.20 41.44 1.01
C ARG A 104 -12.34 40.52 1.28
N MET A 105 -12.20 39.57 2.17
CA MET A 105 -13.32 38.69 2.25
C MET A 105 -14.53 39.51 2.60
N TYR A 106 -14.40 40.50 3.48
CA TYR A 106 -15.59 41.28 3.82
C TYR A 106 -16.13 42.03 2.62
N ILE A 107 -15.26 42.75 1.92
CA ILE A 107 -15.75 43.64 0.88
C ILE A 107 -16.41 42.77 -0.12
N GLU A 108 -15.82 41.61 -0.35
CA GLU A 108 -16.32 40.72 -1.35
C GLU A 108 -17.72 40.39 -0.95
N GLN A 109 -17.89 40.07 0.32
CA GLN A 109 -19.22 39.81 0.77
C GLN A 109 -19.98 41.09 0.71
N ARG A 110 -19.42 42.18 1.17
CA ARG A 110 -20.32 43.28 1.41
C ARG A 110 -21.03 43.62 0.13
N ASP A 111 -20.33 43.67 -0.99
CA ASP A 111 -20.98 44.04 -2.23
C ASP A 111 -22.05 43.03 -2.52
N ARG A 112 -21.82 41.79 -2.15
CA ARG A 112 -22.81 40.80 -2.46
C ARG A 112 -24.07 41.33 -1.85
N LEU A 113 -23.91 41.98 -0.70
CA LEU A 113 -25.03 42.50 0.03
C LEU A 113 -25.79 43.60 -0.66
N TYR A 114 -25.05 44.57 -1.19
CA TYR A 114 -25.70 45.71 -1.80
C TYR A 114 -26.38 45.21 -3.01
N ASN A 115 -25.58 44.52 -3.79
CA ASN A 115 -25.84 44.22 -5.16
C ASN A 115 -27.11 43.42 -5.23
N ASP A 116 -27.24 42.44 -4.37
CA ASP A 116 -28.46 41.71 -4.34
C ASP A 116 -29.58 42.59 -3.90
N ASN A 117 -29.30 43.45 -2.94
CA ASN A 117 -30.29 44.40 -2.45
C ASN A 117 -30.73 45.47 -3.42
N GLN A 118 -29.81 45.92 -4.27
CA GLN A 118 -30.16 46.82 -5.36
C GLN A 118 -30.53 48.24 -4.93
N VAL A 119 -31.80 48.44 -4.58
CA VAL A 119 -32.33 49.78 -4.40
C VAL A 119 -31.59 50.36 -3.24
N PHE A 120 -31.35 49.54 -2.25
CA PHE A 120 -30.80 50.04 -1.03
C PHE A 120 -29.47 50.70 -1.34
N ALA A 121 -28.60 50.07 -2.11
CA ALA A 121 -27.30 50.69 -2.32
C ALA A 121 -27.34 52.18 -2.71
N LYS A 122 -28.48 52.67 -3.21
CA LYS A 122 -28.59 54.06 -3.61
C LYS A 122 -29.38 54.90 -2.64
N TYR A 123 -30.59 54.44 -2.33
CA TYR A 123 -31.51 55.22 -1.53
C TYR A 123 -31.22 55.08 -0.04
N ASN A 124 -30.47 54.10 0.39
CA ASN A 124 -30.48 53.89 1.82
C ASN A 124 -29.87 55.10 2.43
N VAL A 125 -30.41 55.55 3.56
CA VAL A 125 -29.74 56.51 4.43
C VAL A 125 -29.61 56.01 5.84
N SER A 126 -28.41 56.03 6.38
CA SER A 126 -28.14 55.43 7.68
C SER A 126 -28.73 56.23 8.83
N ARG A 127 -29.56 55.58 9.64
CA ARG A 127 -30.11 56.22 10.82
C ARG A 127 -29.29 55.86 12.00
N LEU A 128 -28.61 56.85 12.55
CA LEU A 128 -27.64 56.61 13.59
C LEU A 128 -28.27 56.05 14.83
N GLN A 129 -29.41 56.58 15.19
CA GLN A 129 -29.94 56.20 16.47
C GLN A 129 -30.33 54.76 16.53
N PRO A 130 -30.97 54.28 15.47
CA PRO A 130 -31.55 52.93 15.44
C PRO A 130 -30.52 51.91 15.02
N TYR A 131 -29.41 52.35 14.43
CA TYR A 131 -28.41 51.40 14.01
C TYR A 131 -27.56 51.13 15.20
N LEU A 132 -27.16 52.20 15.86
CA LEU A 132 -26.19 52.07 16.90
C LEU A 132 -26.82 51.24 17.95
N LYS A 133 -28.14 51.34 18.01
CA LYS A 133 -28.92 50.62 19.01
C LYS A 133 -28.96 49.13 18.66
N LEU A 134 -29.07 48.86 17.37
CA LEU A 134 -29.08 47.50 16.88
C LEU A 134 -27.75 46.82 16.96
N ARG A 135 -26.72 47.52 16.52
CA ARG A 135 -25.44 46.91 16.33
C ARG A 135 -24.94 46.38 17.65
N GLN A 136 -25.28 47.04 18.72
CA GLN A 136 -24.79 46.57 19.98
C GLN A 136 -25.31 45.17 20.17
N ALA A 137 -26.53 44.92 19.74
CA ALA A 137 -27.08 43.59 19.94
C ALA A 137 -26.23 42.55 19.20
N LEU A 138 -25.89 42.82 17.95
CA LEU A 138 -25.24 41.80 17.14
C LEU A 138 -23.90 41.34 17.64
N LEU A 139 -23.13 42.23 18.23
CA LEU A 139 -21.91 41.83 18.87
C LEU A 139 -22.14 40.89 20.08
N GLU A 140 -23.20 41.11 20.86
CA GLU A 140 -23.43 40.30 22.05
C GLU A 140 -24.07 38.97 21.71
N LEU A 141 -25.11 39.03 20.87
CA LEU A 141 -25.94 37.89 20.49
C LEU A 141 -25.19 36.55 20.35
N ARG A 142 -25.66 35.56 21.12
CA ARG A 142 -24.92 34.30 21.32
C ARG A 142 -25.29 33.29 20.23
N PRO A 143 -24.59 32.13 20.16
CA PRO A 143 -24.83 31.38 18.93
C PRO A 143 -26.24 30.77 18.85
N ALA A 144 -27.04 30.93 19.89
CA ALA A 144 -28.39 30.36 19.88
C ALA A 144 -29.48 31.38 20.25
N LYS A 145 -29.07 32.55 20.77
CA LYS A 145 -30.00 33.64 21.02
C LYS A 145 -30.45 34.28 19.71
N ASN A 146 -31.32 35.28 19.78
CA ASN A 146 -31.72 36.03 18.58
C ASN A 146 -32.28 37.41 18.82
N VAL A 147 -31.75 38.39 18.12
CA VAL A 147 -32.07 39.80 18.36
C VAL A 147 -33.15 40.28 17.40
N LEU A 148 -34.33 40.52 17.94
CA LEU A 148 -35.47 40.90 17.12
C LEU A 148 -35.71 42.41 16.98
N ILE A 149 -36.10 42.81 15.77
CA ILE A 149 -36.49 44.18 15.45
C ILE A 149 -37.94 44.21 15.00
N ASP A 150 -38.68 45.23 15.39
CA ASP A 150 -40.03 45.37 14.87
C ASP A 150 -40.45 46.83 14.84
N GLY A 151 -41.00 47.25 13.72
CA GLY A 151 -41.52 48.61 13.60
C GLY A 151 -42.83 48.60 12.86
N VAL A 152 -43.47 49.74 12.79
CA VAL A 152 -44.78 49.79 12.17
C VAL A 152 -44.38 49.56 10.75
N LEU A 153 -45.32 49.20 9.89
CA LEU A 153 -44.93 48.72 8.60
C LEU A 153 -44.16 49.82 7.91
N GLY A 154 -43.22 49.48 7.05
CA GLY A 154 -42.42 50.50 6.40
C GLY A 154 -41.65 51.34 7.38
N SER A 155 -41.19 50.71 8.43
CA SER A 155 -40.18 51.32 9.25
C SER A 155 -38.82 50.86 8.74
N GLY A 156 -38.84 50.22 7.59
CA GLY A 156 -37.62 49.91 6.91
C GLY A 156 -36.79 49.25 7.97
N LYS A 157 -37.33 48.24 8.64
CA LYS A 157 -36.53 47.54 9.60
C LYS A 157 -35.37 46.94 8.85
N THR A 158 -35.67 46.35 7.71
CA THR A 158 -34.74 45.49 7.05
C THR A 158 -33.52 46.30 6.73
N TRP A 159 -33.78 47.42 6.12
CA TRP A 159 -32.76 48.37 5.68
C TRP A 159 -31.79 48.72 6.79
N VAL A 160 -32.25 48.78 8.03
CA VAL A 160 -31.35 48.97 9.16
C VAL A 160 -30.50 47.72 9.34
N ALA A 161 -31.20 46.59 9.37
CA ALA A 161 -30.56 45.28 9.47
C ALA A 161 -29.50 45.16 8.38
N LEU A 162 -29.89 45.47 7.16
CA LEU A 162 -28.97 45.42 6.03
C LEU A 162 -27.74 46.27 6.27
N ASP A 163 -27.94 47.35 7.00
CA ASP A 163 -26.89 48.33 7.19
C ASP A 163 -25.93 47.91 8.29
N VAL A 164 -26.48 47.42 9.41
CA VAL A 164 -25.61 46.95 10.49
C VAL A 164 -24.90 45.68 10.05
N CYS A 165 -25.59 44.88 9.26
CA CYS A 165 -25.01 43.68 8.70
C CYS A 165 -23.90 44.06 7.72
N LEU A 166 -23.99 45.25 7.14
CA LEU A 166 -22.95 45.79 6.25
C LEU A 166 -21.67 46.19 7.02
N SER A 167 -21.85 46.62 8.25
CA SER A 167 -20.75 47.09 9.06
C SER A 167 -19.69 46.02 9.24
N TYR A 168 -18.45 46.37 8.98
CA TYR A 168 -17.44 45.38 9.04
C TYR A 168 -17.49 44.82 10.43
N LYS A 169 -17.74 45.65 11.42
CA LYS A 169 -17.77 45.16 12.77
C LYS A 169 -18.85 44.12 12.89
N VAL A 170 -20.00 44.36 12.28
CA VAL A 170 -21.05 43.38 12.40
C VAL A 170 -20.60 42.14 11.71
N GLN A 171 -20.00 42.30 10.55
CA GLN A 171 -19.72 41.13 9.74
C GLN A 171 -18.70 40.19 10.30
N CYS A 172 -17.63 40.71 10.84
CA CYS A 172 -16.58 39.83 11.32
C CYS A 172 -17.19 38.97 12.39
N LYS A 173 -18.05 39.54 13.20
CA LYS A 173 -18.63 38.82 14.30
C LYS A 173 -19.54 37.77 13.74
N MET A 174 -19.78 37.84 12.46
CA MET A 174 -20.63 36.88 11.81
C MET A 174 -19.88 36.12 10.74
N ASP A 175 -18.63 36.47 10.58
CA ASP A 175 -17.72 35.75 9.71
C ASP A 175 -18.26 35.68 8.31
N PHE A 176 -19.02 36.69 7.96
CA PHE A 176 -19.35 36.93 6.59
C PHE A 176 -20.33 35.93 6.10
N LYS A 177 -21.03 35.29 7.02
CA LYS A 177 -22.05 34.35 6.53
C LYS A 177 -23.36 34.79 7.09
N ILE A 178 -24.12 35.56 6.31
CA ILE A 178 -25.36 36.14 6.79
C ILE A 178 -26.51 35.81 5.87
N PHE A 179 -27.00 34.59 5.96
CA PHE A 179 -28.00 34.11 5.01
C PHE A 179 -29.36 34.81 5.13
N TRP A 180 -29.62 35.75 4.22
CA TRP A 180 -30.88 36.47 4.18
C TRP A 180 -32.02 35.57 3.72
N LEU A 181 -33.21 35.79 4.28
CA LEU A 181 -34.39 35.02 3.89
C LEU A 181 -35.66 35.82 4.14
N ASN A 182 -36.21 36.46 3.11
CA ASN A 182 -37.46 37.19 3.30
C ASN A 182 -38.62 36.22 3.43
N LEU A 183 -39.20 36.16 4.62
CA LEU A 183 -40.29 35.22 4.88
C LEU A 183 -41.65 35.79 4.44
N LYS A 184 -41.73 36.27 3.20
CA LYS A 184 -43.02 36.60 2.64
C LYS A 184 -43.68 35.32 2.16
N ASN A 185 -45.00 35.23 2.34
CA ASN A 185 -45.73 34.00 2.08
C ASN A 185 -45.08 32.88 2.88
N CYS A 186 -45.19 32.97 4.20
CA CYS A 186 -44.50 32.05 5.09
C CYS A 186 -45.38 31.59 6.25
N ASN A 187 -46.69 31.58 6.02
CA ASN A 187 -47.63 31.03 6.99
C ASN A 187 -48.34 29.82 6.40
N SER A 188 -47.54 28.82 6.06
CA SER A 188 -48.04 27.53 5.61
C SER A 188 -46.97 26.59 6.09
N PRO A 189 -47.28 25.30 6.13
CA PRO A 189 -46.26 24.33 6.48
C PRO A 189 -45.29 24.19 5.36
N GLU A 190 -45.83 24.01 4.17
CA GLU A 190 -45.03 23.61 3.04
C GLU A 190 -44.02 24.66 2.62
N THR A 191 -44.45 25.91 2.63
CA THR A 191 -43.67 26.95 1.99
C THR A 191 -42.32 26.98 2.67
N VAL A 192 -42.31 26.72 3.96
CA VAL A 192 -41.05 26.69 4.66
C VAL A 192 -40.20 25.62 4.01
N LEU A 193 -40.86 24.60 3.51
CA LEU A 193 -40.13 23.59 2.75
C LEU A 193 -39.50 24.24 1.54
N GLU A 194 -40.20 25.17 0.93
CA GLU A 194 -39.57 26.00 -0.08
C GLU A 194 -38.46 26.87 0.51
N MET A 195 -38.70 27.39 1.70
CA MET A 195 -37.76 28.31 2.34
C MET A 195 -36.56 27.58 2.92
N LEU A 196 -36.82 26.57 3.72
CA LEU A 196 -35.75 25.74 4.27
C LEU A 196 -34.93 25.15 3.14
N GLN A 197 -35.60 24.81 2.04
CA GLN A 197 -34.91 24.36 0.85
C GLN A 197 -33.93 25.44 0.43
N LYS A 198 -34.40 26.68 0.40
CA LYS A 198 -33.57 27.79 -0.06
C LYS A 198 -32.43 28.12 0.87
N LEU A 199 -32.64 27.93 2.17
CA LEU A 199 -31.58 28.15 3.14
C LEU A 199 -30.49 27.11 2.92
N LEU A 200 -30.92 25.85 2.85
CA LEU A 200 -30.01 24.75 2.56
C LEU A 200 -29.23 25.06 1.28
N TYR A 201 -29.92 25.56 0.26
CA TYR A 201 -29.22 25.94 -0.97
C TYR A 201 -28.18 27.05 -0.75
N GLN A 202 -28.52 28.04 0.08
CA GLN A 202 -27.54 29.07 0.44
C GLN A 202 -26.29 28.41 1.02
N ILE A 203 -26.51 27.62 2.06
CA ILE A 203 -25.45 26.92 2.75
C ILE A 203 -24.54 26.11 1.80
N ASP A 204 -25.14 25.27 0.95
CA ASP A 204 -24.38 24.38 0.07
C ASP A 204 -25.31 23.66 -0.89
N PRO A 205 -24.91 23.57 -2.16
CA PRO A 205 -25.74 22.93 -3.18
C PRO A 205 -25.70 21.40 -3.10
N ASN A 206 -26.18 20.85 -1.99
CA ASN A 206 -26.18 19.41 -1.76
C ASN A 206 -27.41 18.98 -0.98
N TRP A 207 -28.04 17.88 -1.43
CA TRP A 207 -28.95 17.15 -0.56
C TRP A 207 -29.31 15.76 -1.08
N THR A 208 -29.31 14.80 -0.15
CA THR A 208 -29.82 13.46 -0.39
C THR A 208 -31.34 13.46 -0.25
N SER A 209 -32.03 13.83 -1.32
CA SER A 209 -33.48 14.00 -1.27
C SER A 209 -34.24 12.69 -1.45
N ARG A 210 -33.58 11.57 -1.19
CA ARG A 210 -34.24 10.27 -1.22
C ARG A 210 -35.04 10.04 0.05
N SER A 211 -34.71 10.84 1.07
CA SER A 211 -35.40 10.81 2.35
C SER A 211 -36.81 11.40 2.21
N ASP A 212 -37.10 11.98 1.04
CA ASP A 212 -38.38 12.63 0.85
C ASP A 212 -39.51 11.61 0.90
N HIS A 213 -40.40 11.79 1.88
CA HIS A 213 -41.57 10.95 2.01
C HIS A 213 -42.79 11.82 1.98
N SER A 214 -43.47 11.82 0.85
CA SER A 214 -44.59 12.72 0.60
C SER A 214 -45.79 12.38 1.47
N SER A 215 -45.64 11.46 2.42
CA SER A 215 -46.67 11.19 3.41
C SER A 215 -47.02 12.48 4.13
N ASN A 216 -46.00 13.26 4.45
CA ASN A 216 -46.18 14.59 4.99
C ASN A 216 -45.20 15.61 4.44
N ILE A 217 -45.74 16.77 4.08
CA ILE A 217 -44.95 17.94 3.77
C ILE A 217 -44.50 18.50 5.12
N LYS A 218 -45.13 17.97 6.17
CA LYS A 218 -44.91 18.41 7.56
C LYS A 218 -43.94 17.52 8.34
N LEU A 219 -43.73 16.31 7.85
CA LEU A 219 -42.79 15.37 8.44
C LEU A 219 -41.45 15.58 7.76
N ARG A 220 -41.47 15.70 6.44
CA ARG A 220 -40.27 15.94 5.66
C ARG A 220 -39.61 17.26 6.09
N ILE A 221 -40.41 18.17 6.63
CA ILE A 221 -39.91 19.45 7.07
C ILE A 221 -38.98 19.32 8.28
N HIS A 222 -39.11 18.23 9.01
CA HIS A 222 -38.25 18.05 10.18
C HIS A 222 -36.94 17.52 9.67
N SER A 223 -36.99 16.80 8.56
CA SER A 223 -35.76 16.27 7.97
C SER A 223 -34.85 17.40 7.48
N ILE A 224 -35.44 18.45 6.93
CA ILE A 224 -34.62 19.50 6.34
C ILE A 224 -33.99 20.32 7.46
N GLN A 225 -34.75 20.49 8.55
CA GLN A 225 -34.22 21.17 9.73
C GLN A 225 -33.15 20.28 10.35
N ALA A 226 -33.44 18.99 10.36
CA ALA A 226 -32.51 17.98 10.87
C ALA A 226 -31.18 18.08 10.16
N GLU A 227 -31.22 18.11 8.84
CA GLU A 227 -30.00 18.28 8.06
C GLU A 227 -29.41 19.64 8.31
N LEU A 228 -30.25 20.68 8.22
CA LEU A 228 -29.79 22.05 8.39
C LEU A 228 -29.13 22.26 9.74
N ARG A 229 -29.60 21.55 10.75
CA ARG A 229 -29.00 21.63 12.08
C ARG A 229 -27.58 21.08 12.06
N ARG A 230 -27.43 19.83 11.63
CA ARG A 230 -26.12 19.18 11.51
C ARG A 230 -25.12 20.02 10.75
N LEU A 231 -25.57 20.63 9.66
CA LEU A 231 -24.67 21.33 8.76
C LEU A 231 -24.19 22.62 9.37
N LEU A 232 -25.03 23.27 10.16
CA LEU A 232 -24.68 24.59 10.67
C LEU A 232 -23.62 24.54 11.79
N LYS A 233 -23.88 23.85 12.90
CA LYS A 233 -22.83 23.70 13.90
C LYS A 233 -21.73 22.81 13.32
N SER A 234 -21.07 23.46 12.38
CA SER A 234 -19.92 23.01 11.69
C SER A 234 -18.99 24.21 11.70
N LYS A 235 -17.69 24.03 11.86
CA LYS A 235 -16.96 25.11 12.46
C LYS A 235 -17.09 26.40 11.69
N PRO A 236 -16.91 26.36 10.38
CA PRO A 236 -16.87 27.57 9.59
C PRO A 236 -18.21 28.25 9.75
N TYR A 237 -19.25 27.45 9.84
CA TYR A 237 -20.59 27.98 9.88
C TYR A 237 -21.10 28.25 11.26
N GLU A 238 -20.26 27.98 12.25
CA GLU A 238 -20.66 27.95 13.65
C GLU A 238 -21.67 29.03 13.96
N ASN A 239 -21.23 30.27 13.77
CA ASN A 239 -22.08 31.41 14.02
C ASN A 239 -22.33 32.13 12.75
N CYS A 240 -23.58 32.27 12.35
CA CYS A 240 -23.86 33.25 11.37
C CYS A 240 -25.23 33.64 11.60
N LEU A 241 -25.47 34.92 11.50
CA LEU A 241 -26.75 35.42 11.70
C LEU A 241 -27.56 35.18 10.61
N LEU A 242 -28.73 34.63 10.78
CA LEU A 242 -29.54 34.41 9.62
C LEU A 242 -30.57 35.32 10.05
N VAL A 243 -30.94 36.28 9.21
CA VAL A 243 -31.93 37.26 9.61
C VAL A 243 -33.15 37.02 8.80
N LEU A 244 -34.29 36.94 9.44
CA LEU A 244 -35.52 36.77 8.72
C LEU A 244 -36.34 38.02 8.64
N LEU A 245 -36.75 38.40 7.45
CA LEU A 245 -37.38 39.67 7.27
C LEU A 245 -38.89 39.47 7.10
N ASN A 246 -39.68 40.17 7.91
CA ASN A 246 -41.15 40.10 7.84
C ASN A 246 -41.78 38.94 8.53
N VAL A 247 -40.94 38.21 9.22
CA VAL A 247 -41.41 36.95 9.79
C VAL A 247 -42.90 37.04 10.02
N GLN A 248 -43.65 36.24 9.28
CA GLN A 248 -45.10 36.37 9.27
C GLN A 248 -45.69 36.17 10.64
N ASN A 249 -45.59 34.96 11.16
CA ASN A 249 -46.13 34.72 12.49
C ASN A 249 -45.18 33.97 13.41
N ALA A 250 -45.68 33.62 14.57
CA ALA A 250 -44.94 32.83 15.52
C ALA A 250 -44.63 31.47 14.92
N LYS A 251 -45.63 30.88 14.28
CA LYS A 251 -45.54 29.51 13.81
C LYS A 251 -44.38 29.30 12.83
N ALA A 252 -44.11 30.30 11.98
CA ALA A 252 -43.05 30.19 10.98
C ALA A 252 -41.70 30.15 11.67
N TRP A 253 -41.55 31.02 12.67
CA TRP A 253 -40.29 31.18 13.42
C TRP A 253 -39.89 29.91 14.14
N ASN A 254 -40.89 29.14 14.55
CA ASN A 254 -40.67 27.88 15.24
C ASN A 254 -39.82 26.94 14.41
N ALA A 255 -40.09 26.90 13.11
CA ALA A 255 -39.36 26.04 12.19
C ALA A 255 -37.97 26.60 11.92
N PHE A 256 -37.77 27.88 12.12
CA PHE A 256 -36.47 28.37 11.72
C PHE A 256 -35.43 28.42 12.78
N ASN A 257 -35.83 28.37 14.03
CA ASN A 257 -34.81 28.45 15.06
C ASN A 257 -33.93 27.22 14.93
N LEU A 258 -32.64 27.45 14.70
CA LEU A 258 -31.75 26.34 14.40
C LEU A 258 -30.60 26.31 15.37
N SER A 259 -30.82 26.77 16.60
CA SER A 259 -29.73 27.12 17.50
C SER A 259 -28.77 28.02 16.71
N CYS A 260 -29.37 28.98 16.02
CA CYS A 260 -28.69 29.87 15.10
C CYS A 260 -28.60 31.26 15.71
N LYS A 261 -27.53 32.00 15.43
CA LYS A 261 -27.48 33.39 15.92
C LYS A 261 -28.38 34.28 15.09
N ILE A 262 -29.62 33.85 14.85
CA ILE A 262 -30.50 34.62 13.97
C ILE A 262 -30.88 35.98 14.56
N LEU A 263 -31.55 36.78 13.74
CA LEU A 263 -32.09 38.07 14.14
C LEU A 263 -33.19 38.34 13.14
N LEU A 264 -34.36 38.75 13.57
CA LEU A 264 -35.41 38.84 12.62
C LEU A 264 -36.08 40.16 12.63
N THR A 265 -36.72 40.48 11.53
CA THR A 265 -37.49 41.69 11.48
C THR A 265 -38.97 41.39 11.68
N THR A 266 -39.42 41.66 12.88
CA THR A 266 -40.77 41.39 13.28
C THR A 266 -41.58 42.32 12.46
N ARG A 267 -42.89 42.11 12.38
CA ARG A 267 -43.75 43.04 11.67
C ARG A 267 -45.01 43.30 12.48
N PHE A 268 -45.49 42.23 13.11
CA PHE A 268 -46.64 42.22 13.97
C PHE A 268 -46.32 42.38 15.44
N LYS A 269 -47.35 42.67 16.20
CA LYS A 269 -47.23 42.64 17.63
C LYS A 269 -47.54 41.24 18.05
N GLN A 270 -47.91 40.38 17.11
CA GLN A 270 -48.18 39.03 17.58
C GLN A 270 -46.84 38.31 17.70
N VAL A 271 -45.92 38.71 16.85
CA VAL A 271 -44.59 38.11 16.77
C VAL A 271 -43.68 38.70 17.84
N THR A 272 -43.56 40.02 17.85
CA THR A 272 -42.75 40.69 18.86
C THR A 272 -43.33 40.41 20.24
N ASP A 273 -44.60 40.04 20.27
CA ASP A 273 -45.26 39.63 21.50
C ASP A 273 -44.70 38.30 21.98
N PHE A 274 -44.31 37.47 21.02
CA PHE A 274 -44.01 36.08 21.29
C PHE A 274 -42.58 35.87 21.74
N LEU A 275 -41.58 36.28 21.00
CA LEU A 275 -40.25 36.10 21.55
C LEU A 275 -40.04 36.99 22.79
N SER A 276 -39.59 36.40 23.88
CA SER A 276 -39.67 37.06 25.17
C SER A 276 -38.30 37.38 25.67
N ALA A 277 -38.19 38.53 26.29
CA ALA A 277 -37.02 39.33 26.24
C ALA A 277 -35.86 38.52 26.73
N ALA A 278 -36.10 37.61 27.66
CA ALA A 278 -34.98 36.94 28.28
C ALA A 278 -34.20 36.21 27.23
N THR A 279 -34.87 35.51 26.32
CA THR A 279 -34.16 34.90 25.21
C THR A 279 -33.54 35.91 24.23
N THR A 280 -34.27 36.96 23.87
CA THR A 280 -33.93 37.82 22.74
C THR A 280 -34.23 39.26 23.05
N THR A 281 -33.57 40.23 22.41
CA THR A 281 -33.61 41.61 22.86
C THR A 281 -34.48 42.35 21.86
N HIS A 282 -35.17 43.36 22.31
CA HIS A 282 -36.29 43.78 21.51
C HIS A 282 -36.03 45.17 21.08
N ILE A 283 -35.92 45.35 19.78
CA ILE A 283 -35.56 46.63 19.25
C ILE A 283 -36.81 47.09 18.59
N SER A 284 -37.10 48.37 18.63
CA SER A 284 -38.33 48.73 18.00
C SER A 284 -38.26 49.96 17.17
N LEU A 285 -39.43 50.43 16.79
CA LEU A 285 -39.49 51.65 16.03
C LEU A 285 -40.85 52.31 16.22
N ASP A 286 -41.53 51.87 17.25
CA ASP A 286 -42.62 52.63 17.78
C ASP A 286 -41.89 53.55 18.72
N HIS A 287 -40.87 54.22 18.25
CA HIS A 287 -40.10 54.94 19.24
C HIS A 287 -39.73 56.37 18.94
N HIS A 288 -39.68 57.17 19.99
CA HIS A 288 -39.28 58.54 19.79
C HIS A 288 -37.84 58.53 19.30
N SER A 289 -36.98 57.73 19.94
CA SER A 289 -35.61 57.55 19.48
C SER A 289 -35.42 56.75 18.20
N MET A 290 -36.03 55.57 18.15
CA MET A 290 -35.89 54.67 17.02
C MET A 290 -36.24 55.35 15.71
N THR A 291 -37.28 56.18 15.74
CA THR A 291 -37.71 56.86 14.54
C THR A 291 -36.78 58.02 14.28
N LEU A 292 -36.90 58.58 13.09
CA LEU A 292 -35.99 59.59 12.59
C LEU A 292 -36.07 60.98 13.23
N THR A 293 -34.90 61.54 13.51
CA THR A 293 -34.78 62.92 13.92
C THR A 293 -35.16 63.70 12.69
N PRO A 294 -35.79 64.86 12.82
CA PRO A 294 -36.48 65.35 11.61
C PRO A 294 -35.51 65.30 10.47
N ASP A 295 -34.25 65.60 10.74
CA ASP A 295 -33.35 65.84 9.63
C ASP A 295 -33.29 64.62 8.77
N GLU A 296 -33.16 63.46 9.37
CA GLU A 296 -33.07 62.30 8.52
C GLU A 296 -33.97 62.57 7.35
N VAL A 297 -35.11 63.12 7.68
CA VAL A 297 -36.19 63.16 6.73
C VAL A 297 -35.84 63.98 5.52
N LYS A 298 -35.11 65.06 5.68
CA LYS A 298 -34.84 65.82 4.47
C LYS A 298 -33.68 65.18 3.71
N SER A 299 -32.76 64.55 4.44
CA SER A 299 -31.64 63.88 3.80
C SER A 299 -32.12 62.62 3.10
N LEU A 300 -33.18 62.01 3.62
CA LEU A 300 -33.77 60.85 2.99
C LEU A 300 -34.50 61.26 1.71
N LEU A 301 -35.30 62.32 1.80
CA LEU A 301 -36.01 62.83 0.65
C LEU A 301 -35.04 63.23 -0.45
N LEU A 302 -33.82 63.55 -0.06
CA LEU A 302 -32.77 63.93 -1.00
C LEU A 302 -32.30 62.81 -1.92
N LYS A 303 -32.13 61.63 -1.34
CA LYS A 303 -31.58 60.48 -2.09
C LYS A 303 -32.33 60.26 -3.40
N TYR A 304 -33.65 60.33 -3.35
CA TYR A 304 -34.46 60.19 -4.56
C TYR A 304 -34.52 61.51 -5.32
N LEU A 305 -34.53 62.61 -4.57
CA LEU A 305 -34.72 63.95 -5.13
C LEU A 305 -33.50 64.48 -5.87
N ASP A 306 -32.32 64.23 -5.30
CA ASP A 306 -31.03 64.55 -5.93
C ASP A 306 -30.81 66.05 -6.18
N CYS A 307 -30.95 66.86 -5.12
CA CYS A 307 -30.59 68.28 -5.15
C CYS A 307 -30.67 68.91 -3.75
N ARG A 308 -29.59 69.56 -3.33
CA ARG A 308 -29.46 70.12 -1.97
C ARG A 308 -30.26 71.40 -1.77
N PRO A 309 -30.46 72.17 -2.84
CA PRO A 309 -31.16 73.44 -2.75
C PRO A 309 -32.66 73.22 -2.58
N GLN A 310 -33.26 72.47 -3.49
CA GLN A 310 -34.70 72.23 -3.49
C GLN A 310 -35.13 71.46 -2.24
N ASP A 311 -34.17 70.90 -1.52
CA ASP A 311 -34.39 70.23 -0.25
C ASP A 311 -35.20 71.12 0.70
N LEU A 312 -34.79 72.37 0.79
CA LEU A 312 -35.48 73.34 1.64
C LEU A 312 -36.87 73.64 1.11
N PRO A 313 -37.04 73.26 -0.16
CA PRO A 313 -38.28 73.38 -0.88
C PRO A 313 -39.41 72.58 -0.22
N ARG A 314 -39.11 71.42 0.34
CA ARG A 314 -40.20 70.65 0.94
C ARG A 314 -40.27 70.73 2.46
N GLU A 315 -41.43 71.11 2.99
CA GLU A 315 -41.77 70.98 4.42
C GLU A 315 -43.28 70.97 4.64
N VAL A 316 -43.79 70.46 5.77
CA VAL A 316 -43.10 69.54 6.64
C VAL A 316 -43.98 68.34 7.00
N LEU A 317 -43.51 67.12 6.78
CA LEU A 317 -44.21 65.93 7.25
C LEU A 317 -43.32 64.69 7.31
N THR A 318 -43.78 63.67 8.02
CA THR A 318 -42.96 62.55 8.54
C THR A 318 -43.84 61.31 8.64
N THR A 319 -43.38 60.20 9.22
CA THR A 319 -41.99 59.89 9.60
C THR A 319 -41.62 58.53 9.02
N ASN A 320 -42.65 57.95 8.40
CA ASN A 320 -42.69 56.59 7.94
C ASN A 320 -42.05 56.53 6.60
N PRO A 321 -40.94 55.82 6.52
CA PRO A 321 -40.11 55.92 5.34
C PRO A 321 -40.97 55.54 4.17
N ARG A 322 -41.83 54.53 4.35
CA ARG A 322 -42.71 54.06 3.29
C ARG A 322 -43.48 55.22 2.67
N ARG A 323 -43.99 56.12 3.50
CA ARG A 323 -44.74 57.26 3.01
C ARG A 323 -43.83 58.23 2.28
N LEU A 324 -42.63 58.31 2.81
CA LEU A 324 -41.59 59.27 2.46
C LEU A 324 -40.86 58.83 1.19
N SER A 325 -40.62 57.53 1.06
CA SER A 325 -39.93 56.98 -0.09
C SER A 325 -40.84 56.98 -1.32
N ILE A 326 -42.09 56.59 -1.12
CA ILE A 326 -43.07 56.54 -2.21
C ILE A 326 -43.52 57.95 -2.59
N ILE A 327 -43.40 58.88 -1.65
CA ILE A 327 -43.69 60.28 -1.93
C ILE A 327 -42.53 60.91 -2.72
N ALA A 328 -41.32 60.73 -2.20
CA ALA A 328 -40.14 61.39 -2.77
C ALA A 328 -39.88 60.94 -4.20
N GLU A 329 -40.27 59.71 -4.52
CA GLU A 329 -40.17 59.22 -5.88
C GLU A 329 -41.28 59.80 -6.75
N SER A 330 -42.47 59.96 -6.16
CA SER A 330 -43.62 60.51 -6.86
C SER A 330 -43.39 61.95 -7.31
N ILE A 331 -42.88 62.75 -6.39
CA ILE A 331 -42.55 64.13 -6.66
C ILE A 331 -41.44 64.21 -7.71
N ARG A 332 -40.38 63.45 -7.49
CA ARG A 332 -39.23 63.48 -8.40
C ARG A 332 -39.61 63.00 -9.79
N ASP A 333 -40.56 62.06 -9.85
CA ASP A 333 -41.01 61.53 -11.13
C ASP A 333 -42.52 61.53 -11.23
N ALA A 336 -44.92 66.83 -8.95
CA ALA A 336 -45.37 68.11 -8.42
C ALA A 336 -45.57 68.01 -6.92
N THR A 337 -44.78 68.78 -6.17
CA THR A 337 -44.67 68.62 -4.71
C THR A 337 -45.98 68.75 -3.92
N TRP A 338 -46.96 69.45 -4.48
CA TRP A 338 -48.21 69.69 -3.75
C TRP A 338 -49.33 68.74 -4.11
N ASP A 339 -49.63 68.62 -5.40
CA ASP A 339 -50.61 67.66 -5.86
C ASP A 339 -50.21 66.26 -5.41
N ASN A 340 -48.94 65.92 -5.64
CA ASN A 340 -48.45 64.57 -5.36
C ASN A 340 -48.26 64.26 -3.88
N TRP A 341 -48.22 65.29 -3.03
CA TRP A 341 -48.06 65.07 -1.60
C TRP A 341 -49.31 64.45 -1.01
N LYS A 342 -50.44 64.66 -1.65
CA LYS A 342 -51.72 64.17 -1.14
C LYS A 342 -52.52 63.37 -2.17
N HIS A 343 -53.00 64.04 -3.22
CA HIS A 343 -53.93 63.41 -4.17
C HIS A 343 -53.29 62.29 -5.00
N VAL A 344 -52.02 62.44 -5.37
CA VAL A 344 -51.33 61.37 -6.08
C VAL A 344 -51.02 60.24 -5.09
N ASN A 345 -50.54 59.11 -5.60
CA ASN A 345 -50.34 57.89 -4.82
C ASN A 345 -51.64 57.42 -4.18
N CYS A 346 -52.76 57.86 -4.74
CA CYS A 346 -54.06 57.34 -4.35
C CYS A 346 -54.22 55.98 -4.99
N ASP A 347 -53.31 55.67 -5.91
CA ASP A 347 -53.26 54.36 -6.56
C ASP A 347 -51.97 53.62 -6.18
N LYS A 348 -51.24 54.14 -5.20
CA LYS A 348 -49.99 53.52 -4.79
C LYS A 348 -49.91 53.23 -3.29
N LEU A 349 -49.59 54.22 -2.48
CA LEU A 349 -49.04 53.94 -1.19
C LEU A 349 -49.97 53.07 -0.39
N THR A 350 -51.25 53.40 -0.45
CA THR A 350 -52.30 52.70 0.27
C THR A 350 -52.46 51.28 -0.22
N THR A 351 -52.34 51.09 -1.52
CA THR A 351 -52.41 49.76 -2.12
C THR A 351 -51.52 48.82 -1.31
N ILE A 352 -50.24 49.13 -1.27
CA ILE A 352 -49.31 48.40 -0.43
C ILE A 352 -49.74 48.58 1.03
N ILE A 353 -50.48 49.66 1.27
CA ILE A 353 -51.03 49.93 2.58
C ILE A 353 -52.21 49.00 2.86
N GLU A 354 -53.15 48.95 1.92
CA GLU A 354 -54.26 48.04 2.05
C GLU A 354 -53.72 46.64 2.05
N SER A 355 -52.80 46.41 1.12
CA SER A 355 -52.27 45.08 0.84
C SER A 355 -51.92 44.36 2.12
N SER A 356 -51.23 45.05 3.02
CA SER A 356 -50.86 44.47 4.28
C SER A 356 -52.09 44.18 5.11
N LEU A 357 -53.16 44.91 4.85
CA LEU A 357 -54.39 44.70 5.58
C LEU A 357 -54.85 43.27 5.32
N ASN A 358 -54.27 42.61 4.33
CA ASN A 358 -54.77 41.33 3.87
C ASN A 358 -54.76 40.21 4.90
N VAL A 359 -53.92 40.33 5.91
CA VAL A 359 -53.87 39.28 6.93
C VAL A 359 -55.19 39.09 7.64
N LEU A 360 -55.91 40.16 7.93
CA LEU A 360 -57.09 40.12 8.79
C LEU A 360 -58.34 39.46 8.20
N GLU A 361 -59.24 39.02 9.08
CA GLU A 361 -60.51 38.38 8.70
C GLU A 361 -61.61 39.38 8.26
N PRO A 362 -62.22 39.18 7.10
CA PRO A 362 -63.10 40.24 6.58
C PRO A 362 -64.46 40.31 7.27
N ALA A 363 -64.98 39.17 7.71
CA ALA A 363 -66.32 39.09 8.29
C ALA A 363 -66.43 39.88 9.59
N GLU A 364 -65.38 39.85 10.40
CA GLU A 364 -65.43 40.49 11.70
C GLU A 364 -64.35 41.56 11.88
N TYR A 365 -63.15 41.30 11.40
CA TYR A 365 -62.02 42.21 11.57
C TYR A 365 -62.10 43.40 10.62
N ARG A 366 -62.03 43.11 9.33
CA ARG A 366 -61.93 44.13 8.30
C ARG A 366 -63.09 45.13 8.30
N LYS A 367 -64.31 44.61 8.38
CA LYS A 367 -65.50 45.46 8.40
C LYS A 367 -65.54 46.37 9.62
N MET A 368 -65.35 45.79 10.80
CA MET A 368 -65.36 46.54 12.06
C MET A 368 -64.37 47.68 12.00
N PHE A 369 -63.29 47.45 11.26
CA PHE A 369 -62.18 48.38 11.15
C PHE A 369 -62.52 49.60 10.30
N ASP A 370 -63.04 49.33 9.10
CA ASP A 370 -63.50 50.36 8.17
C ASP A 370 -64.39 51.40 8.85
N ARG A 371 -65.13 50.94 9.85
CA ARG A 371 -66.06 51.79 10.60
C ARG A 371 -65.37 52.95 11.32
N LEU A 372 -64.06 52.85 11.55
CA LEU A 372 -63.33 53.86 12.31
C LEU A 372 -63.34 55.22 11.62
N SER A 373 -63.59 55.21 10.31
CA SER A 373 -63.57 56.41 9.48
C SER A 373 -64.29 57.61 10.12
N VAL A 374 -65.32 57.34 10.92
CA VAL A 374 -66.11 58.39 11.54
C VAL A 374 -65.36 59.12 12.65
N PHE A 375 -64.32 58.48 13.16
CA PHE A 375 -63.53 59.05 14.24
C PHE A 375 -62.58 60.12 13.70
N PRO A 376 -61.66 60.53 14.56
CA PRO A 376 -60.66 61.55 14.25
C PRO A 376 -59.41 60.89 13.71
N PRO A 377 -58.79 61.60 12.66
CA PRO A 377 -57.72 60.82 12.01
C PRO A 377 -56.65 60.51 13.02
N SER A 378 -56.37 61.46 13.91
CA SER A 378 -55.34 61.22 14.88
C SER A 378 -55.98 61.40 16.23
N ALA A 379 -56.80 60.43 16.60
CA ALA A 379 -57.56 60.56 17.84
C ALA A 379 -57.70 59.22 18.57
N HIS A 380 -58.50 59.21 19.64
CA HIS A 380 -58.68 58.02 20.47
C HIS A 380 -60.13 57.54 20.41
N ILE A 381 -60.43 56.47 21.13
CA ILE A 381 -61.78 55.92 21.18
C ILE A 381 -62.00 55.02 22.41
N PRO A 382 -63.04 55.34 23.20
CA PRO A 382 -63.41 54.58 24.41
C PRO A 382 -64.01 53.22 24.09
N THR A 383 -64.08 52.36 25.09
CA THR A 383 -64.61 51.01 24.93
C THR A 383 -66.09 51.02 24.56
N ILE A 384 -66.87 51.80 25.29
CA ILE A 384 -68.32 51.84 25.12
C ILE A 384 -68.72 52.32 23.73
N LEU A 385 -68.00 53.31 23.20
CA LEU A 385 -68.32 53.88 21.90
C LEU A 385 -67.98 52.93 20.76
N LEU A 386 -66.94 52.13 20.96
CA LEU A 386 -66.50 51.17 19.96
C LEU A 386 -67.48 50.00 19.86
N SER A 387 -68.18 49.75 20.95
CA SER A 387 -69.15 48.67 21.03
C SER A 387 -70.26 48.82 19.99
N LEU A 388 -70.97 49.94 20.09
CA LEU A 388 -72.14 50.21 19.28
C LEU A 388 -71.85 50.11 17.78
N ILE A 389 -70.66 50.53 17.39
CA ILE A 389 -70.30 50.56 15.97
C ILE A 389 -69.70 49.23 15.54
N SER A 396 -68.27 41.16 26.18
CA SER A 396 -66.82 41.27 26.09
C SER A 396 -66.33 40.99 24.67
N ASP A 397 -67.28 40.85 23.75
CA ASP A 397 -66.97 40.53 22.36
C ASP A 397 -66.07 41.60 21.74
N VAL A 398 -66.49 42.86 21.85
CA VAL A 398 -65.76 43.97 21.24
C VAL A 398 -64.34 44.10 21.80
N MET A 399 -64.16 43.79 23.07
CA MET A 399 -62.87 43.95 23.73
C MET A 399 -61.85 42.96 23.21
N VAL A 400 -62.33 41.79 22.82
CA VAL A 400 -61.46 40.73 22.31
C VAL A 400 -61.17 40.93 20.83
N VAL A 401 -62.20 41.29 20.07
CA VAL A 401 -62.09 41.48 18.63
C VAL A 401 -61.08 42.58 18.29
N VAL A 402 -61.02 43.62 19.12
CA VAL A 402 -60.06 44.69 18.93
C VAL A 402 -58.69 44.29 19.48
N ASN A 403 -58.70 43.39 20.46
CA ASN A 403 -57.45 42.93 21.04
C ASN A 403 -56.67 42.16 19.99
N LYS A 404 -57.39 41.44 19.14
CA LYS A 404 -56.76 40.70 18.05
C LYS A 404 -56.42 41.67 16.92
N LEU A 405 -57.22 42.73 16.82
CA LEU A 405 -56.98 43.79 15.87
C LEU A 405 -55.72 44.58 16.27
N HIS A 406 -55.49 44.58 17.56
CA HIS A 406 -54.28 45.05 18.17
C HIS A 406 -53.11 44.21 17.75
N LYS A 407 -53.37 42.91 17.75
CA LYS A 407 -52.35 41.92 17.74
C LYS A 407 -51.60 42.08 16.47
N TYR A 408 -52.36 42.18 15.39
CA TYR A 408 -51.77 42.35 14.08
C TYR A 408 -51.04 43.65 13.95
N SER A 409 -51.65 44.74 14.40
CA SER A 409 -51.02 46.04 14.34
C SER A 409 -51.94 47.21 14.59
N LEU A 410 -53.14 47.10 14.05
CA LEU A 410 -53.94 48.25 13.70
C LEU A 410 -54.41 49.23 14.76
N VAL A 411 -54.89 48.77 15.91
CA VAL A 411 -55.64 49.68 16.73
C VAL A 411 -54.80 49.55 17.97
N GLU A 412 -53.81 50.40 18.07
CA GLU A 412 -52.95 50.37 19.26
C GLU A 412 -53.90 50.49 20.45
N LYS A 413 -54.05 49.39 21.20
CA LYS A 413 -54.75 49.43 22.46
C LYS A 413 -53.85 50.08 23.50
N GLN A 414 -54.45 50.71 24.51
CA GLN A 414 -53.69 51.41 25.53
C GLN A 414 -54.45 51.39 26.86
N PRO A 415 -53.72 51.52 27.97
CA PRO A 415 -54.33 51.58 29.31
C PRO A 415 -55.31 52.74 29.47
N SER A 418 -59.45 52.86 29.84
CA SER A 418 -59.27 51.70 28.98
C SER A 418 -59.47 52.08 27.52
N THR A 419 -59.25 53.36 27.22
CA THR A 419 -59.46 53.89 25.88
C THR A 419 -58.48 53.30 24.87
N ILE A 420 -58.74 53.53 23.58
CA ILE A 420 -57.89 53.01 22.52
C ILE A 420 -57.46 54.12 21.58
N SER A 421 -56.15 54.18 21.29
CA SER A 421 -55.62 55.16 20.34
C SER A 421 -55.10 54.46 19.09
N ILE A 422 -55.55 54.95 17.94
CA ILE A 422 -55.32 54.29 16.67
C ILE A 422 -54.40 55.15 15.78
N PRO A 423 -53.28 54.58 15.27
CA PRO A 423 -52.25 55.32 14.50
C PRO A 423 -52.54 55.60 13.02
N SER A 424 -52.52 56.88 12.68
CA SER A 424 -53.04 57.45 11.43
C SER A 424 -52.74 56.79 10.07
N ILE A 425 -51.54 56.23 9.91
CA ILE A 425 -51.05 55.85 8.59
C ILE A 425 -52.00 54.93 7.80
N TYR A 426 -52.57 53.91 8.44
CA TYR A 426 -53.57 53.12 7.73
C TYR A 426 -54.95 53.59 8.14
N LEU A 427 -54.99 54.54 9.08
CA LEU A 427 -56.23 55.08 9.61
C LEU A 427 -56.83 56.11 8.67
N GLU A 428 -56.19 57.26 8.61
CA GLU A 428 -56.76 58.41 7.91
C GLU A 428 -56.84 58.22 6.40
N LEU A 429 -55.72 57.79 5.81
CA LEU A 429 -55.58 57.71 4.36
C LEU A 429 -56.43 56.61 3.77
N LYS A 430 -56.10 55.38 4.14
CA LYS A 430 -56.66 54.18 3.52
C LYS A 430 -58.19 54.07 3.54
N VAL A 431 -58.81 54.23 4.71
CA VAL A 431 -60.24 53.92 4.86
C VAL A 431 -61.15 55.04 4.34
N LYS A 432 -60.64 56.26 4.27
CA LYS A 432 -61.44 57.40 3.82
C LYS A 432 -61.82 57.22 2.36
N LEU A 433 -60.89 56.69 1.57
CA LEU A 433 -61.12 56.46 0.15
C LEU A 433 -62.24 55.45 -0.09
N GLU A 434 -62.13 54.28 0.52
CA GLU A 434 -63.12 53.23 0.34
C GLU A 434 -64.16 53.23 1.47
N ASN A 435 -65.36 53.69 1.14
CA ASN A 435 -66.45 53.69 2.11
C ASN A 435 -67.81 53.56 1.44
N GLU A 436 -68.65 52.70 2.01
CA GLU A 436 -70.05 52.60 1.62
C GLU A 436 -70.83 53.46 2.61
N TYR A 437 -72.08 53.81 2.29
CA TYR A 437 -72.81 54.66 3.21
C TYR A 437 -73.44 53.86 4.34
N ALA A 438 -72.59 53.28 5.17
CA ALA A 438 -73.01 52.77 6.47
C ALA A 438 -72.88 53.92 7.46
N LEU A 439 -72.41 55.07 6.96
CA LEU A 439 -72.16 56.25 7.79
C LEU A 439 -73.42 56.74 8.49
N HIS A 440 -74.54 56.69 7.77
CA HIS A 440 -75.84 57.10 8.30
C HIS A 440 -76.11 56.42 9.64
N ARG A 441 -75.86 55.12 9.69
CA ARG A 441 -76.05 54.36 10.91
C ARG A 441 -74.97 54.69 11.94
N SER A 442 -73.74 54.84 11.47
CA SER A 442 -72.61 55.13 12.35
C SER A 442 -72.75 56.50 12.99
N ILE A 443 -73.20 57.48 12.20
CA ILE A 443 -73.28 58.85 12.69
C ILE A 443 -74.56 59.09 13.50
N VAL A 444 -75.63 58.35 13.19
CA VAL A 444 -76.85 58.46 13.96
C VAL A 444 -76.67 57.72 15.27
N ASP A 445 -75.72 56.78 15.28
CA ASP A 445 -75.35 56.09 16.50
C ASP A 445 -74.68 57.09 17.42
N HIS A 446 -73.96 58.03 16.83
CA HIS A 446 -73.26 59.06 17.59
C HIS A 446 -74.21 60.10 18.14
N TYR A 447 -75.44 60.13 17.61
CA TYR A 447 -76.48 60.91 18.26
C TYR A 447 -77.01 60.11 19.45
N ASN A 448 -77.08 58.80 19.26
CA ASN A 448 -77.70 57.92 20.24
C ASN A 448 -76.94 57.83 21.55
N ILE A 449 -75.61 57.94 21.52
CA ILE A 449 -74.87 57.69 22.74
C ILE A 449 -74.86 58.90 23.71
N PRO A 450 -74.69 60.15 23.21
CA PRO A 450 -74.90 61.17 24.25
C PRO A 450 -76.38 61.47 24.51
N LYS A 451 -77.27 60.81 23.77
CA LYS A 451 -78.69 60.82 24.11
C LYS A 451 -78.89 59.93 25.33
N THR A 452 -78.18 58.80 25.33
CA THR A 452 -78.16 57.91 26.49
C THR A 452 -77.47 58.59 27.66
N PHE A 453 -76.26 59.10 27.43
CA PHE A 453 -75.52 59.86 28.43
C PHE A 453 -76.29 61.13 28.82
N ASP A 454 -76.98 61.08 29.95
CA ASP A 454 -77.78 62.22 30.38
C ASP A 454 -77.98 62.25 31.90
N SER A 455 -77.63 63.38 32.51
CA SER A 455 -77.90 63.59 33.93
C SER A 455 -79.05 64.57 34.08
N ASP A 456 -79.55 64.72 35.31
CA ASP A 456 -80.66 65.62 35.58
C ASP A 456 -80.32 67.07 35.20
N ASP A 457 -79.18 67.56 35.68
CA ASP A 457 -78.73 68.90 35.32
C ASP A 457 -77.90 68.85 34.04
N LEU A 458 -77.13 69.92 33.80
CA LEU A 458 -76.42 70.07 32.53
C LEU A 458 -75.03 69.45 32.52
N ILE A 459 -74.68 68.74 33.59
CA ILE A 459 -73.37 68.09 33.67
C ILE A 459 -73.46 66.63 33.22
N PRO A 460 -72.85 66.31 32.06
CA PRO A 460 -72.85 64.96 31.53
C PRO A 460 -71.68 64.12 32.03
N PRO A 461 -71.78 62.79 31.91
CA PRO A 461 -70.68 61.87 32.23
C PRO A 461 -69.75 61.65 31.04
N TYR A 462 -69.03 62.69 30.65
CA TYR A 462 -68.07 62.63 29.54
C TYR A 462 -66.81 61.86 29.91
N LEU A 463 -66.33 61.03 28.98
CA LEU A 463 -65.00 60.44 29.13
C LEU A 463 -63.99 61.48 28.78
N ASP A 464 -62.88 61.55 29.55
CA ASP A 464 -61.87 62.60 29.51
C ASP A 464 -61.49 63.37 28.28
N GLN A 465 -61.11 62.67 27.22
CA GLN A 465 -60.71 63.37 26.00
C GLN A 465 -61.71 63.27 24.86
N TYR A 466 -62.06 62.05 24.45
CA TYR A 466 -62.90 61.81 23.28
C TYR A 466 -64.10 62.74 23.24
N PHE A 467 -64.99 62.57 24.21
CA PHE A 467 -66.27 63.25 24.24
C PHE A 467 -66.17 64.75 24.02
N TYR A 468 -65.25 65.40 24.74
CA TYR A 468 -65.09 66.84 24.63
C TYR A 468 -64.71 67.28 23.22
N SER A 469 -63.77 66.58 22.61
CA SER A 469 -63.29 66.97 21.29
C SER A 469 -64.15 66.45 20.15
N HIS A 470 -64.69 65.25 20.31
CA HIS A 470 -65.28 64.53 19.19
C HIS A 470 -66.78 64.74 19.06
N ILE A 471 -67.43 65.09 20.18
CA ILE A 471 -68.88 65.26 20.16
C ILE A 471 -69.25 66.35 19.15
N GLY A 472 -68.45 67.41 19.11
CA GLY A 472 -68.73 68.54 18.24
C GLY A 472 -68.68 68.18 16.77
N HIS A 473 -67.74 67.31 16.42
CA HIS A 473 -67.55 66.88 15.05
C HIS A 473 -68.74 66.05 14.56
N HIS A 474 -69.14 65.08 15.37
CA HIS A 474 -70.25 64.21 15.02
C HIS A 474 -71.59 64.94 15.06
N LEU A 475 -71.72 65.89 15.99
CA LEU A 475 -72.94 66.69 16.11
C LEU A 475 -73.15 67.56 14.88
N LYS A 476 -72.07 68.11 14.35
CA LYS A 476 -72.14 68.91 13.13
C LYS A 476 -72.64 68.05 11.98
N ASN A 477 -72.19 66.80 11.95
CA ASN A 477 -72.56 65.87 10.89
C ASN A 477 -74.04 65.49 10.95
N ILE A 478 -74.57 65.25 12.16
CA ILE A 478 -75.95 64.78 12.28
C ILE A 478 -76.99 65.88 12.01
N GLU A 479 -76.98 66.94 12.81
CA GLU A 479 -78.01 67.99 12.76
C GLU A 479 -77.66 69.21 13.61
N HIS A 480 -78.52 70.22 13.57
CA HIS A 480 -78.31 71.46 14.33
C HIS A 480 -78.84 71.48 15.78
N PRO A 481 -79.99 70.83 16.06
CA PRO A 481 -80.54 71.07 17.40
C PRO A 481 -79.69 70.53 18.54
N GLU A 482 -78.96 69.45 18.29
CA GLU A 482 -78.13 68.84 19.33
C GLU A 482 -76.82 69.60 19.49
N ARG A 483 -76.33 70.16 18.39
CA ARG A 483 -75.19 71.05 18.44
C ARG A 483 -75.52 72.26 19.31
N MET A 484 -76.74 72.77 19.12
CA MET A 484 -77.23 73.92 19.86
C MET A 484 -77.10 73.74 21.37
N THR A 485 -77.49 72.57 21.86
CA THR A 485 -77.49 72.29 23.29
C THR A 485 -76.16 71.75 23.80
N LEU A 486 -75.59 70.76 23.12
CA LEU A 486 -74.41 70.06 23.64
C LEU A 486 -73.13 70.90 23.59
N PHE A 487 -72.99 71.73 22.55
CA PHE A 487 -71.89 72.69 22.51
C PHE A 487 -71.98 73.62 23.69
N ARG A 488 -73.22 73.81 24.14
CA ARG A 488 -73.53 74.71 25.23
C ARG A 488 -72.98 76.09 24.89
N MET A 489 -73.40 76.55 23.73
CA MET A 489 -73.32 77.96 23.39
C MET A 489 -74.54 78.58 24.02
N VAL A 490 -75.57 77.75 24.15
CA VAL A 490 -76.79 78.09 24.87
C VAL A 490 -76.58 77.89 26.36
N PHE A 491 -75.91 76.79 26.72
CA PHE A 491 -75.69 76.47 28.13
C PHE A 491 -74.35 77.04 28.62
N LEU A 492 -74.33 77.57 29.84
CA LEU A 492 -73.10 78.09 30.40
C LEU A 492 -72.19 76.96 30.88
N ASP A 493 -72.74 75.74 30.90
CA ASP A 493 -72.10 74.63 31.60
C ASP A 493 -70.88 74.01 30.90
N PHE A 494 -70.80 74.13 29.58
CA PHE A 494 -69.63 73.58 28.88
C PHE A 494 -68.50 74.60 28.86
N ARG A 495 -68.86 75.88 29.03
CA ARG A 495 -67.85 76.88 29.28
C ARG A 495 -67.16 76.53 30.59
N PHE A 496 -67.96 76.02 31.53
CA PHE A 496 -67.44 75.54 32.79
C PHE A 496 -66.60 74.28 32.58
N LEU A 497 -67.27 73.18 32.23
CA LEU A 497 -66.62 71.87 32.13
C LEU A 497 -65.45 71.83 31.15
N GLU A 498 -65.75 71.86 29.85
CA GLU A 498 -64.76 71.76 28.76
C GLU A 498 -63.45 72.51 29.04
N GLN A 499 -63.57 73.70 29.61
CA GLN A 499 -62.43 74.57 29.86
C GLN A 499 -61.54 74.02 30.98
N LYS A 500 -62.14 73.59 32.08
CA LYS A 500 -61.37 73.27 33.28
C LYS A 500 -60.82 71.84 33.29
N ILE A 501 -61.43 70.95 32.52
CA ILE A 501 -60.89 69.59 32.39
C ILE A 501 -59.77 69.58 31.37
N ARG A 502 -59.96 70.34 30.29
CA ARG A 502 -58.90 70.55 29.31
C ARG A 502 -57.90 71.58 29.79
N HIS A 503 -57.33 71.34 30.96
CA HIS A 503 -56.36 72.24 31.57
C HIS A 503 -55.00 71.58 31.73
N ASN A 516 -55.93 73.53 25.53
CA ASN A 516 -56.58 74.40 26.51
C ASN A 516 -57.76 75.14 25.91
N THR A 517 -57.77 76.46 26.06
CA THR A 517 -58.83 77.30 25.51
C THR A 517 -58.84 77.23 24.00
N LEU A 518 -57.69 76.84 23.44
CA LEU A 518 -57.49 76.79 22.00
C LEU A 518 -58.48 75.88 21.31
N GLN A 519 -58.42 74.60 21.65
CA GLN A 519 -59.26 73.61 21.01
C GLN A 519 -60.73 73.92 21.23
N GLN A 520 -61.04 74.51 22.37
CA GLN A 520 -62.39 74.98 22.66
C GLN A 520 -62.76 76.04 21.61
N LEU A 521 -61.90 77.03 21.45
CA LEU A 521 -62.04 78.03 20.41
C LEU A 521 -62.07 77.39 19.03
N LYS A 522 -61.33 76.30 18.88
CA LYS A 522 -61.27 75.58 17.61
C LYS A 522 -62.54 74.80 17.32
N PHE A 523 -63.31 74.49 18.36
CA PHE A 523 -64.59 73.86 18.16
C PHE A 523 -65.57 74.87 17.61
N TYR A 524 -65.75 75.95 18.37
CA TYR A 524 -66.81 76.91 18.11
C TYR A 524 -66.79 77.49 16.69
N LYS A 525 -65.62 77.82 16.16
CA LYS A 525 -65.58 78.59 14.92
C LYS A 525 -65.99 77.81 13.65
N PRO A 526 -65.40 76.63 13.38
CA PRO A 526 -65.90 75.97 12.16
C PRO A 526 -67.24 75.29 12.34
N TYR A 527 -67.71 75.15 13.57
CA TYR A 527 -68.91 74.36 13.83
C TYR A 527 -70.22 75.17 13.84
N ILE A 528 -70.15 76.51 13.77
CA ILE A 528 -71.38 77.32 13.80
C ILE A 528 -72.27 77.13 12.58
N CYS A 529 -71.70 76.58 11.51
CA CYS A 529 -72.40 76.47 10.24
C CYS A 529 -73.70 75.67 10.38
N ASP A 530 -73.70 74.69 11.26
CA ASP A 530 -74.86 73.83 11.47
C ASP A 530 -76.05 74.61 12.03
N ASP A 532 -79.86 78.11 13.11
CA ASP A 532 -80.17 79.11 12.09
C ASP A 532 -79.39 80.40 12.37
N PRO A 533 -79.20 81.25 11.34
CA PRO A 533 -78.42 82.50 11.45
C PRO A 533 -78.66 83.33 12.70
N LYS A 534 -79.87 83.31 13.26
CA LYS A 534 -80.19 84.10 14.45
C LYS A 534 -79.39 83.63 15.65
N TYR A 535 -79.31 82.30 15.81
CA TYR A 535 -78.47 81.72 16.83
C TYR A 535 -77.02 81.76 16.39
N GLU A 536 -76.79 81.86 15.08
CA GLU A 536 -75.43 81.82 14.52
C GLU A 536 -74.64 83.09 14.85
N ARG A 537 -75.26 84.24 14.66
CA ARG A 537 -74.65 85.52 15.04
C ARG A 537 -74.41 85.53 16.55
N LEU A 538 -75.16 84.69 17.25
CA LEU A 538 -75.05 84.55 18.69
C LEU A 538 -73.82 83.72 19.07
N VAL A 539 -73.53 82.67 18.31
CA VAL A 539 -72.36 81.83 18.63
C VAL A 539 -71.06 82.60 18.43
N ASN A 540 -71.04 83.49 17.43
CA ASN A 540 -69.82 84.22 17.14
C ASN A 540 -69.64 85.31 18.19
N ALA A 541 -70.76 85.73 18.76
CA ALA A 541 -70.74 86.69 19.86
C ALA A 541 -70.15 86.04 21.11
N ILE A 542 -70.59 84.83 21.43
CA ILE A 542 -70.04 84.10 22.56
C ILE A 542 -68.65 83.57 22.22
N LEU A 543 -68.37 83.46 20.93
CA LEU A 543 -67.09 82.97 20.45
C LEU A 543 -65.98 83.92 20.87
N ASP A 544 -66.18 85.20 20.59
CA ASP A 544 -65.16 86.20 20.84
C ASP A 544 -64.88 86.35 22.33
N PHE A 545 -65.93 86.28 23.15
CA PHE A 545 -65.80 86.41 24.60
C PHE A 545 -65.06 85.22 25.22
N LEU A 546 -64.91 84.16 24.45
CA LEU A 546 -64.35 82.92 24.98
C LEU A 546 -62.82 82.95 25.19
N PRO A 547 -62.04 83.32 24.15
CA PRO A 547 -60.59 83.37 24.45
C PRO A 547 -60.25 84.64 25.23
N LYS A 548 -61.18 85.58 25.24
CA LYS A 548 -61.03 86.85 25.94
C LYS A 548 -60.69 86.65 27.41
N ILE A 549 -61.26 85.61 28.00
CA ILE A 549 -61.09 85.33 29.43
C ILE A 549 -61.12 83.83 29.71
N TYR A 558 -68.48 77.15 41.87
CA TYR A 558 -69.61 77.18 40.92
C TYR A 558 -70.17 78.57 40.55
N THR A 559 -70.26 79.44 41.54
CA THR A 559 -70.88 80.75 41.40
C THR A 559 -70.23 81.63 40.33
N ASP A 560 -68.90 81.69 40.32
CA ASP A 560 -68.16 82.60 39.43
C ASP A 560 -68.63 82.58 37.98
N LEU A 561 -68.82 81.38 37.44
CA LEU A 561 -69.22 81.20 36.05
C LEU A 561 -70.49 81.97 35.70
N LEU A 562 -71.46 81.94 36.62
CA LEU A 562 -72.75 82.59 36.40
C LEU A 562 -72.64 84.11 36.48
N ARG A 563 -71.84 84.59 37.43
CA ARG A 563 -71.72 86.02 37.69
C ARG A 563 -71.09 86.78 36.52
N ILE A 564 -70.18 86.12 35.81
CA ILE A 564 -69.52 86.75 34.67
C ILE A 564 -70.36 86.62 33.41
N ALA A 565 -71.34 85.73 33.44
CA ALA A 565 -72.30 85.61 32.34
C ALA A 565 -73.35 86.70 32.45
N LEU A 566 -73.43 87.31 33.64
CA LEU A 566 -74.42 88.33 33.96
C LEU A 566 -74.18 89.64 33.20
N MET A 567 -72.94 89.84 32.74
CA MET A 567 -72.54 91.12 32.16
C MET A 567 -73.28 91.45 30.85
N ALA A 568 -73.52 90.44 30.03
CA ALA A 568 -74.20 90.64 28.75
C ALA A 568 -75.62 90.07 28.79
N GLU A 569 -76.60 90.96 28.90
CA GLU A 569 -78.01 90.58 29.02
C GLU A 569 -78.55 89.89 27.77
N ASP A 570 -77.90 90.14 26.63
CA ASP A 570 -78.40 89.71 25.33
C ASP A 570 -78.22 88.23 25.03
N GLU A 571 -77.49 87.52 25.88
CA GLU A 571 -77.08 86.16 25.55
C GLU A 571 -77.79 85.08 26.39
N ALA A 572 -78.01 83.93 25.76
CA ALA A 572 -78.64 82.80 26.42
C ALA A 572 -77.69 82.13 27.40
N ILE A 573 -76.40 82.48 27.32
CA ILE A 573 -75.42 81.93 28.25
C ILE A 573 -75.74 82.44 29.65
N PHE A 574 -76.39 83.60 29.73
CA PHE A 574 -76.89 84.11 30.99
C PHE A 574 -78.21 83.42 31.36
N GLU A 575 -79.07 83.24 30.36
CA GLU A 575 -80.37 82.58 30.57
C GLU A 575 -80.19 81.18 31.13
N GLU A 576 -79.17 80.49 30.66
CA GLU A 576 -78.87 79.15 31.15
C GLU A 576 -78.07 79.21 32.44
N ALA A 577 -77.25 80.25 32.57
CA ALA A 577 -76.53 80.52 33.81
C ALA A 577 -77.52 80.56 34.96
N HIS A 578 -78.64 81.23 34.74
CA HIS A 578 -79.68 81.38 35.73
C HIS A 578 -80.36 80.04 36.04
N LYS A 579 -80.36 79.13 35.07
CA LYS A 579 -80.98 77.83 35.27
C LYS A 579 -80.09 76.88 36.07
N GLN A 580 -78.78 77.00 35.88
CA GLN A 580 -77.85 76.07 36.52
C GLN A 580 -77.46 76.48 37.94
N VAL A 581 -77.72 77.74 38.30
CA VAL A 581 -77.63 78.14 39.69
C VAL A 581 -78.90 77.71 40.40
N GLN A 582 -80.02 77.82 39.67
CA GLN A 582 -81.33 77.37 40.15
C GLN A 582 -81.26 75.91 40.60
N ARG A 583 -80.50 75.11 39.86
CA ARG A 583 -80.20 73.75 40.29
C ARG A 583 -78.70 73.58 40.47
N UNK A 584 -56.87 89.78 31.42
CA UNK A 584 -55.86 90.05 30.42
C UNK A 584 -56.24 89.31 29.14
N UNK A 585 -55.97 89.95 28.02
CA UNK A 585 -56.29 89.38 26.72
C UNK A 585 -55.75 87.96 26.56
N UNK A 586 -54.60 87.67 27.15
CA UNK A 586 -54.03 86.34 27.04
C UNK A 586 -53.19 85.91 28.25
N UNK A 587 -53.28 84.63 28.59
CA UNK A 587 -52.52 84.08 29.71
C UNK A 587 -51.90 82.72 29.34
N UNK A 588 -50.57 82.69 29.37
CA UNK A 588 -49.79 81.51 29.00
C UNK A 588 -49.14 80.79 30.18
N UNK A 589 -49.25 79.47 30.20
CA UNK A 589 -48.66 78.67 31.26
C UNK A 589 -47.76 77.57 30.67
N UNK A 590 -46.50 77.90 30.36
CA UNK A 590 -45.53 76.95 29.78
C UNK A 590 -44.35 76.53 30.65
N UNK A 591 -44.31 77.00 31.89
CA UNK A 591 -43.20 76.64 32.77
C UNK A 591 -43.73 75.82 33.93
N UNK A 592 -42.84 75.10 34.60
CA UNK A 592 -43.26 74.28 35.72
C UNK A 592 -42.73 74.92 36.97
N UNK A 593 -41.84 78.16 38.16
CA UNK A 593 -41.96 79.58 37.96
C UNK A 593 -41.40 80.04 36.60
N UNK A 594 -42.07 81.02 36.00
CA UNK A 594 -41.63 81.58 34.72
C UNK A 594 -40.86 82.83 35.08
N UNK A 595 -39.62 82.92 34.63
CA UNK A 595 -38.87 84.12 34.98
C UNK A 595 -38.95 85.23 33.96
N UNK A 596 -38.92 84.88 32.68
CA UNK A 596 -38.98 85.88 31.62
C UNK A 596 -39.71 85.29 30.43
N UNK A 597 -40.25 86.16 29.59
CA UNK A 597 -40.98 85.76 28.39
C UNK A 597 -40.96 86.96 27.46
N UNK A 598 -41.07 86.73 26.15
CA UNK A 598 -41.05 87.83 25.20
C UNK A 598 -41.62 87.46 23.83
N UNK A 599 -41.94 88.49 23.04
CA UNK A 599 -42.52 88.32 21.71
C UNK A 599 -41.47 88.16 20.61
N UNK A 600 -41.85 87.52 19.52
CA UNK A 600 -40.95 87.36 18.39
C UNK A 600 -40.98 88.74 17.75
N UNK A 601 -40.01 89.04 16.88
CA UNK A 601 -39.98 90.35 16.26
C UNK A 601 -41.24 90.71 15.51
N UNK A 602 -41.96 89.72 14.98
CA UNK A 602 -43.21 90.01 14.28
C UNK A 602 -44.40 89.85 15.21
N UNK A 603 -44.12 89.58 16.48
CA UNK A 603 -45.19 89.42 17.47
C UNK A 603 -46.03 88.15 17.34
N UNK A 604 -45.76 87.34 16.32
CA UNK A 604 -46.50 86.09 16.10
C UNK A 604 -46.24 84.98 17.11
N UNK A 605 -45.05 84.98 17.71
CA UNK A 605 -44.68 83.96 18.66
C UNK A 605 -44.22 84.53 20.00
N UNK A 606 -44.10 83.66 21.00
CA UNK A 606 -43.65 84.04 22.33
C UNK A 606 -42.73 82.96 22.87
N UNK A 607 -41.60 83.37 23.45
CA UNK A 607 -40.68 82.41 24.03
C UNK A 607 -40.64 82.77 25.51
N UNK A 608 -40.56 81.76 26.37
CA UNK A 608 -40.56 81.97 27.81
C UNK A 608 -39.61 80.99 28.44
N UNK A 609 -38.83 81.44 29.41
CA UNK A 609 -37.87 80.59 30.08
C UNK A 609 -38.03 80.75 31.58
N UNK A 610 -38.05 79.64 32.31
CA UNK A 610 -38.21 79.76 33.74
C UNK A 610 -37.35 78.82 34.54
N UNK A 611 -37.76 78.59 35.78
CA UNK A 611 -36.97 77.81 36.71
C UNK A 611 -37.09 76.32 36.42
N UNK A 612 -37.92 75.97 35.45
CA UNK A 612 -38.04 74.56 35.11
C UNK A 612 -36.92 74.11 34.19
N UNK A 613 -35.96 75.01 33.94
CA UNK A 613 -34.78 74.77 33.09
C UNK A 613 -34.99 74.68 31.58
N UNK A 614 -36.24 74.80 31.11
CA UNK A 614 -36.53 74.67 29.67
C UNK A 614 -36.76 75.98 28.89
N UNK A 615 -36.71 75.89 27.56
CA UNK A 615 -36.97 77.02 26.68
C UNK A 615 -38.28 76.63 26.04
N UNK A 616 -39.26 77.54 26.06
CA UNK A 616 -40.55 77.23 25.49
C UNK A 616 -40.96 78.25 24.47
N UNK A 617 -41.69 77.81 23.46
CA UNK A 617 -42.15 78.73 22.44
C UNK A 617 -43.53 78.31 21.99
N UNK A 618 -44.39 79.29 21.75
CA UNK A 618 -45.78 79.07 21.34
C UNK A 618 -46.30 80.25 20.52
N UNK A 619 -47.37 80.01 19.78
CA UNK A 619 -47.97 81.06 18.96
C UNK A 619 -48.53 82.14 19.89
N UNK A 620 -48.39 83.40 19.50
CA UNK A 620 -48.89 84.49 20.33
C UNK A 620 -50.42 84.42 20.36
N UNK A 621 -51.00 84.07 19.21
CA UNK A 621 -52.45 83.96 19.06
C UNK A 621 -53.16 82.95 19.95
N UNK A 622 -52.66 81.72 20.00
CA UNK A 622 -53.31 80.65 20.77
C UNK A 622 -52.56 79.88 21.85
N UNK A 623 -51.27 80.15 22.05
CA UNK A 623 -50.53 79.42 23.08
C UNK A 623 -50.15 78.02 22.61
N UNK A 624 -50.60 77.71 21.40
CA UNK A 624 -50.36 76.44 20.73
C UNK A 624 -48.85 76.18 20.82
N UNK A 625 -48.44 75.21 21.61
CA UNK A 625 -47.01 74.93 21.75
C UNK A 625 -46.27 74.71 20.44
N UNK A 626 -45.11 75.36 20.32
CA UNK A 626 -44.26 75.26 19.14
C UNK A 626 -42.94 74.57 19.45
N UNK A 627 -42.31 74.94 20.57
CA UNK A 627 -41.05 74.30 20.97
C UNK A 627 -41.03 73.99 22.48
N UNK A 628 -40.46 72.82 22.83
CA UNK A 628 -40.33 72.39 24.22
C UNK A 628 -38.90 71.85 24.42
N UNK A 629 -37.93 72.76 24.49
CA UNK A 629 -36.51 72.44 24.63
C UNK A 629 -36.03 72.38 26.07
N UNK A 630 -35.02 71.55 26.33
CA UNK A 630 -34.45 71.47 27.67
C UNK A 630 -33.17 72.30 27.60
N UNK A 631 -33.31 73.62 27.56
CA UNK A 631 -32.19 74.56 27.41
C UNK A 631 -30.95 74.50 28.32
N UNK A 632 -31.13 74.40 29.62
CA UNK A 632 -29.96 74.38 30.50
C UNK A 632 -30.03 73.39 31.63
N UNK A 633 -28.96 73.41 32.43
CA UNK A 633 -28.81 72.53 33.58
C UNK A 633 -28.98 73.36 34.85
N UNK A 634 -29.22 75.07 34.95
CA UNK A 634 -29.48 75.94 36.08
C UNK A 634 -30.37 77.10 35.62
N UNK A 635 -31.12 77.67 36.57
CA UNK A 635 -32.09 78.72 36.28
C UNK A 635 -31.60 79.80 35.33
N UNK A 636 -32.51 80.33 34.52
CA UNK A 636 -32.19 81.36 33.55
C UNK A 636 -32.59 82.73 34.10
N UNK A 637 -32.00 83.78 33.53
CA UNK A 637 -32.27 85.16 33.99
C UNK A 637 -32.72 86.20 32.97
N UNK A 638 -32.50 85.94 31.69
CA UNK A 638 -32.88 86.90 30.68
C UNK A 638 -32.79 86.26 29.31
N UNK A 639 -33.51 86.84 28.35
CA UNK A 639 -33.55 86.34 26.98
C UNK A 639 -33.97 87.48 26.02
N UNK A 640 -33.51 87.43 24.77
CA UNK A 640 -33.84 88.47 23.81
C UNK A 640 -33.74 87.99 22.40
N UNK A 641 -34.30 88.76 21.47
CA UNK A 641 -34.28 88.45 20.05
C UNK A 641 -33.25 89.36 19.41
N UNK A 642 -32.74 88.98 18.24
CA UNK A 642 -31.76 89.79 17.53
C UNK A 642 -32.53 90.84 16.75
N UNK A 643 -31.83 91.69 16.03
CA UNK A 643 -32.46 92.75 15.25
C UNK A 643 -33.42 92.26 14.17
N UNK A 644 -33.18 91.07 13.63
CA UNK A 644 -34.07 90.54 12.59
C UNK A 644 -34.78 89.27 13.07
N UNK A 645 -34.94 89.14 14.39
CA UNK A 645 -35.62 88.00 14.97
C UNK A 645 -35.04 86.69 14.47
N UNK A 646 -33.87 86.74 13.87
CA UNK A 646 -33.25 85.52 13.36
C UNK A 646 -32.74 84.67 14.52
N UNK A 647 -32.40 85.34 15.61
CA UNK A 647 -31.86 84.65 16.78
C UNK A 647 -32.51 85.08 18.06
N UNK A 648 -32.22 84.31 19.11
CA UNK A 648 -32.70 84.54 20.45
C UNK A 648 -31.53 84.15 21.34
N UNK A 649 -31.11 85.02 22.23
CA UNK A 649 -30.04 84.66 23.12
C UNK A 649 -30.68 84.40 24.47
N UNK A 650 -29.94 83.77 25.37
CA UNK A 650 -30.41 83.51 26.72
C UNK A 650 -29.16 83.46 27.56
N UNK A 651 -29.20 84.10 28.71
CA UNK A 651 -28.06 84.09 29.59
C UNK A 651 -28.60 83.54 30.92
N UNK A 652 -27.80 82.75 31.63
CA UNK A 652 -28.29 82.15 32.87
C UNK A 652 -27.32 82.12 34.02
N UNK A 653 -27.75 81.49 35.11
CA UNK A 653 -26.95 81.38 36.31
C UNK A 653 -25.77 80.43 36.16
N UNK A 654 -25.74 79.67 35.06
CA UNK A 654 -24.63 78.76 34.84
C UNK A 654 -23.49 79.56 34.25
N UNK A 655 -23.68 80.88 34.24
CA UNK A 655 -22.67 81.81 33.75
C UNK A 655 -22.48 81.78 32.23
N UNK A 656 -23.34 81.04 31.53
CA UNK A 656 -23.25 80.96 30.08
C UNK A 656 -24.28 81.84 29.36
N UNK A 657 -23.98 82.12 28.09
CA UNK A 657 -24.84 82.90 27.20
C UNK A 657 -25.05 82.00 26.00
N UNK A 658 -26.24 81.97 25.43
CA UNK A 658 -26.46 81.08 24.30
C UNK A 658 -27.24 81.71 23.16
N UNK A 659 -26.95 81.26 21.94
CA UNK A 659 -27.63 81.80 20.78
C UNK A 659 -28.42 80.68 20.16
N UNK A 660 -29.66 80.95 19.78
CA UNK A 660 -30.53 79.94 19.19
C UNK A 660 -31.15 80.42 17.89
N UNK A 661 -31.42 79.48 16.98
CA UNK A 661 -32.06 79.79 15.72
C UNK A 661 -33.50 79.92 16.19
N UNK A 662 -34.06 81.12 16.15
CA UNK A 662 -35.42 81.32 16.61
C UNK A 662 -36.44 80.47 15.89
N UNK A 663 -36.05 79.91 14.75
CA UNK A 663 -36.97 79.10 13.96
C UNK A 663 -36.98 77.64 14.36
N UNK A 664 -34.82 76.39 16.89
CA UNK A 664 -34.45 76.21 18.28
C UNK A 664 -33.16 75.47 18.47
N UNK A 665 -32.41 75.25 17.40
CA UNK A 665 -31.14 74.55 17.53
C UNK A 665 -30.06 75.49 18.07
N UNK A 666 -29.31 75.00 19.06
CA UNK A 666 -28.24 75.76 19.69
C UNK A 666 -27.30 76.21 18.57
N UNK A 667 -27.05 77.51 18.49
CA UNK A 667 -26.19 78.06 17.46
C UNK A 667 -24.89 78.57 18.09
N UNK A 668 -22.46 78.54 22.11
CA UNK A 668 -22.53 79.11 23.45
C UNK A 668 -21.25 79.86 23.81
N UNK A 669 -21.41 80.88 24.65
CA UNK A 669 -20.29 81.70 25.08
C UNK A 669 -20.14 81.65 26.57
N UNK A 670 -19.13 80.92 27.06
CA UNK A 670 -18.90 80.86 28.51
C UNK A 670 -17.65 81.65 28.80
N UNK A 671 -17.81 82.78 29.48
CA UNK A 671 -16.66 83.62 29.83
C UNK A 671 -16.94 84.44 31.07
N UNK A 672 -21.07 86.67 31.79
CA UNK A 672 -21.42 87.82 30.95
C UNK A 672 -22.88 88.19 31.19
N UNK A 673 -23.09 89.42 31.66
CA UNK A 673 -24.41 89.97 32.01
C UNK A 673 -25.16 90.67 30.88
N UNK A 674 -24.47 91.56 30.17
CA UNK A 674 -25.07 92.29 29.06
C UNK A 674 -24.87 91.57 27.73
N UNK A 675 -25.88 91.65 26.86
CA UNK A 675 -25.77 91.15 25.48
C UNK A 675 -26.91 91.72 24.65
N UNK A 676 -26.53 92.58 23.71
CA UNK A 676 -27.44 93.29 22.82
C UNK A 676 -26.94 93.31 21.37
N UNK A 677 -27.86 93.24 20.41
CA UNK A 677 -27.50 93.23 18.98
C UNK A 677 -27.55 94.63 18.40
N UNK A 678 -27.09 94.78 17.16
CA UNK A 678 -27.12 96.07 16.48
C UNK A 678 -28.55 96.27 15.97
N UNK A 679 -29.03 97.51 15.96
CA UNK A 679 -30.40 97.81 15.52
C UNK A 679 -30.61 97.83 14.02
N UNK A 680 -29.70 98.49 13.31
CA UNK A 680 -29.80 98.57 11.86
C UNK A 680 -29.72 97.21 11.17
N UNK A 681 -30.73 96.96 10.36
CA UNK A 681 -30.88 95.73 9.59
C UNK A 681 -29.72 95.52 8.61
N UNK A 682 -28.77 96.43 8.64
CA UNK A 682 -27.63 96.35 7.75
C UNK A 682 -26.55 95.44 8.33
N UNK A 683 -25.78 95.95 9.29
CA UNK A 683 -24.72 95.18 9.95
C UNK A 683 -25.29 94.26 11.03
N UNK A 684 -24.52 93.25 11.42
CA UNK A 684 -24.97 92.26 12.40
C UNK A 684 -23.96 92.00 13.51
N UNK A 685 -23.86 92.90 14.48
CA UNK A 685 -22.91 92.72 15.57
C UNK A 685 -23.58 92.42 16.88
N UNK A 686 -22.81 91.87 17.82
CA UNK A 686 -23.32 91.53 19.13
C UNK A 686 -22.36 92.11 20.15
N UNK A 687 -22.91 92.78 21.16
CA UNK A 687 -22.09 93.38 22.19
C UNK A 687 -22.38 92.70 23.50
N UNK A 688 -21.34 92.41 24.26
CA UNK A 688 -21.49 91.73 25.53
C UNK A 688 -20.65 92.39 26.63
N UNK A 689 -21.24 92.48 27.82
CA UNK A 689 -20.55 93.05 28.96
C UNK A 689 -20.40 91.91 29.95
N UNK A 690 -19.28 91.86 30.67
CA UNK A 690 -19.09 90.77 31.63
C UNK A 690 -18.49 91.21 32.95
N UNK A 691 -18.56 90.32 33.94
CA UNK A 691 -18.00 90.58 35.26
C UNK A 691 -16.48 90.66 35.16
N UNK A 692 -15.94 90.26 34.01
CA UNK A 692 -14.49 90.29 33.82
C UNK A 692 -14.00 91.68 33.44
N UNK A 693 -14.90 92.66 33.50
CA UNK A 693 -14.59 94.07 33.20
C UNK A 693 -14.51 94.41 31.73
N UNK A 694 -14.67 93.45 30.84
CA UNK A 694 -14.59 93.77 29.43
C UNK A 694 -15.93 93.79 28.76
N UNK A 695 -15.89 94.31 27.54
CA UNK A 695 -17.03 94.41 26.63
C UNK A 695 -16.51 93.75 25.36
N UNK A 696 -17.38 93.09 24.62
CA UNK A 696 -16.90 92.47 23.41
C UNK A 696 -17.84 92.65 22.24
N UNK A 697 -17.27 92.86 21.06
CA UNK A 697 -18.05 93.00 19.85
C UNK A 697 -17.78 91.72 19.10
N UNK A 698 -18.84 91.05 18.66
CA UNK A 698 -18.71 89.81 17.91
C UNK A 698 -19.31 90.06 16.56
N UNK A 699 -18.68 89.50 15.53
CA UNK A 699 -19.18 89.63 14.16
C UNK A 699 -19.70 88.23 13.89
N UNK A 700 -21.01 88.04 14.08
CA UNK A 700 -21.65 86.74 13.87
C UNK A 700 -21.24 86.05 12.58
N UNK A 701 -20.72 86.83 11.63
CA UNK A 701 -20.28 86.31 10.36
C UNK A 701 -18.81 85.91 10.48
N UNK A 702 -18.37 85.57 11.68
CA UNK A 702 -16.98 85.20 11.89
C UNK A 702 -16.79 84.37 13.15
N UNK A 703 -16.15 83.21 13.00
CA UNK A 703 -15.92 82.32 14.12
C UNK A 703 -15.15 83.02 15.26
N UNK A 704 -14.77 84.27 15.06
CA UNK A 704 -13.99 84.98 16.07
C UNK A 704 -14.56 86.27 16.65
N UNK A 705 -13.96 86.68 17.77
CA UNK A 705 -14.30 87.90 18.47
C UNK A 705 -13.82 88.99 17.53
N UNK A 706 -14.42 90.18 17.58
CA UNK A 706 -14.00 91.25 16.68
C UNK A 706 -13.26 92.33 17.42
N UNK A 707 -13.61 92.51 18.68
CA UNK A 707 -12.98 93.55 19.49
C UNK A 707 -13.20 93.25 20.96
N UNK A 708 -12.33 93.78 21.79
CA UNK A 708 -12.44 93.59 23.22
C UNK A 708 -12.19 94.94 23.85
N UNK A 709 -13.26 95.65 24.19
CA UNK A 709 -13.11 96.96 24.79
C UNK A 709 -12.58 96.93 26.20
N UNK A 710 -11.32 97.32 26.38
CA UNK A 710 -10.78 97.37 27.73
C UNK A 710 -11.06 98.76 28.28
N UNK A 711 -21.09 94.42 39.61
CA UNK A 711 -21.56 95.20 38.48
C UNK A 711 -22.74 94.42 37.90
N UNK A 712 -23.93 94.99 37.99
CA UNK A 712 -25.11 94.30 37.52
C UNK A 712 -25.58 94.59 36.13
N UNK A 713 -25.09 95.66 35.53
CA UNK A 713 -25.58 95.99 34.21
C UNK A 713 -24.66 97.02 33.56
N UNK A 714 -24.69 97.08 32.23
CA UNK A 714 -23.84 98.00 31.47
C UNK A 714 -24.32 98.08 30.03
N UNK A 715 -24.33 99.29 29.48
CA UNK A 715 -24.78 99.51 28.10
C UNK A 715 -23.90 100.54 27.44
N UNK A 716 -23.58 100.30 26.18
CA UNK A 716 -22.77 101.27 25.46
C UNK A 716 -23.72 102.40 25.13
N UNK A 717 -23.18 103.60 24.94
CA UNK A 717 -24.03 104.71 24.58
C UNK A 717 -24.32 104.56 23.08
N UNK A 718 -25.39 105.19 22.60
CA UNK A 718 -25.70 105.07 21.18
C UNK A 718 -24.46 105.51 20.42
N UNK A 719 -19.12 106.20 22.26
CA UNK A 719 -18.02 106.78 23.01
C UNK A 719 -18.07 106.57 24.53
N UNK A 720 -19.24 106.28 25.07
CA UNK A 720 -19.34 106.06 26.51
C UNK A 720 -19.88 104.70 26.87
N UNK A 721 -19.57 104.26 28.08
CA UNK A 721 -20.04 102.97 28.56
C UNK A 721 -20.67 103.21 29.92
N UNK A 722 -21.99 103.11 29.98
CA UNK A 722 -22.67 103.32 31.24
C UNK A 722 -22.59 102.03 32.04
N UNK A 723 -22.47 102.16 33.35
CA UNK A 723 -22.36 100.99 34.20
C UNK A 723 -23.17 101.15 35.46
N UNK A 724 -23.86 100.08 35.82
CA UNK A 724 -24.76 100.05 36.95
C UNK A 724 -24.34 98.96 37.93
N UNK A 725 -24.29 99.32 39.22
CA UNK A 725 -23.85 98.37 40.25
C UNK A 725 -24.64 98.36 41.55
N UNK A 726 -24.16 97.54 42.47
CA UNK A 726 -24.75 97.39 43.79
C UNK A 726 -24.15 98.41 44.74
N UNK A 727 -23.04 99.01 44.35
CA UNK A 727 -22.39 100.00 45.19
C UNK A 727 -23.17 101.30 45.22
N UNK A 728 -24.36 101.31 44.64
CA UNK A 728 -25.18 102.50 44.65
C UNK A 728 -24.81 103.60 43.66
N UNK A 729 -24.06 103.24 42.62
CA UNK A 729 -23.67 104.24 41.65
C UNK A 729 -24.08 103.92 40.20
N UNK A 730 -24.04 104.94 39.37
CA UNK A 730 -24.28 104.81 37.93
C UNK A 730 -22.92 105.34 37.53
N UNK A 731 -22.34 104.84 36.44
CA UNK A 731 -21.02 105.33 36.10
C UNK A 731 -20.79 105.40 34.62
N UNK A 732 -20.09 106.42 34.18
CA UNK A 732 -19.80 106.56 32.78
C UNK A 732 -18.32 106.43 32.47
N UNK A 733 -17.94 105.27 31.97
CA UNK A 733 -16.56 105.06 31.61
C UNK A 733 -16.37 105.57 30.19
N UNK A 734 -15.14 105.86 29.80
CA UNK A 734 -14.81 106.35 28.47
C UNK A 734 -14.25 105.20 27.65
N UNK A 735 -15.05 104.69 26.71
CA UNK A 735 -14.63 103.57 25.90
C UNK A 735 -13.22 103.65 25.33
N UNK A 736 -12.93 104.68 24.56
CA UNK A 736 -11.63 104.80 23.94
C UNK A 736 -10.45 104.65 24.90
N UNK A 737 -10.66 104.91 26.18
CA UNK A 737 -9.57 104.81 27.13
C UNK A 737 -9.86 104.01 28.40
N UNK A 738 -11.05 103.47 28.52
CA UNK A 738 -11.44 102.68 29.69
C UNK A 738 -11.22 103.43 31.01
N UNK A 739 -11.42 104.74 31.02
CA UNK A 739 -11.25 105.59 32.21
C UNK A 739 -12.57 105.98 32.82
N UNK A 740 -12.61 106.13 34.14
CA UNK A 740 -13.87 106.52 34.78
C UNK A 740 -14.05 108.03 34.57
N UNK A 741 -15.12 108.44 33.90
CA UNK A 741 -15.38 109.86 33.66
C UNK A 741 -16.27 110.45 34.75
N UNK A 742 -17.34 109.75 35.12
CA UNK A 742 -18.22 110.25 36.16
C UNK A 742 -18.78 109.10 36.99
N UNK A 743 -19.39 109.45 38.10
CA UNK A 743 -20.01 108.48 38.99
C UNK A 743 -21.18 109.20 39.61
N UNK A 744 -22.36 108.56 39.62
CA UNK A 744 -23.55 109.17 40.18
C UNK A 744 -24.12 108.35 41.31
N UNK A 745 -23.94 108.84 42.54
CA UNK A 745 -24.46 108.14 43.70
C UNK A 745 -25.98 108.22 43.77
N UNK A 746 -26.62 107.10 44.04
CA UNK A 746 -28.06 107.12 44.17
C UNK A 746 -28.40 107.18 45.67
N UNK A 747 -28.84 108.39 46.04
CA UNK A 747 -29.17 108.77 47.42
C UNK A 747 -30.64 109.17 47.58
N UNK A 748 -31.54 108.49 46.90
CA UNK A 748 -32.95 108.84 46.98
C UNK A 748 -33.66 107.95 47.96
N UNK A 749 -32.91 107.38 48.88
CA UNK A 749 -33.47 106.47 49.85
C UNK A 749 -33.01 106.80 51.28
N UNK A 750 -33.96 106.77 52.20
CA UNK A 750 -33.71 107.13 53.60
C UNK A 750 -34.20 106.04 54.56
N UNK A 751 -30.52 97.00 37.80
CA UNK A 751 -31.22 96.93 36.51
C UNK A 751 -30.79 98.16 35.69
N UNK A 752 -30.60 98.00 34.40
CA UNK A 752 -30.22 99.15 33.58
C UNK A 752 -30.31 98.89 32.11
N UNK A 753 -31.48 99.21 31.55
CA UNK A 753 -31.76 98.98 30.14
C UNK A 753 -31.72 100.22 29.25
N UNK A 754 -31.52 99.95 27.96
CA UNK A 754 -31.43 100.97 26.91
C UNK A 754 -32.77 101.38 26.35
N UNK A 755 -32.78 102.52 25.67
CA UNK A 755 -34.01 102.99 25.04
C UNK A 755 -34.10 102.27 23.70
N UNK A 756 -35.21 102.46 23.00
CA UNK A 756 -35.44 101.81 21.72
C UNK A 756 -34.41 102.19 20.67
N UNK A 757 -34.10 103.48 20.64
CA UNK A 757 -33.15 104.00 19.67
C UNK A 757 -31.71 103.84 20.16
N UNK A 758 -31.53 103.32 21.36
CA UNK A 758 -30.20 103.13 21.90
C UNK A 758 -29.50 104.45 22.19
N UNK A 759 -30.26 105.53 22.25
CA UNK A 759 -29.71 106.84 22.52
C UNK A 759 -29.97 107.31 23.94
N UNK A 760 -30.58 106.46 24.76
CA UNK A 760 -30.85 106.82 26.14
C UNK A 760 -30.79 105.57 26.99
N UNK A 761 -30.52 105.72 28.28
CA UNK A 761 -30.42 104.59 29.17
C UNK A 761 -31.05 104.93 30.52
N UNK A 762 -31.84 104.02 31.08
CA UNK A 762 -32.39 104.34 32.39
C UNK A 762 -31.67 103.45 33.38
N UNK A 763 -31.49 103.93 34.60
CA UNK A 763 -30.85 103.15 35.66
C UNK A 763 -31.56 103.37 36.98
N UNK A 764 -31.33 102.46 37.92
CA UNK A 764 -31.98 102.52 39.22
C UNK A 764 -30.99 102.42 40.38
N UNK A 765 -31.29 103.14 41.46
CA UNK A 765 -30.47 103.14 42.67
C UNK A 765 -31.26 103.70 43.86
N UNK A 766 -31.04 103.10 45.03
CA UNK A 766 -31.71 103.49 46.26
C UNK A 766 -33.20 103.78 46.01
N UNK A 767 -33.54 105.06 45.97
CA UNK A 767 -34.92 105.47 45.72
C UNK A 767 -35.27 106.02 44.35
N UNK A 768 -34.34 106.05 43.42
CA UNK A 768 -34.71 106.64 42.14
C UNK A 768 -34.32 105.90 40.88
N UNK A 769 -35.03 106.24 39.82
CA UNK A 769 -34.79 105.71 38.49
C UNK A 769 -34.27 106.98 37.81
N UNK A 770 -33.24 106.87 37.00
CA UNK A 770 -32.65 108.02 36.34
C UNK A 770 -32.49 107.79 34.86
N UNK A 771 -32.84 108.79 34.06
CA UNK A 771 -32.70 108.68 32.62
C UNK A 771 -31.52 109.48 32.11
N UNK A 772 -30.57 108.78 31.51
CA UNK A 772 -29.37 109.41 30.98
C UNK A 772 -29.30 109.46 29.47
N UNK A 773 -28.59 110.46 28.99
CA UNK A 773 -28.38 110.63 27.57
C UNK A 773 -27.07 109.92 27.28
N UNK A 774 -27.13 108.79 26.58
CA UNK A 774 -25.94 107.99 26.27
C UNK A 774 -24.76 108.80 25.72
N UNK A 775 -24.21 112.90 25.54
CA UNK A 775 -23.85 113.94 26.48
C UNK A 775 -23.64 113.46 27.92
N UNK A 776 -24.23 112.32 28.27
CA UNK A 776 -24.12 111.76 29.62
C UNK A 776 -24.93 112.64 30.58
N UNK A 777 -25.93 113.32 30.03
CA UNK A 777 -26.76 114.17 30.84
C UNK A 777 -27.91 113.43 31.48
N UNK A 778 -28.34 113.95 32.61
CA UNK A 778 -29.46 113.36 33.34
C UNK A 778 -30.73 113.96 32.79
N UNK A 779 -31.43 113.22 31.95
CA UNK A 779 -32.66 113.72 31.36
C UNK A 779 -33.90 113.58 32.24
N UNK A 780 -33.79 112.84 33.32
CA UNK A 780 -34.95 112.67 34.19
C UNK A 780 -34.64 111.98 35.51
N UNK A 781 -35.43 112.31 36.52
CA UNK A 781 -35.25 111.77 37.84
C UNK A 781 -36.59 111.60 38.53
N UNK A 782 -37.16 110.40 38.44
CA UNK A 782 -38.42 110.16 39.13
C UNK A 782 -38.07 109.52 40.46
N UNK A 783 -40.88 108.98 40.65
CA UNK A 783 -40.64 108.47 41.99
C UNK A 783 -41.67 107.41 42.29
N UNK A 784 -41.19 106.23 42.63
CA UNK A 784 -42.06 105.10 42.88
C UNK A 784 -42.61 105.02 44.28
N UNK A 785 -40.50 101.53 48.32
CA UNK A 785 -40.28 100.09 48.25
C UNK A 785 -39.00 100.01 47.45
N UNK A 786 -38.80 98.95 46.68
CA UNK A 786 -37.60 98.84 45.85
C UNK A 786 -37.91 98.16 44.52
N UNK A 787 -37.54 98.83 43.43
CA UNK A 787 -37.76 98.29 42.10
C UNK A 787 -36.97 97.00 41.99
N UNK A 788 -37.67 95.91 41.67
CA UNK A 788 -37.02 94.61 41.54
C UNK A 788 -36.48 94.35 40.12
N UNK A 789 -37.09 94.97 39.11
CA UNK A 789 -36.62 94.82 37.73
C UNK A 789 -37.29 95.82 36.80
N UNK A 790 -36.69 96.02 35.63
CA UNK A 790 -37.23 96.96 34.64
C UNK A 790 -36.72 96.72 33.22
N UNK A 791 -37.20 97.52 32.27
CA UNK A 791 -36.72 97.40 30.90
C UNK A 791 -37.21 98.59 30.13
N UNK A 792 -36.28 99.21 29.42
CA UNK A 792 -36.53 100.40 28.65
C UNK A 792 -36.90 100.02 27.21
N UNK A 793 -38.02 100.54 26.74
CA UNK A 793 -38.52 100.27 25.41
C UNK A 793 -37.64 100.92 24.34
N UNK A 794 -37.91 100.64 23.05
CA UNK A 794 -37.08 101.27 22.02
C UNK A 794 -37.84 102.45 21.40
N UNK A 795 -39.09 102.64 21.84
CA UNK A 795 -39.96 103.71 21.36
C UNK A 795 -40.75 104.33 22.50
N UNK A 796 -41.36 105.47 22.23
CA UNK A 796 -42.17 106.18 23.22
C UNK A 796 -41.51 106.36 24.59
N UNK A 797 -40.19 106.22 24.65
CA UNK A 797 -39.43 106.34 25.91
C UNK A 797 -40.14 105.55 26.99
N UNK A 798 -40.78 104.45 26.63
CA UNK A 798 -41.49 103.65 27.62
C UNK A 798 -40.54 102.82 28.42
N UNK A 799 -40.89 102.62 29.68
CA UNK A 799 -40.07 101.83 30.56
C UNK A 799 -41.00 101.00 31.42
N UNK A 800 -40.74 99.70 31.52
CA UNK A 800 -41.56 98.84 32.35
C UNK A 800 -40.74 98.40 33.52
N UNK A 801 -41.33 98.48 34.70
CA UNK A 801 -40.61 98.07 35.89
C UNK A 801 -41.51 97.25 36.78
N UNK A 802 -40.96 96.17 37.32
CA UNK A 802 -41.70 95.34 38.24
C UNK A 802 -41.43 96.11 39.51
N UNK A 803 -45.31 91.75 42.90
CA UNK A 803 -46.35 91.67 41.87
C UNK A 803 -47.00 92.94 41.28
N UNK A 804 -46.47 94.10 41.60
CA UNK A 804 -47.02 95.33 41.04
C UNK A 804 -46.23 95.62 39.79
N UNK A 805 -46.91 95.88 38.69
CA UNK A 805 -46.20 96.15 37.45
C UNK A 805 -46.75 97.40 36.82
N UNK A 806 -45.90 98.39 36.65
CA UNK A 806 -46.36 99.62 36.03
C UNK A 806 -45.37 100.10 34.99
N UNK A 807 -45.86 100.55 33.84
CA UNK A 807 -44.94 101.07 32.83
C UNK A 807 -45.07 102.57 32.84
N UNK A 808 -43.91 103.22 32.84
CA UNK A 808 -43.78 104.68 32.88
C UNK A 808 -43.30 105.28 31.58
N UNK A 809 -43.40 106.59 31.52
CA UNK A 809 -43.01 107.37 30.37
C UNK A 809 -41.84 108.27 30.79
N UNK A 810 -40.60 107.84 30.52
CA UNK A 810 -39.44 108.67 30.84
C UNK A 810 -39.68 109.91 29.99
N UNK A 811 -38.95 110.99 30.24
CA UNK A 811 -39.16 112.20 29.45
C UNK A 811 -40.42 112.93 29.94
N UNK A 812 -41.89 111.63 32.57
CA UNK A 812 -41.68 111.26 33.97
C UNK A 812 -42.98 110.99 34.72
N UNK A 813 -43.95 110.40 34.01
CA UNK A 813 -45.25 110.08 34.58
C UNK A 813 -45.66 108.63 34.37
N UNK A 814 -46.43 108.07 35.28
CA UNK A 814 -46.88 106.69 35.08
C UNK A 814 -47.91 106.72 33.96
N UNK A 815 -47.87 105.70 33.11
CA UNK A 815 -48.75 105.57 31.96
C UNK A 815 -49.80 104.49 32.14
N UNK A 816 -49.42 103.38 32.77
CA UNK A 816 -50.37 102.30 32.96
C UNK A 816 -50.05 101.42 34.13
N UNK A 817 -51.09 100.85 34.71
CA UNK A 817 -50.94 99.93 35.81
C UNK A 817 -51.25 98.57 35.23
N UNK A 818 -50.31 97.66 35.37
CA UNK A 818 -50.47 96.33 34.82
C UNK A 818 -50.68 95.33 35.95
N UNK A 819 -51.94 95.00 36.20
CA UNK A 819 -52.29 94.08 37.27
C UNK A 819 -52.44 92.69 36.67
N UNK A 820 -51.54 91.77 37.05
CA UNK A 820 -51.64 90.42 36.52
C UNK A 820 -51.21 89.33 37.47
N UNK A 821 -50.35 89.66 38.42
CA UNK A 821 -49.86 88.67 39.38
C UNK A 821 -50.22 89.04 40.82
N UNK A 822 -50.27 88.04 41.69
CA UNK A 822 -50.54 88.27 43.11
C UNK A 822 -49.40 87.62 43.90
N UNK A 823 -48.69 86.42 42.99
CA UNK A 823 -47.37 85.90 43.29
C UNK A 823 -46.39 86.82 42.60
N UNK A 824 -45.23 87.00 43.20
CA UNK A 824 -44.15 87.86 42.68
C UNK A 824 -43.97 88.04 41.19
N UNK A 825 -43.87 89.28 40.73
CA UNK A 825 -43.72 89.54 39.30
C UNK A 825 -42.26 89.89 39.05
N UNK A 826 -41.58 89.05 38.31
CA UNK A 826 -40.16 89.23 38.04
C UNK A 826 -39.86 90.16 36.90
N UNK A 827 -40.63 90.06 35.83
CA UNK A 827 -40.37 90.90 34.69
C UNK A 827 -41.64 91.42 34.04
N UNK A 828 -41.46 92.36 33.13
CA UNK A 828 -42.60 92.95 32.48
C UNK A 828 -42.11 93.83 31.33
N UNK A 829 -42.76 93.78 30.17
CA UNK A 829 -42.33 94.68 29.13
C UNK A 829 -43.29 94.88 27.97
N UNK A 830 -43.07 95.98 27.25
CA UNK A 830 -43.93 96.34 26.12
C UNK A 830 -43.59 95.58 24.87
N UNK A 831 -44.57 95.47 24.00
CA UNK A 831 -44.38 94.83 22.71
C UNK A 831 -43.54 95.89 22.00
N UNK A 832 -43.01 95.57 20.83
CA UNK A 832 -42.20 96.59 20.18
C UNK A 832 -42.94 97.88 19.79
N UNK A 833 -44.20 97.78 19.39
CA UNK A 833 -44.94 98.99 19.03
C UNK A 833 -45.59 99.57 20.26
N UNK A 834 -45.26 98.98 21.41
CA UNK A 834 -45.80 99.43 22.67
C UNK A 834 -47.31 99.35 22.74
N UNK A 835 -47.90 98.57 21.84
CA UNK A 835 -49.34 98.44 21.82
C UNK A 835 -49.81 97.51 22.92
N UNK A 836 -48.91 96.66 23.39
CA UNK A 836 -49.28 95.74 24.44
C UNK A 836 -48.04 95.45 25.28
N UNK A 837 -48.24 94.76 26.41
CA UNK A 837 -47.12 94.41 27.28
C UNK A 837 -47.36 93.04 27.91
N UNK A 838 -46.28 92.40 28.37
CA UNK A 838 -46.41 91.09 28.99
C UNK A 838 -45.96 91.16 30.43
N UNK A 839 -46.46 90.22 31.22
CA UNK A 839 -46.14 90.14 32.65
C UNK A 839 -45.58 88.75 32.93
N UNK A 840 -44.44 88.67 33.60
CA UNK A 840 -43.83 87.37 33.92
C UNK A 840 -43.71 87.18 35.43
N UNK A 841 -44.29 86.10 35.97
CA UNK A 841 -44.22 85.93 37.41
C UNK A 841 -43.89 84.57 38.00
N UNK A 842 -43.82 84.59 39.33
CA UNK A 842 -43.52 83.44 40.15
C UNK A 842 -44.65 82.43 40.12
N UNK A 843 -45.85 82.89 39.81
CA UNK A 843 -47.00 81.98 39.72
C UNK A 843 -46.84 81.25 38.40
N UNK A 844 -45.59 81.21 37.92
CA UNK A 844 -45.21 80.57 36.67
C UNK A 844 -46.10 80.80 35.47
N UNK A 845 -46.63 82.02 35.36
CA UNK A 845 -47.46 82.34 34.21
C UNK A 845 -46.89 83.54 33.51
N UNK A 846 -47.32 83.73 32.28
CA UNK A 846 -46.92 84.87 31.47
C UNK A 846 -48.22 85.36 30.91
N UNK A 847 -48.54 86.62 31.14
CA UNK A 847 -49.80 87.16 30.63
C UNK A 847 -49.60 88.35 29.70
N UNK A 848 -50.34 88.36 28.60
CA UNK A 848 -50.22 89.46 27.65
C UNK A 848 -51.38 90.40 27.81
N UNK A 849 -51.05 91.69 27.90
CA UNK A 849 -52.05 92.73 28.06
C UNK A 849 -51.97 93.71 26.91
N UNK A 850 -53.09 94.37 26.62
CA UNK A 850 -53.13 95.38 25.58
C UNK A 850 -53.25 96.71 26.30
N UNK A 851 -52.23 97.54 26.17
CA UNK A 851 -52.16 98.85 26.82
C UNK A 851 -53.43 99.66 26.73
N UNK A 852 -53.85 99.98 25.51
CA UNK A 852 -55.07 100.76 25.31
C UNK A 852 -56.15 100.33 26.31
N UNK A 853 -56.61 99.09 26.19
CA UNK A 853 -57.66 98.57 27.06
C UNK A 853 -57.34 98.65 28.55
N UNK A 854 -56.07 98.52 28.93
CA UNK A 854 -55.71 98.58 30.34
C UNK A 854 -55.74 99.99 30.92
N UNK A 855 -55.31 100.97 30.13
CA UNK A 855 -55.28 102.36 30.57
C UNK A 855 -56.64 103.03 30.65
N UNK A 856 -57.63 102.45 29.99
CA UNK A 856 -58.96 103.02 30.03
C UNK A 856 -59.41 103.09 31.49
N UNK A 857 -60.01 104.22 31.84
CA UNK A 857 -60.51 104.44 33.17
C UNK A 857 -61.60 103.43 33.47
N UNK A 858 -59.87 105.82 40.60
CA UNK A 858 -61.10 105.06 40.71
C UNK A 858 -61.18 104.21 41.97
N UNK A 859 -62.42 103.84 42.28
CA UNK A 859 -62.74 103.04 43.45
C UNK A 859 -62.70 101.55 43.14
N UNK A 860 -62.20 101.19 41.96
CA UNK A 860 -62.16 99.78 41.65
C UNK A 860 -61.15 99.08 42.54
N UNK A 861 -60.00 99.71 42.81
CA UNK A 861 -58.99 99.13 43.69
C UNK A 861 -58.79 99.97 44.93
N UNK A 862 -58.94 99.34 46.09
CA UNK A 862 -58.78 100.06 47.34
C UNK A 862 -57.74 99.31 48.14
N UNK A 863 -57.45 99.85 49.32
CA UNK A 863 -56.50 99.25 50.25
C UNK A 863 -57.39 98.43 51.15
N UNK A 864 -56.81 97.72 52.10
CA UNK A 864 -57.62 96.91 53.00
C UNK A 864 -58.10 97.69 54.24
N UNK A 865 -57.76 98.97 54.27
CA UNK A 865 -58.18 99.83 55.35
C UNK A 865 -59.51 100.46 54.94
N UNK A 866 -60.60 99.87 55.44
CA UNK A 866 -61.94 100.34 55.14
C UNK A 866 -62.85 100.22 56.33
N UNK A 867 -63.98 100.93 56.29
CA UNK A 867 -64.97 100.85 57.35
C UNK A 867 -66.35 100.83 56.69
N UNK A 868 -67.21 99.97 57.23
CA UNK A 868 -68.55 99.78 56.70
C UNK A 868 -69.69 100.13 57.66
N UNK A 869 -70.77 100.66 57.10
CA UNK A 869 -71.95 101.01 57.87
C UNK A 869 -73.20 100.45 57.21
N UNK A 870 -73.73 99.38 57.80
CA UNK A 870 -74.93 98.72 57.29
C UNK A 870 -76.19 99.46 57.73
N UNK A 871 -76.73 100.32 56.86
CA UNK A 871 -77.92 101.07 57.22
C UNK A 871 -79.21 100.58 56.56
N UNK A 872 -79.59 99.83 52.72
CA UNK A 872 -78.33 99.73 51.97
C UNK A 872 -77.05 99.61 52.82
N UNK A 873 -75.93 99.40 52.14
CA UNK A 873 -74.62 99.27 52.79
C UNK A 873 -73.69 100.41 52.36
N UNK A 874 -72.85 100.87 53.30
CA UNK A 874 -71.92 101.95 53.04
C UNK A 874 -70.48 101.61 53.39
N UNK A 875 -69.59 101.77 52.42
CA UNK A 875 -68.19 101.46 52.62
C UNK A 875 -67.31 102.69 52.34
N UNK A 876 -66.51 103.07 53.32
CA UNK A 876 -65.60 104.19 53.18
C UNK A 876 -64.25 103.50 53.10
N UNK A 877 -63.46 103.82 52.10
CA UNK A 877 -62.18 103.13 51.98
C UNK A 877 -61.01 103.99 51.56
N UNK A 878 -59.83 103.61 52.03
CA UNK A 878 -58.59 104.29 51.69
C UNK A 878 -58.22 103.91 50.27
N UNK A 879 -58.22 104.86 49.35
CA UNK A 879 -57.88 104.54 47.96
C UNK A 879 -56.49 103.92 47.83
N UNK A 880 -56.34 103.07 46.82
CA UNK A 880 -55.07 102.37 46.57
C UNK A 880 -53.94 103.34 46.20
N UNK A 881 -59.56 108.60 49.70
CA UNK A 881 -60.46 107.58 50.14
C UNK A 881 -61.78 107.71 49.38
N UNK A 882 -62.44 106.58 49.21
CA UNK A 882 -63.69 106.51 48.47
C UNK A 882 -64.90 106.26 49.37
N UNK A 883 -65.98 106.97 49.09
CA UNK A 883 -67.21 106.78 49.83
C UNK A 883 -68.03 105.89 48.91
N UNK A 884 -67.88 104.57 49.08
CA UNK A 884 -68.58 103.58 48.26
C UNK A 884 -69.90 103.15 48.86
N UNK A 885 -70.97 103.34 48.09
CA UNK A 885 -72.31 102.95 48.50
C UNK A 885 -72.67 101.65 47.81
N UNK A 886 -72.54 100.52 48.51
CA UNK A 886 -72.87 99.24 47.92
C UNK A 886 -74.32 99.28 47.49
N UNK A 887 -74.70 98.50 46.48
CA UNK A 887 -76.08 98.51 46.00
C UNK A 887 -76.29 99.88 45.35
N UNK A 888 -72.58 104.94 42.97
CA UNK A 888 -72.33 106.09 43.84
C UNK A 888 -71.01 106.11 44.59
N UNK A 889 -69.93 106.34 43.85
CA UNK A 889 -68.61 106.41 44.41
C UNK A 889 -68.20 107.87 44.47
N UNK A 890 -67.86 108.34 45.68
CA UNK A 890 -67.45 109.71 45.87
C UNK A 890 -66.07 109.80 46.45
N UNK A 891 -65.21 110.46 45.67
CA UNK A 891 -63.81 110.64 45.99
C UNK A 891 -63.52 111.86 46.83
N UNK A 892 -62.56 111.68 47.73
CA UNK A 892 -62.11 112.74 48.62
C UNK A 892 -60.60 112.63 48.59
N UNK A 893 -59.93 113.55 47.88
CA UNK A 893 -58.48 113.55 47.79
C UNK A 893 -57.82 113.86 49.12
N UNK A 894 -56.57 113.46 49.29
CA UNK A 894 -55.87 113.73 50.53
C UNK A 894 -54.45 113.19 50.54
N UNK A 895 -53.94 108.93 53.04
CA UNK A 895 -54.35 108.58 54.38
C UNK A 895 -53.81 107.20 54.71
N UNK A 896 -53.93 106.81 55.98
CA UNK A 896 -53.46 105.51 56.43
C UNK A 896 -54.56 104.68 57.06
N UNK A 897 -55.68 105.32 57.38
CA UNK A 897 -56.79 104.60 57.99
C UNK A 897 -58.05 105.42 57.85
N UNK A 898 -59.18 104.72 57.80
CA UNK A 898 -60.43 105.39 57.62
C UNK A 898 -61.33 105.34 58.85
N UNK A 899 -62.47 106.02 58.77
CA UNK A 899 -63.42 106.07 59.88
C UNK A 899 -64.74 106.72 59.46
N UNK A 900 -65.85 106.09 59.82
CA UNK A 900 -67.18 106.62 59.49
C UNK A 900 -67.98 106.92 60.76
N UNK A 901 -68.55 108.11 60.82
CA UNK A 901 -69.34 108.50 61.99
C UNK A 901 -70.75 108.02 61.77
N UNK A 902 -71.25 107.13 62.64
CA UNK A 902 -72.62 106.67 62.45
C UNK A 902 -73.48 107.88 62.13
N UNK A 903 -70.07 112.72 58.53
CA UNK A 903 -68.67 112.98 58.85
C UNK A 903 -67.82 111.76 58.58
N UNK A 904 -66.61 111.97 58.05
CA UNK A 904 -65.67 110.88 57.82
C UNK A 904 -64.36 111.37 58.40
N UNK A 905 -63.59 110.48 58.98
CA UNK A 905 -62.32 110.88 59.56
C UNK A 905 -61.20 109.99 59.06
N UNK A 906 -59.97 110.50 59.05
CA UNK A 906 -58.88 109.65 58.60
C UNK A 906 -57.52 109.85 59.20
N UNK A 907 -56.76 108.75 59.20
CA UNK A 907 -55.41 108.75 59.72
C UNK A 907 -54.47 109.26 58.67
N UNK A 908 -53.24 109.54 59.08
CA UNK A 908 -52.26 110.08 58.15
C UNK A 908 -50.92 109.39 58.35
N UNK A 909 -50.10 109.39 57.32
CA UNK A 909 -48.79 108.75 57.38
C UNK A 909 -47.93 109.46 58.41
N UNK A 910 -51.16 113.03 61.16
CA UNK A 910 -52.27 113.97 61.12
C UNK A 910 -53.65 113.31 61.26
N UNK A 911 -54.61 114.07 61.78
CA UNK A 911 -55.98 113.58 61.96
C UNK A 911 -56.93 114.63 61.36
N UNK A 912 -57.91 114.19 60.59
CA UNK A 912 -58.85 115.13 59.98
C UNK A 912 -60.27 114.62 59.86
N UNK A 913 -61.24 115.47 60.16
CA UNK A 913 -62.63 115.11 60.02
C UNK A 913 -63.12 115.93 58.86
N UNK A 914 -63.87 115.30 57.96
CA UNK A 914 -64.44 116.01 56.82
C UNK A 914 -65.92 115.86 57.02
N UNK A 915 -66.69 116.90 56.73
CA UNK A 915 -68.14 116.79 56.89
C UNK A 915 -68.80 116.63 55.53
N UNK A 916 -69.34 115.43 55.32
CA UNK A 916 -70.01 115.07 54.08
C UNK A 916 -71.14 115.99 53.61
N UNK A 917 -72.10 116.30 54.49
CA UNK A 917 -73.20 117.19 54.06
C UNK A 917 -72.65 118.30 53.18
N UNK A 918 -71.44 118.73 53.50
CA UNK A 918 -70.79 119.78 52.73
C UNK A 918 -69.76 119.20 51.75
N UNK A 919 -65.57 121.70 53.83
CA UNK A 919 -65.22 122.20 55.16
C UNK A 919 -64.91 121.05 56.12
N UNK A 920 -63.70 121.07 56.67
CA UNK A 920 -63.25 120.03 57.59
C UNK A 920 -62.32 120.67 58.61
N UNK A 921 -61.63 119.83 59.38
CA UNK A 921 -60.91 120.25 60.57
C UNK A 921 -59.65 119.40 60.79
N UNK A 922 -58.65 119.95 61.47
CA UNK A 922 -57.39 119.23 61.74
C UNK A 922 -56.95 119.28 63.19
N UNK A 923 -57.15 118.19 63.92
CA UNK A 923 -56.77 118.15 65.31
C UNK A 923 -55.35 117.68 65.57
N UNK A 924 -54.45 118.64 65.83
CA UNK A 924 -53.02 118.40 66.09
C UNK A 924 -52.53 117.29 67.05
N UNK A 925 -52.85 104.51 63.09
CA UNK A 925 -53.38 103.16 62.91
C UNK A 925 -54.89 103.13 63.05
N UNK A 926 -55.41 102.51 64.09
CA UNK A 926 -56.86 102.45 64.28
C UNK A 926 -57.38 103.89 64.52
N UNK A 927 -58.65 104.16 64.19
CA UNK A 927 -59.26 105.50 64.40
C UNK A 927 -60.78 105.44 64.41
N UNK A 928 -61.42 105.85 65.49
CA UNK A 928 -62.87 105.75 65.56
C UNK A 928 -63.59 106.93 66.22
N UNK A 929 -64.88 107.05 65.91
CA UNK A 929 -65.73 108.11 66.47
C UNK A 929 -66.37 107.56 67.74
N UNK A 930 -66.86 108.45 68.59
CA UNK A 930 -67.50 108.02 69.83
C UNK A 930 -68.91 107.61 69.45
N UNK A 931 -69.61 106.93 70.36
CA UNK A 931 -70.98 106.52 70.09
C UNK A 931 -71.69 107.69 69.38
N UNK A 932 -63.04 111.89 68.82
CA UNK A 932 -62.37 110.91 67.97
C UNK A 932 -61.22 110.18 68.64
N UNK A 933 -61.45 108.94 69.06
CA UNK A 933 -60.37 108.19 69.65
C UNK A 933 -59.48 107.68 68.51
N UNK A 934 -58.16 107.74 68.72
CA UNK A 934 -57.24 107.30 67.69
C UNK A 934 -55.95 106.82 68.29
N UNK A 935 -55.34 105.83 67.66
CA UNK A 935 -54.09 105.29 68.14
C UNK A 935 -53.08 105.28 67.00
N UNK A 936 -51.82 105.25 67.40
CA UNK A 936 -50.72 105.20 66.47
C UNK A 936 -49.74 104.15 66.97
N UNK A 937 -48.52 104.22 66.46
CA UNK A 937 -47.50 103.23 66.74
C UNK A 937 -46.68 103.57 67.99
N UNK A 938 -47.32 104.20 68.96
CA UNK A 938 -46.67 104.55 70.22
C UNK A 938 -47.66 104.26 71.36
N UNK A 939 -47.33 104.60 72.60
CA UNK A 939 -48.20 104.28 73.75
C UNK A 939 -49.33 105.23 74.18
N UNK A 940 -49.58 106.31 73.45
CA UNK A 940 -50.64 107.21 73.84
C UNK A 940 -51.87 107.02 72.94
N UNK A 941 -53.06 107.25 73.48
CA UNK A 941 -54.28 107.14 72.68
C UNK A 941 -55.04 108.46 72.67
N UNK A 942 -54.89 109.24 71.60
CA UNK A 942 -55.55 110.53 71.49
C UNK A 942 -57.07 110.51 71.54
N UNK A 943 -57.64 111.26 72.49
CA UNK A 943 -59.10 111.37 72.61
C UNK A 943 -59.48 112.81 72.32
N UNK A 944 -59.44 113.17 71.03
CA UNK A 944 -59.75 114.51 70.56
C UNK A 944 -61.22 114.80 70.43
N UNK A 945 -61.77 115.41 71.47
CA UNK A 945 -63.17 115.78 71.47
C UNK A 945 -63.28 117.02 70.58
N UNK A 946 -63.19 116.80 69.26
CA UNK A 946 -63.29 117.87 68.28
C UNK A 946 -64.60 118.65 68.53
N UNK A 947 -60.98 120.28 72.74
CA UNK A 947 -60.45 119.62 73.94
C UNK A 947 -59.74 118.34 73.59
N UNK A 948 -58.83 117.92 74.47
CA UNK A 948 -58.08 116.69 74.26
C UNK A 948 -57.93 115.94 75.56
N UNK A 949 -57.97 114.63 75.47
CA UNK A 949 -57.80 113.78 76.62
C UNK A 949 -56.77 112.78 76.14
N UNK A 950 -55.64 112.70 76.84
CA UNK A 950 -54.57 111.80 76.45
C UNK A 950 -54.49 110.62 77.40
N UNK A 951 -54.21 109.45 76.86
CA UNK A 951 -54.10 108.25 77.67
C UNK A 951 -52.69 107.70 77.56
N UNK A 952 -51.81 108.14 78.45
CA UNK A 952 -50.42 107.70 78.44
C UNK A 952 -50.34 106.32 79.05
N UNK A 953 -50.54 105.33 78.21
CA UNK A 953 -50.52 103.93 78.61
C UNK A 953 -49.14 103.56 79.12
N UNK A 954 -48.14 104.30 78.66
CA UNK A 954 -46.75 104.05 79.05
C UNK A 954 -46.39 102.60 78.71
N UNK A 955 -46.00 99.91 75.43
CA UNK A 955 -44.94 99.98 74.44
C UNK A 955 -45.56 100.58 73.18
N UNK A 956 -46.71 100.02 72.80
CA UNK A 956 -47.48 100.47 71.64
C UNK A 956 -48.86 99.88 71.77
N UNK A 957 -49.87 100.70 71.54
CA UNK A 957 -51.24 100.23 71.60
C UNK A 957 -51.46 99.35 70.39
N UNK A 958 -51.63 98.06 70.60
CA UNK A 958 -51.86 97.12 69.51
C UNK A 958 -53.12 97.60 68.82
N UNK A 959 -54.17 97.82 69.61
CA UNK A 959 -55.44 98.31 69.10
C UNK A 959 -56.38 98.62 70.25
N UNK A 960 -57.58 99.06 69.92
CA UNK A 960 -58.55 99.41 70.95
C UNK A 960 -59.94 99.36 70.38
N UNK A 961 -60.92 99.63 71.23
CA UNK A 961 -62.31 99.64 70.80
C UNK A 961 -63.18 100.31 71.86
N UNK A 962 -64.16 101.09 71.39
CA UNK A 962 -65.06 101.77 72.29
C UNK A 962 -65.70 100.76 73.22
N UNK A 963 -66.36 101.24 74.26
CA UNK A 963 -67.00 100.34 75.21
C UNK A 963 -68.30 100.97 75.70
N UNK A 964 -68.75 105.66 77.78
CA UNK A 964 -67.53 106.45 77.70
C UNK A 964 -66.28 105.70 78.17
N UNK A 965 -66.45 104.41 78.46
CA UNK A 965 -65.33 103.57 78.88
C UNK A 965 -64.71 103.02 77.58
N UNK A 966 -63.41 102.75 77.57
CA UNK A 966 -62.75 102.23 76.36
C UNK A 966 -61.69 101.16 76.63
N UNK A 967 -61.89 99.99 76.04
CA UNK A 967 -60.98 98.86 76.19
C UNK A 967 -59.72 99.02 75.31
N UNK A 968 -58.56 98.74 75.89
CA UNK A 968 -57.31 98.90 75.16
C UNK A 968 -56.26 97.86 75.50
N UNK A 969 -55.55 97.40 74.46
CA UNK A 969 -54.50 96.39 74.61
C UNK A 969 -53.28 96.78 73.81
N UNK A 970 -52.12 96.67 74.45
CA UNK A 970 -50.85 96.99 73.81
C UNK A 970 -50.19 95.65 73.68
N UNK A 971 -49.02 95.61 73.08
CA UNK A 971 -48.34 94.34 72.99
C UNK A 971 -47.29 94.20 74.06
N UNK A 972 -47.79 94.27 75.31
CA UNK A 972 -47.03 94.13 76.53
C UNK A 972 -47.86 93.23 77.45
N UNK A 973 -48.75 92.46 76.84
CA UNK A 973 -49.62 91.55 77.55
C UNK A 973 -50.68 92.26 78.35
N UNK A 974 -50.59 93.58 78.37
CA UNK A 974 -51.52 94.39 79.13
C UNK A 974 -52.78 94.77 78.36
N UNK A 975 -53.88 94.83 79.11
CA UNK A 975 -55.19 95.20 78.60
C UNK A 975 -55.72 96.18 79.63
N UNK A 976 -56.13 97.36 79.21
CA UNK A 976 -56.63 98.31 80.18
C UNK A 976 -58.06 98.73 79.88
N UNK A 977 -58.71 99.38 80.86
CA UNK A 977 -60.08 99.87 80.71
C UNK A 977 -60.18 101.36 81.01
N UNK A 978 -59.65 102.20 80.12
CA UNK A 978 -59.67 103.64 80.30
C UNK A 978 -61.06 104.24 80.34
N UNK A 979 -61.12 105.47 80.87
CA UNK A 979 -62.35 106.22 80.96
C UNK A 979 -62.08 107.48 80.14
N UNK A 980 -62.91 107.75 79.14
CA UNK A 980 -62.69 108.96 78.37
C UNK A 980 -63.26 110.08 79.23
N UNK A 981 -58.46 108.08 82.84
CA UNK A 981 -58.15 107.37 84.05
C UNK A 981 -58.25 105.86 83.89
N UNK A 982 -57.13 105.19 84.11
CA UNK A 982 -57.02 103.75 84.01
C UNK A 982 -57.77 103.05 85.13
N UNK A 983 -59.07 102.85 84.92
CA UNK A 983 -59.87 102.16 85.91
C UNK A 983 -59.28 100.76 86.14
N UNK A 984 -59.31 99.92 85.10
CA UNK A 984 -58.76 98.57 85.20
C UNK A 984 -57.46 98.41 84.43
N UNK A 985 -56.64 97.46 84.87
CA UNK A 985 -55.35 97.20 84.25
C UNK A 985 -54.94 95.74 84.50
N UNK A 986 -54.82 94.95 83.43
CA UNK A 986 -54.42 93.54 83.53
C UNK A 986 -53.13 93.26 82.80
N UNK A 987 -52.49 92.14 83.16
CA UNK A 987 -51.26 91.71 82.50
C UNK A 987 -51.58 90.24 82.16
N UNK A 988 -52.58 90.09 81.29
CA UNK A 988 -53.09 88.79 80.86
C UNK A 988 -52.25 87.93 79.90
N UNK A 989 -51.08 88.41 79.50
CA UNK A 989 -50.20 87.65 78.61
C UNK A 989 -48.78 88.17 78.76
N UNK A 990 -47.80 87.31 78.55
CA UNK A 990 -46.40 87.72 78.67
C UNK A 990 -45.83 88.14 77.33
N UNK A 991 -55.77 90.12 69.22
CA UNK A 991 -57.14 90.61 69.24
C UNK A 991 -57.86 90.11 70.49
N UNK A 992 -58.88 90.83 70.92
CA UNK A 992 -59.62 90.45 72.12
C UNK A 992 -60.94 91.20 72.06
N UNK A 993 -62.05 90.50 72.32
CA UNK A 993 -63.36 91.15 72.26
C UNK A 993 -64.15 91.01 73.54
N UNK A 994 -65.27 91.73 73.60
CA UNK A 994 -66.14 91.71 74.77
C UNK A 994 -67.31 90.78 74.51
N UNK A 995 -68.00 90.42 75.60
CA UNK A 995 -69.15 89.53 75.51
C UNK A 995 -70.40 90.29 75.11
N UNK A 996 -71.38 92.24 79.77
CA UNK A 996 -70.01 92.65 79.59
C UNK A 996 -69.27 91.90 80.66
N UNK A 997 -69.99 91.03 81.35
CA UNK A 997 -69.41 90.25 82.42
C UNK A 997 -68.12 89.62 81.91
N UNK A 998 -68.06 89.39 80.60
CA UNK A 998 -66.89 88.75 79.99
C UNK A 998 -66.24 89.56 78.87
N UNK A 999 -64.91 89.46 78.76
CA UNK A 999 -64.15 90.14 77.72
C UNK A 999 -62.82 89.39 77.61
N UNK A 1000 -62.68 88.55 76.60
CA UNK A 1000 -61.46 87.77 76.48
C UNK A 1000 -60.45 88.27 75.48
N UNK A 1001 -59.24 87.69 75.60
CA UNK A 1001 -58.09 88.02 74.77
C UNK A 1001 -57.63 86.87 73.91
N UNK A 1002 -56.54 87.12 73.20
CA UNK A 1002 -55.92 86.16 72.30
C UNK A 1002 -54.55 86.76 72.07
N UNK A 1003 -53.48 85.99 72.20
CA UNK A 1003 -52.17 86.58 72.00
C UNK A 1003 -51.05 85.59 71.98
N UNK A 1004 -52.30 81.31 73.77
CA UNK A 1004 -53.65 80.79 73.91
C UNK A 1004 -54.66 81.93 73.91
N UNK A 1005 -55.85 81.65 74.45
CA UNK A 1005 -56.91 82.64 74.53
C UNK A 1005 -57.47 82.71 75.94
N UNK A 1006 -56.79 83.46 76.81
CA UNK A 1006 -57.20 83.63 78.20
C UNK A 1006 -58.45 84.50 78.24
N UNK A 1007 -59.51 83.98 78.85
CA UNK A 1007 -60.78 84.69 78.96
C UNK A 1007 -61.08 85.11 80.40
N UNK A 1008 -61.53 86.36 80.60
CA UNK A 1008 -61.86 86.82 81.95
C UNK A 1008 -63.13 87.66 82.14
N UNK A 1009 -63.25 88.24 83.35
CA UNK A 1009 -64.43 89.04 83.76
C UNK A 1009 -64.27 90.52 84.14
N UNK A 1010 -60.00 83.74 84.03
CA UNK A 1010 -60.93 82.69 84.45
C UNK A 1010 -60.33 81.34 84.07
N UNK A 1011 -59.85 81.21 82.84
CA UNK A 1011 -59.21 79.97 82.40
C UNK A 1011 -58.41 80.04 81.09
N UNK A 1012 -57.17 79.56 81.15
CA UNK A 1012 -56.26 79.54 80.01
C UNK A 1012 -56.67 78.41 79.04
N UNK A 1013 -56.82 78.75 77.76
CA UNK A 1013 -57.23 77.79 76.72
C UNK A 1013 -56.08 77.45 75.77
N UNK A 1014 -55.11 76.68 76.24
CA UNK A 1014 -53.94 76.33 75.43
C UNK A 1014 -54.20 75.33 74.31
N UNK A 1015 -55.25 75.56 73.52
CA UNK A 1015 -55.57 74.66 72.44
C UNK A 1015 -54.73 74.82 71.17
N UNK A 1016 -54.80 76.00 70.56
CA UNK A 1016 -54.08 76.29 69.33
C UNK A 1016 -52.56 76.06 69.36
N UNK A 1017 -52.05 75.49 68.28
CA UNK A 1017 -50.62 75.22 68.17
C UNK A 1017 -49.94 76.31 67.37
N UNK A 1018 -51.02 79.70 67.24
CA UNK A 1018 -51.12 80.96 68.00
C UNK A 1018 -52.36 81.77 67.62
N UNK A 1019 -53.21 82.05 68.60
CA UNK A 1019 -54.44 82.78 68.34
C UNK A 1019 -54.19 84.17 67.77
N UNK A 1020 -55.13 84.63 66.96
CA UNK A 1020 -55.02 85.94 66.33
C UNK A 1020 -56.35 86.67 66.30
N UNK A 1021 -57.41 86.00 66.72
CA UNK A 1021 -58.73 86.62 66.74
C UNK A 1021 -59.71 85.79 67.55
N UNK A 1022 -60.90 86.33 67.82
CA UNK A 1022 -61.92 85.61 68.57
C UNK A 1022 -63.18 86.43 68.75
N UNK A 1023 -64.27 85.75 69.11
CA UNK A 1023 -65.54 86.40 69.32
C UNK A 1023 -66.43 85.58 70.24
N UNK A 1024 -67.36 86.25 70.89
CA UNK A 1024 -68.29 85.61 71.79
C UNK A 1024 -69.62 85.39 71.11
N UNK A 1025 -70.25 84.24 71.36
CA UNK A 1025 -71.55 83.95 70.76
C UNK A 1025 -72.47 85.03 71.29
N UNK A 1026 -73.38 85.51 70.46
CA UNK A 1026 -74.31 86.55 70.88
C UNK A 1026 -75.10 86.05 72.09
N UNK A 1027 -70.35 80.58 73.92
CA UNK A 1027 -69.16 80.15 73.18
C UNK A 1027 -68.22 81.29 72.81
N UNK A 1028 -66.97 80.92 72.64
CA UNK A 1028 -65.91 81.85 72.28
C UNK A 1028 -65.02 81.13 71.27
N UNK A 1029 -65.18 81.50 70.00
CA UNK A 1029 -64.39 80.92 68.91
C UNK A 1029 -63.09 81.70 68.76
N UNK A 1030 -62.00 80.98 68.58
CA UNK A 1030 -60.70 81.61 68.45
C UNK A 1030 -59.98 81.33 67.15
N UNK A 1031 -59.30 82.35 66.64
CA UNK A 1031 -58.58 82.26 65.38
C UNK A 1031 -57.13 81.87 65.49
N UNK A 1032 -56.78 80.77 64.84
CA UNK A 1032 -55.43 80.23 64.83
C UNK A 1032 -54.59 80.83 63.71
N UNK A 1033 -53.30 80.97 63.99
CA UNK A 1033 -52.37 81.53 63.03
C UNK A 1033 -52.12 80.50 61.91
N UNK A 1034 -52.61 79.28 62.11
CA UNK A 1034 -52.45 78.23 61.12
C UNK A 1034 -53.79 77.67 60.68
N UNK A 1035 -54.67 78.55 60.25
CA UNK A 1035 -55.97 78.13 59.77
C UNK A 1035 -56.80 77.29 60.71
N UNK A 1036 -56.32 77.07 61.93
CA UNK A 1036 -57.06 76.28 62.90
C UNK A 1036 -58.10 77.19 63.54
N UNK A 1037 -59.06 76.62 64.24
CA UNK A 1037 -60.09 77.42 64.87
C UNK A 1037 -60.74 76.36 65.73
N UNK A 1038 -60.66 76.56 67.04
CA UNK A 1038 -61.40 75.77 68.02
C UNK A 1038 -62.53 76.60 68.60
N UNK A 1039 -63.62 75.92 68.94
CA UNK A 1039 -64.75 76.58 69.56
C UNK A 1039 -64.61 76.23 71.03
N UNK A 1040 -64.81 77.21 71.91
CA UNK A 1040 -64.72 76.95 73.34
C UNK A 1040 -66.06 77.34 73.95
N UNK A 1041 -66.30 76.93 75.20
CA UNK A 1041 -67.57 77.24 75.86
C UNK A 1041 -67.46 78.17 77.08
N UNK A 1042 -65.38 71.93 70.62
CA UNK A 1042 -64.94 71.23 69.42
C UNK A 1042 -63.96 72.08 68.61
N UNK A 1043 -63.00 71.42 67.97
CA UNK A 1043 -62.00 72.11 67.17
C UNK A 1043 -62.18 72.04 65.64
N UNK A 1044 -63.33 72.47 65.14
CA UNK A 1044 -63.58 72.45 63.70
C UNK A 1044 -62.53 73.30 63.00
N UNK A 1045 -61.53 72.67 62.39
CA UNK A 1045 -60.47 73.42 61.71
C UNK A 1045 -59.62 72.65 60.69
N UNK A 1046 -60.19 72.34 59.51
CA UNK A 1046 -59.47 71.61 58.46
C UNK A 1046 -58.33 72.43 57.83
N UNK A 1047 -53.52 81.79 57.94
CA UNK A 1047 -54.09 82.63 58.98
C UNK A 1047 -55.61 82.49 59.02
N UNK A 1048 -56.20 83.08 60.06
CA UNK A 1048 -57.64 83.14 60.30
C UNK A 1048 -57.76 84.45 61.06
N UNK A 1049 -57.84 85.55 60.32
CA UNK A 1049 -57.88 86.85 60.93
C UNK A 1049 -59.23 87.36 61.41
N UNK A 1050 -60.22 86.49 61.58
CA UNK A 1050 -61.51 86.99 62.01
C UNK A 1050 -62.57 85.91 62.15
N UNK A 1051 -63.53 86.14 63.05
CA UNK A 1051 -64.64 85.23 63.27
C UNK A 1051 -65.85 86.05 63.71
N UNK A 1052 -67.01 85.42 63.75
CA UNK A 1052 -68.24 86.10 64.15
C UNK A 1052 -69.31 85.02 64.21
N UNK A 1053 -70.00 84.94 65.33
CA UNK A 1053 -71.13 84.06 65.45
C UNK A 1053 -72.32 84.76 64.81
N UNK A 1054 -73.36 83.99 64.52
CA UNK A 1054 -74.56 84.52 63.91
C UNK A 1054 -75.53 84.88 65.05
N UNK A 1055 -76.58 85.67 64.76
CA UNK A 1055 -77.46 85.95 65.89
C UNK A 1055 -77.88 84.60 66.48
N UNK A 1056 -78.50 83.76 65.65
CA UNK A 1056 -78.96 82.43 66.04
C UNK A 1056 -77.96 81.61 66.87
N UNK A 1057 -76.72 82.07 66.95
CA UNK A 1057 -75.68 81.38 67.73
C UNK A 1057 -75.42 79.95 67.21
N UNK A 1058 -75.60 79.74 65.91
CA UNK A 1058 -75.40 78.42 65.30
C UNK A 1058 -74.36 78.41 64.16
N UNK A 1059 -74.40 79.44 63.31
CA UNK A 1059 -73.48 79.55 62.19
C UNK A 1059 -72.32 80.49 62.52
N UNK A 1060 -71.11 79.98 62.38
CA UNK A 1060 -69.91 80.78 62.64
C UNK A 1060 -69.25 81.14 61.31
N UNK A 1061 -69.09 82.44 61.04
CA UNK A 1061 -68.45 82.88 59.80
C UNK A 1061 -66.96 83.11 60.07
N UNK A 1062 -66.13 82.68 59.13
CA UNK A 1062 -64.68 82.79 59.26
C UNK A 1062 -64.04 83.50 58.08
N UNK A 1063 -62.89 84.14 58.31
CA UNK A 1063 -62.18 84.86 57.26
C UNK A 1063 -60.67 84.84 57.48
N UNK A 1064 -59.60 83.20 52.84
CA UNK A 1064 -60.89 83.30 52.19
C UNK A 1064 -61.97 83.14 53.24
N UNK A 1065 -63.21 83.45 52.87
CA UNK A 1065 -64.34 83.31 53.78
C UNK A 1065 -64.71 81.83 53.87
N UNK A 1066 -65.38 81.43 54.95
CA UNK A 1066 -65.74 80.02 55.13
C UNK A 1066 -66.71 79.94 56.29
N UNK A 1067 -67.92 79.47 56.02
CA UNK A 1067 -68.94 79.32 57.07
C UNK A 1067 -68.90 77.95 57.71
N UNK A 1068 -69.38 77.85 58.96
CA UNK A 1068 -69.39 76.57 59.68
C UNK A 1068 -70.71 76.25 60.39
N UNK A 1069 -70.70 75.11 61.08
CA UNK A 1069 -71.86 74.61 61.82
C UNK A 1069 -71.47 74.33 63.26
N UNK A 1070 -72.08 75.07 64.19
CA UNK A 1070 -71.80 74.90 65.62
C UNK A 1070 -71.96 73.43 66.03
N UNK A 1071 -64.47 81.92 47.74
CA UNK A 1071 -63.06 82.04 47.49
C UNK A 1071 -62.90 83.41 46.83
N UNK A 1072 -62.12 84.26 47.45
CA UNK A 1072 -61.87 85.58 46.90
C UNK A 1072 -60.60 85.47 46.07
N UNK A 1073 -60.52 86.21 44.97
CA UNK A 1073 -59.33 86.20 44.12
C UNK A 1073 -58.08 86.29 45.00
N UNK A 1074 -58.07 87.27 45.91
CA UNK A 1074 -56.95 87.44 46.79
C UNK A 1074 -57.12 86.76 48.13
N UNK A 1075 -56.09 86.86 48.97
CA UNK A 1075 -56.12 86.25 50.28
C UNK A 1075 -55.80 87.27 51.35
N UNK A 1076 -55.39 86.75 52.50
CA UNK A 1076 -55.03 87.55 53.64
C UNK A 1076 -56.04 88.64 53.89
N UNK A 1077 -57.26 88.23 54.17
CA UNK A 1077 -58.30 89.20 54.47
C UNK A 1077 -58.05 89.61 55.91
N UNK A 1078 -58.77 90.60 56.40
CA UNK A 1078 -58.65 91.02 57.79
C UNK A 1078 -59.83 90.85 58.74
N UNK A 1079 -60.79 91.77 58.65
CA UNK A 1079 -61.97 91.72 59.50
C UNK A 1079 -63.20 91.68 58.60
N UNK A 1080 -63.97 90.62 58.70
CA UNK A 1080 -65.07 90.42 57.76
C UNK A 1080 -66.20 91.21 58.40
N UNK A 1081 -66.89 92.02 57.62
CA UNK A 1081 -68.00 92.80 58.20
C UNK A 1081 -69.35 92.16 57.99
N UNK A 1082 -69.79 91.34 58.94
CA UNK A 1082 -71.11 90.71 58.85
C UNK A 1082 -72.09 91.81 59.23
N UNK A 1083 -73.38 91.56 59.07
CA UNK A 1083 -74.35 92.58 59.42
C UNK A 1083 -75.39 92.03 60.40
N UNK A 1084 -76.41 92.83 60.74
CA UNK A 1084 -77.44 92.36 61.66
C UNK A 1084 -78.11 91.07 61.15
N UNK A 1085 -78.78 91.18 60.01
CA UNK A 1085 -79.47 90.06 59.39
C UNK A 1085 -78.57 88.89 59.03
N UNK A 1086 -77.25 89.07 59.13
CA UNK A 1086 -76.28 88.01 58.78
C UNK A 1086 -76.52 87.60 57.34
N UNK A 1087 -76.99 88.56 56.55
CA UNK A 1087 -77.35 88.34 55.15
C UNK A 1087 -76.63 89.32 54.23
N UNK A 1088 -75.51 89.88 54.71
CA UNK A 1088 -74.71 90.83 53.93
C UNK A 1088 -73.30 90.78 54.50
N UNK A 1089 -72.30 90.77 53.62
CA UNK A 1089 -70.91 90.72 54.09
C UNK A 1089 -70.05 91.66 53.25
N UNK A 1090 -69.03 92.24 53.87
CA UNK A 1090 -68.13 93.14 53.16
C UNK A 1090 -66.70 92.87 53.58
N UNK A 1091 -65.81 92.83 52.60
CA UNK A 1091 -64.40 92.60 52.90
C UNK A 1091 -63.53 93.10 51.77
N UNK A 1092 -62.23 92.96 51.94
CA UNK A 1092 -61.29 93.43 50.93
C UNK A 1092 -60.03 92.61 50.98
N UNK A 1093 -59.69 91.97 49.85
CA UNK A 1093 -58.48 91.13 49.77
C UNK A 1093 -57.27 91.94 49.38
N UNK A 1094 -56.08 91.37 49.58
CA UNK A 1094 -54.86 92.08 49.24
C UNK A 1094 -54.74 92.40 47.76
N UNK A 1095 -55.77 92.09 47.00
CA UNK A 1095 -55.76 92.42 45.60
C UNK A 1095 -56.52 93.73 45.47
N UNK A 1096 -56.92 94.27 46.63
CA UNK A 1096 -57.63 95.54 46.65
C UNK A 1096 -59.02 95.46 46.05
N UNK A 1097 -59.57 94.26 46.06
CA UNK A 1097 -60.89 94.06 45.52
C UNK A 1097 -61.92 94.18 46.64
N UNK A 1098 -62.95 94.98 46.39
CA UNK A 1098 -64.00 95.20 47.38
C UNK A 1098 -65.18 94.21 47.27
N UNK A 1099 -65.20 93.22 48.14
CA UNK A 1099 -66.28 92.24 48.11
C UNK A 1099 -67.46 92.62 49.00
N UNK A 1100 -68.61 92.87 48.39
CA UNK A 1100 -69.83 93.17 49.12
C UNK A 1100 -70.79 92.02 48.79
N UNK A 1101 -70.70 90.94 49.54
CA UNK A 1101 -71.52 89.76 49.33
C UNK A 1101 -72.88 89.90 50.02
N UNK A 1102 -73.86 89.10 49.62
CA UNK A 1102 -75.18 89.19 50.21
C UNK A 1102 -76.10 88.02 49.85
N TYR B 10 25.46 -8.85 -41.17
CA TYR B 10 26.16 -10.02 -40.65
C TYR B 10 27.03 -10.62 -41.72
N GLN B 11 27.21 -11.93 -41.71
CA GLN B 11 28.08 -12.57 -42.70
C GLN B 11 27.55 -13.92 -43.14
N TYR B 12 27.64 -14.19 -44.44
CA TYR B 12 27.22 -15.48 -44.97
C TYR B 12 27.92 -16.69 -44.41
N LYS B 13 29.23 -16.58 -44.25
CA LYS B 13 29.98 -17.71 -43.79
C LYS B 13 29.60 -18.15 -42.38
N ASP B 14 29.42 -17.20 -41.47
CA ASP B 14 29.00 -17.53 -40.13
C ASP B 14 27.61 -18.14 -40.07
N ILE B 15 26.72 -17.63 -40.89
CA ILE B 15 25.34 -18.06 -40.83
C ILE B 15 25.25 -19.54 -41.12
N LEU B 16 26.10 -20.02 -42.01
CA LEU B 16 25.90 -21.31 -42.65
C LEU B 16 25.84 -22.44 -41.66
N SER B 17 26.78 -22.43 -40.77
CA SER B 17 26.97 -23.54 -39.83
C SER B 17 25.70 -23.84 -39.04
N VAL B 18 24.90 -22.80 -38.83
CA VAL B 18 23.65 -22.89 -38.10
C VAL B 18 22.77 -24.03 -38.59
N PHE B 19 22.36 -23.99 -39.84
CA PHE B 19 21.44 -24.99 -40.35
C PHE B 19 22.21 -26.06 -41.10
N GLU B 20 23.29 -26.51 -40.49
CA GLU B 20 24.02 -27.68 -40.98
C GLU B 20 23.19 -28.92 -40.70
N ASP B 21 22.44 -28.92 -39.58
CA ASP B 21 21.51 -29.99 -39.24
C ASP B 21 20.66 -30.42 -40.45
N ALA B 22 20.19 -29.42 -41.20
CA ALA B 22 19.39 -29.64 -42.39
C ALA B 22 20.24 -30.17 -43.55
N PHE B 23 21.39 -29.53 -43.77
CA PHE B 23 22.27 -29.87 -44.88
C PHE B 23 22.65 -31.36 -44.96
N VAL B 24 22.62 -32.04 -43.82
CA VAL B 24 22.83 -33.49 -43.78
C VAL B 24 21.58 -34.22 -44.20
N ASP B 25 20.46 -33.65 -43.77
CA ASP B 25 19.18 -34.25 -44.04
C ASP B 25 18.87 -34.38 -45.53
N ASN B 26 19.05 -33.33 -46.32
CA ASN B 26 18.81 -33.49 -47.76
C ASN B 26 19.92 -33.20 -48.78
N PHE B 27 20.82 -32.26 -48.50
CA PHE B 27 21.84 -31.92 -49.47
C PHE B 27 22.75 -33.10 -49.63
N ASP B 28 23.18 -33.35 -50.86
CA ASP B 28 24.36 -34.17 -51.10
C ASP B 28 25.33 -33.59 -52.11
N CYS B 29 26.60 -33.46 -51.71
CA CYS B 29 27.61 -33.01 -52.65
C CYS B 29 27.93 -33.98 -53.77
N LYS B 30 28.15 -35.23 -53.40
CA LYS B 30 28.70 -36.24 -54.31
C LYS B 30 28.01 -36.18 -55.65
N ASP B 31 26.69 -36.28 -55.63
CA ASP B 31 25.92 -36.10 -56.85
C ASP B 31 26.13 -34.67 -57.28
N VAL B 32 26.16 -33.82 -56.26
CA VAL B 32 25.77 -32.42 -56.32
C VAL B 32 26.88 -31.47 -56.74
N GLN B 33 27.37 -31.60 -57.97
CA GLN B 33 28.42 -30.69 -58.41
C GLN B 33 28.56 -30.39 -59.88
N ASP B 34 28.19 -29.17 -60.26
CA ASP B 34 28.88 -28.34 -61.22
C ASP B 34 30.22 -28.05 -60.55
N MET B 35 30.15 -27.79 -59.25
CA MET B 35 31.31 -27.45 -58.45
C MET B 35 32.13 -26.27 -58.95
N PRO B 36 31.42 -25.07 -59.15
CA PRO B 36 32.18 -24.08 -59.93
C PRO B 36 33.46 -23.70 -59.25
N LYS B 37 34.49 -23.73 -60.06
CA LYS B 37 35.84 -24.04 -59.67
C LYS B 37 36.32 -23.06 -58.63
N SER B 38 35.95 -21.81 -58.80
CA SER B 38 36.34 -20.79 -57.81
C SER B 38 35.63 -20.81 -56.44
N ILE B 39 34.30 -20.93 -56.39
CA ILE B 39 33.64 -21.15 -55.10
C ILE B 39 34.25 -22.35 -54.34
N LEU B 40 34.28 -23.51 -54.99
CA LEU B 40 34.92 -24.69 -54.40
C LEU B 40 35.99 -25.26 -55.35
N SER B 41 37.12 -25.66 -54.77
CA SER B 41 38.21 -26.24 -55.56
C SER B 41 37.72 -27.48 -56.29
N LYS B 42 38.56 -28.07 -57.15
CA LYS B 42 38.11 -29.19 -57.96
C LYS B 42 38.49 -30.49 -57.25
N GLU B 43 39.60 -30.46 -56.52
CA GLU B 43 40.00 -31.56 -55.65
C GLU B 43 39.05 -31.66 -54.46
N GLU B 44 38.86 -30.53 -53.79
CA GLU B 44 38.03 -30.47 -52.59
C GLU B 44 36.61 -30.93 -52.86
N ILE B 45 36.10 -30.51 -54.00
CA ILE B 45 34.94 -31.11 -54.56
C ILE B 45 35.35 -32.56 -54.79
N ASP B 46 36.59 -32.72 -55.22
CA ASP B 46 37.11 -34.03 -55.47
C ASP B 46 37.09 -34.76 -54.15
N HIS B 47 37.59 -34.10 -53.11
CA HIS B 47 37.74 -34.77 -51.85
C HIS B 47 36.42 -35.19 -51.23
N ILE B 48 35.49 -34.26 -51.19
CA ILE B 48 34.36 -34.43 -50.33
C ILE B 48 33.52 -35.64 -50.64
N ILE B 49 33.15 -35.81 -51.90
CA ILE B 49 32.14 -36.79 -52.29
C ILE B 49 32.62 -38.20 -51.98
N MET B 50 33.92 -38.30 -51.81
CA MET B 50 34.54 -39.58 -51.56
C MET B 50 34.72 -39.88 -50.09
N SER B 51 34.30 -38.98 -49.21
CA SER B 51 34.28 -39.28 -47.79
C SER B 51 33.10 -40.20 -47.49
N LYS B 52 33.16 -40.92 -46.38
CA LYS B 52 32.33 -42.08 -46.19
C LYS B 52 30.81 -41.86 -46.19
N ASP B 53 30.36 -40.85 -45.48
CA ASP B 53 28.96 -40.79 -45.06
C ASP B 53 28.18 -39.55 -45.48
N ALA B 54 27.08 -39.29 -44.79
CA ALA B 54 26.46 -37.99 -44.93
C ALA B 54 26.88 -37.00 -43.87
N VAL B 55 26.96 -37.43 -42.62
CA VAL B 55 27.24 -36.50 -41.53
C VAL B 55 28.62 -35.90 -41.63
N SER B 56 29.50 -36.58 -42.33
CA SER B 56 30.90 -36.23 -42.46
C SER B 56 31.10 -35.39 -43.73
N GLY B 57 30.36 -35.73 -44.76
CA GLY B 57 30.42 -34.94 -45.97
C GLY B 57 29.93 -33.54 -45.66
N THR B 58 28.85 -33.43 -44.91
CA THR B 58 28.42 -32.09 -44.75
C THR B 58 29.69 -31.44 -44.24
N LEU B 59 30.35 -32.08 -43.28
CA LEU B 59 31.38 -31.43 -42.50
C LEU B 59 32.58 -30.94 -43.30
N ARG B 60 32.99 -31.72 -44.29
CA ARG B 60 34.00 -31.20 -45.19
C ARG B 60 33.43 -30.02 -45.96
N LEU B 61 32.21 -30.15 -46.48
CA LEU B 61 31.71 -29.08 -47.31
C LEU B 61 31.67 -27.78 -46.52
N PHE B 62 31.01 -27.83 -45.36
CA PHE B 62 30.87 -26.64 -44.52
C PHE B 62 32.23 -26.23 -43.98
N TRP B 63 33.17 -27.15 -43.92
CA TRP B 63 34.49 -26.78 -43.43
C TRP B 63 35.29 -26.00 -44.46
N THR B 64 35.66 -26.68 -45.55
CA THR B 64 36.49 -26.08 -46.60
C THR B 64 35.94 -24.76 -47.12
N LEU B 65 34.62 -24.71 -47.26
CA LEU B 65 33.94 -23.55 -47.84
C LEU B 65 33.93 -22.34 -46.91
N LEU B 66 34.01 -22.63 -45.62
CA LEU B 66 34.31 -21.64 -44.59
C LEU B 66 35.70 -21.07 -44.78
N SER B 67 36.60 -21.90 -45.30
CA SER B 67 38.01 -21.53 -45.45
C SER B 67 38.20 -20.39 -46.44
N LYS B 68 37.42 -20.45 -47.50
CA LYS B 68 37.52 -19.52 -48.61
C LYS B 68 37.00 -18.14 -48.26
N GLN B 69 37.40 -17.13 -49.03
CA GLN B 69 37.06 -15.75 -48.74
C GLN B 69 35.55 -15.60 -48.77
N GLU B 70 35.06 -14.72 -47.90
CA GLU B 70 33.65 -14.62 -47.56
C GLU B 70 32.75 -14.26 -48.73
N GLU B 71 33.33 -13.76 -49.81
CA GLU B 71 32.56 -13.26 -50.94
C GLU B 71 32.07 -14.36 -51.88
N MET B 72 32.85 -15.43 -52.04
CA MET B 72 32.49 -16.45 -53.01
C MET B 72 31.36 -17.30 -52.46
N VAL B 73 31.44 -17.65 -51.18
CA VAL B 73 30.44 -18.55 -50.66
C VAL B 73 29.15 -18.11 -51.29
N GLN B 74 28.93 -16.80 -51.32
CA GLN B 74 27.73 -16.23 -51.90
C GLN B 74 27.44 -16.89 -53.24
N LYS B 75 28.51 -17.25 -53.95
CA LYS B 75 28.37 -17.93 -55.20
C LYS B 75 27.63 -19.21 -54.89
N PHE B 76 28.09 -19.81 -53.80
CA PHE B 76 27.58 -21.09 -53.37
C PHE B 76 26.19 -20.93 -52.80
N VAL B 77 26.08 -19.96 -51.92
CA VAL B 77 24.86 -19.71 -51.21
C VAL B 77 23.75 -19.32 -52.17
N GLU B 78 24.10 -18.59 -53.21
CA GLU B 78 23.06 -18.02 -54.03
C GLU B 78 22.87 -18.69 -55.37
N GLU B 79 23.72 -18.34 -56.32
CA GLU B 79 23.54 -18.84 -57.66
C GLU B 79 23.68 -20.33 -57.76
N VAL B 80 24.70 -20.88 -57.10
CA VAL B 80 24.91 -22.32 -57.14
C VAL B 80 23.76 -23.12 -56.54
N LEU B 81 23.64 -23.01 -55.24
CA LEU B 81 22.86 -23.95 -54.47
C LEU B 81 21.43 -23.87 -54.91
N ARG B 82 21.09 -22.71 -55.43
CA ARG B 82 19.81 -22.43 -56.02
C ARG B 82 19.53 -23.25 -57.27
N ILE B 83 20.57 -23.53 -58.04
CA ILE B 83 20.36 -24.12 -59.35
C ILE B 83 19.68 -25.49 -59.29
N ASN B 84 20.06 -26.31 -58.33
CA ASN B 84 19.36 -27.56 -58.12
C ASN B 84 18.59 -27.54 -56.81
N TYR B 85 18.56 -26.38 -56.16
CA TYR B 85 17.97 -26.31 -54.84
C TYR B 85 17.15 -25.06 -54.70
N LYS B 86 16.05 -25.22 -53.94
CA LYS B 86 15.19 -24.14 -53.44
C LYS B 86 14.97 -24.12 -51.94
N PHE B 87 14.40 -25.21 -51.45
CA PHE B 87 14.02 -25.37 -50.05
C PHE B 87 15.15 -24.87 -49.19
N LEU B 88 16.35 -25.35 -49.47
CA LEU B 88 17.48 -24.82 -48.81
C LEU B 88 17.82 -23.31 -48.87
N MET B 89 18.06 -22.80 -50.07
CA MET B 89 18.57 -21.44 -50.26
C MET B 89 17.88 -20.40 -49.36
N SER B 90 16.55 -20.46 -49.33
CA SER B 90 15.77 -19.49 -48.63
C SER B 90 16.09 -19.60 -47.16
N PRO B 91 16.11 -20.90 -46.63
CA PRO B 91 16.45 -20.92 -45.21
C PRO B 91 17.72 -20.20 -44.84
N ILE B 92 18.81 -20.34 -45.56
CA ILE B 92 19.96 -19.53 -45.19
C ILE B 92 19.68 -18.06 -45.42
N LYS B 93 19.18 -17.76 -46.62
CA LYS B 93 19.01 -16.39 -47.07
C LYS B 93 18.15 -15.58 -46.10
N THR B 94 17.23 -16.26 -45.44
CA THR B 94 16.34 -15.61 -44.51
C THR B 94 17.16 -15.31 -43.30
N GLU B 95 18.36 -15.86 -43.29
CA GLU B 95 19.30 -15.70 -42.19
C GLU B 95 20.25 -14.51 -42.33
N GLN B 96 20.79 -14.34 -43.51
CA GLN B 96 21.83 -13.40 -43.60
C GLN B 96 21.15 -12.14 -43.08
N ARG B 97 19.95 -11.84 -43.53
CA ARG B 97 19.22 -10.79 -42.85
C ARG B 97 18.68 -11.15 -41.46
N GLN B 98 18.03 -12.29 -41.37
CA GLN B 98 17.17 -12.57 -40.20
C GLN B 98 17.81 -12.77 -38.84
N PRO B 99 18.89 -13.53 -38.80
CA PRO B 99 19.65 -13.71 -37.58
C PRO B 99 18.83 -14.08 -36.32
N SER B 100 18.06 -15.16 -36.38
CA SER B 100 17.15 -15.51 -35.30
C SER B 100 17.92 -15.58 -34.02
N MET B 101 17.33 -15.16 -32.91
CA MET B 101 18.14 -14.79 -31.78
C MET B 101 19.01 -15.93 -31.28
N MET B 102 18.46 -17.11 -31.10
CA MET B 102 19.38 -18.18 -30.78
C MET B 102 20.61 -18.17 -31.70
N THR B 103 20.41 -17.92 -32.99
CA THR B 103 21.49 -17.88 -33.96
C THR B 103 22.54 -16.85 -33.59
N ARG B 104 22.14 -15.61 -33.43
CA ARG B 104 23.12 -14.61 -33.10
C ARG B 104 23.67 -15.03 -31.79
N MET B 105 22.87 -15.56 -30.90
CA MET B 105 23.49 -15.81 -29.63
C MET B 105 24.66 -16.73 -29.86
N TYR B 106 24.53 -17.73 -30.73
CA TYR B 106 25.66 -18.62 -30.94
C TYR B 106 26.86 -17.88 -31.51
N ILE B 107 26.64 -17.13 -32.58
CA ILE B 107 27.78 -16.56 -33.27
C ILE B 107 28.45 -15.66 -32.32
N GLU B 108 27.65 -14.98 -31.52
CA GLU B 108 28.18 -14.03 -30.59
C GLU B 108 29.10 -14.78 -29.69
N GLN B 109 28.62 -15.92 -29.21
CA GLN B 109 29.48 -16.72 -28.41
C GLN B 109 30.58 -17.23 -29.26
N ARG B 110 30.29 -17.71 -30.44
CA ARG B 110 31.33 -18.50 -31.06
C ARG B 110 32.57 -17.67 -31.20
N ASP B 111 32.44 -16.42 -31.62
CA ASP B 111 33.62 -15.59 -31.81
C ASP B 111 34.31 -15.46 -30.48
N ARG B 112 33.54 -15.41 -29.41
CA ARG B 112 34.17 -15.23 -28.14
C ARG B 112 35.18 -16.34 -28.06
N LEU B 113 34.79 -17.47 -28.62
CA LEU B 113 35.63 -18.65 -28.56
C LEU B 113 36.93 -18.54 -29.33
N TYR B 114 36.84 -18.04 -30.55
CA TYR B 114 38.02 -17.97 -31.38
C TYR B 114 38.92 -16.99 -30.77
N ASN B 115 38.33 -15.85 -30.53
CA ASN B 115 39.00 -14.60 -30.27
C ASN B 115 39.84 -14.79 -29.04
N ASP B 116 39.26 -15.39 -28.02
CA ASP B 116 40.05 -15.64 -26.85
C ASP B 116 41.12 -16.63 -27.16
N ASN B 117 40.78 -17.62 -27.98
CA ASN B 117 41.74 -18.62 -28.39
C ASN B 117 42.88 -18.15 -29.27
N GLN B 118 42.59 -17.17 -30.13
CA GLN B 118 43.63 -16.51 -30.91
C GLN B 118 44.25 -17.37 -32.01
N VAL B 119 45.26 -18.17 -31.64
CA VAL B 119 46.08 -18.82 -32.63
C VAL B 119 45.18 -19.77 -33.36
N PHE B 120 44.30 -20.40 -32.62
CA PHE B 120 43.52 -21.44 -33.20
C PHE B 120 42.73 -20.86 -34.36
N ALA B 121 42.09 -19.72 -34.21
CA ALA B 121 41.27 -19.24 -35.32
C ALA B 121 41.97 -19.25 -36.70
N LYS B 122 43.30 -19.30 -36.71
CA LYS B 122 44.03 -19.30 -37.97
C LYS B 122 44.60 -20.67 -38.34
N TYR B 123 45.35 -21.24 -37.40
CA TYR B 123 46.07 -22.47 -37.66
C TYR B 123 45.17 -23.68 -37.53
N ASN B 124 44.03 -23.59 -36.89
CA ASN B 124 43.38 -24.85 -36.57
C ASN B 124 43.03 -25.48 -37.87
N VAL B 125 43.19 -26.80 -37.95
CA VAL B 125 42.59 -27.59 -39.03
C VAL B 125 41.74 -28.72 -38.50
N SER B 126 40.51 -28.81 -38.96
CA SER B 126 39.55 -29.75 -38.40
C SER B 126 39.85 -31.19 -38.79
N ARG B 127 40.01 -32.06 -37.78
CA ARG B 127 40.23 -33.46 -38.05
C ARG B 127 38.92 -34.18 -37.95
N LEU B 128 38.46 -34.69 -39.08
CA LEU B 128 37.14 -35.26 -39.15
C LEU B 128 36.97 -36.46 -38.27
N GLN B 129 37.98 -37.30 -38.26
CA GLN B 129 37.78 -38.55 -37.59
C GLN B 129 37.61 -38.40 -36.12
N PRO B 130 38.41 -37.53 -35.52
CA PRO B 130 38.46 -37.39 -34.06
C PRO B 130 37.41 -36.40 -33.58
N TYR B 131 36.85 -35.60 -34.49
CA TYR B 131 35.85 -34.65 -34.05
C TYR B 131 34.57 -35.38 -34.06
N LEU B 132 34.32 -36.09 -35.12
CA LEU B 132 33.03 -36.69 -35.32
C LEU B 132 32.87 -37.66 -34.21
N LYS B 133 33.99 -38.19 -33.76
CA LYS B 133 33.99 -39.18 -32.70
C LYS B 133 33.68 -38.52 -31.36
N LEU B 134 34.20 -37.32 -31.18
CA LEU B 134 33.95 -36.56 -29.98
C LEU B 134 32.55 -36.01 -29.90
N ARG B 135 32.09 -35.43 -30.98
CA ARG B 135 30.88 -34.68 -30.97
C ARG B 135 29.74 -35.59 -30.57
N GLN B 136 29.82 -36.84 -30.93
CA GLN B 136 28.74 -37.71 -30.60
C GLN B 136 28.62 -37.72 -29.10
N ALA B 137 29.75 -37.67 -28.41
CA ALA B 137 29.69 -37.72 -26.97
C ALA B 137 28.93 -36.53 -26.42
N LEU B 138 29.22 -35.34 -26.92
CA LEU B 138 28.65 -34.12 -26.33
C LEU B 138 27.16 -34.02 -26.40
N LEU B 139 26.57 -34.51 -27.48
CA LEU B 139 25.14 -34.59 -27.54
C LEU B 139 24.52 -35.54 -26.49
N GLU B 140 25.18 -36.66 -26.19
CA GLU B 140 24.62 -37.63 -25.25
C GLU B 140 24.85 -37.22 -23.81
N LEU B 141 26.10 -36.82 -23.52
CA LEU B 141 26.57 -36.48 -22.18
C LEU B 141 25.54 -35.79 -21.28
N ARG B 142 25.29 -36.39 -20.13
CA ARG B 142 24.17 -36.04 -19.26
C ARG B 142 24.57 -34.93 -18.28
N PRO B 143 23.61 -34.35 -17.52
CA PRO B 143 24.06 -33.13 -16.84
C PRO B 143 25.08 -33.38 -15.74
N ALA B 144 25.40 -34.64 -15.46
CA ALA B 144 26.36 -34.96 -14.40
C ALA B 144 27.48 -35.90 -14.86
N LYS B 145 27.31 -36.51 -16.03
CA LYS B 145 28.38 -37.32 -16.63
C LYS B 145 29.51 -36.43 -17.14
N ASN B 146 30.54 -37.04 -17.70
CA ASN B 146 31.63 -36.26 -18.32
C ASN B 146 32.48 -37.00 -19.33
N VAL B 147 32.64 -36.40 -20.51
CA VAL B 147 33.30 -37.06 -21.63
C VAL B 147 34.75 -36.68 -21.72
N LEU B 148 35.63 -37.62 -21.41
CA LEU B 148 37.05 -37.35 -21.36
C LEU B 148 37.83 -37.66 -22.66
N ILE B 149 38.78 -36.79 -22.98
CA ILE B 149 39.70 -36.97 -24.10
C ILE B 149 41.12 -37.05 -23.57
N ASP B 150 41.95 -37.89 -24.18
CA ASP B 150 43.35 -37.92 -23.80
C ASP B 150 44.21 -38.38 -24.96
N GLY B 151 45.27 -37.65 -25.23
CA GLY B 151 46.22 -38.03 -26.26
C GLY B 151 47.63 -37.81 -25.78
N VAL B 152 48.59 -38.23 -26.57
CA VAL B 152 49.97 -38.11 -26.15
C VAL B 152 50.13 -36.63 -26.22
N LEU B 153 51.15 -36.09 -25.59
CA LEU B 153 51.18 -34.66 -25.42
C LEU B 153 51.17 -34.05 -26.80
N GLY B 154 50.61 -32.86 -26.94
CA GLY B 154 50.53 -32.25 -28.25
C GLY B 154 49.77 -33.07 -29.24
N SER B 155 48.75 -33.73 -28.77
CA SER B 155 47.76 -34.27 -29.65
C SER B 155 46.65 -33.24 -29.83
N GLY B 156 46.92 -32.04 -29.34
CA GLY B 156 46.05 -30.94 -29.61
C GLY B 156 44.69 -31.47 -29.26
N LYS B 157 44.55 -32.02 -28.06
CA LYS B 157 43.23 -32.45 -27.66
C LYS B 157 42.35 -31.23 -27.65
N THR B 158 42.87 -30.16 -27.08
CA THR B 158 42.05 -29.04 -26.75
C THR B 158 41.41 -28.53 -28.00
N TRP B 159 42.27 -28.33 -28.98
CA TRP B 159 41.90 -27.82 -30.29
C TRP B 159 40.73 -28.57 -30.90
N VAL B 160 40.65 -29.87 -30.65
CA VAL B 160 39.50 -30.65 -31.09
C VAL B 160 38.27 -30.23 -30.29
N ALA B 161 38.47 -30.22 -28.96
CA ALA B 161 37.46 -29.77 -28.03
C ALA B 161 36.95 -28.41 -28.43
N LEU B 162 37.88 -27.48 -28.68
CA LEU B 162 37.55 -26.14 -29.10
C LEU B 162 36.70 -26.15 -30.34
N ASP B 163 36.92 -27.15 -31.19
CA ASP B 163 36.28 -27.19 -32.48
C ASP B 163 34.88 -27.77 -32.39
N VAL B 164 34.73 -28.86 -31.64
CA VAL B 164 33.40 -29.43 -31.45
C VAL B 164 32.54 -28.49 -30.63
N CYS B 165 33.18 -27.82 -29.69
CA CYS B 165 32.51 -26.81 -28.87
C CYS B 165 32.09 -25.64 -29.76
N LEU B 166 32.80 -25.43 -30.86
CA LEU B 166 32.46 -24.39 -31.84
C LEU B 166 31.20 -24.76 -32.65
N SER B 167 30.99 -26.05 -32.87
CA SER B 167 29.89 -26.53 -33.68
C SER B 167 28.56 -26.08 -33.12
N TYR B 168 27.72 -25.50 -33.96
CA TYR B 168 26.50 -24.99 -33.46
C TYR B 168 25.80 -26.12 -32.80
N LYS B 169 25.89 -27.30 -33.36
CA LYS B 169 25.20 -28.43 -32.79
C LYS B 169 25.73 -28.66 -31.39
N VAL B 170 27.03 -28.55 -31.21
CA VAL B 170 27.54 -28.77 -29.87
C VAL B 170 27.02 -27.70 -29.00
N GLN B 171 27.04 -26.48 -29.48
CA GLN B 171 26.73 -25.37 -28.61
C GLN B 171 25.33 -25.32 -28.11
N CYS B 172 24.36 -25.56 -28.97
CA CYS B 172 22.98 -25.43 -28.56
C CYS B 172 22.77 -26.40 -27.42
N LYS B 173 23.37 -27.57 -27.53
CA LYS B 173 23.17 -28.60 -26.53
C LYS B 173 23.82 -28.14 -25.27
N MET B 174 24.57 -27.07 -25.35
CA MET B 174 25.23 -26.53 -24.19
C MET B 174 24.77 -25.13 -23.90
N ASP B 175 23.88 -24.64 -24.74
CA ASP B 175 23.23 -23.38 -24.52
C ASP B 175 24.22 -22.27 -24.37
N PHE B 176 25.35 -22.45 -25.00
CA PHE B 176 26.27 -21.37 -25.21
C PHE B 176 26.96 -21.01 -23.95
N LYS B 177 26.97 -21.93 -23.00
CA LYS B 177 27.71 -21.61 -21.78
C LYS B 177 28.75 -22.68 -21.59
N ILE B 178 29.97 -22.40 -22.05
CA ILE B 178 31.02 -23.39 -22.04
C ILE B 178 32.26 -22.87 -21.36
N PHE B 179 32.24 -22.82 -20.05
CA PHE B 179 33.30 -22.19 -19.28
C PHE B 179 34.65 -22.91 -19.37
N TRP B 180 35.55 -22.40 -20.19
CA TRP B 180 36.89 -22.96 -20.35
C TRP B 180 37.73 -22.72 -19.11
N LEU B 181 38.59 -23.68 -18.77
CA LEU B 181 39.49 -23.54 -17.64
C LEU B 181 40.75 -24.39 -17.82
N ASN B 182 41.84 -23.79 -18.28
CA ASN B 182 43.08 -24.55 -18.41
C ASN B 182 43.68 -24.83 -17.05
N LEU B 183 43.67 -26.11 -16.66
CA LEU B 183 44.19 -26.48 -15.34
C LEU B 183 45.70 -26.68 -15.34
N LYS B 184 46.43 -25.70 -15.86
CA LYS B 184 47.87 -25.70 -15.70
C LYS B 184 48.19 -25.17 -14.30
N ASN B 185 49.21 -25.76 -13.68
CA ASN B 185 49.52 -25.48 -12.28
C ASN B 185 48.27 -25.72 -11.45
N CYS B 186 47.86 -26.98 -11.36
CA CYS B 186 46.60 -27.34 -10.74
C CYS B 186 46.72 -28.59 -9.86
N ASN B 187 47.93 -28.81 -9.34
CA ASN B 187 48.14 -29.89 -8.37
C ASN B 187 48.57 -29.30 -7.03
N SER B 188 47.70 -28.48 -6.47
CA SER B 188 47.87 -27.92 -5.14
C SER B 188 46.45 -27.78 -4.67
N PRO B 189 46.26 -27.61 -3.38
CA PRO B 189 44.93 -27.35 -2.87
C PRO B 189 44.50 -25.98 -3.24
N GLU B 190 45.38 -25.04 -2.96
CA GLU B 190 45.02 -23.64 -3.02
C GLU B 190 44.70 -23.16 -4.42
N THR B 191 45.48 -23.62 -5.39
CA THR B 191 45.42 -23.02 -6.70
C THR B 191 44.01 -23.18 -7.21
N VAL B 192 43.40 -24.30 -6.87
CA VAL B 192 42.03 -24.50 -7.29
C VAL B 192 41.21 -23.36 -6.72
N LEU B 193 41.63 -22.88 -5.56
CA LEU B 193 40.98 -21.71 -5.01
C LEU B 193 41.15 -20.55 -5.96
N GLU B 194 42.30 -20.45 -6.58
CA GLU B 194 42.46 -19.52 -7.69
C GLU B 194 41.56 -19.89 -8.86
N MET B 195 41.46 -21.18 -9.14
CA MET B 195 40.72 -21.66 -10.30
C MET B 195 39.21 -21.61 -10.07
N LEU B 196 38.77 -22.19 -8.97
CA LEU B 196 37.36 -22.13 -8.61
C LEU B 196 36.92 -20.68 -8.49
N GLN B 197 37.82 -19.83 -8.01
CA GLN B 197 37.57 -18.40 -8.00
C GLN B 197 37.27 -17.95 -9.41
N LYS B 198 38.10 -18.37 -10.35
CA LYS B 198 37.96 -17.94 -11.73
C LYS B 198 36.72 -18.48 -12.41
N LEU B 199 36.31 -19.70 -12.04
CA LEU B 199 35.09 -20.26 -12.58
C LEU B 199 33.91 -19.45 -12.10
N LEU B 200 33.87 -19.23 -10.78
CA LEU B 200 32.85 -18.41 -10.18
C LEU B 200 32.79 -17.04 -10.88
N TYR B 201 33.97 -16.47 -11.15
CA TYR B 201 34.00 -15.20 -11.89
C TYR B 201 33.41 -15.32 -13.29
N GLN B 202 33.69 -16.41 -13.99
CA GLN B 202 33.05 -16.66 -15.29
C GLN B 202 31.54 -16.60 -15.15
N ILE B 203 31.04 -17.44 -14.25
CA ILE B 203 29.62 -17.55 -13.97
C ILE B 203 28.96 -16.18 -13.70
N ASP B 204 29.52 -15.41 -12.77
CA ASP B 204 28.94 -14.14 -12.34
C ASP B 204 29.87 -13.41 -11.39
N PRO B 205 30.02 -12.09 -11.58
CA PRO B 205 30.92 -11.28 -10.75
C PRO B 205 30.33 -10.98 -9.37
N ASN B 206 30.11 -12.02 -8.58
CA ASN B 206 29.53 -11.89 -7.25
C ASN B 206 30.12 -12.91 -6.28
N TRP B 207 30.45 -12.46 -5.08
CA TRP B 207 30.63 -13.38 -3.96
C TRP B 207 30.68 -12.70 -2.59
N THR B 208 29.98 -13.31 -1.64
CA THR B 208 30.05 -12.94 -0.23
C THR B 208 31.29 -13.58 0.39
N SER B 209 32.44 -12.93 0.24
CA SER B 209 33.71 -13.50 0.67
C SER B 209 33.99 -13.29 2.16
N ARG B 210 32.94 -13.04 2.94
CA ARG B 210 33.06 -12.91 4.39
C ARG B 210 33.15 -14.30 5.03
N SER B 211 32.74 -15.30 4.26
CA SER B 211 32.80 -16.70 4.68
C SER B 211 34.25 -17.17 4.70
N ASP B 212 35.17 -16.36 4.19
CA ASP B 212 36.56 -16.77 4.09
C ASP B 212 37.15 -16.95 5.49
N HIS B 213 37.57 -18.18 5.76
CA HIS B 213 38.22 -18.50 7.02
C HIS B 213 39.57 -19.10 6.70
N SER B 214 40.60 -18.28 6.89
CA SER B 214 41.96 -18.66 6.49
C SER B 214 42.52 -19.77 7.37
N SER B 215 41.68 -20.37 8.23
CA SER B 215 42.07 -21.56 8.99
C SER B 215 42.51 -22.64 8.02
N ASN B 216 41.78 -22.76 6.92
CA ASN B 216 42.17 -23.65 5.83
C ASN B 216 41.90 -23.05 4.45
N ILE B 217 42.89 -23.19 3.59
CA ILE B 217 42.75 -22.91 2.17
C ILE B 217 42.01 -24.13 1.60
N LYS B 218 41.93 -25.17 2.43
CA LYS B 218 41.34 -26.46 2.07
C LYS B 218 39.90 -26.64 2.56
N LEU B 219 39.51 -25.82 3.53
CA LEU B 219 38.15 -25.82 4.05
C LEU B 219 37.36 -24.80 3.26
N ARG B 220 37.95 -23.64 3.05
CA ARG B 220 37.33 -22.58 2.27
C ARG B 220 37.04 -23.06 0.84
N ILE B 221 37.81 -24.04 0.38
CA ILE B 221 37.63 -24.59 -0.95
C ILE B 221 36.32 -25.33 -1.09
N HIS B 222 35.77 -25.78 0.03
CA HIS B 222 34.51 -26.51 -0.06
C HIS B 222 33.41 -25.47 -0.16
N SER B 223 33.65 -24.31 0.42
CA SER B 223 32.67 -23.24 0.35
C SER B 223 32.48 -22.75 -1.09
N ILE B 224 33.56 -22.70 -1.86
CA ILE B 224 33.46 -22.14 -3.20
C ILE B 224 32.74 -23.15 -4.09
N GLN B 225 33.00 -24.42 -3.85
CA GLN B 225 32.30 -25.48 -4.57
C GLN B 225 30.85 -25.48 -4.14
N ALA B 226 30.65 -25.27 -2.84
CA ALA B 226 29.32 -25.19 -2.26
C ALA B 226 28.51 -24.12 -2.95
N GLU B 227 29.09 -22.93 -3.08
CA GLU B 227 28.42 -21.85 -3.80
C GLU B 227 28.28 -22.20 -5.26
N LEU B 228 29.38 -22.64 -5.87
CA LEU B 228 29.39 -22.98 -7.29
C LEU B 228 28.35 -24.03 -7.63
N ARG B 229 28.10 -24.94 -6.70
CA ARG B 229 27.07 -25.97 -6.89
C ARG B 229 25.69 -25.34 -6.97
N ARG B 230 25.32 -24.60 -5.93
CA ARG B 230 24.04 -23.90 -5.88
C ARG B 230 23.77 -23.06 -7.13
N LEU B 231 24.80 -22.37 -7.58
CA LEU B 231 24.64 -21.41 -8.67
C LEU B 231 24.42 -22.12 -9.99
N LEU B 232 25.03 -23.28 -10.17
CA LEU B 232 24.98 -23.95 -11.46
C LEU B 232 23.61 -24.59 -11.75
N LYS B 233 23.15 -25.52 -10.91
CA LYS B 233 21.79 -26.04 -11.10
C LYS B 233 20.80 -24.92 -10.80
N SER B 234 20.84 -24.00 -11.73
CA SER B 234 19.98 -22.87 -11.85
C SER B 234 19.60 -22.87 -13.33
N LYS B 235 18.37 -22.52 -13.67
CA LYS B 235 17.86 -23.09 -14.89
C LYS B 235 18.72 -22.74 -16.08
N PRO B 236 19.08 -21.47 -16.23
CA PRO B 236 19.79 -21.02 -17.43
C PRO B 236 21.08 -21.79 -17.49
N TYR B 237 21.66 -22.03 -16.33
CA TYR B 237 22.97 -22.65 -16.27
C TYR B 237 22.93 -24.14 -16.20
N GLU B 238 21.72 -24.69 -16.19
CA GLU B 238 21.49 -26.09 -15.88
C GLU B 238 22.59 -26.97 -16.43
N ASN B 239 22.71 -26.95 -17.75
CA ASN B 239 23.72 -27.74 -18.41
C ASN B 239 24.69 -26.84 -19.09
N CYS B 240 25.96 -26.94 -18.74
CA CYS B 240 26.98 -26.35 -19.55
C CYS B 240 28.22 -27.15 -19.44
N LEU B 241 28.83 -27.49 -20.56
CA LEU B 241 30.02 -28.30 -20.54
C LEU B 241 31.07 -27.45 -19.91
N LEU B 242 31.80 -27.91 -18.93
CA LEU B 242 32.84 -27.04 -18.46
C LEU B 242 33.90 -27.94 -18.84
N VAL B 243 34.87 -27.46 -19.60
CA VAL B 243 35.87 -28.28 -20.25
C VAL B 243 37.16 -28.03 -19.56
N LEU B 244 37.83 -29.07 -19.10
CA LEU B 244 39.09 -28.90 -18.40
C LEU B 244 40.29 -29.34 -19.21
N LEU B 245 41.25 -28.46 -19.38
CA LEU B 245 42.31 -28.72 -20.30
C LEU B 245 43.58 -29.11 -19.53
N ASN B 246 44.12 -30.30 -19.82
CA ASN B 246 45.37 -30.76 -19.21
C ASN B 246 45.23 -31.30 -17.82
N VAL B 247 43.99 -31.36 -17.42
CA VAL B 247 43.73 -31.75 -16.04
C VAL B 247 44.93 -32.48 -15.48
N GLN B 248 45.60 -31.86 -14.52
CA GLN B 248 46.88 -32.38 -14.05
C GLN B 248 46.75 -33.78 -13.51
N ASN B 249 46.05 -33.93 -12.40
CA ASN B 249 45.89 -35.26 -11.84
C ASN B 249 44.47 -35.59 -11.48
N ALA B 250 44.30 -36.75 -10.84
CA ALA B 250 43.02 -37.17 -10.34
C ALA B 250 42.54 -36.19 -9.28
N LYS B 251 43.45 -35.81 -8.40
CA LYS B 251 43.10 -35.01 -7.23
C LYS B 251 42.44 -33.68 -7.59
N ALA B 252 42.90 -33.06 -8.68
CA ALA B 252 42.36 -31.78 -9.11
C ALA B 252 40.92 -31.93 -9.56
N TRP B 253 40.67 -32.99 -10.31
CA TRP B 253 39.37 -33.29 -10.91
C TRP B 253 38.30 -33.51 -9.84
N ASN B 254 38.72 -34.03 -8.70
CA ASN B 254 37.83 -34.30 -7.59
C ASN B 254 37.13 -33.01 -7.14
N ALA B 255 37.87 -31.92 -7.11
CA ALA B 255 37.33 -30.63 -6.71
C ALA B 255 36.44 -30.04 -7.80
N PHE B 256 36.63 -30.46 -9.04
CA PHE B 256 35.86 -29.78 -10.04
C PHE B 256 34.55 -30.40 -10.41
N ASN B 257 34.37 -31.67 -10.09
CA ASN B 257 33.12 -32.28 -10.49
C ASN B 257 32.01 -31.58 -9.74
N LEU B 258 31.08 -30.98 -10.48
CA LEU B 258 30.07 -30.14 -9.86
C LEU B 258 28.68 -30.62 -10.21
N SER B 259 28.54 -31.93 -10.45
CA SER B 259 27.36 -32.45 -11.11
C SER B 259 27.17 -31.64 -12.39
N CYS B 260 28.29 -31.45 -13.09
CA CYS B 260 28.38 -30.58 -14.25
C CYS B 260 28.52 -31.44 -15.50
N LYS B 261 27.98 -31.02 -16.63
CA LYS B 261 28.20 -31.77 -17.87
C LYS B 261 29.61 -31.53 -18.39
N ILE B 262 30.62 -31.62 -17.52
CA ILE B 262 31.98 -31.30 -17.94
C ILE B 262 32.53 -32.30 -18.98
N LEU B 263 33.70 -31.97 -19.51
CA LEU B 263 34.43 -32.83 -20.42
C LEU B 263 35.87 -32.35 -20.32
N LEU B 264 36.81 -33.23 -20.18
CA LEU B 264 38.12 -32.74 -19.92
C LEU B 264 39.13 -33.29 -20.86
N THR B 265 40.23 -32.59 -20.98
CA THR B 265 41.32 -33.09 -21.77
C THR B 265 42.39 -33.70 -20.89
N THR B 266 42.38 -35.02 -20.84
CA THR B 266 43.27 -35.77 -20.01
C THR B 266 44.60 -35.52 -20.60
N ARG B 267 45.68 -35.84 -19.90
CA ARG B 267 47.02 -35.70 -20.47
C ARG B 267 47.85 -36.93 -20.11
N PHE B 268 47.64 -37.41 -18.89
CA PHE B 268 48.27 -38.57 -18.35
C PHE B 268 47.46 -39.84 -18.48
N LYS B 269 48.12 -40.96 -18.27
CA LYS B 269 47.43 -42.20 -18.16
C LYS B 269 47.05 -42.36 -16.72
N GLN B 270 47.46 -41.43 -15.87
CA GLN B 270 47.04 -41.62 -14.49
C GLN B 270 45.61 -41.11 -14.37
N VAL B 271 45.30 -40.11 -15.18
CA VAL B 271 44.00 -39.45 -15.17
C VAL B 271 43.00 -40.25 -15.98
N THR B 272 43.34 -40.55 -17.23
CA THR B 272 42.46 -41.35 -18.08
C THR B 272 42.30 -42.73 -17.47
N ASP B 273 43.25 -43.10 -16.61
CA ASP B 273 43.18 -44.35 -15.87
C ASP B 273 42.06 -44.28 -14.84
N PHE B 274 41.83 -43.08 -14.33
CA PHE B 274 41.00 -42.89 -13.15
C PHE B 274 39.53 -42.76 -13.50
N LEU B 275 39.13 -41.84 -14.35
CA LEU B 275 37.70 -41.85 -14.67
C LEU B 275 37.32 -43.13 -15.47
N SER B 276 36.30 -43.83 -15.01
CA SER B 276 36.07 -45.19 -15.46
C SER B 276 34.81 -45.25 -16.26
N ALA B 277 34.86 -46.05 -17.30
CA ALA B 277 34.15 -45.82 -18.50
C ALA B 277 32.70 -45.67 -18.19
N ALA B 278 32.21 -46.38 -17.18
CA ALA B 278 30.78 -46.41 -16.96
C ALA B 278 30.30 -45.00 -16.72
N THR B 279 31.00 -44.24 -15.89
CA THR B 279 30.64 -42.84 -15.73
C THR B 279 30.85 -41.97 -16.98
N THR B 280 31.97 -42.15 -17.67
CA THR B 280 32.43 -41.21 -18.69
C THR B 280 33.05 -41.95 -19.86
N THR B 281 33.07 -41.36 -21.06
CA THR B 281 33.39 -42.12 -22.26
C THR B 281 34.78 -41.68 -22.67
N HIS B 282 35.53 -42.56 -23.28
CA HIS B 282 36.94 -42.32 -23.28
C HIS B 282 37.37 -42.16 -24.68
N ILE B 283 37.87 -40.99 -25.00
CA ILE B 283 38.21 -40.70 -26.36
C ILE B 283 39.68 -40.62 -26.33
N SER B 284 40.35 -41.06 -27.37
CA SER B 284 41.77 -41.00 -27.27
C SER B 284 42.47 -40.50 -28.49
N LEU B 285 43.77 -40.66 -28.46
CA LEU B 285 44.54 -40.29 -29.63
C LEU B 285 45.84 -41.08 -29.67
N ASP B 286 45.86 -42.15 -28.89
CA ASP B 286 46.82 -43.18 -29.10
C ASP B 286 46.14 -44.02 -30.15
N HIS B 287 45.68 -43.40 -31.22
CA HIS B 287 44.88 -44.21 -32.10
C HIS B 287 45.16 -44.15 -33.56
N HIS B 288 44.98 -45.27 -34.23
CA HIS B 288 45.17 -45.29 -35.65
C HIS B 288 44.14 -44.35 -36.27
N SER B 289 42.89 -44.46 -35.83
CA SER B 289 41.84 -43.54 -36.26
C SER B 289 41.93 -42.11 -35.72
N MET B 290 42.08 -41.99 -34.41
CA MET B 290 42.10 -40.70 -33.74
C MET B 290 43.16 -39.79 -34.34
N THR B 291 44.31 -40.36 -34.66
CA THR B 291 45.39 -39.58 -35.23
C THR B 291 45.10 -39.31 -36.68
N LEU B 292 45.87 -38.40 -37.25
CA LEU B 292 45.64 -37.87 -38.58
C LEU B 292 45.92 -38.81 -39.75
N THR B 293 45.01 -38.81 -40.72
CA THR B 293 45.20 -39.48 -41.98
C THR B 293 46.29 -38.66 -42.65
N PRO B 294 47.16 -39.27 -43.43
CA PRO B 294 48.40 -38.53 -43.71
C PRO B 294 48.02 -37.15 -44.17
N ASP B 295 46.95 -37.03 -44.92
CA ASP B 295 46.71 -35.79 -45.59
C ASP B 295 46.59 -34.68 -44.59
N GLU B 296 45.85 -34.90 -43.53
CA GLU B 296 45.72 -33.83 -42.58
C GLU B 296 47.05 -33.13 -42.58
N VAL B 297 48.08 -33.95 -42.59
CA VAL B 297 49.39 -33.46 -42.27
C VAL B 297 49.85 -32.43 -43.27
N LYS B 298 49.54 -32.59 -44.53
CA LYS B 298 50.05 -31.58 -45.44
C LYS B 298 49.15 -30.35 -45.39
N SER B 299 47.88 -30.55 -45.12
CA SER B 299 46.95 -29.43 -45.03
C SER B 299 47.21 -28.66 -43.75
N LEU B 300 47.70 -29.35 -42.72
CA LEU B 300 48.07 -28.68 -41.47
C LEU B 300 49.34 -27.87 -41.67
N LEU B 301 50.33 -28.48 -42.30
CA LEU B 301 51.58 -27.79 -42.58
C LEU B 301 51.34 -26.56 -43.44
N LEU B 302 50.24 -26.57 -44.19
CA LEU B 302 49.87 -25.46 -45.04
C LEU B 302 49.46 -24.20 -44.29
N LYS B 303 48.68 -24.36 -43.23
CA LYS B 303 48.13 -23.24 -42.48
C LYS B 303 49.21 -22.24 -42.09
N TYR B 304 50.35 -22.75 -41.61
CA TYR B 304 51.48 -21.89 -41.28
C TYR B 304 52.28 -21.53 -42.52
N LEU B 305 52.36 -22.48 -43.44
CA LEU B 305 53.20 -22.36 -44.64
C LEU B 305 52.64 -21.40 -45.68
N ASP B 306 51.32 -21.46 -45.88
CA ASP B 306 50.59 -20.52 -46.74
C ASP B 306 51.01 -20.59 -48.23
N CYS B 307 50.97 -21.79 -48.80
CA CYS B 307 51.17 -21.98 -50.25
C CYS B 307 50.87 -23.43 -50.67
N ARG B 308 50.01 -23.60 -51.66
CA ARG B 308 49.54 -24.92 -52.09
C ARG B 308 50.57 -25.70 -52.93
N PRO B 309 51.43 -24.97 -53.64
CA PRO B 309 52.42 -25.59 -54.49
C PRO B 309 53.55 -26.21 -53.68
N GLN B 310 54.18 -25.38 -52.84
CA GLN B 310 55.31 -25.82 -52.03
C GLN B 310 54.93 -26.92 -51.05
N ASP B 311 53.62 -27.11 -50.88
CA ASP B 311 53.07 -28.19 -50.05
C ASP B 311 53.67 -29.53 -50.44
N LEU B 312 53.71 -29.79 -51.74
CA LEU B 312 54.28 -31.02 -52.27
C LEU B 312 55.78 -31.07 -52.03
N PRO B 313 56.31 -29.89 -51.74
CA PRO B 313 57.70 -29.68 -51.41
C PRO B 313 58.11 -30.47 -50.16
N ARG B 314 57.24 -30.61 -49.17
CA ARG B 314 57.67 -31.34 -47.98
C ARG B 314 57.14 -32.77 -47.89
N GLU B 315 58.04 -33.73 -47.72
CA GLU B 315 57.70 -35.11 -47.34
C GLU B 315 58.90 -35.83 -46.70
N VAL B 316 58.71 -36.90 -45.93
CA VAL B 316 57.44 -37.25 -45.29
C VAL B 316 57.65 -37.58 -43.80
N LEU B 317 56.93 -36.92 -42.91
CA LEU B 317 56.93 -37.30 -41.50
C LEU B 317 55.73 -36.75 -40.73
N THR B 318 55.47 -37.32 -39.55
CA THR B 318 54.21 -37.24 -38.81
C THR B 318 54.49 -37.35 -37.32
N THR B 319 53.49 -37.45 -36.45
CA THR B 319 52.06 -37.25 -36.69
C THR B 319 51.52 -36.27 -35.66
N ASN B 320 52.45 -35.91 -34.77
CA ASN B 320 52.19 -35.19 -33.55
C ASN B 320 52.17 -33.74 -33.87
N PRO B 321 51.03 -33.12 -33.69
CA PRO B 321 50.84 -31.79 -34.22
C PRO B 321 51.91 -30.92 -33.63
N ARG B 322 52.22 -31.14 -32.34
CA ARG B 322 53.24 -30.36 -31.67
C ARG B 322 54.54 -30.33 -32.45
N ARG B 323 54.94 -31.47 -33.00
CA ARG B 323 56.17 -31.56 -33.77
C ARG B 323 56.01 -30.82 -35.08
N LEU B 324 54.81 -30.92 -35.60
CA LEU B 324 54.39 -30.46 -36.92
C LEU B 324 54.13 -28.96 -36.93
N SER B 325 53.54 -28.46 -35.85
CA SER B 325 53.23 -27.03 -35.73
C SER B 325 54.50 -26.23 -35.48
N ILE B 326 55.36 -26.74 -34.60
CA ILE B 326 56.61 -26.07 -34.26
C ILE B 326 57.62 -26.21 -35.40
N ILE B 327 57.46 -27.25 -36.20
CA ILE B 327 58.29 -27.42 -37.38
C ILE B 327 57.84 -26.47 -38.49
N ALA B 328 56.54 -26.49 -38.78
CA ALA B 328 55.99 -25.73 -39.91
C ALA B 328 56.19 -24.23 -39.72
N GLU B 329 56.25 -23.78 -38.48
CA GLU B 329 56.53 -22.37 -38.19
C GLU B 329 58.03 -22.11 -38.35
N SER B 330 58.85 -23.08 -37.96
CA SER B 330 60.30 -22.97 -38.06
C SER B 330 60.78 -22.82 -39.50
N ILE B 331 60.24 -23.68 -40.35
CA ILE B 331 60.53 -23.64 -41.77
C ILE B 331 60.05 -22.34 -42.39
N ARG B 332 58.80 -22.00 -42.11
CA ARG B 332 58.19 -20.79 -42.67
C ARG B 332 58.92 -19.54 -42.20
N ASP B 333 59.43 -19.58 -40.97
CA ASP B 333 60.15 -18.45 -40.42
C ASP B 333 61.48 -18.86 -39.82
N ALA B 336 64.39 -23.01 -43.48
CA ALA B 336 64.98 -23.95 -44.41
C ALA B 336 64.51 -25.37 -44.10
N THR B 337 63.81 -25.97 -45.05
CA THR B 337 63.07 -27.21 -44.83
C THR B 337 63.91 -28.41 -44.35
N TRP B 338 65.20 -28.40 -44.64
CA TRP B 338 66.04 -29.54 -44.28
C TRP B 338 66.83 -29.37 -43.00
N ASP B 339 67.56 -28.26 -42.89
CA ASP B 339 68.25 -27.95 -41.64
C ASP B 339 67.26 -27.89 -40.50
N ASN B 340 66.16 -27.18 -40.72
CA ASN B 340 65.17 -26.94 -39.67
C ASN B 340 64.29 -28.15 -39.34
N TRP B 341 64.28 -29.15 -40.21
CA TRP B 341 63.49 -30.34 -39.95
C TRP B 341 64.10 -31.16 -38.82
N LYS B 342 65.40 -31.00 -38.62
CA LYS B 342 66.11 -31.78 -37.61
C LYS B 342 66.94 -30.92 -36.65
N HIS B 343 67.99 -30.28 -37.15
CA HIS B 343 68.95 -29.60 -36.29
C HIS B 343 68.37 -28.36 -35.61
N VAL B 344 67.49 -27.63 -36.29
CA VAL B 344 66.83 -26.50 -35.65
C VAL B 344 65.78 -27.02 -34.66
N ASN B 345 65.20 -26.12 -33.87
CA ASN B 345 64.31 -26.47 -32.77
C ASN B 345 64.99 -27.38 -31.76
N CYS B 346 66.32 -27.36 -31.77
CA CYS B 346 67.08 -28.03 -30.73
C CYS B 346 67.02 -27.17 -29.48
N ASP B 347 66.51 -25.95 -29.64
CA ASP B 347 66.29 -25.04 -28.54
C ASP B 347 64.80 -24.76 -28.35
N LYS B 348 63.95 -25.53 -29.03
CA LYS B 348 62.51 -25.34 -28.94
C LYS B 348 61.75 -26.60 -28.57
N LEU B 349 61.48 -27.46 -29.52
CA LEU B 349 60.39 -28.38 -29.38
C LEU B 349 60.57 -29.22 -28.15
N THR B 350 61.79 -29.68 -27.93
CA THR B 350 62.15 -30.52 -26.81
C THR B 350 62.01 -29.80 -25.49
N THR B 351 62.37 -28.52 -25.48
CA THR B 351 62.22 -27.69 -24.30
C THR B 351 60.83 -27.90 -23.73
N ILE B 352 59.82 -27.57 -24.53
CA ILE B 352 58.44 -27.85 -24.16
C ILE B 352 58.28 -29.36 -24.03
N ILE B 353 59.18 -30.09 -24.69
CA ILE B 353 59.21 -31.55 -24.60
C ILE B 353 59.78 -31.97 -23.25
N GLU B 354 60.94 -31.42 -22.90
CA GLU B 354 61.53 -31.69 -21.62
C GLU B 354 60.59 -31.18 -20.56
N SER B 355 60.11 -29.97 -20.80
CA SER B 355 59.33 -29.21 -19.83
C SER B 355 58.27 -30.08 -19.21
N SER B 356 57.57 -30.83 -20.04
CA SER B 356 56.52 -31.72 -19.54
C SER B 356 57.14 -32.82 -18.71
N LEU B 357 58.41 -33.12 -18.96
CA LEU B 357 59.08 -34.15 -18.20
C LEU B 357 59.10 -33.73 -16.74
N ASN B 358 58.78 -32.48 -16.47
CA ASN B 358 58.96 -31.91 -15.14
C ASN B 358 58.15 -32.58 -14.04
N VAL B 359 57.07 -33.26 -14.39
CA VAL B 359 56.26 -33.91 -13.37
C VAL B 359 57.03 -34.96 -12.58
N LEU B 360 57.89 -35.71 -13.25
CA LEU B 360 58.53 -36.88 -12.67
C LEU B 360 59.60 -36.62 -11.61
N GLU B 361 59.88 -37.61 -10.77
CA GLU B 361 60.89 -37.55 -9.71
C GLU B 361 62.34 -37.77 -10.21
N PRO B 362 63.26 -36.87 -9.88
CA PRO B 362 64.58 -36.95 -10.53
C PRO B 362 65.48 -38.05 -9.99
N ALA B 363 65.35 -38.35 -8.70
CA ALA B 363 66.22 -39.31 -8.04
C ALA B 363 66.06 -40.72 -8.59
N GLU B 364 64.83 -41.08 -8.92
CA GLU B 364 64.57 -42.45 -9.38
C GLU B 364 63.94 -42.51 -10.77
N TYR B 365 63.02 -41.60 -11.05
CA TYR B 365 62.30 -41.60 -12.32
C TYR B 365 63.16 -41.04 -13.45
N ARG B 366 63.52 -39.77 -13.33
CA ARG B 366 64.20 -39.04 -14.41
C ARG B 366 65.52 -39.68 -14.84
N LYS B 367 66.35 -40.03 -13.87
CA LYS B 367 67.64 -40.66 -14.15
C LYS B 367 67.49 -42.00 -14.86
N MET B 368 66.65 -42.87 -14.31
CA MET B 368 66.40 -44.20 -14.87
C MET B 368 65.98 -44.08 -16.32
N PHE B 369 65.28 -42.99 -16.61
CA PHE B 369 64.70 -42.73 -17.92
C PHE B 369 65.74 -42.37 -18.96
N ASP B 370 66.58 -41.39 -18.61
CA ASP B 370 67.69 -40.94 -19.45
C ASP B 370 68.52 -42.12 -19.97
N ARG B 371 68.59 -43.16 -19.16
CA ARG B 371 69.36 -44.35 -19.49
C ARG B 371 68.88 -45.06 -20.76
N LEU B 372 67.64 -44.80 -21.18
CA LEU B 372 67.05 -45.48 -22.34
C LEU B 372 67.81 -45.18 -23.63
N SER B 373 68.54 -44.08 -23.63
CA SER B 373 69.27 -43.61 -24.81
C SER B 373 70.02 -44.71 -25.55
N VAL B 374 70.48 -45.73 -24.82
CA VAL B 374 71.26 -46.81 -25.41
C VAL B 374 70.42 -47.74 -26.28
N PHE B 375 69.11 -47.70 -26.06
CA PHE B 375 68.20 -48.55 -26.81
C PHE B 375 67.97 -48.00 -28.21
N PRO B 376 66.97 -48.58 -28.87
CA PRO B 376 66.59 -48.19 -30.23
C PRO B 376 65.54 -47.12 -30.20
N PRO B 377 65.67 -46.12 -31.17
CA PRO B 377 64.76 -44.99 -30.96
C PRO B 377 63.34 -45.47 -31.02
N SER B 378 63.07 -46.40 -31.91
CA SER B 378 61.71 -46.90 -32.03
C SER B 378 61.77 -48.38 -31.82
N ALA B 379 61.99 -48.76 -30.56
CA ALA B 379 62.17 -50.18 -30.27
C ALA B 379 61.55 -50.57 -28.92
N HIS B 380 61.79 -51.80 -28.50
CA HIS B 380 61.21 -52.34 -27.28
C HIS B 380 62.31 -52.66 -26.25
N ILE B 381 61.90 -53.17 -25.09
CA ILE B 381 62.85 -53.53 -24.05
C ILE B 381 62.24 -54.51 -23.03
N PRO B 382 62.90 -55.66 -22.82
CA PRO B 382 62.47 -56.70 -21.88
C PRO B 382 62.65 -56.28 -20.43
N THR B 383 62.01 -57.02 -19.52
CA THR B 383 62.07 -56.72 -18.10
C THR B 383 63.48 -56.89 -17.54
N ILE B 384 64.12 -58.01 -17.87
CA ILE B 384 65.43 -58.35 -17.33
C ILE B 384 66.50 -57.34 -17.73
N LEU B 385 66.44 -56.85 -18.97
CA LEU B 385 67.42 -55.91 -19.48
C LEU B 385 67.27 -54.53 -18.85
N LEU B 386 66.04 -54.17 -18.52
CA LEU B 386 65.74 -52.88 -17.91
C LEU B 386 66.22 -52.83 -16.46
N SER B 387 66.30 -54.01 -15.86
CA SER B 387 66.73 -54.15 -14.48
C SER B 387 68.14 -53.63 -14.26
N LEU B 388 69.07 -54.22 -14.98
CA LEU B 388 70.49 -53.94 -14.83
C LEU B 388 70.82 -52.46 -14.99
N ILE B 389 70.10 -51.79 -15.89
CA ILE B 389 70.38 -50.39 -16.18
C ILE B 389 69.59 -49.46 -15.25
N SER B 396 61.36 -56.74 -7.54
CA SER B 396 60.19 -56.21 -8.23
C SER B 396 60.26 -54.68 -8.31
N ASP B 397 61.38 -54.13 -7.88
CA ASP B 397 61.58 -52.69 -7.83
C ASP B 397 61.43 -52.07 -9.23
N VAL B 398 62.16 -52.60 -10.19
CA VAL B 398 62.16 -52.07 -11.55
C VAL B 398 60.78 -52.14 -12.20
N MET B 399 60.01 -53.16 -11.87
CA MET B 399 58.70 -53.37 -12.48
C MET B 399 57.71 -52.30 -12.04
N VAL B 400 57.87 -51.83 -10.81
CA VAL B 400 56.99 -50.82 -10.25
C VAL B 400 57.40 -49.42 -10.68
N VAL B 401 58.71 -49.17 -10.66
CA VAL B 401 59.26 -47.86 -11.01
C VAL B 401 58.92 -47.48 -12.45
N VAL B 402 58.88 -48.46 -13.34
CA VAL B 402 58.50 -48.21 -14.72
C VAL B 402 56.98 -48.16 -14.86
N ASN B 403 56.29 -48.83 -13.95
CA ASN B 403 54.84 -48.83 -13.99
C ASN B 403 54.33 -47.43 -13.68
N LYS B 404 55.05 -46.72 -12.81
CA LYS B 404 54.70 -45.35 -12.50
C LYS B 404 55.20 -44.43 -13.62
N LEU B 405 56.27 -44.86 -14.27
CA LEU B 405 56.81 -44.16 -15.42
C LEU B 405 55.85 -44.30 -16.61
N HIS B 406 55.13 -45.40 -16.58
CA HIS B 406 54.02 -45.66 -17.46
C HIS B 406 52.91 -44.69 -17.20
N LYS B 407 52.68 -44.47 -15.92
CA LYS B 407 51.49 -43.86 -15.41
C LYS B 407 51.42 -42.50 -15.98
N TYR B 408 52.54 -41.80 -15.86
CA TYR B 408 52.63 -40.44 -16.37
C TYR B 408 52.50 -40.38 -17.86
N SER B 409 53.20 -41.26 -18.56
CA SER B 409 53.12 -41.31 -20.01
C SER B 409 54.20 -42.13 -20.67
N LEU B 410 55.40 -42.02 -20.14
CA LEU B 410 56.62 -42.25 -20.90
C LEU B 410 56.92 -43.60 -21.51
N VAL B 411 56.71 -44.70 -20.79
CA VAL B 411 57.33 -45.91 -21.25
C VAL B 411 56.07 -46.73 -21.35
N GLU B 412 55.46 -46.69 -22.52
CA GLU B 412 54.25 -47.48 -22.73
C GLU B 412 54.61 -48.91 -22.34
N LYS B 413 54.06 -49.37 -21.23
CA LYS B 413 54.16 -50.78 -20.86
C LYS B 413 53.20 -51.57 -21.73
N GLN B 414 53.51 -52.84 -21.97
CA GLN B 414 52.69 -53.68 -22.83
C GLN B 414 52.79 -55.14 -22.39
N PRO B 415 51.77 -55.94 -22.70
CA PRO B 415 51.76 -57.38 -22.38
C PRO B 415 52.92 -58.13 -23.03
N SER B 418 56.34 -59.89 -21.43
CA SER B 418 56.14 -58.77 -20.52
C SER B 418 57.02 -57.61 -20.92
N THR B 419 57.39 -57.57 -22.20
CA THR B 419 58.29 -56.54 -22.72
C THR B 419 57.66 -55.15 -22.66
N ILE B 420 58.48 -54.12 -22.88
CA ILE B 420 58.02 -52.74 -22.85
C ILE B 420 58.41 -52.00 -24.12
N SER B 421 57.43 -51.31 -24.73
CA SER B 421 57.69 -50.50 -25.92
C SER B 421 57.53 -49.02 -25.60
N ILE B 422 58.53 -48.24 -25.97
CA ILE B 422 58.63 -46.85 -25.57
C ILE B 422 58.50 -45.93 -26.81
N PRO B 423 57.56 -44.97 -26.79
CA PRO B 423 57.25 -44.09 -27.95
C PRO B 423 58.19 -42.91 -28.21
N SER B 424 58.74 -42.89 -29.42
CA SER B 424 59.88 -42.07 -29.84
C SER B 424 59.95 -40.58 -29.48
N ILE B 425 58.80 -39.89 -29.47
CA ILE B 425 58.79 -38.42 -29.43
C ILE B 425 59.61 -37.81 -28.29
N TYR B 426 59.49 -38.34 -27.07
CA TYR B 426 60.36 -37.85 -26.01
C TYR B 426 61.53 -38.81 -25.85
N LEU B 427 61.50 -39.89 -26.61
CA LEU B 427 62.53 -40.93 -26.55
C LEU B 427 63.76 -40.52 -27.33
N GLU B 428 63.63 -40.53 -28.65
CA GLU B 428 64.79 -40.35 -29.53
C GLU B 428 65.40 -38.95 -29.45
N LEU B 429 64.55 -37.94 -29.57
CA LEU B 429 64.98 -36.56 -29.68
C LEU B 429 65.57 -36.04 -28.38
N LYS B 430 64.73 -35.97 -27.36
CA LYS B 430 65.05 -35.32 -26.11
C LYS B 430 66.31 -35.82 -25.39
N VAL B 431 66.40 -37.13 -25.17
CA VAL B 431 67.46 -37.67 -24.31
C VAL B 431 68.83 -37.78 -25.00
N LYS B 432 68.83 -37.83 -26.32
CA LYS B 432 70.07 -37.96 -27.07
C LYS B 432 70.94 -36.72 -26.89
N LEU B 433 70.28 -35.57 -26.85
CA LEU B 433 70.97 -34.29 -26.68
C LEU B 433 71.68 -34.21 -25.33
N GLU B 434 70.93 -34.45 -24.25
CA GLU B 434 71.50 -34.38 -22.90
C GLU B 434 71.93 -35.74 -22.39
N ASN B 435 73.24 -35.97 -22.35
CA ASN B 435 73.77 -37.22 -21.81
C ASN B 435 75.16 -37.04 -21.21
N GLU B 436 75.35 -37.63 -20.03
CA GLU B 436 76.66 -37.73 -19.42
C GLU B 436 77.22 -39.10 -19.80
N TYR B 437 78.52 -39.30 -19.65
CA TYR B 437 79.07 -40.60 -20.04
C TYR B 437 78.87 -41.65 -18.95
N ALA B 438 77.61 -41.98 -18.69
CA ALA B 438 77.28 -43.18 -17.96
C ALA B 438 77.15 -44.32 -18.96
N LEU B 439 77.34 -43.99 -20.24
CA LEU B 439 77.19 -44.93 -21.33
C LEU B 439 78.15 -46.11 -21.22
N HIS B 440 79.38 -45.81 -20.79
CA HIS B 440 80.40 -46.85 -20.58
C HIS B 440 79.86 -47.99 -19.74
N ARG B 441 79.19 -47.64 -18.65
CA ARG B 441 78.60 -48.63 -17.77
C ARG B 441 77.38 -49.28 -18.41
N SER B 442 76.57 -48.47 -19.09
CA SER B 442 75.36 -48.96 -19.74
C SER B 442 75.68 -49.93 -20.87
N ILE B 443 76.71 -49.60 -21.65
CA ILE B 443 77.04 -50.39 -22.81
C ILE B 443 77.89 -51.62 -22.44
N VAL B 444 78.67 -51.51 -21.36
CA VAL B 444 79.44 -52.66 -20.91
C VAL B 444 78.50 -53.62 -20.19
N ASP B 445 77.38 -53.08 -19.72
CA ASP B 445 76.33 -53.89 -19.12
C ASP B 445 75.72 -54.75 -20.23
N HIS B 446 75.67 -54.19 -21.43
CA HIS B 446 75.12 -54.90 -22.57
C HIS B 446 76.07 -55.96 -23.09
N TYR B 447 77.32 -55.91 -22.67
CA TYR B 447 78.21 -57.04 -22.90
C TYR B 447 77.91 -58.11 -21.86
N ASN B 448 77.60 -57.65 -20.65
CA ASN B 448 77.44 -58.54 -19.51
C ASN B 448 76.22 -59.45 -19.63
N ILE B 449 75.15 -59.00 -20.27
CA ILE B 449 73.93 -59.81 -20.23
C ILE B 449 73.95 -60.96 -21.24
N PRO B 450 74.43 -60.76 -22.49
CA PRO B 450 74.53 -62.01 -23.25
C PRO B 450 75.78 -62.83 -22.90
N LYS B 451 76.62 -62.29 -22.00
CA LYS B 451 77.69 -63.09 -21.41
C LYS B 451 77.07 -64.05 -20.41
N THR B 452 76.07 -63.55 -19.67
CA THR B 452 75.29 -64.37 -18.76
C THR B 452 74.46 -65.38 -19.56
N PHE B 453 73.70 -64.87 -20.53
CA PHE B 453 72.93 -65.72 -21.44
C PHE B 453 73.85 -66.62 -22.24
N ASP B 454 73.96 -67.88 -21.82
CA ASP B 454 74.86 -68.82 -22.50
C ASP B 454 74.42 -70.27 -22.31
N SER B 455 74.26 -70.99 -23.41
CA SER B 455 73.99 -72.42 -23.38
C SER B 455 75.24 -73.18 -23.79
N ASP B 456 75.21 -74.50 -23.62
CA ASP B 456 76.35 -75.34 -23.97
C ASP B 456 76.70 -75.22 -25.45
N ASP B 457 75.71 -75.39 -26.31
CA ASP B 457 75.92 -75.23 -27.75
C ASP B 457 75.72 -73.78 -28.17
N LEU B 458 75.52 -73.56 -29.46
CA LEU B 458 75.50 -72.20 -29.99
C LEU B 458 74.10 -71.57 -30.00
N ILE B 459 73.13 -72.25 -29.40
CA ILE B 459 71.76 -71.72 -29.32
C ILE B 459 71.52 -70.99 -28.00
N PRO B 460 71.37 -69.67 -28.07
CA PRO B 460 71.13 -68.85 -26.88
C PRO B 460 69.65 -68.72 -26.54
N PRO B 461 69.33 -68.33 -25.29
CA PRO B 461 67.96 -68.02 -24.88
C PRO B 461 67.57 -66.57 -25.17
N TYR B 462 67.47 -66.22 -26.45
CA TYR B 462 67.08 -64.87 -26.86
C TYR B 462 65.60 -64.60 -26.64
N LEU B 463 65.28 -63.40 -26.16
CA LEU B 463 63.89 -62.94 -26.15
C LEU B 463 63.53 -62.54 -27.54
N ASP B 464 62.30 -62.86 -27.98
CA ASP B 464 61.81 -62.74 -29.36
C ASP B 464 62.25 -61.68 -30.31
N GLN B 465 62.12 -60.41 -29.92
CA GLN B 465 62.51 -59.33 -30.82
C GLN B 465 63.79 -58.61 -30.44
N TYR B 466 63.83 -58.07 -29.22
CA TYR B 466 64.94 -57.23 -28.77
C TYR B 466 66.30 -57.82 -29.14
N PHE B 467 66.59 -58.97 -28.53
CA PHE B 467 67.91 -59.58 -28.63
C PHE B 467 68.41 -59.71 -30.05
N TYR B 468 67.56 -60.22 -30.95
CA TYR B 468 67.96 -60.40 -32.34
C TYR B 468 68.35 -59.10 -33.03
N SER B 469 67.56 -58.05 -32.81
CA SER B 469 67.82 -56.77 -33.49
C SER B 469 68.83 -55.90 -32.76
N HIS B 470 68.82 -55.95 -31.44
CA HIS B 470 69.54 -54.96 -30.65
C HIS B 470 70.94 -55.41 -30.24
N ILE B 471 71.15 -56.72 -30.19
CA ILE B 471 72.45 -57.24 -29.77
C ILE B 471 73.54 -56.70 -30.70
N GLY B 472 73.24 -56.65 -32.00
CA GLY B 472 74.21 -56.22 -32.99
C GLY B 472 74.64 -54.78 -32.81
N HIS B 473 73.68 -53.94 -32.42
CA HIS B 473 73.93 -52.52 -32.24
C HIS B 473 74.86 -52.28 -31.04
N HIS B 474 74.54 -52.92 -29.92
CA HIS B 474 75.34 -52.77 -28.72
C HIS B 474 76.71 -53.43 -28.84
N LEU B 475 76.76 -54.55 -29.56
CA LEU B 475 78.02 -55.25 -29.79
C LEU B 475 78.99 -54.42 -30.60
N LYS B 476 78.47 -53.71 -31.59
CA LYS B 476 79.30 -52.82 -32.39
C LYS B 476 79.90 -51.72 -31.53
N ASN B 477 79.10 -51.25 -30.56
CA ASN B 477 79.53 -50.19 -29.66
C ASN B 477 80.64 -50.65 -28.71
N ILE B 478 80.52 -51.87 -28.18
CA ILE B 478 81.48 -52.33 -27.17
C ILE B 478 82.85 -52.70 -27.78
N GLU B 479 82.87 -53.69 -28.68
CA GLU B 479 84.13 -54.23 -29.22
C GLU B 479 83.90 -55.18 -30.39
N HIS B 480 84.98 -55.67 -30.97
CA HIS B 480 84.91 -56.59 -32.11
C HIS B 480 84.79 -58.10 -31.80
N PRO B 481 85.43 -58.59 -30.71
CA PRO B 481 85.44 -60.06 -30.59
C PRO B 481 84.07 -60.68 -30.35
N GLU B 482 83.19 -59.94 -29.67
CA GLU B 482 81.86 -60.47 -29.36
C GLU B 482 80.94 -60.34 -30.57
N ARG B 483 81.15 -59.31 -31.37
CA ARG B 483 80.47 -59.19 -32.64
C ARG B 483 80.81 -60.37 -33.53
N MET B 484 82.09 -60.74 -33.52
CA MET B 484 82.60 -61.85 -34.31
C MET B 484 81.81 -63.14 -34.06
N THR B 485 81.55 -63.43 -32.79
CA THR B 485 80.88 -64.67 -32.41
C THR B 485 79.36 -64.56 -32.41
N LEU B 486 78.81 -63.52 -31.79
CA LEU B 486 77.37 -63.42 -31.60
C LEU B 486 76.59 -63.14 -32.88
N PHE B 487 77.17 -62.36 -33.79
CA PHE B 487 76.58 -62.16 -35.11
C PHE B 487 76.49 -63.49 -35.82
N ARG B 488 77.41 -64.37 -35.44
CA ARG B 488 77.55 -65.68 -36.05
C ARG B 488 77.69 -65.51 -37.54
N MET B 489 78.67 -64.71 -37.91
CA MET B 489 79.21 -64.71 -39.24
C MET B 489 80.21 -65.85 -39.26
N VAL B 490 80.74 -66.11 -38.07
CA VAL B 490 81.60 -67.26 -37.84
C VAL B 490 80.75 -68.50 -37.60
N PHE B 491 79.67 -68.34 -36.84
CA PHE B 491 78.81 -69.47 -36.52
C PHE B 491 77.66 -69.60 -37.52
N LEU B 492 77.33 -70.83 -37.90
CA LEU B 492 76.23 -71.05 -38.83
C LEU B 492 74.88 -70.91 -38.13
N ASP B 493 74.92 -70.82 -36.80
CA ASP B 493 73.73 -70.98 -35.98
C ASP B 493 72.77 -69.78 -35.97
N PHE B 494 73.27 -68.58 -36.23
CA PHE B 494 72.37 -67.42 -36.26
C PHE B 494 71.77 -67.26 -37.65
N ARG B 495 72.43 -67.84 -38.65
CA ARG B 495 71.82 -67.96 -39.95
C ARG B 495 70.58 -68.84 -39.80
N PHE B 496 70.70 -69.85 -38.92
CA PHE B 496 69.59 -70.71 -38.58
C PHE B 496 68.54 -69.93 -37.79
N LEU B 497 68.87 -69.58 -36.55
CA LEU B 497 67.93 -68.95 -35.64
C LEU B 497 67.32 -67.65 -36.16
N GLU B 498 68.11 -66.58 -36.18
CA GLU B 498 67.66 -65.23 -36.59
C GLU B 498 66.70 -65.21 -37.78
N GLN B 499 66.98 -66.07 -38.76
CA GLN B 499 66.19 -66.11 -39.98
C GLN B 499 64.80 -66.70 -39.75
N LYS B 500 64.72 -67.80 -39.02
CA LYS B 500 63.47 -68.56 -38.93
C LYS B 500 62.52 -68.05 -37.85
N ILE B 501 63.04 -67.32 -36.85
CA ILE B 501 62.18 -66.71 -35.85
C ILE B 501 61.64 -65.39 -36.39
N ARG B 502 62.49 -64.65 -37.10
CA ARG B 502 62.06 -63.45 -37.80
C ARG B 502 61.36 -63.80 -39.11
N HIS B 503 60.32 -64.63 -39.00
CA HIS B 503 59.56 -65.06 -40.17
C HIS B 503 58.11 -64.59 -40.10
N ASN B 516 62.07 -59.73 -42.06
CA ASN B 516 62.52 -61.04 -42.49
C ASN B 516 64.02 -61.08 -42.74
N THR B 517 64.41 -61.53 -43.92
CA THR B 517 65.82 -61.59 -44.32
C THR B 517 66.41 -60.19 -44.38
N LEU B 518 65.54 -59.21 -44.54
CA LEU B 518 65.92 -57.82 -44.70
C LEU B 518 66.74 -57.31 -43.54
N GLN B 519 66.12 -57.29 -42.37
CA GLN B 519 66.75 -56.75 -41.17
C GLN B 519 68.02 -57.52 -40.85
N GLN B 520 68.02 -58.82 -41.16
CA GLN B 520 69.21 -59.63 -41.02
C GLN B 520 70.31 -59.07 -41.92
N LEU B 521 69.97 -58.87 -43.19
CA LEU B 521 70.85 -58.20 -44.14
C LEU B 521 71.22 -56.81 -43.67
N LYS B 522 70.29 -56.15 -42.98
CA LYS B 522 70.50 -54.81 -42.47
C LYS B 522 71.44 -54.78 -41.27
N PHE B 523 71.56 -55.92 -40.59
CA PHE B 523 72.52 -56.01 -39.50
C PHE B 523 73.92 -56.10 -40.08
N TYR B 524 74.12 -57.10 -40.92
CA TYR B 524 75.46 -57.45 -41.39
C TYR B 524 76.21 -56.29 -42.05
N LYS B 525 75.54 -55.49 -42.87
CA LYS B 525 76.27 -54.53 -43.70
C LYS B 525 76.87 -53.33 -42.93
N PRO B 526 76.08 -52.61 -42.13
CA PRO B 526 76.77 -51.50 -41.44
C PRO B 526 77.61 -51.96 -40.25
N TYR B 527 77.46 -53.20 -39.83
CA TYR B 527 78.11 -53.65 -38.61
C TYR B 527 79.49 -54.31 -38.82
N ILE B 528 79.91 -54.53 -40.06
CA ILE B 528 81.22 -55.18 -40.30
C ILE B 528 82.41 -54.32 -39.88
N CYS B 529 82.17 -53.02 -39.71
CA CYS B 529 83.24 -52.07 -39.43
C CYS B 529 84.03 -52.46 -38.17
N ASP B 530 83.33 -53.02 -37.19
CA ASP B 530 83.94 -53.38 -35.93
C ASP B 530 84.99 -54.49 -36.10
N ASP B 532 88.97 -57.61 -37.65
CA ASP B 532 89.99 -57.02 -38.53
C ASP B 532 89.64 -57.32 -39.99
N PRO B 533 90.19 -56.52 -40.94
CA PRO B 533 89.91 -56.64 -42.38
C PRO B 533 89.88 -58.08 -42.93
N LYS B 534 90.69 -58.98 -42.37
CA LYS B 534 90.75 -60.35 -42.86
C LYS B 534 89.41 -61.06 -42.64
N TYR B 535 88.84 -60.87 -41.46
CA TYR B 535 87.51 -61.39 -41.18
C TYR B 535 86.46 -60.49 -41.83
N GLU B 536 86.84 -59.25 -42.13
CA GLU B 536 85.89 -58.28 -42.70
C GLU B 536 85.52 -58.61 -44.14
N ARG B 537 86.52 -58.93 -44.97
CA ARG B 537 86.27 -59.37 -46.32
C ARG B 537 85.46 -60.66 -46.30
N LEU B 538 85.54 -61.35 -45.17
CA LEU B 538 84.81 -62.60 -44.97
C LEU B 538 83.33 -62.33 -44.68
N VAL B 539 83.02 -61.29 -43.91
CA VAL B 539 81.63 -60.98 -43.58
C VAL B 539 80.87 -60.54 -44.83
N ASN B 540 81.55 -59.84 -45.73
CA ASN B 540 80.88 -59.34 -46.92
C ASN B 540 80.67 -60.49 -47.88
N ALA B 541 81.53 -61.50 -47.77
CA ALA B 541 81.40 -62.72 -48.55
C ALA B 541 80.17 -63.50 -48.09
N ILE B 542 80.00 -63.64 -46.78
CA ILE B 542 78.84 -64.33 -46.23
C ILE B 542 77.61 -63.42 -46.34
N LEU B 543 77.86 -62.11 -46.47
CA LEU B 543 76.79 -61.13 -46.59
C LEU B 543 76.00 -61.36 -47.86
N ASP B 544 76.72 -61.48 -48.98
CA ASP B 544 76.09 -61.61 -50.28
C ASP B 544 75.30 -62.91 -50.39
N PHE B 545 75.83 -63.98 -49.82
CA PHE B 545 75.19 -65.29 -49.88
C PHE B 545 73.91 -65.32 -49.05
N LEU B 546 73.73 -64.31 -48.19
CA LEU B 546 72.62 -64.31 -47.24
C LEU B 546 71.24 -63.99 -47.88
N PRO B 547 71.11 -62.88 -48.62
CA PRO B 547 69.80 -62.68 -49.23
C PRO B 547 69.61 -63.57 -50.44
N LYS B 548 70.72 -64.12 -50.93
CA LYS B 548 70.74 -65.01 -52.08
C LYS B 548 69.79 -66.18 -51.90
N ILE B 549 69.69 -66.66 -50.67
CA ILE B 549 68.87 -67.84 -50.37
C ILE B 549 68.26 -67.75 -48.97
N TYR B 558 67.36 -79.71 -38.82
CA TYR B 558 68.70 -79.24 -38.48
C TYR B 558 69.80 -79.41 -39.54
N THR B 559 69.77 -80.56 -40.21
CA THR B 559 70.80 -80.95 -41.17
C THR B 559 70.98 -79.97 -42.34
N ASP B 560 69.87 -79.52 -42.92
CA ASP B 560 69.90 -78.68 -44.13
C ASP B 560 70.88 -77.52 -44.06
N LEU B 561 70.86 -76.81 -42.93
CA LEU B 561 71.70 -75.63 -42.72
C LEU B 561 73.18 -75.93 -42.95
N LEU B 562 73.63 -77.08 -42.44
CA LEU B 562 75.04 -77.47 -42.54
C LEU B 562 75.42 -77.87 -43.95
N ARG B 563 74.52 -78.57 -44.63
CA ARG B 563 74.79 -79.11 -45.96
C ARG B 563 74.98 -78.02 -47.01
N ILE B 564 74.28 -76.91 -46.84
CA ILE B 564 74.39 -75.80 -47.78
C ILE B 564 75.57 -74.90 -47.43
N ALA B 565 76.09 -75.05 -46.22
CA ALA B 565 77.31 -74.35 -45.82
C ALA B 565 78.53 -75.07 -46.39
N LEU B 566 78.32 -76.31 -46.80
CA LEU B 566 79.38 -77.18 -47.30
C LEU B 566 79.92 -76.73 -48.66
N MET B 567 79.12 -75.94 -49.38
CA MET B 567 79.46 -75.58 -50.76
C MET B 567 80.72 -74.72 -50.88
N ALA B 568 80.92 -73.80 -49.94
CA ALA B 568 82.08 -72.92 -49.95
C ALA B 568 83.07 -73.30 -48.86
N GLU B 569 84.17 -73.94 -49.26
CA GLU B 569 85.19 -74.44 -48.34
C GLU B 569 85.92 -73.31 -47.60
N ASP B 570 85.91 -72.12 -48.20
CA ASP B 570 86.71 -71.00 -47.72
C ASP B 570 86.18 -70.31 -46.46
N GLU B 571 84.97 -70.68 -46.04
CA GLU B 571 84.30 -69.92 -45.00
C GLU B 571 84.20 -70.65 -43.66
N ALA B 572 84.25 -69.88 -42.58
CA ALA B 572 84.14 -70.42 -41.23
C ALA B 572 82.71 -70.84 -40.92
N ILE B 573 81.77 -70.41 -41.77
CA ILE B 573 80.37 -70.80 -41.59
C ILE B 573 80.25 -72.29 -41.79
N PHE B 574 81.17 -72.86 -42.57
CA PHE B 574 81.25 -74.31 -42.72
C PHE B 574 81.99 -74.92 -41.53
N GLU B 575 83.06 -74.27 -41.10
CA GLU B 575 83.86 -74.74 -39.97
C GLU B 575 83.01 -74.85 -38.72
N GLU B 576 82.09 -73.91 -38.54
CA GLU B 576 81.19 -73.94 -37.40
C GLU B 576 80.01 -74.85 -37.66
N ALA B 577 79.62 -74.95 -38.93
CA ALA B 577 78.60 -75.89 -39.35
C ALA B 577 78.97 -77.28 -38.88
N HIS B 578 80.25 -77.62 -39.07
CA HIS B 578 80.78 -78.91 -38.69
C HIS B 578 80.78 -79.11 -37.18
N LYS B 579 80.87 -78.01 -36.43
CA LYS B 579 80.87 -78.09 -34.98
C LYS B 579 79.48 -78.29 -34.41
N GLN B 580 78.48 -77.70 -35.06
CA GLN B 580 77.11 -77.74 -34.53
C GLN B 580 76.35 -79.00 -34.94
N VAL B 581 76.85 -79.71 -35.94
CA VAL B 581 76.35 -81.05 -36.23
C VAL B 581 77.00 -82.01 -35.25
N GLN B 582 78.28 -81.76 -34.97
CA GLN B 582 79.04 -82.53 -33.98
C GLN B 582 78.31 -82.56 -32.65
N ARG B 583 77.71 -81.44 -32.28
CA ARG B 583 76.81 -81.41 -31.13
C ARG B 583 75.40 -81.03 -31.56
N UNK B 584 65.98 -69.30 -55.94
CA UNK B 584 65.61 -68.10 -56.68
C UNK B 584 66.21 -66.90 -55.98
N UNK B 585 66.64 -65.93 -56.77
CA UNK B 585 67.25 -64.73 -56.24
C UNK B 585 66.37 -64.05 -55.17
N UNK B 586 65.06 -64.14 -55.32
CA UNK B 586 64.17 -63.52 -54.35
C UNK B 586 62.82 -64.23 -54.18
N UNK B 587 62.33 -64.27 -52.96
CA UNK B 587 61.05 -64.90 -52.66
C UNK B 587 60.21 -64.03 -51.71
N UNK B 588 59.05 -63.60 -52.21
CA UNK B 588 58.15 -62.72 -51.49
C UNK B 588 56.87 -63.40 -51.00
N UNK B 589 56.51 -63.14 -49.75
CA UNK B 589 55.31 -63.72 -49.16
C UNK B 589 54.42 -62.61 -48.58
N UNK B 590 53.57 -61.97 -49.41
CA UNK B 590 52.67 -60.89 -49.00
C UNK B 590 51.17 -61.19 -49.01
N UNK B 591 50.79 -62.42 -49.35
CA UNK B 591 49.38 -62.76 -49.38
C UNK B 591 49.08 -63.80 -48.32
N UNK B 592 47.80 -63.92 -47.96
CA UNK B 592 47.44 -64.90 -46.96
C UNK B 592 46.70 -66.01 -47.63
N UNK B 593 46.55 -67.56 -50.84
CA UNK B 593 47.22 -67.76 -52.11
C UNK B 593 47.45 -66.46 -52.87
N UNK B 594 48.59 -66.35 -53.54
CA UNK B 594 48.92 -65.19 -54.34
C UNK B 594 48.54 -65.54 -55.76
N UNK B 595 47.71 -64.74 -56.39
CA UNK B 595 47.33 -65.09 -57.74
C UNK B 595 48.19 -64.45 -58.83
N UNK B 596 48.56 -63.20 -58.63
CA UNK B 596 49.37 -62.49 -59.60
C UNK B 596 50.27 -61.51 -58.88
N UNK B 597 51.38 -61.14 -59.53
CA UNK B 597 52.34 -60.20 -58.98
C UNK B 597 53.10 -59.63 -60.17
N UNK B 598 53.65 -58.43 -60.02
CA UNK B 598 54.39 -57.82 -61.12
C UNK B 598 55.31 -56.67 -60.68
N UNK B 599 56.24 -56.31 -61.55
CA UNK B 599 57.21 -55.25 -61.28
C UNK B 599 56.71 -53.87 -61.66
N UNK B 600 57.26 -52.84 -61.01
CA UNK B 600 56.89 -51.48 -61.34
C UNK B 600 57.65 -51.23 -62.64
N UNK B 601 57.27 -50.19 -63.38
CA UNK B 601 57.95 -49.92 -64.64
C UNK B 601 59.44 -49.74 -64.52
N UNK B 602 59.93 -49.27 -63.38
CA UNK B 602 61.38 -49.11 -63.19
C UNK B 602 61.95 -50.34 -62.49
N UNK B 603 61.11 -51.34 -62.24
CA UNK B 603 61.56 -52.55 -61.57
C UNK B 603 61.90 -52.41 -60.09
N UNK B 604 61.82 -51.21 -59.56
CA UNK B 604 62.11 -50.96 -58.14
C UNK B 604 61.11 -51.53 -57.15
N UNK B 605 59.85 -51.66 -57.57
CA UNK B 605 58.80 -52.16 -56.70
C UNK B 605 58.07 -53.36 -57.30
N UNK B 606 57.27 -54.03 -56.46
CA UNK B 606 56.48 -55.18 -56.88
C UNK B 606 55.11 -55.10 -56.21
N UNK B 607 54.05 -55.35 -56.99
CA UNK B 607 52.72 -55.34 -56.43
C UNK B 607 52.20 -56.75 -56.65
N UNK B 608 51.45 -57.27 -55.69
CA UNK B 608 50.93 -58.62 -55.75
C UNK B 608 49.54 -58.65 -55.18
N UNK B 609 48.64 -59.38 -55.82
CA UNK B 609 47.27 -59.45 -55.38
C UNK B 609 46.85 -60.91 -55.33
N UNK B 610 46.20 -61.31 -54.24
CA UNK B 610 45.80 -62.70 -54.16
C UNK B 610 44.42 -62.91 -53.58
N UNK B 611 44.20 -64.12 -53.09
CA UNK B 611 42.88 -64.52 -52.62
C UNK B 611 42.60 -63.93 -51.25
N UNK B 612 43.57 -63.25 -50.68
CA UNK B 612 43.34 -62.66 -49.37
C UNK B 612 42.61 -61.32 -49.50
N UNK B 613 42.20 -60.98 -50.74
CA UNK B 613 41.45 -59.75 -51.06
C UNK B 613 42.22 -58.43 -51.02
N UNK B 614 43.50 -58.45 -50.68
CA UNK B 614 44.29 -57.21 -50.58
C UNK B 614 45.24 -56.89 -51.74
N UNK B 615 45.70 -55.64 -51.78
CA UNK B 615 46.67 -55.19 -52.79
C UNK B 615 47.91 -54.96 -51.97
N UNK B 616 49.02 -55.53 -52.39
CA UNK B 616 50.26 -55.38 -51.64
C UNK B 616 51.37 -54.84 -52.50
N UNK B 617 52.25 -54.05 -51.90
CA UNK B 617 53.36 -53.50 -52.63
C UNK B 617 54.57 -53.46 -51.72
N UNK B 618 55.74 -53.75 -52.30
CA UNK B 618 57.00 -53.80 -51.57
C UNK B 618 58.18 -53.52 -52.51
N UNK B 619 59.31 -53.15 -51.93
CA UNK B 619 60.50 -52.85 -52.71
C UNK B 619 60.96 -54.14 -53.38
N UNK B 620 61.43 -54.04 -54.62
CA UNK B 620 61.89 -55.23 -55.33
C UNK B 620 63.16 -55.76 -54.66
N UNK B 621 63.99 -54.83 -54.21
CA UNK B 621 65.25 -55.15 -53.52
C UNK B 621 65.15 -55.96 -52.25
N UNK B 622 64.29 -55.55 -51.32
CA UNK B 622 64.17 -56.21 -50.03
C UNK B 622 62.84 -56.76 -49.52
N UNK B 623 61.75 -56.57 -50.27
CA UNK B 623 60.46 -57.07 -49.81
C UNK B 623 59.86 -56.18 -48.74
N UNK B 624 60.62 -55.16 -48.38
CA UNK B 624 60.24 -54.17 -47.38
C UNK B 624 58.85 -53.67 -47.74
N UNK B 625 57.85 -54.03 -46.95
CA UNK B 625 56.49 -53.61 -47.26
C UNK B 625 56.32 -52.12 -47.49
N UNK B 626 55.60 -51.76 -48.55
CA UNK B 626 55.32 -50.37 -48.92
C UNK B 626 53.83 -50.05 -48.79
N UNK B 627 52.97 -50.93 -49.28
CA UNK B 627 51.53 -50.74 -49.17
C UNK B 627 50.79 -52.02 -48.76
N UNK B 628 49.77 -51.87 -47.91
CA UNK B 628 48.96 -52.99 -47.44
C UNK B 628 47.48 -52.55 -47.51
N UNK B 629 46.94 -52.51 -48.72
CA UNK B 629 45.56 -52.08 -48.99
C UNK B 629 44.55 -53.21 -49.00
N UNK B 630 43.31 -52.92 -48.64
CA UNK B 630 42.25 -53.93 -48.66
C UNK B 630 41.46 -53.63 -49.95
N UNK B 631 42.07 -53.95 -51.10
CA UNK B 631 41.48 -53.65 -52.42
C UNK B 631 40.04 -54.06 -52.79
N UNK B 632 39.63 -55.28 -52.51
CA UNK B 632 38.28 -55.67 -52.88
C UNK B 632 37.54 -56.49 -51.86
N UNK B 633 36.33 -56.87 -52.23
CA UNK B 633 35.43 -57.64 -51.39
C UNK B 633 35.34 -59.07 -51.97
N UNK B 634 36.08 -59.64 -53.41
CA UNK B 634 36.14 -60.97 -54.00
C UNK B 634 37.47 -61.12 -54.74
N UNK B 635 37.92 -62.37 -54.87
CA UNK B 635 39.22 -62.69 -55.45
C UNK B 635 39.55 -61.92 -56.73
N UNK B 636 40.82 -61.63 -56.91
CA UNK B 636 41.30 -60.87 -58.07
C UNK B 636 41.87 -61.83 -59.10
N UNK B 637 41.96 -61.37 -60.35
CA UNK B 637 42.48 -62.21 -61.44
C UNK B 637 43.62 -61.68 -62.31
N UNK B 638 43.86 -60.38 -62.27
CA UNK B 638 44.91 -59.81 -63.08
C UNK B 638 45.18 -58.38 -62.66
N UNK B 639 46.38 -57.89 -62.98
CA UNK B 639 46.79 -56.54 -62.64
C UNK B 639 47.92 -56.08 -63.58
N UNK B 640 48.02 -54.78 -63.84
CA UNK B 640 49.04 -54.28 -64.73
C UNK B 640 49.36 -52.83 -64.46
N UNK B 641 50.47 -52.36 -65.02
CA UNK B 641 50.93 -50.98 -64.87
C UNK B 641 50.61 -50.27 -66.17
N UNK B 642 50.53 -48.95 -66.14
CA UNK B 642 50.26 -48.17 -67.34
C UNK B 642 51.59 -47.97 -68.06
N UNK B 643 51.57 -47.27 -69.18
CA UNK B 643 52.77 -47.02 -69.96
C UNK B 643 53.86 -46.25 -69.22
N UNK B 644 53.47 -45.39 -68.28
CA UNK B 644 54.47 -44.62 -67.52
C UNK B 644 54.46 -45.00 -66.05
N UNK B 645 54.02 -46.23 -65.75
CA UNK B 645 53.96 -46.71 -64.37
C UNK B 645 53.23 -45.75 -63.46
N UNK B 646 52.50 -44.81 -64.04
CA UNK B 646 51.77 -43.85 -63.22
C UNK B 646 50.58 -44.52 -62.55
N UNK B 647 50.07 -45.57 -63.21
CA UNK B 647 48.91 -46.28 -62.69
C UNK B 647 49.09 -47.78 -62.70
N UNK B 648 48.16 -48.44 -62.02
CA UNK B 648 48.10 -49.88 -61.93
C UNK B 648 46.61 -50.21 -61.96
N UNK B 649 46.19 -51.09 -62.84
CA UNK B 649 44.80 -51.43 -62.86
C UNK B 649 44.71 -52.82 -62.25
N UNK B 650 43.50 -53.24 -61.91
CA UNK B 650 43.26 -54.57 -61.35
C UNK B 650 41.85 -54.91 -61.74
N UNK B 651 41.64 -56.11 -62.21
CA UNK B 651 40.30 -56.53 -62.57
C UNK B 651 40.05 -57.79 -61.74
N UNK B 652 38.81 -57.97 -61.26
CA UNK B 652 38.52 -59.13 -60.42
C UNK B 652 37.22 -59.84 -60.68
N UNK B 653 36.94 -60.82 -59.84
CA UNK B 653 35.73 -61.63 -59.95
C UNK B 653 34.47 -60.86 -59.57
N UNK B 654 34.63 -59.67 -59.00
CA UNK B 654 33.47 -58.87 -58.63
C UNK B 654 33.01 -58.15 -59.88
N UNK B 655 33.62 -58.51 -61.00
CA UNK B 655 33.28 -57.94 -62.31
C UNK B 655 33.72 -56.49 -62.49
N UNK B 656 34.48 -55.97 -61.54
CA UNK B 656 34.97 -54.60 -61.62
C UNK B 656 36.42 -54.50 -62.07
N UNK B 657 36.78 -53.31 -62.56
CA UNK B 657 38.14 -52.98 -63.00
C UNK B 657 38.49 -51.74 -62.20
N UNK B 658 39.73 -51.61 -61.75
CA UNK B 658 40.07 -50.45 -60.95
C UNK B 658 41.40 -49.83 -61.31
N UNK B 659 41.50 -48.51 -61.13
CA UNK B 659 42.72 -47.82 -61.44
C UNK B 659 43.28 -47.24 -60.16
N UNK B 660 44.58 -47.39 -59.93
CA UNK B 660 45.21 -46.90 -58.73
C UNK B 660 46.43 -46.03 -59.03
N UNK B 661 46.70 -45.08 -58.14
CA UNK B 661 47.87 -44.23 -58.28
C UNK B 661 48.94 -45.18 -57.77
N UNK B 662 49.84 -45.60 -58.64
CA UNK B 662 50.88 -46.53 -58.23
C UNK B 662 51.75 -46.02 -57.11
N UNK B 663 51.70 -44.72 -56.86
CA UNK B 663 52.52 -44.12 -55.82
C UNK B 663 51.87 -44.14 -54.44
N UNK B 664 48.59 -45.41 -53.95
CA UNK B 664 47.65 -46.51 -53.83
C UNK B 664 46.21 -46.06 -53.66
N UNK B 665 45.95 -44.78 -53.86
CA UNK B 665 44.58 -44.30 -53.72
C UNK B 665 43.75 -44.66 -54.95
N UNK B 666 42.55 -45.19 -54.72
CA UNK B 666 41.65 -45.58 -55.80
C UNK B 666 41.46 -44.36 -56.69
N UNK B 667 41.71 -44.51 -57.98
CA UNK B 667 41.58 -43.41 -58.92
C UNK B 667 40.40 -43.67 -59.86
N UNK B 668 36.70 -46.50 -60.45
CA UNK B 668 36.40 -47.88 -60.82
C UNK B 668 35.43 -47.96 -61.99
N UNK B 669 35.56 -49.01 -62.79
CA UNK B 669 34.72 -49.22 -63.95
C UNK B 669 33.97 -50.52 -63.82
N UNK B 670 32.67 -50.45 -63.52
CA UNK B 670 31.87 -51.66 -63.43
C UNK B 670 30.95 -51.71 -64.63
N UNK B 671 31.20 -52.65 -65.54
CA UNK B 671 30.37 -52.78 -66.73
C UNK B 671 30.37 -54.19 -67.25
N UNK B 672 34.35 -56.78 -67.56
CA UNK B 672 35.36 -56.41 -68.53
C UNK B 672 36.65 -57.22 -68.25
N UNK B 673 37.05 -58.00 -69.25
CA UNK B 673 38.22 -58.90 -69.18
C UNK B 673 39.55 -58.29 -69.61
N UNK B 674 39.55 -57.63 -70.76
CA UNK B 674 40.76 -57.00 -71.28
C UNK B 674 40.88 -55.54 -70.84
N UNK B 675 42.11 -55.11 -70.58
CA UNK B 675 42.41 -53.71 -70.30
C UNK B 675 43.91 -53.47 -70.43
N UNK B 676 44.26 -52.68 -71.45
CA UNK B 676 45.63 -52.36 -71.80
C UNK B 676 45.80 -50.87 -72.15
N UNK B 677 46.94 -50.28 -71.80
CA UNK B 677 47.22 -48.87 -72.06
C UNK B 677 47.96 -48.69 -73.38
N UNK B 678 48.12 -47.44 -73.80
CA UNK B 678 48.86 -47.15 -75.03
C UNK B 678 50.35 -47.20 -74.68
N UNK B 679 51.18 -47.66 -75.61
CA UNK B 679 52.62 -47.79 -75.36
C UNK B 679 53.41 -46.49 -75.44
N UNK B 680 53.15 -45.70 -76.47
CA UNK B 680 53.85 -44.43 -76.63
C UNK B 680 53.60 -43.45 -75.49
N UNK B 681 54.70 -43.00 -74.92
CA UNK B 681 54.73 -42.06 -73.81
C UNK B 681 54.07 -40.73 -74.18
N UNK B 682 53.55 -40.65 -75.39
CA UNK B 682 52.91 -39.43 -75.85
C UNK B 682 51.46 -39.39 -75.40
N UNK B 683 50.59 -40.11 -76.10
CA UNK B 683 49.16 -40.18 -75.77
C UNK B 683 48.90 -41.13 -74.60
N UNK B 684 47.74 -40.98 -73.96
CA UNK B 684 47.39 -41.78 -72.79
C UNK B 684 46.00 -42.39 -72.86
N UNK B 685 45.83 -43.46 -73.64
CA UNK B 685 44.51 -44.09 -73.76
C UNK B 685 44.45 -45.44 -73.09
N UNK B 686 43.24 -45.89 -72.83
CA UNK B 686 43.02 -47.18 -72.20
C UNK B 686 41.99 -47.92 -73.02
N UNK B 687 42.28 -49.18 -73.32
CA UNK B 687 41.37 -50.00 -74.11
C UNK B 687 40.85 -51.13 -73.25
N UNK B 688 39.56 -51.39 -73.34
CA UNK B 688 38.95 -52.44 -72.54
C UNK B 688 38.01 -53.31 -73.38
N UNK B 689 38.06 -54.61 -73.12
CA UNK B 689 37.21 -55.56 -73.82
C UNK B 689 36.30 -56.14 -72.76
N UNK B 690 35.03 -56.40 -73.10
CA UNK B 690 34.12 -56.95 -72.10
C UNK B 690 33.22 -58.05 -72.62
N UNK B 691 32.59 -58.77 -71.70
CA UNK B 691 31.66 -59.84 -72.05
C UNK B 691 30.44 -59.25 -72.73
N UNK B 692 30.31 -57.93 -72.70
CA UNK B 692 29.16 -57.27 -73.33
C UNK B 692 29.37 -57.09 -74.83
N UNK B 693 30.44 -57.69 -75.35
CA UNK B 693 30.77 -57.65 -76.77
C UNK B 693 31.42 -56.37 -77.26
N UNK B 694 31.58 -55.38 -76.40
CA UNK B 694 32.20 -54.13 -76.85
C UNK B 694 33.62 -53.99 -76.39
N UNK B 695 34.25 -52.98 -76.98
CA UNK B 695 35.62 -52.58 -76.69
C UNK B 695 35.47 -51.09 -76.41
N UNK B 696 36.28 -50.54 -75.52
CA UNK B 696 36.15 -49.13 -75.26
C UNK B 696 37.49 -48.42 -75.15
N UNK B 697 37.55 -47.21 -75.68
CA UNK B 697 38.75 -46.41 -75.60
C UNK B 697 38.39 -45.33 -74.61
N UNK B 698 39.25 -45.12 -73.61
CA UNK B 698 39.02 -44.11 -72.60
C UNK B 698 40.16 -43.13 -72.70
N UNK B 699 39.85 -41.85 -72.54
CA UNK B 699 40.87 -40.81 -72.58
C UNK B 699 40.95 -40.40 -71.12
N UNK B 700 41.92 -40.96 -70.40
CA UNK B 700 42.12 -40.68 -68.97
C UNK B 700 42.05 -39.20 -68.62
N UNK B 701 42.26 -38.36 -69.63
CA UNK B 701 42.22 -36.92 -69.45
C UNK B 701 40.79 -36.44 -69.67
N UNK B 702 39.82 -37.30 -69.43
CA UNK B 702 38.42 -36.93 -69.64
C UNK B 702 37.47 -37.81 -68.84
N UNK B 703 36.60 -37.19 -68.07
CA UNK B 703 35.64 -37.92 -67.25
C UNK B 703 34.77 -38.86 -68.08
N UNK B 704 34.95 -38.85 -69.40
CA UNK B 704 34.12 -39.68 -70.28
C UNK B 704 34.80 -40.71 -71.17
N UNK B 705 33.98 -41.62 -71.68
CA UNK B 705 34.40 -42.67 -72.59
C UNK B 705 34.74 -41.91 -73.86
N UNK B 706 35.63 -42.44 -74.69
CA UNK B 706 35.99 -41.74 -75.92
C UNK B 706 35.44 -42.41 -77.14
N UNK B 707 35.29 -43.72 -77.05
CA UNK B 707 34.78 -44.48 -78.17
C UNK B 707 34.28 -45.84 -77.68
N UNK B 708 33.37 -46.43 -78.45
CA UNK B 708 32.83 -47.72 -78.11
C UNK B 708 32.80 -48.52 -79.37
N UNK B 709 33.81 -49.38 -79.57
CA UNK B 709 33.89 -50.18 -80.76
C UNK B 709 32.86 -51.28 -80.83
N UNK B 710 31.85 -51.12 -81.67
CA UNK B 710 30.86 -52.17 -81.81
C UNK B 710 31.36 -53.09 -82.92
N UNK B 711 33.82 -65.76 -73.89
CA UNK B 711 34.94 -65.07 -74.52
C UNK B 711 35.92 -64.75 -73.39
N UNK B 712 37.09 -65.38 -73.42
CA UNK B 712 38.04 -65.19 -72.35
C UNK B 712 39.11 -64.14 -72.56
N UNK B 713 39.29 -63.69 -73.77
CA UNK B 713 40.36 -62.73 -73.99
C UNK B 713 40.19 -62.08 -75.36
N UNK B 714 40.77 -60.90 -75.53
CA UNK B 714 40.67 -60.14 -76.77
C UNK B 714 41.68 -59.01 -76.79
N UNK B 715 42.32 -58.81 -77.92
CA UNK B 715 43.33 -57.75 -78.07
C UNK B 715 43.20 -57.09 -79.42
N UNK B 716 43.36 -55.78 -79.45
CA UNK B 716 43.29 -55.09 -80.72
C UNK B 716 44.61 -55.38 -81.40
N UNK B 717 44.63 -55.31 -82.72
CA UNK B 717 45.87 -55.53 -83.42
C UNK B 717 46.68 -54.23 -83.30
N UNK B 718 48.00 -54.30 -83.48
CA UNK B 718 48.79 -53.09 -83.37
C UNK B 718 48.19 -52.07 -84.34
N UNK B 719 43.15 -52.12 -86.97
CA UNK B 719 42.10 -52.57 -87.87
C UNK B 719 41.46 -53.92 -87.52
N UNK B 720 42.14 -54.73 -86.73
CA UNK B 720 41.57 -56.02 -86.38
C UNK B 720 41.42 -56.21 -84.88
N UNK B 721 40.52 -57.10 -84.50
CA UNK B 721 40.29 -57.40 -83.08
C UNK B 721 40.36 -58.89 -82.94
N UNK B 722 41.42 -59.38 -82.31
CA UNK B 722 41.57 -60.80 -82.12
C UNK B 722 40.73 -61.19 -80.90
N UNK B 723 40.14 -62.38 -80.95
CA UNK B 723 39.32 -62.83 -79.85
C UNK B 723 39.54 -64.30 -79.56
N UNK B 724 39.62 -64.60 -78.27
CA UNK B 724 39.93 -65.92 -77.78
C UNK B 724 38.80 -66.43 -76.88
N UNK B 725 38.35 -67.66 -77.10
CA UNK B 725 37.25 -68.22 -76.32
C UNK B 725 37.39 -69.67 -75.88
N UNK B 726 36.33 -70.15 -75.25
CA UNK B 726 36.25 -71.51 -74.75
C UNK B 726 35.70 -72.42 -75.84
N UNK B 727 35.11 -71.83 -76.87
CA UNK B 727 34.56 -72.61 -77.95
C UNK B 727 35.65 -73.22 -78.82
N UNK B 728 36.90 -73.09 -78.41
CA UNK B 728 38.00 -73.66 -79.16
C UNK B 728 38.45 -72.90 -80.39
N UNK B 729 38.11 -71.61 -80.47
CA UNK B 729 38.51 -70.83 -81.61
C UNK B 729 39.33 -69.58 -81.28
N UNK B 730 39.99 -69.05 -82.31
CA UNK B 730 40.73 -67.80 -82.22
C UNK B 730 39.91 -67.09 -83.29
N UNK B 731 39.69 -65.79 -83.17
CA UNK B 731 38.88 -65.15 -84.18
C UNK B 731 39.31 -63.74 -84.46
N UNK B 732 39.22 -63.35 -85.72
CA UNK B 732 39.60 -62.00 -86.08
C UNK B 732 38.43 -61.20 -86.59
N UNK B 733 37.90 -60.33 -85.73
CA UNK B 733 36.80 -59.49 -86.13
C UNK B 733 37.39 -58.25 -86.79
N UNK B 734 36.59 -57.56 -87.59
CA UNK B 734 37.03 -56.35 -88.29
C UNK B 734 36.50 -55.13 -87.54
N UNK B 735 37.38 -54.43 -86.84
CA UNK B 735 36.97 -53.29 -86.06
C UNK B 735 36.02 -52.31 -86.74
N UNK B 736 36.44 -51.75 -87.87
CA UNK B 736 35.63 -50.78 -88.58
C UNK B 736 34.19 -51.21 -88.82
N UNK B 737 33.94 -52.52 -88.87
CA UNK B 737 32.59 -53.00 -89.13
C UNK B 737 32.05 -54.05 -88.18
N UNK B 738 32.85 -54.43 -87.18
CA UNK B 738 32.44 -55.45 -86.22
C UNK B 738 31.96 -56.75 -86.86
N UNK B 739 32.57 -57.14 -87.98
CA UNK B 739 32.23 -58.36 -88.71
C UNK B 739 33.24 -59.47 -88.47
N UNK B 740 32.79 -60.71 -88.48
CA UNK B 740 33.74 -61.82 -88.27
C UNK B 740 34.48 -62.05 -89.59
N UNK B 741 35.80 -61.89 -89.58
CA UNK B 741 36.59 -62.11 -90.80
C UNK B 741 37.11 -63.54 -90.88
N UNK B 742 37.64 -64.07 -89.78
CA UNK B 742 38.13 -65.44 -89.77
C UNK B 742 37.88 -66.10 -88.43
N UNK B 743 38.07 -67.41 -88.41
CA UNK B 743 37.91 -68.20 -87.21
C UNK B 743 38.91 -69.33 -87.32
N UNK B 744 39.68 -69.57 -86.26
CA UNK B 744 40.67 -70.64 -86.29
C UNK B 744 40.42 -71.67 -85.22
N UNK B 745 39.94 -72.83 -85.62
CA UNK B 745 39.67 -73.90 -84.67
C UNK B 745 40.96 -74.50 -84.12
N UNK B 746 41.02 -74.69 -82.81
CA UNK B 746 42.20 -75.30 -82.23
C UNK B 746 41.90 -76.79 -82.03
N UNK B 747 42.53 -77.58 -82.91
CA UNK B 747 42.38 -79.03 -83.00
C UNK B 747 43.71 -79.76 -82.77
N UNK B 748 44.51 -79.29 -81.83
CA UNK B 748 45.80 -79.92 -81.58
C UNK B 748 45.72 -80.84 -80.39
N UNK B 749 44.50 -81.28 -80.10
CA UNK B 749 44.27 -82.14 -78.95
C UNK B 749 43.42 -83.37 -79.31
N UNK B 750 43.85 -84.53 -78.83
CA UNK B 750 43.19 -85.79 -79.13
C UNK B 750 42.85 -86.57 -77.85
N UNK B 751 43.44 -67.93 -72.60
CA UNK B 751 44.53 -66.96 -72.37
C UNK B 751 44.91 -66.37 -73.73
N UNK B 752 45.22 -65.08 -73.78
CA UNK B 752 45.63 -64.49 -75.05
C UNK B 752 46.20 -63.11 -74.91
N UNK B 753 47.53 -63.07 -74.77
CA UNK B 753 48.26 -61.84 -74.59
C UNK B 753 49.00 -61.30 -75.80
N UNK B 754 49.27 -60.01 -75.75
CA UNK B 754 49.96 -59.27 -76.81
C UNK B 754 51.47 -59.30 -76.70
N UNK B 755 52.14 -58.95 -77.79
CA UNK B 755 53.59 -58.91 -77.78
C UNK B 755 53.96 -57.55 -77.20
N UNK B 756 55.26 -57.34 -76.99
CA UNK B 756 55.75 -56.10 -76.41
C UNK B 756 55.43 -54.88 -77.28
N UNK B 757 55.61 -55.04 -78.58
CA UNK B 757 55.37 -53.98 -79.53
C UNK B 757 53.90 -53.90 -79.92
N UNK B 758 53.08 -54.81 -79.40
CA UNK B 758 51.67 -54.80 -79.74
C UNK B 758 51.39 -55.15 -81.20
N UNK B 759 52.39 -55.72 -81.84
CA UNK B 759 52.26 -56.09 -83.24
C UNK B 759 52.06 -57.58 -83.44
N UNK B 760 51.96 -58.32 -82.36
CA UNK B 760 51.75 -59.76 -82.45
C UNK B 760 50.94 -60.21 -81.25
N UNK B 761 50.24 -61.34 -81.39
CA UNK B 761 49.41 -61.84 -80.32
C UNK B 761 49.51 -63.36 -80.25
N UNK B 762 49.65 -63.92 -79.06
CA UNK B 762 49.70 -65.38 -78.99
C UNK B 762 48.39 -65.82 -78.40
N UNK B 763 47.91 -67.00 -78.80
CA UNK B 763 46.67 -67.55 -78.26
C UNK B 763 46.81 -69.04 -78.05
N UNK B 764 45.92 -69.60 -77.23
CA UNK B 764 45.97 -71.02 -76.91
C UNK B 764 44.63 -71.72 -77.11
N UNK B 765 44.69 -72.98 -77.55
CA UNK B 765 43.51 -73.81 -77.78
C UNK B 765 43.89 -75.29 -77.86
N UNK B 766 43.02 -76.14 -77.30
CA UNK B 766 43.23 -77.58 -77.28
C UNK B 766 44.69 -77.91 -76.96
N UNK B 767 45.44 -78.30 -77.99
CA UNK B 767 46.85 -78.63 -77.83
C UNK B 767 47.89 -77.65 -78.30
N UNK B 768 47.48 -76.49 -78.80
CA UNK B 768 48.50 -75.59 -79.29
C UNK B 768 48.43 -74.13 -78.88
N UNK B 769 49.58 -73.48 -79.00
CA UNK B 769 49.74 -72.07 -78.75
C UNK B 769 50.00 -71.59 -80.17
N UNK B 770 49.41 -70.47 -80.55
CA UNK B 770 49.57 -69.95 -81.90
C UNK B 770 49.95 -68.48 -81.89
N UNK B 771 50.91 -68.11 -82.73
CA UNK B 771 51.34 -66.73 -82.81
C UNK B 771 50.81 -66.06 -84.06
N UNK B 772 50.01 -65.03 -83.86
CA UNK B 772 49.42 -64.29 -84.97
C UNK B 772 49.98 -62.90 -85.17
N UNK B 773 49.92 -62.46 -86.42
CA UNK B 773 50.37 -61.14 -86.78
C UNK B 773 49.12 -60.27 -86.69
N UNK B 774 49.09 -59.38 -85.70
CA UNK B 774 47.92 -58.50 -85.48
C UNK B 774 47.42 -57.80 -86.75
N UNK B 775 48.41 -58.43 -90.71
CA UNK B 775 48.07 -59.41 -91.73
C UNK B 775 47.16 -60.54 -91.24
N UNK B 776 47.13 -60.77 -89.93
CA UNK B 776 46.30 -61.84 -89.35
C UNK B 776 46.90 -63.20 -89.74
N UNK B 777 48.19 -63.19 -90.00
CA UNK B 777 48.87 -64.42 -90.37
C UNK B 777 49.32 -65.21 -89.18
N UNK B 778 49.43 -66.52 -89.36
CA UNK B 778 49.87 -67.40 -88.31
C UNK B 778 51.38 -67.48 -88.40
N UNK B 779 52.07 -66.78 -87.52
CA UNK B 779 53.52 -66.77 -87.53
C UNK B 779 54.16 -67.96 -86.82
N UNK B 780 53.38 -68.74 -86.09
CA UNK B 780 53.96 -69.87 -85.38
C UNK B 780 52.93 -70.81 -84.78
N UNK B 781 53.32 -72.07 -84.66
CA UNK B 781 52.43 -73.08 -84.12
C UNK B 781 53.24 -74.13 -83.38
N UNK B 782 53.36 -73.95 -82.06
CA UNK B 782 54.07 -74.94 -81.27
C UNK B 782 53.01 -75.89 -80.71
N UNK B 783 55.15 -76.88 -79.06
CA UNK B 783 54.22 -77.90 -78.58
C UNK B 783 54.63 -78.27 -77.17
N UNK B 784 53.68 -78.12 -76.27
CA UNK B 784 53.93 -78.37 -74.86
C UNK B 784 53.81 -79.83 -74.43
N UNK B 785 49.20 -81.94 -71.75
CA UNK B 785 48.55 -81.47 -70.53
C UNK B 785 47.77 -80.29 -71.06
N UNK B 786 47.55 -79.26 -70.23
CA UNK B 786 46.83 -78.08 -70.69
C UNK B 786 47.40 -76.81 -70.08
N UNK B 787 47.75 -75.85 -70.93
CA UNK B 787 48.30 -74.59 -70.46
C UNK B 787 47.25 -73.90 -69.62
N UNK B 788 47.59 -73.59 -68.38
CA UNK B 788 46.65 -72.94 -67.47
C UNK B 788 46.67 -71.41 -67.57
N UNK B 789 47.81 -70.85 -67.99
CA UNK B 789 47.92 -69.39 -68.16
C UNK B 789 49.20 -69.01 -68.88
N UNK B 790 49.23 -67.79 -69.42
CA UNK B 790 50.41 -67.30 -70.13
C UNK B 790 50.47 -65.78 -70.25
N UNK B 791 51.52 -65.26 -70.87
CA UNK B 791 51.63 -63.83 -71.07
C UNK B 791 52.77 -63.58 -72.03
N UNK B 792 52.48 -62.77 -73.03
CA UNK B 792 53.40 -62.43 -74.07
C UNK B 792 54.17 -61.16 -73.71
N UNK B 793 55.48 -61.24 -73.76
CA UNK B 793 56.36 -60.11 -73.44
C UNK B 793 56.26 -59.01 -74.49
N UNK B 794 56.92 -57.86 -74.24
CA UNK B 794 56.84 -56.80 -75.25
C UNK B 794 58.15 -56.77 -76.05
N UNK B 795 59.09 -57.63 -75.68
CA UNK B 795 60.39 -57.74 -76.36
C UNK B 795 60.80 -59.20 -76.49
N UNK B 796 61.81 -59.43 -77.31
CA UNK B 796 62.34 -60.78 -77.55
C UNK B 796 61.28 -61.85 -77.85
N UNK B 797 60.09 -61.42 -78.26
CA UNK B 797 58.98 -62.33 -78.56
C UNK B 797 58.88 -63.38 -77.45
N UNK B 798 59.21 -62.99 -76.23
CA UNK B 798 59.14 -63.94 -75.13
C UNK B 798 57.72 -64.16 -74.68
N UNK B 799 57.43 -65.37 -74.24
CA UNK B 799 56.11 -65.71 -73.77
C UNK B 799 56.28 -66.61 -72.57
N UNK B 800 55.58 -66.30 -71.49
CA UNK B 800 55.65 -67.13 -70.29
C UNK B 800 54.33 -67.81 -70.12
N UNK B 801 54.38 -69.10 -69.85
CA UNK B 801 53.15 -69.85 -69.67
C UNK B 801 53.27 -70.76 -68.47
N UNK B 802 52.22 -70.80 -67.66
CA UNK B 802 52.21 -71.69 -66.53
C UNK B 802 51.72 -72.95 -67.23
N UNK B 803 52.18 -76.30 -61.39
CA UNK B 803 53.45 -75.69 -60.98
C UNK B 803 54.67 -75.68 -61.92
N UNK B 804 54.49 -76.07 -63.18
CA UNK B 804 55.60 -76.04 -64.12
C UNK B 804 55.53 -74.71 -64.82
N UNK B 805 56.64 -74.00 -64.88
CA UNK B 805 56.62 -72.69 -65.52
C UNK B 805 57.76 -72.61 -66.48
N UNK B 806 57.45 -72.40 -67.76
CA UNK B 806 58.51 -72.28 -68.75
C UNK B 806 58.25 -71.12 -69.66
N UNK B 807 59.28 -70.35 -69.98
CA UNK B 807 59.08 -69.25 -70.91
C UNK B 807 59.70 -69.65 -72.23
N UNK B 808 58.93 -69.42 -73.29
CA UNK B 808 59.30 -69.76 -74.66
C UNK B 808 59.62 -68.55 -75.52
N UNK B 809 60.17 -68.85 -76.69
CA UNK B 809 60.56 -67.86 -77.65
C UNK B 809 59.71 -68.05 -78.91
N UNK B 810 58.63 -67.28 -79.04
CA UNK B 810 57.78 -67.38 -80.23
C UNK B 810 58.74 -66.98 -81.34
N UNK B 811 58.39 -67.22 -82.59
CA UNK B 811 59.29 -66.87 -83.70
C UNK B 811 60.42 -67.91 -83.81
N UNK B 812 60.17 -70.50 -81.79
CA UNK B 812 59.30 -71.62 -81.41
C UNK B 812 60.01 -72.67 -80.57
N UNK B 813 60.91 -72.20 -79.70
CA UNK B 813 61.69 -73.09 -78.84
C UNK B 813 61.62 -72.68 -77.37
N UNK B 814 61.73 -73.65 -76.46
CA UNK B 814 61.72 -73.29 -75.05
C UNK B 814 63.06 -72.63 -74.76
N UNK B 815 63.03 -71.60 -73.92
CA UNK B 815 64.19 -70.81 -73.55
C UNK B 815 64.65 -71.07 -72.13
N UNK B 816 63.70 -71.25 -71.22
CA UNK B 816 64.06 -71.48 -69.84
C UNK B 816 63.02 -72.23 -69.05
N UNK B 817 63.48 -72.98 -68.07
CA UNK B 817 62.60 -73.72 -67.19
C UNK B 817 62.63 -72.96 -65.88
N UNK B 818 61.47 -72.54 -65.42
CA UNK B 818 61.38 -71.79 -64.19
C UNK B 818 60.77 -72.65 -63.09
N UNK B 819 61.62 -73.22 -62.26
CA UNK B 819 61.17 -74.08 -61.19
C UNK B 819 61.07 -73.26 -59.92
N UNK B 820 59.85 -73.09 -59.41
CA UNK B 820 59.69 -72.31 -58.19
C UNK B 820 58.57 -72.77 -57.28
N UNK B 821 57.56 -73.44 -57.84
CA UNK B 821 56.43 -73.90 -57.05
C UNK B 821 56.27 -75.42 -57.11
N UNK B 822 55.63 -75.99 -56.11
CA UNK B 822 55.36 -77.43 -56.09
C UNK B 822 53.85 -77.61 -55.89
N UNK B 823 53.21 -76.25 -55.16
CA UNK B 823 51.79 -75.95 -55.19
C UNK B 823 51.55 -75.21 -56.50
N UNK B 824 50.38 -75.41 -57.07
CA UNK B 824 49.96 -74.78 -58.33
C UNK B 824 50.48 -73.40 -58.70
N UNK B 825 50.99 -73.25 -59.92
CA UNK B 825 51.54 -71.96 -60.34
C UNK B 825 50.52 -71.32 -61.27
N UNK B 826 49.95 -70.21 -60.84
CA UNK B 826 48.92 -69.54 -61.61
C UNK B 826 49.43 -68.62 -62.68
N UNK B 827 50.49 -67.89 -62.38
CA UNK B 827 51.01 -66.95 -63.34
C UNK B 827 52.53 -66.91 -63.36
N UNK B 828 53.06 -66.24 -64.37
CA UNK B 828 54.50 -66.19 -64.51
C UNK B 828 54.84 -65.18 -65.61
N UNK B 829 55.84 -64.34 -65.40
CA UNK B 829 56.21 -63.45 -66.48
C UNK B 829 57.55 -62.77 -66.38
N UNK B 830 58.03 -62.31 -67.53
CA UNK B 830 59.34 -61.66 -67.62
C UNK B 830 59.30 -60.23 -67.18
N UNK B 831 60.45 -59.73 -66.75
CA UNK B 831 60.59 -58.35 -66.37
C UNK B 831 60.52 -57.67 -67.72
N UNK B 832 60.44 -56.34 -67.75
CA UNK B 832 60.35 -55.72 -69.07
C UNK B 832 61.57 -55.93 -69.98
N UNK B 833 62.78 -55.97 -69.41
CA UNK B 833 63.96 -56.18 -70.25
C UNK B 833 64.22 -57.67 -70.41
N UNK B 834 63.27 -58.45 -69.90
CA UNK B 834 63.37 -59.90 -69.99
C UNK B 834 64.59 -60.44 -69.29
N UNK B 835 65.20 -59.64 -68.42
CA UNK B 835 66.39 -60.07 -67.72
C UNK B 835 66.02 -61.01 -66.59
N UNK B 836 64.78 -60.94 -66.14
CA UNK B 836 64.36 -61.81 -65.06
C UNK B 836 62.87 -62.08 -65.22
N UNK B 837 62.35 -63.00 -64.41
CA UNK B 837 60.93 -63.33 -64.47
C UNK B 837 60.42 -63.66 -63.08
N UNK B 838 59.10 -63.56 -62.88
CA UNK B 838 58.51 -63.86 -61.59
C UNK B 838 57.57 -65.04 -61.69
N UNK B 839 57.36 -65.70 -60.56
CA UNK B 839 56.48 -66.86 -60.49
C UNK B 839 55.43 -66.61 -59.43
N UNK B 840 54.16 -66.80 -59.77
CA UNK B 840 53.07 -66.59 -58.79
C UNK B 840 52.30 -67.88 -58.54
N UNK B 841 52.20 -68.29 -57.28
CA UNK B 841 51.50 -69.54 -57.02
C UNK B 841 50.52 -69.65 -55.85
N UNK B 842 49.93 -70.84 -55.78
CA UNK B 842 48.96 -71.20 -54.79
C UNK B 842 49.59 -71.32 -53.41
N UNK B 843 50.89 -71.55 -53.38
CA UNK B 843 51.59 -71.64 -52.10
C UNK B 843 51.75 -70.20 -51.61
N UNK B 844 50.87 -69.34 -52.13
CA UNK B 844 50.83 -67.92 -51.81
C UNK B 844 52.15 -67.19 -51.77
N UNK B 845 53.06 -67.56 -52.66
CA UNK B 845 54.32 -66.87 -52.72
C UNK B 845 54.55 -66.33 -54.12
N UNK B 846 55.47 -65.40 -54.22
CA UNK B 846 55.83 -64.80 -55.49
C UNK B 846 57.34 -64.84 -55.46
N UNK B 847 57.95 -65.46 -56.46
CA UNK B 847 59.40 -65.55 -56.49
C UNK B 847 60.01 -64.92 -57.74
N UNK B 848 61.09 -64.18 -57.55
CA UNK B 848 61.74 -63.53 -58.67
C UNK B 848 62.98 -64.30 -59.04
N UNK B 849 63.10 -64.57 -60.34
CA UNK B 849 64.23 -65.30 -60.88
C UNK B 849 64.97 -64.47 -61.90
N UNK B 850 66.25 -64.74 -62.07
CA UNK B 850 67.05 -64.05 -63.07
C UNK B 850 67.32 -65.06 -64.16
N UNK B 851 66.78 -64.80 -65.35
CA UNK B 851 66.90 -65.67 -66.52
C UNK B 851 68.29 -66.21 -66.74
N UNK B 852 69.24 -65.32 -66.96
CA UNK B 852 70.63 -65.74 -67.21
C UNK B 852 71.00 -66.91 -66.29
N UNK B 853 71.02 -66.67 -64.99
CA UNK B 853 71.38 -67.69 -64.00
C UNK B 853 70.54 -68.96 -64.08
N UNK B 854 69.26 -68.84 -64.44
CA UNK B 854 68.40 -70.02 -64.52
C UNK B 854 68.67 -70.89 -65.73
N UNK B 855 68.96 -70.26 -66.87
CA UNK B 855 69.22 -70.99 -68.11
C UNK B 855 70.58 -71.67 -68.16
N UNK B 856 71.48 -71.27 -67.29
CA UNK B 856 72.79 -71.89 -67.28
C UNK B 856 72.61 -73.38 -67.03
N UNK B 857 73.36 -74.17 -67.78
CA UNK B 857 73.32 -75.62 -67.66
C UNK B 857 73.78 -76.02 -66.27
N UNK B 858 70.24 -82.49 -68.52
CA UNK B 858 70.98 -82.83 -67.32
C UNK B 858 70.26 -83.80 -66.40
N UNK B 859 71.05 -84.41 -65.54
CA UNK B 859 70.58 -85.39 -64.57
C UNK B 859 70.17 -84.74 -63.26
N UNK B 860 70.10 -83.42 -63.24
CA UNK B 860 69.72 -82.77 -62.01
C UNK B 860 68.25 -83.08 -61.69
N UNK B 861 67.39 -83.09 -62.71
CA UNK B 861 65.98 -83.40 -62.50
C UNK B 861 65.59 -84.67 -63.24
N UNK B 862 65.04 -85.63 -62.51
CA UNK B 862 64.63 -86.88 -63.10
C UNK B 862 63.18 -87.09 -62.78
N UNK B 863 62.64 -88.19 -63.29
CA UNK B 863 61.26 -88.57 -63.04
C UNK B 863 61.37 -89.49 -61.85
N UNK B 864 60.25 -89.99 -61.36
CA UNK B 864 60.30 -90.90 -60.21
C UNK B 864 60.47 -92.37 -60.61
N UNK B 865 60.61 -92.59 -61.92
CA UNK B 865 60.81 -93.92 -62.43
C UNK B 865 62.32 -94.15 -62.49
N UNK B 866 62.85 -94.83 -61.48
CA UNK B 866 64.27 -95.12 -61.40
C UNK B 866 64.52 -96.49 -60.81
N UNK B 867 65.72 -96.99 -61.01
CA UNK B 867 66.12 -98.27 -60.45
C UNK B 867 67.55 -98.14 -59.92
N UNK B 868 67.78 -98.71 -58.75
CA UNK B 868 69.07 -98.65 -58.08
C UNK B 868 69.76 -99.98 -57.85
N UNK B 869 71.09 -99.96 -57.94
CA UNK B 869 71.90 -101.15 -57.72
C UNK B 869 73.04 -100.84 -56.76
N UNK B 870 72.89 -101.29 -55.51
CA UNK B 870 73.89 -101.08 -54.48
C UNK B 870 75.04 -102.08 -54.61
N UNK B 871 76.13 -101.68 -55.26
CA UNK B 871 77.25 -102.58 -55.42
C UNK B 871 78.45 -102.31 -54.51
N UNK B 872 80.07 -98.76 -54.01
CA UNK B 872 79.27 -97.63 -54.50
C UNK B 872 77.80 -97.95 -54.83
N UNK B 873 77.05 -96.89 -55.15
CA UNK B 873 75.63 -97.01 -55.51
C UNK B 873 75.40 -96.58 -56.95
N UNK B 874 74.47 -97.25 -57.63
CA UNK B 874 74.14 -96.97 -59.02
C UNK B 874 72.66 -96.72 -59.24
N UNK B 875 72.35 -95.57 -59.84
CA UNK B 875 70.97 -95.20 -60.12
C UNK B 875 70.76 -94.93 -61.61
N UNK B 876 69.81 -95.65 -62.19
CA UNK B 876 69.47 -95.50 -63.60
C UNK B 876 68.12 -94.80 -63.52
N UNK B 877 67.96 -93.69 -64.22
CA UNK B 877 66.69 -93.00 -64.12
C UNK B 877 66.15 -92.41 -65.41
N UNK B 878 64.84 -92.36 -65.50
CA UNK B 878 64.15 -91.79 -66.65
C UNK B 878 64.28 -90.28 -66.57
N UNK B 879 64.97 -89.67 -67.53
CA UNK B 879 65.14 -88.21 -67.50
C UNK B 879 63.80 -87.48 -67.50
N UNK B 880 63.79 -86.30 -66.87
CA UNK B 880 62.58 -85.49 -66.79
C UNK B 880 62.10 -84.98 -68.16
N UNK B 881 67.23 -91.34 -70.37
CA UNK B 881 67.48 -91.81 -69.03
C UNK B 881 68.94 -91.58 -68.68
N UNK B 882 69.19 -91.39 -67.40
CA UNK B 882 70.53 -91.11 -66.90
C UNK B 882 71.11 -92.28 -66.09
N UNK B 883 72.38 -92.56 -66.34
CA UNK B 883 73.07 -93.60 -65.60
C UNK B 883 73.83 -92.84 -64.53
N UNK B 884 73.19 -92.62 -63.39
CA UNK B 884 73.79 -91.88 -62.28
C UNK B 884 74.53 -92.76 -61.30
N UNK B 885 75.81 -92.47 -61.10
CA UNK B 885 76.64 -93.21 -60.17
C UNK B 885 76.79 -92.38 -58.90
N UNK B 886 76.02 -92.71 -57.88
CA UNK B 886 76.10 -91.97 -56.62
C UNK B 886 77.52 -92.08 -56.10
N UNK B 887 77.98 -91.10 -55.33
CA UNK B 887 79.36 -91.14 -54.83
C UNK B 887 80.27 -90.95 -56.05
N UNK B 888 79.78 -88.73 -62.36
CA UNK B 888 79.61 -89.72 -63.45
C UNK B 888 78.19 -89.96 -63.92
N UNK B 889 77.65 -88.98 -64.63
CA UNK B 889 76.32 -89.06 -65.19
C UNK B 889 76.44 -89.33 -66.68
N UNK B 890 75.82 -90.41 -67.13
CA UNK B 890 75.87 -90.79 -68.52
C UNK B 890 74.48 -90.85 -69.11
N UNK B 891 74.29 -90.02 -70.12
CA UNK B 891 73.03 -89.88 -70.83
C UNK B 891 72.86 -90.84 -71.97
N UNK B 892 71.62 -91.30 -72.14
CA UNK B 892 71.24 -92.21 -73.19
C UNK B 892 69.93 -91.65 -73.72
N UNK B 893 69.96 -91.00 -74.88
CA UNK B 893 68.77 -90.41 -75.48
C UNK B 893 67.77 -91.49 -75.90
N UNK B 894 66.51 -91.11 -76.03
CA UNK B 894 65.50 -92.07 -76.45
C UNK B 894 64.10 -91.46 -76.53
N UNK B 895 61.22 -92.56 -72.65
CA UNK B 895 60.91 -93.83 -72.03
C UNK B 895 59.85 -93.62 -70.96
N UNK B 896 59.30 -94.72 -70.45
CA UNK B 896 58.28 -94.66 -69.41
C UNK B 896 58.69 -95.41 -68.16
N UNK B 897 59.72 -96.24 -68.26
CA UNK B 897 60.17 -96.99 -67.10
C UNK B 897 61.58 -97.48 -67.34
N UNK B 898 62.33 -97.66 -66.26
CA UNK B 898 63.69 -98.08 -66.39
C UNK B 898 63.94 -99.48 -65.86
N UNK B 899 65.17 -99.96 -66.03
CA UNK B 899 65.54 -101.30 -65.59
C UNK B 899 67.06 -101.53 -65.69
N UNK B 900 67.64 -102.07 -64.63
CA UNK B 900 69.08 -102.35 -64.61
C UNK B 900 69.35 -103.84 -64.44
N UNK B 901 70.21 -104.38 -65.29
CA UNK B 901 70.54 -105.80 -65.23
C UNK B 901 71.66 -105.97 -64.24
N UNK B 902 71.44 -106.72 -63.15
CA UNK B 902 72.53 -106.89 -62.18
C UNK B 902 73.80 -107.19 -62.97
N UNK B 903 73.99 -103.90 -69.07
CA UNK B 903 72.76 -103.79 -69.86
C UNK B 903 71.73 -102.96 -69.11
N UNK B 904 70.99 -102.13 -69.84
CA UNK B 904 69.92 -101.33 -69.24
C UNK B 904 68.73 -101.54 -70.17
N UNK B 905 67.54 -101.59 -69.62
CA UNK B 905 66.36 -101.78 -70.45
C UNK B 905 65.31 -100.74 -70.14
N UNK B 906 64.45 -100.44 -71.09
CA UNK B 906 63.42 -99.45 -70.80
C UNK B 906 62.08 -99.59 -71.48
N UNK B 907 61.07 -99.08 -70.79
CA UNK B 907 59.71 -99.10 -71.28
C UNK B 907 59.50 -97.94 -72.21
N UNK B 908 58.39 -97.96 -72.94
CA UNK B 908 58.11 -96.92 -73.90
C UNK B 908 56.66 -96.49 -73.80
N UNK B 909 56.38 -95.27 -74.23
CA UNK B 909 55.03 -94.73 -74.17
C UNK B 909 54.12 -95.54 -75.09
N UNK B 910 56.96 -100.00 -76.77
CA UNK B 910 58.24 -100.55 -77.18
C UNK B 910 59.13 -100.99 -76.01
N UNK B 911 59.99 -101.96 -76.26
CA UNK B 911 60.92 -102.48 -75.27
C UNK B 911 62.32 -102.51 -75.88
N UNK B 912 63.32 -102.03 -75.16
CA UNK B 912 64.68 -102.02 -75.69
C UNK B 912 65.76 -102.26 -74.64
N UNK B 913 66.75 -103.07 -75.01
CA UNK B 913 67.88 -103.33 -74.13
C UNK B 913 69.03 -102.62 -74.78
N UNK B 914 69.82 -101.92 -73.98
CA UNK B 914 71.01 -101.24 -74.49
C UNK B 914 72.15 -101.88 -73.74
N UNK B 915 73.25 -102.13 -74.41
CA UNK B 915 74.38 -102.73 -73.71
C UNK B 915 75.44 -101.70 -73.41
N UNK B 916 75.59 -101.40 -72.13
CA UNK B 916 76.54 -100.40 -71.64
C UNK B 916 77.99 -100.58 -72.06
N UNK B 917 78.56 -101.79 -71.88
CA UNK B 917 79.96 -101.97 -72.27
C UNK B 917 80.23 -101.24 -73.59
N UNK B 918 79.22 -101.22 -74.44
CA UNK B 918 79.33 -100.57 -75.74
C UNK B 918 78.66 -99.19 -75.71
N UNK B 919 75.09 -100.26 -79.49
CA UNK B 919 74.43 -101.48 -79.97
C UNK B 919 73.40 -101.98 -78.97
N UNK B 920 72.15 -102.06 -79.42
CA UNK B 920 71.04 -102.50 -78.57
C UNK B 920 70.06 -103.26 -79.44
N UNK B 921 68.87 -103.53 -78.88
CA UNK B 921 67.92 -104.47 -79.45
C UNK B 921 66.47 -104.05 -79.17
N UNK B 922 65.53 -104.46 -80.01
CA UNK B 922 64.12 -104.11 -79.84
C UNK B 922 63.17 -105.30 -79.94
N UNK B 923 62.68 -105.75 -78.80
CA UNK B 923 61.78 -106.89 -78.80
C UNK B 923 60.32 -106.53 -78.92
N UNK B 924 59.76 -106.69 -80.13
CA UNK B 924 58.36 -106.38 -80.47
C UNK B 924 57.18 -106.83 -79.57
N UNK B 925 54.73 -100.28 -68.16
CA UNK B 925 54.80 -99.97 -66.73
C UNK B 925 56.02 -100.60 -66.08
N UNK B 926 55.83 -101.58 -65.21
CA UNK B 926 56.96 -102.22 -64.56
C UNK B 926 57.80 -102.96 -65.63
N UNK B 927 59.10 -103.15 -65.41
CA UNK B 927 59.99 -103.87 -66.35
C UNK B 927 61.26 -104.38 -65.68
N UNK B 928 61.50 -105.68 -65.70
CA UNK B 928 62.68 -106.21 -65.01
C UNK B 928 63.42 -107.33 -65.74
N UNK B 929 64.68 -107.53 -65.37
CA UNK B 929 65.53 -108.58 -65.93
C UNK B 929 65.38 -109.81 -65.06
N UNK B 930 65.75 -110.96 -65.59
CA UNK B 930 65.65 -112.21 -64.84
C UNK B 930 66.86 -112.24 -63.93
N UNK B 931 66.86 -113.13 -62.95
CA UNK B 931 68.00 -113.27 -62.04
C UNK B 931 69.27 -113.13 -62.87
N UNK B 932 63.57 -110.71 -70.24
CA UNK B 932 63.01 -109.47 -69.70
C UNK B 932 61.53 -109.51 -69.45
N UNK B 933 61.13 -109.68 -68.19
CA UNK B 933 59.71 -109.68 -67.90
C UNK B 933 59.24 -108.21 -67.89
N UNK B 934 58.08 -107.97 -68.45
CA UNK B 934 57.55 -106.62 -68.52
C UNK B 934 56.05 -106.61 -68.56
N UNK B 935 55.45 -105.60 -67.94
CA UNK B 935 54.01 -105.48 -67.92
C UNK B 935 53.61 -104.11 -68.42
N UNK B 936 52.37 -104.03 -68.87
CA UNK B 936 51.79 -102.80 -69.35
C UNK B 936 50.40 -102.67 -68.74
N UNK B 937 49.60 -101.80 -69.35
CA UNK B 937 48.29 -101.49 -68.84
C UNK B 937 47.19 -102.42 -69.36
N UNK B 938 47.56 -103.68 -69.59
CA UNK B 938 46.61 -104.69 -70.06
C UNK B 938 46.90 -105.99 -69.29
N UNK B 939 46.23 -107.09 -69.63
CA UNK B 939 46.40 -108.36 -68.88
C UNK B 939 47.51 -109.36 -69.26
N UNK B 940 48.36 -109.03 -70.21
CA UNK B 940 49.43 -109.96 -70.56
C UNK B 940 50.77 -109.51 -69.97
N UNK B 941 51.64 -110.46 -69.64
CA UNK B 941 52.96 -110.13 -69.12
C UNK B 941 54.06 -110.68 -70.03
N UNK B 942 54.62 -109.85 -70.88
CA UNK B 942 55.67 -110.28 -71.79
C UNK B 942 56.94 -110.83 -71.17
N UNK B 943 57.29 -112.06 -71.53
CA UNK B 943 58.52 -112.70 -71.03
C UNK B 943 59.45 -112.91 -72.21
N UNK B 944 60.05 -111.81 -72.67
CA UNK B 944 60.96 -111.81 -73.80
C UNK B 944 62.36 -112.25 -73.49
N UNK B 945 62.61 -113.52 -73.73
CA UNK B 945 63.93 -114.08 -73.50
C UNK B 945 64.81 -113.60 -74.67
N UNK B 946 65.19 -112.34 -74.62
CA UNK B 946 66.03 -111.73 -75.64
C UNK B 946 67.31 -112.59 -75.80
N UNK B 947 63.07 -115.59 -78.36
CA UNK B 947 61.93 -116.34 -77.87
C UNK B 947 61.02 -115.47 -77.03
N UNK B 948 59.75 -115.86 -76.93
CA UNK B 948 58.78 -115.13 -76.15
C UNK B 948 57.88 -116.08 -75.41
N UNK B 949 57.50 -115.70 -74.19
CA UNK B 949 56.60 -116.49 -73.40
C UNK B 949 55.58 -115.46 -72.95
N UNK B 950 54.32 -115.70 -73.26
CA UNK B 950 53.26 -114.76 -72.91
C UNK B 950 52.41 -115.32 -71.79
N UNK B 951 52.00 -114.46 -70.88
CA UNK B 951 51.17 -114.87 -69.76
C UNK B 951 49.83 -114.16 -69.84
N UNK B 952 48.87 -114.78 -70.53
CA UNK B 952 47.54 -114.19 -70.68
C UNK B 952 46.75 -114.39 -69.40
N UNK B 953 46.94 -113.45 -68.49
CA UNK B 953 46.28 -113.48 -67.20
C UNK B 953 44.78 -113.39 -67.36
N UNK B 954 44.36 -112.82 -68.49
CA UNK B 954 42.94 -112.64 -68.79
C UNK B 954 42.29 -111.86 -67.65
N UNK B 955 42.37 -108.10 -65.65
CA UNK B 955 41.90 -106.85 -66.23
C UNK B 955 43.13 -106.07 -66.63
N UNK B 956 44.08 -105.97 -65.70
CA UNK B 956 45.35 -105.28 -65.89
C UNK B 956 46.27 -105.73 -64.79
N UNK B 957 47.51 -106.05 -65.14
CA UNK B 957 48.48 -106.46 -64.16
C UNK B 957 48.86 -105.22 -63.38
N UNK B 958 48.48 -105.17 -62.10
CA UNK B 958 48.80 -104.02 -61.27
C UNK B 958 50.32 -103.93 -61.25
N UNK B 959 50.96 -105.07 -60.95
CA UNK B 959 52.41 -105.14 -60.94
C UNK B 959 52.85 -106.59 -60.73
N UNK B 960 54.15 -106.80 -60.68
CA UNK B 960 54.68 -108.14 -60.52
C UNK B 960 56.07 -108.08 -59.96
N UNK B 961 56.66 -109.25 -59.73
CA UNK B 961 58.01 -109.33 -59.21
C UNK B 961 58.56 -110.75 -59.38
N UNK B 962 59.84 -110.84 -59.74
CA UNK B 962 60.47 -112.13 -59.91
C UNK B 962 60.29 -112.95 -58.65
N UNK B 963 60.59 -114.24 -58.72
CA UNK B 963 60.45 -115.09 -57.56
C UNK B 963 61.57 -116.13 -57.56
N UNK B 964 62.70 -119.31 -61.47
CA UNK B 964 61.97 -119.00 -62.70
C UNK B 964 60.46 -118.83 -62.47
N UNK B 965 60.05 -118.85 -61.21
CA UNK B 965 58.64 -118.65 -60.86
C UNK B 965 58.46 -117.13 -60.72
N UNK B 966 57.26 -116.61 -60.99
CA UNK B 966 57.02 -115.16 -60.90
C UNK B 966 55.64 -114.79 -60.34
N UNK B 967 55.66 -114.04 -59.25
CA UNK B 967 54.45 -113.60 -58.56
C UNK B 967 53.78 -112.42 -59.29
N UNK B 968 52.47 -112.48 -59.47
CA UNK B 968 51.75 -111.43 -60.18
C UNK B 968 50.37 -111.13 -59.62
N UNK B 969 50.03 -109.84 -59.59
CA UNK B 969 48.74 -109.39 -59.08
C UNK B 969 48.15 -108.33 -60.00
N UNK B 970 46.87 -108.50 -60.31
CA UNK B 970 46.16 -107.56 -61.17
C UNK B 970 45.20 -106.91 -60.23
N UNK B 971 44.42 -105.94 -60.72
CA UNK B 971 43.46 -105.33 -59.84
C UNK B 971 42.09 -105.93 -60.04
N UNK B 972 42.04 -107.24 -59.80
CA UNK B 972 40.84 -108.07 -59.86
C UNK B 972 40.88 -108.97 -58.63
N UNK B 973 41.62 -108.52 -57.62
CA UNK B 973 41.76 -109.26 -56.38
C UNK B 973 42.58 -110.52 -56.52
N UNK B 974 42.94 -110.82 -57.76
CA UNK B 974 43.71 -112.01 -58.06
C UNK B 974 45.21 -111.83 -57.97
N UNK B 975 45.87 -112.89 -57.51
CA UNK B 975 47.31 -112.96 -57.35
C UNK B 975 47.68 -114.31 -57.94
N UNK B 976 48.59 -114.35 -58.89
CA UNK B 976 48.94 -115.63 -59.46
C UNK B 976 50.42 -115.94 -59.30
N UNK B 977 50.79 -117.20 -59.54
CA UNK B 977 52.19 -117.66 -59.44
C UNK B 977 52.66 -118.32 -60.73
N UNK B 978 52.84 -117.52 -61.78
CA UNK B 978 53.28 -118.04 -63.08
C UNK B 978 54.65 -118.70 -63.06
N UNK B 979 54.90 -119.48 -64.11
CA UNK B 979 56.16 -120.17 -64.29
C UNK B 979 56.69 -119.63 -65.60
N UNK B 980 57.89 -119.06 -65.61
CA UNK B 980 58.43 -118.58 -66.87
C UNK B 980 58.94 -119.83 -67.59
N UNK B 981 52.73 -121.00 -67.40
CA UNK B 981 51.72 -121.84 -66.76
C UNK B 981 51.37 -121.37 -65.36
N UNK B 982 50.10 -121.03 -65.18
CA UNK B 982 49.57 -120.55 -63.92
C UNK B 982 49.52 -121.66 -62.88
N UNK B 983 50.64 -121.86 -62.18
CA UNK B 983 50.68 -122.87 -61.15
C UNK B 983 49.61 -122.54 -60.09
N UNK B 984 49.77 -121.41 -59.42
CA UNK B 984 48.82 -120.99 -58.40
C UNK B 984 47.96 -119.81 -58.85
N UNK B 985 46.77 -119.71 -58.27
CA UNK B 985 45.83 -118.64 -58.60
C UNK B 985 44.89 -118.38 -57.42
N UNK B 986 44.95 -117.18 -56.85
CA UNK B 986 44.10 -116.80 -55.71
C UNK B 986 43.20 -115.63 -56.06
N UNK B 987 42.14 -115.47 -55.27
CA UNK B 987 41.21 -114.34 -55.42
C UNK B 987 41.13 -113.80 -54.00
N UNK B 988 42.27 -113.31 -53.52
CA UNK B 988 42.44 -112.77 -52.17
C UNK B 988 41.82 -111.42 -51.82
N UNK B 989 41.16 -110.77 -52.76
CA UNK B 989 40.51 -109.48 -52.50
C UNK B 989 39.42 -109.26 -53.54
N UNK B 990 38.38 -108.53 -53.17
CA UNK B 990 37.27 -108.28 -54.10
C UNK B 990 37.48 -106.95 -54.83
N UNK B 991 49.88 -103.40 -53.32
CA UNK B 991 51.20 -104.00 -53.22
C UNK B 991 51.13 -105.27 -52.36
N UNK B 992 52.07 -106.18 -52.58
CA UNK B 992 52.09 -107.42 -51.83
C UNK B 992 53.49 -108.00 -51.97
N UNK B 993 54.08 -108.45 -50.87
CA UNK B 993 55.45 -108.99 -50.94
C UNK B 993 55.55 -110.38 -50.37
N UNK B 994 56.72 -110.99 -50.57
CA UNK B 994 56.99 -112.34 -50.09
C UNK B 994 57.77 -112.29 -48.80
N UNK B 995 57.79 -113.42 -48.10
CA UNK B 995 58.50 -113.52 -46.83
C UNK B 995 59.99 -113.74 -47.06
N UNK B 996 59.59 -118.79 -48.01
CA UNK B 996 58.64 -118.26 -48.95
C UNK B 996 57.32 -118.82 -48.48
N UNK B 997 57.37 -119.47 -47.33
CA UNK B 997 56.17 -120.06 -46.76
C UNK B 997 55.07 -119.01 -46.76
N UNK B 998 55.47 -117.75 -46.69
CA UNK B 998 54.51 -116.65 -46.63
C UNK B 998 54.68 -115.59 -47.74
N UNK B 999 53.56 -115.02 -48.18
CA UNK B 999 53.57 -113.98 -49.21
C UNK B 999 52.22 -113.26 -49.07
N UNK B 1000 52.24 -112.08 -48.46
CA UNK B 1000 50.99 -111.37 -48.26
C UNK B 1000 50.69 -110.24 -49.20
N UNK B 1001 49.43 -109.80 -49.15
CA UNK B 1001 48.90 -108.74 -49.99
C UNK B 1001 48.47 -107.52 -49.21
N UNK B 1002 47.91 -106.57 -49.94
CA UNK B 1002 47.42 -105.31 -49.39
C UNK B 1002 46.55 -104.78 -50.52
N UNK B 1003 45.33 -104.36 -50.23
CA UNK B 1003 44.49 -103.88 -51.32
C UNK B 1003 43.21 -103.23 -50.87
N UNK B 1004 42.11 -104.27 -46.32
CA UNK B 1004 43.02 -104.73 -45.29
C UNK B 1004 44.27 -105.34 -45.92
N UNK B 1005 44.97 -106.17 -45.13
CA UNK B 1005 46.17 -106.83 -45.60
C UNK B 1005 46.10 -108.33 -45.31
N UNK B 1006 45.42 -109.06 -46.18
CA UNK B 1006 45.27 -110.51 -46.05
C UNK B 1006 46.60 -111.18 -46.33
N UNK B 1007 47.08 -111.98 -45.38
CA UNK B 1007 48.36 -112.67 -45.50
C UNK B 1007 48.18 -114.18 -45.64
N UNK B 1008 48.90 -114.81 -46.57
CA UNK B 1008 48.79 -116.26 -46.73
C UNK B 1008 50.08 -117.07 -46.97
N UNK B 1009 49.89 -118.35 -47.35
CA UNK B 1009 51.00 -119.31 -47.56
C UNK B 1009 51.20 -119.96 -48.94
N UNK B 1010 45.33 -116.79 -44.50
CA UNK B 1010 45.60 -117.24 -43.13
C UNK B 1010 44.79 -116.37 -42.17
N UNK B 1011 44.83 -115.06 -42.36
CA UNK B 1011 44.04 -114.14 -41.53
C UNK B 1011 43.91 -112.71 -42.04
N UNK B 1012 42.67 -112.22 -42.09
CA UNK B 1012 42.36 -110.87 -42.55
C UNK B 1012 42.71 -109.85 -41.44
N UNK B 1013 43.47 -108.82 -41.80
CA UNK B 1013 43.92 -107.78 -40.85
C UNK B 1013 43.21 -106.45 -41.10
N UNK B 1014 41.93 -106.37 -40.74
CA UNK B 1014 41.15 -105.14 -40.96
C UNK B 1014 41.49 -103.98 -40.04
N UNK B 1015 42.77 -103.67 -39.91
CA UNK B 1015 43.19 -102.57 -39.06
C UNK B 1015 43.04 -101.17 -39.65
N UNK B 1016 43.74 -100.93 -40.76
CA UNK B 1016 43.72 -99.63 -41.43
C UNK B 1016 42.34 -99.10 -41.82
N UNK B 1017 42.14 -97.79 -41.60
CA UNK B 1017 40.88 -97.15 -41.94
C UNK B 1017 41.01 -96.46 -43.28
N UNK B 1018 43.12 -97.52 -45.95
CA UNK B 1018 43.33 -98.54 -46.98
C UNK B 1018 44.80 -98.79 -47.25
N UNK B 1019 45.22 -100.04 -47.08
CA UNK B 1019 46.62 -100.39 -47.27
C UNK B 1019 47.11 -100.13 -48.68
N UNK B 1020 48.39 -99.81 -48.80
CA UNK B 1020 49.00 -99.52 -50.09
C UNK B 1020 50.39 -100.12 -50.22
N UNK B 1021 50.89 -100.70 -49.14
CA UNK B 1021 52.21 -101.31 -49.18
C UNK B 1021 52.44 -102.18 -47.94
N UNK B 1022 53.52 -102.96 -47.94
CA UNK B 1022 53.84 -103.82 -46.81
C UNK B 1022 55.12 -104.60 -47.02
N UNK B 1023 55.65 -105.12 -45.93
CA UNK B 1023 56.88 -105.91 -45.99
C UNK B 1023 56.99 -106.85 -44.80
N UNK B 1024 57.75 -107.92 -44.98
CA UNK B 1024 57.95 -108.91 -43.93
C UNK B 1024 59.28 -108.68 -43.26
N UNK B 1025 59.33 -108.84 -41.94
CA UNK B 1025 60.58 -108.67 -41.20
C UNK B 1025 61.51 -109.72 -41.75
N UNK B 1026 62.79 -109.38 -41.91
CA UNK B 1026 63.76 -110.33 -42.45
C UNK B 1026 63.76 -111.58 -41.55
N UNK B 1027 57.14 -110.33 -38.33
CA UNK B 1027 56.29 -109.16 -38.50
C UNK B 1027 56.02 -108.78 -39.95
N UNK B 1028 54.90 -108.10 -40.13
CA UNK B 1028 54.46 -107.65 -41.43
C UNK B 1028 53.87 -106.25 -41.23
N UNK B 1029 54.65 -105.24 -41.62
CA UNK B 1029 54.22 -103.84 -41.50
C UNK B 1029 53.44 -103.45 -42.75
N UNK B 1030 52.34 -102.75 -42.55
CA UNK B 1030 51.50 -102.35 -43.66
C UNK B 1030 51.32 -100.83 -43.82
N UNK B 1031 51.30 -100.40 -45.07
CA UNK B 1031 51.16 -98.98 -45.38
C UNK B 1031 49.74 -98.51 -45.60
N UNK B 1032 49.35 -97.53 -44.80
CA UNK B 1032 48.02 -96.94 -44.86
C UNK B 1032 47.96 -95.78 -45.84
N UNK B 1033 46.81 -95.63 -46.47
CA UNK B 1033 46.58 -94.57 -47.44
C UNK B 1033 46.48 -93.23 -46.71
N UNK B 1034 46.40 -93.27 -45.37
CA UNK B 1034 46.31 -92.07 -44.58
C UNK B 1034 47.44 -91.99 -43.56
N UNK B 1035 48.66 -92.10 -44.05
CA UNK B 1035 49.81 -92.01 -43.19
C UNK B 1035 49.86 -92.94 -42.00
N UNK B 1036 48.88 -93.83 -41.87
CA UNK B 1036 48.85 -94.78 -40.77
C UNK B 1036 49.78 -95.93 -41.13
N UNK B 1037 50.12 -96.75 -40.15
CA UNK B 1037 51.01 -97.87 -40.42
C UNK B 1037 50.86 -98.62 -39.11
N UNK B 1038 50.33 -99.83 -39.21
CA UNK B 1038 50.30 -100.78 -38.11
C UNK B 1038 51.31 -101.89 -38.35
N UNK B 1039 51.86 -102.40 -37.26
CA UNK B 1039 52.80 -103.51 -37.35
C UNK B 1039 51.96 -104.72 -36.95
N UNK B 1040 52.11 -105.82 -37.69
CA UNK B 1040 51.37 -107.04 -37.37
C UNK B 1040 52.39 -108.14 -37.12
N UNK B 1041 51.95 -109.25 -36.54
CA UNK B 1041 52.87 -110.37 -36.25
C UNK B 1041 52.60 -111.65 -37.03
N UNK B 1042 51.33 -103.58 -32.77
CA UNK B 1042 51.21 -102.17 -32.42
C UNK B 1042 50.99 -101.30 -33.65
N UNK B 1043 50.20 -100.24 -33.50
CA UNK B 1043 49.92 -99.33 -34.61
C UNK B 1043 50.66 -97.99 -34.60
N UNK B 1044 51.99 -98.03 -34.57
CA UNK B 1044 52.78 -96.80 -34.59
C UNK B 1044 52.45 -96.02 -35.85
N UNK B 1045 51.64 -94.97 -35.73
CA UNK B 1045 51.26 -94.17 -36.90
C UNK B 1045 50.70 -92.77 -36.64
N UNK B 1046 51.55 -91.82 -36.23
CA UNK B 1046 51.12 -90.44 -35.95
C UNK B 1046 50.67 -89.67 -37.20
N UNK B 1047 49.71 -90.38 -47.67
CA UNK B 1047 50.06 -91.72 -48.11
C UNK B 1047 51.28 -92.25 -47.37
N UNK B 1048 51.57 -93.53 -47.57
CA UNK B 1048 52.71 -94.25 -47.02
C UNK B 1048 52.95 -95.29 -48.09
N UNK B 1049 53.69 -94.91 -49.12
CA UNK B 1049 53.92 -95.80 -50.24
C UNK B 1049 55.04 -96.81 -50.12
N UNK B 1050 55.52 -97.09 -48.92
CA UNK B 1050 56.61 -98.04 -48.81
C UNK B 1050 57.09 -98.26 -47.38
N UNK B 1051 57.62 -99.46 -47.13
CA UNK B 1051 58.18 -99.83 -45.83
C UNK B 1051 59.30 -100.83 -46.06
N UNK B 1052 60.05 -101.11 -45.00
CA UNK B 1052 61.16 -102.04 -45.09
C UNK B 1052 61.68 -102.20 -43.66
N UNK B 1053 61.80 -103.44 -43.22
CA UNK B 1053 62.40 -103.72 -41.93
C UNK B 1053 63.91 -103.72 -42.16
N UNK B 1054 64.65 -103.60 -41.06
CA UNK B 1054 66.10 -103.60 -41.12
C UNK B 1054 66.58 -105.03 -40.95
N UNK B 1055 67.86 -105.31 -41.27
CA UNK B 1055 68.24 -106.71 -41.06
C UNK B 1055 67.91 -107.07 -39.61
N UNK B 1056 68.49 -106.31 -38.67
CA UNK B 1056 68.27 -106.51 -37.23
C UNK B 1056 66.81 -106.73 -36.82
N UNK B 1057 65.88 -106.50 -37.73
CA UNK B 1057 64.45 -106.68 -37.46
C UNK B 1057 63.95 -105.78 -36.32
N UNK B 1058 64.56 -104.61 -36.16
CA UNK B 1058 64.19 -103.67 -35.10
C UNK B 1058 63.76 -102.29 -35.61
N UNK B 1059 64.49 -101.77 -36.60
CA UNK B 1059 64.20 -100.46 -37.18
C UNK B 1059 63.40 -100.60 -38.47
N UNK B 1060 62.25 -99.94 -38.51
CA UNK B 1060 61.40 -99.97 -39.70
C UNK B 1060 61.50 -98.62 -40.41
N UNK B 1061 61.91 -98.63 -41.68
CA UNK B 1061 62.02 -97.39 -42.46
C UNK B 1061 60.72 -97.18 -43.24
N UNK B 1062 60.25 -95.94 -43.27
CA UNK B 1062 59.00 -95.60 -43.94
C UNK B 1062 59.17 -94.47 -44.96
N UNK B 1063 58.32 -94.45 -45.99
CA UNK B 1063 58.38 -93.42 -47.02
C UNK B 1063 57.02 -93.11 -47.58
N UNK B 1064 57.41 -88.13 -46.94
CA UNK B 1064 58.81 -88.00 -46.57
C UNK B 1064 59.25 -89.29 -45.90
N UNK B 1065 60.56 -89.44 -45.71
CA UNK B 1065 61.10 -90.61 -45.05
C UNK B 1065 60.88 -90.48 -43.53
N UNK B 1066 60.89 -91.59 -42.81
CA UNK B 1066 60.63 -91.53 -41.36
C UNK B 1066 60.96 -92.90 -40.79
N UNK B 1067 61.94 -92.96 -39.90
CA UNK B 1067 62.34 -94.21 -39.26
C UNK B 1067 61.58 -94.46 -37.97
N UNK B 1068 61.44 -95.73 -37.58
CA UNK B 1068 60.73 -96.09 -36.35
C UNK B 1068 61.44 -97.10 -35.46
N UNK B 1069 60.78 -97.45 -34.36
CA UNK B 1069 61.29 -98.40 -33.37
C UNK B 1069 60.29 -99.52 -33.14
N UNK B 1070 60.68 -100.74 -33.49
CA UNK B 1070 59.81 -101.91 -33.31
C UNK B 1070 59.28 -101.99 -31.88
N UNK B 1071 63.19 -84.83 -44.26
CA UNK B 1071 62.13 -84.15 -44.97
C UNK B 1071 62.73 -83.83 -46.34
N UNK B 1072 62.10 -84.32 -47.38
CA UNK B 1072 62.55 -84.06 -48.72
C UNK B 1072 61.76 -82.86 -49.21
N UNK B 1073 62.40 -82.00 -50.01
CA UNK B 1073 61.73 -80.83 -50.56
C UNK B 1073 60.33 -81.23 -51.07
N UNK B 1074 60.29 -82.28 -51.88
CA UNK B 1074 59.04 -82.75 -52.41
C UNK B 1074 58.41 -83.86 -51.61
N UNK B 1075 57.24 -84.29 -52.05
CA UNK B 1075 56.52 -85.35 -51.36
C UNK B 1075 56.16 -86.47 -52.32
N UNK B 1076 55.17 -87.25 -51.90
CA UNK B 1076 54.67 -88.36 -52.69
C UNK B 1076 55.80 -89.19 -53.25
N UNK B 1077 56.59 -89.77 -52.35
CA UNK B 1077 57.68 -90.61 -52.79
C UNK B 1077 57.02 -91.94 -53.13
N UNK B 1078 57.77 -92.86 -53.70
CA UNK B 1078 57.25 -94.19 -54.00
C UNK B 1078 57.80 -95.42 -53.30
N UNK B 1079 58.97 -95.87 -53.75
CA UNK B 1079 59.62 -97.04 -53.15
C UNK B 1079 61.01 -96.62 -52.70
N UNK B 1080 61.27 -96.71 -51.41
CA UNK B 1080 62.51 -96.19 -50.86
C UNK B 1080 63.48 -97.34 -51.07
N UNK B 1081 64.66 -97.06 -51.60
CA UNK B 1081 65.63 -98.14 -51.81
C UNK B 1081 66.65 -98.25 -50.70
N UNK B 1082 66.36 -99.08 -49.69
CA UNK B 1082 67.31 -99.29 -48.60
C UNK B 1082 68.36 -100.23 -49.16
N UNK B 1083 69.44 -100.47 -48.44
CA UNK B 1083 70.47 -101.36 -48.94
C UNK B 1083 70.77 -102.47 -47.93
N UNK B 1084 71.77 -103.30 -48.22
CA UNK B 1084 72.11 -104.39 -47.28
C UNK B 1084 72.44 -103.84 -45.88
N UNK B 1085 73.53 -103.05 -45.82
CA UNK B 1085 73.98 -102.45 -44.58
C UNK B 1085 72.96 -101.54 -43.90
N UNK B 1086 71.86 -101.23 -44.59
CA UNK B 1086 70.82 -100.34 -44.05
C UNK B 1086 71.47 -99.00 -43.71
N UNK B 1087 72.51 -98.67 -44.46
CA UNK B 1087 73.30 -97.47 -44.24
C UNK B 1087 73.39 -96.62 -45.51
N UNK B 1088 72.44 -96.81 -46.42
CA UNK B 1088 72.39 -96.06 -47.68
C UNK B 1088 70.95 -96.08 -48.16
N UNK B 1089 70.45 -94.96 -48.64
CA UNK B 1089 69.07 -94.89 -49.11
C UNK B 1089 68.99 -94.07 -50.38
N UNK B 1090 68.07 -94.42 -51.27
CA UNK B 1090 67.89 -93.69 -52.51
C UNK B 1090 66.42 -93.53 -52.80
N UNK B 1091 66.04 -92.32 -53.22
CA UNK B 1091 64.64 -92.06 -53.55
C UNK B 1091 64.53 -90.85 -54.45
N UNK B 1092 63.31 -90.54 -54.85
CA UNK B 1092 63.08 -89.42 -55.74
C UNK B 1092 61.71 -88.83 -55.49
N UNK B 1093 61.66 -87.54 -55.16
CA UNK B 1093 60.39 -86.87 -54.89
C UNK B 1093 59.78 -86.29 -56.14
N UNK B 1094 58.50 -85.93 -56.09
CA UNK B 1094 57.84 -85.38 -57.27
C UNK B 1094 58.44 -84.06 -57.73
N UNK B 1095 59.53 -83.65 -57.10
CA UNK B 1095 60.20 -82.45 -57.54
C UNK B 1095 61.33 -82.91 -58.42
N UNK B 1096 61.39 -84.22 -58.66
CA UNK B 1096 62.41 -84.79 -59.52
C UNK B 1096 63.80 -84.70 -58.94
N UNK B 1097 63.87 -84.59 -57.63
CA UNK B 1097 65.14 -84.50 -56.96
C UNK B 1097 65.60 -85.89 -56.55
N UNK B 1098 66.85 -86.21 -56.89
CA UNK B 1098 67.42 -87.53 -56.57
C UNK B 1098 68.13 -87.58 -55.21
N UNK B 1099 67.46 -88.15 -54.22
CA UNK B 1099 68.07 -88.24 -52.90
C UNK B 1099 68.83 -89.55 -52.68
N UNK B 1100 70.14 -89.44 -52.50
CA UNK B 1100 70.98 -90.60 -52.21
C UNK B 1100 71.55 -90.34 -50.81
N UNK B 1101 70.79 -90.74 -49.79
CA UNK B 1101 71.19 -90.53 -48.41
C UNK B 1101 72.11 -91.66 -47.93
N UNK B 1102 72.83 -91.44 -46.84
CA UNK B 1102 73.75 -92.45 -46.33
C UNK B 1102 74.27 -92.14 -44.92
N TYR C 10 24.79 26.76 -33.02
CA TYR C 10 25.77 25.72 -33.33
C TYR C 10 26.69 26.21 -34.41
N GLN C 11 27.18 25.30 -35.26
CA GLN C 11 28.12 25.70 -36.30
C GLN C 11 27.90 24.93 -37.60
N TYR C 12 27.99 25.63 -38.73
CA TYR C 12 27.85 25.00 -40.03
C TYR C 12 28.85 23.91 -40.33
N LYS C 13 30.09 24.14 -39.98
CA LYS C 13 31.11 23.18 -40.31
C LYS C 13 30.91 21.84 -39.60
N ASP C 14 30.56 21.86 -38.33
CA ASP C 14 30.30 20.63 -37.61
C ASP C 14 29.09 19.89 -38.15
N ILE C 15 28.06 20.61 -38.52
CA ILE C 15 26.83 19.99 -38.93
C ILE C 15 27.08 19.13 -40.14
N LEU C 16 27.96 19.55 -41.02
CA LEU C 16 28.05 19.02 -42.37
C LEU C 16 28.29 17.56 -42.40
N SER C 17 29.25 17.15 -41.63
CA SER C 17 29.74 15.77 -41.65
C SER C 17 28.61 14.76 -41.43
N VAL C 18 27.60 15.20 -40.67
CA VAL C 18 26.45 14.38 -40.35
C VAL C 18 25.83 13.72 -41.58
N PHE C 19 25.36 14.52 -42.52
CA PHE C 19 24.68 13.97 -43.68
C PHE C 19 25.64 13.87 -44.85
N GLU C 20 26.83 13.35 -44.56
CA GLU C 20 27.78 13.01 -45.62
C GLU C 20 27.27 11.77 -46.34
N ASP C 21 26.61 10.87 -45.61
CA ASP C 21 25.96 9.68 -46.19
C ASP C 21 25.18 10.02 -47.46
N ALA C 22 24.46 11.15 -47.41
CA ALA C 22 23.67 11.64 -48.54
C ALA C 22 24.57 12.22 -49.63
N PHE C 23 25.53 13.05 -49.23
CA PHE C 23 26.40 13.74 -50.17
C PHE C 23 27.11 12.82 -51.17
N VAL C 24 27.30 11.55 -50.79
CA VAL C 24 27.84 10.54 -51.70
C VAL C 24 26.77 10.06 -52.64
N ASP C 25 25.58 9.95 -52.10
CA ASP C 25 24.46 9.44 -52.85
C ASP C 25 24.12 10.30 -54.06
N ASN C 26 24.01 11.61 -53.93
CA ASN C 26 23.75 12.42 -55.12
C ASN C 26 24.71 13.54 -55.54
N PHE C 27 25.37 14.19 -54.60
CA PHE C 27 26.23 15.31 -54.95
C PHE C 27 27.39 14.77 -55.75
N ASP C 28 27.81 15.51 -56.77
CA ASP C 28 29.13 15.33 -57.35
C ASP C 28 29.89 16.61 -57.58
N CYS C 29 31.11 16.69 -57.04
CA CYS C 29 31.95 17.86 -57.32
C CYS C 29 32.43 18.01 -58.74
N LYS C 30 32.95 16.91 -59.27
CA LYS C 30 33.67 16.92 -60.55
C LYS C 30 32.93 17.73 -61.59
N ASP C 31 31.67 17.37 -61.79
CA ASP C 31 30.82 18.17 -62.67
C ASP C 31 30.66 19.53 -61.99
N VAL C 32 30.55 19.44 -60.67
CA VAL C 32 29.84 20.39 -59.84
C VAL C 32 30.67 21.57 -59.37
N GLN C 33 31.12 22.40 -60.31
CA GLN C 33 31.91 23.56 -59.89
C GLN C 33 31.90 24.80 -60.75
N ASP C 34 31.24 25.84 -60.27
CA ASP C 34 31.67 27.22 -60.35
C ASP C 34 32.94 27.25 -59.49
N MET C 35 32.88 26.54 -58.37
CA MET C 35 33.96 26.47 -57.41
C MET C 35 34.45 27.81 -56.89
N PRO C 36 33.48 28.65 -56.33
CA PRO C 36 33.94 30.03 -56.14
C PRO C 36 35.14 30.11 -55.23
N LYS C 37 36.10 30.84 -55.71
CA LYS C 37 37.51 30.64 -55.47
C LYS C 37 37.79 30.72 -54.00
N SER C 38 37.13 31.64 -53.33
CA SER C 38 37.32 31.78 -51.88
C SER C 38 36.70 30.70 -50.97
N ILE C 39 35.44 30.30 -51.17
CA ILE C 39 34.92 29.14 -50.45
C ILE C 39 35.82 27.90 -50.62
N LEU C 40 36.09 27.52 -51.87
CA LEU C 40 37.02 26.43 -52.15
C LEU C 40 38.15 26.88 -53.08
N SER C 41 39.37 26.44 -52.80
CA SER C 41 40.52 26.78 -53.63
C SER C 41 40.29 26.30 -55.06
N LYS C 42 41.21 26.62 -55.97
CA LYS C 42 40.99 26.29 -57.37
C LYS C 42 41.70 24.97 -57.67
N GLU C 43 42.81 24.72 -56.97
CA GLU C 43 43.49 23.43 -57.02
C GLU C 43 42.65 22.37 -56.34
N GLU C 44 42.24 22.67 -55.11
CA GLU C 44 41.48 21.73 -54.29
C GLU C 44 40.19 21.32 -54.96
N ILE C 45 39.54 22.28 -55.59
CA ILE C 45 38.53 21.99 -56.55
C ILE C 45 39.25 21.21 -57.63
N ASP C 46 40.47 21.63 -57.89
CA ASP C 46 41.27 20.98 -58.90
C ASP C 46 41.48 19.56 -58.41
N HIS C 47 41.87 19.43 -57.15
CA HIS C 47 42.23 18.13 -56.64
C HIS C 47 41.08 17.15 -56.64
N ILE C 48 39.96 17.59 -56.10
CA ILE C 48 38.94 16.66 -55.71
C ILE C 48 38.39 15.84 -56.86
N ILE C 49 38.01 16.50 -57.94
CA ILE C 49 37.24 15.86 -59.01
C ILE C 49 38.04 14.76 -59.66
N MET C 50 39.34 14.83 -59.44
CA MET C 50 40.25 13.88 -60.03
C MET C 50 40.57 12.70 -59.13
N SER C 51 40.00 12.68 -57.93
CA SER C 51 40.11 11.49 -57.09
C SER C 51 39.20 10.40 -57.64
N LYS C 52 39.48 9.16 -57.28
CA LYS C 52 38.95 8.03 -58.03
C LYS C 52 37.43 7.88 -58.07
N ASP C 53 36.78 8.03 -56.92
CA ASP C 53 35.43 7.50 -56.75
C ASP C 53 34.37 8.49 -56.34
N ALA C 54 33.27 7.99 -55.79
CA ALA C 54 32.36 8.87 -55.10
C ALA C 54 32.59 8.94 -53.60
N VAL C 55 32.83 7.80 -52.96
CA VAL C 55 32.94 7.79 -51.52
C VAL C 55 34.13 8.57 -51.01
N SER C 56 35.12 8.74 -51.87
CA SER C 56 36.39 9.36 -51.57
C SER C 56 36.32 10.85 -51.91
N GLY C 57 35.63 11.16 -52.98
CA GLY C 57 35.44 12.55 -53.34
C GLY C 57 34.66 13.22 -52.24
N THR C 58 33.63 12.59 -51.75
CA THR C 58 32.90 13.33 -50.78
C THR C 58 34.01 13.71 -49.82
N LEU C 59 34.84 12.74 -49.46
CA LEU C 59 35.73 12.89 -48.33
C LEU C 59 36.74 14.01 -48.45
N ARG C 60 37.27 14.21 -49.64
CA ARG C 60 38.08 15.40 -49.83
C ARG C 60 37.22 16.63 -49.68
N LEU C 61 36.04 16.64 -50.30
CA LEU C 61 35.26 17.87 -50.26
C LEU C 61 34.96 18.24 -48.81
N PHE C 62 34.39 17.29 -48.07
CA PHE C 62 34.02 17.53 -46.69
C PHE C 62 35.27 17.75 -45.85
N TRP C 63 36.40 17.24 -46.30
CA TRP C 63 37.62 17.44 -45.53
C TRP C 63 38.17 18.85 -45.67
N THR C 64 38.63 19.19 -46.87
CA THR C 64 39.25 20.47 -47.15
C THR C 64 38.38 21.66 -46.71
N LEU C 65 37.08 21.51 -46.95
CA LEU C 65 36.13 22.58 -46.69
C LEU C 65 35.87 22.81 -45.20
N LEU C 66 36.09 21.75 -44.44
CA LEU C 66 36.20 21.83 -42.99
C LEU C 66 37.40 22.64 -42.56
N SER C 67 38.44 22.59 -43.39
CA SER C 67 39.72 23.23 -43.08
C SER C 67 39.59 24.75 -43.03
N LYS C 68 38.79 25.27 -43.95
CA LYS C 68 38.62 26.71 -44.12
C LYS C 68 37.81 27.34 -43.00
N GLN C 69 37.93 28.64 -42.85
CA GLN C 69 37.29 29.35 -41.76
C GLN C 69 35.79 29.18 -41.86
N GLU C 70 35.15 29.12 -40.70
CA GLU C 70 33.78 28.67 -40.56
C GLU C 70 32.75 29.53 -41.28
N GLU C 71 33.16 30.72 -41.68
CA GLU C 71 32.24 31.69 -42.28
C GLU C 71 31.97 31.46 -43.76
N MET C 72 32.97 30.96 -44.49
CA MET C 72 32.80 30.82 -45.92
C MET C 72 31.93 29.61 -46.23
N VAL C 73 32.16 28.53 -45.51
CA VAL C 73 31.42 27.33 -45.85
C VAL C 73 30.04 27.81 -46.17
N GLN C 74 29.51 28.71 -45.35
CA GLN C 74 28.18 29.26 -45.54
C GLN C 74 28.00 29.63 -47.01
N LYS C 75 29.08 30.08 -47.63
CA LYS C 75 29.04 30.41 -49.04
C LYS C 75 28.64 29.14 -49.75
N PHE C 76 29.27 28.08 -49.29
CA PHE C 76 29.10 26.78 -49.89
C PHE C 76 27.75 26.23 -49.54
N VAL C 77 27.45 26.30 -48.26
CA VAL C 77 26.24 25.74 -47.72
C VAL C 77 25.03 26.44 -48.30
N GLU C 78 25.14 27.73 -48.54
CA GLU C 78 23.96 28.49 -48.89
C GLU C 78 23.87 28.88 -50.34
N GLU C 79 24.57 29.94 -50.69
CA GLU C 79 24.44 30.45 -52.03
C GLU C 79 24.92 29.49 -53.09
N VAL C 80 26.07 28.86 -52.84
CA VAL C 80 26.62 27.92 -53.81
C VAL C 80 25.71 26.71 -54.04
N LEU C 81 25.63 25.88 -53.03
CA LEU C 81 25.13 24.55 -53.19
C LEU C 81 23.70 24.60 -53.63
N ARG C 82 23.08 25.71 -53.28
CA ARG C 82 21.73 26.04 -53.69
C ARG C 82 21.60 26.25 -55.20
N ILE C 83 22.63 26.78 -55.82
CA ILE C 83 22.51 27.21 -57.20
C ILE C 83 22.16 26.06 -58.15
N ASN C 84 22.77 24.90 -57.95
CA ASN C 84 22.39 23.74 -58.71
C ASN C 84 21.71 22.72 -57.83
N TYR C 85 21.44 23.09 -56.58
CA TYR C 85 20.91 22.13 -55.63
C TYR C 85 19.83 22.75 -54.80
N LYS C 86 18.84 21.90 -54.49
CA LYS C 86 17.77 22.14 -53.50
C LYS C 86 17.63 21.10 -52.40
N PHE C 87 17.35 19.87 -52.86
CA PHE C 87 17.09 18.74 -51.98
C PHE C 87 18.11 18.75 -50.87
N LEU C 88 19.37 18.85 -51.24
CA LEU C 88 20.38 19.00 -50.26
C LEU C 88 20.36 20.17 -49.26
N MET C 89 20.42 21.40 -49.78
CA MET C 89 20.58 22.59 -48.95
C MET C 89 19.72 22.58 -47.68
N SER C 90 18.44 22.24 -47.86
CA SER C 90 17.49 22.29 -46.80
C SER C 90 17.90 21.30 -45.74
N PRO C 91 18.25 20.03 -46.22
CA PRO C 91 18.65 19.11 -45.16
C PRO C 91 19.73 19.63 -44.25
N ILE C 92 20.79 20.25 -44.73
CA ILE C 92 21.74 20.80 -43.78
C ILE C 92 21.11 21.93 -43.00
N LYS C 93 20.49 22.86 -43.74
CA LYS C 93 19.99 24.09 -43.17
C LYS C 93 19.01 23.85 -42.03
N THR C 94 18.30 22.72 -42.11
CA THR C 94 17.34 22.37 -41.11
C THR C 94 18.13 21.94 -39.92
N GLU C 95 19.42 21.79 -40.13
CA GLU C 95 20.35 21.35 -39.10
C GLU C 95 20.99 22.48 -38.29
N GLN C 96 21.41 23.50 -38.98
CA GLN C 96 22.20 24.45 -38.29
C GLN C 96 21.28 24.85 -37.16
N ARG C 97 20.01 25.11 -37.43
CA ARG C 97 19.09 25.25 -36.32
C ARG C 97 18.73 23.95 -35.62
N GLN C 98 18.36 22.93 -36.38
CA GLN C 98 17.65 21.79 -35.81
C GLN C 98 18.38 20.85 -34.87
N PRO C 99 19.61 20.50 -35.20
CA PRO C 99 20.45 19.71 -34.34
C PRO C 99 19.80 18.43 -33.77
N SER C 100 19.30 17.55 -34.61
CA SER C 100 18.55 16.39 -34.17
C SER C 100 19.38 15.63 -33.18
N MET C 101 18.76 15.06 -32.16
CA MET C 101 19.52 14.71 -30.99
C MET C 101 20.65 13.75 -31.27
N MET C 102 20.40 12.68 -31.99
CA MET C 102 21.56 11.89 -32.37
C MET C 102 22.71 12.77 -32.87
N THR C 103 22.39 13.78 -33.68
CA THR C 103 23.38 14.68 -34.23
C THR C 103 24.18 15.38 -33.14
N ARG C 104 23.51 16.08 -32.25
CA ARG C 104 24.25 16.75 -31.23
C ARG C 104 24.94 15.68 -30.46
N MET C 105 24.33 14.54 -30.26
CA MET C 105 25.05 13.64 -29.43
C MET C 105 26.39 13.37 -30.07
N TYR C 106 26.45 13.24 -31.38
CA TYR C 106 27.75 12.97 -32.00
C TYR C 106 28.72 14.12 -31.78
N ILE C 107 28.28 15.33 -32.08
CA ILE C 107 29.22 16.44 -32.08
C ILE C 107 29.71 16.56 -30.69
N GLU C 108 28.81 16.34 -29.75
CA GLU C 108 29.15 16.50 -28.37
C GLU C 108 30.26 15.53 -28.10
N GLN C 109 30.08 14.32 -28.56
CA GLN C 109 31.14 13.37 -28.39
C GLN C 109 32.29 13.83 -29.23
N ARG C 110 32.06 14.22 -30.46
CA ARG C 110 33.23 14.28 -31.31
C ARG C 110 34.23 15.23 -30.70
N ASP C 111 33.79 16.37 -30.19
CA ASP C 111 34.73 17.32 -29.63
C ASP C 111 35.44 16.66 -28.48
N ARG C 112 34.74 15.81 -27.76
CA ARG C 112 35.37 15.21 -26.63
C ARG C 112 36.61 14.57 -27.18
N LEU C 113 36.47 14.06 -28.40
CA LEU C 113 37.56 13.37 -29.05
C LEU C 113 38.75 14.23 -29.37
N TYR C 114 38.50 15.39 -29.95
CA TYR C 114 39.59 16.24 -30.37
C TYR C 114 40.26 16.71 -29.15
N ASN C 115 39.43 17.23 -28.28
CA ASN C 115 39.80 18.07 -27.19
C ASN C 115 40.72 17.28 -26.29
N ASP C 116 40.35 16.05 -26.02
CA ASP C 116 41.23 15.24 -25.23
C ASP C 116 42.49 14.97 -25.99
N ASN C 117 42.35 14.75 -27.29
CA ASN C 117 43.50 14.51 -28.15
C ASN C 117 44.45 15.68 -28.34
N GLN C 118 43.90 16.89 -28.35
CA GLN C 118 44.71 18.10 -28.35
C GLN C 118 45.47 18.36 -29.66
N VAL C 119 46.65 17.76 -29.80
CA VAL C 119 47.55 18.12 -30.87
C VAL C 119 46.86 17.76 -32.14
N PHE C 120 46.19 16.64 -32.12
CA PHE C 120 45.64 16.13 -33.34
C PHE C 120 44.69 17.16 -33.91
N ALA C 121 43.80 17.74 -33.11
CA ALA C 121 42.85 18.67 -33.70
C ALA C 121 43.47 19.73 -34.64
N LYS C 122 44.77 19.98 -34.53
CA LYS C 122 45.41 20.98 -35.36
C LYS C 122 46.26 20.38 -36.46
N TYR C 123 47.17 19.49 -36.07
CA TYR C 123 48.15 18.95 -36.99
C TYR C 123 47.56 17.80 -37.82
N ASN C 124 46.46 17.22 -37.42
CA ASN C 124 46.14 15.98 -38.10
C ASN C 124 45.89 16.33 -39.52
N VAL C 125 46.34 15.49 -40.45
CA VAL C 125 45.89 15.53 -41.84
C VAL C 125 45.36 14.20 -42.31
N SER C 126 44.15 14.20 -42.85
CA SER C 126 43.47 12.96 -43.20
C SER C 126 44.09 12.26 -44.40
N ARG C 127 44.48 11.01 -44.22
CA ARG C 127 45.01 10.23 -45.33
C ARG C 127 43.92 9.39 -45.89
N LEU C 128 43.53 9.70 -47.11
CA LEU C 128 42.37 9.08 -47.71
C LEU C 128 42.54 7.61 -47.89
N GLN C 129 43.71 7.21 -48.32
CA GLN C 129 43.85 5.82 -48.68
C GLN C 129 43.71 4.90 -47.52
N PRO C 130 44.32 5.28 -46.40
CA PRO C 130 44.40 4.40 -45.22
C PRO C 130 43.18 4.56 -44.35
N TYR C 131 42.41 5.63 -44.55
CA TYR C 131 41.23 5.81 -43.72
C TYR C 131 40.16 5.02 -44.36
N LEU C 132 40.03 5.19 -45.66
CA LEU C 132 38.91 4.64 -46.35
C LEU C 132 39.03 3.17 -46.21
N LYS C 133 40.26 2.72 -46.09
CA LYS C 133 40.55 1.29 -45.98
C LYS C 133 40.15 0.79 -44.59
N LEU C 134 40.39 1.63 -43.59
CA LEU C 134 40.03 1.31 -42.23
C LEU C 134 38.55 1.35 -41.98
N ARG C 135 37.92 2.41 -42.45
CA ARG C 135 36.56 2.68 -42.08
C ARG C 135 35.68 1.53 -42.53
N GLN C 136 36.04 0.91 -43.63
CA GLN C 136 35.20 -0.15 -44.09
C GLN C 136 35.16 -1.20 -43.01
N ALA C 137 36.29 -1.40 -42.34
CA ALA C 137 36.31 -2.43 -41.32
C ALA C 137 35.32 -2.10 -40.21
N LEU C 138 35.30 -0.86 -39.75
CA LEU C 138 34.49 -0.52 -38.57
C LEU C 138 33.01 -0.70 -38.75
N LEU C 139 32.51 -0.44 -39.93
CA LEU C 139 31.13 -0.74 -40.22
C LEU C 139 30.80 -2.25 -40.15
N GLU C 140 31.72 -3.11 -40.59
CA GLU C 140 31.45 -4.55 -40.62
C GLU C 140 31.65 -5.19 -39.26
N LEU C 141 32.78 -4.84 -38.63
CA LEU C 141 33.23 -5.42 -37.36
C LEU C 141 32.10 -5.74 -36.36
N ARG C 142 32.06 -7.01 -35.95
CA ARG C 142 30.92 -7.57 -35.20
C ARG C 142 31.11 -7.36 -33.70
N PRO C 143 30.07 -7.67 -32.87
CA PRO C 143 30.27 -7.16 -31.50
C PRO C 143 31.37 -7.89 -30.74
N ALA C 144 31.98 -8.90 -31.33
CA ALA C 144 33.04 -9.64 -30.64
C ALA C 144 34.33 -9.78 -31.47
N LYS C 145 34.25 -9.44 -32.77
CA LYS C 145 35.44 -9.40 -33.61
C LYS C 145 36.31 -8.19 -33.25
N ASN C 146 37.43 -8.03 -33.94
CA ASN C 146 38.27 -6.84 -33.74
C ASN C 146 39.23 -6.50 -34.88
N VAL C 147 39.18 -5.26 -35.33
CA VAL C 147 39.92 -4.84 -36.52
C VAL C 147 41.24 -4.20 -36.14
N LEU C 148 42.33 -4.90 -36.44
CA LEU C 148 43.65 -4.45 -36.05
C LEU C 148 44.41 -3.64 -37.11
N ILE C 149 45.11 -2.62 -36.64
CA ILE C 149 45.99 -1.79 -37.47
C ILE C 149 47.42 -1.91 -36.96
N ASP C 150 48.39 -1.94 -37.87
CA ASP C 150 49.78 -1.92 -37.44
C ASP C 150 50.66 -1.29 -38.49
N GLY C 151 51.51 -0.38 -38.07
CA GLY C 151 52.47 0.24 -38.97
C GLY C 151 53.81 0.37 -38.29
N VAL C 152 54.80 0.80 -39.03
CA VAL C 152 56.14 0.87 -38.48
C VAL C 152 55.94 2.00 -37.53
N LEU C 153 56.84 2.17 -36.57
CA LEU C 153 56.54 3.07 -35.50
C LEU C 153 56.33 4.44 -36.10
N GLY C 154 55.50 5.27 -35.48
CA GLY C 154 55.22 6.57 -36.04
C GLY C 154 54.62 6.50 -37.42
N SER C 155 53.80 5.50 -37.62
CA SER C 155 52.93 5.51 -38.77
C SER C 155 51.60 6.14 -38.35
N GLY C 156 51.61 6.71 -37.16
CA GLY C 156 50.49 7.49 -36.73
C GLY C 156 49.31 6.61 -36.98
N LYS C 157 49.36 5.38 -36.49
CA LYS C 157 48.20 4.53 -36.65
C LYS C 157 47.06 5.21 -35.93
N THR C 158 47.34 5.70 -34.74
CA THR C 158 46.30 6.09 -33.84
C THR C 158 45.51 7.17 -34.51
N TRP C 159 46.24 8.14 -34.98
CA TRP C 159 45.70 9.32 -35.65
C TRP C 159 44.71 8.96 -36.75
N VAL C 160 44.95 7.86 -37.44
CA VAL C 160 43.99 7.37 -38.42
C VAL C 160 42.74 6.87 -37.70
N ALA C 161 43.00 6.04 -36.70
CA ALA C 161 41.95 5.50 -35.84
C ALA C 161 41.12 6.65 -35.29
N LEU C 162 41.80 7.64 -34.74
CA LEU C 162 41.14 8.82 -34.19
C LEU C 162 40.25 9.48 -35.22
N ASP C 163 40.67 9.39 -36.48
CA ASP C 163 39.99 10.11 -37.54
C ASP C 163 38.77 9.35 -38.03
N VAL C 164 38.91 8.03 -38.21
CA VAL C 164 37.76 7.24 -38.63
C VAL C 164 36.75 7.17 -37.50
N CYS C 165 37.26 7.14 -36.28
CA CYS C 165 36.41 7.16 -35.10
C CYS C 165 35.69 8.51 -35.02
N LEU C 166 36.27 9.55 -35.60
CA LEU C 166 35.66 10.88 -35.68
C LEU C 166 34.48 10.91 -36.67
N SER C 167 34.57 10.10 -37.71
CA SER C 167 33.57 10.08 -38.75
C SER C 167 32.20 9.75 -38.21
N TYR C 168 31.21 10.56 -38.55
CA TYR C 168 29.93 10.34 -37.98
C TYR C 168 29.54 8.95 -38.35
N LYS C 169 29.89 8.51 -39.54
CA LYS C 169 29.50 7.18 -39.95
C LYS C 169 30.13 6.18 -39.01
N VAL C 170 31.38 6.40 -38.64
CA VAL C 170 32.00 5.44 -37.75
C VAL C 170 31.28 5.50 -36.45
N GLN C 171 30.99 6.70 -35.99
CA GLN C 171 30.48 6.83 -34.65
C GLN C 171 29.13 6.25 -34.41
N CYS C 172 28.20 6.45 -35.34
CA CYS C 172 26.85 5.99 -35.11
C CYS C 172 26.93 4.49 -34.96
N LYS C 173 27.78 3.86 -35.73
CA LYS C 173 27.87 2.42 -35.72
C LYS C 173 28.46 2.01 -34.40
N MET C 174 28.93 2.98 -33.66
CA MET C 174 29.51 2.71 -32.37
C MET C 174 28.75 3.41 -31.27
N ASP C 175 27.73 4.14 -31.67
CA ASP C 175 26.81 4.76 -30.75
C ASP C 175 27.52 5.64 -29.77
N PHE C 176 28.63 6.18 -30.22
CA PHE C 176 29.26 7.26 -29.54
C PHE C 176 29.92 6.81 -28.29
N LYS C 177 30.19 5.52 -28.21
CA LYS C 177 30.89 5.07 -27.01
C LYS C 177 32.15 4.41 -27.45
N ILE C 178 33.25 5.17 -27.46
CA ILE C 178 34.51 4.66 -27.98
C ILE C 178 35.62 4.83 -26.98
N PHE C 179 35.65 3.96 -25.98
CA PHE C 179 36.57 4.12 -24.86
C PHE C 179 38.04 3.93 -25.25
N TRP C 180 38.77 5.04 -25.40
CA TRP C 180 40.18 5.01 -25.73
C TRP C 180 41.01 4.52 -24.55
N LEU C 181 42.08 3.79 -24.84
CA LEU C 181 42.98 3.30 -23.80
C LEU C 181 44.39 3.08 -24.35
N ASN C 182 45.28 4.04 -24.15
CA ASN C 182 46.66 3.84 -24.61
C ASN C 182 47.38 2.84 -23.71
N LEU C 183 47.69 1.67 -24.27
CA LEU C 183 48.34 0.62 -23.49
C LEU C 183 49.85 0.80 -23.44
N LYS C 184 50.31 1.99 -23.08
CA LYS C 184 51.71 2.17 -22.77
C LYS C 184 51.98 1.66 -21.36
N ASN C 185 53.13 1.02 -21.17
CA ASN C 185 53.43 0.35 -19.92
C ASN C 185 52.31 -0.64 -19.62
N CYS C 186 52.22 -1.67 -20.45
CA CYS C 186 51.11 -2.61 -20.39
C CYS C 186 51.55 -4.05 -20.55
N ASN C 187 52.80 -4.32 -20.17
CA ASN C 187 53.31 -5.69 -20.15
C ASN C 187 53.66 -6.09 -18.73
N SER C 188 52.65 -6.07 -17.88
CA SER C 188 52.74 -6.55 -16.51
C SER C 188 51.35 -7.05 -16.24
N PRO C 189 51.19 -7.85 -15.20
CA PRO C 189 49.87 -8.28 -14.82
C PRO C 189 49.11 -7.14 -14.22
N GLU C 190 49.76 -6.48 -13.28
CA GLU C 190 49.09 -5.53 -12.44
C GLU C 190 48.59 -4.31 -13.19
N THR C 191 49.41 -3.81 -14.10
CA THR C 191 49.15 -2.52 -14.69
C THR C 191 47.79 -2.58 -15.34
N VAL C 192 47.47 -3.72 -15.90
CA VAL C 192 46.18 -3.86 -16.52
C VAL C 192 45.14 -3.61 -15.45
N LEU C 193 45.49 -3.97 -14.22
CA LEU C 193 44.61 -3.65 -13.11
C LEU C 193 44.46 -2.14 -13.02
N GLU C 194 45.53 -1.42 -13.27
CA GLU C 194 45.41 0.02 -13.44
C GLU C 194 44.57 0.38 -14.66
N MET C 195 44.76 -0.37 -15.74
CA MET C 195 44.09 -0.08 -17.00
C MET C 195 42.63 -0.50 -16.99
N LEU C 196 42.39 -1.75 -16.61
CA LEU C 196 41.02 -2.24 -16.48
C LEU C 196 40.26 -1.38 -15.48
N GLN C 197 40.96 -0.92 -14.45
CA GLN C 197 40.38 0.03 -13.51
C GLN C 197 39.91 1.25 -14.29
N LYS C 198 40.78 1.74 -15.16
CA LYS C 198 40.47 2.96 -15.91
C LYS C 198 39.36 2.78 -16.92
N LEU C 199 39.26 1.59 -17.51
CA LEU C 199 38.19 1.31 -18.44
C LEU C 199 36.87 1.31 -17.68
N LEU C 200 36.85 0.58 -16.58
CA LEU C 200 35.69 0.54 -15.70
C LEU C 200 35.29 1.97 -15.33
N TYR C 201 36.28 2.80 -15.00
CA TYR C 201 35.98 4.20 -14.68
C TYR C 201 35.37 4.95 -15.87
N GLN C 202 35.86 4.70 -17.08
CA GLN C 202 35.24 5.27 -18.28
C GLN C 202 33.76 4.91 -18.33
N ILE C 203 33.52 3.61 -18.28
CA ILE C 203 32.17 3.06 -18.32
C ILE C 203 31.23 3.70 -17.29
N ASP C 204 31.64 3.73 -16.02
CA ASP C 204 30.80 4.22 -14.93
C ASP C 204 31.58 4.29 -13.63
N PRO C 205 31.41 5.38 -12.88
CA PRO C 205 32.14 5.57 -11.62
C PRO C 205 31.56 4.74 -10.47
N ASN C 206 31.63 3.42 -10.61
CA ASN C 206 31.09 2.49 -9.62
C ASN C 206 31.95 1.24 -9.52
N TRP C 207 32.23 0.82 -8.28
CA TRP C 207 32.67 -0.55 -8.06
C TRP C 207 32.63 -0.99 -6.60
N THR C 208 32.13 -2.21 -6.39
CA THR C 208 32.19 -2.88 -5.10
C THR C 208 33.57 -3.51 -4.91
N SER C 209 34.53 -2.71 -4.45
CA SER C 209 35.92 -3.16 -4.36
C SER C 209 36.21 -3.95 -3.09
N ARG C 210 35.17 -4.51 -2.48
CA ARG C 210 35.33 -5.38 -1.32
C ARG C 210 35.78 -6.77 -1.76
N SER C 211 35.57 -7.05 -3.04
CA SER C 211 35.97 -8.31 -3.65
C SER C 211 37.49 -8.37 -3.78
N ASP C 212 38.17 -7.25 -3.50
CA ASP C 212 39.62 -7.20 -3.67
C ASP C 212 40.30 -8.15 -2.69
N HIS C 213 41.00 -9.13 -3.26
CA HIS C 213 41.78 -10.06 -2.47
C HIS C 213 43.20 -10.00 -2.93
N SER C 214 44.03 -9.34 -2.14
CA SER C 214 45.41 -9.06 -2.50
C SER C 214 46.26 -10.33 -2.54
N SER C 215 45.63 -11.50 -2.40
CA SER C 215 46.32 -12.77 -2.59
C SER C 215 46.95 -12.79 -3.97
N ASN C 216 46.22 -12.29 -4.95
CA ASN C 216 46.75 -12.09 -6.29
C ASN C 216 46.28 -10.80 -6.93
N ILE C 217 47.23 -10.11 -7.54
CA ILE C 217 46.96 -8.99 -8.42
C ILE C 217 46.50 -9.62 -9.74
N LYS C 218 46.71 -10.93 -9.83
CA LYS C 218 46.41 -11.72 -11.03
C LYS C 218 45.08 -12.46 -10.97
N LEU C 219 44.56 -12.63 -9.76
CA LEU C 219 43.26 -13.25 -9.54
C LEU C 219 42.22 -12.16 -9.54
N ARG C 220 42.52 -11.07 -8.85
CA ARG C 220 41.62 -9.92 -8.79
C ARG C 220 41.39 -9.35 -10.19
N ILE C 221 42.34 -9.58 -11.09
CA ILE C 221 42.23 -9.10 -12.45
C ILE C 221 41.13 -9.80 -13.23
N HIS C 222 40.74 -10.99 -12.77
CA HIS C 222 39.69 -11.70 -13.48
C HIS C 222 38.37 -11.13 -12.99
N SER C 223 38.37 -10.64 -11.76
CA SER C 223 37.16 -10.03 -11.21
C SER C 223 36.80 -8.76 -11.97
N ILE C 224 37.79 -7.99 -12.37
CA ILE C 224 37.49 -6.70 -12.99
C ILE C 224 36.99 -6.95 -14.41
N GLN C 225 37.56 -7.97 -15.05
CA GLN C 225 37.09 -8.37 -16.38
C GLN C 225 35.70 -8.95 -16.23
N ALA C 226 35.52 -9.73 -15.17
CA ALA C 226 34.23 -10.34 -14.85
C ALA C 226 33.16 -9.27 -14.74
N GLU C 227 33.44 -8.23 -13.97
CA GLU C 227 32.51 -7.11 -13.86
C GLU C 227 32.38 -6.41 -15.19
N LEU C 228 33.52 -6.09 -15.80
CA LEU C 228 33.54 -5.36 -17.06
C LEU C 228 32.76 -6.09 -18.14
N ARG C 229 32.77 -7.41 -18.09
CA ARG C 229 32.01 -8.21 -19.05
C ARG C 229 30.52 -8.00 -18.86
N ARG C 230 30.03 -8.25 -17.64
CA ARG C 230 28.62 -8.05 -17.29
C ARG C 230 28.11 -6.68 -17.69
N LEU C 231 28.93 -5.66 -17.44
CA LEU C 231 28.50 -4.28 -17.62
C LEU C 231 28.38 -3.93 -19.08
N LEU C 232 29.24 -4.51 -19.91
CA LEU C 232 29.27 -4.11 -21.31
C LEU C 232 28.08 -4.66 -22.11
N LYS C 233 27.90 -5.98 -22.18
CA LYS C 233 26.69 -6.49 -22.84
C LYS C 233 25.48 -6.11 -21.99
N SER C 234 25.26 -4.82 -22.06
CA SER C 234 24.16 -4.11 -21.50
C SER C 234 23.71 -3.19 -22.62
N LYS C 235 22.42 -2.96 -22.80
CA LYS C 235 22.00 -2.63 -24.14
C LYS C 235 22.69 -1.41 -24.67
N PRO C 236 22.74 -0.33 -23.90
CA PRO C 236 23.27 0.93 -24.39
C PRO C 236 24.70 0.70 -24.78
N TYR C 237 25.38 -0.14 -24.03
CA TYR C 237 26.79 -0.35 -24.23
C TYR C 237 27.11 -1.47 -25.17
N GLU C 238 26.06 -2.11 -25.69
CA GLU C 238 26.17 -3.36 -26.42
C GLU C 238 27.42 -3.39 -27.28
N ASN C 239 27.47 -2.45 -28.22
CA ASN C 239 28.60 -2.36 -29.11
C ASN C 239 29.30 -1.06 -28.89
N CYS C 240 30.58 -1.12 -28.53
CA CYS C 240 31.39 0.07 -28.62
C CYS C 240 32.79 -0.32 -28.92
N LEU C 241 33.40 0.32 -29.89
CA LEU C 241 34.75 -0.03 -30.27
C LEU C 241 35.60 0.35 -29.11
N LEU C 242 36.45 -0.48 -28.59
CA LEU C 242 37.28 0.04 -27.56
C LEU C 242 38.49 -0.15 -28.33
N VAL C 243 39.29 0.91 -28.53
CA VAL C 243 40.47 0.78 -29.36
C VAL C 243 41.66 0.87 -28.47
N LEU C 244 42.58 -0.06 -28.60
CA LEU C 244 43.78 0.00 -27.83
C LEU C 244 44.98 0.43 -28.62
N LEU C 245 45.68 1.44 -28.14
CA LEU C 245 46.74 2.02 -28.92
C LEU C 245 48.08 1.55 -28.40
N ASN C 246 48.92 0.99 -29.28
CA ASN C 246 50.27 0.52 -28.93
C ASN C 246 50.32 -0.84 -28.31
N VAL C 247 49.18 -1.47 -28.30
CA VAL C 247 49.08 -2.73 -27.57
C VAL C 247 50.45 -3.37 -27.51
N GLN C 248 51.00 -3.45 -26.30
CA GLN C 248 52.39 -3.87 -26.15
C GLN C 248 52.62 -5.26 -26.70
N ASN C 249 52.02 -6.26 -26.07
CA ASN C 249 52.21 -7.61 -26.57
C ASN C 249 50.92 -8.39 -26.69
N ALA C 250 51.06 -9.66 -27.02
CA ALA C 250 49.94 -10.56 -27.09
C ALA C 250 49.29 -10.68 -25.72
N LYS C 251 50.13 -10.83 -24.69
CA LYS C 251 49.66 -11.13 -23.35
C LYS C 251 48.69 -10.07 -22.81
N ALA C 252 48.94 -8.80 -23.14
CA ALA C 252 48.10 -7.71 -22.66
C ALA C 252 46.71 -7.82 -23.27
N TRP C 253 46.69 -8.11 -24.57
CA TRP C 253 45.46 -8.18 -25.37
C TRP C 253 44.53 -9.27 -24.86
N ASN C 254 45.11 -10.33 -24.32
CA ASN C 254 44.36 -11.44 -23.78
C ASN C 254 43.40 -10.98 -22.69
N ALA C 255 43.87 -10.07 -21.85
CA ALA C 255 43.06 -9.55 -20.76
C ALA C 255 42.01 -8.57 -21.28
N PHE C 256 42.23 -8.00 -22.44
CA PHE C 256 41.27 -6.99 -22.82
C PHE C 256 40.13 -7.45 -23.67
N ASN C 257 40.26 -8.59 -24.30
CA ASN C 257 39.17 -9.02 -25.16
C ASN C 257 37.96 -9.25 -24.27
N LEU C 258 36.89 -8.52 -24.54
CA LEU C 258 35.75 -8.54 -23.64
C LEU C 258 34.49 -8.94 -24.39
N SER C 259 34.64 -9.73 -25.45
CA SER C 259 33.59 -9.90 -26.45
C SER C 259 33.15 -8.48 -26.86
N CYS C 260 34.16 -7.65 -27.09
CA CYS C 260 33.99 -6.24 -27.38
C CYS C 260 34.27 -5.97 -28.85
N LYS C 261 33.59 -5.01 -29.46
CA LYS C 261 33.92 -4.66 -30.84
C LYS C 261 35.20 -3.86 -30.89
N ILE C 262 36.25 -4.31 -30.20
CA ILE C 262 37.48 -3.51 -30.12
C ILE C 262 38.19 -3.41 -31.47
N LEU C 263 39.22 -2.58 -31.50
CA LEU C 263 40.09 -2.42 -32.66
C LEU C 263 41.38 -1.86 -32.09
N LEU C 264 42.51 -2.39 -32.46
CA LEU C 264 43.68 -1.94 -31.78
C LEU C 264 44.75 -1.50 -32.71
N THR C 265 45.65 -0.69 -32.20
CA THR C 265 46.78 -0.28 -32.98
C THR C 265 48.00 -1.10 -32.61
N THR C 266 48.30 -2.06 -33.45
CA THR C 266 49.38 -2.98 -33.23
C THR C 266 50.59 -2.12 -33.33
N ARG C 267 51.75 -2.61 -32.90
CA ARG C 267 52.99 -1.87 -33.05
C ARG C 267 54.10 -2.80 -33.51
N PHE C 268 54.06 -4.01 -32.96
CA PHE C 268 54.97 -5.08 -33.26
C PHE C 268 54.47 -6.04 -34.31
N LYS C 269 55.39 -6.85 -34.80
CA LYS C 269 55.01 -7.94 -35.65
C LYS C 269 54.75 -9.10 -34.75
N GLN C 270 54.97 -8.93 -33.45
CA GLN C 270 54.68 -10.09 -32.62
C GLN C 270 53.17 -10.10 -32.35
N VAL C 271 52.60 -8.91 -32.33
CA VAL C 271 51.18 -8.71 -32.04
C VAL C 271 50.36 -8.93 -33.30
N THR C 272 50.69 -8.22 -34.37
CA THR C 272 49.99 -8.40 -35.64
C THR C 272 50.19 -9.82 -36.13
N ASP C 273 51.23 -10.47 -35.63
CA ASP C 273 51.49 -11.87 -35.92
C ASP C 273 50.44 -12.75 -35.25
N PHE C 274 49.96 -12.29 -34.11
CA PHE C 274 49.17 -13.12 -33.22
C PHE C 274 47.69 -13.09 -33.57
N LEU C 275 47.05 -11.96 -33.63
CA LEU C 275 45.65 -12.03 -34.05
C LEU C 275 45.54 -12.47 -35.53
N SER C 276 44.73 -13.49 -35.78
CA SER C 276 44.80 -14.19 -37.05
C SER C 276 43.55 -13.95 -37.84
N ALA C 277 43.74 -13.81 -39.13
CA ALA C 277 42.93 -12.96 -39.94
C ALA C 277 41.51 -13.37 -39.79
N ALA C 278 41.25 -14.65 -39.59
CA ALA C 278 39.88 -15.11 -39.62
C ALA C 278 39.09 -14.39 -38.57
N THR C 279 39.63 -14.26 -37.36
CA THR C 279 38.97 -13.46 -36.35
C THR C 279 38.92 -11.95 -36.67
N THR C 280 40.01 -11.38 -37.16
CA THR C 280 40.19 -9.93 -37.22
C THR C 280 40.90 -9.54 -38.49
N THR C 281 40.73 -8.31 -38.99
CA THR C 281 41.16 -7.97 -40.33
C THR C 281 42.39 -7.09 -40.17
N HIS C 282 43.29 -7.16 -41.11
CA HIS C 282 44.59 -6.70 -40.77
C HIS C 282 44.91 -5.55 -41.65
N ILE C 283 45.11 -4.41 -41.05
CA ILE C 283 45.30 -3.20 -41.81
C ILE C 283 46.72 -2.87 -41.56
N SER C 284 47.42 -2.34 -42.53
CA SER C 284 48.79 -2.07 -42.23
C SER C 284 49.29 -0.77 -42.71
N LEU C 285 50.60 -0.62 -42.65
CA LEU C 285 51.20 0.58 -43.15
C LEU C 285 52.65 0.31 -43.55
N ASP C 286 52.95 -0.96 -43.69
CA ASP C 286 54.12 -1.36 -44.41
C ASP C 286 53.60 -1.37 -45.82
N HIS C 287 52.95 -0.31 -46.25
CA HIS C 287 52.32 -0.45 -47.54
C HIS C 287 52.51 0.64 -48.55
N HIS C 288 52.56 0.25 -49.81
CA HIS C 288 52.69 1.24 -50.85
C HIS C 288 51.44 2.11 -50.80
N SER C 289 50.26 1.49 -50.70
CA SER C 289 49.02 2.23 -50.53
C SER C 289 48.79 2.89 -49.18
N MET C 290 48.97 2.11 -48.11
CA MET C 290 48.73 2.58 -46.76
C MET C 290 49.51 3.85 -46.45
N THR C 291 50.75 3.89 -46.94
CA THR C 291 51.59 5.04 -46.70
C THR C 291 51.17 6.16 -47.62
N LEU C 292 51.68 7.35 -47.33
CA LEU C 292 51.27 8.57 -47.99
C LEU C 292 51.70 8.76 -49.45
N THR C 293 50.77 9.22 -50.26
CA THR C 293 51.05 9.65 -51.61
C THR C 293 51.88 10.90 -51.43
N PRO C 294 52.84 11.17 -52.31
CA PRO C 294 53.85 12.14 -51.86
C PRO C 294 53.14 13.34 -51.32
N ASP C 295 52.03 13.71 -51.93
CA ASP C 295 51.48 15.01 -51.62
C ASP C 295 51.16 15.09 -50.16
N GLU C 296 50.54 14.06 -49.63
CA GLU C 296 50.21 14.16 -48.22
C GLU C 296 51.35 14.92 -47.59
N VAL C 297 52.53 14.55 -48.02
CA VAL C 297 53.71 14.95 -47.30
C VAL C 297 53.87 16.45 -47.29
N LYS C 298 53.54 17.13 -48.36
CA LYS C 298 53.75 18.56 -48.29
C LYS C 298 52.60 19.22 -47.55
N SER C 299 51.42 18.64 -47.64
CA SER C 299 50.26 19.17 -46.94
C SER C 299 50.39 18.91 -45.44
N LEU C 300 51.08 17.83 -45.09
CA LEU C 300 51.35 17.53 -43.69
C LEU C 300 52.38 18.50 -43.13
N LEU C 301 53.45 18.70 -43.88
CA LEU C 301 54.50 19.63 -43.48
C LEU C 301 53.94 21.03 -43.31
N LEU C 302 52.83 21.30 -44.01
CA LEU C 302 52.17 22.60 -43.93
C LEU C 302 51.52 22.90 -42.60
N LYS C 303 50.85 21.89 -42.03
CA LYS C 303 50.09 22.08 -40.79
C LYS C 303 50.93 22.74 -39.71
N TYR C 304 52.18 22.29 -39.56
CA TYR C 304 53.09 22.90 -38.60
C TYR C 304 53.72 24.15 -39.17
N LEU C 305 53.98 24.13 -40.47
CA LEU C 305 54.70 25.19 -41.17
C LEU C 305 53.89 26.46 -41.36
N ASP C 306 52.61 26.29 -41.71
CA ASP C 306 51.64 27.38 -41.81
C ASP C 306 51.99 28.43 -42.89
N CYS C 307 52.20 27.96 -44.12
CA CYS C 307 52.37 28.84 -45.29
C CYS C 307 52.40 28.04 -46.60
N ARG C 308 51.55 28.41 -47.55
CA ARG C 308 51.39 27.67 -48.81
C ARG C 308 52.52 27.90 -49.81
N PRO C 309 53.15 29.07 -49.74
CA PRO C 309 54.22 29.41 -50.67
C PRO C 309 55.50 28.66 -50.33
N GLN C 310 55.96 28.79 -49.09
CA GLN C 310 57.21 28.17 -48.65
C GLN C 310 57.14 26.65 -48.71
N ASP C 311 55.92 26.12 -48.86
CA ASP C 311 55.68 24.70 -49.05
C ASP C 311 56.56 24.13 -50.17
N LEU C 312 56.59 24.85 -51.28
CA LEU C 312 57.40 24.44 -52.42
C LEU C 312 58.88 24.55 -52.10
N PRO C 313 59.13 25.29 -51.02
CA PRO C 313 60.45 25.50 -50.47
C PRO C 313 61.10 24.18 -50.03
N ARG C 314 60.34 23.24 -49.50
CA ARG C 314 60.97 22.01 -49.06
C ARG C 314 60.80 20.83 -50.01
N GLU C 315 61.91 20.21 -50.42
CA GLU C 315 61.92 18.91 -51.10
C GLU C 315 63.28 18.21 -50.96
N VAL C 316 63.38 16.89 -51.13
CA VAL C 316 62.26 15.96 -51.05
C VAL C 316 62.62 14.76 -50.15
N LEU C 317 61.80 14.47 -49.15
CA LEU C 317 61.96 13.25 -48.37
C LEU C 317 60.71 12.86 -47.58
N THR C 318 60.65 11.62 -47.13
CA THR C 318 59.43 10.91 -46.70
C THR C 318 59.81 9.90 -45.63
N THR C 319 58.90 9.03 -45.17
CA THR C 319 57.46 9.04 -45.40
C THR C 319 56.75 8.92 -44.05
N ASN C 320 57.61 8.76 -43.05
CA ASN C 320 57.25 8.41 -41.70
C ASN C 320 56.88 9.65 -40.97
N PRO C 321 55.64 9.73 -40.56
CA PRO C 321 55.11 10.99 -40.09
C PRO C 321 55.99 11.41 -38.95
N ARG C 322 56.40 10.46 -38.11
CA ARG C 322 57.24 10.76 -36.96
C ARG C 322 58.46 11.58 -37.36
N ARG C 323 59.09 11.22 -38.47
CA ARG C 323 60.26 11.93 -38.95
C ARG C 323 59.87 13.32 -39.44
N LEU C 324 58.70 13.35 -40.03
CA LEU C 324 58.12 14.48 -40.76
C LEU C 324 57.52 15.49 -39.80
N SER C 325 56.88 15.00 -38.73
CA SER C 325 56.26 15.87 -37.74
C SER C 325 57.32 16.53 -36.85
N ILE C 326 58.31 15.74 -36.45
CA ILE C 326 59.39 16.24 -35.59
C ILE C 326 60.35 17.11 -36.40
N ILE C 327 60.39 16.89 -37.70
CA ILE C 327 61.18 17.74 -38.59
C ILE C 327 60.47 19.07 -38.82
N ALA C 328 59.19 18.99 -39.20
CA ALA C 328 58.43 20.17 -39.60
C ALA C 328 58.29 21.16 -38.43
N GLU C 329 58.30 20.64 -37.21
CA GLU C 329 58.26 21.50 -36.03
C GLU C 329 59.65 22.10 -35.78
N SER C 330 60.69 21.32 -36.05
CA SER C 330 62.07 21.76 -35.87
C SER C 330 62.42 22.93 -36.77
N ILE C 331 62.06 22.79 -38.03
CA ILE C 331 62.27 23.83 -39.02
C ILE C 331 61.46 25.07 -38.66
N ARG C 332 60.18 24.87 -38.38
CA ARG C 332 59.29 25.99 -38.07
C ARG C 332 59.72 26.71 -36.79
N ASP C 333 60.29 25.95 -35.86
CA ASP C 333 60.75 26.53 -34.61
C ASP C 333 62.17 26.09 -34.28
N ALA C 336 65.78 26.22 -39.37
CA ALA C 336 66.53 26.31 -40.61
C ALA C 336 66.42 25.01 -41.39
N THR C 337 65.83 25.08 -42.57
CA THR C 337 65.41 23.89 -43.33
C THR C 337 66.53 22.89 -43.67
N TRP C 338 67.77 23.35 -43.72
CA TRP C 338 68.87 22.48 -44.13
C TRP C 338 69.65 21.90 -42.96
N ASP C 339 70.11 22.75 -42.05
CA ASP C 339 70.78 22.28 -40.85
C ASP C 339 69.85 21.34 -40.08
N ASN C 340 68.60 21.78 -39.91
CA ASN C 340 67.64 21.03 -39.09
C ASN C 340 67.09 19.77 -39.77
N TRP C 341 67.26 19.65 -41.08
CA TRP C 341 66.78 18.46 -41.78
C TRP C 341 67.62 17.25 -41.42
N LYS C 342 68.86 17.48 -41.01
CA LYS C 342 69.78 16.40 -40.70
C LYS C 342 70.44 16.52 -39.32
N HIS C 343 71.29 17.53 -39.14
CA HIS C 343 72.10 17.63 -37.92
C HIS C 343 71.27 17.93 -36.66
N VAL C 344 70.22 18.73 -36.79
CA VAL C 344 69.35 18.96 -35.64
C VAL C 344 68.50 17.71 -35.39
N ASN C 345 67.76 17.70 -34.29
CA ASN C 345 67.03 16.52 -33.82
C ASN C 345 67.96 15.33 -33.61
N CYS C 346 69.24 15.62 -33.42
CA CYS C 346 70.19 14.60 -33.02
C CYS C 346 69.99 14.35 -31.53
N ASP C 347 69.20 15.23 -30.91
CA ASP C 347 68.83 15.08 -29.51
C ASP C 347 67.32 14.84 -29.37
N LYS C 348 66.65 14.58 -30.49
CA LYS C 348 65.21 14.36 -30.47
C LYS C 348 64.77 13.06 -31.14
N LEU C 349 64.67 13.04 -32.45
CA LEU C 349 63.84 12.07 -33.09
C LEU C 349 64.26 10.68 -32.72
N THR C 350 65.57 10.46 -32.72
CA THR C 350 66.17 9.17 -32.40
C THR C 350 65.93 8.77 -30.97
N THR C 351 65.98 9.74 -30.07
CA THR C 351 65.70 9.50 -28.66
C THR C 351 64.42 8.69 -28.56
N ILE C 352 63.33 9.24 -29.05
CA ILE C 352 62.07 8.52 -29.13
C ILE C 352 62.28 7.33 -30.06
N ILE C 353 63.29 7.44 -30.92
CA ILE C 353 63.66 6.36 -31.82
C ILE C 353 64.38 5.26 -31.04
N GLU C 354 65.39 5.65 -30.28
CA GLU C 354 66.09 4.71 -29.45
C GLU C 354 65.11 4.17 -28.44
N SER C 355 64.34 5.10 -27.87
CA SER C 355 63.46 4.81 -26.75
C SER C 355 62.66 3.55 -27.00
N SER C 356 62.12 3.44 -28.20
CA SER C 356 61.34 2.27 -28.55
C SER C 356 62.23 1.05 -28.60
N LEU C 357 63.52 1.26 -28.83
CA LEU C 357 64.45 0.16 -28.88
C LEU C 357 64.44 -0.53 -27.52
N ASN C 358 63.85 0.11 -26.52
CA ASN C 358 63.96 -0.35 -25.15
C ASN C 358 63.39 -1.74 -24.88
N VAL C 359 62.48 -2.19 -25.72
CA VAL C 359 61.89 -3.51 -25.51
C VAL C 359 62.92 -4.62 -25.54
N LEU C 360 63.90 -4.54 -26.43
CA LEU C 360 64.82 -5.64 -26.69
C LEU C 360 65.85 -5.94 -25.61
N GLU C 361 66.39 -7.16 -25.62
CA GLU C 361 67.41 -7.62 -24.67
C GLU C 361 68.85 -7.14 -25.01
N PRO C 362 69.55 -6.53 -24.05
CA PRO C 362 70.81 -5.88 -24.43
C PRO C 362 71.97 -6.85 -24.65
N ALA C 363 71.98 -7.96 -23.92
CA ALA C 363 73.08 -8.91 -23.97
C ALA C 363 73.23 -9.56 -25.34
N GLU C 364 72.10 -9.86 -25.97
CA GLU C 364 72.14 -10.57 -27.25
C GLU C 364 71.48 -9.79 -28.38
N TYR C 365 70.36 -9.14 -28.10
CA TYR C 365 69.60 -8.42 -29.13
C TYR C 365 70.25 -7.09 -29.48
N ARG C 366 70.31 -6.20 -28.50
CA ARG C 366 70.75 -4.83 -28.71
C ARG C 366 72.15 -4.70 -29.29
N LYS C 367 73.09 -5.46 -28.72
CA LYS C 367 74.48 -5.44 -29.19
C LYS C 367 74.61 -5.94 -30.62
N MET C 368 74.03 -7.10 -30.90
CA MET C 368 74.07 -7.71 -32.23
C MET C 368 73.55 -6.74 -33.27
N PHE C 369 72.60 -5.91 -32.83
CA PHE C 369 71.92 -4.96 -33.70
C PHE C 369 72.79 -3.79 -34.09
N ASP C 370 73.40 -3.16 -33.09
CA ASP C 370 74.34 -2.05 -33.26
C ASP C 370 75.39 -2.35 -34.32
N ARG C 371 75.74 -3.63 -34.42
CA ARG C 371 76.75 -4.10 -35.37
C ARG C 371 76.39 -3.83 -36.83
N LEU C 372 75.10 -3.62 -37.12
CA LEU C 372 74.63 -3.45 -38.49
C LEU C 372 75.23 -2.21 -39.15
N SER C 373 75.69 -1.27 -38.33
CA SER C 373 76.22 0.01 -38.79
C SER C 373 77.18 -0.11 -39.98
N VAL C 374 77.90 -1.24 -40.06
CA VAL C 374 78.88 -1.45 -41.11
C VAL C 374 78.24 -1.69 -42.48
N PHE C 375 76.96 -2.07 -42.45
CA PHE C 375 76.24 -2.35 -43.68
C PHE C 375 75.82 -1.06 -44.38
N PRO C 376 74.96 -1.22 -45.37
CA PRO C 376 74.43 -0.11 -46.16
C PRO C 376 73.16 0.41 -45.54
N PRO C 377 73.01 1.80 -45.59
CA PRO C 377 71.87 2.28 -44.78
C PRO C 377 70.60 1.69 -45.33
N SER C 378 70.51 1.57 -46.64
CA SER C 378 69.30 1.03 -47.21
C SER C 378 69.71 -0.15 -48.04
N ALA C 379 70.07 -1.22 -47.35
CA ALA C 379 70.60 -2.38 -48.06
C ALA C 379 70.15 -3.70 -47.40
N HIS C 380 70.69 -4.82 -47.90
CA HIS C 380 70.31 -6.14 -47.41
C HIS C 380 71.50 -6.84 -46.75
N ILE C 381 71.28 -8.06 -46.27
CA ILE C 381 72.34 -8.84 -45.64
C ILE C 381 72.02 -10.35 -45.61
N PRO C 382 72.94 -11.16 -46.15
CA PRO C 382 72.82 -12.62 -46.20
C PRO C 382 72.97 -13.28 -44.84
N THR C 383 72.56 -14.53 -44.74
CA THR C 383 72.62 -15.28 -43.48
C THR C 383 74.05 -15.49 -43.01
N ILE C 384 74.92 -15.93 -43.92
CA ILE C 384 76.30 -16.26 -43.59
C ILE C 384 77.08 -15.06 -43.08
N LEU C 385 76.84 -13.89 -43.67
CA LEU C 385 77.56 -12.68 -43.30
C LEU C 385 77.12 -12.16 -41.93
N LEU C 386 75.86 -12.38 -41.61
CA LEU C 386 75.30 -11.93 -40.34
C LEU C 386 75.82 -12.78 -39.18
N SER C 387 76.20 -14.01 -39.51
CA SER C 387 76.71 -14.96 -38.54
C SER C 387 77.97 -14.45 -37.85
N LEU C 388 78.99 -14.19 -38.66
CA LEU C 388 80.31 -13.81 -38.19
C LEU C 388 80.27 -12.58 -37.28
N ILE C 389 79.38 -11.65 -37.58
CA ILE C 389 79.31 -10.40 -36.83
C ILE C 389 78.37 -10.54 -35.63
N SER C 396 72.44 -22.58 -35.83
CA SER C 396 71.15 -21.96 -36.12
C SER C 396 70.86 -20.83 -35.15
N ASP C 397 71.84 -20.49 -34.33
CA ASP C 397 71.70 -19.47 -33.31
C ASP C 397 71.34 -18.11 -33.94
N VAL C 398 72.13 -17.69 -34.92
CA VAL C 398 71.94 -16.39 -35.56
C VAL C 398 70.58 -16.28 -36.25
N MET C 399 70.08 -17.38 -36.79
CA MET C 399 68.83 -17.39 -37.53
C MET C 399 67.64 -17.14 -36.62
N VAL C 400 67.75 -17.60 -35.38
CA VAL C 400 66.68 -17.45 -34.40
C VAL C 400 66.74 -16.08 -33.74
N VAL C 401 67.95 -15.65 -33.39
CA VAL C 401 68.17 -14.38 -32.71
C VAL C 401 67.67 -13.20 -33.55
N VAL C 402 67.82 -13.30 -34.87
CA VAL C 402 67.33 -12.27 -35.77
C VAL C 402 65.83 -12.44 -36.02
N ASN C 403 65.36 -13.68 -35.89
CA ASN C 403 63.95 -13.95 -36.09
C ASN C 403 63.15 -13.26 -35.00
N LYS C 404 63.72 -13.20 -33.80
CA LYS C 404 63.08 -12.51 -32.69
C LYS C 404 63.30 -11.01 -32.84
N LEU C 405 64.41 -10.66 -33.48
CA LEU C 405 64.72 -9.28 -33.80
C LEU C 405 63.76 -8.76 -34.87
N HIS C 406 63.31 -9.70 -35.67
CA HIS C 406 62.25 -9.52 -36.62
C HIS C 406 60.96 -9.23 -35.92
N LYS C 407 60.75 -9.98 -34.86
CA LYS C 407 59.48 -10.14 -34.24
C LYS C 407 59.07 -8.81 -33.76
N TYR C 408 59.99 -8.16 -33.05
CA TYR C 408 59.74 -6.85 -32.52
C TYR C 408 59.53 -5.82 -33.59
N SER C 409 60.38 -5.83 -34.61
CA SER C 409 60.24 -4.89 -35.72
C SER C 409 61.45 -4.80 -36.62
N LEU C 410 62.62 -4.84 -36.00
CA LEU C 410 63.81 -4.24 -36.56
C LEU C 410 64.39 -4.73 -37.88
N VAL C 411 64.47 -6.04 -38.10
CA VAL C 411 65.34 -6.46 -39.17
C VAL C 411 64.30 -7.23 -39.95
N GLU C 412 63.65 -6.53 -40.85
CA GLU C 412 62.64 -7.19 -41.69
C GLU C 412 63.35 -8.39 -42.32
N LYS C 413 62.97 -9.59 -41.87
CA LYS C 413 63.42 -10.80 -42.53
C LYS C 413 62.62 -10.98 -43.80
N GLN C 414 63.21 -11.66 -44.79
CA GLN C 414 62.57 -11.84 -46.08
C GLN C 414 63.03 -13.15 -46.72
N PRO C 415 62.20 -13.72 -47.61
CA PRO C 415 62.55 -14.94 -48.34
C PRO C 415 63.82 -14.80 -49.18
N SER C 418 67.62 -16.44 -48.76
CA SER C 418 67.21 -16.31 -47.37
C SER C 418 67.78 -15.02 -46.77
N THR C 419 68.07 -14.05 -47.64
CA THR C 419 68.68 -12.80 -47.22
C THR C 419 67.75 -11.97 -46.33
N ILE C 420 68.30 -10.93 -45.71
CA ILE C 420 67.52 -10.07 -44.82
C ILE C 420 67.66 -8.61 -45.21
N SER C 421 66.53 -7.91 -45.33
CA SER C 421 66.54 -6.48 -45.62
C SER C 421 66.04 -5.68 -44.43
N ILE C 422 66.82 -4.67 -44.05
CA ILE C 422 66.61 -3.94 -42.82
C ILE C 422 66.21 -2.48 -43.14
N PRO C 423 65.07 -1.99 -42.58
CA PRO C 423 64.51 -0.66 -42.90
C PRO C 423 65.13 0.56 -42.18
N SER C 424 65.61 1.49 -42.99
CA SER C 424 66.50 2.59 -42.62
C SER C 424 66.24 3.42 -41.34
N ILE C 425 64.97 3.67 -41.02
CA ILE C 425 64.62 4.68 -40.02
C ILE C 425 65.33 4.50 -38.67
N TYR C 426 65.39 3.28 -38.14
CA TYR C 426 66.18 3.09 -36.92
C TYR C 426 67.54 2.54 -37.30
N LEU C 427 67.73 2.28 -38.59
CA LEU C 427 68.97 1.71 -39.11
C LEU C 427 70.04 2.78 -39.26
N GLU C 428 69.84 3.64 -40.24
CA GLU C 428 70.89 4.59 -40.63
C GLU C 428 71.16 5.66 -39.57
N LEU C 429 70.09 6.28 -39.09
CA LEU C 429 70.19 7.42 -38.19
C LEU C 429 70.70 7.03 -36.82
N LYS C 430 69.92 6.22 -36.13
CA LYS C 430 70.14 5.90 -34.73
C LYS C 430 71.51 5.31 -34.38
N VAL C 431 71.92 4.26 -35.09
CA VAL C 431 73.11 3.50 -34.68
C VAL C 431 74.43 4.17 -35.09
N LYS C 432 74.39 5.03 -36.10
CA LYS C 432 75.58 5.70 -36.59
C LYS C 432 76.14 6.63 -35.52
N LEU C 433 75.24 7.29 -34.80
CA LEU C 433 75.62 8.21 -33.74
C LEU C 433 76.36 7.50 -32.60
N GLU C 434 75.74 6.46 -32.07
CA GLU C 434 76.33 5.71 -30.95
C GLU C 434 77.10 4.48 -31.44
N ASN C 435 78.42 4.56 -31.39
CA ASN C 435 79.26 3.43 -31.77
C ASN C 435 80.59 3.43 -31.04
N GLU C 436 80.98 2.25 -30.55
CA GLU C 436 82.30 2.03 -29.99
C GLU C 436 83.14 1.43 -31.11
N TYR C 437 84.47 1.45 -30.99
CA TYR C 437 85.27 0.91 -32.07
C TYR C 437 85.39 -0.61 -31.99
N ALA C 438 84.25 -1.27 -32.18
CA ALA C 438 84.24 -2.70 -32.48
C ALA C 438 84.33 -2.85 -33.99
N LEU C 439 84.38 -1.70 -34.68
CA LEU C 439 84.40 -1.66 -36.14
C LEU C 439 85.61 -2.38 -36.72
N HIS C 440 86.76 -2.22 -36.06
CA HIS C 440 88.00 -2.87 -36.47
C HIS C 440 87.78 -4.36 -36.67
N ARG C 441 87.10 -4.99 -35.72
CA ARG C 441 86.80 -6.41 -35.81
C ARG C 441 85.74 -6.68 -36.87
N SER C 442 84.73 -5.82 -36.93
CA SER C 442 83.63 -5.97 -37.88
C SER C 442 84.12 -5.82 -39.31
N ILE C 443 85.00 -4.85 -39.53
CA ILE C 443 85.46 -4.55 -40.89
C ILE C 443 86.58 -5.50 -41.33
N VAL C 444 87.37 -6.00 -40.37
CA VAL C 444 88.40 -6.97 -40.70
C VAL C 444 87.75 -8.32 -40.93
N ASP C 445 86.55 -8.49 -40.36
CA ASP C 445 85.75 -9.68 -40.60
C ASP C 445 85.31 -9.66 -42.06
N HIS C 446 85.07 -8.46 -42.57
CA HIS C 446 84.65 -8.29 -43.95
C HIS C 446 85.79 -8.52 -44.92
N TYR C 447 87.02 -8.50 -44.42
CA TYR C 447 88.13 -8.97 -45.24
C TYR C 447 88.14 -10.49 -45.22
N ASN C 448 87.79 -11.04 -44.06
CA ASN C 448 87.89 -12.48 -43.84
C ASN C 448 86.92 -13.30 -44.69
N ILE C 449 85.74 -12.76 -44.99
CA ILE C 449 84.75 -13.60 -45.64
C ILE C 449 84.99 -13.74 -47.17
N PRO C 450 85.35 -12.65 -47.89
CA PRO C 450 85.70 -13.00 -49.26
C PRO C 450 87.12 -13.56 -49.39
N LYS C 451 87.85 -13.62 -48.28
CA LYS C 451 89.10 -14.36 -48.24
C LYS C 451 88.77 -15.85 -48.22
N THR C 452 87.73 -16.19 -47.46
CA THR C 452 87.21 -17.56 -47.45
C THR C 452 86.59 -17.89 -48.80
N PHE C 453 85.69 -17.03 -49.27
CA PHE C 453 85.09 -17.18 -50.60
C PHE C 453 86.17 -17.09 -51.68
N ASP C 454 86.58 -18.24 -52.20
CA ASP C 454 87.64 -18.27 -53.21
C ASP C 454 87.56 -19.51 -54.10
N SER C 455 87.52 -19.30 -55.41
CA SER C 455 87.59 -20.40 -56.37
C SER C 455 88.96 -20.40 -57.02
N ASP C 456 89.25 -21.45 -57.78
CA ASP C 456 90.54 -21.58 -58.45
C ASP C 456 90.78 -20.42 -59.42
N ASP C 457 89.82 -20.16 -60.30
CA ASP C 457 89.91 -19.03 -61.22
C ASP C 457 89.35 -17.77 -60.57
N LEU C 458 89.05 -16.77 -61.40
CA LEU C 458 88.68 -15.45 -60.90
C LEU C 458 87.18 -15.29 -60.65
N ILE C 459 86.42 -16.38 -60.78
CA ILE C 459 84.98 -16.33 -60.54
C ILE C 459 84.64 -16.76 -59.12
N PRO C 460 84.17 -15.81 -58.29
CA PRO C 460 83.81 -16.09 -56.91
C PRO C 460 82.36 -16.52 -56.75
N PRO C 461 82.02 -17.14 -55.62
CA PRO C 461 80.64 -17.49 -55.28
C PRO C 461 79.91 -16.35 -54.57
N TYR C 462 79.66 -15.26 -55.28
CA TYR C 462 78.95 -14.10 -54.74
C TYR C 462 77.47 -14.36 -54.58
N LEU C 463 76.90 -13.89 -53.46
CA LEU C 463 75.44 -13.86 -53.33
C LEU C 463 74.93 -12.71 -54.11
N ASP C 464 73.79 -12.90 -54.81
CA ASP C 464 73.21 -11.98 -55.80
C ASP C 464 73.35 -10.50 -55.74
N GLN C 465 72.95 -9.89 -54.64
CA GLN C 465 73.03 -8.43 -54.53
C GLN C 465 74.12 -7.92 -53.60
N TYR C 466 74.10 -8.34 -52.34
CA TYR C 466 75.01 -7.84 -51.31
C TYR C 466 76.44 -7.73 -51.81
N PHE C 467 77.02 -8.89 -52.10
CA PHE C 467 78.44 -9.00 -52.41
C PHE C 467 78.89 -8.02 -53.48
N TYR C 468 78.14 -7.94 -54.58
CA TYR C 468 78.50 -7.05 -55.68
C TYR C 468 78.54 -5.59 -55.26
N SER C 469 77.54 -5.15 -54.51
CA SER C 469 77.46 -3.74 -54.12
C SER C 469 78.28 -3.41 -52.89
N HIS C 470 78.34 -4.34 -51.95
CA HIS C 470 78.85 -4.02 -50.62
C HIS C 470 80.33 -4.33 -50.44
N ILE C 471 80.85 -5.25 -51.26
CA ILE C 471 82.25 -5.63 -51.13
C ILE C 471 83.14 -4.40 -51.32
N GLY C 472 82.77 -3.55 -52.27
CA GLY C 472 83.56 -2.38 -52.59
C GLY C 472 83.65 -1.39 -51.46
N HIS C 473 82.55 -1.25 -50.73
CA HIS C 473 82.47 -0.32 -49.61
C HIS C 473 83.38 -0.77 -48.46
N HIS C 474 83.27 -2.05 -48.11
CA HIS C 474 84.06 -2.60 -47.02
C HIS C 474 85.54 -2.70 -47.38
N LEU C 475 85.82 -3.00 -48.66
CA LEU C 475 87.20 -3.09 -49.14
C LEU C 475 87.91 -1.75 -49.06
N LYS C 476 87.19 -0.68 -49.37
CA LYS C 476 87.74 0.67 -49.27
C LYS C 476 88.11 0.97 -47.82
N ASN C 477 87.28 0.49 -46.90
CA ASN C 477 87.49 0.72 -45.47
C ASN C 477 88.72 -0.02 -44.94
N ILE C 478 88.91 -1.27 -45.38
CA ILE C 478 90.01 -2.08 -44.84
C ILE C 478 91.39 -1.66 -45.36
N GLU C 479 91.60 -1.74 -46.67
CA GLU C 479 92.92 -1.50 -47.29
C GLU C 479 92.86 -1.43 -48.81
N HIS C 480 94.00 -1.17 -49.43
CA HIS C 480 94.09 -1.06 -50.89
C HIS C 480 94.34 -2.36 -51.67
N PRO C 481 95.13 -3.31 -51.13
CA PRO C 481 95.48 -4.43 -52.02
C PRO C 481 94.31 -5.32 -52.41
N GLU C 482 93.31 -5.43 -51.54
CA GLU C 482 92.16 -6.28 -51.82
C GLU C 482 91.18 -5.57 -52.74
N ARG C 483 91.11 -4.25 -52.62
CA ARG C 483 90.35 -3.44 -53.55
C ARG C 483 90.91 -3.62 -54.96
N MET C 484 92.24 -3.62 -55.03
CA MET C 484 92.96 -3.77 -56.29
C MET C 484 92.51 -5.01 -57.06
N THR C 485 92.39 -6.13 -56.36
CA THR C 485 92.04 -7.40 -56.99
C THR C 485 90.54 -7.63 -57.11
N LEU C 486 89.80 -7.41 -56.02
CA LEU C 486 88.37 -7.78 -55.99
C LEU C 486 87.49 -6.87 -56.84
N PHE C 487 87.83 -5.58 -56.91
CA PHE C 487 87.14 -4.68 -57.83
C PHE C 487 87.34 -5.16 -59.25
N ARG C 488 88.46 -5.84 -59.45
CA ARG C 488 88.86 -6.33 -60.74
C ARG C 488 88.88 -5.17 -61.72
N MET C 489 89.64 -4.16 -61.33
CA MET C 489 90.10 -3.14 -62.25
C MET C 489 91.33 -3.73 -62.89
N VAL C 490 91.97 -4.62 -62.13
CA VAL C 490 93.08 -5.42 -62.62
C VAL C 490 92.55 -6.63 -63.37
N PHE C 491 91.50 -7.24 -62.84
CA PHE C 491 90.95 -8.45 -63.46
C PHE C 491 89.82 -8.08 -64.43
N LEU C 492 89.76 -8.77 -65.57
CA LEU C 492 88.70 -8.51 -66.53
C LEU C 492 87.39 -9.17 -66.09
N ASP C 493 87.47 -10.00 -65.05
CA ASP C 493 86.39 -10.91 -64.70
C ASP C 493 85.18 -10.26 -64.01
N PHE C 494 85.37 -9.13 -63.34
CA PHE C 494 84.23 -8.46 -62.70
C PHE C 494 83.54 -7.54 -63.69
N ARG C 495 84.27 -7.14 -64.73
CA ARG C 495 83.64 -6.47 -65.84
C ARG C 495 82.65 -7.46 -66.46
N PHE C 496 83.05 -8.72 -66.48
CA PHE C 496 82.18 -9.79 -66.94
C PHE C 496 81.02 -9.99 -65.97
N LEU C 497 81.32 -10.51 -64.78
CA LEU C 497 80.30 -10.88 -63.80
C LEU C 497 79.38 -9.73 -63.40
N GLU C 498 79.89 -8.80 -62.60
CA GLU C 498 79.13 -7.65 -62.06
C GLU C 498 78.14 -7.04 -63.04
N GLN C 499 78.55 -6.92 -64.29
CA GLN C 499 77.74 -6.28 -65.32
C GLN C 499 76.53 -7.14 -65.71
N LYS C 500 76.75 -8.44 -65.92
CA LYS C 500 75.72 -9.28 -66.52
C LYS C 500 74.72 -9.84 -65.49
N ILE C 501 75.12 -9.90 -64.23
CA ILE C 501 74.19 -10.32 -63.17
C ILE C 501 73.33 -9.14 -62.76
N ARG C 502 73.95 -7.96 -62.69
CA ARG C 502 73.21 -6.72 -62.45
C ARG C 502 72.55 -6.23 -63.73
N HIS C 503 71.74 -7.08 -64.34
CA HIS C 503 71.05 -6.77 -65.58
C HIS C 503 69.53 -6.77 -65.39
N ASN C 516 72.15 -1.20 -63.10
CA ASN C 516 72.87 -1.74 -64.24
C ASN C 516 74.32 -1.29 -64.26
N THR C 517 74.75 -0.74 -65.38
CA THR C 517 76.11 -0.23 -65.54
C THR C 517 76.36 0.92 -64.58
N LEU C 518 75.27 1.55 -64.15
CA LEU C 518 75.32 2.73 -63.30
C LEU C 518 76.05 2.46 -62.00
N GLN C 519 75.50 1.56 -61.20
CA GLN C 519 76.05 1.27 -59.89
C GLN C 519 77.48 0.75 -60.01
N GLN C 520 77.76 0.05 -61.10
CA GLN C 520 79.12 -0.39 -61.40
C GLN C 520 80.00 0.85 -61.54
N LEU C 521 79.57 1.78 -62.38
CA LEU C 521 80.23 3.07 -62.53
C LEU C 521 80.28 3.81 -61.21
N LYS C 522 79.25 3.63 -60.39
CA LYS C 522 79.17 4.27 -59.08
C LYS C 522 80.14 3.67 -58.07
N PHE C 523 80.55 2.43 -58.31
CA PHE C 523 81.56 1.82 -57.46
C PHE C 523 82.91 2.45 -57.76
N TYR C 524 83.30 2.34 -59.03
CA TYR C 524 84.65 2.68 -59.45
C TYR C 524 85.08 4.10 -59.07
N LYS C 525 84.21 5.09 -59.22
CA LYS C 525 84.66 6.47 -59.09
C LYS C 525 84.99 6.93 -57.66
N PRO C 526 84.10 6.74 -56.68
CA PRO C 526 84.54 7.19 -55.35
C PRO C 526 85.53 6.25 -54.68
N TYR C 527 85.69 5.04 -55.22
CA TYR C 527 86.48 4.03 -54.54
C TYR C 527 87.96 3.99 -54.96
N ILE C 528 88.37 4.76 -55.97
CA ILE C 528 89.77 4.73 -56.41
C ILE C 528 90.75 5.30 -55.39
N CYS C 529 90.22 6.04 -54.42
CA CYS C 529 91.05 6.75 -53.46
C CYS C 529 91.97 5.79 -52.68
N ASP C 530 91.47 4.59 -52.43
CA ASP C 530 92.21 3.59 -51.67
C ASP C 530 93.48 3.15 -52.41
N ASP C 532 98.00 2.80 -55.13
CA ASP C 532 98.81 4.02 -55.26
C ASP C 532 98.47 4.73 -56.58
N PRO C 533 98.77 6.04 -56.68
CA PRO C 533 98.46 6.86 -57.86
C PRO C 533 98.74 6.22 -59.21
N LYS C 534 99.75 5.36 -59.31
CA LYS C 534 100.11 4.73 -60.58
C LYS C 534 98.99 3.81 -61.05
N TYR C 535 98.45 3.03 -60.12
CA TYR C 535 97.29 2.21 -60.42
C TYR C 535 96.03 3.07 -60.44
N GLU C 536 96.10 4.23 -59.79
CA GLU C 536 94.92 5.11 -59.67
C GLU C 536 94.56 5.77 -61.00
N ARG C 537 95.56 6.31 -61.68
CA ARG C 537 95.37 6.87 -63.02
C ARG C 537 94.88 5.77 -63.96
N LEU C 538 95.17 4.53 -63.58
CA LEU C 538 94.76 3.36 -64.35
C LEU C 538 93.28 3.06 -64.14
N VAL C 539 92.77 3.22 -62.91
CA VAL C 539 91.36 2.92 -62.65
C VAL C 539 90.46 3.92 -63.36
N ASN C 540 90.91 5.17 -63.48
CA ASN C 540 90.09 6.19 -64.09
C ASN C 540 90.11 5.99 -65.60
N ALA C 541 91.18 5.37 -66.08
CA ALA C 541 91.30 5.01 -67.48
C ALA C 541 90.32 3.89 -67.82
N ILE C 542 90.25 2.87 -66.97
CA ILE C 542 89.30 1.79 -67.17
C ILE C 542 87.89 2.25 -66.80
N LEU C 543 87.83 3.31 -65.99
CA LEU C 543 86.56 3.87 -65.55
C LEU C 543 85.78 4.41 -66.74
N ASP C 544 86.45 5.22 -67.54
CA ASP C 544 85.81 5.88 -68.66
C ASP C 544 85.33 4.88 -69.71
N PHE C 545 86.13 3.84 -69.95
CA PHE C 545 85.81 2.82 -70.94
C PHE C 545 84.61 1.97 -70.50
N LEU C 546 84.24 2.07 -69.24
CA LEU C 546 83.21 1.21 -68.67
C LEU C 546 81.77 1.58 -69.10
N PRO C 547 81.35 2.85 -68.91
CA PRO C 547 79.99 3.13 -69.38
C PRO C 547 79.96 3.29 -70.90
N LYS C 548 81.14 3.45 -71.48
CA LYS C 548 81.31 3.61 -72.92
C LYS C 548 80.67 2.46 -73.69
N ILE C 549 80.74 1.26 -73.12
CA ILE C 549 80.24 0.06 -73.78
C ILE C 549 79.69 -0.95 -72.76
N TYR C 558 82.09 -16.45 -73.39
CA TYR C 558 83.31 -16.08 -72.66
C TYR C 558 84.36 -15.26 -73.43
N THR C 559 84.57 -15.62 -74.68
CA THR C 559 85.61 -15.05 -75.53
C THR C 559 85.50 -13.53 -75.70
N ASP C 560 84.29 -13.04 -75.98
CA ASP C 560 84.06 -11.62 -76.29
C ASP C 560 84.75 -10.65 -75.34
N LEU C 561 84.62 -10.91 -74.04
CA LEU C 561 85.18 -10.05 -73.00
C LEU C 561 86.67 -9.81 -73.18
N LEU C 562 87.40 -10.87 -73.53
CA LEU C 562 88.85 -10.80 -73.68
C LEU C 562 89.25 -10.04 -74.95
N ARG C 563 88.50 -10.27 -76.03
CA ARG C 563 88.83 -9.70 -77.32
C ARG C 563 88.71 -8.18 -77.34
N ILE C 564 87.77 -7.64 -76.56
CA ILE C 564 87.58 -6.20 -76.51
C ILE C 564 88.53 -5.55 -75.51
N ALA C 565 89.14 -6.38 -74.65
CA ALA C 565 90.17 -5.90 -73.74
C ALA C 565 91.49 -5.78 -74.48
N LEU C 566 91.56 -6.42 -75.64
CA LEU C 566 92.77 -6.49 -76.46
C LEU C 566 93.12 -5.14 -77.09
N MET C 567 92.13 -4.25 -77.19
CA MET C 567 92.30 -3.00 -77.92
C MET C 567 93.33 -2.05 -77.28
N ALA C 568 93.35 -2.01 -75.96
CA ALA C 568 94.27 -1.12 -75.24
C ALA C 568 95.38 -1.93 -74.56
N GLU C 569 96.57 -1.90 -75.15
CA GLU C 569 97.72 -2.66 -74.68
C GLU C 569 98.20 -2.22 -73.30
N ASP C 570 97.89 -0.97 -72.94
CA ASP C 570 98.43 -0.34 -71.74
C ASP C 570 97.82 -0.81 -70.43
N GLU C 571 96.75 -1.59 -70.50
CA GLU C 571 95.97 -1.90 -69.31
C GLU C 571 96.11 -3.35 -68.84
N ALA C 572 96.03 -3.52 -67.52
CA ALA C 572 96.12 -4.84 -66.91
C ALA C 572 94.84 -5.64 -67.13
N ILE C 573 93.78 -4.95 -67.58
CA ILE C 573 92.52 -5.63 -67.87
C ILE C 573 92.75 -6.58 -69.04
N PHE C 574 93.73 -6.27 -69.89
CA PHE C 574 94.14 -7.17 -70.95
C PHE C 574 95.06 -8.26 -70.40
N GLU C 575 95.97 -7.86 -69.51
CA GLU C 575 96.91 -8.81 -68.88
C GLU C 575 96.17 -9.91 -68.15
N GLU C 576 95.07 -9.55 -67.50
CA GLU C 576 94.26 -10.52 -66.80
C GLU C 576 93.31 -11.23 -67.74
N ALA C 577 92.89 -10.52 -68.79
CA ALA C 577 92.10 -11.11 -69.86
C ALA C 577 92.81 -12.34 -70.39
N HIS C 578 94.12 -12.19 -70.59
CA HIS C 578 94.96 -13.25 -71.12
C HIS C 578 95.08 -14.42 -70.13
N LYS C 579 94.94 -14.12 -68.84
CA LYS C 579 95.03 -15.16 -67.81
C LYS C 579 93.75 -15.97 -67.70
N GLN C 580 92.61 -15.32 -67.92
CA GLN C 580 91.32 -15.98 -67.72
C GLN C 580 90.85 -16.75 -68.96
N VAL C 581 91.46 -16.48 -70.11
CA VAL C 581 91.26 -17.33 -71.27
C VAL C 581 92.17 -18.55 -71.12
N GLN C 582 93.37 -18.30 -70.58
CA GLN C 582 94.34 -19.35 -70.28
C GLN C 582 93.70 -20.43 -69.41
N ARG C 583 92.87 -20.01 -68.47
CA ARG C 583 92.04 -20.94 -67.71
C ARG C 583 90.57 -20.67 -67.95
N UNK C 584 77.50 2.21 -79.20
CA UNK C 584 76.83 3.48 -79.00
C UNK C 584 77.16 3.98 -77.60
N UNK C 585 77.32 5.29 -77.48
CA UNK C 585 77.66 5.91 -76.21
C UNK C 585 76.70 5.48 -75.09
N UNK C 586 75.44 5.26 -75.42
CA UNK C 586 74.47 4.85 -74.40
C UNK C 586 73.34 3.97 -74.92
N UNK C 587 72.93 3.00 -74.11
CA UNK C 587 71.85 2.10 -74.47
C UNK C 587 70.87 1.91 -73.29
N UNK C 588 69.62 2.31 -73.52
CA UNK C 588 68.58 2.26 -72.51
C UNK C 588 67.52 1.19 -72.76
N UNK C 589 67.17 0.45 -71.71
CA UNK C 589 66.17 -0.60 -71.81
C UNK C 589 65.07 -0.40 -70.75
N UNK C 590 64.06 0.45 -71.05
CA UNK C 590 62.95 0.75 -70.14
C UNK C 590 61.57 0.25 -70.53
N UNK C 591 61.47 -0.47 -71.64
CA UNK C 591 60.18 -0.97 -72.06
C UNK C 591 60.17 -2.48 -72.02
N UNK C 592 58.98 -3.08 -72.00
CA UNK C 592 58.90 -4.53 -71.95
C UNK C 592 58.41 -5.01 -73.28
N UNK C 593 58.47 -3.97 -76.69
CA UNK C 593 59.11 -3.12 -77.67
C UNK C 593 58.99 -1.63 -77.33
N UNK C 594 60.04 -0.87 -77.62
CA UNK C 594 60.05 0.57 -77.39
C UNK C 594 59.70 1.20 -78.72
N UNK C 595 58.67 2.02 -78.74
CA UNK C 595 58.32 2.61 -80.02
C UNK C 595 58.95 3.96 -80.28
N UNK C 596 59.03 4.80 -79.25
CA UNK C 596 59.60 6.13 -79.40
C UNK C 596 60.29 6.51 -78.11
N UNK C 597 61.25 7.44 -78.20
CA UNK C 597 61.98 7.93 -77.04
C UNK C 597 62.53 9.29 -77.44
N UNK C 598 62.79 10.16 -76.47
CA UNK C 598 63.31 11.48 -76.78
C UNK C 598 63.96 12.17 -75.58
N UNK C 599 64.74 13.22 -75.86
CA UNK C 599 65.45 13.98 -74.84
C UNK C 599 64.62 15.12 -74.25
N UNK C 600 64.95 15.51 -73.03
CA UNK C 600 64.26 16.63 -72.40
C UNK C 600 64.87 17.84 -73.10
N UNK C 601 64.23 19.00 -73.00
CA UNK C 601 64.76 20.18 -73.66
C UNK C 601 66.18 20.52 -73.27
N UNK C 602 66.60 20.18 -72.06
CA UNK C 602 67.98 20.46 -71.65
C UNK C 602 68.86 19.25 -71.87
N UNK C 603 68.28 18.19 -72.45
CA UNK C 603 69.04 16.98 -72.72
C UNK C 603 69.41 16.14 -71.50
N UNK C 604 69.07 16.62 -70.30
CA UNK C 604 69.36 15.89 -69.07
C UNK C 604 68.57 14.61 -68.84
N UNK C 605 67.36 14.55 -69.40
CA UNK C 605 66.50 13.40 -69.22
C UNK C 605 66.04 12.80 -70.55
N UNK C 606 65.46 11.60 -70.47
CA UNK C 606 64.94 10.90 -71.63
C UNK C 606 63.62 10.23 -71.27
N UNK C 607 62.62 10.37 -72.14
CA UNK C 607 61.34 9.73 -71.88
C UNK C 607 61.16 8.77 -73.05
N UNK C 608 60.60 7.60 -72.78
CA UNK C 608 60.41 6.58 -73.79
C UNK C 608 59.09 5.89 -73.57
N UNK C 609 58.35 5.63 -74.63
CA UNK C 609 57.06 4.99 -74.52
C UNK C 609 56.99 3.84 -75.51
N UNK C 610 56.51 2.69 -75.06
CA UNK C 610 56.45 1.57 -75.97
C UNK C 610 55.19 0.74 -75.86
N UNK C 611 55.27 -0.49 -76.34
CA UNK C 611 54.11 -1.36 -76.42
C UNK C 611 53.76 -1.93 -75.05
N UNK C 612 54.59 -1.63 -74.06
CA UNK C 612 54.28 -2.13 -72.73
C UNK C 612 53.25 -1.26 -72.02
N UNK C 613 52.72 -0.27 -72.75
CA UNK C 613 51.69 0.67 -72.27
C UNK C 613 52.13 1.74 -71.27
N UNK C 614 53.40 1.75 -70.86
CA UNK C 614 53.87 2.72 -69.86
C UNK C 614 54.67 3.93 -70.39
N UNK C 615 54.83 4.94 -69.54
CA UNK C 615 55.61 6.13 -69.86
C UNK C 615 56.80 5.99 -68.95
N UNK C 616 58.00 6.11 -69.51
CA UNK C 616 59.20 5.96 -68.69
C UNK C 616 60.11 7.14 -68.82
N UNK C 617 60.81 7.47 -67.75
CA UNK C 617 61.73 8.59 -67.79
C UNK C 617 62.94 8.26 -66.94
N UNK C 618 64.11 8.66 -67.42
CA UNK C 618 65.39 8.40 -66.77
C UNK C 618 66.41 9.47 -67.12
N UNK C 619 67.46 9.57 -66.30
CA UNK C 619 68.51 10.55 -66.54
C UNK C 619 69.22 10.18 -67.84
N UNK C 620 69.60 11.19 -68.62
CA UNK C 620 70.29 10.93 -69.88
C UNK C 620 71.67 10.35 -69.58
N UNK C 621 72.28 10.87 -68.52
CA UNK C 621 73.61 10.45 -68.08
C UNK C 621 73.77 8.98 -67.70
N UNK C 622 72.88 8.48 -66.84
CA UNK C 622 72.98 7.10 -66.35
C UNK C 622 71.84 6.11 -66.51
N UNK C 623 70.71 6.53 -67.06
CA UNK C 623 69.59 5.59 -67.23
C UNK C 623 68.85 5.37 -65.92
N UNK C 624 69.37 6.01 -64.88
CA UNK C 624 68.82 5.97 -63.53
C UNK C 624 67.34 6.27 -63.64
N UNK C 625 66.48 5.29 -63.42
CA UNK C 625 65.05 5.52 -63.53
C UNK C 625 64.52 6.69 -62.72
N UNK C 626 63.69 7.52 -63.36
CA UNK C 626 63.08 8.68 -62.73
C UNK C 626 61.57 8.53 -62.61
N UNK C 627 60.92 8.06 -63.67
CA UNK C 627 59.47 7.83 -63.62
C UNK C 627 59.07 6.50 -64.28
N UNK C 628 58.09 5.81 -63.67
CA UNK C 628 57.58 4.54 -64.18
C UNK C 628 56.04 4.59 -64.12
N UNK C 629 55.44 5.33 -65.05
CA UNK C 629 54.00 5.54 -65.13
C UNK C 629 53.27 4.54 -66.02
N UNK C 630 52.02 4.25 -65.70
CA UNK C 630 51.22 3.34 -66.53
C UNK C 630 50.33 4.27 -67.37
N UNK C 631 50.94 4.93 -68.35
CA UNK C 631 50.23 5.91 -69.20
C UNK C 631 48.91 5.59 -69.91
N UNK C 632 48.81 4.45 -70.58
CA UNK C 632 47.57 4.15 -71.28
C UNK C 632 47.09 2.72 -71.16
N UNK C 633 45.98 2.47 -71.83
CA UNK C 633 45.34 1.16 -71.85
C UNK C 633 45.55 0.53 -73.22
N UNK C 634 46.33 1.25 -74.58
CA UNK C 634 46.67 0.72 -75.90
C UNK C 634 47.97 1.38 -76.38
N UNK C 635 48.69 0.67 -77.25
CA UNK C 635 49.99 1.11 -77.73
C UNK C 635 50.07 2.59 -78.11
N UNK C 636 51.23 3.18 -77.89
CA UNK C 636 51.46 4.58 -78.19
C UNK C 636 52.19 4.72 -79.51
N UNK C 637 52.11 5.91 -80.11
CA UNK C 637 52.76 6.17 -81.42
C UNK C 637 53.70 7.35 -81.56
N UNK C 638 53.63 8.30 -80.63
CA UNK C 638 54.48 9.46 -80.72
C UNK C 638 54.43 10.24 -79.42
N UNK C 639 55.46 11.05 -79.18
CA UNK C 639 55.56 11.86 -77.98
C UNK C 639 56.51 13.06 -78.23
N UNK C 640 56.29 14.17 -77.54
CA UNK C 640 57.12 15.35 -77.73
C UNK C 640 57.11 16.25 -76.54
N UNK C 641 58.05 17.19 -76.50
CA UNK C 641 58.18 18.15 -75.41
C UNK C 641 57.65 19.47 -75.92
N UNK C 642 57.26 20.37 -75.03
CA UNK C 642 56.75 21.68 -75.42
C UNK C 642 57.96 22.57 -75.65
N UNK C 643 57.73 23.82 -76.02
CA UNK C 643 58.80 24.77 -76.28
C UNK C 643 59.71 25.03 -75.08
N UNK C 644 59.18 24.93 -73.87
CA UNK C 644 60.01 25.16 -72.68
C UNK C 644 60.15 23.89 -71.84
N UNK C 645 60.03 22.74 -72.49
CA UNK C 645 60.16 21.46 -71.81
C UNK C 645 59.26 21.37 -70.60
N UNK C 646 58.31 22.27 -70.48
CA UNK C 646 57.42 22.26 -69.33
C UNK C 646 56.45 21.08 -69.44
N UNK C 647 56.17 20.68 -70.68
CA UNK C 647 55.23 19.59 -70.91
C UNK C 647 55.75 18.58 -71.90
N UNK C 648 55.04 17.46 -71.96
CA UNK C 648 55.32 16.36 -72.86
C UNK C 648 53.94 15.85 -73.28
N UNK C 649 53.70 15.74 -74.57
CA UNK C 649 52.43 15.22 -74.99
C UNK C 649 52.70 13.81 -75.47
N UNK C 650 51.64 13.03 -75.64
CA UNK C 650 51.74 11.67 -76.15
C UNK C 650 50.43 11.41 -76.83
N UNK C 651 50.48 10.82 -78.01
CA UNK C 651 49.27 10.51 -78.72
C UNK C 651 49.35 8.99 -78.98
N UNK C 652 48.22 8.30 -78.91
CA UNK C 652 48.25 6.85 -79.09
C UNK C 652 47.14 6.25 -79.92
N UNK C 653 47.13 4.93 -79.99
CA UNK C 653 46.14 4.20 -80.76
C UNK C 653 44.75 4.23 -80.12
N UNK C 654 44.66 4.72 -78.88
CA UNK C 654 43.37 4.80 -78.23
C UNK C 654 42.69 6.06 -78.72
N UNK C 655 43.31 6.68 -79.72
CA UNK C 655 42.78 7.90 -80.34
C UNK C 655 42.87 9.14 -79.45
N UNK C 656 43.53 9.01 -78.30
CA UNK C 656 43.68 10.14 -77.39
C UNK C 656 45.05 10.81 -77.48
N UNK C 657 45.10 12.06 -77.00
CA UNK C 657 46.31 12.87 -76.94
C UNK C 657 46.41 13.28 -75.48
N UNK C 658 47.60 13.31 -74.91
CA UNK C 658 47.70 13.66 -73.51
C UNK C 658 48.83 14.62 -73.19
N UNK C 659 48.63 15.45 -72.16
CA UNK C 659 49.64 16.41 -71.78
C UNK C 659 50.11 16.05 -70.39
N UNK C 660 51.41 16.07 -70.16
CA UNK C 660 51.97 15.72 -68.87
C UNK C 660 52.94 16.78 -68.36
N UNK C 661 53.03 16.92 -67.04
CA UNK C 661 53.95 17.85 -66.43
C UNK C 661 55.25 17.06 -66.55
N UNK C 662 56.17 17.52 -67.37
CA UNK C 662 57.42 16.80 -67.56
C UNK C 662 58.20 16.58 -66.29
N UNK C 663 57.86 17.32 -65.24
CA UNK C 663 58.57 17.21 -63.98
C UNK C 663 58.01 16.14 -63.06
N UNK C 664 55.14 14.24 -63.95
CA UNK C 664 54.49 13.18 -64.71
C UNK C 664 53.00 13.09 -64.47
N UNK C 665 52.43 14.07 -63.79
CA UNK C 665 51.00 14.04 -63.54
C UNK C 665 50.22 14.46 -64.79
N UNK C 666 49.19 13.68 -65.12
CA UNK C 666 48.35 13.95 -66.28
C UNK C 666 47.84 15.38 -66.13
N UNK C 667 48.05 16.19 -67.16
CA UNK C 667 47.63 17.59 -67.13
C UNK C 667 46.49 17.80 -68.14
N UNK C 668 43.53 15.44 -70.92
CA UNK C 668 43.55 14.65 -72.14
C UNK C 668 42.56 15.19 -73.18
N UNK C 669 42.89 15.00 -74.45
CA UNK C 669 42.08 15.47 -75.54
C UNK C 669 41.65 14.32 -76.41
N UNK C 670 40.39 13.90 -76.31
CA UNK C 670 39.90 12.81 -77.15
C UNK C 670 38.96 13.41 -78.17
N UNK C 671 39.37 13.40 -79.44
CA UNK C 671 38.54 13.95 -80.50
C UNK C 671 38.85 13.30 -81.83
N UNK C 672 43.30 12.48 -83.28
CA UNK C 672 44.15 13.61 -83.64
C UNK C 672 45.60 13.12 -83.80
N UNK C 673 46.13 13.32 -85.01
CA UNK C 673 47.47 12.88 -85.42
C UNK C 673 48.60 13.87 -85.17
N UNK C 674 48.39 15.12 -85.57
CA UNK C 674 49.40 16.16 -85.38
C UNK C 674 49.19 16.91 -84.07
N UNK C 675 50.30 17.30 -83.44
CA UNK C 675 50.28 18.16 -82.25
C UNK C 675 51.67 18.72 -82.00
N UNK C 676 51.78 20.04 -82.20
CA UNK C 676 53.02 20.78 -82.07
C UNK C 676 52.82 22.11 -81.31
N UNK C 677 53.81 22.52 -80.52
CA UNK C 677 53.73 23.76 -79.74
C UNK C 677 54.35 24.92 -80.49
N UNK C 678 54.20 26.13 -79.95
CA UNK C 678 54.79 27.32 -80.56
C UNK C 678 56.26 27.34 -80.16
N UNK C 679 57.13 27.82 -81.05
CA UNK C 679 58.57 27.85 -80.78
C UNK C 679 59.03 28.97 -79.87
N UNK C 680 58.54 30.18 -80.13
CA UNK C 680 58.92 31.33 -79.33
C UNK C 680 58.50 31.20 -77.86
N UNK C 681 59.50 31.36 -77.00
CA UNK C 681 59.36 31.29 -75.55
C UNK C 681 58.39 32.35 -75.02
N UNK C 682 57.81 33.11 -75.92
CA UNK C 682 56.89 34.15 -75.53
C UNK C 682 55.48 33.59 -75.34
N UNK C 683 54.78 33.37 -76.45
CA UNK C 683 53.42 32.81 -76.42
C UNK C 683 53.44 31.30 -76.24
N UNK C 684 52.32 30.73 -75.81
CA UNK C 684 52.22 29.29 -75.53
C UNK C 684 51.01 28.63 -76.16
N UNK C 685 51.05 28.36 -77.46
CA UNK C 685 49.91 27.74 -78.13
C UNK C 685 50.20 26.32 -78.55
N UNK C 686 49.14 25.56 -78.81
CA UNK C 686 49.26 24.19 -79.23
C UNK C 686 48.39 24.01 -80.46
N UNK C 687 48.95 23.37 -81.48
CA UNK C 687 48.22 23.15 -82.71
C UNK C 687 48.02 21.67 -82.90
N UNK C 688 46.82 21.27 -83.30
CA UNK C 688 46.51 19.87 -83.49
C UNK C 688 45.77 19.63 -84.81
N UNK C 689 46.13 18.54 -85.48
CA UNK C 689 45.49 18.18 -86.72
C UNK C 689 44.79 16.85 -86.44
N UNK C 690 43.61 16.64 -87.02
CA UNK C 690 42.89 15.39 -86.76
C UNK C 690 42.25 14.79 -88.00
N UNK C 691 41.85 13.52 -87.87
CA UNK C 691 41.18 12.81 -88.96
C UNK C 691 39.83 13.44 -89.22
N UNK C 692 39.39 14.33 -88.33
CA UNK C 692 38.09 14.98 -88.49
C UNK C 692 38.18 16.16 -89.45
N UNK C 693 39.33 16.32 -90.10
CA UNK C 693 39.58 17.38 -91.08
C UNK C 693 39.88 18.75 -90.50
N UNK C 694 39.86 18.90 -89.19
CA UNK C 694 40.14 20.20 -88.62
C UNK C 694 41.50 20.28 -88.00
N UNK C 695 41.86 21.52 -87.70
CA UNK C 695 43.10 21.90 -87.04
C UNK C 695 42.63 22.74 -85.86
N UNK C 696 43.34 22.68 -84.74
CA UNK C 696 42.89 23.49 -83.63
C UNK C 696 44.04 24.18 -82.91
N UNK C 697 43.78 25.41 -82.48
CA UNK C 697 44.76 26.16 -81.74
C UNK C 697 44.22 26.19 -80.33
N UNK C 698 45.05 25.83 -79.36
CA UNK C 698 44.64 25.83 -77.96
C UNK C 698 45.51 26.81 -77.25
N UNK C 699 44.92 27.54 -76.31
CA UNK C 699 45.66 28.52 -75.52
C UNK C 699 45.72 27.84 -74.17
N UNK C 700 46.83 27.15 -73.89
CA UNK C 700 47.02 26.42 -72.64
C UNK C 700 46.63 27.22 -71.40
N UNK C 701 46.59 28.54 -71.55
CA UNK C 701 46.23 29.43 -70.46
C UNK C 701 44.71 29.63 -70.48
N UNK C 702 43.98 28.66 -71.00
CA UNK C 702 42.53 28.77 -71.08
C UNK C 702 41.85 27.42 -71.20
N UNK C 703 40.90 27.15 -70.32
CA UNK C 703 40.18 25.89 -70.32
C UNK C 703 39.51 25.62 -71.68
N UNK C 704 39.62 26.55 -72.61
CA UNK C 704 38.96 26.38 -73.91
C UNK C 704 39.82 26.40 -75.17
N UNK C 705 39.21 25.93 -76.25
CA UNK C 705 39.81 25.89 -77.57
C UNK C 705 39.91 27.36 -77.96
N UNK C 706 40.86 27.73 -78.81
CA UNK C 706 40.99 29.13 -79.20
C UNK C 706 40.54 29.36 -80.62
N UNK C 707 40.70 28.34 -81.45
CA UNK C 707 40.33 28.45 -82.85
C UNK C 707 40.19 27.07 -83.44
N UNK C 708 39.40 26.99 -84.51
CA UNK C 708 39.19 25.73 -85.18
C UNK C 708 39.30 26.01 -86.66
N UNK C 709 40.46 25.74 -87.24
CA UNK C 709 40.67 26.00 -88.64
C UNK C 709 39.92 25.05 -89.55
N UNK C 710 38.86 25.54 -90.19
CA UNK C 710 38.14 24.68 -91.12
C UNK C 710 38.78 24.88 -92.49
N UNK C 711 44.57 10.31 -94.00
CA UNK C 711 45.47 11.45 -93.86
C UNK C 711 46.40 11.10 -92.70
N UNK C 712 47.67 10.92 -92.99
CA UNK C 712 48.61 10.53 -91.97
C UNK C 712 49.39 11.61 -91.29
N UNK C 713 49.41 12.80 -91.86
CA UNK C 713 50.21 13.85 -91.25
C UNK C 713 49.83 15.20 -91.84
N UNK C 714 50.10 16.27 -91.10
CA UNK C 714 49.77 17.63 -91.52
C UNK C 714 50.49 18.65 -90.65
N UNK C 715 51.01 19.70 -91.27
CA UNK C 715 51.73 20.74 -90.55
C UNK C 715 51.39 22.09 -91.12
N UNK C 716 51.23 23.07 -90.25
CA UNK C 716 50.95 24.41 -90.73
C UNK C 716 52.26 24.93 -91.26
N UNK C 717 52.21 25.87 -92.18
CA UNK C 717 53.43 26.45 -92.69
C UNK C 717 53.92 27.45 -91.64
N UNK C 718 55.21 27.79 -91.66
CA UNK C 718 55.70 28.74 -90.67
C UNK C 718 54.83 29.98 -90.79
N UNK C 719 49.81 30.71 -93.36
CA UNK C 719 48.86 30.78 -94.45
C UNK C 719 48.57 29.47 -95.17
N UNK C 720 49.45 28.49 -95.06
CA UNK C 720 49.22 27.21 -95.73
C UNK C 720 49.19 26.05 -94.77
N UNK C 721 48.54 24.97 -95.19
CA UNK C 721 48.46 23.77 -94.38
C UNK C 721 48.88 22.61 -95.26
N UNK C 722 50.05 22.07 -94.99
CA UNK C 722 50.53 20.95 -95.78
C UNK C 722 49.87 19.68 -95.25
N UNK C 723 49.57 18.76 -96.15
CA UNK C 723 48.93 17.53 -95.75
C UNK C 723 49.51 16.34 -96.48
N UNK C 724 49.72 15.27 -95.73
CA UNK C 724 50.35 14.06 -96.21
C UNK C 724 49.41 12.87 -96.01
N UNK C 725 49.26 12.06 -97.06
CA UNK C 725 48.35 10.91 -97.00
C UNK C 725 48.84 9.61 -97.62
N UNK C 726 47.96 8.63 -97.61
CA UNK C 726 48.23 7.31 -98.16
C UNK C 726 47.85 7.30 -99.63
N UNK C 727 47.09 8.29 -100.07
CA UNK C 727 46.68 8.35 -101.46
C UNK C 727 47.84 8.74 -102.37
N UNK C 728 49.04 8.80 -101.82
CA UNK C 728 50.21 9.12 -102.62
C UNK C 728 50.41 10.59 -102.96
N UNK C 729 49.78 11.48 -102.20
CA UNK C 729 49.93 12.90 -102.48
C UNK C 729 50.45 13.73 -101.30
N UNK C 730 50.92 14.93 -101.62
CA UNK C 730 51.34 15.91 -100.62
C UNK C 730 50.34 16.96 -101.04
N UNK C 731 49.82 17.75 -100.10
CA UNK C 731 48.84 18.72 -100.53
C UNK C 731 48.91 20.00 -99.74
N UNK C 732 48.67 21.12 -100.41
CA UNK C 732 48.71 22.38 -99.74
C UNK C 732 47.36 23.07 -99.72
N UNK C 733 46.69 22.99 -98.57
CA UNK C 733 45.41 23.63 -98.45
C UNK C 733 45.66 25.08 -98.03
N UNK C 734 44.69 25.94 -98.25
CA UNK C 734 44.79 27.36 -97.91
C UNK C 734 44.03 27.60 -96.61
N UNK C 735 44.76 27.81 -95.53
CA UNK C 735 44.13 28.01 -94.23
C UNK C 735 42.95 28.98 -94.21
N UNK C 736 43.17 30.21 -94.61
CA UNK C 736 42.12 31.21 -94.58
C UNK C 736 40.81 30.77 -95.23
N UNK C 737 40.87 29.83 -96.16
CA UNK C 737 39.66 29.40 -96.83
C UNK C 737 39.43 27.90 -96.90
N UNK C 738 40.34 27.11 -96.33
CA UNK C 738 40.23 25.65 -96.34
C UNK C 738 40.03 25.08 -97.75
N UNK C 739 40.66 25.68 -98.75
CA UNK C 739 40.58 25.24 -100.15
C UNK C 739 41.83 24.50 -100.59
N UNK C 740 41.68 23.53 -101.47
CA UNK C 740 42.87 22.80 -101.94
C UNK C 740 43.58 23.68 -102.97
N UNK C 741 44.83 24.06 -102.71
CA UNK C 741 45.59 24.89 -103.64
C UNK C 741 46.42 24.04 -104.59
N UNK C 742 47.11 23.02 -104.07
CA UNK C 742 47.91 22.16 -104.92
C UNK C 742 47.88 20.72 -104.41
N UNK C 743 48.38 19.82 -105.24
CA UNK C 743 48.46 18.42 -104.89
C UNK C 743 49.69 17.90 -105.62
N UNK C 744 50.54 17.17 -104.91
CA UNK C 744 51.75 16.63 -105.52
C UNK C 744 51.80 15.12 -105.44
N UNK C 745 51.59 14.47 -106.58
CA UNK C 745 51.62 13.02 -106.63
C UNK C 745 53.04 12.50 -106.46
N UNK C 746 53.21 11.48 -105.62
CA UNK C 746 54.52 10.90 -105.46
C UNK C 746 54.59 9.64 -106.34
N UNK C 747 55.34 9.82 -107.44
CA UNK C 747 55.53 8.81 -108.49
C UNK C 747 57.00 8.40 -108.64
N UNK C 748 57.72 8.28 -107.54
CA UNK C 748 59.12 7.92 -107.62
C UNK C 748 59.32 6.45 -107.37
N UNK C 749 58.26 5.69 -107.59
CA UNK C 749 58.29 4.26 -107.36
C UNK C 749 57.72 3.46 -108.54
N UNK C 750 58.43 2.40 -108.90
CA UNK C 750 58.08 1.57 -110.05
C UNK C 750 57.99 0.09 -109.67
N UNK C 751 54.47 9.86 -93.30
CA UNK C 751 55.33 10.61 -92.36
C UNK C 751 55.49 12.03 -92.92
N UNK C 752 55.49 13.03 -92.06
CA UNK C 752 55.68 14.39 -92.55
C UNK C 752 55.93 15.38 -91.46
N UNK C 753 57.22 15.60 -91.17
CA UNK C 753 57.65 16.49 -90.11
C UNK C 753 58.19 17.85 -90.56
N UNK C 754 58.14 18.79 -89.63
CA UNK C 754 58.59 20.17 -89.83
C UNK C 754 60.07 20.37 -89.58
N UNK C 755 60.59 21.49 -90.07
CA UNK C 755 61.98 21.81 -89.85
C UNK C 755 62.06 22.46 -88.48
N UNK C 756 63.28 22.73 -88.02
CA UNK C 756 63.49 23.32 -86.71
C UNK C 756 62.86 24.70 -86.57
N UNK C 757 63.01 25.50 -87.62
CA UNK C 757 62.48 26.84 -87.62
C UNK C 757 61.01 26.86 -88.04
N UNK C 758 60.46 25.71 -88.37
CA UNK C 758 59.07 25.65 -88.78
C UNK C 758 58.80 26.33 -90.12
N UNK C 759 59.88 26.58 -90.86
CA UNK C 759 59.77 27.23 -92.15
C UNK C 759 59.92 26.27 -93.32
N UNK C 760 60.04 24.98 -93.02
CA UNK C 760 60.17 23.99 -94.07
C UNK C 760 59.55 22.70 -93.60
N UNK C 761 59.12 21.85 -94.53
CA UNK C 761 58.48 20.60 -94.19
C UNK C 761 58.94 19.50 -95.14
N UNK C 762 59.27 18.32 -94.62
CA UNK C 762 59.66 17.27 -95.54
C UNK C 762 58.51 16.28 -95.56
N UNK C 763 58.30 15.62 -96.69
CA UNK C 763 57.25 14.61 -96.81
C UNK C 763 57.75 13.44 -97.64
N UNK C 764 57.05 12.31 -97.52
CA UNK C 764 57.45 11.10 -98.23
C UNK C 764 56.30 10.46 -99.01
N UNK C 765 56.63 9.89 -100.16
CA UNK C 765 55.66 9.21 -101.02
C UNK C 765 56.37 8.29 -102.03
N UNK C 766 55.76 7.14 -102.28
CA UNK C 766 56.29 6.15 -103.20
C UNK C 766 57.81 5.99 -103.02
N UNK C 767 58.57 6.57 -103.94
CA UNK C 767 60.03 6.51 -103.87
C UNK C 767 60.79 7.74 -103.43
N UNK C 768 60.10 8.81 -103.07
CA UNK C 768 60.86 9.99 -102.71
C UNK C 768 60.47 10.74 -101.45
N UNK C 769 61.42 11.51 -100.96
CA UNK C 769 61.26 12.36 -99.81
C UNK C 769 61.33 13.72 -100.49
N UNK C 770 60.48 14.65 -100.11
CA UNK C 770 60.45 15.97 -100.73
C UNK C 770 60.48 17.07 -99.71
N UNK C 771 61.28 18.10 -99.95
CA UNK C 771 61.37 19.22 -99.04
C UNK C 771 60.65 20.43 -99.58
N UNK C 772 59.63 20.87 -98.84
CA UNK C 772 58.83 22.02 -99.24
C UNK C 772 59.05 23.25 -98.39
N UNK C 773 58.82 24.39 -99.02
CA UNK C 773 58.94 25.66 -98.35
C UNK C 773 57.53 25.97 -97.85
N UNK C 774 57.33 25.92 -96.54
CA UNK C 774 56.01 26.16 -95.94
C UNK C 774 55.29 27.41 -96.46
N UNK C 775 56.21 29.85 -99.67
CA UNK C 775 56.06 29.77 -101.12
C UNK C 775 55.46 28.46 -101.62
N UNK C 776 55.55 27.39 -100.83
CA UNK C 776 55.03 26.08 -101.21
C UNK C 776 55.90 25.50 -102.32
N UNK C 777 57.15 25.95 -102.36
CA UNK C 777 58.07 25.47 -103.36
C UNK C 777 58.75 24.19 -102.95
N UNK C 778 59.15 23.42 -103.95
CA UNK C 778 59.84 22.16 -103.72
C UNK C 778 61.32 22.48 -103.65
N UNK C 779 61.86 22.52 -102.44
CA UNK C 779 63.27 22.82 -102.27
C UNK C 779 64.21 21.64 -102.46
N UNK C 780 63.66 20.44 -102.54
CA UNK C 780 64.53 19.27 -102.71
C UNK C 780 63.77 17.98 -103.01
N UNK C 781 64.45 17.10 -103.72
CA UNK C 781 63.86 15.83 -104.11
C UNK C 781 64.91 14.75 -104.15
N UNK C 782 65.05 14.01 -103.06
CA UNK C 782 66.01 12.92 -103.05
C UNK C 782 65.23 11.66 -103.39
N UNK C 783 67.62 10.28 -102.58
CA UNK C 783 66.98 9.04 -103.02
C UNK C 783 67.53 7.91 -102.18
N UNK C 784 66.62 7.20 -101.54
CA UNK C 784 66.99 6.13 -100.64
C UNK C 784 67.23 4.79 -101.31
N UNK C 785 63.38 0.53 -101.32
CA UNK C 785 62.70 -0.08 -100.19
C UNK C 785 61.63 0.94 -99.88
N UNK C 786 61.22 1.07 -98.62
CA UNK C 786 60.22 2.08 -98.26
C UNK C 786 60.52 2.67 -96.89
N UNK C 787 60.59 3.99 -96.83
CA UNK C 787 60.86 4.69 -95.58
C UNK C 787 59.71 4.38 -94.64
N UNK C 788 60.03 3.83 -93.47
CA UNK C 788 59.01 3.49 -92.48
C UNK C 788 58.67 4.65 -91.53
N UNK C 789 59.63 5.56 -91.32
CA UNK C 789 59.38 6.72 -90.47
C UNK C 789 60.51 7.74 -90.58
N UNK C 790 60.23 8.98 -90.16
CA UNK C 790 61.22 10.06 -90.22
C UNK C 790 60.92 11.22 -89.28
N UNK C 791 61.79 12.22 -89.26
CA UNK C 791 61.56 13.40 -88.44
C UNK C 791 62.55 14.45 -88.84
N UNK C 792 62.03 15.64 -89.07
CA UNK C 792 62.80 16.78 -89.50
C UNK C 792 63.27 17.59 -88.29
N UNK C 793 64.56 17.84 -88.22
CA UNK C 793 65.16 18.58 -87.13
C UNK C 793 64.76 20.06 -87.17
N UNK C 794 65.15 20.84 -86.14
CA UNK C 794 64.77 22.25 -86.18
C UNK C 794 66.00 23.09 -86.60
N UNK C 795 67.13 22.42 -86.78
CA UNK C 795 68.38 23.06 -87.19
C UNK C 795 69.12 22.21 -88.22
N UNK C 796 70.12 22.80 -88.85
CA UNK C 796 70.93 22.11 -89.85
C UNK C 796 70.14 21.35 -90.91
N UNK C 797 68.86 21.68 -91.07
CA UNK C 797 67.98 21.00 -92.05
C UNK C 797 68.18 19.50 -91.94
N UNK C 798 68.47 19.01 -90.75
CA UNK C 798 68.67 17.58 -90.57
C UNK C 798 67.37 16.84 -90.57
N UNK C 799 67.39 15.63 -91.09
CA UNK C 799 66.22 14.81 -91.13
C UNK C 799 66.65 13.38 -90.83
N UNK C 800 65.94 12.72 -89.91
CA UNK C 800 66.27 11.35 -89.58
C UNK C 800 65.14 10.48 -90.07
N UNK C 801 65.51 9.39 -90.73
CA UNK C 801 64.50 8.49 -91.24
C UNK C 801 64.89 7.06 -90.96
N UNK C 802 63.92 6.27 -90.52
CA UNK C 802 64.17 4.87 -90.28
C UNK C 802 63.95 4.36 -91.69
N UNK C 803 65.46 -1.88 -89.57
CA UNK C 803 66.57 -1.46 -88.72
C UNK C 803 67.71 -0.56 -89.25
N UNK C 804 67.56 -0.03 -90.45
CA UNK C 804 68.59 0.86 -90.99
C UNK C 804 68.17 2.25 -90.62
N UNK C 805 69.08 3.02 -90.05
CA UNK C 805 68.74 4.37 -89.66
C UNK C 805 69.78 5.33 -90.17
N UNK C 806 69.36 6.26 -91.00
CA UNK C 806 70.31 7.24 -91.52
C UNK C 806 69.75 8.63 -91.46
N UNK C 807 70.55 9.61 -91.05
CA UNK C 807 70.06 10.97 -91.02
C UNK C 807 70.69 11.70 -92.18
N UNK C 808 69.84 12.42 -92.91
CA UNK C 808 70.20 13.19 -94.09
C UNK C 808 70.20 14.69 -93.88
N UNK C 809 70.74 15.37 -94.86
CA UNK C 809 70.84 16.81 -94.86
C UNK C 809 70.00 17.35 -96.03
N UNK C 810 68.77 17.75 -95.74
CA UNK C 810 67.91 18.32 -96.79
C UNK C 810 68.70 19.55 -97.22
N UNK C 811 68.35 20.16 -98.35
CA UNK C 811 69.09 21.33 -98.80
C UNK C 811 70.42 20.90 -99.44
N UNK C 812 70.88 17.66 -99.72
CA UNK C 812 70.31 16.44 -100.29
C UNK C 812 71.29 15.26 -100.28
N UNK C 813 72.10 15.19 -99.24
CA UNK C 813 73.10 14.14 -99.09
C UNK C 813 73.02 13.41 -97.75
N UNK C 814 73.39 12.15 -97.71
CA UNK C 814 73.36 11.44 -96.44
C UNK C 814 74.53 11.99 -95.61
N UNK C 815 74.29 12.14 -94.31
CA UNK C 815 75.26 12.68 -93.38
C UNK C 815 75.84 11.63 -92.44
N UNK C 816 74.99 10.70 -92.01
CA UNK C 816 75.47 9.67 -91.11
C UNK C 816 74.67 8.40 -91.16
N UNK C 817 75.34 7.30 -90.87
CA UNK C 817 74.69 6.00 -90.83
C UNK C 817 74.62 5.66 -89.36
N UNK C 818 73.42 5.40 -88.89
CA UNK C 818 73.21 5.09 -87.49
C UNK C 818 72.87 3.62 -87.33
N UNK C 819 73.87 2.82 -87.00
CA UNK C 819 73.69 1.39 -86.84
C UNK C 819 73.46 1.09 -85.37
N UNK C 820 72.26 0.62 -85.03
CA UNK C 820 71.98 0.31 -83.64
C UNK C 820 71.04 -0.86 -83.42
N UNK C 821 70.20 -1.14 -84.39
CA UNK C 821 69.24 -2.24 -84.27
C UNK C 821 69.44 -3.30 -85.35
N UNK C 822 69.00 -4.52 -85.07
CA UNK C 822 69.07 -5.61 -86.04
C UNK C 822 67.66 -6.18 -86.20
N UNK C 823 66.75 -5.84 -84.84
CA UNK C 823 65.31 -5.90 -84.83
C UNK C 823 64.84 -4.54 -85.33
N UNK C 824 63.72 -4.53 -86.03
CA UNK C 824 63.10 -3.32 -86.59
C UNK C 824 63.26 -1.98 -85.88
N UNK C 825 63.67 -0.95 -86.61
CA UNK C 825 63.88 0.36 -85.99
C UNK C 825 62.69 1.24 -86.37
N UNK C 826 61.90 1.61 -85.39
CA UNK C 826 60.70 2.40 -85.62
C UNK C 826 60.94 3.88 -85.74
N UNK C 827 61.81 4.40 -84.89
CA UNK C 827 62.06 5.83 -84.93
C UNK C 827 63.52 6.17 -84.72
N UNK C 828 63.83 7.44 -84.95
CA UNK C 828 65.21 7.86 -84.84
C UNK C 828 65.25 9.39 -84.94
N UNK C 829 66.03 10.05 -84.10
CA UNK C 829 66.14 11.49 -84.26
C UNK C 829 67.29 12.17 -83.57
N UNK C 830 67.59 13.38 -84.04
CA UNK C 830 68.70 14.16 -83.51
C UNK C 830 68.35 14.87 -82.23
N UNK C 831 69.38 15.17 -81.46
CA UNK C 831 69.21 15.92 -80.23
C UNK C 831 68.92 17.30 -80.78
N UNK C 832 68.53 18.24 -79.94
CA UNK C 832 68.23 19.55 -80.49
C UNK C 832 69.42 20.27 -81.15
N UNK C 833 70.63 20.10 -80.61
CA UNK C 833 71.79 20.76 -81.22
C UNK C 833 72.37 19.87 -82.29
N UNK C 834 71.66 18.78 -82.56
CA UNK C 834 72.09 17.83 -83.57
C UNK C 834 73.44 17.23 -83.28
N UNK C 835 73.88 17.33 -82.03
CA UNK C 835 75.18 16.79 -81.66
C UNK C 835 75.09 15.28 -81.50
N UNK C 836 73.89 14.78 -81.27
CA UNK C 836 73.74 13.36 -81.10
C UNK C 836 72.35 12.96 -81.59
N UNK C 837 72.10 11.66 -81.67
CA UNK C 837 70.79 11.17 -82.11
C UNK C 837 70.43 9.89 -81.36
N UNK C 838 69.14 9.57 -81.33
CA UNK C 838 68.70 8.36 -80.64
C UNK C 838 68.06 7.41 -81.62
N UNK C 839 68.06 6.13 -81.26
CA UNK C 839 67.49 5.08 -82.10
C UNK C 839 66.45 4.33 -81.27
N UNK C 840 65.25 4.15 -81.81
CA UNK C 840 64.19 3.43 -81.08
C UNK C 840 63.75 2.19 -81.85
N UNK C 841 63.82 1.01 -81.22
CA UNK C 841 63.44 -0.19 -81.94
C UNK C 841 62.58 -1.24 -81.28
N UNK C 842 62.28 -2.25 -82.09
CA UNK C 842 61.47 -3.38 -81.73
C UNK C 842 62.17 -4.26 -80.71
N UNK C 843 63.49 -4.19 -80.68
CA UNK C 843 64.25 -4.98 -79.71
C UNK C 843 64.10 -4.26 -78.38
N UNK C 844 63.02 -3.48 -78.29
CA UNK C 844 62.67 -2.70 -77.11
C UNK C 844 63.78 -1.93 -76.43
N UNK C 845 64.70 -1.40 -77.23
CA UNK C 845 65.77 -0.62 -76.65
C UNK C 845 65.79 0.74 -77.29
N UNK C 846 66.47 1.66 -76.63
CA UNK C 846 66.62 3.02 -77.12
C UNK C 846 68.09 3.28 -76.95
N UNK C 847 68.78 3.64 -78.01
CA UNK C 847 70.21 3.89 -77.92
C UNK C 847 70.60 5.30 -78.34
N UNK C 848 71.48 5.93 -77.57
CA UNK C 848 71.91 7.27 -77.89
C UNK C 848 73.27 7.24 -78.52
N UNK C 849 73.39 7.95 -79.64
CA UNK C 849 74.63 8.02 -80.38
C UNK C 849 75.10 9.46 -80.49
N UNK C 850 76.41 9.64 -80.64
CA UNK C 850 76.97 10.97 -80.81
C UNK C 850 77.41 11.04 -82.26
N UNK C 851 76.77 11.92 -83.02
CA UNK C 851 77.03 12.11 -84.44
C UNK C 851 78.50 12.16 -84.80
N UNK C 852 79.21 13.15 -84.26
CA UNK C 852 80.64 13.29 -84.54
C UNK C 852 81.32 11.92 -84.60
N UNK C 853 81.34 11.22 -83.48
CA UNK C 853 81.98 9.91 -83.39
C UNK C 853 81.45 8.88 -84.40
N UNK C 854 80.17 8.95 -84.74
CA UNK C 854 79.60 7.99 -85.69
C UNK C 854 80.01 8.25 -87.13
N UNK C 855 80.09 9.53 -87.51
CA UNK C 855 80.45 9.90 -88.88
C UNK C 855 81.92 9.73 -89.20
N UNK C 856 82.75 9.61 -88.19
CA UNK C 856 84.17 9.42 -88.43
C UNK C 856 84.35 8.16 -89.27
N UNK C 857 85.23 8.26 -90.25
CA UNK C 857 85.53 7.15 -91.13
C UNK C 857 86.14 6.03 -90.32
N UNK C 858 84.10 2.24 -96.72
CA UNK C 858 84.95 1.34 -95.97
C UNK C 858 84.52 -0.11 -96.03
N UNK C 859 85.47 -0.97 -95.71
CA UNK C 859 85.30 -2.41 -95.71
C UNK C 859 84.81 -2.92 -94.36
N UNK C 860 84.44 -2.01 -93.47
CA UNK C 860 83.97 -2.48 -92.19
C UNK C 860 82.64 -3.20 -92.34
N UNK C 861 81.75 -2.69 -93.20
CA UNK C 861 80.47 -3.34 -93.43
C UNK C 861 80.35 -3.82 -94.86
N UNK C 862 80.07 -5.10 -95.03
CA UNK C 862 79.94 -5.66 -96.36
C UNK C 862 78.59 -6.33 -96.44
N UNK C 863 78.30 -6.88 -97.61
CA UNK C 863 77.05 -7.59 -97.85
C UNK C 863 77.44 -9.03 -97.58
N UNK C 864 76.49 -9.95 -97.69
CA UNK C 864 76.81 -11.35 -97.44
C UNK C 864 77.29 -12.08 -98.70
N UNK C 865 77.41 -11.33 -99.79
CA UNK C 865 77.90 -11.89 -101.02
C UNK C 865 79.41 -11.69 -101.04
N UNK C 866 80.13 -12.75 -100.68
CA UNK C 866 81.58 -12.73 -100.64
C UNK C 866 82.17 -14.04 -101.09
N UNK C 867 83.45 -14.02 -101.43
CA UNK C 867 84.16 -15.23 -101.82
C UNK C 867 85.55 -15.19 -101.17
N UNK C 868 85.96 -16.35 -100.66
CA UNK C 868 87.23 -16.49 -99.96
C UNK C 868 88.22 -17.45 -100.59
N UNK C 869 89.51 -17.10 -100.49
CA UNK C 869 90.58 -17.93 -101.02
C UNK C 869 91.66 -18.13 -99.96
N UNK C 870 91.68 -19.33 -99.37
CA UNK C 870 92.66 -19.67 -98.34
C UNK C 870 93.99 -20.06 -98.97
N UNK C 871 94.93 -19.12 -99.04
CA UNK C 871 96.22 -19.41 -99.63
C UNK C 871 97.37 -19.59 -98.62
N UNK C 872 98.14 -17.08 -95.70
CA UNK C 872 97.08 -16.11 -95.40
C UNK C 872 95.71 -16.41 -96.03
N UNK C 873 94.71 -15.61 -95.66
CA UNK C 873 93.35 -15.74 -96.18
C UNK C 873 92.95 -14.50 -96.98
N UNK C 874 92.17 -14.71 -98.04
CA UNK C 874 91.72 -13.63 -98.91
C UNK C 874 90.21 -13.60 -99.10
N UNK C 875 89.61 -12.45 -98.80
CA UNK C 875 88.18 -12.29 -98.93
C UNK C 875 87.84 -11.14 -99.88
N UNK C 876 87.06 -11.44 -100.90
CA UNK C 876 86.62 -10.44 -101.87
C UNK C 876 85.15 -10.29 -101.51
N UNK C 877 84.70 -9.06 -101.31
CA UNK C 877 83.31 -8.89 -100.92
C UNK C 877 82.59 -7.72 -101.56
N UNK C 878 81.29 -7.89 -101.75
CA UNK C 878 80.44 -6.85 -102.30
C UNK C 878 80.22 -5.80 -101.22
N UNK C 879 80.70 -4.58 -101.43
CA UNK C 879 80.52 -3.54 -100.42
C UNK C 879 79.05 -3.29 -100.10
N UNK C 880 78.80 -2.88 -98.86
CA UNK C 880 77.44 -2.60 -98.38
C UNK C 880 76.79 -1.43 -99.13
N UNK C 881 83.15 -3.38 -104.35
CA UNK C 881 83.56 -4.56 -103.64
C UNK C 881 84.94 -4.34 -103.06
N UNK C 882 85.21 -5.02 -101.95
CA UNK C 882 86.47 -4.90 -101.25
C UNK C 882 87.34 -6.14 -101.36
N UNK C 883 88.63 -5.92 -101.57
CA UNK C 883 89.57 -7.02 -101.64
C UNK C 883 90.19 -7.04 -100.25
N UNK C 884 89.57 -7.80 -99.34
CA UNK C 884 90.03 -7.90 -97.95
C UNK C 884 91.00 -9.04 -97.73
N UNK C 885 92.19 -8.70 -97.24
CA UNK C 885 93.22 -9.68 -96.94
C UNK C 885 93.23 -9.93 -95.44
N UNK C 886 92.60 -11.02 -94.99
CA UNK C 886 92.58 -11.32 -93.58
C UNK C 886 94.01 -11.46 -93.10
N UNK C 887 94.27 -11.20 -91.82
CA UNK C 887 95.63 -11.28 -91.30
C UNK C 887 96.42 -10.13 -91.96
N UNK C 888 95.12 -4.40 -95.18
CA UNK C 888 95.13 -4.40 -96.65
C UNK C 888 93.78 -4.54 -97.34
N UNK C 889 93.00 -3.47 -97.28
CA UNK C 889 91.69 -3.43 -97.90
C UNK C 889 91.80 -2.58 -99.16
N UNK C 890 91.43 -3.17 -100.29
CA UNK C 890 91.49 -2.48 -101.56
C UNK C 890 90.14 -2.42 -102.21
N UNK C 891 89.71 -1.18 -102.43
CA UNK C 891 88.42 -0.85 -103.01
C UNK C 891 88.42 -0.79 -104.51
N UNK C 892 87.31 -1.26 -105.07
CA UNK C 892 87.10 -1.27 -106.51
C UNK C 892 85.67 -0.79 -106.68
N UNK C 893 85.50 0.47 -107.10
CA UNK C 893 84.17 1.04 -107.30
C UNK C 893 83.43 0.37 -108.45
N UNK C 894 82.11 0.46 -108.45
CA UNK C 894 81.33 -0.14 -109.53
C UNK C 894 79.84 0.06 -109.35
N UNK C 895 77.48 -3.93 -107.57
CA UNK C 895 77.50 -5.30 -108.01
C UNK C 895 76.47 -6.10 -107.22
N UNK C 896 76.23 -7.34 -107.65
CA UNK C 896 75.28 -8.20 -106.96
C UNK C 896 75.90 -9.50 -106.49
N UNK C 897 77.09 -9.80 -106.99
CA UNK C 897 77.77 -11.02 -106.59
C UNK C 897 79.24 -10.93 -106.92
N UNK C 898 80.05 -11.63 -106.15
CA UNK C 898 81.47 -11.57 -106.35
C UNK C 898 82.06 -12.87 -106.87
N UNK C 899 83.36 -12.84 -107.17
CA UNK C 899 84.06 -14.01 -107.69
C UNK C 899 85.57 -13.79 -107.72
N UNK C 900 86.32 -14.78 -107.24
CA UNK C 900 87.79 -14.70 -107.24
C UNK C 900 88.41 -15.81 -108.08
N UNK C 901 89.32 -15.44 -108.95
CA UNK C 901 89.98 -16.42 -109.81
C UNK C 901 91.16 -16.98 -109.05
N UNK C 902 91.16 -18.29 -108.78
CA UNK C 902 92.31 -18.85 -108.06
C UNK C 902 93.57 -18.27 -108.67
N UNK C 903 92.70 -11.78 -110.95
CA UNK C 903 91.44 -11.42 -111.59
C UNK C 903 90.28 -11.55 -110.62
N UNK C 904 89.34 -10.61 -110.69
CA UNK C 904 88.13 -10.68 -109.86
C UNK C 904 86.99 -10.43 -110.82
N UNK C 905 85.87 -11.09 -110.60
CA UNK C 905 84.73 -10.90 -111.48
C UNK C 905 83.48 -10.59 -110.68
N UNK C 906 82.53 -9.90 -111.29
CA UNK C 906 81.31 -9.62 -110.55
C UNK C 906 80.01 -9.52 -111.30
N UNK C 907 78.94 -9.83 -110.57
CA UNK C 907 77.60 -9.79 -111.12
C UNK C 907 77.08 -8.38 -111.06
N UNK C 908 75.98 -8.13 -111.74
CA UNK C 908 75.42 -6.80 -111.79
C UNK C 908 73.91 -6.85 -111.61
N UNK C 909 73.34 -5.76 -111.14
CA UNK C 909 71.89 -5.69 -110.90
C UNK C 909 71.16 -5.84 -112.23
N UNK C 910 74.87 -7.27 -116.09
CA UNK C 910 76.22 -7.13 -116.60
C UNK C 910 77.25 -8.05 -115.92
N UNK C 911 78.30 -8.39 -116.66
CA UNK C 911 79.37 -9.25 -116.15
C UNK C 911 80.71 -8.56 -116.45
N UNK C 912 81.60 -8.51 -115.47
CA UNK C 912 82.90 -7.87 -115.69
C UNK C 912 84.06 -8.52 -114.96
N UNK C 913 85.19 -8.65 -115.64
CA UNK C 913 86.38 -9.19 -115.02
C UNK C 913 87.31 -8.02 -114.90
N UNK C 914 87.95 -7.90 -113.74
CA UNK C 914 88.92 -6.83 -113.52
C UNK C 914 90.21 -7.57 -113.25
N UNK C 915 91.31 -7.06 -113.77
CA UNK C 915 92.59 -7.74 -113.53
C UNK C 915 93.38 -6.97 -112.48
N UNK C 916 93.52 -7.61 -111.32
CA UNK C 916 94.23 -7.04 -110.18
C UNK C 916 95.66 -6.59 -110.42
N UNK C 917 96.51 -7.45 -111.03
CA UNK C 917 97.89 -7.03 -111.27
C UNK C 917 97.92 -5.57 -111.72
N UNK C 918 96.90 -5.19 -112.46
CA UNK C 918 96.79 -3.82 -112.95
C UNK C 918 95.82 -3.00 -112.10
N UNK C 919 92.42 -1.93 -116.04
CA UNK C 919 92.04 -2.60 -117.28
C UNK C 919 91.19 -3.84 -117.00
N UNK C 920 89.98 -3.86 -117.55
CA UNK C 920 89.04 -4.96 -117.35
C UNK C 920 88.23 -5.11 -118.62
N UNK C 921 87.16 -5.91 -118.53
CA UNK C 921 86.43 -6.39 -119.70
C UNK C 921 84.94 -6.58 -119.38
N UNK C 922 84.08 -6.49 -120.39
CA UNK C 922 82.64 -6.65 -120.21
C UNK C 922 81.98 -7.61 -121.19
N UNK C 923 81.67 -8.82 -120.72
CA UNK C 923 81.06 -9.80 -121.58
C UNK C 923 79.55 -9.76 -121.61
N UNK C 924 78.99 -9.17 -122.68
CA UNK C 924 77.54 -9.01 -122.90
C UNK C 924 76.55 -10.17 -122.68
N UNK C 925 73.20 -13.75 -110.22
CA UNK C 925 73.26 -14.49 -108.96
C UNK C 925 74.62 -15.12 -108.76
N UNK C 926 74.71 -16.44 -108.79
CA UNK C 926 75.99 -17.11 -108.61
C UNK C 926 76.92 -16.73 -109.78
N UNK C 927 78.24 -16.76 -109.58
CA UNK C 927 79.23 -16.45 -110.64
C UNK C 927 80.61 -17.00 -110.33
N UNK C 928 81.14 -17.86 -111.18
CA UNK C 928 82.45 -18.46 -110.89
C UNK C 928 83.40 -18.61 -112.09
N UNK C 929 84.68 -18.74 -111.78
CA UNK C 929 85.72 -18.93 -112.79
C UNK C 929 85.91 -20.42 -112.99
N UNK C 930 86.51 -20.80 -114.11
CA UNK C 930 86.74 -22.21 -114.39
C UNK C 930 87.96 -22.61 -113.60
N UNK C 931 88.22 -23.92 -113.48
CA UNK C 931 89.40 -24.38 -112.75
C UNK C 931 90.57 -23.46 -113.12
N UNK C 932 84.11 -17.92 -117.63
CA UNK C 932 83.30 -17.53 -116.47
C UNK C 932 81.88 -18.04 -116.49
N UNK C 933 81.59 -19.08 -115.72
CA UNK C 933 80.23 -19.57 -115.68
C UNK C 933 79.43 -18.63 -114.76
N UNK C 934 78.22 -18.31 -115.16
CA UNK C 934 77.39 -17.43 -114.37
C UNK C 934 75.93 -17.70 -114.57
N UNK C 935 75.14 -17.52 -113.53
CA UNK C 935 73.72 -17.74 -113.61
C UNK C 935 72.98 -16.51 -113.11
N UNK C 936 71.73 -16.41 -113.54
CA UNK C 936 70.87 -15.33 -113.14
C UNK C 936 69.52 -15.94 -112.78
N UNK C 937 68.51 -15.08 -112.75
CA UNK C 937 67.18 -15.46 -112.32
C UNK C 937 66.31 -15.99 -113.47
N UNK C 938 66.95 -16.64 -114.43
CA UNK C 938 66.24 -17.24 -115.56
C UNK C 938 66.86 -18.62 -115.83
N UNK C 939 66.45 -19.31 -116.89
CA UNK C 939 66.95 -20.67 -117.17
C UNK C 939 68.24 -20.91 -117.97
N UNK C 940 68.95 -19.86 -118.35
CA UNK C 940 70.18 -20.06 -119.10
C UNK C 940 71.40 -19.88 -118.20
N UNK C 941 72.49 -20.59 -118.49
CA UNK C 941 73.72 -20.43 -117.71
C UNK C 941 74.87 -19.99 -118.62
N UNK C 942 75.19 -18.70 -118.62
CA UNK C 942 76.25 -18.18 -119.45
C UNK C 942 77.65 -18.74 -119.20
N UNK C 943 78.26 -19.29 -120.25
CA UNK C 943 79.62 -19.82 -120.15
C UNK C 943 80.52 -18.99 -121.05
N UNK C 944 80.83 -17.78 -120.57
CA UNK C 944 81.65 -16.82 -121.29
C UNK C 944 83.13 -17.06 -121.19
N UNK C 945 83.66 -17.76 -122.19
CA UNK C 945 85.08 -18.04 -122.23
C UNK C 945 85.77 -16.74 -122.66
N UNK C 946 85.84 -15.78 -121.72
CA UNK C 946 86.47 -14.49 -121.97
C UNK C 946 87.90 -14.74 -122.49
N UNK C 947 84.36 -15.98 -126.91
CA UNK C 947 83.45 -17.09 -127.19
C UNK C 947 82.41 -17.23 -126.10
N UNK C 948 81.27 -17.83 -126.45
CA UNK C 948 80.19 -18.04 -125.50
C UNK C 948 79.58 -19.40 -125.70
N UNK C 949 79.18 -20.02 -124.60
CA UNK C 949 78.53 -21.31 -124.65
C UNK C 949 77.32 -21.09 -123.76
N UNK C 950 76.13 -21.29 -124.31
CA UNK C 950 74.91 -21.09 -123.56
C UNK C 950 74.26 -22.42 -123.21
N UNK C 951 73.71 -22.50 -122.02
CA UNK C 951 73.05 -23.72 -121.57
C UNK C 951 71.58 -23.44 -121.32
N UNK C 952 70.76 -23.61 -122.35
CA UNK C 952 69.32 -23.36 -122.24
C UNK C 952 68.67 -24.52 -121.54
N UNK C 953 68.68 -24.44 -120.21
CA UNK C 953 68.10 -25.47 -119.37
C UNK C 953 66.62 -25.59 -119.61
N UNK C 954 66.03 -24.51 -120.10
CA UNK C 954 64.59 -24.47 -120.38
C UNK C 954 63.83 -24.83 -119.10
N UNK C 955 63.14 -23.51 -115.12
CA UNK C 955 62.35 -22.32 -114.77
C UNK C 955 63.35 -21.24 -114.38
N UNK C 956 64.29 -21.62 -113.52
CA UNK C 956 65.36 -20.73 -113.05
C UNK C 956 66.41 -21.61 -112.42
N UNK C 957 67.67 -21.35 -112.75
CA UNK C 957 68.76 -22.10 -112.18
C UNK C 957 68.88 -21.68 -110.73
N UNK C 958 68.56 -22.57 -109.81
CA UNK C 958 68.64 -22.27 -108.38
C UNK C 958 70.09 -21.91 -108.13
N UNK C 959 70.99 -22.78 -108.59
CA UNK C 959 72.43 -22.55 -108.45
C UNK C 959 73.20 -23.62 -109.20
N UNK C 960 74.51 -23.54 -109.15
CA UNK C 960 75.34 -24.50 -109.86
C UNK C 960 76.71 -24.55 -109.23
N UNK C 961 77.56 -25.40 -109.78
CA UNK C 961 78.92 -25.54 -109.28
C UNK C 961 79.78 -26.33 -110.28
N UNK C 962 81.02 -25.88 -110.45
CA UNK C 962 81.93 -26.55 -111.35
C UNK C 962 82.01 -28.02 -110.99
N UNK C 963 82.59 -28.82 -111.88
CA UNK C 963 82.72 -30.24 -111.62
C UNK C 963 84.05 -30.75 -112.17
N UNK C 964 85.69 -30.12 -117.02
CA UNK C 964 84.84 -29.23 -117.80
C UNK C 964 83.35 -29.56 -117.71
N UNK C 965 83.02 -30.52 -116.84
CA UNK C 965 81.62 -30.90 -116.63
C UNK C 965 81.10 -29.95 -115.53
N UNK C 966 79.80 -29.64 -115.54
CA UNK C 966 79.23 -28.73 -114.53
C UNK C 966 77.84 -29.13 -114.04
N UNK C 967 77.73 -29.33 -112.73
CA UNK C 967 76.49 -29.73 -112.09
C UNK C 967 75.53 -28.53 -111.92
N UNK C 968 74.26 -28.74 -112.25
CA UNK C 968 73.29 -27.65 -112.16
C UNK C 968 71.90 -28.10 -111.73
N UNK C 969 71.27 -27.28 -110.89
CA UNK C 969 69.94 -27.56 -110.36
C UNK C 969 69.07 -26.32 -110.41
N UNK C 970 67.86 -26.48 -110.90
CA UNK C 970 66.91 -25.38 -111.00
C UNK C 970 65.86 -25.74 -109.98
N UNK C 971 64.86 -24.89 -109.81
CA UNK C 971 63.83 -25.25 -108.87
C UNK C 971 62.62 -25.81 -109.58
N UNK C 972 62.89 -26.92 -110.28
CA UNK C 972 61.92 -27.70 -111.03
C UNK C 972 62.23 -29.17 -110.72
N UNK C 973 62.89 -29.38 -109.60
CA UNK C 973 63.26 -30.71 -109.15
C UNK C 973 64.34 -31.34 -109.99
N UNK C 974 64.70 -30.64 -111.06
CA UNK C 974 65.71 -31.13 -111.98
C UNK C 974 67.13 -30.76 -111.60
N UNK C 975 68.04 -31.69 -111.90
CA UNK C 975 69.46 -31.54 -111.66
C UNK C 975 70.11 -32.03 -112.94
N UNK C 976 70.96 -31.23 -113.55
CA UNK C 976 71.57 -31.67 -114.78
C UNK C 976 73.08 -31.71 -114.69
N UNK C 977 73.73 -32.36 -115.66
CA UNK C 977 75.20 -32.46 -115.72
C UNK C 977 75.74 -31.96 -117.05
N UNK C 978 75.69 -30.65 -117.28
CA UNK C 978 76.17 -30.05 -118.52
C UNK C 978 77.65 -30.25 -118.77
N UNK C 979 78.03 -30.06 -120.03
CA UNK C 979 79.40 -30.15 -120.46
C UNK C 979 79.73 -28.77 -121.01
N UNK C 980 80.76 -28.13 -120.49
CA UNK C 980 81.11 -26.82 -121.03
C UNK C 980 81.86 -27.12 -122.32
N UNK C 981 76.11 -29.35 -123.73
CA UNK C 981 75.36 -30.58 -123.94
C UNK C 981 74.97 -31.26 -122.64
N UNK C 982 73.67 -31.39 -122.44
CA UNK C 982 73.11 -32.02 -121.26
C UNK C 982 73.36 -33.51 -121.24
N UNK C 983 74.54 -33.89 -120.73
CA UNK C 983 74.86 -35.30 -120.64
C UNK C 983 73.80 -36.00 -119.78
N UNK C 984 73.72 -35.63 -118.50
CA UNK C 984 72.75 -36.21 -117.58
C UNK C 984 71.62 -35.25 -117.24
N UNK C 985 70.46 -35.81 -116.89
CA UNK C 985 69.29 -35.01 -116.55
C UNK C 985 68.38 -35.83 -115.62
N UNK C 986 68.18 -35.35 -114.38
CA UNK C 986 67.32 -36.03 -113.40
C UNK C 986 66.16 -35.15 -112.98
N UNK C 987 65.13 -35.79 -112.43
CA UNK C 987 63.96 -35.07 -111.91
C UNK C 987 63.82 -35.67 -110.50
N UNK C 988 64.84 -35.41 -109.69
CA UNK C 988 64.95 -35.92 -108.32
C UNK C 988 64.04 -35.32 -107.22
N UNK C 989 63.20 -34.35 -107.57
CA UNK C 989 62.29 -33.75 -106.60
C UNK C 989 61.12 -33.12 -107.35
N UNK C 990 59.96 -33.06 -106.72
CA UNK C 990 58.78 -32.47 -107.37
C UNK C 990 58.64 -31.00 -107.00
N UNK C 991 69.93 -26.98 -102.01
CA UNK C 991 71.36 -27.21 -102.17
C UNK C 991 71.63 -28.69 -102.38
N UNK C 992 72.74 -29.01 -103.03
CA UNK C 992 73.09 -30.39 -103.31
C UNK C 992 74.57 -30.41 -103.63
N UNK C 993 75.31 -31.35 -103.04
CA UNK C 993 76.75 -31.42 -103.28
C UNK C 993 77.21 -32.77 -103.79
N UNK C 994 78.48 -32.83 -104.20
CA UNK C 994 79.07 -34.05 -104.72
C UNK C 994 79.88 -34.72 -103.63
N UNK C 995 80.20 -36.00 -103.86
CA UNK C 995 80.98 -36.78 -102.91
C UNK C 995 82.46 -36.49 -103.05
N UNK C 996 83.21 -39.49 -107.16
CA UNK C 996 82.11 -38.67 -107.62
C UNK C 996 80.99 -39.65 -107.80
N UNK C 997 81.24 -40.89 -107.39
CA UNK C 997 80.24 -41.93 -107.51
C UNK C 997 78.93 -41.41 -106.94
N UNK C 998 79.02 -40.49 -106.00
CA UNK C 998 77.83 -39.94 -105.34
C UNK C 998 77.70 -38.41 -105.43
N UNK C 999 76.47 -37.93 -105.52
CA UNK C 999 76.17 -36.50 -105.57
C UNK C 999 74.71 -36.35 -105.16
N UNK C 1000 74.48 -35.94 -103.92
CA UNK C 1000 73.11 -35.83 -103.45
C UNK C 1000 72.52 -34.45 -103.43
N UNK C 1001 71.19 -34.43 -103.26
CA UNK C 1001 70.38 -33.22 -103.23
C UNK C 1001 69.72 -32.98 -101.90
N UNK C 1002 68.92 -31.92 -101.87
CA UNK C 1002 68.18 -31.49 -100.69
C UNK C 1002 67.16 -30.53 -101.27
N UNK C 1003 65.89 -30.68 -100.92
CA UNK C 1003 64.91 -29.77 -101.51
C UNK C 1003 63.54 -29.88 -100.91
N UNK C 1004 62.92 -33.92 -98.38
CA UNK C 1004 63.97 -34.75 -97.82
C UNK C 1004 65.29 -34.51 -98.54
N UNK C 1005 66.20 -35.48 -98.43
CA UNK C 1005 67.51 -35.40 -99.07
C UNK C 1005 67.80 -36.66 -99.86
N UNK C 1006 67.27 -36.73 -101.08
CA UNK C 1006 67.46 -37.87 -101.97
C UNK C 1006 68.90 -37.88 -102.45
N UNK C 1007 69.59 -38.99 -102.21
CA UNK C 1007 70.99 -39.14 -102.62
C UNK C 1007 71.16 -40.16 -103.75
N UNK C 1008 71.97 -39.83 -104.77
CA UNK C 1008 72.19 -40.77 -105.87
C UNK C 1008 73.61 -40.91 -106.42
N UNK C 1009 73.71 -41.60 -107.57
CA UNK C 1009 75.00 -41.92 -108.23
C UNK C 1009 75.28 -41.40 -109.65
N UNK C 1010 69.06 -43.36 -105.00
CA UNK C 1010 69.49 -44.54 -104.26
C UNK C 1010 68.54 -44.74 -103.07
N UNK C 1011 68.27 -43.67 -102.34
CA UNK C 1011 67.33 -43.75 -101.21
C UNK C 1011 66.85 -42.41 -100.64
N UNK C 1012 65.53 -42.29 -100.51
CA UNK C 1012 64.89 -41.09 -99.98
C UNK C 1012 65.05 -41.05 -98.45
N UNK C 1013 65.53 -39.92 -97.93
CA UNK C 1013 65.77 -39.73 -96.49
C UNK C 1013 64.75 -38.76 -95.87
N UNK C 1014 63.51 -39.21 -95.71
CA UNK C 1014 62.46 -38.35 -95.16
C UNK C 1014 62.56 -38.08 -93.66
N UNK C 1015 63.74 -37.69 -93.19
CA UNK C 1015 63.93 -37.41 -91.79
C UNK C 1015 63.43 -36.05 -91.31
N UNK C 1016 64.00 -34.98 -91.87
CA UNK C 1016 63.65 -33.61 -91.50
C UNK C 1016 62.17 -33.25 -91.60
N UNK C 1017 61.68 -32.51 -90.60
CA UNK C 1017 60.29 -32.08 -90.58
C UNK C 1017 60.18 -30.66 -91.08
N UNK C 1018 62.35 -29.18 -93.48
CA UNK C 1018 62.74 -29.16 -94.90
C UNK C 1018 64.22 -28.86 -95.10
N UNK C 1019 64.93 -29.77 -95.75
CA UNK C 1019 66.36 -29.61 -95.95
C UNK C 1019 66.70 -28.37 -96.75
N UNK C 1020 67.87 -27.81 -96.47
CA UNK C 1020 68.33 -26.60 -97.14
C UNK C 1020 69.81 -26.66 -97.46
N UNK C 1021 70.48 -27.69 -97.00
CA UNK C 1021 71.91 -27.84 -97.27
C UNK C 1021 72.39 -29.23 -96.92
N UNK C 1022 73.62 -29.57 -97.30
CA UNK C 1022 74.19 -30.88 -97.00
C UNK C 1022 75.61 -31.02 -97.52
N UNK C 1023 76.30 -32.03 -97.01
CA UNK C 1023 77.67 -32.30 -97.42
C UNK C 1023 78.06 -33.74 -97.16
N UNK C 1024 79.03 -34.22 -97.91
CA UNK C 1024 79.51 -35.58 -97.78
C UNK C 1024 80.79 -35.61 -96.97
N UNK C 1025 80.93 -36.61 -96.09
CA UNK C 1025 82.14 -36.73 -95.29
C UNK C 1025 83.26 -36.91 -96.29
N UNK C 1026 84.42 -36.31 -96.01
CA UNK C 1026 85.56 -36.42 -96.92
C UNK C 1026 85.89 -37.90 -97.10
N UNK C 1027 79.33 -40.54 -94.71
CA UNK C 1027 78.22 -39.78 -94.15
C UNK C 1027 77.80 -38.59 -94.99
N UNK C 1028 76.54 -38.21 -94.82
CA UNK C 1028 75.95 -37.10 -95.52
C UNK C 1028 75.06 -36.37 -94.51
N UNK C 1029 75.56 -35.23 -94.03
CA UNK C 1029 74.83 -34.40 -93.07
C UNK C 1029 73.91 -33.44 -93.82
N UNK C 1030 72.69 -33.30 -93.34
CA UNK C 1030 71.73 -32.43 -94.00
C UNK C 1030 71.20 -31.31 -93.13
N UNK C 1031 71.01 -30.15 -93.75
CA UNK C 1031 70.53 -28.96 -93.06
C UNK C 1031 69.04 -28.76 -93.08
N UNK C 1032 68.46 -28.69 -91.89
CA UNK C 1032 67.03 -28.51 -91.70
C UNK C 1032 66.66 -27.03 -91.65
N UNK C 1033 65.47 -26.74 -92.16
CA UNK C 1033 64.95 -25.38 -92.19
C UNK C 1033 64.58 -24.95 -90.77
N UNK C 1034 64.58 -25.90 -89.84
CA UNK C 1034 64.25 -25.60 -88.45
C UNK C 1034 65.38 -26.00 -87.52
N UNK C 1035 66.56 -25.51 -87.80
CA UNK C 1035 67.70 -25.79 -86.95
C UNK C 1035 68.03 -27.24 -86.70
N UNK C 1036 67.29 -28.15 -87.33
CA UNK C 1036 67.54 -29.57 -87.15
C UNK C 1036 68.69 -29.96 -88.07
N UNK C 1037 69.26 -31.13 -87.86
CA UNK C 1037 70.37 -31.56 -88.68
C UNK C 1037 70.46 -33.01 -88.24
N UNK C 1038 70.23 -33.91 -89.20
CA UNK C 1038 70.47 -35.33 -89.02
C UNK C 1038 71.69 -35.75 -89.81
N UNK C 1039 72.40 -36.74 -89.29
CA UNK C 1039 73.57 -37.27 -89.97
C UNK C 1039 73.05 -38.56 -90.59
N UNK C 1040 73.42 -38.81 -91.85
CA UNK C 1040 73.00 -40.05 -92.51
C UNK C 1040 74.26 -40.78 -92.94
N UNK C 1041 74.12 -42.06 -93.31
CA UNK C 1041 75.29 -42.85 -93.72
C UNK C 1041 75.29 -43.29 -95.19
N UNK C 1042 72.38 -40.72 -86.83
CA UNK C 1042 71.95 -39.98 -85.65
C UNK C 1042 71.48 -38.57 -86.01
N UNK C 1043 70.47 -38.09 -85.29
CA UNK C 1043 69.93 -36.76 -85.53
C UNK C 1043 70.34 -35.65 -84.54
N UNK C 1044 71.64 -35.43 -84.38
CA UNK C 1044 72.12 -34.39 -83.47
C UNK C 1044 71.56 -33.05 -83.91
N UNK C 1045 70.53 -32.55 -83.23
CA UNK C 1045 69.92 -31.27 -83.60
C UNK C 1045 69.06 -30.57 -82.54
N UNK C 1046 69.69 -30.00 -81.50
CA UNK C 1046 68.96 -29.30 -80.43
C UNK C 1046 68.29 -28.00 -80.90
N UNK C 1047 67.01 -21.62 -89.19
CA UNK C 1047 67.64 -22.21 -90.36
C UNK C 1047 68.99 -22.83 -90.01
N UNK C 1048 69.55 -23.54 -90.98
CA UNK C 1048 70.86 -24.19 -90.91
C UNK C 1048 71.28 -24.15 -92.37
N UNK C 1049 71.86 -23.04 -92.79
CA UNK C 1049 72.23 -22.86 -94.17
C UNK C 1049 73.57 -23.43 -94.61
N UNK C 1050 74.15 -24.35 -93.85
CA UNK C 1050 75.44 -24.87 -94.28
C UNK C 1050 76.03 -25.90 -93.32
N UNK C 1051 76.83 -26.81 -93.86
CA UNK C 1051 77.52 -27.83 -93.08
C UNK C 1051 78.83 -28.16 -93.77
N UNK C 1052 79.68 -28.91 -93.10
CA UNK C 1052 80.97 -29.29 -93.65
C UNK C 1052 81.58 -30.26 -92.65
N UNK C 1053 82.00 -31.42 -93.13
CA UNK C 1053 82.72 -32.36 -92.30
C UNK C 1053 84.17 -31.90 -92.27
N UNK C 1054 84.92 -32.41 -91.31
CA UNK C 1054 86.33 -32.07 -91.15
C UNK C 1054 87.14 -33.11 -91.94
N UNK C 1055 88.42 -32.83 -92.20
CA UNK C 1055 89.13 -33.88 -92.94
C UNK C 1055 88.96 -35.18 -92.15
N UNK C 1056 89.40 -35.16 -90.89
CA UNK C 1056 89.30 -36.32 -89.99
C UNK C 1056 87.95 -37.06 -90.01
N UNK C 1057 86.95 -36.46 -90.64
CA UNK C 1057 85.62 -37.07 -90.74
C UNK C 1057 84.98 -37.31 -89.36
N UNK C 1058 85.31 -36.46 -88.39
CA UNK C 1058 84.78 -36.59 -87.03
C UNK C 1058 84.02 -35.35 -86.53
N UNK C 1059 84.55 -34.16 -86.83
CA UNK C 1059 83.94 -32.91 -86.41
C UNK C 1059 83.13 -32.29 -87.55
N UNK C 1060 81.86 -32.03 -87.28
CA UNK C 1060 80.98 -31.42 -88.28
C UNK C 1060 80.73 -29.96 -87.89
N UNK C 1061 81.07 -29.02 -88.78
CA UNK C 1061 80.85 -27.60 -88.51
C UNK C 1061 79.50 -27.19 -89.11
N UNK C 1062 78.75 -26.39 -88.36
CA UNK C 1062 77.43 -25.94 -88.78
C UNK C 1062 77.28 -24.43 -88.76
N UNK C 1063 76.40 -23.89 -89.60
CA UNK C 1063 76.17 -22.45 -89.67
C UNK C 1063 74.75 -22.13 -90.05
N UNK C 1064 74.00 -18.96 -86.21
CA UNK C 1064 75.35 -18.83 -85.67
C UNK C 1064 76.10 -20.11 -85.98
N UNK C 1065 77.42 -20.08 -85.78
CA UNK C 1065 78.25 -21.25 -86.02
C UNK C 1065 78.08 -22.21 -84.84
N UNK C 1066 78.38 -23.50 -85.04
CA UNK C 1066 78.19 -24.48 -83.98
C UNK C 1066 78.86 -25.76 -84.42
N UNK C 1067 79.86 -26.21 -83.68
CA UNK C 1067 80.57 -27.45 -84.01
C UNK C 1067 79.96 -28.66 -83.31
N UNK C 1068 80.14 -29.85 -83.89
CA UNK C 1068 79.59 -31.07 -83.31
C UNK C 1068 80.57 -32.25 -83.25
N UNK C 1069 80.06 -33.38 -82.75
CA UNK C 1069 80.82 -34.61 -82.59
C UNK C 1069 80.12 -35.76 -83.29
N UNK C 1070 80.77 -36.32 -84.32
CA UNK C 1070 80.20 -37.44 -85.08
C UNK C 1070 79.78 -38.57 -84.14
N UNK C 1071 78.97 -17.26 -81.32
CA UNK C 1071 77.75 -16.52 -81.52
C UNK C 1071 78.19 -15.24 -82.23
N UNK C 1072 77.65 -15.02 -83.41
CA UNK C 1072 77.96 -13.83 -84.17
C UNK C 1072 76.89 -12.80 -83.81
N UNK C 1073 77.27 -11.52 -83.75
CA UNK C 1073 76.31 -10.46 -83.46
C UNK C 1073 75.03 -10.68 -84.27
N UNK C 1074 75.20 -10.89 -85.58
CA UNK C 1074 74.07 -11.11 -86.44
C UNK C 1074 73.75 -12.58 -86.66
N UNK C 1075 72.69 -12.83 -87.41
CA UNK C 1075 72.28 -14.19 -87.70
C UNK C 1075 72.14 -14.39 -89.19
N UNK C 1076 71.38 -15.43 -89.54
CA UNK C 1076 71.11 -15.80 -90.91
C UNK C 1076 72.37 -15.77 -91.74
N UNK C 1077 73.32 -16.62 -91.37
CA UNK C 1077 74.55 -16.70 -92.11
C UNK C 1077 74.20 -17.55 -93.34
N UNK C 1078 75.12 -17.66 -94.28
CA UNK C 1078 74.91 -18.50 -95.45
C UNK C 1078 75.76 -19.74 -95.68
N UNK C 1079 76.99 -19.52 -96.18
CA UNK C 1079 77.92 -20.61 -96.43
C UNK C 1079 79.19 -20.34 -95.65
N UNK C 1080 79.53 -21.23 -94.74
CA UNK C 1080 80.64 -20.97 -93.83
C UNK C 1080 81.84 -21.45 -94.63
N UNK C 1081 82.90 -20.65 -94.69
CA UNK C 1081 84.08 -21.08 -95.45
C UNK C 1081 85.15 -21.70 -94.58
N UNK C 1082 85.11 -23.03 -94.43
CA UNK C 1082 86.13 -23.72 -93.64
C UNK C 1082 87.34 -23.79 -94.56
N UNK C 1083 88.48 -24.23 -94.04
CA UNK C 1083 89.66 -24.31 -94.88
C UNK C 1083 90.26 -25.72 -94.83
N UNK C 1084 91.41 -25.92 -95.49
CA UNK C 1084 92.04 -27.24 -95.48
C UNK C 1084 92.31 -27.73 -94.05
N UNK C 1085 93.18 -27.00 -93.34
CA UNK C 1085 93.54 -27.32 -91.97
C UNK C 1085 92.37 -27.34 -91.00
N UNK C 1086 91.20 -26.88 -91.42
CA UNK C 1086 90.01 -26.82 -90.56
C UNK C 1086 90.34 -25.98 -89.35
N UNK C 1087 91.24 -25.02 -89.55
CA UNK C 1087 91.74 -24.15 -88.48
C UNK C 1087 91.57 -22.68 -88.84
N UNK C 1088 90.64 -22.39 -89.76
CA UNK C 1088 90.36 -21.02 -90.19
C UNK C 1088 88.94 -21.01 -90.74
N UNK C 1089 88.17 -19.98 -90.39
CA UNK C 1089 86.79 -19.90 -90.87
C UNK C 1089 86.46 -18.47 -91.26
N UNK C 1090 85.61 -18.32 -92.26
CA UNK C 1090 85.20 -16.99 -92.71
C UNK C 1090 83.72 -16.97 -93.00
N UNK C 1091 83.05 -15.92 -92.55
CA UNK C 1091 81.62 -15.80 -92.79
C UNK C 1091 81.19 -14.35 -92.66
N UNK C 1092 79.90 -14.11 -92.89
CA UNK C 1092 79.38 -12.76 -92.82
C UNK C 1092 77.92 -12.79 -92.43
N UNK C 1093 77.59 -12.12 -91.32
CA UNK C 1093 76.21 -12.08 -90.83
C UNK C 1093 75.43 -10.94 -91.45
N UNK C 1094 74.10 -10.98 -91.32
CA UNK C 1094 73.27 -9.94 -91.90
C UNK C 1094 73.53 -8.57 -91.30
N UNK C 1095 74.52 -8.48 -90.42
CA UNK C 1095 74.87 -7.20 -89.86
C UNK C 1095 76.04 -6.69 -90.68
N UNK C 1096 76.39 -7.45 -91.72
CA UNK C 1096 77.46 -7.06 -92.60
C UNK C 1096 78.83 -7.10 -91.94
N UNK C 1097 78.93 -7.91 -90.91
CA UNK C 1097 80.17 -8.04 -90.19
C UNK C 1097 80.97 -9.21 -90.77
N UNK C 1098 82.24 -8.95 -91.07
CA UNK C 1098 83.11 -9.97 -91.65
C UNK C 1098 83.88 -10.79 -90.60
N UNK C 1099 83.41 -12.00 -90.32
CA UNK C 1099 84.09 -12.84 -89.34
C UNK C 1099 85.14 -13.75 -89.96
N UNK C 1100 86.40 -13.53 -89.59
CA UNK C 1100 87.49 -14.37 -90.05
C UNK C 1100 88.06 -15.02 -88.77
N UNK C 1101 87.47 -16.14 -88.38
CA UNK C 1101 87.87 -16.86 -87.19
C UNK C 1101 89.05 -17.80 -87.47
N UNK C 1102 89.75 -18.22 -86.43
CA UNK C 1102 90.91 -19.10 -86.61
C UNK C 1102 91.41 -19.73 -85.32
N TYR D 10 16.24 46.32 -3.38
CA TYR D 10 17.41 46.00 -4.17
C TYR D 10 18.15 47.26 -4.53
N GLN D 11 18.79 47.29 -5.70
CA GLN D 11 19.56 48.47 -6.09
C GLN D 11 19.46 48.75 -7.57
N TYR D 12 19.33 50.03 -7.92
CA TYR D 12 19.28 50.44 -9.32
C TYR D 12 20.49 50.07 -10.15
N LYS D 13 21.66 50.25 -9.58
CA LYS D 13 22.86 50.00 -10.33
C LYS D 13 23.01 48.54 -10.74
N ASP D 14 22.72 47.62 -9.83
CA ASP D 14 22.79 46.21 -10.15
C ASP D 14 21.77 45.80 -11.20
N ILE D 15 20.59 46.35 -11.11
CA ILE D 15 19.51 45.94 -11.98
C ILE D 15 19.89 46.19 -13.42
N LEU D 16 20.61 47.27 -13.66
CA LEU D 16 20.75 47.83 -15.00
C LEU D 16 21.33 46.86 -15.98
N SER D 17 22.39 46.24 -15.56
CA SER D 17 23.19 45.38 -16.44
C SER D 17 22.34 44.29 -17.08
N VAL D 18 21.29 43.88 -16.36
CA VAL D 18 20.38 42.85 -16.81
C VAL D 18 19.88 43.09 -18.23
N PHE D 19 19.19 44.20 -18.45
CA PHE D 19 18.59 44.45 -19.75
C PHE D 19 19.49 45.37 -20.56
N GLU D 20 20.78 45.06 -20.55
CA GLU D 20 21.73 45.72 -21.43
C GLU D 20 21.49 45.23 -22.85
N ASP D 21 21.09 43.95 -23.00
CA ASP D 21 20.71 43.38 -24.29
C ASP D 21 19.82 44.32 -25.10
N ALA D 22 18.85 44.93 -24.40
CA ALA D 22 17.92 45.88 -25.00
C ALA D 22 18.60 47.22 -25.30
N PHE D 23 19.36 47.73 -24.34
CA PHE D 23 20.00 49.03 -24.46
C PHE D 23 20.86 49.20 -25.73
N VAL D 24 21.35 48.09 -26.27
CA VAL D 24 22.07 48.09 -27.54
C VAL D 24 21.10 48.18 -28.69
N ASP D 25 19.99 47.48 -28.51
CA ASP D 25 18.98 47.40 -29.53
C ASP D 25 18.40 48.76 -29.90
N ASN D 26 17.99 49.58 -28.93
CA ASN D 26 17.49 50.90 -29.30
C ASN D 26 18.14 52.18 -28.75
N PHE D 27 18.68 52.14 -27.53
CA PHE D 27 19.24 53.35 -26.95
C PHE D 27 20.45 53.73 -27.75
N ASP D 28 20.63 55.03 -27.95
CA ASP D 28 21.93 55.56 -28.34
C ASP D 28 22.36 56.79 -27.56
N CYS D 29 23.55 56.73 -26.96
CA CYS D 29 24.08 57.91 -26.28
C CYS D 29 24.45 59.07 -27.18
N LYS D 30 25.18 58.76 -28.24
CA LYS D 30 25.82 59.78 -29.07
C LYS D 30 24.85 60.90 -29.39
N ASP D 31 23.71 60.54 -29.93
CA ASP D 31 22.65 61.52 -30.14
C ASP D 31 22.22 61.99 -28.78
N VAL D 32 22.19 61.02 -27.88
CA VAL D 32 21.33 60.98 -26.72
C VAL D 32 21.88 61.67 -25.48
N GLN D 33 22.07 62.98 -25.55
CA GLN D 33 22.59 63.68 -24.39
C GLN D 33 22.25 65.14 -24.19
N ASP D 34 21.39 65.42 -23.22
CA ASP D 34 21.48 66.52 -22.30
C ASP D 34 22.75 66.23 -21.50
N MET D 35 22.91 64.95 -21.16
CA MET D 35 24.03 64.48 -20.36
C MET D 35 24.22 65.18 -19.02
N PRO D 36 23.10 65.19 -18.17
CA PRO D 36 23.24 66.14 -17.05
C PRO D 36 24.43 65.82 -16.19
N LYS D 37 25.17 66.87 -15.94
CA LYS D 37 26.60 66.84 -15.72
C LYS D 37 26.93 65.97 -14.55
N SER D 38 26.10 66.03 -13.52
CA SER D 38 26.32 65.18 -12.35
C SER D 38 26.02 63.67 -12.48
N ILE D 39 24.88 63.28 -13.05
CA ILE D 39 24.68 61.86 -13.35
C ILE D 39 25.83 61.28 -14.19
N LEU D 40 26.12 61.91 -15.32
CA LEU D 40 27.26 61.51 -16.15
C LEU D 40 28.21 62.70 -16.40
N SER D 41 29.51 62.43 -16.33
CA SER D 41 30.51 63.48 -16.58
C SER D 41 30.33 64.05 -17.97
N LYS D 42 31.10 65.09 -18.31
CA LYS D 42 30.90 65.76 -19.59
C LYS D 42 31.88 65.17 -20.60
N GLU D 43 33.05 64.75 -20.12
CA GLU D 43 34.01 64.01 -20.93
C GLU D 43 33.47 62.62 -21.24
N GLU D 44 33.06 61.92 -20.18
CA GLU D 44 32.58 60.55 -20.30
C GLU D 44 31.40 60.44 -21.24
N ILE D 45 30.51 61.41 -21.14
CA ILE D 45 29.55 61.65 -22.15
C ILE D 45 30.38 61.98 -23.39
N ASP D 46 31.45 62.71 -23.14
CA ASP D 46 32.33 63.08 -24.21
C ASP D 46 32.89 61.80 -24.78
N HIS D 47 33.36 60.93 -23.89
CA HIS D 47 34.04 59.74 -24.34
C HIS D 47 33.15 58.81 -25.13
N ILE D 48 31.99 58.53 -24.58
CA ILE D 48 31.23 57.41 -25.05
C ILE D 48 30.83 57.48 -26.50
N ILE D 49 30.26 58.60 -26.90
CA ILE D 49 29.61 58.72 -28.21
C ILE D 49 30.61 58.54 -29.33
N MET D 50 31.87 58.71 -28.96
CA MET D 50 32.94 58.62 -29.91
C MET D 50 33.57 57.25 -29.99
N SER D 51 33.08 56.30 -29.21
CA SER D 51 33.51 54.91 -29.36
C SER D 51 32.84 54.31 -30.60
N LYS D 52 33.43 53.26 -31.14
CA LYS D 52 33.14 52.86 -32.50
C LYS D 52 31.69 52.47 -32.81
N ASP D 53 31.09 51.67 -31.96
CA ASP D 53 29.91 50.90 -32.35
C ASP D 53 28.66 51.11 -31.51
N ALA D 54 27.74 50.16 -31.57
CA ALA D 54 26.68 50.14 -30.59
C ALA D 54 26.97 49.22 -29.42
N VAL D 55 27.49 48.03 -29.68
CA VAL D 55 27.67 47.06 -28.61
C VAL D 55 28.67 47.51 -27.57
N SER D 56 29.55 48.42 -27.97
CA SER D 56 30.65 48.91 -27.18
C SER D 56 30.22 50.18 -26.44
N GLY D 57 29.43 50.99 -27.11
CA GLY D 57 28.91 52.17 -26.47
C GLY D 57 28.04 51.75 -25.31
N THR D 58 27.21 50.75 -25.50
CA THR D 58 26.38 50.49 -24.38
C THR D 58 27.41 50.32 -23.29
N LEU D 59 28.46 49.56 -23.57
CA LEU D 59 29.35 49.08 -22.53
C LEU D 59 30.06 50.17 -21.74
N ARG D 60 30.48 51.22 -22.42
CA ARG D 60 30.98 52.35 -21.67
C ARG D 60 29.86 52.95 -20.84
N LEU D 61 28.68 53.14 -21.43
CA LEU D 61 27.65 53.81 -20.69
C LEU D 61 27.34 53.04 -19.41
N PHE D 62 27.03 51.76 -19.57
CA PHE D 62 26.69 50.92 -18.43
C PHE D 62 27.89 50.74 -17.53
N TRP D 63 29.08 50.93 -18.05
CA TRP D 63 30.27 50.79 -17.21
C TRP D 63 30.46 52.00 -16.30
N THR D 64 30.77 53.15 -16.90
CA THR D 64 31.06 54.37 -16.16
C THR D 64 29.96 54.74 -15.17
N LEU D 65 28.72 54.53 -15.60
CA LEU D 65 27.56 54.92 -14.80
C LEU D 65 27.33 54.02 -13.59
N LEU D 66 27.82 52.80 -13.71
CA LEU D 66 27.98 51.89 -12.58
C LEU D 66 28.98 52.43 -11.59
N SER D 67 29.97 53.16 -12.10
CA SER D 67 31.07 53.67 -11.29
C SER D 67 30.60 54.68 -10.25
N LYS D 68 29.66 55.50 -10.67
CA LYS D 68 29.15 56.60 -9.87
C LYS D 68 28.27 56.13 -8.73
N GLN D 69 28.09 56.98 -7.73
CA GLN D 69 27.35 56.62 -6.53
C GLN D 69 25.93 56.26 -6.91
N GLU D 70 25.38 55.29 -6.18
CA GLU D 70 24.16 54.60 -6.54
C GLU D 70 22.93 55.49 -6.62
N GLU D 71 23.02 56.69 -6.06
CA GLU D 71 21.87 57.59 -5.97
C GLU D 71 21.60 58.37 -7.25
N MET D 72 22.65 58.72 -7.99
CA MET D 72 22.45 59.56 -9.16
C MET D 72 21.87 58.73 -10.30
N VAL D 73 22.37 57.52 -10.47
CA VAL D 73 21.92 56.76 -11.61
C VAL D 73 20.45 57.03 -11.70
N GLN D 74 19.77 57.00 -10.56
CA GLN D 74 18.35 57.26 -10.50
C GLN D 74 18.00 58.47 -11.34
N LYS D 75 18.92 59.43 -11.37
CA LYS D 75 18.74 60.61 -12.18
C LYS D 75 18.61 60.11 -13.60
N PHE D 76 19.49 59.17 -13.90
CA PHE D 76 19.60 58.62 -15.23
C PHE D 76 18.43 57.72 -15.50
N VAL D 77 18.19 56.84 -14.56
CA VAL D 77 17.17 55.84 -14.68
C VAL D 77 15.80 56.47 -14.79
N GLU D 78 15.60 57.58 -14.08
CA GLU D 78 14.26 58.11 -13.99
C GLU D 78 14.01 59.35 -14.81
N GLU D 79 14.42 60.48 -14.28
CA GLU D 79 14.12 61.73 -14.93
C GLU D 79 14.76 61.86 -16.29
N VAL D 80 16.03 61.48 -16.38
CA VAL D 80 16.73 61.57 -17.65
C VAL D 80 16.12 60.69 -18.75
N LEU D 81 16.29 59.40 -18.57
CA LEU D 81 16.11 58.46 -19.63
C LEU D 81 14.68 58.51 -20.10
N ARG D 82 13.84 58.93 -19.18
CA ARG D 82 12.43 59.17 -19.42
C ARG D 82 12.18 60.30 -20.40
N ILE D 83 13.03 61.31 -20.37
CA ILE D 83 12.74 62.52 -21.13
C ILE D 83 12.63 62.29 -22.64
N ASN D 84 13.50 61.46 -23.18
CA ASN D 84 13.37 61.07 -24.57
C ASN D 84 12.98 59.61 -24.68
N TYR D 85 12.69 58.98 -23.55
CA TYR D 85 12.45 57.55 -23.56
C TYR D 85 11.29 57.20 -22.67
N LYS D 86 10.54 56.19 -23.12
CA LYS D 86 9.50 55.48 -22.37
C LYS D 86 9.66 53.97 -22.28
N PHE D 87 9.65 53.35 -23.45
CA PHE D 87 9.70 51.90 -23.60
C PHE D 87 10.75 51.36 -22.66
N LEU D 88 11.94 51.94 -22.72
CA LEU D 88 12.92 51.60 -21.77
C LEU D 88 12.68 51.75 -20.25
N MET D 89 12.42 52.97 -19.80
CA MET D 89 12.35 53.29 -18.37
C MET D 89 11.58 52.25 -17.57
N SER D 90 10.40 51.87 -18.07
CA SER D 90 9.51 51.00 -17.37
C SER D 90 10.20 49.66 -17.22
N PRO D 91 10.81 49.15 -18.37
CA PRO D 91 11.47 47.87 -18.15
C PRO D 91 12.44 47.84 -17.01
N ILE D 92 13.30 48.82 -16.82
CA ILE D 92 14.14 48.76 -15.63
C ILE D 92 13.30 48.91 -14.38
N LYS D 93 12.46 49.94 -14.39
CA LYS D 93 11.70 50.33 -13.20
C LYS D 93 10.87 49.18 -12.65
N THR D 94 10.44 48.30 -13.54
CA THR D 94 9.63 47.18 -13.16
C THR D 94 10.56 46.22 -12.48
N GLU D 95 11.84 46.52 -12.58
CA GLU D 95 12.89 45.70 -11.99
C GLU D 95 13.28 46.08 -10.56
N GLN D 96 13.43 47.36 -10.34
CA GLN D 96 14.01 47.72 -9.10
C GLN D 96 13.07 47.05 -8.12
N ARG D 97 11.77 47.17 -8.31
CA ARG D 97 10.89 46.33 -7.51
C ARG D 97 10.87 44.85 -7.89
N GLN D 98 10.72 44.58 -9.18
CA GLN D 98 10.33 43.24 -9.62
C GLN D 98 11.30 42.08 -9.46
N PRO D 99 12.56 42.33 -9.79
CA PRO D 99 13.61 41.34 -9.58
C PRO D 99 13.29 39.91 -10.09
N SER D 100 12.97 39.76 -11.37
CA SER D 100 12.54 38.48 -11.91
C SER D 100 13.57 37.45 -11.58
N MET D 101 13.15 36.23 -11.29
CA MET D 101 14.03 35.35 -10.56
C MET D 101 15.34 35.09 -11.27
N MET D 102 15.30 34.76 -12.55
CA MET D 102 16.60 34.69 -13.20
C MET D 102 17.48 35.90 -12.85
N THR D 103 16.89 37.09 -12.81
CA THR D 103 17.63 38.31 -12.49
C THR D 103 18.30 38.22 -11.13
N ARG D 104 17.53 37.98 -10.09
CA ARG D 104 18.13 37.91 -8.79
C ARG D 104 19.09 36.78 -8.87
N MET D 105 18.77 35.72 -9.55
CA MET D 105 19.72 34.65 -9.46
C MET D 105 21.06 35.17 -9.93
N TYR D 106 21.08 35.98 -10.98
CA TYR D 106 22.38 36.47 -11.45
C TYR D 106 23.06 37.33 -10.40
N ILE D 107 22.34 38.31 -9.88
CA ILE D 107 22.99 39.28 -9.02
C ILE D 107 23.50 38.53 -7.85
N GLU D 108 22.73 37.56 -7.42
CA GLU D 108 23.09 36.79 -6.26
C GLU D 108 24.41 36.16 -6.57
N GLN D 109 24.49 35.57 -7.74
CA GLN D 109 25.75 35.01 -8.11
C GLN D 109 26.72 36.13 -8.29
N ARG D 110 26.35 37.19 -8.96
CA ARG D 110 27.42 38.05 -9.39
C ARG D 110 28.20 38.50 -8.19
N ASP D 111 27.54 38.88 -7.12
CA ASP D 111 28.26 39.37 -5.96
C ASP D 111 29.15 38.26 -5.46
N ARG D 112 28.71 37.04 -5.59
CA ARG D 112 29.51 35.98 -5.08
C ARG D 112 30.84 36.15 -5.76
N LEU D 113 30.76 36.59 -7.00
CA LEU D 113 31.95 36.75 -7.81
C LEU D 113 32.90 37.83 -7.33
N TYR D 114 32.35 38.99 -7.00
CA TYR D 114 33.19 40.09 -6.62
C TYR D 114 33.79 39.74 -5.32
N ASN D 115 32.91 39.35 -4.44
CA ASN D 115 33.13 39.28 -3.03
C ASN D 115 34.25 38.31 -2.79
N ASP D 116 34.19 37.18 -3.45
CA ASP D 116 35.27 36.25 -3.30
C ASP D 116 36.52 36.82 -3.89
N ASN D 117 36.37 37.52 -5.01
CA ASN D 117 37.50 38.17 -5.65
C ASN D 117 38.14 39.31 -4.90
N GLN D 118 37.32 40.07 -4.16
CA GLN D 118 37.83 41.09 -3.27
C GLN D 118 38.44 42.31 -3.96
N VAL D 119 39.72 42.22 -4.32
CA VAL D 119 40.46 43.39 -4.74
C VAL D 119 39.82 43.86 -6.01
N PHE D 120 39.43 42.91 -6.83
CA PHE D 120 38.95 43.26 -8.12
C PHE D 120 37.75 44.18 -7.97
N ALA D 121 36.80 43.87 -7.11
CA ALA D 121 35.63 44.73 -7.05
C ALA D 121 35.94 46.25 -6.95
N LYS D 122 37.15 46.60 -6.54
CA LYS D 122 37.50 48.01 -6.41
C LYS D 122 38.41 48.50 -7.51
N TYR D 123 39.52 47.80 -7.70
CA TYR D 123 40.55 48.23 -8.63
C TYR D 123 40.21 47.86 -10.06
N ASN D 124 39.30 46.95 -10.30
CA ASN D 124 39.24 46.48 -11.68
C ASN D 124 38.84 47.64 -12.51
N VAL D 125 39.44 47.75 -13.70
CA VAL D 125 38.92 48.64 -14.75
C VAL D 125 38.69 47.90 -16.05
N SER D 126 37.50 48.03 -16.60
CA SER D 126 37.10 47.24 -17.76
C SER D 126 37.80 47.68 -19.03
N ARG D 127 38.49 46.75 -19.69
CA ARG D 127 39.13 47.06 -20.95
C ARG D 127 38.23 46.62 -22.06
N LEU D 128 37.73 47.60 -22.80
CA LEU D 128 36.72 47.32 -23.80
C LEU D 128 37.22 46.43 -24.89
N GLN D 129 38.43 46.67 -25.33
CA GLN D 129 38.86 45.97 -26.49
C GLN D 129 39.00 44.51 -26.27
N PRO D 130 39.56 44.14 -25.13
CA PRO D 130 39.90 42.74 -24.84
C PRO D 130 38.72 42.01 -24.24
N TYR D 131 37.71 42.74 -23.77
CA TYR D 131 36.57 42.07 -23.19
C TYR D 131 35.67 41.74 -24.31
N LEU D 132 35.45 42.70 -25.17
CA LEU D 132 34.45 42.56 -26.18
C LEU D 132 34.92 41.43 -27.04
N LYS D 133 36.23 41.29 -27.11
CA LYS D 133 36.84 40.27 -27.93
C LYS D 133 36.65 38.90 -27.31
N LEU D 134 36.73 38.86 -25.98
CA LEU D 134 36.52 37.63 -25.24
C LEU D 134 35.08 37.20 -25.21
N ARG D 135 34.20 38.13 -24.93
CA ARG D 135 32.84 37.80 -24.64
C ARG D 135 32.23 37.12 -25.84
N GLN D 136 32.67 37.49 -27.02
CA GLN D 136 32.08 36.88 -28.18
C GLN D 136 32.34 35.40 -28.08
N ALA D 137 33.51 35.03 -27.58
CA ALA D 137 33.82 33.62 -27.51
C ALA D 137 32.84 32.90 -26.61
N LEU D 138 32.55 33.46 -25.44
CA LEU D 138 31.75 32.74 -24.45
C LEU D 138 30.34 32.43 -24.88
N LEU D 139 29.73 33.32 -25.64
CA LEU D 139 28.45 33.01 -26.22
C LEU D 139 28.49 31.83 -27.21
N GLU D 140 29.56 31.70 -28.00
CA GLU D 140 29.63 30.65 -29.02
C GLU D 140 30.03 29.32 -28.41
N LEU D 141 31.08 29.36 -27.58
CA LEU D 141 31.72 28.20 -26.98
C LEU D 141 30.75 27.06 -26.60
N ARG D 142 31.02 25.88 -27.14
CA ARG D 142 30.08 24.75 -27.11
C ARG D 142 30.29 23.91 -25.84
N PRO D 143 29.39 22.93 -25.56
CA PRO D 143 29.53 22.39 -24.20
C PRO D 143 30.81 21.60 -23.98
N ALA D 144 31.61 21.40 -25.03
CA ALA D 144 32.85 20.63 -24.89
C ALA D 144 34.09 21.35 -25.42
N LYS D 145 33.87 22.44 -26.17
CA LYS D 145 34.98 23.29 -26.61
C LYS D 145 35.56 24.08 -25.43
N ASN D 146 36.57 24.89 -25.69
CA ASN D 146 37.12 25.77 -24.64
C ASN D 146 37.92 26.97 -25.15
N VAL D 147 37.56 28.14 -24.65
CA VAL D 147 38.13 29.40 -25.15
C VAL D 147 39.27 29.86 -24.29
N LEU D 148 40.48 29.79 -24.83
CA LEU D 148 41.67 30.11 -24.09
C LEU D 148 42.17 31.57 -24.23
N ILE D 149 42.64 32.12 -23.12
CA ILE D 149 43.27 33.44 -23.07
C ILE D 149 44.71 33.30 -22.60
N ASP D 150 45.61 34.09 -23.17
CA ASP D 150 46.97 34.10 -22.67
C ASP D 150 47.63 35.44 -22.91
N GLY D 151 48.27 35.97 -21.89
CA GLY D 151 49.01 37.21 -22.02
C GLY D 151 50.32 37.11 -21.27
N VAL D 152 51.15 38.13 -21.41
CA VAL D 152 52.45 38.07 -20.79
C VAL D 152 52.04 38.19 -19.36
N LEU D 153 52.92 37.85 -18.43
CA LEU D 153 52.47 37.70 -17.07
C LEU D 153 51.92 39.03 -16.64
N GLY D 154 50.95 39.02 -15.73
CA GLY D 154 50.35 40.26 -15.32
C GLY D 154 49.72 41.03 -16.45
N SER D 155 49.14 40.30 -17.36
CA SER D 155 48.24 40.89 -18.30
C SER D 155 46.83 40.79 -17.74
N GLY D 156 46.75 40.38 -16.48
CA GLY D 156 45.51 40.42 -15.78
C GLY D 156 44.56 39.73 -16.70
N LYS D 157 44.91 38.53 -17.15
CA LYS D 157 43.98 37.81 -17.98
C LYS D 157 42.75 37.58 -17.14
N THR D 158 42.97 37.16 -15.91
CA THR D 158 41.91 36.63 -15.11
C THR D 158 40.85 37.68 -14.98
N TRP D 159 41.31 38.84 -14.59
CA TRP D 159 40.48 40.01 -14.36
C TRP D 159 39.55 40.30 -15.53
N VAL D 160 40.01 40.04 -16.75
CA VAL D 160 39.14 40.16 -17.91
C VAL D 160 38.07 39.07 -17.86
N ALA D 161 38.57 37.84 -17.66
CA ALA D 161 37.72 36.67 -17.51
C ALA D 161 36.67 36.94 -16.45
N LEU D 162 37.13 37.42 -15.29
CA LEU D 162 36.24 37.75 -14.18
C LEU D 162 35.18 38.73 -14.61
N ASP D 163 35.54 39.60 -15.54
CA ASP D 163 34.66 40.68 -15.93
C ASP D 163 33.63 40.22 -16.94
N VAL D 164 34.07 39.46 -17.94
CA VAL D 164 33.11 38.93 -18.92
C VAL D 164 32.20 37.92 -18.25
N CYS D 165 32.76 37.18 -17.31
CA CYS D 165 31.99 36.22 -16.54
C CYS D 165 30.98 36.97 -15.67
N LEU D 166 31.28 38.22 -15.33
CA LEU D 166 30.36 39.08 -14.58
C LEU D 166 29.16 39.54 -15.43
N SER D 167 29.39 39.70 -16.73
CA SER D 167 28.37 40.18 -17.63
C SER D 167 27.14 39.30 -17.62
N TYR D 168 25.98 39.90 -17.44
CA TYR D 168 24.82 39.10 -17.34
C TYR D 168 24.75 38.28 -18.58
N LYS D 169 25.12 38.84 -19.71
CA LYS D 169 25.04 38.11 -20.94
C LYS D 169 25.93 36.90 -20.84
N VAL D 170 27.11 37.06 -20.27
CA VAL D 170 27.97 35.90 -20.17
C VAL D 170 27.33 34.92 -19.28
N GLN D 171 26.79 35.39 -18.17
CA GLN D 171 26.33 34.48 -17.16
C GLN D 171 25.16 33.63 -17.55
N CYS D 172 24.17 34.21 -18.20
CA CYS D 172 22.98 33.46 -18.51
C CYS D 172 23.41 32.30 -19.38
N LYS D 173 24.34 32.56 -20.27
CA LYS D 173 24.77 31.54 -21.21
C LYS D 173 25.49 30.48 -20.44
N MET D 174 25.77 30.76 -19.19
CA MET D 174 26.45 29.81 -18.34
C MET D 174 25.61 29.42 -17.17
N ASP D 175 24.42 30.00 -17.09
CA ASP D 175 23.44 29.63 -16.13
C ASP D 175 23.97 29.74 -14.74
N PHE D 176 24.90 30.64 -14.57
CA PHE D 176 25.29 31.09 -13.26
C PHE D 176 26.09 30.05 -12.57
N LYS D 177 26.66 29.13 -13.33
CA LYS D 177 27.51 28.14 -12.67
C LYS D 177 28.87 28.23 -13.28
N ILE D 178 29.75 28.99 -12.64
CA ILE D 178 31.07 29.25 -13.21
C ILE D 178 32.16 28.91 -12.23
N PHE D 179 32.44 27.64 -12.06
CA PHE D 179 33.35 27.17 -11.03
C PHE D 179 34.81 27.60 -11.25
N TRP D 180 35.24 28.63 -10.54
CA TRP D 180 36.61 29.13 -10.61
C TRP D 180 37.58 28.15 -9.98
N LEU D 181 38.78 28.05 -10.54
CA LEU D 181 39.82 27.19 -9.99
C LEU D 181 41.21 27.68 -10.37
N ASN D 182 41.87 28.41 -9.48
CA ASN D 182 43.23 28.85 -9.77
C ASN D 182 44.20 27.69 -9.70
N LEU D 183 44.75 27.31 -10.85
CA LEU D 183 45.66 26.17 -10.90
C LEU D 183 47.10 26.57 -10.56
N LYS D 184 47.28 27.26 -9.45
CA LYS D 184 48.62 27.47 -8.93
C LYS D 184 49.06 26.21 -8.19
N ASN D 185 50.33 25.87 -8.33
CA ASN D 185 50.85 24.60 -7.83
C ASN D 185 50.00 23.47 -8.40
N CYS D 186 50.12 23.28 -9.72
CA CYS D 186 49.25 22.34 -10.43
C CYS D 186 50.02 21.52 -11.47
N ASN D 187 51.31 21.33 -11.21
CA ASN D 187 52.13 20.45 -12.05
C ASN D 187 52.62 19.27 -11.22
N SER D 188 51.68 18.51 -10.71
CA SER D 188 51.95 17.27 -10.01
C SER D 188 50.73 16.45 -10.31
N PRO D 189 50.81 15.15 -10.09
CA PRO D 189 49.64 14.32 -10.27
C PRO D 189 48.67 14.56 -9.17
N GLU D 190 49.19 14.52 -7.96
CA GLU D 190 48.36 14.49 -6.78
C GLU D 190 47.55 15.76 -6.58
N THR D 191 48.19 16.90 -6.83
CA THR D 191 47.61 18.15 -6.42
C THR D 191 46.27 18.28 -7.11
N VAL D 192 46.20 17.79 -8.33
CA VAL D 192 44.95 17.84 -9.03
C VAL D 192 43.93 17.08 -8.20
N LEU D 193 44.41 16.07 -7.50
CA LEU D 193 43.54 15.38 -6.58
C LEU D 193 43.05 16.34 -5.52
N GLU D 194 43.91 17.24 -5.09
CA GLU D 194 43.45 18.35 -4.27
C GLU D 194 42.48 19.25 -5.03
N MET D 195 42.79 19.49 -6.30
CA MET D 195 42.02 20.41 -7.12
C MET D 195 40.70 19.81 -7.57
N LEU D 196 40.77 18.63 -8.16
CA LEU D 196 39.56 17.91 -8.55
C LEU D 196 38.67 17.69 -7.34
N GLN D 197 39.30 17.46 -6.20
CA GLN D 197 38.56 17.39 -4.95
C GLN D 197 37.78 18.68 -4.76
N LYS D 198 38.47 19.80 -4.96
CA LYS D 198 37.84 21.09 -4.73
C LYS D 198 36.76 21.43 -5.74
N LEU D 199 36.91 20.97 -6.97
CA LEU D 199 35.89 21.17 -7.98
C LEU D 199 34.65 20.40 -7.58
N LEU D 200 34.85 19.12 -7.26
CA LEU D 200 33.78 18.27 -6.79
C LEU D 200 33.07 18.94 -5.60
N TYR D 201 33.86 19.51 -4.69
CA TYR D 201 33.26 20.23 -3.56
C TYR D 201 32.43 21.43 -4.01
N GLN D 202 32.91 22.18 -5.00
CA GLN D 202 32.11 23.27 -5.58
C GLN D 202 30.76 22.74 -6.03
N ILE D 203 30.83 21.74 -6.90
CA ILE D 203 29.65 21.10 -7.46
C ILE D 203 28.63 20.67 -6.39
N ASP D 204 29.09 19.92 -5.39
CA ASP D 204 28.21 19.36 -4.37
C ASP D 204 29.01 18.68 -3.27
N PRO D 205 28.63 18.91 -2.01
CA PRO D 205 29.35 18.35 -0.86
C PRO D 205 29.04 16.86 -0.65
N ASN D 206 29.41 16.04 -1.62
CA ASN D 206 29.15 14.60 -1.58
C ASN D 206 30.28 13.82 -2.23
N TRP D 207 30.71 12.75 -1.58
CA TRP D 207 31.47 11.71 -2.27
C TRP D 207 31.60 10.40 -1.49
N THR D 208 31.41 9.30 -2.22
CA THR D 208 31.69 7.96 -1.71
C THR D 208 33.19 7.67 -1.82
N SER D 209 33.95 8.12 -0.82
CA SER D 209 35.41 8.03 -0.88
C SER D 209 35.94 6.67 -0.44
N ARG D 210 35.09 5.64 -0.50
CA ARG D 210 35.50 4.27 -0.20
C ARG D 210 36.24 3.67 -1.40
N SER D 211 36.04 4.30 -2.55
CA SER D 211 36.69 3.91 -3.79
C SER D 211 38.18 4.27 -3.73
N ASP D 212 38.59 5.00 -2.71
CA ASP D 212 39.98 5.45 -2.61
C ASP D 212 40.91 4.26 -2.45
N HIS D 213 41.79 4.10 -3.43
CA HIS D 213 42.80 3.05 -3.38
C HIS D 213 44.15 3.70 -3.50
N SER D 214 44.84 3.79 -2.37
CA SER D 214 46.09 4.52 -2.29
C SER D 214 47.21 3.83 -3.06
N SER D 215 46.88 2.77 -3.82
CA SER D 215 47.84 2.13 -4.72
C SER D 215 48.39 3.18 -5.67
N ASN D 216 47.51 4.05 -6.14
CA ASN D 216 47.91 5.21 -6.93
C ASN D 216 47.13 6.47 -6.60
N ILE D 217 47.86 7.56 -6.47
CA ILE D 217 47.29 8.89 -6.40
C ILE D 217 46.93 9.25 -7.84
N LYS D 218 47.43 8.42 -8.76
CA LYS D 218 47.27 8.62 -10.21
C LYS D 218 46.15 7.77 -10.83
N LEU D 219 45.75 6.73 -10.11
CA LEU D 219 44.64 5.88 -10.52
C LEU D 219 43.37 6.44 -9.92
N ARG D 220 43.44 6.80 -8.65
CA ARG D 220 42.31 7.40 -7.96
C ARG D 220 41.88 8.70 -8.63
N ILE D 221 42.81 9.34 -9.33
CA ILE D 221 42.53 10.58 -10.03
C ILE D 221 41.58 10.37 -11.19
N HIS D 222 41.51 9.15 -11.70
CA HIS D 222 40.62 8.90 -12.82
C HIS D 222 39.23 8.72 -12.24
N SER D 223 39.17 8.23 -11.01
CA SER D 223 37.88 8.04 -10.35
C SER D 223 37.19 9.38 -10.10
N ILE D 224 37.96 10.41 -9.76
CA ILE D 224 37.34 11.68 -9.40
C ILE D 224 36.84 12.35 -10.66
N GLN D 225 37.60 12.18 -11.75
CA GLN D 225 37.18 12.69 -13.05
C GLN D 225 35.97 11.90 -13.51
N ALA D 226 36.02 10.60 -13.26
CA ALA D 226 34.93 9.70 -13.59
C ALA D 226 33.65 10.15 -12.94
N GLU D 227 33.72 10.43 -11.64
CA GLU D 227 32.56 10.95 -10.93
C GLU D 227 32.20 12.33 -11.44
N LEU D 228 33.21 13.20 -11.53
CA LEU D 228 32.99 14.58 -11.98
C LEU D 228 32.35 14.63 -13.36
N ARG D 229 32.68 13.66 -14.20
CA ARG D 229 32.07 13.58 -15.54
C ARG D 229 30.58 13.30 -15.43
N ARG D 230 30.23 12.21 -14.77
CA ARG D 230 28.83 11.82 -14.55
C ARG D 230 28.00 12.96 -13.99
N LEU D 231 28.57 13.67 -13.02
CA LEU D 231 27.82 14.68 -12.29
C LEU D 231 27.55 15.90 -13.15
N LEU D 232 28.48 16.23 -14.04
CA LEU D 232 28.35 17.46 -14.80
C LEU D 232 27.29 17.38 -15.91
N LYS D 233 27.41 16.45 -16.85
CA LYS D 233 26.32 16.29 -17.82
C LYS D 233 25.10 15.74 -17.10
N SER D 234 24.58 16.65 -16.31
CA SER D 234 23.37 16.55 -15.57
C SER D 234 22.67 17.88 -15.83
N LYS D 235 21.36 17.89 -15.97
CA LYS D 235 20.81 18.93 -16.79
C LYS D 235 21.17 20.31 -16.28
N PRO D 236 21.00 20.55 -14.99
CA PRO D 236 21.19 21.89 -14.44
C PRO D 236 22.62 22.28 -14.71
N TYR D 237 23.51 21.31 -14.63
CA TYR D 237 24.92 21.59 -14.74
C TYR D 237 25.44 21.51 -16.14
N GLU D 238 24.55 21.19 -17.08
CA GLU D 238 24.92 20.82 -18.43
C GLU D 238 26.09 21.64 -18.93
N ASN D 239 25.88 22.94 -18.99
CA ASN D 239 26.91 23.84 -19.45
C ASN D 239 27.30 24.75 -18.33
N CYS D 240 28.57 24.73 -17.95
CA CYS D 240 29.07 25.79 -17.12
C CYS D 240 30.51 26.00 -17.44
N LEU D 241 30.92 27.24 -17.65
CA LEU D 241 32.28 27.52 -17.98
C LEU D 241 33.08 27.19 -16.77
N LEU D 242 34.14 26.43 -16.85
CA LEU D 242 34.87 26.25 -15.64
C LEU D 242 36.06 26.88 -16.15
N VAL D 243 36.58 27.87 -15.44
CA VAL D 243 37.62 28.76 -15.92
C VAL D 243 38.86 28.42 -15.18
N LEU D 244 39.95 28.15 -15.87
CA LEU D 244 41.19 27.80 -15.21
C LEU D 244 42.24 28.89 -15.28
N LEU D 245 42.75 29.31 -14.15
CA LEU D 245 43.58 30.47 -14.11
C LEU D 245 45.05 30.06 -13.98
N ASN D 246 45.90 30.47 -14.92
CA ASN D 246 47.33 30.20 -14.85
C ASN D 246 47.73 28.82 -15.27
N VAL D 247 46.73 28.12 -15.72
CA VAL D 247 46.97 26.71 -16.03
C VAL D 247 48.45 26.48 -16.25
N GLN D 248 49.06 25.73 -15.36
CA GLN D 248 50.51 25.60 -15.35
C GLN D 248 51.03 25.04 -16.65
N ASN D 249 50.72 23.79 -16.93
CA ASN D 249 51.18 23.20 -18.18
C ASN D 249 50.11 22.49 -18.94
N ALA D 250 50.53 21.83 -20.02
CA ALA D 250 49.64 21.01 -20.81
C ALA D 250 49.11 19.87 -19.96
N LYS D 251 50.01 19.25 -19.20
CA LYS D 251 49.69 18.03 -18.47
C LYS D 251 48.53 18.21 -17.49
N ALA D 252 48.46 19.38 -16.86
CA ALA D 252 47.41 19.66 -15.88
C ALA D 252 46.06 19.72 -16.57
N TRP D 253 46.04 20.39 -17.71
CA TRP D 253 44.82 20.63 -18.49
C TRP D 253 44.19 19.31 -18.97
N ASN D 254 45.04 18.32 -19.20
CA ASN D 254 44.59 17.01 -19.64
C ASN D 254 43.60 16.41 -18.66
N ALA D 255 43.89 16.58 -17.38
CA ALA D 255 43.04 16.05 -16.32
C ALA D 255 41.76 16.88 -16.18
N PHE D 256 41.79 18.11 -16.62
CA PHE D 256 40.60 18.89 -16.36
C PHE D 256 39.56 18.90 -17.42
N ASN D 257 39.93 18.54 -18.63
CA ASN D 257 38.92 18.61 -19.68
C ASN D 257 37.85 17.60 -19.34
N LEU D 258 36.62 18.07 -19.17
CA LEU D 258 35.56 17.22 -18.67
C LEU D 258 34.40 17.19 -19.64
N SER D 259 34.68 17.38 -20.93
CA SER D 259 33.64 17.72 -21.89
C SER D 259 32.87 18.90 -21.32
N CYS D 260 33.64 19.87 -20.81
CA CYS D 260 33.14 21.02 -20.10
C CYS D 260 33.27 22.25 -20.96
N LYS D 261 32.36 23.21 -20.86
CA LYS D 261 32.53 24.47 -21.59
C LYS D 261 33.59 25.33 -20.94
N ILE D 262 34.74 24.75 -20.60
CA ILE D 262 35.75 25.51 -19.86
C ILE D 262 36.35 26.65 -20.70
N LEU D 263 37.16 27.47 -20.04
CA LEU D 263 37.91 28.53 -20.68
C LEU D 263 39.06 28.81 -19.72
N LEU D 264 40.27 28.92 -20.21
CA LEU D 264 41.33 29.01 -19.27
C LEU D 264 42.22 30.17 -19.53
N THR D 265 42.93 30.58 -18.51
CA THR D 265 43.89 31.62 -18.67
C THR D 265 45.29 31.04 -18.79
N THR D 266 45.77 30.99 -20.01
CA THR D 266 47.04 30.42 -20.33
C THR D 266 48.01 31.34 -19.70
N ARG D 267 49.27 30.94 -19.55
CA ARG D 267 50.29 31.83 -19.01
C ARG D 267 51.56 31.69 -19.84
N PHE D 268 51.84 30.46 -20.24
CA PHE D 268 52.96 30.10 -21.07
C PHE D 268 52.64 30.01 -22.54
N LYS D 269 53.70 29.98 -23.34
CA LYS D 269 53.55 29.69 -24.73
C LYS D 269 53.61 28.20 -24.87
N GLN D 270 53.84 27.48 -23.77
CA GLN D 270 53.87 26.04 -23.97
C GLN D 270 52.42 25.55 -23.97
N VAL D 271 51.59 26.27 -23.22
CA VAL D 271 50.18 25.92 -23.06
C VAL D 271 49.37 26.44 -24.22
N THR D 272 49.48 27.74 -24.50
CA THR D 272 48.78 28.33 -25.64
C THR D 272 49.28 27.70 -26.92
N ASP D 273 50.46 27.11 -26.86
CA ASP D 273 51.03 26.37 -27.98
C ASP D 273 50.24 25.09 -28.20
N PHE D 274 49.73 24.54 -27.11
CA PHE D 274 49.19 23.18 -27.11
C PHE D 274 47.74 23.15 -27.53
N LEU D 275 46.84 23.86 -26.89
CA LEU D 275 45.48 23.80 -27.43
C LEU D 275 45.41 24.48 -28.82
N SER D 276 44.85 23.76 -29.78
CA SER D 276 45.02 24.13 -31.19
C SER D 276 43.71 24.58 -31.75
N ALA D 277 43.79 25.59 -32.58
CA ALA D 277 42.78 26.58 -32.72
C ALA D 277 41.49 25.89 -33.05
N ALA D 278 41.55 24.79 -33.79
CA ALA D 278 40.32 24.22 -34.29
C ALA D 278 39.44 23.86 -33.12
N THR D 279 40.00 23.24 -32.09
CA THR D 279 39.22 22.99 -30.89
C THR D 279 38.79 24.26 -30.12
N THR D 280 39.70 25.22 -29.97
CA THR D 280 39.53 26.33 -29.03
C THR D 280 40.07 27.62 -29.62
N THR D 281 39.59 28.77 -29.18
CA THR D 281 39.87 30.01 -29.89
C THR D 281 40.87 30.78 -29.04
N HIS D 282 41.71 31.56 -29.66
CA HIS D 282 42.89 31.92 -28.94
C HIS D 282 42.89 33.38 -28.79
N ILE D 283 42.84 33.83 -27.55
CA ILE D 283 42.71 35.23 -27.29
C ILE D 283 44.03 35.58 -26.70
N SER D 284 44.53 36.76 -26.98
CA SER D 284 45.82 37.03 -26.42
C SER D 284 45.98 38.39 -25.83
N LEU D 285 47.21 38.70 -25.53
CA LEU D 285 47.50 40.02 -25.03
C LEU D 285 48.94 40.40 -25.32
N ASP D 286 49.52 39.65 -26.24
CA ASP D 286 50.72 40.10 -26.88
C ASP D 286 50.15 40.93 -28.00
N HIS D 287 49.25 41.85 -27.69
CA HIS D 287 48.61 42.49 -28.80
C HIS D 287 48.49 43.97 -28.79
N HIS D 288 48.57 44.57 -29.97
CA HIS D 288 48.41 46.00 -30.06
C HIS D 288 46.99 46.32 -29.59
N SER D 289 46.01 45.57 -30.09
CA SER D 289 44.63 45.72 -29.62
C SER D 289 44.33 45.23 -28.22
N MET D 290 44.73 44.00 -27.92
CA MET D 290 44.45 43.36 -26.64
C MET D 290 44.93 44.22 -25.49
N THR D 291 46.10 44.83 -25.65
CA THR D 291 46.66 45.66 -24.60
C THR D 291 45.95 46.99 -24.59
N LEU D 292 46.19 47.74 -23.53
CA LEU D 292 45.47 48.96 -23.25
C LEU D 292 45.77 50.16 -24.14
N THR D 293 44.72 50.86 -24.54
CA THR D 293 44.83 52.13 -25.22
C THR D 293 45.36 53.06 -24.15
N PRO D 294 46.17 54.04 -24.49
CA PRO D 294 46.95 54.63 -23.39
C PRO D 294 46.01 54.98 -22.27
N ASP D 295 44.82 55.42 -22.61
CA ASP D 295 44.00 56.02 -21.60
C ASP D 295 43.73 55.02 -20.51
N GLU D 296 43.40 53.81 -20.87
CA GLU D 296 43.13 52.86 -19.82
C GLU D 296 44.08 53.20 -18.71
N VAL D 297 45.29 53.47 -19.12
CA VAL D 297 46.38 53.51 -18.18
C VAL D 297 46.19 54.59 -17.15
N LYS D 298 45.66 55.73 -17.54
CA LYS D 298 45.54 56.75 -16.50
C LYS D 298 44.30 56.47 -15.65
N SER D 299 43.29 55.88 -16.26
CA SER D 299 42.07 55.55 -15.52
C SER D 299 42.33 54.38 -14.58
N LEU D 300 43.27 53.52 -14.97
CA LEU D 300 43.66 52.41 -14.10
C LEU D 300 44.47 52.93 -12.92
N LEU D 301 45.43 53.79 -13.21
CA LEU D 301 46.25 54.39 -12.16
C LEU D 301 45.38 55.16 -11.17
N LEU D 302 44.21 55.60 -11.64
CA LEU D 302 43.28 56.33 -10.81
C LEU D 302 42.64 55.51 -9.70
N LYS D 303 42.25 54.28 -10.03
CA LYS D 303 41.53 53.41 -9.10
C LYS D 303 42.24 53.32 -7.75
N TYR D 304 43.56 53.15 -7.79
CA TYR D 304 44.35 53.12 -6.56
C TYR D 304 44.65 54.53 -6.07
N LEU D 305 44.84 55.44 -7.02
CA LEU D 305 45.26 56.81 -6.73
C LEU D 305 44.17 57.68 -6.12
N ASP D 306 42.95 57.52 -6.65
CA ASP D 306 41.75 58.17 -6.11
C ASP D 306 41.79 59.72 -6.17
N CYS D 307 42.05 60.26 -7.36
CA CYS D 307 41.95 61.71 -7.61
C CYS D 307 42.10 62.03 -9.10
N ARG D 308 41.14 62.77 -9.66
CA ARG D 308 41.09 63.06 -11.09
C ARG D 308 42.09 64.13 -11.54
N PRO D 309 42.44 65.04 -10.63
CA PRO D 309 43.35 66.12 -10.95
C PRO D 309 44.79 65.63 -11.06
N GLN D 310 45.26 64.98 -9.99
CA GLN D 310 46.63 64.49 -9.93
C GLN D 310 46.92 63.44 -11.00
N ASP D 311 45.85 62.93 -11.61
CA ASP D 311 45.94 61.99 -12.73
C ASP D 311 46.87 62.52 -13.81
N LEU D 312 46.68 63.79 -14.16
CA LEU D 312 47.51 64.44 -15.17
C LEU D 312 48.94 64.60 -14.67
N PRO D 313 49.06 64.45 -13.36
CA PRO D 313 50.32 64.50 -12.65
C PRO D 313 51.28 63.39 -13.12
N ARG D 314 50.78 62.21 -13.47
CA ARG D 314 51.71 61.17 -13.88
C ARG D 314 51.77 60.95 -15.39
N GLU D 315 52.97 61.01 -15.96
CA GLU D 315 53.25 60.55 -17.33
C GLU D 315 54.74 60.24 -17.52
N VAL D 316 55.13 59.45 -18.51
CA VAL D 316 54.27 58.50 -19.22
C VAL D 316 54.94 57.12 -19.31
N LEU D 317 54.26 56.07 -18.87
CA LEU D 317 54.74 54.71 -19.08
C LEU D 317 53.65 53.65 -18.91
N THR D 318 53.91 52.44 -19.42
CA THR D 318 52.91 51.41 -19.72
C THR D 318 53.57 50.04 -19.58
N THR D 319 52.91 48.94 -19.93
CA THR D 319 51.49 48.80 -20.26
C THR D 319 50.90 47.67 -19.44
N ASN D 320 51.82 47.05 -18.70
CA ASN D 320 51.62 45.81 -18.00
C ASN D 320 51.01 46.12 -16.68
N PRO D 321 49.80 45.64 -16.48
CA PRO D 321 49.02 46.11 -15.36
C PRO D 321 49.83 45.82 -14.13
N ARG D 322 50.49 44.66 -14.09
CA ARG D 322 51.29 44.27 -12.94
C ARG D 322 52.27 45.37 -12.54
N ARG D 323 52.90 45.99 -13.52
CA ARG D 323 53.86 47.05 -13.25
C ARG D 323 53.14 48.29 -12.74
N LEU D 324 51.96 48.47 -13.30
CA LEU D 324 51.10 49.65 -13.14
C LEU D 324 50.32 49.59 -11.83
N SER D 325 49.87 48.40 -11.46
CA SER D 325 49.11 48.21 -10.23
C SER D 325 50.03 48.29 -9.02
N ILE D 326 51.19 47.67 -9.11
CA ILE D 326 52.17 47.66 -8.02
C ILE D 326 52.86 49.02 -7.91
N ILE D 327 52.89 49.75 -9.01
CA ILE D 327 53.41 51.11 -9.00
C ILE D 327 52.40 52.07 -8.37
N ALA D 328 51.17 52.01 -8.87
CA ALA D 328 50.13 52.95 -8.46
C ALA D 328 49.82 52.83 -6.97
N GLU D 329 50.01 51.65 -6.41
CA GLU D 329 49.83 51.45 -4.97
C GLU D 329 51.05 51.99 -4.22
N SER D 330 52.23 51.82 -4.81
CA SER D 330 53.47 52.29 -4.22
C SER D 330 53.50 53.81 -4.05
N ILE D 331 53.12 54.49 -5.12
CA ILE D 331 53.03 55.94 -5.12
C ILE D 331 51.98 56.41 -4.13
N ARG D 332 50.79 55.82 -4.21
CA ARG D 332 49.68 56.21 -3.35
C ARG D 332 50.00 55.95 -1.89
N ASP D 333 50.78 54.89 -1.63
CA ASP D 333 51.15 54.55 -0.27
C ASP D 333 52.64 54.31 -0.14
N ALA D 336 55.87 58.58 -3.36
CA ALA D 336 56.52 59.63 -4.12
C ALA D 336 56.68 59.21 -5.57
N THR D 337 56.03 59.95 -6.46
CA THR D 337 55.86 59.54 -7.86
C THR D 337 57.16 59.28 -8.64
N TRP D 338 58.26 59.90 -8.22
CA TRP D 338 59.51 59.77 -8.96
C TRP D 338 60.46 58.73 -8.40
N ASP D 339 60.75 58.82 -7.10
CA ASP D 339 61.57 57.80 -6.46
C ASP D 339 60.92 56.44 -6.63
N ASN D 340 59.62 56.37 -6.37
CA ASN D 340 58.90 55.10 -6.39
C ASN D 340 58.62 54.55 -7.79
N TRP D 341 58.76 55.39 -8.81
CA TRP D 341 58.53 54.92 -10.18
C TRP D 341 59.65 53.99 -10.62
N LYS D 342 60.81 54.14 -10.00
CA LYS D 342 61.98 53.34 -10.39
C LYS D 342 62.65 52.63 -9.21
N HIS D 343 63.25 53.39 -8.30
CA HIS D 343 64.08 52.81 -7.24
C HIS D 343 63.27 52.00 -6.22
N VAL D 344 62.06 52.43 -5.92
CA VAL D 344 61.21 51.65 -5.02
C VAL D 344 60.69 50.42 -5.78
N ASN D 345 60.03 49.50 -5.06
CA ASN D 345 59.61 48.22 -5.59
C ASN D 345 60.80 47.41 -6.12
N CYS D 346 61.99 47.76 -5.63
CA CYS D 346 63.17 46.95 -5.89
C CYS D 346 63.10 45.73 -4.99
N ASP D 347 62.16 45.76 -4.04
CA ASP D 347 61.91 44.64 -3.17
C ASP D 347 60.50 44.07 -3.41
N LYS D 348 59.86 44.51 -4.49
CA LYS D 348 58.51 44.05 -4.80
C LYS D 348 58.36 43.50 -6.21
N LEU D 349 58.20 44.34 -7.19
CA LEU D 349 57.58 43.92 -8.41
C LEU D 349 58.34 42.77 -9.02
N THR D 350 59.66 42.88 -9.01
CA THR D 350 60.56 41.88 -9.55
C THR D 350 60.48 40.58 -8.80
N THR D 351 60.35 40.67 -7.48
CA THR D 351 60.21 39.49 -6.64
C THR D 351 59.16 38.58 -7.27
N ILE D 352 57.94 39.09 -7.39
CA ILE D 352 56.89 38.37 -8.09
C ILE D 352 57.32 38.21 -9.54
N ILE D 353 58.23 39.07 -9.97
CA ILE D 353 58.80 38.99 -11.32
C ILE D 353 59.79 37.83 -11.39
N GLU D 354 60.73 37.79 -10.44
CA GLU D 354 61.66 36.71 -10.37
C GLU D 354 60.89 35.44 -10.11
N SER D 355 59.96 35.56 -9.17
CA SER D 355 59.22 34.41 -8.64
C SER D 355 58.72 33.54 -9.76
N SER D 356 58.16 34.16 -10.78
CA SER D 356 57.66 33.40 -11.92
C SER D 356 58.81 32.76 -12.66
N LEU D 357 60.00 33.32 -12.53
CA LEU D 357 61.16 32.76 -13.19
C LEU D 357 61.37 31.36 -12.65
N ASN D 358 60.70 31.02 -11.56
CA ASN D 358 60.98 29.79 -10.85
C ASN D 358 60.76 28.50 -11.64
N VAL D 359 59.94 28.56 -12.68
CA VAL D 359 59.69 27.37 -13.47
C VAL D 359 60.95 26.81 -14.11
N LEU D 360 61.84 27.67 -14.58
CA LEU D 360 62.97 27.27 -15.40
C LEU D 360 64.10 26.52 -14.67
N GLU D 361 64.90 25.78 -15.43
CA GLU D 361 66.05 25.02 -14.92
C GLU D 361 67.32 25.88 -14.68
N PRO D 362 67.90 25.80 -13.48
CA PRO D 362 68.96 26.77 -13.16
C PRO D 362 70.29 26.48 -13.82
N ALA D 363 70.61 25.19 -14.03
CA ALA D 363 71.89 24.78 -14.56
C ALA D 363 72.12 25.27 -15.98
N GLU D 364 71.07 25.27 -16.79
CA GLU D 364 71.20 25.64 -18.19
C GLU D 364 70.33 26.82 -18.59
N TYR D 365 69.10 26.85 -18.09
CA TYR D 365 68.14 27.90 -18.46
C TYR D 365 68.45 29.21 -17.75
N ARG D 366 68.34 29.19 -16.43
CA ARG D 366 68.44 30.41 -15.62
C ARG D 366 69.75 31.16 -15.79
N LYS D 367 70.87 30.44 -15.75
CA LYS D 367 72.18 31.05 -15.91
C LYS D 367 72.36 31.69 -17.28
N MET D 368 72.05 30.94 -18.34
CA MET D 368 72.17 31.41 -19.71
C MET D 368 71.39 32.71 -19.89
N PHE D 369 70.30 32.81 -19.14
CA PHE D 369 69.37 33.92 -19.23
C PHE D 369 69.93 35.20 -18.62
N ASP D 370 70.41 35.08 -17.38
CA ASP D 370 71.06 36.18 -16.66
C ASP D 370 72.11 36.90 -17.52
N ARG D 371 72.74 36.13 -18.40
CA ARG D 371 73.78 36.64 -19.27
C ARG D 371 73.29 37.75 -20.22
N LEU D 372 71.98 37.82 -20.45
CA LEU D 372 71.42 38.79 -21.40
C LEU D 372 71.68 40.23 -20.98
N SER D 373 71.95 40.43 -19.70
CA SER D 373 72.15 41.76 -19.12
C SER D 373 73.05 42.67 -19.96
N VAL D 374 74.00 42.07 -20.68
CA VAL D 374 74.95 42.84 -21.47
C VAL D 374 74.31 43.46 -22.72
N PHE D 375 73.17 42.92 -23.11
CA PHE D 375 72.48 43.40 -24.29
C PHE D 375 71.73 44.69 -23.99
N PRO D 376 70.88 45.08 -24.94
CA PRO D 376 70.08 46.29 -24.84
C PRO D 376 68.75 45.99 -24.20
N PRO D 377 68.27 46.97 -23.32
CA PRO D 377 67.09 46.53 -22.55
C PRO D 377 65.97 46.22 -23.50
N SER D 378 65.85 47.01 -24.55
CA SER D 378 64.77 46.77 -25.49
C SER D 378 65.41 46.58 -26.83
N ALA D 379 66.04 45.42 -26.99
CA ALA D 379 66.79 45.18 -28.22
C ALA D 379 66.69 43.71 -28.68
N HIS D 380 67.45 43.37 -29.70
CA HIS D 380 67.42 42.03 -30.29
C HIS D 380 68.77 41.33 -30.11
N ILE D 381 68.86 40.10 -30.62
CA ILE D 381 70.10 39.33 -30.53
C ILE D 381 70.15 38.19 -31.56
N PRO D 382 71.20 38.16 -32.38
CA PRO D 382 71.42 37.14 -33.41
C PRO D 382 71.78 35.78 -32.82
N THR D 383 71.69 34.74 -33.64
CA THR D 383 71.97 33.38 -33.21
C THR D 383 73.44 33.20 -32.83
N ILE D 384 74.34 33.68 -33.68
CA ILE D 384 75.77 33.50 -33.49
C ILE D 384 76.27 34.17 -32.21
N LEU D 385 75.74 35.35 -31.90
CA LEU D 385 76.17 36.09 -30.73
C LEU D 385 75.70 35.45 -29.44
N LEU D 386 74.53 34.82 -29.50
CA LEU D 386 73.95 34.16 -28.33
C LEU D 386 74.72 32.88 -27.99
N SER D 387 75.35 32.31 -29.00
CA SER D 387 76.12 31.09 -28.85
C SER D 387 77.26 31.24 -27.86
N LEU D 388 78.14 32.18 -28.15
CA LEU D 388 79.36 32.40 -27.39
C LEU D 388 79.08 32.65 -25.91
N ILE D 389 77.98 33.33 -25.62
CA ILE D 389 77.66 33.69 -24.24
C ILE D 389 76.84 32.59 -23.56
N SER D 396 73.88 22.99 -32.47
CA SER D 396 72.46 23.36 -32.44
C SER D 396 71.96 23.45 -31.00
N ASP D 397 72.88 23.33 -30.05
CA ASP D 397 72.55 23.35 -28.63
C ASP D 397 71.85 24.65 -28.24
N VAL D 398 72.48 25.77 -28.58
CA VAL D 398 71.96 27.09 -28.22
C VAL D 398 70.58 27.36 -28.81
N MET D 399 70.33 26.84 -30.01
CA MET D 399 69.08 27.08 -30.71
C MET D 399 67.91 26.41 -30.01
N VAL D 400 68.18 25.26 -29.40
CA VAL D 400 67.16 24.49 -28.71
C VAL D 400 66.93 25.02 -27.30
N VAL D 401 68.02 25.34 -26.61
CA VAL D 401 67.96 25.83 -25.23
C VAL D 401 67.17 27.13 -25.13
N VAL D 402 67.28 27.97 -26.15
CA VAL D 402 66.51 29.21 -26.18
C VAL D 402 65.09 28.96 -26.67
N ASN D 403 64.92 27.89 -27.45
CA ASN D 403 63.61 27.56 -27.95
C ASN D 403 62.72 27.13 -26.79
N LYS D 404 63.32 26.48 -25.80
CA LYS D 404 62.60 26.10 -24.61
C LYS D 404 62.45 27.31 -23.68
N LEU D 405 63.41 28.21 -23.78
CA LEU D 405 63.37 29.47 -23.05
C LEU D 405 62.27 30.36 -23.62
N HIS D 406 62.02 30.15 -24.90
CA HIS D 406 60.90 30.70 -25.60
C HIS D 406 59.61 30.17 -25.06
N LYS D 407 59.63 28.87 -24.81
CA LYS D 407 58.46 28.08 -24.61
C LYS D 407 57.78 28.62 -23.41
N TYR D 408 58.56 28.79 -22.36
CA TYR D 408 58.04 29.31 -21.11
C TYR D 408 57.53 30.72 -21.24
N SER D 409 58.32 31.57 -21.88
CA SER D 409 57.91 32.95 -22.10
C SER D 409 59.02 33.87 -22.55
N LEU D 410 60.19 33.67 -21.98
CA LEU D 410 61.19 34.72 -21.85
C LEU D 410 61.80 35.38 -23.08
N VAL D 411 62.18 34.62 -24.10
CA VAL D 411 63.06 35.22 -25.05
C VAL D 411 62.19 34.99 -26.26
N GLU D 412 61.35 35.97 -26.55
CA GLU D 412 60.49 35.86 -27.73
C GLU D 412 61.42 35.57 -28.90
N LYS D 413 61.36 34.35 -29.41
CA LYS D 413 62.04 34.02 -30.66
C LYS D 413 61.25 34.61 -31.81
N GLN D 414 61.93 34.91 -32.91
CA GLN D 414 61.28 35.53 -34.06
C GLN D 414 62.01 35.13 -35.35
N PRO D 415 61.29 35.16 -36.48
CA PRO D 415 61.88 34.84 -37.79
C PRO D 415 63.04 35.77 -38.15
N SER D 418 67.14 35.11 -38.47
CA SER D 418 66.77 34.18 -37.40
C SER D 418 67.06 34.79 -36.05
N THR D 419 67.07 36.12 -36.01
CA THR D 419 67.39 36.86 -34.79
C THR D 419 66.33 36.65 -33.70
N ILE D 420 66.65 37.07 -32.47
CA ILE D 420 65.74 36.93 -31.35
C ILE D 420 65.53 38.26 -30.64
N SER D 421 64.25 38.60 -30.40
CA SER D 421 63.91 39.81 -29.66
C SER D 421 63.31 39.47 -28.31
N ILE D 422 63.84 40.09 -27.26
CA ILE D 422 63.53 39.73 -25.90
C ILE D 422 62.79 40.91 -25.21
N PRO D 423 61.60 40.63 -24.62
CA PRO D 423 60.72 41.68 -24.02
C PRO D 423 61.08 42.18 -22.62
N SER D 424 61.28 43.49 -22.52
CA SER D 424 61.92 44.20 -21.41
C SER D 424 61.53 43.87 -19.96
N ILE D 425 60.26 43.56 -19.72
CA ILE D 425 59.72 43.53 -18.34
C ILE D 425 60.52 42.64 -17.38
N TYR D 426 60.89 41.43 -17.79
CA TYR D 426 61.76 40.63 -16.93
C TYR D 426 63.20 40.77 -17.41
N LEU D 427 63.37 41.49 -18.51
CA LEU D 427 64.69 41.70 -19.11
C LEU D 427 65.47 42.77 -18.38
N GLU D 428 65.03 44.01 -18.56
CA GLU D 428 65.80 45.16 -18.07
C GLU D 428 65.87 45.25 -16.55
N LEU D 429 64.71 45.15 -15.92
CA LEU D 429 64.58 45.37 -14.48
C LEU D 429 65.24 44.27 -13.67
N LYS D 430 64.70 43.07 -13.80
CA LYS D 430 65.06 41.94 -12.96
C LYS D 430 66.54 41.57 -12.93
N VAL D 431 67.16 41.38 -14.10
CA VAL D 431 68.51 40.82 -14.15
C VAL D 431 69.61 41.84 -13.84
N LYS D 432 69.32 43.12 -14.02
CA LYS D 432 70.30 44.16 -13.78
C LYS D 432 70.68 44.22 -12.31
N LEU D 433 69.69 44.02 -11.46
CA LEU D 433 69.89 44.03 -10.01
C LEU D 433 70.83 42.91 -9.56
N GLU D 434 70.50 41.67 -9.94
CA GLU D 434 71.30 40.52 -9.55
C GLU D 434 72.31 40.13 -10.63
N ASN D 435 73.58 40.43 -10.38
CA ASN D 435 74.64 40.05 -11.31
C ASN D 435 75.97 39.82 -10.61
N GLU D 436 76.64 38.74 -10.98
CA GLU D 436 78.01 38.48 -10.56
C GLU D 436 78.91 38.99 -11.69
N TYR D 437 80.20 39.18 -11.42
CA TYR D 437 81.05 39.69 -12.47
C TYR D 437 81.52 38.58 -13.41
N ALA D 438 80.56 38.01 -14.13
CA ALA D 438 80.86 37.21 -15.29
C ALA D 438 80.92 38.15 -16.50
N LEU D 439 80.66 39.43 -16.24
CA LEU D 439 80.60 40.45 -17.28
C LEU D 439 81.92 40.58 -18.04
N HIS D 440 83.02 40.48 -17.30
CA HIS D 440 84.37 40.54 -17.89
C HIS D 440 84.49 39.58 -19.06
N ARG D 441 84.03 38.36 -18.87
CA ARG D 441 84.06 37.36 -19.91
C ARG D 441 83.04 37.66 -21.00
N SER D 442 81.85 38.11 -20.58
CA SER D 442 80.78 38.42 -21.53
C SER D 442 81.15 39.59 -22.43
N ILE D 443 81.77 40.61 -21.84
CA ILE D 443 82.07 41.82 -22.57
C ILE D 443 83.36 41.67 -23.39
N VAL D 444 84.29 40.84 -22.92
CA VAL D 444 85.50 40.60 -23.68
C VAL D 444 85.17 39.65 -24.83
N ASP D 445 84.08 38.91 -24.68
CA ASP D 445 83.57 38.06 -25.74
C ASP D 445 83.06 38.97 -26.85
N HIS D 446 82.53 40.12 -26.46
CA HIS D 446 82.01 41.08 -27.42
C HIS D 446 83.12 41.82 -28.14
N TYR D 447 84.34 41.74 -27.61
CA TYR D 447 85.49 42.19 -28.38
C TYR D 447 85.85 41.10 -29.38
N ASN D 448 85.70 39.86 -28.95
CA ASN D 448 86.14 38.71 -29.73
C ASN D 448 85.35 38.51 -31.01
N ILE D 449 84.07 38.85 -31.02
CA ILE D 449 83.27 38.49 -32.19
C ILE D 449 83.45 39.48 -33.36
N PRO D 450 83.51 40.80 -33.12
CA PRO D 450 83.87 41.57 -34.33
C PRO D 450 85.37 41.54 -34.62
N LYS D 451 86.15 40.89 -33.75
CA LYS D 451 87.54 40.60 -34.07
C LYS D 451 87.57 39.47 -35.08
N THR D 452 86.67 38.50 -34.89
CA THR D 452 86.48 37.42 -35.84
C THR D 452 85.90 37.96 -37.14
N PHE D 453 84.80 38.71 -37.02
CA PHE D 453 84.19 39.39 -38.17
C PHE D 453 85.15 40.39 -38.77
N ASP D 454 85.80 40.02 -39.87
CA ASP D 454 86.79 40.90 -40.50
C ASP D 454 86.96 40.60 -41.99
N SER D 455 86.80 41.62 -42.82
CA SER D 455 87.08 41.51 -44.25
C SER D 455 88.38 42.23 -44.56
N ASP D 456 88.87 42.06 -45.79
CA ASP D 456 90.12 42.69 -46.21
C ASP D 456 90.04 44.21 -46.12
N ASP D 457 89.00 44.79 -46.71
CA ASP D 457 88.78 46.23 -46.62
C ASP D 457 87.98 46.59 -45.37
N LEU D 458 87.41 47.78 -45.36
CA LEU D 458 86.77 48.30 -44.15
C LEU D 458 85.28 47.94 -44.05
N ILE D 459 84.80 47.11 -44.96
CA ILE D 459 83.40 46.68 -44.93
C ILE D 459 83.23 45.35 -44.21
N PRO D 460 82.60 45.37 -43.03
CA PRO D 460 82.38 44.16 -42.24
C PRO D 460 81.08 43.46 -42.59
N PRO D 461 80.95 42.17 -42.22
CA PRO D 461 79.70 41.42 -42.37
C PRO D 461 78.76 41.60 -41.17
N TYR D 462 78.24 42.81 -41.00
CA TYR D 462 77.31 43.12 -39.92
C TYR D 462 75.93 42.52 -40.15
N LEU D 463 75.32 41.98 -39.10
CA LEU D 463 73.91 41.61 -39.15
C LEU D 463 73.11 42.85 -39.03
N ASP D 464 72.01 42.96 -39.80
CA ASP D 464 71.19 44.17 -39.99
C ASP D 464 70.98 45.21 -38.94
N GLN D 465 70.50 44.80 -37.76
CA GLN D 465 70.24 45.77 -36.71
C GLN D 465 71.23 45.73 -35.55
N TYR D 466 71.37 44.57 -34.91
CA TYR D 466 72.18 44.42 -33.70
C TYR D 466 73.52 45.13 -33.83
N PHE D 467 74.35 44.62 -34.74
CA PHE D 467 75.73 45.05 -34.86
C PHE D 467 75.89 46.55 -34.95
N TYR D 468 75.09 47.20 -35.80
CA TYR D 468 75.18 48.65 -35.96
C TYR D 468 74.90 49.42 -34.68
N SER D 469 73.86 49.00 -33.95
CA SER D 469 73.48 49.73 -32.75
C SER D 469 74.25 49.29 -31.50
N HIS D 470 74.58 48.02 -31.43
CA HIS D 470 75.05 47.44 -30.18
C HIS D 470 76.58 47.40 -30.07
N ILE D 471 77.26 47.41 -31.22
CA ILE D 471 78.71 47.34 -31.22
C ILE D 471 79.28 48.52 -30.42
N GLY D 472 78.67 49.69 -30.60
CA GLY D 472 79.16 50.90 -29.97
C GLY D 472 79.07 50.84 -28.46
N HIS D 473 78.00 50.22 -27.96
CA HIS D 473 77.76 50.11 -26.53
C HIS D 473 78.81 49.20 -25.87
N HIS D 474 79.01 48.03 -26.48
CA HIS D 474 79.97 47.08 -25.95
C HIS D 474 81.41 47.55 -26.10
N LEU D 475 81.69 48.25 -27.20
CA LEU D 475 83.02 48.80 -27.44
C LEU D 475 83.40 49.84 -26.40
N LYS D 476 82.44 50.66 -26.01
CA LYS D 476 82.67 51.65 -24.97
C LYS D 476 83.03 50.97 -23.66
N ASN D 477 82.38 49.84 -23.40
CA ASN D 477 82.60 49.08 -22.18
C ASN D 477 83.99 48.44 -22.13
N ILE D 478 84.44 47.89 -23.26
CA ILE D 478 85.72 47.17 -23.27
C ILE D 478 86.94 48.11 -23.20
N GLU D 479 87.10 48.98 -24.19
CA GLU D 479 88.30 49.83 -24.32
C GLU D 479 88.15 50.90 -25.40
N HIS D 480 89.17 51.74 -25.54
CA HIS D 480 89.16 52.82 -26.53
C HIS D 480 89.66 52.48 -27.94
N PRO D 481 90.68 51.60 -28.08
CA PRO D 481 91.24 51.48 -29.43
C PRO D 481 90.29 50.89 -30.46
N GLU D 482 89.39 50.01 -30.02
CA GLU D 482 88.45 49.36 -30.94
C GLU D 482 87.29 50.29 -31.25
N ARG D 483 86.92 51.13 -30.29
CA ARG D 483 85.95 52.17 -30.54
C ARG D 483 86.47 53.12 -31.61
N MET D 484 87.76 53.44 -31.51
CA MET D 484 88.43 54.33 -32.45
C MET D 484 88.24 53.88 -33.90
N THR D 485 88.42 52.58 -34.13
CA THR D 485 88.34 52.04 -35.49
C THR D 485 86.93 51.65 -35.91
N LEU D 486 86.22 50.92 -35.07
CA LEU D 486 84.92 50.36 -35.46
C LEU D 486 83.81 51.39 -35.59
N PHE D 487 83.83 52.42 -34.74
CA PHE D 487 82.92 53.54 -34.89
C PHE D 487 83.15 54.20 -36.23
N ARG D 488 84.38 54.08 -36.69
CA ARG D 488 84.83 54.69 -37.93
C ARG D 488 84.53 56.17 -37.87
N MET D 489 85.05 56.79 -36.82
CA MET D 489 85.21 58.21 -36.76
C MET D 489 86.51 58.48 -37.47
N VAL D 490 87.38 57.47 -37.42
CA VAL D 490 88.62 57.47 -38.17
C VAL D 490 88.36 57.01 -39.60
N PHE D 491 87.51 56.00 -39.75
CA PHE D 491 87.21 55.46 -41.08
C PHE D 491 85.98 56.13 -41.69
N LEU D 492 86.03 56.42 -42.99
CA LEU D 492 84.90 57.03 -43.67
C LEU D 492 83.80 56.00 -43.93
N ASP D 493 84.12 54.72 -43.71
CA ASP D 493 83.30 53.62 -44.20
C ASP D 493 82.01 53.37 -43.41
N PHE D 494 81.96 53.75 -42.14
CA PHE D 494 80.73 53.56 -41.36
C PHE D 494 79.80 54.75 -41.56
N ARG D 495 80.36 55.88 -41.96
CA ARG D 495 79.54 56.97 -42.42
C ARG D 495 78.78 56.51 -43.65
N PHE D 496 79.46 55.69 -44.46
CA PHE D 496 78.84 55.07 -45.62
C PHE D 496 77.81 54.03 -45.18
N LEU D 497 78.28 52.92 -44.61
CA LEU D 497 77.42 51.80 -44.27
C LEU D 497 76.28 52.15 -43.32
N GLU D 498 76.60 52.37 -42.05
CA GLU D 498 75.62 52.66 -40.98
C GLU D 498 74.46 53.56 -41.41
N GLN D 499 74.78 54.58 -42.20
CA GLN D 499 73.79 55.56 -42.63
C GLN D 499 72.80 54.97 -43.64
N LYS D 500 73.30 54.24 -44.63
CA LYS D 500 72.47 53.83 -45.76
C LYS D 500 71.68 52.54 -45.50
N ILE D 501 72.14 51.71 -44.55
CA ILE D 501 71.39 50.52 -44.19
C ILE D 501 70.29 50.91 -43.19
N ARG D 502 70.63 51.81 -42.28
CA ARG D 502 69.64 52.39 -41.37
C ARG D 502 68.82 53.47 -42.07
N HIS D 503 68.20 53.10 -43.19
CA HIS D 503 67.39 54.03 -43.97
C HIS D 503 65.93 53.58 -44.02
N ASN D 516 67.28 56.51 -38.29
CA ASN D 516 68.06 57.05 -39.41
C ASN D 516 69.36 57.67 -38.95
N THR D 517 69.59 58.91 -39.35
CA THR D 517 70.79 59.66 -38.96
C THR D 517 70.81 59.88 -37.45
N LEU D 518 69.63 59.81 -36.85
CA LEU D 518 69.44 60.07 -35.44
C LEU D 518 70.27 59.16 -34.57
N GLN D 519 69.99 57.87 -34.65
CA GLN D 519 70.65 56.88 -33.81
C GLN D 519 72.16 56.89 -34.07
N GLN D 520 72.54 57.19 -35.30
CA GLN D 520 73.95 57.36 -35.64
C GLN D 520 74.51 58.51 -34.82
N LEU D 521 73.83 59.65 -34.87
CA LEU D 521 74.17 60.80 -34.04
C LEU D 521 74.11 60.44 -32.56
N LYS D 522 73.19 59.54 -32.20
CA LYS D 522 73.02 59.10 -30.82
C LYS D 522 74.15 58.19 -30.37
N PHE D 523 74.84 57.56 -31.32
CA PHE D 523 76.00 56.76 -30.97
C PHE D 523 77.15 57.68 -30.63
N TYR D 524 77.49 58.54 -31.57
CA TYR D 524 78.71 59.34 -31.48
C TYR D 524 78.81 60.17 -30.20
N LYS D 525 77.72 60.79 -29.76
CA LYS D 525 77.84 61.78 -28.69
C LYS D 525 78.13 61.20 -27.30
N PRO D 526 77.36 60.23 -26.82
CA PRO D 526 77.75 59.74 -25.48
C PRO D 526 78.96 58.81 -25.50
N TYR D 527 79.36 58.36 -26.67
CA TYR D 527 80.41 57.35 -26.76
C TYR D 527 81.84 57.90 -26.91
N ILE D 528 82.00 59.22 -27.09
CA ILE D 528 83.35 59.78 -27.26
C ILE D 528 84.21 59.69 -26.01
N CYS D 529 83.58 59.46 -24.87
CA CYS D 529 84.27 59.47 -23.58
C CYS D 529 85.42 58.45 -23.55
N ASP D 530 85.23 57.33 -24.22
CA ASP D 530 86.21 56.26 -24.23
C ASP D 530 87.51 56.70 -24.92
N ASP D 532 91.85 59.22 -26.60
CA ASP D 532 92.35 60.33 -25.79
C ASP D 532 91.79 61.65 -26.32
N PRO D 533 91.77 62.71 -25.48
CA PRO D 533 91.22 64.03 -25.82
C PRO D 533 91.57 64.55 -27.22
N LYS D 534 92.75 64.22 -27.73
CA LYS D 534 93.18 64.70 -29.05
C LYS D 534 92.29 64.14 -30.14
N TYR D 535 91.99 62.85 -30.05
CA TYR D 535 91.04 62.24 -30.97
C TYR D 535 89.62 62.60 -30.55
N GLU D 536 89.44 62.99 -29.29
CA GLU D 536 88.10 63.29 -28.77
C GLU D 536 87.54 64.59 -29.35
N ARG D 537 88.35 65.65 -29.37
CA ARG D 537 87.96 66.89 -30.00
C ARG D 537 87.69 66.66 -31.48
N LEU D 538 88.28 65.59 -31.99
CA LEU D 538 88.13 65.20 -33.39
C LEU D 538 86.77 64.54 -33.62
N VAL D 539 86.30 63.71 -32.69
CA VAL D 539 85.01 63.04 -32.85
C VAL D 539 83.87 64.05 -32.82
N ASN D 540 84.01 65.09 -32.02
CA ASN D 540 82.94 66.07 -31.90
C ASN D 540 82.94 66.95 -33.13
N ALA D 541 84.10 67.06 -33.77
CA ALA D 541 84.23 67.77 -35.02
C ALA D 541 83.52 67.01 -36.14
N ILE D 542 83.73 65.70 -36.20
CA ILE D 542 83.06 64.87 -37.19
C ILE D 542 81.60 64.66 -36.78
N LEU D 543 81.32 64.85 -35.48
CA LEU D 543 79.98 64.69 -34.95
C LEU D 543 79.05 65.72 -35.56
N ASP D 544 79.46 66.98 -35.52
CA ASP D 544 78.63 68.08 -35.99
C ASP D 544 78.36 67.97 -37.48
N PHE D 545 79.36 67.56 -38.25
CA PHE D 545 79.24 67.45 -39.70
C PHE D 545 78.29 66.31 -40.10
N LEU D 546 77.97 65.44 -39.13
CA LEU D 546 77.20 64.24 -39.42
C LEU D 546 75.69 64.50 -39.66
N PRO D 547 74.99 65.18 -38.73
CA PRO D 547 73.59 65.43 -39.06
C PRO D 547 73.45 66.55 -40.07
N LYS D 548 74.53 67.31 -40.25
CA LYS D 548 74.59 68.42 -41.18
C LYS D 548 74.19 68.00 -42.60
N ILE D 549 74.57 66.78 -42.96
CA ILE D 549 74.33 66.27 -44.31
C ILE D 549 74.09 64.76 -44.30
N TYR D 558 80.00 54.70 -54.81
CA TYR D 558 81.13 54.72 -53.87
C TYR D 558 81.92 56.03 -53.76
N THR D 559 82.15 56.66 -54.90
CA THR D 559 82.98 57.86 -55.00
C THR D 559 82.51 59.03 -54.14
N ASP D 560 81.21 59.31 -54.16
CA ASP D 560 80.64 60.49 -53.48
C ASP D 560 81.13 60.67 -52.05
N LEU D 561 81.13 59.58 -51.28
CA LEU D 561 81.52 59.59 -49.88
C LEU D 561 82.90 60.20 -49.66
N LEU D 562 83.84 59.83 -50.54
CA LEU D 562 85.23 60.28 -50.42
C LEU D 562 85.38 61.74 -50.80
N ARG D 563 84.65 62.17 -51.83
CA ARG D 563 84.78 63.52 -52.37
C ARG D 563 84.30 64.58 -51.38
N ILE D 564 83.31 64.24 -50.57
CA ILE D 564 82.79 65.19 -49.59
C ILE D 564 83.61 65.16 -48.31
N ALA D 565 84.43 64.12 -48.15
CA ALA D 565 85.37 64.05 -47.04
C ALA D 565 86.59 64.91 -47.33
N LEU D 566 86.75 65.25 -48.61
CA LEU D 566 87.90 66.01 -49.11
C LEU D 566 87.90 67.46 -48.62
N MET D 567 86.72 67.95 -48.23
CA MET D 567 86.56 69.37 -47.91
C MET D 567 87.36 69.81 -46.68
N ALA D 568 87.44 68.96 -45.67
CA ALA D 568 88.17 69.27 -44.45
C ALA D 568 89.46 68.47 -44.35
N GLU D 569 90.58 69.15 -44.61
CA GLU D 569 91.90 68.52 -44.64
C GLU D 569 92.33 68.00 -43.26
N ASP D 570 91.76 68.57 -42.21
CA ASP D 570 92.20 68.33 -40.84
C ASP D 570 91.78 66.97 -40.27
N GLU D 571 90.92 66.25 -40.98
CA GLU D 571 90.28 65.08 -40.40
C GLU D 571 90.78 63.75 -41.00
N ALA D 572 90.81 62.73 -40.16
CA ALA D 572 91.23 61.39 -40.57
C ALA D 572 90.16 60.72 -41.42
N ILE D 573 88.96 61.29 -41.44
CA ILE D 573 87.88 60.76 -42.26
C ILE D 573 88.26 60.92 -43.73
N PHE D 574 89.10 61.91 -44.00
CA PHE D 574 89.66 62.07 -45.34
C PHE D 574 90.83 61.11 -45.55
N GLU D 575 91.67 60.98 -44.52
CA GLU D 575 92.83 60.09 -44.57
C GLU D 575 92.40 58.66 -44.86
N GLU D 576 91.28 58.25 -44.27
CA GLU D 576 90.75 56.92 -44.51
C GLU D 576 89.95 56.87 -45.80
N ALA D 577 89.32 57.99 -46.14
CA ALA D 577 88.64 58.13 -47.42
C ALA D 577 89.59 57.76 -48.54
N HIS D 578 90.82 58.28 -48.43
CA HIS D 578 91.85 58.04 -49.42
C HIS D 578 92.29 56.58 -49.46
N LYS D 579 92.15 55.89 -48.33
CA LYS D 579 92.53 54.49 -48.26
C LYS D 579 91.48 53.57 -48.88
N GLN D 580 90.21 53.94 -48.73
CA GLN D 580 89.13 53.08 -49.19
C GLN D 580 88.79 53.28 -50.68
N VAL D 581 89.26 54.37 -51.26
CA VAL D 581 89.21 54.51 -52.71
C VAL D 581 90.38 53.73 -53.29
N GLN D 582 91.51 53.79 -52.59
CA GLN D 582 92.71 53.03 -52.94
C GLN D 582 92.39 51.56 -53.10
N ARG D 583 91.53 51.05 -52.23
CA ARG D 583 90.98 49.70 -52.40
C ARG D 583 89.47 49.76 -52.58
N UNK D 584 70.90 70.91 -47.20
CA UNK D 584 69.97 71.53 -46.29
C UNK D 584 70.24 71.01 -44.89
N UNK D 585 70.10 71.89 -43.91
CA UNK D 585 70.35 71.54 -42.52
C UNK D 585 69.57 70.28 -42.10
N UNK D 586 68.38 70.09 -42.65
CA UNK D 586 67.59 68.92 -42.29
C UNK D 586 66.67 68.41 -43.40
N UNK D 587 66.53 67.10 -43.48
CA UNK D 587 65.67 66.47 -44.49
C UNK D 587 64.83 65.35 -43.88
N UNK D 588 63.51 65.53 -43.92
CA UNK D 588 62.55 64.60 -43.35
C UNK D 588 61.77 63.79 -44.37
N UNK D 589 61.65 62.50 -44.14
CA UNK D 589 60.91 61.61 -45.03
C UNK D 589 59.85 60.82 -44.26
N UNK D 590 58.66 61.41 -44.03
CA UNK D 590 57.56 60.79 -43.30
C UNK D 590 56.31 60.41 -44.10
N UNK D 591 56.32 60.63 -45.40
CA UNK D 591 55.17 60.30 -46.21
C UNK D 591 55.52 59.19 -47.18
N UNK D 592 54.50 58.51 -47.71
CA UNK D 592 54.76 57.45 -48.65
C UNK D 592 54.33 57.90 -50.01
N UNK D 593 53.98 60.96 -51.82
CA UNK D 593 54.36 62.36 -51.89
C UNK D 593 53.91 63.16 -50.66
N UNK D 594 54.74 64.09 -50.24
CA UNK D 594 54.43 64.96 -49.11
C UNK D 594 53.87 66.23 -49.70
N UNK D 595 52.68 66.63 -49.31
CA UNK D 595 52.14 67.83 -49.90
C UNK D 595 52.43 69.11 -49.10
N UNK D 596 52.36 69.01 -47.78
CA UNK D 596 52.60 70.16 -46.93
C UNK D 596 53.24 69.71 -45.64
N UNK D 597 53.95 70.62 -44.98
CA UNK D 597 54.61 70.34 -43.72
C UNK D 597 54.81 71.69 -43.03
N UNK D 598 54.90 71.69 -41.70
CA UNK D 598 55.09 72.95 -40.98
C UNK D 598 55.61 72.76 -39.55
N UNK D 599 56.12 73.84 -38.97
CA UNK D 599 56.68 73.83 -37.62
C UNK D 599 55.63 74.07 -36.55
N UNK D 600 55.92 73.60 -35.34
CA UNK D 600 55.02 73.82 -34.22
C UNK D 600 55.30 75.27 -33.85
N UNK D 601 54.41 75.90 -33.08
CA UNK D 601 54.62 77.29 -32.72
C UNK D 601 55.94 77.56 -32.02
N UNK D 602 56.48 76.58 -31.30
CA UNK D 602 57.77 76.77 -30.64
C UNK D 602 58.90 76.24 -31.52
N UNK D 603 58.56 75.78 -32.72
CA UNK D 603 59.56 75.25 -33.63
C UNK D 603 60.18 73.91 -33.25
N UNK D 604 59.79 73.37 -32.10
CA UNK D 604 60.31 72.08 -31.63
C UNK D 604 59.85 70.86 -32.41
N UNK D 605 58.66 70.95 -33.01
CA UNK D 605 58.10 69.84 -33.75
C UNK D 605 57.73 70.22 -35.18
N UNK D 606 57.45 69.20 -36.01
CA UNK D 606 57.05 69.39 -37.39
C UNK D 606 55.95 68.40 -37.73
N UNK D 607 54.90 68.87 -38.40
CA UNK D 607 53.82 67.99 -38.80
C UNK D 607 53.81 68.06 -40.32
N UNK D 608 53.55 66.94 -40.97
CA UNK D 608 53.55 66.86 -42.42
C UNK D 608 52.44 65.95 -42.87
N UNK D 609 51.74 66.34 -43.93
CA UNK D 609 50.64 65.55 -44.42
C UNK D 609 50.79 65.39 -45.92
N UNK D 610 50.61 64.17 -46.42
CA UNK D 610 50.77 63.98 -47.85
C UNK D 610 49.74 63.07 -48.47
N UNK D 611 50.09 62.54 -49.63
CA UNK D 611 49.16 61.74 -50.41
C UNK D 611 49.02 60.34 -49.83
N UNK D 612 49.79 60.04 -48.80
CA UNK D 612 49.69 58.73 -48.20
C UNK D 612 48.51 58.67 -47.22
N UNK D 613 47.73 59.75 -47.16
CA UNK D 613 46.53 59.87 -46.31
C UNK D 613 46.76 60.04 -44.80
N UNK D 614 48.01 60.04 -44.34
CA UNK D 614 48.29 60.15 -42.90
C UNK D 614 48.76 61.52 -42.38
N UNK D 615 48.72 61.68 -41.07
CA UNK D 615 49.19 62.91 -40.41
C UNK D 615 50.42 62.44 -39.69
N UNK D 616 51.53 63.13 -39.88
CA UNK D 616 52.77 62.73 -39.23
C UNK D 616 53.37 63.84 -38.42
N UNK D 617 54.03 63.49 -37.33
CA UNK D 617 54.66 64.49 -36.50
C UNK D 617 55.96 63.92 -35.96
N UNK D 618 56.97 64.78 -35.89
CA UNK D 618 58.30 64.41 -35.42
C UNK D 618 59.03 65.61 -34.84
N UNK D 619 60.07 65.35 -34.05
CA UNK D 619 60.84 66.41 -33.43
C UNK D 619 61.56 67.18 -34.54
N UNK D 620 61.65 68.50 -34.41
CA UNK D 620 62.33 69.30 -35.43
C UNK D 620 63.82 68.98 -35.41
N UNK D 621 64.34 68.76 -34.21
CA UNK D 621 65.76 68.42 -34.02
C UNK D 621 66.26 67.17 -34.69
N UNK D 622 65.56 66.05 -34.51
CA UNK D 622 66.00 64.76 -35.05
C UNK D 622 65.12 63.93 -35.97
N UNK D 623 63.90 64.37 -36.24
CA UNK D 623 63.02 63.59 -37.11
C UNK D 623 62.41 62.40 -36.39
N UNK D 624 62.82 62.26 -35.14
CA UNK D 624 62.37 61.20 -34.25
C UNK D 624 60.84 61.19 -34.30
N UNK D 625 60.26 60.16 -34.90
CA UNK D 625 58.81 60.11 -35.01
C UNK D 625 58.06 60.29 -33.70
N UNK D 626 57.03 61.13 -33.72
CA UNK D 626 56.20 61.42 -32.56
C UNK D 626 54.77 60.92 -32.75
N UNK D 627 54.20 61.16 -33.93
CA UNK D 627 52.84 60.68 -34.23
C UNK D 627 52.73 60.09 -35.64
N UNK D 628 51.97 59.00 -35.77
CA UNK D 628 51.75 58.34 -37.06
C UNK D 628 50.24 58.02 -37.16
N UNK D 629 49.44 59.06 -37.42
CA UNK D 629 47.99 58.96 -37.52
C UNK D 629 47.47 58.71 -38.94
N UNK D 630 46.34 58.03 -39.05
CA UNK D 630 45.74 57.78 -40.36
C UNK D 630 44.61 58.82 -40.48
N UNK D 631 45.00 60.09 -40.68
CA UNK D 631 44.05 61.21 -40.73
C UNK D 631 42.80 61.19 -41.64
N UNK D 632 42.94 60.82 -42.90
CA UNK D 632 41.77 60.82 -43.77
C UNK D 632 41.64 59.64 -44.69
N UNK D 633 40.59 59.69 -45.49
CA UNK D 633 40.27 58.65 -46.45
C UNK D 633 40.56 59.17 -47.86
N UNK D 634 41.08 60.75 -48.28
CA UNK D 634 41.47 61.34 -49.56
C UNK D 634 42.55 62.40 -49.31
N UNK D 635 43.37 62.63 -50.33
CA UNK D 635 44.52 63.53 -50.24
C UNK D 635 44.23 64.85 -49.53
N UNK D 636 45.23 65.35 -48.83
CA UNK D 636 45.11 66.60 -48.07
C UNK D 636 45.73 67.74 -48.87
N UNK D 637 45.34 68.97 -48.53
CA UNK D 637 45.84 70.16 -49.23
C UNK D 637 46.47 71.30 -48.43
N UNK D 638 46.23 71.33 -47.13
CA UNK D 638 46.78 72.38 -46.31
C UNK D 638 46.62 72.05 -44.84
N UNK D 639 47.44 72.67 -44.00
CA UNK D 639 47.41 72.45 -42.57
C UNK D 639 48.04 73.65 -41.83
N UNK D 640 47.60 73.93 -40.62
CA UNK D 640 48.13 75.06 -39.87
C UNK D 640 47.96 74.89 -38.39
N UNK D 641 48.66 75.71 -37.62
CA UNK D 641 48.62 75.69 -36.16
C UNK D 641 47.76 76.87 -35.73
N UNK D 642 47.22 76.82 -34.52
CA UNK D 642 46.41 77.91 -34.00
C UNK D 642 47.36 78.95 -33.42
N UNK D 643 46.82 80.03 -32.88
CA UNK D 643 47.63 81.10 -32.31
C UNK D 643 48.51 80.66 -31.14
N UNK D 644 48.09 79.65 -30.39
CA UNK D 644 48.89 79.19 -29.25
C UNK D 644 49.37 77.76 -29.47
N UNK D 645 49.48 77.35 -30.72
CA UNK D 645 49.94 76.01 -31.07
C UNK D 645 49.15 74.94 -30.34
N UNK D 646 48.02 75.31 -29.77
CA UNK D 646 47.21 74.34 -29.05
C UNK D 646 46.54 73.37 -30.03
N UNK D 647 46.30 73.87 -31.25
CA UNK D 647 45.64 73.08 -32.26
C UNK D 647 46.33 73.13 -33.60
N UNK D 648 45.90 72.22 -34.47
CA UNK D 648 46.38 72.12 -35.83
C UNK D 648 45.14 71.76 -36.65
N UNK D 649 44.87 72.51 -37.70
CA UNK D 649 43.73 72.16 -38.51
C UNK D 649 44.30 71.54 -39.77
N UNK D 650 43.44 70.90 -40.55
CA UNK D 650 43.83 70.30 -41.82
C UNK D 650 42.59 70.30 -42.66
N UNK D 651 42.72 70.70 -43.90
CA UNK D 651 41.57 70.70 -44.79
C UNK D 651 42.00 69.84 -45.98
N UNK D 652 41.06 69.05 -46.53
CA UNK D 652 41.42 68.16 -47.62
C UNK D 652 40.44 68.07 -48.76
N UNK D 653 40.73 67.18 -49.70
CA UNK D 653 39.90 66.98 -50.88
C UNK D 653 38.58 66.29 -50.56
N UNK D 654 38.44 65.78 -49.34
CA UNK D 654 37.20 65.13 -48.96
C UNK D 654 36.22 66.22 -48.57
N UNK D 655 36.63 67.45 -48.80
CA UNK D 655 35.80 68.63 -48.51
C UNK D 655 35.64 68.93 -47.03
N UNK D 656 36.37 68.20 -46.18
CA UNK D 656 36.29 68.42 -44.74
C UNK D 656 37.47 69.23 -44.19
N UNK D 657 37.25 69.79 -43.00
CA UNK D 657 38.24 70.57 -42.27
C UNK D 657 38.31 69.89 -40.91
N UNK D 658 39.49 69.78 -40.32
CA UNK D 658 39.58 69.10 -39.04
C UNK D 658 40.46 69.79 -38.03
N UNK D 659 40.13 69.64 -36.75
CA UNK D 659 40.91 70.26 -35.71
C UNK D 659 41.51 69.17 -34.86
N UNK D 660 42.79 69.29 -34.53
CA UNK D 660 43.47 68.29 -33.74
C UNK D 660 44.19 68.90 -32.54
N UNK D 661 44.30 68.11 -31.47
CA UNK D 661 45.02 68.55 -30.28
C UNK D 661 46.45 68.33 -30.75
N UNK D 662 47.20 69.41 -30.92
CA UNK D 662 48.58 69.28 -31.39
C UNK D 662 49.44 68.42 -30.50
N UNK D 663 48.99 68.17 -29.28
CA UNK D 663 49.76 67.38 -28.34
C UNK D 663 49.52 65.88 -28.45
N UNK D 664 47.13 64.56 -30.73
CA UNK D 664 46.71 64.19 -32.06
C UNK D 664 45.29 63.66 -32.13
N UNK D 665 44.55 63.78 -31.04
CA UNK D 665 43.18 63.30 -31.06
C UNK D 665 42.26 64.27 -31.80
N UNK D 666 41.42 63.73 -32.68
CA UNK D 666 40.49 64.54 -33.46
C UNK D 666 39.67 65.36 -32.47
N UNK D 667 39.64 66.66 -32.64
CA UNK D 667 38.90 67.55 -31.76
C UNK D 667 37.70 68.15 -32.49
N UNK D 668 35.23 67.75 -36.47
CA UNK D 668 35.37 68.02 -37.89
C UNK D 668 34.24 68.91 -38.42
N UNK D 669 34.54 69.71 -39.43
CA UNK D 669 33.59 70.61 -40.03
C UNK D 669 33.40 70.29 -41.49
N UNK D 670 32.28 69.66 -41.85
CA UNK D 670 32.02 69.36 -43.25
C UNK D 670 30.92 70.29 -43.72
N UNK D 671 31.25 71.23 -44.60
CA UNK D 671 30.27 72.16 -45.12
C UNK D 671 30.65 72.67 -46.49
N UNK D 672 35.10 73.99 -47.57
CA UNK D 672 35.64 75.19 -46.96
C UNK D 672 37.16 75.25 -47.24
N UNK D 673 37.56 76.31 -47.92
CA UNK D 673 38.95 76.55 -48.36
C UNK D 673 39.83 77.30 -47.36
N UNK D 674 39.31 78.42 -46.86
CA UNK D 674 40.06 79.24 -45.90
C UNK D 674 39.75 78.84 -44.46
N UNK D 675 40.77 78.92 -43.60
CA UNK D 675 40.61 78.72 -42.17
C UNK D 675 41.84 79.24 -41.43
N UNK D 676 41.62 80.31 -40.68
CA UNK D 676 42.66 81.01 -39.93
C UNK D 676 42.19 81.40 -38.52
N UNK D 677 43.10 81.35 -37.54
CA UNK D 677 42.78 81.69 -36.15
C UNK D 677 43.07 83.15 -35.85
N UNK D 678 42.66 83.60 -34.67
CA UNK D 678 42.93 84.98 -34.26
C UNK D 678 44.38 85.03 -33.76
N UNK D 679 45.07 86.14 -33.99
CA UNK D 679 46.47 86.27 -33.59
C UNK D 679 46.70 86.55 -32.11
N UNK D 680 45.93 87.48 -31.56
CA UNK D 680 46.07 87.82 -30.15
C UNK D 680 45.77 86.66 -29.22
N UNK D 681 46.74 86.39 -28.36
CA UNK D 681 46.69 85.33 -27.36
C UNK D 681 45.53 85.52 -26.39
N UNK D 682 44.74 86.55 -26.60
CA UNK D 682 43.63 86.84 -25.74
C UNK D 682 42.40 86.03 -26.15
N UNK D 683 41.71 86.48 -27.20
CA UNK D 683 40.53 85.79 -27.72
C UNK D 683 40.91 84.59 -28.59
N UNK D 684 39.97 83.67 -28.79
CA UNK D 684 40.22 82.45 -29.55
C UNK D 684 39.17 82.16 -30.61
N UNK D 685 39.21 82.86 -31.73
CA UNK D 685 38.22 82.64 -32.79
C UNK D 685 38.81 81.97 -34.01
N UNK D 686 37.94 81.40 -34.83
CA UNK D 686 38.36 80.73 -36.04
C UNK D 686 37.49 81.26 -37.17
N UNK D 687 38.13 81.62 -38.27
CA UNK D 687 37.42 82.15 -39.42
C UNK D 687 37.56 81.18 -40.57
N UNK D 688 36.47 80.93 -41.27
CA UNK D 688 36.49 80.00 -42.40
C UNK D 688 35.76 80.56 -43.61
N UNK D 689 36.32 80.32 -44.78
CA UNK D 689 35.73 80.78 -46.02
C UNK D 689 35.37 79.51 -46.78
N UNK D 690 34.24 79.51 -47.50
CA UNK D 690 33.86 78.31 -48.23
C UNK D 690 33.31 78.58 -49.62
N UNK D 691 33.22 77.52 -50.42
CA UNK D 691 32.69 77.62 -51.77
C UNK D 691 31.21 77.96 -51.71
N UNK D 692 30.62 77.90 -50.52
CA UNK D 692 29.21 78.21 -50.36
C UNK D 692 28.96 79.71 -50.26
N UNK D 693 30.02 80.50 -50.50
CA UNK D 693 29.96 81.96 -50.49
C UNK D 693 29.97 82.60 -49.11
N UNK D 694 29.97 81.81 -48.05
CA UNK D 694 29.97 82.41 -46.72
C UNK D 694 31.31 82.33 -46.04
N UNK D 695 31.38 83.07 -44.94
CA UNK D 695 32.53 83.15 -44.07
C UNK D 695 31.93 82.84 -42.70
N UNK D 696 32.69 82.19 -41.83
CA UNK D 696 32.12 81.91 -40.52
C UNK D 696 33.10 82.15 -39.39
N UNK D 697 32.60 82.69 -38.29
CA UNK D 697 33.41 82.92 -37.12
C UNK D 697 32.94 81.87 -36.14
N UNK D 698 33.88 81.13 -35.56
CA UNK D 698 33.55 80.10 -34.59
C UNK D 698 34.20 80.49 -33.30
N UNK D 699 33.50 80.26 -32.19
CA UNK D 699 34.04 80.56 -30.88
C UNK D 699 34.32 79.17 -30.32
N UNK D 700 35.57 78.73 -30.45
CA UNK D 700 35.99 77.40 -29.98
C UNK D 700 35.48 77.05 -28.59
N UNK D 701 35.12 78.08 -27.83
CA UNK D 701 34.62 77.90 -26.47
C UNK D 701 33.10 77.75 -26.54
N UNK D 702 32.59 77.26 -27.66
CA UNK D 702 31.15 77.10 -27.82
C UNK D 702 30.80 76.08 -28.89
N UNK D 703 29.98 75.11 -28.54
CA UNK D 703 29.57 74.07 -29.48
C UNK D 703 28.92 74.64 -30.74
N UNK D 704 28.77 75.97 -30.78
CA UNK D 704 28.10 76.60 -31.93
C UNK D 704 28.87 77.63 -32.75
N UNK D 705 28.33 77.92 -33.92
CA UNK D 705 28.87 78.89 -34.85
C UNK D 705 28.60 80.21 -34.14
N UNK D 706 29.39 81.24 -34.41
CA UNK D 706 29.17 82.52 -33.74
C UNK D 706 28.62 83.56 -34.69
N UNK D 707 28.97 83.43 -35.95
CA UNK D 707 28.52 84.38 -36.94
C UNK D 707 28.67 83.77 -38.33
N UNK D 708 27.88 84.28 -39.27
CA UNK D 708 27.94 83.80 -40.63
C UNK D 708 27.90 85.02 -41.51
N UNK D 709 29.06 85.46 -41.98
CA UNK D 709 29.14 86.64 -42.81
C UNK D 709 28.59 86.43 -44.20
N UNK D 710 27.41 86.99 -44.48
CA UNK D 710 26.86 86.85 -45.82
C UNK D 710 27.38 88.06 -46.61
N UNK D 711 36.31 79.94 -56.74
CA UNK D 711 36.93 80.84 -55.75
C UNK D 711 37.97 79.99 -55.01
N UNK D 712 39.23 80.33 -55.20
CA UNK D 712 40.29 79.54 -54.59
C UNK D 712 40.82 80.02 -53.26
N UNK D 713 40.54 81.25 -52.89
CA UNK D 713 41.10 81.74 -51.65
C UNK D 713 40.39 83.02 -51.23
N UNK D 714 40.44 83.33 -49.95
CA UNK D 714 39.78 84.51 -49.39
C UNK D 714 40.28 84.79 -47.98
N UNK D 715 40.52 86.05 -47.68
CA UNK D 715 41.01 86.45 -46.36
C UNK D 715 40.34 87.73 -45.92
N UNK D 716 40.00 87.80 -44.64
CA UNK D 716 39.39 89.01 -44.14
C UNK D 716 40.52 90.01 -44.02
N UNK D 717 40.20 91.29 -44.07
CA UNK D 717 41.22 92.29 -43.92
C UNK D 717 41.52 92.39 -42.42
N UNK D 718 42.69 92.90 -42.04
CA UNK D 718 42.99 93.00 -40.62
C UNK D 718 41.86 93.79 -39.98
N UNK D 719 36.69 95.02 -42.01
CA UNK D 719 35.69 95.62 -42.89
C UNK D 719 35.68 95.11 -44.32
N UNK D 720 36.77 94.53 -44.78
CA UNK D 720 36.81 94.03 -46.15
C UNK D 720 37.10 92.55 -46.23
N UNK D 721 36.70 91.94 -47.34
CA UNK D 721 36.94 90.51 -47.56
C UNK D 721 37.57 90.39 -48.92
N UNK D 722 38.86 90.05 -48.94
CA UNK D 722 39.54 89.90 -50.20
C UNK D 722 39.22 88.50 -50.74
N UNK D 723 39.10 88.40 -52.05
CA UNK D 723 38.79 87.13 -52.66
C UNK D 723 39.59 86.90 -53.92
N UNK D 724 40.08 85.68 -54.05
CA UNK D 724 40.94 85.28 -55.14
C UNK D 724 40.33 84.11 -55.91
N UNK D 725 40.31 84.20 -57.24
CA UNK D 725 39.70 83.16 -58.07
C UNK D 725 40.45 82.78 -59.34
N UNK D 726 39.83 81.88 -60.09
CA UNK D 726 40.36 81.38 -61.34
C UNK D 726 39.93 82.29 -62.48
N UNK D 727 38.94 83.13 -62.23
CA UNK D 727 38.46 84.03 -63.25
C UNK D 727 39.45 85.15 -63.53
N UNK D 728 40.63 85.08 -62.94
CA UNK D 728 41.65 86.09 -63.17
C UNK D 728 41.49 87.40 -62.41
N UNK D 729 40.70 87.38 -61.33
CA UNK D 729 40.50 88.60 -60.57
C UNK D 729 40.88 88.49 -59.09
N UNK D 730 41.03 89.65 -58.46
CA UNK D 730 41.27 89.77 -57.03
C UNK D 730 40.03 90.59 -56.75
N UNK D 731 39.39 90.42 -55.61
CA UNK D 731 38.18 91.18 -55.39
C UNK D 731 38.00 91.57 -53.95
N UNK D 732 37.47 92.77 -53.73
CA UNK D 732 37.24 93.22 -52.38
C UNK D 732 35.78 93.41 -52.08
N UNK D 733 35.20 92.45 -51.38
CA UNK D 733 33.81 92.55 -51.01
C UNK D 733 33.74 93.35 -49.71
N UNK D 734 32.58 93.91 -49.42
CA UNK D 734 32.37 94.70 -48.20
C UNK D 734 31.64 93.84 -47.18
N UNK D 735 32.35 93.40 -46.16
CA UNK D 735 31.75 92.54 -45.15
C UNK D 735 30.38 92.96 -44.63
N UNK D 736 30.29 94.16 -44.08
CA UNK D 736 29.04 94.63 -43.52
C UNK D 736 27.84 94.50 -44.44
N UNK D 737 28.07 94.47 -45.75
CA UNK D 737 26.96 94.37 -46.69
C UNK D 737 27.09 93.31 -47.77
N UNK D 738 28.18 92.56 -47.75
CA UNK D 738 28.41 91.52 -48.75
C UNK D 738 28.28 92.01 -50.19
N UNK D 739 28.71 93.25 -50.45
CA UNK D 739 28.66 93.86 -51.78
C UNK D 739 30.02 93.89 -52.44
N UNK D 740 30.07 93.77 -53.76
CA UNK D 740 31.37 93.82 -54.44
C UNK D 740 31.80 95.28 -54.53
N UNK D 741 32.94 95.62 -53.92
CA UNK D 741 33.44 96.99 -53.97
C UNK D 741 34.40 97.20 -55.13
N UNK D 742 35.33 96.28 -55.34
CA UNK D 742 36.27 96.40 -56.45
C UNK D 742 36.60 95.03 -57.03
N UNK D 743 37.25 95.06 -58.18
CA UNK D 743 37.68 93.85 -58.85
C UNK D 743 38.95 94.22 -59.58
N UNK D 744 39.99 93.39 -59.44
CA UNK D 744 41.26 93.67 -60.10
C UNK D 744 41.66 92.57 -61.04
N UNK D 745 41.55 92.83 -62.33
CA UNK D 745 41.92 91.84 -63.33
C UNK D 745 43.43 91.64 -63.39
N UNK D 746 43.87 90.39 -63.42
CA UNK D 746 45.29 90.14 -63.53
C UNK D 746 45.60 89.86 -65.01
N UNK D 747 46.24 90.87 -65.61
CA UNK D 747 46.60 90.92 -67.03
C UNK D 747 48.12 91.03 -67.23
N UNK D 748 48.90 90.34 -66.42
CA UNK D 748 50.34 90.43 -66.53
C UNK D 748 50.89 89.25 -67.31
N UNK D 749 50.02 88.66 -68.11
CA UNK D 749 50.40 87.49 -68.89
C UNK D 749 49.98 87.61 -70.37
N UNK D 750 50.90 87.25 -71.26
CA UNK D 750 50.69 87.37 -72.69
C UNK D 750 50.97 86.04 -73.41
N UNK D 751 46.08 81.17 -55.30
CA UNK D 751 46.78 81.24 -54.01
C UNK D 751 46.57 82.65 -53.44
N UNK D 752 46.38 82.79 -52.14
CA UNK D 752 46.23 84.12 -51.57
C UNK D 752 46.29 84.13 -50.07
N UNK D 753 47.50 84.34 -49.56
CA UNK D 753 47.77 84.36 -48.14
C UNK D 753 47.95 85.72 -47.50
N UNK D 754 47.74 85.75 -46.19
CA UNK D 754 47.84 86.95 -45.36
C UNK D 754 49.24 87.24 -44.86
N UNK D 755 49.46 88.46 -44.41
CA UNK D 755 50.76 88.83 -43.87
C UNK D 755 50.74 88.37 -42.42
N UNK D 756 51.89 88.50 -41.75
CA UNK D 756 52.02 88.07 -40.37
C UNK D 756 51.09 88.83 -39.42
N UNK D 757 51.00 90.14 -39.64
CA UNK D 757 50.17 90.99 -38.81
C UNK D 757 48.72 90.98 -39.29
N UNK D 758 48.44 90.27 -40.37
CA UNK D 758 47.08 90.23 -40.88
C UNK D 758 46.60 91.57 -41.43
N UNK D 759 47.55 92.45 -41.69
CA UNK D 759 47.23 93.77 -42.22
C UNK D 759 47.54 93.91 -43.70
N UNK D 760 47.97 92.83 -44.32
CA UNK D 760 48.28 92.86 -45.74
C UNK D 760 48.00 91.49 -46.33
N UNK D 761 47.73 91.44 -47.64
CA UNK D 761 47.42 90.19 -48.29
C UNK D 761 48.08 90.14 -49.66
N UNK D 762 48.69 89.03 -50.03
CA UNK D 762 49.27 88.97 -51.37
C UNK D 762 48.39 88.06 -52.18
N UNK D 763 48.29 88.32 -53.47
CA UNK D 763 47.49 87.47 -54.37
C UNK D 763 48.21 87.31 -55.69
N UNK D 764 47.80 86.28 -56.45
CA UNK D 764 48.44 85.98 -57.73
C UNK D 764 47.43 85.83 -58.86
N UNK D 765 47.83 86.26 -60.05
CA UNK D 765 47.00 86.18 -61.25
C UNK D 765 47.86 86.35 -62.52
N UNK D 766 47.52 85.58 -63.56
CA UNK D 766 48.23 85.61 -64.83
C UNK D 766 49.74 85.68 -64.60
N UNK D 767 50.30 86.87 -64.80
CA UNK D 767 51.73 87.07 -64.61
C UNK D 767 52.21 87.80 -63.38
N UNK D 768 51.30 88.18 -62.48
CA UNK D 768 51.78 88.93 -61.34
C UNK D 768 51.29 88.52 -59.96
N UNK D 769 52.07 88.93 -58.97
CA UNK D 769 51.76 88.73 -57.58
C UNK D 769 51.49 90.17 -57.17
N UNK D 770 50.46 90.39 -56.37
CA UNK D 770 50.09 91.74 -55.95
C UNK D 770 49.92 91.83 -54.45
N UNK D 771 50.45 92.89 -53.86
CA UNK D 771 50.32 93.08 -52.42
C UNK D 771 49.30 94.15 -52.10
N UNK D 772 48.25 93.76 -51.40
CA UNK D 772 47.19 94.68 -51.02
C UNK D 772 47.15 95.02 -49.55
N UNK D 773 46.63 96.21 -49.27
CA UNK D 773 46.48 96.68 -47.92
C UNK D 773 45.07 96.27 -47.53
N UNK D 774 44.95 95.31 -46.62
CA UNK D 774 43.64 94.80 -46.18
C UNK D 774 42.63 95.90 -45.82
N UNK D 775 42.80 99.98 -46.44
CA UNK D 775 42.60 100.87 -47.57
C UNK D 775 42.30 100.17 -48.89
N UNK D 776 42.67 98.89 -49.00
CA UNK D 776 42.45 98.11 -50.23
C UNK D 776 43.38 98.64 -51.32
N UNK D 777 44.48 99.22 -50.89
CA UNK D 777 45.44 99.75 -51.84
C UNK D 777 46.42 98.72 -52.31
N UNK D 778 46.94 98.92 -53.51
CA UNK D 778 47.91 98.01 -54.09
C UNK D 778 49.28 98.49 -53.64
N UNK D 779 49.86 97.82 -52.67
CA UNK D 779 51.17 98.20 -52.16
C UNK D 779 52.34 97.69 -52.98
N UNK D 780 52.09 96.78 -53.91
CA UNK D 780 53.19 96.24 -54.71
C UNK D 780 52.74 95.39 -55.87
N UNK D 781 53.57 95.37 -56.91
CA UNK D 781 53.27 94.61 -58.10
C UNK D 781 54.55 94.10 -58.73
N UNK D 782 54.91 92.86 -58.40
CA UNK D 782 56.09 92.28 -59.00
C UNK D 782 55.62 91.47 -60.19
N UNK D 783 58.30 90.42 -60.22
CA UNK D 783 57.94 89.71 -61.45
C UNK D 783 58.77 88.45 -61.51
N UNK D 784 58.08 87.33 -61.62
CA UNK D 784 58.74 86.04 -61.64
C UNK D 784 59.26 85.59 -63.00
N UNK D 785 56.50 81.80 -66.31
CA UNK D 785 56.04 80.46 -65.98
C UNK D 785 54.79 80.77 -65.20
N UNK D 786 54.42 79.91 -64.24
CA UNK D 786 53.23 80.18 -63.42
C UNK D 786 53.44 79.74 -61.99
N UNK D 787 53.21 80.65 -61.05
CA UNK D 787 53.37 80.35 -59.64
C UNK D 787 52.37 79.26 -59.28
N UNK D 788 52.86 78.15 -58.75
CA UNK D 788 52.01 77.03 -58.38
C UNK D 788 51.45 77.14 -56.95
N UNK D 789 52.18 77.84 -56.08
CA UNK D 789 51.71 78.04 -54.70
C UNK D 789 52.56 79.07 -53.96
N UNK D 790 52.02 79.60 -52.86
CA UNK D 790 52.73 80.60 -52.07
C UNK D 790 52.21 80.72 -50.64
N UNK D 791 52.83 81.59 -49.85
CA UNK D 791 52.37 81.83 -48.49
C UNK D 791 53.07 83.04 -47.96
N UNK D 792 52.28 83.94 -47.41
CA UNK D 792 52.74 85.19 -46.87
C UNK D 792 53.06 85.04 -45.38
N UNK D 793 54.26 85.43 -45.00
CA UNK D 793 54.72 85.35 -43.62
C UNK D 793 53.99 86.34 -42.72
N UNK D 794 54.23 86.27 -41.40
CA UNK D 794 53.54 87.23 -40.53
C UNK D 794 54.51 88.35 -40.13
N UNK D 795 55.76 88.23 -40.57
CA UNK D 795 56.80 89.21 -40.29
C UNK D 795 57.67 89.45 -41.52
N UNK D 796 58.47 90.50 -41.47
CA UNK D 796 59.37 90.87 -42.56
C UNK D 796 58.73 90.87 -43.96
N UNK D 797 57.40 90.96 -44.01
CA UNK D 797 56.66 90.96 -45.27
C UNK D 797 57.21 89.87 -46.19
N UNK D 798 57.66 88.77 -45.59
CA UNK D 798 58.20 87.69 -46.40
C UNK D 798 57.10 86.88 -47.04
N UNK D 799 57.39 86.39 -48.23
CA UNK D 799 56.43 85.59 -48.96
C UNK D 799 57.20 84.47 -49.63
N UNK D 800 56.71 83.24 -49.48
CA UNK D 800 57.36 82.11 -50.12
C UNK D 800 56.45 81.60 -51.19
N UNK D 801 57.03 81.34 -52.36
CA UNK D 801 56.23 80.85 -53.46
C UNK D 801 56.95 79.72 -54.16
N UNK D 802 56.22 78.67 -54.48
CA UNK D 802 56.80 77.57 -55.21
C UNK D 802 56.64 78.11 -56.61
N UNK D 803 59.66 72.59 -59.03
CA UNK D 803 60.68 72.52 -57.99
C UNK D 803 61.56 73.74 -57.64
N UNK D 804 61.23 74.91 -58.19
CA UNK D 804 61.99 76.11 -57.87
C UNK D 804 61.28 76.76 -56.71
N UNK D 805 62.02 77.11 -55.67
CA UNK D 805 61.38 77.73 -54.52
C UNK D 805 62.15 78.96 -54.13
N UNK D 806 61.49 80.11 -54.17
CA UNK D 806 62.16 81.34 -53.79
C UNK D 806 61.28 82.16 -52.88
N UNK D 807 61.86 82.74 -51.84
CA UNK D 807 61.07 83.58 -50.96
C UNK D 807 61.45 85.02 -51.25
N UNK D 808 60.42 85.85 -51.40
CA UNK D 808 60.54 87.26 -51.72
C UNK D 808 60.19 88.18 -50.57
N UNK D 809 60.52 89.45 -50.77
CA UNK D 809 60.28 90.48 -49.80
C UNK D 809 59.28 91.48 -50.39
N UNK D 810 58.01 91.33 -50.07
CA UNK D 810 56.98 92.25 -50.56
C UNK D 810 57.44 93.58 -49.96
N UNK D 811 56.91 94.70 -50.43
CA UNK D 811 57.33 95.99 -49.89
C UNK D 811 58.69 96.39 -50.48
N UNK D 812 59.88 94.37 -52.80
CA UNK D 812 59.59 93.78 -54.11
C UNK D 812 60.81 93.14 -54.75
N UNK D 813 61.66 92.54 -53.93
CA UNK D 813 62.89 91.90 -54.41
C UNK D 813 63.04 90.47 -53.91
N UNK D 814 63.70 89.62 -54.69
CA UNK D 814 63.90 88.26 -54.22
C UNK D 814 64.94 88.33 -53.11
N UNK D 815 64.74 87.51 -52.08
CA UNK D 815 65.60 87.45 -50.90
C UNK D 815 66.45 86.19 -50.86
N UNK D 816 65.87 85.07 -51.26
CA UNK D 816 66.62 83.83 -51.22
C UNK D 816 66.13 82.80 -52.21
N UNK D 817 67.06 81.96 -52.66
CA UNK D 817 66.73 80.89 -53.57
C UNK D 817 66.81 79.63 -52.73
N UNK D 818 65.73 78.89 -52.69
CA UNK D 818 65.67 77.67 -51.91
C UNK D 818 65.68 76.45 -52.81
N UNK D 819 66.86 75.88 -52.97
CA UNK D 819 67.03 74.72 -53.83
C UNK D 819 66.94 73.47 -52.98
N UNK D 820 65.90 72.66 -53.19
CA UNK D 820 65.77 71.44 -52.41
C UNK D 820 65.14 70.28 -53.13
N UNK D 821 64.34 70.56 -54.16
CA UNK D 821 63.67 69.50 -54.91
C UNK D 821 64.06 69.51 -56.38
N UNK D 822 63.93 68.38 -57.05
CA UNK D 822 64.21 68.28 -58.47
C UNK D 822 62.96 67.70 -59.15
N UNK D 823 62.07 66.83 -58.03
CA UNK D 823 60.67 66.49 -58.24
C UNK D 823 59.88 67.70 -57.76
N UNK D 824 58.76 67.95 -58.41
CA UNK D 824 57.85 69.06 -58.09
C UNK D 824 57.73 69.56 -56.65
N UNK D 825 57.85 70.87 -56.45
CA UNK D 825 57.78 71.42 -55.10
C UNK D 825 56.40 72.05 -54.94
N UNK D 826 55.59 71.49 -54.07
CA UNK D 826 54.24 71.97 -53.86
C UNK D 826 54.12 73.14 -52.93
N UNK D 827 54.88 73.13 -51.85
CA UNK D 827 54.78 74.19 -50.89
C UNK D 827 56.13 74.60 -50.33
N UNK D 828 56.13 75.71 -49.62
CA UNK D 828 57.38 76.22 -49.09
C UNK D 828 57.06 77.38 -48.14
N UNK D 829 57.71 77.43 -46.98
CA UNK D 829 57.46 78.58 -46.12
C UNK D 829 58.45 78.83 -45.02
N UNK D 830 58.44 80.06 -44.53
CA UNK D 830 59.37 80.49 -43.48
C UNK D 830 58.92 80.06 -42.11
N UNK D 831 59.89 79.95 -41.21
CA UNK D 831 59.61 79.62 -39.84
C UNK D 831 58.98 80.91 -39.35
N UNK D 832 58.42 80.92 -38.15
CA UNK D 832 57.80 82.17 -37.73
C UNK D 832 58.76 83.36 -37.58
N UNK D 833 60.00 83.13 -37.15
CA UNK D 833 60.94 84.24 -37.02
C UNK D 833 61.66 84.46 -38.33
N UNK D 834 61.21 83.72 -39.34
CA UNK D 834 61.80 83.82 -40.66
C UNK D 834 63.27 83.47 -40.68
N UNK D 835 63.74 82.79 -39.64
CA UNK D 835 65.13 82.42 -39.57
C UNK D 835 65.41 81.23 -40.47
N UNK D 836 64.38 80.47 -40.78
CA UNK D 836 64.57 79.31 -41.64
C UNK D 836 63.28 79.08 -42.42
N UNK D 837 63.34 78.17 -43.38
CA UNK D 837 62.16 77.86 -44.19
C UNK D 837 62.15 76.38 -44.54
N UNK D 838 60.97 75.85 -44.88
CA UNK D 838 60.86 74.45 -45.24
C UNK D 838 60.41 74.30 -46.68
N UNK D 839 60.73 73.15 -47.26
CA UNK D 839 60.37 72.85 -48.64
C UNK D 839 59.58 71.55 -48.67
N UNK D 840 58.42 71.55 -49.32
CA UNK D 840 57.61 70.33 -49.41
C UNK D 840 57.43 69.88 -50.86
N UNK D 841 57.79 68.64 -51.15
CA UNK D 841 57.67 68.20 -52.54
C UNK D 841 57.11 66.82 -52.87
N UNK D 842 57.02 66.60 -54.17
CA UNK D 842 56.51 65.39 -54.76
C UNK D 842 57.45 64.22 -54.52
N UNK D 843 58.72 64.52 -54.28
CA UNK D 843 59.69 63.47 -54.00
C UNK D 843 59.44 63.04 -52.55
N UNK D 844 58.21 63.31 -52.10
CA UNK D 844 57.75 63.00 -50.76
C UNK D 844 58.68 63.30 -49.62
N UNK D 845 59.42 64.40 -49.73
CA UNK D 845 60.30 64.79 -48.66
C UNK D 845 59.97 66.20 -48.21
N UNK D 846 60.44 66.54 -47.03
CA UNK D 846 60.25 67.86 -46.46
C UNK D 846 61.63 68.22 -45.98
N UNK D 847 62.16 69.35 -46.45
CA UNK D 847 63.50 69.74 -46.03
C UNK D 847 63.52 71.11 -45.35
N UNK D 848 64.27 71.21 -44.27
CA UNK D 848 64.36 72.46 -43.55
C UNK D 848 65.66 73.14 -43.87
N UNK D 849 65.55 74.43 -44.20
CA UNK D 849 66.71 75.23 -44.55
C UNK D 849 66.83 76.42 -43.61
N UNK D 850 68.04 76.91 -43.43
CA UNK D 850 68.27 78.08 -42.61
C UNK D 850 68.61 79.21 -43.57
N UNK D 851 67.75 80.21 -43.62
CA UNK D 851 67.89 81.37 -44.50
C UNK D 851 69.28 81.94 -44.55
N UNK D 852 69.77 82.41 -43.41
CA UNK D 852 71.11 83.00 -43.35
C UNK D 852 72.09 82.21 -44.23
N UNK D 853 72.34 80.96 -43.87
CA UNK D 853 73.26 80.10 -44.60
C UNK D 853 72.94 79.95 -46.09
N UNK D 854 71.66 79.97 -46.45
CA UNK D 854 71.28 79.82 -47.85
C UNK D 854 71.55 81.06 -48.69
N UNK D 855 71.31 82.23 -48.11
CA UNK D 855 71.51 83.49 -48.82
C UNK D 855 72.96 83.90 -48.99
N UNK D 856 73.85 83.29 -48.22
CA UNK D 856 75.26 83.61 -48.35
C UNK D 856 75.68 83.32 -49.78
N UNK D 857 76.46 84.24 -50.33
CA UNK D 857 76.98 84.11 -51.69
C UNK D 857 77.87 82.88 -51.76
N UNK D 858 76.45 84.12 -59.25
CA UNK D 858 77.53 83.15 -59.19
C UNK D 858 77.45 82.08 -60.25
N UNK D 859 78.59 81.44 -60.47
CA UNK D 859 78.75 80.39 -61.45
C UNK D 859 78.46 79.01 -60.86
N UNK D 860 77.94 78.98 -59.65
CA UNK D 860 77.65 77.70 -59.07
C UNK D 860 76.52 77.01 -59.83
N UNK D 861 75.50 77.77 -60.23
CA UNK D 861 74.39 77.21 -61.00
C UNK D 861 74.31 77.81 -62.38
N UNK D 862 74.33 76.96 -63.40
CA UNK D 862 74.28 77.43 -64.76
C UNK D 862 73.12 76.74 -65.43
N UNK D 863 72.90 77.09 -66.69
CA UNK D 863 71.85 76.49 -67.50
C UNK D 863 72.56 75.36 -68.21
N UNK D 864 71.86 74.60 -69.01
CA UNK D 864 72.50 73.51 -69.73
C UNK D 864 73.08 73.93 -71.09
N UNK D 865 72.97 75.22 -71.37
CA UNK D 865 73.52 75.77 -72.59
C UNK D 865 74.94 76.22 -72.29
N UNK D 866 75.90 75.38 -72.65
CA UNK D 866 77.31 75.67 -72.42
C UNK D 866 78.17 75.16 -73.55
N UNK D 867 79.39 75.66 -73.63
CA UNK D 867 80.34 75.22 -74.63
C UNK D 867 81.70 75.08 -73.96
N UNK D 868 82.40 74.01 -74.30
CA UNK D 868 83.70 73.69 -73.73
C UNK D 868 84.86 73.64 -74.71
N UNK D 869 86.03 74.07 -74.25
CA UNK D 869 87.24 74.07 -75.06
C UNK D 869 88.38 73.44 -74.28
N UNK D 870 88.71 72.19 -74.64
CA UNK D 870 89.79 71.46 -73.99
C UNK D 870 91.15 71.87 -74.55
N UNK D 871 91.84 72.78 -73.86
CA UNK D 871 93.13 73.23 -74.32
C UNK D 871 94.34 72.66 -73.57
N UNK D 872 94.64 72.61 -69.65
CA UNK D 872 93.40 72.88 -68.92
C UNK D 872 92.11 72.81 -69.75
N UNK D 873 90.98 72.93 -69.06
CA UNK D 873 89.65 72.91 -69.69
C UNK D 873 88.94 74.24 -69.51
N UNK D 874 88.18 74.66 -70.53
CA UNK D 874 87.45 75.91 -70.50
C UNK D 874 85.97 75.75 -70.80
N UNK D 875 85.13 76.25 -69.89
CA UNK D 875 83.70 76.16 -70.05
C UNK D 875 83.05 77.55 -70.02
N UNK D 876 82.31 77.86 -71.08
CA UNK D 876 81.61 79.14 -71.18
C UNK D 876 80.16 78.71 -70.99
N UNK D 877 79.45 79.35 -70.08
CA UNK D 877 78.08 78.92 -69.86
C UNK D 877 77.07 80.04 -69.62
N UNK D 878 75.85 79.78 -70.04
CA UNK D 878 74.74 80.71 -69.85
C UNK D 878 74.34 80.68 -68.39
N UNK D 879 74.52 81.78 -67.67
CA UNK D 879 74.15 81.80 -66.25
C UNK D 879 72.68 81.46 -66.03
N UNK D 880 72.40 80.85 -64.88
CA UNK D 880 71.04 80.46 -64.52
C UNK D 880 70.09 81.66 -64.35
N UNK D 881 76.47 85.10 -68.71
CA UNK D 881 77.18 83.87 -68.94
C UNK D 881 78.50 83.92 -68.20
N UNK D 882 78.97 82.74 -67.80
CA UNK D 882 80.20 82.61 -67.04
C UNK D 882 81.33 81.98 -67.85
N UNK D 883 82.52 82.54 -67.69
CA UNK D 883 83.69 82.00 -68.36
C UNK D 883 84.37 81.17 -67.28
N UNK D 884 83.98 79.90 -67.19
CA UNK D 884 84.52 78.98 -66.18
C UNK D 884 85.74 78.23 -66.66
N UNK D 885 86.84 78.37 -65.93
CA UNK D 885 88.08 77.68 -66.24
C UNK D 885 88.22 76.50 -65.29
N UNK D 886 87.89 75.31 -65.77
CA UNK D 886 88.00 74.12 -64.93
C UNK D 886 89.45 73.99 -64.50
N UNK D 887 89.70 73.36 -63.35
CA UNK D 887 91.07 73.23 -62.86
C UNK D 887 91.53 74.65 -62.48
N UNK D 888 88.78 80.63 -61.18
CA UNK D 888 88.72 81.63 -62.27
C UNK D 888 87.41 81.71 -63.03
N UNK D 889 86.40 82.27 -62.37
CA UNK D 889 85.10 82.46 -62.95
C UNK D 889 84.94 83.93 -63.30
N UNK D 890 84.67 84.20 -64.57
CA UNK D 890 84.51 85.56 -65.05
C UNK D 890 83.14 85.77 -65.64
N UNK D 891 82.42 86.70 -65.02
CA UNK D 891 81.07 87.06 -65.39
C UNK D 891 80.98 88.11 -66.46
N UNK D 892 79.99 87.95 -67.33
CA UNK D 892 79.72 88.87 -68.41
C UNK D 892 78.21 89.04 -68.40
N UNK D 893 77.72 90.17 -67.89
CA UNK D 893 76.29 90.45 -67.81
C UNK D 893 75.68 90.59 -69.20
N UNK D 894 74.37 90.39 -69.29
CA UNK D 894 73.70 90.53 -70.58
C UNK D 894 72.21 90.25 -70.50
N UNK D 895 70.93 85.75 -72.15
CA UNK D 895 71.26 85.07 -73.39
C UNK D 895 70.48 83.76 -73.46
N UNK D 896 70.51 83.13 -74.62
CA UNK D 896 69.82 81.86 -74.82
C UNK D 896 70.76 80.75 -75.27
N UNK D 897 71.96 81.11 -75.69
CA UNK D 897 72.91 80.11 -76.12
C UNK D 897 74.30 80.70 -76.12
N UNK D 898 75.30 79.85 -75.92
CA UNK D 898 76.65 80.33 -75.86
C UNK D 898 77.50 79.87 -77.03
N UNK D 899 78.74 80.35 -77.07
CA UNK D 899 79.66 80.03 -78.14
C UNK D 899 81.09 80.51 -77.84
N UNK D 900 82.07 79.64 -78.05
CA UNK D 900 83.47 79.99 -77.81
C UNK D 900 84.29 79.89 -79.09
N UNK D 901 85.05 80.94 -79.38
CA UNK D 901 85.88 80.96 -80.59
C UNK D 901 87.19 80.29 -80.26
N UNK D 902 87.52 79.18 -80.94
CA UNK D 902 88.79 78.53 -80.63
C UNK D 902 89.85 79.61 -80.54
N UNK D 903 87.38 85.57 -77.98
CA UNK D 903 86.04 86.01 -78.38
C UNK D 903 84.99 85.02 -77.89
N UNK D 904 83.86 85.54 -77.44
CA UNK D 904 82.74 84.69 -77.01
C UNK D 904 81.53 85.27 -77.70
N UNK D 905 80.60 84.43 -78.11
CA UNK D 905 79.41 84.93 -78.78
C UNK D 905 78.16 84.36 -78.13
N UNK D 906 77.05 85.06 -78.24
CA UNK D 906 75.84 84.51 -77.65
C UNK D 906 74.52 84.83 -78.31
N UNK D 907 73.58 83.89 -78.11
CA UNK D 907 72.25 84.02 -78.65
C UNK D 907 71.42 84.87 -77.73
N UNK D 908 70.25 85.28 -78.20
CA UNK D 908 69.39 86.14 -77.42
C UNK D 908 67.96 85.67 -77.51
N UNK D 909 67.16 86.02 -76.50
CA UNK D 909 65.76 85.62 -76.46
C UNK D 909 65.01 86.26 -77.63
N UNK D 910 68.77 88.61 -80.96
CA UNK D 910 70.02 89.33 -81.08
C UNK D 910 71.26 88.43 -81.06
N UNK D 911 72.33 88.90 -81.70
CA UNK D 911 73.59 88.17 -81.76
C UNK D 911 74.72 89.13 -81.37
N UNK D 912 75.62 88.69 -80.51
CA UNK D 912 76.72 89.56 -80.07
C UNK D 912 78.03 88.83 -79.83
N UNK D 913 79.13 89.43 -80.28
CA UNK D 913 80.45 88.87 -80.05
C UNK D 913 81.08 89.80 -79.05
N UNK D 914 81.73 89.24 -78.04
CA UNK D 914 82.43 90.04 -77.05
C UNK D 914 83.87 89.60 -77.18
N UNK D 915 84.80 90.54 -77.09
CA UNK D 915 86.20 90.15 -77.20
C UNK D 915 86.85 90.14 -75.83
N UNK D 916 87.19 88.94 -75.39
CA UNK D 916 87.81 88.71 -74.08
C UNK D 916 89.08 89.50 -73.79
N UNK D 917 90.07 89.47 -74.70
CA UNK D 917 91.30 90.20 -74.42
C UNK D 917 90.97 91.55 -73.78
N UNK D 918 89.85 92.11 -74.19
CA UNK D 918 89.40 93.39 -73.67
C UNK D 918 88.31 93.20 -72.60
N UNK D 919 84.57 95.93 -75.19
CA UNK D 919 84.29 96.21 -76.61
C UNK D 919 83.78 94.98 -77.34
N UNK D 920 82.57 95.09 -77.89
CA UNK D 920 81.93 93.99 -78.60
C UNK D 920 81.11 94.57 -79.74
N UNK D 921 80.27 93.72 -80.34
CA UNK D 921 79.62 94.03 -81.60
C UNK D 921 78.22 93.37 -81.68
N UNK D 922 77.32 93.95 -82.47
CA UNK D 922 75.96 93.42 -82.61
C UNK D 922 75.51 93.26 -84.07
N UNK D 923 75.50 92.04 -84.55
CA UNK D 923 75.10 91.80 -85.92
C UNK D 923 73.62 91.53 -86.11
N UNK D 924 72.89 92.56 -86.56
CA UNK D 924 71.44 92.53 -86.79
C UNK D 924 70.75 91.35 -87.53
N UNK D 925 68.93 79.71 -81.17
CA UNK D 925 69.23 78.35 -80.73
C UNK D 925 70.71 78.04 -80.83
N UNK D 926 71.10 77.14 -81.73
CA UNK D 926 72.51 76.81 -81.88
C UNK D 926 73.27 78.06 -82.38
N UNK D 927 74.57 78.17 -82.09
CA UNK D 927 75.40 79.32 -82.54
C UNK D 927 76.89 79.00 -82.51
N UNK D 928 77.56 79.07 -83.64
CA UNK D 928 78.98 78.72 -83.67
C UNK D 928 79.88 79.61 -84.52
N UNK D 929 81.18 79.57 -84.24
CA UNK D 929 82.18 80.33 -84.97
C UNK D 929 82.70 79.45 -86.10
N UNK D 930 83.32 80.05 -87.09
CA UNK D 930 83.85 79.30 -88.22
C UNK D 930 85.17 78.73 -87.74
N UNK D 931 85.73 77.78 -88.49
CA UNK D 931 87.03 77.20 -88.13
C UNK D 931 87.93 78.33 -87.64
N UNK D 932 80.14 83.98 -88.06
CA UNK D 932 79.32 83.32 -87.04
C UNK D 932 78.06 82.69 -87.57
N UNK D 933 78.06 81.37 -87.74
CA UNK D 933 76.85 80.72 -88.20
C UNK D 933 75.91 80.60 -86.99
N UNK D 934 74.64 80.84 -87.22
CA UNK D 934 73.66 80.77 -86.15
C UNK D 934 72.29 80.42 -86.66
N UNK D 935 71.54 79.67 -85.87
CA UNK D 935 70.20 79.28 -86.26
C UNK D 935 69.22 79.67 -85.16
N UNK D 936 67.97 79.78 -85.56
CA UNK D 936 66.89 80.09 -84.65
C UNK D 936 65.74 79.15 -84.96
N UNK D 937 64.57 79.53 -84.48
CA UNK D 937 63.39 78.70 -84.60
C UNK D 937 62.61 78.91 -85.89
N UNK D 938 63.33 79.23 -86.97
CA UNK D 938 62.73 79.44 -88.28
C UNK D 938 63.64 78.77 -89.33
N UNK D 939 63.35 78.91 -90.61
CA UNK D 939 64.14 78.23 -91.66
C UNK D 939 65.41 78.88 -92.25
N UNK D 940 65.83 80.02 -91.74
CA UNK D 940 67.04 80.63 -92.28
C UNK D 940 68.23 80.41 -91.34
N UNK D 941 69.44 80.32 -91.89
CA UNK D 941 70.64 80.15 -91.07
C UNK D 941 71.61 81.31 -91.30
N UNK D 942 71.61 82.29 -90.41
CA UNK D 942 72.49 83.44 -90.53
C UNK D 942 73.98 83.16 -90.54
N UNK D 943 74.66 83.60 -91.61
CA UNK D 943 76.11 83.43 -91.74
C UNK D 943 76.74 84.81 -91.72
N UNK D 944 76.78 85.41 -90.53
CA UNK D 944 77.33 86.75 -90.32
C UNK D 944 78.82 86.80 -90.22
N UNK D 945 79.45 87.09 -91.35
CA UNK D 945 80.89 87.21 -91.39
C UNK D 945 81.23 88.57 -90.75
N UNK D 946 81.13 88.62 -89.42
CA UNK D 946 81.43 89.83 -88.68
C UNK D 946 82.85 90.31 -89.04
N UNK D 947 79.48 91.68 -93.55
CA UNK D 947 78.84 90.91 -94.61
C UNK D 947 77.91 89.87 -94.02
N UNK D 948 76.94 89.44 -94.82
CA UNK D 948 75.99 88.44 -94.40
C UNK D 948 75.69 87.49 -95.53
N UNK D 949 75.51 86.22 -95.19
CA UNK D 949 75.17 85.21 -96.16
C UNK D 949 73.99 84.52 -95.51
N UNK D 950 72.86 84.49 -96.20
CA UNK D 950 71.66 83.88 -95.66
C UNK D 950 71.35 82.58 -96.36
N UNK D 951 70.90 81.59 -95.62
CA UNK D 951 70.57 80.30 -96.18
C UNK D 951 69.08 80.03 -95.99
N UNK D 952 68.27 80.44 -96.96
CA UNK D 952 66.82 80.25 -96.89
C UNK D 952 66.50 78.81 -97.23
N UNK D 953 66.55 77.98 -96.19
CA UNK D 953 66.27 76.56 -96.33
C UNK D 953 64.84 76.34 -96.78
N UNK D 954 63.99 77.31 -96.48
CA UNK D 954 62.58 77.24 -96.85
C UNK D 954 61.99 75.97 -96.24
N UNK D 955 61.19 74.07 -92.51
CA UNK D 955 60.17 74.51 -91.56
C UNK D 955 60.91 75.22 -90.44
N UNK D 956 61.96 74.57 -89.94
CA UNK D 956 62.81 75.09 -88.88
C UNK D 956 64.07 74.26 -88.87
N UNK D 957 65.21 74.91 -88.77
CA UNK D 957 66.47 74.22 -88.73
C UNK D 957 66.56 73.57 -87.36
N UNK D 958 66.50 72.23 -87.32
CA UNK D 958 66.58 71.51 -86.06
C UNK D 958 67.92 71.89 -85.46
N UNK D 959 68.98 71.76 -86.26
CA UNK D 959 70.32 72.13 -85.83
C UNK D 959 71.29 72.04 -87.01
N UNK D 960 72.55 72.33 -86.75
CA UNK D 960 73.54 72.30 -87.81
C UNK D 960 74.91 72.12 -87.22
N UNK D 961 75.91 72.04 -88.08
CA UNK D 961 77.28 71.89 -87.63
C UNK D 961 78.25 72.19 -88.78
N UNK D 962 79.35 72.87 -88.46
CA UNK D 962 80.34 73.20 -89.46
C UNK D 962 80.78 71.93 -90.17
N UNK D 963 81.49 72.07 -91.28
CA UNK D 963 81.95 70.91 -92.02
C UNK D 963 83.33 71.20 -92.60
N UNK D 964 84.55 75.26 -95.55
CA UNK D 964 83.48 76.26 -95.63
C UNK D 964 82.12 75.65 -95.97
N UNK D 965 82.06 74.32 -96.01
CA UNK D 965 80.80 73.63 -96.28
C UNK D 965 80.12 73.44 -94.91
N UNK D 966 78.79 73.40 -94.86
CA UNK D 966 78.07 73.26 -93.59
C UNK D 966 76.84 72.36 -93.66
N UNK D 967 76.84 71.31 -92.85
CA UNK D 967 75.76 70.34 -92.80
C UNK D 967 74.56 70.87 -92.00
N UNK D 968 73.35 70.70 -92.52
CA UNK D 968 72.16 71.21 -91.86
C UNK D 968 70.94 70.31 -92.00
N UNK D 969 70.18 70.19 -90.91
CA UNK D 969 68.98 69.37 -90.89
C UNK D 969 67.84 70.11 -90.19
N UNK D 970 66.68 70.08 -90.82
CA UNK D 970 65.49 70.72 -90.27
C UNK D 970 64.62 69.57 -89.90
N UNK D 971 63.45 69.85 -89.33
CA UNK D 971 62.58 68.75 -89.00
C UNK D 971 61.50 68.59 -90.05
N UNK D 972 61.99 68.34 -91.26
CA UNK D 972 61.20 68.09 -92.46
C UNK D 972 61.85 66.91 -93.17
N UNK D 973 62.59 66.12 -92.40
CA UNK D 973 63.29 64.95 -92.92
C UNK D 973 64.44 65.30 -93.82
N UNK D 974 64.57 66.59 -94.10
CA UNK D 974 65.62 67.08 -94.97
C UNK D 974 66.94 67.38 -94.28
N UNK D 975 68.02 67.10 -95.00
CA UNK D 975 69.38 67.32 -94.55
C UNK D 975 70.06 67.98 -95.74
N UNK D 976 70.67 69.13 -95.55
CA UNK D 976 71.30 69.77 -96.68
C UNK D 976 72.79 70.00 -96.44
N UNK D 977 73.52 70.32 -97.51
CA UNK D 977 74.97 70.58 -97.45
C UNK D 977 75.31 71.95 -98.02
N UNK D 978 74.94 73.02 -97.32
CA UNK D 978 75.21 74.39 -97.78
C UNK D 978 76.68 74.72 -97.91
N UNK D 979 76.94 75.79 -98.66
CA UNK D 979 78.29 76.29 -98.88
C UNK D 979 78.26 77.70 -98.32
N UNK D 980 79.13 78.02 -97.38
CA UNK D 980 79.14 79.38 -96.86
C UNK D 980 79.87 80.20 -97.91
N UNK D 981 74.74 78.40 -101.14
CA UNK D 981 74.29 77.52 -102.21
C UNK D 981 74.14 76.08 -101.76
N UNK D 982 72.91 75.58 -101.86
CA UNK D 982 72.56 74.23 -101.48
C UNK D 982 73.16 73.21 -102.43
N UNK D 983 74.41 72.82 -102.16
CA UNK D 983 75.06 71.83 -102.99
C UNK D 983 74.24 70.54 -102.96
N UNK D 984 74.14 69.93 -101.78
CA UNK D 984 73.38 68.70 -101.62
C UNK D 984 72.07 68.92 -100.86
N UNK D 985 71.09 68.05 -101.12
CA UNK D 985 69.78 68.13 -100.48
C UNK D 985 69.13 66.75 -100.45
N UNK D 986 68.89 66.21 -99.25
CA UNK D 986 68.26 64.90 -99.09
C UNK D 986 66.95 65.00 -98.34
N UNK D 987 66.12 63.96 -98.47
CA UNK D 987 64.84 63.88 -97.76
C UNK D 987 64.91 62.48 -97.15
N UNK D 988 65.89 62.31 -96.25
CA UNK D 988 66.18 61.06 -95.57
C UNK D 988 65.21 60.56 -94.48
N UNK D 989 64.15 61.30 -94.19
CA UNK D 989 63.17 60.89 -93.19
C UNK D 989 61.86 61.60 -93.46
N UNK D 990 60.75 60.98 -93.10
CA UNK D 990 59.44 61.59 -93.34
C UNK D 990 58.97 62.36 -92.10
N UNK D 991 69.24 64.12 -84.35
CA UNK D 991 70.67 64.36 -84.45
C UNK D 991 71.27 63.51 -85.57
N UNK D 992 72.39 63.96 -86.12
CA UNK D 992 73.04 63.23 -87.20
C UNK D 992 74.47 63.73 -87.27
N UNK D 993 75.44 62.82 -87.38
CA UNK D 993 76.84 63.24 -87.42
C UNK D 993 77.57 62.71 -88.63
N UNK D 994 78.80 63.21 -88.81
CA UNK D 994 79.63 62.81 -89.93
C UNK D 994 80.63 61.77 -89.49
N UNK D 995 81.23 61.09 -90.47
CA UNK D 995 82.21 60.05 -90.20
C UNK D 995 83.57 60.66 -89.92
N UNK D 996 84.80 61.45 -94.86
CA UNK D 996 83.52 62.12 -94.78
C UNK D 996 82.65 61.32 -95.71
N UNK D 997 83.20 60.22 -96.20
CA UNK D 997 82.47 59.36 -97.11
C UNK D 997 81.10 59.08 -96.50
N UNK D 998 81.02 59.12 -95.18
CA UNK D 998 79.78 58.82 -94.49
C UNK D 998 79.29 59.93 -93.54
N UNK D 999 77.97 60.08 -93.44
CA UNK D 999 77.35 61.07 -92.56
C UNK D 999 75.91 60.59 -92.34
N UNK D 1000 75.65 60.01 -91.18
CA UNK D 1000 74.32 59.49 -90.93
C UNK D 1000 73.42 60.33 -90.07
N UNK D 1001 72.14 59.95 -90.09
CA UNK D 1001 71.07 60.63 -89.36
C UNK D 1001 70.44 59.77 -88.30
N UNK D 1002 69.41 60.33 -87.67
CA UNK D 1002 68.65 59.68 -86.61
C UNK D 1002 67.41 60.55 -86.52
N UNK D 1003 66.23 59.95 -86.52
CA UNK D 1003 65.04 60.79 -86.47
C UNK D 1003 63.76 60.03 -86.27
N UNK D 1004 64.23 55.34 -87.19
CA UNK D 1004 65.47 54.59 -87.20
C UNK D 1004 66.66 55.51 -87.40
N UNK D 1005 67.77 54.93 -87.85
CA UNK D 1005 68.99 55.69 -88.11
C UNK D 1005 69.53 55.39 -89.50
N UNK D 1006 68.97 56.05 -90.50
CA UNK D 1006 69.38 55.88 -91.89
C UNK D 1006 70.76 56.50 -92.09
N UNK D 1007 71.71 55.70 -92.57
CA UNK D 1007 73.07 56.14 -92.78
C UNK D 1007 73.43 56.22 -94.27
N UNK D 1008 74.08 57.31 -94.70
CA UNK D 1008 74.46 57.44 -96.11
C UNK D 1008 75.85 58.00 -96.44
N UNK D 1009 76.04 58.31 -97.73
CA UNK D 1009 77.34 58.80 -98.27
C UNK D 1009 77.42 60.18 -98.94
N UNK D 1010 72.06 54.38 -97.59
CA UNK D 1010 72.79 53.13 -97.78
C UNK D 1010 71.98 52.00 -97.16
N UNK D 1011 71.50 52.19 -95.94
CA UNK D 1011 70.66 51.18 -95.27
C UNK D 1011 69.91 51.65 -94.03
N UNK D 1012 68.60 51.39 -94.00
CA UNK D 1012 67.73 51.75 -92.90
C UNK D 1012 67.95 50.77 -91.72
N UNK D 1013 68.18 51.31 -90.53
CA UNK D 1013 68.43 50.52 -89.31
C UNK D 1013 67.26 50.58 -88.34
N UNK D 1014 66.16 49.90 -88.67
CA UNK D 1014 64.97 49.92 -87.82
C UNK D 1014 65.07 49.12 -86.53
N UNK D 1015 66.16 49.32 -85.78
CA UNK D 1015 66.34 48.61 -84.53
C UNK D 1015 65.56 49.15 -83.34
N UNK D 1016 65.84 50.40 -82.97
CA UNK D 1016 65.20 51.05 -81.82
C UNK D 1016 63.67 51.07 -81.85
N UNK D 1017 63.07 50.81 -80.68
CA UNK D 1017 61.62 50.82 -80.55
C UNK D 1017 61.16 52.15 -79.98
N UNK D 1018 62.81 55.26 -80.49
CA UNK D 1018 63.11 56.31 -81.47
C UNK D 1018 64.47 56.96 -81.23
N UNK D 1019 65.34 56.90 -82.23
CA UNK D 1019 66.68 57.44 -82.10
C UNK D 1019 66.68 58.93 -81.82
N UNK D 1020 67.70 59.38 -81.09
CA UNK D 1020 67.83 60.78 -80.73
C UNK D 1020 69.27 61.26 -80.82
N UNK D 1021 70.19 60.35 -81.08
CA UNK D 1021 71.60 60.73 -81.20
C UNK D 1021 72.41 59.59 -81.81
N UNK D 1022 73.66 59.86 -82.17
CA UNK D 1022 74.53 58.85 -82.75
C UNK D 1022 75.91 59.38 -83.06
N UNK D 1023 76.85 58.46 -83.26
CA UNK D 1023 78.22 58.84 -83.58
C UNK D 1023 78.94 57.72 -84.30
N UNK D 1024 79.97 58.09 -85.06
CA UNK D 1024 80.76 57.12 -85.81
C UNK D 1024 82.04 56.82 -85.07
N UNK D 1025 82.46 55.55 -85.08
CA UNK D 1025 83.70 55.16 -84.42
C UNK D 1025 84.78 55.93 -85.13
N UNK D 1026 85.77 56.41 -84.38
CA UNK D 1026 86.86 57.18 -84.98
C UNK D 1026 87.53 56.32 -86.06
N UNK D 1027 81.88 51.50 -86.88
CA UNK D 1027 80.65 51.44 -86.10
C UNK D 1027 79.93 52.76 -85.98
N UNK D 1028 78.63 52.66 -85.75
CA UNK D 1028 77.76 53.80 -85.60
C UNK D 1028 76.78 53.46 -84.48
N UNK D 1029 77.02 54.04 -83.30
CA UNK D 1029 76.16 53.82 -82.13
C UNK D 1029 75.01 54.83 -82.16
N UNK D 1030 73.82 54.35 -81.87
CA UNK D 1030 72.65 55.21 -81.89
C UNK D 1030 71.91 55.32 -80.55
N UNK D 1031 71.43 56.53 -80.27
CA UNK D 1031 70.73 56.79 -79.03
C UNK D 1031 69.22 56.64 -79.09
N UNK D 1032 68.71 55.77 -78.24
CA UNK D 1032 67.28 55.48 -78.16
C UNK D 1032 66.58 56.42 -77.19
N UNK D 1033 65.33 56.73 -77.51
CA UNK D 1033 64.51 57.61 -76.69
C UNK D 1033 64.12 56.88 -75.40
N UNK D 1034 64.38 55.57 -75.35
CA UNK D 1034 64.07 54.78 -74.17
C UNK D 1034 65.30 54.08 -73.62
N UNK D 1035 66.32 54.88 -73.34
CA UNK D 1035 67.54 54.34 -72.78
C UNK D 1035 68.20 53.20 -73.51
N UNK D 1036 67.66 52.83 -74.68
CA UNK D 1036 68.24 51.75 -75.46
C UNK D 1036 69.41 52.34 -76.25
N UNK D 1037 70.24 51.48 -76.80
CA UNK D 1037 71.38 51.96 -77.57
C UNK D 1037 71.83 50.66 -78.19
N UNK D 1038 71.76 50.62 -79.52
CA UNK D 1038 72.34 49.54 -80.31
C UNK D 1038 73.59 50.03 -81.03
N UNK D 1039 74.53 49.11 -81.21
CA UNK D 1039 75.75 49.44 -81.92
C UNK D 1039 75.53 48.84 -83.31
N UNK D 1040 75.88 49.58 -84.35
CA UNK D 1040 75.72 49.08 -85.71
C UNK D 1040 77.11 49.11 -86.36
N UNK D 1041 77.25 48.43 -87.50
CA UNK D 1041 78.54 48.38 -88.20
C UNK D 1041 78.57 49.06 -89.56
N UNK D 1042 75.55 44.64 -82.06
CA UNK D 1042 75.02 44.27 -80.75
C UNK D 1042 74.22 45.41 -80.14
N UNK D 1043 73.17 45.06 -79.40
CA UNK D 1043 72.32 46.06 -78.76
C UNK D 1043 72.51 46.25 -77.25
N UNK D 1044 73.73 46.57 -76.83
CA UNK D 1044 73.99 46.79 -75.41
C UNK D 1044 73.12 47.92 -74.91
N UNK D 1045 72.04 47.60 -74.20
CA UNK D 1045 71.13 48.64 -73.70
C UNK D 1045 70.18 48.24 -72.56
N UNK D 1046 70.71 48.07 -71.33
CA UNK D 1046 69.89 47.69 -70.17
C UNK D 1046 68.91 48.79 -69.73
N UNK D 1047 65.78 58.65 -71.72
CA UNK D 1047 66.47 59.16 -72.89
C UNK D 1047 67.94 58.76 -72.89
N UNK D 1048 68.61 59.03 -74.01
CA UNK D 1048 70.03 58.79 -74.23
C UNK D 1048 70.36 59.88 -75.22
N UNK D 1049 70.64 61.07 -74.71
CA UNK D 1049 70.90 62.21 -75.57
C UNK D 1049 72.31 62.38 -76.11
N UNK D 1050 73.13 61.34 -76.09
CA UNK D 1050 74.48 61.51 -76.59
C UNK D 1050 75.34 60.26 -76.50
N UNK D 1051 76.30 60.15 -77.41
CA UNK D 1051 77.25 59.03 -77.44
C UNK D 1051 78.57 59.54 -78.00
N UNK D 1052 79.59 58.72 -77.90
CA UNK D 1052 80.91 59.09 -78.40
C UNK D 1052 81.78 57.85 -78.24
N UNK D 1053 82.43 57.44 -79.31
CA UNK D 1053 83.39 56.36 -79.23
C UNK D 1053 84.69 56.96 -78.73
N UNK D 1054 85.59 56.09 -78.27
CA UNK D 1054 86.88 56.53 -77.76
C UNK D 1054 87.87 56.48 -78.92
N UNK D 1055 89.04 57.12 -78.77
CA UNK D 1055 89.94 57.01 -79.92
C UNK D 1055 90.12 55.52 -80.24
N UNK D 1056 90.59 54.77 -79.24
CA UNK D 1056 90.82 53.33 -79.36
C UNK D 1056 89.68 52.55 -80.04
N UNK D 1057 88.53 53.19 -80.23
CA UNK D 1057 87.38 52.55 -80.86
C UNK D 1057 86.88 51.33 -80.09
N UNK D 1058 87.05 51.34 -78.77
CA UNK D 1058 86.63 50.22 -77.93
C UNK D 1058 85.63 50.60 -76.83
N UNK D 1059 85.85 51.75 -76.19
CA UNK D 1059 84.99 52.24 -75.12
C UNK D 1059 84.00 53.27 -75.65
N UNK D 1060 82.72 53.02 -75.44
CA UNK D 1060 81.68 53.95 -75.87
C UNK D 1060 81.11 54.66 -74.64
N UNK D 1061 81.18 55.99 -74.63
CA UNK D 1061 80.65 56.78 -73.51
C UNK D 1061 79.21 57.20 -73.84
N UNK D 1062 78.34 57.11 -72.85
CA UNK D 1062 76.93 57.44 -73.02
C UNK D 1062 76.43 58.47 -72.01
N UNK D 1063 75.41 59.24 -72.38
CA UNK D 1063 74.85 60.26 -71.50
C UNK D 1063 73.37 60.45 -71.74
N UNK D 1064 72.09 59.95 -66.89
CA UNK D 1064 73.40 59.95 -66.25
C UNK D 1064 74.42 59.41 -67.23
N UNK D 1065 75.70 59.56 -66.90
CA UNK D 1065 76.77 59.06 -67.75
C UNK D 1065 76.88 57.55 -67.56
N UNK D 1066 77.46 56.84 -68.52
CA UNK D 1066 77.56 55.38 -68.42
C UNK D 1066 78.48 54.91 -69.52
N UNK D 1067 79.60 54.30 -69.15
CA UNK D 1067 80.57 53.78 -70.13
C UNK D 1067 80.28 52.34 -70.50
N UNK D 1068 80.71 51.92 -71.70
CA UNK D 1068 80.49 50.55 -72.16
C UNK D 1068 81.71 49.87 -72.77
N UNK D 1069 81.50 48.64 -73.22
CA UNK D 1069 82.54 47.81 -73.83
C UNK D 1069 82.10 47.33 -75.20
N UNK D 1070 82.80 47.76 -76.25
CA UNK D 1070 82.47 47.36 -77.62
C UNK D 1070 82.38 45.84 -77.74
N UNK D 1071 76.76 58.86 -61.56
CA UNK D 1071 75.40 59.27 -61.36
C UNK D 1071 75.49 60.75 -60.97
N UNK D 1072 74.85 61.59 -61.75
CA UNK D 1072 74.84 63.00 -61.48
C UNK D 1072 73.59 63.28 -60.68
N UNK D 1073 73.66 64.22 -59.74
CA UNK D 1073 72.50 64.58 -58.92
C UNK D 1073 71.26 64.71 -59.83
N UNK D 1074 71.41 65.48 -60.90
CA UNK D 1074 70.32 65.67 -61.82
C UNK D 1074 70.35 64.72 -63.00
N UNK D 1075 69.33 64.84 -63.85
CA UNK D 1075 69.24 63.99 -65.02
C UNK D 1075 69.08 64.82 -66.28
N UNK D 1076 68.57 64.16 -67.31
CA UNK D 1076 68.33 64.79 -68.60
C UNK D 1076 69.50 65.62 -69.04
N UNK D 1077 70.64 64.95 -69.21
CA UNK D 1077 71.82 65.65 -69.67
C UNK D 1077 71.62 65.81 -71.17
N UNK D 1078 72.49 66.56 -71.82
CA UNK D 1078 72.42 66.71 -73.27
C UNK D 1078 73.53 66.17 -74.16
N UNK D 1079 74.64 66.90 -74.22
CA UNK D 1079 75.79 66.48 -75.03
C UNK D 1079 77.00 66.42 -74.12
N UNK D 1080 77.58 65.24 -73.99
CA UNK D 1080 78.64 65.03 -73.02
C UNK D 1080 79.88 65.48 -73.78
N UNK D 1081 80.72 66.29 -73.16
CA UNK D 1081 81.93 66.74 -73.86
C UNK D 1081 83.15 65.94 -73.50
N UNK D 1082 83.43 64.89 -74.28
CA UNK D 1082 84.62 64.07 -74.03
C UNK D 1082 85.77 64.89 -74.61
N UNK D 1083 87.00 64.46 -74.38
CA UNK D 1083 88.13 65.22 -74.91
C UNK D 1083 89.05 64.31 -75.74
N UNK D 1084 90.18 64.85 -76.21
CA UNK D 1084 91.10 64.03 -77.01
C UNK D 1084 91.54 62.77 -76.25
N UNK D 1085 92.25 62.99 -75.14
CA UNK D 1085 92.74 61.91 -74.30
C UNK D 1085 91.66 60.99 -73.74
N UNK D 1086 90.39 61.37 -73.89
CA UNK D 1086 89.26 60.59 -73.37
C UNK D 1086 89.45 60.43 -71.86
N UNK D 1087 90.09 61.42 -71.27
CA UNK D 1087 90.43 61.43 -69.85
C UNK D 1087 89.90 62.67 -69.15
N UNK D 1088 88.88 63.30 -69.74
CA UNK D 1088 88.27 64.52 -69.18
C UNK D 1088 86.86 64.60 -69.74
N UNK D 1089 85.89 64.93 -68.91
CA UNK D 1089 84.51 65.04 -69.38
C UNK D 1089 83.84 66.25 -68.75
N UNK D 1090 82.92 66.86 -69.49
CA UNK D 1090 82.20 68.02 -68.98
C UNK D 1090 80.74 67.92 -69.37
N UNK D 1091 79.87 68.23 -68.41
CA UNK D 1091 78.44 68.19 -68.69
C UNK D 1091 77.69 69.03 -67.68
N UNK D 1092 76.38 69.10 -67.85
CA UNK D 1092 75.55 69.91 -66.97
C UNK D 1092 74.16 69.31 -66.87
N UNK D 1093 73.74 68.99 -65.65
CA UNK D 1093 72.41 68.40 -65.43
C UNK D 1093 71.36 69.45 -65.23
N UNK D 1094 70.09 69.07 -65.33
CA UNK D 1094 69.01 70.04 -65.15
C UNK D 1094 68.97 70.65 -63.76
N UNK D 1095 69.95 70.32 -62.94
CA UNK D 1095 70.02 70.92 -61.63
C UNK D 1095 71.00 72.07 -61.75
N UNK D 1096 71.47 72.31 -62.98
CA UNK D 1096 72.38 73.40 -63.24
C UNK D 1096 73.74 73.20 -62.62
N UNK D 1097 74.08 71.95 -62.37
CA UNK D 1097 75.35 71.63 -61.78
C UNK D 1097 76.37 71.36 -62.88
N UNK D 1098 77.53 72.00 -62.78
CA UNK D 1098 78.59 71.84 -63.78
C UNK D 1098 79.58 70.71 -63.46
N UNK D 1099 79.41 69.57 -64.12
CA UNK D 1099 80.31 68.45 -63.87
C UNK D 1099 81.52 68.44 -64.81
N UNK D 1100 82.71 68.60 -64.24
CA UNK D 1100 83.95 68.54 -65.00
C UNK D 1100 84.71 67.33 -64.43
N UNK D 1101 84.41 66.16 -64.96
CA UNK D 1101 85.03 64.92 -64.50
C UNK D 1101 86.38 64.69 -65.20
N UNK D 1102 87.21 63.82 -64.63
CA UNK D 1102 88.53 63.57 -65.21
C UNK D 1102 89.23 62.34 -64.61
N TYR E 10 4.82 38.38 30.41
CA TYR E 10 6.00 38.92 29.75
C TYR E 10 6.40 40.22 30.42
N GLN E 11 6.96 41.16 29.66
CA GLN E 11 7.42 42.41 30.25
C GLN E 11 7.18 43.60 29.34
N TYR E 12 6.74 44.72 29.92
CA TYR E 12 6.53 45.93 29.16
C TYR E 12 7.74 46.48 28.46
N LYS E 13 8.87 46.46 29.14
CA LYS E 13 10.06 47.04 28.56
C LYS E 13 10.52 46.30 27.30
N ASP E 14 10.50 44.98 27.33
CA ASP E 14 10.88 44.21 26.16
C ASP E 14 9.94 44.43 24.98
N ILE E 15 8.66 44.52 25.28
CA ILE E 15 7.66 44.59 24.23
C ILE E 15 7.91 45.82 23.40
N LEU E 16 8.35 46.90 24.02
CA LEU E 16 8.29 48.23 23.43
C LEU E 16 9.03 48.32 22.14
N SER E 17 10.22 47.82 22.16
CA SER E 17 11.15 47.96 21.03
C SER E 17 10.55 47.46 19.73
N VAL E 18 9.66 46.46 19.86
CA VAL E 18 9.00 45.85 18.73
C VAL E 18 8.38 46.88 17.78
N PHE E 19 7.44 47.67 18.28
CA PHE E 19 6.74 48.61 17.42
C PHE E 19 7.37 49.99 17.54
N GLU E 20 8.69 50.02 17.50
CA GLU E 20 9.42 51.29 17.41
C GLU E 20 9.23 51.84 16.01
N ASP E 21 9.13 50.97 15.01
CA ASP E 21 8.83 51.36 13.62
C ASP E 21 7.70 52.38 13.55
N ALA E 22 6.66 52.15 14.35
CA ALA E 22 5.51 53.04 14.43
C ALA E 22 5.84 54.33 15.18
N PHE E 23 6.50 54.19 16.33
CA PHE E 23 6.82 55.32 17.19
C PHE E 23 7.55 56.48 16.47
N VAL E 24 8.26 56.15 15.39
CA VAL E 24 8.90 57.16 14.55
C VAL E 24 7.88 57.80 13.64
N ASP E 25 6.97 56.96 13.17
CA ASP E 25 5.96 57.40 12.24
C ASP E 25 5.06 58.48 12.80
N ASN E 26 4.52 58.33 14.01
CA ASN E 26 3.71 59.41 14.56
C ASN E 26 4.07 60.07 15.90
N PHE E 27 4.67 59.34 16.83
CA PHE E 27 4.96 59.91 18.13
C PHE E 27 6.00 60.97 17.95
N ASP E 28 5.86 62.07 18.69
CA ASP E 28 6.99 62.97 18.92
C ASP E 28 7.15 63.39 20.36
N CYS E 29 8.35 63.18 20.91
CA CYS E 29 8.62 63.67 22.27
C CYS E 29 8.66 65.18 22.43
N LYS E 30 9.40 65.82 21.53
CA LYS E 30 9.74 67.24 21.67
C LYS E 30 8.53 68.05 22.07
N ASP E 31 7.47 67.92 21.29
CA ASP E 31 6.21 68.55 21.66
C ASP E 31 5.74 67.86 22.93
N VAL E 32 5.99 66.56 22.93
CA VAL E 32 5.21 65.58 23.65
C VAL E 32 5.65 65.34 25.09
N GLN E 33 5.52 66.36 25.94
CA GLN E 33 5.93 66.17 27.33
C GLN E 33 5.27 67.00 28.40
N ASP E 34 4.42 66.37 29.19
CA ASP E 34 4.29 66.56 30.62
C ASP E 34 5.63 66.06 31.17
N MET E 35 6.10 64.96 30.58
CA MET E 35 7.33 64.31 31.00
C MET E 35 7.42 63.94 32.46
N PRO E 36 6.37 63.14 32.96
CA PRO E 36 6.34 63.09 34.43
C PRO E 36 7.61 62.52 35.00
N LYS E 37 8.10 63.24 35.97
CA LYS E 37 9.50 63.37 36.29
C LYS E 37 10.08 62.02 36.61
N SER E 38 9.32 61.20 37.30
CA SER E 38 9.79 59.86 37.63
C SER E 38 9.84 58.81 36.49
N ILE E 39 8.79 58.68 35.67
CA ILE E 39 8.91 57.85 34.48
C ILE E 39 10.13 58.24 33.62
N LEU E 40 10.21 59.51 33.23
CA LEU E 40 11.37 60.02 32.51
C LEU E 40 12.00 61.21 33.23
N SER E 41 13.33 61.25 33.27
CA SER E 41 14.05 62.36 33.90
C SER E 41 13.67 63.67 33.24
N LYS E 42 14.16 64.79 33.77
CA LYS E 42 13.75 66.09 33.25
C LYS E 42 14.79 66.56 32.23
N GLU E 43 16.04 66.17 32.46
CA GLU E 43 17.11 66.39 31.48
C GLU E 43 16.90 65.51 30.26
N GLU E 44 16.71 64.22 30.52
CA GLU E 44 16.56 63.23 29.46
C GLU E 44 15.38 63.54 28.56
N ILE E 45 14.30 63.99 29.17
CA ILE E 45 13.27 64.65 28.46
C ILE E 45 13.93 65.88 27.88
N ASP E 46 14.82 66.44 28.68
CA ASP E 46 15.53 67.62 28.25
C ASP E 46 16.35 67.20 27.04
N HIS E 47 17.05 66.09 27.17
CA HIS E 47 17.96 65.69 26.14
C HIS E 47 17.28 65.38 24.82
N ILE E 48 16.24 64.57 24.90
CA ILE E 48 15.75 63.93 23.71
C ILE E 48 15.27 64.89 22.65
N ILE E 49 14.43 65.84 23.03
CA ILE E 49 13.71 66.67 22.07
C ILE E 49 14.67 67.51 21.25
N MET E 50 15.87 67.63 21.79
CA MET E 50 16.89 68.44 21.16
C MET E 50 17.81 67.65 20.26
N SER E 51 17.60 66.34 20.15
CA SER E 51 18.33 65.55 19.16
C SER E 51 17.76 65.84 17.78
N LYS E 52 18.55 65.57 16.74
CA LYS E 52 18.30 66.15 15.44
C LYS E 52 16.97 65.79 14.77
N ASP E 53 16.60 64.52 14.80
CA ASP E 53 15.62 64.00 13.85
C ASP E 53 14.41 63.33 14.45
N ALA E 54 13.73 62.51 13.65
CA ALA E 54 12.75 61.62 14.23
C ALA E 54 13.30 60.22 14.52
N VAL E 55 14.07 59.67 13.60
CA VAL E 55 14.52 58.30 13.76
C VAL E 55 15.44 58.12 14.95
N SER E 56 16.06 59.21 15.37
CA SER E 56 17.06 59.25 16.41
C SER E 56 16.38 59.56 17.74
N GLY E 57 15.39 60.42 17.69
CA GLY E 57 14.64 60.72 18.89
C GLY E 57 13.96 59.46 19.35
N THR E 58 13.37 58.72 18.45
CA THR E 58 12.68 57.59 18.99
C THR E 58 13.78 56.95 19.81
N LEU E 59 14.96 56.82 19.23
CA LEU E 59 15.98 55.96 19.79
C LEU E 59 16.46 56.34 21.17
N ARG E 60 16.58 57.63 21.43
CA ARG E 60 16.84 58.02 22.80
C ARG E 60 15.66 57.66 23.67
N LEU E 61 14.44 57.95 23.21
CA LEU E 61 13.31 57.71 24.09
C LEU E 61 13.25 56.24 24.47
N PHE E 62 13.25 55.37 23.46
CA PHE E 62 13.17 53.94 23.69
C PHE E 62 14.42 53.45 24.40
N TRP E 63 15.51 54.19 24.27
CA TRP E 63 16.73 53.76 24.96
C TRP E 63 16.68 54.04 26.45
N THR E 64 16.69 55.32 26.81
CA THR E 64 16.72 55.75 28.20
C THR E 64 15.61 55.11 29.04
N LEU E 65 14.44 55.00 28.43
CA LEU E 65 13.26 54.51 29.13
C LEU E 65 13.31 53.00 29.40
N LEU E 66 14.06 52.32 28.56
CA LEU E 66 14.48 50.94 28.80
C LEU E 66 15.38 50.85 30.02
N SER E 67 16.14 51.91 30.25
CA SER E 67 17.13 51.95 31.32
C SER E 67 16.49 51.87 32.70
N LYS E 68 15.36 52.55 32.82
CA LYS E 68 14.65 52.68 34.08
C LYS E 68 13.96 51.39 34.49
N GLN E 69 13.63 51.28 35.77
CA GLN E 69 13.06 50.06 36.32
C GLN E 69 11.75 49.77 35.63
N GLU E 70 11.48 48.49 35.46
CA GLU E 70 10.43 47.99 34.59
C GLU E 70 9.02 48.43 34.96
N GLU E 71 8.87 48.92 36.18
CA GLU E 71 7.54 49.26 36.71
C GLU E 71 7.03 50.62 36.25
N MET E 72 7.93 51.59 36.07
CA MET E 72 7.49 52.92 35.74
C MET E 72 7.07 53.00 34.28
N VAL E 73 7.83 52.36 33.42
CA VAL E 73 7.51 52.49 32.01
C VAL E 73 6.01 52.45 31.95
N GLN E 74 5.42 51.52 32.69
CA GLN E 74 3.98 51.36 32.72
C GLN E 74 3.32 52.73 32.87
N LYS E 75 3.98 53.61 33.60
CA LYS E 75 3.50 54.96 33.76
C LYS E 75 3.42 55.54 32.37
N PHE E 76 4.48 55.26 31.64
CA PHE E 76 4.65 55.79 30.31
C PHE E 76 3.70 55.10 29.37
N VAL E 77 3.72 53.79 29.45
CA VAL E 77 2.96 52.95 28.56
C VAL E 77 1.48 53.20 28.74
N GLU E 78 1.06 53.46 29.97
CA GLU E 78 -0.36 53.50 30.23
C GLU E 78 -0.94 54.88 30.42
N GLU E 79 -0.77 55.40 31.62
CA GLU E 79 -1.39 56.66 31.92
C GLU E 79 -0.87 57.81 31.10
N VAL E 80 0.45 57.87 30.93
CA VAL E 80 1.05 58.94 30.15
C VAL E 80 0.61 58.92 28.68
N LEU E 81 1.08 57.92 27.98
CA LEU E 81 1.08 57.95 26.53
C LEU E 81 -0.35 58.00 26.05
N ARG E 82 -1.22 57.51 26.91
CA ARG E 82 -2.65 57.55 26.72
C ARG E 82 -3.20 58.98 26.72
N ILE E 83 -2.61 59.84 27.51
CA ILE E 83 -3.21 61.15 27.74
C ILE E 83 -3.34 61.98 26.46
N ASN E 84 -2.33 61.93 25.61
CA ASN E 84 -2.43 62.57 24.31
C ASN E 84 -2.48 61.53 23.21
N TYR E 85 -2.55 60.26 23.58
CA TYR E 85 -2.46 59.20 22.59
C TYR E 85 -3.45 58.12 22.88
N LYS E 86 -3.97 57.56 21.77
CA LYS E 86 -4.78 56.34 21.72
C LYS E 86 -4.27 55.23 20.80
N PHE E 87 -4.19 55.60 19.52
CA PHE E 87 -3.81 54.68 18.46
C PHE E 87 -2.63 53.87 18.92
N LEU E 88 -1.61 54.56 19.42
CA LEU E 88 -0.52 53.87 20.00
C LEU E 88 -0.72 52.91 21.18
N MET E 89 -1.23 53.42 22.30
CA MET E 89 -1.31 52.66 23.54
C MET E 89 -1.78 51.22 23.36
N SER E 90 -2.86 51.06 22.59
CA SER E 90 -3.48 49.79 22.40
C SER E 90 -2.50 48.87 21.72
N PRO E 91 -1.84 49.42 20.61
CA PRO E 91 -0.89 48.50 19.99
C PRO E 91 0.12 47.90 20.93
N ILE E 92 0.73 48.64 21.83
CA ILE E 92 1.62 47.97 22.77
C ILE E 92 0.83 47.06 23.68
N LYS E 93 -0.23 47.61 24.26
CA LYS E 93 -1.00 46.94 25.30
C LYS E 93 -1.51 45.58 24.84
N THR E 94 -1.77 45.47 23.53
CA THR E 94 -2.27 44.25 22.97
C THR E 94 -1.12 43.30 22.95
N GLU E 95 0.05 43.85 23.24
CA GLU E 95 1.29 43.09 23.25
C GLU E 95 1.66 42.47 24.60
N GLN E 96 1.51 43.25 25.63
CA GLN E 96 2.05 42.79 26.85
C GLN E 96 1.34 41.46 27.02
N ARG E 97 0.04 41.40 26.81
CA ARG E 97 -0.57 40.09 26.72
C ARG E 97 -0.27 39.31 25.44
N GLN E 98 -0.42 39.95 24.30
CA GLN E 98 -0.51 39.21 23.04
C GLN E 98 0.72 38.49 22.51
N PRO E 99 1.87 39.13 22.57
CA PRO E 99 3.12 38.51 22.20
C PRO E 99 3.13 37.78 20.84
N SER E 100 2.79 38.47 19.76
CA SER E 100 2.64 37.85 18.46
C SER E 100 3.89 37.10 18.13
N MET E 101 3.79 35.96 17.49
CA MET E 101 4.88 35.02 17.54
C MET E 101 6.18 35.58 17.00
N MET E 102 6.16 36.21 15.84
CA MET E 102 7.40 36.87 15.47
C MET E 102 8.00 37.66 16.65
N THR E 103 7.15 38.35 17.40
CA THR E 103 7.59 39.15 18.53
C THR E 103 8.33 38.30 19.56
N ARG E 104 7.69 37.27 20.07
CA ARG E 104 8.36 36.48 21.04
C ARG E 104 9.55 35.92 20.36
N MET E 105 9.45 35.56 19.10
CA MET E 105 10.63 34.94 18.60
C MET E 105 11.78 35.91 18.74
N TYR E 106 11.57 37.19 18.52
CA TYR E 106 12.69 38.12 18.66
C TYR E 106 13.19 38.16 20.09
N ILE E 107 12.29 38.34 21.04
CA ILE E 107 12.74 38.59 22.39
C ILE E 107 13.48 37.38 22.81
N GLU E 108 12.97 36.23 22.39
CA GLU E 108 13.55 34.99 22.78
C GLU E 108 14.97 35.01 22.29
N GLN E 109 15.13 35.41 21.05
CA GLN E 109 16.47 35.51 20.55
C GLN E 109 17.14 36.62 21.29
N ARG E 110 16.49 37.75 21.46
CA ARG E 110 17.32 38.87 21.84
C ARG E 110 18.03 38.54 23.13
N ASP E 111 17.34 37.95 24.09
CA ASP E 111 17.99 37.65 25.36
C ASP E 111 19.14 36.72 25.10
N ARG E 112 18.99 35.84 24.13
CA ARG E 112 20.04 34.91 23.90
C ARG E 112 21.26 35.76 23.67
N LEU E 113 21.02 36.90 23.04
CA LEU E 113 22.10 37.81 22.69
C LEU E 113 22.79 38.43 23.89
N TYR E 114 22.00 38.93 24.83
CA TYR E 114 22.58 39.62 25.96
C TYR E 114 23.31 38.61 26.74
N ASN E 115 22.58 37.56 27.03
CA ASN E 115 22.88 36.60 28.04
C ASN E 115 24.21 35.98 27.71
N ASP E 116 24.38 35.61 26.46
CA ASP E 116 25.66 35.08 26.08
C ASP E 116 26.70 36.13 26.19
N ASN E 117 26.34 37.35 25.81
CA ASN E 117 27.26 38.48 25.91
C ASN E 117 27.65 38.91 27.31
N GLN E 118 26.72 38.78 28.25
CA GLN E 118 27.02 39.00 29.66
C GLN E 118 27.29 40.45 30.04
N VAL E 119 28.54 40.90 29.87
CA VAL E 119 28.97 42.16 30.42
C VAL E 119 28.17 43.21 29.73
N PHE E 120 27.97 43.02 28.45
CA PHE E 120 27.37 44.05 27.67
C PHE E 120 25.99 44.35 28.25
N ALA E 121 25.18 43.35 28.56
CA ALA E 121 23.85 43.69 29.04
C ALA E 121 23.80 44.75 30.15
N LYS E 122 24.91 44.98 30.85
CA LYS E 122 24.93 45.96 31.92
C LYS E 122 25.65 47.23 31.55
N TYR E 123 26.88 47.09 31.07
CA TYR E 123 27.73 48.23 30.82
C TYR E 123 27.42 48.88 29.47
N ASN E 124 26.73 48.21 28.57
CA ASN E 124 26.73 48.78 27.24
C ASN E 124 26.02 50.09 27.35
N VAL E 125 26.51 51.10 26.63
CA VAL E 125 25.76 52.33 26.39
C VAL E 125 25.64 52.64 24.91
N SER E 126 24.43 52.85 24.44
CA SER E 126 24.17 53.01 23.02
C SER E 126 24.69 54.33 22.46
N ARG E 127 25.54 54.25 21.45
CA ARG E 127 26.03 55.45 20.80
C ARG E 127 25.21 55.71 19.58
N LEU E 128 24.45 56.79 19.62
CA LEU E 128 23.49 57.06 18.59
C LEU E 128 24.12 57.28 17.25
N GLN E 129 25.22 58.00 17.24
CA GLN E 129 25.75 58.38 15.96
C GLN E 129 26.24 57.22 15.17
N PRO E 130 26.92 56.29 15.83
CA PRO E 130 27.59 55.18 15.16
C PRO E 130 26.64 54.01 14.96
N TYR E 131 25.52 54.01 15.68
CA TYR E 131 24.59 52.91 15.52
C TYR E 131 23.75 53.25 14.35
N LEU E 132 23.26 54.47 14.34
CA LEU E 132 22.28 54.85 13.37
C LEU E 132 22.96 54.73 12.05
N LYS E 133 24.25 54.94 12.08
CA LYS E 133 25.05 54.90 10.85
C LYS E 133 25.21 53.46 10.38
N LEU E 134 25.36 52.56 11.34
CA LEU E 134 25.48 51.15 11.04
C LEU E 134 24.19 50.52 10.59
N ARG E 135 23.13 50.82 11.32
CA ARG E 135 21.89 50.11 11.14
C ARG E 135 21.40 50.31 9.72
N GLN E 136 21.68 51.46 9.16
CA GLN E 136 21.20 51.69 7.83
C GLN E 136 21.80 50.64 6.95
N ALA E 137 23.05 50.27 7.21
CA ALA E 137 23.68 49.29 6.36
C ALA E 137 22.94 47.96 6.43
N LEU E 138 22.58 47.52 7.62
CA LEU E 138 22.02 46.18 7.77
C LEU E 138 20.71 45.96 7.07
N LEU E 139 19.87 46.97 7.03
CA LEU E 139 18.67 46.89 6.24
C LEU E 139 18.93 46.74 4.73
N GLU E 140 19.96 47.40 4.20
CA GLU E 140 20.23 47.35 2.76
C GLU E 140 20.96 46.09 2.37
N LEU E 141 22.01 45.77 3.14
CA LEU E 141 22.93 44.66 2.88
C LEU E 141 22.27 43.40 2.28
N ARG E 142 22.78 42.99 1.13
CA ARG E 142 22.14 41.98 0.28
C ARG E 142 22.59 40.57 0.68
N PRO E 143 21.97 39.50 0.12
CA PRO E 143 22.29 38.23 0.78
C PRO E 143 23.73 37.78 0.57
N ALA E 144 24.50 38.51 -0.23
CA ALA E 144 25.89 38.11 -0.49
C ALA E 144 26.90 39.25 -0.25
N LYS E 145 26.40 40.48 -0.09
CA LYS E 145 27.25 41.60 0.28
C LYS E 145 27.69 41.49 1.74
N ASN E 146 28.47 42.44 2.22
CA ASN E 146 28.85 42.47 3.64
C ASN E 146 29.33 43.82 4.17
N VAL E 147 28.73 44.24 5.27
CA VAL E 147 28.96 45.58 5.82
C VAL E 147 30.01 45.56 6.90
N LEU E 148 31.17 46.13 6.60
CA LEU E 148 32.29 46.10 7.51
C LEU E 148 32.43 47.32 8.42
N ILE E 149 32.81 47.05 9.67
CA ILE E 149 33.11 48.08 10.67
C ILE E 149 34.57 47.96 11.10
N ASP E 150 35.23 49.09 11.32
CA ASP E 150 36.58 49.03 11.86
C ASP E 150 36.90 50.28 12.65
N GLY E 151 37.44 50.09 13.84
CA GLY E 151 37.87 51.22 14.65
C GLY E 151 39.19 50.90 15.31
N VAL E 152 39.76 51.88 15.98
CA VAL E 152 41.06 51.69 16.56
C VAL E 152 40.71 50.72 17.64
N LEU E 153 41.69 50.03 18.20
CA LEU E 153 41.36 48.92 19.04
C LEU E 153 40.53 49.45 20.19
N GLY E 154 39.64 48.64 20.73
CA GLY E 154 38.78 49.11 21.79
C GLY E 154 37.93 50.29 21.39
N SER E 155 37.50 50.27 20.15
CA SER E 155 36.44 51.15 19.76
C SER E 155 35.12 50.40 19.93
N GLY E 156 35.20 49.26 20.57
CA GLY E 156 34.02 48.55 20.96
C GLY E 156 33.21 48.49 19.70
N LYS E 157 33.81 48.02 18.61
CA LYS E 157 33.04 47.88 17.41
C LYS E 157 31.94 46.89 17.72
N THR E 158 32.30 45.82 18.38
CA THR E 158 31.44 44.68 18.47
C THR E 158 30.17 45.12 19.15
N TRP E 159 30.37 45.77 20.26
CA TRP E 159 29.30 46.28 21.11
C TRP E 159 28.28 47.08 20.33
N VAL E 160 28.72 47.81 19.32
CA VAL E 160 27.79 48.51 18.44
C VAL E 160 27.01 47.48 17.62
N ALA E 161 27.79 46.58 17.01
CA ALA E 161 27.25 45.48 16.23
C ALA E 161 26.22 44.74 17.07
N LEU E 162 26.60 44.39 18.28
CA LEU E 162 25.72 43.69 19.20
C LEU E 162 24.44 44.46 19.42
N ASP E 163 24.54 45.78 19.36
CA ASP E 163 23.42 46.63 19.69
C ASP E 163 22.47 46.78 18.51
N VAL E 164 23.03 47.00 17.32
CA VAL E 164 22.17 47.10 16.14
C VAL E 164 21.56 45.74 15.83
N CYS E 165 22.32 44.69 16.10
CA CYS E 165 21.83 43.34 15.94
C CYS E 165 20.72 43.07 16.95
N LEU E 166 20.73 43.79 18.07
CA LEU E 166 19.68 43.71 19.08
C LEU E 166 18.36 44.37 18.61
N SER E 167 18.49 45.39 17.80
CA SER E 167 17.34 46.14 17.33
C SER E 167 16.35 45.26 16.60
N TYR E 168 15.09 45.33 16.98
CA TYR E 168 14.15 44.46 16.39
C TYR E 168 14.22 44.71 14.91
N LYS E 169 14.39 45.95 14.51
CA LYS E 169 14.43 46.24 13.11
C LYS E 169 15.58 45.49 12.48
N VAL E 170 16.72 45.46 13.15
CA VAL E 170 17.83 44.75 12.55
C VAL E 170 17.48 43.32 12.48
N GLN E 171 16.89 42.80 13.54
CA GLN E 171 16.71 41.37 13.62
C GLN E 171 15.75 40.79 12.63
N CYS E 172 14.62 41.44 12.42
CA CYS E 172 13.63 40.87 11.54
C CYS E 172 14.27 40.74 10.18
N LYS E 173 15.08 41.71 9.81
CA LYS E 173 15.68 41.72 8.50
C LYS E 173 16.67 40.59 8.45
N MET E 174 16.93 40.00 9.58
CA MET E 174 17.86 38.90 9.65
C MET E 174 17.18 37.64 10.15
N ASP E 175 15.91 37.77 10.44
CA ASP E 175 15.08 36.65 10.79
C ASP E 175 15.64 35.89 11.95
N PHE E 176 16.34 36.61 12.79
CA PHE E 176 16.68 36.12 14.09
C PHE E 176 17.74 35.08 14.01
N LYS E 177 18.46 35.07 12.91
CA LYS E 177 19.54 34.09 12.84
C LYS E 177 20.82 34.84 12.62
N ILE E 178 21.53 35.13 13.71
CA ILE E 178 22.72 35.97 13.63
C ILE E 178 23.91 35.28 14.26
N PHE E 179 24.49 34.33 13.56
CA PHE E 179 25.53 33.48 14.12
C PHE E 179 26.83 34.24 14.42
N TRP E 180 27.05 34.57 15.69
CA TRP E 180 28.26 35.25 16.13
C TRP E 180 29.46 34.33 16.07
N LEU E 181 30.62 34.88 15.73
CA LEU E 181 31.86 34.11 15.68
C LEU E 181 33.08 35.00 15.91
N ASN E 182 33.59 35.05 17.13
CA ASN E 182 34.79 35.85 17.38
C ASN E 182 36.01 35.16 16.78
N LEU E 183 36.57 35.78 15.74
CA LEU E 183 37.72 35.19 15.06
C LEU E 183 39.04 35.54 15.75
N LYS E 184 39.11 35.30 17.06
CA LYS E 184 40.39 35.37 17.75
C LYS E 184 41.15 34.08 17.49
N ASN E 185 42.46 34.19 17.31
CA ASN E 185 43.28 33.05 16.92
C ASN E 185 42.69 32.48 15.63
N CYS E 186 42.78 33.26 14.55
CA CYS E 186 42.13 32.90 13.30
C CYS E 186 43.01 33.17 12.09
N ASN E 187 44.33 33.13 12.29
CA ASN E 187 45.28 33.24 11.20
C ASN E 187 46.08 31.95 11.08
N SER E 188 45.36 30.87 10.84
CA SER E 188 45.95 29.56 10.55
C SER E 188 44.94 28.95 9.63
N PRO E 189 45.33 27.90 8.93
CA PRO E 189 44.38 27.19 8.10
C PRO E 189 43.44 26.41 8.97
N GLU E 190 44.01 25.68 9.90
CA GLU E 190 43.26 24.69 10.63
C GLU E 190 42.20 25.29 11.52
N THR E 191 42.54 26.39 12.18
CA THR E 191 41.70 26.89 13.25
C THR E 191 40.34 27.17 12.66
N VAL E 192 40.32 27.62 11.43
CA VAL E 192 39.06 27.88 10.79
C VAL E 192 38.29 26.58 10.77
N LEU E 193 39.03 25.49 10.68
CA LEU E 193 38.39 24.19 10.78
C LEU E 193 37.74 24.06 12.14
N GLU E 194 38.38 24.59 13.16
CA GLU E 194 37.72 24.72 14.44
C GLU E 194 36.54 25.69 14.37
N MET E 195 36.72 26.77 13.63
CA MET E 195 35.71 27.82 13.55
C MET E 195 34.55 27.43 12.66
N LEU E 196 34.86 27.00 11.44
CA LEU E 196 33.84 26.52 10.52
C LEU E 196 33.08 25.36 11.16
N GLN E 197 33.80 24.55 11.93
CA GLN E 197 33.16 23.50 12.70
C GLN E 197 32.12 24.13 13.60
N LYS E 198 32.51 25.20 14.29
CA LYS E 198 31.61 25.84 15.25
C LYS E 198 30.43 26.53 14.60
N LEU E 199 30.63 27.07 13.40
CA LEU E 199 29.54 27.69 12.67
C LEU E 199 28.53 26.61 12.30
N LEU E 200 29.04 25.54 11.70
CA LEU E 200 28.22 24.40 11.35
C LEU E 200 27.44 23.93 12.59
N TYR E 201 28.11 23.87 13.73
CA TYR E 201 27.42 23.50 14.97
C TYR E 201 26.31 24.49 15.34
N GLN E 202 26.55 25.78 15.16
CA GLN E 202 25.50 26.79 15.37
C GLN E 202 24.28 26.44 14.52
N ILE E 203 24.54 26.33 13.22
CA ILE E 203 23.52 26.02 12.24
C ILE E 203 22.68 24.78 12.61
N ASP E 204 23.35 23.66 12.90
CA ASP E 204 22.67 22.40 13.18
C ASP E 204 23.67 21.34 13.63
N PRO E 205 23.30 20.57 14.66
CA PRO E 205 24.19 19.55 15.21
C PRO E 205 24.25 18.29 14.34
N ASN E 206 24.75 18.43 13.12
CA ASN E 206 24.84 17.33 12.17
C ASN E 206 26.08 17.46 11.30
N TRP E 207 26.79 16.34 11.12
CA TRP E 207 27.73 16.23 10.02
C TRP E 207 28.19 14.81 9.73
N THR E 208 28.24 14.48 8.44
CA THR E 208 28.84 13.24 7.96
C THR E 208 30.36 13.42 7.87
N SER E 209 31.04 13.22 8.99
CA SER E 209 32.48 13.49 9.06
C SER E 209 33.33 12.34 8.54
N ARG E 210 32.74 11.48 7.72
CA ARG E 210 33.48 10.40 7.07
C ARG E 210 34.27 10.93 5.89
N SER E 211 33.87 12.11 5.43
CA SER E 211 34.54 12.80 4.34
C SER E 211 35.90 13.32 4.81
N ASP E 212 36.18 13.23 6.10
CA ASP E 212 37.43 13.77 6.63
C ASP E 212 38.62 13.00 6.08
N HIS E 213 39.47 13.72 5.35
CA HIS E 213 40.69 13.16 4.81
C HIS E 213 41.85 13.97 5.33
N SER E 214 42.55 13.42 6.31
CA SER E 214 43.61 14.14 7.01
C SER E 214 44.82 14.38 6.11
N SER E 215 44.70 14.09 4.82
CA SER E 215 45.73 14.44 3.85
C SER E 215 45.99 15.94 3.91
N ASN E 216 44.90 16.70 4.04
CA ASN E 216 44.99 18.13 4.28
C ASN E 216 43.95 18.63 5.27
N ILE E 217 44.41 19.47 6.18
CA ILE E 217 43.55 20.25 7.05
C ILE E 217 43.05 21.40 6.17
N LYS E 218 43.68 21.54 5.02
CA LYS E 218 43.41 22.63 4.06
C LYS E 218 42.49 22.22 2.91
N LEU E 219 42.37 20.92 2.70
CA LEU E 219 41.48 20.37 1.69
C LEU E 219 40.14 20.10 2.34
N ARG E 220 40.19 19.51 3.53
CA ARG E 220 38.99 19.22 4.30
C ARG E 220 38.23 20.52 4.61
N ILE E 221 38.96 21.63 4.64
CA ILE E 221 38.36 22.93 4.92
C ILE E 221 37.43 23.38 3.81
N HIS E 222 37.62 22.84 2.62
CA HIS E 222 36.75 23.25 1.52
C HIS E 222 35.48 22.44 1.65
N SER E 223 35.60 21.25 2.22
CA SER E 223 34.42 20.41 2.41
C SER E 223 33.45 21.05 3.41
N ILE E 224 33.97 21.70 4.44
CA ILE E 224 33.09 22.22 5.48
C ILE E 224 32.39 23.46 4.94
N GLN E 225 33.11 24.23 4.11
CA GLN E 225 32.52 25.38 3.45
C GLN E 225 31.50 24.88 2.44
N ALA E 226 31.87 23.81 1.76
CA ALA E 226 31.01 23.16 0.78
C ALA E 226 29.69 22.78 1.40
N GLU E 227 29.75 22.12 2.55
CA GLU E 227 28.54 21.77 3.28
C GLU E 227 27.85 23.02 3.77
N LEU E 228 28.62 23.91 4.41
CA LEU E 228 28.07 25.13 4.97
C LEU E 228 27.36 25.98 3.92
N ARG E 229 27.87 25.93 2.69
CA ARG E 229 27.23 26.65 1.59
C ARG E 229 25.85 26.08 1.30
N ARG E 230 25.80 24.78 1.00
CA ARG E 230 24.54 24.08 0.74
C ARG E 230 23.50 24.33 1.81
N LEU E 231 23.93 24.31 3.06
CA LEU E 231 23.00 24.37 4.18
C LEU E 231 22.42 25.76 4.33
N LEU E 232 23.20 26.78 4.01
CA LEU E 232 22.75 28.14 4.26
C LEU E 232 21.68 28.61 3.26
N LYS E 233 21.97 28.62 1.96
CA LYS E 233 20.91 28.95 1.00
C LYS E 233 19.88 27.82 1.01
N SER E 234 19.20 27.83 2.14
CA SER E 234 18.09 27.01 2.47
C SER E 234 17.08 27.97 3.07
N LYS E 235 15.80 27.81 2.82
CA LYS E 235 14.98 29.00 2.86
C LYS E 235 15.04 29.69 4.19
N PRO E 236 14.88 28.96 5.28
CA PRO E 236 14.79 29.58 6.59
C PRO E 236 16.07 30.32 6.83
N TYR E 237 17.16 29.77 6.35
CA TYR E 237 18.46 30.32 6.63
C TYR E 237 18.92 31.32 5.61
N GLU E 238 18.08 31.55 4.60
CA GLU E 238 18.46 32.28 3.40
C GLU E 238 19.39 33.43 3.73
N ASN E 239 18.87 34.36 4.53
CA ASN E 239 19.64 35.51 4.92
C ASN E 239 19.86 35.48 6.39
N CYS E 240 21.12 35.46 6.82
CA CYS E 240 21.40 35.76 8.20
C CYS E 240 22.73 36.41 8.28
N LEU E 241 22.82 37.51 9.00
CA LEU E 241 24.07 38.22 9.11
C LEU E 241 24.98 37.32 9.87
N LEU E 242 26.18 37.04 9.43
CA LEU E 242 26.99 36.26 10.31
C LEU E 242 27.96 37.32 10.48
N VAL E 243 28.25 37.72 11.72
CA VAL E 243 29.16 38.83 11.93
C VAL E 243 30.42 38.28 12.50
N LEU E 244 31.54 38.64 11.95
CA LEU E 244 32.80 38.21 12.49
C LEU E 244 33.53 39.28 13.24
N LEU E 245 33.92 39.00 14.46
CA LEU E 245 34.48 40.02 15.29
C LEU E 245 35.99 39.87 15.37
N ASN E 246 36.72 40.94 15.06
CA ASN E 246 38.19 40.95 15.11
C ASN E 246 38.88 40.35 13.92
N VAL E 247 38.08 40.05 12.94
CA VAL E 247 38.62 39.31 11.80
C VAL E 247 40.10 39.61 11.68
N GLN E 248 40.91 38.59 11.91
CA GLN E 248 42.36 38.80 12.01
C GLN E 248 42.93 39.38 10.75
N ASN E 249 42.90 38.62 9.66
CA ASN E 249 43.43 39.14 8.42
C ASN E 249 42.51 38.92 7.24
N ALA E 250 43.02 39.28 6.06
CA ALA E 250 42.31 39.05 4.83
C ALA E 250 42.11 37.56 4.63
N LYS E 251 43.16 36.79 4.88
CA LYS E 251 43.16 35.37 4.56
C LYS E 251 42.04 34.60 5.27
N ALA E 252 41.73 34.99 6.50
CA ALA E 252 40.70 34.30 7.28
C ALA E 252 39.34 34.54 6.64
N TRP E 253 39.10 35.79 6.24
CA TRP E 253 37.83 36.23 5.68
C TRP E 253 37.50 35.51 4.38
N ASN E 254 38.54 35.13 3.65
CA ASN E 254 38.39 34.40 2.39
C ASN E 254 37.62 33.11 2.60
N ALA E 255 37.93 32.42 3.69
CA ALA E 255 37.27 31.16 4.00
C ALA E 255 35.85 31.40 4.50
N PHE E 256 35.56 32.58 5.00
CA PHE E 256 34.24 32.70 5.58
C PHE E 256 33.17 33.23 4.68
N ASN E 257 33.55 33.86 3.59
CA ASN E 257 32.51 34.41 2.74
C ASN E 257 31.72 33.23 2.18
N LEU E 258 30.43 33.22 2.47
CA LEU E 258 29.62 32.06 2.14
C LEU E 258 28.45 32.46 1.27
N SER E 259 28.62 33.51 0.47
CA SER E 259 27.48 34.20 -0.13
C SER E 259 26.48 34.49 0.99
N CYS E 260 27.04 34.98 2.09
CA CYS E 260 26.31 35.22 3.33
C CYS E 260 26.11 36.71 3.54
N LYS E 261 25.01 37.12 4.14
CA LYS E 261 24.85 38.55 4.45
C LYS E 261 25.70 38.93 5.63
N ILE E 262 26.97 38.53 5.64
CA ILE E 262 27.82 38.78 6.81
C ILE E 262 28.09 40.27 7.03
N LEU E 263 28.72 40.56 8.16
CA LEU E 263 29.17 41.91 8.50
C LEU E 263 30.27 41.69 9.52
N LEU E 264 31.39 42.34 9.38
CA LEU E 264 32.45 41.98 10.27
C LEU E 264 33.03 43.16 10.96
N THR E 265 33.68 42.90 12.07
CA THR E 265 34.36 43.96 12.77
C THR E 265 35.85 43.91 12.46
N THR E 266 36.27 44.80 11.59
CA THR E 266 37.62 44.86 11.13
C THR E 266 38.38 45.28 12.34
N ARG E 267 39.70 45.15 12.32
CA ARG E 267 40.51 45.62 13.44
C ARG E 267 41.74 46.35 12.90
N PHE E 268 42.27 45.80 11.82
CA PHE E 268 43.41 46.33 11.10
C PHE E 268 43.05 47.21 9.92
N LYS E 269 44.04 47.92 9.45
CA LYS E 269 43.89 48.64 8.22
C LYS E 269 44.29 47.69 7.13
N GLN E 270 44.74 46.50 7.49
CA GLN E 270 45.09 45.62 6.38
C GLN E 270 43.79 44.97 5.88
N VAL E 271 42.86 44.80 6.81
CA VAL E 271 41.58 44.16 6.52
C VAL E 271 40.62 45.16 5.90
N THR E 272 40.41 46.28 6.58
CA THR E 272 39.53 47.33 6.05
C THR E 272 40.10 47.85 4.75
N ASP E 273 41.39 47.63 4.55
CA ASP E 273 42.06 47.98 3.30
C ASP E 273 41.58 47.06 2.19
N PHE E 274 41.27 45.83 2.56
CA PHE E 274 41.06 44.76 1.59
C PHE E 274 39.64 44.72 1.07
N LEU E 275 38.63 44.62 1.92
CA LEU E 275 37.30 44.66 1.31
C LEU E 275 37.00 46.06 0.72
N SER E 276 36.58 46.10 -0.53
CA SER E 276 36.59 47.34 -1.28
C SER E 276 35.19 47.77 -1.56
N ALA E 277 34.99 49.07 -1.49
CA ALA E 277 33.77 49.65 -1.06
C ALA E 277 32.66 49.13 -1.91
N ALA E 278 32.94 48.87 -3.18
CA ALA E 278 31.86 48.54 -4.09
C ALA E 278 31.14 47.32 -3.58
N THR E 279 31.88 46.29 -3.16
CA THR E 279 31.23 45.15 -2.55
C THR E 279 30.57 45.45 -1.19
N THR E 280 31.23 46.21 -0.32
CA THR E 280 30.86 46.31 1.08
C THR E 280 31.05 47.73 1.58
N THR E 281 30.33 48.17 2.61
CA THR E 281 30.28 49.58 2.96
C THR E 281 31.11 49.74 4.21
N HIS E 282 31.72 50.88 4.37
CA HIS E 282 32.82 50.89 5.29
C HIS E 282 32.48 51.83 6.38
N ILE E 283 32.39 51.30 7.59
CA ILE E 283 31.96 52.09 8.69
C ILE E 283 33.18 52.22 9.52
N SER E 284 33.38 53.34 10.16
CA SER E 284 34.59 53.40 10.91
C SER E 284 34.46 54.00 12.26
N LEU E 285 35.60 54.28 12.86
CA LEU E 285 35.60 54.93 14.14
C LEU E 285 36.90 55.69 14.35
N ASP E 286 37.59 55.90 13.26
CA ASP E 286 38.62 56.89 13.22
C ASP E 286 37.81 58.12 12.89
N HIS E 287 36.75 58.37 13.62
CA HIS E 287 35.92 59.44 13.14
C HIS E 287 35.45 60.48 14.13
N HIS E 288 35.34 61.71 13.67
CA HIS E 288 34.85 62.74 14.54
C HIS E 288 33.42 62.37 14.92
N SER E 289 32.61 61.98 13.94
CA SER E 289 31.26 61.49 14.22
C SER E 289 31.15 60.13 14.89
N MET E 290 31.85 59.14 14.32
CA MET E 290 31.78 57.77 14.81
C MET E 290 32.10 57.69 16.29
N THR E 291 33.09 58.47 16.72
CA THR E 291 33.49 58.46 18.10
C THR E 291 32.50 59.25 18.91
N LEU E 292 32.60 59.11 20.22
CA LEU E 292 31.63 59.64 21.16
C LEU E 292 31.60 61.16 21.35
N THR E 293 30.40 61.70 21.38
CA THR E 293 30.18 63.08 21.75
C THR E 293 30.52 63.12 23.22
N PRO E 294 31.07 64.22 23.72
CA PRO E 294 31.75 64.05 25.02
C PRO E 294 30.81 63.35 25.95
N ASP E 295 29.53 63.65 25.85
CA ASP E 295 28.64 63.22 26.90
C ASP E 295 28.67 61.73 27.00
N GLU E 296 28.61 61.04 25.87
CA GLU E 296 28.61 59.61 25.99
C GLU E 296 29.52 59.29 27.15
N VAL E 297 30.61 60.01 27.18
CA VAL E 297 31.70 59.62 28.03
C VAL E 297 31.32 59.65 29.48
N LYS E 298 30.52 60.61 29.90
CA LYS E 298 30.21 60.60 31.32
C LYS E 298 29.12 59.58 31.61
N SER E 299 28.24 59.37 30.64
CA SER E 299 27.17 58.39 30.81
C SER E 299 27.74 56.98 30.75
N LEU E 300 28.84 56.81 30.01
CA LEU E 300 29.52 55.53 29.96
C LEU E 300 30.24 55.26 31.27
N LEU E 301 30.96 56.26 31.76
CA LEU E 301 31.66 56.14 33.03
C LEU E 301 30.69 55.84 34.16
N LEU E 302 29.43 56.24 33.96
CA LEU E 302 28.39 55.99 34.95
C LEU E 302 28.01 54.53 35.14
N LYS E 303 27.91 53.81 34.02
CA LYS E 303 27.45 52.42 34.05
C LYS E 303 28.24 51.59 35.06
N TYR E 304 29.55 51.76 35.09
CA TYR E 304 30.39 51.07 36.06
C TYR E 304 30.37 51.79 37.39
N LEU E 305 30.30 53.12 37.33
CA LEU E 305 30.40 53.99 38.51
C LEU E 305 29.17 53.96 39.40
N ASP E 306 28.00 53.96 38.76
CA ASP E 306 26.70 53.82 39.44
C ASP E 306 26.38 54.95 40.43
N CYS E 307 26.45 56.20 39.96
CA CYS E 307 26.00 57.37 40.72
C CYS E 307 26.00 58.64 39.86
N ARG E 308 24.87 59.34 39.82
CA ARG E 308 24.69 60.52 38.95
C ARG E 308 25.39 61.77 39.46
N PRO E 309 25.56 61.87 40.78
CA PRO E 309 26.17 63.04 41.38
C PRO E 309 27.68 63.05 41.15
N GLN E 310 28.34 61.97 41.55
CA GLN E 310 29.79 61.87 41.45
C GLN E 310 30.27 61.90 39.99
N ASP E 311 29.32 61.73 39.07
CA ASP E 311 29.56 61.85 37.64
C ASP E 311 30.29 63.15 37.31
N LEU E 312 29.80 64.24 37.88
CA LEU E 312 30.40 65.55 37.67
C LEU E 312 31.78 65.62 38.32
N PRO E 313 31.99 64.64 39.20
CA PRO E 313 33.24 64.45 39.90
C PRO E 313 34.40 64.19 38.93
N ARG E 314 34.18 63.48 37.85
CA ARG E 314 35.31 63.22 36.96
C ARG E 314 35.34 64.09 35.70
N GLU E 315 36.46 64.77 35.47
CA GLU E 315 36.78 65.42 34.19
C GLU E 315 38.29 65.64 34.03
N VAL E 316 38.81 65.83 32.81
CA VAL E 316 38.15 65.46 31.57
C VAL E 316 39.12 64.68 30.66
N LEU E 317 38.73 63.50 30.20
CA LEU E 317 39.50 62.78 29.19
C LEU E 317 38.70 61.70 28.47
N THR E 318 39.20 61.24 27.33
CA THR E 318 38.46 60.50 26.30
C THR E 318 39.42 59.57 25.58
N THR E 319 39.02 58.89 24.49
CA THR E 319 37.66 58.74 23.98
C THR E 319 37.39 57.25 23.77
N ASN E 320 38.47 56.50 24.01
CA ASN E 320 38.59 55.10 23.68
C ASN E 320 37.99 54.31 24.78
N PRO E 321 36.94 53.60 24.46
CA PRO E 321 36.13 53.00 25.49
C PRO E 321 37.04 52.13 26.31
N ARG E 322 37.95 51.43 25.64
CA ARG E 322 38.88 50.53 26.32
C ARG E 322 39.59 51.24 27.48
N ARG E 323 40.02 52.47 27.24
CA ARG E 323 40.70 53.24 28.27
C ARG E 323 39.74 53.62 29.38
N LEU E 324 38.53 53.88 28.95
CA LEU E 324 37.43 54.44 29.73
C LEU E 324 36.75 53.36 30.56
N SER E 325 36.61 52.16 29.99
CA SER E 325 35.98 51.05 30.67
C SER E 325 36.91 50.46 31.74
N ILE E 326 38.18 50.33 31.39
CA ILE E 326 39.18 49.78 32.31
C ILE E 326 39.54 50.81 33.38
N ILE E 327 39.35 52.08 33.06
CA ILE E 327 39.54 53.14 34.04
C ILE E 327 38.36 53.19 35.01
N ALA E 328 37.16 53.23 34.46
CA ALA E 328 35.95 53.41 35.26
C ALA E 328 35.74 52.25 36.25
N GLU E 329 36.23 51.07 35.89
CA GLU E 329 36.17 49.93 36.79
C GLU E 329 37.27 50.05 37.85
N SER E 330 38.42 50.57 37.46
CA SER E 330 39.55 50.76 38.36
C SER E 330 39.24 51.72 39.49
N ILE E 331 38.65 52.85 39.12
CA ILE E 331 38.23 53.86 40.06
C ILE E 331 37.15 53.31 40.98
N ARG E 332 36.13 52.70 40.37
CA ARG E 332 35.00 52.17 41.14
C ARG E 332 35.45 51.06 42.07
N ASP E 333 36.45 50.30 41.66
CA ASP E 333 36.96 49.21 42.48
C ASP E 333 38.47 49.26 42.59
N ALA E 336 40.46 55.11 43.47
CA ALA E 336 40.81 56.51 43.70
C ALA E 336 40.99 57.22 42.37
N THR E 337 40.15 58.22 42.11
CA THR E 337 40.01 58.84 40.79
C THR E 337 41.29 59.45 40.22
N TRP E 338 42.24 59.82 41.07
CA TRP E 338 43.45 60.50 40.60
C TRP E 338 44.64 59.57 40.44
N ASP E 339 44.97 58.82 41.48
CA ASP E 339 46.03 57.82 41.38
C ASP E 339 45.71 56.84 40.26
N ASN E 340 44.47 56.35 40.25
CA ASN E 340 44.07 55.31 39.30
C ASN E 340 43.86 55.82 37.86
N TRP E 341 43.75 57.13 37.69
CA TRP E 341 43.57 57.68 36.35
C TRP E 341 44.85 57.55 35.53
N LYS E 342 45.98 57.47 36.22
CA LYS E 342 47.27 57.40 35.56
C LYS E 342 48.15 56.24 36.03
N HIS E 343 48.60 56.29 37.28
CA HIS E 343 49.59 55.32 37.78
C HIS E 343 49.04 53.90 37.89
N VAL E 344 47.77 53.75 38.26
CA VAL E 344 47.18 52.42 38.28
C VAL E 344 46.92 51.95 36.85
N ASN E 345 46.52 50.69 36.69
CA ASN E 345 46.40 50.05 35.38
C ASN E 345 47.71 50.08 34.61
N CYS E 346 48.81 50.23 35.34
CA CYS E 346 50.13 50.08 34.76
C CYS E 346 50.40 48.60 34.59
N ASP E 347 49.52 47.79 35.20
CA ASP E 347 49.58 46.35 35.07
C ASP E 347 48.34 45.82 34.33
N LYS E 348 47.55 46.73 33.75
CA LYS E 348 46.34 46.34 33.06
C LYS E 348 46.25 46.86 31.62
N LEU E 349 45.85 48.11 31.45
CA LEU E 349 45.29 48.50 30.19
C LEU E 349 46.26 48.25 29.08
N THR E 350 47.52 48.59 29.33
CA THR E 350 48.60 48.44 28.36
C THR E 350 48.87 46.99 28.03
N THR E 351 48.79 46.14 29.05
CA THR E 351 48.96 44.70 28.86
C THR E 351 48.12 44.27 27.67
N ILE E 352 46.81 44.46 27.77
CA ILE E 352 45.92 44.22 26.65
C ILE E 352 46.31 45.16 25.51
N ILE E 353 46.98 46.26 25.89
CA ILE E 353 47.48 47.22 24.92
C ILE E 353 48.71 46.65 24.22
N GLU E 354 49.67 46.18 25.01
CA GLU E 354 50.84 45.55 24.44
C GLU E 354 50.39 44.32 23.70
N SER E 355 49.51 43.57 24.36
CA SER E 355 49.08 42.26 23.89
C SER E 355 48.75 42.29 22.41
N SER E 356 48.01 43.31 22.00
CA SER E 356 47.64 43.45 20.61
C SER E 356 48.88 43.72 19.77
N LEU E 357 49.90 44.28 20.40
CA LEU E 357 51.13 44.57 19.69
C LEU E 357 51.69 43.25 19.17
N ASN E 358 51.17 42.13 19.66
CA ASN E 358 51.77 40.84 19.39
C ASN E 358 51.81 40.42 17.92
N VAL E 359 50.95 40.99 17.11
CA VAL E 359 50.94 40.63 15.71
C VAL E 359 52.27 40.93 15.02
N LEU E 360 52.90 42.04 15.35
CA LEU E 360 54.07 42.53 14.61
C LEU E 360 55.37 41.75 14.79
N GLU E 361 56.29 41.90 13.83
CA GLU E 361 57.60 41.25 13.85
C GLU E 361 58.64 41.94 14.76
N PRO E 362 59.29 41.20 15.66
CA PRO E 362 60.10 41.89 16.67
C PRO E 362 61.44 42.40 16.15
N ALA E 363 62.03 41.70 15.18
CA ALA E 363 63.35 42.02 14.67
C ALA E 363 63.38 43.38 13.98
N GLU E 364 62.32 43.70 13.27
CA GLU E 364 62.30 44.94 12.50
C GLU E 364 61.16 45.87 12.87
N TYR E 365 59.98 45.31 13.12
CA TYR E 365 58.79 46.11 13.42
C TYR E 365 58.81 46.62 14.86
N ARG E 366 58.78 45.70 15.81
CA ARG E 366 58.64 46.02 17.22
C ARG E 366 59.72 46.94 17.77
N LYS E 367 60.98 46.63 17.45
CA LYS E 367 62.11 47.44 17.90
C LYS E 367 62.06 48.86 17.33
N MET E 368 61.88 48.97 16.02
CA MET E 368 61.82 50.26 15.34
C MET E 368 60.76 51.14 15.97
N PHE E 369 59.71 50.47 16.46
CA PHE E 369 58.54 51.13 17.02
C PHE E 369 58.82 51.75 18.39
N ASP E 370 59.38 50.93 19.28
CA ASP E 370 59.78 51.35 20.63
C ASP E 370 60.59 52.64 20.60
N ARG E 371 61.34 52.83 19.52
CA ARG E 371 62.19 54.00 19.35
C ARG E 371 61.41 55.32 19.33
N LEU E 372 60.11 55.27 19.06
CA LEU E 372 59.29 56.47 18.92
C LEU E 372 59.23 57.26 20.22
N SER E 373 59.51 56.59 21.34
CA SER E 373 59.42 57.18 22.68
C SER E 373 60.04 58.58 22.78
N VAL E 374 61.07 58.83 21.96
CA VAL E 374 61.78 60.11 22.01
C VAL E 374 60.95 61.26 21.43
N PHE E 375 59.95 60.91 20.63
CA PHE E 375 59.11 61.91 20.01
C PHE E 375 58.10 62.47 21.00
N PRO E 376 57.13 63.20 20.46
CA PRO E 376 56.07 63.84 21.24
C PRO E 376 54.88 62.91 21.34
N PRO E 377 54.24 62.92 22.58
CA PRO E 377 53.23 61.85 22.71
C PRO E 377 52.17 62.04 21.67
N SER E 378 51.82 63.29 21.41
CA SER E 378 50.78 63.53 20.43
C SER E 378 51.38 64.43 19.39
N ALA E 379 52.25 63.86 18.58
CA ALA E 379 52.97 64.67 17.61
C ALA E 379 53.20 63.92 16.29
N HIS E 380 53.97 64.53 15.40
CA HIS E 380 54.22 63.96 14.06
C HIS E 380 55.70 63.63 13.89
N ILE E 381 56.06 63.11 12.71
CA ILE E 381 57.44 62.77 12.42
C ILE E 381 57.70 62.65 10.90
N PRO E 382 58.69 63.41 10.41
CA PRO E 382 59.09 63.42 9.00
C PRO E 382 59.79 62.14 8.57
N THR E 383 59.90 61.94 7.26
CA THR E 383 60.52 60.74 6.70
C THR E 383 62.00 60.66 7.05
N ILE E 384 62.72 61.76 6.85
CA ILE E 384 64.16 61.80 7.05
C ILE E 384 64.56 61.51 8.49
N LEU E 385 63.79 62.02 9.45
CA LEU E 385 64.09 61.85 10.86
C LEU E 385 63.84 60.42 11.32
N LEU E 386 62.85 59.78 10.71
CA LEU E 386 62.49 58.41 11.05
C LEU E 386 63.55 57.42 10.55
N SER E 387 64.25 57.83 9.51
CA SER E 387 65.29 57.02 8.89
C SER E 387 66.41 56.68 9.86
N LEU E 388 67.03 57.73 10.39
CA LEU E 388 68.20 57.62 11.24
C LEU E 388 67.95 56.73 12.46
N ILE E 389 66.74 56.80 12.99
CA ILE E 389 66.40 56.06 14.21
C ILE E 389 65.90 54.66 13.87
N SER E 396 64.82 53.28 0.56
CA SER E 396 63.36 53.23 0.66
C SER E 396 62.92 52.22 1.71
N ASP E 397 63.89 51.68 2.44
CA ASP E 397 63.64 50.66 3.46
C ASP E 397 62.68 51.18 4.53
N VAL E 398 63.01 52.33 5.10
CA VAL E 398 62.21 52.91 6.19
C VAL E 398 60.78 53.22 5.75
N MET E 399 60.60 53.61 4.50
CA MET E 399 59.29 54.01 4.00
C MET E 399 58.35 52.82 3.91
N VAL E 400 58.91 51.65 3.63
CA VAL E 400 58.13 50.42 3.50
C VAL E 400 57.85 49.80 4.86
N VAL E 401 58.87 49.78 5.71
CA VAL E 401 58.77 49.19 7.04
C VAL E 401 57.70 49.87 7.88
N VAL E 402 57.56 51.18 7.72
CA VAL E 402 56.53 51.93 8.42
C VAL E 402 55.18 51.78 7.72
N ASN E 403 55.23 51.53 6.41
CA ASN E 403 54.00 51.36 5.66
C ASN E 403 53.30 50.11 6.13
N LYS E 404 54.08 49.09 6.49
CA LYS E 404 53.52 47.85 7.02
C LYS E 404 53.14 48.06 8.48
N LEU E 405 53.87 48.96 9.14
CA LEU E 405 53.57 49.35 10.51
C LEU E 405 52.26 50.15 10.55
N HIS E 406 52.01 50.81 9.44
CA HIS E 406 50.76 51.45 9.15
C HIS E 406 49.65 50.44 9.04
N LYS E 407 49.99 49.35 8.37
CA LYS E 407 49.05 48.43 7.84
C LYS E 407 48.31 47.86 8.99
N TYR E 408 49.08 47.42 9.98
CA TYR E 408 48.52 46.84 11.17
C TYR E 408 47.70 47.83 11.95
N SER E 409 48.22 49.03 12.16
CA SER E 409 47.49 50.07 12.86
C SER E 409 48.34 51.25 13.28
N LEU E 410 49.55 50.95 13.71
CA LEU E 410 50.28 51.80 14.62
C LEU E 410 50.67 53.23 14.23
N VAL E 411 51.15 53.46 13.03
CA VAL E 411 51.83 54.72 12.83
C VAL E 411 50.98 55.20 11.69
N GLU E 412 49.92 55.90 12.02
CA GLU E 412 49.05 56.45 10.98
C GLU E 412 49.97 57.24 10.04
N LYS E 413 50.17 56.70 8.83
CA LYS E 413 50.85 57.45 7.79
C LYS E 413 49.88 58.48 7.23
N GLN E 414 50.42 59.58 6.71
CA GLN E 414 49.59 60.66 6.20
C GLN E 414 50.33 61.39 5.07
N PRO E 415 49.57 62.04 4.17
CA PRO E 415 50.15 62.82 3.08
C PRO E 415 51.04 63.97 3.57
N SER E 418 55.16 64.54 3.40
CA SER E 418 55.08 63.09 3.51
C SER E 418 55.27 62.66 4.97
N THR E 419 54.98 63.58 5.88
CA THR E 419 55.17 63.34 7.30
C THR E 419 54.25 62.24 7.84
N ILE E 420 54.53 61.78 9.06
CA ILE E 420 53.73 60.72 9.68
C ILE E 420 53.24 61.15 11.05
N SER E 421 51.94 60.97 11.30
CA SER E 421 51.36 61.26 12.62
C SER E 421 50.92 59.98 13.31
N ILE E 422 51.35 59.82 14.56
CA ILE E 422 51.19 58.58 15.28
C ILE E 422 50.24 58.79 16.47
N PRO E 423 49.16 57.96 16.59
CA PRO E 423 48.10 58.12 17.61
C PRO E 423 48.40 57.59 19.03
N SER E 424 48.30 58.50 19.98
CA SER E 424 48.80 58.37 21.36
C SER E 424 48.58 57.07 22.16
N ILE E 425 47.42 56.44 21.98
CA ILE E 425 46.98 55.38 22.90
C ILE E 425 48.01 54.26 23.11
N TYR E 426 48.63 53.76 22.04
CA TYR E 426 49.70 52.78 22.25
C TYR E 426 51.04 53.50 22.17
N LEU E 427 50.99 54.80 21.87
CA LEU E 427 52.19 55.61 21.72
C LEU E 427 52.73 56.04 23.07
N GLU E 428 52.01 56.94 23.72
CA GLU E 428 52.52 57.59 24.93
C GLU E 428 52.63 56.64 26.13
N LEU E 429 51.56 55.90 26.38
CA LEU E 429 51.46 55.06 27.56
C LEU E 429 52.39 53.87 27.51
N LYS E 430 52.14 53.00 26.54
CA LYS E 430 52.79 51.70 26.45
C LYS E 430 54.32 51.71 26.41
N VAL E 431 54.90 52.50 25.50
CA VAL E 431 56.35 52.42 25.26
C VAL E 431 57.20 53.15 26.29
N LYS E 432 56.61 54.12 26.98
CA LYS E 432 57.33 54.91 27.97
C LYS E 432 57.76 54.02 29.13
N LEU E 433 56.88 53.09 29.51
CA LEU E 433 57.14 52.17 30.60
C LEU E 433 58.34 51.26 30.30
N GLU E 434 58.28 50.58 29.16
CA GLU E 434 59.36 49.66 28.78
C GLU E 434 60.37 50.32 27.85
N ASN E 435 61.55 50.62 28.39
CA ASN E 435 62.62 51.20 27.59
C ASN E 435 64.00 50.84 28.11
N GLU E 436 64.88 50.45 27.20
CA GLU E 436 66.29 50.26 27.50
C GLU E 436 66.99 51.56 27.12
N TYR E 437 68.22 51.78 27.61
CA TYR E 437 68.88 53.03 27.28
C TYR E 437 69.54 52.98 25.91
N ALA E 438 68.71 52.87 24.88
CA ALA E 438 69.14 53.15 23.52
C ALA E 438 68.91 54.63 23.27
N LEU E 439 68.38 55.32 24.28
CA LEU E 439 68.03 56.73 24.19
C LEU E 439 69.24 57.60 23.88
N HIS E 440 70.37 57.26 24.49
CA HIS E 440 71.63 57.97 24.27
C HIS E 440 71.92 58.11 22.79
N ARG E 441 71.76 57.02 22.06
CA ARG E 441 71.98 57.02 20.62
C ARG E 441 70.86 57.77 19.90
N SER E 442 69.63 57.57 20.35
CA SER E 442 68.47 58.20 19.73
C SER E 442 68.50 59.71 19.91
N ILE E 443 68.90 60.16 21.10
CA ILE E 443 68.88 61.59 21.40
C ILE E 443 70.13 62.30 20.86
N VAL E 444 71.25 61.58 20.76
CA VAL E 444 72.44 62.16 20.19
C VAL E 444 72.28 62.20 18.68
N ASP E 445 71.41 61.35 18.16
CA ASP E 445 71.05 61.37 16.76
C ASP E 445 70.30 62.66 16.48
N HIS E 446 69.53 63.10 17.46
CA HIS E 446 68.75 64.32 17.34
C HIS E 446 69.63 65.56 17.43
N TYR E 447 70.85 65.39 17.92
CA TYR E 447 71.83 66.47 17.80
C TYR E 447 72.38 66.45 16.38
N ASN E 448 72.55 65.24 15.86
CA ASN E 448 73.21 65.04 14.57
C ASN E 448 72.42 65.61 13.39
N ILE E 449 71.10 65.59 13.45
CA ILE E 449 70.35 65.97 12.26
C ILE E 449 70.24 67.50 12.07
N PRO E 450 70.00 68.29 13.15
CA PRO E 450 70.11 69.71 12.80
C PRO E 450 71.56 70.20 12.76
N LYS E 451 72.51 69.32 13.07
CA LYS E 451 73.92 69.60 12.81
C LYS E 451 74.16 69.49 11.31
N THR E 452 73.52 68.49 10.70
CA THR E 452 73.54 68.34 9.25
C THR E 452 72.79 69.49 8.59
N PHE E 453 71.55 69.71 9.04
CA PHE E 453 70.74 70.83 8.57
C PHE E 453 71.42 72.16 8.91
N ASP E 454 72.08 72.76 7.94
CA ASP E 454 72.80 74.01 8.18
C ASP E 454 72.96 74.84 6.91
N SER E 455 72.53 76.10 6.97
CA SER E 455 72.76 77.04 5.88
C SER E 455 73.84 78.03 6.29
N ASP E 456 74.30 78.83 5.33
CA ASP E 456 75.34 79.82 5.59
C ASP E 456 74.91 80.82 6.66
N ASP E 457 73.74 81.42 6.50
CA ASP E 457 73.20 82.33 7.49
C ASP E 457 72.40 81.57 8.54
N LEU E 458 71.56 82.30 9.28
CA LEU E 458 70.88 81.72 10.44
C LEU E 458 69.53 81.09 10.10
N ILE E 459 69.21 81.01 8.80
CA ILE E 459 67.95 80.41 8.37
C ILE E 459 68.13 78.95 7.99
N PRO E 460 67.57 78.04 8.79
CA PRO E 460 67.68 76.60 8.54
C PRO E 460 66.56 76.07 7.66
N PRO E 461 66.75 74.89 7.05
CA PRO E 461 65.71 74.20 6.29
C PRO E 461 64.81 73.33 7.17
N TYR E 462 64.03 73.96 8.03
CA TYR E 462 63.10 73.26 8.93
C TYR E 462 61.89 72.72 8.19
N LEU E 463 61.48 71.49 8.53
CA LEU E 463 60.19 70.98 8.08
C LEU E 463 59.13 71.61 8.89
N ASP E 464 58.00 71.99 8.26
CA ASP E 464 56.91 72.80 8.82
C ASP E 464 56.52 72.79 10.26
N GLN E 465 56.20 71.61 10.79
CA GLN E 465 55.78 71.54 12.19
C GLN E 465 56.81 70.92 13.13
N TYR E 466 57.24 69.70 12.85
CA TYR E 466 58.12 68.94 13.74
C TYR E 466 59.26 69.79 14.28
N PHE E 467 60.13 70.22 13.38
CA PHE E 467 61.37 70.89 13.73
C PHE E 467 61.17 72.04 14.70
N TYR E 468 60.20 72.91 14.41
CA TYR E 468 59.94 74.06 15.26
C TYR E 468 59.55 73.68 16.68
N SER E 469 58.68 72.69 16.81
CA SER E 469 58.19 72.30 18.14
C SER E 469 59.11 71.32 18.85
N HIS E 470 59.73 70.43 18.09
CA HIS E 470 60.38 69.27 18.69
C HIS E 470 61.87 69.49 18.93
N ILE E 471 62.48 70.41 18.17
CA ILE E 471 63.91 70.64 18.31
C ILE E 471 64.22 71.06 19.75
N GLY E 472 63.36 71.88 20.32
CA GLY E 472 63.57 72.41 21.66
C GLY E 472 63.58 71.33 22.73
N HIS E 473 62.71 70.35 22.54
CA HIS E 473 62.57 69.25 23.49
C HIS E 473 63.83 68.37 23.49
N HIS E 474 64.27 68.00 22.30
CA HIS E 474 65.45 67.15 22.16
C HIS E 474 66.73 67.88 22.54
N LEU E 475 66.78 69.19 22.24
CA LEU E 475 67.94 70.01 22.58
C LEU E 475 68.12 70.12 24.09
N LYS E 476 67.01 70.24 24.81
CA LYS E 476 67.05 70.28 26.27
C LYS E 476 67.62 68.98 26.82
N ASN E 477 67.27 67.88 26.17
CA ASN E 477 67.72 66.56 26.59
C ASN E 477 69.23 66.36 26.37
N ILE E 478 69.74 66.83 25.23
CA ILE E 478 71.15 66.59 24.91
C ILE E 478 72.11 67.45 25.73
N GLU E 479 72.02 68.77 25.61
CA GLU E 479 72.98 69.70 26.22
C GLU E 479 72.53 71.16 26.13
N HIS E 480 73.32 72.05 26.70
CA HIS E 480 73.01 73.49 26.70
C HIS E 480 73.51 74.31 25.49
N PRO E 481 74.69 73.98 24.93
CA PRO E 481 75.20 74.93 23.93
C PRO E 481 74.36 75.00 22.65
N GLU E 482 73.72 73.90 22.28
CA GLU E 482 72.91 73.87 21.07
C GLU E 482 71.55 74.51 21.31
N ARG E 483 71.04 74.38 22.53
CA ARG E 483 69.85 75.09 22.93
C ARG E 483 70.08 76.59 22.82
N MET E 484 71.26 77.00 23.27
CA MET E 484 71.66 78.40 23.26
C MET E 484 71.51 79.03 21.87
N THR E 485 71.97 78.32 20.85
CA THR E 485 71.96 78.83 19.49
C THR E 485 70.66 78.56 18.74
N LEU E 486 70.18 77.32 18.79
CA LEU E 486 69.03 76.92 17.97
C LEU E 486 67.71 77.51 18.42
N PHE E 487 67.53 77.67 19.74
CA PHE E 487 66.37 78.39 20.26
C PHE E 487 66.37 79.80 19.74
N ARG E 488 67.58 80.28 19.48
CA ARG E 488 67.81 81.64 19.03
C ARG E 488 67.18 82.59 20.03
N MET E 489 67.59 82.41 21.27
CA MET E 489 67.42 83.42 22.29
C MET E 489 68.58 84.36 22.11
N VAL E 490 69.66 83.79 21.57
CA VAL E 490 70.84 84.54 21.17
C VAL E 490 70.62 85.13 19.78
N PHE E 491 70.02 84.34 18.89
CA PHE E 491 69.80 84.80 17.52
C PHE E 491 68.42 85.45 17.37
N LEU E 492 68.33 86.53 16.61
CA LEU E 492 67.05 87.18 16.38
C LEU E 492 66.21 86.41 15.37
N ASP E 493 66.83 85.43 14.72
CA ASP E 493 66.27 84.81 13.53
C ASP E 493 65.11 83.83 13.78
N PHE E 494 65.04 83.24 14.96
CA PHE E 494 63.93 82.32 15.25
C PHE E 494 62.74 83.11 15.78
N ARG E 495 63.00 84.30 16.31
CA ARG E 495 61.92 85.21 16.61
C ARG E 495 61.23 85.55 15.29
N PHE E 496 62.04 85.67 14.25
CA PHE E 496 61.53 85.89 12.90
C PHE E 496 60.79 84.65 12.40
N LEU E 497 61.54 83.58 12.13
CA LEU E 497 60.98 82.36 11.53
C LEU E 497 59.84 81.74 12.33
N GLU E 498 60.16 81.10 13.45
CA GLU E 498 59.19 80.39 14.30
C GLU E 498 57.84 81.08 14.44
N GLN E 499 57.87 82.40 14.58
CA GLN E 499 56.66 83.19 14.79
C GLN E 499 55.79 83.25 13.54
N LYS E 500 56.40 83.50 12.39
CA LYS E 500 55.63 83.81 11.18
C LYS E 500 55.17 82.56 10.42
N ILE E 501 55.86 81.44 10.62
CA ILE E 501 55.42 80.18 10.00
C ILE E 501 54.32 79.56 10.85
N ARG E 502 54.47 79.66 12.17
CA ARG E 502 53.42 79.24 13.10
C ARG E 502 52.34 80.31 13.20
N HIS E 503 51.78 80.68 12.06
CA HIS E 503 50.74 81.70 12.00
C HIS E 503 49.42 81.13 11.49
N ASN E 516 50.33 79.60 17.83
CA ASN E 516 50.90 80.89 17.45
C ASN E 516 52.05 81.29 18.36
N THR E 517 51.96 82.49 18.93
CA THR E 517 52.97 82.99 19.86
C THR E 517 53.01 82.13 21.13
N LEU E 518 51.91 81.43 21.37
CA LEU E 518 51.73 80.63 22.56
C LEU E 518 52.80 79.56 22.70
N GLN E 519 52.82 78.65 21.73
CA GLN E 519 53.73 77.52 21.78
C GLN E 519 55.18 78.00 21.78
N GLN E 520 55.42 79.13 21.12
CA GLN E 520 56.73 79.77 21.15
C GLN E 520 57.05 80.14 22.60
N LEU E 521 56.13 80.84 23.23
CA LEU E 521 56.22 81.16 24.65
C LEU E 521 56.32 79.90 25.49
N LYS E 522 55.66 78.84 25.04
CA LYS E 522 55.67 77.56 25.74
C LYS E 522 57.00 76.83 25.61
N PHE E 523 57.76 77.16 24.57
CA PHE E 523 59.09 76.61 24.43
C PHE E 523 60.01 77.25 25.45
N TYR E 524 60.10 78.57 25.37
CA TYR E 524 61.10 79.32 26.12
C TYR E 524 61.07 79.07 27.62
N LYS E 525 59.89 78.99 28.23
CA LYS E 525 59.82 78.99 29.70
C LYS E 525 60.31 77.69 30.37
N PRO E 526 59.80 76.52 29.97
CA PRO E 526 60.36 75.35 30.67
C PRO E 526 61.75 74.96 30.20
N TYR E 527 62.20 75.52 29.08
CA TYR E 527 63.44 75.06 28.47
C TYR E 527 64.69 75.85 28.91
N ILE E 528 64.54 76.93 29.67
CA ILE E 528 65.71 77.72 30.08
C ILE E 528 66.63 76.99 31.05
N CYS E 529 66.12 75.92 31.65
CA CYS E 529 66.85 75.21 32.69
C CYS E 529 68.21 74.69 32.19
N ASP E 530 68.25 74.31 30.92
CA ASP E 530 69.46 73.77 30.31
C ASP E 530 70.58 74.81 30.27
N ASP E 532 74.13 78.61 31.24
CA ASP E 532 74.39 78.95 32.65
C ASP E 532 73.52 80.14 33.08
N PRO E 533 73.29 80.31 34.39
CA PRO E 533 72.43 81.37 34.94
C PRO E 533 72.59 82.75 34.31
N LYS E 534 73.79 83.10 33.85
CA LYS E 534 74.03 84.42 33.26
C LYS E 534 73.23 84.59 31.98
N TYR E 535 73.25 83.54 31.14
CA TYR E 535 72.43 83.53 29.94
C TYR E 535 70.98 83.23 30.32
N GLU E 536 70.78 82.62 31.49
CA GLU E 536 69.43 82.20 31.91
C GLU E 536 68.55 83.39 32.28
N ARG E 537 69.10 84.32 33.06
CA ARG E 537 68.40 85.56 33.38
C ARG E 537 68.12 86.34 32.10
N LEU E 538 68.92 86.04 31.08
CA LEU E 538 68.79 86.68 29.79
C LEU E 538 67.61 86.09 29.00
N VAL E 539 67.39 84.77 29.09
CA VAL E 539 66.29 84.15 28.35
C VAL E 539 64.95 84.61 28.91
N ASN E 540 64.88 84.84 30.21
CA ASN E 540 63.62 85.23 30.82
C ASN E 540 63.35 86.69 30.50
N ALA E 541 64.42 87.42 30.25
CA ALA E 541 64.33 88.81 29.82
C ALA E 541 63.76 88.88 28.40
N ILE E 542 64.27 88.04 27.50
CA ILE E 542 63.76 87.98 26.15
C ILE E 542 62.40 87.26 26.13
N LEU E 543 62.16 86.47 27.17
CA LEU E 543 60.92 85.72 27.30
C LEU E 543 59.74 86.66 27.42
N ASP E 544 59.86 87.61 28.33
CA ASP E 544 58.77 88.53 28.62
C ASP E 544 58.45 89.42 27.42
N PHE E 545 59.49 89.86 26.71
CA PHE E 545 59.32 90.72 25.55
C PHE E 545 58.65 89.99 24.38
N LEU E 546 58.59 88.67 24.47
CA LEU E 546 58.11 87.85 23.36
C LEU E 546 56.57 87.89 23.17
N PRO E 547 55.78 87.61 24.23
CA PRO E 547 54.34 87.71 23.97
C PRO E 547 53.90 89.17 23.97
N LYS E 548 54.76 90.04 24.47
CA LYS E 548 54.51 91.48 24.54
C LYS E 548 54.15 92.05 23.17
N ILE E 549 54.79 91.51 22.13
CA ILE E 549 54.61 92.02 20.77
C ILE E 549 54.72 90.89 19.74
N TYR E 558 62.30 92.08 6.03
CA TYR E 558 63.43 91.68 6.88
C TYR E 558 63.90 92.70 7.93
N THR E 559 63.92 93.97 7.54
CA THR E 559 64.45 95.06 8.37
C THR E 559 63.76 95.19 9.73
N ASP E 560 62.43 95.15 9.74
CA ASP E 560 61.64 95.40 10.95
C ASP E 560 62.14 94.67 12.19
N LEU E 561 62.43 93.37 12.03
CA LEU E 561 62.87 92.52 13.12
C LEU E 561 64.09 93.08 13.84
N LEU E 562 65.04 93.60 13.07
CA LEU E 562 66.29 94.12 13.62
C LEU E 562 66.08 95.45 14.35
N ARG E 563 65.23 96.30 13.77
CA ARG E 563 65.00 97.64 14.30
C ARG E 563 64.35 97.63 15.67
N ILE E 564 63.49 96.64 15.92
CA ILE E 564 62.82 96.54 17.21
C ILE E 564 63.69 95.82 18.24
N ALA E 565 64.73 95.14 17.76
CA ALA E 565 65.71 94.53 18.65
C ALA E 565 66.68 95.59 19.15
N LEU E 566 66.70 96.73 18.46
CA LEU E 566 67.62 97.83 18.74
C LEU E 566 67.30 98.53 20.06
N MET E 567 66.06 98.38 20.54
CA MET E 567 65.59 99.13 21.70
C MET E 567 66.33 98.78 23.00
N ALA E 568 66.65 97.51 23.17
CA ALA E 568 67.34 97.05 24.38
C ALA E 568 68.79 96.68 24.07
N GLU E 569 69.71 97.57 24.46
CA GLU E 569 71.14 97.40 24.19
C GLU E 569 71.74 96.19 24.91
N ASP E 570 71.10 95.77 26.00
CA ASP E 570 71.65 94.76 26.89
C ASP E 570 71.58 93.33 26.36
N GLU E 571 70.88 93.12 25.25
CA GLU E 571 70.57 91.77 24.80
C GLU E 571 71.33 91.34 23.55
N ALA E 572 71.64 90.05 23.48
CA ALA E 572 72.34 89.47 22.34
C ALA E 572 71.42 89.35 21.14
N ILE E 573 70.11 89.52 21.37
CA ILE E 573 69.15 89.48 20.27
C ILE E 573 69.41 90.66 19.35
N PHE E 574 69.98 91.73 19.90
CA PHE E 574 70.42 92.86 19.10
C PHE E 574 71.77 92.56 18.46
N GLU E 575 72.67 91.94 19.22
CA GLU E 575 74.00 91.58 18.73
C GLU E 575 73.90 90.67 17.51
N GLU E 576 72.94 89.77 17.53
CA GLU E 576 72.73 88.87 16.41
C GLU E 576 71.89 89.54 15.33
N ALA E 577 71.01 90.44 15.75
CA ALA E 577 70.25 91.27 14.82
C ALA E 577 71.21 91.97 13.87
N HIS E 578 72.28 92.50 14.44
CA HIS E 578 73.30 93.22 13.68
C HIS E 578 74.06 92.29 12.74
N LYS E 579 74.14 91.01 13.09
CA LYS E 579 74.84 90.04 12.25
C LYS E 579 74.00 89.60 11.06
N GLN E 580 72.69 89.52 11.25
CA GLN E 580 71.81 88.99 10.21
C GLN E 580 71.37 90.06 9.21
N VAL E 581 71.54 91.33 9.57
CA VAL E 581 71.39 92.40 8.59
C VAL E 581 72.68 92.48 7.78
N GLN E 582 73.80 92.28 8.48
CA GLN E 582 75.12 92.23 7.86
C GLN E 582 75.15 91.22 6.71
N ARG E 583 74.47 90.10 6.91
CA ARG E 583 74.25 89.15 5.83
C ARG E 583 72.76 89.00 5.55
N UNK E 584 50.06 96.55 21.32
CA UNK E 584 49.05 96.19 22.29
C UNK E 584 49.50 94.92 23.01
N UNK E 585 49.21 94.86 24.29
CA UNK E 585 49.60 93.71 25.11
C UNK E 585 49.16 92.39 24.49
N UNK E 586 48.02 92.37 23.81
CA UNK E 586 47.54 91.14 23.19
C UNK E 586 46.71 91.35 21.92
N UNK E 587 46.88 90.45 20.96
CA UNK E 587 46.14 90.52 19.71
C UNK E 587 45.61 89.13 19.31
N UNK E 588 44.29 89.03 19.23
CA UNK E 588 43.60 87.78 18.92
C UNK E 588 42.98 87.75 17.53
N UNK E 589 43.18 86.64 16.82
CA UNK E 589 42.63 86.47 15.48
C UNK E 589 41.81 85.17 15.39
N UNK E 590 40.53 85.20 15.81
CA UNK E 590 39.64 84.03 15.79
C UNK E 590 38.48 84.05 14.80
N UNK E 591 38.38 85.09 14.00
CA UNK E 591 37.29 85.17 13.04
C UNK E 591 37.84 85.12 11.63
N UNK E 592 36.99 84.79 10.66
CA UNK E 592 37.44 84.72 9.29
C UNK E 592 36.86 85.87 8.54
N UNK E 593 35.72 89.19 9.21
CA UNK E 593 35.75 90.30 10.13
C UNK E 593 35.19 89.94 11.51
N UNK E 594 35.80 90.50 12.56
CA UNK E 594 35.35 90.28 13.93
C UNK E 594 34.49 91.48 14.26
N UNK E 595 33.26 91.24 14.67
CA UNK E 595 32.42 92.39 14.98
C UNK E 595 32.44 92.81 16.44
N UNK E 596 32.46 91.83 17.34
CA UNK E 596 32.47 92.13 18.77
C UNK E 596 33.26 91.06 19.49
N UNK E 597 33.77 91.40 20.67
CA UNK E 597 34.53 90.47 21.50
C UNK E 597 34.45 91.00 22.92
N UNK E 598 34.60 90.13 23.91
CA UNK E 598 34.52 90.57 25.30
C UNK E 598 35.15 89.58 26.28
N UNK E 599 35.41 90.05 27.50
CA UNK E 599 36.02 89.26 28.56
C UNK E 599 35.01 88.48 29.39
N UNK E 600 35.46 87.39 29.99
CA UNK E 600 34.59 86.60 30.85
C UNK E 600 34.53 87.43 32.12
N UNK E 601 33.56 87.17 32.99
CA UNK E 601 33.46 87.96 34.21
C UNK E 601 34.71 87.95 35.07
N UNK E 602 35.50 86.88 35.01
CA UNK E 602 36.74 86.84 35.79
C UNK E 602 37.92 87.29 34.92
N UNK E 603 37.64 87.70 33.70
CA UNK E 603 38.69 88.14 32.80
C UNK E 603 39.62 87.06 32.25
N UNK E 604 39.43 85.82 32.70
CA UNK E 604 40.25 84.70 32.24
C UNK E 604 40.05 84.27 30.80
N UNK E 605 38.85 84.50 30.27
CA UNK E 605 38.53 84.10 28.91
C UNK E 605 38.00 85.25 28.07
N UNK E 606 37.93 85.03 26.76
CA UNK E 606 37.43 86.02 25.81
C UNK E 606 36.58 85.33 24.77
N UNK E 607 35.41 85.90 24.46
CA UNK E 607 34.55 85.32 23.45
C UNK E 607 34.45 86.40 22.37
N UNK E 608 34.43 85.99 21.11
CA UNK E 608 34.38 86.92 20.00
C UNK E 608 33.49 86.36 18.93
N UNK E 609 32.67 87.20 18.32
CA UNK E 609 31.76 86.76 17.29
C UNK E 609 31.87 87.69 16.10
N UNK E 610 31.95 87.13 14.90
CA UNK E 610 32.08 87.99 13.75
C UNK E 610 31.27 87.55 12.55
N UNK E 611 31.67 88.03 11.38
CA UNK E 611 30.92 87.81 10.17
C UNK E 611 31.14 86.39 9.64
N UNK E 612 32.00 85.64 10.31
CA UNK E 612 32.24 84.29 9.84
C UNK E 612 31.16 83.33 10.39
N UNK E 613 30.15 83.91 11.05
CA UNK E 613 29.00 83.18 11.62
C UNK E 613 29.25 82.32 12.87
N UNK E 614 30.49 82.26 13.35
CA UNK E 614 30.81 81.42 14.52
C UNK E 614 30.97 82.14 15.87
N UNK E 615 30.96 81.37 16.95
CA UNK E 615 31.16 81.88 18.30
C UNK E 615 32.50 81.31 18.67
N UNK E 616 33.41 82.16 19.14
CA UNK E 616 34.74 81.68 19.49
C UNK E 616 35.10 82.04 20.90
N UNK E 617 35.88 81.19 21.55
CA UNK E 617 36.29 81.47 22.90
C UNK E 617 37.71 80.97 23.09
N UNK E 618 38.50 81.73 23.83
CA UNK E 618 39.91 81.43 24.09
C UNK E 618 40.36 82.04 25.42
N UNK E 619 41.46 81.51 25.95
CA UNK E 619 42.00 82.02 27.20
C UNK E 619 42.47 83.46 26.98
N UNK E 620 42.26 84.31 27.98
CA UNK E 620 42.67 85.71 27.85
C UNK E 620 44.20 85.77 27.82
N UNK E 621 44.82 84.91 28.62
CA UNK E 621 46.28 84.83 28.72
C UNK E 621 47.03 84.49 27.44
N UNK E 622 46.62 83.44 26.75
CA UNK E 622 47.32 82.98 25.55
C UNK E 622 46.61 82.84 24.21
N UNK E 623 45.31 83.08 24.15
CA UNK E 623 44.60 82.95 22.88
C UNK E 623 44.32 81.50 22.55
N UNK E 624 44.81 80.63 23.41
CA UNK E 624 44.66 79.18 23.32
C UNK E 624 43.18 78.90 23.08
N UNK E 625 42.82 78.47 21.89
CA UNK E 625 41.41 78.21 21.59
C UNK E 625 40.71 77.29 22.59
N UNK E 626 39.51 77.70 23.01
CA UNK E 626 38.70 76.93 23.94
C UNK E 626 37.42 76.43 23.28
N UNK E 627 36.74 77.28 22.52
CA UNK E 627 35.53 76.86 21.81
C UNK E 627 35.49 77.38 20.37
N UNK E 628 35.00 76.54 19.45
CA UNK E 628 34.87 76.89 18.04
C UNK E 628 33.48 76.44 17.56
N UNK E 629 32.45 77.18 17.96
CA UNK E 629 31.05 76.89 17.64
C UNK E 629 30.54 77.56 16.37
N UNK E 630 29.59 76.93 15.69
CA UNK E 630 29.00 77.52 14.50
C UNK E 630 27.66 78.10 14.97
N UNK E 631 27.74 79.21 15.71
CA UNK E 631 26.55 79.85 16.30
C UNK E 631 25.30 80.19 15.47
N UNK E 632 25.46 80.81 14.31
CA UNK E 632 24.28 81.16 13.53
C UNK E 632 24.39 80.92 12.05
N UNK E 633 23.31 81.28 11.36
CA UNK E 633 23.20 81.13 9.92
C UNK E 633 23.28 82.51 9.27
N UNK E 634 23.41 84.03 10.09
CA UNK E 634 23.58 85.38 9.58
C UNK E 634 24.40 86.19 10.61
N UNK E 635 25.09 87.22 10.10
CA UNK E 635 26.00 88.02 10.92
C UNK E 635 25.45 88.41 12.29
N UNK E 636 26.34 88.50 13.27
CA UNK E 636 25.97 88.85 14.63
C UNK E 636 26.26 90.32 14.89
N UNK E 637 25.61 90.88 15.91
CA UNK E 637 25.79 92.30 16.25
C UNK E 637 26.18 92.69 17.67
N UNK E 638 26.00 91.78 18.61
CA UNK E 638 26.33 92.09 19.99
C UNK E 638 26.32 90.82 20.82
N UNK E 639 27.01 90.86 21.95
CA UNK E 639 27.11 89.72 22.86
C UNK E 639 27.48 90.22 24.28
N UNK E 640 27.04 89.49 25.31
CA UNK E 640 27.32 89.90 26.68
C UNK E 640 27.28 88.74 27.63
N UNK E 641 27.80 88.95 28.83
CA UNK E 641 27.83 87.94 29.88
C UNK E 641 26.75 88.30 30.88
N UNK E 642 26.29 87.33 31.67
CA UNK E 642 25.27 87.59 32.68
C UNK E 642 25.99 88.12 33.91
N UNK E 643 25.24 88.42 34.96
CA UNK E 643 25.81 88.96 36.19
C UNK E 643 26.82 88.04 36.86
N UNK E 644 26.68 86.72 36.70
CA UNK E 644 27.63 85.79 37.32
C UNK E 644 28.41 85.02 36.26
N UNK E 645 28.55 85.61 35.08
CA UNK E 645 29.29 84.99 34.00
C UNK E 645 28.81 83.58 33.72
N UNK E 646 27.65 83.22 34.24
CA UNK E 646 27.13 81.88 34.03
C UNK E 646 26.66 81.73 32.58
N UNK E 647 26.25 82.85 32.00
CA UNK E 647 25.74 82.83 30.64
C UNK E 647 26.33 83.92 29.77
N UNK E 648 26.08 83.79 28.48
CA UNK E 648 26.51 84.73 27.46
C UNK E 648 25.35 84.78 26.48
N UNK E 649 24.86 85.96 26.17
CA UNK E 649 23.80 86.04 25.20
C UNK E 649 24.43 86.57 23.93
N UNK E 650 23.71 86.46 22.82
CA UNK E 650 24.17 86.97 21.53
C UNK E 650 22.92 87.29 20.77
N UNK E 651 22.89 88.44 20.13
CA UNK E 651 21.74 88.81 19.35
C UNK E 651 22.29 89.07 17.95
N UNK E 652 21.53 88.72 16.90
CA UNK E 652 22.04 88.89 15.55
C UNK E 652 21.05 89.40 14.54
N UNK E 653 21.50 89.47 13.29
CA UNK E 653 20.68 89.95 12.18
C UNK E 653 19.58 88.98 11.79
N UNK E 654 19.62 87.76 12.33
CA UNK E 654 18.58 86.80 12.03
C UNK E 654 17.40 87.09 12.93
N UNK E 655 17.50 88.22 13.62
CA UNK E 655 16.43 88.69 14.52
C UNK E 655 16.28 87.85 15.79
N UNK E 656 17.20 86.92 16.01
CA UNK E 656 17.14 86.08 17.20
C UNK E 656 18.12 86.53 18.29
N UNK E 657 17.83 86.07 19.52
CA UNK E 657 18.65 86.33 20.70
C UNK E 657 18.95 84.95 21.25
N UNK E 658 20.15 84.71 21.75
CA UNK E 658 20.45 83.38 22.25
C UNK E 658 21.20 83.37 23.57
N UNK E 659 20.97 82.32 24.37
CA UNK E 659 21.63 82.22 25.65
C UNK E 659 22.51 81.00 25.61
N UNK E 660 23.74 81.11 26.10
CA UNK E 660 24.68 80.00 26.09
C UNK E 660 25.29 79.77 27.47
N UNK E 661 25.64 78.52 27.74
CA UNK E 661 26.29 78.17 28.99
C UNK E 661 27.71 78.62 28.69
N UNK E 662 28.18 79.65 29.36
CA UNK E 662 29.52 80.16 29.10
C UNK E 662 30.60 79.13 29.29
N UNK E 663 30.28 78.03 29.96
CA UNK E 663 31.27 77.00 30.22
C UNK E 663 31.37 75.96 29.12
N UNK E 664 29.25 76.08 26.27
CA UNK E 664 28.86 76.63 24.98
C UNK E 664 27.61 76.01 24.41
N UNK E 665 26.91 75.21 25.19
CA UNK E 665 25.68 74.60 24.70
C UNK E 665 24.53 75.61 24.69
N UNK E 666 23.80 75.66 23.58
CA UNK E 666 22.67 76.56 23.43
C UNK E 666 21.73 76.29 24.60
N UNK E 667 21.39 77.34 25.34
CA UNK E 667 20.51 77.21 26.49
C UNK E 667 19.17 77.89 26.20
N UNK E 668 16.67 79.80 22.71
CA UNK E 668 16.67 80.99 21.87
C UNK E 668 15.34 81.73 21.93
N UNK E 669 15.40 83.05 21.75
CA UNK E 669 14.23 83.89 21.80
C UNK E 669 14.06 84.62 20.48
N UNK E 670 13.10 84.19 19.68
CA UNK E 670 12.84 84.87 18.42
C UNK E 670 11.53 85.62 18.54
N UNK E 671 11.60 86.95 18.56
CA UNK E 671 10.40 87.77 18.68
C UNK E 671 10.59 89.12 18.06
N UNK E 672 14.55 91.68 18.70
CA UNK E 672 14.82 92.24 20.01
C UNK E 672 16.27 92.78 20.04
N UNK E 673 16.38 94.08 20.29
CA UNK E 673 17.65 94.82 20.30
C UNK E 673 18.38 94.87 21.64
N UNK E 674 17.64 95.21 22.70
CA UNK E 674 18.22 95.29 24.04
C UNK E 674 18.09 93.97 24.78
N UNK E 675 19.10 93.66 25.60
CA UNK E 675 19.06 92.50 26.50
C UNK E 675 20.17 92.63 27.53
N UNK E 676 19.75 92.84 28.78
CA UNK E 676 20.63 93.04 29.92
C UNK E 676 20.15 92.27 31.16
N UNK E 677 21.10 91.76 31.96
CA UNK E 677 20.77 90.98 33.17
C UNK E 677 20.72 91.87 34.39
N UNK E 678 20.29 91.32 35.51
CA UNK E 678 20.24 92.06 36.77
C UNK E 678 21.66 92.06 37.34
N UNK E 679 22.06 93.14 38.01
CA UNK E 679 23.41 93.25 38.56
C UNK E 679 23.65 92.50 39.85
N UNK E 680 22.71 92.63 40.79
CA UNK E 680 22.83 91.95 42.07
C UNK E 680 22.85 90.43 41.94
N UNK E 681 23.90 89.85 42.51
CA UNK E 681 24.15 88.41 42.54
C UNK E 681 23.02 87.65 43.24
N UNK E 682 22.01 88.38 43.67
CA UNK E 682 20.90 87.77 44.36
C UNK E 682 19.88 87.22 43.37
N UNK E 683 19.05 88.11 42.81
CA UNK E 683 18.04 87.72 41.83
C UNK E 683 18.65 87.55 40.43
N UNK E 684 17.93 86.84 39.56
CA UNK E 684 18.43 86.55 38.21
C UNK E 684 17.42 86.83 37.11
N UNK E 685 17.24 88.10 36.75
CA UNK E 685 16.28 88.45 35.72
C UNK E 685 16.95 88.93 34.45
N UNK E 686 16.20 88.90 33.35
CA UNK E 686 16.71 89.34 32.06
C UNK E 686 15.69 90.30 31.48
N UNK E 687 16.17 91.43 30.98
CA UNK E 687 15.30 92.43 30.41
C UNK E 687 15.60 92.55 28.94
N UNK E 688 14.57 92.63 28.12
CA UNK E 688 14.75 92.73 26.68
C UNK E 688 13.85 93.81 26.08
N UNK E 689 14.40 94.54 25.12
CA UNK E 689 13.65 95.58 24.44
C UNK E 689 13.56 95.13 22.99
N UNK E 690 12.44 95.38 22.32
CA UNK E 690 12.30 94.94 20.94
C UNK E 690 11.65 95.97 20.03
N UNK E 691 11.76 95.74 18.73
CA UNK E 691 11.16 96.61 17.72
C UNK E 691 9.64 96.52 17.83
N UNK E 692 9.14 95.55 18.59
CA UNK E 692 7.70 95.37 18.74
C UNK E 692 7.12 96.32 19.78
N UNK E 693 7.96 97.25 20.25
CA UNK E 693 7.56 98.26 21.24
C UNK E 693 7.48 97.78 22.68
N UNK E 694 7.72 96.51 22.93
CA UNK E 694 7.65 96.04 24.30
C UNK E 694 9.00 95.79 24.91
N UNK E 695 8.95 95.60 26.22
CA UNK E 695 10.09 95.28 27.06
C UNK E 695 9.65 94.02 27.79
N UNK E 696 10.57 93.13 28.09
CA UNK E 696 10.15 91.94 28.79
C UNK E 696 11.11 91.54 29.90
N UNK E 697 10.54 91.06 31.01
CA UNK E 697 11.34 90.60 32.12
C UNK E 697 11.17 89.11 32.09
N UNK E 698 12.28 88.38 32.13
CA UNK E 698 12.25 86.92 32.12
C UNK E 698 12.86 86.46 33.41
N UNK E 699 12.29 85.41 33.98
CA UNK E 699 12.80 84.84 35.22
C UNK E 699 13.42 83.54 34.74
N UNK E 700 14.73 83.56 34.50
CA UNK E 700 15.47 82.40 34.01
C UNK E 700 15.13 81.11 34.74
N UNK E 701 14.58 81.24 35.94
CA UNK E 701 14.20 80.10 36.75
C UNK E 701 12.75 79.73 36.41
N UNK E 702 12.32 80.03 35.20
CA UNK E 702 10.95 79.74 34.80
C UNK E 702 10.79 79.67 33.29
N UNK E 703 10.24 78.58 32.80
CA UNK E 703 10.04 78.39 31.37
C UNK E 703 9.21 79.52 30.75
N UNK E 704 8.75 80.46 31.57
CA UNK E 704 7.90 81.54 31.06
C UNK E 704 8.37 82.98 31.26
N UNK E 705 7.73 83.86 30.51
CA UNK E 705 7.97 85.30 30.55
C UNK E 705 7.43 85.70 31.91
N UNK E 706 7.95 86.77 32.51
CA UNK E 706 7.48 87.18 33.82
C UNK E 706 6.65 88.44 33.75
N UNK E 707 6.96 89.28 32.78
CA UNK E 707 6.25 90.53 32.62
C UNK E 707 6.47 91.06 31.22
N UNK E 708 5.54 91.89 30.77
CA UNK E 708 5.64 92.49 29.46
C UNK E 708 5.28 93.95 29.62
N UNK E 709 6.29 94.80 29.71
CA UNK E 709 6.04 96.22 29.89
C UNK E 709 5.49 96.90 28.67
N UNK E 710 4.20 97.24 28.69
CA UNK E 710 3.63 97.94 27.55
C UNK E 710 3.82 99.43 27.83
N UNK E 711 13.89 102.36 16.09
CA UNK E 711 14.33 102.46 17.47
C UNK E 711 15.57 101.57 17.58
N UNK E 712 16.72 102.19 17.82
CA UNK E 712 17.95 101.43 17.88
C UNK E 712 18.43 100.99 19.23
N UNK E 713 17.88 101.54 20.29
CA UNK E 713 18.37 101.17 21.60
C UNK E 713 17.41 101.64 22.67
N UNK E 714 17.45 101.00 23.83
CA UNK E 714 16.55 101.33 24.95
C UNK E 714 17.05 100.67 26.23
N UNK E 715 17.00 101.41 27.33
CA UNK E 715 17.44 100.90 28.62
C UNK E 715 16.51 101.37 29.72
N UNK E 716 16.23 100.49 30.66
CA UNK E 716 15.38 100.88 31.76
C UNK E 716 16.25 101.74 32.65
N UNK E 717 15.64 102.62 33.43
CA UNK E 717 16.41 103.43 34.34
C UNK E 717 16.75 102.54 35.54
N UNK E 718 17.79 102.89 36.30
CA UNK E 718 18.13 102.07 37.45
C UNK E 718 16.87 101.96 38.31
N UNK E 719 11.47 103.15 37.00
CA UNK E 719 10.31 103.96 36.64
C UNK E 719 10.35 104.57 35.24
N UNK E 720 11.53 104.69 34.64
CA UNK E 720 11.61 105.27 33.31
C UNK E 720 12.24 104.34 32.30
N UNK E 721 11.94 104.57 31.03
CA UNK E 721 12.48 103.76 29.96
C UNK E 721 13.06 104.72 28.95
N UNK E 722 14.39 104.76 28.86
CA UNK E 722 15.03 105.64 27.91
C UNK E 722 15.02 104.96 26.54
N UNK E 723 14.86 105.75 25.50
CA UNK E 723 14.82 105.19 24.17
C UNK E 723 15.59 106.04 23.19
N UNK E 724 16.34 105.37 22.33
CA UNK E 724 17.23 105.99 21.37
C UNK E 724 16.87 105.56 19.95
N UNK E 725 16.76 106.53 19.05
CA UNK E 725 16.37 106.23 17.66
C UNK E 725 17.13 106.96 16.57
N UNK E 726 16.69 106.71 15.35
CA UNK E 726 17.27 107.31 14.15
C UNK E 726 16.58 108.63 13.87
N UNK E 727 15.43 108.86 14.49
CA UNK E 727 14.71 110.10 14.28
C UNK E 727 15.40 111.28 14.95
N UNK E 728 16.59 111.06 15.48
CA UNK E 728 17.33 112.14 16.10
C UNK E 728 16.90 112.52 17.52
N UNK E 729 16.20 111.63 18.20
CA UNK E 729 15.76 111.93 19.56
C UNK E 729 16.22 110.93 20.61
N UNK E 730 16.13 111.37 21.86
CA UNK E 730 16.41 110.52 23.02
C UNK E 730 15.02 110.66 23.62
N UNK E 731 14.50 109.63 24.27
CA UNK E 731 13.16 109.79 24.79
C UNK E 731 12.96 109.05 26.09
N UNK E 732 12.18 109.64 26.98
CA UNK E 732 11.92 109.00 28.24
C UNK E 732 10.47 108.63 28.40
N UNK E 733 10.16 107.35 28.22
CA UNK E 733 8.81 106.90 28.39
C UNK E 733 8.62 106.57 29.86
N UNK E 734 7.37 106.53 30.31
CA UNK E 734 7.04 106.23 31.70
C UNK E 734 6.58 104.79 31.79
N UNK E 735 7.42 103.93 32.34
CA UNK E 735 7.09 102.51 32.43
C UNK E 735 5.69 102.19 32.93
N UNK E 736 5.35 102.64 34.12
CA UNK E 736 4.05 102.33 34.70
C UNK E 736 2.87 102.63 33.77
N UNK E 737 3.04 103.53 32.82
CA UNK E 737 1.94 103.87 31.94
C UNK E 737 2.25 103.88 30.45
N UNK E 738 3.49 103.56 30.08
CA UNK E 738 3.91 103.53 28.69
C UNK E 738 3.60 104.84 27.95
N UNK E 739 3.72 105.97 28.63
CA UNK E 739 3.46 107.30 28.06
C UNK E 739 4.75 108.05 27.76
N UNK E 740 4.75 108.86 26.72
CA UNK E 740 5.97 109.62 26.40
C UNK E 740 6.05 110.80 27.37
N UNK E 741 7.10 110.87 28.19
CA UNK E 741 7.27 111.97 29.13
C UNK E 741 8.09 113.10 28.53
N UNK E 742 9.21 112.77 27.87
CA UNK E 742 10.03 113.80 27.25
C UNK E 742 10.65 113.29 25.96
N UNK E 743 11.21 114.22 25.21
CA UNK E 743 11.88 113.91 23.96
C UNK E 743 13.00 114.92 23.82
N UNK E 744 14.20 114.46 23.51
CA UNK E 744 15.34 115.35 23.37
C UNK E 744 15.94 115.29 21.99
N UNK E 745 15.71 116.33 21.20
CA UNK E 745 16.25 116.38 19.85
C UNK E 745 17.76 116.59 19.87
N UNK E 746 18.47 115.81 19.06
CA UNK E 746 19.90 116.00 18.99
C UNK E 746 20.21 116.86 17.75
N UNK E 747 20.56 118.12 18.06
CA UNK E 747 20.83 119.18 17.10
C UNK E 747 22.27 119.70 17.20
N UNK E 748 23.23 118.83 17.45
CA UNK E 748 24.61 119.26 17.59
C UNK E 748 25.37 119.07 16.31
N UNK E 749 24.63 119.01 15.21
CA UNK E 749 25.23 118.79 13.91
C UNK E 749 24.72 119.79 12.85
N UNK E 750 25.65 120.31 12.08
CA UNK E 750 25.35 121.32 11.07
C UNK E 750 25.90 120.93 9.69
N UNK E 751 23.16 104.24 19.16
CA UNK E 751 23.89 103.55 20.24
C UNK E 751 23.39 104.14 21.57
N UNK E 752 23.23 103.31 22.59
CA UNK E 752 22.80 103.84 23.88
C UNK E 752 22.93 102.85 24.99
N UNK E 753 24.09 102.91 25.67
CA UNK E 753 24.41 102.00 26.75
C UNK E 753 24.30 102.58 28.15
N UNK E 754 24.15 101.67 29.11
CA UNK E 754 24.01 101.98 30.53
C UNK E 754 25.33 102.12 31.26
N UNK E 755 25.28 102.73 32.43
CA UNK E 755 26.48 102.88 33.23
C UNK E 755 26.64 101.58 34.00
N UNK E 756 27.76 101.45 34.72
CA UNK E 756 28.05 100.24 35.47
C UNK E 756 27.02 99.94 36.55
N UNK E 757 26.62 101.00 37.25
CA UNK E 757 25.65 100.87 38.32
C UNK E 757 24.22 100.89 37.80
N UNK E 758 24.06 101.07 36.49
CA UNK E 758 22.73 101.10 35.92
C UNK E 758 21.92 102.33 36.33
N UNK E 759 22.63 103.32 36.87
CA UNK E 759 21.98 104.55 37.31
C UNK E 759 22.18 105.71 36.35
N UNK E 760 22.83 105.45 35.23
CA UNK E 760 23.04 106.49 34.25
C UNK E 760 23.06 105.88 32.86
N UNK E 761 22.75 106.67 31.84
CA UNK E 761 22.71 106.16 30.48
C UNK E 761 23.29 107.19 29.53
N UNK E 762 24.13 106.78 28.58
CA UNK E 762 24.64 107.77 27.64
C UNK E 762 23.96 107.48 26.33
N UNK E 763 23.74 108.52 25.53
CA UNK E 763 23.11 108.36 24.21
C UNK E 763 23.78 109.29 23.22
N UNK E 764 23.59 108.99 21.93
CA UNK E 764 24.21 109.77 20.87
C UNK E 764 23.22 110.22 19.81
N UNK E 765 23.44 111.42 19.27
CA UNK E 765 22.61 112.00 18.23
C UNK E 765 23.33 113.15 17.52
N UNK E 766 23.13 113.24 16.20
CA UNK E 766 23.75 114.26 15.37
C UNK E 766 25.22 114.48 15.77
N UNK E 767 25.48 115.56 16.48
CA UNK E 767 26.83 115.88 16.94
C UNK E 767 27.18 115.65 18.40
N UNK E 768 26.26 115.13 19.19
CA UNK E 768 26.60 114.98 20.59
C UNK E 768 26.29 113.67 21.27
N UNK E 769 26.99 113.44 22.37
CA UNK E 769 26.81 112.29 23.22
C UNK E 769 26.23 112.97 24.45
N UNK E 770 25.22 112.39 25.06
CA UNK E 770 24.57 112.98 26.22
C UNK E 770 24.45 112.00 27.36
N UNK E 771 24.75 112.45 28.57
CA UNK E 771 24.65 111.60 29.73
C UNK E 771 23.43 111.93 30.56
N UNK E 772 22.53 110.96 30.68
CA UNK E 772 21.30 111.13 31.45
C UNK E 772 21.26 110.38 32.75
N UNK E 773 20.49 110.93 33.68
CA UNK E 773 20.30 110.32 34.97
C UNK E 773 19.04 109.47 34.82
N UNK E 774 19.20 108.15 34.83
CA UNK E 774 18.07 107.23 34.65
C UNK E 774 16.85 107.55 35.52
N UNK E 775 16.02 110.90 37.81
CA UNK E 775 15.57 112.25 37.55
C UNK E 775 15.38 112.58 36.06
N UNK E 776 16.03 111.84 35.18
CA UNK E 776 15.94 112.07 33.73
C UNK E 776 16.67 113.37 33.39
N UNK E 777 17.62 113.72 34.24
CA UNK E 777 18.39 114.93 34.01
C UNK E 777 19.56 114.71 33.09
N UNK E 778 19.95 115.77 32.41
CA UNK E 778 21.08 115.73 31.50
C UNK E 778 22.32 116.04 32.31
N UNK E 779 23.09 115.02 32.65
CA UNK E 779 24.29 115.21 33.44
C UNK E 779 25.51 115.64 32.65
N UNK E 780 25.44 115.57 31.32
CA UNK E 780 26.59 115.96 30.52
C UNK E 780 26.30 116.04 29.03
N UNK E 781 27.06 116.90 28.37
CA UNK E 781 26.88 117.12 26.95
C UNK E 781 28.21 117.43 26.30
N UNK E 782 28.87 116.41 25.76
CA UNK E 782 30.13 116.65 25.07
C UNK E 782 29.79 116.78 23.59
N UNK E 783 32.63 116.60 23.21
CA UNK E 783 32.40 116.86 21.79
C UNK E 783 33.50 116.19 21.01
N UNK E 784 33.08 115.33 20.09
CA UNK E 784 34.02 114.56 19.30
C UNK E 784 34.56 115.26 18.07
N UNK E 785 32.60 114.27 12.76
CA UNK E 785 32.49 112.99 12.06
C UNK E 785 31.23 112.42 12.68
N UNK E 786 31.12 111.10 12.77
CA UNK E 786 29.94 110.49 13.40
C UNK E 786 30.33 109.25 14.19
N UNK E 787 29.93 109.21 15.46
CA UNK E 787 30.22 108.08 16.32
C UNK E 787 29.52 106.86 15.73
N UNK E 788 30.29 105.82 15.44
CA UNK E 788 29.74 104.60 14.85
C UNK E 788 29.24 103.60 15.91
N UNK E 789 29.82 103.65 17.11
CA UNK E 789 29.39 102.76 18.19
C UNK E 789 30.01 103.17 19.53
N UNK E 790 29.42 102.69 20.62
CA UNK E 790 29.92 103.01 21.96
C UNK E 790 29.45 102.03 23.04
N UNK E 791 29.88 102.23 24.27
CA UNK E 791 29.45 101.39 25.37
C UNK E 791 29.87 102.03 26.66
N UNK E 792 28.92 102.12 27.57
CA UNK E 792 29.11 102.74 28.85
C UNK E 792 29.52 101.69 29.88
N UNK E 793 30.62 101.96 30.58
CA UNK E 793 31.16 101.07 31.58
C UNK E 793 30.26 101.01 32.82
N UNK E 794 30.57 100.11 33.78
CA UNK E 794 29.72 100.06 34.96
C UNK E 794 30.42 100.78 36.13
N UNK E 795 31.64 101.25 35.87
CA UNK E 795 32.44 101.97 36.86
C UNK E 795 33.16 103.15 36.23
N UNK E 796 33.70 104.02 37.06
CA UNK E 796 34.44 105.19 36.61
C UNK E 796 33.74 106.02 35.52
N UNK E 797 32.43 105.84 35.37
CA UNK E 797 31.64 106.55 34.36
C UNK E 797 32.39 106.49 33.03
N UNK E 798 33.12 105.42 32.78
CA UNK E 798 33.85 105.30 31.53
C UNK E 798 32.94 104.95 30.39
N UNK E 799 33.28 105.46 29.22
CA UNK E 799 32.50 105.20 28.04
C UNK E 799 33.47 105.01 26.89
N UNK E 800 33.29 103.94 26.12
CA UNK E 800 34.15 103.70 24.98
C UNK E 800 33.34 103.88 23.73
N UNK E 801 33.90 104.60 22.78
CA UNK E 801 33.19 104.83 21.54
C UNK E 801 34.12 104.66 20.37
N UNK E 802 33.64 103.99 19.34
CA UNK E 802 34.42 103.82 18.14
C UNK E 802 34.07 105.12 17.45
N UNK E 803 38.17 103.45 12.35
CA UNK E 803 39.23 102.91 13.21
C UNK E 803 39.81 103.72 14.38
N UNK E 804 39.20 104.84 14.72
CA UNK E 804 39.67 105.63 15.85
C UNK E 804 38.89 105.17 17.05
N UNK E 805 39.57 104.86 18.13
CA UNK E 805 38.87 104.39 19.31
C UNK E 805 39.34 105.16 20.51
N UNK E 806 38.43 105.86 21.17
CA UNK E 806 38.81 106.61 22.35
C UNK E 806 37.82 106.40 23.46
N UNK E 807 38.30 106.22 24.68
CA UNK E 807 37.37 106.07 25.80
C UNK E 807 37.39 107.36 26.59
N UNK E 808 36.19 107.84 26.90
CA UNK E 808 35.96 109.08 27.63
C UNK E 808 35.47 108.88 29.04
N UNK E 809 35.48 109.97 29.78
CA UNK E 809 35.06 110.00 31.16
C UNK E 809 33.82 110.91 31.25
N UNK E 810 32.64 110.32 31.23
CA UNK E 810 31.41 111.11 31.37
C UNK E 810 31.57 111.73 32.75
N UNK E 811 30.77 112.73 33.09
CA UNK E 811 30.90 113.36 34.40
C UNK E 811 32.11 114.32 34.39
N UNK E 812 33.62 114.70 31.49
CA UNK E 812 33.41 115.11 30.09
C UNK E 812 34.71 115.35 29.35
N UNK E 813 35.72 114.55 29.66
CA UNK E 813 37.03 114.66 29.04
C UNK E 813 37.54 113.34 28.47
N UNK E 814 38.34 113.40 27.41
CA UNK E 814 38.88 112.16 26.86
C UNK E 814 39.93 111.67 27.86
N UNK E 815 39.97 110.35 28.04
CA UNK E 815 40.88 109.70 28.97
C UNK E 815 42.00 108.94 28.27
N UNK E 816 41.68 108.30 27.15
CA UNK E 816 42.69 107.55 26.45
C UNK E 816 42.42 107.39 24.97
N UNK E 817 43.48 107.28 24.21
CA UNK E 817 43.37 107.07 22.78
C UNK E 817 43.78 105.63 22.57
N UNK E 818 42.91 104.86 21.96
CA UNK E 818 43.17 103.46 21.72
C UNK E 818 43.42 103.21 20.25
N UNK E 819 44.70 103.15 19.89
CA UNK E 819 45.08 102.95 18.50
C UNK E 819 45.34 101.47 18.29
N UNK E 820 44.50 100.83 17.47
CA UNK E 820 44.70 99.41 17.22
C UNK E 820 44.32 98.95 15.82
N UNK E 821 43.43 99.67 15.16
CA UNK E 821 42.99 99.30 13.83
C UNK E 821 43.29 100.39 12.80
N UNK E 822 43.39 100.00 11.54
CA UNK E 822 43.62 100.96 10.46
C UNK E 822 42.51 100.75 9.42
N UNK E 823 41.90 99.20 9.55
CA UNK E 823 40.61 98.82 9.00
C UNK E 823 39.59 99.18 10.05
N UNK E 824 38.41 99.56 9.61
CA UNK E 824 37.28 99.95 10.48
C UNK E 824 37.12 99.31 11.85
N UNK E 825 36.94 100.12 12.88
CA UNK E 825 36.81 99.58 14.23
C UNK E 825 35.33 99.65 14.61
N UNK E 826 34.72 98.50 14.78
CA UNK E 826 33.30 98.41 15.07
C UNK E 826 32.95 98.59 16.53
N UNK E 827 33.75 98.00 17.40
CA UNK E 827 33.46 98.10 18.81
C UNK E 827 34.70 98.28 19.66
N UNK E 828 34.47 98.59 20.92
CA UNK E 828 35.59 98.84 21.81
C UNK E 828 35.06 98.94 23.24
N UNK E 829 35.73 98.34 24.21
CA UNK E 829 35.26 98.53 25.58
C UNK E 829 36.23 98.16 26.67
N UNK E 830 35.95 98.70 27.86
CA UNK E 830 36.80 98.47 29.03
C UNK E 830 36.54 97.15 29.69
N UNK E 831 37.55 96.67 30.39
CA UNK E 831 37.42 95.44 31.15
C UNK E 831 36.53 95.90 32.29
N UNK E 832 36.04 94.99 33.11
CA UNK E 832 35.17 95.45 34.18
C UNK E 832 35.83 96.40 35.20
N UNK E 833 37.11 96.19 35.51
CA UNK E 833 37.77 97.08 36.47
C UNK E 833 38.36 98.26 35.74
N UNK E 834 38.05 98.33 34.44
CA UNK E 834 38.53 99.42 33.61
C UNK E 834 40.04 99.48 33.54
N UNK E 835 40.70 98.40 33.91
CA UNK E 835 42.15 98.37 33.89
C UNK E 835 42.65 98.19 32.47
N UNK E 836 41.81 97.65 31.61
CA UNK E 836 42.22 97.45 30.24
C UNK E 836 40.99 97.55 29.35
N UNK E 837 41.20 97.57 28.03
CA UNK E 837 40.10 97.65 27.09
C UNK E 837 40.41 96.83 25.84
N UNK E 838 39.37 96.46 25.09
CA UNK E 838 39.58 95.68 23.88
C UNK E 838 39.10 96.46 22.68
N UNK E 839 39.65 96.11 21.52
CA UNK E 839 39.31 96.77 20.26
C UNK E 839 38.84 95.70 19.28
N UNK E 840 37.69 95.91 18.65
CA UNK E 840 37.17 94.93 17.68
C UNK E 840 37.03 95.55 16.29
N UNK E 841 37.67 94.96 15.28
CA UNK E 841 37.58 95.55 13.97
C UNK E 841 37.34 94.69 12.74
N UNK E 842 37.24 95.40 11.62
CA UNK E 842 37.00 94.83 10.32
C UNK E 842 38.20 94.04 9.82
N UNK E 843 39.37 94.34 10.36
CA UNK E 843 40.57 93.60 9.98
C UNK E 843 40.49 92.27 10.72
N UNK E 844 39.26 91.91 11.08
CA UNK E 844 38.95 90.68 11.81
C UNK E 844 39.84 90.31 12.97
N UNK E 845 40.29 91.33 13.71
CA UNK E 845 41.11 91.05 14.86
C UNK E 845 40.49 91.67 16.08
N UNK E 846 40.93 91.21 17.24
CA UNK E 846 40.46 91.73 18.52
C UNK E 846 41.74 91.95 19.28
N UNK E 847 41.97 93.15 19.75
CA UNK E 847 43.20 93.44 20.49
C UNK E 847 42.93 93.94 21.90
N UNK E 848 43.69 93.43 22.86
CA UNK E 848 43.52 93.85 24.24
C UNK E 848 44.61 94.81 24.62
N UNK E 849 44.19 95.93 25.21
CA UNK E 849 45.11 96.97 25.63
C UNK E 849 44.99 97.20 27.13
N UNK E 850 46.07 97.68 27.74
CA UNK E 850 46.05 97.99 29.16
C UNK E 850 46.08 99.51 29.24
N UNK E 851 45.00 100.08 29.77
CA UNK E 851 44.83 101.52 29.90
C UNK E 851 46.05 102.25 30.42
N UNK E 852 46.46 101.91 31.64
CA UNK E 852 47.63 102.55 32.24
C UNK E 852 48.72 102.79 31.19
N UNK E 853 49.27 101.70 30.65
CA UNK E 853 50.34 101.78 29.65
C UNK E 853 49.98 102.62 28.42
N UNK E 854 48.72 102.62 28.01
CA UNK E 854 48.32 103.38 26.83
C UNK E 854 48.25 104.88 27.07
N UNK E 855 47.77 105.27 28.25
CA UNK E 855 47.63 106.68 28.60
C UNK E 855 48.95 107.38 28.91
N UNK E 856 49.99 106.61 29.18
CA UNK E 856 51.27 107.21 29.47
C UNK E 856 51.69 108.06 28.28
N UNK E 857 52.20 109.25 28.59
CA UNK E 857 52.67 110.16 27.57
C UNK E 857 53.82 109.54 26.81
N UNK E 858 51.79 115.18 21.96
CA UNK E 858 53.06 114.68 21.49
C UNK E 858 53.18 114.62 19.98
N UNK E 859 54.42 114.55 19.54
CA UNK E 859 54.78 114.50 18.13
C UNK E 859 54.85 113.07 17.61
N UNK E 860 54.40 112.12 18.42
CA UNK E 860 54.46 110.76 17.94
C UNK E 860 53.47 110.56 16.79
N UNK E 861 52.29 111.16 16.88
CA UNK E 861 51.31 111.05 15.80
C UNK E 861 51.02 112.40 15.18
N UNK E 862 51.19 112.49 13.87
CA UNK E 862 50.96 113.74 13.18
C UNK E 862 49.96 113.46 12.08
N UNK E 863 49.62 114.52 11.36
CA UNK E 863 48.69 114.43 10.24
C UNK E 863 49.61 114.26 9.05
N UNK E 864 49.07 114.11 7.86
CA UNK E 864 49.91 113.96 6.68
C UNK E 864 50.31 115.29 6.05
N UNK E 865 49.89 116.38 6.69
CA UNK E 865 50.23 117.70 6.22
C UNK E 865 51.52 118.11 6.91
N UNK E 866 52.64 117.94 6.21
CA UNK E 866 53.95 118.28 6.74
C UNK E 866 54.84 118.86 5.67
N UNK E 867 55.91 119.52 6.11
CA UNK E 867 56.89 120.07 5.19
C UNK E 867 58.28 119.81 5.76
N UNK E 868 59.19 119.42 4.87
CA UNK E 868 60.55 119.07 5.24
C UNK E 868 61.64 119.94 4.63
N UNK E 869 62.70 120.17 5.41
CA UNK E 869 63.83 120.96 4.96
C UNK E 869 65.13 120.21 5.25
N UNK E 870 65.73 119.65 4.20
CA UNK E 870 66.97 118.90 4.31
C UNK E 870 68.17 119.85 4.35
N UNK E 871 68.66 120.16 5.55
CA UNK E 871 69.79 121.07 5.66
C UNK E 871 71.13 120.39 5.99
N UNK E 872 71.63 117.77 8.87
CA UNK E 872 70.39 117.21 9.44
C UNK E 872 69.11 117.47 8.63
N UNK E 873 68.02 116.86 9.07
CA UNK E 873 66.71 117.00 8.42
C UNK E 873 65.71 117.67 9.37
N UNK E 874 64.83 118.50 8.80
CA UNK E 874 63.83 119.22 9.57
C UNK E 874 62.42 119.02 9.06
N UNK E 875 61.53 118.58 9.95
CA UNK E 875 60.15 118.33 9.60
C UNK E 875 59.20 119.17 10.46
N UNK E 876 58.36 119.95 9.81
CA UNK E 876 57.37 120.77 10.50
C UNK E 876 56.08 120.05 10.17
N UNK E 877 55.28 119.74 11.18
CA UNK E 877 54.06 119.01 10.90
C UNK E 877 52.84 119.44 11.68
N UNK E 878 51.68 119.28 11.06
CA UNK E 878 50.40 119.60 11.68
C UNK E 878 50.09 118.50 12.69
N UNK E 879 50.04 118.83 13.97
CA UNK E 879 49.75 117.81 14.98
C UNK E 879 48.41 117.12 14.73
N UNK E 880 48.33 115.86 15.15
CA UNK E 880 47.12 115.06 14.97
C UNK E 880 45.93 115.61 15.78
N UNK E 881 51.11 122.29 15.66
CA UNK E 881 52.08 121.71 14.76
C UNK E 881 53.39 121.51 15.49
N UNK E 882 54.13 120.51 15.06
CA UNK E 882 55.40 120.15 15.69
C UNK E 882 56.60 120.48 14.81
N UNK E 883 57.64 121.02 15.45
CA UNK E 883 58.87 121.32 14.74
C UNK E 883 59.77 120.14 15.07
N UNK E 884 59.70 119.10 14.23
CA UNK E 884 60.48 117.88 14.43
C UNK E 884 61.82 117.91 13.72
N UNK E 885 62.89 117.74 14.49
CA UNK E 885 64.24 117.73 13.95
C UNK E 885 64.70 116.28 13.88
N UNK E 886 64.63 115.68 12.69
CA UNK E 886 65.06 114.30 12.54
C UNK E 886 66.51 114.21 12.94
N UNK E 887 66.96 113.04 13.40
CA UNK E 887 68.35 112.90 13.84
C UNK E 887 68.48 113.74 15.12
N UNK E 888 64.48 116.53 19.71
CA UNK E 888 64.14 117.95 19.58
C UNK E 888 62.80 118.27 18.92
N UNK E 889 61.73 118.01 19.65
CA UNK E 889 60.39 118.27 19.18
C UNK E 889 59.88 119.52 19.89
N UNK E 890 59.49 120.52 19.10
CA UNK E 890 58.99 121.76 19.65
C UNK E 890 57.59 122.04 19.18
N UNK E 891 56.70 122.14 20.17
CA UNK E 891 55.29 122.36 19.97
C UNK E 891 54.90 123.82 19.88
N UNK E 892 53.94 124.07 19.00
CA UNK E 892 53.41 125.41 18.79
C UNK E 892 51.90 125.20 18.73
N UNK E 893 51.19 125.57 19.80
CA UNK E 893 49.74 125.42 19.85
C UNK E 893 49.04 126.34 18.87
N UNK E 894 47.82 125.99 18.49
CA UNK E 894 47.07 126.83 17.56
C UNK E 894 45.69 126.28 17.24
N UNK E 895 45.42 123.94 12.87
CA UNK E 895 45.83 124.37 11.56
C UNK E 895 45.38 123.33 10.54
N UNK E 896 45.50 123.67 9.26
CA UNK E 896 45.11 122.77 8.19
C UNK E 896 46.26 122.47 7.23
N UNK E 897 47.32 123.26 7.31
CA UNK E 897 48.46 123.04 6.45
C UNK E 897 49.67 123.74 7.02
N UNK E 898 50.85 123.21 6.72
CA UNK E 898 52.05 123.77 7.24
C UNK E 898 52.93 124.42 6.19
N UNK E 899 54.02 125.04 6.63
CA UNK E 899 54.94 125.72 5.73
C UNK E 899 56.22 126.15 6.46
N UNK E 900 57.37 125.88 5.84
CA UNK E 900 58.66 126.25 6.41
C UNK E 900 59.42 127.22 5.52
N UNK E 901 59.90 128.30 6.09
CA UNK E 901 60.64 129.29 5.32
C UNK E 901 62.08 128.87 5.28
N UNK E 902 62.63 128.60 4.08
CA UNK E 902 64.03 128.20 4.03
C UNK E 902 64.81 129.12 4.95
N UNK E 903 61.16 131.12 10.49
CA UNK E 903 59.73 131.41 10.32
C UNK E 903 58.97 130.17 9.90
N UNK E 904 57.76 130.00 10.44
CA UNK E 904 56.90 128.88 10.05
C UNK E 904 55.55 129.52 9.78
N UNK E 905 54.83 129.01 8.81
CA UNK E 905 53.52 129.57 8.50
C UNK E 905 52.47 128.48 8.44
N UNK E 906 51.22 128.82 8.69
CA UNK E 906 50.20 127.78 8.61
C UNK E 906 48.82 128.18 8.18
N UNK E 907 48.13 127.20 7.59
CA UNK E 907 46.78 127.38 7.11
C UNK E 907 45.82 127.19 8.26
N UNK E 908 44.57 127.56 8.04
CA UNK E 908 43.57 127.47 9.09
C UNK E 908 42.28 126.91 8.52
N UNK E 909 41.48 126.31 9.40
CA UNK E 909 40.21 125.70 8.98
C UNK E 909 39.29 126.79 8.46
N UNK E 910 42.22 131.48 8.05
CA UNK E 910 43.27 132.33 8.59
C UNK E 910 44.68 131.93 8.16
N UNK E 911 45.58 132.92 8.13
CA UNK E 911 46.97 132.69 7.75
C UNK E 911 47.86 133.34 8.82
N UNK E 912 48.89 132.62 9.27
CA UNK E 912 49.77 133.16 10.30
C UNK E 912 51.22 132.76 10.16
N UNK E 913 52.13 133.71 10.37
CA UNK E 913 53.54 133.42 10.33
C UNK E 913 53.99 133.54 11.76
N UNK E 914 54.81 132.59 12.20
CA UNK E 914 55.35 132.64 13.56
C UNK E 914 56.84 132.71 13.34
N UNK E 915 57.53 133.49 14.15
CA UNK E 915 58.98 133.58 13.98
C UNK E 915 59.68 132.78 15.07
N UNK E 916 60.31 131.69 14.63
CA UNK E 916 61.02 130.78 15.51
C UNK E 916 62.09 131.39 16.41
N UNK E 917 63.01 132.19 15.84
CA UNK E 917 64.06 132.78 16.69
C UNK E 917 63.45 133.23 18.02
N UNK E 918 62.21 133.68 17.95
CA UNK E 918 61.50 134.13 19.14
C UNK E 918 60.54 133.05 19.65
N UNK E 919 56.14 135.98 19.10
CA UNK E 919 55.74 137.08 18.23
C UNK E 919 55.49 136.59 16.80
N UNK E 920 54.27 136.80 16.33
CA UNK E 920 53.87 136.37 14.99
C UNK E 920 52.88 137.38 14.43
N UNK E 921 52.23 137.03 13.33
CA UNK E 921 51.46 137.96 12.52
C UNK E 921 50.26 137.27 11.86
N UNK E 922 49.21 138.02 11.55
CA UNK E 922 48.01 137.47 10.92
C UNK E 922 47.53 138.24 9.70
N UNK E 923 47.79 137.71 8.51
CA UNK E 923 47.39 138.38 7.30
C UNK E 923 46.00 138.02 6.81
N UNK E 924 45.03 138.91 7.07
CA UNK E 924 43.62 138.74 6.69
C UNK E 924 43.19 138.27 5.29
N UNK E 925 44.44 125.36 1.98
CA UNK E 925 45.07 124.16 1.43
C UNK E 925 46.57 124.31 1.33
N UNK E 926 47.11 124.36 0.13
CA UNK E 926 48.56 124.51 -0.04
C UNK E 926 48.98 125.89 0.52
N UNK E 927 50.23 126.04 0.97
CA UNK E 927 50.75 127.32 1.50
C UNK E 927 52.27 127.38 1.49
N UNK E 928 52.86 128.34 0.79
CA UNK E 928 54.32 128.39 0.71
C UNK E 928 54.94 129.79 0.79
N UNK E 929 56.22 129.82 1.14
CA UNK E 929 56.98 131.07 1.23
C UNK E 929 57.64 131.31 -0.12
N UNK E 930 58.05 132.54 -0.38
CA UNK E 930 58.69 132.87 -1.64
C UNK E 930 60.13 132.42 -1.51
N UNK E 931 60.86 132.36 -2.63
CA UNK E 931 62.26 131.97 -2.58
C UNK E 931 62.90 132.63 -1.36
N UNK E 932 54.00 135.33 1.15
CA UNK E 932 53.41 134.00 1.35
C UNK E 932 52.31 133.65 0.38
N UNK E 933 52.61 132.83 -0.62
CA UNK E 933 51.56 132.43 -1.55
C UNK E 933 50.73 131.35 -0.86
N UNK E 934 49.42 131.42 -1.02
CA UNK E 934 48.55 130.44 -0.40
C UNK E 934 47.28 130.26 -1.18
N UNK E 935 46.76 129.05 -1.18
CA UNK E 935 45.53 128.76 -1.89
C UNK E 935 44.54 128.09 -0.95
N UNK E 936 43.28 128.18 -1.33
CA UNK E 936 42.20 127.58 -0.58
C UNK E 936 41.29 126.88 -1.58
N UNK E 937 40.08 126.59 -1.12
CA UNK E 937 39.13 125.83 -1.90
C UNK E 937 38.26 126.71 -2.81
N UNK E 938 38.83 127.80 -3.29
CA UNK E 938 38.14 128.71 -4.20
C UNK E 938 39.13 129.13 -5.30
N UNK E 939 38.75 130.04 -6.18
CA UNK E 939 39.62 130.44 -7.31
C UNK E 939 40.68 131.54 -7.16
N UNK E 940 40.85 132.10 -5.97
CA UNK E 940 41.85 133.14 -5.80
C UNK E 940 43.10 132.59 -5.12
N UNK E 941 44.27 133.14 -5.44
CA UNK E 941 45.51 132.71 -4.79
C UNK E 941 46.17 133.89 -4.07
N UNK E 942 45.99 133.98 -2.76
CA UNK E 942 46.57 135.06 -1.98
C UNK E 942 48.09 135.17 -2.00
N UNK E 943 48.59 136.34 -2.40
CA UNK E 943 50.03 136.60 -2.42
C UNK E 943 50.32 137.70 -1.41
N UNK E 944 50.28 137.32 -0.13
CA UNK E 944 50.51 138.23 0.98
C UNK E 944 51.96 138.51 1.28
N UNK E 945 52.44 139.62 0.71
CA UNK E 945 53.81 140.02 0.94
C UNK E 945 53.86 140.62 2.36
N UNK E 946 53.81 139.73 3.35
CA UNK E 946 53.86 140.14 4.75
C UNK E 946 55.11 141.02 4.97
N UNK E 947 51.30 144.36 2.16
CA UNK E 947 50.81 144.39 0.79
C UNK E 947 50.18 143.07 0.40
N UNK E 948 49.29 143.11 -0.58
CA UNK E 948 48.62 141.91 -1.06
C UNK E 948 48.50 141.95 -2.56
N UNK E 949 48.63 140.78 -3.17
CA UNK E 949 48.49 140.65 -4.61
C UNK E 949 47.54 139.48 -4.74
N UNK E 950 46.41 139.71 -5.39
CA UNK E 950 45.41 138.67 -5.55
C UNK E 950 45.39 138.16 -6.99
N UNK E 951 45.21 136.86 -7.13
CA UNK E 951 45.16 136.26 -8.46
C UNK E 951 43.79 135.64 -8.68
N UNK E 952 42.86 136.42 -9.22
CA UNK E 952 41.51 135.94 -9.48
C UNK E 952 41.50 135.09 -10.72
N UNK E 953 41.80 133.81 -10.51
CA UNK E 953 41.85 132.84 -11.59
C UNK E 953 40.50 132.70 -12.24
N UNK E 954 39.46 133.02 -11.48
CA UNK E 954 38.08 132.92 -11.97
C UNK E 954 37.83 131.48 -12.45
N UNK E 955 37.69 127.46 -11.07
CA UNK E 955 36.64 126.93 -10.21
C UNK E 955 37.25 126.81 -8.82
N UNK E 956 38.44 126.22 -8.76
CA UNK E 956 39.19 126.05 -7.52
C UNK E 956 40.61 125.71 -7.92
N UNK E 957 41.57 126.35 -7.27
CA UNK E 957 42.96 126.08 -7.54
C UNK E 957 43.27 124.71 -6.97
N UNK E 958 43.52 123.74 -7.82
CA UNK E 958 43.83 122.38 -7.37
C UNK E 958 45.07 122.52 -6.51
N UNK E 959 46.09 123.19 -7.06
CA UNK E 959 47.33 123.42 -6.33
C UNK E 959 48.23 124.35 -7.13
N UNK E 960 49.40 124.64 -6.61
CA UNK E 960 50.32 125.54 -7.28
C UNK E 960 51.72 125.28 -6.80
N UNK E 961 52.67 126.03 -7.35
CA UNK E 961 54.06 125.90 -6.96
C UNK E 961 54.88 127.08 -7.49
N UNK E 962 55.79 127.57 -6.66
CA UNK E 962 56.64 128.68 -7.07
C UNK E 962 57.32 128.35 -8.38
N UNK E 963 57.93 129.35 -9.00
CA UNK E 963 58.61 129.13 -10.26
C UNK E 963 59.85 130.00 -10.32
N UNK E 964 59.95 135.11 -9.63
CA UNK E 964 58.68 135.65 -9.17
C UNK E 964 57.47 135.17 -9.99
N UNK E 965 57.72 134.25 -10.91
CA UNK E 965 56.65 133.68 -11.73
C UNK E 965 56.10 132.49 -10.93
N UNK E 966 54.82 132.16 -11.08
CA UNK E 966 54.22 131.05 -10.33
C UNK E 966 53.22 130.21 -11.14
N UNK E 967 53.51 128.92 -11.24
CA UNK E 967 52.69 127.97 -11.98
C UNK E 967 51.44 127.56 -11.18
N UNK E 968 50.28 127.55 -11.84
CA UNK E 968 49.04 127.22 -11.15
C UNK E 968 48.06 126.44 -12.01
N UNK E 969 47.40 125.47 -11.38
CA UNK E 969 46.42 124.61 -12.05
C UNK E 969 45.19 124.44 -11.20
N UNK E 970 44.03 124.60 -11.82
CA UNK E 970 42.75 124.45 -11.12
C UNK E 970 42.18 123.20 -11.73
N UNK E 971 41.02 122.78 -11.27
CA UNK E 971 40.44 121.61 -11.86
C UNK E 971 39.38 121.98 -12.87
N UNK E 972 39.85 122.72 -13.88
CA UNK E 972 39.08 123.19 -15.02
C UNK E 972 39.96 122.97 -16.26
N UNK E 973 40.90 122.05 -16.12
CA UNK E 973 41.82 121.71 -17.19
C UNK E 973 42.82 122.80 -17.48
N UNK E 974 42.63 123.93 -16.81
CA UNK E 974 43.50 125.08 -17.01
C UNK E 974 44.74 125.08 -16.13
N UNK E 975 45.82 125.60 -16.72
CA UNK E 975 47.11 125.73 -16.06
C UNK E 975 47.56 127.14 -16.41
N UNK E 976 47.89 127.95 -15.42
CA UNK E 976 48.30 129.30 -15.75
C UNK E 976 49.70 129.60 -15.25
N UNK E 977 50.29 130.70 -15.73
CA UNK E 977 51.64 131.14 -15.32
C UNK E 977 51.63 132.57 -14.79
N UNK E 978 51.05 132.77 -13.61
CA UNK E 978 50.97 134.10 -13.01
C UNK E 978 52.32 134.72 -12.70
N UNK E 979 52.28 136.04 -12.50
CA UNK E 979 53.46 136.81 -12.17
C UNK E 979 53.13 137.43 -10.81
N UNK E 980 53.95 137.20 -9.80
CA UNK E 980 53.67 137.81 -8.52
C UNK E 980 54.14 139.25 -8.66
N UNK E 981 49.42 139.12 -12.87
CA UNK E 981 49.13 139.12 -14.29
C UNK E 981 49.34 137.77 -14.94
N UNK E 982 48.26 137.24 -15.49
CA UNK E 982 48.26 135.95 -16.16
C UNK E 982 49.03 135.99 -17.46
N UNK E 983 50.35 135.81 -17.37
CA UNK E 983 51.17 135.79 -18.56
C UNK E 983 50.67 134.68 -19.50
N UNK E 984 50.77 133.43 -19.05
CA UNK E 984 50.33 132.30 -19.85
C UNK E 984 49.04 131.67 -19.31
N UNK E 985 48.28 131.03 -20.19
CA UNK E 985 47.02 130.40 -19.82
C UNK E 985 46.71 129.27 -20.81
N UNK E 986 46.66 128.02 -20.32
CA UNK E 986 46.36 126.85 -21.15
C UNK E 986 45.10 126.15 -20.69
N UNK E 987 44.54 125.34 -21.60
CA UNK E 987 43.35 124.54 -21.28
C UNK E 987 43.78 123.15 -21.76
N UNK E 988 44.80 122.63 -21.08
CA UNK E 988 45.41 121.33 -21.39
C UNK E 988 44.64 120.04 -21.03
N UNK E 989 43.45 120.16 -20.46
CA UNK E 989 42.64 118.99 -20.12
C UNK E 989 41.19 119.41 -20.00
N UNK E 990 40.27 118.50 -20.29
CA UNK E 990 38.84 118.82 -20.21
C UNK E 990 38.27 118.44 -18.85
N UNK E 991 48.21 116.54 -10.72
CA UNK E 991 49.55 117.07 -10.46
C UNK E 991 50.27 117.34 -11.77
N UNK E 992 51.23 118.25 -11.74
CA UNK E 992 51.98 118.61 -12.94
C UNK E 992 53.25 119.30 -12.48
N UNK E 993 54.39 118.93 -13.05
CA UNK E 993 55.66 119.53 -12.63
C UNK E 993 56.43 120.13 -13.78
N UNK E 994 57.50 120.85 -13.43
CA UNK E 994 58.35 121.51 -14.42
C UNK E 994 59.58 120.66 -14.66
N UNK E 995 60.27 120.97 -15.76
CA UNK E 995 61.48 120.25 -16.14
C UNK E 995 62.68 120.77 -15.36
N UNK E 996 63.44 124.92 -18.30
CA UNK E 996 62.04 125.09 -17.96
C UNK E 996 61.34 124.97 -19.28
N UNK E 997 62.11 124.63 -20.31
CA UNK E 997 61.55 124.49 -21.64
C UNK E 997 60.32 123.60 -21.55
N UNK E 998 60.30 122.72 -20.57
CA UNK E 998 59.19 121.78 -20.40
C UNK E 998 58.51 121.83 -19.03
N UNK E 999 57.19 121.60 -19.02
CA UNK E 999 56.40 121.58 -17.79
C UNK E 999 55.13 120.80 -18.12
N UNK E 1000 55.07 119.55 -17.69
CA UNK E 1000 53.91 118.73 -18.01
C UNK E 1000 52.88 118.57 -16.93
N UNK E 1001 51.72 118.06 -17.36
CA UNK E 1001 50.57 117.83 -16.50
C UNK E 1001 50.20 116.37 -16.38
N UNK E 1002 49.11 116.14 -15.67
CA UNK E 1002 48.57 114.81 -15.41
C UNK E 1002 47.16 115.11 -14.93
N UNK E 1003 46.16 114.44 -15.47
CA UNK E 1003 44.81 114.76 -15.02
C UNK E 1003 43.75 113.82 -15.53
N UNK E 1004 45.26 111.21 -19.27
CA UNK E 1004 46.63 110.94 -19.64
C UNK E 1004 47.57 111.98 -19.03
N UNK E 1005 48.76 112.10 -19.60
CA UNK E 1005 49.76 113.05 -19.13
C UNK E 1005 50.28 113.89 -20.29
N UNK E 1006 49.53 114.93 -20.65
CA UNK E 1006 49.90 115.83 -21.74
C UNK E 1006 51.09 116.68 -21.29
N UNK E 1007 52.17 116.62 -22.07
CA UNK E 1007 53.39 117.37 -21.76
C UNK E 1007 53.64 118.51 -22.76
N UNK E 1008 54.00 119.70 -22.27
CA UNK E 1008 54.27 120.82 -23.18
C UNK E 1008 55.47 121.72 -22.87
N UNK E 1009 55.53 122.86 -23.59
CA UNK E 1009 56.65 123.83 -23.51
C UNK E 1009 56.37 125.27 -23.06
N UNK E 1010 52.58 119.17 -26.60
CA UNK E 1010 53.58 118.56 -27.49
C UNK E 1010 53.08 117.17 -27.88
N UNK E 1011 52.62 116.39 -26.90
CA UNK E 1011 52.08 115.06 -27.20
C UNK E 1011 51.30 114.38 -26.06
N UNK E 1012 50.10 113.92 -26.39
CA UNK E 1012 49.21 113.25 -25.44
C UNK E 1012 49.71 111.81 -25.20
N UNK E 1013 49.87 111.43 -23.93
CA UNK E 1013 50.36 110.10 -23.53
C UNK E 1013 49.25 109.24 -22.92
N UNK E 1014 48.32 108.77 -23.75
CA UNK E 1014 47.20 107.96 -23.27
C UNK E 1014 47.55 106.54 -22.83
N UNK E 1015 48.60 106.40 -22.01
CA UNK E 1015 49.01 105.09 -21.56
C UNK E 1015 48.18 104.51 -20.41
N UNK E 1016 48.18 105.19 -19.28
CA UNK E 1016 47.46 104.75 -18.08
C UNK E 1016 45.96 104.46 -18.26
N UNK E 1017 45.51 103.38 -17.65
CA UNK E 1017 44.10 103.00 -17.73
C UNK E 1017 43.37 103.46 -16.48
N UNK E 1018 44.22 106.34 -14.58
CA UNK E 1018 44.22 107.81 -14.56
C UNK E 1018 45.40 108.39 -13.79
N UNK E 1019 46.21 109.20 -14.46
CA UNK E 1019 47.40 109.76 -13.83
C UNK E 1019 47.07 110.63 -12.63
N UNK E 1020 47.99 110.66 -11.68
CA UNK E 1020 47.81 111.43 -10.46
C UNK E 1020 49.08 112.12 -10.02
N UNK E 1021 50.17 111.85 -10.71
CA UNK E 1021 51.45 112.48 -10.39
C UNK E 1021 52.47 112.26 -11.49
N UNK E 1022 53.61 112.94 -11.41
CA UNK E 1022 54.66 112.80 -12.41
C UNK E 1022 55.87 113.67 -12.11
N UNK E 1023 56.98 113.35 -12.75
CA UNK E 1023 58.21 114.10 -12.57
C UNK E 1023 59.14 113.95 -13.76
N UNK E 1024 60.01 114.92 -13.94
CA UNK E 1024 60.96 114.91 -15.03
C UNK E 1024 62.31 114.46 -14.54
N UNK E 1025 63.01 113.65 -15.34
CA UNK E 1025 64.34 113.19 -14.96
C UNK E 1025 65.18 114.44 -14.83
N UNK E 1026 66.07 114.47 -13.85
CA UNK E 1026 66.92 115.64 -13.64
C UNK E 1026 67.71 115.90 -14.93
N UNK E 1027 63.31 111.89 -19.44
CA UNK E 1027 62.17 111.06 -19.05
C UNK E 1027 61.16 111.77 -18.17
N UNK E 1028 59.94 111.28 -18.24
CA UNK E 1028 58.83 111.81 -17.47
C UNK E 1028 58.01 110.61 -17.00
N UNK E 1029 58.17 110.27 -15.71
CA UNK E 1029 57.44 109.16 -15.11
C UNK E 1029 56.10 109.65 -14.60
N UNK E 1030 55.06 108.87 -14.84
CA UNK E 1030 53.72 109.26 -14.43
C UNK E 1030 53.04 108.29 -13.47
N UNK E 1031 52.31 108.84 -12.52
CA UNK E 1031 51.62 108.05 -11.51
C UNK E 1031 50.19 107.69 -11.84
N UNK E 1032 49.94 106.38 -11.86
CA UNK E 1032 48.63 105.83 -12.16
C UNK E 1032 47.77 105.69 -10.92
N UNK E 1033 46.47 105.88 -11.10
CA UNK E 1033 45.52 105.78 -10.01
C UNK E 1033 45.36 104.31 -9.60
N UNK E 1034 45.93 103.41 -10.40
CA UNK E 1034 45.86 101.98 -10.11
C UNK E 1034 47.25 101.37 -10.00
N UNK E 1035 48.07 101.95 -9.16
CA UNK E 1035 49.40 101.43 -8.94
C UNK E 1035 50.27 101.27 -10.16
N UNK E 1036 49.78 101.68 -11.33
CA UNK E 1036 50.56 101.57 -12.55
C UNK E 1036 51.52 102.75 -12.60
N UNK E 1037 52.50 102.69 -13.48
CA UNK E 1037 53.46 103.78 -13.58
C UNK E 1037 54.17 103.37 -14.85
N UNK E 1038 54.05 104.23 -15.87
CA UNK E 1038 54.82 104.11 -17.10
C UNK E 1038 55.88 105.19 -17.14
N UNK E 1039 57.01 104.87 -17.76
CA UNK E 1039 58.08 105.83 -17.92
C UNK E 1039 57.93 106.29 -19.36
N UNK E 1040 58.05 107.60 -19.59
CA UNK E 1040 57.95 108.13 -20.95
C UNK E 1040 59.25 108.87 -21.24
N UNK E 1041 59.50 109.19 -22.52
CA UNK E 1041 60.73 109.88 -22.90
C UNK E 1041 60.54 111.30 -23.45
N UNK E 1042 59.00 102.48 -21.25
CA UNK E 1042 58.63 101.23 -20.60
C UNK E 1042 57.62 101.46 -19.48
N UNK E 1043 56.71 100.50 -19.31
CA UNK E 1043 55.68 100.60 -18.28
C UNK E 1043 55.90 99.75 -17.01
N UNK E 1044 57.03 99.93 -16.34
CA UNK E 1044 57.31 99.18 -15.12
C UNK E 1044 56.21 99.47 -14.10
N UNK E 1045 55.27 98.54 -13.93
CA UNK E 1045 54.18 98.75 -12.98
C UNK E 1045 53.40 97.51 -12.52
N UNK E 1046 54.02 96.66 -11.67
CA UNK E 1046 53.36 95.45 -11.17
C UNK E 1046 52.18 95.73 -10.24
N UNK E 1047 46.74 103.42 -5.51
CA UNK E 1047 47.24 104.72 -5.94
C UNK E 1047 48.76 104.72 -6.03
N UNK E 1048 49.29 105.80 -6.59
CA UNK E 1048 50.72 106.08 -6.74
C UNK E 1048 50.74 107.59 -6.70
N UNK E 1049 50.76 108.15 -5.50
CA UNK E 1049 50.70 109.58 -5.33
C UNK E 1049 52.00 110.35 -5.44
N UNK E 1050 53.04 109.76 -6.02
CA UNK E 1050 54.29 110.51 -6.11
C UNK E 1050 55.42 109.73 -6.77
N UNK E 1051 56.34 110.46 -7.40
CA UNK E 1051 57.52 109.89 -8.04
C UNK E 1051 58.65 110.89 -7.96
N UNK E 1052 59.84 110.45 -8.31
CA UNK E 1052 61.02 111.32 -8.26
C UNK E 1052 62.16 110.51 -8.86
N UNK E 1053 62.83 111.08 -9.85
CA UNK E 1053 64.02 110.47 -10.39
C UNK E 1053 65.17 110.81 -9.46
N UNK E 1054 66.26 110.07 -9.59
CA UNK E 1054 67.44 110.29 -8.77
C UNK E 1054 68.35 111.26 -9.53
N UNK E 1055 69.35 111.84 -8.85
CA UNK E 1055 70.19 112.73 -9.65
C UNK E 1055 70.69 111.92 -10.85
N UNK E 1056 71.38 110.82 -10.57
CA UNK E 1056 71.93 109.92 -11.59
C UNK E 1056 70.97 109.59 -12.75
N UNK E 1057 69.70 109.94 -12.60
CA UNK E 1057 68.70 109.69 -13.64
C UNK E 1057 68.53 108.18 -13.95
N UNK E 1058 68.76 107.34 -12.95
CA UNK E 1058 68.66 105.89 -13.13
C UNK E 1058 67.65 105.21 -12.19
N UNK E 1059 67.63 105.64 -10.92
CA UNK E 1059 66.73 105.09 -9.92
C UNK E 1059 65.51 105.98 -9.74
N UNK E 1060 64.33 105.39 -9.91
CA UNK E 1060 63.08 106.13 -9.73
C UNK E 1060 62.42 105.69 -8.43
N UNK E 1061 62.18 106.64 -7.52
CA UNK E 1061 61.53 106.33 -6.24
C UNK E 1061 60.02 106.56 -6.38
N UNK E 1062 59.24 105.65 -5.82
CA UNK E 1062 57.79 105.71 -5.90
C UNK E 1062 57.12 105.65 -4.53
N UNK E 1063 55.93 106.24 -4.42
CA UNK E 1063 55.19 106.26 -3.16
C UNK E 1063 53.70 106.25 -3.38
N UNK E 1064 52.81 102.36 -0.32
CA UNK E 1064 54.11 102.19 0.32
C UNK E 1064 55.18 102.67 -0.65
N UNK E 1065 56.40 102.82 -0.14
CA UNK E 1065 57.51 103.27 -0.97
C UNK E 1065 57.99 102.08 -1.82
N UNK E 1066 58.67 102.34 -2.92
CA UNK E 1066 59.11 101.27 -3.81
C UNK E 1066 60.06 101.87 -4.82
N UNK E 1067 61.31 101.42 -4.82
CA UNK E 1067 62.31 101.91 -5.76
C UNK E 1067 62.36 101.08 -7.04
N UNK E 1068 62.81 101.67 -8.14
CA UNK E 1068 62.89 100.97 -9.42
C UNK E 1068 64.21 101.16 -10.18
N UNK E 1069 64.27 100.54 -11.35
CA UNK E 1069 65.45 100.59 -12.23
C UNK E 1069 65.06 101.08 -13.61
N UNK E 1070 65.59 102.24 -14.01
CA UNK E 1070 65.30 102.82 -15.32
C UNK E 1070 65.55 101.80 -16.43
N UNK E 1071 57.86 98.93 3.45
CA UNK E 1071 56.44 98.81 3.70
C UNK E 1071 56.21 99.61 4.98
N UNK E 1072 55.36 100.61 4.88
CA UNK E 1072 55.03 101.42 6.03
C UNK E 1072 53.79 100.81 6.65
N UNK E 1073 53.68 100.85 7.98
CA UNK E 1073 52.51 100.32 8.68
C UNK E 1073 51.24 100.78 7.94
N UNK E 1074 51.15 102.08 7.69
CA UNK E 1074 50.00 102.62 7.01
C UNK E 1074 50.19 102.75 5.51
N UNK E 1075 49.14 103.20 4.83
CA UNK E 1075 49.18 103.37 3.40
C UNK E 1075 48.78 104.77 3.01
N UNK E 1076 48.38 104.91 1.75
CA UNK E 1076 47.94 106.16 1.19
C UNK E 1076 48.87 107.29 1.57
N UNK E 1077 50.12 107.17 1.14
CA UNK E 1077 51.08 108.21 1.41
C UNK E 1077 50.77 109.30 0.39
N UNK E 1078 51.42 110.45 0.51
CA UNK E 1078 51.25 111.52 -0.46
C UNK E 1078 52.40 111.96 -1.33
N UNK E 1079 53.31 112.76 -0.76
CA UNK E 1079 54.48 113.24 -1.48
C UNK E 1079 55.72 112.82 -0.71
N UNK E 1080 56.56 112.02 -1.34
CA UNK E 1080 57.69 111.43 -0.62
C UNK E 1080 58.75 112.51 -0.73
N UNK E 1081 59.40 112.85 0.37
CA UNK E 1081 60.44 113.88 0.30
C UNK E 1081 61.84 113.32 0.18
N UNK E 1082 62.31 113.16 -1.06
CA UNK E 1082 63.67 112.66 -1.28
C UNK E 1082 64.57 113.86 -1.00
N UNK E 1083 65.88 113.65 -0.98
CA UNK E 1083 66.77 114.77 -0.73
C UNK E 1083 67.83 114.88 -1.83
N UNK E 1084 68.78 115.81 -1.68
CA UNK E 1084 69.82 115.96 -2.69
C UNK E 1084 70.58 114.64 -2.92
N UNK E 1085 71.28 114.19 -1.87
CA UNK E 1085 72.05 112.96 -1.92
C UNK E 1085 71.23 111.71 -2.25
N UNK E 1086 69.91 111.82 -2.26
CA UNK E 1086 69.02 110.68 -2.54
C UNK E 1086 69.31 109.60 -1.52
N UNK E 1087 69.73 110.03 -0.34
CA UNK E 1087 70.13 109.13 0.75
C UNK E 1087 69.36 109.43 2.03
N UNK E 1088 68.20 110.08 1.90
CA UNK E 1088 67.35 110.43 3.04
C UNK E 1088 65.93 110.59 2.50
N UNK E 1089 64.95 110.06 3.23
CA UNK E 1089 63.57 110.17 2.77
C UNK E 1089 62.66 110.46 3.96
N UNK E 1090 61.59 111.21 3.72
CA UNK E 1090 60.65 111.54 4.77
C UNK E 1090 59.23 111.44 4.25
N UNK E 1091 58.36 110.83 5.04
CA UNK E 1091 56.97 110.70 4.64
C UNK E 1091 56.09 110.47 5.85
N UNK E 1092 54.79 110.35 5.61
CA UNK E 1092 53.85 110.16 6.70
C UNK E 1092 52.64 109.40 6.20
N UNK E 1093 52.36 108.25 6.82
CA UNK E 1093 51.22 107.41 6.43
C UNK E 1093 49.97 107.81 7.16
N UNK E 1094 48.81 107.35 6.67
CA UNK E 1094 47.55 107.69 7.31
C UNK E 1094 47.44 107.18 8.73
N UNK E 1095 48.51 106.59 9.24
CA UNK E 1095 48.50 106.14 10.61
C UNK E 1095 49.18 107.24 11.40
N UNK E 1096 49.51 108.33 10.72
CA UNK E 1096 50.13 109.47 11.37
C UNK E 1096 51.53 109.18 11.87
N UNK E 1097 52.16 108.20 11.25
CA UNK E 1097 53.51 107.83 11.63
C UNK E 1097 54.50 108.59 10.77
N UNK E 1098 55.49 109.21 11.41
CA UNK E 1098 56.50 109.99 10.70
C UNK E 1098 57.74 109.17 10.30
N UNK E 1099 57.81 108.79 9.04
CA UNK E 1099 58.96 108.01 8.59
C UNK E 1099 60.09 108.88 8.03
N UNK E 1100 61.24 108.85 8.71
CA UNK E 1100 62.42 109.57 8.25
C UNK E 1100 63.46 108.48 7.97
N UNK E 1101 63.42 107.95 6.76
CA UNK E 1101 64.33 106.90 6.34
C UNK E 1101 65.66 107.47 5.84
N UNK E 1102 66.70 106.65 5.79
CA UNK E 1102 68.01 107.12 5.36
C UNK E 1102 69.00 106.00 5.07
N TYR F 10 -2.78 7.59 48.54
CA TYR F 10 -1.79 8.66 48.57
C TYR F 10 -1.67 9.20 49.97
N GLN F 11 -1.38 10.49 50.11
CA GLN F 11 -1.20 11.07 51.44
C GLN F 11 -1.75 12.48 51.52
N TYR F 12 -2.41 12.79 52.64
CA TYR F 12 -2.94 14.13 52.87
C TYR F 12 -1.92 15.24 52.86
N LYS F 13 -0.79 14.99 53.49
CA LYS F 13 0.20 16.03 53.60
C LYS F 13 0.76 16.46 52.24
N ASP F 14 1.05 15.50 51.38
CA ASP F 14 1.54 15.82 50.06
C ASP F 14 0.52 16.57 49.22
N ILE F 15 -0.73 16.18 49.33
CA ILE F 15 -1.76 16.74 48.49
C ILE F 15 -1.85 18.23 48.72
N LEU F 16 -1.65 18.66 49.96
CA LEU F 16 -2.04 19.98 50.40
C LEU F 16 -1.41 21.07 49.60
N SER F 17 -0.13 20.94 49.44
CA SER F 17 0.69 22.00 48.82
C SER F 17 0.16 22.40 47.45
N VAL F 18 -0.47 21.43 46.77
CA VAL F 18 -1.03 21.63 45.45
C VAL F 18 -1.91 22.87 45.37
N PHE F 19 -2.98 22.90 46.14
CA PHE F 19 -3.92 24.01 46.05
C PHE F 19 -3.63 25.02 47.14
N GLU F 20 -2.36 25.34 47.29
CA GLU F 20 -1.95 26.45 48.16
C GLU F 20 -2.33 27.76 47.48
N ASP F 21 -2.27 27.79 46.14
CA ASP F 21 -2.72 28.94 45.35
C ASP F 21 -4.06 29.49 45.84
N ALA F 22 -4.98 28.57 46.15
CA ALA F 22 -6.30 28.91 46.65
C ALA F 22 -6.24 29.38 48.11
N PHE F 23 -5.51 28.64 48.94
CA PHE F 23 -5.42 28.93 50.37
C PHE F 23 -5.02 30.38 50.69
N VAL F 24 -4.31 31.03 49.78
CA VAL F 24 -3.96 32.44 49.91
C VAL F 24 -5.14 33.30 49.54
N ASP F 25 -5.85 32.83 48.52
CA ASP F 25 -6.98 33.56 48.00
C ASP F 25 -8.08 33.77 49.04
N ASN F 26 -8.51 32.73 49.75
CA ASN F 26 -9.52 32.97 50.78
C ASN F 26 -9.26 32.60 52.25
N PHE F 27 -8.47 31.57 52.51
CA PHE F 27 -8.26 31.15 53.89
C PHE F 27 -7.50 32.24 54.59
N ASP F 28 -7.85 32.49 55.85
CA ASP F 28 -6.96 33.20 56.76
C ASP F 28 -6.83 32.56 58.13
N CYS F 29 -5.59 32.29 58.54
CA CYS F 29 -5.37 31.77 59.88
C CYS F 29 -5.67 32.74 61.01
N LYS F 30 -5.15 33.95 60.88
CA LYS F 30 -5.14 34.92 61.97
C LYS F 30 -6.49 34.98 62.65
N ASP F 31 -7.53 35.21 61.86
CA ASP F 31 -8.88 35.14 62.39
C ASP F 31 -9.11 33.71 62.81
N VAL F 32 -8.57 32.84 61.98
CA VAL F 32 -9.06 31.49 61.76
C VAL F 32 -8.51 30.44 62.71
N GLN F 33 -8.82 30.56 64.00
CA GLN F 33 -8.32 29.57 64.94
C GLN F 33 -9.11 29.30 66.21
N ASP F 34 -9.75 28.14 66.26
CA ASP F 34 -9.84 27.28 67.41
C ASP F 34 -8.40 26.83 67.65
N MET F 35 -7.72 26.54 66.55
CA MET F 35 -6.35 26.06 66.56
C MET F 35 -6.10 24.82 67.41
N PRO F 36 -6.91 23.71 67.11
CA PRO F 36 -6.86 22.66 68.16
C PRO F 36 -5.46 22.14 68.35
N LYS F 37 -5.11 22.09 69.61
CA LYS F 37 -3.76 22.25 70.09
C LYS F 37 -2.87 21.20 69.50
N SER F 38 -3.39 19.99 69.38
CA SER F 38 -2.60 18.91 68.78
C SER F 38 -2.36 18.96 67.25
N ILE F 39 -3.39 19.21 66.44
CA ILE F 39 -3.14 19.45 65.01
C ILE F 39 -2.09 20.56 64.79
N LEU F 40 -2.32 21.73 65.36
CA LEU F 40 -1.35 22.82 65.31
C LEU F 40 -0.98 23.31 66.72
N SER F 41 0.30 23.57 66.93
CA SER F 41 0.77 24.08 68.23
C SER F 41 0.07 25.38 68.57
N LYS F 42 0.31 25.91 69.78
CA LYS F 42 -0.42 27.09 70.21
C LYS F 42 0.43 28.32 69.90
N GLU F 43 1.75 28.16 69.96
CA GLU F 43 2.69 29.19 69.52
C GLU F 43 2.63 29.34 68.01
N GLU F 44 2.76 28.22 67.31
CA GLU F 44 2.79 28.20 65.86
C GLU F 44 1.53 28.80 65.26
N ILE F 45 0.41 28.47 65.87
CA ILE F 45 -0.79 29.21 65.66
C ILE F 45 -0.45 30.61 66.14
N ASP F 46 0.32 30.66 67.21
CA ASP F 46 0.71 31.92 67.77
C ASP F 46 1.55 32.61 66.71
N HIS F 47 2.49 31.87 66.14
CA HIS F 47 3.42 32.48 65.22
C HIS F 47 2.77 33.01 63.97
N ILE F 48 1.95 32.18 63.36
CA ILE F 48 1.56 32.43 62.00
C ILE F 48 0.83 33.73 61.80
N ILE F 49 -0.19 33.97 62.61
CA ILE F 49 -1.14 35.07 62.37
C ILE F 49 -0.44 36.40 62.44
N MET F 50 0.73 36.37 63.07
CA MET F 50 1.50 37.57 63.27
C MET F 50 2.53 37.81 62.19
N SER F 51 2.62 36.92 61.22
CA SER F 51 3.47 37.18 60.06
C SER F 51 2.79 38.20 59.15
N LYS F 52 3.56 38.87 58.31
CA LYS F 52 3.12 40.11 57.71
C LYS F 52 1.88 40.04 56.81
N ASP F 53 1.82 39.05 55.94
CA ASP F 53 0.94 39.12 54.78
C ASP F 53 -0.05 37.98 54.63
N ALA F 54 -0.56 37.81 53.41
CA ALA F 54 -1.27 36.59 53.12
C ALA F 54 -0.40 35.52 52.47
N VAL F 55 0.43 35.91 51.52
CA VAL F 55 1.20 34.92 50.78
C VAL F 55 2.19 34.18 51.64
N SER F 56 2.56 34.79 52.75
CA SER F 56 3.57 34.31 53.67
C SER F 56 2.91 33.50 54.77
N GLY F 57 1.74 33.94 55.19
CA GLY F 57 1.00 33.18 56.18
C GLY F 57 0.65 31.84 55.60
N THR F 58 0.21 31.81 54.36
CA THR F 58 -0.18 30.51 53.93
C THR F 58 1.08 29.72 54.24
N LEU F 59 2.23 30.26 53.87
CA LEU F 59 3.45 29.49 53.83
C LEU F 59 3.90 28.91 55.16
N ARG F 60 3.73 29.67 56.22
CA ARG F 60 3.96 29.09 57.52
C ARG F 60 2.93 28.00 57.77
N LEU F 61 1.66 28.26 57.48
CA LEU F 61 0.66 27.28 57.83
C LEU F 61 0.97 25.96 57.12
N PHE F 62 1.12 26.04 55.81
CA PHE F 62 1.38 24.85 55.01
C PHE F 62 2.75 24.28 55.35
N TRP F 63 3.63 25.10 55.89
CA TRP F 63 4.95 24.59 56.25
C TRP F 63 4.91 23.76 57.52
N THR F 64 4.63 24.42 58.65
CA THR F 64 4.63 23.79 59.96
C THR F 64 3.74 22.55 60.02
N LEU F 65 2.60 22.64 59.36
CA LEU F 65 1.60 21.58 59.39
C LEU F 65 2.01 20.34 58.59
N LEU F 66 2.86 20.58 57.61
CA LEU F 66 3.61 19.53 56.92
C LEU F 66 4.55 18.83 57.87
N SER F 67 5.06 19.58 58.84
CA SER F 67 6.06 19.08 59.77
C SER F 67 5.53 17.96 60.65
N LYS F 68 4.28 18.13 61.05
CA LYS F 68 3.62 17.23 61.98
C LYS F 68 3.27 15.89 61.34
N GLN F 69 3.04 14.88 62.17
CA GLN F 69 2.80 13.53 61.69
C GLN F 69 1.55 13.53 60.83
N GLU F 70 1.58 12.68 59.81
CA GLU F 70 0.64 12.71 58.70
C GLU F 70 -0.81 12.47 59.10
N GLU F 71 -1.02 11.96 60.31
CA GLU F 71 -2.36 11.58 60.76
C GLU F 71 -3.20 12.75 61.27
N MET F 72 -2.55 13.74 61.89
CA MET F 72 -3.31 14.82 62.49
C MET F 72 -3.81 15.76 61.41
N VAL F 73 -2.96 16.06 60.44
CA VAL F 73 -3.37 17.04 59.46
C VAL F 73 -4.82 16.75 59.20
N GLN F 74 -5.15 15.47 59.05
CA GLN F 74 -6.51 15.04 58.80
C GLN F 74 -7.46 15.77 59.73
N LYS F 75 -6.98 16.04 60.94
CA LYS F 75 -7.76 16.78 61.90
C LYS F 75 -8.04 18.12 61.26
N PHE F 76 -6.98 18.63 60.66
CA PHE F 76 -7.00 19.94 60.05
C PHE F 76 -7.80 19.90 58.78
N VAL F 77 -7.48 18.92 57.97
CA VAL F 77 -8.07 18.77 56.67
C VAL F 77 -9.56 18.52 56.79
N GLU F 78 -9.96 17.80 57.81
CA GLU F 78 -11.34 17.36 57.85
C GLU F 78 -12.21 18.09 58.84
N GLU F 79 -12.11 17.68 60.09
CA GLU F 79 -12.99 18.24 61.09
C GLU F 79 -12.79 19.72 61.30
N VAL F 80 -11.53 20.14 61.38
CA VAL F 80 -11.24 21.55 61.59
C VAL F 80 -11.73 22.44 60.45
N LEU F 81 -11.08 22.31 59.32
CA LEU F 81 -11.16 23.29 58.28
C LEU F 81 -12.57 23.37 57.78
N ARG F 82 -13.27 22.26 57.98
CA ARG F 82 -14.68 22.14 57.69
C ARG F 82 -15.54 23.02 58.57
N ILE F 83 -15.13 23.22 59.81
CA ILE F 83 -16.01 23.87 60.76
C ILE F 83 -16.39 25.30 60.37
N ASN F 84 -15.44 26.05 59.84
CA ASN F 84 -15.75 27.35 59.29
C ASN F 84 -15.61 27.36 57.79
N TYR F 85 -15.37 26.19 57.20
CA TYR F 85 -15.08 26.14 55.78
C TYR F 85 -15.78 24.97 55.15
N LYS F 86 -16.20 25.21 53.90
CA LYS F 86 -16.70 24.22 52.95
C LYS F 86 -16.00 24.17 51.61
N PHE F 87 -16.07 25.30 50.91
CA PHE F 87 -15.54 25.45 49.56
C PHE F 87 -14.18 24.80 49.51
N LEU F 88 -13.33 25.17 50.46
CA LEU F 88 -12.08 24.51 50.56
C LEU F 88 -11.99 22.98 50.77
N MET F 89 -12.55 22.48 51.87
CA MET F 89 -12.39 21.08 52.27
C MET F 89 -12.52 20.11 51.11
N SER F 90 -13.57 20.29 50.30
CA SER F 90 -13.88 19.38 49.24
C SER F 90 -12.75 19.40 48.25
N PRO F 91 -12.29 20.68 47.88
CA PRO F 91 -11.18 20.63 46.91
C PRO F 91 -10.02 19.78 47.34
N ILE F 92 -9.56 19.82 48.57
CA ILE F 92 -8.49 18.89 48.92
C ILE F 92 -9.00 17.46 48.90
N LYS F 93 -10.13 17.25 49.56
CA LYS F 93 -10.67 15.91 49.78
C LYS F 93 -10.87 15.16 48.47
N THR F 94 -11.17 15.91 47.41
CA THR F 94 -11.40 15.33 46.12
C THR F 94 -10.06 14.91 45.61
N GLU F 95 -9.03 15.34 46.33
CA GLU F 95 -7.65 15.04 45.98
C GLU F 95 -7.08 13.76 46.60
N GLN F 96 -7.36 13.59 47.87
CA GLN F 96 -6.67 12.55 48.53
C GLN F 96 -7.04 11.35 47.67
N ARG F 97 -8.30 11.20 47.32
CA ARG F 97 -8.59 10.19 46.31
C ARG F 97 -8.17 10.56 44.88
N GLN F 98 -8.52 11.76 44.45
CA GLN F 98 -8.51 12.08 43.02
C GLN F 98 -7.17 12.17 42.30
N PRO F 99 -6.20 12.82 42.92
CA PRO F 99 -4.86 12.88 42.39
C PRO F 99 -4.75 13.29 40.90
N SER F 100 -5.29 14.44 40.53
CA SER F 100 -5.35 14.85 39.13
C SER F 100 -3.98 14.80 38.56
N MET F 101 -3.84 14.40 37.30
CA MET F 101 -2.57 13.92 36.85
C MET F 101 -1.46 14.95 36.99
N MET F 102 -1.68 16.17 36.55
CA MET F 102 -0.65 17.14 36.87
C MET F 102 -0.19 17.03 38.33
N THR F 103 -1.14 16.84 39.25
CA THR F 103 -0.84 16.73 40.67
C THR F 103 0.12 15.58 40.95
N ARG F 104 -0.24 14.38 40.55
CA ARG F 104 0.64 13.29 40.83
C ARG F 104 1.90 13.60 40.10
N MET F 105 1.83 14.18 38.93
CA MET F 105 3.09 14.33 38.27
C MET F 105 3.99 15.14 39.17
N TYR F 106 3.47 16.16 39.83
CA TYR F 106 4.35 16.94 40.69
C TYR F 106 4.91 16.11 41.83
N ILE F 107 4.03 15.42 42.55
CA ILE F 107 4.48 14.76 43.76
C ILE F 107 5.49 13.77 43.35
N GLU F 108 5.25 13.15 42.22
CA GLU F 108 6.13 12.12 41.74
C GLU F 108 7.47 12.75 41.57
N GLN F 109 7.47 13.91 40.94
CA GLN F 109 8.72 14.59 40.82
C GLN F 109 9.15 15.01 42.18
N ARG F 110 8.27 15.57 42.98
CA ARG F 110 8.83 16.27 44.11
C ARG F 110 9.66 15.32 44.92
N ASP F 111 9.18 14.10 45.15
CA ASP F 111 9.94 13.17 45.96
C ASP F 111 11.26 12.91 45.28
N ARG F 112 11.27 12.92 43.97
CA ARG F 112 12.50 12.63 43.31
C ARG F 112 13.47 13.63 43.87
N LEU F 113 12.94 14.82 44.13
CA LEU F 113 13.76 15.91 44.61
C LEU F 113 14.34 15.69 46.00
N TYR F 114 13.51 15.24 46.92
CA TYR F 114 13.97 15.09 48.28
C TYR F 114 14.95 13.99 48.28
N ASN F 115 14.50 12.90 47.69
CA ASN F 115 15.06 11.60 47.84
C ASN F 115 16.48 11.66 47.34
N ASP F 116 16.68 12.28 46.20
CA ASP F 116 18.02 12.41 45.72
C ASP F 116 18.79 13.31 46.63
N ASN F 117 18.14 14.35 47.13
CA ASN F 117 18.78 15.26 48.06
C ASN F 117 19.12 14.70 49.43
N GLN F 118 18.29 13.78 49.92
CA GLN F 118 18.60 13.05 51.14
C GLN F 118 18.55 13.89 52.42
N VAL F 119 19.65 14.56 52.74
CA VAL F 119 19.80 15.17 54.04
C VAL F 119 18.74 16.22 54.14
N PHE F 120 18.53 16.91 53.04
CA PHE F 120 17.67 18.03 53.08
C PHE F 120 16.29 17.58 53.54
N ALA F 121 15.75 16.51 53.00
CA ALA F 121 14.40 16.14 53.41
C ALA F 121 14.16 16.13 54.94
N LYS F 122 15.22 16.05 55.74
CA LYS F 122 15.07 16.02 57.18
C LYS F 122 15.45 17.32 57.85
N TYR F 123 16.65 17.79 57.55
CA TYR F 123 17.20 18.95 58.24
C TYR F 123 16.68 20.24 57.63
N ASN F 124 16.13 20.24 56.44
CA ASN F 124 15.92 21.55 55.85
C ASN F 124 14.94 22.26 56.71
N VAL F 125 15.15 23.56 56.91
CA VAL F 125 14.11 24.44 57.47
C VAL F 125 13.86 25.64 56.57
N SER F 126 12.61 25.86 56.22
CA SER F 126 12.25 26.87 55.24
C SER F 126 12.42 28.29 55.78
N ARG F 127 13.22 29.10 55.08
CA ARG F 127 13.38 30.49 55.47
C ARG F 127 12.46 31.32 54.65
N LEU F 128 11.48 31.91 55.31
CA LEU F 128 10.43 32.61 54.61
C LEU F 128 10.93 33.79 53.85
N GLN F 129 11.83 34.53 54.45
CA GLN F 129 12.19 35.77 53.83
C GLN F 129 12.90 35.59 52.53
N PRO F 130 13.81 34.62 52.49
CA PRO F 130 14.69 34.43 51.33
C PRO F 130 14.03 33.54 50.30
N TYR F 131 12.97 32.83 50.68
CA TYR F 131 12.32 31.97 49.71
C TYR F 131 11.36 32.82 48.99
N LEU F 132 10.61 33.59 49.73
CA LEU F 132 9.52 34.31 49.15
C LEU F 132 10.14 35.26 48.18
N LYS F 133 11.35 35.67 48.50
CA LYS F 133 12.07 36.62 47.67
C LYS F 133 12.54 35.96 46.39
N LEU F 134 12.95 34.70 46.50
CA LEU F 134 13.37 33.92 45.36
C LEU F 134 12.24 33.52 44.46
N ARG F 135 11.18 33.03 45.05
CA ARG F 135 10.14 32.40 44.30
C ARG F 135 9.54 33.40 43.34
N GLN F 136 9.52 34.65 43.72
CA GLN F 136 8.93 35.62 42.84
C GLN F 136 9.72 35.58 41.56
N ALA F 137 11.03 35.40 41.66
CA ALA F 137 11.83 35.41 40.46
C ALA F 137 11.42 34.28 39.53
N LEU F 138 11.24 33.09 40.07
CA LEU F 138 11.01 31.91 39.22
C LEU F 138 9.75 31.97 38.40
N LEU F 139 8.70 32.54 38.94
CA LEU F 139 7.52 32.77 38.16
C LEU F 139 7.74 33.74 36.97
N GLU F 140 8.56 34.78 37.15
CA GLU F 140 8.75 35.77 36.10
C GLU F 140 9.74 35.29 35.05
N LEU F 141 10.87 34.76 35.53
CA LEU F 141 12.01 34.34 34.72
C LEU F 141 11.64 33.72 33.36
N ARG F 142 12.17 34.31 32.30
CA ARG F 142 11.74 34.04 30.93
C ARG F 142 12.53 32.86 30.34
N PRO F 143 12.14 32.36 29.14
CA PRO F 143 12.79 31.08 28.81
C PRO F 143 14.28 31.19 28.53
N ALA F 144 14.82 32.41 28.52
CA ALA F 144 16.25 32.59 28.25
C ALA F 144 16.97 33.43 29.30
N LYS F 145 16.21 34.09 30.17
CA LYS F 145 16.80 34.81 31.31
C LYS F 145 17.32 33.83 32.36
N ASN F 146 17.88 34.34 33.44
CA ASN F 146 18.31 33.47 34.54
C ASN F 146 18.48 34.17 35.89
N VAL F 147 17.85 33.60 36.92
CA VAL F 147 17.80 34.23 38.24
C VAL F 147 18.87 33.70 39.15
N LEU F 148 19.85 34.53 39.44
CA LEU F 148 21.00 34.13 40.23
C LEU F 148 20.89 34.40 41.74
N ILE F 149 21.38 33.45 42.53
CA ILE F 149 21.48 33.57 43.98
C ILE F 149 22.95 33.49 44.39
N ASP F 150 23.34 34.27 45.39
CA ASP F 150 24.69 34.14 45.91
C ASP F 150 24.74 34.55 47.37
N GLY F 151 25.37 33.73 48.19
CA GLY F 151 25.57 34.05 49.58
C GLY F 151 26.96 33.66 50.02
N VAL F 152 27.31 34.02 51.23
CA VAL F 152 28.65 33.75 51.70
C VAL F 152 28.59 32.26 51.80
N LEU F 153 29.73 31.60 51.88
CA LEU F 153 29.70 30.17 51.71
C LEU F 153 28.83 29.60 52.80
N GLY F 154 28.18 28.48 52.54
CA GLY F 154 27.29 27.93 53.54
C GLY F 154 26.17 28.86 53.92
N SER F 155 25.70 29.59 52.96
CA SER F 155 24.44 30.26 53.11
C SER F 155 23.34 29.35 52.58
N GLY F 156 23.72 28.12 52.30
CA GLY F 156 22.75 27.12 51.97
C GLY F 156 21.92 27.77 50.91
N LYS F 157 22.56 28.28 49.87
CA LYS F 157 21.79 28.85 48.79
C LYS F 157 20.96 27.71 48.22
N THR F 158 21.60 26.58 48.04
CA THR F 158 21.03 25.54 47.25
C THR F 158 19.73 25.14 47.87
N TRP F 159 19.83 24.88 49.16
CA TRP F 159 18.71 24.45 49.99
C TRP F 159 17.49 25.34 49.83
N VAL F 160 17.70 26.64 49.62
CA VAL F 160 16.59 27.53 49.32
C VAL F 160 16.04 27.21 47.94
N ALA F 161 16.97 27.14 46.98
CA ALA F 161 16.66 26.76 45.61
C ALA F 161 15.87 25.47 45.61
N LEU F 162 16.39 24.48 46.32
CA LEU F 162 15.74 23.17 46.42
C LEU F 162 14.33 23.31 46.93
N ASP F 163 14.11 24.31 47.78
CA ASP F 163 12.84 24.46 48.45
C ASP F 163 11.83 25.17 47.57
N VAL F 164 12.26 26.25 46.91
CA VAL F 164 11.36 26.94 46.00
C VAL F 164 11.05 26.06 44.80
N CYS F 165 12.05 25.29 44.38
CA CYS F 165 11.89 24.34 43.30
C CYS F 165 10.92 23.25 43.73
N LEU F 166 10.82 23.00 45.03
CA LEU F 166 9.87 22.04 45.60
C LEU F 166 8.41 22.56 45.53
N SER F 167 8.25 23.86 45.63
CA SER F 167 6.94 24.48 45.65
C SER F 167 6.15 24.14 44.40
N TYR F 168 4.93 23.68 44.57
CA TYR F 168 4.19 23.28 43.43
C TYR F 168 4.12 24.45 42.53
N LYS F 169 3.98 25.63 43.08
CA LYS F 169 3.88 26.80 42.24
C LYS F 169 5.14 26.94 41.43
N VAL F 170 6.29 26.69 42.04
CA VAL F 170 7.50 26.82 41.27
C VAL F 170 7.49 25.78 40.22
N GLN F 171 7.10 24.58 40.57
CA GLN F 171 7.25 23.48 39.66
C GLN F 171 6.41 23.55 38.42
N CYS F 172 5.16 23.92 38.57
CA CYS F 172 4.28 23.91 37.42
C CYS F 172 4.87 24.86 36.41
N LYS F 173 5.41 25.96 36.88
CA LYS F 173 5.93 26.97 35.99
C LYS F 173 7.15 26.42 35.33
N MET F 174 7.59 25.28 35.80
CA MET F 174 8.75 24.64 35.23
C MET F 174 8.42 23.29 34.68
N ASP F 175 7.16 22.91 34.82
CA ASP F 175 6.63 21.72 34.23
C ASP F 175 7.41 20.52 34.64
N PHE F 176 7.97 20.59 35.83
CA PHE F 176 8.47 19.43 36.51
C PHE F 176 9.74 18.97 35.88
N LYS F 177 10.39 19.85 35.14
CA LYS F 177 11.67 19.43 34.58
C LYS F 177 12.72 20.37 35.07
N ILE F 178 13.40 19.99 36.15
CA ILE F 178 14.36 20.87 36.79
C ILE F 178 15.70 20.21 36.95
N PHE F 179 16.45 20.12 35.86
CA PHE F 179 17.68 19.35 35.85
C PHE F 179 18.79 19.94 36.73
N TRP F 180 18.98 19.37 37.91
CA TRP F 180 20.02 19.80 38.84
C TRP F 180 21.40 19.43 38.33
N LEU F 181 22.39 20.29 38.59
CA LEU F 181 23.76 20.02 38.20
C LEU F 181 24.75 20.75 39.11
N ASN F 182 25.29 20.06 40.10
CA ASN F 182 26.29 20.70 40.95
C ASN F 182 27.61 20.87 40.21
N LEU F 183 27.96 22.13 39.94
CA LEU F 183 29.17 22.41 39.18
C LEU F 183 30.41 22.45 40.08
N LYS F 184 30.59 21.42 40.90
CA LYS F 184 31.85 21.27 41.61
C LYS F 184 32.88 20.67 40.65
N ASN F 185 34.12 21.13 40.76
CA ASN F 185 35.16 20.78 39.80
C ASN F 185 34.66 21.11 38.40
N CYS F 186 34.52 22.41 38.13
CA CYS F 186 33.90 22.87 36.90
C CYS F 186 34.64 24.07 36.30
N ASN F 187 35.94 24.16 36.59
CA ASN F 187 36.78 25.18 35.97
C ASN F 187 37.86 24.50 35.12
N SER F 188 37.40 23.75 34.13
CA SER F 188 38.26 23.15 33.13
C SER F 188 37.38 23.12 31.91
N PRO F 189 37.97 22.93 30.74
CA PRO F 189 37.17 22.79 29.55
C PRO F 189 36.48 21.48 29.55
N GLU F 190 37.25 20.45 29.81
CA GLU F 190 36.79 19.10 29.60
C GLU F 190 35.65 18.70 30.53
N THR F 191 35.76 19.10 31.79
CA THR F 191 34.89 18.56 32.80
C THR F 191 33.47 18.88 32.39
N VAL F 192 33.29 20.04 31.79
CA VAL F 192 31.97 20.39 31.34
C VAL F 192 31.53 19.33 30.35
N LEU F 193 32.49 18.77 29.65
CA LEU F 193 32.17 17.66 28.79
C LEU F 193 31.64 16.51 29.62
N GLU F 194 32.20 16.31 30.79
CA GLU F 194 31.58 15.41 31.75
C GLU F 194 30.20 15.90 32.18
N MET F 195 30.09 17.21 32.40
CA MET F 195 28.86 17.80 32.91
C MET F 195 27.78 17.89 31.85
N LEU F 196 28.13 18.48 30.71
CA LEU F 196 27.20 18.54 29.59
C LEU F 196 26.77 17.14 29.19
N GLN F 197 27.69 16.20 29.31
CA GLN F 197 27.36 14.80 29.10
C GLN F 197 26.24 14.42 30.05
N LYS F 198 26.40 14.79 31.31
CA LYS F 198 25.43 14.41 32.33
C LYS F 198 24.09 15.11 32.17
N LEU F 199 24.10 16.34 31.68
CA LEU F 199 22.86 17.04 31.42
C LEU F 199 22.11 16.33 30.30
N LEU F 200 22.83 16.08 29.21
CA LEU F 200 22.28 15.34 28.09
C LEU F 200 21.69 14.02 28.59
N TYR F 201 22.41 13.33 29.48
CA TYR F 201 21.88 12.09 30.05
C TYR F 201 20.60 12.32 30.84
N GLN F 202 20.52 13.40 31.61
CA GLN F 202 19.27 13.75 32.30
C GLN F 202 18.13 13.84 31.29
N ILE F 203 18.35 14.70 30.30
CA ILE F 203 17.38 14.93 29.24
C ILE F 203 16.87 13.63 28.60
N ASP F 204 17.79 12.78 28.14
CA ASP F 204 17.45 11.56 27.41
C ASP F 204 18.68 10.71 27.16
N PRO F 205 18.55 9.39 27.37
CA PRO F 205 19.69 8.47 27.19
C PRO F 205 19.99 8.18 25.72
N ASN F 206 20.38 9.22 24.99
CA ASN F 206 20.68 9.10 23.56
C ASN F 206 21.82 10.02 23.16
N TRP F 207 22.75 9.50 22.37
CA TRP F 207 23.64 10.36 21.60
C TRP F 207 24.41 9.64 20.50
N THR F 208 24.47 10.29 19.34
CA THR F 208 25.32 9.86 18.23
C THR F 208 26.74 10.36 18.47
N SER F 209 27.51 9.60 19.24
CA SER F 209 28.84 10.02 19.66
C SER F 209 29.91 9.74 18.61
N ARG F 210 29.50 9.57 17.35
CA ARG F 210 30.44 9.38 16.25
C ARG F 210 31.03 10.73 15.83
N SER F 211 30.35 11.80 16.24
CA SER F 211 30.78 13.15 15.98
C SER F 211 32.01 13.49 16.83
N ASP F 212 32.36 12.60 17.76
CA ASP F 212 33.47 12.88 18.66
C ASP F 212 34.78 12.96 17.89
N HIS F 213 35.40 14.13 17.95
CA HIS F 213 36.69 14.34 17.32
C HIS F 213 37.65 14.80 18.39
N SER F 214 38.51 13.89 18.82
CA SER F 214 39.40 14.15 19.95
C SER F 214 40.47 15.18 19.61
N SER F 215 40.37 15.82 18.44
CA SER F 215 41.24 16.93 18.09
C SER F 215 41.14 18.00 19.17
N ASN F 216 39.92 18.23 19.63
CA ASN F 216 39.68 19.10 20.77
C ASN F 216 38.60 18.58 21.71
N ILE F 217 38.90 18.64 22.99
CA ILE F 217 37.93 18.43 24.05
C ILE F 217 37.12 19.74 24.11
N LYS F 218 37.66 20.75 23.43
CA LYS F 218 37.09 22.10 23.42
C LYS F 218 36.24 22.41 22.19
N LEU F 219 36.41 21.61 21.14
CA LEU F 219 35.62 21.72 19.93
C LEU F 219 34.43 20.81 20.07
N ARG F 220 34.66 19.61 20.55
CA ARG F 220 33.60 18.65 20.79
C ARG F 220 32.58 19.19 21.78
N ILE F 221 33.03 20.11 22.63
CA ILE F 221 32.16 20.71 23.63
C ILE F 221 31.09 21.59 23.00
N HIS F 222 31.35 22.06 21.78
CA HIS F 222 30.36 22.91 21.14
C HIS F 222 29.31 21.99 20.54
N SER F 223 29.73 20.79 20.18
CA SER F 223 28.79 19.82 19.63
C SER F 223 27.75 19.40 20.66
N ILE F 224 28.16 19.27 21.91
CA ILE F 224 27.23 18.77 22.92
C ILE F 224 26.24 19.86 23.25
N GLN F 225 26.72 21.11 23.26
CA GLN F 225 25.84 22.25 23.46
C GLN F 225 24.92 22.38 22.27
N ALA F 226 25.50 22.15 21.10
CA ALA F 226 24.76 22.19 19.84
C ALA F 226 23.60 21.23 19.88
N GLU F 227 23.87 19.99 20.29
CA GLU F 227 22.81 19.00 20.45
C GLU F 227 21.87 19.41 21.55
N LEU F 228 22.44 19.76 22.71
CA LEU F 228 21.65 20.14 23.88
C LEU F 228 20.72 21.31 23.57
N ARG F 229 21.16 22.21 22.70
CA ARG F 229 20.32 23.34 22.29
C ARG F 229 19.10 22.85 21.52
N ARG F 230 19.34 22.12 20.45
CA ARG F 230 18.27 21.54 19.63
C ARG F 230 17.24 20.78 20.45
N LEU F 231 17.73 20.00 21.41
CA LEU F 231 16.87 19.10 22.16
C LEU F 231 15.98 19.87 23.12
N LEU F 232 16.49 20.97 23.67
CA LEU F 232 15.75 21.67 24.70
C LEU F 232 14.55 22.47 24.15
N LYS F 233 14.77 23.41 23.23
CA LYS F 233 13.61 24.06 22.61
C LYS F 233 12.88 23.05 21.74
N SER F 234 12.27 22.16 22.49
CA SER F 234 11.40 21.13 22.05
C SER F 234 10.23 21.20 23.02
N LYS F 235 9.00 21.00 22.57
CA LYS F 235 7.94 21.65 23.27
C LYS F 235 7.89 21.26 24.73
N PRO F 236 7.97 19.96 25.02
CA PRO F 236 7.79 19.48 26.39
C PRO F 236 8.87 20.12 27.22
N TYR F 237 10.04 20.27 26.63
CA TYR F 237 11.19 20.75 27.37
C TYR F 237 11.35 22.23 27.34
N GLU F 238 10.44 22.90 26.65
CA GLU F 238 10.58 24.30 26.30
C GLU F 238 11.22 25.09 27.42
N ASN F 239 10.55 25.10 28.56
CA ASN F 239 11.05 25.81 29.71
C ASN F 239 11.34 24.84 30.80
N CYS F 240 12.58 24.79 31.26
CA CYS F 240 12.86 24.13 32.50
C CYS F 240 14.00 24.80 33.17
N LEU F 241 13.87 25.11 34.44
CA LEU F 241 14.92 25.80 35.15
C LEU F 241 16.05 24.83 35.22
N LEU F 242 17.26 25.18 34.87
CA LEU F 242 18.28 24.19 35.07
C LEU F 242 19.00 25.00 36.03
N VAL F 243 19.28 24.44 37.21
CA VAL F 243 19.79 25.18 38.34
C VAL F 243 21.21 24.79 38.53
N LEU F 244 22.12 25.74 38.58
CA LEU F 244 23.52 25.42 38.75
C LEU F 244 24.06 25.76 40.12
N LEU F 245 24.65 24.80 40.79
CA LEU F 245 24.99 24.99 42.17
C LEU F 245 26.49 25.23 42.31
N ASN F 246 26.88 26.36 42.89
CA ASN F 246 28.29 26.67 43.15
C ASN F 246 29.04 27.17 41.96
N VAL F 247 28.29 27.35 40.91
CA VAL F 247 28.93 27.71 39.65
C VAL F 247 30.29 28.30 39.93
N GLN F 248 31.33 27.59 39.52
CA GLN F 248 32.69 27.96 39.91
C GLN F 248 33.04 29.35 39.44
N ASN F 249 33.14 29.54 38.14
CA ASN F 249 33.47 30.86 37.63
C ASN F 249 32.58 31.32 36.52
N ALA F 250 32.93 32.47 35.95
CA ALA F 250 32.24 32.99 34.80
C ALA F 250 32.38 32.03 33.63
N LYS F 251 33.59 31.53 33.44
CA LYS F 251 33.91 30.74 32.25
C LYS F 251 33.03 29.49 32.12
N ALA F 252 32.70 28.87 33.25
CA ALA F 252 31.89 27.65 33.24
C ALA F 252 30.49 27.97 32.76
N TRP F 253 29.95 29.07 33.27
CA TRP F 253 28.58 29.50 32.99
C TRP F 253 28.37 29.80 31.52
N ASN F 254 29.43 30.25 30.85
CA ASN F 254 29.39 30.55 29.43
C ASN F 254 28.96 29.34 28.62
N ALA F 255 29.46 28.18 29.01
CA ALA F 255 29.14 26.94 28.31
C ALA F 255 27.72 26.48 28.66
N PHE F 256 27.19 26.91 29.78
CA PHE F 256 25.92 26.35 30.12
C PHE F 256 24.71 27.11 29.67
N ASN F 257 24.88 28.37 29.34
CA ASN F 257 23.70 29.13 28.95
C ASN F 257 23.18 28.51 27.67
N LEU F 258 21.94 28.03 27.71
CA LEU F 258 21.41 27.28 26.59
C LEU F 258 20.14 27.91 26.07
N SER F 259 20.01 29.23 26.22
CA SER F 259 18.72 29.89 26.09
C SER F 259 17.74 29.15 26.98
N CYS F 260 18.21 28.86 28.20
CA CYS F 260 17.52 28.04 29.17
C CYS F 260 16.99 28.91 30.29
N LYS F 261 15.84 28.58 30.87
CA LYS F 261 15.37 29.33 32.03
C LYS F 261 16.17 28.98 33.27
N ILE F 262 17.50 28.95 33.16
CA ILE F 262 18.32 28.50 34.29
C ILE F 262 18.25 29.47 35.48
N LEU F 263 18.85 29.05 36.59
CA LEU F 263 18.99 29.86 37.78
C LEU F 263 20.15 29.23 38.53
N LEU F 264 21.08 30.01 39.00
CA LEU F 264 22.24 29.38 39.54
C LEU F 264 22.56 29.86 40.91
N THR F 265 23.30 29.06 41.64
CA THR F 265 23.76 29.47 42.92
C THR F 265 25.20 29.95 42.85
N THR F 266 25.36 31.25 42.85
CA THR F 266 26.63 31.89 42.72
C THR F 266 27.33 31.53 43.98
N ARG F 267 28.64 31.71 44.06
CA ARG F 267 29.37 31.46 45.30
C ARG F 267 30.37 32.58 45.53
N PHE F 268 30.96 33.04 44.43
CA PHE F 268 31.91 34.14 44.40
C PHE F 268 31.30 35.47 44.08
N LYS F 269 32.07 36.51 44.33
CA LYS F 269 31.70 37.82 43.88
C LYS F 269 32.26 37.96 42.50
N GLN F 270 32.99 36.96 42.01
CA GLN F 270 33.48 37.15 40.66
C GLN F 270 32.35 36.78 39.70
N VAL F 271 31.53 35.84 40.15
CA VAL F 271 30.42 35.32 39.36
C VAL F 271 29.22 36.24 39.46
N THR F 272 28.79 36.54 40.67
CA THR F 272 27.67 37.45 40.87
C THR F 272 28.04 38.82 40.33
N ASP F 273 29.33 39.07 40.20
CA ASP F 273 29.84 40.30 39.60
C ASP F 273 29.54 40.30 38.11
N PHE F 274 29.54 39.11 37.52
CA PHE F 274 29.53 38.97 36.07
C PHE F 274 28.13 39.00 35.49
N LEU F 275 27.23 38.15 35.91
CA LEU F 275 25.89 38.32 35.34
C LEU F 275 25.25 39.65 35.80
N SER F 276 24.77 40.43 34.85
CA SER F 276 24.45 41.83 35.13
C SER F 276 22.98 42.04 35.04
N ALA F 277 22.49 42.86 35.94
CA ALA F 277 21.18 42.74 36.49
C ALA F 277 20.19 42.73 35.37
N ALA F 278 20.46 43.45 34.30
CA ALA F 278 19.44 43.61 33.29
C ALA F 278 19.05 42.26 32.76
N THR F 279 20.03 41.40 32.47
CA THR F 279 19.70 40.04 32.09
C THR F 279 19.05 39.20 33.20
N THR F 280 19.56 39.28 34.42
CA THR F 280 19.24 38.34 35.48
C THR F 280 19.11 39.05 36.82
N THR F 281 18.37 38.50 37.77
CA THR F 281 18.01 39.26 38.96
C THR F 281 18.84 38.70 40.10
N HIS F 282 19.17 39.52 41.06
CA HIS F 282 20.28 39.14 41.87
C HIS F 282 19.79 38.99 43.25
N ILE F 283 19.88 37.78 43.77
CA ILE F 283 19.33 37.50 45.06
C ILE F 283 20.53 37.28 45.90
N SER F 284 20.50 37.68 47.14
CA SER F 284 21.69 37.47 47.90
C SER F 284 21.49 36.95 49.27
N LEU F 285 22.56 36.97 50.03
CA LEU F 285 22.47 36.57 51.41
C LEU F 285 23.57 37.23 52.23
N ASP F 286 24.14 38.26 51.64
CA ASP F 286 24.90 39.19 52.41
C ASP F 286 23.82 40.13 52.89
N HIS F 287 22.76 39.60 53.46
CA HIS F 287 21.68 40.51 53.73
C HIS F 287 21.04 40.47 55.08
N HIS F 288 20.61 41.63 55.55
CA HIS F 288 19.94 41.68 56.82
C HIS F 288 18.66 40.87 56.67
N SER F 289 17.92 41.08 55.59
CA SER F 289 16.74 40.28 55.30
C SER F 289 16.98 38.84 54.87
N MET F 290 17.85 38.66 53.88
CA MET F 290 18.13 37.35 53.32
C MET F 290 18.54 36.36 54.39
N THR F 291 19.34 36.83 55.35
CA THR F 291 19.80 35.96 56.41
C THR F 291 18.69 35.77 57.41
N LEU F 292 18.88 34.80 58.29
CA LEU F 292 17.86 34.35 59.22
C LEU F 292 17.49 35.29 60.35
N THR F 293 16.19 35.41 60.61
CA THR F 293 15.68 36.09 61.76
C THR F 293 16.07 35.20 62.92
N PRO F 294 16.38 35.74 64.08
CA PRO F 294 17.14 34.88 65.01
C PRO F 294 16.43 33.56 65.11
N ASP F 295 15.11 33.58 65.08
CA ASP F 295 14.40 32.39 65.45
C ASP F 295 14.78 31.27 64.53
N GLU F 296 14.83 31.54 63.24
CA GLU F 296 15.18 30.44 62.38
C GLU F 296 16.18 29.62 63.13
N VAL F 297 17.08 30.33 63.76
CA VAL F 297 18.27 29.70 64.26
C VAL F 297 17.96 28.66 65.30
N LYS F 298 16.98 28.90 66.15
CA LYS F 298 16.76 27.87 67.15
C LYS F 298 15.94 26.73 66.55
N SER F 299 15.09 27.06 65.58
CA SER F 299 14.29 26.03 64.93
C SER F 299 15.17 25.18 64.02
N LEU F 300 16.24 25.80 63.50
CA LEU F 300 17.20 25.05 62.68
C LEU F 300 18.02 24.13 63.56
N LEU F 301 18.51 24.65 64.67
CA LEU F 301 19.29 23.85 65.61
C LEU F 301 18.47 22.68 66.12
N LEU F 302 17.14 22.83 66.09
CA LEU F 302 16.23 21.79 66.52
C LEU F 302 16.22 20.55 65.64
N LYS F 303 16.23 20.77 64.32
CA LYS F 303 16.11 19.67 63.36
C LYS F 303 17.12 18.56 63.64
N TYR F 304 18.36 18.94 63.94
CA TYR F 304 19.38 17.96 64.30
C TYR F 304 19.26 17.56 65.77
N LEU F 305 18.87 18.53 66.59
CA LEU F 305 18.83 18.36 68.05
C LEU F 305 17.68 17.50 68.54
N ASP F 306 16.51 17.69 67.92
CA ASP F 306 15.32 16.86 68.16
C ASP F 306 14.79 16.93 69.61
N CYS F 307 14.55 18.15 70.09
CA CYS F 307 13.87 18.37 71.39
C CYS F 307 13.54 19.85 71.60
N ARG F 308 12.28 20.14 71.91
CA ARG F 308 11.78 21.51 72.02
C ARG F 308 12.19 22.21 73.32
N PRO F 309 12.40 21.42 74.38
CA PRO F 309 12.76 21.97 75.67
C PRO F 309 14.20 22.44 75.70
N GLN F 310 15.12 21.53 75.36
CA GLN F 310 16.55 21.83 75.39
C GLN F 310 16.93 22.93 74.41
N ASP F 311 16.00 23.25 73.50
CA ASP F 311 16.14 24.34 72.55
C ASP F 311 16.53 25.63 73.26
N LEU F 312 15.83 25.92 74.34
CA LEU F 312 16.10 27.11 75.14
C LEU F 312 17.45 27.01 75.83
N PRO F 313 17.93 25.77 75.86
CA PRO F 313 19.22 25.41 76.40
C PRO F 313 20.36 26.11 75.66
N ARG F 314 20.26 26.31 74.36
CA ARG F 314 21.37 26.95 73.67
C ARG F 314 21.14 28.42 73.33
N GLU F 315 22.06 29.28 73.75
CA GLU F 315 22.15 30.68 73.29
C GLU F 315 23.56 31.25 73.50
N VAL F 316 23.96 32.31 72.80
CA VAL F 316 23.35 32.76 71.55
C VAL F 316 24.43 33.02 70.48
N LEU F 317 24.30 32.41 69.31
CA LEU F 317 25.17 32.74 68.18
C LEU F 317 24.60 32.29 66.83
N THR F 318 25.14 32.85 65.75
CA THR F 318 24.55 32.87 64.41
C THR F 318 25.67 32.90 63.37
N THR F 319 25.38 33.07 62.08
CA THR F 319 24.07 33.02 61.44
C THR F 319 24.14 32.07 60.25
N ASN F 320 25.37 31.59 60.07
CA ASN F 320 25.81 30.86 58.90
C ASN F 320 25.46 29.42 59.10
N PRO F 321 24.59 28.93 58.25
CA PRO F 321 23.99 27.64 58.53
C PRO F 321 25.11 26.66 58.66
N ARG F 322 26.13 26.79 57.81
CA ARG F 322 27.28 25.89 57.83
C ARG F 322 27.85 25.75 59.24
N ARG F 323 27.98 26.87 59.93
CA ARG F 323 28.51 26.86 61.29
C ARG F 323 27.55 26.18 62.24
N LEU F 324 26.28 26.41 61.95
CA LEU F 324 25.13 26.05 62.76
C LEU F 324 24.76 24.58 62.57
N SER F 325 24.87 24.10 61.33
CA SER F 325 24.55 22.71 61.02
C SER F 325 25.64 21.78 61.52
N ILE F 326 26.89 22.17 61.33
CA ILE F 326 28.03 21.37 61.77
C ILE F 326 28.20 21.45 63.29
N ILE F 327 27.70 22.52 63.87
CA ILE F 327 27.69 22.65 65.32
C ILE F 327 26.58 21.78 65.93
N ALA F 328 25.37 21.94 65.40
CA ALA F 328 24.19 21.28 65.96
C ALA F 328 24.31 19.76 65.88
N GLU F 329 25.04 19.26 64.90
CA GLU F 329 25.30 17.83 64.78
C GLU F 329 26.38 17.42 65.78
N SER F 330 27.37 18.29 65.98
CA SER F 330 28.46 18.05 66.91
C SER F 330 27.99 17.90 68.34
N ILE F 331 27.14 18.83 68.75
CA ILE F 331 26.54 18.81 70.07
C ILE F 331 25.66 17.59 70.24
N ARG F 332 24.78 17.36 69.27
CA ARG F 332 23.85 16.24 69.34
C ARG F 332 24.58 14.91 69.34
N ASP F 333 25.72 14.86 68.65
CA ASP F 333 26.50 13.63 68.59
C ASP F 333 27.97 13.89 68.89
N ALA F 336 28.58 17.85 73.69
CA ALA F 336 28.61 18.76 74.82
C ALA F 336 28.55 20.20 74.34
N THR F 337 27.48 20.90 74.72
CA THR F 337 27.14 22.20 74.14
C THR F 337 28.22 23.29 74.29
N TRP F 338 29.09 23.17 75.28
CA TRP F 338 30.09 24.21 75.52
C TRP F 338 31.45 23.91 74.94
N ASP F 339 31.99 22.73 75.24
CA ASP F 339 33.26 22.32 74.63
C ASP F 339 33.11 22.32 73.12
N ASN F 340 32.03 21.73 72.63
CA ASN F 340 31.83 21.56 71.20
C ASN F 340 31.44 22.83 70.45
N TRP F 341 31.02 23.86 71.18
CA TRP F 341 30.65 25.12 70.54
C TRP F 341 31.89 25.83 70.01
N LYS F 342 33.03 25.54 70.61
CA LYS F 342 34.28 26.21 70.24
C LYS F 342 35.42 25.24 69.91
N HIS F 343 35.91 24.52 70.92
CA HIS F 343 37.12 23.71 70.76
C HIS F 343 36.92 22.51 69.83
N VAL F 344 35.75 21.91 69.84
CA VAL F 344 35.48 20.82 68.90
C VAL F 344 35.27 21.42 67.50
N ASN F 345 35.17 20.55 66.49
CA ASN F 345 35.13 20.95 65.09
C ASN F 345 36.37 21.76 64.70
N CYS F 346 37.43 21.60 65.48
CA CYS F 346 38.72 22.16 65.11
C CYS F 346 39.32 21.27 64.03
N ASP F 347 38.69 20.11 63.83
CA ASP F 347 39.07 19.19 62.78
C ASP F 347 37.95 19.06 61.74
N LYS F 348 36.95 19.93 61.82
CA LYS F 348 35.82 19.88 60.90
C LYS F 348 35.55 21.21 60.19
N LEU F 349 34.86 22.11 60.83
CA LEU F 349 34.17 23.14 60.11
C LEU F 349 35.11 23.92 59.24
N THR F 350 36.26 24.25 59.80
CA THR F 350 37.30 25.00 59.13
C THR F 350 37.89 24.26 57.96
N THR F 351 38.05 22.94 58.13
CA THR F 351 38.55 22.09 57.05
C THR F 351 37.78 22.43 55.78
N ILE F 352 36.47 22.23 55.82
CA ILE F 352 35.60 22.63 54.72
C ILE F 352 35.71 24.15 54.57
N ILE F 353 36.12 24.80 55.66
CA ILE F 353 36.33 26.24 55.65
C ILE F 353 37.63 26.57 54.91
N GLU F 354 38.71 25.89 55.29
CA GLU F 354 39.96 26.06 54.60
C GLU F 354 39.78 25.61 53.17
N SER F 355 39.12 24.46 53.05
CA SER F 355 38.99 23.76 51.78
C SER F 355 38.59 24.71 50.67
N SER F 356 37.62 25.55 50.97
CA SER F 356 37.16 26.52 49.98
C SER F 356 38.25 27.53 49.71
N LEU F 357 39.15 27.71 50.66
CA LEU F 357 40.24 28.64 50.48
C LEU F 357 41.07 28.18 49.29
N ASN F 358 40.85 26.95 48.85
CA ASN F 358 41.71 26.33 47.86
C ASN F 358 41.78 27.03 46.51
N VAL F 359 40.77 27.83 46.18
CA VAL F 359 40.78 28.52 44.91
C VAL F 359 41.97 29.46 44.76
N LEU F 360 42.34 30.15 45.83
CA LEU F 360 43.32 31.24 45.76
C LEU F 360 44.77 30.82 45.53
N GLU F 361 45.59 31.76 45.04
CA GLU F 361 47.02 31.56 44.78
C GLU F 361 47.91 31.66 46.03
N PRO F 362 48.75 30.65 46.28
CA PRO F 362 49.43 30.62 47.58
C PRO F 362 50.58 31.60 47.71
N ALA F 363 51.28 31.88 46.60
CA ALA F 363 52.46 32.72 46.60
C ALA F 363 52.14 34.16 47.01
N GLU F 364 51.00 34.67 46.57
CA GLU F 364 50.66 36.06 46.82
C GLU F 364 49.34 36.22 47.58
N TYR F 365 48.35 35.42 47.24
CA TYR F 365 47.02 35.53 47.85
C TYR F 365 46.99 34.92 49.25
N ARG F 366 47.22 33.62 49.33
CA ARG F 366 47.07 32.87 50.57
C ARG F 366 47.94 33.38 51.71
N LYS F 367 49.21 33.62 51.42
CA LYS F 367 50.15 34.12 52.43
C LYS F 367 49.75 35.49 52.96
N MET F 368 49.48 36.43 52.05
CA MET F 368 49.09 37.79 52.40
C MET F 368 47.88 37.77 53.32
N PHE F 369 47.04 36.76 53.11
CA PHE F 369 45.78 36.60 53.82
C PHE F 369 45.97 36.17 55.26
N ASP F 370 46.75 35.10 55.44
CA ASP F 370 47.11 34.57 56.76
C ASP F 370 47.59 35.67 57.71
N ARG F 371 48.23 36.68 57.13
CA ARG F 371 48.77 37.80 57.88
C ARG F 371 47.71 38.59 58.65
N LEU F 372 46.44 38.47 58.25
CA LEU F 372 45.36 39.25 58.87
C LEU F 372 45.18 38.92 60.34
N SER F 373 45.66 37.75 60.74
CA SER F 373 45.50 37.24 62.11
C SER F 373 45.79 38.29 63.19
N VAL F 374 46.68 39.23 62.89
CA VAL F 374 47.08 40.24 63.86
C VAL F 374 45.98 41.28 64.10
N PHE F 375 45.05 41.37 63.16
CA PHE F 375 43.96 42.33 63.26
C PHE F 375 42.90 41.85 64.24
N PRO F 376 41.77 42.54 64.22
CA PRO F 376 40.63 42.24 65.08
C PRO F 376 39.70 41.28 64.39
N PRO F 377 39.13 40.31 65.23
CA PRO F 377 38.41 39.26 64.49
C PRO F 377 37.28 39.89 63.72
N SER F 378 36.64 40.87 64.31
CA SER F 378 35.52 41.50 63.63
C SER F 378 35.84 42.96 63.54
N ALA F 379 36.79 43.28 62.66
CA ALA F 379 37.25 44.66 62.58
C ALA F 379 37.58 45.07 61.15
N HIS F 380 38.14 46.26 60.98
CA HIS F 380 38.45 46.81 59.67
C HIS F 380 39.96 46.98 59.49
N ILE F 381 40.37 47.49 58.33
CA ILE F 381 41.78 47.73 58.05
C ILE F 381 41.99 48.73 56.90
N PRO F 382 42.75 49.79 57.17
CA PRO F 382 43.06 50.84 56.18
C PRO F 382 44.02 50.36 55.09
N THR F 383 44.11 51.13 54.01
CA THR F 383 44.96 50.78 52.88
C THR F 383 46.44 50.79 53.26
N ILE F 384 46.87 51.85 53.94
CA ILE F 384 48.27 52.04 54.28
C ILE F 384 48.80 50.93 55.20
N LEU F 385 47.97 50.50 56.15
CA LEU F 385 48.37 49.48 57.12
C LEU F 385 48.48 48.11 56.46
N LEU F 386 47.65 47.86 55.47
CA LEU F 386 47.64 46.59 54.76
C LEU F 386 48.87 46.45 53.87
N SER F 387 49.40 47.59 53.45
CA SER F 387 50.57 47.64 52.59
C SER F 387 51.78 46.97 53.23
N LEU F 388 52.17 47.49 54.38
CA LEU F 388 53.37 47.07 55.08
C LEU F 388 53.39 45.57 55.35
N ILE F 389 52.22 45.01 55.64
CA ILE F 389 52.13 43.59 56.00
C ILE F 389 51.95 42.72 54.75
N SER F 396 50.58 50.53 43.92
CA SER F 396 49.18 50.14 43.77
C SER F 396 49.04 48.62 43.83
N ASP F 397 50.14 47.94 44.12
CA ASP F 397 50.18 46.49 44.16
C ASP F 397 49.18 45.92 45.17
N VAL F 398 49.26 46.42 46.40
CA VAL F 398 48.41 45.94 47.48
C VAL F 398 46.92 46.16 47.20
N MET F 399 46.59 47.25 46.51
CA MET F 399 45.20 47.60 46.25
C MET F 399 44.56 46.62 45.27
N VAL F 400 45.37 46.10 44.36
CA VAL F 400 44.89 45.17 43.34
C VAL F 400 44.83 43.74 43.90
N VAL F 401 45.86 43.36 44.64
CA VAL F 401 45.97 42.02 45.21
C VAL F 401 44.81 41.72 46.16
N VAL F 402 44.36 42.74 46.89
CA VAL F 402 43.22 42.57 47.77
C VAL F 402 41.91 42.68 47.00
N ASN F 403 41.96 43.38 45.87
CA ASN F 403 40.77 43.53 45.05
C ASN F 403 40.39 42.17 44.48
N LYS F 404 41.41 41.37 44.16
CA LYS F 404 41.18 40.03 43.66
C LYS F 404 40.84 39.10 44.83
N LEU F 405 41.36 39.45 46.00
CA LEU F 405 41.05 38.73 47.23
C LEU F 405 39.60 39.00 47.62
N HIS F 406 39.14 40.17 47.22
CA HIS F 406 37.76 40.56 47.28
C HIS F 406 36.92 39.70 46.39
N LYS F 407 37.47 39.46 45.21
CA LYS F 407 36.74 38.97 44.08
C LYS F 407 36.22 37.63 44.46
N TYR F 408 37.12 36.82 44.99
CA TYR F 408 36.76 35.48 45.42
C TYR F 408 35.77 35.48 46.55
N SER F 409 36.02 36.30 47.56
CA SER F 409 35.10 36.41 48.68
C SER F 409 35.66 37.14 49.89
N LEU F 410 36.93 36.89 50.15
CA LEU F 410 37.48 37.02 51.49
C LEU F 410 37.51 38.37 52.20
N VAL F 411 37.87 39.45 51.52
CA VAL F 411 38.22 40.60 52.30
C VAL F 411 37.23 41.55 51.67
N GLU F 412 36.05 41.61 52.26
CA GLU F 412 35.03 42.53 51.75
C GLU F 412 35.69 43.90 51.69
N LYS F 413 35.95 44.37 50.48
CA LYS F 413 36.39 45.75 50.29
C LYS F 413 35.19 46.66 50.45
N GLN F 414 35.42 47.91 50.87
CA GLN F 414 34.34 48.85 51.11
C GLN F 414 34.83 50.28 50.86
N PRO F 415 33.90 51.19 50.54
CA PRO F 415 34.23 52.60 50.33
C PRO F 415 34.85 53.25 51.56
N SER F 418 38.71 54.62 52.32
CA SER F 418 38.97 53.49 51.43
C SER F 418 39.34 52.26 52.23
N THR F 419 38.88 52.22 53.48
CA THR F 419 39.19 51.13 54.40
C THR F 419 38.59 49.80 53.94
N ILE F 420 39.02 48.71 54.56
CA ILE F 420 38.52 47.38 54.22
C ILE F 420 38.01 46.65 55.45
N SER F 421 36.80 46.08 55.36
CA SER F 421 36.24 45.29 56.44
C SER F 421 36.14 43.83 56.04
N ILE F 422 36.65 42.96 56.91
CA ILE F 422 36.82 41.55 56.59
C ILE F 422 35.90 40.70 57.50
N PRO F 423 35.06 39.83 56.89
CA PRO F 423 34.04 39.02 57.62
C PRO F 423 34.53 37.76 58.34
N SER F 424 34.26 37.73 59.65
CA SER F 424 34.85 36.81 60.63
C SER F 424 34.97 35.31 60.33
N ILE F 425 33.99 34.75 59.63
CA ILE F 425 33.85 33.28 59.54
C ILE F 425 35.12 32.55 59.08
N TYR F 426 35.79 33.05 58.04
CA TYR F 426 37.06 32.44 57.67
C TYR F 426 38.19 33.27 58.26
N LEU F 427 37.83 34.38 58.89
CA LEU F 427 38.79 35.31 59.48
C LEU F 427 39.29 34.80 60.82
N GLU F 428 38.41 34.86 61.81
CA GLU F 428 38.81 34.60 63.19
C GLU F 428 39.21 33.15 63.45
N LEU F 429 38.35 32.23 63.01
CA LEU F 429 38.50 30.81 63.31
C LEU F 429 39.68 30.20 62.58
N LYS F 430 39.59 30.18 61.27
CA LYS F 430 40.52 29.46 60.41
C LYS F 430 42.00 29.81 60.58
N VAL F 431 42.34 31.10 60.52
CA VAL F 431 43.75 31.50 60.45
C VAL F 431 44.46 31.49 61.81
N LYS F 432 43.69 31.59 62.88
CA LYS F 432 44.26 31.62 64.23
C LYS F 432 44.94 30.29 64.54
N LEU F 433 44.32 29.21 64.09
CA LEU F 433 44.84 27.87 64.32
C LEU F 433 46.20 27.67 63.64
N GLU F 434 46.25 27.95 62.33
CA GLU F 434 47.49 27.77 61.57
C GLU F 434 48.27 29.07 61.45
N ASN F 435 49.38 29.17 62.19
CA ASN F 435 50.24 30.34 62.12
C ASN F 435 51.69 30.00 62.43
N GLU F 436 52.60 30.53 61.61
CA GLU F 436 54.02 30.48 61.89
C GLU F 436 54.38 31.80 62.57
N TYR F 437 55.54 31.88 63.22
CA TYR F 437 55.87 33.11 63.89
C TYR F 437 56.47 34.15 62.93
N ALA F 438 55.63 34.59 62.00
CA ALA F 438 55.92 35.79 61.24
C ALA F 438 55.34 36.97 62.01
N LEU F 439 54.71 36.66 63.15
CA LEU F 439 54.04 37.65 63.98
C LEU F 439 55.00 38.72 64.49
N HIS F 440 56.21 38.29 64.85
CA HIS F 440 57.26 39.21 65.31
C HIS F 440 57.43 40.37 64.35
N ARG F 441 57.50 40.06 63.07
CA ARG F 441 57.63 41.07 62.04
C ARG F 441 56.34 41.87 61.87
N SER F 442 55.21 41.16 61.92
CA SER F 442 53.90 41.79 61.75
C SER F 442 53.60 42.76 62.88
N ILE F 443 53.94 42.35 64.11
CA ILE F 443 53.60 43.14 65.27
C ILE F 443 54.62 44.27 65.50
N VAL F 444 55.87 44.05 65.08
CA VAL F 444 56.87 45.10 65.21
C VAL F 444 56.63 46.12 64.10
N ASP F 445 55.95 45.69 63.05
CA ASP F 445 55.54 46.58 61.98
C ASP F 445 54.49 47.52 62.54
N HIS F 446 53.69 47.01 63.47
CA HIS F 446 52.64 47.81 64.09
C HIS F 446 53.21 48.79 65.10
N TYR F 447 54.46 48.60 65.50
CA TYR F 447 55.15 49.64 66.24
C TYR F 447 55.63 50.70 65.25
N ASN F 448 56.04 50.23 64.08
CA ASN F 448 56.67 51.10 63.09
C ASN F 448 55.72 52.14 62.50
N ILE F 449 54.43 51.81 62.38
CA ILE F 449 53.56 52.73 61.66
C ILE F 449 53.09 53.91 62.53
N PRO F 450 52.72 53.70 63.81
CA PRO F 450 52.49 54.97 64.53
C PRO F 450 53.78 55.63 65.00
N LYS F 451 54.92 55.00 64.75
CA LYS F 451 56.21 55.66 64.92
C LYS F 451 56.39 56.64 63.78
N THR F 452 55.98 56.22 62.58
CA THR F 452 55.96 57.09 61.42
C THR F 452 54.93 58.19 61.61
N PHE F 453 53.70 57.80 61.93
CA PHE F 453 52.63 58.75 62.23
C PHE F 453 53.00 59.59 63.46
N ASP F 454 53.45 60.81 63.23
CA ASP F 454 53.87 61.68 64.33
C ASP F 454 53.78 63.16 63.97
N SER F 455 53.06 63.92 64.80
CA SER F 455 53.01 65.37 64.65
C SER F 455 53.85 66.01 65.74
N ASP F 456 54.07 67.33 65.63
CA ASP F 456 54.86 68.06 66.61
C ASP F 456 54.27 67.95 68.01
N ASP F 457 52.98 68.26 68.13
CA ASP F 457 52.29 68.12 69.42
C ASP F 457 51.74 66.71 69.59
N LEU F 458 50.80 66.55 70.50
CA LEU F 458 50.33 65.22 70.88
C LEU F 458 49.14 64.73 70.05
N ILE F 459 48.78 65.49 69.02
CA ILE F 459 47.68 65.10 68.13
C ILE F 459 48.18 64.35 66.90
N PRO F 460 47.88 63.05 66.82
CA PRO F 460 48.31 62.23 65.69
C PRO F 460 47.30 62.23 64.55
N PRO F 461 47.74 61.83 63.34
CA PRO F 461 46.85 61.65 62.19
C PRO F 461 46.23 60.25 62.15
N TYR F 462 45.36 59.96 63.10
CA TYR F 462 44.67 58.67 63.18
C TYR F 462 43.58 58.54 62.12
N LEU F 463 43.48 57.37 61.51
CA LEU F 463 42.32 57.04 60.68
C LEU F 463 41.19 56.73 61.57
N ASP F 464 39.97 57.19 61.21
CA ASP F 464 38.75 57.16 62.04
C ASP F 464 38.44 56.10 63.03
N GLN F 465 38.44 54.83 62.60
CA GLN F 465 38.11 53.75 63.52
C GLN F 465 39.30 52.89 63.94
N TYR F 466 39.99 52.31 62.96
CA TYR F 466 41.07 51.35 63.22
C TYR F 466 42.00 51.81 64.33
N PHE F 467 42.70 52.91 64.05
CA PHE F 467 43.77 53.39 64.92
C PHE F 467 43.35 53.51 66.37
N TYR F 468 42.19 54.13 66.62
CA TYR F 468 41.72 54.32 67.98
C TYR F 468 41.50 53.01 68.73
N SER F 469 40.88 52.03 68.05
CA SER F 469 40.57 50.77 68.71
C SER F 469 41.72 49.77 68.69
N HIS F 470 42.49 49.78 67.61
CA HIS F 470 43.43 48.69 67.36
C HIS F 470 44.84 48.98 67.87
N ILE F 471 45.17 50.27 68.00
CA ILE F 471 46.51 50.64 68.43
C ILE F 471 46.79 50.02 69.81
N GLY F 472 45.78 50.04 70.67
CA GLY F 472 45.94 49.56 72.03
C GLY F 472 46.25 48.08 72.09
N HIS F 473 45.63 47.32 71.19
CA HIS F 473 45.79 45.87 71.15
C HIS F 473 47.22 45.51 70.71
N HIS F 474 47.67 46.14 69.64
CA HIS F 474 49.01 45.88 69.13
C HIS F 474 50.10 46.39 70.05
N LEU F 475 49.84 47.53 70.70
CA LEU F 475 50.79 48.11 71.64
C LEU F 475 51.01 47.21 72.85
N LYS F 476 49.94 46.59 73.32
CA LYS F 476 50.04 45.64 74.43
C LYS F 476 50.92 44.46 74.04
N ASN F 477 50.80 44.05 72.78
CA ASN F 477 51.57 42.92 72.27
C ASN F 477 53.07 43.23 72.16
N ILE F 478 53.40 44.44 71.69
CA ILE F 478 54.81 44.77 71.46
C ILE F 478 55.59 45.02 72.77
N GLU F 479 55.18 46.03 73.54
CA GLU F 479 55.92 46.47 74.73
C GLU F 479 55.15 47.47 75.58
N HIS F 480 55.73 47.87 76.70
CA HIS F 480 55.10 48.83 77.61
C HIS F 480 55.34 50.33 77.33
N PRO F 481 56.54 50.72 76.85
CA PRO F 481 56.76 52.17 76.80
C PRO F 481 55.86 52.92 75.82
N GLU F 482 55.48 52.25 74.73
CA GLU F 482 54.64 52.89 73.72
C GLU F 482 53.18 52.90 74.16
N ARG F 483 52.78 51.88 74.90
CA ARG F 483 51.47 51.87 75.52
C ARG F 483 51.34 53.04 76.48
N MET F 484 52.42 53.28 77.23
CA MET F 484 52.47 54.36 78.21
C MET F 484 52.12 55.71 77.58
N THR F 485 52.68 55.98 76.41
CA THR F 485 52.49 57.27 75.75
C THR F 485 51.25 57.32 74.85
N LEU F 486 51.07 56.31 74.00
CA LEU F 486 50.01 56.35 72.99
C LEU F 486 48.61 56.19 73.56
N PHE F 487 48.46 55.38 74.61
CA PHE F 487 47.20 55.30 75.33
C PHE F 487 46.84 56.65 75.90
N ARG F 488 47.89 57.42 76.16
CA ARG F 488 47.78 58.73 76.76
C ARG F 488 47.00 58.59 78.06
N MET F 489 47.49 57.71 78.91
CA MET F 489 47.14 57.70 80.31
C MET F 489 48.05 58.73 80.94
N VAL F 490 49.20 58.90 80.30
CA VAL F 490 50.15 59.95 80.65
C VAL F 490 49.73 61.26 80.00
N PHE F 491 49.28 61.19 78.75
CA PHE F 491 48.89 62.39 78.02
C PHE F 491 47.40 62.67 78.16
N LEU F 492 47.03 63.93 78.32
CA LEU F 492 45.62 64.29 78.43
C LEU F 492 44.94 64.26 77.07
N ASP F 493 45.74 64.13 76.01
CA ASP F 493 45.28 64.38 74.65
C ASP F 493 44.39 63.28 74.05
N PHE F 494 44.52 62.05 74.50
CA PHE F 494 43.67 60.98 73.97
C PHE F 494 42.35 60.93 74.74
N ARG F 495 42.35 61.47 75.95
CA ARG F 495 41.11 61.70 76.65
C ARG F 495 40.29 62.69 75.83
N PHE F 496 41.01 63.65 75.23
CA PHE F 496 40.39 64.61 74.32
C PHE F 496 39.94 63.91 73.04
N LEU F 497 40.90 63.48 72.22
CA LEU F 497 40.61 62.93 70.91
C LEU F 497 39.68 61.72 70.93
N GLU F 498 40.20 60.57 71.37
CA GLU F 498 39.47 59.29 71.40
C GLU F 498 38.00 59.40 71.80
N GLN F 499 37.73 60.26 72.79
CA GLN F 499 36.38 60.42 73.32
C GLN F 499 35.46 61.13 72.34
N LYS F 500 35.94 62.22 71.72
CA LYS F 500 35.06 63.09 70.95
C LYS F 500 34.87 62.63 69.50
N ILE F 501 35.81 61.84 68.98
CA ILE F 501 35.64 61.28 67.64
C ILE F 501 34.76 60.04 67.72
N ARG F 502 34.95 59.24 68.76
CA ARG F 502 34.07 58.11 69.04
C ARG F 502 32.78 58.58 69.70
N HIS F 503 32.09 59.50 69.04
CA HIS F 503 30.84 60.05 69.55
C HIS F 503 29.67 59.71 68.62
N ASN F 516 31.21 54.54 72.37
CA ASN F 516 31.45 55.83 73.03
C ASN F 516 32.52 55.72 74.11
N THR F 517 32.18 56.17 75.31
CA THR F 517 33.09 56.10 76.46
C THR F 517 33.39 54.65 76.81
N LEU F 518 32.50 53.77 76.39
CA LEU F 518 32.57 52.35 76.71
C LEU F 518 33.86 51.73 76.23
N GLN F 519 34.04 51.73 74.92
CA GLN F 519 35.20 51.09 74.30
C GLN F 519 36.49 51.72 74.81
N GLN F 520 36.43 53.02 75.11
CA GLN F 520 37.56 53.71 75.72
C GLN F 520 37.85 53.07 77.07
N LEU F 521 36.82 52.94 77.90
CA LEU F 521 36.90 52.23 79.16
C LEU F 521 37.34 50.78 78.95
N LYS F 522 36.92 50.20 77.82
CA LYS F 522 37.26 48.82 77.49
C LYS F 522 38.71 48.67 77.07
N PHE F 523 39.33 49.76 76.63
CA PHE F 523 40.75 49.73 76.31
C PHE F 523 41.53 49.69 77.60
N TYR F 524 41.31 50.70 78.43
CA TYR F 524 42.14 50.93 79.61
C TYR F 524 42.25 49.72 80.54
N LYS F 525 41.15 49.02 80.79
CA LYS F 525 41.15 48.02 81.86
C LYS F 525 41.96 46.74 81.55
N PRO F 526 41.73 46.08 80.42
CA PRO F 526 42.58 44.88 80.22
C PRO F 526 43.99 45.22 79.77
N TYR F 527 44.24 46.45 79.38
CA TYR F 527 45.53 46.80 78.79
C TYR F 527 46.58 47.32 79.78
N ILE F 528 46.21 47.54 81.05
CA ILE F 528 47.19 48.05 82.03
C ILE F 528 48.30 47.07 82.36
N CYS F 529 48.08 45.80 82.03
CA CYS F 529 49.01 44.74 82.41
C CYS F 529 50.42 44.99 81.87
N ASP F 530 50.49 45.59 80.68
CA ASP F 530 51.76 45.86 80.02
C ASP F 530 52.61 46.86 80.82
N ASP F 532 55.22 49.61 84.51
CA ASP F 532 55.46 48.96 85.79
C ASP F 532 54.36 49.33 86.79
N PRO F 533 54.16 48.51 87.85
CA PRO F 533 53.10 48.71 88.85
C PRO F 533 52.90 50.16 89.33
N LYS F 534 53.96 50.96 89.37
CA LYS F 534 53.87 52.34 89.84
C LYS F 534 52.99 53.16 88.91
N TYR F 535 53.20 52.99 87.62
CA TYR F 535 52.35 53.63 86.63
C TYR F 535 51.04 52.86 86.51
N GLU F 536 51.04 51.60 86.94
CA GLU F 536 49.85 50.75 86.81
C GLU F 536 48.74 51.17 87.77
N ARG F 537 49.09 51.41 89.03
CA ARG F 537 48.14 51.92 90.00
C ARG F 537 47.62 53.27 89.55
N LEU F 538 48.42 53.92 88.70
CA LEU F 538 48.08 55.22 88.15
C LEU F 538 47.03 55.09 87.04
N VAL F 539 47.13 54.07 86.20
CA VAL F 539 46.17 53.89 85.11
C VAL F 539 44.78 53.57 85.66
N ASN F 540 44.73 52.83 86.76
CA ASN F 540 43.45 52.44 87.32
C ASN F 540 42.83 53.64 88.02
N ALA F 541 43.69 54.55 88.46
CA ALA F 541 43.25 55.80 89.05
C ALA F 541 42.61 56.69 87.99
N ILE F 542 43.26 56.81 86.83
CA ILE F 542 42.71 57.58 85.73
C ILE F 542 41.57 56.81 85.07
N LEU F 543 41.56 55.49 85.28
CA LEU F 543 40.54 54.62 84.72
C LEU F 543 39.18 54.97 85.29
N ASP F 544 39.11 55.05 86.61
CA ASP F 544 37.86 55.29 87.31
C ASP F 544 37.28 56.66 86.98
N PHE F 545 38.15 57.66 86.87
CA PHE F 545 37.73 59.03 86.58
C PHE F 545 37.20 59.16 85.15
N LEU F 546 37.45 58.15 84.32
CA LEU F 546 37.12 58.22 82.90
C LEU F 546 35.60 58.06 82.60
N PRO F 547 34.96 56.99 83.09
CA PRO F 547 33.52 56.95 82.79
C PRO F 547 32.75 57.89 83.71
N LYS F 548 33.41 58.34 84.77
CA LYS F 548 32.84 59.26 85.74
C LYS F 548 32.29 60.52 85.08
N ILE F 549 32.98 60.97 84.03
CA ILE F 549 32.62 62.21 83.35
C ILE F 549 32.94 62.13 81.86
N TYR F 558 39.36 73.79 73.50
CA TYR F 558 40.59 73.17 74.00
C TYR F 558 40.87 73.27 75.51
N THR F 559 40.57 74.44 76.07
CA THR F 559 40.87 74.75 77.46
C THR F 559 40.24 73.80 78.48
N ASP F 560 38.96 73.48 78.29
CA ASP F 560 38.18 72.68 79.26
C ASP F 560 38.91 71.42 79.74
N LEU F 561 39.48 70.68 78.79
CA LEU F 561 40.16 69.42 79.07
C LEU F 561 41.25 69.58 80.13
N LEU F 562 42.01 70.67 80.02
CA LEU F 562 43.13 70.92 80.94
C LEU F 562 42.65 71.32 82.33
N ARG F 563 41.60 72.13 82.37
CA ARG F 563 41.09 72.68 83.62
C ARG F 563 40.52 71.61 84.55
N ILE F 564 39.94 70.57 83.96
CA ILE F 564 39.37 69.49 84.75
C ILE F 564 40.43 68.47 85.13
N ALA F 565 41.58 68.52 84.46
CA ALA F 565 42.72 67.69 84.83
C ALA F 565 43.44 68.29 86.02
N LEU F 566 43.16 69.58 86.27
CA LEU F 566 43.80 70.35 87.33
C LEU F 566 43.39 69.88 88.73
N MET F 567 42.25 69.20 88.82
CA MET F 567 41.67 68.86 90.13
C MET F 567 42.54 67.88 90.93
N ALA F 568 43.16 66.92 90.26
CA ALA F 568 43.99 65.93 90.92
C ALA F 568 45.47 66.17 90.63
N GLU F 569 46.18 66.70 91.62
CA GLU F 569 47.59 67.08 91.49
C GLU F 569 48.49 65.86 91.28
N ASP F 570 48.02 64.70 91.72
CA ASP F 570 48.83 63.48 91.77
C ASP F 570 49.08 62.81 90.42
N GLU F 571 48.39 63.28 89.39
CA GLU F 571 48.38 62.56 88.12
C GLU F 571 49.16 63.25 87.00
N ALA F 572 49.76 62.45 86.13
CA ALA F 572 50.51 62.95 84.99
C ALA F 572 49.59 63.50 83.91
N ILE F 573 48.29 63.20 84.03
CA ILE F 573 47.31 63.71 83.08
C ILE F 573 47.25 65.23 83.22
N PHE F 574 47.58 65.72 84.41
CA PHE F 574 47.71 67.16 84.63
C PHE F 574 49.06 67.65 84.12
N GLU F 575 50.11 66.88 84.38
CA GLU F 575 51.46 67.23 83.94
C GLU F 575 51.52 67.39 82.43
N GLU F 576 50.79 66.53 81.72
CA GLU F 576 50.74 66.62 80.27
C GLU F 576 49.73 67.66 79.82
N ALA F 577 48.67 67.83 80.63
CA ALA F 577 47.70 68.89 80.40
C ALA F 577 48.42 70.22 80.28
N HIS F 578 49.37 70.43 81.19
CA HIS F 578 50.15 71.65 81.24
C HIS F 578 51.06 71.80 80.02
N LYS F 579 51.45 70.67 79.43
CA LYS F 579 52.32 70.70 78.26
C LYS F 579 51.55 71.02 76.99
N GLN F 580 50.31 70.55 76.91
CA GLN F 580 49.53 70.72 75.68
C GLN F 580 48.79 72.06 75.61
N VAL F 581 48.68 72.75 76.74
CA VAL F 581 48.24 74.14 76.71
C VAL F 581 49.43 75.00 76.33
N GLN F 582 50.60 74.61 76.85
CA GLN F 582 51.87 75.26 76.52
C GLN F 582 52.07 75.33 75.02
N ARG F 583 51.69 74.27 74.32
CA ARG F 583 51.64 74.28 72.87
C ARG F 583 50.21 74.06 72.38
N UNK F 584 27.17 64.13 86.22
CA UNK F 584 26.33 63.00 86.56
C UNK F 584 27.10 61.72 86.30
N UNK F 585 26.89 60.74 87.17
CA UNK F 585 27.57 59.46 87.06
C UNK F 585 27.42 58.85 85.65
N UNK F 586 26.29 59.07 85.01
CA UNK F 586 26.08 58.52 83.68
C UNK F 586 25.16 59.35 82.78
N UNK F 587 25.49 59.39 81.50
CA UNK F 587 24.70 60.14 80.53
C UNK F 587 24.49 59.33 79.24
N UNK F 588 23.22 59.03 78.95
CA UNK F 588 22.83 58.23 77.81
C UNK F 588 22.16 59.01 76.68
N UNK F 589 22.58 58.75 75.45
CA UNK F 589 22.02 59.42 74.29
C UNK F 589 21.53 58.40 73.26
N UNK F 590 20.30 57.87 73.42
CA UNK F 590 19.70 56.87 72.52
C UNK F 590 18.52 57.32 71.66
N UNK F 591 18.14 58.58 71.75
CA UNK F 591 17.02 59.07 70.96
C UNK F 591 17.50 60.10 69.96
N UNK F 592 16.70 60.34 68.93
CA UNK F 592 17.09 61.31 67.93
C UNK F 592 16.22 62.52 68.08
N UNK F 593 14.37 64.18 70.64
CA UNK F 593 14.19 64.35 72.07
C UNK F 593 13.79 63.06 72.77
N UNK F 594 14.30 62.86 73.99
CA UNK F 594 13.99 61.69 74.79
C UNK F 594 12.89 62.12 75.72
N UNK F 595 11.77 61.44 75.72
CA UNK F 595 10.70 61.87 76.60
C UNK F 595 10.70 61.18 77.96
N UNK F 596 10.99 59.89 77.98
CA UNK F 596 11.00 59.13 79.22
C UNK F 596 12.05 58.05 79.14
N UNK F 597 12.52 57.59 80.29
CA UNK F 597 13.52 56.54 80.39
C UNK F 597 13.38 55.94 81.77
N UNK F 598 13.78 54.68 81.94
CA UNK F 598 13.67 54.03 83.24
C UNK F 598 14.56 52.79 83.39
N UNK F 599 14.76 52.36 84.62
CA UNK F 599 15.60 51.20 84.94
C UNK F 599 14.83 49.89 84.91
N UNK F 600 15.55 48.80 84.67
CA UNK F 600 14.93 47.49 84.68
C UNK F 600 14.74 47.20 86.17
N UNK F 601 13.90 46.23 86.51
CA UNK F 601 13.68 45.94 87.92
C UNK F 601 14.94 45.61 88.69
N UNK F 602 15.95 45.06 88.04
CA UNK F 602 17.21 44.75 88.73
C UNK F 602 18.21 45.89 88.54
N UNK F 603 17.78 46.96 87.87
CA UNK F 603 18.65 48.09 87.64
C UNK F 603 19.78 47.88 86.64
N UNK F 604 19.90 46.67 86.11
CA UNK F 604 20.94 46.35 85.13
C UNK F 604 20.78 46.98 83.76
N UNK F 605 19.53 47.26 83.37
CA UNK F 605 19.25 47.82 82.07
C UNK F 605 18.43 49.11 82.16
N UNK F 606 18.35 49.83 81.04
CA UNK F 606 17.58 51.06 80.95
C UNK F 606 16.86 51.11 79.60
N UNK F 607 15.58 51.48 79.63
CA UNK F 607 14.83 51.58 78.38
C UNK F 607 14.43 53.05 78.31
N UNK F 608 14.44 53.61 77.10
CA UNK F 608 14.13 55.01 76.89
C UNK F 608 13.34 55.15 75.61
N UNK F 609 12.31 55.99 75.63
CA UNK F 609 11.48 56.19 74.47
C UNK F 609 11.32 57.67 74.23
N UNK F 610 11.47 58.11 72.99
CA UNK F 610 11.34 59.53 72.72
C UNK F 610 10.59 59.86 71.46
N UNK F 611 10.82 61.06 70.97
CA UNK F 611 10.08 61.58 69.83
C UNK F 611 10.59 60.98 68.53
N UNK F 612 11.65 60.18 68.62
CA UNK F 612 12.16 59.57 67.41
C UNK F 612 11.36 58.32 67.04
N UNK F 613 10.28 58.07 67.79
CA UNK F 613 9.36 56.93 67.57
C UNK F 613 9.87 55.53 67.95
N UNK F 614 11.11 55.41 68.41
CA UNK F 614 11.67 54.10 68.77
C UNK F 614 11.73 53.72 70.24
N UNK F 615 11.95 52.44 70.52
CA UNK F 615 12.09 51.93 71.89
C UNK F 615 13.54 51.55 71.94
N UNK F 616 14.25 52.02 72.96
CA UNK F 616 15.67 51.71 73.08
C UNK F 616 16.01 51.09 74.39
N UNK F 617 16.99 50.20 74.40
CA UNK F 617 17.40 49.57 75.62
C UNK F 617 18.90 49.38 75.60
N UNK F 618 19.52 49.57 76.76
CA UNK F 618 20.97 49.47 76.91
C UNK F 618 21.34 49.10 78.35
N UNK F 619 22.55 48.60 78.54
CA UNK F 619 23.02 48.21 79.85
C UNK F 619 23.13 49.47 80.71
N UNK F 620 22.77 49.37 81.99
CA UNK F 620 22.84 50.53 82.87
C UNK F 620 24.31 50.90 83.08
N UNK F 621 25.15 49.88 83.18
CA UNK F 621 26.59 50.05 83.37
C UNK F 621 27.34 50.83 82.31
N UNK F 622 27.15 50.47 81.04
CA UNK F 622 27.88 51.10 79.94
C UNK F 622 27.16 51.76 78.77
N UNK F 623 25.83 51.71 78.73
CA UNK F 623 25.11 52.32 77.62
C UNK F 623 25.17 51.46 76.37
N UNK F 624 25.88 50.36 76.49
CA UNK F 624 26.07 49.38 75.43
C UNK F 624 24.69 49.03 74.89
N UNK F 625 24.38 49.46 73.68
CA UNK F 625 23.06 49.20 73.11
C UNK F 625 22.64 47.73 73.15
N UNK F 626 21.41 47.49 73.58
CA UNK F 626 20.83 46.15 73.67
C UNK F 626 19.68 45.97 72.68
N UNK F 627 18.79 46.96 72.61
CA UNK F 627 17.67 46.89 71.66
C UNK F 627 17.44 48.22 70.94
N UNK F 628 17.11 48.15 69.64
CA UNK F 628 16.84 49.34 68.83
C UNK F 628 15.57 49.05 68.00
N UNK F 629 14.42 49.10 68.66
CA UNK F 629 13.11 48.82 68.06
C UNK F 629 12.40 50.05 67.51
N UNK F 630 11.59 49.86 66.48
CA UNK F 630 10.83 50.98 65.91
C UNK F 630 9.41 50.80 66.48
N UNK F 631 9.26 51.10 67.78
CA UNK F 631 7.98 50.90 68.49
C UNK F 631 6.65 51.46 67.96
N UNK F 632 6.60 52.71 67.54
CA UNK F 632 5.34 53.25 67.05
C UNK F 632 5.43 54.10 65.82
N UNK F 633 4.27 54.61 65.42
CA UNK F 633 4.12 55.44 64.25
C UNK F 633 3.85 56.88 64.70
N UNK F 634 3.66 57.43 66.32
CA UNK F 634 3.49 58.76 66.88
C UNK F 634 4.15 58.81 68.27
N UNK F 635 4.55 60.01 68.67
CA UNK F 635 5.29 60.21 69.92
C UNK F 635 4.73 59.46 71.12
N UNK F 636 5.62 59.04 72.00
CA UNK F 636 5.24 58.29 73.20
C UNK F 636 5.20 59.21 74.40
N UNK F 637 4.49 58.79 75.44
CA UNK F 637 4.35 59.60 76.66
C UNK F 637 4.70 58.99 78.02
N UNK F 638 4.79 57.68 78.08
CA UNK F 638 5.10 57.03 79.34
C UNK F 638 5.42 55.57 79.10
N UNK F 639 6.15 54.97 80.05
CA UNK F 639 6.55 53.58 79.97
C UNK F 639 6.86 53.03 81.38
N UNK F 640 6.65 51.75 81.61
CA UNK F 640 6.90 51.17 82.92
C UNK F 640 7.17 49.69 82.83
N UNK F 641 7.69 49.13 83.92
CA UNK F 641 8.01 47.71 84.03
C UNK F 641 6.92 47.08 84.87
N UNK F 642 6.74 45.76 84.75
CA UNK F 642 5.74 45.06 85.54
C UNK F 642 6.37 44.75 86.89
N UNK F 643 5.63 44.09 87.77
CA UNK F 643 6.11 43.75 89.10
C UNK F 643 7.34 42.85 89.11
N UNK F 644 7.50 42.01 88.09
CA UNK F 644 8.67 41.12 88.04
C UNK F 644 9.56 41.44 86.85
N UNK F 645 9.50 42.69 86.39
CA UNK F 645 10.32 43.14 85.26
C UNK F 645 10.16 42.23 84.06
N UNK F 646 9.14 41.38 84.07
CA UNK F 646 8.94 40.48 82.95
C UNK F 646 8.44 41.24 81.73
N UNK F 647 7.75 42.36 82.00
CA UNK F 647 7.20 43.16 80.93
C UNK F 647 7.48 44.63 81.08
N UNK F 648 7.21 45.36 80.01
CA UNK F 648 7.35 46.80 79.95
C UNK F 648 6.16 47.28 79.11
N UNK F 649 5.40 48.22 79.61
CA UNK F 649 4.30 48.70 78.82
C UNK F 649 4.73 50.07 78.32
N UNK F 650 4.00 50.60 77.35
CA UNK F 650 4.27 51.93 76.80
C UNK F 650 2.94 52.42 76.29
N UNK F 651 2.62 53.65 76.59
CA UNK F 651 1.37 54.21 76.11
C UNK F 651 1.78 55.46 75.34
N UNK F 652 1.08 55.75 74.24
CA UNK F 652 1.46 56.90 73.42
C UNK F 652 0.33 57.75 72.89
N UNK F 653 0.69 58.73 72.07
CA UNK F 653 -0.26 59.65 71.48
C UNK F 653 -1.13 59.00 70.41
N UNK F 654 -0.78 57.78 70.00
CA UNK F 654 -1.58 57.09 69.00
C UNK F 654 -2.75 56.46 69.72
N UNK F 655 -2.88 56.79 70.99
CA UNK F 655 -3.98 56.31 71.83
C UNK F 655 -3.88 54.84 72.19
N UNK F 656 -2.76 54.20 71.85
CA UNK F 656 -2.56 52.79 72.16
C UNK F 656 -1.66 52.57 73.37
N UNK F 657 -1.77 51.36 73.93
CA UNK F 657 -0.98 50.91 75.08
C UNK F 657 -0.35 49.62 74.60
N UNK F 658 0.90 49.35 74.95
CA UNK F 658 1.53 48.14 74.47
C UNK F 658 2.33 47.39 75.52
N UNK F 659 2.38 46.07 75.39
CA UNK F 659 3.11 45.27 76.33
C UNK F 659 4.25 44.60 75.60
N UNK F 660 5.44 44.61 76.20
CA UNK F 660 6.61 44.02 75.57
C UNK F 660 7.33 43.05 76.49
N UNK F 661 7.97 42.04 75.91
CA UNK F 661 8.74 41.08 76.68
C UNK F 661 10.00 41.90 76.92
N UNK F 662 10.25 42.26 78.17
CA UNK F 662 11.42 43.07 78.48
C UNK F 662 12.72 42.44 78.06
N UNK F 663 12.70 41.14 77.78
CA UNK F 663 13.91 40.43 77.41
C UNK F 663 14.20 40.47 75.91
N UNK F 664 11.97 42.05 73.63
CA UNK F 664 11.40 43.22 73.02
C UNK F 664 10.30 42.92 72.03
N UNK F 665 9.84 41.68 71.99
CA UNK F 665 8.78 41.34 71.06
C UNK F 665 7.42 41.82 71.59
N UNK F 666 6.65 42.45 70.71
CA UNK F 666 5.33 42.97 71.07
C UNK F 666 4.53 41.80 71.64
N UNK F 667 3.99 41.97 72.83
CA UNK F 667 3.23 40.92 73.49
C UNK F 667 1.75 41.32 73.56
N UNK F 668 -1.29 44.52 71.96
CA UNK F 668 -1.60 45.93 72.12
C UNK F 668 -3.06 46.15 72.51
N UNK F 669 -3.32 47.21 73.26
CA UNK F 669 -4.65 47.54 73.72
C UNK F 669 -5.06 48.91 73.22
N UNK F 670 -5.93 48.96 72.21
CA UNK F 670 -6.40 50.24 71.71
C UNK F 670 -7.83 50.42 72.15
N UNK F 671 -8.08 51.36 73.05
CA UNK F 671 -9.43 51.61 73.54
C UNK F 671 -9.59 53.03 74.01
N UNK F 672 -6.31 55.23 76.67
CA UNK F 672 -6.11 54.78 78.04
C UNK F 672 -4.83 55.44 78.60
N UNK F 673 -5.01 56.22 79.66
CA UNK F 673 -3.95 56.99 80.32
C UNK F 673 -3.19 56.26 81.44
N UNK F 674 -3.93 55.64 82.34
CA UNK F 674 -3.32 54.91 83.45
C UNK F 674 -3.11 53.44 83.11
N UNK F 675 -2.01 52.88 83.62
CA UNK F 675 -1.74 51.45 83.52
C UNK F 675 -0.64 51.06 84.49
N UNK F 676 -1.04 50.28 85.49
CA UNK F 676 -0.18 49.83 86.58
C UNK F 676 -0.40 48.34 86.91
N UNK F 677 0.68 47.64 87.27
CA UNK F 677 0.60 46.21 87.60
C UNK F 677 0.40 46.00 89.10
N UNK F 678 0.16 44.75 89.49
CA UNK F 678 0.01 44.43 90.92
C UNK F 678 1.41 44.32 91.51
N UNK F 679 1.59 44.72 92.76
CA UNK F 679 2.90 44.70 93.41
C UNK F 679 3.37 43.33 93.89
N UNK F 680 2.47 42.61 94.54
CA UNK F 680 2.81 41.28 95.05
C UNK F 680 3.18 40.30 93.95
N UNK F 681 4.36 39.72 94.11
CA UNK F 681 4.94 38.74 93.20
C UNK F 681 4.06 37.50 93.07
N UNK F 682 2.92 37.51 93.74
CA UNK F 682 2.02 36.38 93.70
C UNK F 682 1.10 36.46 92.48
N UNK F 683 0.07 37.30 92.56
CA UNK F 683 -0.88 37.49 91.46
C UNK F 683 -0.31 38.43 90.39
N UNK F 684 -0.88 38.37 89.19
CA UNK F 684 -0.39 39.17 88.06
C UNK F 684 -1.49 39.92 87.33
N UNK F 685 -1.98 41.02 87.89
CA UNK F 685 -3.05 41.78 87.24
C UNK F 685 -2.57 43.11 86.71
N UNK F 686 -3.35 43.67 85.79
CA UNK F 686 -3.02 44.96 85.20
C UNK F 686 -4.26 45.82 85.28
N UNK F 687 -4.08 47.06 85.73
CA UNK F 687 -5.19 47.98 85.87
C UNK F 687 -4.99 49.13 84.90
N UNK F 688 -6.05 49.52 84.23
CA UNK F 688 -5.97 50.61 83.26
C UNK F 688 -7.13 51.59 83.43
N UNK F 689 -6.81 52.87 83.28
CA UNK F 689 -7.81 53.92 83.38
C UNK F 689 -7.86 54.55 82.00
N UNK F 690 -9.05 54.95 81.54
CA UNK F 690 -9.14 55.55 80.22
C UNK F 690 -10.06 56.76 80.15
N UNK F 691 -9.96 57.51 79.06
CA UNK F 691 -10.80 58.67 78.83
C UNK F 691 -12.24 58.24 78.65
N UNK F 692 -12.47 56.93 78.50
CA UNK F 692 -13.81 56.41 78.32
C UNK F 692 -14.55 56.26 79.64
N UNK F 693 -13.93 56.77 80.72
CA UNK F 693 -14.51 56.74 82.06
C UNK F 693 -14.40 55.41 82.79
N UNK F 694 -13.86 54.39 82.16
CA UNK F 694 -13.75 53.11 82.84
C UNK F 694 -12.36 52.80 83.30
N UNK F 695 -12.29 51.76 84.12
CA UNK F 695 -11.07 51.21 84.67
C UNK F 695 -11.17 49.74 84.31
N UNK F 696 -10.05 49.08 84.05
CA UNK F 696 -10.15 47.68 83.71
C UNK F 696 -9.07 46.84 84.39
N UNK F 697 -9.46 45.64 84.82
CA UNK F 697 -8.53 44.72 85.42
C UNK F 697 -8.34 43.65 84.38
N UNK F 698 -7.09 43.33 84.06
CA UNK F 698 -6.78 42.31 83.08
C UNK F 698 -6.02 41.23 83.80
N UNK F 699 -6.30 39.98 83.44
CA UNK F 699 -5.61 38.85 84.03
C UNK F 699 -4.73 38.38 82.89
N UNK F 700 -3.47 38.82 82.89
CA UNK F 700 -2.51 38.48 81.85
C UNK F 700 -2.50 37.00 81.48
N UNK F 701 -3.01 36.18 82.39
CA UNK F 701 -3.07 34.74 82.17
C UNK F 701 -4.41 34.41 81.50
N UNK F 702 -4.96 35.36 80.76
CA UNK F 702 -6.24 35.13 80.10
C UNK F 702 -6.45 36.08 78.93
N UNK F 703 -6.76 35.53 77.77
CA UNK F 703 -6.98 36.33 76.57
C UNK F 703 -8.08 37.38 76.76
N UNK F 704 -8.70 37.38 77.94
CA UNK F 704 -9.80 38.32 78.18
C UNK F 704 -9.67 39.31 79.34
N UNK F 705 -10.54 40.31 79.30
CA UNK F 705 -10.63 41.34 80.31
C UNK F 705 -11.18 40.59 81.52
N UNK F 706 -10.90 41.06 82.73
CA UNK F 706 -11.39 40.37 83.91
C UNK F 706 -12.49 41.14 84.60
N UNK F 707 -12.43 42.45 84.48
CA UNK F 707 -13.42 43.29 85.12
C UNK F 707 -13.40 44.67 84.47
N UNK F 708 -14.52 45.38 84.58
CA UNK F 708 -14.63 46.71 84.02
C UNK F 708 -15.31 47.54 85.07
N UNK F 709 -14.53 48.30 85.83
CA UNK F 709 -15.08 49.13 86.88
C UNK F 709 -15.84 50.33 86.36
N UNK F 710 -17.16 50.29 86.45
CA UNK F 710 -17.94 51.44 86.01
C UNK F 710 -18.09 52.35 87.23
N UNK F 711 -9.56 64.41 81.78
CA UNK F 711 -9.09 63.63 82.93
C UNK F 711 -7.67 63.18 82.57
N UNK F 712 -6.69 63.68 83.30
CA UNK F 712 -5.31 63.36 82.99
C UNK F 712 -4.68 62.23 83.74
N UNK F 713 -5.29 61.80 84.82
CA UNK F 713 -4.66 60.75 85.60
C UNK F 713 -5.66 60.16 86.59
N UNK F 714 -5.42 58.93 87.02
CA UNK F 714 -6.30 58.22 87.94
C UNK F 714 -5.61 57.00 88.51
N UNK F 715 -5.78 56.77 89.80
CA UNK F 715 -5.16 55.63 90.47
C UNK F 715 -6.12 55.03 91.47
N UNK F 716 -6.14 53.71 91.55
CA UNK F 716 -7.01 53.07 92.51
C UNK F 716 -6.32 53.25 93.84
N UNK F 717 -7.08 53.22 94.92
CA UNK F 717 -6.48 53.34 96.23
C UNK F 717 -5.88 51.96 96.56
N UNK F 718 -4.92 51.91 97.48
CA UNK F 718 -4.34 50.61 97.82
C UNK F 718 -5.49 49.70 98.22
N UNK F 719 -11.08 50.33 97.39
CA UNK F 719 -12.41 50.92 97.53
C UNK F 719 -12.59 52.30 96.91
N UNK F 720 -11.50 53.03 96.69
CA UNK F 720 -11.61 54.36 96.11
C UNK F 720 -10.84 54.51 94.83
N UNK F 721 -11.25 55.47 94.01
CA UNK F 721 -10.58 55.74 92.75
C UNK F 721 -10.29 57.22 92.71
N UNK F 722 -9.01 57.57 92.84
CA UNK F 722 -8.65 58.96 92.82
C UNK F 722 -8.57 59.40 91.35
N UNK F 723 -8.95 60.64 91.09
CA UNK F 723 -8.92 61.14 89.73
C UNK F 723 -8.43 62.56 89.68
N UNK F 724 -7.58 62.81 88.69
CA UNK F 724 -6.91 64.08 88.51
C UNK F 724 -7.23 64.67 87.14
N UNK F 725 -7.60 65.95 87.09
CA UNK F 725 -7.97 66.59 85.83
C UNK F 725 -7.47 68.00 85.61
N UNK F 726 -7.89 68.57 84.49
CA UNK F 726 -7.53 69.91 84.09
C UNK F 726 -8.52 70.90 84.68
N UNK F 727 -9.66 70.41 85.14
CA UNK F 727 -10.66 71.28 85.72
C UNK F 727 -10.23 71.80 87.08
N UNK F 728 -9.00 71.54 87.48
CA UNK F 728 -8.50 72.03 88.75
C UNK F 728 -8.93 71.26 89.99
N UNK F 729 -9.37 70.01 89.81
CA UNK F 729 -9.81 69.22 90.95
C UNK F 729 -9.07 67.89 91.12
N UNK F 730 -9.20 67.33 92.31
CA UNK F 730 -8.68 66.01 92.64
C UNK F 730 -10.03 65.42 93.00
N UNK F 731 -10.27 64.15 92.73
CA UNK F 731 -11.58 63.63 93.05
C UNK F 731 -11.54 62.19 93.49
N UNK F 732 -12.39 61.85 94.44
CA UNK F 732 -12.43 60.49 94.91
C UNK F 732 -13.75 59.82 94.61
N UNK F 733 -13.76 58.99 93.58
CA UNK F 733 -14.96 58.27 93.23
C UNK F 733 -15.00 57.00 94.07
N UNK F 734 -16.17 56.42 94.22
CA UNK F 734 -16.36 55.19 95.01
C UNK F 734 -16.46 54.01 94.05
N UNK F 735 -15.42 53.21 93.98
CA UNK F 735 -15.41 52.08 93.07
C UNK F 735 -16.66 51.22 93.04
N UNK F 736 -17.04 50.67 94.18
CA UNK F 736 -18.21 49.81 94.24
C UNK F 736 -19.47 50.39 93.61
N UNK F 737 -19.56 51.71 93.54
CA UNK F 737 -20.75 52.33 92.98
C UNK F 737 -20.52 53.40 91.93
N UNK F 738 -19.26 53.67 91.60
CA UNK F 738 -18.92 54.69 90.61
C UNK F 738 -19.56 56.05 90.90
N UNK F 739 -19.67 56.41 92.17
CA UNK F 739 -20.26 57.69 92.60
C UNK F 739 -19.20 58.67 93.03
N UNK F 740 -19.44 59.96 92.82
CA UNK F 740 -18.44 60.96 93.24
C UNK F 740 -18.60 61.16 94.75
N UNK F 741 -17.55 60.87 95.52
CA UNK F 741 -17.60 61.05 96.97
C UNK F 741 -17.09 62.42 97.38
N UNK F 742 -15.96 62.86 96.82
CA UNK F 742 -15.43 64.17 97.15
C UNK F 742 -14.78 64.81 95.94
N UNK F 743 -14.48 66.09 96.08
CA UNK F 743 -13.83 66.85 95.04
C UNK F 743 -12.98 67.89 95.75
N UNK F 744 -11.72 68.01 95.35
CA UNK F 744 -10.83 68.98 95.99
C UNK F 744 -10.29 69.99 95.01
N UNK F 745 -10.80 71.21 95.09
CA UNK F 745 -10.36 72.27 94.20
C UNK F 745 -8.94 72.71 94.53
N UNK F 746 -8.10 72.86 93.51
CA UNK F 746 -6.75 73.33 93.76
C UNK F 746 -6.72 74.83 93.47
N UNK F 747 -6.66 75.59 94.57
CA UNK F 747 -6.69 77.05 94.60
C UNK F 747 -5.41 77.63 95.21
N UNK F 748 -4.26 77.05 94.92
CA UNK F 748 -3.02 77.54 95.49
C UNK F 748 -2.29 78.43 94.50
N UNK F 749 -3.05 78.97 93.57
CA UNK F 749 -2.48 79.82 92.54
C UNK F 749 -3.26 81.14 92.36
N UNK F 750 -2.51 82.23 92.26
CA UNK F 750 -3.09 83.56 92.16
C UNK F 750 -2.54 84.33 90.95
N UNK F 751 -0.85 65.56 86.44
CA UNK F 751 0.07 64.49 86.87
C UNK F 751 -0.48 63.89 88.17
N UNK F 752 -0.39 62.59 88.35
CA UNK F 752 -0.87 62.00 89.60
C UNK F 752 -0.46 60.57 89.78
N UNK F 753 0.68 60.39 90.44
CA UNK F 753 1.26 59.09 90.68
C UNK F 753 1.09 58.52 92.08
N UNK F 754 1.20 57.20 92.16
CA UNK F 754 1.06 56.43 93.39
C UNK F 754 2.34 56.30 94.19
N UNK F 755 2.21 55.93 95.45
CA UNK F 755 3.38 55.75 96.30
C UNK F 755 3.88 54.34 96.00
N UNK F 756 5.03 53.99 96.58
CA UNK F 756 5.63 52.69 96.36
C UNK F 756 4.75 51.54 96.84
N UNK F 757 4.15 51.72 98.00
CA UNK F 757 3.29 50.72 98.59
C UNK F 757 1.87 50.80 98.04
N UNK F 758 1.61 51.77 97.17
CA UNK F 758 0.28 51.91 96.62
C UNK F 758 -0.77 52.32 97.64
N UNK F 759 -0.29 52.82 98.78
CA UNK F 759 -1.18 53.25 99.84
C UNK F 759 -1.31 54.76 99.94
N UNK F 760 -0.67 55.47 99.02
CA UNK F 760 -0.75 56.92 99.02
C UNK F 760 -0.66 57.42 97.59
N UNK F 761 -1.19 58.61 97.33
CA UNK F 761 -1.18 59.16 95.99
C UNK F 761 -0.90 60.65 96.05
N UNK F 762 -0.04 61.17 95.19
CA UNK F 762 0.18 62.60 95.21
C UNK F 762 -0.48 63.16 93.97
N UNK F 763 -0.98 64.39 94.05
CA UNK F 763 -1.61 65.04 92.90
C UNK F 763 -1.22 66.50 92.87
N UNK F 764 -1.40 67.13 91.70
CA UNK F 764 -1.03 68.52 91.52
C UNK F 764 -2.16 69.36 90.92
N UNK F 765 -2.24 70.62 91.35
CA UNK F 765 -3.24 71.56 90.87
C UNK F 765 -2.84 73.01 91.20
N UNK F 766 -3.11 73.92 90.27
CA UNK F 766 -2.79 75.33 90.42
C UNK F 766 -1.40 75.50 91.03
N UNK F 767 -1.37 75.84 92.31
CA UNK F 767 -0.10 76.03 93.02
C UNK F 767 0.36 74.97 93.98
N UNK F 768 -0.37 73.87 94.11
CA UNK F 768 0.07 72.89 95.08
C UNK F 768 0.10 71.43 94.66
N UNK F 769 0.89 70.67 95.41
CA UNK F 769 1.02 69.25 95.25
C UNK F 769 0.36 68.79 96.53
N UNK F 770 -0.46 67.75 96.46
CA UNK F 770 -1.17 67.25 97.64
C UNK F 770 -1.00 65.76 97.80
N UNK F 771 -0.76 65.32 99.03
CA UNK F 771 -0.60 63.90 99.29
C UNK F 771 -1.82 63.33 99.98
N UNK F 772 -2.46 62.38 99.32
CA UNK F 772 -3.66 61.74 99.84
C UNK F 772 -3.46 60.32 100.29
N UNK F 773 -4.29 59.92 101.25
CA UNK F 773 -4.27 58.58 101.77
C UNK F 773 -5.30 57.83 100.93
N UNK F 774 -4.84 56.92 100.08
CA UNK F 774 -5.73 56.15 99.19
C UNK F 774 -6.96 55.54 99.90
N UNK F 775 -8.42 56.20 103.71
CA UNK F 775 -9.19 57.24 104.37
C UNK F 775 -9.53 58.44 103.48
N UNK F 776 -8.76 58.64 102.40
CA UNK F 776 -8.98 59.76 101.49
C UNK F 776 -8.59 61.07 102.19
N UNK F 777 -7.70 60.94 103.16
CA UNK F 777 -7.25 62.10 103.90
C UNK F 777 -6.11 62.81 103.22
N UNK F 778 -6.00 64.10 103.48
CA UNK F 778 -4.94 64.90 102.91
C UNK F 778 -3.77 64.83 103.87
N UNK F 779 -2.77 64.04 103.54
CA UNK F 779 -1.61 63.89 104.40
C UNK F 779 -0.56 64.98 104.24
N UNK F 780 -0.69 65.82 103.22
CA UNK F 780 0.31 66.86 103.02
C UNK F 780 -0.07 67.87 101.96
N UNK F 781 0.44 69.09 102.13
CA UNK F 781 0.14 70.16 101.22
C UNK F 781 1.33 71.09 101.11
N UNK F 782 2.19 70.87 100.11
CA UNK F 782 3.32 71.75 99.92
C UNK F 782 2.89 72.78 98.88
N UNK F 783 5.67 73.50 98.83
CA UNK F 783 5.31 74.59 97.93
C UNK F 783 6.50 74.86 97.03
N UNK F 784 6.25 74.79 95.74
CA UNK F 784 7.31 74.97 94.76
C UNK F 784 7.60 76.42 94.39
N UNK F 785 5.68 78.89 89.58
CA UNK F 785 5.83 78.45 88.21
C UNK F 785 4.77 77.37 88.13
N UNK F 786 4.98 76.34 87.30
CA UNK F 786 4.01 75.25 87.21
C UNK F 786 4.70 73.92 87.01
N UNK F 787 4.39 72.96 87.87
CA UNK F 787 4.98 71.63 87.78
C UNK F 787 4.56 71.02 86.46
N UNK F 788 5.52 70.63 85.64
CA UNK F 788 5.24 70.06 84.33
C UNK F 788 5.05 68.53 84.38
N UNK F 789 5.66 67.88 85.37
CA UNK F 789 5.50 66.42 85.52
C UNK F 789 6.07 65.93 86.84
N UNK F 790 5.66 64.73 87.26
CA UNK F 790 6.14 64.15 88.51
C UNK F 790 5.97 62.64 88.59
N UNK F 791 6.40 62.04 89.69
CA UNK F 791 6.23 60.61 89.88
C UNK F 791 6.55 60.28 91.31
N UNK F 792 5.65 59.54 91.92
CA UNK F 792 5.75 59.15 93.30
C UNK F 792 6.45 57.79 93.41
N UNK F 793 7.48 57.74 94.23
CA UNK F 793 8.26 56.52 94.44
C UNK F 793 7.47 55.47 95.20
N UNK F 794 8.02 54.25 95.35
CA UNK F 794 7.27 53.23 96.08
C UNK F 794 7.84 53.10 97.50
N UNK F 795 8.90 53.85 97.78
CA UNK F 795 9.56 53.85 99.09
C UNK F 795 9.96 55.27 99.49
N UNK F 796 10.31 55.42 100.75
CA UNK F 796 10.73 56.72 101.30
C UNK F 796 9.81 57.90 100.96
N UNK F 797 8.57 57.61 100.57
CA UNK F 797 7.60 58.63 100.19
C UNK F 797 8.27 59.66 99.28
N UNK F 798 9.21 59.19 98.46
CA UNK F 798 9.89 60.11 97.56
C UNK F 798 9.03 60.45 96.37
N UNK F 799 9.18 61.67 95.89
CA UNK F 799 8.43 62.12 94.75
C UNK F 799 9.37 62.97 93.90
N UNK F 800 9.40 62.69 92.61
CA UNK F 800 10.24 63.47 91.71
C UNK F 800 9.35 64.27 90.82
N UNK F 801 9.67 65.55 90.67
CA UNK F 801 8.87 66.40 89.82
C UNK F 801 9.76 67.26 88.95
N UNK F 802 9.40 67.38 87.69
CA UNK F 802 10.14 68.23 86.79
C UNK F 802 9.46 69.55 87.11
N UNK F 803 13.58 72.65 82.77
CA UNK F 803 14.78 71.90 83.15
C UNK F 803 15.22 71.80 84.63
N UNK F 804 14.37 72.25 85.56
CA UNK F 804 14.71 72.14 86.97
C UNK F 804 14.11 70.84 87.45
N UNK F 805 14.90 70.02 88.12
CA UNK F 805 14.38 68.75 88.59
C UNK F 805 14.72 68.58 90.04
N UNK F 806 13.70 68.45 90.88
CA UNK F 806 13.96 68.25 92.30
C UNK F 806 13.10 67.15 92.85
N UNK F 807 13.66 66.30 93.69
CA UNK F 807 12.85 65.25 94.29
C UNK F 807 12.61 65.63 95.73
N UNK F 808 11.35 65.52 96.13
CA UNK F 808 10.87 65.86 97.47
C UNK F 808 10.51 64.66 98.32
N UNK F 809 10.30 64.94 99.59
CA UNK F 809 9.95 63.94 100.57
C UNK F 809 8.54 64.26 101.09
N UNK F 810 7.53 63.62 100.55
CA UNK F 810 6.16 63.83 101.01
C UNK F 810 6.24 63.37 102.46
N UNK F 811 5.24 63.69 103.28
CA UNK F 811 5.29 63.28 104.68
C UNK F 811 6.23 64.21 105.47
N UNK F 812 7.47 66.75 103.77
CA UNK F 812 7.11 67.93 102.99
C UNK F 812 8.28 68.87 102.76
N UNK F 813 9.46 68.29 102.58
CA UNK F 813 10.68 69.08 102.36
C UNK F 813 11.45 68.62 101.11
N UNK F 814 12.16 69.55 100.48
CA UNK F 814 12.95 69.14 99.32
C UNK F 814 14.13 68.34 99.85
N UNK F 815 14.49 67.29 99.12
CA UNK F 815 15.57 66.38 99.47
C UNK F 815 16.80 66.55 98.60
N UNK F 816 16.58 66.79 97.31
CA UNK F 816 17.71 66.94 96.41
C UNK F 816 17.40 67.76 95.19
N UNK F 817 18.43 68.43 94.68
CA UNK F 817 18.30 69.22 93.48
C UNK F 817 19.03 68.43 92.42
N UNK F 818 18.32 68.11 91.35
CA UNK F 818 18.89 67.34 90.27
C UNK F 818 19.13 68.21 89.05
N UNK F 819 20.36 68.67 88.91
CA UNK F 819 20.71 69.54 87.80
C UNK F 819 21.29 68.69 86.69
N UNK F 820 20.60 68.62 85.55
CA UNK F 820 21.10 67.83 84.45
C UNK F 820 20.78 68.36 83.07
N UNK F 821 19.71 69.15 82.96
CA UNK F 821 19.31 69.69 81.66
C UNK F 821 19.29 71.22 81.67
N UNK F 822 19.42 71.83 80.50
CA UNK F 822 19.37 73.28 80.37
C UNK F 822 18.29 73.60 79.33
N UNK F 823 18.06 72.29 78.32
CA UNK F 823 16.88 72.13 77.51
C UNK F 823 15.84 71.47 78.40
N UNK F 824 14.58 71.81 78.19
CA UNK F 824 13.44 71.26 78.94
C UNK F 824 13.50 69.85 79.50
N UNK F 825 13.19 69.69 80.78
CA UNK F 825 13.25 68.36 81.40
C UNK F 825 11.82 67.85 81.54
N UNK F 826 11.50 66.80 80.81
CA UNK F 826 10.16 66.25 80.81
C UNK F 826 9.85 65.33 81.95
N UNK F 827 10.81 64.48 82.30
CA UNK F 827 10.57 63.53 83.36
C UNK F 827 11.77 63.34 84.26
N UNK F 828 11.54 62.65 85.36
CA UNK F 828 12.61 62.46 86.32
C UNK F 828 12.14 61.47 87.38
N UNK F 829 12.98 60.52 87.77
CA UNK F 829 12.56 59.63 88.83
C UNK F 829 13.63 58.82 89.51
N UNK F 830 13.30 58.35 90.71
CA UNK F 830 14.23 57.58 91.52
C UNK F 830 14.31 56.14 91.10
N UNK F 831 15.44 55.52 91.42
CA UNK F 831 15.64 54.12 91.15
C UNK F 831 14.72 53.49 92.17
N UNK F 832 14.50 52.18 92.11
CA UNK F 832 13.60 51.62 93.10
C UNK F 832 14.07 51.73 94.56
N UNK F 833 15.37 51.63 94.81
CA UNK F 833 15.85 51.75 96.19
C UNK F 833 16.11 53.21 96.52
N UNK F 834 15.73 54.06 95.57
CA UNK F 834 15.90 55.49 95.75
C UNK F 834 17.35 55.89 95.92
N UNK F 835 18.27 55.01 95.54
CA UNK F 835 19.68 55.30 95.69
C UNK F 835 20.14 56.23 94.59
N UNK F 836 19.40 56.26 93.49
CA UNK F 836 19.78 57.13 92.41
C UNK F 836 18.52 57.56 91.67
N UNK F 837 18.66 58.50 90.74
CA UNK F 837 17.52 58.97 89.97
C UNK F 837 17.96 59.30 88.55
N UNK F 838 17.00 59.33 87.61
CA UNK F 838 17.32 59.64 86.23
C UNK F 838 16.62 60.92 85.80
N UNK F 839 17.18 61.56 84.79
CA UNK F 839 16.63 62.80 84.25
C UNK F 839 16.38 62.62 82.76
N UNK F 840 15.18 62.95 82.30
CA UNK F 840 14.86 62.82 80.87
C UNK F 840 14.51 64.17 80.25
N UNK F 841 15.21 64.55 79.18
CA UNK F 841 14.93 65.85 78.61
C UNK F 841 14.84 66.02 77.10
N UNK F 842 14.52 67.25 76.74
CA UNK F 842 14.36 67.69 75.37
C UNK F 842 15.68 67.70 74.62
N UNK F 843 16.77 67.80 75.37
CA UNK F 843 18.09 67.77 74.74
C UNK F 843 18.36 66.31 74.39
N UNK F 844 17.27 65.56 74.26
CA UNK F 844 17.28 64.14 73.95
C UNK F 844 18.30 63.28 74.66
N UNK F 845 18.54 63.58 75.93
CA UNK F 845 19.45 62.78 76.70
C UNK F 845 18.76 62.26 77.94
N UNK F 846 19.35 61.24 78.53
CA UNK F 846 18.84 60.65 79.75
C UNK F 846 20.07 60.55 80.61
N UNK F 847 20.03 61.13 81.80
CA UNK F 847 21.19 61.07 82.68
C UNK F 847 20.89 60.43 84.03
N UNK F 848 21.79 59.57 84.49
CA UNK F 848 21.59 58.91 85.75
C UNK F 848 22.44 59.56 86.80
N UNK F 849 21.81 59.86 87.94
CA UNK F 849 22.48 60.49 89.06
C UNK F 849 22.39 59.62 90.29
N UNK F 850 23.35 59.76 91.19
CA UNK F 850 23.33 59.03 92.44
C UNK F 850 23.01 60.05 93.52
N UNK F 851 21.85 59.88 94.15
CA UNK F 851 21.35 60.77 95.20
C UNK F 851 22.39 61.18 96.21
N UNK F 852 22.94 60.20 96.93
CA UNK F 852 23.95 60.49 97.94
C UNK F 852 24.91 61.59 97.46
N UNK F 853 25.66 61.30 96.41
CA UNK F 853 26.63 62.25 95.86
C UNK F 853 26.03 63.60 95.47
N UNK F 854 24.78 63.62 95.00
CA UNK F 854 24.16 64.88 94.60
C UNK F 854 23.76 65.76 95.77
N UNK F 855 23.26 65.14 96.84
CA UNK F 855 22.81 65.88 98.02
C UNK F 855 23.94 66.43 98.88
N UNK F 856 25.15 65.91 98.69
CA UNK F 856 26.27 66.40 99.47
C UNK F 856 26.41 67.89 99.21
N UNK F 857 26.65 68.62 100.28
CA UNK F 857 26.84 70.07 100.21
C UNK F 857 28.07 70.37 99.37
N UNK F 858 24.55 77.23 99.32
CA UNK F 858 25.88 77.45 98.79
C UNK F 858 25.93 78.46 97.66
N UNK F 859 27.14 78.96 97.44
CA UNK F 859 27.43 79.95 96.42
C UNK F 859 27.80 79.30 95.09
N UNK F 860 27.63 78.00 95.00
CA UNK F 860 27.97 77.35 93.75
C UNK F 860 27.01 77.80 92.65
N UNK F 861 25.72 77.92 92.97
CA UNK F 861 24.74 78.37 91.98
C UNK F 861 24.12 79.69 92.39
N UNK F 862 24.20 80.68 91.51
CA UNK F 862 23.65 81.98 91.79
C UNK F 862 22.70 82.32 90.69
N UNK F 863 22.07 83.49 90.82
CA UNK F 863 21.14 84.00 89.82
C UNK F 863 22.02 84.86 88.95
N UNK F 864 21.46 85.45 87.91
CA UNK F 864 22.27 86.31 87.05
C UNK F 864 22.31 87.77 87.52
N UNK F 865 21.68 88.02 88.66
CA UNK F 865 21.68 89.34 89.24
C UNK F 865 22.87 89.42 90.18
N UNK F 866 23.96 90.01 89.70
CA UNK F 866 25.18 90.16 90.47
C UNK F 866 25.86 91.47 90.18
N UNK F 867 26.77 91.86 91.07
CA UNK F 867 27.54 93.07 90.89
C UNK F 867 28.98 92.78 91.30
N UNK F 868 29.91 93.29 90.50
CA UNK F 868 31.34 93.07 90.71
C UNK F 868 32.17 94.32 90.97
N UNK F 869 33.18 94.18 91.82
CA UNK F 869 34.08 95.27 92.16
C UNK F 869 35.52 94.81 92.04
N UNK F 870 36.18 95.24 90.96
CA UNK F 870 37.57 94.89 90.70
C UNK F 870 38.52 95.78 91.51
N UNK F 871 38.98 95.30 92.65
CA UNK F 871 39.87 96.08 93.49
C UNK F 871 41.35 95.66 93.44
N UNK F 872 42.58 91.96 93.87
CA UNK F 872 41.54 90.93 93.76
C UNK F 872 40.19 91.40 93.18
N UNK F 873 39.30 90.44 92.96
CA UNK F 873 37.96 90.71 92.42
C UNK F 873 36.88 90.35 93.45
N UNK F 874 35.80 91.14 93.47
CA UNK F 874 34.70 90.93 94.39
C UNK F 874 33.35 90.84 93.69
N UNK F 875 32.64 89.74 93.96
CA UNK F 875 31.33 89.52 93.36
C UNK F 875 30.26 89.33 94.43
N UNK F 876 29.23 90.16 94.38
CA UNK F 876 28.11 90.08 95.31
C UNK F 876 27.01 89.52 94.43
N UNK F 877 26.35 88.46 94.87
CA UNK F 877 25.32 87.89 94.02
C UNK F 877 24.07 87.40 94.73
N UNK F 878 22.96 87.49 94.03
CA UNK F 878 21.67 87.03 94.54
C UNK F 878 21.67 85.51 94.51
N UNK F 879 21.61 84.87 95.67
CA UNK F 879 21.61 83.39 95.69
C UNK F 879 20.46 82.80 94.88
N UNK F 880 20.70 81.61 94.33
CA UNK F 880 19.70 80.92 93.53
C UNK F 880 18.46 80.51 94.34
N UNK F 881 21.93 86.39 99.34
CA UNK F 881 22.96 86.79 98.42
C UNK F 881 24.31 86.41 98.99
N UNK F 882 25.25 86.14 98.09
CA UNK F 882 26.59 85.72 98.47
C UNK F 882 27.65 86.80 98.19
N UNK F 883 28.56 86.96 99.14
CA UNK F 883 29.64 87.90 98.98
C UNK F 883 30.81 87.03 98.54
N UNK F 884 30.94 86.85 97.23
CA UNK F 884 32.00 86.01 96.65
C UNK F 884 33.25 86.78 96.32
N UNK F 885 34.37 86.36 96.91
CA UNK F 885 35.66 86.98 96.67
C UNK F 885 36.44 86.10 95.69
N UNK F 886 36.45 86.47 94.43
CA UNK F 886 37.18 85.68 93.43
C UNK F 886 38.64 85.64 93.85
N UNK F 887 39.37 84.59 93.46
CA UNK F 887 40.76 84.47 93.87
C UNK F 887 40.77 84.23 95.38
N UNK F 888 36.45 82.28 100.13
CA UNK F 888 35.78 83.32 100.95
C UNK F 888 34.38 83.72 100.50
N UNK F 889 33.43 82.82 100.73
CA UNK F 889 32.05 83.04 100.40
C UNK F 889 31.29 83.35 101.70
N UNK F 890 30.64 84.50 101.73
CA UNK F 890 29.90 84.92 102.89
C UNK F 890 28.45 85.14 102.56
N UNK F 891 27.62 84.37 103.24
CA UNK F 891 26.18 84.37 103.07
C UNK F 891 25.46 85.38 103.94
N UNK F 892 24.42 85.97 103.35
CA UNK F 892 23.58 86.95 104.01
C UNK F 892 22.16 86.54 103.65
N UNK F 893 21.44 85.93 104.58
CA UNK F 893 20.07 85.48 104.35
C UNK F 893 19.13 86.66 104.14
N UNK F 894 18.01 86.42 103.49
CA UNK F 894 17.04 87.49 103.27
C UNK F 894 15.81 87.03 102.50
N UNK F 895 15.88 88.27 97.70
CA UNK F 895 16.12 89.55 97.06
C UNK F 895 15.87 89.42 95.57
N UNK F 896 15.84 90.55 94.87
CA UNK F 896 15.63 90.55 93.43
C UNK F 896 16.76 91.22 92.68
N UNK F 897 17.61 91.95 93.39
CA UNK F 897 18.73 92.61 92.75
C UNK F 897 19.77 92.97 93.78
N UNK F 898 21.02 93.03 93.35
CA UNK F 898 22.09 93.32 94.27
C UNK F 898 22.74 94.67 94.02
N UNK F 899 23.67 95.03 94.90
CA UNK F 899 24.36 96.31 94.81
C UNK F 899 25.55 96.39 95.78
N UNK F 900 26.69 96.84 95.29
CA UNK F 900 27.89 96.97 96.12
C UNK F 900 28.36 98.42 96.19
N UNK F 901 28.60 98.90 97.41
CA UNK F 901 29.05 100.28 97.59
C UNK F 901 30.55 100.30 97.45
N UNK F 902 31.08 101.03 96.47
CA UNK F 902 32.54 101.06 96.33
C UNK F 902 33.12 101.25 97.72
N UNK F 903 29.38 98.17 102.67
CA UNK F 903 27.92 98.20 102.57
C UNK F 903 27.44 97.45 101.33
N UNK F 904 26.34 96.73 101.47
CA UNK F 904 25.74 96.02 100.33
C UNK F 904 24.27 96.38 100.39
N UNK F 905 23.64 96.53 99.24
CA UNK F 905 22.23 96.87 99.24
C UNK F 905 21.46 95.92 98.33
N UNK F 906 20.18 95.74 98.59
CA UNK F 906 19.42 94.85 97.72
C UNK F 906 17.96 95.15 97.49
N UNK F 907 17.50 94.71 96.32
CA UNK F 907 16.12 94.89 95.92
C UNK F 907 15.29 93.79 96.52
N UNK F 908 13.98 93.94 96.46
CA UNK F 908 13.08 92.96 97.04
C UNK F 908 11.93 92.68 96.09
N UNK F 909 11.33 91.50 96.24
CA UNK F 909 10.22 91.10 95.38
C UNK F 909 9.04 92.04 95.60
N UNK F 910 10.78 96.23 98.79
CA UNK F 910 11.63 96.67 99.88
C UNK F 910 13.07 96.98 99.47
N UNK F 911 13.71 97.87 100.22
CA UNK F 911 15.10 98.25 99.97
C UNK F 911 15.86 98.16 101.29
N UNK F 912 17.05 97.57 101.27
CA UNK F 912 17.83 97.44 102.50
C UNK F 912 19.33 97.54 102.30
N UNK F 913 20.00 98.25 103.20
CA UNK F 913 21.44 98.37 103.15
C UNK F 913 21.92 97.58 104.33
N UNK F 914 22.95 96.77 104.13
CA UNK F 914 23.53 95.99 105.22
C UNK F 914 24.96 96.49 105.29
N UNK F 915 25.48 96.65 106.49
CA UNK F 915 26.86 97.11 106.61
C UNK F 915 27.78 95.96 106.95
N UNK F 916 28.62 95.61 106.00
CA UNK F 916 29.57 94.51 106.12
C UNK F 916 30.51 94.56 107.32
N UNK F 917 31.19 95.70 107.55
CA UNK F 917 32.11 95.75 108.69
C UNK F 917 31.48 95.04 109.89
N UNK F 918 30.17 95.15 109.99
CA UNK F 918 29.43 94.54 111.08
C UNK F 918 28.77 93.23 110.62
N UNK F 919 23.79 94.77 111.63
CA UNK F 919 23.11 96.06 111.67
C UNK F 919 22.91 96.63 110.26
N UNK F 920 21.65 96.85 109.90
CA UNK F 920 21.29 97.37 108.58
C UNK F 920 20.07 98.26 108.73
N UNK F 921 19.47 98.62 107.59
CA UNK F 921 18.47 99.68 107.53
C UNK F 921 17.43 99.39 106.43
N UNK F 922 16.22 99.92 106.58
CA UNK F 922 15.15 99.70 105.60
C UNK F 922 14.45 100.99 105.16
N UNK F 923 14.76 101.45 103.97
CA UNK F 923 14.16 102.67 103.48
C UNK F 923 12.87 102.47 102.70
N UNK F 924 11.74 102.72 103.37
CA UNK F 924 10.38 102.57 102.80
C UNK F 924 10.00 103.10 101.40
N UNK F 925 14.07 96.46 90.52
CA UNK F 925 14.93 96.10 89.39
C UNK F 925 16.35 96.58 89.60
N UNK F 926 16.81 97.55 88.81
CA UNK F 926 18.16 98.05 88.97
C UNK F 926 18.28 98.74 90.36
N UNK F 927 19.48 98.79 90.94
CA UNK F 927 19.71 99.45 92.25
C UNK F 927 21.18 99.80 92.47
N UNK F 928 21.49 101.07 92.67
CA UNK F 928 22.89 101.46 92.82
C UNK F 928 23.18 102.53 93.88
N UNK F 929 24.43 102.58 94.33
CA UNK F 929 24.89 103.56 95.31
C UNK F 929 25.40 104.78 94.56
N UNK F 930 25.50 105.90 95.24
CA UNK F 930 25.98 107.12 94.62
C UNK F 930 27.49 107.00 94.59
N UNK F 931 28.16 107.86 93.82
CA UNK F 931 29.62 107.85 93.76
C UNK F 931 30.15 107.61 95.18
N UNK F 932 20.99 106.01 97.73
CA UNK F 932 20.74 104.82 96.92
C UNK F 932 19.70 105.00 95.84
N UNK F 933 20.13 105.16 94.60
CA UNK F 933 19.16 105.30 93.53
C UNK F 933 18.64 103.88 93.20
N UNK F 934 17.35 103.78 92.97
CA UNK F 934 16.76 102.49 92.67
C UNK F 934 15.52 102.63 91.82
N UNK F 935 15.31 101.67 90.93
CA UNK F 935 14.15 101.69 90.07
C UNK F 935 13.39 100.38 90.19
N UNK F 936 12.12 100.45 89.83
CA UNK F 936 11.26 99.29 89.84
C UNK F 936 10.48 99.29 88.53
N UNK F 937 9.40 98.53 88.52
CA UNK F 937 8.61 98.33 87.33
C UNK F 937 7.52 99.38 87.14
N UNK F 938 7.80 100.61 87.58
CA UNK F 938 6.86 101.71 87.44
C UNK F 938 7.68 102.96 87.03
N UNK F 939 7.05 104.13 86.94
CA UNK F 939 7.75 105.35 86.48
C UNK F 939 8.53 106.24 87.47
N UNK F 940 8.62 105.86 88.73
CA UNK F 940 9.36 106.70 89.67
C UNK F 940 10.74 106.10 89.96
N UNK F 941 11.73 106.94 90.24
CA UNK F 941 13.07 106.46 90.57
C UNK F 941 13.47 106.93 91.97
N UNK F 942 13.34 106.07 92.97
CA UNK F 942 13.69 106.43 94.33
C UNK F 942 15.13 106.82 94.59
N UNK F 943 15.33 108.03 95.13
CA UNK F 943 16.67 108.53 95.46
C UNK F 943 16.74 108.67 96.97
N UNK F 944 16.86 107.54 97.66
CA UNK F 944 16.92 107.48 99.11
C UNK F 944 18.27 107.77 99.70
N UNK F 945 18.46 109.02 100.07
CA UNK F 945 19.71 109.44 100.68
C UNK F 945 19.68 108.91 102.13
N UNK F 946 19.89 107.60 102.26
CA UNK F 946 19.91 106.96 103.57
C UNK F 946 20.93 107.69 104.46
N UNK F 947 16.32 111.18 104.16
CA UNK F 947 15.77 112.03 103.11
C UNK F 947 15.44 111.22 101.88
N UNK F 948 14.52 111.74 101.07
CA UNK F 948 14.12 111.08 99.84
C UNK F 948 13.93 112.09 98.74
N UNK F 949 14.30 111.71 97.54
CA UNK F 949 14.12 112.56 96.38
C UNK F 949 13.46 111.62 95.38
N UNK F 950 12.28 112.00 94.91
CA UNK F 950 11.55 111.16 93.97
C UNK F 950 11.57 111.76 92.59
N UNK F 951 11.69 110.92 91.58
CA UNK F 951 11.72 111.38 90.20
C UNK F 951 10.52 110.80 89.45
N UNK F 952 9.41 111.54 89.47
CA UNK F 952 8.20 111.09 88.79
C UNK F 952 8.33 111.33 87.30
N UNK F 953 8.93 110.34 86.64
CA UNK F 953 9.15 110.40 85.21
C UNK F 953 7.84 110.46 84.47
N UNK F 954 6.79 109.96 85.11
CA UNK F 954 5.46 109.95 84.52
C UNK F 954 5.52 109.20 83.19
N UNK F 955 6.39 105.39 81.49
CA UNK F 955 5.54 104.21 81.64
C UNK F 955 6.22 103.32 82.67
N UNK F 956 7.51 103.10 82.46
CA UNK F 956 8.35 102.30 83.35
C UNK F 956 9.79 102.62 83.00
N UNK F 957 10.60 102.82 84.03
CA UNK F 957 12.00 103.10 83.82
C UNK F 957 12.64 101.80 83.37
N UNK F 958 13.08 101.74 82.11
CA UNK F 958 13.71 100.54 81.59
C UNK F 958 14.93 100.32 82.46
N UNK F 959 15.74 101.36 82.63
CA UNK F 959 16.92 101.29 83.46
C UNK F 959 17.54 102.68 83.61
N UNK F 960 18.64 102.76 84.34
CA UNK F 960 19.29 104.04 84.55
C UNK F 960 20.73 103.82 84.92
N UNK F 961 21.45 104.91 85.11
CA UNK F 961 22.85 104.84 85.49
C UNK F 961 23.34 106.20 86.00
N UNK F 962 24.16 106.17 87.04
CA UNK F 962 24.70 107.40 87.59
C UNK F 962 25.38 108.19 86.49
N UNK F 963 25.71 109.45 86.76
CA UNK F 963 26.36 110.27 85.77
C UNK F 963 27.36 111.19 86.46
N UNK F 964 26.29 114.37 90.39
CA UNK F 964 24.96 114.17 90.94
C UNK F 964 23.86 114.15 89.87
N UNK F 965 24.27 114.17 88.61
CA UNK F 965 23.32 114.10 87.50
C UNK F 965 23.11 112.60 87.23
N UNK F 966 21.93 112.21 86.73
CA UNK F 966 21.64 110.80 86.47
C UNK F 966 20.83 110.55 85.19
N UNK F 967 21.41 109.76 84.29
CA UNK F 967 20.79 109.42 83.02
C UNK F 967 19.71 108.34 83.17
N UNK F 968 18.56 108.54 82.55
CA UNK F 968 17.46 107.59 82.68
C UNK F 968 16.65 107.41 81.40
N UNK F 969 16.27 106.16 81.12
CA UNK F 969 15.48 105.82 79.95
C UNK F 969 14.36 104.86 80.32
N UNK F 970 13.17 105.16 79.82
CA UNK F 970 12.00 104.33 80.07
C UNK F 970 11.71 103.74 78.72
N UNK F 971 10.70 102.89 78.64
CA UNK F 971 10.39 102.34 77.34
C UNK F 971 9.22 103.08 76.72
N UNK F 972 9.46 104.37 76.54
CA UNK F 972 8.54 105.33 75.91
C UNK F 972 9.38 106.18 74.97
N UNK F 973 10.52 105.63 74.57
CA UNK F 973 11.44 106.30 73.67
C UNK F 973 12.14 107.47 74.31
N UNK F 974 11.73 107.78 75.53
CA UNK F 974 12.29 108.89 76.26
C UNK F 974 13.54 108.57 77.06
N UNK F 975 14.44 109.54 77.11
CA UNK F 975 15.70 109.46 77.83
C UNK F 975 15.79 110.78 78.56
N UNK F 976 15.97 110.76 79.87
CA UNK F 976 16.04 112.02 80.58
C UNK F 976 17.36 112.18 81.33
N UNK F 977 17.65 113.40 81.78
CA UNK F 977 18.87 113.71 82.53
C UNK F 977 18.56 114.36 83.88
N UNK F 978 18.01 113.58 84.82
CA UNK F 978 17.65 114.10 86.14
C UNK F 978 18.83 114.62 86.94
N UNK F 979 18.50 115.41 87.96
CA UNK F 979 19.48 115.97 88.87
C UNK F 979 19.08 115.42 90.23
N UNK F 980 19.97 114.74 90.91
CA UNK F 980 19.62 114.25 92.24
C UNK F 980 19.74 115.46 93.16
N UNK F 981 14.97 117.24 89.40
CA UNK F 981 14.63 118.16 88.32
C UNK F 981 15.11 117.68 86.96
N UNK F 982 14.16 117.46 86.07
CA UNK F 982 14.43 117.00 84.72
C UNK F 982 15.11 118.07 83.88
N UNK F 983 16.43 118.13 83.98
CA UNK F 983 17.17 119.10 83.20
C UNK F 983 16.91 118.84 81.71
N UNK F 984 17.32 117.68 81.22
CA UNK F 984 17.11 117.33 79.83
C UNK F 984 16.03 116.26 79.65
N UNK F 985 15.40 116.25 78.48
CA UNK F 985 14.35 115.29 78.16
C UNK F 985 14.26 115.10 76.65
N UNK F 986 14.52 113.87 76.18
CA UNK F 986 14.46 113.55 74.75
C UNK F 986 13.42 112.48 74.46
N UNK F 987 13.02 112.40 73.19
CA UNK F 987 12.07 111.38 72.74
C UNK F 987 12.78 110.80 71.52
N UNK F 988 13.94 110.19 71.78
CA UNK F 988 14.81 109.60 70.78
C UNK F 988 14.38 108.29 70.08
N UNK F 989 13.23 107.75 70.44
CA UNK F 989 12.73 106.52 69.81
C UNK F 989 11.22 106.45 69.99
N UNK F 990 10.53 105.81 69.07
CA UNK F 990 9.07 105.70 69.16
C UNK F 990 8.68 104.38 69.83
N UNK F 991 19.17 99.56 75.76
CA UNK F 991 20.36 100.03 76.47
C UNK F 991 20.93 101.26 75.78
N UNK F 992 21.65 102.09 76.53
CA UNK F 992 22.24 103.30 75.97
C UNK F 992 23.33 103.74 76.94
N UNK F 993 24.50 104.09 76.41
CA UNK F 993 25.61 104.49 77.28
C UNK F 993 26.17 105.84 76.92
N UNK F 994 27.05 106.34 77.80
CA UNK F 994 27.67 107.64 77.61
C UNK F 994 29.06 107.47 77.02
N UNK F 995 29.60 108.56 76.50
CA UNK F 995 30.93 108.56 75.89
C UNK F 995 32.01 108.64 76.96
N UNK F 996 31.64 113.73 77.66
CA UNK F 996 30.26 113.32 77.84
C UNK F 996 29.54 113.99 76.71
N UNK F 997 30.31 114.60 75.83
CA UNK F 997 29.74 115.29 74.68
C UNK F 997 28.75 114.36 74.00
N UNK F 998 28.99 113.06 74.13
CA UNK F 998 28.14 112.07 73.49
C UNK F 998 27.53 111.02 74.45
N UNK F 999 26.31 110.59 74.14
CA UNK F 999 25.61 109.59 74.94
C UNK F 999 24.54 109.00 74.02
N UNK F 1000 24.79 107.80 73.49
CA UNK F 1000 23.84 107.22 72.56
C UNK F 1000 22.93 106.15 73.13
N UNK F 1001 21.90 105.84 72.34
CA UNK F 1001 20.87 104.87 72.67
C UNK F 1001 20.86 103.67 71.74
N UNK F 1002 19.89 102.80 71.97
CA UNK F 1002 19.69 101.58 71.20
C UNK F 1002 18.28 101.18 71.59
N UNK F 1003 17.43 100.87 70.63
CA UNK F 1003 16.06 100.52 71.00
C UNK F 1003 15.23 99.98 69.87
N UNK F 1004 17.12 100.98 65.56
CA UNK F 1004 18.50 101.32 65.29
C UNK F 1004 19.20 101.82 66.54
N UNK F 1005 20.30 102.54 66.34
CA UNK F 1005 21.07 103.11 67.45
C UNK F 1005 21.33 104.59 67.22
N UNK F 1006 20.34 105.41 67.55
CA UNK F 1006 20.44 106.86 67.40
C UNK F 1006 21.42 107.41 68.44
N UNK F 1007 22.44 108.12 67.97
CA UNK F 1007 23.46 108.68 68.84
C UNK F 1007 23.39 110.21 68.90
N UNK F 1008 23.49 110.79 70.10
CA UNK F 1008 23.45 112.25 70.21
C UNK F 1008 24.42 112.94 71.18
N UNK F 1009 24.18 114.23 71.42
CA UNK F 1009 25.04 115.08 72.27
C UNK F 1009 24.46 115.76 73.52
N UNK F 1010 22.03 113.05 66.39
CA UNK F 1010 23.09 113.43 65.45
C UNK F 1010 22.91 112.61 64.17
N UNK F 1011 22.70 111.30 64.32
CA UNK F 1011 22.47 110.44 63.14
C UNK F 1011 21.92 109.05 63.43
N UNK F 1012 20.85 108.69 62.74
CA UNK F 1012 20.19 107.40 62.87
C UNK F 1012 21.02 106.31 62.15
N UNK F 1013 21.32 105.22 62.85
CA UNK F 1013 22.13 104.11 62.32
C UNK F 1013 21.28 102.86 62.06
N UNK F 1014 20.45 102.90 61.01
CA UNK F 1014 19.58 101.77 60.70
C UNK F 1014 20.27 100.55 60.11
N UNK F 1015 21.35 100.11 60.75
CA UNK F 1015 22.08 98.95 60.26
C UNK F 1015 21.47 97.59 60.62
N UNK F 1016 21.36 97.31 61.91
CA UNK F 1016 20.82 96.04 62.41
C UNK F 1016 19.43 95.67 61.90
N UNK F 1017 19.27 94.38 61.56
CA UNK F 1017 17.99 93.88 61.07
C UNK F 1017 17.23 93.22 62.21
N UNK F 1018 17.48 94.15 65.63
CA UNK F 1018 17.14 95.18 66.63
C UNK F 1018 18.19 95.29 67.73
N UNK F 1019 18.75 96.49 67.88
CA UNK F 1019 19.80 96.70 68.86
C UNK F 1019 19.34 96.44 70.28
N UNK F 1020 20.27 96.00 71.12
CA UNK F 1020 19.97 95.69 72.50
C UNK F 1020 21.07 96.15 73.44
N UNK F 1021 22.17 96.64 72.88
CA UNK F 1021 23.27 97.12 73.71
C UNK F 1021 24.26 97.92 72.87
N UNK F 1022 25.21 98.58 73.53
CA UNK F 1022 26.22 99.37 72.83
C UNK F 1022 27.20 100.02 73.77
N UNK F 1023 28.32 100.46 73.22
CA UNK F 1023 29.35 101.13 74.02
C UNK F 1023 30.24 102.01 73.14
N UNK F 1024 30.84 103.01 73.78
CA UNK F 1024 31.72 103.93 73.08
C UNK F 1024 33.16 103.55 73.30
N UNK F 1025 33.99 103.66 72.27
CA UNK F 1025 35.40 103.34 72.40
C UNK F 1025 35.94 104.31 73.42
N UNK F 1026 36.84 103.85 74.28
CA UNK F 1026 37.40 104.71 75.32
C UNK F 1026 38.05 105.93 74.64
N UNK F 1027 34.49 105.24 68.11
CA UNK F 1027 33.60 104.17 67.71
C UNK F 1027 32.50 103.87 68.70
N UNK F 1028 31.42 103.31 68.17
CA UNK F 1028 30.26 102.94 68.96
C UNK F 1028 29.76 101.61 68.41
N UNK F 1029 30.05 100.53 69.14
CA UNK F 1029 29.64 99.18 68.76
C UNK F 1029 28.24 98.92 69.30
N UNK F 1030 27.40 98.32 68.46
CA UNK F 1030 26.04 98.04 68.86
C UNK F 1030 25.65 96.56 68.83
N UNK F 1031 24.85 96.17 69.82
CA UNK F 1031 24.42 94.79 69.94
C UNK F 1031 23.10 94.46 69.29
N UNK F 1032 23.15 93.50 68.38
CA UNK F 1032 22.00 93.05 67.62
C UNK F 1032 21.26 91.93 68.34
N UNK F 1033 19.94 91.92 68.16
CA UNK F 1033 19.09 90.92 68.78
C UNK F 1033 19.30 89.57 68.08
N UNK F 1034 20.02 89.58 66.97
CA UNK F 1034 20.30 88.37 66.23
C UNK F 1034 21.80 88.15 66.06
N UNK F 1035 22.50 88.15 67.17
CA UNK F 1035 23.93 87.92 67.15
C UNK F 1035 24.75 88.80 66.25
N UNK F 1036 24.12 89.77 65.61
CA UNK F 1036 24.85 90.69 64.72
C UNK F 1036 25.50 91.75 65.60
N UNK F 1037 26.42 92.50 65.04
CA UNK F 1037 27.10 93.53 65.80
C UNK F 1037 27.82 94.25 64.68
N UNK F 1038 27.45 95.52 64.49
CA UNK F 1038 28.17 96.43 63.61
C UNK F 1038 28.95 97.44 64.43
N UNK F 1039 30.08 97.85 63.90
CA UNK F 1039 30.90 98.86 64.55
C UNK F 1039 30.58 100.14 63.77
N UNK F 1040 30.37 101.24 64.49
CA UNK F 1040 30.09 102.51 63.84
C UNK F 1040 31.17 103.50 64.28
N UNK F 1041 31.27 104.64 63.58
CA UNK F 1041 32.29 105.64 63.92
C UNK F 1041 31.74 106.97 64.44
N UNK F 1042 32.40 98.93 59.98
CA UNK F 1042 32.37 97.52 59.58
C UNK F 1042 31.39 96.73 60.42
N UNK F 1043 30.74 95.75 59.80
CA UNK F 1043 29.77 94.91 60.51
C UNK F 1043 30.24 93.50 60.89
N UNK F 1044 31.33 93.41 61.65
CA UNK F 1044 31.83 92.10 62.08
C UNK F 1044 30.75 91.40 62.89
N UNK F 1045 30.06 90.43 62.28
CA UNK F 1045 28.99 89.72 62.98
C UNK F 1045 28.55 88.37 62.39
N UNK F 1046 29.38 87.32 62.53
CA UNK F 1046 29.06 85.98 62.00
C UNK F 1046 27.89 85.32 62.74
N UNK F 1047 21.05 86.45 70.67
CA UNK F 1047 21.21 87.76 71.27
C UNK F 1047 22.68 88.14 71.40
N UNK F 1048 22.92 89.40 71.78
CA UNK F 1048 24.24 89.98 72.03
C UNK F 1048 23.90 91.02 73.07
N UNK F 1049 23.85 90.61 74.32
CA UNK F 1049 23.47 91.51 75.39
C UNK F 1049 24.55 92.39 75.98
N UNK F 1050 25.66 92.58 75.30
CA UNK F 1050 26.70 93.42 75.88
C UNK F 1050 27.95 93.54 75.02
N UNK F 1051 28.64 94.67 75.16
CA UNK F 1051 29.88 94.94 74.44
C UNK F 1051 30.75 95.83 75.32
N UNK F 1052 32.00 96.00 74.92
CA UNK F 1052 32.94 96.82 75.67
C UNK F 1052 34.21 96.88 74.83
N UNK F 1053 34.68 98.08 74.57
CA UNK F 1053 35.95 98.26 73.90
C UNK F 1053 37.03 98.11 74.96
N UNK F 1054 38.26 97.89 74.50
CA UNK F 1054 39.39 97.74 75.40
C UNK F 1054 40.02 99.11 75.59
N UNK F 1055 40.89 99.28 76.61
CA UNK F 1055 41.46 100.62 76.70
C UNK F 1055 42.07 100.96 75.35
N UNK F 1056 43.01 100.13 74.91
CA UNK F 1056 43.70 100.30 73.62
C UNK F 1056 42.79 100.65 72.44
N UNK F 1057 41.48 100.54 72.62
CA UNK F 1057 40.52 100.85 71.57
C UNK F 1057 40.70 99.98 70.32
N UNK F 1058 41.16 98.74 70.52
CA UNK F 1058 41.39 97.82 69.41
C UNK F 1058 40.61 96.50 69.53
N UNK F 1059 40.56 95.94 70.74
CA UNK F 1059 39.86 94.69 70.99
C UNK F 1059 38.47 94.94 71.57
N UNK F 1060 37.46 94.41 70.91
CA UNK F 1060 36.08 94.56 71.38
C UNK F 1060 35.61 93.23 71.96
N UNK F 1061 35.20 93.24 73.23
CA UNK F 1061 34.70 92.02 73.89
C UNK F 1061 33.18 91.97 73.76
N UNK F 1062 32.66 90.79 73.46
CA UNK F 1062 31.23 90.59 73.27
C UNK F 1062 30.66 89.49 74.15
N UNK F 1063 29.36 89.59 74.48
CA UNK F 1063 28.71 88.59 75.33
C UNK F 1063 27.25 88.44 74.97
N UNK F 1064 27.44 83.42 74.52
CA UNK F 1064 28.78 83.14 75.03
C UNK F 1064 29.65 84.35 74.79
N UNK F 1065 30.83 84.37 75.40
CA UNK F 1065 31.77 85.46 75.23
C UNK F 1065 32.46 85.30 73.87
N UNK F 1066 33.01 86.38 73.32
CA UNK F 1066 33.64 86.31 72.00
C UNK F 1066 34.38 87.60 71.77
N UNK F 1067 35.70 87.54 71.63
CA UNK F 1067 36.52 88.73 71.38
C UNK F 1067 36.69 89.01 69.90
N UNK F 1068 36.93 90.27 69.55
CA UNK F 1068 37.12 90.66 68.14
C UNK F 1068 38.32 91.56 67.88
N UNK F 1069 38.46 91.94 66.61
CA UNK F 1069 39.55 92.80 66.15
C UNK F 1069 38.99 94.00 65.41
N UNK F 1070 39.22 95.20 65.96
CA UNK F 1070 38.74 96.44 65.34
C UNK F 1070 39.17 96.52 63.87
N UNK F 1071 33.33 79.48 75.63
CA UNK F 1071 31.99 78.94 75.56
C UNK F 1071 31.64 78.59 77.00
N UNK F 1072 30.58 79.18 77.49
CA UNK F 1072 30.13 78.92 78.83
C UNK F 1072 29.09 77.82 78.74
N UNK F 1073 29.04 76.93 79.73
CA UNK F 1073 28.06 75.84 79.74
C UNK F 1073 26.68 76.40 79.35
N UNK F 1074 26.29 77.48 80.01
CA UNK F 1074 25.01 78.08 79.73
C UNK F 1074 25.09 79.23 78.74
N UNK F 1075 23.93 79.79 78.41
CA UNK F 1075 23.87 80.89 77.48
C UNK F 1075 23.12 82.07 78.09
N UNK F 1076 22.65 82.93 77.19
CA UNK F 1076 21.90 84.11 77.57
C UNK F 1076 22.56 84.84 78.71
N UNK F 1077 23.78 85.30 78.47
CA UNK F 1077 24.48 86.05 79.48
C UNK F 1077 23.88 87.45 79.42
N UNK F 1078 24.25 88.31 80.36
CA UNK F 1078 23.78 89.69 80.33
C UNK F 1078 24.76 90.84 80.13
N UNK F 1079 25.49 91.19 81.18
CA UNK F 1079 26.47 92.26 81.12
C UNK F 1079 27.81 91.69 81.57
N UNK F 1080 28.79 91.71 80.68
CA UNK F 1080 30.05 91.05 80.94
C UNK F 1080 30.83 92.10 81.72
N UNK F 1081 31.44 91.73 82.83
CA UNK F 1081 32.20 92.72 83.60
C UNK F 1081 33.68 92.69 83.30
N UNK F 1082 34.12 93.50 82.35
CA UNK F 1082 35.55 93.58 82.02
C UNK F 1082 36.15 94.43 83.13
N UNK F 1083 37.47 94.52 83.18
CA UNK F 1083 38.09 95.33 84.22
C UNK F 1083 39.04 96.37 83.61
N UNK F 1084 39.75 97.12 84.46
CA UNK F 1084 40.69 98.13 83.93
C UNK F 1084 41.72 97.50 82.98
N UNK F 1085 42.55 96.61 83.54
CA UNK F 1085 43.58 95.93 82.78
C UNK F 1085 43.07 95.10 81.60
N UNK F 1086 41.75 94.92 81.51
CA UNK F 1086 41.14 94.12 80.44
C UNK F 1086 41.73 92.72 80.49
N UNK F 1087 42.09 92.31 81.70
CA UNK F 1087 42.74 91.03 81.95
C UNK F 1087 41.98 90.21 83.01
N UNK F 1088 40.70 90.53 83.19
CA UNK F 1088 39.85 89.83 84.16
C UNK F 1088 38.41 90.01 83.70
N UNK F 1089 37.62 88.96 83.75
CA UNK F 1089 36.22 89.05 83.33
C UNK F 1089 35.33 88.28 84.29
N UNK F 1090 34.11 88.75 84.47
CA UNK F 1090 33.16 88.08 85.35
C UNK F 1090 31.78 88.07 84.73
N UNK F 1091 31.12 86.93 84.80
CA UNK F 1091 29.78 86.82 84.23
C UNK F 1091 29.04 85.66 84.86
N UNK F 1092 27.79 85.48 84.45
CA UNK F 1092 26.98 84.42 85.00
C UNK F 1092 25.96 83.97 83.98
N UNK F 1093 25.98 82.68 83.64
CA UNK F 1093 25.05 82.12 82.66
C UNK F 1093 23.77 81.66 83.30
N UNK F 1094 22.74 81.42 82.49
CA UNK F 1094 21.46 80.98 83.05
C UNK F 1094 21.54 79.62 83.73
N UNK F 1095 22.74 79.08 83.83
CA UNK F 1095 22.91 77.84 84.54
C UNK F 1095 23.35 78.21 85.94
N UNK F 1096 23.38 79.52 86.21
CA UNK F 1096 23.75 80.00 87.52
C UNK F 1096 25.21 79.76 87.87
N UNK F 1097 26.02 79.60 86.84
CA UNK F 1097 27.42 79.36 87.04
C UNK F 1097 28.17 80.69 87.03
N UNK F 1098 29.01 80.89 88.04
CA UNK F 1098 29.78 82.13 88.16
C UNK F 1098 31.16 82.07 87.48
N UNK F 1099 31.26 82.67 86.30
CA UNK F 1099 32.53 82.66 85.59
C UNK F 1099 33.40 83.88 85.91
N UNK F 1100 34.56 83.63 86.52
CA UNK F 1100 35.51 84.69 86.82
C UNK F 1100 36.76 84.33 86.01
N UNK F 1101 36.79 84.77 84.76
CA UNK F 1101 37.90 84.48 83.86
C UNK F 1101 39.03 85.50 84.05
N UNK F 1102 40.23 85.16 83.58
CA UNK F 1102 41.38 86.06 83.74
C UNK F 1102 42.59 85.66 82.90
N TYR G 10 -2.11 -28.03 40.40
CA TYR G 10 -1.39 -27.08 41.25
C TYR G 10 -1.33 -27.62 42.66
N GLN G 11 -1.35 -26.74 43.66
CA GLN G 11 -1.24 -27.19 45.04
C GLN G 11 -2.10 -26.37 45.98
N TYR G 12 -2.76 -27.04 46.93
CA TYR G 12 -3.57 -26.35 47.92
C TYR G 12 -2.84 -25.36 48.78
N LYS G 13 -1.65 -25.73 49.22
CA LYS G 13 -0.93 -24.86 50.11
C LYS G 13 -0.55 -23.53 49.47
N ASP G 14 -0.09 -23.56 48.23
CA ASP G 14 0.25 -22.34 47.53
C ASP G 14 -0.96 -21.44 47.30
N ILE G 15 -2.08 -22.06 46.97
CA ILE G 15 -3.25 -21.31 46.59
C ILE G 15 -3.67 -20.43 47.75
N LEU G 16 -3.52 -20.92 48.96
CA LEU G 16 -4.19 -20.35 50.12
C LEU G 16 -3.86 -18.92 50.34
N SER G 17 -2.60 -18.64 50.29
CA SER G 17 -2.08 -17.30 50.64
C SER G 17 -2.76 -16.21 49.83
N VAL G 18 -3.17 -16.56 48.61
CA VAL G 18 -3.83 -15.64 47.70
C VAL G 18 -4.98 -14.88 48.36
N PHE G 19 -5.99 -15.60 48.82
CA PHE G 19 -7.16 -14.95 49.37
C PHE G 19 -7.06 -14.91 50.89
N GLU G 20 -5.89 -14.52 51.37
CA GLU G 20 -5.71 -14.24 52.80
C GLU G 20 -6.41 -12.93 53.12
N ASP G 21 -6.43 -12.00 52.17
CA ASP G 21 -7.17 -10.73 52.30
C ASP G 21 -8.58 -10.95 52.86
N ALA G 22 -9.24 -12.00 52.35
CA ALA G 22 -10.58 -12.37 52.79
C ALA G 22 -10.57 -13.00 54.18
N PHE G 23 -9.64 -13.94 54.40
CA PHE G 23 -9.55 -14.69 55.64
C PHE G 23 -9.48 -13.81 56.90
N VAL G 24 -8.98 -12.58 56.75
CA VAL G 24 -8.98 -11.59 57.83
C VAL G 24 -10.34 -10.98 57.98
N ASP G 25 -10.97 -10.77 56.85
CA ASP G 25 -12.26 -10.13 56.81
C ASP G 25 -13.33 -10.90 57.57
N ASN G 26 -13.47 -12.21 57.36
CA ASN G 26 -14.46 -12.94 58.13
C ASN G 26 -14.05 -14.15 59.00
N PHE G 27 -13.03 -14.89 58.61
CA PHE G 27 -12.65 -16.06 59.37
C PHE G 27 -12.14 -15.62 60.71
N ASP G 28 -12.47 -16.37 61.75
CA ASP G 28 -11.73 -16.30 63.00
C ASP G 28 -11.38 -17.65 63.59
N CYS G 29 -10.10 -17.87 63.87
CA CYS G 29 -9.70 -19.11 64.55
C CYS G 29 -10.16 -19.25 65.98
N LYS G 30 -9.95 -18.19 66.75
CA LYS G 30 -10.12 -18.23 68.21
C LYS G 30 -11.40 -18.93 68.58
N ASP G 31 -12.50 -18.45 68.02
CA ASP G 31 -13.77 -19.12 68.20
C ASP G 31 -13.64 -20.48 67.52
N VAL G 32 -12.95 -20.42 66.39
CA VAL G 32 -13.13 -21.32 65.28
C VAL G 32 -12.30 -22.60 65.35
N GLN G 33 -12.57 -23.45 66.33
CA GLN G 33 -11.81 -24.69 66.42
C GLN G 33 -12.45 -25.89 67.08
N ASP G 34 -12.80 -26.87 66.26
CA ASP G 34 -12.64 -28.28 66.54
C ASP G 34 -11.11 -28.47 66.59
N MET G 35 -10.44 -27.79 65.67
CA MET G 35 -9.00 -27.87 65.52
C MET G 35 -8.43 -29.26 65.35
N PRO G 36 -8.97 -30.02 64.29
CA PRO G 36 -8.62 -31.45 64.37
C PRO G 36 -7.14 -31.67 64.33
N LYS G 37 -6.72 -32.48 65.27
CA LYS G 37 -5.42 -32.43 65.90
C LYS G 37 -4.34 -32.58 64.87
N SER G 38 -4.57 -33.45 63.91
CA SER G 38 -3.59 -33.66 62.85
C SER G 38 -3.44 -32.55 61.78
N ILE G 39 -4.53 -32.03 61.22
CA ILE G 39 -4.41 -30.84 60.37
C ILE G 39 -3.66 -29.70 61.07
N LEU G 40 -4.14 -29.30 62.26
CA LEU G 40 -3.45 -28.30 63.06
C LEU G 40 -3.14 -28.83 64.46
N SER G 41 -1.94 -28.53 64.96
CA SER G 41 -1.54 -28.94 66.30
C SER G 41 -2.51 -28.40 67.34
N LYS G 42 -2.34 -28.78 68.60
CA LYS G 42 -3.30 -28.39 69.62
C LYS G 42 -2.78 -27.13 70.32
N GLU G 43 -1.45 -27.03 70.41
CA GLU G 43 -0.80 -25.81 70.89
C GLU G 43 -0.97 -24.69 69.88
N GLU G 44 -0.61 -24.98 68.63
CA GLU G 44 -0.65 -24.01 67.56
C GLU G 44 -2.04 -23.44 67.36
N ILE G 45 -3.03 -24.30 67.46
CA ILE G 45 -4.37 -23.89 67.65
C ILE G 45 -4.35 -23.15 68.97
N ASP G 46 -3.56 -23.69 69.88
CA ASP G 46 -3.45 -23.09 71.19
C ASP G 46 -2.84 -21.71 70.97
N HIS G 47 -1.78 -21.66 70.17
CA HIS G 47 -1.07 -20.42 70.02
C HIS G 47 -1.89 -19.33 69.37
N ILE G 48 -2.52 -19.68 68.28
CA ILE G 48 -3.02 -18.66 67.39
C ILE G 48 -4.05 -17.75 68.02
N ILE G 49 -5.05 -18.33 68.65
CA ILE G 49 -6.24 -17.59 69.08
C ILE G 49 -5.86 -16.55 70.12
N MET G 50 -4.70 -16.76 70.70
CA MET G 50 -4.22 -15.89 71.75
C MET G 50 -3.32 -14.78 71.24
N SER G 51 -3.07 -14.73 69.93
CA SER G 51 -2.37 -13.59 69.36
C SER G 51 -3.31 -12.40 69.30
N LYS G 52 -2.76 -11.20 69.22
CA LYS G 52 -3.50 -10.00 69.55
C LYS G 52 -4.74 -9.70 68.69
N ASP G 53 -4.60 -9.82 67.38
CA ASP G 53 -5.53 -9.16 66.47
C ASP G 53 -6.24 -10.06 65.48
N ALA G 54 -6.75 -9.47 64.41
CA ALA G 54 -7.17 -10.28 63.29
C ALA G 54 -6.11 -10.42 62.21
N VAL G 55 -5.44 -9.33 61.87
CA VAL G 55 -4.50 -9.38 60.76
C VAL G 55 -3.32 -10.29 61.03
N SER G 56 -3.05 -10.53 62.30
CA SER G 56 -1.91 -11.28 62.77
C SER G 56 -2.31 -12.74 62.96
N GLY G 57 -3.53 -12.95 63.42
CA GLY G 57 -4.02 -14.30 63.55
C GLY G 57 -4.08 -14.92 62.18
N THR G 58 -4.56 -14.21 61.20
CA THR G 58 -4.65 -14.91 59.97
C THR G 58 -3.23 -15.42 59.82
N LEU G 59 -2.26 -14.56 60.05
CA LEU G 59 -0.89 -14.83 59.65
C LEU G 59 -0.27 -16.04 60.30
N ARG G 60 -0.55 -16.26 61.58
CA ARG G 60 -0.13 -17.51 62.16
C ARG G 60 -0.86 -18.66 61.50
N LEU G 61 -2.17 -18.53 61.31
CA LEU G 61 -2.90 -19.67 60.78
C LEU G 61 -2.33 -20.06 59.42
N PHE G 62 -2.27 -19.08 58.52
CA PHE G 62 -1.77 -19.33 57.17
C PHE G 62 -0.30 -19.69 57.21
N TRP G 63 0.40 -19.29 58.26
CA TRP G 63 1.81 -19.63 58.35
C TRP G 63 2.03 -21.09 58.74
N THR G 64 1.66 -21.43 59.97
CA THR G 64 1.87 -22.76 60.51
C THR G 64 1.31 -23.87 59.61
N LEU G 65 0.14 -23.58 59.04
CA LEU G 65 -0.59 -24.56 58.24
C LEU G 65 0.07 -24.82 56.88
N LEU G 66 0.79 -23.81 56.42
CA LEU G 66 1.72 -23.94 55.31
C LEU G 66 2.85 -24.88 55.65
N SER G 67 3.21 -24.91 56.93
CA SER G 67 4.35 -25.68 57.40
C SER G 67 4.14 -27.18 57.24
N LYS G 68 2.90 -27.59 57.50
CA LYS G 68 2.52 -28.99 57.49
C LYS G 68 2.46 -29.57 56.09
N GLN G 69 2.51 -30.89 55.99
CA GLN G 69 2.56 -31.57 54.71
C GLN G 69 1.31 -31.24 53.92
N GLU G 70 1.49 -31.16 52.61
CA GLU G 70 0.51 -30.58 51.70
C GLU G 70 -0.82 -31.31 51.66
N GLU G 71 -0.85 -32.53 52.18
CA GLU G 71 -2.03 -33.38 52.10
C GLU G 71 -3.10 -33.07 53.15
N MET G 72 -2.67 -32.65 54.34
CA MET G 72 -3.63 -32.45 55.40
C MET G 72 -4.39 -31.14 55.19
N VAL G 73 -3.68 -30.12 54.77
CA VAL G 73 -4.35 -28.84 54.65
C VAL G 73 -5.70 -29.16 54.08
N GLN G 74 -5.73 -30.04 53.08
CA GLN G 74 -6.96 -30.44 52.44
C GLN G 74 -8.01 -30.75 53.51
N LYS G 75 -7.55 -31.28 54.63
CA LYS G 75 -8.43 -31.56 55.74
C LYS G 75 -9.05 -30.24 56.11
N PHE G 76 -8.17 -29.26 56.16
CA PHE G 76 -8.53 -27.93 56.58
C PHE G 76 -9.36 -27.26 55.52
N VAL G 77 -8.85 -27.34 54.31
CA VAL G 77 -9.45 -26.67 53.18
C VAL G 77 -10.84 -27.23 52.91
N GLU G 78 -11.01 -28.53 53.13
CA GLU G 78 -12.24 -29.15 52.70
C GLU G 78 -13.21 -29.48 53.81
N GLU G 79 -12.96 -30.59 54.47
CA GLU G 79 -13.90 -31.04 55.46
C GLU G 79 -14.04 -30.11 56.63
N VAL G 80 -12.90 -29.60 57.13
CA VAL G 80 -12.94 -28.69 58.25
C VAL G 80 -13.68 -27.39 57.95
N LEU G 81 -13.07 -26.59 57.11
CA LEU G 81 -13.43 -25.19 56.99
C LEU G 81 -14.84 -25.10 56.51
N ARG G 82 -15.25 -26.15 55.83
CA ARG G 82 -16.60 -26.34 55.36
C ARG G 82 -17.61 -26.48 56.50
N ILE G 83 -17.20 -27.09 57.59
CA ILE G 83 -18.16 -27.46 58.62
C ILE G 83 -18.88 -26.26 59.22
N ASN G 84 -18.15 -25.17 59.45
CA ASN G 84 -18.78 -23.94 59.89
C ASN G 84 -18.72 -22.90 58.80
N TYR G 85 -18.24 -23.27 57.62
CA TYR G 85 -18.02 -22.30 56.57
C TYR G 85 -18.46 -22.84 55.24
N LYS G 86 -18.99 -21.90 54.44
CA LYS G 86 -19.29 -22.07 53.01
C LYS G 86 -18.65 -21.05 52.07
N PHE G 87 -19.02 -19.79 52.32
CA PHE G 87 -18.61 -18.67 51.49
C PHE G 87 -17.14 -18.81 51.19
N LEU G 88 -16.35 -19.02 52.23
CA LEU G 88 -14.98 -19.31 52.02
C LEU G 88 -14.53 -20.51 51.17
N MET G 89 -14.91 -21.72 51.57
CA MET G 89 -14.41 -22.94 50.96
C MET G 89 -14.36 -22.89 49.43
N SER G 90 -15.46 -22.42 48.84
CA SER G 90 -15.60 -22.41 47.41
C SER G 90 -14.55 -21.50 46.83
N PRO G 91 -14.43 -20.25 47.47
CA PRO G 91 -13.39 -19.41 46.87
C PRO G 91 -12.04 -20.06 46.76
N ILE G 92 -11.53 -20.77 47.74
CA ILE G 92 -10.27 -21.45 47.51
C ILE G 92 -10.43 -22.54 46.47
N LYS G 93 -11.45 -23.37 46.68
CA LYS G 93 -11.65 -24.57 45.89
C LYS G 93 -11.74 -24.26 44.40
N THR G 94 -12.24 -23.07 44.09
CA THR G 94 -12.40 -22.66 42.72
C THR G 94 -11.02 -22.34 42.23
N GLU G 95 -10.09 -22.31 43.17
CA GLU G 95 -8.70 -22.01 42.89
C GLU G 95 -7.82 -23.22 42.57
N GLN G 96 -7.98 -24.25 43.35
CA GLN G 96 -7.04 -25.30 43.22
C GLN G 96 -7.16 -25.64 41.75
N ARG G 97 -8.37 -25.78 41.22
CA ARG G 97 -8.47 -25.85 39.78
C ARG G 97 -8.22 -24.54 39.03
N GLN G 98 -8.86 -23.47 39.47
CA GLN G 98 -8.98 -22.28 38.63
C GLN G 98 -7.75 -21.45 38.33
N PRO G 99 -6.92 -21.22 39.33
CA PRO G 99 -5.66 -20.54 39.15
C PRO G 99 -5.72 -19.22 38.34
N SER G 100 -6.53 -18.27 38.76
CA SER G 100 -6.75 -17.05 38.01
C SER G 100 -5.44 -16.41 37.72
N MET G 101 -5.28 -15.81 36.55
CA MET G 101 -3.94 -15.58 36.05
C MET G 101 -3.10 -14.74 36.98
N MET G 102 -3.62 -13.62 37.45
CA MET G 102 -2.83 -12.94 38.45
C MET G 102 -2.29 -13.91 39.51
N THR G 103 -3.12 -14.85 39.94
CA THR G 103 -2.73 -15.83 40.94
C THR G 103 -1.52 -16.64 40.51
N ARG G 104 -1.61 -17.30 39.37
CA ARG G 104 -0.49 -18.07 38.96
C ARG G 104 0.63 -17.10 38.78
N MET G 105 0.36 -15.92 38.30
CA MET G 105 1.53 -15.12 38.07
C MET G 105 2.26 -14.96 39.37
N TYR G 106 1.55 -14.80 40.48
CA TYR G 106 2.26 -14.64 41.74
C TYR G 106 3.05 -15.90 42.10
N ILE G 107 2.40 -17.04 42.05
CA ILE G 107 3.04 -18.23 42.57
C ILE G 107 4.24 -18.45 41.73
N GLU G 108 4.09 -18.18 40.45
CA GLU G 108 5.16 -18.41 39.52
C GLU G 108 6.30 -17.57 39.98
N GLN G 109 6.01 -16.33 40.29
CA GLN G 109 7.05 -15.50 40.82
C GLN G 109 7.45 -16.04 42.14
N ARG G 110 6.50 -16.37 42.99
CA ARG G 110 6.93 -16.52 44.35
C ARG G 110 8.00 -17.58 44.42
N ASP G 111 7.83 -18.69 43.72
CA ASP G 111 8.82 -19.74 43.79
C ASP G 111 10.13 -19.20 43.29
N ARG G 112 10.07 -18.30 42.33
CA ARG G 112 11.30 -17.81 41.80
C ARG G 112 12.04 -17.28 42.99
N LEU G 113 11.27 -16.72 43.91
CA LEU G 113 11.83 -16.10 45.10
C LEU G 113 12.52 -17.08 46.03
N TYR G 114 11.86 -18.19 46.31
CA TYR G 114 12.40 -19.13 47.27
C TYR G 114 13.61 -19.70 46.65
N ASN G 115 13.40 -20.17 45.44
CA ASN G 115 14.26 -21.07 44.76
C ASN G 115 15.60 -20.41 44.60
N ASP G 116 15.59 -19.16 44.20
CA ASP G 116 16.84 -18.46 44.10
C ASP G 116 17.42 -18.30 45.46
N ASN G 117 16.58 -18.02 46.44
CA ASN G 117 17.02 -17.88 47.82
C ASN G 117 17.55 -19.13 48.49
N GLN G 118 16.98 -20.28 48.14
CA GLN G 118 17.52 -21.56 48.58
C GLN G 118 17.33 -21.85 50.06
N VAL G 119 18.26 -21.36 50.90
CA VAL G 119 18.32 -21.78 52.28
C VAL G 119 17.06 -21.31 52.92
N PHE G 120 16.64 -20.13 52.54
CA PHE G 120 15.54 -19.53 53.22
C PHE G 120 14.33 -20.44 53.09
N ALA G 121 14.04 -20.96 51.90
CA ALA G 121 12.83 -21.77 51.80
C ALA G 121 12.67 -22.85 52.88
N LYS G 122 13.76 -23.24 53.55
CA LYS G 122 13.68 -24.27 54.57
C LYS G 122 13.78 -23.71 55.97
N TYR G 123 14.83 -22.93 56.22
CA TYR G 123 15.13 -22.47 57.55
C TYR G 123 14.29 -21.24 57.92
N ASN G 124 13.70 -20.56 56.97
CA ASN G 124 13.16 -19.27 57.38
C ASN G 124 12.09 -19.56 58.37
N VAL G 125 11.99 -18.73 59.41
CA VAL G 125 10.81 -18.69 60.27
C VAL G 125 10.24 -17.29 60.38
N SER G 126 8.96 -17.15 60.12
CA SER G 126 8.33 -15.84 60.04
C SER G 126 8.19 -15.17 61.39
N ARG G 127 8.74 -13.97 61.52
CA ARG G 127 8.59 -13.21 62.75
C ARG G 127 7.47 -12.25 62.59
N LEU G 128 6.41 -12.48 63.34
CA LEU G 128 5.19 -11.72 63.17
C LEU G 128 5.37 -10.27 63.46
N GLN G 129 6.10 -9.97 64.51
CA GLN G 129 6.13 -8.60 64.92
C GLN G 129 6.80 -7.71 63.93
N PRO G 130 7.90 -8.18 63.37
CA PRO G 130 8.75 -7.36 62.50
C PRO G 130 8.26 -7.42 61.06
N TYR G 131 7.42 -8.40 60.74
CA TYR G 131 6.94 -8.49 59.38
C TYR G 131 5.78 -7.58 59.29
N LEU G 132 4.90 -7.69 60.26
CA LEU G 132 3.64 -7.00 60.18
C LEU G 132 3.98 -5.56 60.18
N LYS G 133 5.08 -5.24 60.83
CA LYS G 133 5.52 -3.86 60.95
C LYS G 133 6.06 -3.37 59.61
N LEU G 134 6.75 -4.26 58.92
CA LEU G 134 7.29 -3.94 57.61
C LEU G 134 6.24 -3.84 56.54
N ARG G 135 5.36 -4.81 56.52
CA ARG G 135 4.45 -4.96 55.41
C ARG G 135 3.60 -3.72 55.30
N GLN G 136 3.30 -3.10 56.41
CA GLN G 136 2.47 -1.95 56.34
C GLN G 136 3.17 -0.94 55.47
N ALA G 137 4.50 -0.87 55.59
CA ALA G 137 5.21 0.12 54.81
C ALA G 137 5.03 -0.15 53.32
N LEU G 138 5.17 -1.39 52.89
CA LEU G 138 5.17 -1.68 51.47
C LEU G 138 3.90 -1.35 50.75
N LEU G 139 2.77 -1.52 51.40
CA LEU G 139 1.53 -1.08 50.83
C LEU G 139 1.45 0.45 50.63
N GLU G 140 2.02 1.23 51.55
CA GLU G 140 1.93 2.69 51.47
C GLU G 140 2.95 3.26 50.50
N LEU G 141 4.19 2.79 50.64
CA LEU G 141 5.35 3.27 49.90
C LEU G 141 5.07 3.67 48.44
N ARG G 142 5.40 4.92 48.12
CA ARG G 142 4.98 5.57 46.87
C ARG G 142 5.99 5.30 45.76
N PRO G 143 5.68 5.67 44.49
CA PRO G 143 6.58 5.11 43.48
C PRO G 143 7.99 5.69 43.53
N ALA G 144 8.23 6.67 44.40
CA ALA G 144 9.56 7.27 44.50
C ALA G 144 10.12 7.30 45.93
N LYS G 145 9.27 7.03 46.90
CA LYS G 145 9.73 6.89 48.29
C LYS G 145 10.52 5.59 48.47
N ASN G 146 10.99 5.34 49.68
CA ASN G 146 11.67 4.06 49.96
C ASN G 146 11.74 3.68 51.44
N VAL G 147 11.31 2.46 51.74
CA VAL G 147 11.17 1.99 53.12
C VAL G 147 12.39 1.22 53.57
N LEU G 148 13.16 1.81 54.47
CA LEU G 148 14.40 1.22 54.92
C LEU G 148 14.31 0.38 56.19
N ILE G 149 15.05 -0.73 56.20
CA ILE G 149 15.19 -1.61 57.35
C ILE G 149 16.65 -1.65 57.79
N ASP G 150 16.90 -1.69 59.09
CA ASP G 150 18.26 -1.86 59.55
C ASP G 150 18.29 -2.54 60.90
N GLY G 151 19.13 -3.55 61.03
CA GLY G 151 19.31 -4.22 62.30
C GLY G 151 20.78 -4.52 62.53
N VAL G 152 21.10 -5.01 63.70
CA VAL G 152 22.49 -5.24 64.03
C VAL G 152 22.77 -6.37 63.11
N LEU G 153 24.04 -6.66 62.86
CA LEU G 153 24.34 -7.56 61.78
C LEU G 153 23.68 -8.88 62.10
N GLY G 154 23.29 -9.64 61.08
CA GLY G 154 22.61 -10.89 61.33
C GLY G 154 21.32 -10.72 62.10
N SER G 155 20.65 -9.63 61.82
CA SER G 155 19.28 -9.52 62.23
C SER G 155 18.39 -10.03 61.09
N GLY G 156 19.04 -10.63 60.12
CA GLY G 156 18.31 -11.32 59.09
C GLY G 156 17.30 -10.31 58.63
N LYS G 157 17.75 -9.11 58.30
CA LYS G 157 16.82 -8.14 57.78
C LYS G 157 16.25 -8.73 56.51
N THR G 158 17.13 -9.28 55.70
CA THR G 158 16.78 -9.59 54.34
C THR G 158 15.64 -10.57 54.38
N TRP G 159 15.86 -11.59 55.16
CA TRP G 159 14.91 -12.69 55.35
C TRP G 159 13.51 -12.20 55.67
N VAL G 160 13.40 -11.10 56.41
CA VAL G 160 12.11 -10.49 56.65
C VAL G 160 11.57 -9.90 55.35
N ALA G 161 12.45 -9.12 54.72
CA ALA G 161 12.17 -8.50 53.43
C ALA G 161 11.71 -9.59 52.46
N LEU G 162 12.47 -10.66 52.38
CA LEU G 162 12.15 -11.78 51.51
C LEU G 162 10.77 -12.32 51.80
N ASP G 163 10.37 -12.23 53.07
CA ASP G 163 9.13 -12.84 53.51
C ASP G 163 7.94 -11.95 53.21
N VAL G 164 8.08 -10.65 53.49
CA VAL G 164 6.99 -9.73 53.18
C VAL G 164 6.85 -9.59 51.67
N CYS G 165 7.97 -9.66 50.98
CA CYS G 165 7.98 -9.63 49.53
C CYS G 165 7.32 -10.90 48.99
N LEU G 166 7.34 -11.97 49.78
CA LEU G 166 6.67 -13.22 49.43
C LEU G 166 5.13 -13.11 49.55
N SER G 167 4.68 -12.29 50.47
CA SER G 167 3.26 -12.13 50.72
C SER G 167 2.51 -11.68 49.49
N TYR G 168 1.44 -12.38 49.16
CA TYR G 168 0.76 -12.05 47.96
C TYR G 168 0.37 -10.60 48.08
N LYS G 169 0.00 -10.17 49.25
CA LYS G 169 -0.42 -8.80 49.41
C LYS G 169 0.74 -7.90 49.05
N VAL G 170 1.94 -8.26 49.47
CA VAL G 170 3.05 -7.40 49.14
C VAL G 170 3.23 -7.42 47.67
N GLN G 171 3.15 -8.60 47.09
CA GLN G 171 3.51 -8.72 45.69
C GLN G 171 2.62 -8.01 44.73
N CYS G 172 1.32 -8.11 44.93
CA CYS G 172 0.41 -7.52 43.97
C CYS G 172 0.71 -6.03 43.94
N LYS G 173 1.00 -5.46 45.09
CA LYS G 173 1.23 -4.04 45.18
C LYS G 173 2.51 -3.74 44.46
N MET G 174 3.23 -4.77 44.11
CA MET G 174 4.48 -4.60 43.41
C MET G 174 4.44 -5.26 42.06
N ASP G 175 3.31 -5.87 41.76
CA ASP G 175 3.05 -6.42 40.46
C ASP G 175 4.11 -7.41 40.05
N PHE G 176 4.69 -8.03 41.05
CA PHE G 176 5.48 -9.20 40.84
C PHE G 176 6.78 -8.85 40.22
N LYS G 177 7.18 -7.61 40.35
CA LYS G 177 8.49 -7.26 39.81
C LYS G 177 9.32 -6.71 40.93
N ILE G 178 10.12 -7.58 41.55
CA ILE G 178 10.87 -7.19 42.72
C ILE G 178 12.34 -7.49 42.56
N PHE G 179 13.03 -6.67 41.80
CA PHE G 179 14.41 -6.95 41.43
C PHE G 179 15.39 -6.90 42.62
N TRP G 180 15.77 -8.06 43.12
CA TRP G 180 16.73 -8.18 44.22
C TRP G 180 18.13 -7.81 43.76
N LEU G 181 18.89 -7.18 44.65
CA LEU G 181 20.27 -6.81 44.35
C LEU G 181 21.11 -6.72 45.63
N ASN G 182 21.84 -7.77 45.97
CA ASN G 182 22.71 -7.69 47.15
C ASN G 182 23.91 -6.80 46.88
N LEU G 183 23.94 -5.65 47.55
CA LEU G 183 25.02 -4.70 47.33
C LEU G 183 26.26 -5.03 48.18
N LYS G 184 26.72 -6.27 48.11
CA LYS G 184 28.01 -6.60 48.68
C LYS G 184 29.10 -6.16 47.71
N ASN G 185 30.20 -5.65 48.26
CA ASN G 185 31.25 -5.06 47.43
C ASN G 185 30.62 -3.97 46.58
N CYS G 186 30.16 -2.90 47.23
CA CYS G 186 29.40 -1.86 46.55
C CYS G 186 29.80 -0.46 46.99
N ASN G 187 31.06 -0.32 47.43
CA ASN G 187 31.62 0.98 47.75
C ASN G 187 32.77 1.30 46.81
N SER G 188 32.45 1.35 45.53
CA SER G 188 33.38 1.77 44.49
C SER G 188 32.47 2.40 43.48
N PRO G 189 33.03 3.17 42.57
CA PRO G 189 32.23 3.73 41.50
C PRO G 189 31.86 2.64 40.53
N GLU G 190 32.87 1.89 40.13
CA GLU G 190 32.73 0.98 39.02
C GLU G 190 31.76 -0.15 39.30
N THR G 191 31.83 -0.70 40.51
CA THR G 191 31.16 -1.94 40.79
C THR G 191 29.69 -1.73 40.52
N VAL G 192 29.21 -0.54 40.83
CA VAL G 192 27.83 -0.25 40.58
C VAL G 192 27.59 -0.43 39.08
N LEU G 193 28.63 -0.15 38.31
CA LEU G 193 28.54 -0.42 36.90
C LEU G 193 28.33 -1.90 36.67
N GLU G 194 28.97 -2.72 37.47
CA GLU G 194 28.63 -4.13 37.50
C GLU G 194 27.20 -4.36 37.98
N MET G 195 26.80 -3.60 38.99
CA MET G 195 25.49 -3.77 39.61
C MET G 195 24.37 -3.22 38.76
N LEU G 196 24.51 -1.97 38.36
CA LEU G 196 23.54 -1.34 37.46
C LEU G 196 23.43 -2.16 36.18
N GLN G 197 24.55 -2.72 35.75
CA GLN G 197 24.54 -3.63 34.62
C GLN G 197 23.59 -4.76 34.93
N LYS G 198 23.72 -5.33 36.13
CA LYS G 198 22.92 -6.48 36.51
C LYS G 198 21.44 -6.16 36.68
N LEU G 199 21.14 -4.95 37.14
CA LEU G 199 19.76 -4.53 37.27
C LEU G 199 19.15 -4.43 35.88
N LEU G 200 19.85 -3.73 35.00
CA LEU G 200 19.43 -3.60 33.62
C LEU G 200 19.19 -5.00 33.03
N TYR G 201 20.10 -5.93 33.32
CA TYR G 201 19.90 -7.30 32.85
C TYR G 201 18.64 -7.95 33.42
N GLN G 202 18.35 -7.71 34.70
CA GLN G 202 17.09 -8.18 35.29
C GLN G 202 15.91 -7.67 34.46
N ILE G 203 15.87 -6.35 34.33
CA ILE G 203 14.82 -5.67 33.59
C ILE G 203 14.60 -6.25 32.18
N ASP G 204 15.68 -6.36 31.40
CA ASP G 204 15.59 -6.80 30.01
C ASP G 204 16.97 -6.99 29.40
N PRO G 205 17.16 -8.08 28.66
CA PRO G 205 18.47 -8.39 28.07
C PRO G 205 18.76 -7.53 26.83
N ASN G 206 18.86 -6.22 27.02
CA ASN G 206 19.11 -5.29 25.94
C ASN G 206 19.98 -4.12 26.40
N TRP G 207 20.97 -3.77 25.58
CA TRP G 207 21.60 -2.46 25.69
C TRP G 207 22.46 -2.07 24.50
N THR G 208 22.31 -0.82 24.09
CA THR G 208 23.18 -0.19 23.10
C THR G 208 24.46 0.29 23.77
N SER G 209 25.42 -0.62 23.93
CA SER G 209 26.63 -0.32 24.69
C SER G 209 27.69 0.40 23.86
N ARG G 210 27.27 1.04 22.77
CA ARG G 210 28.17 1.85 21.96
C ARG G 210 28.41 3.20 22.62
N SER G 211 27.52 3.54 23.54
CA SER G 211 27.61 4.77 24.31
C SER G 211 28.76 4.68 25.31
N ASP G 212 29.36 3.50 25.44
CA ASP G 212 30.42 3.31 26.43
C ASP G 212 31.63 4.15 26.07
N HIS G 213 31.96 5.07 26.97
CA HIS G 213 33.14 5.91 26.82
C HIS G 213 34.01 5.71 28.03
N SER G 214 35.09 4.94 27.83
CA SER G 214 35.95 4.55 28.94
C SER G 214 36.73 5.73 29.51
N SER G 215 36.43 6.94 29.07
CA SER G 215 37.00 8.15 29.66
C SER G 215 36.70 8.16 31.16
N ASN G 216 35.48 7.76 31.50
CA ASN G 216 35.10 7.55 32.89
C ASN G 216 34.22 6.33 33.09
N ILE G 217 34.56 5.57 34.13
CA ILE G 217 33.72 4.51 34.63
C ILE G 217 32.64 5.22 35.45
N LYS G 218 32.88 6.51 35.70
CA LYS G 218 32.02 7.36 36.52
C LYS G 218 31.05 8.23 35.71
N LEU G 219 31.36 8.41 34.43
CA LEU G 219 30.51 9.15 33.52
C LEU G 219 29.56 8.17 32.87
N ARG G 220 30.10 7.03 32.45
CA ARG G 220 29.30 5.98 31.84
C ARG G 220 28.23 5.49 32.82
N ILE G 221 28.49 5.65 34.11
CA ILE G 221 27.56 5.23 35.14
C ILE G 221 26.29 6.06 35.14
N HIS G 222 26.37 7.26 34.58
CA HIS G 222 25.18 8.10 34.55
C HIS G 222 24.35 7.64 33.37
N SER G 223 25.02 7.12 32.35
CA SER G 223 24.31 6.63 31.19
C SER G 223 23.44 5.41 31.55
N ILE G 224 23.93 4.56 32.43
CA ILE G 224 23.20 3.33 32.71
C ILE G 224 21.99 3.67 33.58
N GLN G 225 22.16 4.65 34.46
CA GLN G 225 21.06 5.14 35.27
C GLN G 225 20.08 5.86 34.36
N ALA G 226 20.63 6.61 33.42
CA ALA G 226 19.85 7.33 32.42
C ALA G 226 18.95 6.39 31.67
N GLU G 227 19.52 5.29 31.18
CA GLU G 227 18.72 4.27 30.51
C GLU G 227 17.77 3.62 31.48
N LEU G 228 18.30 3.21 32.64
CA LEU G 228 17.50 2.52 33.65
C LEU G 228 16.31 3.36 34.09
N ARG G 229 16.48 4.67 34.10
CA ARG G 229 15.39 5.57 34.45
C ARG G 229 14.28 5.50 33.42
N ARG G 230 14.63 5.77 32.16
CA ARG G 230 13.68 5.70 31.04
C ARG G 230 12.90 4.40 31.02
N LEU G 231 13.60 3.29 31.26
CA LEU G 231 13.01 1.97 31.11
C LEU G 231 12.02 1.69 32.21
N LEU G 232 12.29 2.20 33.41
CA LEU G 232 11.45 1.85 34.54
C LEU G 232 10.08 2.53 34.53
N LYS G 233 10.02 3.86 34.51
CA LYS G 233 8.72 4.52 34.35
C LYS G 233 8.20 4.24 32.94
N SER G 234 7.85 2.97 32.82
CA SER G 234 7.22 2.36 31.70
C SER G 234 6.12 1.52 32.32
N LYS G 235 4.95 1.44 31.70
CA LYS G 235 3.80 1.19 32.53
C LYS G 235 3.92 -0.08 33.32
N PRO G 236 4.31 -1.18 32.69
CA PRO G 236 4.32 -2.47 33.36
C PRO G 236 5.26 -2.37 34.52
N TYR G 237 6.33 -1.62 34.34
CA TYR G 237 7.37 -1.55 35.33
C TYR G 237 7.18 -0.44 36.31
N GLU G 238 6.10 0.31 36.15
CA GLU G 238 5.89 1.58 36.83
C GLU G 238 6.39 1.50 38.27
N ASN G 239 5.79 0.60 39.03
CA ASN G 239 6.16 0.42 40.41
C ASN G 239 6.73 -0.94 40.59
N CYS G 240 7.97 -1.03 41.06
CA CYS G 240 8.45 -2.29 41.57
C CYS G 240 9.44 -2.03 42.64
N LEU G 241 9.30 -2.69 43.77
CA LEU G 241 10.20 -2.47 44.87
C LEU G 241 11.53 -2.97 44.42
N LEU G 242 12.59 -2.24 44.53
CA LEU G 242 13.81 -2.88 44.17
C LEU G 242 14.35 -2.79 45.51
N VAL G 243 14.77 -3.91 46.10
CA VAL G 243 15.25 -3.88 47.47
C VAL G 243 16.71 -4.11 47.45
N LEU G 244 17.47 -3.28 48.11
CA LEU G 244 18.88 -3.48 48.20
C LEU G 244 19.34 -4.01 49.53
N LEU G 245 20.08 -5.09 49.52
CA LEU G 245 20.43 -5.75 50.74
C LEU G 245 21.86 -5.43 51.13
N ASN G 246 22.06 -4.94 52.35
CA ASN G 246 23.40 -4.61 52.87
C ASN G 246 23.95 -3.28 52.44
N VAL G 247 23.10 -2.55 51.79
CA VAL G 247 23.57 -1.30 51.18
C VAL G 247 24.77 -0.80 51.95
N GLN G 248 25.93 -0.82 51.30
CA GLN G 248 27.18 -0.54 52.01
C GLN G 248 27.18 0.83 52.63
N ASN G 249 27.17 1.86 51.80
CA ASN G 249 27.16 3.21 52.35
C ASN G 249 26.13 4.10 51.73
N ALA G 250 26.18 5.38 52.12
CA ALA G 250 25.32 6.38 51.55
C ALA G 250 25.62 6.52 50.06
N LYS G 251 26.91 6.55 49.73
CA LYS G 251 27.35 6.85 48.38
C LYS G 251 26.78 5.88 47.34
N ALA G 252 26.66 4.60 47.71
CA ALA G 252 26.16 3.59 46.79
C ALA G 252 24.69 3.85 46.48
N TRP G 253 23.94 4.18 47.53
CA TRP G 253 22.49 4.39 47.44
C TRP G 253 22.15 5.56 46.53
N ASN G 254 23.04 6.54 46.47
CA ASN G 254 22.87 7.71 45.62
C ASN G 254 22.68 7.31 44.17
N ALA G 255 23.47 6.33 43.73
CA ALA G 255 23.40 5.85 42.36
C ALA G 255 22.16 5.01 42.14
N PHE G 256 21.59 4.45 43.18
CA PHE G 256 20.50 3.56 42.90
C PHE G 256 19.13 4.15 42.94
N ASN G 257 18.98 5.30 43.55
CA ASN G 257 17.64 5.86 43.62
C ASN G 257 17.22 6.18 42.20
N LEU G 258 16.12 5.57 41.77
CA LEU G 258 15.73 5.68 40.37
C LEU G 258 14.32 6.22 40.26
N SER G 259 13.91 7.03 41.23
CA SER G 259 12.49 7.32 41.42
C SER G 259 11.75 5.99 41.45
N CYS G 260 12.34 5.06 42.21
CA CYS G 260 11.90 3.68 42.29
C CYS G 260 11.24 3.44 43.64
N LYS G 261 10.24 2.57 43.70
CA LYS G 261 9.66 2.23 45.00
C LYS G 261 10.58 1.31 45.77
N ILE G 262 11.87 1.63 45.83
CA ILE G 262 12.82 0.72 46.47
C ILE G 262 12.59 0.58 47.98
N LEU G 263 13.32 -0.35 48.58
CA LEU G 263 13.33 -0.55 50.02
C LEU G 263 14.64 -1.26 50.29
N LEU G 264 15.39 -0.83 51.28
CA LEU G 264 16.68 -1.41 51.40
C LEU G 264 16.95 -1.93 52.76
N THR G 265 17.89 -2.84 52.85
CA THR G 265 18.30 -3.33 54.13
C THR G 265 19.58 -2.65 54.58
N THR G 266 19.43 -1.69 55.47
CA THR G 266 20.52 -0.90 55.95
C THR G 266 21.34 -1.87 56.71
N ARG G 267 22.58 -1.52 57.05
CA ARG G 267 23.41 -2.39 57.89
C ARG G 267 24.13 -1.54 58.93
N PHE G 268 24.54 -0.36 58.50
CA PHE G 268 25.21 0.63 59.32
C PHE G 268 24.28 1.68 59.91
N LYS G 269 24.81 2.39 60.88
CA LYS G 269 24.12 3.55 61.37
C LYS G 269 24.56 4.70 60.52
N GLN G 270 25.48 4.46 59.59
CA GLN G 270 25.85 5.62 58.78
C GLN G 270 24.79 5.77 57.69
N VAL G 271 24.23 4.63 57.29
CA VAL G 271 23.24 4.58 56.22
C VAL G 271 21.86 4.92 56.77
N THR G 272 21.43 4.22 57.81
CA THR G 272 20.14 4.51 58.43
C THR G 272 20.15 5.92 58.99
N ASP G 273 21.35 6.44 59.21
CA ASP G 273 21.53 7.82 59.65
C ASP G 273 21.16 8.77 58.52
N PHE G 274 21.40 8.32 57.30
CA PHE G 274 21.36 9.20 56.14
C PHE G 274 19.97 9.33 55.56
N LEU G 275 19.30 8.26 55.19
CA LEU G 275 17.94 8.50 54.72
C LEU G 275 17.03 9.00 55.86
N SER G 276 16.34 10.10 55.63
CA SER G 276 15.72 10.83 56.72
C SER G 276 14.23 10.74 56.62
N ALA G 277 13.61 10.62 57.76
CA ALA G 277 12.40 9.90 57.93
C ALA G 277 11.38 10.43 56.98
N ALA G 278 11.42 11.72 56.71
CA ALA G 278 10.34 12.33 55.95
C ALA G 278 10.26 11.64 54.61
N THR G 279 11.39 11.42 53.94
CA THR G 279 11.37 10.66 52.71
C THR G 279 10.99 9.18 52.89
N THR G 280 11.52 8.52 53.91
CA THR G 280 11.48 7.06 54.01
C THR G 280 11.27 6.64 55.45
N THR G 281 10.72 5.45 55.70
CA THR G 281 10.24 5.11 57.04
C THR G 281 11.24 4.11 57.60
N HIS G 282 11.42 4.12 58.89
CA HIS G 282 12.62 3.52 59.36
C HIS G 282 12.25 2.38 60.23
N ILE G 283 12.64 1.19 59.81
CA ILE G 283 12.23 0.01 60.51
C ILE G 283 13.49 -0.47 61.13
N SER G 284 13.42 -1.04 62.31
CA SER G 284 14.67 -1.45 62.86
C SER G 284 14.67 -2.79 63.50
N LEU G 285 15.74 -3.06 64.21
CA LEU G 285 15.81 -4.31 64.93
C LEU G 285 16.76 -4.17 66.11
N ASP G 286 17.05 -2.93 66.44
CA ASP G 286 17.61 -2.63 67.72
C ASP G 286 16.36 -2.51 68.56
N HIS G 287 15.49 -3.50 68.50
CA HIS G 287 14.24 -3.24 69.17
C HIS G 287 13.69 -4.32 70.06
N HIS G 288 13.03 -3.89 71.13
CA HIS G 288 12.43 -4.86 72.01
C HIS G 288 11.36 -5.60 71.21
N SER G 289 10.54 -4.87 70.46
CA SER G 289 9.57 -5.48 69.56
C SER G 289 10.11 -6.16 68.32
N MET G 290 10.96 -5.43 67.59
CA MET G 290 11.51 -5.93 66.33
C MET G 290 12.19 -7.28 66.51
N THR G 291 12.90 -7.43 67.62
CA THR G 291 13.60 -8.66 67.88
C THR G 291 12.61 -9.71 68.35
N LEU G 292 13.07 -10.95 68.38
CA LEU G 292 12.23 -12.10 68.63
C LEU G 292 11.71 -12.28 70.05
N THR G 293 10.43 -12.63 70.15
CA THR G 293 9.83 -13.03 71.39
C THR G 293 10.48 -14.36 71.69
N PRO G 294 10.70 -14.70 72.96
CA PRO G 294 11.68 -15.78 73.16
C PRO G 294 11.31 -16.92 72.26
N ASP G 295 10.02 -17.16 72.09
CA ASP G 295 9.63 -18.41 71.48
C ASP G 295 10.22 -18.50 70.11
N GLU G 296 10.13 -17.43 69.34
CA GLU G 296 10.69 -17.54 68.02
C GLU G 296 11.89 -18.43 68.14
N VAL G 297 12.63 -18.17 69.20
CA VAL G 297 13.95 -18.71 69.29
C VAL G 297 13.94 -20.22 69.33
N LYS G 298 12.98 -20.82 69.98
CA LYS G 298 13.05 -22.27 70.00
C LYS G 298 12.50 -22.84 68.70
N SER G 299 11.55 -22.13 68.11
CA SER G 299 10.98 -22.58 66.84
C SER G 299 11.99 -22.38 65.72
N LEU G 300 12.86 -21.38 65.87
CA LEU G 300 13.92 -21.15 64.90
C LEU G 300 14.98 -22.24 65.02
N LEU G 301 15.38 -22.52 66.25
CA LEU G 301 16.37 -23.57 66.51
C LEU G 301 15.87 -24.90 66.00
N LEU G 302 14.54 -25.04 65.91
CA LEU G 302 13.93 -26.27 65.43
C LEU G 302 14.16 -26.55 63.94
N LYS G 303 14.05 -25.50 63.13
CA LYS G 303 14.15 -25.65 61.67
C LYS G 303 15.40 -26.42 61.26
N TYR G 304 16.53 -26.11 61.88
CA TYR G 304 17.77 -26.83 61.62
C TYR G 304 17.81 -28.13 62.42
N LEU G 305 17.26 -28.08 63.62
CA LEU G 305 17.33 -29.19 64.58
C LEU G 305 16.43 -30.37 64.21
N ASP G 306 15.22 -30.05 63.75
CA ASP G 306 14.27 -31.04 63.23
C ASP G 306 13.81 -32.08 64.27
N CYS G 307 13.31 -31.60 65.42
CA CYS G 307 12.67 -32.45 66.43
C CYS G 307 12.01 -31.62 67.54
N ARG G 308 10.73 -31.87 67.79
CA ARG G 308 9.93 -31.08 68.74
C ARG G 308 10.24 -31.39 70.20
N PRO G 309 10.67 -32.61 70.48
CA PRO G 309 10.95 -33.03 71.85
C PRO G 309 12.25 -32.42 72.35
N GLN G 310 13.33 -32.64 71.61
CA GLN G 310 14.65 -32.16 72.01
C GLN G 310 14.72 -30.64 72.06
N ASP G 311 13.70 -29.99 71.49
CA ASP G 311 13.54 -28.55 71.54
C ASP G 311 13.65 -28.03 72.98
N LEU G 312 12.95 -28.71 73.88
CA LEU G 312 12.98 -28.35 75.29
C LEU G 312 14.34 -28.62 75.90
N PRO G 313 15.10 -29.41 75.14
CA PRO G 313 16.46 -29.77 75.46
C PRO G 313 17.37 -28.54 75.53
N ARG G 314 17.17 -27.55 74.69
CA ARG G 314 18.06 -26.40 74.74
C ARG G 314 17.48 -25.17 75.45
N GLU G 315 18.19 -24.66 76.45
CA GLU G 315 17.94 -23.34 77.05
C GLU G 315 19.18 -22.79 77.76
N VAL G 316 19.29 -21.48 78.00
CA VAL G 316 18.53 -20.45 77.31
C VAL G 316 19.46 -19.32 76.83
N LEU G 317 19.43 -18.98 75.55
CA LEU G 317 20.14 -17.81 75.05
C LEU G 317 19.63 -17.32 73.69
N THR G 318 19.97 -16.10 73.32
CA THR G 318 19.32 -15.30 72.29
C THR G 318 20.35 -14.35 71.68
N THR G 319 19.97 -13.41 70.81
CA THR G 319 18.68 -13.27 70.14
C THR G 319 18.91 -13.13 68.64
N ASN G 320 20.21 -13.09 68.34
CA ASN G 320 20.74 -12.74 67.04
C ASN G 320 20.75 -13.96 66.20
N PRO G 321 19.98 -13.92 65.14
CA PRO G 321 19.71 -15.13 64.40
C PRO G 321 21.04 -15.69 63.98
N ARG G 322 21.96 -14.81 63.57
CA ARG G 322 23.28 -15.23 63.12
C ARG G 322 23.94 -16.17 64.14
N ARG G 323 23.83 -15.82 65.42
CA ARG G 323 24.42 -16.63 66.47
C ARG G 323 23.69 -17.96 66.59
N LEU G 324 22.39 -17.85 66.38
CA LEU G 324 21.39 -18.89 66.60
C LEU G 324 21.37 -19.87 65.43
N SER G 325 21.52 -19.36 64.22
CA SER G 325 21.52 -20.19 63.02
C SER G 325 22.83 -20.97 62.90
N ILE G 326 23.94 -20.31 63.18
CA ILE G 326 25.26 -20.94 63.10
C ILE G 326 25.47 -21.88 64.29
N ILE G 327 24.76 -21.62 65.38
CA ILE G 327 24.79 -22.51 66.52
C ILE G 327 23.95 -23.76 66.25
N ALA G 328 22.71 -23.53 65.82
CA ALA G 328 21.75 -24.62 65.64
C ALA G 328 22.22 -25.63 64.59
N GLU G 329 23.00 -25.16 63.63
CA GLU G 329 23.57 -26.05 62.63
C GLU G 329 24.77 -26.79 63.21
N SER G 330 25.53 -26.10 64.06
CA SER G 330 26.70 -26.68 64.71
C SER G 330 26.34 -27.86 65.62
N ILE G 331 25.32 -27.64 66.43
CA ILE G 331 24.80 -28.67 67.32
C ILE G 331 24.24 -29.83 66.51
N ARG G 332 23.40 -29.51 65.54
CA ARG G 332 22.75 -30.54 64.73
C ARG G 332 23.78 -31.33 63.93
N ASP G 333 24.86 -30.68 63.53
CA ASP G 333 25.90 -31.34 62.77
C ASP G 333 27.28 -31.06 63.35
N ALA G 336 27.18 -31.38 69.58
CA ALA G 336 27.05 -31.50 71.03
C ALA G 336 26.64 -30.17 71.63
N THR G 337 25.46 -30.14 72.24
CA THR G 337 24.80 -28.89 72.65
C THR G 337 25.60 -28.01 73.61
N TRP G 338 26.52 -28.59 74.36
CA TRP G 338 27.26 -27.82 75.37
C TRP G 338 28.63 -27.35 74.90
N ASP G 339 29.44 -28.28 74.41
CA ASP G 339 30.73 -27.91 73.84
C ASP G 339 30.52 -26.91 72.70
N ASN G 340 29.58 -27.22 71.81
CA ASN G 340 29.36 -26.42 70.62
C ASN G 340 28.65 -25.08 70.88
N TRP G 341 28.03 -24.94 72.05
CA TRP G 341 27.36 -23.69 72.37
C TRP G 341 28.36 -22.57 72.62
N LYS G 342 29.57 -22.94 73.00
CA LYS G 342 30.61 -21.97 73.32
C LYS G 342 31.93 -22.20 72.59
N HIS G 343 32.62 -23.29 72.90
CA HIS G 343 33.97 -23.51 72.39
C HIS G 343 34.02 -23.77 70.88
N VAL G 344 33.02 -24.46 70.34
CA VAL G 344 32.96 -24.63 68.89
C VAL G 344 32.55 -23.32 68.23
N ASN G 345 32.61 -23.27 66.91
CA ASN G 345 32.41 -22.04 66.14
C ASN G 345 33.40 -20.96 66.54
N CYS G 346 34.51 -21.37 67.14
CA CYS G 346 35.61 -20.47 67.40
C CYS G 346 36.35 -20.25 66.09
N ASP G 347 35.99 -21.06 65.09
CA ASP G 347 36.53 -20.92 63.75
C ASP G 347 35.42 -20.54 62.76
N LYS G 348 34.25 -20.18 63.28
CA LYS G 348 33.13 -19.82 62.43
C LYS G 348 32.52 -18.46 62.76
N LEU G 349 31.67 -18.39 63.76
CA LEU G 349 30.72 -17.32 63.82
C LEU G 349 31.42 -15.99 63.81
N THR G 350 32.49 -15.91 64.58
CA THR G 350 33.29 -14.69 64.72
C THR G 350 33.97 -14.31 63.43
N THR G 351 34.45 -15.32 62.71
CA THR G 351 35.07 -15.09 61.41
C THR G 351 34.18 -14.16 60.60
N ILE G 352 32.96 -14.60 60.34
CA ILE G 352 31.97 -13.74 59.69
C ILE G 352 31.71 -12.55 60.61
N ILE G 353 32.01 -12.73 61.89
CA ILE G 353 31.89 -11.66 62.87
C ILE G 353 33.03 -10.67 62.70
N GLU G 354 34.26 -11.19 62.67
CA GLU G 354 35.40 -10.34 62.43
C GLU G 354 35.26 -9.74 61.06
N SER G 355 34.88 -10.61 60.12
CA SER G 355 34.86 -10.27 58.70
C SER G 355 34.19 -8.93 58.47
N SER G 356 33.07 -8.72 59.13
CA SER G 356 32.35 -7.47 59.00
C SER G 356 33.16 -6.34 59.60
N LEU G 357 34.04 -6.68 60.54
CA LEU G 357 34.87 -5.67 61.16
C LEU G 357 35.72 -5.03 60.07
N ASN G 358 35.78 -5.64 58.90
CA ASN G 358 36.71 -5.23 57.87
C ASN G 358 36.55 -3.81 57.36
N VAL G 359 35.37 -3.24 57.52
CA VAL G 359 35.16 -1.89 57.04
C VAL G 359 36.08 -0.88 57.71
N LEU G 360 36.33 -1.04 59.00
CA LEU G 360 37.03 -0.02 59.79
C LEU G 360 38.52 0.14 59.53
N GLU G 361 39.07 1.31 59.89
CA GLU G 361 40.50 1.63 59.74
C GLU G 361 41.40 1.02 60.84
N PRO G 362 42.47 0.32 60.45
CA PRO G 362 43.20 -0.44 61.48
C PRO G 362 44.09 0.41 62.36
N ALA G 363 44.65 1.49 61.82
CA ALA G 363 45.60 2.33 62.53
C ALA G 363 44.98 3.00 63.75
N GLU G 364 43.73 3.42 63.61
CA GLU G 364 43.08 4.17 64.69
C GLU G 364 41.81 3.51 65.20
N TYR G 365 41.01 2.96 64.29
CA TYR G 365 39.72 2.37 64.65
C TYR G 365 39.91 0.98 65.27
N ARG G 366 40.43 0.06 64.49
CA ARG G 366 40.53 -1.35 64.87
C ARG G 366 41.31 -1.59 66.16
N LYS G 367 42.47 -0.96 66.28
CA LYS G 367 43.31 -1.10 67.47
C LYS G 367 42.63 -0.56 68.72
N MET G 368 42.11 0.66 68.64
CA MET G 368 41.42 1.31 69.76
C MET G 368 40.30 0.42 70.27
N PHE G 369 39.71 -0.32 69.33
CA PHE G 369 38.56 -1.17 69.60
C PHE G 369 38.92 -2.41 70.40
N ASP G 370 39.93 -3.13 69.91
CA ASP G 370 40.47 -4.32 70.57
C ASP G 370 40.73 -4.09 72.05
N ARG G 371 41.08 -2.85 72.39
CA ARG G 371 41.38 -2.46 73.76
C ARG G 371 40.20 -2.64 74.72
N LEU G 372 38.99 -2.71 74.18
CA LEU G 372 37.78 -2.79 75.02
C LEU G 372 37.75 -4.06 75.86
N SER G 373 38.51 -5.07 75.44
CA SER G 373 38.54 -6.38 76.08
C SER G 373 38.63 -6.31 77.61
N VAL G 374 39.27 -5.26 78.13
CA VAL G 374 39.46 -5.12 79.57
C VAL G 374 38.17 -4.77 80.30
N PHE G 375 37.20 -4.26 79.55
CA PHE G 375 35.92 -3.87 80.13
C PHE G 375 35.05 -5.09 80.41
N PRO G 376 33.79 -4.82 80.71
CA PRO G 376 32.80 -5.84 81.00
C PRO G 376 32.08 -6.25 79.74
N PRO G 377 31.79 -7.62 79.65
CA PRO G 377 31.30 -8.00 78.31
C PRO G 377 30.02 -7.27 78.02
N SER G 378 29.19 -7.10 79.04
CA SER G 378 27.93 -6.43 78.81
C SER G 378 27.90 -5.26 79.76
N ALA G 379 28.70 -4.26 79.45
CA ALA G 379 28.82 -3.13 80.36
C ALA G 379 28.98 -1.80 79.62
N HIS G 380 29.24 -0.74 80.36
CA HIS G 380 29.35 0.61 79.80
C HIS G 380 30.77 1.16 79.98
N ILE G 381 30.99 2.39 79.51
CA ILE G 381 32.29 3.04 79.63
C ILE G 381 32.20 4.56 79.48
N PRO G 382 32.71 5.29 80.48
CA PRO G 382 32.72 6.76 80.49
C PRO G 382 33.71 7.36 79.50
N THR G 383 33.56 8.64 79.23
CA THR G 383 34.42 9.34 78.27
C THR G 383 35.87 9.39 78.73
N ILE G 384 36.07 9.77 79.99
CA ILE G 384 37.41 9.95 80.54
C ILE G 384 38.22 8.66 80.55
N LEU G 385 37.56 7.54 80.85
CA LEU G 385 38.24 6.25 80.93
C LEU G 385 38.63 5.74 79.55
N LEU G 386 37.83 6.07 78.55
CA LEU G 386 38.08 5.64 77.19
C LEU G 386 39.27 6.40 76.59
N SER G 387 39.50 7.59 77.11
CA SER G 387 40.58 8.45 76.65
C SER G 387 41.94 7.80 76.82
N LEU G 388 42.26 7.46 78.06
CA LEU G 388 43.56 6.94 78.44
C LEU G 388 43.94 5.69 77.64
N ILE G 389 42.95 4.87 77.33
CA ILE G 389 43.21 3.60 76.64
C ILE G 389 43.18 3.79 75.13
N SER G 396 39.50 16.37 72.20
CA SER G 396 38.22 15.90 71.66
C SER G 396 38.44 14.76 70.67
N ASP G 397 39.68 14.30 70.57
CA ASP G 397 40.07 13.25 69.62
C ASP G 397 39.27 11.98 69.88
N VAL G 398 39.29 11.51 71.13
CA VAL G 398 38.63 10.26 71.50
C VAL G 398 37.12 10.31 71.25
N MET G 399 36.52 11.47 71.43
CA MET G 399 35.07 11.62 71.30
C MET G 399 34.63 11.46 69.86
N VAL G 400 35.49 11.87 68.93
CA VAL G 400 35.19 11.79 67.51
C VAL G 400 35.49 10.40 66.96
N VAL G 401 36.62 9.84 67.37
CA VAL G 401 37.06 8.54 66.91
C VAL G 401 36.06 7.44 67.26
N VAL G 402 35.42 7.57 68.42
CA VAL G 402 34.39 6.63 68.82
C VAL G 402 33.06 6.96 68.16
N ASN G 403 32.88 8.23 67.81
CA ASN G 403 31.65 8.64 67.16
C ASN G 403 31.58 8.00 65.78
N LYS G 404 32.73 7.85 65.15
CA LYS G 404 32.80 7.19 63.85
C LYS G 404 32.74 5.68 64.05
N LEU G 405 33.22 5.24 65.21
CA LEU G 405 33.15 3.84 65.60
C LEU G 405 31.69 3.46 65.89
N HIS G 406 30.96 4.47 66.31
CA HIS G 406 29.53 4.43 66.45
C HIS G 406 28.87 4.24 65.11
N LYS G 407 29.40 4.98 64.16
CA LYS G 407 28.76 5.25 62.91
C LYS G 407 28.58 3.94 62.24
N TYR G 408 29.67 3.19 62.19
CA TYR G 408 29.65 1.88 61.57
C TYR G 408 28.74 0.92 62.28
N SER G 409 28.84 0.86 63.60
CA SER G 409 27.98 0.00 64.38
C SER G 409 28.42 -0.19 65.82
N LEU G 410 29.72 -0.29 66.01
CA LEU G 410 30.29 -0.98 67.14
C LEU G 410 30.04 -0.50 68.57
N VAL G 411 30.10 0.79 68.84
CA VAL G 411 30.21 1.16 70.22
C VAL G 411 29.00 2.04 70.26
N GLU G 412 27.87 1.45 70.60
CA GLU G 412 26.64 2.23 70.70
C GLU G 412 26.96 3.38 71.67
N LYS G 413 27.04 4.60 71.12
CA LYS G 413 27.13 5.78 71.95
C LYS G 413 25.76 6.08 72.53
N GLN G 414 25.73 6.72 73.69
CA GLN G 414 24.47 7.00 74.37
C GLN G 414 24.60 8.28 75.20
N PRO G 415 23.46 8.96 75.46
CA PRO G 415 23.44 10.17 76.28
C PRO G 415 23.96 9.93 77.70
N SER G 418 27.43 11.16 79.65
CA SER G 418 27.90 11.03 78.27
C SER G 418 28.58 9.67 78.08
N THR G 419 28.20 8.71 78.92
CA THR G 419 28.81 7.39 78.90
C THR G 419 28.50 6.63 77.61
N ILE G 420 29.21 5.52 77.39
CA ILE G 420 29.02 4.71 76.19
C ILE G 420 28.76 3.26 76.55
N SER G 421 27.71 2.68 75.95
CA SER G 421 27.39 1.26 76.15
C SER G 421 27.62 0.48 74.87
N ILE G 422 28.36 -0.62 74.98
CA ILE G 422 28.84 -1.36 73.84
C ILE G 422 28.19 -2.76 73.82
N PRO G 423 27.55 -3.15 72.68
CA PRO G 423 26.78 -4.41 72.56
C PRO G 423 27.58 -5.70 72.31
N SER G 424 27.39 -6.65 73.22
CA SER G 424 28.23 -7.85 73.40
C SER G 424 28.68 -8.69 72.19
N ILE G 425 27.82 -8.82 71.18
CA ILE G 425 28.02 -9.82 70.13
C ILE G 425 29.40 -9.76 69.45
N TYR G 426 29.89 -8.57 69.10
CA TYR G 426 31.25 -8.50 68.58
C TYR G 426 32.18 -8.07 69.70
N LEU G 427 31.60 -7.79 70.87
CA LEU G 427 32.35 -7.33 72.03
C LEU G 427 33.01 -8.49 72.75
N GLU G 428 32.20 -9.31 73.40
CA GLU G 428 32.71 -10.34 74.30
C GLU G 428 33.45 -11.47 73.56
N LEU G 429 32.81 -11.99 72.52
CA LEU G 429 33.30 -13.16 71.82
C LEU G 429 34.55 -12.87 71.03
N LYS G 430 34.41 -12.01 70.04
CA LYS G 430 35.44 -11.76 69.04
C LYS G 430 36.80 -11.32 69.58
N VAL G 431 36.83 -10.29 70.43
CA VAL G 431 38.10 -9.68 70.82
C VAL G 431 38.85 -10.46 71.90
N LYS G 432 38.14 -11.27 72.67
CA LYS G 432 38.75 -12.04 73.74
C LYS G 432 39.73 -13.05 73.18
N LEU G 433 39.36 -13.65 72.04
CA LEU G 433 40.19 -14.64 71.38
C LEU G 433 41.53 -14.04 70.91
N GLU G 434 41.44 -12.96 70.15
CA GLU G 434 42.65 -12.32 69.62
C GLU G 434 43.10 -11.15 70.50
N ASN G 435 44.19 -11.37 71.24
CA ASN G 435 44.76 -10.31 72.07
C ASN G 435 46.25 -10.47 72.26
N GLU G 436 46.97 -9.35 72.13
CA GLU G 436 48.38 -9.28 72.46
C GLU G 436 48.46 -8.73 73.88
N TYR G 437 49.60 -8.88 74.55
CA TYR G 437 49.67 -8.39 75.92
C TYR G 437 49.95 -6.90 75.97
N ALA G 438 49.00 -6.12 75.48
CA ALA G 438 48.96 -4.69 75.76
C ALA G 438 48.16 -4.50 77.05
N LEU G 439 47.68 -5.62 77.59
CA LEU G 439 46.84 -5.62 78.79
C LEU G 439 47.54 -5.00 79.99
N HIS G 440 48.83 -5.30 80.12
CA HIS G 440 49.66 -4.76 81.20
C HIS G 440 49.51 -3.25 81.29
N ARG G 441 49.59 -2.59 80.14
CA ARG G 441 49.43 -1.15 80.09
C ARG G 441 47.98 -0.74 80.33
N SER G 442 47.06 -1.49 79.75
CA SER G 442 45.63 -1.20 79.88
C SER G 442 45.16 -1.35 81.32
N ILE G 443 45.64 -2.40 82.00
CA ILE G 443 45.19 -2.69 83.35
C ILE G 443 45.93 -1.85 84.39
N VAL G 444 47.17 -1.46 84.09
CA VAL G 444 47.91 -0.59 84.99
C VAL G 444 47.38 0.82 84.84
N ASP G 445 46.77 1.09 83.69
CA ASP G 445 46.11 2.35 83.45
C ASP G 445 44.90 2.44 84.37
N HIS G 446 44.28 1.28 84.61
CA HIS G 446 43.11 1.21 85.47
C HIS G 446 43.49 1.35 86.93
N TYR G 447 44.77 1.19 87.25
CA TYR G 447 45.23 1.57 88.58
C TYR G 447 45.40 3.08 88.62
N ASN G 448 45.86 3.62 87.49
CA ASN G 448 46.21 5.03 87.42
C ASN G 448 45.02 5.98 87.56
N ILE G 449 43.84 5.58 87.10
CA ILE G 449 42.74 6.53 87.08
C ILE G 449 42.05 6.69 88.45
N PRO G 450 41.81 5.59 89.21
CA PRO G 450 41.32 5.96 90.54
C PRO G 450 42.44 6.37 91.50
N LYS G 451 43.69 6.32 91.03
CA LYS G 451 44.79 6.94 91.75
C LYS G 451 44.69 8.44 91.59
N THR G 452 44.33 8.87 90.38
CA THR G 452 44.05 10.28 90.10
C THR G 452 42.80 10.72 90.85
N PHE G 453 41.71 9.97 90.67
CA PHE G 453 40.47 10.22 91.40
C PHE G 453 40.68 10.06 92.91
N ASP G 454 40.83 11.17 93.61
CA ASP G 454 41.09 11.13 95.04
C ASP G 454 40.64 12.40 95.76
N SER G 455 39.81 12.24 96.78
CA SER G 455 39.41 13.35 97.64
C SER G 455 40.13 13.24 98.97
N ASP G 456 40.03 14.28 99.79
CA ASP G 456 40.68 14.30 101.09
C ASP G 456 40.19 13.16 101.98
N ASP G 457 38.88 13.02 102.11
CA ASP G 457 38.30 11.92 102.88
C ASP G 457 38.10 10.70 101.99
N LEU G 458 37.27 9.77 102.45
CA LEU G 458 37.14 8.47 101.79
C LEU G 458 36.06 8.45 100.70
N ILE G 459 35.49 9.62 100.40
CA ILE G 459 34.46 9.71 99.36
C ILE G 459 35.07 10.12 98.02
N PRO G 460 35.08 9.20 97.05
CA PRO G 460 35.63 9.46 95.72
C PRO G 460 34.59 10.03 94.76
N PRO G 461 35.05 10.66 93.66
CA PRO G 461 34.17 11.12 92.59
C PRO G 461 33.89 10.04 91.55
N TYR G 462 33.17 9.00 91.95
CA TYR G 462 32.79 7.90 91.06
C TYR G 462 31.72 8.30 90.06
N LEU G 463 31.87 7.86 88.81
CA LEU G 463 30.78 7.96 87.84
C LEU G 463 29.79 6.90 88.15
N ASP G 464 28.48 7.22 88.05
CA ASP G 464 27.35 6.40 88.48
C ASP G 464 27.34 4.91 88.47
N GLN G 465 27.61 4.31 87.32
CA GLN G 465 27.59 2.84 87.23
C GLN G 465 28.96 2.20 87.10
N TYR G 466 29.73 2.58 86.08
CA TYR G 466 31.01 1.95 85.76
C TYR G 466 31.85 1.72 87.00
N PHE G 467 32.27 2.82 87.61
CA PHE G 467 33.23 2.80 88.70
C PHE G 467 32.87 1.82 89.80
N TYR G 468 31.62 1.85 90.25
CA TYR G 468 31.18 0.96 91.32
C TYR G 468 31.31 -0.51 90.96
N SER G 469 30.90 -0.87 89.75
CA SER G 469 30.92 -2.27 89.35
C SER G 469 32.27 -2.73 88.81
N HIS G 470 32.97 -1.84 88.12
CA HIS G 470 34.12 -2.25 87.33
C HIS G 470 35.44 -2.10 88.07
N ILE G 471 35.48 -1.20 89.06
CA ILE G 471 36.72 -0.97 89.79
C ILE G 471 37.20 -2.27 90.42
N GLY G 472 36.26 -3.05 90.95
CA GLY G 472 36.58 -4.28 91.64
C GLY G 472 37.23 -5.32 90.74
N HIS G 473 36.76 -5.37 89.50
CA HIS G 473 37.25 -6.32 88.52
C HIS G 473 38.70 -6.00 88.13
N HIS G 474 38.95 -4.73 87.82
CA HIS G 474 40.28 -4.30 87.43
C HIS G 474 41.27 -4.33 88.59
N LEU G 475 40.78 -4.02 89.80
CA LEU G 475 41.61 -4.05 91.00
C LEU G 475 42.09 -5.46 91.30
N LYS G 476 41.22 -6.45 91.10
CA LYS G 476 41.59 -7.84 91.30
C LYS G 476 42.71 -8.22 90.34
N ASN G 477 42.63 -7.69 89.11
CA ASN G 477 43.61 -7.99 88.08
C ASN G 477 44.98 -7.38 88.40
N ILE G 478 45.00 -6.15 88.90
CA ILE G 478 46.28 -5.48 89.13
C ILE G 478 47.05 -6.02 90.35
N GLU G 479 46.46 -5.92 91.54
CA GLU G 479 47.13 -6.26 92.80
C GLU G 479 46.18 -6.28 93.99
N HIS G 480 46.71 -6.63 95.16
CA HIS G 480 45.92 -6.71 96.39
C HIS G 480 45.79 -5.41 97.21
N PRO G 481 46.84 -4.56 97.26
CA PRO G 481 46.71 -3.46 98.22
C PRO G 481 45.63 -2.45 97.89
N GLU G 482 45.35 -2.26 96.60
CA GLU G 482 44.34 -1.29 96.18
C GLU G 482 42.94 -1.87 96.33
N ARG G 483 42.83 -3.19 96.14
CA ARG G 483 41.59 -3.87 96.43
C ARG G 483 41.23 -3.71 97.90
N MET G 484 42.26 -3.84 98.74
CA MET G 484 42.11 -3.72 100.19
C MET G 484 41.42 -2.42 100.59
N THR G 485 41.85 -1.32 99.98
CA THR G 485 41.33 0.00 100.33
C THR G 485 40.07 0.39 99.55
N LEU G 486 40.09 0.21 98.23
CA LEU G 486 39.01 0.71 97.38
C LEU G 486 37.70 -0.08 97.53
N PHE G 487 37.81 -1.39 97.74
CA PHE G 487 36.63 -2.19 98.05
C PHE G 487 36.00 -1.69 99.33
N ARG G 488 36.85 -1.11 100.17
CA ARG G 488 36.47 -0.62 101.47
C ARG G 488 35.80 -1.75 102.23
N MET G 489 36.53 -2.84 102.33
CA MET G 489 36.26 -3.87 103.31
C MET G 489 36.93 -3.39 104.57
N VAL G 490 37.98 -2.59 104.36
CA VAL G 490 38.67 -1.90 105.43
C VAL G 490 37.92 -0.61 105.77
N PHE G 491 37.45 0.09 104.75
CA PHE G 491 36.76 1.36 104.96
C PHE G 491 35.25 1.15 105.08
N LEU G 492 34.60 1.87 105.99
CA LEU G 492 33.16 1.75 106.13
C LEU G 492 32.43 2.52 105.02
N ASP G 493 33.19 3.30 104.26
CA ASP G 493 32.61 4.30 103.37
C ASP G 493 31.98 3.76 102.09
N PHE G 494 32.42 2.60 101.62
CA PHE G 494 31.81 2.02 100.41
C PHE G 494 30.58 1.21 100.78
N ARG G 495 30.52 0.77 102.03
CA ARG G 495 29.29 0.21 102.54
C ARG G 495 28.23 1.30 102.49
N PHE G 496 28.66 2.52 102.78
CA PHE G 496 27.80 3.69 102.68
C PHE G 496 27.46 3.97 101.22
N LEU G 497 28.45 4.43 100.45
CA LEU G 497 28.24 4.86 99.07
C LEU G 497 27.62 3.79 98.17
N GLU G 498 28.42 2.79 97.80
CA GLU G 498 28.00 1.72 96.88
C GLU G 498 26.57 1.23 97.07
N GLN G 499 26.15 1.11 98.32
CA GLN G 499 24.83 0.59 98.66
C GLN G 499 23.72 1.58 98.29
N LYS G 500 23.90 2.85 98.63
CA LYS G 500 22.81 3.82 98.53
C LYS G 500 22.66 4.43 97.14
N ILE G 501 23.73 4.41 96.35
CA ILE G 501 23.64 4.89 94.97
C ILE G 501 23.07 3.79 94.08
N ARG G 502 23.50 2.55 94.36
CA ARG G 502 22.92 1.38 93.70
C ARG G 502 21.59 1.00 94.32
N HIS G 503 20.67 1.96 94.37
CA HIS G 503 19.35 1.75 94.96
C HIS G 503 18.25 1.90 93.91
N ASN G 516 21.14 -3.99 93.41
CA ASN G 516 21.10 -3.47 94.78
C ASN G 516 22.21 -4.06 95.63
N THR G 517 21.84 -4.62 96.77
CA THR G 517 22.79 -5.26 97.69
C THR G 517 23.44 -6.47 97.01
N LEU G 518 22.76 -6.99 96.00
CA LEU G 518 23.17 -8.19 95.31
C LEU G 518 24.55 -8.05 94.69
N GLN G 519 24.66 -7.12 93.75
CA GLN G 519 25.90 -6.93 93.02
C GLN G 519 27.03 -6.55 93.97
N GLN G 520 26.69 -5.85 95.04
CA GLN G 520 27.65 -5.54 96.10
C GLN G 520 28.16 -6.85 96.69
N LEU G 521 27.22 -7.71 97.09
CA LEU G 521 27.53 -9.05 97.55
C LEU G 521 28.28 -9.84 96.49
N LYS G 522 27.96 -9.58 95.23
CA LYS G 522 28.59 -10.25 94.10
C LYS G 522 30.02 -9.78 93.87
N PHE G 523 30.34 -8.58 94.35
CA PHE G 523 31.70 -8.11 94.27
C PHE G 523 32.55 -8.85 95.28
N TYR G 524 32.13 -8.75 96.54
CA TYR G 524 32.94 -9.21 97.66
C TYR G 524 33.37 -10.67 97.56
N LYS G 525 32.48 -11.56 97.14
CA LYS G 525 32.77 -13.00 97.25
C LYS G 525 33.84 -13.53 96.27
N PRO G 526 33.71 -13.27 94.97
CA PRO G 526 34.80 -13.81 94.14
C PRO G 526 36.08 -12.99 94.20
N TYR G 527 36.02 -11.79 94.76
CA TYR G 527 37.15 -10.88 94.72
C TYR G 527 38.11 -10.98 95.93
N ILE G 528 37.76 -11.76 96.96
CA ILE G 528 38.63 -11.85 98.14
C ILE G 528 39.96 -12.55 97.86
N CYS G 529 40.03 -13.27 96.75
CA CYS G 529 41.19 -14.08 96.44
C CYS G 529 42.48 -13.25 96.38
N ASP G 530 42.35 -12.01 95.92
CA ASP G 530 43.49 -11.12 95.77
C ASP G 530 44.12 -10.78 97.13
N ASP G 532 46.19 -10.79 101.99
CA ASP G 532 46.64 -12.08 102.53
C ASP G 532 45.53 -12.71 103.37
N PRO G 533 45.58 -14.04 103.58
CA PRO G 533 44.56 -14.79 104.33
C PRO G 533 44.05 -14.14 105.62
N LYS G 534 44.90 -13.38 106.31
CA LYS G 534 44.50 -12.75 107.57
C LYS G 534 43.41 -11.72 107.33
N TYR G 535 43.60 -10.91 106.28
CA TYR G 535 42.57 -9.96 105.87
C TYR G 535 41.47 -10.70 105.12
N GLU G 536 41.79 -11.89 104.60
CA GLU G 536 40.82 -12.64 103.78
C GLU G 536 39.69 -13.22 104.63
N ARG G 537 40.04 -13.83 105.75
CA ARG G 537 39.04 -14.32 106.70
C ARG G 537 38.20 -13.15 107.21
N LEU G 538 38.78 -11.96 107.11
CA LEU G 538 38.13 -10.74 107.54
C LEU G 538 37.09 -10.29 106.50
N VAL G 539 37.38 -10.44 105.21
CA VAL G 539 36.44 -10.01 104.18
C VAL G 539 35.19 -10.89 104.20
N ASN G 540 35.37 -12.17 104.50
CA ASN G 540 34.24 -13.08 104.50
C ASN G 540 33.39 -12.84 105.74
N ALA G 541 34.03 -12.32 106.77
CA ALA G 541 33.34 -11.92 107.99
C ALA G 541 32.47 -10.70 107.72
N ILE G 542 33.01 -9.71 107.03
CA ILE G 542 32.25 -8.53 106.67
C ILE G 542 31.28 -8.86 105.51
N LEU G 543 31.59 -9.94 104.80
CA LEU G 543 30.77 -10.38 103.68
C LEU G 543 29.40 -10.80 104.17
N ASP G 544 29.38 -11.65 105.18
CA ASP G 544 28.14 -12.20 105.70
C ASP G 544 27.25 -11.12 106.30
N PHE G 545 27.86 -10.17 107.00
CA PHE G 545 27.12 -9.08 107.64
C PHE G 545 26.49 -8.13 106.62
N LEU G 546 26.93 -8.24 105.37
CA LEU G 546 26.52 -7.30 104.33
C LEU G 546 25.08 -7.51 103.82
N PRO G 547 24.72 -8.74 103.38
CA PRO G 547 23.33 -8.86 102.95
C PRO G 547 22.40 -8.97 104.16
N LYS G 548 22.99 -9.22 105.32
CA LYS G 548 22.27 -9.36 106.58
C LYS G 548 21.41 -8.13 106.86
N ILE G 549 21.93 -6.96 106.48
CA ILE G 549 21.25 -5.69 106.76
C ILE G 549 21.51 -4.67 105.65
N TYR G 558 24.62 10.54 108.07
CA TYR G 558 25.99 10.01 108.18
C TYR G 558 26.30 9.12 109.39
N THR G 559 25.77 9.50 110.54
CA THR G 559 26.06 8.85 111.82
C THR G 559 25.72 7.35 111.84
N ASP G 560 24.53 6.99 111.34
CA ASP G 560 24.02 5.62 111.42
C ASP G 560 25.04 4.55 111.02
N LEU G 561 25.72 4.78 109.90
CA LEU G 561 26.69 3.84 109.36
C LEU G 561 27.76 3.46 110.37
N LEU G 562 28.25 4.45 111.11
CA LEU G 562 29.32 4.24 112.08
C LEU G 562 28.82 3.49 113.32
N ARG G 563 27.61 3.83 113.76
CA ARG G 563 27.06 3.27 114.99
C ARG G 563 26.80 1.77 114.88
N ILE G 564 26.45 1.31 113.68
CA ILE G 564 26.18 -0.11 113.48
C ILE G 564 27.47 -0.88 113.21
N ALA G 565 28.54 -0.15 112.89
CA ALA G 565 29.86 -0.76 112.74
C ALA G 565 30.47 -0.99 114.11
N LEU G 566 29.91 -0.32 115.12
CA LEU G 566 30.41 -0.34 116.49
C LEU G 566 30.19 -1.71 117.16
N MET G 567 29.25 -2.48 116.63
CA MET G 567 28.83 -3.72 117.29
C MET G 567 29.93 -4.79 117.34
N ALA G 568 30.72 -4.88 116.28
CA ALA G 568 31.80 -5.87 116.21
C ALA G 568 33.16 -5.20 116.33
N GLU G 569 33.77 -5.33 117.51
CA GLU G 569 35.05 -4.70 117.83
C GLU G 569 36.21 -5.24 116.98
N ASP G 570 36.04 -6.46 116.46
CA ASP G 570 37.11 -7.18 115.79
C ASP G 570 37.44 -6.69 114.38
N GLU G 571 36.61 -5.80 113.84
CA GLU G 571 36.71 -5.45 112.43
C GLU G 571 37.25 -4.05 112.18
N ALA G 572 37.98 -3.91 111.07
CA ALA G 572 38.54 -2.63 110.67
C ALA G 572 37.46 -1.70 110.12
N ILE G 573 36.28 -2.26 109.85
CA ILE G 573 35.16 -1.45 109.37
C ILE G 573 34.75 -0.49 110.48
N PHE G 574 35.02 -0.87 111.73
CA PHE G 574 34.81 0.02 112.85
C PHE G 574 35.98 0.99 112.98
N GLU G 575 37.20 0.48 112.78
CA GLU G 575 38.41 1.30 112.86
C GLU G 575 38.36 2.44 111.86
N GLU G 576 37.82 2.18 110.68
CA GLU G 576 37.68 3.20 109.67
C GLU G 576 36.43 4.03 109.91
N ALA G 577 35.40 3.40 110.48
CA ALA G 577 34.20 4.10 110.90
C ALA G 577 34.59 5.27 111.79
N HIS G 578 35.50 5.00 112.72
CA HIS G 578 35.98 5.99 113.67
C HIS G 578 36.77 7.10 112.97
N LYS G 579 37.38 6.78 111.84
CA LYS G 579 38.16 7.77 111.10
C LYS G 579 37.28 8.71 110.28
N GLN G 580 36.17 8.18 109.77
CA GLN G 580 35.32 8.96 108.88
C GLN G 580 34.29 9.81 109.62
N VAL G 581 34.08 9.51 110.91
CA VAL G 581 33.33 10.42 111.76
C VAL G 581 34.26 11.53 112.21
N GLN G 582 35.51 11.15 112.47
CA GLN G 582 36.58 12.09 112.82
C GLN G 582 36.68 13.20 111.78
N ARG G 583 36.53 12.84 110.51
CA ARG G 583 36.40 13.82 109.45
C ARG G 583 35.04 13.70 108.78
N UNK G 584 15.66 -7.38 109.47
CA UNK G 584 15.11 -8.58 108.87
C UNK G 584 16.15 -9.16 107.92
N UNK G 585 16.21 -10.48 107.88
CA UNK G 585 17.17 -11.17 107.03
C UNK G 585 17.10 -10.69 105.57
N UNK G 586 15.91 -10.33 105.10
CA UNK G 586 15.77 -9.86 103.73
C UNK G 586 14.65 -8.84 103.52
N UNK G 587 14.89 -7.88 102.64
CA UNK G 587 13.90 -6.86 102.33
C UNK G 587 13.82 -6.61 100.82
N UNK G 588 12.65 -6.88 100.25
CA UNK G 588 12.40 -6.75 98.83
C UNK G 588 11.52 -5.58 98.44
N UNK G 589 11.92 -4.84 97.42
CA UNK G 589 11.16 -3.70 96.94
C UNK G 589 10.88 -3.82 95.43
N UNK G 590 9.81 -4.56 95.06
CA UNK G 590 9.42 -4.77 93.66
C UNK G 590 8.13 -4.12 93.18
N UNK G 591 7.47 -3.37 94.04
CA UNK G 591 6.23 -2.72 93.64
C UNK G 591 6.41 -1.22 93.65
N UNK G 592 5.52 -0.50 92.96
CA UNK G 592 5.63 0.94 92.92
C UNK G 592 4.50 1.51 93.72
N UNK G 593 2.45 0.58 96.49
CA UNK G 593 2.30 -0.30 97.63
C UNK G 593 2.26 -1.78 97.23
N UNK G 594 2.85 -2.62 98.06
CA UNK G 594 2.86 -4.07 97.83
C UNK G 594 1.73 -4.61 98.67
N UNK G 595 0.80 -5.32 98.08
CA UNK G 595 -0.29 -5.83 98.88
C UNK G 595 -0.07 -7.23 99.42
N UNK G 596 0.52 -8.10 98.61
CA UNK G 596 0.76 -9.48 99.02
C UNK G 596 2.03 -9.98 98.36
N UNK G 597 2.65 -10.99 98.97
CA UNK G 597 3.87 -11.59 98.45
C UNK G 597 3.95 -12.98 99.05
N UNK G 598 4.64 -13.90 98.39
CA UNK G 598 4.75 -15.26 98.90
C UNK G 598 5.90 -16.05 98.28
N UNK G 599 6.26 -17.16 98.93
CA UNK G 599 7.35 -18.03 98.50
C UNK G 599 6.92 -19.09 97.50
N UNK G 600 7.86 -19.56 96.69
CA UNK G 600 7.56 -20.62 95.74
C UNK G 600 7.52 -21.86 96.62
N UNK G 601 6.95 -22.95 96.13
CA UNK G 601 6.87 -24.15 96.94
C UNK G 601 8.20 -24.65 97.45
N UNK G 602 9.29 -24.40 96.72
CA UNK G 602 10.61 -24.83 97.18
C UNK G 602 11.30 -23.69 97.92
N UNK G 603 10.60 -22.58 98.09
CA UNK G 603 11.18 -21.44 98.79
C UNK G 603 12.27 -20.67 98.05
N UNK G 604 12.65 -21.15 96.86
CA UNK G 604 13.69 -20.50 96.06
C UNK G 604 13.32 -19.16 95.45
N UNK G 605 12.02 -18.96 95.20
CA UNK G 605 11.55 -17.73 94.59
C UNK G 605 10.46 -17.06 95.40
N UNK G 606 10.16 -15.80 95.05
CA UNK G 606 9.12 -15.02 95.70
C UNK G 606 8.35 -14.23 94.66
N UNK G 607 7.02 -14.24 94.77
CA UNK G 607 6.21 -13.48 93.83
C UNK G 607 5.47 -12.47 94.71
N UNK G 608 5.30 -11.26 94.19
CA UNK G 608 4.65 -10.19 94.93
C UNK G 608 3.79 -9.39 94.00
N UNK G 609 2.60 -9.01 94.44
CA UNK G 609 1.69 -8.25 93.62
C UNK G 609 1.17 -7.07 94.42
N UNK G 610 1.16 -5.89 93.81
CA UNK G 610 0.69 -4.74 94.54
C UNK G 610 -0.18 -3.80 93.74
N UNK G 611 -0.26 -2.56 94.22
CA UNK G 611 -1.16 -1.59 93.63
C UNK G 611 -0.58 -1.03 92.35
N UNK G 612 0.63 -1.45 92.00
CA UNK G 612 1.22 -0.94 90.77
C UNK G 612 0.72 -1.75 89.56
N UNK G 613 -0.24 -2.65 89.81
CA UNK G 613 -0.88 -3.49 88.78
C UNK G 613 -0.04 -4.64 88.19
N UNK G 614 1.21 -4.78 88.61
CA UNK G 614 2.08 -5.83 88.06
C UNK G 614 2.30 -7.09 88.90
N UNK G 615 2.82 -8.14 88.28
CA UNK G 615 3.14 -9.40 88.96
C UNK G 615 4.65 -9.40 88.92
N UNK G 616 5.27 -9.62 90.07
CA UNK G 616 6.73 -9.62 90.12
C UNK G 616 7.26 -10.89 90.73
N UNK G 617 8.43 -11.32 90.25
CA UNK G 617 9.03 -12.52 90.78
C UNK G 617 10.53 -12.33 90.82
N UNK G 618 11.15 -12.84 91.88
CA UNK G 618 12.59 -12.73 92.11
C UNK G 618 13.10 -13.89 92.96
N UNK G 619 14.41 -14.12 92.90
CA UNK G 619 15.02 -15.19 93.68
C UNK G 619 14.87 -14.85 95.17
N UNK G 620 14.61 -15.86 95.99
CA UNK G 620 14.45 -15.63 97.42
C UNK G 620 15.80 -15.21 98.00
N UNK G 621 16.86 -15.82 97.49
CA UNK G 621 18.23 -15.54 97.93
C UNK G 621 18.72 -14.11 97.75
N UNK G 622 18.56 -13.55 96.56
CA UNK G 622 19.07 -12.21 96.26
C UNK G 622 18.16 -11.10 95.75
N UNK G 623 16.88 -11.39 95.53
CA UNK G 623 15.98 -10.35 95.04
C UNK G 623 16.18 -10.09 93.54
N UNK G 624 17.14 -10.81 92.99
CA UNK G 624 17.49 -10.76 91.59
C UNK G 624 16.20 -10.91 90.79
N UNK G 625 15.75 -9.85 90.14
CA UNK G 625 14.50 -9.93 89.39
C UNK G 625 14.44 -11.08 88.38
N UNK G 626 13.31 -11.79 88.39
CA UNK G 626 13.07 -12.91 87.48
C UNK G 626 11.94 -12.60 86.51
N UNK G 627 10.85 -12.04 86.99
CA UNK G 627 9.73 -11.67 86.12
C UNK G 627 9.16 -10.29 86.45
N UNK G 628 8.79 -9.53 85.41
CA UNK G 628 8.22 -8.20 85.56
C UNK G 628 7.01 -8.10 84.61
N UNK G 629 5.91 -8.74 84.98
CA UNK G 629 4.68 -8.80 84.20
C UNK G 629 3.67 -7.71 84.53
N UNK G 630 2.88 -7.29 83.55
CA UNK G 630 1.85 -6.29 83.77
C UNK G 630 0.54 -7.09 83.90
N UNK G 631 0.39 -7.78 85.03
CA UNK G 631 -0.77 -8.66 85.26
C UNK G 631 -2.22 -8.18 85.08
N UNK G 632 -2.58 -7.02 85.60
CA UNK G 632 -3.95 -6.57 85.45
C UNK G 632 -4.12 -5.11 85.12
N UNK G 633 -5.39 -4.73 85.03
CA UNK G 633 -5.79 -3.36 84.70
C UNK G 633 -6.36 -2.71 85.96
N UNK G 634 -6.60 -3.46 87.50
CA UNK G 634 -7.04 -2.93 88.78
C UNK G 634 -6.35 -3.70 89.91
N UNK G 635 -6.21 -3.03 91.06
CA UNK G 635 -5.49 -3.59 92.20
C UNK G 635 -5.79 -5.05 92.50
N UNK G 636 -4.79 -5.76 92.99
CA UNK G 636 -4.92 -7.17 93.32
C UNK G 636 -5.12 -7.34 94.81
N UNK G 637 -5.66 -8.49 95.21
CA UNK G 637 -5.93 -8.77 96.64
C UNK G 637 -5.37 -10.04 97.26
N UNK G 638 -4.98 -11.00 96.44
CA UNK G 638 -4.47 -12.25 96.98
C UNK G 638 -3.82 -13.06 95.87
N UNK G 639 -2.94 -13.97 96.25
CA UNK G 639 -2.22 -14.82 95.31
C UNK G 639 -1.73 -16.10 96.03
N UNK G 640 -1.62 -17.21 95.31
CA UNK G 640 -1.18 -18.46 95.91
C UNK G 640 -0.58 -19.39 94.91
N UNK G 641 0.11 -20.42 95.39
CA UNK G 641 0.76 -21.43 94.56
C UNK G 641 -0.11 -22.67 94.62
N UNK G 642 0.02 -23.55 93.64
CA UNK G 642 -0.75 -24.79 93.62
C UNK G 642 0.00 -25.79 94.48
N UNK G 643 -0.53 -27.00 94.61
CA UNK G 643 0.08 -28.04 95.42
C UNK G 643 1.49 -28.43 94.97
N UNK G 644 1.79 -28.32 93.68
CA UNK G 644 3.13 -28.67 93.20
C UNK G 644 3.86 -27.45 92.65
N UNK G 645 3.49 -26.27 93.13
CA UNK G 645 4.12 -25.03 92.70
C UNK G 645 4.12 -24.90 91.20
N UNK G 646 3.33 -25.70 90.52
CA UNK G 646 3.29 -25.63 89.06
C UNK G 646 2.57 -24.36 88.62
N UNK G 647 1.66 -23.89 89.47
CA UNK G 647 0.88 -22.72 89.14
C UNK G 647 0.82 -21.72 90.28
N UNK G 648 0.33 -20.53 89.95
CA UNK G 648 0.13 -19.44 90.88
C UNK G 648 -1.17 -18.79 90.43
N UNK G 649 -2.11 -18.61 91.33
CA UNK G 649 -3.33 -17.95 90.95
C UNK G 649 -3.25 -16.56 91.54
N UNK G 650 -4.13 -15.67 91.08
CA UNK G 650 -4.21 -14.31 91.60
C UNK G 650 -5.64 -13.90 91.39
N UNK G 651 -6.23 -13.28 92.40
CA UNK G 651 -7.59 -12.83 92.27
C UNK G 651 -7.52 -11.33 92.57
N UNK G 652 -8.33 -10.52 91.88
CA UNK G 652 -8.26 -9.08 92.09
C UNK G 652 -9.58 -8.35 92.12
N UNK G 653 -9.50 -7.03 92.22
CA UNK G 653 -10.67 -6.17 92.29
C UNK G 653 -11.41 -6.09 90.96
N UNK G 654 -10.81 -6.60 89.88
CA UNK G 654 -11.47 -6.57 88.60
C UNK G 654 -12.43 -7.75 88.55
N UNK G 655 -12.58 -8.39 89.71
CA UNK G 655 -13.49 -9.53 89.86
C UNK G 655 -13.02 -10.80 89.15
N UNK G 656 -11.81 -10.78 88.62
CA UNK G 656 -11.27 -11.95 87.93
C UNK G 656 -10.29 -12.75 88.78
N UNK G 657 -10.09 -14.01 88.38
CA UNK G 657 -9.16 -14.94 89.02
C UNK G 657 -8.26 -15.39 87.88
N UNK G 658 -6.97 -15.57 88.12
CA UNK G 658 -6.10 -15.98 87.03
C UNK G 658 -5.11 -17.06 87.40
N UNK G 659 -4.75 -17.89 86.42
CA UNK G 659 -3.81 -18.96 86.68
C UNK G 659 -2.58 -18.70 85.84
N UNK G 660 -1.40 -18.85 86.42
CA UNK G 660 -0.16 -18.60 85.71
C UNK G 660 0.81 -19.78 85.83
N UNK G 661 1.64 -19.96 84.81
CA UNK G 661 2.65 -20.99 84.83
C UNK G 661 3.70 -20.33 85.71
N UNK G 662 3.91 -20.86 86.90
CA UNK G 662 4.88 -20.26 87.81
C UNK G 662 6.27 -20.16 87.24
N UNK G 663 6.54 -20.90 86.17
CA UNK G 663 7.86 -20.90 85.57
C UNK G 663 8.06 -19.81 84.53
N UNK G 664 5.42 -17.60 83.64
CA UNK G 664 4.56 -16.46 83.90
C UNK G 664 3.51 -16.23 82.83
N UNK G 665 3.36 -17.17 81.92
CA UNK G 665 2.36 -17.02 80.88
C UNK G 665 0.95 -17.30 81.42
N UNK G 666 0.01 -16.42 81.11
CA UNK G 666 -1.38 -16.56 81.55
C UNK G 666 -1.85 -17.94 81.09
N UNK G 667 -2.35 -18.74 82.01
CA UNK G 667 -2.82 -20.08 81.69
C UNK G 667 -4.34 -20.14 81.84
N UNK G 668 -8.12 -17.41 82.43
CA UNK G 668 -8.75 -16.59 83.46
C UNK G 668 -10.20 -17.00 83.70
N UNK G 669 -10.66 -16.80 84.93
CA UNK G 669 -12.00 -17.15 85.32
C UNK G 669 -12.74 -15.92 85.81
N UNK G 670 -13.65 -15.39 85.00
CA UNK G 670 -14.43 -14.24 85.43
C UNK G 670 -15.84 -14.70 85.69
N UNK G 671 -16.25 -14.70 86.95
CA UNK G 671 -17.60 -15.12 87.31
C UNK G 671 -18.07 -14.46 88.58
N UNK G 672 -15.26 -14.05 92.40
CA UNK G 672 -14.89 -15.24 93.14
C UNK G 672 -13.78 -14.89 94.14
N UNK G 673 -14.08 -15.10 95.43
CA UNK G 673 -13.20 -14.79 96.56
C UNK G 673 -12.24 -15.89 96.99
N UNK G 674 -12.77 -17.10 97.15
CA UNK G 674 -11.95 -18.25 97.55
C UNK G 674 -11.43 -19.01 96.34
N UNK G 675 -10.20 -19.53 96.47
CA UNK G 675 -9.61 -20.42 95.47
C UNK G 675 -8.40 -21.13 96.07
N UNK G 676 -8.56 -22.44 96.24
CA UNK G 676 -7.56 -23.31 96.84
C UNK G 676 -7.42 -24.64 96.07
N UNK G 677 -6.19 -25.17 96.00
CA UNK G 677 -5.92 -26.42 95.28
C UNK G 677 -5.98 -27.61 96.21
N UNK G 678 -5.91 -28.81 95.65
CA UNK G 678 -5.91 -30.04 96.45
C UNK G 678 -4.50 -30.22 96.99
N UNK G 679 -4.36 -30.76 98.20
CA UNK G 679 -3.05 -30.94 98.83
C UNK G 679 -2.26 -32.13 98.33
N UNK G 680 -2.93 -33.27 98.21
CA UNK G 680 -2.26 -34.48 97.74
C UNK G 680 -1.73 -34.36 96.31
N UNK G 681 -0.44 -34.64 96.20
CA UNK G 681 0.31 -34.60 94.94
C UNK G 681 -0.26 -35.58 93.91
N UNK G 682 -1.34 -36.25 94.27
CA UNK G 682 -1.95 -37.21 93.39
C UNK G 682 -2.92 -36.51 92.43
N UNK G 683 -4.11 -36.19 92.92
CA UNK G 683 -5.13 -35.50 92.11
C UNK G 683 -4.85 -34.00 92.03
N UNK G 684 -5.45 -33.33 91.04
CA UNK G 684 -5.22 -31.91 90.81
C UNK G 684 -6.50 -31.10 90.62
N UNK G 685 -7.20 -30.80 91.71
CA UNK G 685 -8.45 -30.05 91.61
C UNK G 685 -8.32 -28.65 92.16
N UNK G 686 -9.25 -27.78 91.77
CA UNK G 686 -9.26 -26.41 92.23
C UNK G 686 -10.66 -26.11 92.72
N UNK G 687 -10.75 -25.50 93.90
CA UNK G 687 -12.03 -25.17 94.47
C UNK G 687 -12.15 -23.66 94.55
N UNK G 688 -13.31 -23.13 94.18
CA UNK G 688 -13.54 -21.70 94.21
C UNK G 688 -14.88 -21.35 94.84
N UNK G 689 -14.88 -20.28 95.63
CA UNK G 689 -16.08 -19.82 96.28
C UNK G 689 -16.35 -18.44 95.69
N UNK G 690 -17.62 -18.08 95.47
CA UNK G 690 -17.91 -16.78 94.88
C UNK G 690 -19.09 -16.07 95.53
N UNK G 691 -19.22 -14.79 95.23
CA UNK G 691 -20.32 -13.97 95.74
C UNK G 691 -21.63 -14.46 95.14
N UNK G 692 -21.55 -15.33 94.13
CA UNK G 692 -22.74 -15.84 93.48
C UNK G 692 -23.36 -17.00 94.27
N UNK G 693 -22.82 -17.24 95.46
CA UNK G 693 -23.31 -18.30 96.37
C UNK G 693 -22.86 -19.70 96.03
N UNK G 694 -22.13 -19.89 94.95
CA UNK G 694 -21.70 -21.23 94.62
C UNK G 694 -20.25 -21.47 94.91
N UNK G 695 -19.90 -22.75 94.83
CA UNK G 695 -18.56 -23.27 95.02
C UNK G 695 -18.33 -24.09 93.76
N UNK G 696 -17.10 -24.15 93.27
CA UNK G 696 -16.89 -24.94 92.08
C UNK G 696 -15.62 -25.76 92.15
N UNK G 697 -15.69 -26.98 91.61
CA UNK G 697 -14.54 -27.84 91.56
C UNK G 697 -14.16 -27.87 90.10
N UNK G 698 -12.89 -27.62 89.82
CA UNK G 698 -12.40 -27.62 88.44
C UNK G 698 -11.38 -28.71 88.35
N UNK G 699 -11.37 -29.41 87.22
CA UNK G 699 -10.41 -30.48 86.98
C UNK G 699 -9.50 -29.85 85.94
N UNK G 700 -8.38 -29.29 86.39
CA UNK G 700 -7.42 -28.63 85.51
C UNK G 700 -7.09 -29.43 84.26
N UNK G 701 -7.34 -30.73 84.31
CA UNK G 701 -7.08 -31.61 83.19
C UNK G 701 -8.33 -31.65 82.31
N UNK G 702 -9.12 -30.60 82.33
CA UNK G 702 -10.35 -30.57 81.54
C UNK G 702 -10.83 -29.15 81.28
N UNK G 703 -11.06 -28.82 80.02
CA UNK G 703 -11.51 -27.49 79.64
C UNK G 703 -12.82 -27.11 80.35
N UNK G 704 -13.37 -28.02 81.15
CA UNK G 704 -14.64 -27.74 81.81
C UNK G 704 -14.69 -27.80 83.34
N UNK G 705 -15.77 -27.24 83.87
CA UNK G 705 -16.05 -27.22 85.29
C UNK G 705 -16.35 -28.67 85.62
N UNK G 706 -16.12 -29.11 86.85
CA UNK G 706 -16.39 -30.50 87.19
C UNK G 706 -17.60 -30.64 88.08
N UNK G 707 -17.85 -29.62 88.87
CA UNK G 707 -18.98 -29.64 89.78
C UNK G 707 -19.31 -28.23 90.22
N UNK G 708 -20.56 -28.04 90.63
CA UNK G 708 -20.99 -26.74 91.10
C UNK G 708 -21.81 -26.99 92.35
N UNK G 709 -21.18 -26.82 93.50
CA UNK G 709 -21.86 -27.05 94.76
C UNK G 709 -22.90 -26.01 95.09
N UNK G 710 -24.18 -26.36 94.96
CA UNK G 710 -25.22 -25.41 95.32
C UNK G 710 -25.52 -25.62 96.80
N UNK G 711 -20.31 -11.67 101.89
CA UNK G 711 -19.61 -12.89 102.27
C UNK G 711 -18.15 -12.68 101.88
N UNK G 712 -17.28 -12.61 102.87
CA UNK G 712 -15.88 -12.35 102.60
C UNK G 712 -14.97 -13.53 102.48
N UNK G 713 -15.40 -14.70 102.91
CA UNK G 713 -14.51 -15.84 102.85
C UNK G 713 -15.29 -17.12 103.06
N UNK G 714 -14.75 -18.24 102.60
CA UNK G 714 -15.40 -19.55 102.69
C UNK G 714 -14.41 -20.66 102.37
N UNK G 715 -14.46 -21.73 103.15
CA UNK G 715 -13.57 -22.86 102.95
C UNK G 715 -14.31 -24.16 103.17
N UNK G 716 -14.02 -25.15 102.34
CA UNK G 716 -14.67 -26.43 102.52
C UNK G 716 -13.97 -27.06 103.71
N UNK G 717 -14.65 -27.96 104.39
CA UNK G 717 -14.03 -28.64 105.50
C UNK G 717 -13.12 -29.72 104.90
N UNK G 718 -12.12 -30.19 105.66
CA UNK G 718 -11.25 -31.21 105.12
C UNK G 718 -12.13 -32.36 104.66
N UNK G 719 -17.75 -32.49 103.78
CA UNK G 719 -19.17 -32.44 104.11
C UNK G 719 -19.69 -31.08 104.56
N UNK G 720 -18.81 -30.20 105.02
CA UNK G 720 -19.26 -28.88 105.46
C UNK G 720 -18.61 -27.75 104.71
N UNK G 721 -19.27 -26.60 104.71
CA UNK G 721 -18.75 -25.43 104.04
C UNK G 721 -18.81 -24.29 105.03
N UNK G 722 -17.65 -23.87 105.52
CA UNK G 722 -17.61 -22.79 106.48
C UNK G 722 -17.71 -21.47 105.70
N UNK G 723 -18.38 -20.50 106.29
CA UNK G 723 -18.54 -19.22 105.62
C UNK G 723 -18.39 -18.08 106.59
N UNK G 724 -17.67 -17.06 106.14
CA UNK G 724 -17.33 -15.90 106.94
C UNK G 724 -17.84 -14.62 106.28
N UNK G 725 -18.50 -13.77 107.06
CA UNK G 725 -19.08 -12.54 106.52
C UNK G 725 -18.92 -11.28 107.35
N UNK G 726 -19.52 -10.22 106.85
CA UNK G 726 -19.50 -8.91 107.50
C UNK G 726 -20.67 -8.81 108.48
N UNK G 727 -21.63 -9.71 108.35
CA UNK G 727 -22.78 -9.69 109.23
C UNK G 727 -22.42 -10.15 110.63
N UNK G 728 -21.14 -10.36 110.89
CA UNK G 728 -20.71 -10.77 112.21
C UNK G 728 -20.89 -12.24 112.56
N UNK G 729 -21.04 -13.09 111.54
CA UNK G 729 -21.22 -14.51 111.80
C UNK G 729 -20.19 -15.41 111.13
N UNK G 730 -20.13 -16.64 111.63
CA UNK G 730 -19.30 -17.69 111.04
C UNK G 730 -20.46 -18.63 110.75
N UNK G 731 -20.40 -19.39 109.67
CA UNK G 731 -21.54 -20.24 109.40
C UNK G 731 -21.14 -21.55 108.77
N UNK G 732 -21.85 -22.61 109.13
CA UNK G 732 -21.55 -23.90 108.57
C UNK G 732 -22.68 -24.43 107.74
N UNK G 733 -22.55 -24.34 106.43
CA UNK G 733 -23.56 -24.85 105.55
C UNK G 733 -23.26 -26.33 105.31
N UNK G 734 -24.26 -27.09 104.89
CA UNK G 734 -24.12 -28.51 104.63
C UNK G 734 -23.99 -28.72 103.13
N UNK G 735 -22.80 -29.03 102.67
CA UNK G 735 -22.56 -29.21 101.24
C UNK G 735 -23.59 -30.06 100.49
N UNK G 736 -23.77 -31.30 100.92
CA UNK G 736 -24.70 -32.19 100.24
C UNK G 736 -26.09 -31.60 100.02
N UNK G 737 -26.49 -30.64 100.83
CA UNK G 737 -27.82 -30.07 100.68
C UNK G 737 -27.90 -28.55 100.65
N UNK G 738 -26.75 -27.88 100.75
CA UNK G 738 -26.70 -26.41 100.74
C UNK G 738 -27.62 -25.78 101.78
N UNK G 739 -27.76 -26.40 102.94
CA UNK G 739 -28.61 -25.91 104.04
C UNK G 739 -27.79 -25.29 105.15
N UNK G 740 -28.33 -24.28 105.81
CA UNK G 740 -27.57 -23.66 106.91
C UNK G 740 -27.70 -24.57 108.14
N UNK G 741 -26.57 -25.09 108.64
CA UNK G 741 -26.59 -25.95 109.82
C UNK G 741 -26.39 -25.16 111.10
N UNK G 742 -25.43 -24.23 111.12
CA UNK G 742 -25.21 -23.41 112.30
C UNK G 742 -24.78 -22.01 111.92
N UNK G 743 -24.78 -21.14 112.91
CA UNK G 743 -24.37 -19.76 112.72
C UNK G 743 -23.76 -19.33 114.05
N UNK G 744 -22.58 -18.73 114.00
CA UNK G 744 -21.91 -18.30 115.22
C UNK G 744 -21.67 -16.80 115.23
N UNK G 745 -22.45 -16.10 116.05
CA UNK G 745 -22.31 -14.66 116.15
C UNK G 745 -21.01 -14.28 116.87
N UNK G 746 -20.29 -13.32 116.32
CA UNK G 746 -19.08 -12.88 116.98
C UNK G 746 -19.41 -11.60 117.77
N UNK G 747 -19.47 -11.81 119.09
CA UNK G 747 -19.84 -10.80 120.09
C UNK G 747 -18.70 -10.53 121.08
N UNK G 748 -17.47 -10.52 120.62
CA UNK G 748 -16.34 -10.30 121.52
C UNK G 748 -15.89 -8.87 121.48
N UNK G 749 -16.81 -8.00 121.06
CA UNK G 749 -16.50 -6.58 120.94
C UNK G 749 -17.57 -5.69 121.59
N UNK G 750 -17.10 -4.70 122.33
CA UNK G 750 -17.98 -3.80 123.08
C UNK G 750 -17.68 -2.33 122.77
N UNK G 751 -11.88 -12.23 107.14
CA UNK G 751 -10.72 -13.09 106.86
C UNK G 751 -11.06 -14.50 107.36
N UNK G 752 -10.66 -15.53 106.63
CA UNK G 752 -10.93 -16.89 107.10
C UNK G 752 -10.19 -17.93 106.32
N UNK G 753 -9.00 -18.28 106.83
CA UNK G 753 -8.13 -19.25 106.21
C UNK G 753 -8.09 -20.63 106.84
N UNK G 754 -7.67 -21.59 106.03
CA UNK G 754 -7.57 -23.00 106.41
C UNK G 754 -6.25 -23.36 107.07
N UNK G 755 -6.24 -24.51 107.73
CA UNK G 755 -5.02 -24.97 108.36
C UNK G 755 -4.22 -25.68 107.28
N UNK G 756 -2.99 -26.08 107.61
CA UNK G 756 -2.12 -26.73 106.65
C UNK G 756 -2.68 -28.05 106.13
N UNK G 757 -3.25 -28.82 107.04
CA UNK G 757 -3.82 -30.10 106.69
C UNK G 757 -5.24 -29.97 106.16
N UNK G 758 -5.77 -28.75 106.15
CA UNK G 758 -7.12 -28.54 105.66
C UNK G 758 -8.18 -29.15 106.57
N UNK G 759 -7.78 -29.48 107.79
CA UNK G 759 -8.69 -30.07 108.75
C UNK G 759 -9.16 -29.09 109.82
N UNK G 760 -8.75 -27.83 109.69
CA UNK G 760 -9.17 -26.83 110.65
C UNK G 760 -9.27 -25.49 109.94
N UNK G 761 -10.07 -24.58 110.47
CA UNK G 761 -10.25 -23.28 109.86
C UNK G 761 -10.33 -22.21 110.93
N UNK G 762 -9.65 -21.07 110.74
CA UNK G 762 -9.77 -20.03 111.76
C UNK G 762 -10.60 -18.94 111.13
N UNK G 763 -11.37 -18.22 111.95
CA UNK G 763 -12.19 -17.11 111.45
C UNK G 763 -12.16 -15.98 112.46
N UNK G 764 -12.53 -14.78 111.99
CA UNK G 764 -12.51 -13.60 112.84
C UNK G 764 -13.82 -12.83 112.81
N UNK G 765 -14.17 -12.25 113.96
CA UNK G 765 -15.39 -11.45 114.11
C UNK G 765 -15.32 -10.58 115.37
N UNK G 766 -15.85 -9.36 115.25
CA UNK G 766 -15.85 -8.39 116.35
C UNK G 766 -14.51 -8.39 117.09
N UNK G 767 -14.50 -9.02 118.26
CA UNK G 767 -13.28 -9.11 119.07
C UNK G 767 -12.54 -10.42 119.12
N UNK G 768 -12.99 -11.43 118.38
CA UNK G 768 -12.28 -12.70 118.50
C UNK G 768 -11.93 -13.43 117.23
N UNK G 769 -10.95 -14.31 117.37
CA UNK G 769 -10.50 -15.19 116.31
C UNK G 769 -10.97 -16.52 116.86
N UNK G 770 -11.53 -17.37 116.02
CA UNK G 770 -12.05 -18.67 116.47
C UNK G 770 -11.53 -19.80 115.62
N UNK G 771 -11.13 -20.89 116.25
CA UNK G 771 -10.64 -22.04 115.53
C UNK G 771 -11.66 -23.16 115.50
N UNK G 772 -12.09 -23.51 114.30
CA UNK G 772 -13.07 -24.56 114.11
C UNK G 772 -12.53 -25.83 113.51
N UNK G 773 -13.19 -26.93 113.85
CA UNK G 773 -12.84 -28.23 113.34
C UNK G 773 -13.71 -28.41 112.10
N UNK G 774 -13.09 -28.38 110.92
CA UNK G 774 -13.82 -28.51 109.65
C UNK G 774 -14.83 -29.66 109.61
N UNK G 775 -16.22 -32.07 112.67
CA UNK G 775 -17.18 -31.93 113.75
C UNK G 775 -17.83 -30.55 113.85
N UNK G 776 -17.18 -29.53 113.30
CA UNK G 776 -17.70 -28.16 113.34
C UNK G 776 -17.59 -27.63 114.78
N UNK G 777 -16.65 -28.20 115.52
CA UNK G 777 -16.45 -27.78 116.89
C UNK G 777 -15.54 -26.60 117.00
N UNK G 778 -15.72 -25.83 118.06
CA UNK G 778 -14.91 -24.66 118.32
C UNK G 778 -13.71 -25.12 119.12
N UNK G 779 -12.57 -25.26 118.46
CA UNK G 779 -11.36 -25.71 119.14
C UNK G 779 -10.60 -24.62 119.88
N UNK G 780 -10.97 -23.36 119.67
CA UNK G 780 -10.26 -22.29 120.35
C UNK G 780 -10.91 -20.92 120.19
N UNK G 781 -10.69 -20.09 121.19
CA UNK G 781 -11.28 -18.76 121.20
C UNK G 781 -10.34 -17.78 121.88
N UNK G 782 -9.51 -17.10 121.11
CA UNK G 782 -8.63 -16.11 121.70
C UNK G 782 -9.33 -14.76 121.56
N UNK G 783 -6.80 -13.66 122.35
CA UNK G 783 -7.45 -12.35 122.37
C UNK G 783 -6.40 -11.31 122.05
N UNK G 784 -6.69 -10.53 121.02
CA UNK G 784 -5.75 -9.53 120.54
C UNK G 784 -5.82 -8.20 121.27
N UNK G 785 -8.50 -3.58 119.16
CA UNK G 785 -8.32 -2.94 117.86
C UNK G 785 -9.09 -3.86 116.95
N UNK G 786 -8.70 -3.98 115.69
CA UNK G 786 -9.39 -4.90 114.78
C UNK G 786 -8.41 -5.56 113.82
N UNK G 787 -8.45 -6.89 113.78
CA UNK G 787 -7.57 -7.65 112.90
C UNK G 787 -7.91 -7.27 111.47
N UNK G 788 -6.92 -6.80 110.73
CA UNK G 788 -7.12 -6.37 109.35
C UNK G 788 -6.95 -7.52 108.34
N UNK G 789 -6.15 -8.53 108.70
CA UNK G 789 -5.97 -9.69 107.83
C UNK G 789 -5.23 -10.82 108.55
N UNK G 790 -5.33 -12.03 108.00
CA UNK G 790 -4.67 -13.19 108.60
C UNK G 790 -4.48 -14.36 107.62
N UNK G 791 -3.87 -15.44 108.08
CA UNK G 791 -3.70 -16.61 107.25
C UNK G 791 -3.23 -17.74 108.12
N UNK G 792 -3.91 -18.87 107.96
CA UNK G 792 -3.65 -20.06 108.72
C UNK G 792 -2.65 -20.95 107.99
N UNK G 793 -1.59 -21.34 108.69
CA UNK G 793 -0.54 -22.17 108.13
C UNK G 793 -1.04 -23.60 107.88
N UNK G 794 -0.20 -24.45 107.24
CA UNK G 794 -0.67 -25.81 107.01
C UNK G 794 -0.01 -26.76 108.04
N UNK G 795 0.86 -26.19 108.88
CA UNK G 795 1.56 -26.94 109.92
C UNK G 795 1.64 -26.14 111.20
N UNK G 796 2.01 -26.80 112.29
CA UNK G 796 2.14 -26.17 113.60
C UNK G 796 0.96 -25.29 114.02
N UNK G 797 -0.19 -25.49 113.39
CA UNK G 797 -1.40 -24.71 113.68
C UNK G 797 -1.03 -23.23 113.76
N UNK G 798 -0.05 -22.81 112.98
CA UNK G 798 0.36 -21.41 113.01
C UNK G 798 -0.62 -20.55 112.26
N UNK G 799 -0.78 -19.33 112.74
CA UNK G 799 -1.67 -18.39 112.11
C UNK G 799 -1.00 -17.03 112.16
N UNK G 800 -0.96 -16.33 111.03
CA UNK G 800 -0.37 -15.01 111.00
C UNK G 800 -1.47 -14.02 110.76
N UNK G 801 -1.46 -12.95 111.54
CA UNK G 801 -2.48 -11.94 111.39
C UNK G 801 -1.86 -10.57 111.44
N UNK G 802 -2.30 -9.69 110.54
CA UNK G 802 -1.82 -8.33 110.54
C UNK G 802 -2.77 -7.75 111.57
N UNK G 803 0.30 -1.78 110.96
CA UNK G 803 1.66 -2.33 110.89
C UNK G 803 2.17 -3.31 111.97
N UNK G 804 1.30 -3.79 112.83
CA UNK G 804 1.72 -4.76 113.84
C UNK G 804 1.46 -6.12 113.25
N UNK G 805 2.45 -6.99 113.30
CA UNK G 805 2.27 -8.32 112.73
C UNK G 805 2.71 -9.35 113.73
N UNK G 806 1.79 -10.22 114.13
CA UNK G 806 2.15 -11.26 115.07
C UNK G 806 1.60 -12.59 114.64
N UNK G 807 2.39 -13.65 114.76
CA UNK G 807 1.87 -14.97 114.40
C UNK G 807 1.63 -15.72 115.68
N UNK G 808 0.44 -16.33 115.75
CA UNK G 808 -0.03 -17.09 116.89
C UNK G 808 -0.07 -18.58 116.67
N UNK G 809 -0.27 -19.29 117.77
CA UNK G 809 -0.33 -20.73 117.78
C UNK G 809 -1.75 -21.14 118.21
N UNK G 810 -2.61 -21.43 117.24
CA UNK G 810 -3.97 -21.87 117.57
C UNK G 810 -3.72 -23.16 118.34
N UNK G 811 -4.72 -23.70 119.03
CA UNK G 811 -4.50 -24.92 119.79
C UNK G 811 -3.77 -24.60 121.10
N UNK G 812 -3.24 -21.41 121.70
CA UNK G 812 -3.91 -20.11 121.88
C UNK G 812 -3.00 -19.06 122.48
N UNK G 813 -1.72 -19.10 122.11
CA UNK G 813 -0.73 -18.16 122.61
C UNK G 813 0.06 -17.48 121.50
N UNK G 814 0.51 -16.25 121.73
CA UNK G 814 1.31 -15.59 120.70
C UNK G 814 2.67 -16.28 120.70
N UNK G 815 3.23 -16.45 119.50
CA UNK G 815 4.50 -17.11 119.30
C UNK G 815 5.62 -16.15 118.91
N UNK G 816 5.28 -15.15 118.10
CA UNK G 816 6.30 -14.22 117.68
C UNK G 816 5.75 -12.86 117.30
N UNK G 817 6.57 -11.85 117.49
CA UNK G 817 6.21 -10.50 117.12
C UNK G 817 7.04 -10.19 115.89
N UNK G 818 6.38 -9.83 114.82
CA UNK G 818 7.06 -9.53 113.57
C UNK G 818 7.03 -8.05 113.30
N UNK G 819 8.11 -7.37 113.65
CA UNK G 819 8.20 -5.93 113.45
C UNK G 819 8.90 -5.66 112.14
N UNK G 820 8.18 -5.09 111.18
CA UNK G 820 8.81 -4.80 109.89
C UNK G 820 8.30 -3.55 109.20
N UNK G 821 7.08 -3.14 109.51
CA UNK G 821 6.49 -1.96 108.88
C UNK G 821 6.12 -0.90 109.90
N UNK G 822 6.05 0.35 109.46
CA UNK G 822 5.65 1.45 110.33
C UNK G 822 4.48 2.17 109.65
N UNK G 823 4.52 1.89 107.99
CA UNK G 823 3.36 2.08 107.15
C UNK G 823 2.56 0.80 107.24
N UNK G 824 1.25 0.92 107.14
CA UNK G 824 0.30 -0.21 107.20
C UNK G 824 0.71 -1.57 106.67
N UNK G 825 0.51 -2.62 107.47
CA UNK G 825 0.91 -3.96 107.04
C UNK G 825 -0.35 -4.70 106.63
N UNK G 826 -0.45 -5.03 105.36
CA UNK G 826 -1.63 -5.68 104.82
C UNK G 826 -1.66 -7.18 105.01
N UNK G 827 -0.51 -7.81 104.81
CA UNK G 827 -0.47 -9.25 104.94
C UNK G 827 0.78 -9.75 105.62
N UNK G 828 0.77 -11.03 105.95
CA UNK G 828 1.90 -11.59 106.65
C UNK G 828 1.73 -13.11 106.70
N UNK G 829 2.79 -13.87 106.46
CA UNK G 829 2.63 -15.31 106.60
C UNK G 829 3.89 -16.13 106.70
N UNK G 830 3.74 -17.34 107.22
CA UNK G 830 4.87 -18.25 107.42
C UNK G 830 5.26 -18.96 106.16
N UNK G 831 6.51 -19.38 106.12
CA UNK G 831 7.02 -20.15 105.00
C UNK G 831 6.32 -21.48 105.24
N UNK G 832 6.41 -22.40 104.29
CA UNK G 832 5.72 -23.66 104.53
C UNK G 832 6.22 -24.47 105.73
N UNK G 833 7.52 -24.44 106.01
CA UNK G 833 8.03 -25.19 107.16
C UNK G 833 7.96 -24.33 108.40
N UNK G 834 7.34 -23.16 108.23
CA UNK G 834 7.18 -22.23 109.33
C UNK G 834 8.50 -21.77 109.91
N UNK G 835 9.58 -21.96 109.16
CA UNK G 835 10.89 -21.57 109.63
C UNK G 835 11.07 -20.07 109.50
N UNK G 836 10.29 -19.45 108.63
CA UNK G 836 10.41 -18.03 108.45
C UNK G 836 9.04 -17.48 108.04
N UNK G 837 8.92 -16.16 108.00
CA UNK G 837 7.66 -15.53 107.61
C UNK G 837 7.94 -14.25 106.83
N UNK G 838 6.96 -13.79 106.06
CA UNK G 838 7.13 -12.57 105.28
C UNK G 838 6.13 -11.53 105.73
N UNK G 839 6.47 -10.27 105.48
CA UNK G 839 5.62 -9.14 105.86
C UNK G 839 5.35 -8.32 104.60
N UNK G 840 4.08 -8.01 104.34
CA UNK G 840 3.74 -7.20 103.15
C UNK G 840 3.06 -5.90 103.56
N UNK G 841 3.60 -4.76 103.12
CA UNK G 841 2.99 -3.51 103.53
C UNK G 841 2.79 -2.39 102.52
N UNK G 842 2.17 -1.33 103.04
CA UNK G 842 1.85 -0.14 102.30
C UNK G 842 3.09 0.65 101.93
N UNK G 843 4.17 0.44 102.66
CA UNK G 843 5.42 1.11 102.36
C UNK G 843 6.01 0.37 101.16
N UNK G 844 5.12 -0.30 100.43
CA UNK G 844 5.45 -1.09 99.25
C UNK G 844 6.67 -1.98 99.32
N UNK G 845 6.89 -2.57 100.49
CA UNK G 845 8.01 -3.47 100.62
C UNK G 845 7.51 -4.82 101.12
N UNK G 846 8.35 -5.82 100.95
CA UNK G 846 8.05 -7.17 101.39
C UNK G 846 9.31 -7.58 102.10
N UNK G 847 9.20 -7.97 103.35
CA UNK G 847 10.38 -8.37 104.11
C UNK G 847 10.30 -9.79 104.63
N UNK G 848 11.40 -10.53 104.50
CA UNK G 848 11.42 -11.90 104.97
C UNK G 848 12.15 -11.98 106.28
N UNK G 849 11.52 -12.66 107.24
CA UNK G 849 12.08 -12.83 108.56
C UNK G 849 12.25 -14.31 108.88
N UNK G 850 13.19 -14.61 109.75
CA UNK G 850 13.41 -15.98 110.18
C UNK G 850 12.91 -16.05 111.61
N UNK G 851 11.86 -16.85 111.82
CA UNK G 851 11.22 -17.01 113.12
C UNK G 851 12.18 -17.20 114.27
N UNK G 852 12.97 -18.27 114.22
CA UNK G 852 13.94 -18.54 115.28
C UNK G 852 14.59 -17.24 115.77
N UNK G 853 15.34 -16.58 114.90
CA UNK G 853 16.03 -15.35 115.25
C UNK G 853 15.12 -14.24 115.79
N UNK G 854 13.88 -14.17 115.31
CA UNK G 854 12.96 -13.13 115.77
C UNK G 854 12.42 -13.38 117.17
N UNK G 855 12.14 -14.64 117.48
CA UNK G 855 11.59 -15.01 118.79
C UNK G 855 12.60 -14.97 119.92
N UNK G 856 13.87 -14.97 119.59
CA UNK G 856 14.89 -14.91 120.62
C UNK G 856 14.67 -13.66 121.45
N UNK G 857 14.78 -13.81 122.75
CA UNK G 857 14.63 -12.71 123.68
C UNK G 857 15.71 -11.68 123.42
N UNK G 858 10.69 -7.50 127.52
CA UNK G 858 11.90 -6.72 127.45
C UNK G 858 11.67 -5.23 127.29
N UNK G 859 12.71 -4.48 127.61
CA UNK G 859 12.71 -3.03 127.56
C UNK G 859 13.16 -2.52 126.20
N UNK G 860 13.29 -3.41 125.24
CA UNK G 860 13.72 -2.95 123.93
C UNK G 860 12.62 -2.09 123.30
N UNK G 861 11.36 -2.48 123.46
CA UNK G 861 10.25 -1.69 122.91
C UNK G 861 9.37 -1.16 124.02
N UNK G 862 9.17 0.15 124.03
CA UNK G 862 8.35 0.76 125.05
C UNK G 862 7.29 1.56 124.34
N UNK G 863 6.42 2.18 125.14
CA UNK G 863 5.35 3.02 124.63
C UNK G 863 5.95 4.40 124.68
N UNK G 864 5.23 5.41 124.24
CA UNK G 864 5.76 6.76 124.28
C UNK G 864 5.49 7.48 125.60
N UNK G 865 4.87 6.76 126.53
CA UNK G 865 4.60 7.31 127.83
C UNK G 865 5.78 6.97 128.73
N UNK G 866 6.68 7.93 128.89
CA UNK G 866 7.86 7.77 129.71
C UNK G 866 8.21 9.03 130.46
N UNK G 867 9.04 8.89 131.48
CA UNK G 867 9.50 10.03 132.25
C UNK G 867 10.99 9.84 132.54
N UNK G 868 11.73 10.93 132.41
CA UNK G 868 13.18 10.92 132.59
C UNK G 868 13.70 11.80 133.72
N UNK G 869 14.76 11.32 134.37
CA UNK G 869 15.40 12.05 135.46
C UNK G 869 16.90 12.11 135.24
N UNK G 870 17.39 13.27 134.82
CA UNK G 870 18.81 13.48 134.56
C UNK G 870 19.56 13.76 135.87
N UNK G 871 20.18 12.73 136.44
CA UNK G 871 20.90 12.91 137.69
C UNK G 871 22.43 12.94 137.55
N UNK G 872 24.51 10.28 135.55
CA UNK G 872 23.73 9.41 134.66
C UNK G 872 22.29 9.87 134.38
N UNK G 873 21.63 9.15 133.47
CA UNK G 873 20.24 9.44 133.09
C UNK G 873 19.33 8.27 133.47
N UNK G 874 18.10 8.60 133.88
CA UNK G 874 17.12 7.59 134.28
C UNK G 874 15.80 7.72 133.54
N UNK G 875 15.37 6.63 132.91
CA UNK G 875 14.13 6.61 132.18
C UNK G 875 13.18 5.53 132.71
N UNK G 876 11.98 5.94 133.09
CA UNK G 876 10.96 5.03 133.58
C UNK G 876 9.98 5.01 132.43
N UNK G 877 9.61 3.82 131.96
CA UNK G 877 8.70 3.78 130.83
C UNK G 877 7.64 2.71 130.88
N UNK G 878 6.50 3.01 130.28
CA UNK G 878 5.38 2.08 130.19
C UNK G 878 5.74 1.03 129.15
N UNK G 879 5.88 -0.23 129.57
CA UNK G 879 6.23 -1.28 128.61
C UNK G 879 5.21 -1.39 127.48
N UNK G 880 5.69 -1.81 126.31
CA UNK G 880 4.84 -1.96 125.14
C UNK G 880 3.77 -3.04 125.30
N UNK G 881 6.02 -1.57 133.32
CA UNK G 881 6.88 -0.46 133.03
C UNK G 881 8.31 -0.82 133.37
N UNK G 882 9.24 -0.22 132.65
CA UNK G 882 10.65 -0.49 132.81
C UNK G 882 11.41 0.66 133.45
N UNK G 883 12.31 0.32 134.37
CA UNK G 883 13.13 1.32 135.01
C UNK G 883 14.45 1.23 134.25
N UNK G 884 14.56 2.02 133.18
CA UNK G 884 15.75 2.03 132.33
C UNK G 884 16.78 3.06 132.76
N UNK G 885 17.98 2.59 133.04
CA UNK G 885 19.08 3.46 133.44
C UNK G 885 20.00 3.65 132.24
N UNK G 886 19.87 4.78 131.54
CA UNK G 886 20.71 5.03 130.39
C UNK G 886 22.15 5.02 130.84
N UNK G 887 23.08 4.69 129.96
CA UNK G 887 24.49 4.62 130.34
C UNK G 887 24.62 3.42 131.29
N UNK G 888 21.11 -2.05 132.96
CA UNK G 888 20.26 -2.00 134.15
C UNK G 888 18.79 -1.71 133.92
N UNK G 889 18.09 -2.69 133.38
CA UNK G 889 16.67 -2.59 133.11
C UNK G 889 15.94 -3.40 134.17
N UNK G 890 15.03 -2.73 134.89
CA UNK G 890 14.27 -3.39 135.93
C UNK G 890 12.79 -3.29 135.66
N UNK G 891 12.20 -4.48 135.55
CA UNK G 891 10.79 -4.65 135.24
C UNK G 891 9.90 -4.67 136.46
N UNK G 892 8.73 -4.07 136.28
CA UNK G 892 7.72 -3.99 137.32
C UNK G 892 6.42 -4.33 136.61
N UNK G 893 5.91 -5.54 136.81
CA UNK G 893 4.67 -5.97 136.17
C UNK G 893 3.47 -5.19 136.69
N UNK G 894 2.40 -5.15 135.91
CA UNK G 894 1.20 -4.44 136.35
C UNK G 894 0.08 -4.49 135.32
N UNK G 895 -0.38 -0.35 132.63
CA UNK G 895 -0.48 1.03 133.05
C UNK G 895 -0.76 1.89 131.82
N UNK G 896 -1.08 3.16 132.07
CA UNK G 896 -1.37 4.10 130.98
C UNK G 896 -0.45 5.32 131.01
N UNK G 897 0.24 5.52 132.13
CA UNK G 897 1.14 6.64 132.23
C UNK G 897 2.12 6.41 133.36
N UNK G 898 3.30 7.00 133.24
CA UNK G 898 4.31 6.80 134.24
C UNK G 898 4.61 8.05 135.04
N UNK G 899 5.48 7.91 136.04
CA UNK G 899 5.85 9.02 136.91
C UNK G 899 7.03 8.65 137.82
N UNK G 900 8.01 9.54 137.90
CA UNK G 900 9.18 9.32 138.75
C UNK G 900 9.30 10.38 139.83
N UNK G 901 9.49 9.96 141.06
CA UNK G 901 9.61 10.90 142.17
C UNK G 901 11.06 11.31 142.27
N UNK G 902 11.35 12.61 142.10
CA UNK G 902 12.75 13.02 142.20
C UNK G 902 13.35 12.33 143.42
N UNK G 903 10.67 6.04 144.54
CA UNK G 903 9.24 5.84 144.31
C UNK G 903 8.89 6.04 142.85
N UNK G 904 8.00 5.21 142.32
CA UNK G 904 7.52 5.37 140.94
C UNK G 904 6.01 5.27 141.05
N UNK G 905 5.31 6.03 140.23
CA UNK G 905 3.86 5.98 140.27
C UNK G 905 3.29 5.77 138.88
N UNK G 906 2.10 5.20 138.79
CA UNK G 906 1.53 5.02 137.47
C UNK G 906 0.03 5.08 137.31
N UNK G 907 -0.37 5.47 136.11
CA UNK G 907 -1.77 5.58 135.76
C UNK G 907 -2.30 4.22 135.37
N UNK G 908 -3.61 4.11 135.26
CA UNK G 908 -4.22 2.84 134.93
C UNK G 908 -5.32 3.05 133.90
N UNK G 909 -5.62 2.00 133.15
CA UNK G 909 -6.65 2.06 132.11
C UNK G 909 -8.00 2.33 132.75
N UNK G 910 -7.13 3.50 138.10
CA UNK G 910 -6.36 3.25 139.31
C UNK G 910 -5.05 4.04 139.39
N UNK G 911 -4.60 4.30 140.62
CA UNK G 911 -3.35 5.02 140.86
C UNK G 911 -2.52 4.22 141.86
N UNK G 912 -1.23 4.05 141.59
CA UNK G 912 -0.39 3.28 142.51
C UNK G 912 1.04 3.79 142.61
N UNK G 913 1.56 3.83 143.83
CA UNK G 913 2.94 4.24 144.05
C UNK G 913 3.64 2.97 144.45
N UNK G 914 4.82 2.75 143.89
CA UNK G 914 5.62 1.59 144.25
C UNK G 914 6.89 2.18 144.81
N UNK G 915 7.42 1.58 145.86
CA UNK G 915 8.66 2.12 146.43
C UNK G 915 9.84 1.25 146.02
N UNK G 916 10.69 1.83 145.18
CA UNK G 916 11.87 1.16 144.66
C UNK G 916 12.84 0.57 145.68
N UNK G 917 13.25 1.36 146.69
CA UNK G 917 14.18 0.81 147.69
C UNK G 917 13.79 -0.63 148.02
N UNK G 918 12.49 -0.88 148.01
CA UNK G 918 11.98 -2.21 148.30
C UNK G 918 11.62 -2.96 147.02
N UNK G 919 6.47 -3.56 148.17
CA UNK G 919 5.50 -2.81 148.97
C UNK G 919 5.11 -1.50 148.29
N UNK G 920 3.82 -1.36 148.03
CA UNK G 920 3.29 -0.17 147.35
C UNK G 920 1.91 0.11 147.91
N UNK G 921 1.18 1.01 147.25
CA UNK G 921 -0.04 1.59 147.78
C UNK G 921 -1.04 1.92 146.65
N UNK G 922 -2.33 1.95 146.96
CA UNK G 922 -3.37 2.25 145.97
C UNK G 922 -4.37 3.30 146.41
N UNK G 923 -4.23 4.51 145.89
CA UNK G 923 -5.12 5.58 146.26
C UNK G 923 -6.36 5.70 145.40
N UNK G 924 -7.49 5.20 145.92
CA UNK G 924 -8.80 5.20 145.24
C UNK G 924 -9.36 6.44 144.52
N UNK G 925 -4.39 9.93 132.58
CA UNK G 925 -3.53 10.62 131.62
C UNK G 925 -2.25 11.10 132.28
N UNK G 926 -2.07 12.41 132.39
CA UNK G 926 -0.86 12.94 133.02
C UNK G 926 -0.84 12.51 134.50
N UNK G 927 0.34 12.40 135.12
CA UNK G 927 0.48 12.02 136.54
C UNK G 927 1.83 12.43 137.12
N UNK G 928 1.84 13.26 138.16
CA UNK G 928 3.12 13.71 138.70
C UNK G 928 3.20 13.80 140.23
N UNK G 929 4.43 13.80 140.73
CA UNK G 929 4.69 13.91 142.17
C UNK G 929 4.87 15.39 142.49
N UNK G 930 4.74 15.74 143.76
CA UNK G 930 4.90 17.13 144.17
C UNK G 930 6.39 17.38 144.26
N UNK G 931 6.79 18.64 144.35
CA UNK G 931 8.22 18.96 144.47
C UNK G 931 8.85 17.94 145.43
N UNK G 932 0.46 13.23 145.11
CA UNK G 932 0.45 12.88 143.69
C UNK G 932 -0.66 13.53 142.89
N UNK G 933 -0.34 14.57 142.14
CA UNK G 933 -1.36 15.19 141.31
C UNK G 933 -1.55 14.31 140.07
N UNK G 934 -2.79 14.13 139.67
CA UNK G 934 -3.08 13.30 138.52
C UNK G 934 -4.35 13.73 137.83
N UNK G 935 -4.39 13.59 136.52
CA UNK G 935 -5.56 13.96 135.76
C UNK G 935 -5.98 12.79 134.88
N UNK G 936 -7.25 12.83 134.50
CA UNK G 936 -7.82 11.82 133.63
C UNK G 936 -8.64 12.55 132.57
N UNK G 937 -9.51 11.80 131.93
CA UNK G 937 -10.29 12.30 130.81
C UNK G 937 -11.61 12.95 131.25
N UNK G 938 -11.59 13.57 132.42
CA UNK G 938 -12.77 14.27 132.94
C UNK G 938 -12.29 15.59 133.57
N UNK G 939 -13.17 16.35 134.21
CA UNK G 939 -12.79 17.66 134.77
C UNK G 939 -12.20 17.80 136.18
N UNK G 940 -11.96 16.70 136.86
CA UNK G 940 -11.39 16.79 138.21
C UNK G 940 -9.90 16.46 138.19
N UNK G 941 -9.12 17.07 139.08
CA UNK G 941 -7.69 16.76 139.17
C UNK G 941 -7.34 16.24 140.56
N UNK G 942 -7.22 14.93 140.70
CA UNK G 942 -6.90 14.33 141.99
C UNK G 942 -5.58 14.74 142.62
N UNK G 943 -5.64 15.26 143.85
CA UNK G 943 -4.44 15.65 144.58
C UNK G 943 -4.33 14.76 145.81
N UNK G 944 -3.92 13.51 145.57
CA UNK G 944 -3.77 12.49 146.60
C UNK G 944 -2.50 12.59 147.39
N UNK G 945 -2.59 13.26 148.53
CA UNK G 945 -1.45 13.40 149.41
C UNK G 945 -1.28 12.04 150.11
N UNK G 946 -0.76 11.06 149.37
CA UNK G 946 -0.54 9.72 149.90
C UNK G 946 0.33 9.84 151.17
N UNK G 947 -4.98 11.57 152.71
CA UNK G 947 -5.76 12.78 152.43
C UNK G 947 -5.95 12.98 150.95
N UNK G 948 -7.00 13.70 150.58
CA UNK G 948 -7.29 13.99 149.19
C UNK G 948 -7.77 15.41 149.04
N UNK G 949 -7.38 16.03 147.94
CA UNK G 949 -7.81 17.38 147.64
C UNK G 949 -8.28 17.26 146.20
N UNK G 950 -9.54 17.59 145.95
CA UNK G 950 -10.10 17.49 144.62
C UNK G 950 -10.28 18.87 144.00
N UNK G 951 -10.02 18.96 142.71
CA UNK G 951 -10.16 20.22 142.01
C UNK G 951 -11.23 20.08 140.93
N UNK G 952 -12.48 20.36 141.29
CA UNK G 952 -13.59 20.27 140.36
C UNK G 952 -13.59 21.46 139.44
N UNK G 953 -12.81 21.33 138.37
CA UNK G 953 -12.67 22.38 137.38
C UNK G 953 -14.00 22.67 136.71
N UNK G 954 -14.87 21.66 136.72
CA UNK G 954 -16.19 21.78 136.11
C UNK G 954 -16.02 22.17 134.64
N UNK G 955 -14.37 20.79 130.96
CA UNK G 955 -14.92 19.68 130.18
C UNK G 955 -14.00 18.50 130.42
N UNK G 956 -12.70 18.75 130.28
CA UNK G 956 -11.66 17.75 130.51
C UNK G 956 -10.35 18.50 130.64
N UNK G 957 -9.56 18.12 131.63
CA UNK G 957 -8.27 18.74 131.83
C UNK G 957 -7.37 18.26 130.72
N UNK G 958 -7.00 19.15 129.81
CA UNK G 958 -6.13 18.79 128.70
C UNK G 958 -4.85 18.29 129.34
N UNK G 959 -4.30 19.07 130.26
CA UNK G 959 -3.09 18.70 130.98
C UNK G 959 -2.80 19.71 132.08
N UNK G 960 -1.72 19.51 132.80
CA UNK G 960 -1.38 20.39 133.90
C UNK G 960 0.09 20.29 134.19
N UNK G 961 0.55 21.07 135.16
CA UNK G 961 1.94 21.05 135.56
C UNK G 961 2.13 21.78 136.90
N UNK G 962 2.98 21.22 137.74
CA UNK G 962 3.24 21.83 139.04
C UNK G 962 3.66 23.27 138.84
N UNK G 963 3.70 24.03 139.92
CA UNK G 963 4.09 25.42 139.83
C UNK G 963 4.89 25.80 141.07
N UNK G 964 3.30 25.18 145.94
CA UNK G 964 2.08 24.41 146.05
C UNK G 964 0.97 24.88 145.11
N UNK G 965 1.30 25.84 144.24
CA UNK G 965 0.34 26.35 143.27
C UNK G 965 0.47 25.43 142.04
N UNK G 966 -0.61 25.24 141.28
CA UNK G 966 -0.57 24.36 140.11
C UNK G 966 -1.37 24.88 138.90
N UNK G 967 -0.66 25.06 137.78
CA UNK G 967 -1.25 25.55 136.54
C UNK G 967 -2.04 24.45 135.80
N UNK G 968 -3.24 24.79 135.34
CA UNK G 968 -4.07 23.81 134.66
C UNK G 968 -4.88 24.37 133.50
N UNK G 969 -4.98 23.59 132.43
CA UNK G 969 -5.71 23.99 131.23
C UNK G 969 -6.56 22.84 130.72
N UNK G 970 -7.81 23.14 130.42
CA UNK G 970 -8.74 22.14 129.90
C UNK G 970 -8.95 22.58 128.49
N UNK G 971 -9.74 21.83 127.73
CA UNK G 971 -9.98 22.25 126.38
C UNK G 971 -11.32 22.96 126.26
N UNK G 972 -11.40 24.05 127.02
CA UNK G 972 -12.54 24.96 127.08
C UNK G 972 -11.97 26.37 127.07
N UNK G 973 -10.75 26.48 126.54
CA UNK G 973 -10.06 27.75 126.44
C UNK G 973 -9.62 28.30 127.78
N UNK G 974 -10.03 27.60 128.83
CA UNK G 974 -9.71 28.02 130.18
C UNK G 974 -8.38 27.49 130.70
N UNK G 975 -7.73 28.34 131.50
CA UNK G 975 -6.46 28.04 132.13
C UNK G 975 -6.64 28.50 133.56
N UNK G 976 -6.39 27.64 134.52
CA UNK G 976 -6.58 28.06 135.90
C UNK G 976 -5.31 27.94 136.72
N UNK G 977 -5.29 28.56 137.91
CA UNK G 977 -4.14 28.51 138.81
C UNK G 977 -4.53 28.01 140.20
N UNK G 978 -4.84 26.72 140.30
CA UNK G 978 -5.24 26.11 141.57
C UNK G 978 -4.18 26.17 142.65
N UNK G 979 -4.63 25.97 143.88
CA UNK G 979 -3.76 25.95 145.04
C UNK G 979 -3.96 24.56 145.63
N UNK G 980 -2.90 23.80 145.80
CA UNK G 980 -3.06 22.49 146.40
C UNK G 980 -3.18 22.75 147.89
N UNK G 981 -8.41 25.59 145.73
CA UNK G 981 -9.01 26.89 145.50
C UNK G 981 -8.49 27.57 144.24
N UNK G 982 -9.41 27.82 143.33
CA UNK G 982 -9.11 28.46 142.06
C UNK G 982 -8.74 29.92 142.24
N UNK G 983 -7.46 30.17 142.52
CA UNK G 983 -7.01 31.54 142.69
C UNK G 983 -7.28 32.31 141.39
N UNK G 984 -6.63 31.90 140.30
CA UNK G 984 -6.82 32.55 139.01
C UNK G 984 -7.62 31.70 138.04
N UNK G 985 -8.29 32.35 137.10
CA UNK G 985 -9.11 31.67 136.09
C UNK G 985 -9.22 32.54 134.84
N UNK G 986 -8.71 32.05 133.71
CA UNK G 986 -8.76 32.77 132.44
C UNK G 986 -9.53 32.00 131.38
N UNK G 987 -9.97 32.72 130.35
CA UNK G 987 -10.68 32.11 129.23
C UNK G 987 -9.91 32.68 128.02
N UNK G 988 -8.63 32.29 127.96
CA UNK G 988 -7.70 32.74 126.93
C UNK G 988 -7.84 32.19 125.49
N UNK G 989 -8.82 31.33 125.24
CA UNK G 989 -9.04 30.79 123.91
C UNK G 989 -10.48 30.30 123.81
N UNK G 990 -11.05 30.34 122.61
CA UNK G 990 -12.43 29.89 122.43
C UNK G 990 -12.48 28.43 122.00
N UNK G 991 -0.88 23.14 124.45
CA UNK G 991 0.20 23.24 125.42
C UNK G 991 0.44 24.69 125.80
N UNK G 992 0.98 24.92 126.99
CA UNK G 992 1.24 26.27 127.46
C UNK G 992 2.24 26.15 128.59
N UNK G 993 3.27 27.00 128.58
CA UNK G 993 4.30 26.92 129.62
C UNK G 993 4.51 28.23 130.34
N UNK G 994 5.29 28.18 131.42
CA UNK G 994 5.59 29.35 132.23
C UNK G 994 6.94 29.90 131.85
N UNK G 995 7.19 31.15 132.27
CA UNK G 995 8.45 31.82 131.97
C UNK G 995 9.53 31.38 132.95
N UNK G 996 8.02 34.42 136.81
CA UNK G 996 6.79 33.74 136.51
C UNK G 996 5.88 34.83 136.03
N UNK G 997 6.44 36.02 135.89
CA UNK G 997 5.67 37.16 135.43
C UNK G 997 4.90 36.76 134.18
N UNK G 998 5.43 35.80 133.45
CA UNK G 998 4.81 35.35 132.20
C UNK G 998 4.51 33.85 132.15
N UNK G 999 3.41 33.50 131.48
CA UNK G 999 3.00 32.11 131.30
C UNK G 999 2.05 32.09 130.11
N UNK G 1000 2.55 31.66 128.96
CA UNK G 1000 1.71 31.67 127.76
C UNK G 1000 1.11 30.36 127.37
N UNK G 1001 0.14 30.47 126.44
CA UNK G 1001 -0.61 29.34 125.91
C UNK G 1001 -0.39 29.12 124.43
N UNK G 1002 -1.12 28.16 123.90
CA UNK G 1002 -1.07 27.76 122.50
C UNK G 1002 -2.32 26.93 122.34
N UNK G 1003 -3.13 27.19 121.32
CA UNK G 1003 -4.35 26.41 121.19
C UNK G 1003 -5.09 26.63 119.90
N UNK G 1004 -3.70 30.63 117.63
CA UNK G 1004 -2.44 31.34 117.82
C UNK G 1004 -1.83 30.99 119.17
N UNK G 1005 -0.93 31.85 119.64
CA UNK G 1005 -0.26 31.66 120.92
C UNK G 1005 -0.37 32.91 121.77
N UNK G 1006 -1.50 33.08 122.45
CA UNK G 1006 -1.75 34.22 123.32
C UNK G 1006 -0.88 34.10 124.56
N UNK G 1007 -0.07 35.13 124.82
CA UNK G 1007 0.83 35.15 125.96
C UNK G 1007 0.41 36.18 127.01
N UNK G 1008 0.42 35.81 128.29
CA UNK G 1008 0.05 36.76 129.35
C UNK G 1008 0.88 36.77 130.63
N UNK G 1009 0.36 37.49 131.64
CA UNK G 1009 1.04 37.70 132.94
C UNK G 1009 0.38 37.20 134.24
N UNK G 1010 -1.70 39.62 126.90
CA UNK G 1010 -0.80 40.74 126.59
C UNK G 1010 -0.85 40.97 125.08
N UNK G 1011 -0.74 39.92 124.28
CA UNK G 1011 -0.83 40.06 122.82
C UNK G 1011 -1.01 38.75 122.04
N UNK G 1012 -2.01 38.76 121.16
CA UNK G 1012 -2.34 37.61 120.31
C UNK G 1012 -1.32 37.51 119.16
N UNK G 1013 -0.74 36.32 118.99
CA UNK G 1013 0.28 36.06 117.95
C UNK G 1013 -0.26 35.18 116.82
N UNK G 1014 -1.13 35.74 115.98
CA UNK G 1014 -1.73 34.98 114.89
C UNK G 1014 -0.80 34.64 113.73
N UNK G 1015 0.38 34.12 114.03
CA UNK G 1015 1.33 33.79 113.00
C UNK G 1015 1.07 32.46 112.28
N UNK G 1016 1.10 31.37 113.02
CA UNK G 1016 0.90 30.03 112.47
C UNK G 1016 -0.39 29.81 111.67
N UNK G 1017 -0.27 29.10 110.56
CA UNK G 1017 -1.42 28.81 109.71
C UNK G 1017 -1.94 27.42 110.01
N UNK G 1018 -1.76 25.81 113.17
CA UNK G 1018 -2.28 25.80 114.55
C UNK G 1018 -1.23 25.36 115.57
N UNK G 1019 -0.95 26.22 116.54
CA UNK G 1019 0.07 25.92 117.54
C UNK G 1019 -0.26 24.68 118.34
N UNK G 1020 0.80 24.00 118.78
CA UNK G 1020 0.64 22.77 119.56
C UNK G 1020 1.65 22.68 120.69
N UNK G 1021 2.57 23.63 120.74
CA UNK G 1021 3.57 23.65 121.80
C UNK G 1021 4.31 24.97 121.84
N UNK G 1022 5.11 25.20 122.88
CA UNK G 1022 5.87 26.44 123.02
C UNK G 1022 6.72 26.45 124.28
N UNK G 1023 7.68 27.37 124.30
CA UNK G 1023 8.56 27.51 125.45
C UNK G 1023 9.17 28.90 125.51
N UNK G 1024 9.56 29.30 126.70
CA UNK G 1024 10.16 30.60 126.92
C UNK G 1024 11.66 30.48 127.01
N UNK G 1025 12.39 31.43 126.42
CA UNK G 1025 13.85 31.40 126.48
C UNK G 1025 14.18 31.50 127.95
N UNK G 1026 15.21 30.78 128.39
CA UNK G 1026 15.61 30.80 129.79
C UNK G 1026 15.92 32.25 130.18
N UNK G 1027 12.31 35.46 124.49
CA UNK G 1027 11.67 34.79 123.36
C UNK G 1027 10.72 33.67 123.76
N UNK G 1028 9.77 33.42 122.87
CA UNK G 1028 8.77 32.40 123.06
C UNK G 1028 8.57 31.72 121.69
N UNK G 1029 9.14 30.53 121.56
CA UNK G 1029 9.04 29.75 120.32
C UNK G 1029 7.77 28.91 120.37
N UNK G 1030 7.05 28.87 119.26
CA UNK G 1030 5.81 28.13 119.19
C UNK G 1030 5.77 27.03 118.14
N UNK G 1031 5.14 25.92 118.51
CA UNK G 1031 5.05 24.76 117.62
C UNK G 1031 3.81 24.71 116.76
N UNK G 1032 4.04 24.66 115.45
CA UNK G 1032 2.99 24.62 114.45
C UNK G 1032 2.56 23.19 114.15
N UNK G 1033 1.28 23.03 113.85
CA UNK G 1033 0.71 21.73 113.54
C UNK G 1033 1.20 21.29 112.15
N UNK G 1034 1.84 22.21 111.43
CA UNK G 1034 2.36 21.90 110.10
C UNK G 1034 3.86 22.16 110.02
N UNK G 1035 4.59 21.56 110.92
CA UNK G 1035 6.04 21.69 110.92
C UNK G 1035 6.59 23.10 110.95
N UNK G 1036 5.71 24.10 111.06
CA UNK G 1036 6.16 25.48 111.10
C UNK G 1036 6.59 25.78 112.53
N UNK G 1037 7.29 26.88 112.74
CA UNK G 1037 7.74 27.23 114.07
C UNK G 1037 8.22 28.64 113.81
N UNK G 1038 7.56 29.59 114.47
CA UNK G 1038 8.00 30.98 114.52
C UNK G 1038 8.56 31.30 115.89
N UNK G 1039 9.54 32.19 115.92
CA UNK G 1039 10.13 32.62 117.17
C UNK G 1039 9.48 33.98 117.41
N UNK G 1040 9.06 34.24 118.64
CA UNK G 1040 8.46 35.52 118.98
C UNK G 1040 9.30 36.14 120.10
N UNK G 1041 9.09 37.44 120.36
CA UNK G 1041 9.87 38.13 121.40
C UNK G 1041 9.05 38.61 122.60
N UNK G 1042 11.35 36.07 114.04
CA UNK G 1042 11.63 35.34 112.81
C UNK G 1042 10.90 34.00 112.78
N UNK G 1043 10.47 33.59 111.59
CA UNK G 1043 9.76 32.33 111.43
C UNK G 1043 10.56 31.16 110.83
N UNK G 1044 11.67 30.80 111.45
CA UNK G 1044 12.49 29.69 110.96
C UNK G 1044 11.64 28.43 110.95
N UNK G 1045 11.17 28.02 109.78
CA UNK G 1045 10.33 26.82 109.69
C UNK G 1045 10.19 26.17 108.30
N UNK G 1046 11.25 25.51 107.80
CA UNK G 1046 11.22 24.85 106.49
C UNK G 1046 10.27 23.65 106.44
N UNK G 1047 3.75 17.69 112.18
CA UNK G 1047 3.63 18.25 113.52
C UNK G 1047 4.98 18.72 114.05
N UNK G 1048 4.93 19.40 115.19
CA UNK G 1048 6.09 19.92 115.92
C UNK G 1048 5.57 19.89 117.35
N UNK G 1049 5.68 18.73 117.99
CA UNK G 1049 5.15 18.57 119.32
C UNK G 1049 6.02 19.01 120.48
N UNK G 1050 7.03 19.83 120.23
CA UNK G 1050 7.87 20.24 121.35
C UNK G 1050 9.01 21.18 120.95
N UNK G 1051 9.43 22.02 121.89
CA UNK G 1051 10.54 22.94 121.70
C UNK G 1051 11.22 23.16 123.04
N UNK G 1052 12.37 23.81 123.01
CA UNK G 1052 13.13 24.07 124.23
C UNK G 1052 14.30 24.94 123.81
N UNK G 1053 14.47 26.07 124.48
CA UNK G 1053 15.63 26.90 124.27
C UNK G 1053 16.77 26.30 125.07
N UNK G 1054 17.99 26.70 124.75
CA UNK G 1054 19.17 26.21 125.45
C UNK G 1054 19.46 27.19 126.58
N UNK G 1055 20.32 26.80 127.54
CA UNK G 1055 20.56 27.79 128.58
C UNK G 1055 21.02 29.07 127.89
N UNK G 1056 22.10 28.98 127.12
CA UNK G 1056 22.67 30.10 126.38
C UNK G 1056 21.65 30.97 125.63
N UNK G 1057 20.41 30.50 125.53
CA UNK G 1057 19.35 31.25 124.85
C UNK G 1057 19.67 31.49 123.36
N UNK G 1058 20.42 30.59 122.75
CA UNK G 1058 20.80 30.73 121.34
C UNK G 1058 20.36 29.56 120.45
N UNK G 1059 20.49 28.33 120.96
CA UNK G 1059 20.12 27.13 120.23
C UNK G 1059 18.74 26.64 120.65
N UNK G 1060 17.85 26.50 119.68
CA UNK G 1060 16.50 26.01 119.96
C UNK G 1060 16.37 24.58 119.45
N UNK G 1061 16.03 23.64 120.34
CA UNK G 1061 15.87 22.23 119.94
C UNK G 1061 14.39 21.98 119.63
N UNK G 1062 14.15 21.23 118.56
CA UNK G 1062 12.80 20.94 118.10
C UNK G 1062 12.54 19.44 117.95
N UNK G 1063 11.28 19.02 118.11
CA UNK G 1063 10.92 17.62 117.97
C UNK G 1063 9.52 17.45 117.43
N UNK G 1064 10.85 14.25 113.78
CA UNK G 1064 12.24 13.97 114.13
C UNK G 1064 12.79 15.18 114.86
N UNK G 1065 13.96 15.00 115.48
CA UNK G 1065 14.61 16.09 116.20
C UNK G 1065 15.26 17.03 115.17
N UNK G 1066 15.51 18.28 115.55
CA UNK G 1066 16.08 19.25 114.61
C UNK G 1066 16.48 20.47 115.41
N UNK G 1067 17.77 20.79 115.41
CA UNK G 1067 18.28 21.96 116.13
C UNK G 1067 18.31 23.20 115.25
N UNK G 1068 18.24 24.39 115.86
CA UNK G 1068 18.26 25.64 115.10
C UNK G 1068 19.20 26.72 115.67
N UNK G 1069 19.19 27.86 115.00
CA UNK G 1069 20.02 29.02 115.37
C UNK G 1069 19.16 30.25 115.56
N UNK G 1070 19.13 30.77 116.79
CA UNK G 1070 18.35 31.97 117.10
C UNK G 1070 18.67 33.11 116.13
N UNK G 1071 17.54 11.90 112.69
CA UNK G 1071 16.37 11.29 112.11
C UNK G 1071 16.18 10.00 112.90
N UNK G 1072 15.03 9.88 113.52
CA UNK G 1072 14.72 8.68 114.28
C UNK G 1072 13.96 7.76 113.34
N UNK G 1073 14.17 6.45 113.47
CA UNK G 1073 13.48 5.47 112.64
C UNK G 1073 11.99 5.86 112.55
N UNK G 1074 11.38 6.08 113.71
CA UNK G 1074 9.99 6.44 113.75
C UNK G 1074 9.75 7.94 113.80
N UNK G 1075 8.48 8.32 113.79
CA UNK G 1075 8.11 9.72 113.83
C UNK G 1075 7.15 9.99 114.96
N UNK G 1076 6.44 11.11 114.83
CA UNK G 1076 5.46 11.54 115.80
C UNK G 1076 5.98 11.42 117.20
N UNK G 1077 7.05 12.15 117.49
CA UNK G 1077 7.61 12.14 118.81
C UNK G 1077 6.70 13.05 119.63
N UNK G 1078 6.90 13.11 120.93
CA UNK G 1078 6.12 14.00 121.79
C UNK G 1078 6.79 15.14 122.51
N UNK G 1079 7.47 14.83 123.62
CA UNK G 1079 8.17 15.83 124.40
C UNK G 1079 9.63 15.41 124.52
N UNK G 1080 10.53 16.23 124.00
CA UNK G 1080 11.92 15.83 123.91
C UNK G 1080 12.47 16.21 125.27
N UNK G 1081 13.20 15.32 125.92
CA UNK G 1081 13.75 15.65 127.24
C UNK G 1081 15.18 16.13 127.19
N UNK G 1082 15.37 17.45 127.08
CA UNK G 1082 16.73 18.01 127.06
C UNK G 1082 17.17 17.98 128.52
N UNK G 1083 18.43 18.30 128.78
CA UNK G 1083 18.90 18.29 130.16
C UNK G 1083 19.55 19.62 130.52
N UNK G 1084 20.11 19.73 131.73
CA UNK G 1084 20.75 20.98 132.13
C UNK G 1084 21.85 21.39 131.15
N UNK G 1085 22.90 20.56 131.06
CA UNK G 1085 24.02 20.80 130.18
C UNK G 1085 23.65 20.90 128.70
N UNK G 1086 22.41 20.57 128.34
CA UNK G 1086 21.95 20.61 126.95
C UNK G 1086 22.85 19.70 126.13
N UNK G 1087 23.36 18.67 126.79
CA UNK G 1087 24.30 17.72 126.19
C UNK G 1087 23.81 16.27 126.33
N UNK G 1088 22.49 16.11 126.53
CA UNK G 1088 21.88 14.79 126.66
C UNK G 1088 20.41 14.94 126.27
N UNK G 1089 19.89 13.98 125.51
CA UNK G 1089 18.50 14.06 125.08
C UNK G 1089 17.86 12.69 125.16
N UNK G 1090 16.57 12.65 125.47
CA UNK G 1090 15.85 11.38 125.55
C UNK G 1090 14.48 11.52 124.92
N UNK G 1091 14.11 10.52 124.12
CA UNK G 1091 12.80 10.56 123.48
C UNK G 1091 12.38 9.16 123.07
N UNK G 1092 11.20 9.06 122.50
CA UNK G 1092 10.67 7.76 122.10
C UNK G 1092 9.74 7.92 120.92
N UNK G 1093 10.05 7.25 119.81
CA UNK G 1093 9.23 7.33 118.60
C UNK G 1093 8.13 6.30 118.61
N UNK G 1094 7.14 6.47 117.73
CA UNK G 1094 6.03 5.53 117.67
C UNK G 1094 6.45 4.13 117.29
N UNK G 1095 7.75 3.91 117.16
CA UNK G 1095 8.24 2.59 116.86
C UNK G 1095 8.64 2.00 118.20
N UNK G 1096 8.39 2.75 119.27
CA UNK G 1096 8.70 2.28 120.61
C UNK G 1096 10.18 2.16 120.87
N UNK G 1097 10.96 2.92 120.12
CA UNK G 1097 12.39 2.90 120.27
C UNK G 1097 12.81 3.99 121.24
N UNK G 1098 13.63 3.63 122.23
CA UNK G 1098 14.09 4.58 123.23
C UNK G 1098 15.41 5.28 122.86
N UNK G 1099 15.31 6.52 122.40
CA UNK G 1099 16.51 7.25 122.03
C UNK G 1099 17.09 8.08 123.19
N UNK G 1100 18.30 7.72 123.61
CA UNK G 1100 18.99 8.47 124.65
C UNK G 1100 20.25 9.01 123.97
N UNK G 1101 20.12 10.17 123.35
CA UNK G 1101 21.22 10.81 122.64
C UNK G 1101 22.09 11.63 123.59
N UNK G 1102 23.31 11.95 123.17
CA UNK G 1102 24.22 12.71 124.03
C UNK G 1102 25.45 13.24 123.30
N TYR H 10 6.44 -47.59 10.75
CA TYR H 10 6.96 -47.36 12.09
C TYR H 10 7.21 -48.68 12.78
N GLN H 11 7.04 -48.73 14.10
CA GLN H 11 7.32 -49.97 14.82
C GLN H 11 6.33 -50.19 15.96
N TYR H 12 5.90 -51.44 16.12
CA TYR H 12 5.00 -51.79 17.21
C TYR H 12 5.52 -51.52 18.60
N LYS H 13 6.78 -51.84 18.83
CA LYS H 13 7.32 -51.68 20.14
C LYS H 13 7.35 -50.22 20.61
N ASP H 14 7.75 -49.32 19.74
CA ASP H 14 7.75 -47.92 20.08
C ASP H 14 6.36 -47.37 20.35
N ILE H 15 5.40 -47.80 19.56
CA ILE H 15 4.07 -47.25 19.64
C ILE H 15 3.51 -47.50 21.02
N LEU H 16 3.84 -48.64 21.61
CA LEU H 16 3.11 -49.17 22.75
C LEU H 16 3.10 -48.23 23.92
N SER H 17 4.26 -47.74 24.22
CA SER H 17 4.47 -46.93 25.43
C SER H 17 3.52 -45.73 25.49
N VAL H 18 3.14 -45.25 24.31
CA VAL H 18 2.24 -44.12 24.17
C VAL H 18 0.98 -44.26 25.01
N PHE H 19 0.19 -45.28 24.75
CA PHE H 19 -1.08 -45.43 25.45
C PHE H 19 -0.91 -46.41 26.60
N GLU H 20 0.16 -46.23 27.35
CA GLU H 20 0.34 -46.95 28.61
C GLU H 20 -0.64 -46.39 29.63
N ASP H 21 -0.92 -45.08 29.56
CA ASP H 21 -1.92 -44.43 30.40
C ASP H 21 -3.21 -45.25 30.50
N ALA H 22 -3.64 -45.79 29.35
CA ALA H 22 -4.83 -46.62 29.26
C ALA H 22 -4.60 -48.01 29.86
N PHE H 23 -3.47 -48.62 29.50
CA PHE H 23 -3.15 -49.98 29.93
C PHE H 23 -3.23 -50.19 31.46
N VAL H 24 -3.04 -49.11 32.21
CA VAL H 24 -3.21 -49.15 33.67
C VAL H 24 -4.67 -49.10 34.03
N ASP H 25 -5.38 -48.30 33.25
CA ASP H 25 -6.79 -48.09 33.50
C ASP H 25 -7.61 -49.37 33.41
N ASN H 26 -7.45 -50.17 32.36
CA ASN H 26 -8.20 -51.42 32.32
C ASN H 26 -7.48 -52.78 32.21
N PHE H 27 -6.33 -52.83 31.55
CA PHE H 27 -5.66 -54.11 31.37
C PHE H 27 -5.20 -54.59 32.71
N ASP H 28 -5.30 -55.89 32.94
CA ASP H 28 -4.53 -56.54 34.00
C ASP H 28 -3.86 -57.83 33.57
N CYS H 29 -2.54 -57.90 33.79
CA CYS H 29 -1.83 -59.15 33.51
C CYS H 29 -2.18 -60.31 34.42
N LYS H 30 -2.18 -60.05 35.72
CA LYS H 30 -2.26 -61.10 36.73
C LYS H 30 -3.33 -62.10 36.38
N ASP H 31 -4.54 -61.61 36.16
CA ASP H 31 -5.61 -62.47 35.68
C ASP H 31 -5.20 -62.94 34.31
N VAL H 32 -4.60 -62.00 33.60
CA VAL H 32 -4.61 -61.91 32.15
C VAL H 32 -3.51 -62.69 31.45
N GLN H 33 -3.53 -64.02 31.58
CA GLN H 33 -2.49 -64.80 30.91
C GLN H 33 -2.80 -66.23 30.52
N ASP H 34 -2.95 -66.45 29.22
CA ASP H 34 -2.45 -67.59 28.49
C ASP H 34 -0.93 -67.45 28.59
N MET H 35 -0.48 -66.21 28.45
CA MET H 35 0.94 -65.87 28.47
C MET H 35 1.81 -66.63 27.48
N PRO H 36 1.40 -66.55 26.14
CA PRO H 36 2.08 -67.56 25.28
C PRO H 36 3.57 -67.38 25.30
N LYS H 37 4.21 -68.50 25.49
CA LYS H 37 5.49 -68.62 26.15
C LYS H 37 6.52 -67.82 25.43
N SER H 38 6.46 -67.84 24.10
CA SER H 38 7.41 -67.06 23.31
C SER H 38 7.24 -65.52 23.29
N ILE H 39 6.03 -65.00 23.10
CA ILE H 39 5.83 -63.56 23.27
C ILE H 39 6.33 -63.07 24.65
N LEU H 40 5.83 -63.68 25.71
CA LEU H 40 6.30 -63.38 27.06
C LEU H 40 6.80 -64.65 27.78
N SER H 41 7.91 -64.52 28.49
CA SER H 41 8.47 -65.64 29.24
C SER H 41 7.45 -66.16 30.25
N LYS H 42 7.76 -67.26 30.94
CA LYS H 42 6.79 -67.86 31.84
C LYS H 42 7.04 -67.33 33.25
N GLU H 43 8.30 -67.05 33.56
CA GLU H 43 8.67 -66.38 34.81
C GLU H 43 8.20 -64.94 34.79
N GLU H 44 8.56 -64.23 33.71
CA GLU H 44 8.24 -62.82 33.57
C GLU H 44 6.75 -62.57 33.64
N ILE H 45 6.00 -63.45 33.00
CA ILE H 45 4.61 -63.55 33.25
C ILE H 45 4.52 -63.92 34.73
N ASP H 46 5.45 -64.76 35.14
CA ASP H 46 5.49 -65.19 36.51
C ASP H 46 5.74 -63.95 37.33
N HIS H 47 6.73 -63.16 36.91
CA HIS H 47 7.12 -62.03 37.72
C HIS H 47 6.04 -60.99 37.87
N ILE H 48 5.46 -60.61 36.75
CA ILE H 48 4.69 -59.40 36.73
C ILE H 48 3.51 -59.39 37.66
N ILE H 49 2.70 -60.44 37.62
CA ILE H 49 1.40 -60.45 38.29
C ILE H 49 1.57 -60.33 39.78
N MET H 50 2.78 -60.64 40.22
CA MET H 50 3.09 -60.63 41.62
C MET H 50 3.68 -59.32 42.10
N SER H 51 3.85 -58.36 41.21
CA SER H 51 4.24 -57.02 41.63
C SER H 51 3.04 -56.31 42.26
N LYS H 52 3.29 -55.31 43.08
CA LYS H 52 2.31 -54.83 44.02
C LYS H 52 1.00 -54.29 43.44
N ASP H 53 1.09 -53.46 42.42
CA ASP H 53 -0.01 -52.56 42.07
C ASP H 53 -0.53 -52.68 40.65
N ALA H 54 -1.22 -51.64 40.19
CA ALA H 54 -1.49 -51.54 38.78
C ALA H 54 -0.48 -50.70 38.03
N VAL H 55 -0.10 -49.56 38.58
CA VAL H 55 0.77 -48.65 37.85
C VAL H 55 2.14 -49.23 37.59
N SER H 56 2.52 -50.20 38.40
CA SER H 56 3.82 -50.83 38.38
C SER H 56 3.78 -52.07 37.50
N GLY H 57 2.67 -52.78 37.55
CA GLY H 57 2.51 -53.92 36.68
C GLY H 57 2.54 -53.45 35.25
N THR H 58 1.85 -52.37 34.95
CA THR H 58 1.87 -52.06 33.56
C THR H 58 3.36 -52.03 33.29
N LEU H 59 4.11 -51.38 34.16
CA LEU H 59 5.49 -51.02 33.85
C LEU H 59 6.41 -52.20 33.59
N ARG H 60 6.24 -53.27 34.35
CA ARG H 60 6.97 -54.47 34.00
C ARG H 60 6.50 -54.98 32.66
N LEU H 61 5.19 -55.02 32.44
CA LEU H 61 4.72 -55.62 31.21
C LEU H 61 5.30 -54.86 30.01
N PHE H 62 5.09 -53.55 30.01
CA PHE H 62 5.56 -52.71 28.92
C PHE H 62 7.08 -52.69 28.89
N TRP H 63 7.71 -52.98 30.01
CA TRP H 63 9.17 -52.99 30.02
C TRP H 63 9.74 -54.24 29.36
N THR H 64 9.52 -55.39 30.00
CA THR H 64 10.06 -56.66 29.53
C THR H 64 9.72 -56.95 28.07
N LEU H 65 8.49 -56.61 27.69
CA LEU H 65 7.99 -56.90 26.36
C LEU H 65 8.61 -56.02 25.27
N LEU H 66 9.05 -54.85 25.69
CA LEU H 66 9.93 -54.00 24.91
C LEU H 66 11.27 -54.67 24.67
N SER H 67 11.69 -55.48 25.64
CA SER H 67 13.00 -56.12 25.61
C SER H 67 13.13 -57.11 24.46
N LYS H 68 12.04 -57.82 24.22
CA LYS H 68 11.99 -58.89 23.24
C LYS H 68 12.00 -58.37 21.82
N GLN H 69 12.36 -59.23 20.87
CA GLN H 69 12.50 -58.84 19.48
C GLN H 69 11.17 -58.32 18.97
N GLU H 70 11.26 -57.33 18.09
CA GLU H 70 10.13 -56.51 17.68
C GLU H 70 9.00 -57.27 17.00
N GLU H 71 9.29 -58.49 16.57
CA GLU H 71 8.33 -59.27 15.79
C GLU H 71 7.28 -59.98 16.64
N MET H 72 7.65 -60.41 17.84
CA MET H 72 6.73 -61.18 18.65
C MET H 72 5.68 -60.27 19.25
N VAL H 73 6.10 -59.11 19.73
CA VAL H 73 5.15 -58.26 20.41
C VAL H 73 3.88 -58.39 19.61
N GLN H 74 4.01 -58.33 18.29
CA GLN H 74 2.87 -58.44 17.40
C GLN H 74 1.98 -59.59 17.84
N LYS H 75 2.60 -60.63 18.38
CA LYS H 75 1.87 -61.76 18.88
C LYS H 75 0.98 -61.21 19.97
N PHE H 76 1.61 -60.36 20.77
CA PHE H 76 0.97 -59.77 21.92
C PHE H 76 -0.04 -58.75 21.48
N VAL H 77 0.41 -57.88 20.61
CA VAL H 77 -0.38 -56.78 20.14
C VAL H 77 -1.61 -57.28 19.40
N GLU H 78 -1.47 -58.37 18.68
CA GLU H 78 -2.54 -58.76 17.80
C GLU H 78 -3.35 -59.95 18.27
N GLU H 79 -2.82 -61.13 18.05
CA GLU H 79 -3.57 -62.32 18.36
C GLU H 79 -3.87 -62.48 19.83
N VAL H 80 -2.86 -62.22 20.66
CA VAL H 80 -3.05 -62.34 22.11
C VAL H 80 -4.09 -61.37 22.66
N LEU H 81 -3.73 -60.11 22.65
CA LEU H 81 -4.40 -59.12 23.44
C LEU H 81 -5.83 -59.01 22.98
N ARG H 82 -6.01 -59.38 21.72
CA ARG H 82 -7.30 -59.47 21.09
C ARG H 82 -8.19 -60.53 21.70
N ILE H 83 -7.60 -61.62 22.14
CA ILE H 83 -8.39 -62.77 22.54
C ILE H 83 -9.34 -62.48 23.71
N ASN H 84 -8.88 -61.72 24.68
CA ASN H 84 -9.76 -61.28 25.74
C ASN H 84 -9.99 -59.78 25.65
N TYR H 85 -9.50 -59.16 24.59
CA TYR H 85 -9.56 -57.72 24.50
C TYR H 85 -9.92 -57.28 23.11
N LYS H 86 -10.69 -56.19 23.08
CA LYS H 86 -11.02 -55.40 21.88
C LYS H 86 -10.69 -53.92 21.95
N PHE H 87 -11.32 -53.26 22.91
CA PHE H 87 -11.22 -51.83 23.11
C PHE H 87 -9.78 -51.43 22.98
N LEU H 88 -8.91 -52.12 23.70
CA LEU H 88 -7.53 -51.90 23.52
C LEU H 88 -6.85 -52.08 22.15
N MET H 89 -6.91 -53.29 21.59
CA MET H 89 -6.17 -53.64 20.38
C MET H 89 -6.21 -52.55 19.30
N SER H 90 -7.42 -52.05 19.04
CA SER H 90 -7.63 -51.11 17.99
C SER H 90 -6.85 -49.85 18.30
N PRO H 91 -6.99 -49.38 19.62
CA PRO H 91 -6.20 -48.16 19.86
C PRO H 91 -4.74 -48.27 19.50
N ILE H 92 -4.05 -49.34 19.83
CA ILE H 92 -2.67 -49.40 19.36
C ILE H 92 -2.62 -49.52 17.85
N LYS H 93 -3.41 -50.45 17.33
CA LYS H 93 -3.36 -50.80 15.91
C LYS H 93 -3.59 -49.59 15.02
N THR H 94 -4.37 -48.65 15.51
CA THR H 94 -4.69 -47.46 14.77
C THR H 94 -3.45 -46.62 14.79
N GLU H 95 -2.51 -47.05 15.61
CA GLU H 95 -1.24 -46.35 15.78
C GLU H 95 -0.12 -46.82 14.85
N GLN H 96 0.00 -48.11 14.71
CA GLN H 96 1.15 -48.57 14.03
C GLN H 96 1.05 -47.84 12.71
N ARG H 97 -0.12 -47.82 12.08
CA ARG H 97 -0.27 -46.93 10.96
C ARG H 97 -0.37 -45.44 11.31
N GLN H 98 -1.22 -45.11 12.27
CA GLN H 98 -1.66 -43.73 12.44
C GLN H 98 -0.66 -42.68 12.91
N PRO H 99 0.13 -43.03 13.92
CA PRO H 99 1.19 -42.17 14.39
C PRO H 99 0.78 -40.70 14.66
N SER H 100 -0.21 -40.48 15.52
CA SER H 100 -0.74 -39.15 15.74
C SER H 100 0.37 -38.24 16.12
N MET H 101 0.34 -36.99 15.67
CA MET H 101 1.55 -36.22 15.62
C MET H 101 2.22 -36.07 16.98
N MET H 102 1.47 -35.70 18.00
CA MET H 102 2.14 -35.74 19.29
C MET H 102 2.94 -37.04 19.49
N THR H 103 2.37 -38.17 19.07
CA THR H 103 3.02 -39.46 19.21
C THR H 103 4.37 -39.49 18.49
N ARG H 104 4.38 -39.20 17.21
CA ARG H 104 5.63 -39.24 16.52
C ARG H 104 6.48 -38.21 17.18
N MET H 105 5.92 -37.10 17.58
CA MET H 105 6.85 -36.14 18.09
C MET H 105 7.59 -36.77 19.25
N TYR H 106 6.91 -37.54 20.09
CA TYR H 106 7.64 -38.14 21.20
C TYR H 106 8.71 -39.10 20.73
N ILE H 107 8.34 -40.02 19.85
CA ILE H 107 9.27 -41.07 19.50
C ILE H 107 10.44 -40.42 18.89
N GLU H 108 10.17 -39.39 18.11
CA GLU H 108 11.22 -38.70 17.41
C GLU H 108 12.16 -38.19 18.44
N GLN H 109 11.60 -37.58 19.47
CA GLN H 109 12.45 -37.14 20.53
C GLN H 109 13.02 -38.34 21.20
N ARG H 110 12.21 -39.33 21.49
CA ARG H 110 12.74 -40.28 22.44
C ARG H 110 14.02 -40.86 21.92
N ASP H 111 14.08 -41.20 20.64
CA ASP H 111 15.29 -41.80 20.11
C ASP H 111 16.41 -40.80 20.27
N ARG H 112 16.10 -39.53 20.15
CA ARG H 112 17.16 -38.57 20.24
C ARG H 112 17.81 -38.86 21.57
N LEU H 113 16.97 -39.24 22.52
CA LEU H 113 17.44 -39.49 23.86
C LEU H 113 18.37 -40.68 24.00
N TYR H 114 18.01 -41.79 23.37
CA TYR H 114 18.80 -42.98 23.51
C TYR H 114 20.07 -42.74 22.84
N ASN H 115 19.92 -42.29 21.61
CA ASN H 115 20.93 -42.29 20.60
C ASN H 115 22.07 -41.44 21.10
N ASP H 116 21.75 -40.28 21.63
CA ASP H 116 22.80 -39.47 22.18
C ASP H 116 23.39 -40.15 23.37
N ASN H 117 22.55 -40.79 24.16
CA ASN H 117 23.02 -41.53 25.32
C ASN H 117 23.86 -42.76 25.05
N GLN H 118 23.56 -43.45 23.95
CA GLN H 118 24.39 -44.55 23.49
C GLN H 118 24.36 -45.80 24.37
N VAL H 119 25.18 -45.83 25.42
CA VAL H 119 25.41 -47.05 26.15
C VAL H 119 24.10 -47.41 26.78
N PHE H 120 23.41 -46.40 27.25
CA PHE H 120 22.23 -46.66 28.01
C PHE H 120 21.27 -47.46 27.15
N ALA H 121 21.04 -47.08 25.91
CA ALA H 121 20.04 -47.83 25.14
C ALA H 121 20.20 -49.37 25.19
N LYS H 122 21.38 -49.86 25.56
CA LYS H 122 21.59 -51.30 25.61
C LYS H 122 21.63 -51.84 27.03
N TYR H 123 22.48 -51.24 27.85
CA TYR H 123 22.72 -51.76 29.19
C TYR H 123 21.64 -51.30 30.16
N ASN H 124 20.86 -50.30 29.86
CA ASN H 124 20.06 -49.77 30.95
C ASN H 124 19.13 -50.86 31.35
N VAL H 125 18.90 -51.00 32.66
CA VAL H 125 17.78 -51.80 33.17
C VAL H 125 16.91 -50.99 34.11
N SER H 126 15.62 -50.98 33.86
CA SER H 126 14.70 -50.12 34.59
C SER H 126 14.47 -50.59 36.02
N ARG H 127 14.73 -49.71 36.98
CA ARG H 127 14.48 -50.04 38.37
C ARG H 127 13.15 -49.48 38.76
N LEU H 128 12.21 -50.37 39.03
CA LEU H 128 10.84 -49.97 39.26
C LEU H 128 10.69 -49.10 40.46
N GLN H 129 11.38 -49.44 41.51
CA GLN H 129 11.12 -48.75 42.74
C GLN H 129 11.51 -47.32 42.69
N PRO H 130 12.66 -47.04 42.10
CA PRO H 130 13.25 -45.70 42.12
C PRO H 130 12.72 -44.87 40.95
N TYR H 131 12.11 -45.51 39.96
CA TYR H 131 11.60 -44.75 38.84
C TYR H 131 10.26 -44.29 39.24
N LEU H 132 9.48 -45.20 39.77
CA LEU H 132 8.10 -44.93 40.02
C LEU H 132 8.08 -43.83 41.03
N LYS H 133 9.11 -43.81 41.84
CA LYS H 133 9.22 -42.83 42.91
C LYS H 133 9.57 -41.47 42.33
N LEU H 134 10.42 -41.48 41.30
CA LEU H 134 10.80 -40.26 40.62
C LEU H 134 9.71 -39.69 39.77
N ARG H 135 9.07 -40.53 38.99
CA ARG H 135 8.17 -40.08 37.97
C ARG H 135 7.05 -39.30 38.61
N GLN H 136 6.67 -39.68 39.81
CA GLN H 136 5.59 -38.98 40.42
C GLN H 136 6.00 -37.54 40.54
N ALA H 137 7.27 -37.30 40.84
CA ALA H 137 7.70 -35.92 41.01
C ALA H 137 7.51 -35.14 39.72
N LEU H 138 7.91 -35.71 38.59
CA LEU H 138 7.92 -34.95 37.34
C LEU H 138 6.57 -34.48 36.87
N LEU H 139 5.54 -35.28 37.10
CA LEU H 139 4.20 -34.83 36.83
C LEU H 139 3.77 -33.62 37.70
N GLU H 140 4.18 -33.58 38.97
CA GLU H 140 3.75 -32.51 39.86
C GLU H 140 4.56 -31.25 39.66
N LEU H 141 5.88 -31.42 39.60
CA LEU H 141 6.87 -30.34 39.52
C LEU H 141 6.42 -29.13 38.68
N ARG H 142 6.44 -27.96 39.32
CA ARG H 142 5.82 -26.75 38.78
C ARG H 142 6.81 -25.98 37.90
N PRO H 143 6.36 -24.92 37.18
CA PRO H 143 7.32 -24.44 36.18
C PRO H 143 8.55 -23.79 36.77
N ALA H 144 8.60 -23.63 38.10
CA ALA H 144 9.76 -23.00 38.74
C ALA H 144 10.36 -23.83 39.87
N LYS H 145 9.65 -24.86 40.31
CA LYS H 145 10.19 -25.80 41.29
C LYS H 145 11.27 -26.69 40.65
N ASN H 146 11.85 -27.58 41.43
CA ASN H 146 12.82 -28.55 40.88
C ASN H 146 13.05 -29.80 41.71
N VAL H 147 12.93 -30.95 41.06
CA VAL H 147 12.98 -32.24 41.74
C VAL H 147 14.35 -32.84 41.72
N LEU H 148 15.01 -32.87 42.86
CA LEU H 148 16.38 -33.34 42.95
C LEU H 148 16.54 -34.83 43.32
N ILE H 149 17.52 -35.46 42.67
CA ILE H 149 17.92 -36.84 42.96
C ILE H 149 19.36 -36.86 43.43
N ASP H 150 19.68 -37.72 44.39
CA ASP H 150 21.07 -37.88 44.78
C ASP H 150 21.32 -39.27 45.32
N GLY H 151 22.38 -39.90 44.85
CA GLY H 151 22.77 -41.19 45.35
C GLY H 151 24.28 -41.25 45.52
N VAL H 152 24.76 -42.33 46.08
CA VAL H 152 26.17 -42.44 46.34
C VAL H 152 26.68 -42.56 44.94
N LEU H 153 27.96 -42.34 44.72
CA LEU H 153 28.41 -42.19 43.36
C LEU H 153 28.09 -43.47 42.64
N GLY H 154 27.84 -43.39 41.35
CA GLY H 154 27.47 -44.58 40.61
C GLY H 154 26.23 -45.24 41.12
N SER H 155 25.30 -44.43 41.56
CA SER H 155 23.97 -44.90 41.76
C SER H 155 23.17 -44.67 40.49
N GLY H 156 23.89 -44.31 39.43
CA GLY H 156 23.29 -44.24 38.14
C GLY H 156 22.06 -43.43 38.35
N LYS H 157 22.20 -42.26 38.97
CA LYS H 157 21.04 -41.42 39.11
C LYS H 157 20.56 -41.08 37.72
N THR H 158 21.50 -40.75 36.86
CA THR H 158 21.17 -40.13 35.61
C THR H 158 20.30 -41.07 34.85
N TRP H 159 20.78 -42.29 34.77
CA TRP H 159 20.13 -43.38 34.06
C TRP H 159 18.67 -43.54 34.44
N VAL H 160 18.35 -43.28 35.71
CA VAL H 160 16.95 -43.28 36.14
C VAL H 160 16.23 -42.08 35.51
N ALA H 161 16.88 -40.92 35.68
CA ALA H 161 16.40 -39.68 35.09
C ALA H 161 16.15 -39.89 33.61
N LEU H 162 17.15 -40.43 32.92
CA LEU H 162 17.05 -40.71 31.50
C LEU H 162 15.85 -41.56 31.19
N ASP H 163 15.50 -42.44 32.13
CA ASP H 163 14.46 -43.41 31.89
C ASP H 163 13.08 -42.82 32.12
N VAL H 164 12.93 -42.07 33.21
CA VAL H 164 11.64 -41.42 33.46
C VAL H 164 11.40 -40.35 32.42
N CYS H 165 12.47 -39.69 32.02
CA CYS H 165 12.40 -38.69 30.96
C CYS H 165 12.03 -39.36 29.65
N LEU H 166 12.34 -40.64 29.51
CA LEU H 166 11.96 -41.44 28.33
C LEU H 166 10.45 -41.74 28.31
N SER H 167 9.86 -41.88 29.48
CA SER H 167 8.46 -42.23 29.60
C SER H 167 7.56 -41.24 28.90
N TYR H 168 6.67 -41.72 28.06
CA TYR H 168 5.88 -40.81 27.32
C TYR H 168 5.17 -39.95 28.31
N LYS H 169 4.76 -40.52 29.42
CA LYS H 169 4.05 -39.73 30.39
C LYS H 169 4.94 -38.62 30.87
N VAL H 170 6.21 -38.91 31.10
CA VAL H 170 7.07 -37.85 31.57
C VAL H 170 7.18 -36.85 30.49
N GLN H 171 7.35 -37.29 29.27
CA GLN H 171 7.66 -36.37 28.21
C GLN H 171 6.58 -35.40 27.86
N CYS H 172 5.35 -35.86 27.79
CA CYS H 172 4.28 -34.98 27.37
C CYS H 172 4.23 -33.85 28.37
N LYS H 173 4.43 -34.16 29.62
CA LYS H 173 4.33 -33.16 30.66
C LYS H 173 5.47 -32.21 30.50
N MET H 174 6.39 -32.56 29.64
CA MET H 174 7.53 -31.71 29.39
C MET H 174 7.58 -31.27 27.96
N ASP H 175 6.62 -31.73 27.18
CA ASP H 175 6.43 -31.29 25.83
C ASP H 175 7.66 -31.49 25.02
N PHE H 176 8.42 -32.50 25.40
CA PHE H 176 9.45 -33.02 24.55
C PHE H 176 10.61 -32.09 24.50
N LYS H 177 10.71 -31.21 25.47
CA LYS H 177 11.87 -30.33 25.46
C LYS H 177 12.60 -30.54 26.76
N ILE H 178 13.61 -31.40 26.74
CA ILE H 178 14.31 -31.77 27.95
C ILE H 178 15.80 -31.58 27.82
N PHE H 179 16.25 -30.34 27.89
CA PHE H 179 17.63 -30.01 27.60
C PHE H 179 18.63 -30.57 28.62
N TRP H 180 19.29 -31.66 28.26
CA TRP H 180 20.30 -32.29 29.11
C TRP H 180 21.55 -31.44 29.20
N LEU H 181 22.19 -31.43 30.36
CA LEU H 181 23.44 -30.70 30.55
C LEU H 181 24.29 -31.33 31.65
N ASN H 182 25.26 -32.14 31.30
CA ASN H 182 26.14 -32.71 32.32
C ASN H 182 27.09 -31.65 32.86
N LEU H 183 26.88 -31.29 34.13
CA LEU H 183 27.70 -30.25 34.74
C LEU H 183 29.02 -30.79 35.29
N LYS H 184 29.75 -31.54 34.48
CA LYS H 184 31.11 -31.90 34.83
C LYS H 184 32.02 -30.71 34.54
N ASN H 185 33.00 -30.49 35.41
CA ASN H 185 33.83 -29.30 35.35
C ASN H 185 32.93 -28.08 35.36
N CYS H 186 32.27 -27.85 36.49
CA CYS H 186 31.25 -26.81 36.59
C CYS H 186 31.34 -26.04 37.91
N ASN H 187 32.55 -25.99 38.47
CA ASN H 187 32.80 -25.17 39.65
C ASN H 187 33.80 -24.07 39.31
N SER H 188 33.42 -23.23 38.36
CA SER H 188 34.18 -22.05 37.99
C SER H 188 33.10 -21.10 37.55
N PRO H 189 33.42 -19.82 37.47
CA PRO H 189 32.46 -18.87 36.95
C PRO H 189 32.30 -19.06 35.48
N GLU H 190 33.43 -19.11 34.81
CA GLU H 190 33.45 -19.03 33.37
C GLU H 190 32.80 -20.23 32.69
N THR H 191 33.05 -21.41 33.23
CA THR H 191 32.70 -22.61 32.52
C THR H 191 31.21 -22.58 32.29
N VAL H 192 30.48 -22.05 33.25
CA VAL H 192 29.06 -21.95 33.08
C VAL H 192 28.80 -21.12 31.84
N LEU H 193 29.71 -20.19 31.58
CA LEU H 193 29.61 -19.44 30.35
C LEU H 193 29.74 -20.38 29.18
N GLU H 194 30.59 -21.37 29.30
CA GLU H 194 30.60 -22.46 28.33
C GLU H 194 29.28 -23.23 28.36
N MET H 195 28.76 -23.47 29.56
CA MET H 195 27.56 -24.28 29.73
C MET H 195 26.30 -23.53 29.35
N LEU H 196 26.13 -22.34 29.90
CA LEU H 196 25.00 -21.50 29.54
C LEU H 196 25.02 -21.23 28.04
N GLN H 197 26.22 -21.10 27.49
CA GLN H 197 26.36 -20.99 26.05
C GLN H 197 25.72 -22.21 25.40
N LYS H 198 26.04 -23.38 25.92
CA LYS H 198 25.54 -24.62 25.33
C LYS H 198 24.05 -24.81 25.50
N LEU H 199 23.49 -24.32 26.61
CA LEU H 199 22.06 -24.39 26.81
C LEU H 199 21.37 -23.51 25.78
N LEU H 200 21.85 -22.27 25.69
CA LEU H 200 21.35 -21.34 24.71
C LEU H 200 21.41 -21.97 23.31
N TYR H 201 22.52 -22.64 23.01
CA TYR H 201 22.63 -23.34 21.72
C TYR H 201 21.58 -24.43 21.56
N GLN H 202 21.31 -25.19 22.62
CA GLN H 202 20.22 -26.18 22.58
C GLN H 202 18.92 -25.50 22.17
N ILE H 203 18.56 -24.49 22.95
CA ILE H 203 17.35 -23.71 22.74
C ILE H 203 17.21 -23.22 21.29
N ASP H 204 18.23 -22.55 20.77
CA ASP H 204 18.18 -21.94 19.44
C ASP H 204 19.54 -21.38 19.05
N PRO H 205 19.95 -21.62 17.79
CA PRO H 205 21.26 -21.15 17.31
C PRO H 205 21.28 -19.66 17.00
N ASN H 206 21.08 -18.84 18.03
CA ASN H 206 21.05 -17.39 17.89
C ASN H 206 21.65 -16.71 19.11
N TRP H 207 22.49 -15.70 18.87
CA TRP H 207 22.80 -14.73 19.91
C TRP H 207 23.49 -13.46 19.39
N THR H 208 23.03 -12.33 19.91
CA THR H 208 23.68 -11.04 19.70
C THR H 208 24.85 -10.90 20.68
N SER H 209 26.00 -11.45 20.31
CA SER H 209 27.15 -11.50 21.21
C SER H 209 27.96 -10.22 21.21
N ARG H 210 27.35 -9.11 20.79
CA ARG H 210 28.00 -7.80 20.84
C ARG H 210 27.95 -7.24 22.26
N SER H 211 27.05 -7.81 23.06
CA SER H 211 26.88 -7.44 24.46
C SER H 211 28.08 -7.95 25.26
N ASP H 212 28.94 -8.75 24.65
CA ASP H 212 30.06 -9.33 25.38
C ASP H 212 31.03 -8.25 25.83
N HIS H 213 31.17 -8.15 27.14
CA HIS H 213 32.12 -7.21 27.73
C HIS H 213 33.07 -7.99 28.60
N SER H 214 34.28 -8.19 28.08
CA SER H 214 35.26 -9.04 28.73
C SER H 214 35.78 -8.43 30.02
N SER H 215 35.18 -7.32 30.48
CA SER H 215 35.48 -6.76 31.79
C SER H 215 35.26 -7.83 32.85
N ASN H 216 34.19 -8.59 32.69
CA ASN H 216 33.94 -9.75 33.53
C ASN H 216 33.37 -10.94 32.76
N ILE H 217 33.93 -12.10 33.06
CA ILE H 217 33.38 -13.37 32.61
C ILE H 217 32.21 -13.64 33.56
N LYS H 218 32.16 -12.84 34.62
CA LYS H 218 31.16 -12.97 35.69
C LYS H 218 29.98 -12.00 35.57
N LEU H 219 30.18 -10.95 34.77
CA LEU H 219 29.14 -9.98 34.49
C LEU H 219 28.41 -10.42 33.25
N ARG H 220 29.18 -10.83 32.25
CA ARG H 220 28.62 -11.34 31.00
C ARG H 220 27.74 -12.57 31.26
N ILE H 221 28.02 -13.26 32.35
CA ILE H 221 27.26 -14.45 32.71
C ILE H 221 25.83 -14.12 33.10
N HIS H 222 25.60 -12.88 33.51
CA HIS H 222 24.25 -12.51 33.90
C HIS H 222 23.49 -12.21 32.62
N SER H 223 24.22 -11.75 31.61
CA SER H 223 23.58 -11.46 30.34
C SER H 223 23.04 -12.73 29.68
N ILE H 224 23.76 -13.84 29.82
CA ILE H 224 23.35 -15.05 29.12
C ILE H 224 22.13 -15.63 29.84
N GLN H 225 22.12 -15.50 31.16
CA GLN H 225 20.97 -15.92 31.95
C GLN H 225 19.81 -15.00 31.63
N ALA H 226 20.13 -13.73 31.51
CA ALA H 226 19.15 -12.70 31.17
C ALA H 226 18.46 -13.04 29.87
N GLU H 227 19.24 -13.37 28.85
CA GLU H 227 18.67 -13.80 27.58
C GLU H 227 17.95 -15.11 27.74
N LEU H 228 18.61 -16.08 28.38
CA LEU H 228 18.05 -17.41 28.57
C LEU H 228 16.72 -17.36 29.30
N ARG H 229 16.58 -16.39 30.21
CA ARG H 229 15.32 -16.22 30.94
C ARG H 229 14.21 -15.79 29.99
N ARG H 230 14.43 -14.69 29.29
CA ARG H 230 13.47 -14.18 28.30
C ARG H 230 13.01 -15.25 27.31
N LEU H 231 13.97 -16.05 26.84
CA LEU H 231 13.69 -16.99 25.78
C LEU H 231 12.85 -18.15 26.28
N LEU H 232 13.04 -18.54 27.54
CA LEU H 232 12.37 -19.73 28.04
C LEU H 232 10.88 -19.51 28.31
N LYS H 233 10.51 -18.56 29.18
CA LYS H 233 9.08 -18.26 29.34
C LYS H 233 8.58 -17.61 28.04
N SER H 234 8.53 -18.49 27.07
CA SER H 234 8.01 -18.30 25.77
C SER H 234 7.16 -19.54 25.53
N LYS H 235 6.02 -19.42 24.87
CA LYS H 235 4.99 -20.37 25.18
C LYS H 235 5.44 -21.80 24.93
N PRO H 236 6.05 -22.06 23.78
CA PRO H 236 6.39 -23.43 23.40
C PRO H 236 7.34 -23.95 24.45
N TYR H 237 8.19 -23.08 24.93
CA TYR H 237 9.23 -23.49 25.85
C TYR H 237 8.84 -23.42 27.28
N GLU H 238 7.61 -22.98 27.53
CA GLU H 238 7.15 -22.60 28.85
C GLU H 238 7.72 -23.52 29.92
N ASN H 239 7.38 -24.80 29.80
CA ASN H 239 7.85 -25.78 30.75
C ASN H 239 8.73 -26.75 30.04
N CYS H 240 9.97 -26.88 30.47
CA CYS H 240 10.76 -28.01 30.07
C CYS H 240 11.71 -28.35 31.16
N LEU H 241 11.79 -29.62 31.52
CA LEU H 241 12.66 -30.02 32.59
C LEU H 241 14.05 -29.81 32.09
N LEU H 242 14.93 -29.16 32.80
CA LEU H 242 16.24 -29.09 32.26
C LEU H 242 16.84 -29.82 33.34
N VAL H 243 17.57 -30.89 33.04
CA VAL H 243 18.04 -31.85 34.01
C VAL H 243 19.51 -31.67 34.15
N LEU H 244 20.00 -31.48 35.36
CA LEU H 244 21.42 -31.28 35.56
C LEU H 244 22.12 -32.46 36.19
N LEU H 245 23.15 -32.97 35.56
CA LEU H 245 23.72 -34.21 35.99
C LEU H 245 25.03 -33.95 36.74
N ASN H 246 25.11 -34.41 37.99
CA ASN H 246 26.33 -34.29 38.79
C ASN H 246 26.54 -32.95 39.40
N VAL H 247 25.55 -32.13 39.21
CA VAL H 247 25.69 -30.74 39.66
C VAL H 247 26.77 -30.66 40.70
N GLN H 248 27.87 -30.00 40.36
CA GLN H 248 29.06 -30.02 41.21
C GLN H 248 28.76 -29.47 42.58
N ASN H 249 28.47 -28.19 42.67
CA ASN H 249 28.18 -27.61 43.97
C ASN H 249 26.94 -26.76 43.98
N ALA H 250 26.71 -26.12 45.11
CA ALA H 250 25.61 -25.19 45.27
C ALA H 250 25.80 -24.03 44.30
N LYS H 251 27.03 -23.53 44.23
CA LYS H 251 27.32 -22.30 43.50
C LYS H 251 26.94 -22.40 42.01
N ALA H 252 27.14 -23.58 41.42
CA ALA H 252 26.84 -23.78 40.01
C ALA H 252 25.35 -23.69 39.77
N TRP H 253 24.59 -24.31 40.67
CA TRP H 253 23.13 -24.40 40.58
C TRP H 253 22.48 -23.03 40.63
N ASN H 254 23.12 -22.11 41.35
CA ASN H 254 22.63 -20.75 41.50
C ASN H 254 22.48 -20.08 40.13
N ALA H 255 23.45 -20.33 39.26
CA ALA H 255 23.43 -19.74 37.92
C ALA H 255 22.40 -20.44 37.04
N PHE H 256 22.04 -21.66 37.36
CA PHE H 256 21.17 -22.32 36.43
C PHE H 256 19.70 -22.20 36.68
N ASN H 257 19.32 -21.84 37.89
CA ASN H 257 17.89 -21.76 38.15
C ASN H 257 17.33 -20.66 37.27
N LEU H 258 16.40 -21.02 36.40
CA LEU H 258 15.92 -20.08 35.40
C LEU H 258 14.42 -19.90 35.50
N SER H 259 13.87 -20.08 36.71
CA SER H 259 12.44 -20.28 36.87
C SER H 259 12.04 -21.40 35.92
N CYS H 260 12.86 -22.45 35.93
CA CYS H 260 12.76 -23.57 35.01
C CYS H 260 12.24 -24.79 35.75
N LYS H 261 11.47 -25.65 35.10
CA LYS H 261 11.05 -26.89 35.76
C LYS H 261 12.19 -27.88 35.82
N ILE H 262 13.38 -27.43 36.24
CA ILE H 262 14.55 -28.31 36.21
C ILE H 262 14.42 -29.48 37.21
N LEU H 263 15.38 -30.39 37.12
CA LEU H 263 15.50 -31.50 38.04
C LEU H 263 16.96 -31.93 37.94
N LEU H 264 17.63 -32.14 39.03
CA LEU H 264 19.03 -32.36 38.89
C LEU H 264 19.48 -33.60 39.58
N THR H 265 20.61 -34.12 39.15
CA THR H 265 21.18 -35.24 39.82
C THR H 265 22.29 -34.80 40.76
N THR H 266 21.97 -34.75 42.03
CA THR H 266 22.86 -34.29 43.05
C THR H 266 23.92 -35.33 43.07
N ARG H 267 25.06 -35.06 43.71
CA ARG H 267 26.11 -36.07 43.84
C ARG H 267 26.66 -36.04 45.26
N PHE H 268 26.77 -34.82 45.79
CA PHE H 268 27.22 -34.54 47.12
C PHE H 268 26.11 -34.39 48.14
N LYS H 269 26.50 -34.43 49.40
CA LYS H 269 25.59 -34.08 50.44
C LYS H 269 25.70 -32.61 50.64
N GLN H 270 26.60 -31.95 49.91
CA GLN H 270 26.65 -30.51 50.14
C GLN H 270 25.54 -29.88 49.31
N VAL H 271 25.24 -30.53 48.19
CA VAL H 271 24.24 -30.05 47.24
C VAL H 271 22.85 -30.46 47.69
N THR H 272 22.64 -31.75 47.94
CA THR H 272 21.35 -32.22 48.43
C THR H 272 21.06 -31.61 49.78
N ASP H 273 22.12 -31.14 50.44
CA ASP H 273 21.99 -30.42 51.71
C ASP H 273 21.35 -29.07 51.47
N PHE H 274 21.64 -28.50 50.30
CA PHE H 274 21.34 -27.10 50.03
C PHE H 274 19.92 -26.90 49.52
N LEU H 275 19.51 -27.54 48.46
CA LEU H 275 18.11 -27.34 48.09
C LEU H 275 17.16 -27.94 49.16
N SER H 276 16.22 -27.15 49.63
CA SER H 276 15.50 -27.50 50.85
C SER H 276 14.07 -27.79 50.53
N ALA H 277 13.55 -28.78 51.21
CA ALA H 277 12.56 -29.65 50.70
C ALA H 277 11.39 -28.83 50.24
N ALA H 278 11.12 -27.72 50.91
CA ALA H 278 9.90 -27.01 50.61
C ALA H 278 9.91 -26.61 49.16
N THR H 279 11.02 -26.07 48.67
CA THR H 279 11.12 -25.79 47.25
C THR H 279 11.11 -27.03 46.34
N THR H 280 11.83 -28.08 46.72
CA THR H 280 12.13 -29.19 45.82
C THR H 280 12.09 -30.52 46.57
N THR H 281 11.85 -31.63 45.89
CA THR H 281 11.53 -32.87 46.59
C THR H 281 12.76 -33.76 46.46
N HIS H 282 12.99 -34.60 47.44
CA HIS H 282 14.32 -35.10 47.54
C HIS H 282 14.27 -36.56 47.36
N ILE H 283 14.91 -37.04 46.32
CA ILE H 283 14.82 -38.42 45.99
C ILE H 283 16.19 -38.92 46.27
N SER H 284 16.31 -40.14 46.76
CA SER H 284 17.65 -40.56 47.05
C SER H 284 17.98 -41.94 46.62
N LEU H 285 19.12 -42.39 47.08
CA LEU H 285 19.52 -43.75 46.81
C LEU H 285 20.47 -44.26 47.88
N ASP H 286 20.47 -43.54 48.98
CA ASP H 286 21.01 -44.08 50.19
C ASP H 286 19.81 -44.82 50.74
N HIS H 287 19.19 -45.65 49.93
CA HIS H 287 17.95 -46.18 50.44
C HIS H 287 17.71 -47.65 50.30
N HIS H 288 17.02 -48.21 51.29
CA HIS H 288 16.71 -49.61 51.21
C HIS H 288 15.80 -49.81 50.00
N SER H 289 14.80 -48.95 49.85
CA SER H 289 13.95 -48.98 48.66
C SER H 289 14.58 -48.50 47.36
N MET H 290 15.20 -47.33 47.40
CA MET H 290 15.78 -46.71 46.22
C MET H 290 16.76 -47.65 45.54
N THR H 291 17.55 -48.37 46.34
CA THR H 291 18.53 -49.28 45.79
C THR H 291 17.83 -50.52 45.33
N LEU H 292 18.57 -51.33 44.57
CA LEU H 292 18.03 -52.49 43.88
C LEU H 292 17.64 -53.68 44.74
N THR H 293 16.48 -54.26 44.43
CA THR H 293 16.05 -55.51 45.00
C THR H 293 17.01 -56.52 44.41
N PRO H 294 17.37 -57.57 45.14
CA PRO H 294 18.58 -58.27 44.69
C PRO H 294 18.44 -58.56 43.23
N ASP H 295 17.24 -58.87 42.78
CA ASP H 295 17.11 -59.42 41.46
C ASP H 295 17.64 -58.43 40.46
N GLU H 296 17.27 -57.17 40.59
CA GLU H 296 17.77 -56.25 39.61
C GLU H 296 19.15 -56.71 39.26
N VAL H 297 19.86 -57.09 40.29
CA VAL H 297 21.28 -57.27 40.17
C VAL H 297 21.62 -58.36 39.19
N LYS H 298 20.86 -59.43 39.15
CA LYS H 298 21.27 -60.46 38.21
C LYS H 298 20.80 -60.09 36.81
N SER H 299 19.68 -59.38 36.73
CA SER H 299 19.17 -58.96 35.43
C SER H 299 20.05 -57.85 34.87
N LEU H 300 20.67 -57.07 35.75
CA LEU H 300 21.60 -56.04 35.31
C LEU H 300 22.89 -56.67 34.81
N LEU H 301 23.41 -57.62 35.58
CA LEU H 301 24.62 -58.33 35.19
C LEU H 301 24.42 -59.04 33.86
N LEU H 302 23.16 -59.35 33.54
CA LEU H 302 22.83 -60.00 32.29
C LEU H 302 23.05 -59.16 31.05
N LYS H 303 22.66 -57.88 31.12
CA LYS H 303 22.71 -56.98 29.98
C LYS H 303 24.09 -57.00 29.31
N TYR H 304 25.14 -56.96 30.12
CA TYR H 304 26.50 -57.06 29.59
C TYR H 304 26.89 -58.50 29.32
N LEU H 305 26.39 -59.40 30.17
CA LEU H 305 26.77 -60.81 30.14
C LEU H 305 26.15 -61.59 28.98
N ASP H 306 24.88 -61.29 28.70
CA ASP H 306 24.17 -61.83 27.54
C ASP H 306 24.01 -63.37 27.55
N CYS H 307 23.47 -63.90 28.65
CA CYS H 307 23.09 -65.32 28.75
C CYS H 307 22.31 -65.62 30.04
N ARG H 308 21.14 -66.23 29.90
CA ARG H 308 20.23 -66.47 31.02
C ARG H 308 20.67 -67.62 31.94
N PRO H 309 21.39 -68.58 31.37
CA PRO H 309 21.82 -69.74 32.13
C PRO H 309 22.97 -69.39 33.08
N GLN H 310 24.04 -68.83 32.51
CA GLN H 310 25.23 -68.48 33.28
C GLN H 310 24.94 -67.44 34.35
N ASP H 311 23.77 -66.80 34.24
CA ASP H 311 23.28 -65.84 35.22
C ASP H 311 23.34 -66.42 36.63
N LEU H 312 22.86 -67.65 36.76
CA LEU H 312 22.87 -68.35 38.04
C LEU H 312 24.29 -68.67 38.47
N PRO H 313 25.17 -68.57 37.48
CA PRO H 313 26.59 -68.77 37.65
C PRO H 313 27.19 -67.75 38.63
N ARG H 314 26.72 -66.52 38.65
CA ARG H 314 27.32 -65.56 39.57
C ARG H 314 26.51 -65.29 40.83
N GLU H 315 27.13 -65.46 41.99
CA GLU H 315 26.60 -64.98 43.28
C GLU H 315 27.72 -64.82 44.32
N VAL H 316 27.53 -64.04 45.38
CA VAL H 316 26.52 -62.99 45.48
C VAL H 316 27.14 -61.67 45.99
N LEU H 317 26.96 -60.58 45.26
CA LEU H 317 27.36 -59.26 45.76
C LEU H 317 26.68 -58.11 45.02
N THR H 318 26.71 -56.92 45.62
CA THR H 318 25.84 -55.78 45.31
C THR H 318 26.59 -54.49 45.63
N THR H 319 25.96 -53.32 45.56
CA THR H 319 24.64 -53.03 45.00
C THR H 319 24.76 -51.87 44.03
N ASN H 320 26.00 -51.38 43.99
CA ASN H 320 26.37 -50.14 43.34
C ASN H 320 26.62 -50.43 41.90
N PRO H 321 25.82 -49.83 41.06
CA PRO H 321 25.80 -50.26 39.67
C PRO H 321 27.20 -50.10 39.15
N ARG H 322 27.87 -49.01 39.55
CA ARG H 322 29.23 -48.74 39.11
C ARG H 322 30.14 -49.95 39.32
N ARG H 323 30.01 -50.59 40.47
CA ARG H 323 30.83 -51.75 40.77
C ARG H 323 30.42 -52.92 39.90
N LEU H 324 29.13 -52.97 39.65
CA LEU H 324 28.41 -54.06 38.98
C LEU H 324 28.56 -53.97 37.47
N SER H 325 28.54 -52.75 36.95
CA SER H 325 28.67 -52.54 35.51
C SER H 325 30.11 -52.74 35.06
N ILE H 326 31.05 -52.23 35.84
CA ILE H 326 32.47 -52.36 35.53
C ILE H 326 32.96 -53.78 35.80
N ILE H 327 32.27 -54.48 36.69
CA ILE H 327 32.56 -55.88 36.94
C ILE H 327 32.01 -56.75 35.81
N ALA H 328 30.74 -56.55 35.49
CA ALA H 328 30.05 -57.41 34.52
C ALA H 328 30.69 -57.30 33.13
N GLU H 329 31.29 -56.16 32.83
CA GLU H 329 32.00 -55.99 31.56
C GLU H 329 33.37 -56.67 31.65
N SER H 330 33.99 -56.61 32.83
CA SER H 330 35.29 -57.22 33.06
C SER H 330 35.26 -58.73 32.90
N ILE H 331 34.26 -59.34 33.52
CA ILE H 331 34.04 -60.77 33.41
C ILE H 331 33.73 -61.17 31.98
N ARG H 332 32.79 -60.46 31.38
CA ARG H 332 32.36 -60.77 30.01
C ARG H 332 33.50 -60.58 29.02
N ASP H 333 34.38 -59.62 29.31
CA ASP H 333 35.51 -59.36 28.43
C ASP H 333 36.81 -59.27 29.21
N ALA H 336 37.09 -63.74 33.57
CA ALA H 336 37.07 -64.83 34.53
C ALA H 336 36.38 -64.37 35.81
N THR H 337 35.26 -65.01 36.13
CA THR H 337 34.35 -64.54 37.18
C THR H 337 34.96 -64.40 38.58
N TRP H 338 36.03 -65.13 38.86
CA TRP H 338 36.62 -65.11 40.20
C TRP H 338 37.82 -64.19 40.34
N ASP H 339 38.80 -64.35 39.46
CA ASP H 339 39.94 -63.43 39.45
C ASP H 339 39.45 -62.01 39.25
N ASN H 340 38.56 -61.82 38.28
CA ASN H 340 38.10 -60.49 37.91
C ASN H 340 37.11 -59.86 38.90
N TRP H 341 36.54 -60.68 39.78
CA TRP H 341 35.61 -60.15 40.77
C TRP H 341 36.33 -59.31 41.81
N LYS H 342 37.62 -59.60 41.99
CA LYS H 342 38.41 -58.91 43.01
C LYS H 342 39.71 -58.31 42.47
N HIS H 343 40.65 -59.15 42.06
CA HIS H 343 41.99 -58.69 41.71
C HIS H 343 42.02 -57.84 40.44
N VAL H 344 41.18 -58.16 39.47
CA VAL H 344 41.10 -57.33 38.27
C VAL H 344 40.36 -56.03 38.62
N ASN H 345 40.34 -55.07 37.68
CA ASN H 345 39.83 -53.73 37.91
C ASN H 345 40.56 -53.03 39.05
N CYS H 346 41.76 -53.52 39.35
CA CYS H 346 42.64 -52.82 40.28
C CYS H 346 43.23 -51.63 39.55
N ASP H 347 43.03 -51.60 38.24
CA ASP H 347 43.46 -50.49 37.41
C ASP H 347 42.24 -49.77 36.80
N LYS H 348 41.04 -50.11 37.28
CA LYS H 348 39.83 -49.51 36.75
C LYS H 348 38.94 -48.89 37.82
N LEU H 349 38.14 -49.69 38.50
CA LEU H 349 36.97 -49.16 39.14
C LEU H 349 37.34 -48.07 40.11
N THR H 350 38.40 -48.32 40.86
CA THR H 350 38.90 -47.40 41.88
C THR H 350 39.41 -46.12 41.27
N THR H 351 40.07 -46.25 40.12
CA THR H 351 40.56 -45.08 39.39
C THR H 351 39.45 -44.05 39.31
N ILE H 352 38.34 -44.43 38.68
CA ILE H 352 37.16 -43.59 38.65
C ILE H 352 36.67 -43.41 40.09
N ILE H 353 37.07 -44.36 40.94
CA ILE H 353 36.74 -44.29 42.37
C ILE H 353 37.61 -43.24 43.04
N GLU H 354 38.92 -43.32 42.83
CA GLU H 354 39.83 -42.34 43.35
C GLU H 354 39.48 -41.01 42.72
N SER H 355 39.27 -41.06 41.42
CA SER H 355 39.10 -39.87 40.59
C SER H 355 38.13 -38.90 41.24
N SER H 356 37.02 -39.44 41.71
CA SER H 356 36.03 -38.60 42.37
C SER H 356 36.58 -38.05 43.66
N LEU H 357 37.56 -38.74 44.23
CA LEU H 357 38.17 -38.28 45.46
C LEU H 357 38.79 -36.92 45.20
N ASN H 358 38.93 -36.55 43.94
CA ASN H 358 39.69 -35.37 43.56
C ASN H 358 39.17 -34.05 44.12
N VAL H 359 37.90 -33.99 44.48
CA VAL H 359 37.36 -32.76 45.01
C VAL H 359 38.05 -32.30 46.28
N LEU H 360 38.40 -33.23 47.15
CA LEU H 360 38.88 -32.91 48.50
C LEU H 360 40.28 -32.31 48.59
N GLU H 361 40.56 -31.63 49.70
CA GLU H 361 41.86 -31.01 49.99
C GLU H 361 42.93 -31.99 50.51
N PRO H 362 44.11 -32.02 49.88
CA PRO H 362 45.05 -33.10 50.21
C PRO H 362 45.76 -32.92 51.55
N ALA H 363 46.02 -31.67 51.93
CA ALA H 363 46.79 -31.36 53.13
C ALA H 363 46.09 -31.83 54.39
N GLU H 364 44.77 -31.70 54.42
CA GLU H 364 44.02 -32.03 55.64
C GLU H 364 42.96 -33.10 55.41
N TYR H 365 42.27 -33.03 54.28
CA TYR H 365 41.17 -33.96 53.99
C TYR H 365 41.71 -35.33 53.54
N ARG H 366 42.40 -35.35 52.41
CA ARG H 366 42.83 -36.59 51.78
C ARG H 366 43.71 -37.46 52.66
N LYS H 367 44.70 -36.85 53.30
CA LYS H 367 45.60 -37.58 54.19
C LYS H 367 44.88 -38.20 55.38
N MET H 368 44.09 -37.38 56.08
CA MET H 368 43.32 -37.82 57.24
C MET H 368 42.47 -39.02 56.89
N PHE H 369 42.02 -39.04 55.64
CA PHE H 369 41.11 -40.05 55.13
C PHE H 369 41.78 -41.39 54.93
N ASP H 370 42.91 -41.37 54.21
CA ASP H 370 43.75 -42.55 53.97
C ASP H 370 44.01 -43.34 55.26
N ARG H 371 44.08 -42.61 56.36
CA ARG H 371 44.35 -43.20 57.66
C ARG H 371 43.30 -44.21 58.11
N LEU H 372 42.10 -44.15 57.52
CA LEU H 372 41.00 -45.03 57.93
C LEU H 372 41.31 -46.50 57.70
N SER H 373 42.25 -46.77 56.81
CA SER H 373 42.62 -48.13 56.42
C SER H 373 42.76 -49.09 57.60
N VAL H 374 43.16 -48.57 58.75
CA VAL H 374 43.39 -49.41 59.93
C VAL H 374 42.09 -49.92 60.54
N PHE H 375 40.99 -49.25 60.21
CA PHE H 375 39.69 -49.63 60.74
C PHE H 375 39.14 -50.85 60.02
N PRO H 376 37.86 -51.12 60.27
CA PRO H 376 37.15 -52.25 59.68
C PRO H 376 36.49 -51.82 58.40
N PRO H 377 36.53 -52.78 57.37
CA PRO H 377 36.07 -52.25 56.08
C PRO H 377 34.65 -51.80 56.20
N SER H 378 33.85 -52.54 56.95
CA SER H 378 32.46 -52.16 57.09
C SER H 378 32.20 -51.99 58.55
N ALA H 379 32.73 -50.90 59.09
CA ALA H 379 32.63 -50.70 60.53
C ALA H 379 32.44 -49.23 60.89
N HIS H 380 32.48 -48.91 62.18
CA HIS H 380 32.25 -47.56 62.68
C HIS H 380 33.50 -47.00 63.35
N ILE H 381 33.41 -45.78 63.85
CA ILE H 381 34.53 -45.14 64.53
C ILE H 381 34.08 -43.97 65.43
N PRO H 382 34.45 -44.03 66.71
CA PRO H 382 34.12 -42.99 67.71
C PRO H 382 34.90 -41.70 67.49
N THR H 383 34.44 -40.63 68.13
CA THR H 383 35.06 -39.32 67.99
C THR H 383 36.48 -39.30 68.55
N ILE H 384 36.65 -39.84 69.75
CA ILE H 384 37.94 -39.81 70.44
C ILE H 384 39.02 -40.57 69.69
N LEU H 385 38.66 -41.70 69.08
CA LEU H 385 39.62 -42.53 68.36
C LEU H 385 40.06 -41.87 67.06
N LEU H 386 39.15 -41.13 66.44
CA LEU H 386 39.43 -40.45 65.18
C LEU H 386 40.38 -39.27 65.39
N SER H 387 40.35 -38.73 66.60
CA SER H 387 41.18 -37.60 66.97
C SER H 387 42.66 -37.90 66.83
N LEU H 388 43.10 -38.91 67.56
CA LEU H 388 44.51 -39.28 67.64
C LEU H 388 45.13 -39.53 66.27
N ILE H 389 44.35 -40.12 65.37
CA ILE H 389 44.86 -40.49 64.05
C ILE H 389 44.71 -39.34 63.06
N SER H 396 38.06 -29.20 68.85
CA SER H 396 36.91 -29.43 67.98
C SER H 396 37.34 -29.52 66.52
N ASP H 397 38.64 -29.52 66.29
CA ASP H 397 39.21 -29.55 64.96
C ASP H 397 38.75 -30.79 64.19
N VAL H 398 38.94 -31.96 64.79
CA VAL H 398 38.61 -33.22 64.15
C VAL H 398 37.12 -33.34 63.81
N MET H 399 36.27 -32.75 64.65
CA MET H 399 34.82 -32.86 64.48
C MET H 399 34.36 -32.08 63.24
N VAL H 400 35.06 -30.99 62.95
CA VAL H 400 34.71 -30.14 61.82
C VAL H 400 35.30 -30.69 60.52
N VAL H 401 36.55 -31.15 60.59
CA VAL H 401 37.27 -31.66 59.43
C VAL H 401 36.56 -32.89 58.84
N VAL H 402 35.96 -33.70 59.70
CA VAL H 402 35.21 -34.86 59.23
C VAL H 402 33.80 -34.44 58.81
N ASN H 403 33.32 -33.34 59.38
CA ASN H 403 32.00 -32.86 59.03
C ASN H 403 32.01 -32.40 57.57
N LYS H 404 33.14 -31.84 57.15
CA LYS H 404 33.29 -31.42 55.77
C LYS H 404 33.59 -32.64 54.89
N LEU H 405 34.22 -33.63 55.51
CA LEU H 405 34.49 -34.90 54.85
C LEU H 405 33.18 -35.66 54.64
N HIS H 406 32.25 -35.38 55.54
CA HIS H 406 30.88 -35.80 55.43
C HIS H 406 30.22 -35.16 54.25
N LYS H 407 30.52 -33.88 54.10
CA LYS H 407 29.77 -32.97 53.28
C LYS H 407 29.87 -33.48 51.89
N TYR H 408 31.10 -33.76 51.49
CA TYR H 408 31.36 -34.27 50.16
C TYR H 408 30.74 -35.62 49.92
N SER H 409 30.90 -36.53 50.87
CA SER H 409 30.31 -37.85 50.76
C SER H 409 30.85 -38.87 51.75
N LEU H 410 32.14 -38.79 51.99
CA LEU H 410 32.91 -39.94 52.43
C LEU H 410 32.63 -40.62 53.75
N VAL H 411 32.40 -39.87 54.83
CA VAL H 411 32.49 -40.53 56.10
C VAL H 411 31.11 -40.17 56.58
N GLU H 412 30.17 -41.05 56.29
CA GLU H 412 28.79 -40.81 56.74
C GLU H 412 28.88 -40.58 58.25
N LYS H 413 28.66 -39.34 58.67
CA LYS H 413 28.51 -39.04 60.09
C LYS H 413 27.14 -39.50 60.54
N GLN H 414 27.01 -39.85 61.82
CA GLN H 414 25.75 -40.36 62.35
C GLN H 414 25.62 -39.98 63.83
N PRO H 415 24.38 -39.92 64.32
CA PRO H 415 24.11 -39.62 65.74
C PRO H 415 24.74 -40.64 66.68
N SER H 418 27.92 -40.38 69.36
CA SER H 418 28.34 -39.45 68.31
C SER H 418 29.30 -40.14 67.36
N THR H 419 29.20 -41.46 67.29
CA THR H 419 30.10 -42.27 66.47
C THR H 419 29.91 -41.99 64.98
N ILE H 420 30.85 -42.48 64.16
CA ILE H 420 30.79 -42.28 62.72
C ILE H 420 30.89 -43.61 61.98
N SER H 421 29.98 -43.83 61.02
CA SER H 421 30.02 -45.03 60.18
C SER H 421 30.36 -44.67 58.75
N ILE H 422 31.34 -45.37 58.20
CA ILE H 422 31.92 -45.03 56.92
C ILE H 422 31.62 -46.14 55.88
N PRO H 423 31.03 -45.77 54.72
CA PRO H 423 30.57 -46.75 53.69
C PRO H 423 31.63 -47.33 52.75
N SER H 424 31.72 -48.65 52.75
CA SER H 424 32.81 -49.45 52.19
C SER H 424 33.39 -49.13 50.81
N ILE H 425 32.54 -48.71 49.86
CA ILE H 425 32.92 -48.67 48.44
C ILE H 425 34.21 -47.90 48.16
N TYR H 426 34.39 -46.72 48.76
CA TYR H 426 35.67 -46.03 48.59
C TYR H 426 36.53 -46.31 49.82
N LEU H 427 35.95 -47.01 50.79
CA LEU H 427 36.63 -47.33 52.04
C LEU H 427 37.58 -48.49 51.87
N GLU H 428 37.01 -49.68 51.72
CA GLU H 428 37.80 -50.91 51.74
C GLU H 428 38.73 -51.06 50.55
N LEU H 429 38.18 -50.86 49.36
CA LEU H 429 38.90 -51.11 48.11
C LEU H 429 40.01 -50.11 47.87
N LYS H 430 39.62 -48.86 47.70
CA LYS H 430 40.52 -47.80 47.27
C LYS H 430 41.77 -47.58 48.12
N VAL H 431 41.59 -47.43 49.44
CA VAL H 431 42.70 -47.00 50.29
C VAL H 431 43.67 -48.13 50.66
N LYS H 432 43.20 -49.36 50.59
CA LYS H 432 44.03 -50.51 50.94
C LYS H 432 45.19 -50.64 49.97
N LEU H 433 44.91 -50.37 48.70
CA LEU H 433 45.92 -50.45 47.65
C LEU H 433 47.05 -49.45 47.87
N GLU H 434 46.68 -48.17 48.02
CA GLU H 434 47.68 -47.12 48.22
C GLU H 434 47.89 -46.80 49.69
N ASN H 435 49.03 -47.22 50.23
CA ASN H 435 49.38 -46.93 51.62
C ASN H 435 50.88 -46.86 51.83
N GLU H 436 51.31 -45.83 52.56
CA GLU H 436 52.68 -45.73 53.03
C GLU H 436 52.69 -46.29 54.45
N TYR H 437 53.87 -46.61 54.98
CA TYR H 437 53.89 -47.18 56.32
C TYR H 437 53.82 -46.09 57.39
N ALA H 438 52.69 -45.41 57.43
CA ALA H 438 52.33 -44.60 58.58
C ALA H 438 51.57 -45.49 59.56
N LEU H 439 51.39 -46.75 59.16
CA LEU H 439 50.63 -47.73 59.93
C LEU H 439 51.23 -47.97 61.31
N HIS H 440 52.56 -48.00 61.36
CA HIS H 440 53.29 -48.17 62.62
C HIS H 440 52.80 -47.20 63.68
N ARG H 441 52.66 -45.94 63.29
CA ARG H 441 52.17 -44.91 64.18
C ARG H 441 50.69 -45.08 64.46
N SER H 442 49.93 -45.42 63.41
CA SER H 442 48.48 -45.59 63.53
C SER H 442 48.13 -46.76 64.44
N ILE H 443 48.88 -47.86 64.29
CA ILE H 443 48.57 -49.07 65.03
C ILE H 443 49.14 -49.02 66.45
N VAL H 444 50.25 -48.30 66.64
CA VAL H 444 50.80 -48.16 67.98
C VAL H 444 49.96 -47.15 68.74
N ASP H 445 49.24 -46.31 68.00
CA ASP H 445 48.29 -45.38 68.59
C ASP H 445 47.15 -46.19 69.16
N HIS H 446 46.83 -47.30 68.50
CA HIS H 446 45.75 -48.17 68.94
C HIS H 446 46.16 -48.99 70.15
N TYR H 447 47.45 -49.05 70.44
CA TYR H 447 47.87 -49.59 71.72
C TYR H 447 47.69 -48.51 72.78
N ASN H 448 47.95 -47.27 72.38
CA ASN H 448 47.96 -46.15 73.31
C ASN H 448 46.59 -45.83 73.89
N ILE H 449 45.52 -46.03 73.13
CA ILE H 449 44.23 -45.57 73.62
C ILE H 449 43.59 -46.52 74.64
N PRO H 450 43.64 -47.86 74.44
CA PRO H 450 43.15 -48.61 75.61
C PRO H 450 44.19 -48.73 76.73
N LYS H 451 45.39 -48.19 76.50
CA LYS H 451 46.35 -48.02 77.58
C LYS H 451 45.89 -46.87 78.45
N THR H 452 45.38 -45.82 77.80
CA THR H 452 44.78 -44.70 78.50
C THR H 452 43.49 -45.15 79.20
N PHE H 453 42.60 -45.78 78.42
CA PHE H 453 41.37 -46.34 78.98
C PHE H 453 41.69 -47.43 79.99
N ASP H 454 41.61 -47.09 81.27
CA ASP H 454 41.94 -48.04 82.33
C ASP H 454 41.24 -47.71 83.65
N SER H 455 40.52 -48.69 84.19
CA SER H 455 39.92 -48.56 85.52
C SER H 455 40.71 -49.40 86.52
N ASP H 456 40.41 -49.23 87.80
CA ASP H 456 41.10 -49.97 88.85
C ASP H 456 40.93 -51.48 88.68
N ASP H 457 39.69 -51.93 88.53
CA ASP H 457 39.43 -53.34 88.28
C ASP H 457 39.48 -53.66 86.79
N LEU H 458 38.91 -54.79 86.40
CA LEU H 458 39.05 -55.28 85.04
C LEU H 458 37.95 -54.78 84.09
N ILE H 459 37.11 -53.88 84.58
CA ILE H 459 36.04 -53.31 83.75
C ILE H 459 36.47 -51.99 83.11
N PRO H 460 36.65 -51.99 81.79
CA PRO H 460 37.06 -50.79 81.05
C PRO H 460 35.87 -49.95 80.60
N PRO H 461 36.12 -48.67 80.26
CA PRO H 461 35.10 -47.79 79.68
C PRO H 461 35.03 -47.91 78.16
N TYR H 462 34.59 -49.06 77.67
CA TYR H 462 34.44 -49.32 76.24
C TYR H 462 33.26 -48.57 75.63
N LEU H 463 33.44 -48.01 74.45
CA LEU H 463 32.31 -47.51 73.66
C LEU H 463 31.61 -48.67 73.06
N ASP H 464 30.26 -48.64 73.04
CA ASP H 464 29.37 -49.75 72.67
C ASP H 464 29.72 -50.79 71.66
N GLN H 465 30.06 -50.38 70.44
CA GLN H 465 30.38 -51.36 69.41
C GLN H 465 31.86 -51.45 69.05
N TYR H 466 32.46 -50.33 68.66
CA TYR H 466 33.83 -50.31 68.16
C TYR H 466 34.77 -51.14 69.02
N PHE H 467 34.95 -50.68 70.26
CA PHE H 467 35.94 -51.24 71.16
C PHE H 467 35.88 -52.75 71.27
N TYR H 468 34.67 -53.29 71.46
CA TYR H 468 34.50 -54.73 71.61
C TYR H 468 34.95 -55.51 70.38
N SER H 469 34.58 -55.02 69.19
CA SER H 469 34.91 -55.74 67.96
C SER H 469 36.30 -55.43 67.43
N HIS H 470 36.73 -54.18 67.61
CA HIS H 470 37.91 -53.71 66.89
C HIS H 470 39.20 -53.83 67.70
N ILE H 471 39.07 -53.86 69.02
CA ILE H 471 40.25 -53.94 69.88
C ILE H 471 41.05 -55.19 69.53
N GLY H 472 40.35 -56.29 69.28
CA GLY H 472 40.99 -57.57 69.01
C GLY H 472 41.81 -57.55 67.74
N HIS H 473 41.30 -56.84 66.73
CA HIS H 473 41.96 -56.76 65.44
C HIS H 473 43.27 -55.97 65.55
N HIS H 474 43.20 -54.81 66.19
CA HIS H 474 44.37 -53.98 66.36
C HIS H 474 45.40 -54.58 67.31
N LEU H 475 44.91 -55.28 68.34
CA LEU H 475 45.78 -55.93 69.30
C LEU H 475 46.60 -57.05 68.64
N LYS H 476 45.97 -57.78 67.74
CA LYS H 476 46.67 -58.83 67.00
C LYS H 476 47.79 -58.23 66.17
N ASN H 477 47.53 -57.04 65.62
CA ASN H 477 48.50 -56.35 64.78
C ASN H 477 49.71 -55.86 65.58
N ILE H 478 49.47 -55.32 66.78
CA ILE H 478 50.57 -54.73 67.56
C ILE H 478 51.49 -55.79 68.18
N GLU H 479 50.95 -56.64 69.05
CA GLU H 479 51.75 -57.60 69.83
C GLU H 479 50.89 -58.61 70.58
N HIS H 480 51.55 -59.54 71.26
CA HIS H 480 50.85 -60.58 72.02
C HIS H 480 50.46 -60.25 73.48
N PRO H 481 51.29 -59.47 74.21
CA PRO H 481 50.95 -59.37 75.64
C PRO H 481 49.65 -58.65 75.94
N GLU H 482 49.27 -57.70 75.08
CA GLU H 482 48.04 -56.93 75.29
C GLU H 482 46.83 -57.73 74.84
N ARG H 483 47.01 -58.56 73.81
CA ARG H 483 45.99 -59.49 73.42
C ARG H 483 45.68 -60.45 74.56
N MET H 484 46.75 -60.90 75.21
CA MET H 484 46.65 -61.82 76.33
C MET H 484 45.69 -61.31 77.42
N THR H 485 45.82 -60.03 77.76
CA THR H 485 45.02 -59.44 78.83
C THR H 485 43.68 -58.90 78.36
N LEU H 486 43.67 -58.12 77.28
CA LEU H 486 42.46 -57.42 76.85
C LEU H 486 41.38 -58.34 76.27
N PHE H 487 41.80 -59.39 75.57
CA PHE H 487 40.86 -60.41 75.12
C PHE H 487 40.19 -61.04 76.31
N ARG H 488 40.93 -61.03 77.41
CA ARG H 488 40.50 -61.63 78.66
C ARG H 488 40.15 -63.09 78.38
N MET H 489 41.12 -63.79 77.82
CA MET H 489 41.14 -65.23 77.82
C MET H 489 41.74 -65.60 79.15
N VAL H 490 42.57 -64.68 79.65
CA VAL H 490 43.13 -64.78 80.99
C VAL H 490 42.12 -64.25 82.01
N PHE H 491 41.45 -63.16 81.66
CA PHE H 491 40.49 -62.55 82.58
C PHE H 491 39.08 -63.07 82.34
N LEU H 492 38.33 -63.32 83.40
CA LEU H 492 36.96 -63.79 83.27
C LEU H 492 36.02 -62.65 82.87
N ASP H 493 36.54 -61.42 82.92
CA ASP H 493 35.70 -60.23 82.87
C ASP H 493 35.15 -59.87 81.48
N PHE H 494 35.82 -60.28 80.41
CA PHE H 494 35.31 -60.00 79.07
C PHE H 494 34.32 -61.08 78.65
N ARG H 495 34.42 -62.25 79.27
CA ARG H 495 33.39 -63.24 79.11
C ARG H 495 32.10 -62.66 79.68
N PHE H 496 32.25 -61.89 80.76
CA PHE H 496 31.14 -61.17 81.36
C PHE H 496 30.67 -60.05 80.43
N LEU H 497 31.49 -59.01 80.29
CA LEU H 497 31.12 -57.82 79.55
C LEU H 497 30.72 -58.09 78.09
N GLU H 498 31.71 -58.38 77.24
CA GLU H 498 31.51 -58.60 75.79
C GLU H 498 30.24 -59.37 75.43
N GLN H 499 29.92 -60.39 76.23
CA GLN H 499 28.78 -61.25 75.97
C GLN H 499 27.45 -60.54 76.22
N LYS H 500 27.35 -59.82 77.34
CA LYS H 500 26.06 -59.29 77.78
C LYS H 500 25.70 -57.94 77.16
N ILE H 501 26.71 -57.20 76.68
CA ILE H 501 26.44 -55.95 75.98
C ILE H 501 26.11 -56.26 74.52
N ARG H 502 26.82 -57.22 73.94
CA ARG H 502 26.50 -57.72 72.61
C ARG H 502 25.32 -58.69 72.66
N HIS H 503 24.21 -58.23 73.22
CA HIS H 503 23.01 -59.04 73.34
C HIS H 503 21.85 -58.45 72.54
N ASN H 516 26.00 -61.69 68.61
CA ASN H 516 25.91 -62.26 69.95
C ASN H 516 27.17 -63.03 70.32
N THR H 517 27.00 -64.27 70.74
CA THR H 517 28.12 -65.15 71.10
C THR H 517 28.99 -65.42 69.88
N LEU H 518 28.40 -65.24 68.71
CA LEU H 518 29.05 -65.53 67.44
C LEU H 518 30.32 -64.74 67.26
N GLN H 519 30.17 -63.43 67.20
CA GLN H 519 31.29 -62.53 66.95
C GLN H 519 32.36 -62.69 68.03
N GLN H 520 31.91 -62.99 69.25
CA GLN H 520 32.82 -63.28 70.34
C GLN H 520 33.64 -64.51 69.97
N LEU H 521 32.96 -65.58 69.58
CA LEU H 521 33.60 -66.78 69.05
C LEU H 521 34.45 -66.47 67.84
N LYS H 522 34.02 -65.49 67.04
CA LYS H 522 34.73 -65.08 65.85
C LYS H 522 36.00 -64.30 66.16
N PHE H 523 36.06 -63.71 67.35
CA PHE H 523 37.27 -63.04 67.78
C PHE H 523 38.31 -64.08 68.14
N TYR H 524 37.94 -64.94 69.09
CA TYR H 524 38.89 -65.86 69.70
C TYR H 524 39.64 -66.74 68.69
N LYS H 525 38.96 -67.27 67.68
CA LYS H 525 39.59 -68.30 66.85
C LYS H 525 40.70 -67.79 65.91
N PRO H 526 40.45 -66.76 65.10
CA PRO H 526 41.60 -66.36 64.26
C PRO H 526 42.65 -65.56 65.02
N TYR H 527 42.34 -65.11 66.22
CA TYR H 527 43.23 -64.20 66.93
C TYR H 527 44.23 -64.89 67.88
N ILE H 528 44.13 -66.21 68.08
CA ILE H 528 45.06 -66.91 68.99
C ILE H 528 46.49 -66.94 68.48
N CYS H 529 46.67 -66.68 67.19
CA CYS H 529 47.98 -66.81 66.56
C CYS H 529 49.03 -65.92 67.24
N ASP H 530 48.59 -64.75 67.71
CA ASP H 530 49.49 -63.79 68.33
C ASP H 530 50.08 -64.33 69.63
N ASP H 532 52.34 -67.22 73.46
CA ASP H 532 53.10 -68.39 73.05
C ASP H 532 52.21 -69.64 73.11
N PRO H 533 52.58 -70.72 72.38
CA PRO H 533 51.80 -71.96 72.30
C PRO H 533 51.21 -72.47 73.63
N LYS H 534 51.89 -72.23 74.74
CA LYS H 534 51.42 -72.71 76.04
C LYS H 534 50.12 -72.04 76.42
N TYR H 535 50.06 -70.73 76.21
CA TYR H 535 48.82 -69.99 76.42
C TYR H 535 47.88 -70.22 75.24
N GLU H 536 48.44 -70.64 74.10
CA GLU H 536 47.64 -70.82 72.88
C GLU H 536 46.72 -72.04 72.98
N ARG H 537 47.25 -73.16 73.44
CA ARG H 537 46.45 -74.35 73.68
C ARG H 537 45.39 -74.04 74.73
N LEU H 538 45.67 -73.02 75.52
CA LEU H 538 44.76 -72.57 76.58
C LEU H 538 43.60 -71.77 75.99
N VAL H 539 43.85 -70.93 74.98
CA VAL H 539 42.79 -70.13 74.38
C VAL H 539 41.78 -71.02 73.66
N ASN H 540 42.27 -72.10 73.05
CA ASN H 540 41.38 -72.97 72.30
C ASN H 540 40.57 -73.80 73.27
N ALA H 541 41.12 -74.00 74.46
CA ALA H 541 40.41 -74.69 75.53
C ALA H 541 39.26 -73.82 76.04
N ILE H 542 39.53 -72.53 76.26
CA ILE H 542 38.49 -71.61 76.69
C ILE H 542 37.58 -71.27 75.51
N LEU H 543 38.10 -71.48 74.29
CA LEU H 543 37.35 -71.20 73.08
C LEU H 543 36.14 -72.11 72.99
N ASP H 544 36.37 -73.40 73.17
CA ASP H 544 35.32 -74.39 73.02
C ASP H 544 34.23 -74.22 74.07
N PHE H 545 34.63 -73.89 75.29
CA PHE H 545 33.69 -73.71 76.40
C PHE H 545 32.81 -72.47 76.20
N LEU H 546 33.21 -71.61 75.26
CA LEU H 546 32.54 -70.33 75.08
C LEU H 546 31.16 -70.43 74.39
N PRO H 547 31.07 -71.06 73.20
CA PRO H 547 29.72 -71.15 72.64
C PRO H 547 28.91 -72.23 73.34
N LYS H 548 29.60 -73.08 74.09
CA LYS H 548 28.99 -74.17 74.84
C LYS H 548 27.89 -73.66 75.76
N ILE H 549 28.10 -72.47 76.32
CA ILE H 549 27.16 -71.91 77.29
C ILE H 549 27.12 -70.38 77.19
N TYR H 558 26.72 -60.62 89.49
CA TYR H 558 28.17 -60.79 89.39
C TYR H 558 28.75 -62.17 89.72
N THR H 559 28.20 -62.79 90.76
CA THR H 559 28.69 -64.05 91.29
C THR H 559 28.70 -65.20 90.28
N ASP H 560 27.61 -65.35 89.52
CA ASP H 560 27.44 -66.49 88.60
C ASP H 560 28.66 -66.77 87.73
N LEU H 561 29.21 -65.71 87.14
CA LEU H 561 30.34 -65.80 86.23
C LEU H 561 31.52 -66.55 86.85
N LEU H 562 31.80 -66.24 88.12
CA LEU H 562 32.94 -66.84 88.83
C LEU H 562 32.69 -68.30 89.16
N ARG H 563 31.46 -68.61 89.57
CA ARG H 563 31.11 -69.95 90.03
C ARG H 563 31.20 -70.99 88.92
N ILE H 564 30.91 -70.58 87.69
CA ILE H 564 30.97 -71.50 86.56
C ILE H 564 32.39 -71.59 86.01
N ALA H 565 33.25 -70.65 86.39
CA ALA H 565 34.66 -70.71 86.04
C ALA H 565 35.38 -71.67 86.98
N LEU H 566 34.72 -71.98 88.09
CA LEU H 566 35.28 -72.84 89.14
C LEU H 566 35.42 -74.30 88.70
N MET H 567 34.66 -74.68 87.67
CA MET H 567 34.57 -76.09 87.27
C MET H 567 35.90 -76.65 86.74
N ALA H 568 36.64 -75.84 85.99
CA ALA H 568 37.90 -76.27 85.42
C ALA H 568 39.08 -75.60 86.13
N GLU H 569 39.76 -76.38 86.96
CA GLU H 569 40.87 -75.88 87.79
C GLU H 569 42.08 -75.45 86.94
N ASP H 570 42.17 -76.00 85.74
CA ASP H 570 43.35 -75.85 84.89
C ASP H 570 43.49 -74.47 84.21
N GLU H 571 42.45 -73.66 84.32
CA GLU H 571 42.40 -72.44 83.52
C GLU H 571 42.58 -71.15 84.34
N ALA H 572 43.20 -70.16 83.71
CA ALA H 572 43.43 -68.86 84.33
C ALA H 572 42.14 -68.06 84.42
N ILE H 573 41.10 -68.51 83.70
CA ILE H 573 39.81 -67.84 83.75
C ILE H 573 39.24 -67.99 85.15
N PHE H 574 39.65 -69.05 85.84
CA PHE H 574 39.30 -69.23 87.25
C PHE H 574 40.22 -68.38 88.13
N GLU H 575 41.51 -68.37 87.80
CA GLU H 575 42.49 -67.60 88.55
C GLU H 575 42.13 -66.12 88.58
N GLU H 576 41.61 -65.62 87.46
CA GLU H 576 41.18 -64.24 87.38
C GLU H 576 39.79 -64.06 87.96
N ALA H 577 38.97 -65.11 87.83
CA ALA H 577 37.66 -65.14 88.46
C ALA H 577 37.81 -64.83 89.94
N HIS H 578 38.80 -65.47 90.55
CA HIS H 578 39.08 -65.31 91.97
C HIS H 578 39.55 -63.90 92.30
N LYS H 579 40.17 -63.23 91.33
CA LYS H 579 40.66 -61.88 91.54
C LYS H 579 39.54 -60.84 91.46
N GLN H 580 38.57 -61.09 90.58
CA GLN H 580 37.51 -60.10 90.35
C GLN H 580 36.35 -60.22 91.34
N VAL H 581 36.28 -61.34 92.05
CA VAL H 581 35.38 -61.42 93.20
C VAL H 581 36.05 -60.74 94.38
N GLN H 582 37.37 -60.94 94.47
CA GLN H 582 38.20 -60.29 95.49
C GLN H 582 37.99 -58.79 95.47
N ARG H 583 37.87 -58.22 94.28
CA ARG H 583 37.46 -56.83 94.14
C ARG H 583 36.14 -56.73 93.40
N UNK H 584 22.25 -76.08 77.48
CA UNK H 584 21.97 -76.63 76.16
C UNK H 584 23.06 -76.19 75.21
N UNK H 585 23.43 -77.08 74.30
CA UNK H 585 24.48 -76.80 73.34
C UNK H 585 24.23 -75.48 72.58
N UNK H 586 22.97 -75.16 72.33
CA UNK H 586 22.66 -73.93 71.61
C UNK H 586 21.32 -73.29 71.99
N UNK H 587 21.29 -71.97 72.02
CA UNK H 587 20.07 -71.23 72.35
C UNK H 587 19.87 -70.05 71.40
N UNK H 588 18.76 -70.10 70.66
CA UNK H 588 18.42 -69.10 69.66
C UNK H 588 17.27 -68.18 70.06
N UNK H 589 17.45 -66.89 69.84
CA UNK H 589 16.42 -65.90 70.16
C UNK H 589 16.09 -65.04 68.94
N UNK H 590 15.21 -65.51 68.04
CA UNK H 590 14.82 -64.81 66.82
C UNK H 590 13.38 -64.28 66.75
N UNK H 591 12.61 -64.46 67.81
CA UNK H 591 11.24 -63.99 67.79
C UNK H 591 11.06 -62.89 68.82
N UNK H 592 10.00 -62.10 68.67
CA UNK H 592 9.77 -61.03 69.62
C UNK H 592 8.58 -61.40 70.46
N UNK H 593 6.93 -64.34 71.61
CA UNK H 593 7.05 -65.78 71.85
C UNK H 593 7.33 -66.56 70.57
N UNK H 594 8.15 -67.60 70.67
CA UNK H 594 8.48 -68.45 69.55
C UNK H 594 7.56 -69.64 69.67
N UNK H 595 6.79 -69.93 68.64
CA UNK H 595 5.89 -71.06 68.76
C UNK H 595 6.46 -72.38 68.24
N UNK H 596 7.19 -72.32 67.14
CA UNK H 596 7.77 -73.52 66.55
C UNK H 596 9.08 -73.17 65.90
N UNK H 597 9.95 -74.17 65.75
CA UNK H 597 11.25 -74.00 65.12
C UNK H 597 11.67 -75.38 64.64
N UNK H 598 12.53 -75.43 63.62
CA UNK H 598 12.97 -76.73 63.10
C UNK H 598 14.25 -76.64 62.26
N UNK H 599 14.89 -77.79 62.05
CA UNK H 599 16.13 -77.88 61.28
C UNK H 599 15.90 -78.05 59.80
N UNK H 600 16.89 -77.64 59.00
CA UNK H 600 16.80 -77.81 57.56
C UNK H 600 17.09 -79.29 57.38
N UNK H 601 16.77 -79.85 56.21
CA UNK H 601 17.01 -81.27 56.00
C UNK H 601 18.45 -81.69 56.20
N UNK H 602 19.40 -80.80 55.97
CA UNK H 602 20.81 -81.14 56.18
C UNK H 602 21.26 -80.69 57.57
N UNK H 603 20.33 -80.16 58.36
CA UNK H 603 20.65 -79.71 59.70
C UNK H 603 21.50 -78.44 59.79
N UNK H 604 21.92 -77.91 58.65
CA UNK H 604 22.74 -76.69 58.62
C UNK H 604 22.04 -75.41 59.03
N UNK H 605 20.72 -75.36 58.81
CA UNK H 605 19.95 -74.17 59.12
C UNK H 605 18.77 -74.47 60.04
N UNK H 606 18.17 -73.40 60.58
CA UNK H 606 17.01 -73.51 61.46
C UNK H 606 16.03 -72.40 61.12
N UNK H 607 14.74 -72.75 61.03
CA UNK H 607 13.73 -71.74 60.75
C UNK H 607 12.83 -71.77 61.97
N UNK H 608 12.35 -70.60 62.38
CA UNK H 608 11.51 -70.47 63.56
C UNK H 608 10.44 -69.44 63.30
N UNK H 609 9.22 -69.72 63.74
CA UNK H 609 8.12 -68.82 63.52
C UNK H 609 7.38 -68.62 64.83
N UNK H 610 7.06 -67.38 65.16
CA UNK H 610 6.37 -67.16 66.42
C UNK H 610 5.27 -66.13 66.35
N UNK H 611 4.92 -65.59 67.51
CA UNK H 611 3.80 -64.68 67.62
C UNK H 611 4.17 -63.29 67.12
N UNK H 612 5.43 -63.11 66.74
CA UNK H 612 5.82 -61.81 66.24
C UNK H 612 5.46 -61.66 64.76
N UNK H 613 4.75 -62.66 64.22
CA UNK H 613 4.28 -62.70 62.82
C UNK H 613 5.33 -62.93 61.73
N UNK H 614 6.60 -63.06 62.09
CA UNK H 614 7.67 -63.26 61.09
C UNK H 614 8.21 -64.67 60.90
N UNK H 615 8.93 -64.89 59.80
CA UNK H 615 9.57 -66.17 59.51
C UNK H 615 11.03 -65.85 59.66
N UNK H 616 11.74 -66.65 60.44
CA UNK H 616 13.16 -66.40 60.66
C UNK H 616 14.00 -67.58 60.32
N UNK H 617 15.21 -67.34 59.83
CA UNK H 617 16.10 -68.42 59.49
C UNK H 617 17.52 -68.00 59.84
N UNK H 618 18.29 -68.96 60.34
CA UNK H 618 19.67 -68.74 60.76
C UNK H 618 20.48 -70.04 60.68
N UNK H 619 21.80 -69.90 60.65
CA UNK H 619 22.68 -71.05 60.58
C UNK H 619 22.53 -71.85 61.87
N UNK H 620 22.55 -73.17 61.77
CA UNK H 620 22.41 -74.00 62.96
C UNK H 620 23.65 -73.83 63.84
N UNK H 621 24.80 -73.71 63.18
CA UNK H 621 26.09 -73.52 63.86
C UNK H 621 26.23 -72.30 64.74
N UNK H 622 25.88 -71.13 64.23
CA UNK H 622 26.05 -69.87 64.96
C UNK H 622 24.88 -68.92 65.22
N UNK H 623 23.69 -69.23 64.71
CA UNK H 623 22.55 -68.34 64.92
C UNK H 623 22.61 -67.12 64.02
N UNK H 624 23.68 -67.06 63.25
CA UNK H 624 23.95 -65.99 62.30
C UNK H 624 22.70 -65.83 61.45
N UNK H 625 21.97 -64.73 61.62
CA UNK H 625 20.75 -64.53 60.87
C UNK H 625 20.90 -64.68 59.36
N UNK H 626 19.98 -65.41 58.74
CA UNK H 626 19.96 -65.65 57.30
C UNK H 626 18.74 -65.00 56.64
N UNK H 627 17.57 -65.15 57.25
CA UNK H 627 16.36 -64.52 56.72
C UNK H 627 15.50 -63.89 57.81
N UNK H 628 14.92 -62.72 57.50
CA UNK H 628 14.05 -62.00 58.44
C UNK H 628 12.81 -61.53 57.65
N UNK H 629 11.91 -62.47 57.36
CA UNK H 629 10.69 -62.22 56.59
C UNK H 629 9.47 -61.87 57.44
N UNK H 630 8.56 -61.08 56.89
CA UNK H 630 7.34 -60.73 57.61
C UNK H 630 6.26 -61.65 57.02
N UNK H 631 6.33 -62.94 57.36
CA UNK H 631 5.42 -63.96 56.80
C UNK H 631 3.89 -63.79 56.81
N UNK H 632 3.30 -63.39 57.93
CA UNK H 632 1.84 -63.25 57.94
C UNK H 632 1.32 -62.03 58.65
N UNK H 633 0.00 -61.95 58.69
CA UNK H 633 -0.72 -60.85 59.30
C UNK H 633 -1.37 -61.35 60.60
N UNK H 634 -1.34 -62.96 61.20
CA UNK H 634 -1.84 -63.54 62.44
C UNK H 634 -0.93 -64.71 62.84
N UNK H 635 -0.90 -65.00 64.14
CA UNK H 635 -0.01 -66.01 64.70
C UNK H 635 0.05 -67.31 63.92
N UNK H 636 1.21 -67.94 63.92
CA UNK H 636 1.43 -69.19 63.20
C UNK H 636 1.35 -70.36 64.16
N UNK H 637 1.11 -71.55 63.62
CA UNK H 637 0.98 -72.76 64.45
C UNK H 637 1.85 -73.98 64.13
N UNK H 638 2.41 -74.03 62.94
CA UNK H 638 3.23 -75.16 62.57
C UNK H 638 3.99 -74.86 61.29
N UNK H 639 5.08 -75.59 61.07
CA UNK H 639 5.93 -75.41 59.90
C UNK H 639 6.74 -76.69 59.64
N UNK H 640 7.07 -76.97 58.38
CA UNK H 640 7.82 -78.17 58.05
C UNK H 640 8.57 -78.03 56.76
N UNK H 641 9.50 -78.94 56.52
CA UNK H 641 10.33 -78.97 55.32
C UNK H 641 9.77 -80.07 54.43
N UNK H 642 10.05 -80.00 53.13
CA UNK H 642 9.59 -81.02 52.20
C UNK H 642 10.59 -82.17 52.26
N UNK H 643 10.37 -83.21 51.47
CA UNK H 643 11.25 -84.37 51.45
C UNK H 643 12.69 -84.06 51.03
N UNK H 644 12.89 -83.04 50.20
CA UNK H 644 14.25 -82.69 49.77
C UNK H 644 14.65 -81.31 50.27
N UNK H 645 14.04 -80.88 51.38
CA UNK H 645 14.34 -79.58 51.96
C UNK H 645 14.24 -78.46 50.94
N UNK H 646 13.62 -78.73 49.81
CA UNK H 646 13.50 -77.71 48.78
C UNK H 646 12.48 -76.65 49.21
N UNK H 647 11.52 -77.09 50.04
CA UNK H 647 10.48 -76.19 50.49
C UNK H 647 10.24 -76.27 51.98
N UNK H 648 9.47 -75.30 52.47
CA UNK H 648 9.07 -75.20 53.85
C UNK H 648 7.63 -74.70 53.80
N UNK H 649 6.72 -75.38 54.47
CA UNK H 649 5.37 -74.89 54.47
C UNK H 649 5.15 -74.29 55.84
N UNK H 650 4.07 -73.54 55.99
CA UNK H 650 3.70 -72.94 57.27
C UNK H 650 2.20 -72.80 57.22
N UNK H 651 1.54 -73.16 58.29
CA UNK H 651 0.10 -73.02 58.33
C UNK H 651 -0.17 -72.16 59.57
N UNK H 652 -1.17 -71.28 59.49
CA UNK H 652 -1.43 -70.39 60.62
C UNK H 652 -2.88 -70.16 60.97
N UNK H 653 -3.10 -69.28 61.93
CA UNK H 653 -4.44 -68.95 62.41
C UNK H 653 -5.24 -68.15 61.40
N UNK H 654 -4.59 -67.67 60.34
CA UNK H 654 -5.30 -66.91 59.33
C UNK H 654 -5.96 -67.91 58.40
N UNK H 655 -5.90 -69.17 58.79
CA UNK H 655 -6.51 -70.27 58.03
C UNK H 655 -5.80 -70.59 56.73
N UNK H 656 -4.65 -69.97 56.50
CA UNK H 656 -3.89 -70.22 55.28
C UNK H 656 -2.70 -71.16 55.49
N UNK H 657 -2.24 -71.74 54.38
CA UNK H 657 -1.09 -72.64 54.34
C UNK H 657 -0.17 -72.01 53.31
N UNK H 658 1.14 -72.04 53.53
CA UNK H 658 2.02 -71.41 52.56
C UNK H 658 3.26 -72.22 52.24
N UNK H 659 3.75 -72.08 51.01
CA UNK H 659 4.93 -72.81 50.61
C UNK H 659 6.02 -71.81 50.31
N UNK H 660 7.23 -72.08 50.79
CA UNK H 660 8.35 -71.17 50.58
C UNK H 660 9.57 -71.88 50.01
N UNK H 661 10.37 -71.15 49.23
CA UNK H 661 11.59 -71.70 48.68
C UNK H 661 12.49 -71.61 49.90
N UNK H 662 12.88 -72.74 50.45
CA UNK H 662 13.73 -72.74 51.64
C UNK H 662 15.03 -72.00 51.45
N UNK H 663 15.41 -71.74 50.21
CA UNK H 663 16.66 -71.07 49.93
C UNK H 663 16.55 -69.55 49.92
N UNK H 664 13.43 -67.92 50.41
CA UNK H 664 12.34 -67.47 51.26
C UNK H 664 11.22 -66.80 50.49
N UNK H 665 11.24 -66.88 49.17
CA UNK H 665 10.18 -66.26 48.39
C UNK H 665 8.91 -67.12 48.43
N UNK H 666 7.78 -66.47 48.67
CA UNK H 666 6.49 -67.16 48.73
C UNK H 666 6.32 -67.92 47.42
N UNK H 667 6.07 -69.21 47.50
CA UNK H 667 5.91 -70.04 46.32
C UNK H 667 4.45 -70.50 46.19
N UNK H 668 0.18 -69.72 47.98
CA UNK H 668 -0.57 -69.96 49.21
C UNK H 668 -1.88 -70.71 48.94
N UNK H 669 -2.31 -71.50 49.91
CA UNK H 669 -3.52 -72.29 49.80
C UNK H 669 -4.49 -71.90 50.89
N UNK H 670 -5.54 -71.16 50.54
CA UNK H 670 -6.54 -70.79 51.53
C UNK H 670 -7.80 -71.58 51.24
N UNK H 671 -8.14 -72.52 52.12
CA UNK H 671 -9.33 -73.34 51.93
C UNK H 671 -9.87 -73.83 53.24
N UNK H 672 -7.06 -75.55 56.67
CA UNK H 672 -6.39 -76.82 56.47
C UNK H 672 -5.34 -77.02 57.58
N UNK H 673 -5.52 -78.09 58.34
CA UNK H 673 -4.68 -78.45 59.50
C UNK H 673 -3.47 -79.34 59.18
N UNK H 674 -3.70 -80.40 58.43
CA UNK H 674 -2.62 -81.32 58.07
C UNK H 674 -1.98 -80.94 56.73
N UNK H 675 -0.67 -81.15 56.63
CA UNK H 675 0.06 -80.99 55.39
C UNK H 675 1.43 -81.64 55.49
N UNK H 676 1.59 -82.72 54.73
CA UNK H 676 2.79 -83.54 54.71
C UNK H 676 3.21 -83.92 53.28
N UNK H 677 4.52 -84.00 53.02
CA UNK H 677 5.04 -84.34 51.69
C UNK H 677 5.30 -85.84 51.57
N UNK H 678 5.62 -86.29 50.36
CA UNK H 678 5.94 -87.70 50.14
C UNK H 678 7.39 -87.91 50.58
N UNK H 679 7.70 -89.07 51.14
CA UNK H 679 9.05 -89.36 51.63
C UNK H 679 10.07 -89.71 50.56
N UNK H 680 9.68 -90.57 49.64
CA UNK H 680 10.59 -90.97 48.57
C UNK H 680 11.01 -89.82 47.67
N UNK H 681 12.32 -89.68 47.55
CA UNK H 681 12.97 -88.65 46.75
C UNK H 681 12.59 -88.75 45.28
N UNK H 682 11.73 -89.69 44.97
CA UNK H 682 11.31 -89.89 43.59
C UNK H 682 10.16 -88.95 43.24
N UNK H 683 8.95 -89.29 43.66
CA UNK H 683 7.76 -88.47 43.41
C UNK H 683 7.68 -87.29 44.38
N UNK H 684 6.89 -86.27 44.02
CA UNK H 684 6.78 -85.06 44.82
C UNK H 684 5.34 -84.63 45.07
N UNK H 685 4.64 -85.30 45.98
CA UNK H 685 3.25 -84.94 46.26
C UNK H 685 3.07 -84.30 47.62
N UNK H 686 1.95 -83.62 47.79
CA UNK H 686 1.64 -82.96 49.04
C UNK H 686 0.23 -83.36 49.43
N UNK H 687 0.07 -83.74 50.69
CA UNK H 687 -1.23 -84.16 51.19
C UNK H 687 -1.70 -83.17 52.23
N UNK H 688 -2.96 -82.79 52.16
CA UNK H 688 -3.51 -81.84 53.11
C UNK H 688 -4.87 -82.30 53.64
N UNK H 689 -5.08 -82.07 54.94
CA UNK H 689 -6.32 -82.42 55.58
C UNK H 689 -6.93 -81.10 56.02
N UNK H 690 -8.26 -80.96 55.94
CA UNK H 690 -8.88 -79.70 56.35
C UNK H 690 -10.16 -79.87 57.14
N UNK H 691 -10.60 -78.79 57.77
CA UNK H 691 -11.83 -78.78 58.55
C UNK H 691 -13.01 -78.98 57.63
N UNK H 692 -12.78 -78.90 56.31
CA UNK H 692 -13.86 -79.07 55.35
C UNK H 692 -14.14 -80.54 55.08
N UNK H 693 -13.51 -81.42 55.87
CA UNK H 693 -13.70 -82.87 55.77
C UNK H 693 -12.95 -83.55 54.64
N UNK H 694 -12.25 -82.80 53.81
CA UNK H 694 -11.53 -83.43 52.72
C UNK H 694 -10.05 -83.52 52.95
N UNK H 695 -9.42 -84.30 52.08
CA UNK H 695 -7.99 -84.52 52.04
C UNK H 695 -7.64 -84.20 50.60
N UNK H 696 -6.45 -83.66 50.35
CA UNK H 696 -6.12 -83.36 48.98
C UNK H 696 -4.69 -83.74 48.63
N UNK H 697 -4.50 -84.25 47.42
CA UNK H 697 -3.19 -84.60 46.94
C UNK H 697 -2.89 -83.55 45.91
N UNK H 698 -1.72 -82.92 46.01
CA UNK H 698 -1.31 -81.89 45.07
C UNK H 698 -0.07 -82.39 44.39
N UNK H 699 0.04 -82.12 43.09
CA UNK H 699 1.22 -82.52 42.33
C UNK H 699 1.90 -81.19 42.10
N UNK H 700 2.88 -80.87 42.94
CA UNK H 700 3.62 -79.61 42.85
C UNK H 700 4.07 -79.25 41.44
N UNK H 701 4.12 -80.27 40.58
CA UNK H 701 4.53 -80.08 39.20
C UNK H 701 3.28 -79.77 38.37
N UNK H 702 2.27 -79.20 38.99
CA UNK H 702 1.03 -78.89 38.27
C UNK H 702 0.22 -77.81 38.98
N UNK H 703 -0.14 -76.77 38.24
CA UNK H 703 -0.91 -75.67 38.80
C UNK H 703 -2.23 -76.13 39.41
N UNK H 704 -2.51 -77.44 39.32
CA UNK H 704 -3.78 -77.95 39.84
C UNK H 704 -3.74 -79.04 40.92
N UNK H 705 -4.89 -79.22 41.54
CA UNK H 705 -5.10 -80.22 42.57
C UNK H 705 -5.04 -81.53 41.80
N UNK H 706 -4.66 -82.62 42.45
CA UNK H 706 -4.57 -83.90 41.74
C UNK H 706 -5.67 -84.84 42.14
N UNK H 707 -6.12 -84.71 43.38
CA UNK H 707 -7.16 -85.58 43.88
C UNK H 707 -7.79 -84.94 45.12
N UNK H 708 -9.03 -85.33 45.40
CA UNK H 708 -9.74 -84.82 46.55
C UNK H 708 -10.40 -86.01 47.19
N UNK H 709 -9.78 -86.54 48.24
CA UNK H 709 -10.33 -87.69 48.92
C UNK H 709 -11.57 -87.38 49.73
N UNK H 710 -12.73 -87.81 49.26
CA UNK H 710 -13.94 -87.58 50.02
C UNK H 710 -14.12 -88.80 50.92
N UNK H 711 -12.05 -81.29 64.61
CA UNK H 711 -11.07 -82.28 64.16
C UNK H 711 -9.72 -81.57 64.20
N UNK H 712 -8.84 -82.03 65.07
CA UNK H 712 -7.56 -81.37 65.22
C UNK H 712 -6.40 -81.94 64.45
N UNK H 713 -6.53 -83.14 63.94
CA UNK H 713 -5.41 -83.72 63.25
C UNK H 713 -5.86 -84.94 62.46
N UNK H 714 -5.09 -85.30 61.44
CA UNK H 714 -5.42 -86.42 60.55
C UNK H 714 -4.21 -86.79 59.70
N UNK H 715 -3.97 -88.09 59.56
CA UNK H 715 -2.85 -88.58 58.76
C UNK H 715 -3.26 -89.79 57.97
N UNK H 716 -2.79 -89.87 56.73
CA UNK H 716 -3.11 -91.03 55.93
C UNK H 716 -2.22 -92.14 56.47
N UNK H 717 -2.64 -93.38 56.28
CA UNK H 717 -1.83 -94.48 56.72
C UNK H 717 -0.72 -94.66 55.68
N UNK H 718 0.39 -95.29 56.04
CA UNK H 718 1.46 -95.48 55.07
C UNK H 718 0.84 -96.16 53.86
N UNK H 719 -4.63 -96.80 52.44
CA UNK H 719 -6.00 -97.28 52.53
C UNK H 719 -6.81 -96.73 53.71
N UNK H 720 -6.13 -96.23 54.73
CA UNK H 720 -6.85 -95.70 55.88
C UNK H 720 -6.52 -94.26 56.17
N UNK H 721 -7.43 -93.57 56.85
CA UNK H 721 -7.23 -92.18 57.21
C UNK H 721 -7.50 -92.06 58.69
N UNK H 722 -6.45 -91.85 59.47
CA UNK H 722 -6.62 -91.73 60.90
C UNK H 722 -7.06 -90.30 61.20
N UNK H 723 -7.91 -90.14 62.19
CA UNK H 723 -8.39 -88.82 62.54
C UNK H 723 -8.47 -88.63 64.04
N UNK H 724 -8.03 -87.46 64.47
CA UNK H 724 -7.93 -87.11 65.87
C UNK H 724 -8.76 -85.87 66.17
N UNK H 725 -9.56 -85.92 67.23
CA UNK H 725 -10.43 -84.79 67.59
C UNK H 725 -10.53 -84.44 69.06
N UNK H 726 -11.39 -83.47 69.33
CA UNK H 726 -11.64 -82.98 70.67
C UNK H 726 -12.75 -83.81 71.31
N UNK H 727 -13.48 -84.55 70.50
CA UNK H 727 -14.56 -85.36 71.02
C UNK H 727 -14.03 -86.57 71.79
N UNK H 728 -12.73 -86.64 72.01
CA UNK H 728 -12.15 -87.73 72.75
C UNK H 728 -11.97 -89.04 72.01
N UNK H 729 -11.96 -88.99 70.67
CA UNK H 729 -11.80 -90.21 69.90
C UNK H 729 -10.62 -90.18 68.93
N UNK H 730 -10.24 -91.37 68.47
CA UNK H 730 -9.22 -91.55 67.45
C UNK H 730 -10.14 -92.25 66.47
N UNK H 731 -9.97 -92.06 65.17
CA UNK H 731 -10.88 -92.71 64.26
C UNK H 731 -10.23 -93.12 62.98
N UNK H 732 -10.65 -94.27 62.45
CA UNK H 732 -10.08 -94.74 61.21
C UNK H 732 -11.10 -94.78 60.10
N UNK H 733 -11.06 -93.79 59.23
CA UNK H 733 -11.97 -93.77 58.11
C UNK H 733 -11.34 -94.60 56.99
N UNK H 734 -12.16 -95.05 56.06
CA UNK H 734 -11.70 -95.85 54.92
C UNK H 734 -11.60 -94.96 53.69
N UNK H 735 -10.39 -94.63 53.30
CA UNK H 735 -10.19 -93.75 52.16
C UNK H 735 -11.03 -94.04 50.92
N UNK H 736 -10.90 -95.25 50.38
CA UNK H 736 -11.62 -95.61 49.18
C UNK H 736 -13.12 -95.32 49.23
N UNK H 737 -13.69 -95.28 50.43
CA UNK H 737 -15.12 -95.04 50.54
C UNK H 737 -15.55 -93.96 51.52
N UNK H 738 -14.59 -93.32 52.17
CA UNK H 738 -14.88 -92.28 53.15
C UNK H 738 -15.88 -92.71 54.23
N UNK H 739 -15.81 -93.97 54.64
CA UNK H 739 -16.69 -94.53 55.67
C UNK H 739 -15.99 -94.68 57.01
N UNK H 740 -16.71 -94.52 58.10
CA UNK H 740 -16.07 -94.68 59.42
C UNK H 740 -15.92 -96.17 59.69
N UNK H 741 -14.68 -96.64 59.86
CA UNK H 741 -14.45 -98.06 60.15
C UNK H 741 -14.38 -98.32 61.64
N UNK H 742 -13.66 -97.49 62.38
CA UNK H 742 -13.57 -97.66 63.83
C UNK H 742 -13.50 -96.32 64.54
N UNK H 743 -13.66 -96.38 65.85
CA UNK H 743 -13.59 -95.20 66.68
C UNK H 743 -13.02 -95.67 68.01
N UNK H 744 -12.03 -94.95 68.53
CA UNK H 744 -11.42 -95.33 69.80
C UNK H 744 -11.54 -94.25 70.83
N UNK H 745 -12.41 -94.45 71.80
CA UNK H 745 -12.60 -93.48 72.86
C UNK H 745 -11.40 -93.43 73.80
N UNK H 746 -10.95 -92.22 74.12
CA UNK H 746 -9.84 -92.11 75.05
C UNK H 746 -10.42 -91.82 76.44
N UNK H 747 -10.37 -92.86 77.27
CA UNK H 747 -10.91 -92.90 78.62
C UNK H 747 -9.82 -93.16 79.67
N UNK H 748 -8.65 -92.58 79.50
CA UNK H 748 -7.57 -92.81 80.44
C UNK H 748 -7.46 -91.67 81.42
N UNK H 749 -8.57 -90.96 81.58
CA UNK H 749 -8.61 -89.81 82.47
C UNK H 749 -9.82 -89.84 83.42
N UNK H 750 -9.57 -89.55 84.69
CA UNK H 750 -10.59 -89.60 85.72
C UNK H 750 -10.66 -88.28 86.51
N UNK H 751 -3.49 -83.54 69.14
CA UNK H 751 -2.17 -83.72 68.50
C UNK H 751 -2.14 -85.12 67.88
N UNK H 752 -1.55 -85.28 66.71
CA UNK H 752 -1.47 -86.61 66.11
C UNK H 752 -0.55 -86.68 64.94
N UNK H 753 0.71 -87.02 65.23
CA UNK H 753 1.75 -87.11 64.24
C UNK H 753 2.14 -88.51 63.78
N UNK H 754 2.73 -88.55 62.60
CA UNK H 754 3.18 -89.79 61.95
C UNK H 754 4.57 -90.23 62.35
N UNK H 755 4.89 -91.48 62.07
CA UNK H 755 6.21 -92.00 62.38
C UNK H 755 7.10 -91.58 61.22
N UNK H 756 8.40 -91.85 61.34
CA UNK H 756 9.35 -91.48 60.32
C UNK H 756 9.09 -92.18 58.98
N UNK H 757 8.76 -93.46 59.06
CA UNK H 757 8.49 -94.25 57.88
C UNK H 757 7.05 -94.08 57.41
N UNK H 758 6.25 -93.31 58.15
CA UNK H 758 4.87 -93.12 57.76
C UNK H 758 4.02 -94.38 57.89
N UNK H 759 4.55 -95.35 58.62
CA UNK H 759 3.85 -96.61 58.82
C UNK H 759 3.22 -96.73 60.19
N UNK H 760 3.31 -95.68 60.99
CA UNK H 760 2.72 -95.69 62.32
C UNK H 760 2.29 -94.28 62.67
N UNK H 761 1.31 -94.17 63.58
CA UNK H 761 0.81 -92.87 63.97
C UNK H 761 0.53 -92.85 65.46
N UNK H 762 0.92 -91.79 66.16
CA UNK H 762 0.61 -91.76 67.57
C UNK H 762 -0.48 -90.72 67.75
N UNK H 763 -1.35 -90.93 68.73
CA UNK H 763 -2.43 -89.98 69.01
C UNK H 763 -2.62 -89.85 70.51
N UNK H 764 -3.28 -88.76 70.92
CA UNK H 764 -3.49 -88.48 72.33
C UNK H 764 -4.95 -88.19 72.67
N UNK H 765 -5.37 -88.63 73.85
CA UNK H 765 -6.73 -88.42 74.35
C UNK H 765 -6.81 -88.63 75.86
N UNK H 766 -7.61 -87.80 76.53
CA UNK H 766 -7.79 -87.86 77.97
C UNK H 766 -6.45 -88.08 78.67
N UNK H 767 -6.23 -89.32 79.13
CA UNK H 767 -4.99 -89.67 79.81
C UNK H 767 -3.96 -90.49 79.06
N UNK H 768 -4.19 -90.80 77.79
CA UNK H 768 -3.21 -91.63 77.13
C UNK H 768 -2.76 -91.22 75.74
N UNK H 769 -1.60 -91.74 75.37
CA UNK H 769 -1.01 -91.55 74.07
C UNK H 769 -1.13 -92.97 73.54
N UNK H 770 -1.51 -93.11 72.28
CA UNK H 770 -1.69 -94.44 71.68
C UNK H 770 -0.96 -94.56 70.36
N UNK H 771 -0.30 -95.68 70.15
CA UNK H 771 0.42 -95.90 68.92
C UNK H 771 -0.31 -96.88 68.02
N UNK H 772 -0.71 -96.40 66.85
CA UNK H 772 -1.43 -97.22 65.89
C UNK H 772 -0.63 -97.60 64.67
N UNK H 773 -1.01 -98.75 64.10
CA UNK H 773 -0.38 -99.25 62.90
C UNK H 773 -1.25 -98.71 61.77
N UNK H 774 -0.71 -97.78 61.00
CA UNK H 774 -1.46 -97.15 59.89
C UNK H 774 -2.17 -98.15 58.97
N UNK H 775 -2.81 -102.20 59.44
CA UNK H 775 -3.72 -103.04 60.21
C UNK H 775 -4.67 -102.26 61.12
N UNK H 776 -4.30 -101.02 61.47
CA UNK H 776 -5.12 -100.19 62.36
C UNK H 776 -5.07 -100.77 63.77
N UNK H 777 -3.99 -101.47 64.06
CA UNK H 777 -3.83 -102.07 65.37
C UNK H 777 -3.21 -101.12 66.36
N UNK H 778 -3.52 -101.33 67.63
CA UNK H 778 -2.98 -100.51 68.69
C UNK H 778 -1.67 -101.14 69.11
N UNK H 779 -0.56 -100.56 68.69
CA UNK H 779 0.75 -101.09 69.03
C UNK H 779 1.26 -100.66 70.40
N UNK H 780 0.60 -99.71 71.04
CA UNK H 780 1.08 -99.25 72.33
C UNK H 780 0.12 -98.33 73.05
N UNK H 781 0.18 -98.36 74.38
CA UNK H 781 -0.69 -97.55 75.19
C UNK H 781 0.03 -97.13 76.46
N UNK H 782 0.63 -95.94 76.45
CA UNK H 782 1.29 -95.47 77.65
C UNK H 782 0.29 -94.57 78.36
N UNK H 783 2.53 -93.80 79.99
CA UNK H 783 1.59 -93.02 80.80
C UNK H 783 2.35 -91.85 81.38
N UNK H 784 1.85 -90.66 81.10
CA UNK H 784 2.50 -89.44 81.54
C UNK H 784 2.16 -89.00 82.96
N UNK H 785 -1.62 -84.85 84.15
CA UNK H 785 -1.66 -83.48 83.65
C UNK H 785 -2.24 -83.69 82.27
N UNK H 786 -1.89 -82.83 81.31
CA UNK H 786 -2.40 -83.00 79.94
C UNK H 786 -1.34 -82.63 78.92
N UNK H 787 -1.07 -83.55 78.00
CA UNK H 787 -0.08 -83.31 76.95
C UNK H 787 -0.57 -82.14 76.11
N UNK H 788 0.25 -81.11 76.01
CA UNK H 788 -0.11 -79.92 75.25
C UNK H 788 0.27 -80.01 73.76
N UNK H 789 1.30 -80.81 73.46
CA UNK H 789 1.71 -81.01 72.06
C UNK H 789 2.72 -82.14 71.93
N UNK H 790 2.88 -82.65 70.71
CA UNK H 790 3.82 -83.74 70.45
C UNK H 790 4.22 -83.86 68.98
N UNK H 791 5.09 -84.81 68.68
CA UNK H 791 5.49 -85.04 67.30
C UNK H 791 6.25 -86.34 67.24
N UNK H 792 5.85 -87.17 66.30
CA UNK H 792 6.41 -88.47 66.09
C UNK H 792 7.56 -88.40 65.08
N UNK H 793 8.71 -88.93 65.47
CA UNK H 793 9.90 -88.94 64.62
C UNK H 793 9.74 -89.88 63.43
N UNK H 794 10.71 -89.88 62.50
CA UNK H 794 10.57 -90.79 61.36
C UNK H 794 11.48 -92.01 61.57
N UNK H 795 12.23 -92.00 62.67
CA UNK H 795 13.13 -93.10 63.03
C UNK H 795 13.09 -93.38 64.52
N UNK H 796 13.66 -94.51 64.91
CA UNK H 796 13.70 -94.92 66.31
C UNK H 796 12.37 -94.83 67.06
N UNK H 797 11.26 -94.78 66.32
CA UNK H 797 9.92 -94.66 66.91
C UNK H 797 9.94 -93.60 68.00
N UNK H 798 10.76 -92.57 67.83
CA UNK H 798 10.83 -91.52 68.83
C UNK H 798 9.65 -90.59 68.74
N UNK H 799 9.23 -90.09 69.88
CA UNK H 799 8.12 -89.18 69.93
C UNK H 799 8.45 -88.11 70.96
N UNK H 800 8.27 -86.85 70.60
CA UNK H 800 8.53 -85.77 71.53
C UNK H 800 7.22 -85.13 71.89
N UNK H 801 7.03 -84.90 73.17
CA UNK H 801 5.79 -84.29 73.61
C UNK H 801 6.07 -83.22 74.64
N UNK H 802 5.40 -82.09 74.50
CA UNK H 802 5.55 -81.03 75.47
C UNK H 802 4.54 -81.51 76.50
N UNK H 803 6.11 -76.24 80.40
CA UNK H 803 7.55 -76.31 80.16
C UNK H 803 8.33 -77.62 80.35
N UNK H 804 7.63 -78.74 80.57
CA UNK H 804 8.31 -80.01 80.71
C UNK H 804 8.35 -80.63 79.34
N UNK H 805 9.52 -81.08 78.92
CA UNK H 805 9.62 -81.67 77.59
C UNK H 805 10.34 -82.98 77.69
N UNK H 806 9.67 -84.06 77.30
CA UNK H 806 10.31 -85.37 77.34
C UNK H 806 10.06 -86.12 76.07
N UNK H 807 11.08 -86.79 75.55
CA UNK H 807 10.87 -87.58 74.34
C UNK H 807 10.86 -89.04 74.75
N UNK H 808 9.86 -89.75 74.24
CA UNK H 808 9.63 -91.16 74.53
C UNK H 808 9.94 -92.08 73.36
N UNK H 809 9.95 -93.36 73.67
CA UNK H 809 10.23 -94.40 72.71
C UNK H 809 8.97 -95.27 72.57
N UNK H 810 8.16 -95.00 71.57
CA UNK H 810 6.95 -95.80 71.34
C UNK H 810 7.54 -97.19 71.08
N UNK H 811 6.73 -98.23 71.11
CA UNK H 811 7.25 -99.57 70.88
C UNK H 811 7.96 -100.09 72.14
N UNK H 812 7.76 -98.12 74.78
CA UNK H 812 6.82 -97.47 75.69
C UNK H 812 7.48 -96.94 76.95
N UNK H 813 8.71 -96.45 76.80
CA UNK H 813 9.48 -95.92 77.93
C UNK H 813 10.04 -94.53 77.65
N UNK H 814 10.19 -93.72 78.70
CA UNK H 814 10.77 -92.40 78.49
C UNK H 814 12.25 -92.61 78.20
N UNK H 815 12.78 -91.81 77.27
CA UNK H 815 14.16 -91.88 76.83
C UNK H 815 15.00 -90.71 77.33
N UNK H 816 14.40 -89.53 77.35
CA UNK H 816 15.16 -88.37 77.80
C UNK H 816 14.29 -87.26 78.34
N UNK H 817 14.85 -86.51 79.27
CA UNK H 817 14.17 -85.38 79.86
C UNK H 817 14.85 -84.17 79.26
N UNK H 818 14.07 -83.32 78.62
CA UNK H 818 14.61 -82.13 77.99
C UNK H 818 14.21 -80.89 78.77
N UNK H 819 15.12 -80.43 79.62
CA UNK H 819 14.86 -79.27 80.44
C UNK H 819 15.42 -78.04 79.74
N UNK H 820 14.54 -77.13 79.33
CA UNK H 820 15.02 -75.93 78.66
C UNK H 820 14.20 -74.68 78.92
N UNK H 821 12.93 -74.85 79.27
CA UNK H 821 12.06 -73.70 79.52
C UNK H 821 11.50 -73.71 80.94
N UNK H 822 11.12 -72.54 81.44
CA UNK H 822 10.52 -72.43 82.77
C UNK H 822 9.18 -71.70 82.59
N UNK H 823 9.20 -70.79 81.19
CA UNK H 823 7.99 -70.31 80.56
C UNK H 823 7.52 -71.45 79.66
N UNK H 824 6.21 -71.56 79.52
CA UNK H 824 5.56 -72.58 78.69
C UNK H 824 6.25 -73.11 77.45
N UNK H 825 6.33 -74.43 77.31
CA UNK H 825 7.01 -75.01 76.16
C UNK H 825 5.94 -75.52 75.20
N UNK H 826 5.86 -74.90 74.04
CA UNK H 826 4.84 -75.25 73.06
C UNK H 826 5.17 -76.44 72.20
N UNK H 827 6.42 -76.53 71.77
CA UNK H 827 6.80 -77.61 70.90
C UNK H 827 8.17 -78.17 71.23
N UNK H 828 8.47 -79.30 70.62
CA UNK H 828 9.73 -79.95 70.90
C UNK H 828 9.92 -81.09 69.90
N UNK H 829 11.11 -81.26 69.35
CA UNK H 829 11.30 -82.40 68.47
C UNK H 829 12.72 -82.78 68.15
N UNK H 830 12.88 -84.02 67.71
CA UNK H 830 14.20 -84.57 67.39
C UNK H 830 14.68 -84.15 66.03
N UNK H 831 16.00 -84.16 65.88
CA UNK H 831 16.62 -83.85 64.61
C UNK H 831 16.26 -85.09 63.81
N UNK H 832 16.52 -85.08 62.50
CA UNK H 832 16.14 -86.28 61.76
C UNK H 832 16.88 -87.56 62.17
N UNK H 833 18.15 -87.47 62.55
CA UNK H 833 18.88 -88.68 62.96
C UNK H 833 18.67 -88.92 64.44
N UNK H 834 17.79 -88.11 65.01
CA UNK H 834 17.47 -88.23 66.43
C UNK H 834 18.68 -88.02 67.31
N UNK H 835 19.73 -87.42 66.77
CA UNK H 835 20.93 -87.20 67.54
C UNK H 835 20.75 -86.01 68.47
N UNK H 836 19.81 -85.14 68.14
CA UNK H 836 19.58 -83.99 68.98
C UNK H 836 18.11 -83.60 68.87
N UNK H 837 17.68 -82.67 69.71
CA UNK H 837 16.29 -82.21 69.68
C UNK H 837 16.22 -80.73 70.01
N UNK H 838 15.12 -80.07 69.62
CA UNK H 838 14.97 -78.66 69.88
C UNK H 838 13.78 -78.42 70.79
N UNK H 839 13.81 -77.29 71.48
CA UNK H 839 12.74 -76.92 72.40
C UNK H 839 12.22 -75.54 72.01
N UNK H 840 10.91 -75.40 71.85
CA UNK H 840 10.32 -74.10 71.49
C UNK H 840 9.38 -73.59 72.57
N UNK H 841 9.62 -72.38 73.06
CA UNK H 841 8.75 -71.89 74.13
C UNK H 841 8.25 -70.46 74.11
N UNK H 842 7.43 -70.19 75.11
CA UNK H 842 6.80 -68.90 75.33
C UNK H 842 7.81 -67.85 75.73
N UNK H 843 8.94 -68.28 76.27
CA UNK H 843 9.99 -67.34 76.64
C UNK H 843 10.68 -66.93 75.34
N UNK H 844 9.93 -67.09 74.25
CA UNK H 844 10.37 -66.78 72.90
C UNK H 844 11.77 -67.22 72.51
N UNK H 845 12.18 -68.38 73.00
CA UNK H 845 13.48 -68.88 72.64
C UNK H 845 13.33 -70.27 72.04
N UNK H 846 14.38 -70.69 71.35
CA UNK H 846 14.42 -72.00 70.73
C UNK H 846 15.77 -72.52 71.14
N UNK H 847 15.82 -73.68 71.79
CA UNK H 847 17.10 -74.22 72.22
C UNK H 847 17.38 -75.60 71.64
N UNK H 848 18.61 -75.82 71.20
CA UNK H 848 18.97 -77.09 70.63
C UNK H 848 19.76 -77.88 71.63
N UNK H 849 19.35 -79.14 71.80
CA UNK H 849 20.00 -80.05 72.73
C UNK H 849 20.53 -81.27 72.00
N UNK H 850 21.56 -81.89 72.55
CA UNK H 850 22.11 -83.10 71.98
C UNK H 850 21.71 -84.22 72.92
N UNK H 851 20.88 -85.13 72.43
CA UNK H 851 20.36 -86.27 73.18
C UNK H 851 21.40 -86.98 74.02
N UNK H 852 22.41 -87.53 73.37
CA UNK H 852 23.46 -88.25 74.09
C UNK H 852 23.82 -87.54 75.39
N UNK H 853 24.35 -86.32 75.29
CA UNK H 853 24.75 -85.54 76.46
C UNK H 853 23.63 -85.31 77.47
N UNK H 854 22.39 -85.19 77.01
CA UNK H 854 21.28 -84.96 77.93
C UNK H 854 20.88 -86.19 78.73
N UNK H 855 20.91 -87.35 78.08
CA UNK H 855 20.53 -88.60 78.73
C UNK H 855 21.56 -89.14 79.71
N UNK H 856 22.78 -88.65 79.63
CA UNK H 856 23.80 -89.11 80.54
C UNK H 856 23.34 -88.82 81.96
N UNK H 857 23.55 -89.79 82.83
CA UNK H 857 23.18 -89.67 84.24
C UNK H 857 23.98 -88.54 84.86
N UNK H 858 18.33 -89.38 90.05
CA UNK H 858 19.33 -88.53 90.66
C UNK H 858 18.74 -87.42 91.51
N UNK H 859 19.60 -86.89 92.38
CA UNK H 859 19.26 -85.83 93.30
C UNK H 859 19.51 -84.45 92.71
N UNK H 860 19.79 -84.41 91.41
CA UNK H 860 20.04 -83.12 90.81
C UNK H 860 18.74 -82.29 90.79
N UNK H 861 17.62 -82.94 90.49
CA UNK H 861 16.33 -82.24 90.48
C UNK H 861 15.40 -82.79 91.53
N UNK H 862 14.90 -81.91 92.40
CA UNK H 862 14.01 -82.33 93.46
C UNK H 862 12.76 -81.51 93.34
N UNK H 863 11.81 -81.79 94.22
CA UNK H 863 10.55 -81.07 94.28
C UNK H 863 10.82 -79.99 95.31
N UNK H 864 9.86 -79.14 95.57
CA UNK H 864 10.07 -78.09 96.57
C UNK H 864 9.70 -78.53 97.99
N UNK H 865 9.31 -79.79 98.11
CA UNK H 865 8.98 -80.35 99.40
C UNK H 865 10.25 -80.95 99.98
N UNK H 866 10.90 -80.20 100.86
CA UNK H 866 12.14 -80.64 101.49
C UNK H 866 12.21 -80.18 102.92
N UNK H 867 13.10 -80.79 103.68
CA UNK H 867 13.33 -80.42 105.07
C UNK H 867 14.83 -80.44 105.33
N UNK H 868 15.29 -79.43 106.05
CA UNK H 868 16.71 -79.26 106.36
C UNK H 868 17.07 -79.30 107.84
N UNK H 869 18.23 -79.86 108.13
CA UNK H 869 18.73 -79.95 109.50
C UNK H 869 20.17 -79.46 109.56
N UNK H 870 20.36 -78.24 110.08
CA UNK H 870 21.67 -77.64 110.22
C UNK H 870 22.40 -78.17 111.45
N UNK H 871 23.27 -79.16 111.27
CA UNK H 871 23.99 -79.73 112.39
C UNK H 871 25.46 -79.30 112.50
N UNK H 872 28.01 -79.41 109.51
CA UNK H 872 27.41 -79.58 108.18
C UNK H 872 25.89 -79.36 108.10
N UNK H 873 25.37 -79.39 106.87
CA UNK H 873 23.94 -79.21 106.61
C UNK H 873 23.34 -80.48 106.00
N UNK H 874 22.09 -80.78 106.36
CA UNK H 874 21.39 -81.95 105.87
C UNK H 874 20.04 -81.63 105.25
N UNK H 875 19.85 -82.08 104.02
CA UNK H 875 18.61 -81.84 103.30
C UNK H 875 17.97 -83.15 102.85
N UNK H 876 16.73 -83.36 103.26
CA UNK H 876 15.97 -84.55 102.89
C UNK H 876 14.97 -83.99 101.90
N UNK H 877 14.86 -84.58 100.73
CA UNK H 877 13.93 -84.03 99.76
C UNK H 877 13.15 -85.05 98.94
N UNK H 878 11.95 -84.65 98.57
CA UNK H 878 11.08 -85.48 97.74
C UNK H 878 11.61 -85.45 96.32
N UNK H 879 12.06 -86.59 95.81
CA UNK H 879 12.60 -86.62 94.44
C UNK H 879 11.58 -86.14 93.41
N UNK H 880 12.09 -85.54 92.33
CA UNK H 880 11.25 -85.03 91.26
C UNK H 880 10.47 -86.13 90.53
N UNK H 881 12.69 -90.05 97.69
CA UNK H 881 13.25 -88.89 98.33
C UNK H 881 14.75 -89.09 98.50
N UNK H 882 15.47 -87.98 98.49
CA UNK H 882 16.92 -88.00 98.60
C UNK H 882 17.42 -87.46 99.94
N UNK H 883 18.42 -88.14 100.49
CA UNK H 883 19.02 -87.70 101.74
C UNK H 883 20.28 -86.98 101.29
N UNK H 884 20.15 -85.68 101.03
CA UNK H 884 21.26 -84.85 100.56
C UNK H 884 22.04 -84.21 101.69
N UNK H 885 23.34 -84.48 101.73
CA UNK H 885 24.22 -83.92 102.74
C UNK H 885 25.01 -82.78 102.09
N UNK H 886 24.58 -81.55 102.32
CA UNK H 886 25.28 -80.40 101.74
C UNK H 886 26.71 -80.43 102.25
N UNK H 887 27.65 -79.87 101.48
CA UNK H 887 29.05 -79.90 101.90
C UNK H 887 29.50 -81.36 101.82
N UNK H 888 27.45 -87.07 98.96
CA UNK H 888 26.67 -88.03 99.77
C UNK H 888 25.16 -87.96 99.61
N UNK H 889 24.68 -88.43 98.47
CA UNK H 889 23.27 -88.47 98.17
C UNK H 889 22.80 -89.91 98.32
N UNK H 890 21.80 -90.11 99.17
CA UNK H 890 21.26 -91.42 99.42
C UNK H 890 19.79 -91.48 99.09
N UNK H 891 19.48 -92.36 98.14
CA UNK H 891 18.14 -92.56 97.63
C UNK H 891 17.34 -93.58 98.41
N UNK H 892 16.05 -93.28 98.54
CA UNK H 892 15.11 -94.13 99.23
C UNK H 892 13.88 -94.15 98.32
N UNK H 893 13.68 -95.24 97.59
CA UNK H 893 12.55 -95.38 96.68
C UNK H 893 11.23 -95.41 97.44
N UNK H 894 10.14 -95.07 96.76
CA UNK H 894 8.83 -95.11 97.40
C UNK H 894 7.70 -94.69 96.47
N UNK H 895 6.16 -90.03 97.21
CA UNK H 895 5.77 -89.35 98.42
C UNK H 895 5.23 -87.97 98.06
N UNK H 896 4.64 -87.30 99.04
CA UNK H 896 4.09 -85.96 98.84
C UNK H 896 4.69 -84.94 99.78
N UNK H 897 5.37 -85.40 100.82
CA UNK H 897 5.99 -84.49 101.76
C UNK H 897 7.05 -85.22 102.56
N UNK H 898 8.05 -84.48 103.01
CA UNK H 898 9.13 -85.09 103.73
C UNK H 898 9.17 -84.68 105.20
N UNK H 899 10.10 -85.29 105.94
CA UNK H 899 10.24 -85.02 107.36
C UNK H 899 11.51 -85.65 107.94
N UNK H 900 12.26 -84.88 108.71
CA UNK H 900 13.50 -85.37 109.32
C UNK H 900 13.42 -85.32 110.85
N UNK H 901 13.76 -86.42 111.49
CA UNK H 901 13.71 -86.48 112.95
C UNK H 901 15.02 -85.96 113.48
N UNK H 902 15.00 -84.87 114.25
CA UNK H 902 16.27 -84.36 114.77
C UNK H 902 17.07 -85.55 115.28
N UNK H 903 15.99 -91.31 111.58
CA UNK H 903 14.63 -91.59 111.10
C UNK H 903 14.18 -90.52 110.12
N UNK H 904 13.47 -90.94 109.07
CA UNK H 904 12.92 -90.00 108.10
C UNK H 904 11.47 -90.44 107.92
N UNK H 905 10.57 -89.48 107.75
CA UNK H 905 9.18 -89.85 107.57
C UNK H 905 8.61 -89.18 106.33
N UNK H 906 7.58 -89.75 105.74
CA UNK H 906 7.00 -89.11 104.57
C UNK H 906 5.53 -89.27 104.32
N UNK H 907 4.98 -88.26 103.64
CA UNK H 907 3.58 -88.23 103.29
C UNK H 907 3.37 -89.02 102.03
N UNK H 908 2.12 -89.30 101.72
CA UNK H 908 1.80 -90.10 100.55
C UNK H 908 0.64 -89.48 99.80
N UNK H 909 0.55 -89.78 98.51
CA UNK H 909 -0.51 -89.24 97.67
C UNK H 909 -1.86 -89.76 98.15
N UNK H 910 -1.03 -92.37 102.97
CA UNK H 910 -0.16 -93.21 103.78
C UNK H 910 0.94 -92.44 104.53
N UNK H 911 1.37 -92.99 105.65
CA UNK H 911 2.42 -92.39 106.47
C UNK H 911 3.47 -93.47 106.77
N UNK H 912 4.74 -93.14 106.63
CA UNK H 912 5.79 -94.14 106.89
C UNK H 912 7.06 -93.55 107.48
N UNK H 913 7.62 -94.25 108.47
CA UNK H 913 8.87 -93.83 109.07
C UNK H 913 9.87 -94.85 108.61
N UNK H 914 11.04 -94.39 108.19
CA UNK H 914 12.11 -95.29 107.77
C UNK H 914 13.23 -94.99 108.74
N UNK H 915 13.94 -96.02 109.18
CA UNK H 915 15.04 -95.77 110.10
C UNK H 915 16.36 -95.87 109.38
N UNK H 916 17.02 -94.73 109.25
CA UNK H 916 18.30 -94.60 108.56
C UNK H 916 19.42 -95.52 109.05
N UNK H 917 19.68 -95.56 110.36
CA UNK H 917 20.77 -96.42 110.84
C UNK H 917 20.74 -97.75 110.08
N UNK H 918 19.54 -98.18 109.74
CA UNK H 918 19.36 -99.43 109.01
C UNK H 918 19.12 -99.16 107.52
N UNK H 919 14.32 -101.42 107.33
CA UNK H 919 13.25 -101.63 108.31
C UNK H 919 12.53 -100.32 108.63
N UNK H 920 11.22 -100.30 108.37
CA UNK H 920 10.40 -99.11 108.60
C UNK H 920 9.02 -99.57 109.03
N UNK H 921 8.07 -98.63 109.05
CA UNK H 921 6.77 -98.82 109.68
C UNK H 921 5.68 -98.03 108.95
N UNK H 922 4.43 -98.49 109.04
CA UNK H 922 3.31 -97.82 108.37
C UNK H 922 2.11 -97.57 109.29
N UNK H 923 1.94 -96.34 109.72
CA UNK H 923 0.84 -96.01 110.60
C UNK H 923 -0.43 -95.60 109.89
N UNK H 924 -1.39 -96.53 109.80
CA UNK H 924 -2.69 -96.34 109.13
C UNK H 924 -3.56 -95.08 109.36
N UNK H 925 -0.13 -83.53 103.53
CA UNK H 925 0.50 -82.22 103.39
C UNK H 925 1.66 -82.06 104.35
N UNK H 926 1.54 -81.18 105.34
CA UNK H 926 2.62 -80.98 106.29
C UNK H 926 2.81 -82.28 107.10
N UNK H 927 4.02 -82.53 107.63
CA UNK H 927 4.31 -83.74 108.44
C UNK H 927 5.55 -83.58 109.30
N UNK H 928 5.43 -83.68 110.61
CA UNK H 928 6.59 -83.47 111.48
C UNK H 928 6.72 -84.41 112.67
N UNK H 929 7.93 -84.52 113.19
CA UNK H 929 8.23 -85.35 114.36
C UNK H 929 8.08 -84.49 115.60
N UNK H 930 7.93 -85.12 116.75
CA UNK H 930 7.78 -84.39 118.00
C UNK H 930 9.17 -83.97 118.41
N UNK H 931 9.28 -83.05 119.36
CA UNK H 931 10.59 -82.61 119.85
C UNK H 931 11.49 -83.85 119.95
N UNK H 932 4.42 -88.69 115.54
CA UNK H 932 4.42 -87.97 114.26
C UNK H 932 3.16 -87.20 113.97
N UNK H 933 3.20 -85.89 114.15
CA UNK H 933 2.02 -85.10 113.83
C UNK H 933 1.97 -84.92 112.30
N UNK H 934 0.79 -85.03 111.74
CA UNK H 934 0.65 -84.90 110.30
C UNK H 934 -0.72 -84.40 109.92
N UNK H 935 -0.78 -83.60 108.87
CA UNK H 935 -2.05 -83.07 108.40
C UNK H 935 -2.23 -83.39 106.94
N UNK H 936 -3.48 -83.36 106.52
CA UNK H 936 -3.85 -83.60 105.14
C UNK H 936 -4.86 -82.53 104.75
N UNK H 937 -5.57 -82.81 103.66
CA UNK H 937 -6.50 -81.86 103.08
C UNK H 937 -7.90 -81.96 103.67
N UNK H 938 -7.98 -82.31 104.96
CA UNK H 938 -9.26 -82.41 105.66
C UNK H 938 -9.07 -81.80 107.06
N UNK H 939 -10.07 -81.88 107.93
CA UNK H 939 -9.98 -81.24 109.26
C UNK H 939 -9.38 -82.00 110.47
N UNK H 940 -8.85 -83.19 110.26
CA UNK H 940 -8.25 -83.90 111.38
C UNK H 940 -6.72 -83.83 111.32
N UNK H 941 -6.07 -83.84 112.49
CA UNK H 941 -4.61 -83.82 112.53
C UNK H 941 -4.08 -85.06 113.24
N UNK H 942 -3.65 -86.06 112.49
CA UNK H 942 -3.13 -87.29 113.07
C UNK H 942 -1.91 -87.17 113.97
N UNK H 943 -2.04 -87.64 115.21
CA UNK H 943 -0.93 -87.61 116.17
C UNK H 943 -0.55 -89.04 116.48
N UNK H 944 0.13 -89.68 115.52
CA UNK H 944 0.55 -91.07 115.63
C UNK H 944 1.81 -91.28 116.42
N UNK H 945 1.62 -91.60 117.69
CA UNK H 945 2.74 -91.85 118.57
C UNK H 945 3.26 -93.26 118.21
N UNK H 946 3.95 -93.34 117.08
CA UNK H 946 4.51 -94.60 116.60
C UNK H 946 5.38 -95.20 117.72
N UNK H 947 -0.10 -96.09 119.35
CA UNK H 947 -1.15 -95.22 119.85
C UNK H 947 -1.46 -94.11 118.87
N UNK H 948 -2.67 -93.57 118.96
CA UNK H 948 -3.08 -92.48 118.09
C UNK H 948 -3.89 -91.47 118.86
N UNK H 949 -3.71 -90.22 118.52
CA UNK H 949 -4.45 -89.14 119.14
C UNK H 949 -4.94 -88.35 117.95
N UNK H 950 -6.26 -88.19 117.84
CA UNK H 950 -6.85 -87.48 116.72
C UNK H 950 -7.38 -86.14 117.16
N UNK H 951 -7.21 -85.13 116.31
CA UNK H 951 -7.67 -83.79 116.62
C UNK H 951 -8.73 -83.38 115.60
N UNK H 952 -9.99 -83.68 115.90
CA UNK H 952 -11.09 -83.34 115.00
C UNK H 952 -11.41 -81.87 115.13
N UNK H 953 -10.68 -81.09 114.35
CA UNK H 953 -10.84 -79.64 114.35
C UNK H 953 -12.23 -79.26 113.88
N UNK H 954 -12.84 -80.16 113.12
CA UNK H 954 -14.18 -79.93 112.58
C UNK H 954 -14.17 -78.63 111.78
N UNK H 955 -12.43 -76.78 108.35
CA UNK H 955 -12.74 -77.15 106.98
C UNK H 955 -11.56 -77.96 106.48
N UNK H 956 -10.36 -77.43 106.70
CA UNK H 956 -9.11 -78.07 106.32
C UNK H 956 -8.01 -77.36 107.09
N UNK H 957 -7.10 -78.14 107.65
CA UNK H 957 -5.99 -77.58 108.38
C UNK H 957 -5.05 -76.98 107.35
N UNK H 958 -4.94 -75.65 107.33
CA UNK H 958 -4.07 -74.99 106.37
C UNK H 958 -2.67 -75.52 106.66
N UNK H 959 -2.28 -75.47 107.94
CA UNK H 959 -0.99 -75.97 108.36
C UNK H 959 -0.89 -75.95 109.88
N UNK H 960 0.24 -76.37 110.41
CA UNK H 960 0.43 -76.40 111.84
C UNK H 960 1.89 -76.38 112.17
N UNK H 961 2.20 -76.38 113.46
CA UNK H 961 3.58 -76.38 113.91
C UNK H 961 3.65 -76.74 115.40
N UNK H 962 4.65 -77.53 115.76
CA UNK H 962 4.83 -77.93 117.14
C UNK H 962 4.89 -76.69 118.01
N UNK H 963 4.80 -76.86 119.32
CA UNK H 963 4.86 -75.73 120.23
C UNK H 963 5.60 -76.14 121.50
N UNK H 964 4.44 -80.20 124.47
CA UNK H 964 3.44 -81.08 123.88
C UNK H 964 2.20 -80.33 123.37
N UNK H 965 2.26 -79.01 123.41
CA UNK H 965 1.16 -78.18 122.92
C UNK H 965 1.44 -77.97 121.42
N UNK H 966 0.40 -77.80 120.60
CA UNK H 966 0.59 -77.62 119.15
C UNK H 966 -0.36 -76.60 118.52
N UNK H 967 0.22 -75.59 117.90
CA UNK H 967 -0.52 -74.51 117.25
C UNK H 967 -1.07 -74.95 115.88
N UNK H 968 -2.33 -74.65 115.60
CA UNK H 968 -2.95 -75.05 114.35
C UNK H 968 -3.92 -74.03 113.78
N UNK H 969 -3.89 -73.86 112.46
CA UNK H 969 -4.75 -72.94 111.76
C UNK H 969 -5.33 -73.58 110.50
N UNK H 970 -6.63 -73.41 110.33
CA UNK H 970 -7.33 -73.96 109.17
C UNK H 970 -7.71 -72.73 108.40
N UNK H 971 -8.33 -72.91 107.23
CA UNK H 971 -8.73 -71.74 106.50
C UNK H 971 -10.20 -71.44 106.72
N UNK H 972 -10.49 -71.20 108.00
CA UNK H 972 -11.81 -70.83 108.51
C UNK H 972 -11.58 -69.70 109.51
N UNK H 973 -10.45 -69.02 109.35
CA UNK H 973 -10.08 -67.91 110.21
C UNK H 973 -9.72 -68.35 111.61
N UNK H 974 -9.90 -69.63 111.87
CA UNK H 974 -9.62 -70.19 113.17
C UNK H 974 -8.18 -70.64 113.37
N UNK H 975 -7.71 -70.45 114.60
CA UNK H 975 -6.37 -70.82 115.02
C UNK H 975 -6.59 -71.50 116.36
N UNK H 976 -6.10 -72.72 116.53
CA UNK H 976 -6.32 -73.38 117.80
C UNK H 976 -5.01 -73.77 118.47
N UNK H 977 -5.08 -74.12 119.76
CA UNK H 977 -3.91 -74.53 120.54
C UNK H 977 -4.10 -75.91 121.16
N UNK H 978 -4.09 -76.97 120.34
CA UNK H 978 -4.28 -78.33 120.83
C UNK H 978 -3.21 -78.80 121.79
N UNK H 979 -3.55 -79.87 122.51
CA UNK H 979 -2.65 -80.49 123.46
C UNK H 979 -2.48 -81.91 122.94
N UNK H 980 -1.26 -82.34 122.68
CA UNK H 980 -1.09 -83.71 122.22
C UNK H 980 -1.20 -84.57 123.48
N UNK H 981 -7.04 -82.16 123.14
CA UNK H 981 -7.94 -81.21 123.77
C UNK H 981 -7.65 -79.77 123.36
N UNK H 982 -8.65 -79.15 122.75
CA UNK H 982 -8.57 -77.78 122.28
C UNK H 982 -8.54 -76.80 123.43
N UNK H 983 -7.34 -76.55 123.96
CA UNK H 983 -7.21 -75.60 125.04
C UNK H 983 -7.72 -74.23 124.57
N UNK H 984 -7.05 -73.66 123.59
CA UNK H 984 -7.44 -72.36 123.05
C UNK H 984 -8.07 -72.47 121.66
N UNK H 985 -8.92 -71.50 121.33
CA UNK H 985 -9.61 -71.48 120.04
C UNK H 985 -9.98 -70.04 119.68
N UNK H 986 -9.42 -69.52 118.58
CA UNK H 986 -9.70 -68.15 118.12
C UNK H 986 -10.32 -68.15 116.74
N UNK H 987 -10.96 -67.03 116.41
CA UNK H 987 -11.56 -66.84 115.08
C UNK H 987 -11.01 -65.48 114.67
N UNK H 988 -9.68 -65.44 114.52
CA UNK H 988 -8.92 -64.24 114.17
C UNK H 988 -9.01 -63.68 112.75
N UNK H 989 -9.77 -64.32 111.87
CA UNK H 989 -9.93 -63.85 110.50
C UNK H 989 -11.21 -64.42 109.92
N UNK H 990 -11.83 -63.70 109.00
CA UNK H 990 -13.09 -64.17 108.40
C UNK H 990 -12.81 -64.93 107.10
N UNK H 991 -0.19 -67.95 106.79
CA UNK H 991 0.88 -68.33 107.70
C UNK H 991 0.79 -67.51 108.99
N UNK H 992 1.33 -68.05 110.08
CA UNK H 992 1.29 -67.35 111.36
C UNK H 992 2.34 -68.00 112.24
N UNK H 993 3.15 -67.19 112.92
CA UNK H 993 4.21 -67.74 113.76
C UNK H 993 4.15 -67.25 115.18
N UNK H 994 4.97 -67.86 116.03
CA UNK H 994 5.03 -67.51 117.45
C UNK H 994 6.19 -66.59 117.71
N UNK H 995 6.17 -65.94 118.87
CA UNK H 995 7.22 -65.02 119.26
C UNK H 995 8.42 -65.76 119.81
N UNK H 996 6.43 -66.52 124.51
CA UNK H 996 5.38 -67.06 123.67
C UNK H 996 4.21 -66.15 123.94
N UNK H 997 4.48 -65.09 124.69
CA UNK H 997 3.45 -64.13 125.03
C UNK H 997 2.73 -63.73 123.75
N UNK H 998 3.43 -63.80 122.63
CA UNK H 998 2.87 -63.40 121.35
C UNK H 998 2.92 -64.50 120.25
N UNK H 999 1.91 -64.51 119.40
CA UNK H 999 1.82 -65.47 118.29
C UNK H 999 0.85 -64.86 117.29
N UNK H 1000 1.37 -64.28 116.21
CA UNK H 1000 0.50 -63.64 115.25
C UNK H 1000 0.20 -64.43 113.99
N UNK H 1001 -0.81 -63.92 113.27
CA UNK H 1001 -1.30 -64.51 112.04
C UNK H 1001 -1.11 -63.62 110.83
N UNK H 1002 -1.62 -64.10 109.70
CA UNK H 1002 -1.54 -63.41 108.42
C UNK H 1002 -2.58 -64.15 107.59
N UNK H 1003 -3.47 -63.44 106.92
CA UNK H 1003 -4.48 -64.16 106.15
C UNK H 1003 -5.31 -63.28 105.26
N UNK H 1004 -5.00 -58.63 106.43
CA UNK H 1004 -3.94 -58.01 107.20
C UNK H 1004 -3.19 -59.03 108.03
N UNK H 1005 -2.50 -58.55 109.06
CA UNK H 1005 -1.75 -59.42 109.95
C UNK H 1005 -2.10 -59.13 111.41
N UNK H 1006 -3.21 -59.70 111.88
CA UNK H 1006 -3.67 -59.53 113.25
C UNK H 1006 -2.74 -60.27 114.19
N UNK H 1007 -2.18 -59.56 115.16
CA UNK H 1007 -1.25 -60.13 116.12
C UNK H 1007 -1.85 -60.20 117.53
N UNK H 1008 -1.68 -61.33 118.22
CA UNK H 1008 -2.22 -61.45 119.59
C UNK H 1008 -1.35 -62.14 120.65
N UNK H 1009 -1.98 -62.42 121.80
CA UNK H 1009 -1.30 -63.02 122.98
C UNK H 1009 -1.77 -64.38 123.53
N UNK H 1010 -4.71 -58.12 119.48
CA UNK H 1010 -4.11 -56.94 120.11
C UNK H 1010 -4.28 -55.76 119.16
N UNK H 1011 -3.97 -55.95 117.88
CA UNK H 1011 -4.16 -54.88 116.88
C UNK H 1011 -4.07 -55.31 115.42
N UNK H 1012 -5.08 -54.91 114.65
CA UNK H 1012 -5.18 -55.21 113.23
C UNK H 1012 -4.22 -54.31 112.43
N UNK H 1013 -3.38 -54.91 111.58
CA UNK H 1013 -2.39 -54.19 110.78
C UNK H 1013 -2.77 -54.16 109.30
N UNK H 1014 -3.78 -53.37 108.94
CA UNK H 1014 -4.24 -53.29 107.56
C UNK H 1014 -3.32 -52.55 106.60
N UNK H 1015 -2.03 -52.89 106.62
CA UNK H 1015 -1.08 -52.23 105.75
C UNK H 1015 -1.05 -52.73 104.30
N UNK H 1016 -0.74 -54.01 104.13
CA UNK H 1016 -0.65 -54.63 102.80
C UNK H 1016 -1.90 -54.50 101.92
N UNK H 1017 -1.66 -54.22 100.64
CA UNK H 1017 -2.75 -54.09 99.68
C UNK H 1017 -2.92 -55.38 98.91
N UNK H 1018 -2.21 -58.62 100.19
CA UNK H 1018 -2.65 -59.67 101.12
C UNK H 1018 -1.48 -60.46 101.70
N UNK H 1019 -1.36 -60.45 103.02
CA UNK H 1019 -0.26 -61.13 103.68
C UNK H 1019 -0.24 -62.62 103.41
N UNK H 1020 0.96 -63.19 103.40
CA UNK H 1020 1.14 -64.61 103.14
C UNK H 1020 2.19 -65.23 104.04
N UNK H 1021 2.87 -64.41 104.82
CA UNK H 1021 3.89 -64.92 105.73
C UNK H 1021 4.30 -63.85 106.74
N UNK H 1022 5.07 -64.24 107.75
CA UNK H 1022 5.53 -63.29 108.77
C UNK H 1022 6.41 -63.95 109.81
N UNK H 1023 7.13 -63.13 110.55
CA UNK H 1023 8.01 -63.63 111.60
C UNK H 1023 8.28 -62.55 112.65
N UNK H 1024 8.62 -63.01 113.85
CA UNK H 1024 8.92 -62.10 114.95
C UNK H 1024 10.41 -61.95 115.11
N UNK H 1025 10.87 -60.73 115.41
CA UNK H 1025 12.29 -60.50 115.61
C UNK H 1025 12.67 -61.34 116.80
N UNK H 1026 13.85 -61.94 116.76
CA UNK H 1026 14.30 -62.80 117.86
C UNK H 1026 14.29 -61.97 119.15
N UNK H 1027 9.75 -56.58 116.66
CA UNK H 1027 9.23 -56.43 115.31
C UNK H 1027 8.59 -57.68 114.74
N UNK H 1028 7.68 -57.44 113.80
CA UNK H 1028 6.96 -58.51 113.13
C UNK H 1028 6.86 -58.10 111.66
N UNK H 1029 7.68 -58.74 110.83
CA UNK H 1029 7.70 -58.48 109.39
C UNK H 1029 6.67 -59.37 108.71
N UNK H 1030 5.92 -58.78 107.78
CA UNK H 1030 4.89 -59.51 107.09
C UNK H 1030 5.06 -59.59 105.57
N UNK H 1031 4.72 -60.75 105.02
CA UNK H 1031 4.86 -60.99 103.59
C UNK H 1031 3.63 -60.70 102.77
N UNK H 1032 3.80 -59.80 101.80
CA UNK H 1032 2.73 -59.37 100.91
C UNK H 1032 2.64 -60.27 99.68
N UNK H 1033 1.42 -60.43 99.20
CA UNK H 1033 1.15 -61.26 98.03
C UNK H 1033 1.66 -60.53 96.78
N UNK H 1034 2.04 -59.27 96.93
CA UNK H 1034 2.55 -58.48 95.82
C UNK H 1034 3.94 -57.93 96.12
N UNK H 1035 4.84 -58.83 96.47
CA UNK H 1035 6.20 -58.44 96.74
C UNK H 1035 6.42 -57.35 97.76
N UNK H 1036 5.34 -56.89 98.40
CA UNK H 1036 5.46 -55.84 99.42
C UNK H 1036 5.87 -56.52 100.72
N UNK H 1037 6.31 -55.74 101.68
CA UNK H 1037 6.73 -56.30 102.95
C UNK H 1037 6.85 -55.03 103.76
N UNK H 1038 6.02 -54.94 104.80
CA UNK H 1038 6.13 -53.90 105.82
C UNK H 1038 6.66 -54.48 107.11
N UNK H 1039 7.41 -53.67 107.83
CA UNK H 1039 7.94 -54.09 109.12
C UNK H 1039 7.01 -53.42 110.13
N UNK H 1040 6.60 -54.16 111.15
CA UNK H 1040 5.73 -53.60 112.18
C UNK H 1040 6.45 -53.75 113.52
N UNK H 1041 5.97 -53.04 114.54
CA UNK H 1041 6.61 -53.11 115.87
C UNK H 1041 5.76 -53.74 116.97
N UNK H 1042 8.18 -49.29 109.27
CA UNK H 1042 8.55 -48.91 107.92
C UNK H 1042 8.16 -49.98 106.91
N UNK H 1043 7.77 -49.55 105.71
CA UNK H 1043 7.37 -50.49 104.66
C UNK H 1043 8.39 -50.75 103.54
N UNK H 1044 9.59 -51.19 103.90
CA UNK H 1044 10.61 -51.48 102.90
C UNK H 1044 10.08 -52.54 101.95
N UNK H 1045 9.66 -52.14 100.75
CA UNK H 1045 9.12 -53.10 99.78
C UNK H 1045 9.07 -52.64 98.31
N UNK H 1046 10.23 -52.57 97.64
CA UNK H 1046 10.29 -52.14 96.22
C UNK H 1046 9.65 -53.15 95.26
N UNK H 1047 4.98 -62.58 94.72
CA UNK H 1047 4.80 -63.12 96.05
C UNK H 1047 6.02 -62.87 96.93
N UNK H 1048 5.87 -63.16 98.22
CA UNK H 1048 6.91 -63.06 99.24
C UNK H 1048 6.49 -64.15 100.20
N UNK H 1049 6.90 -65.37 99.91
CA UNK H 1049 6.49 -66.50 100.72
C UNK H 1049 7.28 -66.80 101.97
N UNK H 1050 8.06 -65.85 102.47
CA UNK H 1050 8.83 -66.14 103.67
C UNK H 1050 9.70 -64.98 104.13
N UNK H 1051 9.96 -64.93 105.44
CA UNK H 1051 10.81 -63.92 106.05
C UNK H 1051 11.49 -64.54 107.27
N UNK H 1052 12.46 -63.83 107.82
CA UNK H 1052 13.19 -64.31 108.98
C UNK H 1052 14.11 -63.17 109.40
N UNK H 1053 14.04 -62.80 110.66
CA UNK H 1053 14.96 -61.82 111.20
C UNK H 1053 16.25 -62.56 111.54
N UNK H 1054 17.33 -61.80 111.71
CA UNK H 1054 18.62 -62.38 112.05
C UNK H 1054 18.73 -62.40 113.56
N UNK H 1055 19.70 -63.15 114.11
CA UNK H 1055 19.76 -63.10 115.57
C UNK H 1055 19.87 -61.63 115.98
N UNK H 1056 20.91 -60.96 115.48
CA UNK H 1056 21.16 -59.54 115.75
C UNK H 1056 19.93 -58.63 115.65
N UNK H 1057 18.83 -59.14 115.12
CA UNK H 1057 17.59 -58.38 114.98
C UNK H 1057 17.77 -57.13 114.10
N UNK H 1058 18.68 -57.20 113.13
CA UNK H 1058 18.95 -56.08 112.23
C UNK H 1058 18.75 -56.39 110.75
N UNK H 1059 19.19 -57.58 110.33
CA UNK H 1059 19.07 -58.01 108.94
C UNK H 1059 17.87 -58.93 108.75
N UNK H 1060 16.98 -58.55 107.84
CA UNK H 1060 15.80 -59.36 107.55
C UNK H 1060 15.99 -60.05 106.20
N UNK H 1061 15.92 -61.38 106.19
CA UNK H 1061 16.07 -62.15 104.94
C UNK H 1061 14.68 -62.42 104.35
N UNK H 1062 14.57 -62.27 103.04
CA UNK H 1062 13.30 -62.45 102.35
C UNK H 1062 13.39 -63.45 101.20
N UNK H 1063 12.27 -64.11 100.88
CA UNK H 1063 12.24 -65.09 99.80
C UNK H 1063 10.89 -65.13 99.12
N UNK H 1064 12.76 -64.66 94.46
CA UNK H 1064 14.19 -64.81 94.71
C UNK H 1064 14.48 -64.35 96.12
N UNK H 1065 15.69 -64.63 96.60
CA UNK H 1065 16.10 -64.22 97.93
C UNK H 1065 16.46 -62.73 97.89
N UNK H 1066 16.43 -62.05 99.03
CA UNK H 1066 16.71 -60.61 99.05
C UNK H 1066 16.85 -60.20 100.51
N UNK H 1067 18.03 -59.72 100.88
CA UNK H 1067 18.29 -59.27 102.26
C UNK H 1067 17.98 -57.79 102.44
N UNK H 1068 17.67 -57.38 103.67
CA UNK H 1068 17.36 -55.98 103.95
C UNK H 1068 18.05 -55.41 105.19
N UNK H 1069 17.74 -54.15 105.47
CA UNK H 1069 18.30 -53.41 106.61
C UNK H 1069 17.19 -52.84 107.47
N UNK H 1070 17.10 -53.31 108.71
CA UNK H 1070 16.07 -52.83 109.65
C UNK H 1070 16.07 -51.30 109.74
N UNK H 1071 19.75 -64.22 92.92
CA UNK H 1071 18.73 -64.50 91.94
C UNK H 1071 18.88 -65.99 91.64
N UNK H 1072 17.82 -66.72 91.87
CA UNK H 1072 17.83 -68.14 91.60
C UNK H 1072 17.27 -68.32 90.20
N UNK H 1073 17.79 -69.29 89.45
CA UNK H 1073 17.29 -69.56 88.10
C UNK H 1073 15.75 -69.54 88.11
N UNK H 1074 15.17 -70.28 89.04
CA UNK H 1074 13.73 -70.33 89.14
C UNK H 1074 13.16 -69.36 90.14
N UNK H 1075 11.83 -69.34 90.23
CA UNK H 1075 11.15 -68.45 91.15
C UNK H 1075 10.21 -69.23 92.05
N UNK H 1076 9.26 -68.48 92.60
CA UNK H 1076 8.24 -69.04 93.48
C UNK H 1076 8.85 -69.97 94.50
N UNK H 1077 9.73 -69.41 95.34
CA UNK H 1077 10.34 -70.21 96.36
C UNK H 1077 9.28 -70.30 97.46
N UNK H 1078 9.53 -71.11 98.48
CA UNK H 1078 8.61 -71.20 99.61
C UNK H 1078 9.03 -70.75 100.99
N UNK H 1079 9.81 -71.58 101.67
CA UNK H 1079 10.30 -71.26 103.01
C UNK H 1079 11.82 -71.35 102.99
N UNK H 1080 12.48 -70.23 103.25
CA UNK H 1080 13.92 -70.17 103.10
C UNK H 1080 14.43 -70.71 104.43
N UNK H 1081 15.38 -71.63 104.39
CA UNK H 1081 15.90 -72.17 105.65
C UNK H 1081 17.18 -71.50 106.11
N UNK H 1082 17.05 -70.46 106.93
CA UNK H 1082 18.23 -69.78 107.47
C UNK H 1082 18.74 -70.69 108.57
N UNK H 1083 19.90 -70.40 109.13
CA UNK H 1083 20.42 -71.24 110.19
C UNK H 1083 20.76 -70.40 111.43
N UNK H 1084 21.34 -71.04 112.45
CA UNK H 1084 21.69 -70.29 113.67
C UNK H 1084 22.62 -69.10 113.35
N UNK H 1085 23.83 -69.43 112.86
CA UNK H 1085 24.82 -68.43 112.51
C UNK H 1085 24.37 -67.43 111.44
N UNK H 1086 23.22 -67.68 110.81
CA UNK H 1086 22.70 -66.80 109.75
C UNK H 1086 23.75 -66.70 108.65
N UNK H 1087 24.51 -67.78 108.51
CA UNK H 1087 25.61 -67.86 107.56
C UNK H 1087 25.48 -69.08 106.64
N UNK H 1088 24.25 -69.58 106.51
CA UNK H 1088 23.97 -70.74 105.65
C UNK H 1088 22.49 -70.67 105.28
N UNK H 1089 22.17 -70.93 104.03
CA UNK H 1089 20.78 -70.88 103.59
C UNK H 1089 20.48 -72.04 102.65
N UNK H 1090 19.25 -72.53 102.69
CA UNK H 1090 18.85 -73.63 101.82
C UNK H 1090 17.46 -73.38 101.28
N UNK H 1091 17.29 -73.63 99.99
CA UNK H 1091 15.98 -73.43 99.37
C UNK H 1091 15.88 -74.23 98.09
N UNK H 1092 14.73 -74.16 97.45
CA UNK H 1092 14.50 -74.90 96.23
C UNK H 1092 13.50 -74.18 95.36
N UNK H 1093 13.90 -73.85 94.14
CA UNK H 1093 13.03 -73.14 93.20
C UNK H 1093 12.20 -74.09 92.38
N UNK H 1094 11.15 -73.58 91.73
CA UNK H 1094 10.29 -74.45 90.93
C UNK H 1094 11.02 -75.09 89.76
N UNK H 1095 12.32 -74.88 89.68
CA UNK H 1095 13.08 -75.53 88.64
C UNK H 1095 13.68 -76.77 89.27
N UNK H 1096 13.31 -77.01 90.53
CA UNK H 1096 13.78 -78.19 91.24
C UNK H 1096 15.27 -78.14 91.54
N UNK H 1097 15.81 -76.94 91.58
CA UNK H 1097 17.21 -76.77 91.86
C UNK H 1097 17.41 -76.56 93.36
N UNK H 1098 18.34 -77.32 93.93
CA UNK H 1098 18.61 -77.23 95.37
C UNK H 1098 19.71 -76.22 95.72
N UNK H 1099 19.30 -75.05 96.21
CA UNK H 1099 20.28 -74.04 96.57
C UNK H 1099 20.71 -74.11 98.04
N UNK H 1100 21.99 -74.41 98.26
CA UNK H 1100 22.54 -74.45 99.61
C UNK H 1100 23.60 -73.34 99.63
N UNK H 1101 23.17 -72.13 99.93
CA UNK H 1101 24.06 -70.98 99.95
C UNK H 1101 24.76 -70.86 101.32
N UNK H 1102 25.85 -70.10 101.37
CA UNK H 1102 26.60 -69.96 102.63
C UNK H 1102 27.63 -68.83 102.59
N TYR I 10 17.86 -39.65 -23.04
CA TYR I 10 18.37 -40.28 -21.83
C TYR I 10 18.96 -41.63 -22.18
N GLN I 11 18.87 -42.60 -21.26
CA GLN I 11 19.46 -43.91 -21.53
C GLN I 11 18.61 -45.04 -20.95
N TYR I 12 18.49 -46.12 -21.72
CA TYR I 12 17.75 -47.29 -21.27
C TYR I 12 18.26 -47.93 -20.01
N LYS I 13 19.57 -48.05 -19.89
CA LYS I 13 20.13 -48.71 -18.75
C LYS I 13 19.84 -47.99 -17.44
N ASP I 14 19.97 -46.68 -17.42
CA ASP I 14 19.66 -45.92 -16.23
C ASP I 14 18.20 -46.00 -15.85
N ILE I 15 17.33 -45.97 -16.83
CA ILE I 15 15.91 -45.91 -16.57
C ILE I 15 15.49 -47.13 -15.79
N LEU I 16 16.10 -48.27 -16.07
CA LEU I 16 15.57 -49.56 -15.67
C LEU I 16 15.40 -49.69 -14.20
N SER I 17 16.43 -49.30 -13.50
CA SER I 17 16.51 -49.50 -12.05
C SER I 17 15.31 -48.90 -11.33
N VAL I 18 14.77 -47.83 -11.92
CA VAL I 18 13.63 -47.12 -11.38
C VAL I 18 12.48 -48.05 -11.00
N PHE I 19 11.93 -48.76 -11.98
CA PHE I 19 10.77 -49.59 -11.72
C PHE I 19 11.21 -51.03 -11.50
N GLU I 20 12.24 -51.19 -10.69
CA GLU I 20 12.65 -52.52 -10.23
C GLU I 20 11.62 -53.01 -9.23
N ASP I 21 11.04 -52.10 -8.45
CA ASP I 21 9.95 -52.41 -7.51
C ASP I 21 8.90 -53.31 -8.15
N ALA I 22 8.56 -53.00 -9.40
CA ALA I 22 7.58 -53.77 -10.17
C ALA I 22 8.16 -55.11 -10.62
N PHE I 23 9.38 -55.08 -11.16
CA PHE I 23 10.03 -56.27 -11.71
C PHE I 23 10.08 -57.46 -10.74
N VAL I 24 10.05 -57.18 -9.44
CA VAL I 24 9.97 -58.22 -8.41
C VAL I 24 8.55 -58.72 -8.30
N ASP I 25 7.63 -57.78 -8.42
CA ASP I 25 6.23 -58.08 -8.28
C ASP I 25 5.73 -59.09 -9.30
N ASN I 26 6.02 -58.92 -10.58
CA ASN I 26 5.58 -59.93 -11.54
C ASN I 26 6.59 -60.67 -12.43
N PHE I 27 7.68 -60.03 -12.81
CA PHE I 27 8.63 -60.67 -13.72
C PHE I 27 9.25 -61.83 -12.99
N ASP I 28 9.47 -62.93 -13.71
CA ASP I 28 10.42 -63.94 -13.26
C ASP I 28 11.35 -64.42 -14.35
N CYS I 29 12.66 -64.36 -14.08
CA CYS I 29 13.62 -64.92 -15.04
C CYS I 29 13.60 -66.42 -15.19
N LYS I 30 13.60 -67.11 -14.06
CA LYS I 30 13.82 -68.56 -14.02
C LYS I 30 12.99 -69.25 -15.07
N ASP I 31 11.70 -68.99 -15.06
CA ASP I 31 10.83 -69.50 -16.11
C ASP I 31 11.28 -68.82 -17.40
N VAL I 32 11.60 -67.54 -17.21
CA VAL I 32 11.50 -66.52 -18.22
C VAL I 32 12.72 -66.37 -19.12
N GLN I 33 13.01 -67.40 -19.91
CA GLN I 33 14.17 -67.29 -20.79
C GLN I 33 14.19 -68.09 -22.08
N ASP I 34 14.03 -67.40 -23.19
CA ASP I 34 14.74 -67.62 -24.43
C ASP I 34 16.20 -67.28 -24.07
N MET I 35 16.34 -66.21 -23.29
CA MET I 35 17.63 -65.70 -22.87
C MET I 35 18.60 -65.39 -24.00
N PRO I 36 18.13 -64.51 -25.00
CA PRO I 36 18.98 -64.50 -26.20
C PRO I 36 20.39 -64.08 -25.90
N LYS I 37 21.28 -64.88 -26.42
CA LYS I 37 22.58 -65.15 -25.86
C LYS I 37 23.37 -63.88 -25.73
N SER I 38 23.24 -63.02 -26.72
CA SER I 38 23.95 -61.73 -26.67
C SER I 38 23.42 -60.66 -25.68
N ILE I 39 22.11 -60.40 -25.63
CA ILE I 39 21.60 -59.55 -24.56
C ILE I 39 22.03 -60.03 -23.16
N LEU I 40 21.74 -61.30 -22.85
CA LEU I 40 22.20 -61.89 -21.60
C LEU I 40 23.01 -63.16 -21.85
N SER I 41 24.10 -63.33 -21.11
CA SER I 41 24.93 -64.53 -21.23
C SER I 41 24.11 -65.78 -20.96
N LYS I 42 24.70 -66.95 -21.14
CA LYS I 42 23.94 -68.18 -21.00
C LYS I 42 24.13 -68.72 -19.58
N GLU I 43 25.31 -68.47 -19.02
CA GLU I 43 25.58 -68.76 -17.61
C GLU I 43 24.78 -67.83 -16.72
N GLU I 44 24.91 -66.53 -16.99
CA GLU I 44 24.26 -65.50 -16.20
C GLU I 44 22.76 -65.67 -16.17
N ILE I 45 22.21 -66.02 -17.31
CA ILE I 45 20.89 -66.55 -17.36
C ILE I 45 20.96 -67.82 -16.54
N ASP I 46 22.09 -68.50 -16.68
CA ASP I 46 22.29 -69.72 -15.96
C ASP I 46 22.28 -69.35 -14.49
N HIS I 47 23.03 -68.31 -14.14
CA HIS I 47 23.20 -67.98 -12.76
C HIS I 47 21.91 -67.56 -12.09
N ILE I 48 21.20 -66.66 -12.73
CA ILE I 48 20.17 -65.93 -12.04
C ILE I 48 19.07 -66.80 -11.48
N ILE I 49 18.52 -67.68 -12.31
CA ILE I 49 17.29 -68.40 -11.99
C ILE I 49 17.51 -69.30 -10.79
N MET I 50 18.77 -69.56 -10.52
CA MET I 50 19.15 -70.44 -9.45
C MET I 50 19.44 -69.72 -8.15
N SER I 51 19.33 -68.39 -8.15
CA SER I 51 19.42 -67.65 -6.89
C SER I 51 18.12 -67.84 -6.11
N LYS I 52 18.17 -67.61 -4.81
CA LYS I 52 17.15 -68.12 -3.92
C LYS I 52 15.72 -67.61 -4.14
N ASP I 53 15.57 -66.31 -4.34
CA ASP I 53 14.28 -65.67 -4.13
C ASP I 53 13.73 -64.90 -5.31
N ALA I 54 12.79 -63.99 -5.03
CA ALA I 54 12.44 -63.02 -6.04
C ALA I 54 13.18 -61.70 -5.91
N VAL I 55 13.32 -61.20 -4.69
CA VAL I 55 13.92 -59.88 -4.52
C VAL I 55 15.37 -59.84 -4.93
N SER I 56 16.00 -61.00 -4.95
CA SER I 56 17.42 -61.16 -5.20
C SER I 56 17.62 -61.45 -6.69
N GLY I 57 16.71 -62.21 -7.26
CA GLY I 57 16.78 -62.47 -8.68
C GLY I 57 16.63 -61.17 -9.41
N THR I 58 15.70 -60.34 -9.00
CA THR I 58 15.57 -59.18 -9.81
C THR I 58 17.00 -58.67 -9.81
N LEU I 59 17.62 -58.63 -8.64
CA LEU I 59 18.86 -57.90 -8.47
C LEU I 59 20.01 -58.37 -9.32
N ARG I 60 20.14 -59.67 -9.50
CA ARG I 60 21.11 -60.13 -10.46
C ARG I 60 20.70 -59.68 -11.85
N LEU I 61 19.43 -59.84 -12.20
CA LEU I 61 19.06 -59.52 -13.57
C LEU I 61 19.38 -58.06 -13.86
N PHE I 62 18.87 -57.17 -13.02
CA PHE I 62 19.08 -55.74 -13.20
C PHE I 62 20.55 -55.40 -13.03
N TRP I 63 21.28 -56.23 -12.31
CA TRP I 63 22.71 -55.95 -12.14
C TRP I 63 23.51 -56.28 -13.39
N THR I 64 23.60 -57.56 -13.71
CA THR I 64 24.40 -58.04 -14.83
C THR I 64 24.07 -57.31 -16.15
N LEU I 65 22.78 -57.07 -16.34
CA LEU I 65 22.28 -56.49 -17.58
C LEU I 65 22.63 -55.00 -17.72
N LEU I 66 22.81 -54.37 -16.57
CA LEU I 66 23.43 -53.05 -16.48
C LEU I 66 24.88 -53.09 -16.94
N SER I 67 25.52 -54.23 -16.72
CA SER I 67 26.94 -54.40 -16.99
C SER I 67 27.24 -54.30 -18.49
N LYS I 68 26.34 -54.87 -19.27
CA LYS I 68 26.50 -54.97 -20.71
C LYS I 68 26.31 -53.63 -21.41
N GLN I 69 26.81 -53.53 -22.63
CA GLN I 69 26.79 -52.28 -23.36
C GLN I 69 25.35 -51.84 -23.57
N GLU I 70 25.17 -50.53 -23.55
CA GLU I 70 23.86 -49.90 -23.44
C GLU I 70 22.91 -50.21 -24.58
N GLU I 71 23.45 -50.72 -25.68
CA GLU I 71 22.66 -50.94 -26.89
C GLU I 71 21.85 -52.24 -26.87
N MET I 72 22.37 -53.28 -26.22
CA MET I 72 21.69 -54.55 -26.26
C MET I 72 20.48 -54.53 -25.33
N VAL I 73 20.65 -53.94 -24.16
CA VAL I 73 19.56 -54.00 -23.21
C VAL I 73 18.32 -53.80 -24.04
N GLN I 74 18.37 -52.84 -24.96
CA GLN I 74 17.24 -52.55 -25.82
C GLN I 74 16.67 -53.85 -26.37
N LYS I 75 17.54 -54.81 -26.60
CA LYS I 75 17.11 -56.11 -27.06
C LYS I 75 16.17 -56.63 -26.00
N PHE I 76 16.63 -56.44 -24.78
CA PHE I 76 15.93 -56.94 -23.62
C PHE I 76 14.69 -56.13 -23.39
N VAL I 77 14.88 -54.83 -23.40
CA VAL I 77 13.83 -53.89 -23.11
C VAL I 77 12.71 -54.00 -24.12
N GLU I 78 13.07 -54.25 -25.37
CA GLU I 78 12.08 -54.16 -26.42
C GLU I 78 11.59 -55.48 -26.95
N GLU I 79 12.38 -56.05 -27.84
CA GLU I 79 11.93 -57.26 -28.49
C GLU I 79 11.75 -58.42 -27.56
N VAL I 80 12.71 -58.60 -26.65
CA VAL I 80 12.63 -59.70 -25.70
C VAL I 80 11.42 -59.60 -24.77
N LEU I 81 11.48 -58.63 -23.89
CA LEU I 81 10.63 -58.59 -22.74
C LEU I 81 9.20 -58.50 -23.17
N ARG I 82 9.05 -57.95 -24.36
CA ARG I 82 7.78 -57.85 -25.05
C ARG I 82 7.19 -59.21 -25.42
N ILE I 83 8.05 -60.15 -25.75
CA ILE I 83 7.57 -61.40 -26.32
C ILE I 83 6.63 -62.17 -25.39
N ASN I 84 6.95 -62.20 -24.10
CA ASN I 84 6.05 -62.77 -23.14
C ASN I 84 5.46 -61.71 -22.24
N TYR I 85 5.75 -60.45 -22.54
CA TYR I 85 5.35 -59.37 -21.65
C TYR I 85 4.82 -58.20 -22.43
N LYS I 86 3.82 -57.56 -21.82
CA LYS I 86 3.26 -56.26 -22.21
C LYS I 86 3.24 -55.19 -21.13
N PHE I 87 2.52 -55.52 -20.06
CA PHE I 87 2.29 -54.60 -18.95
C PHE I 87 3.60 -53.94 -18.60
N LEU I 88 4.63 -54.74 -18.43
CA LEU I 88 5.92 -54.18 -18.25
C LEU I 88 6.55 -53.25 -19.29
N MET I 89 6.74 -53.74 -20.51
CA MET I 89 7.49 -53.02 -21.54
C MET I 89 7.14 -51.53 -21.62
N SER I 90 5.84 -51.24 -21.62
CA SER I 90 5.36 -49.90 -21.79
C SER I 90 5.84 -49.07 -20.63
N PRO I 91 5.66 -49.64 -19.36
CA PRO I 91 6.15 -48.80 -18.28
C PRO I 91 7.58 -48.34 -18.43
N ILE I 92 8.52 -49.16 -18.82
CA ILE I 92 9.86 -48.61 -19.04
C ILE I 92 9.85 -47.66 -20.21
N LYS I 93 9.28 -48.12 -21.32
CA LYS I 93 9.34 -47.41 -22.58
C LYS I 93 8.79 -46.00 -22.47
N THR I 94 7.83 -45.82 -21.56
CA THR I 94 7.21 -44.54 -21.36
C THR I 94 8.23 -43.71 -20.64
N GLU I 95 9.28 -44.37 -20.20
CA GLU I 95 10.36 -43.74 -19.46
C GLU I 95 11.51 -43.21 -20.32
N GLN I 96 11.92 -44.01 -21.27
CA GLN I 96 13.11 -43.64 -21.93
C GLN I 96 12.77 -42.25 -22.43
N ARG I 97 11.61 -42.06 -23.01
CA ARG I 97 11.19 -40.69 -23.27
C ARG I 97 10.77 -39.90 -22.03
N GLN I 98 9.92 -40.49 -21.21
CA GLN I 98 9.17 -39.70 -20.22
C GLN I 98 9.92 -39.09 -19.05
N PRO I 99 10.82 -39.84 -18.45
CA PRO I 99 11.68 -39.34 -17.39
C PRO I 99 10.95 -38.57 -16.26
N SER I 100 9.98 -39.19 -15.61
CA SER I 100 9.16 -38.51 -14.63
C SER I 100 10.05 -37.89 -13.60
N MET I 101 9.70 -36.72 -13.10
CA MET I 101 10.70 -35.89 -12.47
C MET I 101 11.38 -36.57 -11.30
N MET I 102 10.62 -37.15 -10.39
CA MET I 102 11.33 -37.92 -9.39
C MET I 102 12.42 -38.80 -10.01
N THR I 103 12.11 -39.43 -11.14
CA THR I 103 13.06 -40.31 -11.82
C THR I 103 14.33 -39.57 -12.20
N ARG I 104 14.22 -38.50 -12.95
CA ARG I 104 15.41 -37.81 -13.33
C ARG I 104 16.02 -37.35 -12.05
N MET I 105 15.24 -36.95 -11.08
CA MET I 105 15.95 -36.42 -9.96
C MET I 105 16.87 -37.49 -9.43
N TYR I 106 16.44 -38.75 -9.42
CA TYR I 106 17.33 -39.78 -8.90
C TYR I 106 18.57 -39.93 -9.76
N ILE I 107 18.38 -40.05 -11.07
CA ILE I 107 19.51 -40.39 -11.91
C ILE I 107 20.47 -39.27 -11.78
N GLU I 108 19.93 -38.07 -11.70
CA GLU I 108 20.75 -36.90 -11.63
C GLU I 108 21.60 -37.04 -10.41
N GLN I 109 20.96 -37.42 -9.32
CA GLN I 109 21.74 -37.65 -8.14
C GLN I 109 22.60 -38.83 -8.38
N ARG I 110 22.07 -39.90 -8.93
CA ARG I 110 22.84 -41.10 -8.79
C ARG I 110 24.20 -40.89 -9.41
N ASP I 111 24.27 -40.26 -10.57
CA ASP I 111 25.57 -40.08 -11.20
C ASP I 111 26.43 -39.25 -10.29
N ARG I 112 25.83 -38.33 -9.57
CA ARG I 112 26.63 -37.50 -8.73
C ARG I 112 27.39 -38.47 -7.86
N LEU I 113 26.71 -39.56 -7.52
CA LEU I 113 27.29 -40.55 -6.65
C LEU I 113 28.48 -41.28 -7.23
N TYR I 114 28.35 -41.73 -8.46
CA TYR I 114 29.41 -42.51 -9.06
C TYR I 114 30.56 -41.60 -9.23
N ASN I 115 30.24 -40.49 -9.86
CA ASN I 115 31.18 -39.61 -10.47
C ASN I 115 32.11 -39.11 -9.40
N ASP I 116 31.56 -38.72 -8.28
CA ASP I 116 32.41 -38.30 -7.21
C ASP I 116 33.21 -39.46 -6.72
N ASN I 117 32.58 -40.62 -6.66
CA ASN I 117 33.26 -41.84 -6.24
C ASN I 117 34.35 -42.35 -7.16
N GLN I 118 34.16 -42.17 -8.47
CA GLN I 118 35.21 -42.46 -9.44
C GLN I 118 35.51 -43.94 -9.63
N VAL I 119 36.37 -44.50 -8.78
CA VAL I 119 36.91 -45.82 -9.02
C VAL I 119 35.75 -46.77 -8.95
N PHE I 120 34.87 -46.51 -8.03
CA PHE I 120 33.82 -47.45 -7.79
C PHE I 120 33.02 -47.63 -9.07
N ALA I 121 32.65 -46.57 -9.76
CA ALA I 121 31.83 -46.78 -10.95
C ALA I 121 32.33 -47.87 -11.91
N LYS I 122 33.62 -48.23 -11.83
CA LYS I 122 34.16 -49.24 -12.72
C LYS I 122 34.39 -50.57 -12.03
N TYR I 123 35.12 -50.54 -10.92
CA TYR I 123 35.54 -51.75 -10.26
C TYR I 123 34.43 -52.31 -9.37
N ASN I 124 33.42 -51.55 -9.02
CA ASN I 124 32.58 -52.08 -7.97
C ASN I 124 31.95 -53.31 -8.51
N VAL I 125 31.82 -54.34 -7.67
CA VAL I 125 30.95 -55.48 -7.96
C VAL I 125 29.96 -55.73 -6.84
N SER I 126 28.68 -55.80 -7.18
CA SER I 126 27.63 -55.89 -6.18
C SER I 126 27.59 -57.23 -5.48
N ARG I 127 27.69 -57.21 -4.15
CA ARG I 127 27.58 -58.43 -3.38
C ARG I 127 26.18 -58.57 -2.88
N LEU I 128 25.49 -59.56 -3.39
CA LEU I 128 24.08 -59.71 -3.13
C LEU I 128 23.78 -59.94 -1.68
N GLN I 129 24.59 -60.76 -1.06
CA GLN I 129 24.23 -61.16 0.28
C GLN I 129 24.27 -60.02 1.25
N PRO I 130 25.30 -59.20 1.14
CA PRO I 130 25.56 -58.13 2.11
C PRO I 130 24.80 -56.87 1.75
N TYR I 131 24.31 -56.78 0.52
CA TYR I 131 23.58 -55.59 0.14
C TYR I 131 22.18 -55.80 0.57
N LEU I 132 21.66 -56.97 0.26
CA LEU I 132 20.27 -57.21 0.46
C LEU I 132 20.05 -57.13 1.92
N LYS I 133 21.09 -57.46 2.66
CA LYS I 133 21.01 -57.46 4.12
C LYS I 133 21.01 -56.03 4.64
N LEU I 134 21.79 -55.18 3.98
CA LEU I 134 21.84 -53.78 4.34
C LEU I 134 20.61 -53.01 3.96
N ARG I 135 20.15 -53.23 2.75
CA ARG I 135 19.12 -52.39 2.19
C ARG I 135 17.88 -52.50 3.04
N GLN I 136 17.66 -53.65 3.63
CA GLN I 136 16.47 -53.79 4.41
C GLN I 136 16.54 -52.77 5.51
N ALA I 137 17.73 -52.54 6.04
CA ALA I 137 17.84 -51.60 7.14
C ALA I 137 17.41 -50.21 6.69
N LEU I 138 17.88 -49.76 5.53
CA LEU I 138 17.64 -48.39 5.12
C LEU I 138 16.20 -48.02 4.93
N LEU I 139 15.40 -48.94 4.44
CA LEU I 139 13.98 -48.71 4.37
C LEU I 139 13.32 -48.54 5.75
N GLU I 140 13.77 -49.27 6.77
CA GLU I 140 13.15 -49.21 8.08
C GLU I 140 13.63 -48.01 8.88
N LEU I 141 14.96 -47.83 8.88
CA LEU I 141 15.65 -46.81 9.66
C LEU I 141 14.90 -45.47 9.80
N ARG I 142 14.68 -45.08 11.06
CA ARG I 142 13.77 -43.98 11.39
C ARG I 142 14.51 -42.64 11.38
N PRO I 143 13.78 -41.49 11.50
CA PRO I 143 14.56 -40.29 11.19
C PRO I 143 15.63 -39.97 12.23
N ALA I 144 15.71 -40.75 13.30
CA ALA I 144 16.72 -40.49 14.34
C ALA I 144 17.55 -41.73 14.70
N LYS I 145 17.12 -42.89 14.24
CA LYS I 145 17.92 -44.12 14.40
C LYS I 145 19.14 -44.09 13.47
N ASN I 146 19.95 -45.14 13.52
CA ASN I 146 21.09 -45.24 12.59
C ASN I 146 21.64 -46.65 12.39
N VAL I 147 21.76 -47.05 11.14
CA VAL I 147 22.14 -48.42 10.79
C VAL I 147 23.62 -48.54 10.53
N LEU I 148 24.32 -49.21 11.44
CA LEU I 148 25.76 -49.32 11.36
C LEU I 148 26.28 -50.58 10.66
N ILE I 149 27.35 -50.40 9.88
CA ILE I 149 28.07 -51.48 9.22
C ILE I 149 29.50 -51.52 9.73
N ASP I 150 30.05 -52.72 9.90
CA ASP I 150 31.46 -52.81 10.26
C ASP I 150 32.06 -54.11 9.76
N GLY I 151 33.20 -54.01 9.12
CA GLY I 151 33.92 -55.20 8.67
C GLY I 151 35.40 -55.04 8.93
N VAL I 152 36.15 -56.09 8.69
CA VAL I 152 37.55 -56.05 8.99
C VAL I 152 38.00 -55.09 7.94
N LEU I 153 39.19 -54.52 8.09
CA LEU I 153 39.52 -53.41 7.24
C LEU I 153 39.48 -53.89 5.81
N GLY I 154 39.16 -53.01 4.88
CA GLY I 154 39.04 -53.43 3.50
C GLY I 154 38.01 -54.51 3.29
N SER I 155 36.94 -54.40 4.04
CA SER I 155 35.76 -55.15 3.71
C SER I 155 34.88 -54.29 2.82
N GLY I 156 35.44 -53.18 2.39
CA GLY I 156 34.78 -52.37 1.40
C GLY I 156 33.40 -52.19 1.95
N LYS I 157 33.30 -51.75 3.20
CA LYS I 157 31.98 -51.49 3.72
C LYS I 157 31.38 -50.41 2.86
N THR I 158 32.17 -49.40 2.57
CA THR I 158 31.64 -48.18 2.03
C THR I 158 30.97 -48.52 0.72
N TRP I 159 31.72 -49.22 -0.08
CA TRP I 159 31.31 -49.64 -1.41
C TRP I 159 29.95 -50.32 -1.41
N VAL I 160 29.63 -51.06 -0.35
CA VAL I 160 28.30 -51.63 -0.21
C VAL I 160 27.29 -50.51 0.04
N ALA I 161 27.66 -49.66 1.01
CA ALA I 161 26.87 -48.49 1.36
C ALA I 161 26.61 -47.68 0.10
N LEU I 162 27.67 -47.41 -0.65
CA LEU I 162 27.56 -46.65 -1.88
C LEU I 162 26.59 -47.29 -2.84
N ASP I 163 26.50 -48.61 -2.77
CA ASP I 163 25.71 -49.36 -3.73
C ASP I 163 24.24 -49.38 -3.33
N VAL I 164 23.97 -49.61 -2.04
CA VAL I 164 22.58 -49.59 -1.59
C VAL I 164 22.04 -48.17 -1.66
N CYS I 165 22.91 -47.21 -1.40
CA CYS I 165 22.56 -45.81 -1.51
C CYS I 165 22.29 -45.47 -2.97
N LEU I 166 22.88 -46.22 -3.89
CA LEU I 166 22.64 -46.07 -5.33
C LEU I 166 21.24 -46.57 -5.74
N SER I 167 20.76 -47.58 -5.04
CA SER I 167 19.49 -48.19 -5.36
C SER I 167 18.35 -47.19 -5.32
N TYR I 168 17.56 -47.15 -6.37
CA TYR I 168 16.54 -46.17 -6.41
C TYR I 168 15.70 -46.38 -5.19
N LYS I 169 15.49 -47.61 -4.80
CA LYS I 169 14.66 -47.86 -3.65
C LYS I 169 15.29 -47.21 -2.44
N VAL I 170 16.60 -47.32 -2.32
CA VAL I 170 17.22 -46.71 -1.16
C VAL I 170 17.04 -45.24 -1.26
N GLN I 171 17.24 -44.70 -2.45
CA GLN I 171 17.28 -43.26 -2.57
C GLN I 171 15.99 -42.56 -2.31
N CYS I 172 14.89 -43.09 -2.82
CA CYS I 172 13.63 -42.40 -2.67
C CYS I 172 13.37 -42.28 -1.19
N LYS I 173 13.70 -43.31 -0.45
CA LYS I 173 13.42 -43.34 0.96
C LYS I 173 14.29 -42.32 1.62
N MET I 174 15.23 -41.79 0.87
CA MET I 174 16.13 -40.79 1.40
C MET I 174 16.00 -39.50 0.64
N ASP I 175 15.13 -39.50 -0.35
CA ASP I 175 14.78 -38.31 -1.08
C ASP I 175 15.99 -37.65 -1.67
N PHE I 176 16.98 -38.47 -1.96
CA PHE I 176 18.06 -38.06 -2.80
C PHE I 176 18.96 -37.13 -2.08
N LYS I 177 18.90 -37.15 -0.76
CA LYS I 177 19.83 -36.28 -0.04
C LYS I 177 20.65 -37.15 0.86
N ILE I 178 21.83 -37.54 0.39
CA ILE I 178 22.66 -38.48 1.13
C ILE I 178 24.05 -37.95 1.33
N PHE I 179 24.20 -37.03 2.27
CA PHE I 179 25.46 -36.32 2.45
C PHE I 179 26.60 -37.21 2.95
N TRP I 180 27.49 -37.60 2.04
CA TRP I 180 28.65 -38.42 2.37
C TRP I 180 29.67 -37.61 3.15
N LEU I 181 30.35 -38.27 4.09
CA LEU I 181 31.40 -37.62 4.88
C LEU I 181 32.42 -38.64 5.38
N ASN I 182 33.54 -38.78 4.69
CA ASN I 182 34.58 -39.70 5.16
C ASN I 182 35.28 -39.12 6.38
N LEU I 183 35.06 -39.76 7.54
CA LEU I 183 35.64 -39.27 8.78
C LEU I 183 37.07 -39.76 8.98
N LYS I 184 37.91 -39.58 7.97
CA LYS I 184 39.33 -39.80 8.17
C LYS I 184 39.93 -38.58 8.86
N ASN I 185 40.87 -38.83 9.76
CA ASN I 185 41.40 -37.76 10.61
C ASN I 185 40.24 -37.09 11.32
N CYS I 186 39.60 -37.83 12.22
CA CYS I 186 38.37 -37.37 12.86
C CYS I 186 38.35 -37.69 14.35
N ASN I 187 39.54 -37.78 14.95
CA ASN I 187 39.65 -37.95 16.40
C ASN I 187 40.35 -36.74 17.00
N SER I 188 39.74 -35.59 16.82
CA SER I 188 40.17 -34.35 17.43
C SER I 188 38.88 -33.60 17.61
N PRO I 189 38.89 -32.58 18.44
CA PRO I 189 37.72 -31.74 18.57
C PRO I 189 37.54 -30.91 17.35
N GLU I 190 38.62 -30.26 16.96
CA GLU I 190 38.55 -29.23 15.95
C GLU I 190 38.15 -29.76 14.59
N THR I 191 38.70 -30.90 14.22
CA THR I 191 38.61 -31.35 12.85
C THR I 191 37.14 -31.47 12.52
N VAL I 192 36.36 -31.89 13.49
CA VAL I 192 34.94 -32.00 13.26
C VAL I 192 34.44 -30.62 12.87
N LEU I 193 35.09 -29.61 13.41
CA LEU I 193 34.76 -28.26 13.00
C LEU I 193 35.05 -28.11 11.52
N GLU I 194 36.12 -28.71 11.05
CA GLU I 194 36.32 -28.83 9.62
C GLU I 194 35.23 -29.67 8.95
N MET I 195 34.84 -30.75 9.62
CA MET I 195 33.87 -31.68 9.06
C MET I 195 32.45 -31.15 9.12
N LEU I 196 32.04 -30.72 10.30
CA LEU I 196 30.72 -30.11 10.46
C LEU I 196 30.61 -28.90 9.53
N GLN I 197 31.72 -28.20 9.35
CA GLN I 197 31.76 -27.10 8.40
C GLN I 197 31.39 -27.66 7.03
N LYS I 198 32.00 -28.78 6.68
CA LYS I 198 31.77 -29.36 5.35
C LYS I 198 30.37 -29.91 5.16
N LEU I 199 29.77 -30.42 6.23
CA LEU I 199 28.41 -30.91 6.16
C LEU I 199 27.49 -29.73 5.91
N LEU I 200 27.66 -28.69 6.72
CA LEU I 200 26.91 -27.46 6.56
C LEU I 200 27.04 -26.96 5.12
N TYR I 201 28.27 -27.01 4.59
CA TYR I 201 28.47 -26.60 3.20
C TYR I 201 27.70 -27.49 2.21
N GLN I 202 27.66 -28.80 2.46
CA GLN I 202 26.83 -29.70 1.64
C GLN I 202 25.39 -29.20 1.63
N ILE I 203 24.85 -29.08 2.83
CA ILE I 203 23.48 -28.63 3.03
C ILE I 203 23.15 -27.33 2.29
N ASP I 204 23.97 -26.29 2.48
CA ASP I 204 23.71 -24.98 1.90
C ASP I 204 24.88 -24.04 2.15
N PRO I 205 25.27 -23.28 1.12
CA PRO I 205 26.41 -22.36 1.24
C PRO I 205 26.07 -21.08 2.01
N ASN I 206 25.74 -21.24 3.29
CA ASN I 206 25.37 -20.13 4.15
C ASN I 206 25.85 -20.34 5.58
N TRP I 207 26.42 -19.30 6.17
CA TRP I 207 26.54 -19.24 7.62
C TRP I 207 26.89 -17.87 8.17
N THR I 208 26.20 -17.50 9.25
CA THR I 208 26.53 -16.32 10.04
C THR I 208 27.67 -16.64 10.99
N SER I 209 28.90 -16.55 10.50
CA SER I 209 30.07 -16.96 11.27
C SER I 209 30.57 -15.89 12.23
N ARG I 210 29.70 -14.94 12.57
CA ARG I 210 30.02 -13.92 13.56
C ARG I 210 29.91 -14.49 14.97
N SER I 211 29.21 -15.62 15.07
CA SER I 211 29.04 -16.33 16.32
C SER I 211 30.35 -17.00 16.74
N ASP I 212 31.34 -16.98 15.84
CA ASP I 212 32.60 -17.66 16.13
C ASP I 212 33.31 -16.99 17.30
N HIS I 213 33.49 -17.78 18.36
CA HIS I 213 34.23 -17.32 19.52
C HIS I 213 35.37 -18.26 19.77
N SER I 214 36.56 -17.81 19.41
CA SER I 214 37.75 -18.65 19.43
C SER I 214 38.17 -18.99 20.86
N SER I 215 37.36 -18.64 21.85
CA SER I 215 37.58 -19.07 23.23
C SER I 215 37.67 -20.58 23.27
N ASN I 216 36.80 -21.23 22.51
CA ASN I 216 36.86 -22.67 22.32
C ASN I 216 36.55 -23.10 20.90
N ILE I 217 37.38 -24.01 20.40
CA ILE I 217 37.12 -24.73 19.17
C ILE I 217 36.09 -25.79 19.54
N LYS I 218 35.91 -25.96 20.85
CA LYS I 218 35.02 -26.98 21.43
C LYS I 218 33.64 -26.45 21.83
N LEU I 219 33.55 -25.13 21.98
CA LEU I 219 32.30 -24.47 22.30
C LEU I 219 31.64 -24.09 20.99
N ARG I 220 32.43 -23.54 20.07
CA ARG I 220 31.94 -23.16 18.75
C ARG I 220 31.39 -24.39 18.01
N ILE I 221 31.88 -25.57 18.38
CA ILE I 221 31.43 -26.80 17.76
C ILE I 221 29.99 -27.13 18.10
N HIS I 222 29.49 -26.57 19.19
CA HIS I 222 28.12 -26.84 19.56
C HIS I 222 27.25 -25.92 18.74
N SER I 223 27.79 -24.76 18.39
CA SER I 223 27.05 -23.83 17.56
C SER I 223 26.79 -24.40 16.17
N ILE I 224 27.74 -25.12 15.62
CA ILE I 224 27.60 -25.59 14.25
C ILE I 224 26.59 -26.74 14.23
N GLN I 225 26.61 -27.55 15.30
CA GLN I 225 25.63 -28.62 15.45
C GLN I 225 24.27 -27.98 15.68
N ALA I 226 24.28 -26.93 16.49
CA ALA I 226 23.07 -26.17 16.80
C ALA I 226 22.42 -25.68 15.53
N GLU I 227 23.21 -25.06 14.66
CA GLU I 227 22.69 -24.62 13.36
C GLU I 227 22.30 -25.81 12.53
N LEU I 228 23.20 -26.79 12.44
CA LEU I 228 22.97 -27.97 11.61
C LEU I 228 21.70 -28.71 12.03
N ARG I 229 21.39 -28.67 13.31
CA ARG I 229 20.16 -29.29 13.81
C ARG I 229 18.94 -28.58 13.26
N ARG I 230 18.86 -27.27 13.51
CA ARG I 230 17.76 -26.44 13.01
C ARG I 230 17.52 -26.62 11.52
N LEU I 231 18.60 -26.67 10.76
CA LEU I 231 18.51 -26.68 9.31
C LEU I 231 17.99 -28.00 8.81
N LEU I 232 18.32 -29.09 9.49
CA LEU I 232 17.97 -30.40 8.98
C LEU I 232 16.48 -30.74 9.14
N LYS I 233 15.95 -30.73 10.36
CA LYS I 233 14.50 -30.92 10.51
C LYS I 233 13.80 -29.69 9.93
N SER I 234 13.91 -29.67 8.62
CA SER I 234 13.29 -28.75 7.73
C SER I 234 12.74 -29.64 6.62
N LYS I 235 11.57 -29.34 6.08
CA LYS I 235 10.82 -30.44 5.53
C LYS I 235 11.58 -31.18 4.46
N PRO I 236 12.17 -30.47 3.51
CA PRO I 236 12.80 -31.11 2.37
C PRO I 236 13.89 -31.99 2.90
N TYR I 237 14.55 -31.54 3.94
CA TYR I 237 15.70 -32.23 4.47
C TYR I 237 15.37 -33.23 5.53
N GLU I 238 14.08 -33.34 5.85
CA GLU I 238 13.61 -34.06 7.03
C GLU I 238 14.43 -35.31 7.26
N ASN I 239 14.39 -36.21 6.28
CA ASN I 239 15.12 -37.45 6.38
C ASN I 239 16.17 -37.47 5.32
N CYS I 240 17.43 -37.61 5.71
CA CYS I 240 18.43 -37.98 4.75
C CYS I 240 19.49 -38.76 5.44
N LEU I 241 19.88 -39.88 4.88
CA LEU I 241 20.87 -40.72 5.50
C LEU I 241 22.14 -39.94 5.45
N LEU I 242 22.87 -39.77 6.50
CA LEU I 242 24.11 -39.10 6.30
C LEU I 242 24.89 -40.26 6.70
N VAL I 243 25.81 -40.72 5.85
CA VAL I 243 26.55 -41.92 6.18
C VAL I 243 27.96 -41.52 6.46
N LEU I 244 28.50 -41.97 7.56
CA LEU I 244 29.87 -41.69 7.87
C LEU I 244 30.79 -42.85 7.67
N LEU I 245 31.85 -42.65 6.91
CA LEU I 245 32.69 -43.75 6.54
C LEU I 245 33.95 -43.75 7.36
N ASN I 246 34.26 -44.88 8.01
CA ASN I 246 35.47 -45.04 8.83
C ASN I 246 35.39 -44.48 10.22
N VAL I 247 34.20 -44.06 10.55
CA VAL I 247 34.04 -43.35 11.81
C VAL I 247 35.12 -43.78 12.77
N GLN I 248 36.02 -42.86 13.09
CA GLN I 248 37.22 -43.21 13.85
C GLN I 248 36.87 -43.81 15.19
N ASN I 249 36.29 -43.01 16.07
CA ASN I 249 35.94 -43.54 17.37
C ASN I 249 34.53 -43.20 17.80
N ALA I 250 34.22 -43.56 19.03
CA ALA I 250 32.95 -43.23 19.63
C ALA I 250 32.81 -41.72 19.72
N LYS I 251 33.88 -41.07 20.16
CA LYS I 251 33.84 -39.65 20.46
C LYS I 251 33.43 -38.79 19.26
N ALA I 252 33.87 -39.18 18.06
CA ALA I 252 33.56 -38.43 16.85
C ALA I 252 32.07 -38.50 16.56
N TRP I 253 31.52 -39.71 16.71
CA TRP I 253 30.12 -40.01 16.41
C TRP I 253 29.17 -39.21 17.29
N ASN I 254 29.61 -38.91 18.50
CA ASN I 254 28.83 -38.14 19.45
C ASN I 254 28.46 -36.78 18.88
N ALA I 255 29.41 -36.16 18.19
CA ALA I 255 29.20 -34.85 17.60
C ALA I 255 28.32 -34.96 16.35
N PHE I 256 28.26 -36.12 15.74
CA PHE I 256 27.53 -36.13 14.50
C PHE I 256 26.09 -36.52 14.59
N ASN I 257 25.69 -37.15 15.67
CA ASN I 257 24.30 -37.56 15.73
C ASN I 257 23.46 -36.30 15.75
N LEU I 258 22.59 -36.16 14.76
CA LEU I 258 21.86 -34.92 14.59
C LEU I 258 20.37 -35.17 14.60
N SER I 259 19.94 -36.22 15.30
CA SER I 259 18.60 -36.77 15.11
C SER I 259 18.42 -36.99 13.61
N CYS I 260 19.47 -37.58 13.02
CA CYS I 260 19.58 -37.77 11.59
C CYS I 260 19.40 -39.24 11.25
N LYS I 261 18.82 -39.56 10.11
CA LYS I 261 18.73 -40.97 9.71
C LYS I 261 20.08 -41.48 9.25
N ILE I 262 21.14 -41.20 10.00
CA ILE I 262 22.48 -41.57 9.53
C ILE I 262 22.68 -43.09 9.47
N LEU I 263 23.82 -43.48 8.92
CA LEU I 263 24.24 -44.88 8.86
C LEU I 263 25.75 -44.80 8.68
N LEU I 264 26.51 -45.56 9.43
CA LEU I 264 27.91 -45.34 9.35
C LEU I 264 28.67 -46.59 9.09
N THR I 265 29.86 -46.43 8.58
CA THR I 265 30.72 -47.57 8.38
C THR I 265 31.74 -47.66 9.50
N THR I 266 31.47 -48.56 10.42
CA THR I 266 32.29 -48.74 11.58
C THR I 266 33.56 -49.27 11.04
N ARG I 267 34.63 -49.28 11.83
CA ARG I 267 35.89 -49.88 11.39
C ARG I 267 36.49 -50.69 12.52
N PHE I 268 36.33 -50.17 13.73
CA PHE I 268 36.77 -50.78 14.96
C PHE I 268 35.71 -51.58 15.67
N LYS I 269 36.16 -52.39 16.61
CA LYS I 269 35.24 -53.03 17.50
C LYS I 269 35.02 -52.10 18.65
N GLN I 270 35.71 -50.96 18.66
CA GLN I 270 35.43 -50.09 19.79
C GLN I 270 34.16 -49.30 19.45
N VAL I 271 33.97 -49.07 18.17
CA VAL I 271 32.84 -48.29 17.67
C VAL I 271 31.60 -49.17 17.57
N THR I 272 31.72 -50.29 16.86
CA THR I 272 30.60 -51.22 16.74
C THR I 272 30.24 -51.76 18.11
N ASP I 273 31.19 -51.66 19.04
CA ASP I 273 30.96 -52.03 20.43
C ASP I 273 30.01 -51.04 21.08
N PHE I 274 30.10 -49.79 20.63
CA PHE I 274 29.47 -48.68 21.33
C PHE I 274 28.03 -48.48 20.92
N LEU I 275 27.72 -48.30 19.66
CA LEU I 275 26.29 -48.20 19.36
C LEU I 275 25.57 -49.53 19.61
N SER I 276 24.49 -49.49 20.38
CA SER I 276 23.93 -50.70 20.95
C SER I 276 22.60 -50.98 20.34
N ALA I 277 22.36 -52.25 20.13
CA ALA I 277 21.57 -52.72 19.04
C ALA I 277 20.22 -52.07 19.10
N ALA I 278 19.73 -51.79 20.30
CA ALA I 278 18.37 -51.33 20.41
C ALA I 278 18.21 -50.07 19.62
N THR I 279 19.15 -49.13 19.74
CA THR I 279 19.11 -47.95 18.91
C THR I 279 19.33 -48.22 17.41
N THR I 280 20.30 -49.07 17.07
CA THR I 280 20.81 -49.19 15.71
C THR I 280 21.11 -50.63 15.38
N THR I 281 21.11 -51.02 14.11
CA THR I 281 21.12 -52.44 13.75
C THR I 281 22.51 -52.72 13.22
N HIS I 282 22.98 -53.93 13.41
CA HIS I 282 24.40 -54.07 13.31
C HIS I 282 24.68 -55.01 12.19
N ILE I 283 25.36 -54.51 11.19
CA ILE I 283 25.58 -55.29 10.00
C ILE I 283 27.04 -55.56 10.05
N SER I 284 27.46 -56.72 9.61
CA SER I 284 28.87 -56.94 9.71
C SER I 284 29.50 -57.56 8.52
N LEU I 285 30.73 -57.97 8.70
CA LEU I 285 31.42 -58.65 7.64
C LEU I 285 32.51 -59.54 8.21
N ASP I 286 32.41 -59.78 9.49
CA ASP I 286 33.11 -60.87 10.09
C ASP I 286 32.15 -62.00 9.85
N HIS I 287 31.69 -62.17 8.62
CA HIS I 287 30.64 -63.14 8.49
C HIS I 287 30.74 -64.16 7.38
N HIS I 288 30.25 -65.35 7.65
CA HIS I 288 30.27 -66.36 6.62
C HIS I 288 29.38 -65.86 5.49
N SER I 289 28.20 -65.36 5.82
CA SER I 289 27.32 -64.74 4.82
C SER I 289 27.76 -63.40 4.26
N MET I 290 28.09 -62.47 5.15
CA MET I 290 28.46 -61.12 4.77
C MET I 290 29.59 -61.11 3.76
N THR I 291 30.56 -62.01 3.97
CA THR I 291 31.70 -62.08 3.09
C THR I 291 31.29 -62.79 1.82
N LEU I 292 32.16 -62.70 0.82
CA LEU I 292 31.87 -63.17 -0.52
C LEU I 292 31.81 -64.68 -0.74
N THR I 293 30.81 -65.10 -1.49
CA THR I 293 30.70 -66.46 -1.96
C THR I 293 31.84 -66.59 -2.95
N PRO I 294 32.47 -67.75 -3.07
CA PRO I 294 33.79 -67.69 -3.72
C PRO I 294 33.65 -66.93 -5.00
N ASP I 295 32.53 -67.10 -5.68
CA ASP I 295 32.47 -66.61 -7.04
C ASP I 295 32.71 -65.14 -7.05
N GLU I 296 32.07 -64.41 -6.16
CA GLU I 296 32.28 -62.99 -6.20
C GLU I 296 33.72 -62.80 -6.60
N VAL I 297 34.54 -63.63 -6.00
CA VAL I 297 35.96 -63.38 -6.04
C VAL I 297 36.50 -63.42 -7.44
N LYS I 298 36.00 -64.30 -8.28
CA LYS I 298 36.59 -64.31 -9.61
C LYS I 298 35.98 -63.20 -10.45
N SER I 299 34.73 -62.87 -10.18
CA SER I 299 34.07 -61.79 -10.91
C SER I 299 34.64 -60.44 -10.48
N LEU I 300 35.10 -60.36 -9.23
CA LEU I 300 35.75 -59.16 -8.75
C LEU I 300 37.12 -59.00 -9.38
N LEU I 301 37.88 -60.08 -9.39
CA LEU I 301 39.21 -60.08 -10.00
C LEU I 301 39.12 -59.72 -11.47
N LEU I 302 37.95 -59.98 -12.07
CA LEU I 302 37.72 -59.67 -13.47
C LEU I 302 37.67 -58.18 -13.79
N LYS I 303 37.00 -57.42 -12.93
CA LYS I 303 36.79 -55.99 -13.17
C LYS I 303 38.10 -55.27 -13.50
N TYR I 304 39.15 -55.57 -12.75
CA TYR I 304 40.46 -55.01 -13.03
C TYR I 304 41.16 -55.77 -14.15
N LEU I 305 40.93 -57.08 -14.18
CA LEU I 305 41.63 -57.99 -15.10
C LEU I 305 41.15 -57.87 -16.55
N ASP I 306 39.84 -57.73 -16.71
CA ASP I 306 39.21 -57.48 -18.02
C ASP I 306 39.42 -58.60 -19.05
N CYS I 307 39.07 -59.84 -18.66
CA CYS I 307 39.04 -60.98 -19.58
C CYS I 307 38.41 -62.22 -18.92
N ARG I 308 37.41 -62.80 -19.58
CA ARG I 308 36.63 -63.92 -19.02
C ARG I 308 37.37 -65.26 -19.07
N PRO I 309 38.27 -65.42 -20.04
CA PRO I 309 39.00 -66.66 -20.20
C PRO I 309 40.08 -66.81 -19.13
N GLN I 310 40.95 -65.82 -19.03
CA GLN I 310 42.07 -65.86 -18.09
C GLN I 310 41.59 -65.89 -16.64
N ASP I 311 40.30 -65.60 -16.45
CA ASP I 311 39.65 -65.69 -15.15
C ASP I 311 39.91 -67.05 -14.49
N LEU I 312 39.74 -68.10 -15.28
CA LEU I 312 39.98 -69.46 -14.80
C LEU I 312 41.45 -69.69 -14.52
N PRO I 313 42.24 -68.77 -15.07
CA PRO I 313 43.67 -68.72 -14.90
C PRO I 313 44.07 -68.55 -13.43
N ARG I 314 43.32 -67.79 -12.66
CA ARG I 314 43.73 -67.60 -11.27
C ARG I 314 42.94 -68.44 -10.26
N GLU I 315 43.64 -69.22 -9.44
CA GLU I 315 43.08 -69.86 -8.24
C GLU I 315 44.17 -70.22 -7.23
N VAL I 316 43.86 -70.42 -5.95
CA VAL I 316 42.64 -69.94 -5.31
C VAL I 316 42.96 -69.24 -3.98
N LEU I 317 42.49 -68.01 -3.80
CA LEU I 317 42.59 -67.34 -2.51
C LEU I 317 41.63 -66.16 -2.36
N THR I 318 41.42 -65.71 -1.13
CA THR I 318 40.29 -64.88 -0.70
C THR I 318 40.74 -64.02 0.47
N THR I 319 39.85 -63.27 1.14
CA THR I 319 38.47 -62.97 0.76
C THR I 319 38.27 -61.45 0.83
N ASN I 320 39.35 -60.83 1.29
CA ASN I 320 39.40 -59.43 1.67
C ASN I 320 39.64 -58.62 0.45
N PRO I 321 38.68 -57.80 0.12
CA PRO I 321 38.69 -57.16 -1.18
C PRO I 321 39.99 -56.41 -1.27
N ARG I 322 40.40 -55.78 -0.18
CA ARG I 322 41.64 -55.00 -0.15
C ARG I 322 42.81 -55.81 -0.69
N ARG I 323 42.90 -57.08 -0.29
CA ARG I 323 43.98 -57.94 -0.75
C ARG I 323 43.82 -58.25 -2.22
N LEU I 324 42.56 -58.38 -2.59
CA LEU I 324 42.08 -58.85 -3.89
C LEU I 324 42.13 -57.74 -4.93
N SER I 325 41.80 -56.53 -4.51
CA SER I 325 41.81 -55.37 -5.39
C SER I 325 43.23 -54.91 -5.69
N ILE I 326 44.07 -54.89 -4.66
CA ILE I 326 45.46 -54.48 -4.80
C ILE I 326 46.28 -55.58 -5.49
N ILE I 327 45.81 -56.81 -5.39
CA ILE I 327 46.43 -57.91 -6.10
C ILE I 327 46.05 -57.87 -7.58
N ALA I 328 44.75 -57.77 -7.84
CA ALA I 328 44.23 -57.85 -9.21
C ALA I 328 44.76 -56.72 -10.08
N GLU I 329 45.07 -55.59 -9.47
CA GLU I 329 45.66 -54.48 -10.19
C GLU I 329 47.15 -54.73 -10.42
N SER I 330 47.79 -55.35 -9.43
CA SER I 330 49.21 -55.68 -9.51
C SER I 330 49.53 -56.65 -10.64
N ILE I 331 48.72 -57.70 -10.72
CA ILE I 331 48.84 -58.70 -11.77
C ILE I 331 48.56 -58.06 -13.12
N ARG I 332 47.45 -57.34 -13.21
CA ARG I 332 47.04 -56.73 -14.48
C ARG I 332 48.06 -55.70 -14.94
N ASP I 333 48.70 -55.03 -13.99
CA ASP I 333 49.70 -54.02 -14.32
C ASP I 333 50.97 -54.22 -13.52
N ALA I 336 52.50 -60.27 -13.26
CA ALA I 336 52.78 -61.70 -13.28
C ALA I 336 52.07 -62.39 -12.13
N THR I 337 51.15 -63.29 -12.45
CA THR I 337 50.20 -63.85 -11.47
C THR I 337 50.83 -64.57 -10.28
N TRP I 338 52.05 -65.05 -10.43
CA TRP I 338 52.69 -65.83 -9.36
C TRP I 338 53.64 -65.02 -8.50
N ASP I 339 54.59 -64.34 -9.12
CA ASP I 339 55.48 -63.46 -8.39
C ASP I 339 54.66 -62.41 -7.64
N ASN I 340 53.72 -61.80 -8.34
CA ASN I 340 52.94 -60.70 -7.78
C ASN I 340 51.88 -61.13 -6.75
N TRP I 341 51.55 -62.42 -6.72
CA TRP I 341 50.57 -62.90 -5.76
C TRP I 341 51.14 -62.88 -4.35
N LYS I 342 52.45 -62.93 -4.23
CA LYS I 342 53.12 -62.98 -2.94
C LYS I 342 54.21 -61.92 -2.77
N HIS I 343 55.30 -62.05 -3.52
CA HIS I 343 56.48 -61.21 -3.31
C HIS I 343 56.25 -59.74 -3.67
N VAL I 344 55.46 -59.48 -4.71
CA VAL I 344 55.13 -58.09 -5.04
C VAL I 344 54.13 -57.56 -4.01
N ASN I 345 53.85 -56.26 -4.07
CA ASN I 345 53.04 -55.57 -3.07
C ASN I 345 53.64 -55.70 -1.67
N CYS I 346 54.94 -55.99 -1.62
CA CYS I 346 55.67 -55.95 -0.37
C CYS I 346 55.94 -54.50 -0.04
N ASP I 347 55.67 -53.63 -1.01
CA ASP I 347 55.78 -52.19 -0.82
C ASP I 347 54.41 -51.52 -0.94
N LYS I 348 53.35 -52.33 -0.96
CA LYS I 348 52.00 -51.80 -1.10
C LYS I 348 51.04 -52.26 -0.01
N LEU I 349 50.49 -53.45 -0.14
CA LEU I 349 49.26 -53.75 0.54
C LEU I 349 49.42 -53.56 2.02
N THR I 350 50.53 -54.03 2.54
CA THR I 350 50.86 -53.96 3.96
C THR I 350 51.03 -52.53 4.43
N THR I 351 51.64 -51.71 3.59
CA THR I 351 51.81 -50.29 3.89
C THR I 351 50.48 -49.74 4.38
N ILE I 352 49.47 -49.81 3.53
CA ILE I 352 48.12 -49.44 3.91
C ILE I 352 47.68 -50.38 5.03
N ILE I 353 48.32 -51.55 5.08
CA ILE I 353 48.06 -52.52 6.13
C ILE I 353 48.70 -52.06 7.44
N GLU I 354 49.98 -51.71 7.38
CA GLU I 354 50.65 -51.18 8.54
C GLU I 354 49.98 -49.89 8.92
N SER I 355 49.72 -49.09 7.89
CA SER I 355 49.24 -47.72 8.06
C SER I 355 48.11 -47.67 9.06
N SER I 356 47.17 -48.59 8.93
CA SER I 356 46.04 -48.65 9.83
C SER I 356 46.52 -49.02 11.23
N LEU I 357 47.65 -49.69 11.30
CA LEU I 357 48.19 -50.08 12.59
C LEU I 357 48.47 -48.81 13.38
N ASN I 358 48.46 -47.66 12.72
CA ASN I 358 48.91 -46.42 13.32
C ASN I 358 48.12 -45.97 14.55
N VAL I 359 46.89 -46.43 14.69
CA VAL I 359 46.10 -46.02 15.84
C VAL I 359 46.73 -46.42 17.16
N LEU I 360 47.33 -47.61 17.23
CA LEU I 360 47.78 -48.19 18.49
C LEU I 360 49.01 -47.54 19.13
N GLU I 361 49.17 -47.75 20.44
CA GLU I 361 50.31 -47.23 21.22
C GLU I 361 51.61 -48.06 21.07
N PRO I 362 52.73 -47.42 20.74
CA PRO I 362 53.91 -48.22 20.38
C PRO I 362 54.62 -48.84 21.57
N ALA I 363 54.60 -48.17 22.72
CA ALA I 363 55.33 -48.61 23.90
C ALA I 363 54.82 -49.94 24.43
N GLU I 364 53.51 -50.13 24.39
CA GLU I 364 52.92 -51.34 24.96
C GLU I 364 52.13 -52.16 23.94
N TYR I 365 51.39 -51.49 23.07
CA TYR I 365 50.53 -52.17 22.10
C TYR I 365 51.34 -52.73 20.93
N ARG I 366 51.96 -51.84 20.18
CA ARG I 366 52.64 -52.19 18.94
C ARG I 366 53.74 -53.24 19.10
N LYS I 367 54.59 -53.04 20.11
CA LYS I 367 55.68 -53.98 20.38
C LYS I 367 55.17 -55.36 20.77
N MET I 368 54.25 -55.41 21.72
CA MET I 368 53.67 -56.67 22.19
C MET I 368 53.10 -57.46 21.03
N PHE I 369 52.61 -56.71 20.04
CA PHE I 369 51.93 -57.26 18.88
C PHE I 369 52.89 -57.95 17.92
N ASP I 370 53.95 -57.22 17.55
CA ASP I 370 55.02 -57.72 16.68
C ASP I 370 55.53 -59.08 17.13
N ARG I 371 55.48 -59.31 18.44
CA ARG I 371 55.94 -60.55 19.04
C ARG I 371 55.18 -61.79 18.56
N LEU I 372 53.97 -61.59 18.02
CA LEU I 372 53.12 -62.71 17.61
C LEU I 372 53.75 -63.53 16.49
N SER I 373 54.69 -62.93 15.77
CA SER I 373 55.35 -63.55 14.62
C SER I 373 55.77 -65.00 14.86
N VAL I 374 56.09 -65.34 16.11
CA VAL I 374 56.56 -66.67 16.45
C VAL I 374 55.45 -67.72 16.40
N PHE I 375 54.21 -67.24 16.46
CA PHE I 375 53.06 -68.13 16.45
C PHE I 375 52.78 -68.62 15.03
N PRO I 376 51.61 -69.24 14.88
CA PRO I 376 51.15 -69.78 13.61
C PRO I 376 50.35 -68.75 12.86
N PRO I 377 50.56 -68.74 11.47
CA PRO I 377 49.93 -67.58 10.81
C PRO I 377 48.45 -67.63 11.03
N SER I 378 47.88 -68.83 11.00
CA SER I 378 46.45 -68.93 11.17
C SER I 378 46.23 -69.85 12.34
N ALA I 379 46.52 -69.34 13.52
CA ALA I 379 46.45 -70.19 14.70
C ALA I 379 45.93 -69.42 15.93
N HIS I 380 45.96 -70.07 17.09
CA HIS I 380 45.44 -69.49 18.33
C HIS I 380 46.57 -69.30 19.35
N ILE I 381 46.21 -68.78 20.52
CA ILE I 381 47.18 -68.56 21.59
C ILE I 381 46.52 -68.44 22.97
N PRO I 382 46.96 -69.27 23.92
CA PRO I 382 46.44 -69.28 25.30
C PRO I 382 46.88 -68.06 26.10
N THR I 383 46.23 -67.83 27.22
CA THR I 383 46.52 -66.68 28.08
C THR I 383 47.92 -66.75 28.67
N ILE I 384 48.27 -67.92 29.21
CA ILE I 384 49.54 -68.10 29.90
C ILE I 384 50.74 -67.90 28.97
N LEU I 385 50.62 -68.37 27.73
CA LEU I 385 51.71 -68.27 26.77
C LEU I 385 51.92 -66.84 26.29
N LEU I 386 50.84 -66.08 26.23
CA LEU I 386 50.89 -64.70 25.79
C LEU I 386 51.54 -63.81 26.85
N SER I 387 51.45 -64.25 28.09
CA SER I 387 52.00 -63.53 29.23
C SER I 387 53.51 -63.33 29.10
N LEU I 388 54.21 -64.46 29.02
CA LEU I 388 55.66 -64.49 29.01
C LEU I 388 56.26 -63.62 27.90
N ILE I 389 55.59 -63.58 26.76
CA ILE I 389 56.11 -62.85 25.61
C ILE I 389 55.65 -61.40 25.63
N SER I 396 47.12 -59.49 35.82
CA SER I 396 46.01 -59.30 34.88
C SER I 396 46.37 -58.28 33.81
N ASP I 397 47.63 -57.87 33.80
CA ASP I 397 48.13 -56.86 32.87
C ASP I 397 47.93 -57.32 31.42
N VAL I 398 48.42 -58.52 31.11
CA VAL I 398 48.36 -59.05 29.75
C VAL I 398 46.92 -59.20 29.25
N MET I 399 46.00 -59.53 30.14
CA MET I 399 44.61 -59.77 29.77
C MET I 399 43.92 -58.50 29.33
N VAL I 400 44.33 -57.38 29.92
CA VAL I 400 43.74 -56.08 29.61
C VAL I 400 44.38 -55.47 28.37
N VAL I 401 45.70 -55.59 28.27
CA VAL I 401 46.46 -55.03 27.16
C VAL I 401 46.03 -55.63 25.83
N VAL I 402 45.68 -56.91 25.83
CA VAL I 402 45.19 -57.57 24.64
C VAL I 402 43.71 -57.27 24.42
N ASN I 403 43.01 -56.98 25.52
CA ASN I 403 41.60 -56.66 25.41
C ASN I 403 41.43 -55.35 24.66
N LYS I 404 42.38 -54.45 24.85
CA LYS I 404 42.36 -53.18 24.14
C LYS I 404 42.89 -53.39 22.73
N LEU I 405 43.77 -54.38 22.59
CA LEU I 405 44.29 -54.79 21.30
C LEU I 405 43.19 -55.44 20.47
N HIS I 406 42.27 -56.04 21.20
CA HIS I 406 41.03 -56.54 20.68
C HIS I 406 40.18 -55.42 20.15
N LYS I 407 40.16 -54.36 20.93
CA LYS I 407 39.19 -53.32 20.84
C LYS I 407 39.33 -52.72 19.49
N TYR I 408 40.57 -52.39 19.16
CA TYR I 408 40.87 -51.80 17.88
C TYR I 408 40.57 -52.73 16.74
N SER I 409 40.99 -53.98 16.85
CA SER I 409 40.72 -54.95 15.81
C SER I 409 41.53 -56.24 15.92
N LEU I 410 42.78 -56.08 16.30
CA LEU I 410 43.82 -57.03 15.96
C LEU I 410 43.76 -58.47 16.45
N VAL I 411 43.42 -58.71 17.71
CA VAL I 411 43.72 -60.02 18.22
C VAL I 411 42.32 -60.37 18.64
N GLU I 412 41.60 -60.98 17.72
CA GLU I 412 40.23 -61.41 18.04
C GLU I 412 40.34 -62.25 19.30
N LYS I 413 39.85 -61.70 20.42
CA LYS I 413 39.70 -62.47 21.63
C LYS I 413 38.50 -63.38 21.49
N GLN I 414 38.51 -64.52 22.19
CA GLN I 414 37.44 -65.49 22.09
C GLN I 414 37.30 -66.26 23.40
N PRO I 415 36.10 -66.80 23.67
CA PRO I 415 35.84 -67.60 24.87
C PRO I 415 36.73 -68.84 24.96
N SER I 418 39.89 -69.81 27.49
CA SER I 418 40.03 -68.37 27.40
C SER I 418 41.09 -68.01 26.35
N THR I 419 41.29 -68.92 25.40
CA THR I 419 42.31 -68.75 24.38
C THR I 419 41.99 -67.58 23.44
N ILE I 420 42.97 -67.19 22.63
CA ILE I 420 42.80 -66.08 21.69
C ILE I 420 43.18 -66.50 20.28
N SER I 421 42.29 -66.20 19.32
CA SER I 421 42.57 -66.47 17.91
C SER I 421 42.74 -65.18 17.13
N ILE I 422 43.83 -65.10 16.39
CA ILE I 422 44.26 -63.87 15.74
C ILE I 422 44.17 -64.03 14.21
N PRO I 423 43.46 -63.10 13.51
CA PRO I 423 43.19 -63.18 12.06
C PRO I 423 44.31 -62.74 11.10
N SER I 424 44.70 -63.66 10.24
CA SER I 424 45.92 -63.63 9.43
C SER I 424 46.34 -62.34 8.69
N ILE I 425 45.37 -61.59 8.17
CA ILE I 425 45.66 -60.52 7.20
C ILE I 425 46.72 -59.52 7.68
N TYR I 426 46.65 -59.05 8.92
CA TYR I 426 47.73 -58.19 9.41
C TYR I 426 48.69 -59.03 10.23
N LEU I 427 48.34 -60.31 10.41
CA LEU I 427 49.13 -61.24 11.21
C LEU I 427 50.32 -61.76 10.41
N GLU I 428 50.03 -62.61 9.44
CA GLU I 428 51.08 -63.34 8.74
C GLU I 428 51.97 -62.45 7.88
N LEU I 429 51.33 -61.61 7.06
CA LEU I 429 52.03 -60.80 6.07
C LEU I 429 52.86 -59.71 6.70
N LYS I 430 52.18 -58.79 7.36
CA LYS I 430 52.78 -57.56 7.86
C LYS I 430 53.99 -57.72 8.79
N VAL I 431 53.84 -58.54 9.84
CA VAL I 431 54.87 -58.59 10.90
C VAL I 431 56.09 -59.44 10.52
N LYS I 432 55.92 -60.37 9.59
CA LYS I 432 57.00 -61.25 9.18
C LYS I 432 58.11 -60.45 8.52
N LEU I 433 57.72 -59.45 7.73
CA LEU I 433 58.67 -58.60 7.03
C LEU I 433 59.54 -57.80 8.01
N GLU I 434 58.90 -57.08 8.92
CA GLU I 434 59.63 -56.26 9.89
C GLU I 434 59.83 -56.99 11.22
N ASN I 435 61.06 -57.42 11.46
CA ASN I 435 61.40 -58.08 12.72
C ASN I 435 62.85 -57.87 13.11
N GLU I 436 63.07 -57.55 14.38
CA GLU I 436 64.39 -57.51 14.97
C GLU I 436 64.61 -58.86 15.64
N TYR I 437 65.85 -59.22 15.96
CA TYR I 437 66.06 -60.51 16.57
C TYR I 437 65.80 -60.49 18.07
N ALA I 438 64.54 -60.26 18.42
CA ALA I 438 64.06 -60.54 19.77
C ALA I 438 63.58 -61.98 19.79
N LEU I 439 63.68 -62.64 18.63
CA LEU I 439 63.20 -64.01 18.46
C LEU I 439 63.91 -64.99 19.39
N HIS I 440 65.21 -64.79 19.57
CA HIS I 440 66.02 -65.61 20.46
C HIS I 440 65.37 -65.73 21.83
N ARG I 441 64.93 -64.60 22.36
CA ARG I 441 64.25 -64.58 23.65
C ARG I 441 62.86 -65.19 23.56
N SER I 442 62.16 -64.88 22.48
CA SER I 442 60.80 -65.37 22.27
C SER I 442 60.78 -66.88 22.10
N ILE I 443 61.75 -67.41 21.36
CA ILE I 443 61.77 -68.83 21.05
C ILE I 443 62.38 -69.65 22.20
N VAL I 444 63.30 -69.04 22.96
CA VAL I 444 63.86 -69.72 24.11
C VAL I 444 62.85 -69.70 25.24
N ASP I 445 61.92 -68.75 25.17
CA ASP I 445 60.81 -68.69 26.10
C ASP I 445 59.91 -69.88 25.84
N HIS I 446 59.83 -70.28 24.57
CA HIS I 446 59.01 -71.41 24.18
C HIS I 446 59.65 -72.73 24.58
N TYR I 447 60.93 -72.70 24.90
CA TYR I 447 61.54 -73.87 25.54
C TYR I 447 61.15 -73.85 27.02
N ASN I 448 61.10 -72.65 27.58
CA ASN I 448 60.90 -72.48 29.01
C ASN I 448 59.52 -72.93 29.49
N ILE I 449 58.49 -72.78 28.66
CA ILE I 449 57.15 -73.05 29.17
C ILE I 449 56.80 -74.55 29.21
N PRO I 450 57.16 -75.35 28.18
CA PRO I 450 56.91 -76.76 28.47
C PRO I 450 58.00 -77.39 29.34
N LYS I 451 59.03 -76.62 29.68
CA LYS I 451 59.98 -77.03 30.70
C LYS I 451 59.30 -76.90 32.06
N THR I 452 58.53 -75.81 32.22
CA THR I 452 57.71 -75.62 33.41
C THR I 452 56.61 -76.66 33.46
N PHE I 453 55.85 -76.78 32.37
CA PHE I 453 54.82 -77.80 32.24
C PHE I 453 55.43 -79.20 32.31
N ASP I 454 55.33 -79.83 33.47
CA ASP I 454 55.93 -81.15 33.65
C ASP I 454 55.23 -81.96 34.75
N SER I 455 54.79 -83.15 34.41
CA SER I 455 54.24 -84.09 35.39
C SER I 455 55.25 -85.19 35.67
N ASP I 456 54.98 -86.01 36.68
CA ASP I 456 55.88 -87.10 37.05
C ASP I 456 56.06 -88.08 35.90
N ASP I 457 54.95 -88.55 35.33
CA ASP I 457 55.02 -89.44 34.17
C ASP I 457 55.06 -88.64 32.88
N LEU I 458 54.75 -89.30 31.77
CA LEU I 458 54.94 -88.70 30.45
C LEU I 458 53.71 -87.92 29.95
N ILE I 459 52.70 -87.78 30.82
CA ILE I 459 51.50 -87.04 30.45
C ILE I 459 51.57 -85.59 30.91
N PRO I 460 51.68 -84.65 29.95
CA PRO I 460 51.76 -83.23 30.27
C PRO I 460 50.39 -82.56 30.35
N PRO I 461 50.32 -81.38 30.98
CA PRO I 461 49.10 -80.57 31.02
C PRO I 461 48.98 -79.64 29.81
N TYR I 462 48.80 -80.22 28.63
CA TYR I 462 48.64 -79.46 27.39
C TYR I 462 47.29 -78.77 27.30
N LEU I 463 47.28 -77.53 26.82
CA LEU I 463 46.03 -76.88 26.45
C LEU I 463 45.59 -77.43 25.14
N ASP I 464 44.27 -77.67 24.98
CA ASP I 464 43.65 -78.38 23.86
C ASP I 464 44.18 -78.37 22.47
N GLN I 465 44.36 -77.20 21.89
CA GLN I 465 44.84 -77.12 20.51
C GLN I 465 46.28 -76.64 20.37
N TYR I 466 46.59 -75.46 20.89
CA TYR I 466 47.89 -74.82 20.72
C TYR I 466 49.03 -75.80 20.91
N PHE I 467 49.17 -76.28 22.14
CA PHE I 467 50.30 -77.08 22.56
C PHE I 467 50.60 -78.24 21.62
N TYR I 468 49.56 -79.00 21.25
CA TYR I 468 49.74 -80.15 20.38
C TYR I 468 50.29 -79.77 19.02
N SER I 469 49.77 -78.71 18.43
CA SER I 469 50.19 -78.32 17.09
C SER I 469 51.44 -77.46 17.08
N HIS I 470 51.59 -76.60 18.08
CA HIS I 470 52.58 -75.54 18.02
C HIS I 470 53.90 -75.91 18.69
N ILE I 471 53.85 -76.86 19.63
CA ILE I 471 55.06 -77.24 20.35
C ILE I 471 56.11 -77.73 19.36
N GLY I 472 55.67 -78.49 18.36
CA GLY I 472 56.57 -79.07 17.38
C GLY I 472 57.31 -78.04 16.56
N HIS I 473 56.60 -76.97 16.23
CA HIS I 473 57.15 -75.89 15.42
C HIS I 473 58.25 -75.14 16.18
N HIS I 474 57.94 -74.78 17.42
CA HIS I 474 58.90 -74.05 18.25
C HIS I 474 60.08 -74.92 18.67
N LEU I 475 59.82 -76.21 18.90
CA LEU I 475 60.86 -77.15 19.27
C LEU I 475 61.88 -77.33 18.15
N LYS I 476 61.40 -77.36 16.92
CA LYS I 476 62.28 -77.46 15.76
C LYS I 476 63.19 -76.24 15.70
N ASN I 477 62.64 -75.08 16.05
CA ASN I 477 63.38 -73.83 16.01
C ASN I 477 64.48 -73.78 17.07
N ILE I 478 64.18 -74.26 18.29
CA ILE I 478 65.14 -74.15 19.38
C ILE I 478 66.32 -75.13 19.26
N GLU I 479 66.04 -76.43 19.26
CA GLU I 479 67.07 -77.47 19.29
C GLU I 479 66.51 -78.87 19.06
N HIS I 480 67.40 -79.86 19.03
CA HIS I 480 67.00 -81.25 18.80
C HIS I 480 66.62 -82.08 20.04
N PRO I 481 67.27 -81.85 21.20
CA PRO I 481 67.00 -82.81 22.28
C PRO I 481 65.57 -82.77 22.82
N GLU I 482 64.94 -81.59 22.78
CA GLU I 482 63.59 -81.44 23.29
C GLU I 482 62.57 -81.95 22.28
N ARG I 483 62.89 -81.81 21.00
CA ARG I 483 62.09 -82.40 19.95
C ARG I 483 62.07 -83.92 20.12
N MET I 484 63.24 -84.47 20.44
CA MET I 484 63.41 -85.90 20.63
C MET I 484 62.42 -86.46 21.65
N THR I 485 62.26 -85.76 22.77
CA THR I 485 61.40 -86.23 23.85
C THR I 485 59.95 -85.80 23.70
N LEU I 486 59.71 -84.52 23.42
CA LEU I 486 58.35 -83.98 23.43
C LEU I 486 57.49 -84.46 22.26
N PHE I 487 58.10 -84.64 21.09
CA PHE I 487 57.40 -85.25 19.97
C PHE I 487 56.96 -86.64 20.34
N ARG I 488 57.73 -87.24 21.25
CA ARG I 488 57.52 -88.59 21.70
C ARG I 488 57.50 -89.50 20.49
N MET I 489 58.57 -89.41 19.73
CA MET I 489 58.93 -90.43 18.77
C MET I 489 59.67 -91.47 19.57
N VAL I 490 60.28 -91.00 20.65
CA VAL I 490 60.91 -91.85 21.65
C VAL I 490 59.86 -92.37 22.62
N PHE I 491 58.94 -91.50 23.01
CA PHE I 491 57.91 -91.88 23.98
C PHE I 491 56.65 -92.38 23.26
N LEU I 492 56.03 -93.43 23.81
CA LEU I 492 54.80 -93.94 23.21
C LEU I 492 53.61 -93.06 23.57
N ASP I 493 53.82 -92.12 24.49
CA ASP I 493 52.73 -91.41 25.14
C ASP I 493 52.05 -90.33 24.30
N PHE I 494 52.74 -89.77 23.32
CA PHE I 494 52.11 -88.76 22.46
C PHE I 494 51.38 -89.44 21.31
N ARG I 495 51.79 -90.67 20.99
CA ARG I 495 51.00 -91.48 20.09
C ARG I 495 49.64 -91.70 20.74
N PHE I 496 49.67 -91.87 22.06
CA PHE I 496 48.45 -91.99 22.84
C PHE I 496 47.69 -90.67 22.85
N LEU I 497 48.24 -89.67 23.53
CA LEU I 497 47.55 -88.39 23.74
C LEU I 497 47.16 -87.68 22.45
N GLU I 498 48.15 -87.11 21.74
CA GLU I 498 47.94 -86.33 20.51
C GLU I 498 46.86 -86.89 19.58
N GLN I 499 46.83 -88.21 19.45
CA GLN I 499 45.91 -88.88 18.54
C GLN I 499 44.47 -88.81 19.04
N LYS I 500 44.26 -89.09 20.33
CA LYS I 500 42.90 -89.27 20.84
C LYS I 500 42.21 -87.97 21.23
N ILE I 501 42.99 -86.92 21.51
CA ILE I 501 42.41 -85.61 21.79
C ILE I 501 42.08 -84.91 20.48
N ARG I 502 42.97 -85.07 19.50
CA ARG I 502 42.71 -84.58 18.15
C ARG I 502 41.80 -85.53 17.39
N HIS I 503 40.64 -85.81 17.96
CA HIS I 503 39.66 -86.73 17.37
C HIS I 503 38.36 -85.99 17.03
N ASN I 516 42.95 -84.78 12.50
CA ASN I 516 43.07 -86.11 13.09
C ASN I 516 44.49 -86.64 13.00
N THR I 517 44.63 -87.85 12.46
CA THR I 517 45.94 -88.49 12.28
C THR I 517 46.79 -87.67 11.32
N LEU I 518 46.12 -86.87 10.49
CA LEU I 518 46.76 -86.10 9.45
C LEU I 518 47.80 -85.15 10.01
N GLN I 519 47.34 -84.21 10.82
CA GLN I 519 48.22 -83.18 11.35
C GLN I 519 49.33 -83.80 12.19
N GLN I 520 49.03 -84.92 12.83
CA GLN I 520 50.04 -85.69 13.55
C GLN I 520 51.11 -86.14 12.55
N LEU I 521 50.66 -86.77 11.47
CA LEU I 521 51.54 -87.14 10.36
C LEU I 521 52.24 -85.92 9.79
N LYS I 522 51.55 -84.78 9.80
CA LYS I 522 52.09 -83.54 9.28
C LYS I 522 53.16 -82.94 10.19
N PHE I 523 53.13 -83.32 11.47
CA PHE I 523 54.17 -82.89 12.38
C PHE I 523 55.44 -83.65 12.07
N TYR I 524 55.33 -84.98 12.14
CA TYR I 524 56.50 -85.85 12.10
C TYR I 524 57.39 -85.64 10.87
N LYS I 525 56.80 -85.47 9.69
CA LYS I 525 57.60 -85.51 8.47
C LYS I 525 58.52 -84.29 8.25
N PRO I 526 58.00 -83.06 8.31
CA PRO I 526 58.98 -81.97 8.11
C PRO I 526 59.86 -81.70 9.32
N TYR I 527 59.50 -82.26 10.47
CA TYR I 527 60.19 -81.92 11.71
C TYR I 527 61.38 -82.84 12.06
N ILE I 528 61.59 -83.93 11.32
CA ILE I 528 62.70 -84.85 11.65
C ILE I 528 64.07 -84.24 11.43
N CYS I 529 64.13 -83.15 10.67
CA CYS I 529 65.39 -82.54 10.28
C CYS I 529 66.24 -82.15 11.50
N ASP I 530 65.57 -81.74 12.57
CA ASP I 530 66.24 -81.30 13.78
C ASP I 530 67.02 -82.44 14.44
N ASP I 532 70.06 -86.60 15.60
CA ASP I 532 71.06 -87.01 14.62
C ASP I 532 70.48 -88.11 13.72
N PRO I 533 71.05 -88.31 12.52
CA PRO I 533 70.58 -89.30 11.54
C PRO I 533 70.20 -90.68 12.09
N LYS I 534 70.86 -91.12 13.16
CA LYS I 534 70.58 -92.44 13.74
C LYS I 534 69.17 -92.49 14.31
N TYR I 535 68.79 -91.42 15.02
CA TYR I 535 67.43 -91.29 15.51
C TYR I 535 66.52 -90.85 14.37
N GLU I 536 67.10 -90.27 13.33
CA GLU I 536 66.31 -89.73 12.20
C GLU I 536 65.70 -90.84 11.35
N ARG I 537 66.51 -91.84 11.01
CA ARG I 537 66.01 -93.02 10.30
C ARG I 537 64.96 -93.72 11.14
N LEU I 538 65.03 -93.47 12.45
CA LEU I 538 64.10 -94.05 13.41
C LEU I 538 62.75 -93.32 13.36
N VAL I 539 62.76 -91.99 13.21
CA VAL I 539 61.51 -91.24 13.18
C VAL I 539 60.70 -91.58 11.93
N ASN I 540 61.40 -91.84 10.83
CA ASN I 540 60.70 -92.12 9.58
C ASN I 540 60.15 -93.54 9.63
N ALA I 541 60.79 -94.37 10.44
CA ALA I 541 60.32 -95.73 10.69
C ALA I 541 59.03 -95.69 11.50
N ILE I 542 58.99 -94.88 12.55
CA ILE I 542 57.79 -94.72 13.35
C ILE I 542 56.77 -93.86 12.60
N LEU I 543 57.26 -93.09 11.63
CA LEU I 543 56.41 -92.23 10.83
C LEU I 543 55.44 -93.05 10.01
N ASP I 544 55.97 -94.04 9.31
CA ASP I 544 55.18 -94.87 8.41
C ASP I 544 54.13 -95.67 9.17
N PHE I 545 54.50 -96.18 10.34
CA PHE I 545 53.60 -96.99 11.15
C PHE I 545 52.45 -96.16 11.73
N LEU I 546 52.59 -94.84 11.66
CA LEU I 546 51.63 -93.94 12.30
C LEU I 546 50.28 -93.82 11.56
N PRO I 547 50.29 -93.49 10.24
CA PRO I 547 48.98 -93.44 9.60
C PRO I 547 48.47 -94.85 9.30
N LYS I 548 49.37 -95.82 9.37
CA LYS I 548 49.07 -97.22 9.12
C LYS I 548 47.92 -97.71 10.00
N ILE I 549 47.88 -97.21 11.23
CA ILE I 549 46.88 -97.65 12.21
C ILE I 549 46.48 -96.50 13.15
N TYR I 558 44.42 -98.00 28.64
CA TYR I 558 45.87 -97.75 28.64
C TYR I 558 46.76 -98.84 28.03
N THR I 559 46.42 -100.09 28.31
CA THR I 559 47.22 -101.25 27.93
C THR I 559 47.45 -101.37 26.42
N ASP I 560 46.39 -101.19 25.63
CA ASP I 560 46.44 -101.40 24.17
C ASP I 560 47.65 -100.76 23.49
N LEU I 561 47.91 -99.50 23.83
CA LEU I 561 48.99 -98.72 23.23
C LEU I 561 50.34 -99.42 23.34
N LEU I 562 50.60 -100.01 24.51
CA LEU I 562 51.88 -100.68 24.78
C LEU I 562 52.00 -102.00 24.02
N ARG I 563 50.89 -102.74 23.96
CA ARG I 563 50.89 -104.07 23.36
C ARG I 563 51.16 -104.04 21.86
N ILE I 564 50.72 -102.97 21.20
CA ILE I 564 50.94 -102.85 19.76
C ILE I 564 52.32 -102.26 19.46
N ALA I 565 52.94 -101.67 20.48
CA ALA I 565 54.32 -101.19 20.36
C ALA I 565 55.28 -102.36 20.49
N LEU I 566 54.78 -103.47 21.02
CA LEU I 566 55.57 -104.66 21.29
C LEU I 566 56.02 -105.38 20.01
N MET I 567 55.32 -105.11 18.91
CA MET I 567 55.54 -105.85 17.67
C MET I 567 56.93 -105.62 17.06
N ALA I 568 57.42 -104.39 17.15
CA ALA I 568 58.73 -104.05 16.59
C ALA I 568 59.75 -103.82 17.70
N GLU I 569 60.63 -104.80 17.89
CA GLU I 569 61.64 -104.77 18.96
C GLU I 569 62.67 -103.65 18.77
N ASP I 570 62.83 -103.20 17.53
CA ASP I 570 63.90 -102.28 17.16
C ASP I 570 63.68 -100.82 17.59
N GLU I 571 62.48 -100.52 18.09
CA GLU I 571 62.11 -99.13 18.31
C GLU I 571 62.03 -98.74 19.79
N ALA I 572 62.37 -97.48 20.06
CA ALA I 572 62.32 -96.94 21.41
C ALA I 572 60.88 -96.69 21.85
N ILE I 573 59.95 -96.74 20.90
CA ILE I 573 58.53 -96.56 21.22
C ILE I 573 58.08 -97.73 22.08
N PHE I 574 58.76 -98.87 21.94
CA PHE I 574 58.53 -100.01 22.81
C PHE I 574 59.27 -99.83 24.13
N GLU I 575 60.50 -99.33 24.05
CA GLU I 575 61.32 -99.08 25.25
C GLU I 575 60.62 -98.13 26.20
N GLU I 576 59.95 -97.13 25.65
CA GLU I 576 59.21 -96.19 26.47
C GLU I 576 57.84 -96.74 26.83
N ALA I 577 57.28 -97.56 25.94
CA ALA I 577 56.05 -98.27 26.22
C ALA I 577 56.19 -99.03 27.53
N HIS I 578 57.34 -99.69 27.68
CA HIS I 578 57.64 -100.48 28.86
C HIS I 578 57.78 -99.60 30.11
N LYS I 579 58.18 -98.35 29.91
CA LYS I 579 58.35 -97.43 31.03
C LYS I 579 57.02 -96.87 31.52
N GLN I 580 56.09 -96.66 30.60
CA GLN I 580 54.83 -96.02 30.95
C GLN I 580 53.77 -97.00 31.46
N VAL I 581 54.00 -98.30 31.23
CA VAL I 581 53.20 -99.31 31.90
C VAL I 581 53.75 -99.50 33.31
N GLN I 582 55.08 -99.43 33.41
CA GLN I 582 55.79 -99.49 34.68
C GLN I 582 55.23 -98.46 35.66
N ARG I 583 54.92 -97.27 35.14
CA ARG I 583 54.20 -96.28 35.91
C ARG I 583 52.86 -95.98 35.27
N UNK I 584 43.09 -101.72 8.95
CA UNK I 584 42.89 -101.29 7.59
C UNK I 584 43.80 -100.10 7.32
N UNK I 585 44.32 -100.05 6.10
CA UNK I 585 45.23 -98.98 5.71
C UNK I 585 44.64 -97.59 6.00
N UNK I 586 43.33 -97.44 5.88
CA UNK I 586 42.71 -96.15 6.13
C UNK I 586 41.28 -96.23 6.66
N UNK I 587 40.94 -95.33 7.57
CA UNK I 587 39.60 -95.28 8.15
C UNK I 587 39.08 -93.84 8.21
N UNK I 588 37.98 -93.59 7.50
CA UNK I 588 37.37 -92.28 7.40
C UNK I 588 36.06 -92.13 8.16
N UNK I 589 35.92 -91.03 8.88
CA UNK I 589 34.70 -90.76 9.65
C UNK I 589 34.13 -89.38 9.29
N UNK I 590 33.34 -89.30 8.20
CA UNK I 590 32.73 -88.05 7.73
C UNK I 590 31.21 -87.92 7.85
N UNK I 591 30.55 -88.92 8.41
CA UNK I 591 29.11 -88.86 8.54
C UNK I 591 28.74 -88.82 10.01
N UNK I 592 27.52 -88.37 10.30
CA UNK I 592 27.08 -88.30 11.68
C UNK I 592 26.06 -89.37 11.90
N UNK I 593 25.20 -92.57 10.59
CA UNK I 593 25.66 -93.71 9.82
C UNK I 593 26.05 -93.35 8.39
N UNK I 594 27.10 -94.00 7.88
CA UNK I 594 27.56 -93.78 6.52
C UNK I 594 26.94 -94.88 5.70
N UNK I 595 26.22 -94.55 4.66
CA UNK I 595 25.61 -95.61 3.88
C UNK I 595 26.44 -96.08 2.70
N UNK I 596 27.09 -95.14 2.01
CA UNK I 596 27.90 -95.48 0.85
C UNK I 596 29.06 -94.52 0.76
N UNK I 597 30.13 -94.95 0.09
CA UNK I 597 31.32 -94.13 -0.09
C UNK I 597 32.04 -94.70 -1.31
N UNK I 598 32.83 -93.88 -2.00
CA UNK I 598 33.54 -94.35 -3.18
C UNK I 598 34.71 -93.46 -3.58
N UNK I 599 35.59 -94.00 -4.42
CA UNK I 599 36.78 -93.30 -4.90
C UNK I 599 36.53 -92.45 -6.14
N UNK I 600 37.35 -91.43 -6.32
CA UNK I 600 37.24 -90.59 -7.51
C UNK I 600 37.86 -91.46 -8.59
N UNK I 601 37.61 -91.13 -9.86
CA UNK I 601 38.17 -91.94 -10.93
C UNK I 601 39.67 -92.08 -10.89
N UNK I 602 40.38 -91.10 -10.35
CA UNK I 602 41.84 -91.21 -10.24
C UNK I 602 42.24 -91.73 -8.88
N UNK I 603 41.25 -92.08 -8.06
CA UNK I 603 41.52 -92.60 -6.73
C UNK I 603 42.06 -91.60 -5.71
N UNK I 604 42.29 -90.35 -6.14
CA UNK I 604 42.80 -89.31 -5.25
C UNK I 604 41.83 -88.81 -4.19
N UNK I 605 40.53 -88.91 -4.47
CA UNK I 605 39.52 -88.43 -3.55
C UNK I 605 38.49 -89.50 -3.21
N UNK I 606 37.69 -89.23 -2.18
CA UNK I 606 36.63 -90.13 -1.74
C UNK I 606 35.40 -89.32 -1.38
N UNK I 607 34.22 -89.77 -1.83
CA UNK I 607 33.00 -89.08 -1.50
C UNK I 607 32.18 -90.11 -0.72
N UNK I 608 31.46 -89.65 0.30
CA UNK I 608 30.68 -90.53 1.14
C UNK I 608 29.39 -89.85 1.51
N UNK I 609 28.29 -90.58 1.49
CA UNK I 609 27.00 -90.02 1.80
C UNK I 609 26.30 -90.92 2.80
N UNK I 610 25.72 -90.33 3.84
CA UNK I 610 25.06 -91.17 4.82
C UNK I 610 23.74 -90.61 5.33
N UNK I 611 23.34 -91.09 6.49
CA UNK I 611 22.04 -90.75 7.04
C UNK I 611 22.05 -89.36 7.64
N UNK I 612 23.21 -88.72 7.65
CA UNK I 612 23.27 -87.37 8.18
C UNK I 612 22.81 -86.34 7.16
N UNK I 613 22.33 -86.83 6.01
CA UNK I 613 21.81 -86.00 4.90
C UNK I 613 22.83 -85.22 4.06
N UNK I 614 24.12 -85.30 4.40
CA UNK I 614 25.15 -84.54 3.67
C UNK I 614 25.99 -85.31 2.65
N UNK I 615 26.69 -84.57 1.79
CA UNK I 615 27.59 -85.15 0.79
C UNK I 615 28.95 -84.72 1.30
N UNK I 616 29.87 -85.67 1.43
CA UNK I 616 31.19 -85.34 1.93
C UNK I 616 32.27 -85.79 0.99
N UNK I 617 33.36 -85.03 0.95
CA UNK I 617 34.46 -85.40 0.09
C UNK I 617 35.76 -85.04 0.78
N UNK I 618 36.76 -85.91 0.62
CA UNK I 618 38.07 -85.76 1.25
C UNK I 618 39.15 -86.45 0.42
N UNK I 619 40.40 -86.06 0.66
CA UNK I 619 41.52 -86.66 -0.06
C UNK I 619 41.62 -88.13 0.34
N UNK I 620 41.95 -88.99 -0.61
CA UNK I 620 42.07 -90.41 -0.31
C UNK I 620 43.27 -90.63 0.61
N UNK I 621 44.32 -89.86 0.35
CA UNK I 621 45.56 -89.93 1.12
C UNK I 621 45.45 -89.63 2.61
N UNK I 622 44.82 -88.51 2.97
CA UNK I 622 44.73 -88.09 4.37
C UNK I 622 43.39 -87.83 5.04
N UNK I 623 42.28 -87.95 4.31
CA UNK I 623 40.98 -87.70 4.93
C UNK I 623 40.70 -86.21 5.09
N UNK I 624 41.70 -85.42 4.69
CA UNK I 624 41.66 -83.98 4.73
C UNK I 624 40.36 -83.54 4.07
N UNK I 625 39.41 -83.03 4.84
CA UNK I 625 38.14 -82.62 4.26
C UNK I 625 38.25 -81.67 3.08
N UNK I 626 37.49 -81.97 2.02
CA UNK I 626 37.46 -81.16 0.81
C UNK I 626 36.10 -80.51 0.60
N UNK I 627 35.02 -81.26 0.80
CA UNK I 627 33.67 -80.70 0.67
C UNK I 627 32.74 -81.17 1.81
N UNK I 628 31.89 -80.26 2.29
CA UNK I 628 30.93 -80.55 3.34
C UNK I 628 29.57 -79.94 2.93
N UNK I 629 28.90 -80.59 1.98
CA UNK I 629 27.62 -80.15 1.43
C UNK I 629 26.40 -80.73 2.13
N UNK I 630 25.31 -79.98 2.14
CA UNK I 630 24.07 -80.46 2.75
C UNK I 630 23.21 -80.93 1.56
N UNK I 631 23.59 -82.06 0.98
CA UNK I 631 22.92 -82.59 -0.22
C UNK I 631 21.39 -82.79 -0.30
N UNK I 632 20.78 -83.38 0.71
CA UNK I 632 19.34 -83.59 0.64
C UNK I 632 18.58 -83.31 1.91
N UNK I 633 17.28 -83.54 1.83
CA UNK I 633 16.35 -83.33 2.94
C UNK I 633 15.91 -84.69 3.47
N UNK I 634 16.33 -86.24 2.83
CA UNK I 634 16.04 -87.59 3.29
C UNK I 634 17.22 -88.50 2.92
N UNK I 635 17.38 -89.58 3.70
CA UNK I 635 18.51 -90.49 3.54
C UNK I 635 18.83 -90.87 2.10
N UNK I 636 20.11 -91.08 1.83
CA UNK I 636 20.57 -91.44 0.50
C UNK I 636 20.81 -92.93 0.41
N UNK I 637 20.83 -93.46 -0.81
CA UNK I 637 21.03 -94.91 -1.03
C UNK I 637 22.14 -95.37 -1.96
N UNK I 638 22.64 -94.48 -2.80
CA UNK I 638 23.68 -94.87 -3.73
C UNK I 638 24.29 -93.64 -4.37
N UNK I 639 25.51 -93.78 -4.88
CA UNK I 639 26.23 -92.69 -5.52
C UNK I 639 27.31 -93.26 -6.48
N UNK I 640 27.63 -92.53 -7.54
CA UNK I 640 28.62 -93.01 -8.50
C UNK I 640 29.25 -91.88 -9.25
N UNK I 641 30.36 -92.17 -9.93
CA UNK I 641 31.11 -91.21 -10.73
C UNK I 641 30.79 -91.50 -12.18
N UNK I 642 30.98 -90.52 -13.06
CA UNK I 642 30.72 -90.70 -14.48
C UNK I 642 31.96 -91.35 -15.07
N UNK I 643 31.95 -91.60 -16.37
CA UNK I 643 33.07 -92.23 -17.05
C UNK I 643 34.38 -91.44 -16.97
N UNK I 644 34.30 -90.11 -16.88
CA UNK I 644 35.51 -89.30 -16.80
C UNK I 644 35.60 -88.58 -15.46
N UNK I 645 34.97 -89.14 -14.44
CA UNK I 645 34.99 -88.56 -13.11
C UNK I 645 34.58 -87.10 -13.12
N UNK I 646 33.99 -86.65 -14.21
CA UNK I 646 33.58 -85.25 -14.30
C UNK I 646 32.36 -85.01 -13.40
N UNK I 647 31.58 -86.06 -13.20
CA UNK I 647 30.37 -85.95 -12.40
C UNK I 647 30.24 -87.06 -11.39
N UNK I 648 29.29 -86.87 -10.48
CA UNK I 648 28.94 -87.81 -9.44
C UNK I 648 27.42 -87.71 -9.33
N UNK I 649 26.73 -88.83 -9.40
CA UNK I 649 25.31 -88.77 -9.24
C UNK I 649 25.02 -89.32 -7.86
N UNK I 650 23.80 -89.10 -7.38
CA UNK I 650 23.36 -89.62 -6.09
C UNK I 650 21.88 -89.78 -6.21
N UNK I 651 21.37 -90.91 -5.75
CA UNK I 651 19.94 -91.13 -5.80
C UNK I 651 19.54 -91.40 -4.34
N UNK I 652 18.36 -90.94 -3.94
CA UNK I 652 17.95 -91.12 -2.55
C UNK I 652 16.50 -91.49 -2.32
N UNK I 653 16.13 -91.57 -1.05
CA UNK I 653 14.78 -91.93 -0.66
C UNK I 653 13.76 -90.84 -0.96
N UNK I 654 14.23 -89.64 -1.33
CA UNK I 654 13.31 -88.58 -1.66
C UNK I 654 12.86 -88.78 -3.09
N UNK I 655 13.24 -89.93 -3.63
CA UNK I 655 12.86 -90.32 -5.00
C UNK I 655 13.56 -89.52 -6.09
N UNK I 656 14.53 -88.69 -5.70
CA UNK I 656 15.26 -87.89 -6.67
C UNK I 656 16.64 -88.46 -7.00
N UNK I 657 17.18 -88.02 -8.14
CA UNK I 657 18.50 -88.40 -8.63
C UNK I 657 19.20 -87.07 -8.86
N UNK I 658 20.48 -86.97 -8.55
CA UNK I 658 21.15 -85.69 -8.73
C UNK I 658 22.53 -85.80 -9.36
N UNK I 659 22.91 -84.76 -10.10
CA UNK I 659 24.21 -84.77 -10.75
C UNK I 659 25.02 -83.64 -10.16
N UNK I 660 26.28 -83.89 -9.84
CA UNK I 660 27.14 -82.89 -9.25
C UNK I 660 28.46 -82.76 -9.99
N UNK I 661 29.03 -81.56 -9.98
CA UNK I 661 30.32 -81.32 -10.60
C UNK I 661 31.24 -81.90 -9.53
N UNK I 662 31.91 -82.99 -9.84
CA UNK I 662 32.78 -83.62 -8.86
C UNK I 662 33.87 -82.71 -8.34
N UNK I 663 34.11 -81.61 -9.04
CA UNK I 663 35.16 -80.69 -8.64
C UNK I 663 34.70 -79.63 -7.65
N UNK I 664 31.31 -79.44 -6.59
CA UNK I 664 30.19 -79.91 -5.79
C UNK I 664 28.90 -79.15 -6.04
N UNK I 665 28.88 -78.31 -7.06
CA UNK I 665 27.67 -77.57 -7.35
C UNK I 665 26.64 -78.45 -8.06
N UNK I 666 25.40 -78.39 -7.59
CA UNK I 666 24.31 -79.18 -8.16
C UNK I 666 24.26 -78.86 -9.66
N UNK I 667 24.32 -79.88 -10.49
CA UNK I 667 24.30 -79.70 -11.93
C UNK I 667 22.99 -80.23 -12.50
N UNK I 668 18.74 -81.78 -11.21
CA UNK I 668 18.13 -82.93 -10.56
C UNK I 668 17.02 -83.54 -11.41
N UNK I 669 16.83 -84.84 -11.27
CA UNK I 669 15.84 -85.57 -12.02
C UNK I 669 14.86 -86.23 -11.09
N UNK I 670 13.65 -85.69 -10.98
CA UNK I 670 12.63 -86.30 -10.13
C UNK I 670 11.59 -86.91 -11.03
N UNK I 671 11.52 -88.24 -11.05
CA UNK I 671 10.54 -88.94 -11.88
C UNK I 671 10.19 -90.29 -11.31
N UNK I 672 13.49 -93.24 -9.58
CA UNK I 672 14.43 -93.87 -10.50
C UNK I 672 15.55 -94.55 -9.69
N UNK I 673 15.66 -95.87 -9.87
CA UNK I 673 16.62 -96.73 -9.16
C UNK I 673 17.98 -96.90 -9.82
N UNK I 674 17.97 -97.20 -11.12
CA UNK I 674 19.22 -97.38 -11.87
C UNK I 674 19.68 -96.08 -12.51
N UNK I 675 21.00 -95.89 -12.56
CA UNK I 675 21.61 -94.77 -13.29
C UNK I 675 23.10 -95.03 -13.47
N UNK I 676 23.47 -95.25 -14.74
CA UNK I 676 24.83 -95.57 -15.15
C UNK I 676 25.25 -94.79 -16.41
N UNK I 677 26.53 -94.41 -16.48
CA UNK I 677 27.05 -93.64 -17.63
C UNK I 677 27.64 -94.56 -18.67
N UNK I 678 28.00 -94.00 -19.82
CA UNK I 678 28.63 -94.78 -20.89
C UNK I 678 30.10 -94.94 -20.52
N UNK I 679 30.71 -96.08 -20.86
CA UNK I 679 32.11 -96.34 -20.51
C UNK I 679 33.13 -95.66 -21.40
N UNK I 680 32.91 -95.72 -22.71
CA UNK I 680 33.83 -95.10 -23.65
C UNK I 680 33.92 -93.58 -23.49
N UNK I 681 35.16 -93.14 -23.32
CA UNK I 681 35.51 -91.73 -23.15
C UNK I 681 35.10 -90.88 -24.35
N UNK I 682 34.46 -91.52 -25.32
CA UNK I 682 34.04 -90.82 -26.51
C UNK I 682 32.69 -90.14 -26.29
N UNK I 683 31.61 -90.92 -26.35
CA UNK I 683 30.25 -90.41 -26.13
C UNK I 683 29.94 -90.25 -24.64
N UNK I 684 28.93 -89.45 -24.33
CA UNK I 684 28.57 -89.16 -22.94
C UNK I 684 27.08 -89.31 -22.64
N UNK I 685 26.60 -90.54 -22.50
CA UNK I 685 25.19 -90.76 -22.24
C UNK I 685 24.93 -91.26 -20.84
N UNK I 686 23.69 -91.12 -20.39
CA UNK I 686 23.30 -91.56 -19.07
C UNK I 686 22.04 -92.40 -19.22
N UNK I 687 22.03 -93.56 -18.57
CA UNK I 687 20.89 -94.44 -18.65
C UNK I 687 20.26 -94.55 -17.28
N UNK I 688 18.94 -94.49 -17.22
CA UNK I 688 18.23 -94.57 -15.96
C UNK I 688 17.04 -95.53 -16.04
N UNK I 689 16.85 -96.29 -14.96
CA UNK I 689 15.75 -97.22 -14.88
C UNK I 689 14.87 -96.71 -13.75
N UNK I 690 13.55 -96.83 -13.88
CA UNK I 690 12.68 -96.34 -12.82
C UNK I 690 11.51 -97.26 -12.51
N UNK I 691 10.86 -97.00 -11.37
CA UNK I 691 9.70 -97.78 -10.94
C UNK I 691 8.56 -97.54 -11.91
N UNK I 692 8.70 -96.54 -12.79
CA UNK I 692 7.65 -96.23 -13.74
C UNK I 692 7.69 -97.15 -14.96
N UNK I 693 8.55 -98.17 -14.89
CA UNK I 693 8.71 -99.17 -15.95
C UNK I 693 9.54 -98.73 -17.14
N UNK I 694 10.00 -97.50 -17.17
CA UNK I 694 10.80 -97.07 -18.30
C UNK I 694 12.26 -96.98 -18.00
N UNK I 695 13.01 -96.82 -19.08
CA UNK I 695 14.45 -96.65 -19.08
C UNK I 695 14.65 -95.38 -19.89
N UNK I 696 15.66 -94.59 -19.57
CA UNK I 696 15.85 -93.39 -20.34
C UNK I 696 17.31 -93.13 -20.67
N UNK I 697 17.55 -92.63 -21.87
CA UNK I 697 18.89 -92.29 -22.29
C UNK I 697 18.88 -90.78 -22.32
N UNK I 698 19.88 -90.18 -21.68
CA UNK I 698 19.99 -88.72 -21.64
C UNK I 698 21.28 -88.37 -22.31
N UNK I 699 21.26 -87.28 -23.07
CA UNK I 699 22.46 -86.80 -23.76
C UNK I 699 22.80 -85.56 -22.96
N UNK I 700 23.72 -85.70 -22.00
CA UNK I 700 24.14 -84.60 -21.14
C UNK I 700 24.42 -83.31 -21.89
N UNK I 701 24.67 -83.43 -23.19
CA UNK I 701 24.95 -82.28 -24.02
C UNK I 701 23.63 -81.75 -24.58
N UNK I 702 22.54 -81.97 -23.87
CA UNK I 702 21.23 -81.53 -24.34
C UNK I 702 20.23 -81.40 -23.21
N UNK I 703 19.60 -80.24 -23.10
CA UNK I 703 18.63 -79.99 -22.05
C UNK I 703 17.48 -81.01 -22.07
N UNK I 704 17.50 -81.92 -23.04
CA UNK I 704 16.41 -82.90 -23.16
C UNK I 704 16.76 -84.38 -23.09
N UNK I 705 15.71 -85.17 -22.89
CA UNK I 705 15.79 -86.62 -22.83
C UNK I 705 16.12 -87.02 -24.26
N UNK I 706 16.78 -88.15 -24.47
CA UNK I 706 17.13 -88.55 -25.83
C UNK I 706 16.30 -89.72 -26.29
N UNK I 707 15.89 -90.55 -25.35
CA UNK I 707 15.10 -91.72 -25.68
C UNK I 707 14.40 -92.23 -24.43
N UNK I 708 13.31 -92.95 -24.65
CA UNK I 708 12.56 -93.51 -23.54
C UNK I 708 12.22 -94.93 -23.93
N UNK I 709 13.00 -95.88 -23.44
CA UNK I 709 12.77 -97.27 -23.78
C UNK I 709 11.53 -97.85 -23.13
N UNK I 710 10.48 -98.06 -23.92
CA UNK I 710 9.29 -98.67 -23.35
C UNK I 710 9.44 -100.18 -23.51
N UNK I 711 10.37 -103.71 -8.20
CA UNK I 711 11.52 -103.90 -9.07
C UNK I 711 12.67 -103.14 -8.40
N UNK I 712 13.68 -103.88 -7.95
CA UNK I 712 14.78 -103.26 -7.24
C UNK I 712 15.99 -102.90 -8.04
N UNK I 713 16.12 -103.43 -9.24
CA UNK I 713 17.32 -103.15 -10.00
C UNK I 713 17.13 -103.56 -11.45
N UNK I 714 17.91 -102.98 -12.35
CA UNK I 714 17.81 -103.24 -13.78
C UNK I 714 19.02 -102.68 -14.51
N UNK I 715 19.55 -103.44 -15.45
CA UNK I 715 20.72 -103.03 -16.22
C UNK I 715 20.57 -103.43 -17.66
N UNK I 716 20.98 -102.56 -18.56
CA UNK I 716 20.90 -102.90 -19.97
C UNK I 716 22.04 -103.87 -20.21
N UNK I 717 21.91 -104.71 -21.22
CA UNK I 717 22.99 -105.62 -21.53
C UNK I 717 24.05 -104.81 -22.28
N UNK I 718 25.30 -105.29 -22.30
CA UNK I 718 26.32 -104.54 -23.00
C UNK I 718 25.83 -104.33 -24.43
N UNK I 719 20.60 -104.94 -26.58
CA UNK I 719 19.38 -105.61 -26.99
C UNK I 719 18.53 -106.18 -25.85
N UNK I 720 19.11 -106.40 -24.69
CA UNK I 720 18.34 -106.94 -23.57
C UNK I 720 18.35 -106.04 -22.36
N UNK I 721 17.34 -106.21 -21.52
CA UNK I 721 17.23 -105.42 -20.30
C UNK I 721 17.00 -106.40 -19.16
N UNK I 722 18.02 -106.56 -18.33
CA UNK I 722 17.89 -107.48 -17.21
C UNK I 722 17.14 -106.75 -16.09
N UNK I 723 16.33 -107.49 -15.36
CA UNK I 723 15.57 -106.88 -14.29
C UNK I 723 15.53 -107.78 -13.07
N UNK I 724 15.70 -107.15 -11.92
CA UNK I 724 15.79 -107.83 -10.64
C UNK I 724 14.71 -107.32 -9.70
N UNK I 725 13.99 -108.24 -9.05
CA UNK I 725 12.90 -107.86 -8.15
C UNK I 725 12.79 -108.62 -6.84
N UNK I 726 11.75 -108.30 -6.10
CA UNK I 726 11.45 -108.91 -4.82
C UNK I 726 10.60 -110.16 -5.04
N UNK I 727 10.02 -110.28 -6.21
CA UNK I 727 9.19 -111.44 -6.51
C UNK I 727 10.02 -112.70 -6.69
N UNK I 728 11.31 -112.62 -6.41
CA UNK I 728 12.17 -113.78 -6.52
C UNK I 728 12.61 -114.17 -7.92
N UNK I 729 12.54 -113.23 -8.86
CA UNK I 729 12.94 -113.53 -10.21
C UNK I 729 14.04 -112.62 -10.78
N UNK I 730 14.66 -113.08 -11.86
CA UNK I 730 15.64 -112.31 -12.61
C UNK I 730 14.86 -112.33 -13.90
N UNK I 731 14.93 -111.27 -14.71
CA UNK I 731 14.14 -111.31 -15.92
C UNK I 731 14.81 -110.60 -17.06
N UNK I 732 14.65 -111.14 -18.26
CA UNK I 732 15.24 -110.52 -19.41
C UNK I 732 14.21 -110.01 -20.39
N UNK I 733 13.98 -108.71 -20.37
CA UNK I 733 13.04 -108.12 -21.29
C UNK I 733 13.78 -107.82 -22.58
N UNK I 734 13.05 -107.68 -23.68
CA UNK I 734 13.63 -107.39 -24.98
C UNK I 734 13.46 -105.91 -25.28
N UNK I 735 14.54 -105.15 -25.20
CA UNK I 735 14.47 -103.72 -25.42
C UNK I 735 13.67 -103.26 -26.64
N UNK I 736 14.05 -103.72 -27.82
CA UNK I 736 13.37 -103.31 -29.03
C UNK I 736 11.85 -103.45 -28.98
N UNK I 737 11.34 -104.34 -28.15
CA UNK I 737 9.90 -104.53 -28.09
C UNK I 737 9.28 -104.52 -26.70
N UNK I 738 10.09 -104.32 -25.67
CA UNK I 738 9.61 -104.29 -24.29
C UNK I 738 8.80 -105.54 -23.91
N UNK I 739 9.18 -106.70 -24.43
CA UNK I 739 8.51 -107.97 -24.16
C UNK I 739 9.29 -108.83 -23.19
N UNK I 740 8.60 -109.61 -22.38
CA UNK I 740 9.32 -110.48 -21.43
C UNK I 740 9.83 -111.69 -22.21
N UNK I 741 11.15 -111.89 -22.25
CA UNK I 741 11.73 -113.03 -22.96
C UNK I 741 11.93 -114.22 -22.02
N UNK I 742 12.47 -113.98 -20.82
CA UNK I 742 12.67 -115.07 -19.88
C UNK I 742 12.45 -114.58 -18.45
N UNK I 743 12.38 -115.54 -17.54
CA UNK I 743 12.21 -115.25 -16.13
C UNK I 743 12.93 -116.37 -15.40
N UNK I 744 13.76 -116.02 -14.42
CA UNK I 744 14.50 -117.02 -13.67
C UNK I 744 14.19 -116.97 -12.20
N UNK I 745 13.43 -117.96 -11.73
CA UNK I 745 13.07 -118.02 -10.32
C UNK I 745 14.27 -118.37 -9.46
N UNK I 746 14.45 -117.65 -8.36
CA UNK I 746 15.54 -117.97 -7.47
C UNK I 746 14.97 -118.82 -6.31
N UNK I 747 15.31 -120.11 -6.41
CA UNK I 747 14.86 -121.17 -5.50
C UNK I 747 16.03 -121.83 -4.76
N UNK I 748 17.03 -121.07 -4.37
CA UNK I 748 18.17 -121.64 -3.68
C UNK I 748 18.06 -121.49 -2.20
N UNK I 749 16.82 -121.32 -1.73
CA UNK I 749 16.56 -121.11 -0.32
C UNK I 749 15.44 -122.02 0.20
N UNK I 750 15.68 -122.61 1.36
CA UNK I 750 14.75 -123.55 1.97
C UNK I 750 14.41 -123.18 3.41
N UNK I 751 19.43 -106.61 -5.32
CA UNK I 751 20.72 -106.03 -5.74
C UNK I 751 21.04 -106.61 -7.13
N UNK I 752 21.60 -105.81 -8.02
CA UNK I 752 21.95 -106.33 -9.34
C UNK I 752 22.81 -105.39 -10.13
N UNK I 753 24.12 -105.58 -9.99
CA UNK I 753 25.11 -104.75 -10.65
C UNK I 753 25.79 -105.36 -11.87
N UNK I 754 26.32 -104.47 -12.70
CA UNK I 754 27.01 -104.81 -13.95
C UNK I 754 28.48 -105.11 -13.77
N UNK I 755 29.07 -105.75 -14.77
CA UNK I 755 30.49 -106.05 -14.72
C UNK I 755 31.20 -104.79 -15.20
N UNK I 756 32.53 -104.80 -15.12
CA UNK I 756 33.32 -103.65 -15.52
C UNK I 756 33.16 -103.30 -16.99
N UNK I 757 33.14 -104.32 -17.82
CA UNK I 757 33.00 -104.13 -19.25
C UNK I 757 31.55 -104.00 -19.67
N UNK I 758 30.63 -104.11 -18.72
CA UNK I 758 29.22 -103.99 -19.03
C UNK I 758 28.70 -105.14 -19.88
N UNK I 759 29.48 -106.22 -19.93
CA UNK I 759 29.10 -107.39 -20.71
C UNK I 759 28.58 -108.53 -19.86
N UNK I 760 28.46 -108.30 -18.56
CA UNK I 760 27.96 -109.33 -17.66
C UNK I 760 27.22 -108.67 -16.52
N UNK I 761 26.30 -109.39 -15.90
CA UNK I 761 25.52 -108.85 -14.81
C UNK I 761 25.32 -109.90 -13.73
N UNK I 762 25.49 -109.53 -12.46
CA UNK I 762 25.25 -110.54 -11.44
C UNK I 762 23.95 -110.14 -10.76
N UNK I 763 23.20 -111.13 -10.28
CA UNK I 763 21.95 -110.86 -9.57
C UNK I 763 21.81 -111.83 -8.40
N UNK I 764 20.93 -111.47 -7.46
CA UNK I 764 20.73 -112.27 -6.26
C UNK I 764 19.26 -112.59 -6.00
N UNK I 765 19.01 -113.78 -5.47
CA UNK I 765 17.67 -114.24 -5.14
C UNK I 765 17.72 -115.44 -4.18
N UNK I 766 16.78 -115.46 -3.23
CA UNK I 766 16.69 -116.51 -2.23
C UNK I 766 18.07 -116.88 -1.70
N UNK I 767 18.59 -118.01 -2.16
CA UNK I 767 19.92 -118.48 -1.75
C UNK I 767 21.07 -118.34 -2.72
N UNK I 768 20.85 -117.75 -3.88
CA UNK I 768 21.97 -117.68 -4.81
C UNK I 768 22.24 -116.36 -5.50
N UNK I 769 23.48 -116.25 -5.96
CA UNK I 769 23.94 -115.11 -6.72
C UNK I 769 24.13 -115.77 -8.08
N UNK I 770 23.73 -115.11 -9.15
CA UNK I 770 23.83 -115.68 -10.49
C UNK I 770 24.50 -114.72 -11.45
N UNK I 771 25.40 -115.24 -12.27
CA UNK I 771 26.09 -114.42 -13.24
C UNK I 771 25.56 -114.65 -14.64
N UNK I 772 25.01 -113.60 -15.23
CA UNK I 772 24.46 -113.68 -16.58
C UNK I 772 25.26 -112.96 -17.64
N UNK I 773 25.13 -113.47 -18.85
CA UNK I 773 25.80 -112.88 -19.99
C UNK I 773 24.78 -111.91 -20.57
N UNK I 774 25.04 -110.61 -20.45
CA UNK I 774 24.12 -109.57 -20.94
C UNK I 774 23.62 -109.80 -22.37
N UNK I 775 23.96 -113.12 -24.81
CA UNK I 775 23.31 -114.42 -24.91
C UNK I 775 22.25 -114.68 -23.83
N UNK I 776 22.34 -113.97 -22.71
CA UNK I 776 21.39 -114.15 -21.60
C UNK I 776 21.65 -115.50 -20.94
N UNK I 777 22.87 -115.98 -21.08
CA UNK I 777 23.23 -117.24 -20.48
C UNK I 777 23.66 -117.11 -19.05
N UNK I 778 23.47 -118.19 -18.30
CA UNK I 778 23.85 -118.23 -16.90
C UNK I 778 25.29 -118.69 -16.84
N UNK I 779 26.21 -117.76 -16.63
CA UNK I 779 27.62 -118.10 -16.57
C UNK I 779 28.09 -118.62 -15.22
N UNK I 780 27.26 -118.50 -14.20
CA UNK I 780 27.68 -118.97 -12.88
C UNK I 780 26.56 -118.98 -11.85
N UNK I 781 26.70 -119.89 -10.90
CA UNK I 781 25.70 -120.05 -9.86
C UNK I 781 26.36 -120.46 -8.56
N UNK I 782 26.67 -119.50 -7.71
CA UNK I 782 27.26 -119.84 -6.42
C UNK I 782 26.11 -119.88 -5.42
N UNK I 783 28.19 -119.98 -3.44
CA UNK I 783 27.14 -120.17 -2.44
C UNK I 783 27.63 -119.58 -1.14
N UNK I 784 26.85 -118.66 -0.61
CA UNK I 784 27.22 -117.96 0.60
C UNK I 784 26.85 -118.67 1.89
N UNK I 785 22.27 -117.32 5.07
CA UNK I 785 21.90 -116.02 5.61
C UNK I 785 21.31 -115.34 4.40
N UNK I 786 21.40 -114.02 4.29
CA UNK I 786 20.89 -113.32 3.12
C UNK I 786 21.78 -112.14 2.75
N UNK I 787 22.21 -112.11 1.49
CA UNK I 787 23.06 -111.04 1.00
C UNK I 787 22.28 -109.75 1.11
N UNK I 788 22.82 -108.78 1.83
CA UNK I 788 22.16 -107.49 2.01
C UNK I 788 22.48 -106.48 0.90
N UNK I 789 23.65 -106.62 0.27
CA UNK I 789 24.03 -105.73 -0.84
C UNK I 789 25.26 -106.24 -1.56
N UNK I 790 25.48 -105.74 -2.78
CA UNK I 790 26.63 -106.15 -3.59
C UNK I 790 26.98 -105.17 -4.69
N UNK I 791 28.04 -105.45 -5.45
CA UNK I 791 28.41 -104.60 -6.56
C UNK I 791 29.45 -105.32 -7.38
N UNK I 792 29.21 -105.35 -8.68
CA UNK I 792 30.05 -106.03 -9.63
C UNK I 792 31.09 -105.06 -10.19
N UNK I 793 32.35 -105.46 -10.11
CA UNK I 793 33.46 -104.66 -10.58
C UNK I 793 33.47 -104.55 -12.11
N UNK I 794 34.37 -103.72 -12.67
CA UNK I 794 34.39 -103.62 -14.13
C UNK I 794 35.57 -104.45 -14.69
N UNK I 795 36.35 -105.03 -13.78
CA UNK I 795 37.50 -105.85 -14.13
C UNK I 795 37.59 -107.07 -13.23
N UNK I 796 38.43 -108.02 -13.63
CA UNK I 796 38.64 -109.26 -12.87
C UNK I 796 37.36 -109.96 -12.41
N UNK I 797 36.23 -109.66 -13.06
CA UNK I 797 34.93 -110.25 -12.71
C UNK I 797 34.76 -110.22 -11.20
N UNK I 798 35.31 -109.22 -10.54
CA UNK I 798 35.18 -109.13 -9.09
C UNK I 798 33.81 -108.66 -8.70
N UNK I 799 33.34 -109.16 -7.57
CA UNK I 799 32.05 -108.78 -7.06
C UNK I 799 32.18 -108.65 -5.55
N UNK I 800 31.69 -107.55 -5.00
CA UNK I 800 31.74 -107.36 -3.57
C UNK I 800 30.33 -107.41 -3.04
N UNK I 801 30.15 -108.16 -1.96
CA UNK I 801 28.83 -108.28 -1.38
C UNK I 801 28.91 -108.16 0.11
N UNK I 802 27.98 -107.40 0.69
CA UNK I 802 27.93 -107.28 2.12
C UNK I 802 27.11 -108.51 2.44
N UNK I 803 27.59 -107.11 9.02
CA UNK I 803 29.00 -106.70 8.97
C UNK I 803 30.07 -107.60 8.32
N UNK I 804 29.66 -108.67 7.66
CA UNK I 804 30.63 -109.54 7.00
C UNK I 804 30.75 -109.04 5.58
N UNK I 805 31.96 -108.83 5.12
CA UNK I 805 32.14 -108.34 3.76
C UNK I 805 33.14 -109.19 3.04
N UNK I 806 32.73 -109.81 1.96
CA UNK I 806 33.65 -110.63 1.20
C UNK I 806 33.53 -110.37 -0.28
N UNK I 807 34.65 -110.27 -0.99
CA UNK I 807 34.57 -110.06 -2.42
C UNK I 807 34.92 -111.37 -3.08
N UNK I 808 34.09 -111.74 -4.06
CA UNK I 808 34.21 -112.98 -4.82
C UNK I 808 34.66 -112.77 -6.25
N UNK I 809 34.99 -113.89 -6.87
CA UNK I 809 35.45 -113.92 -8.24
C UNK I 809 34.43 -114.70 -9.07
N UNK I 810 33.52 -113.99 -9.73
CA UNK I 810 32.53 -114.66 -10.59
C UNK I 810 33.41 -115.34 -11.63
N UNK I 811 32.87 -116.27 -12.41
CA UNK I 811 33.68 -116.95 -13.41
C UNK I 811 34.55 -118.03 -12.73
N UNK I 812 34.03 -118.46 -9.51
CA UNK I 812 33.00 -118.80 -8.52
C UNK I 812 33.58 -119.14 -7.15
N UNK I 813 34.66 -118.45 -6.79
CA UNK I 813 35.34 -118.68 -5.52
C UNK I 813 35.54 -117.40 -4.71
N UNK I 814 35.56 -117.50 -3.39
CA UNK I 814 35.79 -116.30 -2.60
C UNK I 814 37.27 -115.95 -2.77
N UNK I 815 37.55 -114.65 -2.85
CA UNK I 815 38.88 -114.13 -3.05
C UNK I 815 39.45 -113.46 -1.80
N UNK I 816 38.60 -112.76 -1.06
CA UNK I 816 39.08 -112.09 0.13
C UNK I 816 38.01 -111.86 1.16
N UNK I 817 38.43 -111.83 2.41
CA UNK I 817 37.53 -111.56 3.51
C UNK I 817 37.88 -110.16 3.97
N UNK I 818 36.89 -109.29 3.97
CA UNK I 818 37.11 -107.91 4.36
C UNK I 818 36.47 -107.65 5.71
N UNK I 819 37.29 -107.71 6.75
CA UNK I 819 36.80 -107.49 8.11
C UNK I 819 37.03 -106.04 8.48
N UNK I 820 35.94 -105.29 8.67
CA UNK I 820 36.09 -103.89 9.04
C UNK I 820 35.02 -103.35 9.96
N UNK I 821 33.85 -103.96 9.94
CA UNK I 821 32.74 -103.50 10.79
C UNK I 821 32.27 -104.58 11.76
N UNK I 822 31.66 -104.17 12.85
CA UNK I 822 31.11 -105.11 13.83
C UNK I 822 29.63 -104.75 14.03
N UNK I 823 29.37 -103.15 13.61
CA UNK I 823 28.05 -102.63 13.32
C UNK I 823 27.81 -102.93 11.85
N UNK I 824 26.56 -103.17 11.51
CA UNK I 824 26.13 -103.47 10.13
C UNK I 824 26.86 -102.86 8.95
N UNK I 825 27.24 -103.69 7.98
CA UNK I 825 27.99 -103.18 6.82
C UNK I 825 27.01 -103.11 5.65
N UNK I 826 26.73 -101.91 5.19
CA UNK I 826 25.77 -101.70 4.13
C UNK I 826 26.33 -101.88 2.73
N UNK I 827 27.54 -101.41 2.52
CA UNK I 827 28.12 -101.52 1.20
C UNK I 827 29.60 -101.85 1.24
N UNK I 828 30.13 -102.18 0.07
CA UNK I 828 31.52 -102.56 0.00
C UNK I 828 31.92 -102.66 -1.47
N UNK I 829 33.09 -102.16 -1.84
CA UNK I 829 33.49 -102.34 -3.22
C UNK I 829 34.95 -102.11 -3.54
N UNK I 830 35.37 -102.66 -4.68
CA UNK I 830 36.76 -102.56 -5.12
C UNK I 830 37.07 -101.24 -5.76
N UNK I 831 38.34 -100.88 -5.73
CA UNK I 831 38.81 -99.67 -6.38
C UNK I 831 38.71 -100.08 -7.84
N UNK I 832 38.89 -99.15 -8.76
CA UNK I 832 38.78 -99.56 -10.15
C UNK I 832 39.81 -100.60 -10.62
N UNK I 833 41.04 -100.53 -10.11
CA UNK I 833 42.05 -101.51 -10.53
C UNK I 833 41.97 -102.72 -9.63
N UNK I 834 40.95 -102.72 -8.77
CA UNK I 834 40.74 -103.82 -7.85
C UNK I 834 41.91 -104.03 -6.91
N UNK I 835 42.77 -103.03 -6.78
CA UNK I 835 43.92 -103.15 -5.92
C UNK I 835 43.51 -102.97 -4.47
N UNK I 836 42.38 -102.33 -4.25
CA UNK I 836 41.93 -102.12 -2.90
C UNK I 836 40.41 -102.07 -2.90
N UNK I 837 39.81 -102.07 -1.71
CA UNK I 837 38.35 -102.01 -1.59
C UNK I 837 37.96 -101.19 -0.36
N UNK I 838 36.72 -100.69 -0.37
CA UNK I 838 36.25 -99.89 0.76
C UNK I 838 35.09 -100.58 1.44
N UNK I 839 34.89 -100.25 2.70
CA UNK I 839 33.81 -100.83 3.50
C UNK I 839 32.96 -99.69 4.06
N UNK I 840 31.65 -99.76 3.88
CA UNK I 840 30.76 -98.70 4.40
C UNK I 840 29.77 -99.26 5.42
N UNK I 841 29.75 -98.70 6.63
CA UNK I 841 28.85 -99.25 7.63
C UNK I 841 28.02 -98.32 8.50
N UNK I 842 27.21 -98.98 9.33
CA UNK I 842 26.31 -98.35 10.26
C UNK I 842 27.07 -97.66 11.38
N UNK I 843 28.29 -98.09 11.63
CA UNK I 843 29.11 -97.47 12.67
C UNK I 843 29.62 -96.17 12.06
N UNK I 844 28.88 -95.69 11.06
CA UNK I 844 29.17 -94.47 10.33
C UNK I 844 30.61 -94.23 9.93
N UNK I 845 31.30 -95.30 9.56
CA UNK I 845 32.67 -95.14 9.12
C UNK I 845 32.82 -95.75 7.74
N UNK I 846 33.89 -95.37 7.08
CA UNK I 846 34.21 -95.88 5.75
C UNK I 846 35.67 -96.24 5.88
N UNK I 847 36.01 -97.48 5.59
CA UNK I 847 37.40 -97.91 5.70
C UNK I 847 37.97 -98.43 4.39
N UNK I 848 39.19 -98.03 4.07
CA UNK I 848 39.81 -98.48 2.85
C UNK I 848 40.82 -99.56 3.14
N UNK I 849 40.72 -100.64 2.38
CA UNK I 849 41.60 -101.78 2.55
C UNK I 849 42.36 -102.04 1.26
N UNK I 850 43.53 -102.65 1.38
CA UNK I 850 44.32 -103.01 0.22
C UNK I 850 44.24 -104.52 0.11
N UNK I 851 43.63 -105.00 -0.96
CA UNK I 851 43.42 -106.42 -1.22
C UNK I 851 44.64 -107.28 -0.95
N UNK I 852 45.72 -107.03 -1.68
CA UNK I 852 46.94 -107.80 -1.50
C UNK I 852 47.18 -108.11 -0.02
N UNK I 853 47.41 -107.07 0.77
CA UNK I 853 47.68 -107.22 2.20
C UNK I 853 46.59 -107.98 2.97
N UNK I 854 45.33 -107.84 2.56
CA UNK I 854 44.24 -108.52 3.26
C UNK I 854 44.18 -110.01 2.97
N UNK I 855 44.45 -110.39 1.72
CA UNK I 855 44.40 -111.79 1.31
C UNK I 855 45.57 -112.63 1.80
N UNK I 856 46.64 -111.98 2.22
CA UNK I 856 47.79 -112.71 2.71
C UNK I 856 47.33 -113.56 3.90
N UNK I 857 47.81 -114.80 3.91
CA UNK I 857 47.49 -115.72 4.98
C UNK I 857 48.04 -115.19 6.29
N UNK I 858 43.00 -120.44 8.84
CA UNK I 858 43.80 -120.05 9.99
C UNK I 858 43.01 -119.96 11.28
N UNK I 859 43.76 -120.00 12.37
CA UNK I 859 43.23 -119.94 13.72
C UNK I 859 43.12 -118.51 14.23
N UNK I 860 43.33 -117.55 13.34
CA UNK I 860 43.23 -116.18 13.80
C UNK I 860 41.79 -115.85 14.16
N UNK I 861 40.83 -116.33 13.38
CA UNK I 861 39.41 -116.09 13.68
C UNK I 861 38.69 -117.38 13.97
N UNK I 862 38.05 -117.44 15.13
CA UNK I 862 37.33 -118.64 15.52
C UNK I 862 35.91 -118.23 15.82
N UNK I 863 35.10 -119.22 16.17
CA UNK I 863 33.71 -119.00 16.54
C UNK I 863 33.78 -118.89 18.05
N UNK I 864 32.65 -118.65 18.70
CA UNK I 864 32.66 -118.54 20.15
C UNK I 864 32.47 -119.89 20.85
N UNK I 865 32.40 -120.95 20.05
CA UNK I 865 32.27 -122.28 20.59
C UNK I 865 33.67 -122.84 20.76
N UNK I 866 34.17 -122.76 22.00
CA UNK I 866 35.50 -123.24 22.33
C UNK I 866 35.54 -123.88 23.69
N UNK I 867 36.58 -124.65 23.95
CA UNK I 867 36.78 -125.27 25.25
C UNK I 867 38.26 -125.16 25.61
N UNK I 868 38.50 -124.84 26.88
CA UNK I 868 39.86 -124.64 27.39
C UNK I 868 40.29 -125.59 28.49
N UNK I 869 41.57 -125.95 28.47
CA UNK I 869 42.14 -126.84 29.48
C UNK I 869 43.43 -126.24 30.03
N UNK I 870 43.34 -125.70 31.25
CA UNK I 870 44.49 -125.09 31.91
C UNK I 870 45.38 -126.15 32.56
N UNK I 871 46.45 -126.55 31.86
CA UNK I 871 47.33 -127.57 32.40
C UNK I 871 48.67 -127.04 32.95
N UNK I 872 51.02 -124.58 30.99
CA UNK I 872 50.41 -123.92 29.82
C UNK I 872 48.88 -124.02 29.72
N UNK I 873 48.32 -123.31 28.74
CA UNK I 873 46.88 -123.30 28.49
C UNK I 873 46.57 -123.90 27.12
N UNK I 874 45.44 -124.62 27.04
CA UNK I 874 45.01 -125.26 25.80
C UNK I 874 43.60 -124.89 25.40
N UNK I 875 43.45 -124.40 24.17
CA UNK I 875 42.16 -124.01 23.65
C UNK I 875 41.82 -124.77 22.37
N UNK I 876 40.68 -125.45 22.37
CA UNK I 876 40.21 -126.19 21.21
C UNK I 876 39.05 -125.33 20.74
N UNK I 877 39.03 -124.98 19.47
CA UNK I 877 37.96 -124.12 19.00
C UNK I 877 37.39 -124.45 17.64
N UNK I 878 36.11 -124.16 17.47
CA UNK I 878 35.42 -124.37 16.21
C UNK I 878 35.86 -123.28 15.25
N UNK I 879 36.54 -123.64 14.16
CA UNK I 879 37.00 -122.63 13.22
C UNK I 879 35.85 -121.80 12.65
N UNK I 880 36.16 -120.55 12.31
CA UNK I 880 35.17 -119.63 11.76
C UNK I 880 34.62 -120.07 10.41
N UNK I 881 38.05 -127.24 13.32
CA UNK I 881 38.36 -126.73 14.63
C UNK I 881 39.86 -126.69 14.80
N UNK I 882 40.31 -125.75 15.63
CA UNK I 882 41.73 -125.54 15.88
C UNK I 882 42.15 -125.96 17.28
N UNK I 883 43.30 -126.62 17.36
CA UNK I 883 43.84 -127.02 18.64
C UNK I 883 44.88 -125.95 18.94
N UNK I 884 44.43 -124.88 19.61
CA UNK I 884 45.30 -123.75 19.95
C UNK I 884 45.96 -123.89 21.31
N UNK I 885 47.29 -123.86 21.31
CA UNK I 885 48.06 -123.96 22.53
C UNK I 885 48.53 -122.56 22.92
N UNK I 886 47.84 -121.92 23.86
CA UNK I 886 48.23 -120.59 24.29
C UNK I 886 49.64 -120.65 24.81
N UNK I 887 50.39 -119.56 24.74
CA UNK I 887 51.78 -119.56 25.20
C UNK I 887 52.55 -120.45 24.21
N UNK I 888 51.75 -122.98 18.06
CA UNK I 888 51.26 -124.35 17.92
C UNK I 888 49.76 -124.51 17.66
N UNK I 889 49.35 -124.17 16.45
CA UNK I 889 47.98 -124.28 16.03
C UNK I 889 47.86 -125.49 15.12
N UNK I 890 46.98 -126.42 15.50
CA UNK I 890 46.78 -127.63 14.72
C UNK I 890 45.34 -127.75 14.28
N UNK I 891 45.20 -127.80 12.95
CA UNK I 891 43.92 -127.86 12.28
C UNK I 891 43.42 -129.28 12.07
N UNK I 892 42.10 -129.40 12.21
CA UNK I 892 41.42 -130.67 12.03
C UNK I 892 40.19 -130.32 11.20
N UNK I 893 40.21 -130.64 9.90
CA UNK I 893 39.10 -130.35 9.02
C UNK I 893 37.86 -131.16 9.37
N UNK I 894 36.69 -130.68 8.97
CA UNK I 894 35.46 -131.41 9.26
C UNK I 894 34.22 -130.71 8.73
N UNK I 895 31.68 -128.22 12.18
CA UNK I 895 31.19 -128.64 13.47
C UNK I 895 30.34 -127.53 14.07
N UNK I 896 29.65 -127.85 15.16
CA UNK I 896 28.80 -126.87 15.83
C UNK I 896 29.19 -126.65 17.28
N UNK I 897 30.01 -127.55 17.81
CA UNK I 897 30.45 -127.42 19.19
C UNK I 897 31.68 -128.26 19.42
N UNK I 898 32.50 -127.83 20.37
CA UNK I 898 33.73 -128.54 20.63
C UNK I 898 33.75 -129.23 21.98
N UNK I 899 34.82 -129.97 22.24
CA UNK I 899 34.97 -130.71 23.48
C UNK I 899 36.38 -131.29 23.63
N UNK I 900 36.96 -131.11 24.82
CA UNK I 900 38.31 -131.63 25.09
C UNK I 900 38.29 -132.64 26.23
N UNK I 901 38.91 -133.78 26.02
CA UNK I 901 38.95 -134.82 27.04
C UNK I 901 40.13 -134.54 27.93
N UNK I 902 39.89 -134.29 29.23
CA UNK I 902 41.03 -134.03 30.11
C UNK I 902 42.11 -135.06 29.79
N UNK I 903 42.21 -136.85 23.10
CA UNK I 903 40.94 -137.00 22.39
C UNK I 903 40.21 -135.68 22.32
N UNK I 904 39.57 -135.40 21.19
CA UNK I 904 38.76 -134.19 21.04
C UNK I 904 37.45 -134.68 20.44
N UNK I 905 36.35 -134.07 20.82
CA UNK I 905 35.07 -134.49 20.29
C UNK I 905 34.30 -133.29 19.76
N UNK I 906 33.40 -133.51 18.81
CA UNK I 906 32.64 -132.38 18.31
C UNK I 906 31.23 -132.62 17.84
N UNK I 907 30.43 -131.56 17.95
CA UNK I 907 29.05 -131.59 17.53
C UNK I 907 28.97 -131.35 16.05
N UNK I 908 27.80 -131.58 15.48
CA UNK I 908 27.62 -131.42 14.05
C UNK I 908 26.31 -130.71 13.76
N UNK I 909 26.24 -130.07 12.61
CA UNK I 909 25.04 -129.33 12.22
C UNK I 909 23.87 -130.30 12.06
N UNK I 910 25.52 -135.24 13.96
CA UNK I 910 26.60 -136.21 14.11
C UNK I 910 27.52 -135.94 15.31
N UNK I 911 28.13 -137.01 15.82
CA UNK I 911 29.05 -136.92 16.95
C UNK I 911 30.33 -137.68 16.58
N UNK I 912 31.48 -137.09 16.85
CA UNK I 912 32.75 -137.75 16.51
C UNK I 912 33.87 -137.48 17.49
N UNK I 913 34.62 -138.53 17.82
CA UNK I 913 35.77 -138.38 18.70
C UNK I 913 36.96 -138.59 17.80
N UNK I 914 37.97 -137.74 17.94
CA UNK I 914 39.19 -137.88 17.17
C UNK I 914 40.26 -138.10 18.22
N UNK I 915 41.21 -138.97 17.94
CA UNK I 915 42.26 -139.20 18.92
C UNK I 915 43.54 -138.51 18.48
N UNK I 916 43.90 -137.47 19.24
CA UNK I 916 45.08 -136.67 18.97
C UNK I 916 46.41 -137.41 18.85
N UNK I 917 46.74 -138.28 19.83
CA UNK I 917 48.01 -139.00 19.73
C UNK I 917 48.26 -139.43 18.28
N UNK I 918 47.18 -139.75 17.60
CA UNK I 918 47.26 -140.17 16.21
C UNK I 918 46.90 -139.03 15.26
N UNK I 919 42.75 -141.47 13.03
CA UNK I 919 41.80 -142.49 13.47
C UNK I 919 40.81 -141.93 14.49
N UNK I 920 39.53 -142.01 14.16
CA UNK I 920 38.47 -141.49 15.02
C UNK I 920 37.25 -142.38 14.86
N UNK I 921 36.11 -141.93 15.38
CA UNK I 921 34.93 -142.76 15.55
C UNK I 921 33.64 -141.92 15.41
N UNK I 922 32.54 -142.56 15.02
CA UNK I 922 31.26 -141.87 14.84
C UNK I 922 30.08 -142.55 15.52
N UNK I 923 29.65 -142.01 16.65
CA UNK I 923 28.55 -142.59 17.38
C UNK I 923 27.19 -142.08 16.97
N UNK I 924 26.47 -142.88 16.17
CA UNK I 924 25.13 -142.56 15.65
C UNK I 924 24.00 -142.01 16.55
N UNK I 925 24.36 -129.18 20.38
CA UNK I 925 24.66 -128.03 21.23
C UNK I 925 25.80 -128.33 22.19
N UNK I 926 25.52 -128.39 23.48
CA UNK I 926 26.57 -128.69 24.45
C UNK I 926 27.10 -130.11 24.20
N UNK I 927 28.36 -130.40 24.57
CA UNK I 927 28.96 -131.74 24.40
C UNK I 927 30.17 -131.95 25.30
N UNK I 928 30.14 -132.94 26.17
CA UNK I 928 31.26 -133.14 27.10
C UNK I 928 31.66 -134.59 27.35
N UNK I 929 32.89 -134.76 27.82
CA UNK I 929 33.43 -136.09 28.15
C UNK I 929 33.14 -136.35 29.62
N UNK I 930 33.20 -137.60 30.03
CA UNK I 930 32.94 -137.95 31.42
C UNK I 930 34.22 -137.65 32.17
N UNK I 931 34.16 -137.64 33.51
CA UNK I 931 35.35 -137.38 34.31
C UNK I 931 36.52 -138.15 33.67
N UNK I 932 30.57 -140.02 26.33
CA UNK I 932 30.34 -138.65 25.87
C UNK I 932 28.92 -138.16 26.02
N UNK I 933 28.66 -137.36 27.03
CA UNK I 933 27.31 -136.81 27.18
C UNK I 933 27.15 -135.67 26.17
N UNK I 934 26.01 -135.60 25.53
CA UNK I 934 25.76 -134.57 24.55
C UNK I 934 24.30 -134.24 24.44
N UNK I 935 24.00 -132.98 24.18
CA UNK I 935 22.63 -132.54 24.04
C UNK I 935 22.45 -131.81 22.72
N UNK I 936 21.21 -131.76 22.29
CA UNK I 936 20.84 -131.08 21.07
C UNK I 936 19.59 -130.26 21.36
N UNK I 937 18.92 -129.87 20.30
CA UNK I 937 17.77 -128.99 20.39
C UNK I 937 16.45 -129.75 20.59
N UNK I 938 16.52 -130.88 21.28
CA UNK I 938 15.34 -131.68 21.58
C UNK I 938 15.45 -132.16 23.03
N UNK I 939 14.53 -133.01 23.50
CA UNK I 939 14.53 -133.45 24.91
C UNK I 939 15.36 -134.66 25.37
N UNK I 940 16.14 -135.26 24.49
CA UNK I 940 16.94 -136.41 24.91
C UNK I 940 18.40 -136.00 25.11
N UNK I 941 19.10 -136.66 26.03
CA UNK I 941 20.52 -136.38 26.25
C UNK I 941 21.35 -137.64 26.02
N UNK I 942 21.97 -137.74 24.85
CA UNK I 942 22.78 -138.91 24.52
C UNK I 942 23.98 -139.17 25.42
N UNK I 943 24.03 -140.38 26.00
CA UNK I 943 25.15 -140.77 26.85
C UNK I 943 25.87 -141.93 26.17
N UNK I 944 26.63 -141.59 25.13
CA UNK I 944 27.37 -142.56 24.33
C UNK I 944 28.68 -142.99 24.93
N UNK I 945 28.63 -144.12 25.63
CA UNK I 945 29.82 -144.66 26.24
C UNK I 945 30.63 -145.31 25.11
N UNK I 946 31.27 -144.45 24.29
CA UNK I 946 32.08 -144.92 23.17
C UNK I 946 33.12 -145.91 23.71
N UNK I 947 28.08 -148.77 23.63
CA UNK I 947 26.88 -148.71 24.46
C UNK I 947 26.28 -147.32 24.44
N UNK I 948 24.98 -147.24 24.72
CA UNK I 948 24.28 -145.96 24.76
C UNK I 948 23.30 -145.94 25.90
N UNK I 949 23.17 -144.77 26.51
CA UNK I 949 22.23 -144.59 27.59
C UNK I 949 21.51 -143.32 27.18
N UNK I 950 20.19 -143.41 27.03
CA UNK I 950 19.40 -142.27 26.62
C UNK I 950 18.59 -141.71 27.78
N UNK I 951 18.48 -140.40 27.83
CA UNK I 951 17.73 -139.75 28.90
C UNK I 951 16.56 -138.99 28.30
N UNK I 952 15.42 -139.66 28.17
CA UNK I 952 14.23 -139.04 27.59
C UNK I 952 13.58 -138.15 28.62
N UNK I 953 14.07 -136.92 28.67
CA UNK I 953 13.58 -135.92 29.61
C UNK I 953 12.12 -135.62 29.34
N UNK I 954 11.70 -135.86 28.11
CA UNK I 954 10.32 -135.61 27.70
C UNK I 954 9.98 -134.14 27.99
N UNK I 955 11.07 -130.17 26.92
CA UNK I 955 10.79 -129.56 25.62
C UNK I 955 12.10 -129.56 24.85
N UNK I 956 13.15 -129.09 25.53
CA UNK I 956 14.51 -129.04 24.97
C UNK I 956 15.45 -128.82 26.14
N UNK I 957 16.53 -129.58 26.15
CA UNK I 957 17.52 -129.44 27.20
C UNK I 957 18.24 -128.13 26.95
N UNK I 958 18.04 -127.16 27.83
CA UNK I 958 18.68 -125.86 27.69
C UNK I 958 20.18 -126.14 27.72
N UNK I 959 20.61 -126.89 28.73
CA UNK I 959 22.00 -127.27 28.87
C UNK I 959 22.17 -128.26 30.01
N UNK I 960 23.39 -128.68 30.26
CA UNK I 960 23.65 -129.64 31.31
C UNK I 960 25.08 -129.55 31.75
N UNK I 961 25.44 -130.36 32.73
CA UNK I 961 26.80 -130.39 33.23
C UNK I 961 27.03 -131.63 34.11
N UNK I 962 28.20 -132.23 33.96
CA UNK I 962 28.54 -133.41 34.74
C UNK I 962 28.35 -133.10 36.21
N UNK I 963 28.37 -134.14 37.04
CA UNK I 963 28.20 -133.94 38.47
C UNK I 963 29.08 -134.94 39.23
N UNK I 964 29.05 -140.05 38.55
CA UNK I 964 28.24 -140.48 37.42
C UNK I 964 26.85 -139.86 37.39
N UNK I 965 26.60 -138.93 38.31
CA UNK I 965 25.31 -138.23 38.36
C UNK I 965 25.46 -137.02 37.43
N UNK I 966 24.37 -136.56 36.81
CA UNK I 966 24.44 -135.42 35.89
C UNK I 966 23.25 -134.46 35.99
N UNK I 967 23.55 -133.20 36.29
CA UNK I 967 22.55 -132.15 36.43
C UNK I 967 22.05 -131.65 35.06
N UNK I 968 20.74 -131.51 34.92
CA UNK I 968 20.18 -131.06 33.65
C UNK I 968 18.96 -130.16 33.79
N UNK I 969 18.90 -129.15 32.92
CA UNK I 969 17.80 -128.18 32.92
C UNK I 969 17.33 -127.91 31.51
N UNK I 970 16.02 -127.94 31.33
CA UNK I 970 15.41 -127.69 30.03
C UNK I 970 14.73 -126.37 30.22
N UNK I 971 14.10 -125.84 29.18
CA UNK I 971 13.41 -124.60 29.37
C UNK I 971 11.93 -124.83 29.55
N UNK I 972 11.64 -125.58 30.62
CA UNK I 972 10.31 -125.93 31.07
C UNK I 972 10.31 -125.77 32.59
N UNK I 973 11.24 -124.95 33.07
CA UNK I 973 11.38 -124.66 34.48
C UNK I 973 11.91 -125.85 35.27
N UNK I 974 12.04 -126.97 34.57
CA UNK I 974 12.50 -128.19 35.20
C UNK I 974 14.01 -128.35 35.22
N UNK I 975 14.49 -128.95 36.32
CA UNK I 975 15.90 -129.23 36.54
C UNK I 975 15.91 -130.66 37.04
N UNK I 976 16.67 -131.53 36.42
CA UNK I 976 16.68 -132.91 36.87
C UNK I 976 18.07 -133.36 37.28
N UNK I 977 18.15 -134.51 37.97
CA UNK I 977 19.43 -135.08 38.42
C UNK I 977 19.59 -136.52 37.94
N UNK I 978 19.80 -136.71 36.64
CA UNK I 978 19.96 -138.04 36.06
C UNK I 978 21.15 -138.80 36.58
N UNK I 979 21.11 -140.12 36.36
CA UNK I 979 22.18 -141.01 36.75
C UNK I 979 22.64 -141.63 35.44
N UNK I 980 23.91 -141.52 35.11
CA UNK I 980 24.38 -142.15 33.88
C UNK I 980 24.54 -143.62 34.23
N UNK I 981 18.28 -142.88 34.87
CA UNK I 981 17.22 -142.81 35.85
C UNK I 981 17.14 -141.46 36.54
N UNK I 982 16.00 -140.81 36.38
CA UNK I 982 15.74 -139.51 36.96
C UNK I 982 15.59 -139.58 38.46
N UNK I 983 16.73 -139.52 39.17
CA UNK I 983 16.69 -139.56 40.61
C UNK I 983 15.85 -138.38 41.11
N UNK I 984 16.32 -137.16 40.86
CA UNK I 984 15.61 -135.96 41.27
C UNK I 984 14.95 -135.23 40.11
N UNK I 985 13.89 -134.49 40.40
CA UNK I 985 13.15 -133.74 39.38
C UNK I 985 12.44 -132.55 40.04
N UNK I 986 12.81 -131.33 39.65
CA UNK I 986 12.20 -130.11 40.18
C UNK I 986 11.52 -129.29 39.10
N UNK I 987 10.62 -128.41 39.52
CA UNK I 987 9.93 -127.51 38.60
C UNK I 987 10.13 -126.14 39.28
N UNK I 988 11.41 -125.75 39.35
CA UNK I 988 11.84 -124.51 39.99
C UNK I 988 11.57 -123.16 39.30
N UNK I 989 10.93 -123.18 38.13
CA UNK I 989 10.60 -121.95 37.42
C UNK I 989 9.45 -122.23 36.46
N UNK I 990 8.64 -121.21 36.19
CA UNK I 990 7.51 -121.40 35.27
C UNK I 990 7.88 -121.01 33.85
N UNK I 991 20.83 -120.38 33.16
CA UNK I 991 22.01 -121.04 33.71
C UNK I 991 21.79 -121.34 35.19
N UNK I 992 22.49 -122.35 35.70
CA UNK I 992 22.35 -122.74 37.09
C UNK I 992 23.57 -123.57 37.44
N UNK I 993 24.20 -123.29 38.58
CA UNK I 993 25.40 -124.03 38.97
C UNK I 993 25.29 -124.67 40.33
N UNK I 994 26.27 -125.50 40.65
CA UNK I 994 26.31 -126.21 41.93
C UNK I 994 27.25 -125.48 42.88
N UNK I 995 27.13 -125.82 44.16
CA UNK I 995 27.95 -125.21 45.20
C UNK I 995 29.32 -125.87 45.26
N UNK I 996 27.79 -129.99 47.95
CA UNK I 996 26.85 -130.02 46.85
C UNK I 996 25.53 -129.79 47.50
N UNK I 997 25.57 -129.50 48.80
CA UNK I 997 24.36 -129.26 49.56
C UNK I 997 23.51 -128.25 48.79
N UNK I 998 24.16 -127.40 48.02
CA UNK I 998 23.46 -126.36 47.26
C UNK I 998 23.71 -126.39 45.75
N UNK I 999 22.68 -126.04 44.98
CA UNK I 999 22.77 -125.98 43.52
C UNK I 999 21.63 -125.07 43.06
N UNK I 1000 21.96 -123.82 42.73
CA UNK I 1000 20.91 -122.89 42.34
C UNK I 1000 20.74 -122.66 40.86
N UNK I 1001 19.61 -122.02 40.54
CA UNK I 1001 19.20 -121.70 39.18
C UNK I 1001 19.13 -120.22 38.91
N UNK I 1002 18.69 -119.90 37.70
CA UNK I 1002 18.54 -118.53 37.22
C UNK I 1002 17.67 -118.71 35.99
N UNK I 1003 16.60 -117.93 35.86
CA UNK I 1003 15.75 -118.12 34.69
C UNK I 1003 14.69 -117.07 34.53
N UNK I 1004 13.97 -114.50 38.52
CA UNK I 1004 14.89 -114.36 39.64
C UNK I 1004 15.90 -115.50 39.65
N UNK I 1005 16.51 -115.73 40.81
CA UNK I 1005 17.49 -116.79 40.99
C UNK I 1005 17.15 -117.63 42.20
N UNK I 1006 16.23 -118.58 42.02
CA UNK I 1006 15.80 -119.48 43.09
C UNK I 1006 16.93 -120.46 43.40
N UNK I 1007 17.35 -120.50 44.66
CA UNK I 1007 18.43 -121.36 45.11
C UNK I 1007 17.94 -122.48 46.02
N UNK I 1008 18.39 -123.72 45.80
CA UNK I 1008 17.97 -124.83 46.65
C UNK I 1008 19.03 -125.86 47.08
N UNK I 1009 18.53 -126.97 47.66
CA UNK I 1009 19.39 -128.05 48.22
C UNK I 1009 19.28 -129.48 47.65
N UNK I 1010 14.77 -122.91 48.49
CA UNK I 1010 15.11 -122.38 49.81
C UNK I 1010 14.62 -120.94 49.88
N UNK I 1011 14.91 -120.14 48.85
CA UNK I 1011 14.43 -118.75 48.81
C UNK I 1011 14.54 -118.04 47.46
N UNK I 1012 13.42 -117.45 47.03
CA UNK I 1012 13.34 -116.72 45.77
C UNK I 1012 14.02 -115.35 45.91
N UNK I 1013 14.93 -115.03 44.99
CA UNK I 1013 15.69 -113.77 45.00
C UNK I 1013 15.24 -112.82 43.88
N UNK I 1014 14.06 -112.23 44.03
CA UNK I 1014 13.52 -111.34 43.00
C UNK I 1014 14.20 -109.97 42.90
N UNK I 1015 15.53 -109.96 42.85
CA UNK I 1015 16.26 -108.72 42.77
C UNK I 1015 16.33 -108.09 41.37
N UNK I 1016 16.92 -108.81 40.43
CA UNK I 1016 17.09 -108.33 39.06
C UNK I 1016 15.81 -107.89 38.34
N UNK I 1017 15.91 -106.79 37.61
CA UNK I 1017 14.77 -106.27 36.86
C UNK I 1017 14.87 -106.69 35.41
N UNK I 1018 16.38 -109.71 34.27
CA UNK I 1018 16.24 -111.17 34.21
C UNK I 1018 17.59 -111.89 34.26
N UNK I 1019 17.76 -112.75 35.25
CA UNK I 1019 19.03 -113.45 35.42
C UNK I 1019 19.38 -114.32 34.22
N UNK I 1020 20.68 -114.47 33.99
CA UNK I 1020 21.17 -115.26 32.87
C UNK I 1020 22.38 -116.09 33.25
N UNK I 1021 22.88 -115.91 34.45
CA UNK I 1021 24.04 -116.67 34.92
C UNK I 1021 24.23 -116.52 36.41
N UNK I 1022 25.12 -117.31 37.00
CA UNK I 1022 25.40 -117.24 38.43
C UNK I 1022 26.46 -118.24 38.86
N UNK I 1023 27.00 -118.01 40.04
CA UNK I 1023 28.03 -118.89 40.60
C UNK I 1023 28.09 -118.79 42.11
N UNK I 1024 28.59 -119.84 42.73
CA UNK I 1024 28.71 -119.89 44.18
C UNK I 1024 30.14 -119.59 44.59
N UNK I 1025 30.31 -118.83 45.67
CA UNK I 1025 31.64 -118.51 46.15
C UNK I 1025 32.27 -119.85 46.50
N UNK I 1026 33.56 -120.00 46.23
CA UNK I 1026 34.25 -121.26 46.52
C UNK I 1026 34.10 -121.55 48.02
N UNK I 1027 28.32 -116.97 49.22
CA UNK I 1027 27.72 -116.05 48.26
C UNK I 1027 27.35 -116.69 46.93
N UNK I 1028 26.38 -116.07 46.29
CA UNK I 1028 25.89 -116.51 45.00
C UNK I 1028 25.62 -115.25 44.18
N UNK I 1029 26.53 -114.97 43.24
CA UNK I 1029 26.42 -113.81 42.36
C UNK I 1029 25.58 -114.19 41.14
N UNK I 1030 24.68 -113.30 40.76
CA UNK I 1030 23.82 -113.56 39.62
C UNK I 1030 23.92 -112.56 38.49
N UNK I 1031 23.84 -113.08 37.26
CA UNK I 1031 23.96 -112.25 36.07
C UNK I 1031 22.65 -111.73 35.51
N UNK I 1032 22.57 -110.41 35.42
CA UNK I 1032 21.39 -109.72 34.92
C UNK I 1032 21.45 -109.54 33.41
N UNK I 1033 20.28 -109.58 32.79
CA UNK I 1033 20.15 -109.43 31.35
C UNK I 1033 20.42 -107.96 30.98
N UNK I 1034 20.50 -107.10 31.99
CA UNK I 1034 20.75 -105.69 31.76
C UNK I 1034 21.99 -105.22 32.50
N UNK I 1035 23.09 -105.90 32.28
CA UNK I 1035 24.34 -105.53 32.91
C UNK I 1035 24.34 -105.41 34.41
N UNK I 1036 23.22 -105.74 35.05
CA UNK I 1036 23.14 -105.66 36.51
C UNK I 1036 23.76 -106.93 37.07
N UNK I 1037 24.05 -106.94 38.36
CA UNK I 1037 24.65 -108.11 38.96
C UNK I 1037 24.51 -107.74 40.42
N UNK I 1038 23.74 -108.55 41.15
CA UNK I 1038 23.65 -108.47 42.60
C UNK I 1038 24.37 -109.65 43.22
N UNK I 1039 24.94 -109.42 44.39
CA UNK I 1039 25.61 -110.48 45.12
C UNK I 1039 24.60 -110.88 46.18
N UNK I 1040 24.43 -112.17 46.40
CA UNK I 1040 23.50 -112.65 47.42
C UNK I 1040 24.31 -113.51 48.40
N UNK I 1041 23.72 -113.81 49.56
CA UNK I 1041 24.42 -114.61 50.57
C UNK I 1041 23.80 -115.98 50.85
N UNK I 1042 24.73 -107.13 48.47
CA UNK I 1042 24.95 -105.87 47.76
C UNK I 1042 24.76 -106.03 46.25
N UNK I 1043 24.23 -105.00 45.61
CA UNK I 1043 24.00 -105.03 44.17
C UNK I 1043 25.00 -104.24 43.30
N UNK I 1044 26.28 -104.56 43.41
CA UNK I 1044 27.30 -103.88 42.61
C UNK I 1044 26.99 -104.09 41.14
N UNK I 1045 26.43 -103.08 40.48
CA UNK I 1045 26.08 -103.21 39.06
C UNK I 1045 25.85 -101.91 38.28
N UNK I 1046 26.92 -101.16 37.98
CA UNK I 1046 26.82 -99.90 37.23
C UNK I 1046 26.39 -100.09 35.76
N UNK I 1047 24.01 -107.35 28.50
CA UNK I 1047 24.03 -108.67 29.11
C UNK I 1047 25.21 -108.83 30.06
N UNK I 1048 25.19 -109.94 30.80
CA UNK I 1048 26.23 -110.35 31.74
C UNK I 1048 26.11 -111.86 31.67
N UNK I 1049 26.78 -112.45 30.69
CA UNK I 1049 26.68 -113.87 30.48
C UNK I 1049 27.59 -114.77 31.31
N UNK I 1050 28.14 -114.27 32.41
CA UNK I 1050 29.02 -115.13 33.18
C UNK I 1050 29.62 -114.45 34.41
N UNK I 1051 29.92 -115.25 35.43
CA UNK I 1051 30.55 -114.77 36.66
C UNK I 1051 31.41 -115.89 37.23
N UNK I 1052 32.21 -115.56 38.22
CA UNK I 1052 33.09 -116.55 38.85
C UNK I 1052 33.73 -115.83 40.02
N UNK I 1053 33.64 -116.43 41.20
CA UNK I 1053 34.34 -115.92 42.35
C UNK I 1053 35.77 -116.41 42.26
N UNK I 1054 36.65 -115.78 43.03
CA UNK I 1054 38.06 -116.15 43.05
C UNK I 1054 38.25 -117.17 44.18
N UNK I 1055 39.39 -117.87 44.19
CA UNK I 1055 39.51 -118.82 45.30
C UNK I 1055 39.29 -118.02 46.59
N UNK I 1056 40.12 -117.00 46.81
CA UNK I 1056 40.05 -116.13 47.98
C UNK I 1056 38.63 -115.67 48.37
N UNK I 1057 37.66 -115.89 47.49
CA UNK I 1057 36.27 -115.51 47.75
C UNK I 1057 36.11 -113.99 47.96
N UNK I 1058 36.96 -113.21 47.31
CA UNK I 1058 36.92 -111.75 47.44
C UNK I 1058 36.73 -111.00 46.11
N UNK I 1059 37.41 -111.47 45.06
CA UNK I 1059 37.33 -110.86 43.74
C UNK I 1059 36.36 -111.63 42.84
N UNK I 1060 35.38 -110.92 42.31
CA UNK I 1060 34.40 -111.54 41.41
C UNK I 1060 34.68 -111.08 39.98
N UNK I 1061 34.92 -112.03 39.07
CA UNK I 1061 35.19 -111.70 37.67
C UNK I 1061 33.87 -111.78 36.89
N UNK I 1062 33.66 -110.81 36.01
CA UNK I 1062 32.44 -110.72 35.22
C UNK I 1062 32.71 -110.64 33.72
N UNK I 1063 31.76 -111.12 32.91
CA UNK I 1063 31.90 -111.09 31.46
C UNK I 1063 30.57 -110.93 30.77
N UNK I 1064 32.04 -107.07 27.89
CA UNK I 1064 33.48 -107.05 28.15
C UNK I 1064 33.72 -107.61 29.54
N UNK I 1065 34.99 -107.90 29.84
CA UNK I 1065 35.35 -108.42 31.15
C UNK I 1065 35.35 -107.26 32.15
N UNK I 1066 35.22 -107.56 33.44
CA UNK I 1066 35.17 -106.50 34.45
C UNK I 1066 35.28 -107.16 35.81
N UNK I 1067 36.33 -106.84 36.55
CA UNK I 1067 36.54 -107.39 37.89
C UNK I 1067 35.91 -106.53 38.97
N UNK I 1068 35.56 -107.13 40.11
CA UNK I 1068 34.95 -106.40 41.22
C UNK I 1068 35.55 -106.69 42.60
N UNK I 1069 34.97 -106.06 43.61
CA UNK I 1069 35.40 -106.18 45.00
C UNK I 1069 34.23 -106.59 45.88
N UNK I 1070 34.30 -107.78 46.47
CA UNK I 1070 33.25 -108.29 47.34
C UNK I 1070 32.90 -107.27 48.43
N UNK I 1071 38.65 -104.29 27.91
CA UNK I 1071 37.68 -104.03 26.89
C UNK I 1071 38.16 -104.85 25.69
N UNK I 1072 37.32 -105.75 25.23
CA UNK I 1072 37.65 -106.57 24.08
C UNK I 1072 37.07 -105.85 22.87
N UNK I 1073 37.76 -105.93 21.73
CA UNK I 1073 37.28 -105.31 20.50
C UNK I 1073 35.78 -105.60 20.33
N UNK I 1074 35.43 -106.89 20.45
CA UNK I 1074 34.05 -107.28 20.31
C UNK I 1074 33.31 -107.38 21.63
N UNK I 1075 32.03 -107.71 21.54
CA UNK I 1075 31.20 -107.83 22.73
C UNK I 1075 30.51 -109.18 22.75
N UNK I 1076 29.44 -109.23 23.54
CA UNK I 1076 28.63 -110.42 23.70
C UNK I 1076 29.49 -111.64 23.89
N UNK I 1077 30.25 -111.63 24.98
CA UNK I 1077 31.08 -112.77 25.29
C UNK I 1077 30.13 -113.79 25.90
N UNK I 1078 30.60 -115.00 26.14
CA UNK I 1078 29.79 -116.02 26.79
C UNK I 1078 30.15 -116.54 28.17
N UNK I 1079 31.14 -117.45 28.21
CA UNK I 1079 31.61 -118.01 29.46
C UNK I 1079 33.10 -117.75 29.58
N UNK I 1080 33.49 -117.02 30.61
CA UNK I 1080 34.88 -116.57 30.71
C UNK I 1080 35.56 -117.75 31.38
N UNK I 1081 36.69 -118.18 30.86
CA UNK I 1081 37.39 -119.31 31.49
C UNK I 1081 38.49 -118.89 32.43
N UNK I 1082 38.17 -118.74 33.71
CA UNK I 1082 39.18 -118.37 34.71
C UNK I 1082 39.94 -119.66 34.98
N UNK I 1083 41.03 -119.58 35.72
CA UNK I 1083 41.79 -120.79 36.01
C UNK I 1083 41.98 -120.97 37.51
N UNK I 1084 42.74 -122.00 37.92
CA UNK I 1084 42.97 -122.21 39.35
C UNK I 1084 43.58 -120.98 40.02
N UNK I 1085 44.80 -120.63 39.60
CA UNK I 1085 45.51 -119.48 40.12
C UNK I 1085 44.79 -118.15 39.95
N UNK I 1086 43.70 -118.13 39.18
CA UNK I 1086 42.94 -116.90 38.92
C UNK I 1086 43.88 -115.88 38.31
N UNK I 1087 44.87 -116.38 37.58
CA UNK I 1087 45.91 -115.57 36.96
C UNK I 1087 46.02 -115.83 35.46
N UNK I 1088 44.94 -116.36 34.87
CA UNK I 1088 44.89 -116.66 33.44
C UNK I 1088 43.42 -116.66 33.04
N UNK I 1089 43.11 -116.05 31.89
CA UNK I 1089 41.72 -116.01 31.44
C UNK I 1089 41.66 -116.25 29.94
N UNK I 1090 40.58 -116.88 29.49
CA UNK I 1090 40.41 -117.15 28.07
C UNK I 1090 38.97 -116.89 27.66
N UNK I 1091 38.80 -116.22 26.53
CA UNK I 1091 37.46 -115.94 26.05
C UNK I 1091 37.48 -115.66 24.56
N UNK I 1092 36.31 -115.41 24.00
CA UNK I 1092 36.21 -115.16 22.57
C UNK I 1092 35.02 -114.27 22.29
N UNK I 1093 35.28 -113.12 21.66
CA UNK I 1093 34.22 -112.15 21.34
C UNK I 1093 33.59 -112.45 20.00
N UNK I 1094 32.43 -111.86 19.73
CA UNK I 1094 31.75 -112.10 18.46
C UNK I 1094 32.55 -111.62 17.26
N UNK I 1095 33.76 -111.16 17.50
CA UNK I 1095 34.60 -110.75 16.40
C UNK I 1095 35.51 -111.94 16.11
N UNK I 1096 35.26 -113.03 16.83
CA UNK I 1096 36.03 -114.25 16.62
C UNK I 1096 37.48 -114.12 17.06
N UNK I 1097 37.72 -113.19 17.96
CA UNK I 1097 39.06 -112.97 18.45
C UNK I 1097 39.27 -113.80 19.72
N UNK I 1098 40.38 -114.54 19.75
CA UNK I 1098 40.70 -115.39 20.89
C UNK I 1098 41.55 -114.68 21.96
N UNK I 1099 40.91 -114.26 23.04
CA UNK I 1099 41.64 -113.59 24.12
C UNK I 1099 42.14 -114.56 25.19
N UNK I 1100 43.46 -114.66 25.31
CA UNK I 1100 44.07 -115.48 26.34
C UNK I 1100 44.85 -114.49 27.23
N UNK I 1101 44.16 -113.92 28.21
CA UNK I 1101 44.76 -112.95 29.11
C UNK I 1101 45.48 -113.64 30.27
N UNK I 1102 46.36 -112.92 30.95
CA UNK I 1102 47.12 -113.51 32.06
C UNK I 1102 47.85 -112.49 32.91
N TYR J 10 -19.26 36.48 26.82
CA TYR J 10 -20.40 35.71 27.30
C TYR J 10 -21.21 36.54 28.26
N GLN J 11 -21.83 35.91 29.25
CA GLN J 11 -22.68 36.66 30.19
C GLN J 11 -22.56 36.13 31.60
N TYR J 12 -22.51 37.04 32.57
CA TYR J 12 -22.46 36.66 33.98
C TYR J 12 -23.63 35.83 34.47
N LYS J 13 -24.82 36.20 34.06
CA LYS J 13 -25.99 35.51 34.54
C LYS J 13 -26.03 34.05 34.12
N ASP J 14 -25.70 33.76 32.87
CA ASP J 14 -25.66 32.40 32.40
C ASP J 14 -24.60 31.56 33.10
N ILE J 15 -23.46 32.16 33.34
CA ILE J 15 -22.33 31.43 33.88
C ILE J 15 -22.71 30.86 35.23
N LEU J 16 -23.50 31.61 35.99
CA LEU J 16 -23.65 31.37 37.42
C LEU J 16 -24.14 30.00 37.74
N SER J 17 -25.17 29.62 37.03
CA SER J 17 -25.88 28.37 37.32
C SER J 17 -24.95 27.17 37.31
N VAL J 18 -23.89 27.27 36.51
CA VAL J 18 -22.90 26.22 36.37
C VAL J 18 -22.39 25.71 37.71
N PHE J 19 -21.77 26.58 38.49
CA PHE J 19 -21.17 26.16 39.74
C PHE J 19 -22.12 26.45 40.89
N GLU J 20 -23.38 26.11 40.70
CA GLU J 20 -24.36 26.14 41.78
C GLU J 20 -24.06 25.00 42.74
N ASP J 21 -23.57 23.87 42.21
CA ASP J 21 -23.13 22.73 43.01
C ASP J 21 -22.28 23.17 44.21
N ALA J 22 -21.38 24.12 43.95
CA ALA J 22 -20.49 24.67 44.98
C ALA J 22 -21.27 25.60 45.92
N PHE J 23 -22.07 26.49 45.35
CA PHE J 23 -22.80 27.49 46.12
C PHE J 23 -23.64 26.91 47.27
N VAL J 24 -24.04 25.66 47.14
CA VAL J 24 -24.73 24.94 48.22
C VAL J 24 -23.76 24.47 49.26
N ASP J 25 -22.61 24.05 48.76
CA ASP J 25 -21.58 23.52 49.61
C ASP J 25 -21.08 24.52 50.65
N ASN J 26 -20.75 25.75 50.25
CA ASN J 26 -20.33 26.71 51.27
C ASN J 26 -21.07 28.05 51.46
N PHE J 27 -21.63 28.61 50.39
CA PHE J 27 -22.29 29.90 50.52
C PHE J 27 -23.50 29.73 51.38
N ASP J 28 -23.77 30.71 52.23
CA ASP J 28 -25.09 30.88 52.81
C ASP J 28 -25.61 32.30 52.78
N CYS J 29 -26.81 32.48 52.21
CA CYS J 29 -27.43 33.80 52.24
C CYS J 29 -27.86 34.29 53.61
N LYS J 30 -28.55 33.43 54.34
CA LYS J 30 -29.25 33.81 55.56
C LYS J 30 -28.34 34.66 56.44
N ASP J 31 -27.17 34.15 56.73
CA ASP J 31 -26.18 34.94 57.45
C ASP J 31 -25.81 36.08 56.54
N VAL J 32 -25.73 35.73 55.27
CA VAL J 32 -24.89 36.37 54.27
C VAL J 32 -25.51 37.56 53.57
N GLN J 33 -25.79 38.63 54.32
CA GLN J 33 -26.37 39.80 53.67
C GLN J 33 -26.14 41.16 54.29
N ASP J 34 -25.32 41.96 53.62
CA ASP J 34 -25.50 43.38 53.41
C ASP J 34 -26.76 43.46 52.55
N MET J 35 -26.84 42.54 51.59
CA MET J 35 -27.94 42.48 50.64
C MET J 35 -28.20 43.76 49.86
N PRO J 36 -27.10 44.29 49.17
CA PRO J 36 -27.33 45.68 48.71
C PRO J 36 -28.51 45.77 47.78
N LYS J 37 -29.33 46.75 48.10
CA LYS J 37 -30.75 46.74 47.88
C LYS J 37 -31.04 46.59 46.42
N SER J 38 -30.24 47.24 45.59
CA SER J 38 -30.43 47.12 44.14
C SER J 38 -30.02 45.79 43.47
N ILE J 39 -28.85 45.23 43.77
CA ILE J 39 -28.54 43.88 43.29
C ILE J 39 -29.64 42.87 43.68
N LEU J 40 -29.95 42.80 44.97
CA LEU J 40 -31.04 41.95 45.44
C LEU J 40 -32.06 42.76 46.25
N SER J 41 -33.34 42.49 46.03
CA SER J 41 -34.41 43.18 46.76
C SER J 41 -34.24 42.94 48.26
N LYS J 42 -35.08 43.60 49.08
CA LYS J 42 -34.89 43.51 50.52
C LYS J 42 -35.80 42.41 51.06
N GLU J 43 -36.95 42.23 50.41
CA GLU J 43 -37.85 41.11 50.69
C GLU J 43 -37.22 39.80 50.23
N GLU J 44 -36.78 39.79 48.98
CA GLU J 44 -36.21 38.60 48.37
C GLU J 44 -35.00 38.09 49.14
N ILE J 45 -34.18 39.03 49.57
CA ILE J 45 -33.22 38.77 50.58
C ILE J 45 -34.04 38.35 51.79
N ASP J 46 -35.17 39.02 51.94
CA ASP J 46 -36.05 38.72 53.03
C ASP J 46 -36.52 37.30 52.83
N HIS J 47 -36.94 36.99 51.61
CA HIS J 47 -37.53 35.70 51.36
C HIS J 47 -36.56 34.55 51.56
N ILE J 48 -35.39 34.68 50.97
CA ILE J 48 -34.56 33.53 50.79
C ILE J 48 -34.14 32.86 52.08
N ILE J 49 -33.63 33.64 53.02
CA ILE J 49 -32.96 33.10 54.21
C ILE J 49 -33.93 32.30 55.04
N MET J 50 -35.21 32.55 54.79
CA MET J 50 -36.25 31.91 55.54
C MET J 50 -36.78 30.65 54.88
N SER J 51 -36.25 30.29 53.72
CA SER J 51 -36.58 29.00 53.12
C SER J 51 -35.85 27.89 53.87
N LYS J 52 -36.35 26.68 53.77
CA LYS J 52 -36.01 25.64 54.72
C LYS J 52 -34.54 25.24 54.81
N ASP J 53 -33.89 25.05 53.68
CA ASP J 53 -32.65 24.27 53.63
C ASP J 53 -31.46 24.98 53.04
N ALA J 54 -30.46 24.20 52.63
CA ALA J 54 -29.42 24.76 51.80
C ALA J 54 -29.66 24.58 50.31
N VAL J 55 -30.10 23.40 49.90
CA VAL J 55 -30.23 23.13 48.48
C VAL J 55 -31.29 23.98 47.81
N SER J 56 -32.21 24.48 48.61
CA SER J 56 -33.36 25.24 48.17
C SER J 56 -33.03 26.74 48.22
N GLY J 57 -32.29 27.12 49.22
CA GLY J 57 -31.86 28.50 49.31
C GLY J 57 -30.99 28.81 48.11
N THR J 58 -30.09 27.92 47.77
CA THR J 58 -29.26 28.33 46.70
C THR J 58 -30.30 28.69 45.66
N LEU J 59 -31.30 27.83 45.48
CA LEU J 59 -32.17 27.91 44.33
C LEU J 59 -32.96 29.20 44.21
N ARG J 60 -33.44 29.71 45.33
CA ARG J 60 -34.03 31.03 45.27
C ARG J 60 -32.97 32.04 44.91
N LEU J 61 -31.79 31.97 45.53
CA LEU J 61 -30.82 33.01 45.26
C LEU J 61 -30.48 33.05 43.78
N PHE J 62 -30.09 31.89 43.25
CA PHE J 62 -29.71 31.79 41.85
C PHE J 62 -30.92 32.04 40.96
N TRP J 63 -32.12 31.84 41.48
CA TRP J 63 -33.30 32.09 40.67
C TRP J 63 -33.59 33.57 40.53
N THR J 64 -33.97 34.21 41.64
CA THR J 64 -34.35 35.62 41.64
C THR J 64 -33.30 36.53 41.01
N LEU J 65 -32.04 36.21 41.28
CA LEU J 65 -30.92 37.04 40.84
C LEU J 65 -30.66 36.92 39.33
N LEU J 66 -31.06 35.79 38.79
CA LEU J 66 -31.18 35.59 37.35
C LEU J 66 -32.23 36.51 36.76
N SER J 67 -33.26 36.79 37.56
CA SER J 67 -34.41 37.58 37.12
C SER J 67 -34.02 39.01 36.77
N LYS J 68 -33.13 39.55 37.58
CA LYS J 68 -32.72 40.94 37.48
C LYS J 68 -31.83 41.19 36.28
N GLN J 69 -31.72 42.46 35.88
CA GLN J 69 -30.99 42.82 34.68
C GLN J 69 -29.54 42.41 34.84
N GLU J 70 -28.94 42.01 33.72
CA GLU J 70 -27.66 41.32 33.69
C GLU J 70 -26.50 42.12 34.26
N GLU J 71 -26.68 43.42 34.40
CA GLU J 71 -25.61 44.31 34.81
C GLU J 71 -25.35 44.32 36.32
N MET J 72 -26.41 44.16 37.12
CA MET J 72 -26.25 44.27 38.56
C MET J 72 -25.59 43.01 39.10
N VAL J 73 -26.01 41.86 38.61
CA VAL J 73 -25.49 40.65 39.18
C VAL J 73 -24.03 40.93 39.43
N GLN J 74 -23.38 41.55 38.46
CA GLN J 74 -21.97 41.89 38.57
C GLN J 74 -21.70 42.51 39.93
N LYS J 75 -22.68 43.24 40.45
CA LYS J 75 -22.56 43.83 41.75
C LYS J 75 -22.37 42.68 42.70
N PHE J 76 -23.18 41.67 42.45
CA PHE J 76 -23.22 40.49 43.29
C PHE J 76 -21.99 39.66 43.07
N VAL J 77 -21.71 39.43 41.81
CA VAL J 77 -20.62 38.58 41.41
C VAL J 77 -19.30 39.16 41.86
N GLU J 78 -19.19 40.48 41.84
CA GLU J 78 -17.89 41.06 42.06
C GLU J 78 -17.70 41.71 43.41
N GLU J 79 -18.20 42.92 43.55
CA GLU J 79 -17.97 43.66 44.77
C GLU J 79 -18.59 43.02 45.98
N VAL J 80 -19.82 42.56 45.84
CA VAL J 80 -20.52 41.92 46.96
C VAL J 80 -19.83 40.65 47.44
N LEU J 81 -19.91 39.63 46.60
CA LEU J 81 -19.64 38.29 47.02
C LEU J 81 -18.22 38.18 47.47
N ARG J 82 -17.42 39.08 46.93
CA ARG J 82 -16.03 39.25 47.28
C ARG J 82 -15.84 39.71 48.72
N ILE J 83 -16.75 40.53 49.21
CA ILE J 83 -16.53 41.19 50.48
C ILE J 83 -16.38 40.21 51.65
N ASN J 84 -17.18 39.15 51.66
CA ASN J 84 -16.99 38.10 52.64
C ASN J 84 -16.50 36.83 51.98
N TYR J 85 -16.20 36.91 50.69
CA TYR J 85 -15.86 35.70 49.96
C TYR J 85 -14.70 35.95 49.04
N LYS J 86 -13.87 34.91 48.91
CA LYS J 86 -12.80 34.77 47.92
C LYS J 86 -12.86 33.53 47.05
N PHE J 87 -12.79 32.38 47.72
CA PHE J 87 -12.74 31.07 47.09
C PHE J 87 -13.76 31.04 45.99
N LEU J 88 -14.98 31.42 46.32
CA LEU J 88 -15.96 31.55 45.31
C LEU J 88 -15.76 32.50 44.10
N MET J 89 -15.60 33.79 44.36
CA MET J 89 -15.57 34.81 43.31
C MET J 89 -14.74 34.40 42.09
N SER J 90 -13.54 33.89 42.35
CA SER J 90 -12.61 33.58 41.31
C SER J 90 -13.20 32.47 40.47
N PRO J 91 -13.76 31.40 41.18
CA PRO J 91 -14.33 30.38 40.30
C PRO J 91 -15.32 30.89 39.29
N ILE J 92 -16.25 31.76 39.63
CA ILE J 92 -17.10 32.28 38.57
C ILE J 92 -16.30 33.12 37.60
N LYS J 93 -15.53 34.04 38.16
CA LYS J 93 -14.82 35.05 37.37
C LYS J 93 -13.93 34.41 36.32
N THR J 94 -13.42 33.23 36.62
CA THR J 94 -12.54 32.53 35.73
C THR J 94 -13.42 32.01 34.62
N GLU J 95 -14.71 32.13 34.85
CA GLU J 95 -15.71 31.66 33.89
C GLU J 95 -16.17 32.71 32.87
N GLN J 96 -16.40 33.90 33.35
CA GLN J 96 -17.02 34.82 32.47
C GLN J 96 -16.06 34.83 31.30
N ARG J 97 -14.77 34.92 31.54
CA ARG J 97 -13.85 34.68 30.44
C ARG J 97 -13.73 33.22 30.00
N GLN J 98 -13.53 32.34 30.95
CA GLN J 98 -13.04 30.99 30.64
C GLN J 98 -13.94 30.03 29.87
N PRO J 99 -15.20 29.98 30.26
CA PRO J 99 -16.18 29.18 29.54
C PRO J 99 -15.76 27.72 29.23
N SER J 100 -15.41 26.94 30.25
CA SER J 100 -14.88 25.61 30.05
C SER J 100 -15.85 24.83 29.22
N MET J 101 -15.35 23.97 28.33
CA MET J 101 -16.18 23.55 27.23
C MET J 101 -17.46 22.86 27.68
N MET J 102 -17.37 21.92 28.60
CA MET J 102 -18.65 21.43 29.09
C MET J 102 -19.62 22.58 29.40
N THR J 103 -19.11 23.65 30.01
CA THR J 103 -19.94 24.80 30.36
C THR J 103 -20.62 25.40 29.14
N ARG J 104 -19.86 25.79 28.14
CA ARG J 104 -20.48 26.37 26.99
C ARG J 104 -21.36 25.31 26.45
N MET J 105 -20.96 24.07 26.48
CA MET J 105 -21.84 23.15 25.82
C MET J 105 -23.19 23.25 26.47
N TYR J 106 -23.26 23.38 27.80
CA TYR J 106 -24.57 23.47 28.42
C TYR J 106 -25.32 24.70 27.97
N ILE J 107 -24.68 25.86 28.04
CA ILE J 107 -25.41 27.08 27.80
C ILE J 107 -25.90 27.02 26.41
N GLU J 108 -25.07 26.48 25.55
CA GLU J 108 -25.40 26.41 24.15
C GLU J 108 -26.66 25.63 24.05
N GLN J 109 -26.69 24.50 24.75
CA GLN J 109 -27.90 23.75 24.75
C GLN J 109 -28.94 24.54 25.46
N ARG J 110 -28.62 25.11 26.60
CA ARG J 110 -29.74 25.54 27.40
C ARG J 110 -30.58 26.51 26.60
N ASP J 111 -29.96 27.44 25.90
CA ASP J 111 -30.74 28.41 25.15
C ASP J 111 -31.57 27.67 24.13
N ARG J 112 -31.03 26.59 23.60
CA ARG J 112 -31.78 25.90 22.60
C ARG J 112 -33.10 25.61 23.24
N LEU J 113 -33.03 25.33 24.53
CA LEU J 113 -34.21 24.96 25.28
C LEU J 113 -35.23 26.07 25.42
N TYR J 114 -34.77 27.26 25.76
CA TYR J 114 -35.69 28.35 25.99
C TYR J 114 -36.30 28.68 24.70
N ASN J 115 -35.40 28.87 23.76
CA ASN J 115 -35.64 29.54 22.51
C ASN J 115 -36.70 28.76 21.78
N ASP J 116 -36.55 27.45 21.75
CA ASP J 116 -37.57 26.67 21.12
C ASP J 116 -38.84 26.77 21.90
N ASN J 117 -38.72 26.78 23.22
CA ASN J 117 -39.88 26.92 24.08
C ASN J 117 -40.61 28.24 24.02
N GLN J 118 -39.86 29.33 23.81
CA GLN J 118 -40.46 30.63 23.58
C GLN J 118 -41.13 31.26 24.79
N VAL J 119 -42.40 30.91 25.03
CA VAL J 119 -43.20 31.63 25.98
C VAL J 119 -42.57 31.41 27.32
N PHE J 120 -42.10 30.20 27.53
CA PHE J 120 -41.63 29.85 28.83
C PHE J 120 -40.49 30.80 29.20
N ALA J 121 -39.54 31.05 28.32
CA ALA J 121 -38.43 31.90 28.74
C ALA J 121 -38.84 33.21 29.44
N LYS J 122 -40.08 33.64 29.26
CA LYS J 122 -40.53 34.89 29.88
C LYS J 122 -41.46 34.66 31.06
N TYR J 123 -42.51 33.89 30.83
CA TYR J 123 -43.55 33.71 31.82
C TYR J 123 -43.15 32.67 32.86
N ASN J 124 -42.18 31.83 32.61
CA ASN J 124 -42.06 30.71 33.53
C ASN J 124 -41.73 31.28 34.85
N VAL J 125 -42.30 30.72 35.92
CA VAL J 125 -41.83 30.96 37.28
C VAL J 125 -41.52 29.67 38.00
N SER J 126 -40.33 29.57 38.56
CA SER J 126 -39.86 28.32 39.15
C SER J 126 -40.57 27.98 40.45
N ARG J 127 -41.19 26.80 40.51
CA ARG J 127 -41.81 26.36 41.73
C ARG J 127 -40.87 25.47 42.47
N LEU J 128 -40.42 25.94 43.62
CA LEU J 128 -39.37 25.25 44.34
C LEU J 128 -39.79 23.89 44.80
N GLN J 129 -41.00 23.78 45.27
CA GLN J 129 -41.36 22.55 45.89
C GLN J 129 -41.41 21.41 44.94
N PRO J 130 -41.97 21.66 43.76
CA PRO J 130 -42.22 20.60 42.78
C PRO J 130 -41.00 20.37 41.90
N TYR J 131 -40.05 21.31 41.90
CA TYR J 131 -38.88 21.12 41.07
C TYR J 131 -37.94 20.31 41.88
N LEU J 132 -37.76 20.70 43.12
CA LEU J 132 -36.74 20.11 43.93
C LEU J 132 -37.11 18.67 44.07
N LYS J 133 -38.41 18.43 44.02
CA LYS J 133 -38.95 17.09 44.17
C LYS J 133 -38.66 16.27 42.93
N LEU J 134 -38.77 16.92 41.77
CA LEU J 134 -38.49 16.28 40.50
C LEU J 134 -37.03 16.03 40.28
N ARG J 135 -36.22 17.02 40.54
CA ARG J 135 -34.84 16.98 40.16
C ARG J 135 -34.16 15.82 40.83
N GLN J 136 -34.60 15.49 42.02
CA GLN J 136 -33.96 14.40 42.70
C GLN J 136 -34.12 13.19 41.84
N ALA J 137 -35.27 13.04 41.19
CA ALA J 137 -35.48 11.87 40.39
C ALA J 137 -34.46 11.79 39.27
N LEU J 138 -34.24 12.90 38.57
CA LEU J 138 -33.41 12.87 37.36
C LEU J 138 -31.98 12.47 37.59
N LEU J 139 -31.42 12.87 38.71
CA LEU J 139 -30.11 12.39 39.07
C LEU J 139 -30.05 10.86 39.30
N GLU J 140 -31.09 10.27 39.89
CA GLU J 140 -31.07 8.84 40.20
C GLU J 140 -31.40 8.00 38.98
N LEU J 141 -32.46 8.40 38.28
CA LEU J 141 -33.03 7.68 37.14
C LEU J 141 -31.99 6.97 36.24
N ARG J 142 -32.17 5.67 36.08
CA ARG J 142 -31.16 4.80 35.48
C ARG J 142 -31.33 4.73 33.96
N PRO J 143 -30.38 4.10 33.22
CA PRO J 143 -30.50 4.35 31.78
C PRO J 143 -31.73 3.70 31.15
N ALA J 144 -32.50 2.94 31.92
CA ALA J 144 -33.68 2.27 31.37
C ALA J 144 -34.96 2.52 32.19
N LYS J 145 -34.80 3.07 33.39
CA LYS J 145 -35.96 3.49 34.20
C LYS J 145 -36.60 4.74 33.60
N ASN J 146 -37.68 5.22 34.22
CA ASN J 146 -38.30 6.47 33.78
C ASN J 146 -39.15 7.18 34.82
N VAL J 147 -38.89 8.46 35.01
CA VAL J 147 -39.52 9.23 36.08
C VAL J 147 -40.73 9.99 35.58
N LEU J 148 -41.91 9.57 35.98
CA LEU J 148 -43.15 10.15 35.49
C LEU J 148 -43.74 11.27 36.36
N ILE J 149 -44.26 12.30 35.70
CA ILE J 149 -44.98 13.40 36.34
C ILE J 149 -46.41 13.43 35.83
N ASP J 150 -47.36 13.74 36.71
CA ASP J 150 -48.73 13.92 36.26
C ASP J 150 -49.47 14.88 37.16
N GLY J 151 -50.16 15.83 36.56
CA GLY J 151 -50.98 16.76 37.30
C GLY J 151 -52.30 16.98 36.59
N VAL J 152 -53.19 17.71 37.22
CA VAL J 152 -54.49 17.90 36.64
C VAL J 152 -54.12 18.78 35.49
N LEU J 153 -55.00 18.92 34.51
CA LEU J 153 -54.56 19.53 33.28
C LEU J 153 -54.11 20.93 33.61
N GLY J 154 -53.16 21.45 32.86
CA GLY J 154 -52.65 22.77 33.16
C GLY J 154 -52.05 22.87 34.53
N SER J 155 -51.41 21.81 34.95
CA SER J 155 -50.53 21.89 36.07
C SER J 155 -49.13 22.19 35.57
N GLY J 156 -49.05 22.51 34.28
CA GLY J 156 -47.82 22.99 33.74
C GLY J 156 -46.81 21.99 34.18
N LYS J 157 -47.08 20.71 33.93
CA LYS J 157 -46.08 19.73 34.27
C LYS J 157 -44.85 20.05 33.45
N THR J 158 -45.07 20.33 32.19
CA THR J 158 -43.99 20.36 31.25
C THR J 158 -43.01 21.40 31.70
N TRP J 159 -43.56 22.56 31.97
CA TRP J 159 -42.81 23.73 32.41
C TRP J 159 -41.89 23.43 33.56
N VAL J 160 -42.29 22.53 34.46
CA VAL J 160 -41.41 22.09 35.53
C VAL J 160 -40.29 21.26 34.94
N ALA J 161 -40.70 20.29 34.12
CA ALA J 161 -39.77 19.43 33.39
C ALA J 161 -38.77 20.28 32.65
N LEU J 162 -39.27 21.27 31.90
CA LEU J 162 -38.43 22.19 31.15
C LEU J 162 -37.42 22.86 32.05
N ASP J 163 -37.83 23.09 33.29
CA ASP J 163 -37.02 23.87 34.21
C ASP J 163 -35.94 23.02 34.85
N VAL J 164 -36.31 21.82 35.29
CA VAL J 164 -35.30 20.93 35.86
C VAL J 164 -34.33 20.48 34.79
N CYS J 165 -34.86 20.30 33.59
CA CYS J 165 -34.04 19.95 32.44
C CYS J 165 -33.10 21.10 32.11
N LEU J 166 -33.49 22.32 32.47
CA LEU J 166 -32.65 23.51 32.30
C LEU J 166 -31.47 23.53 33.29
N SER J 167 -31.68 22.97 34.47
CA SER J 167 -30.68 22.98 35.51
C SER J 167 -29.39 22.32 35.07
N TYR J 168 -28.28 23.00 35.25
CA TYR J 168 -27.07 22.45 34.77
C TYR J 168 -26.92 21.11 35.40
N LYS J 169 -27.31 20.98 36.64
CA LYS J 169 -27.15 19.71 37.31
C LYS J 169 -27.96 18.67 36.57
N VAL J 170 -29.16 19.03 36.15
CA VAL J 170 -29.94 18.04 35.45
C VAL J 170 -29.26 17.72 34.18
N GLN J 171 -28.77 18.74 33.50
CA GLN J 171 -28.26 18.52 32.17
C GLN J 171 -27.03 17.67 32.08
N CYS J 172 -26.08 17.90 32.95
CA CYS J 172 -24.83 17.17 32.84
C CYS J 172 -25.16 15.71 32.98
N LYS J 173 -26.10 15.40 33.85
CA LYS J 173 -26.43 14.01 34.10
C LYS J 173 -27.10 13.47 32.88
N MET J 174 -27.41 14.34 31.96
CA MET J 174 -28.05 13.93 30.73
C MET J 174 -27.20 14.27 29.54
N ASP J 175 -26.07 14.88 29.80
CA ASP J 175 -25.07 15.14 28.80
C ASP J 175 -25.65 15.93 27.66
N PHE J 176 -26.63 16.72 27.98
CA PHE J 176 -27.08 17.75 27.09
C PHE J 176 -27.82 17.18 25.94
N LYS J 177 -28.31 15.96 26.10
CA LYS J 177 -29.09 15.41 25.00
C LYS J 177 -30.45 15.07 25.54
N ILE J 178 -31.40 15.99 25.38
CA ILE J 178 -32.71 15.82 25.97
C ILE J 178 -33.80 15.98 24.94
N PHE J 179 -34.00 14.97 24.13
CA PHE J 179 -34.89 15.05 22.99
C PHE J 179 -36.37 15.20 23.37
N TRP J 180 -36.89 16.42 23.29
CA TRP J 180 -38.28 16.71 23.59
C TRP J 180 -39.20 16.15 22.52
N LEU J 181 -40.38 15.68 22.92
CA LEU J 181 -41.37 15.17 21.99
C LEU J 181 -42.78 15.29 22.54
N ASN J 182 -43.51 16.33 22.15
CA ASN J 182 -44.89 16.47 22.61
C ASN J 182 -45.78 15.45 21.91
N LEU J 183 -46.27 14.49 22.69
CA LEU J 183 -47.10 13.43 22.12
C LEU J 183 -48.57 13.85 22.00
N LYS J 184 -48.82 15.01 21.41
CA LYS J 184 -50.18 15.37 21.06
C LYS J 184 -50.55 14.65 19.76
N ASN J 185 -51.80 14.20 19.68
CA ASN J 185 -52.23 13.36 18.58
C ASN J 185 -51.31 12.15 18.49
N CYS J 186 -51.37 11.29 19.51
CA CYS J 186 -50.44 10.19 19.64
C CYS J 186 -51.13 8.89 20.08
N ASN J 187 -52.41 8.78 19.74
CA ASN J 187 -53.15 7.54 19.98
C ASN J 187 -53.58 6.93 18.64
N SER J 188 -52.59 6.62 17.82
CA SER J 188 -52.79 5.92 16.57
C SER J 188 -51.52 5.14 16.43
N PRO J 189 -51.51 4.15 15.56
CA PRO J 189 -50.29 3.42 15.30
C PRO J 189 -49.36 4.28 14.50
N GLU J 190 -49.90 4.84 13.44
CA GLU J 190 -49.09 5.48 12.44
C GLU J 190 -48.37 6.73 12.95
N THR J 191 -49.08 7.52 13.75
CA THR J 191 -48.60 8.84 14.06
C THR J 191 -47.26 8.67 14.74
N VAL J 192 -47.13 7.62 15.53
CA VAL J 192 -45.86 7.38 16.18
C VAL J 192 -44.82 7.24 15.09
N LEU J 193 -45.25 6.72 13.95
CA LEU J 193 -44.34 6.67 12.82
C LEU J 193 -43.94 8.07 12.44
N GLU J 194 -44.86 9.01 12.52
CA GLU J 194 -44.50 10.41 12.41
C GLU J 194 -43.58 10.84 13.55
N MET J 195 -43.88 10.36 14.76
CA MET J 195 -43.15 10.77 15.95
C MET J 195 -41.79 10.11 16.05
N LEU J 196 -41.77 8.79 15.93
CA LEU J 196 -40.51 8.06 15.91
C LEU J 196 -39.63 8.57 14.78
N GLN J 197 -40.26 8.93 13.67
CA GLN J 197 -39.55 9.57 12.58
C GLN J 197 -38.86 10.81 13.12
N LYS J 198 -39.60 11.62 13.86
CA LYS J 198 -39.09 12.88 14.35
C LYS J 198 -38.01 12.71 15.41
N LEU J 199 -38.10 11.66 16.22
CA LEU J 199 -37.08 11.38 17.19
C LEU J 199 -35.79 11.02 16.47
N LEU J 200 -35.92 10.08 15.53
CA LEU J 200 -34.80 9.68 14.71
C LEU J 200 -34.16 10.92 14.06
N TYR J 201 -35.00 11.83 13.56
CA TYR J 201 -34.47 13.07 12.99
C TYR J 201 -33.71 13.91 14.02
N GLN J 202 -34.23 13.99 15.24
CA GLN J 202 -33.50 14.67 16.32
C GLN J 202 -32.10 14.08 16.46
N ILE J 203 -32.09 12.77 16.68
CA ILE J 203 -30.85 12.01 16.84
C ILE J 203 -29.83 12.28 15.72
N ASP J 204 -30.26 12.13 14.47
CA ASP J 204 -29.36 12.25 13.32
C ASP J 204 -30.14 12.19 12.01
N PRO J 205 -29.79 13.08 11.07
CA PRO J 205 -30.50 13.15 9.78
C PRO J 205 -30.09 12.02 8.83
N ASN J 206 -30.38 10.78 9.22
CA ASN J 206 -30.04 9.60 8.43
C ASN J 206 -31.10 8.52 8.56
N TRP J 207 -31.47 7.92 7.43
CA TRP J 207 -32.14 6.63 7.47
C TRP J 207 -32.19 5.92 6.11
N THR J 208 -31.92 4.61 6.16
CA THR J 208 -32.12 3.72 5.02
C THR J 208 -33.59 3.32 4.94
N SER J 209 -34.40 4.16 4.30
CA SER J 209 -35.84 3.96 4.28
C SER J 209 -36.29 3.00 3.18
N ARG J 210 -35.37 2.16 2.71
CA ARG J 210 -35.71 1.12 1.73
C ARG J 210 -36.37 -0.07 2.43
N SER J 211 -36.19 -0.12 3.74
CA SER J 211 -36.79 -1.15 4.58
C SER J 211 -38.30 -0.91 4.69
N ASP J 212 -38.78 0.22 4.19
CA ASP J 212 -40.18 0.56 4.32
C ASP J 212 -41.04 -0.44 3.54
N HIS J 213 -41.89 -1.14 4.27
CA HIS J 213 -42.83 -2.08 3.66
C HIS J 213 -44.22 -1.68 4.09
N SER J 214 -44.93 -1.05 3.15
CA SER J 214 -46.24 -0.48 3.44
C SER J 214 -47.29 -1.55 3.70
N SER J 215 -46.88 -2.82 3.81
CA SER J 215 -47.77 -3.89 4.23
C SER J 215 -48.38 -3.54 5.57
N ASN J 216 -47.55 -2.99 6.45
CA ASN J 216 -48.01 -2.45 7.72
C ASN J 216 -47.32 -1.15 8.11
N ILE J 217 -48.13 -0.21 8.56
CA ILE J 217 -47.65 1.00 9.20
C ILE J 217 -47.29 0.57 10.63
N LYS J 218 -47.72 -0.64 10.97
CA LYS J 218 -47.54 -1.22 12.30
C LYS J 218 -46.35 -2.19 12.41
N LEU J 219 -45.89 -2.66 11.26
CA LEU J 219 -44.73 -3.53 11.19
C LEU J 219 -43.51 -2.66 11.00
N ARG J 220 -43.63 -1.69 10.10
CA ARG J 220 -42.55 -0.74 9.84
C ARG J 220 -42.20 0.04 11.11
N ILE J 221 -43.16 0.15 12.02
CA ILE J 221 -42.96 0.86 13.27
C ILE J 221 -41.95 0.14 14.17
N HIS J 222 -41.79 -1.16 13.97
CA HIS J 222 -40.86 -1.90 14.81
C HIS J 222 -39.49 -1.65 14.25
N SER J 223 -39.42 -1.43 12.94
CA SER J 223 -38.14 -1.15 12.32
C SER J 223 -37.54 0.16 12.81
N ILE J 224 -38.38 1.16 13.04
CA ILE J 224 -37.86 2.47 13.41
C ILE J 224 -37.39 2.41 14.86
N GLN J 225 -38.10 1.65 15.67
CA GLN J 225 -37.69 1.43 17.05
C GLN J 225 -36.42 0.61 17.06
N ALA J 226 -36.39 -0.38 16.16
CA ALA J 226 -35.24 -1.24 15.99
C ALA J 226 -34.00 -0.43 15.69
N GLU J 227 -34.12 0.48 14.74
CA GLU J 227 -33.01 1.38 14.42
C GLU J 227 -32.73 2.30 15.59
N LEU J 228 -33.79 2.93 16.10
CA LEU J 228 -33.67 3.88 17.21
C LEU J 228 -33.00 3.25 18.42
N ARG J 229 -33.25 1.96 18.63
CA ARG J 229 -32.61 1.23 19.74
C ARG J 229 -31.11 1.15 19.53
N ARG J 230 -30.70 0.59 18.40
CA ARG J 230 -29.28 0.47 18.04
C ARG J 230 -28.54 1.80 18.17
N LEU J 231 -29.17 2.86 17.71
CA LEU J 231 -28.50 4.16 17.63
C LEU J 231 -28.31 4.76 19.00
N LEU J 232 -29.24 4.51 19.92
CA LEU J 232 -29.18 5.16 21.21
C LEU J 232 -28.09 4.59 22.13
N LYS J 233 -28.13 3.29 22.45
CA LYS J 233 -27.02 2.72 23.22
C LYS J 233 -25.77 2.72 22.32
N SER J 234 -25.33 3.94 22.15
CA SER J 234 -24.13 4.33 21.48
C SER J 234 -23.52 5.36 22.42
N LYS J 235 -22.20 5.39 22.57
CA LYS J 235 -21.71 5.88 23.82
C LYS J 235 -22.18 7.30 24.10
N PRO J 236 -22.05 8.19 23.13
CA PRO J 236 -22.34 9.60 23.36
C PRO J 236 -23.79 9.69 23.77
N TYR J 237 -24.61 8.85 23.17
CA TYR J 237 -26.04 8.94 23.39
C TYR J 237 -26.52 8.10 24.52
N GLU J 238 -25.59 7.40 25.17
CA GLU J 238 -25.91 6.35 26.13
C GLU J 238 -27.13 6.70 26.96
N ASN J 239 -27.00 7.80 27.70
CA ASN J 239 -28.08 8.25 28.54
C ASN J 239 -28.56 9.57 28.05
N CYS J 240 -29.83 9.68 27.69
CA CYS J 240 -30.42 10.97 27.53
C CYS J 240 -31.86 10.89 27.88
N LEU J 241 -32.34 11.81 28.70
CA LEU J 241 -33.72 11.78 29.11
C LEU J 241 -34.51 12.07 27.89
N LEU J 242 -35.52 11.31 27.54
CA LEU J 242 -36.26 11.74 26.40
C LEU J 242 -37.48 11.94 27.14
N VAL J 243 -38.08 13.12 27.05
CA VAL J 243 -39.16 13.54 27.90
C VAL J 243 -40.40 13.57 27.07
N LEU J 244 -41.45 12.90 27.50
CA LEU J 244 -42.68 12.86 26.73
C LEU J 244 -43.80 13.68 27.33
N LEU J 245 -44.35 14.59 26.58
CA LEU J 245 -45.26 15.54 27.14
C LEU J 245 -46.69 15.17 26.77
N ASN J 246 -47.55 14.97 27.78
CA ASN J 246 -48.97 14.67 27.56
C ASN J 246 -49.27 13.25 27.18
N VAL J 247 -48.21 12.49 27.22
CA VAL J 247 -48.35 11.11 26.75
C VAL J 247 -49.80 10.70 26.78
N GLN J 248 -50.38 10.49 25.61
CA GLN J 248 -51.83 10.29 25.51
C GLN J 248 -52.28 9.10 26.32
N ASN J 249 -51.88 7.91 25.91
CA ASN J 249 -52.28 6.73 26.65
C ASN J 249 -51.14 5.79 26.95
N ALA J 250 -51.49 4.64 27.51
CA ALA J 250 -50.54 3.60 27.78
C ALA J 250 -49.95 3.11 26.46
N LYS J 251 -50.82 2.92 25.47
CA LYS J 251 -50.43 2.29 24.23
C LYS J 251 -49.30 3.03 23.50
N ALA J 252 -49.32 4.36 23.58
CA ALA J 252 -48.32 5.18 22.92
C ALA J 252 -46.96 4.96 23.56
N TRP J 253 -46.96 4.93 24.89
CA TRP J 253 -45.75 4.81 25.70
C TRP J 253 -45.03 3.49 25.43
N ASN J 254 -45.79 2.46 25.09
CA ASN J 254 -45.26 1.15 24.80
C ASN J 254 -44.25 1.22 23.65
N ALA J 255 -44.57 2.01 22.64
CA ALA J 255 -43.70 2.17 21.49
C ALA J 255 -42.49 3.04 21.83
N PHE J 256 -42.59 3.86 22.85
CA PHE J 256 -41.47 4.74 23.05
C PHE J 256 -40.41 4.26 23.98
N ASN J 257 -40.72 3.29 24.82
CA ASN J 257 -39.70 2.87 25.77
C ASN J 257 -38.57 2.26 24.96
N LEU J 258 -37.38 2.84 25.09
CA LEU J 258 -36.28 2.44 24.24
C LEU J 258 -35.10 1.99 25.07
N SER J 259 -35.37 1.46 26.27
CA SER J 259 -34.33 1.31 27.28
C SER J 259 -33.66 2.67 27.43
N CYS J 260 -34.50 3.70 27.49
CA CYS J 260 -34.09 5.09 27.48
C CYS J 260 -34.29 5.68 28.87
N LYS J 261 -33.45 6.61 29.30
CA LYS J 261 -33.69 7.27 30.59
C LYS J 261 -34.81 8.28 30.46
N ILE J 262 -35.93 7.89 29.84
CA ILE J 262 -37.01 8.85 29.60
C ILE J 262 -37.67 9.34 30.90
N LEU J 263 -38.54 10.33 30.75
CA LEU J 263 -39.35 10.84 31.83
C LEU J 263 -40.53 11.50 31.15
N LEU J 264 -41.73 11.26 31.59
CA LEU J 264 -42.82 11.75 30.82
C LEU J 264 -43.78 12.55 31.63
N THR J 265 -44.54 13.38 30.95
CA THR J 265 -45.56 14.12 31.62
C THR J 265 -46.92 13.47 31.40
N THR J 266 -47.37 12.75 32.40
CA THR J 266 -48.59 12.01 32.35
C THR J 266 -49.63 13.06 32.27
N ARG J 267 -50.86 12.71 31.91
CA ARG J 267 -51.96 13.68 31.90
C ARG J 267 -53.20 13.05 32.51
N PHE J 268 -53.38 11.77 32.20
CA PHE J 268 -54.46 10.95 32.69
C PHE J 268 -54.11 10.13 33.91
N LYS J 269 -55.15 9.61 34.55
CA LYS J 269 -54.95 8.65 35.58
C LYS J 269 -54.90 7.31 34.93
N GLN J 270 -55.11 7.26 33.61
CA GLN J 270 -55.03 5.93 33.02
C GLN J 270 -53.56 5.61 32.80
N VAL J 271 -52.80 6.67 32.55
CA VAL J 271 -51.37 6.55 32.25
C VAL J 271 -50.57 6.44 33.53
N THR J 272 -50.76 7.39 34.45
CA THR J 272 -50.08 7.34 35.74
C THR J 272 -50.51 6.10 36.50
N ASP J 273 -51.66 5.55 36.11
CA ASP J 273 -52.15 4.30 36.66
C ASP J 273 -51.27 3.15 36.20
N PHE J 274 -50.74 3.28 34.99
CA PHE J 274 -50.12 2.17 34.29
C PHE J 274 -48.65 2.02 34.66
N LEU J 275 -47.81 3.02 34.51
CA LEU J 275 -46.46 2.78 34.96
C LEU J 275 -46.40 2.63 36.50
N SER J 276 -45.77 1.56 36.96
CA SER J 276 -45.94 1.13 38.34
C SER J 276 -44.66 1.30 39.08
N ALA J 277 -44.79 1.72 40.31
CA ALA J 277 -43.84 2.55 40.97
C ALA J 277 -42.51 1.89 40.92
N ALA J 278 -42.48 0.56 40.97
CA ALA J 278 -41.20 -0.11 41.12
C ALA J 278 -40.32 0.26 39.96
N THR J 279 -40.85 0.23 38.74
CA THR J 279 -40.08 0.71 37.61
C THR J 279 -39.76 2.21 37.62
N THR J 280 -40.74 3.04 37.97
CA THR J 280 -40.66 4.49 37.76
C THR J 280 -41.27 5.24 38.92
N THR J 281 -40.88 6.49 39.16
CA THR J 281 -41.23 7.15 40.41
C THR J 281 -42.29 8.18 40.07
N HIS J 282 -43.17 8.46 40.99
CA HIS J 282 -44.40 9.06 40.54
C HIS J 282 -44.49 10.38 41.18
N ILE J 283 -44.49 11.41 40.36
CA ILE J 283 -44.47 12.75 40.87
C ILE J 283 -45.81 13.26 40.53
N SER J 284 -46.39 14.08 41.38
CA SER J 284 -47.70 14.52 41.02
C SER J 284 -47.96 15.97 41.23
N LEU J 285 -49.22 16.31 41.11
CA LEU J 285 -49.61 17.68 41.37
C LEU J 285 -51.07 17.75 41.79
N ASP J 286 -51.58 16.59 42.16
CA ASP J 286 -52.79 16.55 42.92
C ASP J 286 -52.26 16.72 44.33
N HIS J 287 -51.44 17.72 44.55
CA HIS J 287 -50.81 17.72 45.85
C HIS J 287 -50.79 19.00 46.62
N HIS J 288 -50.89 18.88 47.93
CA HIS J 288 -50.82 20.06 48.75
C HIS J 288 -49.44 20.67 48.56
N SER J 289 -48.40 19.85 48.61
CA SER J 289 -47.05 20.31 48.32
C SER J 289 -46.74 20.65 46.87
N MET J 290 -47.05 19.73 45.97
CA MET J 290 -46.76 19.88 44.56
C MET J 290 -47.32 21.18 44.00
N THR J 291 -48.53 21.53 44.44
CA THR J 291 -49.16 22.74 43.97
C THR J 291 -48.55 23.93 44.67
N LEU J 292 -48.85 25.11 44.15
CA LEU J 292 -48.22 26.34 44.56
C LEU J 292 -48.59 26.87 45.95
N THR J 293 -47.58 27.33 46.68
CA THR J 293 -47.76 28.04 47.91
C THR J 293 -48.37 29.36 47.48
N PRO J 294 -49.24 29.96 48.27
CA PRO J 294 -50.08 30.98 47.63
C PRO J 294 -49.19 31.92 46.88
N ASP J 295 -48.02 32.21 47.42
CA ASP J 295 -47.26 33.30 46.88
C ASP J 295 -46.95 33.04 45.44
N GLU J 296 -46.53 31.84 45.12
CA GLU J 296 -46.21 31.60 43.73
C GLU J 296 -47.21 32.41 42.95
N VAL J 297 -48.43 32.35 43.41
CA VAL J 297 -49.53 32.80 42.61
C VAL J 297 -49.44 34.27 42.31
N LYS J 298 -48.98 35.07 43.24
CA LYS J 298 -48.95 36.48 42.89
C LYS J 298 -47.71 36.77 42.05
N SER J 299 -46.64 36.02 42.28
CA SER J 299 -45.42 36.21 41.50
C SER J 299 -45.63 35.69 40.09
N LEU J 300 -46.50 34.69 39.94
CA LEU J 300 -46.82 34.18 38.61
C LEU J 300 -47.69 35.18 37.87
N LEU J 301 -48.71 35.70 38.54
CA LEU J 301 -49.58 36.70 37.95
C LEU J 301 -48.79 37.93 37.53
N LEU J 302 -47.65 38.14 38.17
CA LEU J 302 -46.77 39.26 37.87
C LEU J 302 -46.09 39.18 36.51
N LYS J 303 -45.62 37.99 36.15
CA LYS J 303 -44.86 37.79 34.92
C LYS J 303 -45.59 38.37 33.71
N TYR J 304 -46.90 38.12 33.63
CA TYR J 304 -47.71 38.68 32.55
C TYR J 304 -48.11 40.12 32.86
N LEU J 305 -48.34 40.38 34.15
CA LEU J 305 -48.86 41.67 34.61
C LEU J 305 -47.84 42.80 34.57
N ASP J 306 -46.61 42.47 34.96
CA ASP J 306 -45.46 43.38 34.86
C ASP J 306 -45.60 44.66 35.72
N CYS J 307 -45.88 44.49 37.01
CA CYS J 307 -45.87 45.59 37.99
C CYS J 307 -46.02 45.08 39.43
N ARG J 308 -45.10 45.48 40.30
CA ARG J 308 -45.04 44.97 41.68
C ARG J 308 -46.10 45.58 42.60
N PRO J 309 -46.53 46.81 42.29
CA PRO J 309 -47.50 47.49 43.12
C PRO J 309 -48.90 46.93 42.92
N GLN J 310 -49.35 46.90 41.66
CA GLN J 310 -50.69 46.43 41.33
C GLN J 310 -50.88 44.96 41.69
N ASP J 311 -49.77 44.27 41.96
CA ASP J 311 -49.77 42.89 42.42
C ASP J 311 -50.72 42.70 43.60
N LEU J 312 -50.61 43.61 44.56
CA LEU J 312 -51.46 43.58 45.74
C LEU J 312 -52.91 43.88 45.38
N PRO J 313 -53.04 44.43 44.18
CA PRO J 313 -54.31 44.75 43.58
C PRO J 313 -55.19 43.51 43.38
N ARG J 314 -54.61 42.36 43.07
CA ARG J 314 -55.46 41.19 42.86
C ARG J 314 -55.47 40.21 44.03
N GLU J 315 -56.66 39.89 44.52
CA GLU J 315 -56.88 38.76 45.44
C GLU J 315 -58.34 38.29 45.42
N VAL J 316 -58.66 37.07 45.84
CA VAL J 316 -57.73 35.96 45.96
C VAL J 316 -58.30 34.69 45.30
N LEU J 317 -57.56 34.08 44.39
CA LEU J 317 -57.94 32.77 43.85
C LEU J 317 -56.78 32.04 43.17
N THR J 318 -56.95 30.73 42.97
CA THR J 318 -55.88 29.76 42.70
C THR J 318 -56.45 28.63 41.85
N THR J 319 -55.70 27.55 41.59
CA THR J 319 -54.26 27.36 41.83
C THR J 319 -53.62 26.87 40.54
N ASN J 320 -54.52 26.67 39.57
CA ASN J 320 -54.25 26.00 38.32
C ASN J 320 -53.68 26.99 37.37
N PRO J 321 -52.45 26.77 36.98
CA PRO J 321 -51.72 27.81 36.29
C PRO J 321 -52.53 28.16 35.06
N ARG J 322 -53.11 27.14 34.42
CA ARG J 322 -53.91 27.36 33.22
C ARG J 322 -54.96 28.43 33.43
N ARG J 323 -55.62 28.41 34.58
CA ARG J 323 -56.65 29.38 34.89
C ARG J 323 -56.02 30.75 35.12
N LEU J 324 -54.85 30.70 35.71
CA LEU J 324 -54.08 31.83 36.21
C LEU J 324 -53.32 32.52 35.08
N SER J 325 -52.80 31.73 34.15
CA SER J 325 -52.06 32.27 33.01
C SER J 325 -53.00 32.91 32.01
N ILE J 326 -54.12 32.25 31.74
CA ILE J 326 -55.11 32.75 30.79
C ILE J 326 -55.89 33.92 31.39
N ILE J 327 -55.95 33.96 32.71
CA ILE J 327 -56.56 35.08 33.40
C ILE J 327 -55.63 36.29 33.39
N ALA J 328 -54.39 36.07 33.80
CA ALA J 328 -53.42 37.16 33.97
C ALA J 328 -53.13 37.86 32.64
N GLU J 329 -53.25 37.13 31.54
CA GLU J 329 -53.09 37.72 30.21
C GLU J 329 -54.35 38.49 29.83
N SER J 330 -55.51 37.96 30.23
CA SER J 330 -56.79 38.59 29.94
C SER J 330 -56.93 39.96 30.60
N ILE J 331 -56.57 40.01 31.87
CA ILE J 331 -56.58 41.25 32.63
C ILE J 331 -55.58 42.24 32.06
N ARG J 332 -54.36 41.77 31.84
CA ARG J 332 -53.29 42.63 31.33
C ARG J 332 -53.62 43.15 29.93
N ASP J 333 -54.33 42.33 29.16
CA ASP J 333 -54.70 42.73 27.81
C ASP J 333 -56.18 42.49 27.54
N ALA J 336 -59.63 44.22 32.46
CA ALA J 336 -60.33 44.67 33.65
C ALA J 336 -60.43 43.54 34.66
N THR J 337 -59.81 43.74 35.82
CA THR J 337 -59.59 42.67 36.80
C THR J 337 -60.86 41.96 37.31
N TRP J 338 -62.01 42.63 37.25
CA TRP J 338 -63.24 42.05 37.78
C TRP J 338 -64.13 41.40 36.75
N ASP J 339 -64.44 42.13 35.68
CA ASP J 339 -65.20 41.55 34.58
C ASP J 339 -64.46 40.34 34.03
N ASN J 340 -63.16 40.51 33.80
CA ASN J 340 -62.36 39.47 33.16
C ASN J 340 -62.03 38.29 34.07
N TRP J 341 -62.19 38.46 35.38
CA TRP J 341 -61.91 37.36 36.30
C TRP J 341 -62.95 36.26 36.17
N LYS J 342 -64.13 36.63 35.70
CA LYS J 342 -65.23 35.67 35.59
C LYS J 342 -65.88 35.64 34.20
N HIS J 343 -66.54 36.72 33.81
CA HIS J 343 -67.35 36.73 32.59
C HIS J 343 -66.51 36.63 31.31
N VAL J 344 -65.33 37.24 31.30
CA VAL J 344 -64.45 37.10 30.15
C VAL J 344 -63.84 35.69 30.16
N ASN J 345 -63.13 35.34 29.08
CA ASN J 345 -62.62 33.99 28.87
C ASN J 345 -63.73 32.95 28.86
N CYS J 346 -64.96 33.43 28.61
CA CYS J 346 -66.07 32.52 28.39
C CYS J 346 -65.94 31.96 26.99
N ASP J 347 -65.03 32.54 26.22
CA ASP J 347 -64.71 32.07 24.88
C ASP J 347 -63.27 31.56 24.82
N LYS J 348 -62.63 31.41 25.98
CA LYS J 348 -61.25 30.95 26.03
C LYS J 348 -61.03 29.75 26.93
N LEU J 349 -60.91 29.96 28.22
CA LEU J 349 -60.25 29.00 29.06
C LEU J 349 -60.91 27.66 28.96
N THR J 350 -62.23 27.67 28.97
CA THR J 350 -63.06 26.48 28.91
C THR J 350 -62.91 25.76 27.59
N THR J 351 -62.81 26.54 26.51
CA THR J 351 -62.60 25.99 25.18
C THR J 351 -61.48 24.96 25.26
N ILE J 352 -60.30 25.41 25.65
CA ILE J 352 -59.19 24.51 25.89
C ILE J 352 -59.58 23.58 27.03
N ILE J 353 -60.54 24.02 27.84
CA ILE J 353 -61.07 23.22 28.93
C ILE J 353 -61.98 22.13 28.36
N GLU J 354 -62.93 22.53 27.52
CA GLU J 354 -63.79 21.58 26.87
C GLU J 354 -62.94 20.69 26.00
N SER J 355 -62.04 21.34 25.28
CA SER J 355 -61.23 20.70 24.25
C SER J 355 -60.66 19.40 24.75
N SER J 356 -60.11 19.43 25.96
CA SER J 356 -59.54 18.23 26.54
C SER J 356 -60.64 17.22 26.81
N LEU J 357 -61.86 17.69 26.97
CA LEU J 357 -62.97 16.79 27.22
C LEU J 357 -63.10 15.86 26.02
N ASN J 358 -62.43 16.19 24.93
CA ASN J 358 -62.64 15.50 23.67
C ASN J 358 -62.31 14.01 23.68
N VAL J 359 -61.48 13.57 24.61
CA VAL J 359 -61.13 12.16 24.66
C VAL J 359 -62.34 11.26 24.89
N LEU J 360 -63.27 11.69 25.73
CA LEU J 360 -64.37 10.84 26.19
C LEU J 360 -65.45 10.51 25.16
N GLU J 361 -66.19 9.43 25.40
CA GLU J 361 -67.30 8.97 24.55
C GLU J 361 -68.62 9.75 24.76
N PRO J 362 -69.22 10.27 23.69
CA PRO J 362 -70.34 11.18 23.91
C PRO J 362 -71.65 10.49 24.30
N ALA J 363 -71.87 9.28 23.79
CA ALA J 363 -73.11 8.56 24.00
C ALA J 363 -73.34 8.22 25.47
N GLU J 364 -72.27 7.87 26.17
CA GLU J 364 -72.41 7.43 27.56
C GLU J 364 -71.61 8.29 28.54
N TYR J 365 -70.40 8.66 28.15
CA TYR J 365 -69.51 9.42 29.03
C TYR J 365 -69.90 10.89 29.11
N ARG J 366 -69.83 11.57 27.97
CA ARG J 366 -70.03 13.02 27.92
C ARG J 366 -71.38 13.48 28.44
N LYS J 367 -72.45 12.82 28.00
CA LYS J 367 -73.80 13.16 28.43
C LYS J 367 -73.99 12.97 29.93
N MET J 368 -73.61 11.81 30.44
CA MET J 368 -73.73 11.48 31.86
C MET J 368 -73.04 12.54 32.70
N PHE J 369 -71.97 13.09 32.13
CA PHE J 369 -71.12 14.05 32.81
C PHE J 369 -71.78 15.41 32.95
N ASP J 370 -72.28 15.93 31.83
CA ASP J 370 -73.01 17.20 31.78
C ASP J 370 -74.08 17.29 32.86
N ARG J 371 -74.65 16.13 33.20
CA ARG J 371 -75.70 16.04 34.19
C ARG J 371 -75.28 16.52 35.59
N LEU J 372 -73.97 16.55 35.85
CA LEU J 372 -73.45 16.91 37.17
C LEU J 372 -73.82 18.34 37.57
N SER J 373 -74.12 19.16 36.57
CA SER J 373 -74.42 20.58 36.77
C SER J 373 -75.37 20.85 37.94
N VAL J 374 -76.26 19.90 38.23
CA VAL J 374 -77.25 20.08 39.29
C VAL J 374 -76.63 20.00 40.68
N PHE J 375 -75.45 19.40 40.76
CA PHE J 375 -74.77 19.25 42.03
C PHE J 375 -74.12 20.55 42.46
N PRO J 376 -73.28 20.44 43.48
CA PRO J 376 -72.55 21.57 44.04
C PRO J 376 -71.22 21.74 43.37
N PRO J 377 -70.83 23.07 43.14
CA PRO J 377 -69.64 23.18 42.29
C PRO J 377 -68.48 22.49 42.95
N SER J 378 -68.39 22.62 44.26
CA SER J 378 -67.29 22.00 44.96
C SER J 378 -67.88 21.09 45.99
N ALA J 379 -68.43 19.98 45.51
CA ALA J 379 -69.14 19.08 46.41
C ALA J 379 -68.94 17.61 46.04
N HIS J 380 -69.65 16.72 46.72
CA HIS J 380 -69.51 15.29 46.52
C HIS J 380 -70.81 14.69 45.97
N ILE J 381 -70.82 13.37 45.76
CA ILE J 381 -72.00 12.68 45.26
C ILE J 381 -71.94 11.17 45.54
N PRO J 382 -72.98 10.64 46.20
CA PRO J 382 -73.11 9.22 46.54
C PRO J 382 -73.39 8.35 45.31
N THR J 383 -73.21 7.04 45.47
CA THR J 383 -73.42 6.10 44.39
C THR J 383 -74.87 6.04 43.94
N ILE J 384 -75.78 5.95 44.91
CA ILE J 384 -77.20 5.80 44.62
C ILE J 384 -77.78 7.00 43.88
N LEU J 385 -77.33 8.20 44.23
CA LEU J 385 -77.84 9.42 43.62
C LEU J 385 -77.34 9.58 42.19
N LEU J 386 -76.14 9.09 41.93
CA LEU J 386 -75.53 9.18 40.60
C LEU J 386 -76.22 8.22 39.63
N SER J 387 -76.79 7.16 40.18
CA SER J 387 -77.48 6.15 39.40
C SER J 387 -78.64 6.73 38.61
N LEU J 388 -79.58 7.31 39.34
CA LEU J 388 -80.83 7.82 38.78
C LEU J 388 -80.60 8.82 37.65
N ILE J 389 -79.55 9.62 37.78
CA ILE J 389 -79.28 10.67 36.80
C ILE J 389 -78.40 10.15 35.67
N SER J 396 -74.62 -2.46 38.29
CA SER J 396 -73.24 -2.04 38.48
C SER J 396 -72.77 -1.17 37.31
N ASP J 397 -73.71 -0.84 36.42
CA ASP J 397 -73.40 -0.07 35.23
C ASP J 397 -72.81 1.30 35.60
N VAL J 398 -73.50 2.03 36.45
CA VAL J 398 -73.07 3.37 36.84
C VAL J 398 -71.70 3.38 37.52
N MET J 399 -71.40 2.33 38.27
CA MET J 399 -70.15 2.25 39.02
C MET J 399 -68.95 2.12 38.09
N VAL J 400 -69.16 1.46 36.97
CA VAL J 400 -68.10 1.23 36.00
C VAL J 400 -67.93 2.43 35.07
N VAL J 401 -69.05 2.99 34.64
CA VAL J 401 -69.06 4.13 33.72
C VAL J 401 -68.36 5.34 34.33
N VAL J 402 -68.50 5.52 35.64
CA VAL J 402 -67.82 6.61 36.32
C VAL J 402 -66.37 6.23 36.64
N ASN J 403 -66.12 4.93 36.74
CA ASN J 403 -64.78 4.47 37.03
C ASN J 403 -63.89 4.78 35.83
N LYS J 404 -64.46 4.70 34.63
CA LYS J 404 -63.73 5.05 33.43
C LYS J 404 -63.68 6.57 33.28
N LEU J 405 -64.71 7.22 33.81
CA LEU J 405 -64.76 8.68 33.85
C LEU J 405 -63.71 9.21 34.83
N HIS J 406 -63.43 8.38 35.81
CA HIS J 406 -62.33 8.56 36.72
C HIS J 406 -61.02 8.48 36.00
N LYS J 407 -60.97 7.50 35.11
CA LYS J 407 -59.74 7.01 34.55
C LYS J 407 -59.12 8.14 33.82
N TYR J 408 -59.93 8.78 33.00
CA TYR J 408 -59.46 9.92 32.22
C TYR J 408 -59.06 11.08 33.07
N SER J 409 -59.89 11.42 34.05
CA SER J 409 -59.58 12.50 34.96
C SER J 409 -60.73 12.97 35.82
N LEU J 410 -61.90 13.02 35.20
CA LEU J 410 -62.96 13.91 35.62
C LEU J 410 -63.60 13.79 36.99
N VAL J 411 -63.90 12.59 37.46
CA VAL J 411 -64.80 12.54 38.58
C VAL J 411 -63.89 11.77 39.51
N GLU J 412 -63.12 12.50 40.27
CA GLU J 412 -62.23 11.85 41.24
C GLU J 412 -63.12 10.93 42.07
N LYS J 413 -62.97 9.63 41.87
CA LYS J 413 -63.60 8.65 42.74
C LYS J 413 -62.83 8.60 44.05
N GLN J 414 -63.51 8.23 45.13
CA GLN J 414 -62.88 8.20 46.44
C GLN J 414 -63.55 7.14 47.32
N PRO J 415 -62.82 6.62 48.31
CA PRO J 415 -63.36 5.63 49.25
C PRO J 415 -64.57 6.15 50.02
N SER J 418 -68.60 5.14 49.86
CA SER J 418 -68.20 4.93 48.48
C SER J 418 -68.55 6.14 47.64
N THR J 419 -68.65 7.30 48.30
CA THR J 419 -69.04 8.54 47.64
C THR J 419 -68.00 9.00 46.62
N ILE J 420 -68.37 9.98 45.80
CA ILE J 420 -67.48 10.51 44.78
C ILE J 420 -67.36 12.02 44.88
N SER J 421 -66.12 12.53 44.87
CA SER J 421 -65.88 13.97 44.89
C SER J 421 -65.28 14.42 43.57
N ILE J 422 -65.87 15.46 42.99
CA ILE J 422 -65.56 15.89 41.65
C ILE J 422 -64.91 17.30 41.68
N PRO J 423 -63.72 17.46 41.07
CA PRO J 423 -62.93 18.72 41.12
C PRO J 423 -63.35 19.85 40.18
N SER J 424 -63.64 21.00 40.78
CA SER J 424 -64.34 22.14 40.19
C SER J 424 -63.96 22.65 38.79
N ILE J 425 -62.67 22.61 38.44
CA ILE J 425 -62.17 23.33 37.27
C ILE J 425 -62.92 23.03 35.97
N TYR J 426 -63.20 21.76 35.68
CA TYR J 426 -64.03 21.46 34.51
C TYR J 426 -65.46 21.24 34.97
N LEU J 427 -65.67 21.27 36.28
CA LEU J 427 -66.98 21.04 36.88
C LEU J 427 -67.84 22.28 36.80
N GLU J 428 -67.49 23.27 37.61
CA GLU J 428 -68.35 24.45 37.78
C GLU J 428 -68.45 25.32 36.53
N LEU J 429 -67.30 25.64 35.96
CA LEU J 429 -67.21 26.59 34.85
C LEU J 429 -67.81 26.03 33.57
N LYS J 430 -67.19 24.98 33.07
CA LYS J 430 -67.48 24.44 31.75
C LYS J 430 -68.94 24.04 31.50
N VAL J 431 -69.52 23.23 32.39
CA VAL J 431 -70.83 22.63 32.12
C VAL J 431 -72.01 23.58 32.37
N LYS J 432 -71.80 24.59 33.19
CA LYS J 432 -72.85 25.54 33.52
C LYS J 432 -73.26 26.33 32.28
N LEU J 433 -72.27 26.67 31.47
CA LEU J 433 -72.50 27.43 30.24
C LEU J 433 -73.37 26.65 29.25
N GLU J 434 -72.96 25.42 28.94
CA GLU J 434 -73.68 24.59 27.98
C GLU J 434 -74.64 23.63 28.68
N ASN J 435 -75.93 23.93 28.60
CA ASN J 435 -76.95 23.04 29.18
C ASN J 435 -78.27 23.13 28.43
N GLU J 436 -78.85 21.97 28.17
CA GLU J 436 -80.21 21.88 27.65
C GLU J 436 -81.12 21.66 28.86
N TYR J 437 -82.43 21.88 28.69
CA TYR J 437 -83.30 21.70 29.85
C TYR J 437 -83.67 20.24 30.07
N ALA J 438 -82.66 19.44 30.40
CA ALA J 438 -82.89 18.13 30.96
C ALA J 438 -82.98 18.29 32.48
N LEU J 439 -82.82 19.53 32.94
CA LEU J 439 -82.81 19.86 34.35
C LEU J 439 -84.12 19.49 35.05
N HIS J 440 -85.22 19.71 34.34
CA HIS J 440 -86.56 19.36 34.85
C HIS J 440 -86.60 17.93 35.34
N ARG J 441 -86.05 17.02 34.55
CA ARG J 441 -85.99 15.62 34.91
C ARG J 441 -84.98 15.37 36.02
N SER J 442 -83.83 16.06 35.92
CA SER J 442 -82.76 15.90 36.91
C SER J 442 -83.19 16.40 38.28
N ILE J 443 -83.89 17.53 38.30
CA ILE J 443 -84.27 18.15 39.55
C ILE J 443 -85.53 17.51 40.15
N VAL J 444 -86.40 16.99 39.29
CA VAL J 444 -87.58 16.30 39.79
C VAL J 444 -87.17 14.92 40.28
N ASP J 445 -86.03 14.45 39.78
CA ASP J 445 -85.44 13.20 40.25
C ASP J 445 -84.98 13.43 41.69
N HIS J 446 -84.53 14.64 41.97
CA HIS J 446 -84.06 14.99 43.30
C HIS J 446 -85.20 15.17 44.28
N TYR J 447 -86.42 15.29 43.76
CA TYR J 447 -87.59 15.19 44.63
C TYR J 447 -87.85 13.72 44.91
N ASN J 448 -87.63 12.90 43.89
CA ASN J 448 -87.98 11.49 43.94
C ASN J 448 -87.16 10.70 44.94
N ILE J 449 -85.89 11.07 45.15
CA ILE J 449 -85.05 10.21 45.98
C ILE J 449 -85.27 10.42 47.49
N PRO J 450 -85.43 11.67 47.98
CA PRO J 450 -85.82 11.66 49.40
C PRO J 450 -87.31 11.39 49.61
N LYS J 451 -88.06 11.24 48.51
CA LYS J 451 -89.42 10.72 48.60
C LYS J 451 -89.35 9.24 48.87
N THR J 452 -88.40 8.57 48.21
CA THR J 452 -88.11 7.17 48.47
C THR J 452 -87.54 6.99 49.88
N PHE J 453 -86.49 7.76 50.18
CA PHE J 453 -85.91 7.78 51.53
C PHE J 453 -86.93 8.25 52.55
N ASP J 454 -87.53 7.32 53.27
CA ASP J 454 -88.56 7.67 54.25
C ASP J 454 -88.68 6.62 55.36
N SER J 455 -88.58 7.07 56.60
CA SER J 455 -88.82 6.21 57.76
C SER J 455 -90.16 6.57 58.38
N ASP J 456 -90.62 5.74 59.32
CA ASP J 456 -91.90 5.98 59.99
C ASP J 456 -91.92 7.32 60.71
N ASP J 457 -90.91 7.57 61.53
CA ASP J 457 -90.80 8.86 62.21
C ASP J 457 -90.04 9.87 61.35
N LEU J 458 -89.55 10.93 61.98
CA LEU J 458 -88.96 12.04 61.23
C LEU J 458 -87.47 11.90 60.99
N ILE J 459 -86.91 10.75 61.34
CA ILE J 459 -85.49 10.49 61.12
C ILE J 459 -85.25 9.74 59.81
N PRO J 460 -84.64 10.43 58.83
CA PRO J 460 -84.35 9.83 57.52
C PRO J 460 -83.00 9.13 57.48
N PRO J 461 -82.79 8.24 56.49
CA PRO J 461 -81.50 7.61 56.25
C PRO J 461 -80.60 8.45 55.35
N TYR J 462 -80.16 9.61 55.84
CA TYR J 462 -79.27 10.49 55.10
C TYR J 462 -77.84 9.96 55.01
N LEU J 463 -77.23 10.09 53.85
CA LEU J 463 -75.79 9.85 53.72
C LEU J 463 -75.08 11.02 54.29
N ASP J 464 -73.97 10.78 55.02
CA ASP J 464 -73.24 11.77 55.82
C ASP J 464 -73.11 13.21 55.48
N GLN J 465 -72.63 13.52 54.28
CA GLN J 465 -72.46 14.91 53.89
C GLN J 465 -73.46 15.42 52.86
N TYR J 466 -73.54 14.75 51.71
CA TYR J 466 -74.36 15.21 50.59
C TYR J 466 -75.74 15.65 51.04
N PHE J 467 -76.51 14.68 51.53
CA PHE J 467 -77.92 14.89 51.83
C PHE J 467 -78.18 16.11 52.69
N TYR J 468 -77.41 16.27 53.77
CA TYR J 468 -77.59 17.41 54.66
C TYR J 468 -77.39 18.75 53.98
N SER J 469 -76.34 18.86 53.16
CA SER J 469 -76.03 20.13 52.52
C SER J 469 -76.80 20.35 51.22
N HIS J 470 -77.04 19.29 50.48
CA HIS J 470 -77.50 19.42 49.10
C HIS J 470 -79.02 19.34 48.97
N ILE J 471 -79.67 18.70 49.94
CA ILE J 471 -81.12 18.54 49.87
C ILE J 471 -81.78 19.92 49.80
N GLY J 472 -81.25 20.86 50.57
CA GLY J 472 -81.83 22.19 50.66
C GLY J 472 -81.77 22.94 49.34
N HIS J 473 -80.67 22.74 48.62
CA HIS J 473 -80.45 23.42 47.35
C HIS J 473 -81.44 22.91 46.29
N HIS J 474 -81.57 21.60 46.19
CA HIS J 474 -82.45 20.99 45.22
C HIS J 474 -83.92 21.22 45.57
N LEU J 475 -84.23 21.22 46.87
CA LEU J 475 -85.59 21.47 47.33
C LEU J 475 -86.06 22.87 46.98
N LYS J 476 -85.16 23.84 47.10
CA LYS J 476 -85.48 25.21 46.73
C LYS J 476 -85.82 25.29 45.25
N ASN J 477 -85.09 24.51 44.45
CA ASN J 477 -85.29 24.49 43.01
C ASN J 477 -86.64 23.88 42.61
N ILE J 478 -87.03 22.79 43.27
CA ILE J 478 -88.25 22.09 42.88
C ILE J 478 -89.54 22.84 43.29
N GLU J 479 -89.74 23.05 44.58
CA GLU J 479 -90.98 23.62 45.12
C GLU J 479 -90.89 23.98 46.59
N HIS J 480 -91.96 24.55 47.13
CA HIS J 480 -92.00 24.95 48.54
C HIS J 480 -92.46 23.88 49.56
N PRO J 481 -93.41 22.99 49.20
CA PRO J 481 -93.93 22.15 50.28
C PRO J 481 -92.92 21.17 50.86
N GLU J 482 -91.98 20.72 50.04
CA GLU J 482 -90.98 19.75 50.50
C GLU J 482 -89.88 20.45 51.28
N ARG J 483 -89.58 21.69 50.91
CA ARG J 483 -88.68 22.51 51.69
C ARG J 483 -89.24 22.72 53.08
N MET J 484 -90.55 22.96 53.13
CA MET J 484 -91.26 23.18 54.38
C MET J 484 -91.02 22.05 55.39
N THR J 485 -91.10 20.81 54.91
CA THR J 485 -90.96 19.65 55.79
C THR J 485 -89.52 19.19 55.97
N LEU J 486 -88.78 19.06 54.88
CA LEU J 486 -87.44 18.47 54.94
C LEU J 486 -86.40 19.35 55.61
N PHE J 487 -86.51 20.67 55.44
CA PHE J 487 -85.66 21.60 56.17
C PHE J 487 -85.91 21.45 57.65
N ARG J 488 -87.13 21.02 57.95
CA ARG J 488 -87.59 20.86 59.32
C ARG J 488 -87.40 22.17 60.04
N MET J 489 -87.97 23.21 59.46
CA MET J 489 -88.23 24.44 60.16
C MET J 489 -89.53 24.21 60.88
N VAL J 490 -90.33 23.31 60.29
CA VAL J 490 -91.56 22.84 60.91
C VAL J 490 -91.23 21.72 61.89
N PHE J 491 -90.31 20.84 61.51
CA PHE J 491 -89.96 19.71 62.36
C PHE J 491 -88.77 20.04 63.26
N LEU J 492 -88.81 19.60 64.51
CA LEU J 492 -87.71 19.84 65.43
C LEU J 492 -86.54 18.90 65.13
N ASP J 493 -86.78 17.91 64.27
CA ASP J 493 -85.87 16.78 64.13
C ASP J 493 -84.58 17.06 63.35
N PHE J 494 -84.59 18.05 62.46
CA PHE J 494 -83.36 18.38 61.73
C PHE J 494 -82.51 19.35 62.54
N ARG J 495 -83.14 20.06 63.46
CA ARG J 495 -82.38 20.81 64.44
C ARG J 495 -81.57 19.82 65.26
N PHE J 496 -82.17 18.65 65.51
CA PHE J 496 -81.50 17.56 66.18
C PHE J 496 -80.41 16.98 65.29
N LEU J 497 -80.81 16.30 64.21
CA LEU J 497 -79.89 15.58 63.35
C LEU J 497 -78.79 16.46 62.74
N GLU J 498 -79.15 17.29 61.77
CA GLU J 498 -78.21 18.16 61.03
C GLU J 498 -77.11 18.78 61.89
N GLN J 499 -77.47 19.21 63.09
CA GLN J 499 -76.55 19.88 63.99
C GLN J 499 -75.50 18.93 64.56
N LYS J 500 -75.93 17.75 65.01
CA LYS J 500 -75.05 16.86 65.77
C LYS J 500 -74.19 15.95 64.90
N ILE J 501 -74.60 15.72 63.65
CA ILE J 501 -73.78 14.95 62.72
C ILE J 501 -72.74 15.87 62.10
N ARG J 502 -73.14 17.10 61.79
CA ARG J 502 -72.21 18.13 61.33
C ARG J 502 -71.46 18.74 62.51
N HIS J 503 -70.80 17.88 63.28
CA HIS J 503 -70.03 18.31 64.45
C HIS J 503 -68.55 18.01 64.28
N ASN J 516 -70.21 23.40 60.92
CA ASN J 516 -70.99 23.22 62.14
C ASN J 516 -72.34 23.90 62.04
N THR J 517 -72.65 24.74 63.03
CA THR J 517 -73.90 25.49 63.06
C THR J 517 -73.97 26.46 61.89
N LEU J 518 -72.79 26.80 61.37
CA LEU J 518 -72.65 27.77 60.30
C LEU J 518 -73.44 27.40 59.07
N GLN J 519 -73.06 26.28 58.47
CA GLN J 519 -73.67 25.83 57.23
C GLN J 519 -75.17 25.61 57.42
N GLN J 520 -75.55 25.19 58.63
CA GLN J 520 -76.96 25.06 58.97
C GLN J 520 -77.62 26.43 58.87
N LEU J 521 -77.02 27.42 59.52
CA LEU J 521 -77.44 28.81 59.40
C LEU J 521 -77.39 29.28 57.96
N LYS J 522 -76.42 28.76 57.20
CA LYS J 522 -76.25 29.12 55.81
C LYS J 522 -77.32 28.52 54.91
N PHE J 523 -77.94 27.43 55.38
CA PHE J 523 -79.05 26.85 54.64
C PHE J 523 -80.27 27.74 54.81
N TYR J 524 -80.65 27.95 56.06
CA TYR J 524 -81.92 28.60 56.37
C TYR J 524 -82.10 29.96 55.72
N LYS J 525 -81.07 30.80 55.69
CA LYS J 525 -81.28 32.19 55.30
C LYS J 525 -81.56 32.41 53.80
N PRO J 526 -80.72 31.88 52.89
CA PRO J 526 -81.11 32.14 51.49
C PRO J 526 -82.25 31.26 51.00
N TYR J 527 -82.60 30.24 51.75
CA TYR J 527 -83.57 29.27 51.27
C TYR J 527 -85.03 29.56 51.67
N ILE J 528 -85.28 30.57 52.51
CA ILE J 528 -86.66 30.87 52.92
C ILE J 528 -87.54 31.39 51.79
N CYS J 529 -86.91 31.83 50.71
CA CYS J 529 -87.63 32.47 49.61
C CYS J 529 -88.71 31.54 49.03
N ASP J 530 -88.43 30.25 49.01
CA ASP J 530 -89.34 29.27 48.45
C ASP J 530 -90.65 29.20 49.24
N ASP J 532 -95.12 30.16 51.90
CA ASP J 532 -95.70 31.50 51.78
C ASP J 532 -95.23 32.38 52.94
N PRO J 533 -95.29 33.72 52.78
CA PRO J 533 -94.82 34.70 53.77
C PRO J 533 -95.19 34.38 55.23
N LYS J 534 -96.33 33.76 55.47
CA LYS J 534 -96.77 33.45 56.83
C LYS J 534 -95.82 32.45 57.49
N TYR J 535 -95.43 31.43 56.75
CA TYR J 535 -94.43 30.49 57.22
C TYR J 535 -93.05 31.11 57.08
N GLU J 536 -92.92 32.12 56.22
CA GLU J 536 -91.61 32.74 55.96
C GLU J 536 -91.13 33.58 57.14
N ARG J 537 -92.01 34.41 57.70
CA ARG J 537 -91.69 35.16 58.89
C ARG J 537 -91.38 34.20 60.04
N LEU J 538 -91.89 32.99 59.90
CA LEU J 538 -91.68 31.94 60.89
C LEU J 538 -90.27 31.35 60.77
N VAL J 539 -89.78 31.17 59.54
CA VAL J 539 -88.43 30.59 59.36
C VAL J 539 -87.36 31.54 59.89
N ASN J 540 -87.59 32.85 59.74
CA ASN J 540 -86.59 33.81 60.17
C ASN J 540 -86.62 33.91 61.68
N ALA J 541 -87.78 33.59 62.26
CA ALA J 541 -87.93 33.53 63.70
C ALA J 541 -87.15 32.35 64.27
N ILE J 542 -87.27 31.19 63.63
CA ILE J 542 -86.52 30.01 64.06
C ILE J 542 -85.06 30.15 63.62
N LEU J 543 -84.83 31.01 62.62
CA LEU J 543 -83.49 31.24 62.11
C LEU J 543 -82.61 31.86 63.18
N ASP J 544 -83.12 32.92 63.80
CA ASP J 544 -82.35 33.67 64.79
C ASP J 544 -82.04 32.81 66.02
N PHE J 545 -83.00 31.99 66.43
CA PHE J 545 -82.84 31.15 67.61
C PHE J 545 -81.81 30.04 67.37
N LEU J 546 -81.45 29.82 66.10
CA LEU J 546 -80.60 28.70 65.73
C LEU J 546 -79.11 28.90 66.10
N PRO J 547 -78.48 30.01 65.68
CA PRO J 547 -77.08 30.15 66.12
C PRO J 547 -77.00 30.58 67.57
N LYS J 548 -78.13 31.06 68.09
CA LYS J 548 -78.24 31.51 69.47
C LYS J 548 -77.79 30.44 70.45
N ILE J 549 -78.07 29.19 70.13
CA ILE J 549 -77.78 28.07 71.02
C ILE J 549 -77.44 26.81 70.22
N TYR J 558 -82.45 12.35 73.80
CA TYR J 558 -83.59 12.79 72.99
C TYR J 558 -84.47 13.91 73.56
N THR J 559 -84.72 13.83 74.86
CA THR J 559 -85.64 14.74 75.55
C THR J 559 -85.26 16.22 75.44
N ASP J 560 -83.98 16.53 75.63
CA ASP J 560 -83.52 17.93 75.67
C ASP J 560 -84.04 18.80 74.55
N LEU J 561 -83.98 18.28 73.33
CA LEU J 561 -84.39 19.00 72.13
C LEU J 561 -85.82 19.53 72.23
N LEU J 562 -86.71 18.69 72.77
CA LEU J 562 -88.13 19.04 72.88
C LEU J 562 -88.37 20.08 73.96
N ARG J 563 -87.66 19.94 75.08
CA ARG J 563 -87.86 20.80 76.24
C ARG J 563 -87.48 22.26 75.96
N ILE J 564 -86.48 22.46 75.11
CA ILE J 564 -86.04 23.81 74.78
C ILE J 564 -86.89 24.40 73.66
N ALA J 565 -87.63 23.55 72.97
CA ALA J 565 -88.59 24.00 71.96
C ALA J 565 -89.86 24.49 72.65
N LEU J 566 -90.01 24.11 73.91
CA LEU J 566 -91.20 24.41 74.70
C LEU J 566 -91.31 25.90 75.05
N MET J 567 -90.18 26.60 75.00
CA MET J 567 -90.12 27.99 75.47
C MET J 567 -90.97 28.95 74.64
N ALA J 568 -91.01 28.75 73.33
CA ALA J 568 -91.78 29.61 72.44
C ALA J 568 -93.02 28.89 71.92
N GLU J 569 -94.18 29.25 72.46
CA GLU J 569 -95.45 28.61 72.13
C GLU J 569 -95.87 28.86 70.68
N ASP J 570 -95.36 29.94 70.10
CA ASP J 570 -95.81 30.42 68.80
C ASP J 570 -95.30 29.60 67.60
N GLU J 571 -94.39 28.67 67.85
CA GLU J 571 -93.69 28.02 66.76
C GLU J 571 -94.08 26.55 66.56
N ALA J 572 -94.06 26.11 65.31
CA ALA J 572 -94.38 24.74 64.95
C ALA J 572 -93.25 23.79 65.35
N ILE J 573 -92.09 24.35 65.68
CA ILE J 573 -90.96 23.54 66.12
C ILE J 573 -91.32 22.89 67.44
N PHE J 574 -92.22 23.53 68.19
CA PHE J 574 -92.77 22.92 69.41
C PHE J 574 -93.86 21.92 69.05
N GLU J 575 -94.71 22.29 68.09
CA GLU J 575 -95.81 21.43 67.65
C GLU J 575 -95.28 20.09 67.15
N GLU J 576 -94.14 20.13 66.46
CA GLU J 576 -93.53 18.91 65.97
C GLU J 576 -92.69 18.24 67.06
N ALA J 577 -92.14 19.06 67.95
CA ALA J 577 -91.44 18.56 69.13
C ALA J 577 -92.35 17.60 69.87
N HIS J 578 -93.61 18.01 70.02
CA HIS J 578 -94.60 17.22 70.72
C HIS J 578 -94.94 15.93 69.99
N LYS J 579 -94.77 15.94 68.66
CA LYS J 579 -95.07 14.76 67.87
C LYS J 579 -93.94 13.73 67.93
N GLN J 580 -92.70 14.21 68.03
CA GLN J 580 -91.55 13.30 67.99
C GLN J 580 -91.20 12.72 69.36
N VAL J 581 -91.73 13.31 70.42
CA VAL J 581 -91.67 12.67 71.73
C VAL J 581 -92.77 11.63 71.80
N GLN J 582 -93.92 11.97 71.21
CA GLN J 582 -95.05 11.06 71.09
C GLN J 582 -94.63 9.74 70.46
N ARG J 583 -93.74 9.83 69.47
CA ARG J 583 -93.11 8.64 68.92
C ARG J 583 -91.61 8.69 69.13
N UNK J 584 -74.62 30.72 75.97
CA UNK J 584 -73.74 31.79 75.54
C UNK J 584 -74.01 32.07 74.07
N UNK J 585 -73.95 33.34 73.70
CA UNK J 585 -74.19 33.75 72.33
C UNK J 585 -73.34 32.95 71.32
N UNK J 586 -72.13 32.58 71.71
CA UNK J 586 -71.27 31.83 70.81
C UNK J 586 -70.30 30.88 71.50
N UNK J 587 -70.07 29.73 70.89
CA UNK J 587 -69.15 28.73 71.44
C UNK J 587 -68.25 28.15 70.34
N UNK J 588 -66.94 28.37 70.51
CA UNK J 588 -65.94 27.95 69.55
C UNK J 588 -65.08 26.78 70.01
N UNK J 589 -64.88 25.81 69.13
CA UNK J 589 -64.07 24.64 69.45
C UNK J 589 -62.97 24.44 68.40
N UNK J 590 -61.82 25.14 68.53
CA UNK J 590 -60.69 25.07 67.60
C UNK J 590 -59.41 24.42 68.11
N UNK J 591 -59.42 23.92 69.34
CA UNK J 591 -58.21 23.29 69.88
C UNK J 591 -58.48 21.82 70.12
N UNK J 592 -57.41 21.04 70.23
CA UNK J 592 -57.58 19.62 70.47
C UNK J 592 -57.15 19.32 71.88
N UNK J 593 -56.98 21.00 75.02
CA UNK J 593 -57.45 22.13 75.81
C UNK J 593 -57.08 23.48 75.19
N UNK J 594 -57.98 24.44 75.30
CA UNK J 594 -57.75 25.79 74.80
C UNK J 594 -57.27 26.59 75.98
N UNK J 595 -56.11 27.22 75.88
CA UNK J 595 -55.64 27.97 77.02
C UNK J 595 -56.03 29.45 77.00
N UNK J 596 -55.98 30.06 75.83
CA UNK J 596 -56.32 31.47 75.70
C UNK J 596 -56.95 31.71 74.35
N UNK J 597 -57.72 32.78 74.25
CA UNK J 597 -58.39 33.17 73.02
C UNK J 597 -58.70 34.66 73.14
N UNK J 598 -58.82 35.35 72.00
CA UNK J 598 -59.10 36.78 72.05
C UNK J 598 -59.64 37.33 70.72
N UNK J 599 -60.22 38.52 70.78
CA UNK J 599 -60.81 39.18 69.62
C UNK J 599 -59.81 40.02 68.85
N UNK J 600 -60.08 40.23 67.56
CA UNK J 600 -59.22 41.06 66.74
C UNK J 600 -59.60 42.48 67.18
N UNK J 601 -58.77 43.47 66.87
CA UNK J 601 -59.09 44.83 67.29
C UNK J 601 -60.43 45.33 66.81
N UNK J 602 -60.92 44.84 65.68
CA UNK J 602 -62.23 45.26 65.19
C UNK J 602 -63.31 44.27 65.64
N UNK J 603 -62.91 43.28 66.42
CA UNK J 603 -63.86 42.28 66.90
C UNK J 603 -64.39 41.30 65.86
N UNK J 604 -63.99 41.47 64.61
CA UNK J 604 -64.43 40.59 63.53
C UNK J 604 -63.87 39.17 63.56
N UNK J 605 -62.68 39.01 64.14
CA UNK J 605 -62.04 37.72 64.20
C UNK J 605 -61.66 37.32 65.63
N UNK J 606 -61.30 36.04 65.80
CA UNK J 606 -60.89 35.51 67.09
C UNK J 606 -59.71 34.56 66.88
N UNK J 607 -58.68 34.68 67.72
CA UNK J 607 -57.54 33.80 67.61
C UNK J 607 -57.51 33.07 68.95
N UNK J 608 -57.16 31.79 68.92
CA UNK J 608 -57.13 30.96 70.11
C UNK J 608 -55.95 30.03 70.04
N UNK J 609 -55.26 29.85 71.16
CA UNK J 609 -54.08 29.00 71.20
C UNK J 609 -54.20 28.07 72.38
N UNK J 610 -53.93 26.78 72.17
CA UNK J 610 -54.05 25.86 73.28
C UNK J 610 -52.95 24.83 73.36
N UNK J 611 -53.24 23.75 74.06
CA UNK J 611 -52.25 22.72 74.32
C UNK J 611 -52.02 21.85 73.10
N UNK J 612 -52.80 22.09 72.05
CA UNK J 612 -52.61 21.29 70.86
C UNK J 612 -51.45 21.83 70.01
N UNK J 613 -50.75 22.84 70.54
CA UNK J 613 -49.58 23.47 69.90
C UNK J 613 -49.84 24.38 68.70
N UNK J 614 -51.10 24.54 68.28
CA UNK J 614 -51.43 25.37 67.11
C UNK J 614 -52.00 26.77 67.37
N UNK J 615 -51.98 27.60 66.34
CA UNK J 615 -52.54 28.95 66.42
C UNK J 615 -53.76 28.85 65.53
N UNK J 616 -54.92 29.27 66.03
CA UNK J 616 -56.13 29.17 65.25
C UNK J 616 -56.82 30.50 65.13
N UNK J 617 -57.47 30.74 64.00
CA UNK J 617 -58.18 31.97 63.81
C UNK J 617 -59.45 31.69 63.03
N UNK J 618 -60.52 32.39 63.39
CA UNK J 618 -61.84 32.22 62.78
C UNK J 618 -62.66 33.50 62.90
N UNK J 619 -63.68 33.62 62.06
CA UNK J 619 -64.54 34.79 62.08
C UNK J 619 -65.29 34.82 63.42
N UNK J 620 -65.47 36.00 63.99
CA UNK J 620 -66.18 36.10 65.26
C UNK J 620 -67.65 35.73 65.06
N UNK J 621 -68.18 36.14 63.91
CA UNK J 621 -69.57 35.86 63.54
C UNK J 621 -69.98 34.41 63.44
N UNK J 622 -69.21 33.60 62.72
CA UNK J 622 -69.55 32.20 62.49
C UNK J 622 -68.59 31.07 62.86
N UNK J 623 -67.40 31.38 63.35
CA UNK J 623 -66.45 30.33 63.70
C UNK J 623 -65.78 29.73 62.47
N UNK J 624 -66.20 30.24 61.32
CA UNK J 624 -65.70 29.84 60.02
C UNK J 624 -64.17 29.90 60.09
N UNK J 625 -63.51 28.76 60.07
CA UNK J 625 -62.06 28.75 60.17
C UNK J 625 -61.35 29.64 59.16
N UNK J 626 -60.38 30.42 59.64
CA UNK J 626 -59.58 31.33 58.80
C UNK J 626 -58.12 30.89 58.74
N UNK J 627 -57.55 30.52 59.89
CA UNK J 627 -56.16 30.05 59.91
C UNK J 627 -55.98 28.81 60.80
N UNK J 628 -55.14 27.88 60.36
CA UNK J 628 -54.86 26.65 61.12
C UNK J 628 -53.33 26.43 61.07
N UNK J 629 -52.60 27.23 61.85
CA UNK J 629 -51.14 27.19 61.91
C UNK J 629 -50.58 26.27 62.99
N UNK J 630 -49.40 25.71 62.76
CA UNK J 630 -48.76 24.85 63.76
C UNK J 630 -47.71 25.75 64.42
N UNK J 631 -48.16 26.70 65.25
CA UNK J 631 -47.30 27.69 65.89
C UNK J 631 -46.04 27.28 66.69
N UNK J 632 -46.12 26.29 67.56
CA UNK J 632 -44.94 25.92 68.33
C UNK J 632 -44.72 24.45 68.49
N UNK J 633 -43.65 24.14 69.23
CA UNK J 633 -43.24 22.77 69.50
C UNK J 633 -43.54 22.46 70.97
N UNK J 634 -44.17 23.55 72.15
CA UNK J 634 -44.56 23.35 73.53
C UNK J 634 -45.72 24.31 73.86
N UNK J 635 -46.54 23.92 74.84
CA UNK J 635 -47.73 24.65 75.21
C UNK J 635 -47.56 26.16 75.29
N UNK J 636 -48.61 26.89 74.94
CA UNK J 636 -48.58 28.35 74.96
C UNK J 636 -49.26 28.87 76.22
N UNK J 637 -48.96 30.12 76.58
CA UNK J 637 -49.52 30.72 77.79
C UNK J 637 -50.25 32.07 77.69
N UNK J 638 -50.04 32.79 76.60
CA UNK J 638 -50.68 34.07 76.45
C UNK J 638 -50.51 34.57 75.02
N UNK J 639 -51.39 35.48 74.62
CA UNK J 639 -51.38 36.05 73.28
C UNK J 639 -52.10 37.41 73.27
N UNK J 640 -51.70 38.32 72.39
CA UNK J 640 -52.32 39.63 72.34
C UNK J 640 -52.17 40.27 70.99
N UNK J 641 -52.94 41.32 70.75
CA UNK J 641 -52.92 42.07 69.50
C UNK J 641 -52.16 43.36 69.76
N UNK J 642 -51.64 43.99 68.71
CA UNK J 642 -50.91 45.24 68.86
C UNK J 642 -51.94 46.36 68.89
N UNK J 643 -51.49 47.60 69.01
CA UNK J 643 -52.38 48.75 69.06
C UNK J 643 -53.25 48.93 67.82
N UNK J 644 -52.77 48.50 66.66
CA UNK J 644 -53.57 48.64 65.44
C UNK J 644 -53.94 47.28 64.86
N UNK J 645 -54.00 46.26 65.73
CA UNK J 645 -54.36 44.91 65.30
C UNK J 645 -53.51 44.44 64.14
N UNK J 646 -52.42 45.13 63.87
CA UNK J 646 -51.57 44.74 62.76
C UNK J 646 -50.81 43.45 63.10
N UNK J 647 -50.58 43.26 64.40
CA UNK J 647 -49.85 42.10 64.86
C UNK J 647 -50.51 41.39 66.01
N UNK J 648 -50.00 40.20 66.30
CA UNK J 648 -50.45 39.36 67.39
C UNK J 648 -49.19 38.71 67.93
N UNK J 649 -48.94 38.82 69.21
CA UNK J 649 -47.77 38.18 69.74
C UNK J 649 -48.26 36.95 70.48
N UNK J 650 -47.35 36.06 70.83
CA UNK J 650 -47.68 34.85 71.59
C UNK J 650 -46.42 34.50 72.33
N UNK J 651 -46.55 34.18 73.60
CA UNK J 651 -45.39 33.79 74.37
C UNK J 651 -45.73 32.41 74.92
N UNK J 652 -44.73 31.52 75.00
CA UNK J 652 -45.01 30.16 75.46
C UNK J 652 -44.00 29.56 76.40
N UNK J 653 -44.22 28.29 76.73
CA UNK J 653 -43.36 27.56 77.64
C UNK J 653 -42.00 27.23 77.03
N UNK J 654 -41.85 27.44 75.73
CA UNK J 654 -40.57 27.17 75.09
C UNK J 654 -39.68 28.37 75.34
N UNK J 655 -40.17 29.27 76.18
CA UNK J 655 -39.43 30.48 76.57
C UNK J 655 -39.32 31.51 75.46
N UNK J 656 -40.01 31.29 74.35
CA UNK J 656 -39.97 32.23 73.24
C UNK J 656 -41.21 33.13 73.17
N UNK J 657 -41.05 34.25 72.45
CA UNK J 657 -42.11 35.23 72.22
C UNK J 657 -42.16 35.36 70.70
N UNK J 658 -43.34 35.49 70.12
CA UNK J 658 -43.40 35.57 68.68
C UNK J 658 -44.36 36.63 68.16
N UNK J 659 -44.03 37.20 67.00
CA UNK J 659 -44.87 38.22 66.42
C UNK J 659 -45.41 37.69 65.12
N UNK J 660 -46.70 37.88 64.87
CA UNK J 660 -47.34 37.40 63.66
C UNK J 660 -48.12 38.50 62.94
N UNK J 661 -48.20 38.38 61.62
CA UNK J 661 -48.96 39.33 60.82
C UNK J 661 -50.37 38.80 61.07
N UNK J 662 -51.18 39.57 61.77
CA UNK J 662 -52.53 39.12 62.08
C UNK J 662 -53.36 38.81 60.86
N UNK J 663 -52.91 39.25 59.69
CA UNK J 663 -53.65 39.03 58.46
C UNK J 663 -53.30 37.71 57.78
N UNK J 664 -50.79 35.56 59.07
CA UNK J 664 -50.32 34.58 60.03
C UNK J 664 -48.88 34.19 59.82
N UNK J 665 -48.15 34.91 58.98
CA UNK J 665 -46.75 34.59 58.76
C UNK J 665 -45.89 35.09 59.92
N UNK J 666 -45.00 34.22 60.41
CA UNK J 666 -44.11 34.57 61.52
C UNK J 666 -43.36 35.83 61.12
N UNK J 667 -43.42 36.85 61.95
CA UNK J 667 -42.76 38.12 61.67
C UNK J 667 -41.59 38.33 62.63
N UNK J 668 -39.03 36.07 65.86
CA UNK J 668 -39.16 35.55 67.22
C UNK J 668 -38.08 36.11 68.15
N UNK J 669 -38.43 36.23 69.42
CA UNK J 669 -37.51 36.75 70.42
C UNK J 669 -37.28 35.73 71.50
N UNK J 670 -36.11 35.08 71.50
CA UNK J 670 -35.80 34.11 72.54
C UNK J 670 -34.76 34.73 73.45
N UNK J 671 -35.14 35.04 74.68
CA UNK J 671 -34.21 35.62 75.64
C UNK J 671 -34.60 35.31 77.06
N UNK J 672 -39.10 35.57 78.57
CA UNK J 672 -39.75 36.87 78.68
C UNK J 672 -41.25 36.67 78.92
N UNK J 673 -41.70 37.19 80.06
CA UNK J 673 -43.10 37.07 80.52
C UNK J 673 -44.05 38.17 80.05
N UNK J 674 -43.62 39.42 80.22
CA UNK J 674 -44.43 40.57 79.82
C UNK J 674 -44.13 41.00 78.38
N UNK J 675 -45.17 41.45 77.67
CA UNK J 675 -45.02 42.05 76.35
C UNK J 675 -46.30 42.78 75.97
N UNK J 676 -46.17 44.11 75.90
CA UNK J 676 -47.27 45.02 75.61
C UNK J 676 -46.86 46.12 74.62
N UNK J 677 -47.78 46.53 73.74
CA UNK J 677 -47.50 47.56 72.74
C UNK J 677 -47.90 48.95 73.24
N UNK J 678 -47.55 49.97 72.48
CA UNK J 678 -47.92 51.34 72.85
C UNK J 678 -49.37 51.55 72.42
N UNK J 679 -50.13 52.32 73.18
CA UNK J 679 -51.55 52.55 72.89
C UNK J 679 -51.83 53.55 71.77
N UNK J 680 -51.13 54.67 71.80
CA UNK J 680 -51.32 55.70 70.78
C UNK J 680 -50.96 55.22 69.38
N UNK J 681 -51.92 55.37 68.49
CA UNK J 681 -51.82 55.00 67.09
C UNK J 681 -50.70 55.75 66.38
N UNK J 682 -49.98 56.56 67.12
CA UNK J 682 -48.90 57.33 66.55
C UNK J 682 -47.61 56.51 66.50
N UNK J 683 -46.94 56.39 67.64
CA UNK J 683 -45.70 55.61 67.75
C UNK J 683 -45.98 54.12 67.85
N UNK J 684 -44.98 53.29 67.56
CA UNK J 684 -45.13 51.84 67.56
C UNK J 684 -44.04 51.11 68.33
N UNK J 685 -44.10 51.12 69.66
CA UNK J 685 -43.08 50.44 70.46
C UNK J 685 -43.61 49.20 71.14
N UNK J 686 -42.68 48.35 71.55
CA UNK J 686 -43.04 47.11 72.23
C UNK J 686 -42.18 47.03 73.49
N UNK J 687 -42.83 46.71 74.60
CA UNK J 687 -42.13 46.60 75.87
C UNK J 687 -42.18 45.17 76.34
N UNK J 688 -41.06 44.67 76.82
CA UNK J 688 -41.00 43.29 77.30
C UNK J 688 -40.28 43.18 78.64
N UNK J 689 -40.81 42.33 79.50
CA UNK J 689 -40.22 42.10 80.81
C UNK J 689 -39.76 40.66 80.80
N UNK J 690 -38.63 40.35 81.43
CA UNK J 690 -38.15 38.98 81.43
C UNK J 690 -37.59 38.52 82.76
N UNK J 691 -37.42 37.21 82.90
CA UNK J 691 -36.86 36.61 84.11
C UNK J 691 -35.41 37.04 84.27
N UNK J 692 -34.84 37.65 83.23
CA UNK J 692 -33.46 38.09 83.28
C UNK J 692 -33.32 39.44 83.99
N UNK J 693 -34.42 39.91 84.58
CA UNK J 693 -34.46 41.16 85.34
C UNK J 693 -34.54 42.42 84.50
N UNK J 694 -34.51 42.31 83.18
CA UNK J 694 -34.58 43.51 82.36
C UNK J 694 -35.91 43.71 81.72
N UNK J 695 -36.06 44.91 81.17
CA UNK J 695 -37.23 45.35 80.44
C UNK J 695 -36.64 45.85 79.13
N UNK J 696 -37.36 45.71 78.03
CA UNK J 696 -36.81 46.19 76.78
C UNK J 696 -37.82 46.92 75.93
N UNK J 697 -37.37 47.98 75.28
CA UNK J 697 -38.22 48.74 74.39
C UNK J 697 -37.70 48.39 73.02
N UNK J 698 -38.60 48.00 72.11
CA UNK J 698 -38.22 47.65 70.76
C UNK J 698 -38.92 48.62 69.85
N UNK J 699 -38.23 49.05 68.79
CA UNK J 699 -38.81 49.96 67.82
C UNK J 699 -39.01 49.05 66.62
N UNK J 700 -40.22 48.52 66.47
CA UNK J 700 -40.56 47.62 65.37
C UNK J 700 -40.06 48.08 64.01
N UNK J 701 -39.78 49.38 63.91
CA UNK J 701 -39.30 49.97 62.67
C UNK J 701 -37.76 49.90 62.68
N UNK J 702 -37.21 48.93 63.38
CA UNK J 702 -35.75 48.82 63.46
C UNK J 702 -35.32 47.41 63.85
N UNK J 703 -34.43 46.83 63.06
CA UNK J 703 -33.94 45.48 63.32
C UNK J 703 -33.31 45.35 64.71
N UNK J 704 -33.24 46.47 65.44
CA UNK J 704 -32.60 46.44 66.76
C UNK J 704 -33.42 46.85 67.98
N UNK J 705 -32.88 46.51 69.14
CA UNK J 705 -33.46 46.82 70.43
C UNK J 705 -33.30 48.32 70.53
N UNK J 706 -34.16 49.01 71.28
CA UNK J 706 -34.04 50.46 71.39
C UNK J 706 -33.54 50.88 72.74
N UNK J 707 -33.85 50.09 73.74
CA UNK J 707 -33.44 50.41 75.10
C UNK J 707 -33.52 49.15 75.96
N UNK J 708 -32.76 49.14 77.04
CA UNK J 708 -32.76 48.02 77.95
C UNK J 708 -32.78 48.60 79.33
N UNK J 709 -33.98 48.65 79.94
CA UNK J 709 -34.10 49.21 81.27
C UNK J 709 -33.51 48.34 82.35
N UNK J 710 -32.38 48.74 82.90
CA UNK J 710 -31.79 47.97 83.98
C UNK J 710 -32.37 48.54 85.28
N UNK J 711 -40.54 35.75 89.48
CA UNK J 711 -41.24 36.98 89.11
C UNK J 711 -42.23 36.58 88.01
N UNK J 712 -43.51 36.69 88.32
CA UNK J 712 -44.52 36.26 87.37
C UNK J 712 -45.11 37.32 86.48
N UNK J 713 -44.92 38.58 86.81
CA UNK J 713 -45.54 39.61 86.00
C UNK J 713 -44.91 40.96 86.33
N UNK J 714 -45.02 41.90 85.40
CA UNK J 714 -44.45 43.24 85.55
C UNK J 714 -45.00 44.17 84.49
N UNK J 715 -45.33 45.39 84.89
CA UNK J 715 -45.88 46.39 83.96
C UNK J 715 -45.29 47.75 84.27
N UNK J 716 -44.98 48.50 83.23
CA UNK J 716 -44.46 49.83 83.44
C UNK J 716 -45.66 50.67 83.84
N UNK J 717 -45.43 51.75 84.56
CA UNK J 717 -46.53 52.61 84.93
C UNK J 717 -46.85 53.46 83.70
N UNK J 718 -48.06 54.01 83.63
CA UNK J 718 -48.40 54.82 82.47
C UNK J 718 -47.33 55.90 82.35
N UNK J 719 -42.22 56.23 84.83
CA UNK J 719 -41.25 56.36 85.90
C UNK J 719 -41.17 55.17 86.87
N UNK J 720 -42.22 54.36 86.92
CA UNK J 720 -42.20 53.22 87.83
C UNK J 720 -42.39 51.90 87.12
N UNK J 721 -41.92 50.83 87.75
CA UNK J 721 -42.06 49.49 87.19
C UNK J 721 -42.66 48.63 88.27
N UNK J 722 -43.91 48.24 88.09
CA UNK J 722 -44.56 47.41 89.07
C UNK J 722 -44.14 45.96 88.81
N UNK J 723 -43.99 45.19 89.87
CA UNK J 723 -43.57 43.81 89.73
C UNK J 723 -44.33 42.91 90.67
N UNK J 724 -44.74 41.77 90.13
CA UNK J 724 -45.55 40.80 90.83
C UNK J 724 -44.85 39.45 90.89
N UNK J 725 -44.81 38.83 92.07
CA UNK J 725 -44.12 37.55 92.24
C UNK J 725 -44.81 36.51 93.10
N UNK J 726 -44.11 35.40 93.29
CA UNK J 726 -44.59 34.29 94.08
C UNK J 726 -44.20 34.49 95.54
N UNK J 727 -43.27 35.40 95.78
CA UNK J 727 -42.83 35.66 97.14
C UNK J 727 -43.89 36.40 97.94
N UNK J 728 -45.08 36.57 97.37
CA UNK J 728 -46.16 37.24 98.07
C UNK J 728 -46.10 38.76 98.12
N UNK J 729 -45.34 39.36 97.21
CA UNK J 729 -45.23 40.81 97.20
C UNK J 729 -45.63 41.47 95.88
N UNK J 730 -45.88 42.77 95.95
CA UNK J 730 -46.15 43.60 94.79
C UNK J 730 -44.97 44.53 95.00
N UNK J 731 -44.34 45.03 93.95
CA UNK J 731 -43.19 45.87 94.18
C UNK J 731 -43.06 46.97 93.17
N UNK J 732 -42.63 48.13 93.62
CA UNK J 732 -42.45 49.24 92.71
C UNK J 732 -41.00 49.65 92.58
N UNK J 733 -40.38 49.25 91.49
CA UNK J 733 -39.01 49.62 91.26
C UNK J 733 -39.02 50.98 90.57
N UNK J 734 -37.90 51.69 90.63
CA UNK J 734 -37.77 53.01 90.02
C UNK J 734 -36.99 52.87 88.71
N UNK J 735 -37.70 52.98 87.59
CA UNK J 735 -37.07 52.82 86.30
C UNK J 735 -35.74 53.54 86.10
N UNK J 736 -35.74 54.86 86.26
CA UNK J 736 -34.54 55.64 86.06
C UNK J 736 -33.31 55.12 86.79
N UNK J 737 -33.52 54.39 87.89
CA UNK J 737 -32.38 53.90 88.66
C UNK J 737 -32.41 52.42 89.02
N UNK J 738 -33.44 51.71 88.60
CA UNK J 738 -33.59 50.29 88.89
C UNK J 738 -33.48 49.97 90.38
N UNK J 739 -33.98 50.85 91.24
CA UNK J 739 -33.95 50.68 92.69
C UNK J 739 -35.30 50.26 93.25
N UNK J 740 -35.31 49.48 94.31
CA UNK J 740 -36.59 49.07 94.89
C UNK J 740 -37.12 50.24 95.72
N UNK J 741 -38.28 50.76 95.36
CA UNK J 741 -38.89 51.87 96.11
C UNK J 741 -39.83 51.38 97.19
N UNK J 742 -40.69 50.42 96.86
CA UNK J 742 -41.62 49.87 97.86
C UNK J 742 -41.85 48.39 97.63
N UNK J 743 -42.47 47.77 98.61
CA UNK J 743 -42.80 46.36 98.54
C UNK J 743 -44.08 46.20 99.33
N UNK J 744 -45.07 45.51 98.76
CA UNK J 744 -46.34 45.31 99.44
C UNK J 744 -46.65 43.85 99.66
N UNK J 745 -46.53 43.41 100.90
CA UNK J 745 -46.81 42.02 101.23
C UNK J 745 -48.31 41.72 101.14
N UNK J 746 -48.66 40.61 100.51
CA UNK J 746 -50.05 40.24 100.44
C UNK J 746 -50.32 39.21 101.54
N UNK J 747 -51.01 39.71 102.58
CA UNK J 747 -51.35 38.99 103.79
C UNK J 747 -52.87 38.87 104.00
N UNK J 748 -53.62 38.66 102.93
CA UNK J 748 -55.06 38.57 103.05
C UNK J 748 -55.50 37.13 103.09
N UNK J 749 -54.59 36.27 103.47
CA UNK J 749 -54.88 34.84 103.51
C UNK J 749 -54.43 34.20 104.85
N UNK J 750 -55.31 33.37 105.40
CA UNK J 750 -55.08 32.73 106.68
C UNK J 750 -55.25 31.21 106.60
N UNK J 751 -50.39 36.88 88.72
CA UNK J 751 -51.12 37.57 87.63
C UNK J 751 -51.03 39.08 87.90
N UNK J 752 -50.87 39.89 86.87
CA UNK J 752 -50.81 41.32 87.08
C UNK J 752 -50.90 42.12 85.81
N UNK J 753 -52.14 42.48 85.46
CA UNK J 753 -52.43 43.22 84.26
C UNK J 753 -52.72 44.70 84.42
N UNK J 754 -52.53 45.42 83.32
CA UNK J 754 -52.73 46.87 83.25
C UNK J 754 -54.16 47.28 82.94
N UNK J 755 -54.47 48.54 83.19
CA UNK J 755 -55.80 49.05 82.90
C UNK J 755 -55.78 49.42 81.42
N UNK J 756 -56.94 49.81 80.90
CA UNK J 756 -57.07 50.16 79.50
C UNK J 756 -56.22 51.36 79.11
N UNK J 757 -56.21 52.36 79.97
CA UNK J 757 -55.45 53.57 79.73
C UNK J 757 -54.00 53.42 80.16
N UNK J 758 -53.65 52.27 80.72
CA UNK J 758 -52.28 52.06 81.16
C UNK J 758 -51.89 52.93 82.34
N UNK J 759 -52.89 53.49 83.00
CA UNK J 759 -52.64 54.35 84.15
C UNK J 759 -52.93 53.67 85.47
N UNK J 760 -53.28 52.40 85.43
CA UNK J 760 -53.56 51.66 86.65
C UNK J 760 -53.18 50.21 86.44
N UNK J 761 -52.89 49.50 87.54
CA UNK J 761 -52.48 48.12 87.44
C UNK J 761 -53.10 47.32 88.57
N UNK J 762 -53.64 46.14 88.30
CA UNK J 762 -54.18 45.35 89.39
C UNK J 762 -53.23 44.21 89.62
N UNK J 763 -53.11 43.76 90.87
CA UNK J 763 -52.25 42.62 91.20
C UNK J 763 -52.92 41.75 92.22
N UNK J 764 -52.44 40.50 92.34
CA UNK J 764 -53.02 39.54 93.26
C UNK J 764 -51.99 38.88 94.16
N UNK J 765 -52.39 38.60 95.40
CA UNK J 765 -51.54 37.95 96.40
C UNK J 765 -52.38 37.38 97.55
N UNK J 766 -51.97 36.21 98.03
CA UNK J 766 -52.66 35.52 99.12
C UNK J 766 -54.17 35.59 98.93
N UNK J 767 -54.81 36.46 99.71
CA UNK J 767 -56.26 36.64 99.63
C UNK J 767 -56.79 37.87 98.96
N UNK J 768 -55.94 38.72 98.41
CA UNK J 768 -56.50 39.92 97.81
C UNK J 768 -56.00 40.33 96.43
N UNK J 769 -56.82 41.14 95.79
CA UNK J 769 -56.53 41.73 94.51
C UNK J 769 -56.36 43.18 94.92
N UNK J 770 -55.37 43.86 94.37
CA UNK J 770 -55.10 45.24 94.73
C UNK J 770 -54.96 46.12 93.50
N UNK J 771 -55.57 47.30 93.54
CA UNK J 771 -55.48 48.21 92.42
C UNK J 771 -54.55 49.37 92.72
N UNK J 772 -53.49 49.47 91.94
CA UNK J 772 -52.50 50.52 92.12
C UNK J 772 -52.51 51.58 91.04
N UNK J 773 -52.08 52.77 91.44
CA UNK J 773 -51.99 53.89 90.54
C UNK J 773 -50.56 53.84 90.02
N UNK J 774 -50.40 53.51 88.75
CA UNK J 774 -49.06 53.39 88.13
C UNK J 774 -48.13 54.59 88.41
N UNK J 775 -48.56 57.71 91.08
CA UNK J 775 -48.42 57.90 92.51
C UNK J 775 -48.03 56.62 93.27
N UNK J 776 -48.32 55.46 92.69
CA UNK J 776 -48.02 54.17 93.33
C UNK J 776 -48.96 53.98 94.52
N UNK J 777 -50.11 54.63 94.44
CA UNK J 777 -51.09 54.52 95.51
C UNK J 777 -51.99 53.32 95.35
N UNK J 778 -52.48 52.83 96.47
CA UNK J 778 -53.38 51.70 96.47
C UNK J 778 -54.79 52.24 96.31
N UNK J 779 -55.34 52.14 95.12
CA UNK J 779 -56.68 52.64 94.86
C UNK J 779 -57.80 51.70 95.26
N UNK J 780 -57.48 50.46 95.59
CA UNK J 780 -58.52 49.51 95.95
C UNK J 780 -57.99 48.21 96.52
N UNK J 781 -58.79 47.59 97.38
CA UNK J 781 -58.42 46.35 98.00
C UNK J 781 -59.65 45.50 98.24
N UNK J 782 -59.94 44.59 97.31
CA UNK J 782 -61.07 43.70 97.49
C UNK J 782 -60.51 42.42 98.09
N UNK J 783 -63.11 41.33 97.52
CA UNK J 783 -62.70 40.11 98.20
C UNK J 783 -63.43 38.95 97.58
N UNK J 784 -62.67 37.99 97.10
CA UNK J 784 -63.24 36.84 96.42
C UNK J 784 -63.69 35.71 97.34
N UNK J 785 -60.62 30.95 98.23
CA UNK J 785 -60.08 30.02 97.25
C UNK J 785 -58.86 30.77 96.77
N UNK J 786 -58.46 30.57 95.51
CA UNK J 786 -57.30 31.30 94.98
C UNK J 786 -57.52 31.66 93.52
N UNK J 787 -57.36 32.94 93.21
CA UNK J 787 -57.52 33.42 91.85
C UNK J 787 -56.45 32.75 90.99
N UNK J 788 -56.89 32.05 89.95
CA UNK J 788 -55.97 31.35 89.06
C UNK J 788 -55.45 32.23 87.91
N UNK J 789 -56.24 33.23 87.52
CA UNK J 789 -55.81 34.15 86.46
C UNK J 789 -56.74 35.35 86.35
N UNK J 790 -56.26 36.42 85.71
CA UNK J 790 -57.05 37.63 85.54
C UNK J 790 -56.57 38.52 84.40
N UNK J 791 -57.27 39.64 84.17
CA UNK J 791 -56.84 40.58 83.14
C UNK J 791 -57.64 41.84 83.31
N UNK J 792 -56.92 42.94 83.32
CA UNK J 792 -57.47 44.25 83.51
C UNK J 792 -57.81 44.89 82.16
N UNK J 793 -59.04 45.34 82.02
CA UNK J 793 -59.53 45.96 80.79
C UNK J 793 -58.88 47.32 80.56
N UNK J 794 -59.14 47.94 79.39
CA UNK J 794 -58.53 49.25 79.16
C UNK J 794 -59.58 50.35 79.39
N UNK J 795 -60.81 49.93 79.68
CA UNK J 795 -61.93 50.84 79.94
C UNK J 795 -62.78 50.34 81.09
N UNK J 796 -63.65 51.21 81.58
CA UNK J 796 -64.56 50.88 82.69
C UNK J 796 -63.89 50.20 83.89
N UNK J 797 -62.57 50.34 84.01
CA UNK J 797 -61.80 49.73 85.10
C UNK J 797 -62.26 48.29 85.29
N UNK J 798 -62.64 47.63 84.20
CA UNK J 798 -63.10 46.26 84.31
C UNK J 798 -61.94 45.31 84.47
N UNK J 799 -62.16 44.25 85.21
CA UNK J 799 -61.14 43.25 85.43
C UNK J 799 -61.82 41.90 85.40
N UNK J 800 -61.25 40.97 84.64
CA UNK J 800 -61.81 39.62 84.58
C UNK J 800 -60.86 38.69 85.24
N UNK J 801 -61.38 37.83 86.09
CA UNK J 801 -60.53 36.88 86.78
C UNK J 801 -61.17 35.51 86.77
N UNK J 802 -60.36 34.50 86.51
CA UNK J 802 -60.84 33.14 86.55
C UNK J 802 -60.70 32.88 88.03
N UNK J 803 -63.29 26.72 87.14
CA UNK J 803 -64.33 27.14 86.20
C UNK J 803 -65.29 28.30 86.53
N UNK J 804 -65.03 29.03 87.61
CA UNK J 804 -65.87 30.16 87.94
C UNK J 804 -65.24 31.37 87.32
N UNK J 805 -66.01 32.16 86.60
CA UNK J 805 -65.44 33.33 85.96
C UNK J 805 -66.30 34.52 86.26
N UNK J 806 -65.71 35.53 86.91
CA UNK J 806 -66.47 36.73 87.21
C UNK J 806 -65.68 37.96 86.88
N UNK J 807 -66.31 38.95 86.29
CA UNK J 807 -65.59 40.19 86.00
C UNK J 807 -66.07 41.23 86.99
N UNK J 808 -65.09 41.92 87.57
CA UNK J 808 -65.30 42.95 88.58
C UNK J 808 -65.04 44.36 88.09
N UNK J 809 -65.44 45.30 88.91
CA UNK J 809 -65.30 46.71 88.63
C UNK J 809 -64.35 47.31 89.68
N UNK J 810 -63.07 47.44 89.35
CA UNK J 810 -62.11 48.04 90.27
C UNK J 810 -62.67 49.44 90.45
N UNK J 811 -62.20 50.19 91.44
CA UNK J 811 -62.73 51.54 91.65
C UNK J 811 -64.10 51.48 92.34
N UNK J 812 -65.10 48.46 93.23
CA UNK J 812 -64.75 47.30 94.04
C UNK J 812 -65.91 46.34 94.24
N UNK J 813 -66.74 46.21 93.20
CA UNK J 813 -67.91 45.33 93.26
C UNK J 813 -67.97 44.36 92.07
N UNK J 814 -68.55 43.19 92.28
CA UNK J 814 -68.67 42.26 91.17
C UNK J 814 -69.74 42.83 90.24
N UNK J 815 -69.50 42.68 88.94
CA UNK J 815 -70.38 43.20 87.89
C UNK J 815 -71.14 42.09 87.17
N UNK J 816 -70.48 40.97 86.94
CA UNK J 816 -71.14 39.88 86.24
C UNK J 816 -70.57 38.53 86.55
N UNK J 817 -71.42 37.52 86.48
CA UNK J 817 -71.01 36.15 86.70
C UNK J 817 -71.02 35.52 85.32
N UNK J 818 -69.89 34.98 84.92
CA UNK J 818 -69.76 34.36 83.62
C UNK J 818 -69.68 32.85 83.75
N UNK J 819 -70.81 32.20 83.57
CA UNK J 819 -70.88 30.76 83.69
C UNK J 819 -70.73 30.14 82.31
N UNK J 820 -69.63 29.42 82.08
CA UNK J 820 -69.44 28.80 80.79
C UNK J 820 -68.71 27.47 80.80
N UNK J 821 -67.92 27.23 81.84
CA UNK J 821 -67.16 25.98 81.93
C UNK J 821 -67.52 25.20 83.19
N UNK J 822 -67.30 23.89 83.17
CA UNK J 822 -67.55 23.04 84.34
C UNK J 822 -66.25 22.28 84.62
N UNK J 823 -65.32 22.19 83.23
CA UNK J 823 -63.91 21.89 83.26
C UNK J 823 -63.20 23.22 83.50
N UNK J 824 -62.09 23.16 84.21
CA UNK J 824 -61.26 24.34 84.53
C UNK J 824 -61.20 25.52 83.57
N UNK J 825 -61.42 26.73 84.08
CA UNK J 825 -61.41 27.91 83.22
C UNK J 825 -60.08 28.62 83.44
N UNK J 826 -59.26 28.66 82.42
CA UNK J 826 -57.94 29.26 82.52
C UNK J 826 -57.91 30.76 82.34
N UNK J 827 -58.70 31.26 81.40
CA UNK J 827 -58.69 32.67 81.14
C UNK J 827 -60.07 33.22 80.85
N UNK J 828 -60.16 34.54 80.83
CA UNK J 828 -61.45 35.16 80.62
C UNK J 828 -61.22 36.66 80.41
N UNK J 829 -61.90 37.27 79.45
CA UNK J 829 -61.75 38.71 79.33
C UNK J 829 -62.78 39.44 78.50
N UNK J 830 -62.86 40.74 78.72
CA UNK J 830 -63.83 41.59 78.04
C UNK J 830 -63.38 41.97 76.66
N UNK J 831 -64.36 42.28 75.82
CA UNK J 831 -64.09 42.74 74.48
C UNK J 831 -63.55 44.13 74.75
N UNK J 832 -63.02 44.81 73.74
CA UNK J 832 -62.49 46.14 74.05
C UNK J 832 -63.53 47.16 74.53
N UNK J 833 -64.76 47.10 74.02
CA UNK J 833 -65.78 48.05 74.47
C UNK J 833 -66.49 47.50 75.69
N UNK J 834 -65.97 46.38 76.17
CA UNK J 834 -66.54 45.73 77.34
C UNK J 834 -67.98 45.32 77.14
N UNK J 835 -68.42 45.25 75.89
CA UNK J 835 -69.79 44.89 75.61
C UNK J 835 -69.97 43.39 75.74
N UNK J 836 -68.88 42.65 75.63
CA UNK J 836 -68.98 41.20 75.75
C UNK J 836 -67.66 40.69 76.32
N UNK J 837 -67.64 39.40 76.67
CA UNK J 837 -66.42 38.80 77.21
C UNK J 837 -66.31 37.35 76.73
N UNK J 838 -65.09 36.80 76.78
CA UNK J 838 -64.88 35.43 76.35
C UNK J 838 -64.39 34.59 77.50
N UNK J 839 -64.62 33.29 77.39
CA UNK J 839 -64.22 32.33 78.42
C UNK J 839 -63.34 31.27 77.78
N UNK J 840 -62.17 31.00 78.35
CA UNK J 840 -61.27 29.97 77.81
C UNK J 840 -61.04 28.85 78.80
N UNK J 841 -61.31 27.61 78.40
CA UNK J 841 -61.14 26.53 79.36
C UNK J 841 -60.48 25.22 78.92
N UNK J 842 -60.34 24.36 79.92
CA UNK J 842 -59.74 23.05 79.79
C UNK J 842 -60.61 22.12 78.96
N UNK J 843 -61.90 22.42 78.89
CA UNK J 843 -62.81 21.61 78.08
C UNK J 843 -62.54 22.01 76.63
N UNK J 844 -61.35 22.57 76.41
CA UNK J 844 -60.89 23.03 75.12
C UNK J 844 -61.87 23.83 74.28
N UNK J 845 -62.67 24.65 74.94
CA UNK J 845 -63.61 25.48 74.21
C UNK J 845 -63.37 26.93 74.58
N UNK J 846 -63.89 27.81 73.74
CA UNK J 846 -63.80 29.24 73.95
C UNK J 846 -65.21 29.70 73.71
N UNK J 847 -65.81 30.38 74.68
CA UNK J 847 -67.18 30.85 74.50
C UNK J 847 -67.31 32.37 74.64
N UNK J 848 -68.08 32.96 73.76
CA UNK J 848 -68.27 34.40 73.80
C UNK J 848 -69.60 34.72 74.40
N UNK J 849 -69.58 35.65 75.36
CA UNK J 849 -70.78 36.07 76.06
C UNK J 849 -70.99 37.56 75.88
N UNK J 850 -72.24 37.99 75.96
CA UNK J 850 -72.57 39.40 75.87
C UNK J 850 -72.97 39.83 77.27
N UNK J 851 -72.17 40.71 77.85
CA UNK J 851 -72.37 41.22 79.21
C UNK J 851 -73.80 41.59 79.52
N UNK J 852 -74.34 42.55 78.79
CA UNK J 852 -75.72 43.00 79.02
C UNK J 852 -76.62 41.80 79.33
N UNK J 853 -76.79 40.91 78.36
CA UNK J 853 -77.65 39.73 78.52
C UNK J 853 -77.28 38.85 79.72
N UNK J 854 -76.00 38.76 80.06
CA UNK J 854 -75.59 37.93 81.18
C UNK J 854 -75.92 38.52 82.54
N UNK J 855 -75.76 39.84 82.67
CA UNK J 855 -76.04 40.52 83.93
C UNK J 855 -77.52 40.68 84.26
N UNK J 856 -78.37 40.50 83.27
CA UNK J 856 -79.80 40.62 83.52
C UNK J 856 -80.18 39.60 84.58
N UNK J 857 -81.00 40.03 85.51
CA UNK J 857 -81.49 39.18 86.59
C UNK J 857 -82.29 38.04 85.99
N UNK J 858 -80.82 35.26 93.04
CA UNK J 858 -81.83 34.40 92.46
C UNK J 858 -81.65 32.94 92.81
N UNK J 859 -82.75 32.21 92.64
CA UNK J 859 -82.82 30.78 92.92
C UNK J 859 -82.45 29.94 91.71
N UNK J 860 -81.94 30.59 90.67
CA UNK J 860 -81.58 29.82 89.50
C UNK J 860 -80.40 28.91 89.82
N UNK J 861 -79.42 29.42 90.57
CA UNK J 861 -78.26 28.62 90.95
C UNK J 861 -78.20 28.41 92.45
N UNK J 862 -78.14 27.15 92.87
CA UNK J 862 -78.09 26.84 94.28
C UNK J 862 -76.87 25.99 94.51
N UNK J 863 -76.66 25.64 95.77
CA UNK J 863 -75.55 24.77 96.17
C UNK J 863 -76.18 23.40 96.17
N UNK J 864 -75.40 22.38 96.47
CA UNK J 864 -75.96 21.03 96.49
C UNK J 864 -76.54 20.64 97.86
N UNK J 865 -76.51 21.60 98.78
CA UNK J 865 -77.07 21.38 100.09
C UNK J 865 -78.52 21.83 100.05
N UNK J 866 -79.42 20.87 99.89
CA UNK J 866 -80.85 21.13 99.83
C UNK J 866 -81.65 20.05 100.51
N UNK J 867 -82.90 20.36 100.80
CA UNK J 867 -83.80 19.39 101.41
C UNK J 867 -85.16 19.53 100.74
N UNK J 868 -85.78 18.39 100.46
CA UNK J 868 -87.07 18.33 99.78
C UNK J 868 -88.20 17.70 100.57
N UNK J 869 -89.40 18.23 100.38
CA UNK J 869 -90.59 17.72 101.04
C UNK J 869 -91.71 17.52 100.03
N UNK J 870 -91.95 16.25 99.67
CA UNK J 870 -92.98 15.89 98.72
C UNK J 870 -94.36 15.86 99.38
N UNK J 871 -95.12 16.95 99.26
CA UNK J 871 -96.43 17.00 99.87
C UNK J 871 -97.61 16.82 98.90
N UNK J 872 -97.99 18.81 95.53
CA UNK J 872 -96.78 19.51 95.07
C UNK J 872 -95.47 19.10 95.77
N UNK J 873 -94.36 19.64 95.27
CA UNK J 873 -93.03 19.38 95.82
C UNK J 873 -92.41 20.66 96.38
N UNK J 874 -91.66 20.53 97.47
CA UNK J 874 -91.02 21.66 98.12
C UNK J 874 -89.52 21.46 98.32
N UNK J 875 -88.74 22.42 97.83
CA UNK J 875 -87.30 22.36 97.94
C UNK J 875 -86.74 23.60 98.65
N UNK J 876 -86.01 23.36 99.73
CA UNK J 876 -85.39 24.44 100.50
C UNK J 876 -83.93 24.27 100.14
N UNK J 877 -83.27 25.34 99.71
CA UNK J 877 -81.89 25.19 99.33
C UNK J 877 -80.96 26.33 99.73
N UNK J 878 -79.71 25.97 99.98
CA UNK J 878 -78.68 26.94 100.33
C UNK J 878 -78.30 27.70 99.07
N UNK J 879 -78.57 29.00 99.04
CA UNK J 879 -78.23 29.79 97.84
C UNK J 879 -76.74 29.71 97.50
N UNK J 880 -76.44 29.82 96.21
CA UNK J 880 -75.07 29.76 95.73
C UNK J 880 -74.21 30.93 96.22
N UNK J 881 -80.72 31.14 101.62
CA UNK J 881 -81.34 29.93 101.16
C UNK J 881 -82.68 30.27 100.52
N UNK J 882 -83.07 29.45 99.56
CA UNK J 882 -84.30 29.65 98.82
C UNK J 882 -85.38 28.61 99.15
N UNK J 883 -86.60 29.09 99.29
CA UNK J 883 -87.72 28.21 99.56
C UNK J 883 -88.36 28.02 98.19
N UNK J 884 -87.89 27.02 97.46
CA UNK J 884 -88.39 26.73 96.11
C UNK J 884 -89.54 25.75 96.10
N UNK J 885 -90.66 26.18 95.52
CA UNK J 885 -91.85 25.35 95.41
C UNK J 885 -91.93 24.83 93.98
N UNK J 886 -91.51 23.59 93.77
CA UNK J 886 -91.55 23.01 92.43
C UNK J 886 -92.99 23.03 91.96
N UNK J 887 -93.23 23.08 90.65
CA UNK J 887 -94.60 23.13 90.14
C UNK J 887 -95.16 24.50 90.55
N UNK J 888 -92.84 30.45 92.63
CA UNK J 888 -92.83 30.74 94.08
C UNK J 888 -91.51 30.50 94.80
N UNK J 889 -90.56 31.38 94.54
CA UNK J 889 -89.26 31.33 95.16
C UNK J 889 -89.20 32.41 96.24
N UNK J 890 -88.91 31.99 97.46
CA UNK J 890 -88.84 32.90 98.58
C UNK J 890 -87.48 32.87 99.22
N UNK J 891 -86.84 34.03 99.20
CA UNK J 891 -85.50 34.23 99.73
C UNK J 891 -85.47 34.58 101.19
N UNK J 892 -84.45 34.05 101.87
CA UNK J 892 -84.22 34.28 103.27
C UNK J 892 -82.72 34.54 103.38
N UNK J 893 -82.33 35.79 103.54
CA UNK J 893 -80.92 36.17 103.65
C UNK J 893 -80.29 35.60 104.92
N UNK J 894 -78.97 35.47 104.92
CA UNK J 894 -78.29 34.97 106.10
C UNK J 894 -76.78 34.87 105.92
N UNK J 895 -75.18 30.27 105.00
CA UNK J 895 -75.43 29.02 105.69
C UNK J 895 -74.57 27.93 105.08
N UNK J 896 -74.53 26.77 105.74
CA UNK J 896 -73.75 25.64 105.25
C UNK J 896 -74.60 24.40 105.03
N UNK J 897 -75.81 24.41 105.56
CA UNK J 897 -76.69 23.27 105.39
C UNK J 897 -78.12 23.68 105.67
N UNK J 898 -79.06 22.99 105.03
CA UNK J 898 -80.44 23.34 105.20
C UNK J 898 -81.24 22.28 105.95
N UNK J 899 -82.50 22.58 106.21
CA UNK J 899 -83.38 21.68 106.94
C UNK J 899 -84.84 22.16 106.91
N UNK J 900 -85.75 21.24 106.61
CA UNK J 900 -87.18 21.57 106.56
C UNK J 900 -87.97 20.76 107.59
N UNK J 901 -88.80 21.44 108.36
CA UNK J 901 -89.60 20.77 109.38
C UNK J 901 -90.86 20.29 108.73
N UNK J 902 -91.10 18.97 108.72
CA UNK J 902 -92.34 18.49 108.09
C UNK J 902 -93.47 19.38 108.56
N UNK J 903 -91.46 25.95 109.55
CA UNK J 903 -90.14 26.20 110.14
C UNK J 903 -89.04 25.69 109.23
N UNK J 904 -87.95 26.44 109.14
CA UNK J 904 -86.79 26.02 108.35
C UNK J 904 -85.60 26.24 109.27
N UNK J 905 -84.62 25.37 109.20
CA UNK J 905 -83.45 25.53 110.05
C UNK J 905 -82.18 25.47 109.22
N UNK J 906 -81.11 26.08 109.70
CA UNK J 906 -79.88 26.01 108.94
C UNK J 906 -78.57 26.02 109.68
N UNK J 907 -77.58 25.39 109.05
CA UNK J 907 -76.24 25.31 109.60
C UNK J 907 -75.49 26.57 109.27
N UNK J 908 -74.35 26.75 109.92
CA UNK J 908 -73.57 27.95 109.71
C UNK J 908 -72.10 27.60 109.57
N UNK J 909 -71.35 28.48 108.91
CA UNK J 909 -69.92 28.25 108.70
C UNK J 909 -69.20 28.24 110.04
N UNK J 910 -73.04 28.23 114.04
CA UNK J 910 -74.34 28.70 114.49
C UNK J 910 -75.52 27.86 113.98
N UNK J 911 -76.60 27.85 114.75
CA UNK J 911 -77.81 27.11 114.40
C UNK J 911 -79.00 28.06 114.54
N UNK J 912 -79.89 28.08 113.56
CA UNK J 912 -81.06 28.96 113.62
C UNK J 912 -82.32 28.38 113.01
N UNK J 913 -83.44 28.59 113.68
CA UNK J 913 -84.72 28.14 113.17
C UNK J 913 -85.44 29.41 112.80
N UNK J 914 -86.07 29.42 111.63
CA UNK J 914 -86.84 30.57 111.19
C UNK J 914 -88.24 30.03 111.05
N UNK J 915 -89.24 30.81 111.44
CA UNK J 915 -90.61 30.33 111.30
C UNK J 915 -91.28 30.99 110.13
N UNK J 916 -91.55 30.19 109.11
CA UNK J 916 -92.17 30.63 107.87
C UNK J 916 -93.50 31.37 108.00
N UNK J 917 -94.47 30.80 108.74
CA UNK J 917 -95.75 31.49 108.87
C UNK J 917 -95.52 32.99 109.03
N UNK J 918 -94.44 33.33 109.70
CA UNK J 918 -94.09 34.72 109.93
C UNK J 918 -93.01 35.18 108.95
N UNK J 919 -89.40 36.40 112.65
CA UNK J 919 -89.12 35.92 114.01
C UNK J 919 -88.51 34.52 113.99
N UNK J 920 -87.31 34.41 114.55
CA UNK J 920 -86.58 33.15 114.59
C UNK J 920 -85.78 33.10 115.88
N UNK J 921 -84.87 32.12 115.96
CA UNK J 921 -84.21 31.76 117.21
C UNK J 921 -82.78 31.26 116.96
N UNK J 922 -81.91 31.40 117.96
CA UNK J 922 -80.51 30.96 117.82
C UNK J 922 -80.02 30.10 118.99
N UNK J 923 -79.92 28.81 118.76
CA UNK J 923 -79.48 27.91 119.81
C UNK J 923 -77.98 27.69 119.86
N UNK J 924 -77.31 28.38 120.80
CA UNK J 924 -75.86 28.33 121.00
C UNK J 924 -75.07 26.99 121.03
N UNK J 925 -72.60 20.55 109.56
CA UNK J 925 -72.81 19.61 108.46
C UNK J 925 -74.26 19.19 108.36
N UNK J 926 -74.57 17.93 108.65
CA UNK J 926 -75.95 17.48 108.57
C UNK J 926 -76.78 18.23 109.64
N UNK J 927 -78.10 18.38 109.42
CA UNK J 927 -79.00 19.06 110.39
C UNK J 927 -80.46 18.71 110.17
N UNK J 928 -81.12 18.13 111.16
CA UNK J 928 -82.50 17.72 110.97
C UNK J 928 -83.45 17.97 112.15
N UNK J 929 -84.74 18.00 111.86
CA UNK J 929 -85.79 18.19 112.86
C UNK J 929 -86.22 16.82 113.35
N UNK J 930 -86.86 16.77 114.50
CA UNK J 930 -87.32 15.51 115.06
C UNK J 930 -88.61 15.18 114.33
N UNK J 931 -89.09 13.95 114.45
CA UNK J 931 -90.34 13.55 113.82
C UNK J 931 -91.33 14.71 113.98
N UNK J 932 -83.94 19.82 117.44
CA UNK J 932 -83.10 19.85 116.24
C UNK J 932 -81.78 19.12 116.39
N UNK J 933 -81.69 17.91 115.84
CA UNK J 933 -80.44 17.20 115.92
C UNK J 933 -79.51 17.79 114.84
N UNK J 934 -78.24 17.96 115.20
CA UNK J 934 -77.29 18.53 114.26
C UNK J 934 -75.89 18.05 114.54
N UNK J 935 -75.11 17.88 113.49
CA UNK J 935 -73.74 17.44 113.64
C UNK J 935 -72.81 18.40 112.93
N UNK J 936 -71.56 18.37 113.35
CA UNK J 936 -70.52 19.19 112.76
C UNK J 936 -69.31 18.31 112.55
N UNK J 937 -68.17 18.96 112.37
CA UNK J 937 -66.93 18.28 112.05
C UNK J 937 -66.15 17.83 113.28
N UNK J 938 -66.87 17.49 114.35
CA UNK J 938 -66.25 17.02 115.58
C UNK J 938 -67.10 15.84 116.11
N UNK J 939 -66.80 15.31 117.29
CA UNK J 939 -67.52 14.13 117.81
C UNK J 939 -68.82 14.29 118.63
N UNK J 940 -69.34 15.49 118.78
CA UNK J 940 -70.56 15.65 119.54
C UNK J 940 -71.75 15.87 118.59
N UNK J 941 -72.94 15.43 119.00
CA UNK J 941 -74.14 15.63 118.19
C UNK J 941 -75.18 16.43 118.97
N UNK J 942 -75.27 17.73 118.72
CA UNK J 942 -76.22 18.58 119.41
C UNK J 942 -77.69 18.24 119.25
N UNK J 943 -78.37 18.01 120.38
CA UNK J 943 -79.81 17.70 120.37
C UNK J 943 -80.53 18.84 121.06
N UNK J 944 -80.64 19.97 120.36
CA UNK J 944 -81.27 21.17 120.87
C UNK J 944 -82.77 21.17 120.79
N UNK J 945 -83.39 20.79 121.89
CA UNK J 945 -84.84 20.77 121.96
C UNK J 945 -85.28 22.23 122.12
N UNK J 946 -85.21 22.97 121.02
CA UNK J 946 -85.60 24.38 121.01
C UNK J 946 -87.05 24.49 121.55
N UNK J 947 -83.70 23.53 126.17
CA UNK J 947 -82.98 22.36 126.67
C UNK J 947 -82.00 21.84 125.65
N UNK J 948 -80.98 21.13 126.12
CA UNK J 948 -79.97 20.56 125.26
C UNK J 948 -79.59 19.18 125.73
N UNK J 949 -79.33 18.30 124.77
CA UNK J 949 -78.91 16.96 125.08
C UNK J 949 -77.70 16.79 124.18
N UNK J 950 -76.55 16.48 124.78
CA UNK J 950 -75.32 16.33 124.02
C UNK J 950 -74.92 14.87 123.95
N UNK J 951 -74.41 14.46 122.81
CA UNK J 951 -73.98 13.08 122.61
C UNK J 951 -72.48 13.06 122.34
N UNK J 952 -71.68 12.96 123.40
CA UNK J 952 -70.23 12.92 123.26
C UNK J 952 -69.81 11.55 122.80
N UNK J 953 -69.81 11.38 121.49
CA UNK J 953 -69.45 10.12 120.87
C UNK J 953 -67.99 9.79 121.16
N UNK J 954 -67.22 10.83 121.45
CA UNK J 954 -65.79 10.68 121.73
C UNK J 954 -65.13 9.96 120.57
N UNK J 955 -64.28 10.35 116.41
CA UNK J 955 -63.31 11.29 115.85
C UNK J 955 -64.12 12.43 115.25
N UNK J 956 -65.12 12.07 114.46
CA UNK J 956 -66.03 13.01 113.81
C UNK J 956 -67.23 12.22 113.35
N UNK J 957 -68.41 12.75 113.59
CA UNK J 957 -69.63 12.10 113.17
C UNK J 957 -69.69 12.26 111.65
N UNK J 958 -69.55 11.15 110.92
CA UNK J 958 -69.60 11.19 109.47
C UNK J 958 -70.98 11.74 109.13
N UNK J 959 -72.01 11.14 109.73
CA UNK J 959 -73.38 11.58 109.53
C UNK J 959 -74.32 10.82 110.46
N UNK J 960 -75.60 11.11 110.38
CA UNK J 960 -76.57 10.47 111.24
C UNK J 960 -77.93 10.53 110.62
N UNK J 961 -78.91 9.95 111.29
CA UNK J 961 -80.28 9.97 110.81
C UNK J 961 -81.23 9.55 111.93
N UNK J 962 -82.38 10.22 111.99
CA UNK J 962 -83.38 9.91 112.99
C UNK J 962 -83.71 8.43 112.92
N UNK J 963 -84.42 7.92 113.93
CA UNK J 963 -84.78 6.52 113.94
C UNK J 963 -86.17 6.37 114.56
N UNK J 964 -87.60 8.19 119.17
CA UNK J 964 -86.60 9.07 119.78
C UNK J 964 -85.19 8.46 119.78
N UNK J 965 -85.04 7.32 119.12
CA UNK J 965 -83.74 6.68 119.01
C UNK J 965 -83.07 7.28 117.76
N UNK J 966 -81.74 7.36 117.72
CA UNK J 966 -81.04 7.95 116.58
C UNK J 966 -79.75 7.23 116.20
N UNK J 967 -79.70 6.77 114.96
CA UNK J 967 -78.54 6.04 114.42
C UNK J 967 -77.41 6.99 114.04
N UNK J 968 -76.18 6.66 114.42
CA UNK J 968 -75.04 7.52 114.14
C UNK J 968 -73.76 6.76 113.82
N UNK J 969 -73.01 7.28 112.85
CA UNK J 969 -71.76 6.68 112.42
C UNK J 969 -70.69 7.75 112.23
N UNK J 970 -69.51 7.48 112.77
CA UNK J 970 -68.39 8.39 112.67
C UNK J 970 -67.44 7.66 111.77
N UNK J 971 -66.32 8.28 111.43
CA UNK J 971 -65.37 7.57 110.60
C UNK J 971 -64.26 6.96 111.44
N UNK J 972 -64.71 6.08 112.33
CA UNK J 972 -63.88 5.29 113.24
C UNK J 972 -64.43 3.88 113.21
N UNK J 973 -65.14 3.56 112.13
CA UNK J 973 -65.74 2.25 111.94
C UNK J 973 -66.90 2.00 112.88
N UNK J 974 -67.11 2.94 113.79
CA UNK J 974 -68.17 2.82 114.76
C UNK J 974 -69.52 3.35 114.30
N UNK J 975 -70.57 2.66 114.75
CA UNK J 975 -71.95 3.00 114.46
C UNK J 975 -72.65 2.88 115.80
N UNK J 976 -73.34 3.92 116.23
CA UNK J 976 -73.99 3.84 117.52
C UNK J 976 -75.50 4.05 117.41
N UNK J 977 -76.23 3.71 118.47
CA UNK J 977 -77.69 3.87 118.53
C UNK J 977 -78.12 4.71 119.73
N UNK J 978 -77.83 6.01 119.69
CA UNK J 978 -78.18 6.92 120.79
C UNK J 978 -79.67 7.03 121.05
N UNK J 979 -79.99 7.53 122.25
CA UNK J 979 -81.36 7.75 122.67
C UNK J 979 -81.42 9.24 122.93
N UNK J 980 -82.34 9.94 122.28
CA UNK J 980 -82.46 11.37 122.55
C UNK J 980 -83.22 11.47 123.86
N UNK J 981 -77.92 8.59 125.77
CA UNK J 981 -77.40 7.32 126.23
C UNK J 981 -77.15 6.34 125.09
N UNK J 982 -75.89 5.95 124.94
CA UNK J 982 -75.46 5.02 123.92
C UNK J 982 -75.97 3.61 124.18
N UNK J 983 -77.20 3.34 123.73
CA UNK J 983 -77.76 2.03 123.90
C UNK J 983 -76.85 1.00 123.21
N UNK J 984 -76.74 1.10 121.90
CA UNK J 984 -75.88 0.20 121.13
C UNK J 984 -74.62 0.87 120.62
N UNK J 985 -73.58 0.06 120.40
CA UNK J 985 -72.29 0.55 119.93
C UNK J 985 -71.55 -0.56 119.19
N UNK J 986 -71.30 -0.37 117.90
CA UNK J 986 -70.58 -1.36 117.08
C UNK J 986 -69.29 -0.79 116.51
N UNK J 987 -68.40 -1.70 116.11
CA UNK J 987 -67.13 -1.30 115.48
C UNK J 987 -67.12 -2.18 114.22
N UNK J 988 -68.10 -1.91 113.35
CA UNK J 988 -68.31 -2.64 112.10
C UNK J 988 -67.34 -2.43 110.94
N UNK J 989 -66.33 -1.58 111.10
CA UNK J 989 -65.35 -1.34 110.05
C UNK J 989 -64.08 -0.78 110.68
N UNK J 990 -62.94 -1.05 110.07
CA UNK J 990 -61.67 -0.56 110.62
C UNK J 990 -61.28 0.77 109.97
N UNK J 991 -71.79 5.62 104.10
CA UNK J 991 -73.23 5.68 104.28
C UNK J 991 -73.75 4.33 104.78
N UNK J 992 -74.89 4.35 105.46
CA UNK J 992 -75.47 3.13 105.99
C UNK J 992 -76.93 3.41 106.29
N UNK J 993 -77.82 2.52 105.88
CA UNK J 993 -79.25 2.76 106.10
C UNK J 993 -79.92 1.63 106.84
N UNK J 994 -81.17 1.88 107.23
CA UNK J 994 -81.96 0.89 107.97
C UNK J 994 -82.90 0.17 107.03
N UNK J 995 -83.43 -0.96 107.49
CA UNK J 995 -84.34 -1.77 106.70
C UNK J 995 -85.75 -1.20 106.75
N UNK J 996 -86.93 -3.19 111.35
CA UNK J 996 -85.70 -2.50 111.66
C UNK J 996 -84.76 -3.60 112.05
N UNK J 997 -85.22 -4.83 111.88
CA UNK J 997 -84.42 -5.99 112.22
C UNK J 997 -83.05 -5.82 111.59
N UNK J 998 -83.00 -5.09 110.48
CA UNK J 998 -81.75 -4.90 109.75
C UNK J 998 -81.35 -3.42 109.54
N UNK J 999 -80.05 -3.16 109.55
CA UNK J 999 -79.52 -1.81 109.34
C UNK J 999 -78.06 -2.00 108.93
N UNK J 1000 -77.78 -1.88 107.64
CA UNK J 1000 -76.42 -2.09 107.18
C UNK J 1000 -75.60 -0.87 106.90
N UNK J 1001 -74.29 -1.11 106.75
CA UNK J 1001 -73.29 -0.08 106.51
C UNK J 1001 -72.61 -0.22 105.16
N UNK J 1002 -71.64 0.66 104.94
CA UNK J 1002 -70.86 0.71 103.71
C UNK J 1002 -69.68 1.58 104.11
N UNK J 1003 -68.46 1.15 103.82
CA UNK J 1003 -67.33 1.97 104.24
C UNK J 1003 -66.01 1.52 103.69
N UNK J 1004 -66.14 -2.98 102.01
CA UNK J 1004 -67.33 -3.71 101.61
C UNK J 1004 -68.57 -3.11 102.24
N UNK J 1005 -69.64 -3.92 102.30
CA UNK J 1005 -70.90 -3.48 102.88
C UNK J 1005 -71.39 -4.51 103.90
N UNK J 1006 -70.85 -4.43 105.12
CA UNK J 1006 -71.23 -5.33 106.21
C UNK J 1006 -72.64 -5.00 106.67
N UNK J 1007 -73.52 -6.00 106.64
CA UNK J 1007 -74.91 -5.82 107.03
C UNK J 1007 -75.24 -6.56 108.34
N UNK J 1008 -75.95 -5.90 109.25
CA UNK J 1008 -76.32 -6.56 110.51
C UNK J 1008 -77.74 -6.35 111.07
N UNK J 1009 -77.93 -6.78 112.32
CA UNK J 1009 -79.24 -6.73 113.01
C UNK J 1009 -79.41 -5.91 114.30
N UNK J 1010 -73.69 -9.77 110.22
CA UNK J 1010 -74.33 -10.98 109.72
C UNK J 1010 -73.45 -11.56 108.61
N UNK J 1011 -73.01 -10.72 107.68
CA UNK J 1011 -72.12 -11.17 106.60
C UNK J 1011 -71.43 -10.08 105.80
N UNK J 1012 -70.11 -10.20 105.66
CA UNK J 1012 -69.28 -9.26 104.93
C UNK J 1012 -69.45 -9.49 103.41
N UNK J 1013 -69.74 -8.42 102.67
CA UNK J 1013 -69.97 -8.47 101.22
C UNK J 1013 -68.82 -7.83 100.44
N UNK J 1014 -67.68 -8.50 100.39
CA UNK J 1014 -66.50 -7.96 99.70
C UNK J 1014 -66.57 -7.97 98.18
N UNK J 1015 -67.68 -7.48 97.63
CA UNK J 1015 -67.84 -7.45 96.19
C UNK J 1015 -67.12 -6.31 95.47
N UNK J 1016 -67.50 -5.08 95.80
CA UNK J 1016 -66.92 -3.88 95.18
C UNK J 1016 -65.40 -3.77 95.24
N UNK J 1017 -64.81 -3.34 94.12
CA UNK J 1017 -63.36 -3.17 94.04
C UNK J 1017 -63.01 -1.71 94.26
N UNK J 1018 -64.85 0.56 96.30
CA UNK J 1018 -65.20 0.91 97.68
C UNK J 1018 -66.60 1.50 97.78
N UNK J 1019 -67.45 0.86 98.59
CA UNK J 1019 -68.83 1.30 98.73
C UNK J 1019 -68.94 2.72 99.27
N UNK J 1020 -70.00 3.41 98.86
CA UNK J 1020 -70.23 4.78 99.29
C UNK J 1020 -71.69 5.04 99.59
N UNK J 1021 -72.54 4.07 99.32
CA UNK J 1021 -73.97 4.23 99.59
C UNK J 1021 -74.69 2.89 99.50
N UNK J 1022 -75.95 2.85 99.92
CA UNK J 1022 -76.74 1.63 99.87
C UNK J 1022 -78.15 1.83 100.38
N UNK J 1023 -79.02 0.88 100.06
CA UNK J 1023 -80.41 0.94 100.50
C UNK J 1023 -81.04 -0.44 100.52
N UNK J 1024 -82.07 -0.59 101.34
CA UNK J 1024 -82.78 -1.86 101.46
C UNK J 1024 -84.05 -1.82 100.64
N UNK J 1025 -84.38 -2.93 99.98
CA UNK J 1025 -85.60 -3.00 99.19
C UNK J 1025 -86.72 -2.79 100.18
N UNK J 1026 -87.76 -2.06 99.78
CA UNK J 1026 -88.89 -1.79 100.67
C UNK J 1026 -89.47 -3.13 101.12
N UNK J 1027 -83.50 -7.28 99.40
CA UNK J 1027 -82.28 -6.83 98.73
C UNK J 1027 -81.65 -5.60 99.33
N UNK J 1028 -80.35 -5.48 99.11
CA UNK J 1028 -79.57 -4.37 99.60
C UNK J 1028 -78.58 -4.01 98.48
N UNK J 1029 -78.88 -2.91 97.78
CA UNK J 1029 -78.04 -2.43 96.69
C UNK J 1029 -76.96 -1.51 97.26
N UNK J 1030 -75.74 -1.68 96.78
CA UNK J 1030 -74.64 -0.89 97.27
C UNK J 1030 -73.93 -0.04 96.21
N UNK J 1031 -73.54 1.16 96.61
CA UNK J 1031 -72.88 2.09 95.70
C UNK J 1031 -71.37 2.03 95.70
N UNK J 1032 -70.81 1.76 94.53
CA UNK J 1032 -69.37 1.66 94.34
C UNK J 1032 -68.75 3.02 94.02
N UNK J 1033 -67.51 3.19 94.48
CA UNK J 1033 -66.78 4.43 94.25
C UNK J 1033 -66.36 4.50 92.78
N UNK J 1034 -66.54 3.40 92.04
CA UNK J 1034 -66.19 3.37 90.64
C UNK J 1034 -67.39 2.99 89.78
N UNK J 1035 -68.46 3.73 89.94
CA UNK J 1035 -69.65 3.50 89.15
C UNK J 1035 -70.22 2.10 89.17
N UNK J 1036 -69.63 1.20 89.98
CA UNK J 1036 -70.13 -0.16 90.07
C UNK J 1036 -71.31 -0.15 91.03
N UNK J 1037 -72.08 -1.23 91.03
CA UNK J 1037 -73.23 -1.30 91.91
C UNK J 1037 -73.58 -2.76 91.76
N UNK J 1038 -73.49 -3.49 92.87
CA UNK J 1038 -73.97 -4.86 92.97
C UNK J 1038 -75.24 -4.90 93.81
N UNK J 1039 -76.12 -5.83 93.46
CA UNK J 1039 -77.34 -6.01 94.22
C UNK J 1039 -77.05 -7.23 95.09
N UNK J 1040 -77.43 -7.17 96.36
CA UNK J 1040 -77.21 -8.30 97.26
C UNK J 1040 -78.58 -8.71 97.80
N UNK J 1041 -78.65 -9.89 98.41
CA UNK J 1041 -79.93 -10.39 98.95
C UNK J 1041 -79.98 -10.53 100.48
N UNK J 1042 -76.81 -10.15 91.83
CA UNK J 1042 -76.29 -9.74 90.54
C UNK J 1042 -75.58 -8.40 90.62
N UNK J 1043 -74.51 -8.24 89.83
CA UNK J 1043 -73.74 -6.99 89.82
C UNK J 1043 -73.98 -6.05 88.63
N UNK J 1044 -75.22 -5.65 88.41
CA UNK J 1044 -75.53 -4.74 87.31
C UNK J 1044 -74.74 -3.45 87.50
N UNK J 1045 -73.66 -3.28 86.75
CA UNK J 1045 -72.83 -2.07 86.88
C UNK J 1045 -71.88 -1.75 85.72
N UNK J 1046 -72.41 -1.29 84.58
CA UNK J 1046 -71.60 -0.95 83.40
C UNK J 1046 -70.70 0.28 83.62
N UNK J 1047 -68.21 7.82 90.54
CA UNK J 1047 -68.91 7.60 91.79
C UNK J 1047 -70.35 7.16 91.55
N UNK J 1048 -71.01 6.75 92.64
CA UNK J 1048 -72.42 6.34 92.67
C UNK J 1048 -72.80 6.73 94.08
N UNK J 1049 -73.17 7.98 94.26
CA UNK J 1049 -73.48 8.48 95.58
C UNK J 1049 -74.89 8.25 96.10
N UNK J 1050 -75.64 7.33 95.53
CA UNK J 1050 -76.99 7.12 96.02
C UNK J 1050 -77.76 6.04 95.27
N UNK J 1051 -78.70 5.41 95.97
CA UNK J 1051 -79.56 4.38 95.39
C UNK J 1051 -80.90 4.43 96.11
N UNK J 1052 -81.88 3.71 95.58
CA UNK J 1052 -83.21 3.68 96.17
C UNK J 1052 -83.99 2.65 95.36
N UNK J 1053 -84.59 1.70 96.05
CA UNK J 1053 -85.48 0.75 95.40
C UNK J 1053 -86.83 1.44 95.27
N UNK J 1054 -87.67 0.88 94.40
CA UNK J 1054 -89.00 1.43 94.17
C UNK J 1054 -89.96 0.72 95.12
N UNK J 1055 -91.18 1.26 95.30
CA UNK J 1055 -92.04 0.50 96.21
C UNK J 1055 -92.11 -0.93 95.69
N UNK J 1056 -92.55 -1.09 94.44
CA UNK J 1056 -92.68 -2.39 93.79
C UNK J 1056 -91.47 -3.33 93.97
N UNK J 1057 -90.37 -2.81 94.49
CA UNK J 1057 -89.16 -3.60 94.73
C UNK J 1057 -88.60 -4.20 93.44
N UNK J 1058 -88.80 -3.52 92.31
CA UNK J 1058 -88.32 -4.00 91.01
C UNK J 1058 -87.37 -3.03 90.30
N UNK J 1059 -87.68 -1.74 90.35
CA UNK J 1059 -86.87 -0.70 89.72
C UNK J 1059 -85.95 -0.03 90.72
N UNK J 1060 -84.66 -0.05 90.44
CA UNK J 1060 -83.67 0.58 91.31
C UNK J 1060 -83.18 1.87 90.65
N UNK J 1061 -83.34 3.00 91.34
CA UNK J 1061 -82.88 4.29 90.80
C UNK J 1061 -81.47 4.58 91.33
N UNK J 1062 -80.61 5.08 90.46
CA UNK J 1062 -79.22 5.36 90.80
C UNK J 1062 -78.82 6.80 90.49
N UNK J 1063 -77.84 7.33 91.23
CA UNK J 1063 -77.37 8.70 91.02
C UNK J 1063 -75.89 8.83 91.35
N UNK J 1064 -74.69 11.03 86.98
CA UNK J 1064 -76.00 11.28 86.41
C UNK J 1064 -76.96 10.24 86.95
N UNK J 1065 -78.26 10.45 86.72
CA UNK J 1065 -79.27 9.51 87.16
C UNK J 1065 -79.29 8.31 86.20
N UNK J 1066 -79.79 7.17 86.65
CA UNK J 1066 -79.80 5.98 85.79
C UNK J 1066 -80.67 4.93 86.47
N UNK J 1067 -81.75 4.54 85.81
CA UNK J 1067 -82.66 3.52 86.36
C UNK J 1067 -82.27 2.12 85.92
N UNK J 1068 -82.65 1.11 86.71
CA UNK J 1068 -82.32 -0.28 86.39
C UNK J 1068 -83.50 -1.26 86.53
N UNK J 1069 -83.19 -2.53 86.27
CA UNK J 1069 -84.17 -3.62 86.34
C UNK J 1069 -83.65 -4.72 87.27
N UNK J 1070 -84.37 -4.94 88.37
CA UNK J 1070 -83.99 -5.98 89.34
C UNK J 1070 -83.78 -7.33 88.65
N UNK J 1071 -79.38 12.58 81.78
CA UNK J 1071 -78.04 13.13 81.85
C UNK J 1071 -78.24 14.57 82.30
N UNK J 1072 -77.65 14.92 83.42
CA UNK J 1072 -77.74 16.26 83.92
C UNK J 1072 -76.52 17.01 83.41
N UNK J 1073 -76.67 18.30 83.09
CA UNK J 1073 -75.56 19.11 82.61
C UNK J 1073 -74.32 18.82 83.48
N UNK J 1074 -74.50 18.90 84.79
CA UNK J 1074 -73.40 18.66 85.69
C UNK J 1074 -73.34 17.24 86.20
N UNK J 1075 -72.32 16.96 87.01
CA UNK J 1075 -72.15 15.64 87.57
C UNK J 1075 -72.02 15.69 89.07
N UNK J 1076 -71.45 14.62 89.61
CA UNK J 1076 -71.23 14.50 91.04
C UNK J 1076 -72.46 14.90 91.83
N UNK J 1077 -73.53 14.16 91.62
CA UNK J 1077 -74.74 14.44 92.34
C UNK J 1077 -74.53 13.80 93.71
N UNK J 1078 -75.44 14.03 94.64
CA UNK J 1078 -75.35 13.41 95.95
C UNK J 1078 -76.41 12.41 96.40
N UNK J 1079 -77.56 12.92 96.82
CA UNK J 1079 -78.66 12.07 97.27
C UNK J 1079 -79.88 12.41 96.44
N UNK J 1080 -80.38 11.43 95.69
CA UNK J 1080 -81.44 11.70 94.74
C UNK J 1080 -82.70 11.59 95.60
N UNK J 1081 -83.60 12.55 95.48
CA UNK J 1081 -84.82 12.49 96.29
C UNK J 1081 -86.00 11.91 95.54
N UNK J 1082 -86.19 10.59 95.64
CA UNK J 1082 -87.33 9.94 95.00
C UNK J 1082 -88.52 10.26 95.88
N UNK J 1083 -89.72 9.93 95.45
CA UNK J 1083 -90.89 10.22 96.27
C UNK J 1083 -91.72 8.95 96.49
N UNK J 1084 -92.88 9.09 97.14
CA UNK J 1084 -93.73 7.91 97.38
C UNK J 1084 -94.10 7.21 96.06
N UNK J 1085 -94.84 7.93 95.22
CA UNK J 1085 -95.28 7.41 93.93
C UNK J 1085 -94.14 7.00 92.99
N UNK J 1086 -92.90 7.33 93.35
CA UNK J 1086 -91.73 7.02 92.51
C UNK J 1086 -91.93 7.66 91.14
N UNK J 1087 -92.65 8.77 91.14
CA UNK J 1087 -93.02 9.49 89.93
C UNK J 1087 -92.59 10.96 89.99
N UNK J 1088 -91.61 11.25 90.85
CA UNK J 1088 -91.09 12.61 91.01
C UNK J 1088 -89.68 12.49 91.57
N UNK J 1089 -88.75 13.27 91.05
CA UNK J 1089 -87.37 13.21 91.53
C UNK J 1089 -86.80 14.61 91.64
N UNK J 1090 -85.91 14.81 92.61
CA UNK J 1090 -85.28 16.11 92.80
C UNK J 1090 -83.81 15.92 93.11
N UNK J 1091 -82.98 16.74 92.47
CA UNK J 1091 -81.54 16.66 92.70
C UNK J 1091 -80.87 17.95 92.31
N UNK J 1092 -79.56 18.01 92.51
CA UNK J 1092 -78.81 19.22 92.20
C UNK J 1092 -77.39 18.85 91.83
N UNK J 1093 -76.96 19.24 90.63
CA UNK J 1093 -75.61 18.94 90.16
C UNK J 1093 -74.63 20.02 90.56
N UNK J 1094 -73.34 19.73 90.47
CA UNK J 1094 -72.33 20.72 90.85
C UNK J 1094 -72.36 21.96 89.98
N UNK J 1095 -73.33 22.05 89.09
CA UNK J 1095 -73.47 23.23 88.29
C UNK J 1095 -74.51 24.08 88.97
N UNK J 1096 -74.97 23.61 90.13
CA UNK J 1096 -75.95 24.34 90.91
C UNK J 1096 -77.31 24.41 90.25
N UNK J 1097 -77.57 23.45 89.38
CA UNK J 1097 -78.83 23.41 88.68
C UNK J 1097 -79.80 22.53 89.46
N UNK J 1098 -81.01 23.05 89.69
CA UNK J 1098 -82.03 22.31 90.44
C UNK J 1098 -82.95 21.46 89.55
N UNK J 1099 -82.69 20.15 89.53
CA UNK J 1099 -83.52 19.27 88.71
C UNK J 1099 -84.71 18.69 89.48
N UNK J 1100 -85.92 19.05 89.05
CA UNK J 1100 -87.13 18.51 89.64
C UNK J 1100 -87.82 17.74 88.51
N UNK J 1101 -87.44 16.47 88.36
CA UNK J 1101 -87.97 15.63 87.31
C UNK J 1101 -89.29 14.98 87.75
N UNK J 1102 -90.07 14.48 86.80
CA UNK J 1102 -91.35 13.87 87.14
C UNK J 1102 -91.98 13.09 85.97
N TYR K 10 -25.90 3.77 41.67
CA TYR K 10 -26.80 2.66 41.36
C TYR K 10 -27.74 2.44 42.53
N GLN K 11 -28.15 1.19 42.77
CA GLN K 11 -29.09 0.92 43.84
C GLN K 11 -28.79 -0.40 44.54
N TYR K 12 -28.91 -0.39 45.88
CA TYR K 12 -28.70 -1.60 46.65
C TYR K 12 -29.62 -2.75 46.32
N LYS K 13 -30.88 -2.46 46.12
CA LYS K 13 -31.83 -3.51 45.87
C LYS K 13 -31.55 -4.27 44.58
N ASP K 14 -31.22 -3.56 43.51
CA ASP K 14 -30.90 -4.21 42.26
C ASP K 14 -29.64 -5.05 42.36
N ILE K 15 -28.65 -4.56 43.07
CA ILE K 15 -27.36 -5.21 43.12
C ILE K 15 -27.53 -6.60 43.69
N LEU K 16 -28.43 -6.75 44.64
CA LEU K 16 -28.45 -7.92 45.51
C LEU K 16 -28.60 -9.20 44.77
N SER K 17 -29.55 -9.20 43.88
CA SER K 17 -29.93 -10.42 43.17
C SER K 17 -28.75 -11.08 42.48
N VAL K 18 -27.78 -10.25 42.08
CA VAL K 18 -26.58 -10.70 41.40
C VAL K 18 -25.90 -11.86 42.11
N PHE K 19 -25.47 -11.64 43.34
CA PHE K 19 -24.72 -12.67 44.05
C PHE K 19 -25.66 -13.43 44.98
N GLU K 20 -26.81 -13.80 44.44
CA GLU K 20 -27.72 -14.71 45.15
C GLU K 20 -27.11 -16.11 45.12
N ASP K 21 -26.40 -16.44 44.04
CA ASP K 21 -25.67 -17.71 43.93
C ASP K 21 -24.89 -18.03 45.20
N ALA K 22 -24.24 -17.00 45.75
CA ALA K 22 -23.46 -17.13 46.99
C ALA K 22 -24.39 -17.27 48.21
N PHE K 23 -25.40 -16.41 48.29
CA PHE K 23 -26.31 -16.37 49.43
C PHE K 23 -26.93 -17.73 49.79
N VAL K 24 -27.04 -18.62 48.80
CA VAL K 24 -27.48 -19.99 49.03
C VAL K 24 -26.38 -20.82 49.60
N ASP K 25 -25.19 -20.55 49.10
CA ASP K 25 -24.02 -21.30 49.50
C ASP K 25 -23.72 -21.18 50.99
N ASN K 26 -23.70 -19.99 51.56
CA ASN K 26 -23.47 -19.91 52.99
C ASN K 26 -24.49 -19.24 53.93
N PHE K 27 -25.22 -18.24 53.46
CA PHE K 27 -26.15 -17.53 54.33
C PHE K 27 -27.25 -18.49 54.70
N ASP K 28 -27.70 -18.42 55.95
CA ASP K 28 -29.00 -18.97 56.32
C ASP K 28 -29.83 -18.05 57.18
N CYS K 29 -31.06 -17.78 56.74
CA CYS K 29 -31.98 -16.99 57.57
C CYS K 29 -32.44 -17.65 58.85
N LYS K 30 -32.88 -18.90 58.72
CA LYS K 30 -33.58 -19.60 59.79
C LYS K 30 -32.85 -19.41 61.12
N ASP K 31 -31.58 -19.73 61.13
CA ASP K 31 -30.77 -19.45 62.30
C ASP K 31 -30.72 -17.94 62.45
N VAL K 32 -30.62 -17.32 61.28
CA VAL K 32 -30.00 -16.03 61.08
C VAL K 32 -30.92 -14.83 61.29
N GLN K 33 -31.40 -14.64 62.51
CA GLN K 33 -32.27 -13.50 62.75
C GLN K 33 -32.33 -12.89 64.13
N ASP K 34 -31.76 -11.71 64.27
CA ASP K 34 -32.28 -10.61 65.06
C ASP K 34 -33.56 -10.22 64.32
N MET K 35 -33.47 -10.24 62.99
CA MET K 35 -34.56 -9.86 62.12
C MET K 35 -35.16 -8.49 62.36
N PRO K 36 -34.25 -7.41 62.34
CA PRO K 36 -34.82 -6.18 62.90
C PRO K 36 -36.03 -5.71 62.14
N LYS K 37 -37.03 -5.41 62.92
CA LYS K 37 -38.42 -5.55 62.58
C LYS K 37 -38.74 -4.73 61.36
N SER K 38 -38.16 -3.55 61.28
CA SER K 38 -38.38 -2.69 60.12
C SER K 38 -37.71 -3.09 58.79
N ILE K 39 -36.42 -3.45 58.78
CA ILE K 39 -35.84 -4.02 57.57
C ILE K 39 -36.65 -5.22 57.05
N LEU K 40 -36.87 -6.22 57.91
CA LEU K 40 -37.71 -7.36 57.56
C LEU K 40 -38.85 -7.54 58.56
N SER K 41 -40.04 -7.84 58.07
CA SER K 41 -41.20 -8.07 58.93
C SER K 41 -40.92 -9.21 59.90
N LYS K 42 -41.83 -9.47 60.83
CA LYS K 42 -41.57 -10.47 61.85
C LYS K 42 -42.17 -11.80 61.40
N GLU K 43 -43.27 -11.72 60.66
CA GLU K 43 -43.87 -12.89 60.01
C GLU K 43 -42.98 -13.38 58.89
N GLU K 44 -42.61 -12.45 58.00
CA GLU K 44 -41.81 -12.76 56.83
C GLU K 44 -40.47 -13.38 57.21
N ILE K 45 -39.88 -12.85 58.27
CA ILE K 45 -38.83 -13.53 58.95
C ILE K 45 -39.48 -14.81 59.45
N ASP K 46 -40.72 -14.66 59.87
CA ASP K 46 -41.45 -15.80 60.37
C ASP K 46 -41.58 -16.76 59.21
N HIS K 47 -41.98 -16.24 58.05
CA HIS K 47 -42.27 -17.11 56.94
C HIS K 47 -41.05 -17.86 56.44
N ILE K 48 -39.98 -17.13 56.25
CA ILE K 48 -38.90 -17.65 55.44
C ILE K 48 -38.28 -18.91 55.99
N ILE K 49 -37.92 -18.89 57.27
CA ILE K 49 -37.09 -19.93 57.86
C ILE K 49 -37.80 -21.27 57.83
N MET K 50 -39.11 -21.18 57.65
CA MET K 50 -39.94 -22.36 57.64
C MET K 50 -40.19 -22.91 56.25
N SER K 51 -39.65 -22.26 55.22
CA SER K 51 -39.70 -22.84 53.88
C SER K 51 -38.70 -23.99 53.80
N LYS K 52 -38.90 -24.88 52.84
CA LYS K 52 -38.28 -26.19 52.89
C LYS K 52 -36.76 -26.24 52.87
N ASP K 53 -36.14 -25.47 52.00
CA ASP K 53 -34.76 -25.74 51.60
C ASP K 53 -33.79 -24.60 51.78
N ALA K 54 -32.66 -24.67 51.07
CA ALA K 54 -31.82 -23.50 50.97
C ALA K 54 -32.09 -22.67 49.72
N VAL K 55 -32.26 -23.32 48.58
CA VAL K 55 -32.39 -22.57 47.34
C VAL K 55 -33.65 -21.73 47.29
N SER K 56 -34.63 -22.10 48.10
CA SER K 56 -35.94 -21.50 48.13
C SER K 56 -35.97 -20.42 49.20
N GLY K 57 -35.28 -20.67 50.30
CA GLY K 57 -35.18 -19.66 51.33
C GLY K 57 -34.47 -18.46 50.76
N THR K 58 -33.40 -18.67 50.03
CA THR K 58 -32.75 -17.48 49.62
C THR K 58 -33.89 -16.74 48.97
N LEU K 59 -34.67 -17.42 48.14
CA LEU K 59 -35.59 -16.77 47.24
C LEU K 59 -36.66 -15.94 47.91
N ARG K 60 -37.19 -16.43 49.02
CA ARG K 60 -38.08 -15.58 49.78
C ARG K 60 -37.30 -14.39 50.32
N LEU K 61 -36.11 -14.63 50.87
CA LEU K 61 -35.42 -13.51 51.49
C LEU K 61 -35.17 -12.42 50.46
N PHE K 62 -34.55 -12.80 49.36
CA PHE K 62 -34.23 -11.85 48.30
C PHE K 62 -35.50 -11.31 47.67
N TRP K 63 -36.60 -12.06 47.77
CA TRP K 63 -37.83 -11.57 47.20
C TRP K 63 -38.47 -10.48 48.05
N THR K 64 -38.93 -10.85 49.24
CA THR K 64 -39.64 -9.95 50.13
C THR K 64 -38.85 -8.65 50.40
N LEU K 65 -37.55 -8.81 50.55
CA LEU K 65 -36.67 -7.71 50.91
C LEU K 65 -36.46 -6.71 49.76
N LEU K 66 -36.61 -7.23 48.56
CA LEU K 66 -36.76 -6.41 47.36
C LEU K 66 -38.02 -5.58 47.40
N SER K 67 -39.04 -6.12 48.05
CA SER K 67 -40.36 -5.51 48.10
C SER K 67 -40.34 -4.18 48.85
N LYS K 68 -39.56 -4.16 49.93
CA LYS K 68 -39.49 -3.02 50.83
C LYS K 68 -38.74 -1.85 50.22
N GLN K 69 -38.95 -0.67 50.77
CA GLN K 69 -38.38 0.55 50.23
C GLN K 69 -36.87 0.45 50.26
N GLU K 70 -36.25 1.05 49.25
CA GLU K 70 -34.85 0.84 48.92
C GLU K 70 -33.88 1.25 50.00
N GLU K 71 -34.35 2.04 50.96
CA GLU K 71 -33.50 2.61 51.99
C GLU K 71 -33.18 1.65 53.14
N MET K 72 -34.13 0.78 53.48
CA MET K 72 -33.93 -0.08 54.63
C MET K 72 -32.97 -1.21 54.28
N VAL K 73 -33.13 -1.77 53.09
CA VAL K 73 -32.32 -2.91 52.77
C VAL K 73 -30.96 -2.58 53.32
N GLN K 74 -30.51 -1.35 53.10
CA GLN K 74 -29.22 -0.90 53.58
C GLN K 74 -29.03 -1.33 55.03
N LYS K 75 -30.12 -1.35 55.77
CA LYS K 75 -30.09 -1.80 57.14
C LYS K 75 -29.58 -3.23 57.09
N PHE K 76 -30.16 -3.93 56.13
CA PHE K 76 -29.88 -5.34 55.96
C PHE K 76 -28.50 -5.53 55.41
N VAL K 77 -28.23 -4.79 54.36
CA VAL K 77 -27.00 -4.89 53.63
C VAL K 77 -25.83 -4.52 54.51
N GLU K 78 -26.03 -3.55 55.39
CA GLU K 78 -24.89 -3.02 56.11
C GLU K 78 -24.80 -3.44 57.55
N GLU K 79 -25.55 -2.77 58.39
CA GLU K 79 -25.44 -3.03 59.80
C GLU K 79 -25.84 -4.43 60.19
N VAL K 80 -26.93 -4.91 59.63
CA VAL K 80 -27.40 -6.25 59.94
C VAL K 80 -26.41 -7.34 59.53
N LEU K 81 -26.30 -7.51 58.24
CA LEU K 81 -25.71 -8.69 57.67
C LEU K 81 -24.28 -8.78 58.11
N ARG K 82 -23.74 -7.62 58.41
CA ARG K 82 -22.41 -7.45 58.96
C ARG K 82 -22.27 -8.06 60.35
N ILE K 83 -23.32 -8.00 61.14
CA ILE K 83 -23.20 -8.35 62.55
C ILE K 83 -22.76 -9.80 62.76
N ASN K 84 -23.30 -10.72 61.97
CA ASN K 84 -22.82 -12.08 62.01
C ASN K 84 -22.08 -12.44 60.74
N TYR K 85 -21.86 -11.46 59.88
CA TYR K 85 -21.28 -11.74 58.58
C TYR K 85 -20.27 -10.70 58.21
N LYS K 86 -19.23 -11.20 57.52
CA LYS K 86 -18.20 -10.40 56.83
C LYS K 86 -18.01 -10.70 55.35
N PHE K 87 -17.64 -11.96 55.10
CA PHE K 87 -17.32 -12.44 53.77
C PHE K 87 -18.36 -11.93 52.81
N LEU K 88 -19.62 -12.13 53.15
CA LEU K 88 -20.65 -11.55 52.38
C LEU K 88 -20.73 -10.03 52.15
N MET K 89 -20.86 -9.26 53.22
CA MET K 89 -21.12 -7.83 53.13
C MET K 89 -20.28 -7.11 52.07
N SER K 90 -18.98 -7.41 52.07
CA SER K 90 -18.05 -6.74 51.21
C SER K 90 -18.42 -7.06 49.78
N PRO K 91 -18.67 -8.42 49.51
CA PRO K 91 -19.03 -8.67 48.12
C PRO K 91 -20.16 -7.83 47.60
N ILE K 92 -21.25 -7.62 48.31
CA ILE K 92 -22.25 -6.72 47.77
C ILE K 92 -21.71 -5.31 47.71
N LYS K 93 -21.15 -4.87 48.84
CA LYS K 93 -20.74 -3.49 49.01
C LYS K 93 -19.77 -3.03 47.93
N THR K 94 -18.99 -3.98 47.42
CA THR K 94 -18.02 -3.69 46.40
C THR K 94 -18.81 -3.49 45.14
N GLU K 95 -20.08 -3.82 45.23
CA GLU K 95 -20.99 -3.71 44.10
C GLU K 95 -21.72 -2.37 43.98
N GLN K 96 -22.20 -1.89 45.10
CA GLN K 96 -23.06 -0.78 44.99
C GLN K 96 -22.19 0.22 44.26
N ARG K 97 -20.94 0.38 44.66
CA ARG K 97 -20.05 1.14 43.80
C ARG K 97 -19.61 0.43 42.52
N GLN K 98 -19.17 -0.81 42.65
CA GLN K 98 -18.39 -1.43 41.58
C GLN K 98 -19.08 -1.79 40.27
N PRO K 99 -20.27 -2.34 40.35
CA PRO K 99 -21.08 -2.62 39.18
C PRO K 99 -20.35 -3.36 38.04
N SER K 100 -19.77 -4.52 38.31
CA SER K 100 -18.96 -5.22 37.34
C SER K 100 -19.75 -5.41 36.09
N MET K 101 -19.12 -5.32 34.93
CA MET K 101 -19.87 -5.05 33.73
C MET K 101 -20.94 -6.09 33.45
N MET K 102 -20.59 -7.36 33.50
CA MET K 102 -21.69 -8.30 33.39
C MET K 102 -22.89 -7.90 34.26
N THR K 103 -22.61 -7.44 35.48
CA THR K 103 -23.66 -7.03 36.40
C THR K 103 -24.53 -5.92 35.82
N ARG K 104 -23.92 -4.82 35.44
CA ARG K 104 -24.72 -3.76 34.91
C ARG K 104 -25.36 -4.32 33.68
N MET K 105 -24.67 -5.14 32.94
CA MET K 105 -25.35 -5.51 31.73
C MET K 105 -26.65 -6.17 32.10
N TYR K 106 -26.68 -6.98 33.16
CA TYR K 106 -27.94 -7.61 33.51
C TYR K 106 -28.99 -6.59 33.91
N ILE K 107 -28.63 -5.69 34.82
CA ILE K 107 -29.64 -4.81 35.38
C ILE K 107 -30.17 -4.01 34.25
N GLU K 108 -29.28 -3.64 33.36
CA GLU K 108 -29.65 -2.81 32.25
C GLU K 108 -30.70 -3.56 31.49
N GLN K 109 -30.43 -4.83 31.26
CA GLN K 109 -31.43 -5.62 30.60
C GLN K 109 -32.59 -5.74 31.52
N ARG K 110 -32.36 -6.04 32.78
CA ARG K 110 -33.51 -6.50 33.51
C ARG K 110 -34.58 -5.45 33.47
N ASP K 111 -34.23 -4.19 33.65
CA ASP K 111 -35.25 -3.15 33.65
C ASP K 111 -35.93 -3.15 32.31
N ARG K 112 -35.19 -3.45 31.27
CA ARG K 112 -35.80 -3.41 29.97
C ARG K 112 -36.98 -4.33 30.09
N LEU K 113 -36.78 -5.39 30.86
CA LEU K 113 -37.81 -6.39 31.03
C LEU K 113 -39.06 -5.91 31.73
N TYR K 114 -38.87 -5.21 32.84
CA TYR K 114 -40.01 -4.78 33.62
C TYR K 114 -40.73 -3.79 32.81
N ASN K 115 -39.95 -2.84 32.36
CA ASN K 115 -40.40 -1.58 31.86
C ASN K 115 -41.29 -1.84 30.67
N ASP K 116 -40.84 -2.71 29.80
CA ASP K 116 -41.68 -3.06 28.69
C ASP K 116 -42.89 -3.77 29.17
N ASN K 117 -42.72 -4.62 30.16
CA ASN K 117 -43.83 -5.35 30.75
C ASN K 117 -44.85 -4.52 31.50
N GLN K 118 -44.39 -3.46 32.16
CA GLN K 118 -45.28 -2.49 32.78
C GLN K 118 -46.03 -3.00 34.01
N VAL K 119 -47.16 -3.67 33.80
CA VAL K 119 -48.07 -3.98 34.88
C VAL K 119 -47.33 -4.91 35.79
N PHE K 120 -46.59 -5.80 35.19
CA PHE K 120 -45.98 -6.84 35.97
C PHE K 120 -45.08 -6.19 37.02
N ALA K 121 -44.26 -5.23 36.65
CA ALA K 121 -43.36 -4.68 37.67
C ALA K 121 -44.03 -4.32 39.01
N LYS K 122 -45.35 -4.13 39.02
CA LYS K 122 -46.04 -3.76 40.24
C LYS K 122 -46.82 -4.91 40.84
N TYR K 123 -47.68 -5.52 40.03
CA TYR K 123 -48.60 -6.52 40.52
C TYR K 123 -47.92 -7.89 40.63
N ASN K 124 -46.79 -8.11 40.01
CA ASN K 124 -46.38 -9.49 39.95
C ASN K 124 -46.12 -9.92 41.35
N VAL K 125 -46.50 -11.15 41.69
CA VAL K 125 -46.02 -11.81 42.90
C VAL K 125 -45.39 -13.15 42.61
N SER K 126 -44.18 -13.36 43.10
CA SER K 126 -43.41 -14.55 42.76
C SER K 126 -43.96 -15.81 43.40
N ARG K 127 -44.28 -16.81 42.58
CA ARG K 127 -44.72 -18.08 43.11
C ARG K 127 -43.56 -19.02 43.17
N LEU K 128 -43.17 -19.36 44.38
CA LEU K 128 -41.97 -20.13 44.59
C LEU K 128 -42.03 -21.48 43.97
N GLN K 129 -43.16 -22.13 44.10
CA GLN K 129 -43.20 -23.51 43.68
C GLN K 129 -43.02 -23.67 42.21
N PRO K 130 -43.68 -22.81 41.44
CA PRO K 130 -43.72 -22.94 39.99
C PRO K 130 -42.53 -22.26 39.34
N TYR K 131 -41.83 -21.41 40.09
CA TYR K 131 -40.68 -20.74 39.50
C TYR K 131 -39.54 -21.67 39.66
N LEU K 132 -39.40 -22.20 40.85
CA LEU K 132 -38.23 -22.96 41.17
C LEU K 132 -38.25 -24.14 40.28
N LYS K 133 -39.46 -24.54 39.92
CA LYS K 133 -39.66 -25.71 39.07
C LYS K 133 -39.25 -25.38 37.64
N LEU K 134 -39.57 -24.16 37.22
CA LEU K 134 -39.21 -23.70 35.90
C LEU K 134 -37.74 -23.44 35.74
N ARG K 135 -37.17 -22.74 36.70
CA ARG K 135 -35.84 -22.23 36.55
C ARG K 135 -34.88 -23.37 36.36
N GLN K 136 -35.17 -24.50 36.96
CA GLN K 136 -34.26 -25.59 36.81
C GLN K 136 -34.18 -25.91 35.34
N ALA K 137 -35.29 -25.81 34.64
CA ALA K 137 -35.26 -26.14 33.23
C ALA K 137 -34.30 -25.22 32.49
N LEU K 138 -34.39 -23.92 32.73
CA LEU K 138 -33.63 -22.97 31.93
C LEU K 138 -32.14 -23.12 32.01
N LEU K 139 -31.63 -23.48 33.17
CA LEU K 139 -30.23 -23.79 33.28
C LEU K 139 -29.80 -25.01 32.44
N GLU K 140 -30.65 -26.03 32.34
CA GLU K 140 -30.28 -27.25 31.62
C GLU K 140 -30.46 -27.10 30.13
N LEU K 141 -31.63 -26.55 29.75
CA LEU K 141 -32.06 -26.40 28.36
C LEU K 141 -30.94 -26.08 27.36
N ARG K 142 -30.81 -26.94 26.34
CA ARG K 142 -29.66 -26.95 25.44
C ARG K 142 -29.89 -26.00 24.26
N PRO K 143 -28.85 -25.75 23.42
CA PRO K 143 -29.09 -24.62 22.51
C PRO K 143 -30.17 -24.91 21.46
N ALA K 144 -30.70 -26.13 21.42
CA ALA K 144 -31.72 -26.47 20.44
C ALA K 144 -32.98 -27.10 21.05
N LYS K 145 -32.89 -27.49 22.31
CA LYS K 145 -34.07 -27.98 23.04
C LYS K 145 -35.02 -26.82 23.35
N ASN K 146 -36.15 -27.12 24.00
CA ASN K 146 -37.06 -26.06 24.43
C ASN K 146 -38.01 -26.43 25.56
N VAL K 147 -38.05 -25.61 26.59
CA VAL K 147 -38.79 -25.93 27.82
C VAL K 147 -40.16 -25.28 27.81
N LEU K 148 -41.18 -26.10 27.67
CA LEU K 148 -42.55 -25.60 27.55
C LEU K 148 -43.34 -25.52 28.86
N ILE K 149 -44.12 -24.46 28.99
CA ILE K 149 -45.04 -24.24 30.11
C ILE K 149 -46.47 -24.18 29.59
N ASP K 150 -47.41 -24.75 30.32
CA ASP K 150 -48.80 -24.59 29.94
C ASP K 150 -49.71 -24.67 31.15
N GLY K 151 -50.63 -23.73 31.25
CA GLY K 151 -51.61 -23.75 32.32
C GLY K 151 -52.97 -23.37 31.79
N VAL K 152 -53.97 -23.46 32.62
CA VAL K 152 -55.32 -23.20 32.16
C VAL K 152 -55.22 -21.73 31.95
N LEU K 153 -56.14 -21.14 31.21
CA LEU K 153 -55.93 -19.80 30.77
C LEU K 153 -55.79 -18.93 32.00
N GLY K 154 -55.04 -17.85 31.92
CA GLY K 154 -54.83 -17.02 33.09
C GLY K 154 -54.20 -17.76 34.24
N SER K 155 -53.31 -18.66 33.90
CA SER K 155 -52.42 -19.19 34.90
C SER K 155 -51.16 -18.35 34.90
N GLY K 156 -51.22 -17.24 34.18
CA GLY K 156 -50.17 -16.27 34.25
C GLY K 156 -48.93 -17.08 34.03
N LYS K 157 -48.90 -17.87 32.96
CA LYS K 157 -47.69 -18.60 32.67
C LYS K 157 -46.61 -17.57 32.45
N THR K 158 -46.94 -16.55 31.68
CA THR K 158 -45.95 -15.68 31.13
C THR K 158 -45.22 -15.05 32.28
N TRP K 159 -46.00 -14.52 33.18
CA TRP K 159 -45.53 -13.83 34.38
C TRP K 159 -44.51 -14.65 35.14
N VAL K 160 -44.65 -15.97 35.16
CA VAL K 160 -43.64 -16.83 35.75
C VAL K 160 -42.38 -16.79 34.90
N ALA K 161 -42.59 -16.99 33.60
CA ALA K 161 -41.53 -16.93 32.61
C ALA K 161 -40.79 -15.61 32.76
N LEU K 162 -41.54 -14.52 32.80
CA LEU K 162 -40.97 -13.19 32.96
C LEU K 162 -40.11 -13.11 34.20
N ASP K 163 -40.50 -13.87 35.22
CA ASP K 163 -39.85 -13.77 36.51
C ASP K 163 -38.57 -14.59 36.55
N VAL K 164 -38.63 -15.81 36.02
CA VAL K 164 -37.42 -16.63 35.98
C VAL K 164 -36.42 -16.03 35.00
N CYS K 165 -36.95 -15.44 33.93
CA CYS K 165 -36.13 -14.75 32.96
C CYS K 165 -35.50 -13.52 33.60
N LEU K 166 -36.15 -12.98 34.64
CA LEU K 166 -35.62 -11.85 35.41
C LEU K 166 -34.43 -12.26 36.29
N SER K 167 -34.44 -13.50 36.76
CA SER K 167 -33.42 -13.99 37.65
C SER K 167 -32.04 -13.90 37.04
N TYR K 168 -31.11 -13.32 37.77
CA TYR K 168 -29.83 -13.12 37.20
C TYR K 168 -29.34 -14.48 36.80
N LYS K 169 -29.63 -15.50 37.57
CA LYS K 169 -29.15 -16.81 37.24
C LYS K 169 -29.73 -17.21 35.90
N VAL K 170 -31.00 -16.91 35.67
CA VAL K 170 -31.56 -17.30 34.40
C VAL K 170 -30.88 -16.53 33.34
N GLN K 171 -30.67 -15.25 33.58
CA GLN K 171 -30.20 -14.40 32.51
C GLN K 171 -28.81 -14.68 32.04
N CYS K 172 -27.89 -14.92 32.94
CA CYS K 172 -26.52 -15.11 32.53
C CYS K 172 -26.50 -16.31 31.62
N LYS K 173 -27.28 -17.31 31.93
CA LYS K 173 -27.28 -18.53 31.17
C LYS K 173 -27.86 -18.23 29.82
N MET K 174 -28.41 -17.05 29.68
CA MET K 174 -28.99 -16.64 28.43
C MET K 174 -28.31 -15.42 27.88
N ASP K 175 -27.34 -14.94 28.62
CA ASP K 175 -26.47 -13.87 28.18
C ASP K 175 -27.27 -12.65 27.79
N PHE K 176 -28.40 -12.51 28.44
CA PHE K 176 -29.11 -11.28 28.42
C PHE K 176 -29.76 -11.05 27.10
N LYS K 177 -29.94 -12.12 26.35
CA LYS K 177 -30.63 -11.92 25.07
C LYS K 177 -31.84 -12.80 25.08
N ILE K 178 -32.99 -12.23 25.46
CA ILE K 178 -34.20 -13.02 25.62
C ILE K 178 -35.34 -12.43 24.83
N PHE K 179 -35.33 -12.65 23.53
CA PHE K 179 -36.28 -11.99 22.64
C PHE K 179 -37.73 -12.46 22.84
N TRP K 180 -38.52 -11.64 23.53
CA TRP K 180 -39.93 -11.93 23.77
C TRP K 180 -40.74 -11.78 22.50
N LEU K 181 -41.76 -12.63 22.34
CA LEU K 181 -42.64 -12.56 21.18
C LEU K 181 -44.02 -13.13 21.51
N ASN K 182 -44.99 -12.28 21.82
CA ASN K 182 -46.33 -12.78 22.08
C ASN K 182 -47.00 -13.20 20.79
N LEU K 183 -47.22 -14.51 20.64
CA LEU K 183 -47.80 -15.04 19.42
C LEU K 183 -49.33 -14.96 19.44
N LYS K 184 -49.87 -13.79 19.74
CA LYS K 184 -51.29 -13.58 19.55
C LYS K 184 -51.55 -13.29 18.08
N ASN K 185 -52.66 -13.81 17.57
CA ASN K 185 -52.94 -13.74 16.13
C ASN K 185 -51.76 -14.35 15.39
N CYS K 186 -51.58 -15.65 15.56
CA CYS K 186 -50.41 -16.35 15.03
C CYS K 186 -50.76 -17.69 14.40
N ASN K 187 -51.99 -17.80 13.92
CA ASN K 187 -52.41 -18.99 13.17
C ASN K 187 -52.75 -18.61 11.74
N SER K 188 -51.76 -18.08 11.05
CA SER K 188 -51.85 -17.77 9.63
C SER K 188 -50.44 -17.96 9.17
N PRO K 189 -50.24 -18.09 7.87
CA PRO K 189 -48.90 -18.16 7.34
C PRO K 189 -48.24 -16.83 7.44
N GLU K 190 -48.94 -15.82 6.97
CA GLU K 190 -48.35 -14.53 6.77
C GLU K 190 -47.92 -13.85 8.06
N THR K 191 -48.76 -13.97 9.08
CA THR K 191 -48.58 -13.15 10.26
C THR K 191 -47.21 -13.45 10.81
N VAL K 192 -46.80 -14.70 10.70
CA VAL K 192 -45.48 -15.06 11.18
C VAL K 192 -44.48 -14.21 10.41
N LEU K 193 -44.83 -13.89 9.18
CA LEU K 193 -44.00 -12.98 8.42
C LEU K 193 -43.96 -11.64 9.12
N GLU K 194 -45.06 -11.23 9.69
CA GLU K 194 -45.04 -10.09 10.59
C GLU K 194 -44.20 -10.37 11.84
N MET K 195 -44.32 -11.58 12.36
CA MET K 195 -43.65 -11.95 13.60
C MET K 195 -42.16 -12.20 13.40
N LEU K 196 -41.84 -13.05 12.43
CA LEU K 196 -40.45 -13.31 12.08
C LEU K 196 -39.77 -12.00 11.70
N GLN K 197 -40.52 -11.12 11.06
CA GLN K 197 -40.03 -9.79 10.76
C GLN K 197 -39.62 -9.12 12.07
N LYS K 198 -40.50 -9.22 13.06
CA LYS K 198 -40.27 -8.55 14.33
C LYS K 198 -39.12 -9.16 15.12
N LEU K 199 -38.94 -10.47 15.00
CA LEU K 199 -37.83 -11.13 15.67
C LEU K 199 -36.53 -10.63 15.05
N LEU K 200 -36.48 -10.68 13.72
CA LEU K 200 -35.34 -10.17 12.98
C LEU K 200 -35.04 -8.73 13.42
N TYR K 201 -36.09 -7.93 13.55
CA TYR K 201 -35.89 -6.56 14.02
C TYR K 201 -35.30 -6.50 15.44
N GLN K 202 -35.76 -7.38 16.33
CA GLN K 202 -35.16 -7.48 17.67
C GLN K 202 -33.66 -7.71 17.53
N ILE K 203 -33.33 -8.77 16.82
CA ILE K 203 -31.95 -9.17 16.59
C ILE K 203 -31.07 -8.02 16.07
N ASP K 204 -31.51 -7.36 15.00
CA ASP K 204 -30.72 -6.31 14.35
C ASP K 204 -31.53 -5.63 13.25
N PRO K 205 -31.45 -4.30 13.19
CA PRO K 205 -32.21 -3.52 12.20
C PRO K 205 -31.60 -3.59 10.80
N ASN K 206 -31.57 -4.79 10.23
CA ASN K 206 -31.00 -5.02 8.91
C ASN K 206 -31.77 -6.09 8.15
N TRP K 207 -32.05 -5.83 6.87
CA TRP K 207 -32.40 -6.90 5.95
C TRP K 207 -32.35 -6.50 4.48
N THR K 208 -31.78 -7.40 3.68
CA THR K 208 -31.82 -7.30 2.23
C THR K 208 -33.15 -7.83 1.71
N SER K 209 -34.17 -6.97 1.72
CA SER K 209 -35.53 -7.39 1.38
C SER K 209 -35.79 -7.43 -0.12
N ARG K 210 -34.73 -7.51 -0.91
CA ARG K 210 -34.86 -7.65 -2.36
C ARG K 210 -35.19 -9.09 -2.73
N SER K 211 -34.94 -9.98 -1.77
CA SER K 211 -35.25 -11.40 -1.92
C SER K 211 -36.76 -11.63 -1.87
N ASP K 212 -37.51 -10.57 -1.54
CA ASP K 212 -38.95 -10.72 -1.39
C ASP K 212 -39.59 -11.06 -2.73
N HIS K 213 -40.22 -12.23 -2.78
CA HIS K 213 -40.94 -12.66 -3.96
C HIS K 213 -42.36 -12.95 -3.56
N SER K 214 -43.25 -12.03 -3.92
CA SER K 214 -44.64 -12.08 -3.48
C SER K 214 -45.39 -13.24 -4.13
N SER K 215 -44.69 -14.11 -4.84
CA SER K 215 -45.29 -15.34 -5.36
C SER K 215 -45.89 -16.12 -4.21
N ASN K 216 -45.17 -16.16 -3.10
CA ASN K 216 -45.69 -16.73 -1.86
C ASN K 216 -45.30 -15.94 -0.63
N ILE K 217 -46.29 -15.73 0.24
CA ILE K 217 -46.07 -15.22 1.57
C ILE K 217 -45.54 -16.41 2.37
N LYS K 218 -45.66 -17.59 1.77
CA LYS K 218 -45.29 -18.87 2.38
C LYS K 218 -43.91 -19.38 1.97
N LEU K 219 -43.41 -18.85 0.86
CA LEU K 219 -42.09 -19.18 0.37
C LEU K 219 -41.11 -18.18 0.96
N ARG K 220 -41.49 -16.91 0.93
CA ARG K 220 -40.68 -15.84 1.50
C ARG K 220 -40.45 -16.08 3.00
N ILE K 221 -41.37 -16.81 3.63
CA ILE K 221 -41.28 -17.11 5.04
C ILE K 221 -40.10 -18.04 5.36
N HIS K 222 -39.64 -18.78 4.36
CA HIS K 222 -38.53 -19.68 4.59
C HIS K 222 -37.28 -18.85 4.51
N SER K 223 -37.32 -17.79 3.71
CA SER K 223 -36.18 -16.90 3.59
C SER K 223 -35.88 -16.20 4.91
N ILE K 224 -36.92 -15.81 5.64
CA ILE K 224 -36.70 -15.03 6.85
C ILE K 224 -36.15 -15.95 7.93
N GLN K 225 -36.63 -17.19 7.94
CA GLN K 225 -36.12 -18.20 8.86
C GLN K 225 -34.69 -18.52 8.46
N ALA K 226 -34.48 -18.61 7.16
CA ALA K 226 -33.16 -18.87 6.59
C ALA K 226 -32.16 -17.83 7.07
N GLU K 227 -32.53 -16.57 6.96
CA GLU K 227 -31.68 -15.50 7.46
C GLU K 227 -31.57 -15.58 8.97
N LEU K 228 -32.72 -15.71 9.63
CA LEU K 228 -32.77 -15.75 11.09
C LEU K 228 -31.92 -16.89 11.65
N ARG K 229 -31.84 -17.98 10.91
CA ARG K 229 -31.01 -19.11 11.32
C ARG K 229 -29.54 -18.73 11.30
N ARG K 230 -29.06 -18.28 10.14
CA ARG K 230 -27.68 -17.83 9.97
C ARG K 230 -27.25 -16.83 11.04
N LEU K 231 -28.14 -15.89 11.34
CA LEU K 231 -27.80 -14.79 12.23
C LEU K 231 -27.68 -15.25 13.66
N LEU K 232 -28.48 -16.23 14.05
CA LEU K 232 -28.51 -16.63 15.44
C LEU K 232 -27.28 -17.43 15.88
N LYS K 233 -27.00 -18.58 15.24
CA LYS K 233 -25.75 -19.27 15.56
C LYS K 233 -24.58 -18.42 15.06
N SER K 234 -24.44 -17.35 15.79
CA SER K 234 -23.41 -16.38 15.71
C SER K 234 -23.00 -16.15 17.16
N LYS K 235 -21.73 -15.97 17.45
CA LYS K 235 -21.30 -16.36 18.77
C LYS K 235 -22.07 -15.64 19.85
N PRO K 236 -22.20 -14.33 19.75
CA PRO K 236 -22.80 -13.55 20.82
C PRO K 236 -24.21 -14.05 21.01
N TYR K 237 -24.84 -14.41 19.92
CA TYR K 237 -26.23 -14.79 19.94
C TYR K 237 -26.45 -16.26 20.16
N GLU K 238 -25.36 -17.00 20.29
CA GLU K 238 -25.37 -18.45 20.24
C GLU K 238 -26.60 -19.01 20.94
N ASN K 239 -26.70 -18.71 22.24
CA ASN K 239 -27.81 -19.18 23.03
C ASN K 239 -28.60 -18.00 23.49
N CYS K 240 -29.88 -17.95 23.14
CA CYS K 240 -30.76 -17.04 23.82
C CYS K 240 -32.13 -17.63 23.84
N LEU K 241 -32.77 -17.64 24.99
CA LEU K 241 -34.08 -18.22 25.11
C LEU K 241 -34.98 -17.35 24.30
N LEU K 242 -35.78 -17.84 23.41
CA LEU K 242 -36.67 -16.92 22.79
C LEU K 242 -37.84 -17.56 23.33
N VAL K 243 -38.70 -16.82 24.03
CA VAL K 243 -39.86 -17.44 24.65
C VAL K 243 -41.07 -16.98 23.92
N LEU K 244 -41.92 -17.90 23.53
CA LEU K 244 -43.14 -17.53 22.88
C LEU K 244 -44.34 -17.66 23.76
N LEU K 245 -45.13 -16.60 23.85
CA LEU K 245 -46.21 -16.59 24.80
C LEU K 245 -47.52 -16.81 24.09
N ASN K 246 -48.30 -17.79 24.54
CA ASN K 246 -49.62 -18.11 23.96
C ASN K 246 -49.60 -18.93 22.72
N VAL K 247 -48.42 -19.39 22.40
CA VAL K 247 -48.25 -20.07 21.12
C VAL K 247 -49.57 -20.68 20.71
N GLN K 248 -50.14 -20.15 19.63
CA GLN K 248 -51.50 -20.52 19.25
C GLN K 248 -51.62 -22.00 18.99
N ASN K 249 -50.97 -22.48 17.94
CA ASN K 249 -51.05 -23.90 17.65
C ASN K 249 -49.71 -24.54 17.38
N ALA K 250 -49.76 -25.80 16.99
CA ALA K 250 -48.58 -26.53 16.60
C ALA K 250 -47.96 -25.87 15.38
N LYS K 251 -48.80 -25.51 14.42
CA LYS K 251 -48.34 -25.04 13.12
C LYS K 251 -47.45 -23.79 13.24
N ALA K 252 -47.77 -22.90 14.18
CA ALA K 252 -47.02 -21.67 14.35
C ALA K 252 -45.62 -21.98 14.84
N TRP K 253 -45.55 -22.91 15.80
CA TRP K 253 -44.30 -23.30 16.46
C TRP K 253 -43.31 -23.90 15.48
N ASN K 254 -43.83 -24.55 14.45
CA ASN K 254 -43.02 -25.17 13.42
C ASN K 254 -42.11 -24.15 12.76
N ALA K 255 -42.66 -22.96 12.51
CA ALA K 255 -41.91 -21.89 11.87
C ALA K 255 -40.92 -21.27 12.84
N PHE K 256 -41.15 -21.40 14.13
CA PHE K 256 -40.26 -20.68 15.00
C PHE K 256 -39.08 -21.43 15.51
N ASN K 257 -39.11 -22.74 15.44
CA ASN K 257 -37.98 -23.48 15.97
C ASN K 257 -36.78 -23.13 15.11
N LEU K 258 -35.75 -22.57 15.75
CA LEU K 258 -34.62 -22.05 14.99
C LEU K 258 -33.34 -22.69 15.45
N SER K 259 -33.41 -23.94 15.93
CA SER K 259 -32.33 -24.52 16.71
C SER K 259 -31.98 -23.51 17.81
N CYS K 260 -33.04 -23.00 18.43
CA CYS K 260 -32.96 -21.93 19.41
C CYS K 260 -33.23 -22.49 20.80
N LYS K 261 -32.60 -21.95 21.83
CA LYS K 261 -32.93 -22.39 23.19
C LYS K 261 -34.26 -21.83 23.63
N ILE K 262 -35.29 -21.92 22.78
CA ILE K 262 -36.57 -21.29 23.11
C ILE K 262 -37.26 -21.95 24.30
N LEU K 263 -38.34 -21.34 24.74
CA LEU K 263 -39.20 -21.86 25.79
C LEU K 263 -40.53 -21.17 25.58
N LEU K 264 -41.62 -21.90 25.59
CA LEU K 264 -42.83 -21.24 25.22
C LEU K 264 -43.91 -21.42 26.23
N THR K 265 -44.87 -20.53 26.20
CA THR K 265 -46.01 -20.67 27.06
C THR K 265 -47.18 -21.26 26.29
N THR K 266 -47.40 -22.53 26.50
CA THR K 266 -48.42 -23.27 25.81
C THR K 266 -49.68 -22.68 26.32
N ARG K 267 -50.81 -22.94 25.67
CA ARG K 267 -52.10 -22.48 26.18
C ARG K 267 -53.13 -23.58 26.05
N PHE K 268 -53.02 -24.31 24.95
CA PHE K 268 -53.85 -25.45 24.63
C PHE K 268 -53.27 -26.78 25.03
N LYS K 269 -54.12 -27.78 25.02
CA LYS K 269 -53.65 -29.13 25.16
C LYS K 269 -53.33 -29.62 23.79
N GLN K 270 -53.58 -28.81 22.77
CA GLN K 270 -53.23 -29.34 21.46
C GLN K 270 -51.73 -29.11 21.26
N VAL K 271 -51.25 -28.05 21.87
CA VAL K 271 -49.85 -27.63 21.76
C VAL K 271 -48.99 -28.43 22.73
N THR K 272 -49.35 -28.40 24.01
CA THR K 272 -48.61 -29.17 25.01
C THR K 272 -48.71 -30.65 24.68
N ASP K 273 -49.71 -31.01 23.89
CA ASP K 273 -49.87 -32.37 23.40
C ASP K 273 -48.77 -32.69 22.40
N PHE K 274 -48.35 -31.67 21.67
CA PHE K 274 -47.52 -31.86 20.50
C PHE K 274 -46.04 -31.92 20.84
N LEU K 275 -45.47 -30.94 21.50
CA LEU K 275 -44.07 -31.13 21.84
C LEU K 275 -43.90 -32.27 22.87
N SER K 276 -43.02 -33.22 22.57
CA SER K 276 -43.02 -34.48 23.29
C SER K 276 -41.78 -34.60 24.10
N ALA K 277 -41.95 -35.17 25.27
CA ALA K 277 -41.18 -34.82 26.42
C ALA K 277 -39.73 -34.99 26.11
N ALA K 278 -39.40 -35.96 25.27
CA ALA K 278 -38.00 -36.27 25.08
C ALA K 278 -37.28 -35.05 24.58
N THR K 279 -37.85 -34.35 23.61
CA THR K 279 -37.27 -33.09 23.18
C THR K 279 -37.31 -31.98 24.24
N THR K 280 -38.43 -31.82 24.93
CA THR K 280 -38.70 -30.64 25.74
C THR K 280 -39.41 -31.02 27.02
N THR K 281 -39.31 -30.22 28.08
CA THR K 281 -39.74 -30.66 29.40
C THR K 281 -41.03 -29.92 29.70
N HIS K 282 -41.91 -30.53 30.45
CA HIS K 282 -43.26 -30.05 30.37
C HIS K 282 -43.63 -29.56 31.72
N ILE K 283 -43.91 -28.28 31.80
CA ILE K 283 -44.17 -27.67 33.08
C ILE K 283 -45.62 -27.35 33.01
N SER K 284 -46.33 -27.46 34.11
CA SER K 284 -47.72 -27.17 33.97
C SER K 284 -48.30 -26.34 35.05
N LEU K 285 -49.61 -26.28 35.05
CA LEU K 285 -50.29 -25.56 36.09
C LEU K 285 -51.70 -26.09 36.26
N ASP K 286 -51.91 -27.27 35.71
CA ASP K 286 -53.04 -28.06 36.09
C ASP K 286 -52.49 -28.78 37.30
N HIS K 287 -51.92 -28.05 38.23
CA HIS K 287 -51.25 -28.81 39.26
C HIS K 287 -51.49 -28.42 40.69
N HIS K 288 -51.49 -29.42 41.56
CA HIS K 288 -51.67 -29.12 42.96
C HIS K 288 -50.48 -28.28 43.40
N SER K 289 -49.27 -28.68 43.01
CA SER K 289 -48.08 -27.87 43.27
C SER K 289 -47.92 -26.59 42.47
N MET K 290 -48.06 -26.70 41.16
CA MET K 290 -47.88 -25.58 40.25
C MET K 290 -48.76 -24.40 40.64
N THR K 291 -49.99 -24.70 41.06
CA THR K 291 -50.91 -23.65 41.44
C THR K 291 -50.55 -23.15 42.81
N LEU K 292 -51.15 -22.03 43.18
CA LEU K 292 -50.80 -21.31 44.39
C LEU K 292 -51.22 -21.94 45.72
N THR K 293 -50.30 -21.91 46.68
CA THR K 293 -50.59 -22.27 48.04
C THR K 293 -51.51 -21.18 48.52
N PRO K 294 -52.46 -21.47 49.40
CA PRO K 294 -53.55 -20.48 49.50
C PRO K 294 -52.93 -19.12 49.69
N ASP K 295 -51.84 -19.05 50.42
CA ASP K 295 -51.38 -17.75 50.85
C ASP K 295 -51.09 -16.90 49.65
N GLU K 296 -50.41 -17.45 48.67
CA GLU K 296 -50.12 -16.61 47.54
C GLU K 296 -51.31 -15.72 47.37
N VAL K 297 -52.46 -16.33 47.52
CA VAL K 297 -53.68 -15.69 47.10
C VAL K 297 -53.94 -14.42 47.87
N LYS K 298 -53.64 -14.39 49.14
CA LYS K 298 -53.95 -13.15 49.83
C LYS K 298 -52.86 -12.12 49.56
N SER K 299 -51.63 -12.59 49.36
CA SER K 299 -50.53 -11.68 49.06
C SER K 299 -50.68 -11.13 47.65
N LEU K 300 -51.30 -11.92 46.77
CA LEU K 300 -51.56 -11.46 45.42
C LEU K 300 -52.67 -10.41 45.43
N LEU K 301 -53.75 -10.71 46.14
CA LEU K 301 -54.86 -9.77 46.27
C LEU K 301 -54.39 -8.46 46.87
N LEU K 302 -53.31 -8.52 47.63
CA LEU K 302 -52.73 -7.34 48.27
C LEU K 302 -52.12 -6.33 47.29
N LYS K 303 -51.40 -6.85 46.30
CA LYS K 303 -50.68 -5.99 45.35
C LYS K 303 -51.58 -4.92 44.76
N TYR K 304 -52.79 -5.30 44.36
CA TYR K 304 -53.76 -4.35 43.85
C TYR K 304 -54.47 -3.62 44.99
N LEU K 305 -54.70 -4.35 46.08
CA LEU K 305 -55.48 -3.85 47.22
C LEU K 305 -54.75 -2.82 48.06
N ASP K 306 -53.46 -3.06 48.28
CA ASP K 306 -52.56 -2.12 48.97
C ASP K 306 -52.96 -1.82 50.42
N CYS K 307 -53.12 -2.88 51.23
CA CYS K 307 -53.32 -2.75 52.68
C CYS K 307 -53.28 -4.12 53.38
N ARG K 308 -52.43 -4.25 54.40
CA ARG K 308 -52.19 -5.53 55.09
C ARG K 308 -53.32 -5.93 56.03
N PRO K 309 -54.03 -4.94 56.57
CA PRO K 309 -55.10 -5.21 57.52
C PRO K 309 -56.34 -5.76 56.82
N GLN K 310 -56.83 -5.03 55.82
CA GLN K 310 -58.04 -5.41 55.10
C GLN K 310 -57.86 -6.73 54.36
N ASP K 311 -56.61 -7.17 54.23
CA ASP K 311 -56.27 -8.46 53.65
C ASP K 311 -57.09 -9.59 54.29
N LEU K 312 -57.15 -9.57 55.61
CA LEU K 312 -57.91 -10.56 56.35
C LEU K 312 -59.40 -10.41 56.11
N PRO K 313 -59.72 -9.22 55.57
CA PRO K 313 -61.05 -8.85 55.18
C PRO K 313 -61.63 -9.78 54.11
N ARG K 314 -60.81 -10.25 53.19
CA ARG K 314 -61.37 -11.11 52.15
C ARG K 314 -61.10 -12.60 52.35
N GLU K 315 -62.15 -13.41 52.35
CA GLU K 315 -62.06 -14.88 52.25
C GLU K 315 -63.38 -15.49 51.74
N VAL K 316 -63.38 -16.71 51.19
CA VAL K 316 -62.21 -17.38 50.66
C VAL K 316 -62.50 -17.95 49.26
N LEU K 317 -61.68 -17.62 48.26
CA LEU K 317 -61.78 -18.26 46.96
C LEU K 317 -60.51 -18.09 46.11
N THR K 318 -60.39 -18.90 45.07
CA THR K 318 -59.13 -19.19 44.36
C THR K 318 -59.46 -19.52 42.91
N THR K 319 -58.50 -19.96 42.09
CA THR K 319 -57.05 -19.97 42.31
C THR K 319 -56.37 -19.32 41.12
N ASN K 320 -57.24 -18.99 40.16
CA ASN K 320 -56.89 -18.56 38.83
C ASN K 320 -56.61 -17.10 38.87
N PRO K 321 -55.38 -16.74 38.58
CA PRO K 321 -54.95 -15.38 38.85
C PRO K 321 -55.87 -14.48 38.08
N ARG K 322 -56.24 -14.88 36.87
CA ARG K 322 -57.12 -14.08 36.02
C ARG K 322 -58.38 -13.67 36.78
N ARG K 323 -58.96 -14.61 37.52
CA ARG K 323 -60.17 -14.33 38.28
C ARG K 323 -59.87 -13.38 39.43
N LEU K 324 -58.69 -13.59 39.97
CA LEU K 324 -58.18 -12.97 41.19
C LEU K 324 -57.66 -11.56 40.91
N SER K 325 -57.02 -11.38 39.77
CA SER K 325 -56.47 -10.09 39.39
C SER K 325 -57.58 -9.13 38.95
N ILE K 326 -58.53 -9.65 38.18
CA ILE K 326 -59.65 -8.85 37.69
C ILE K 326 -60.66 -8.60 38.81
N ILE K 327 -60.66 -9.48 39.81
CA ILE K 327 -61.49 -9.27 40.99
C ILE K 327 -60.86 -8.21 41.90
N ALA K 328 -59.58 -8.40 42.20
CA ALA K 328 -58.89 -7.54 43.17
C ALA K 328 -58.83 -6.09 42.70
N GLU K 329 -58.83 -5.89 41.39
CA GLU K 329 -58.88 -4.55 40.84
C GLU K 329 -60.31 -3.99 40.91
N SER K 330 -61.29 -4.86 40.70
CA SER K 330 -62.70 -4.50 40.76
C SER K 330 -63.11 -4.00 42.13
N ILE K 331 -62.72 -4.75 43.15
CA ILE K 331 -62.98 -4.40 44.53
C ILE K 331 -62.26 -3.10 44.88
N ARG K 332 -60.98 -3.03 44.56
CA ARG K 332 -60.17 -1.86 44.90
C ARG K 332 -60.68 -0.62 44.18
N ASP K 333 -61.21 -0.81 42.98
CA ASP K 333 -61.73 0.31 42.21
C ASP K 333 -63.12 0.01 41.67
N ALA K 336 -66.63 -2.79 46.01
CA ALA K 336 -67.37 -3.41 47.10
C ALA K 336 -67.15 -4.92 47.08
N THR K 337 -66.54 -5.44 48.14
CA THR K 337 -66.03 -6.82 48.17
C THR K 337 -67.07 -7.92 47.92
N TRP K 338 -68.34 -7.63 48.17
CA TRP K 338 -69.38 -8.66 48.04
C TRP K 338 -70.14 -8.60 46.73
N ASP K 339 -70.67 -7.43 46.40
CA ASP K 339 -71.33 -7.25 45.11
C ASP K 339 -70.35 -7.58 43.98
N ASN K 340 -69.14 -7.03 44.08
CA ASN K 340 -68.15 -7.18 43.02
C ASN K 340 -67.50 -8.56 42.94
N TRP K 341 -67.64 -9.37 44.00
CA TRP K 341 -67.07 -10.70 43.98
C TRP K 341 -67.83 -11.61 43.03
N LYS K 342 -69.08 -11.28 42.77
CA LYS K 342 -69.94 -12.10 41.92
C LYS K 342 -70.62 -11.32 40.80
N HIS K 343 -71.54 -10.42 41.15
CA HIS K 343 -72.38 -9.75 40.16
C HIS K 343 -71.61 -8.79 39.26
N VAL K 344 -70.61 -8.10 39.80
CA VAL K 344 -69.77 -7.24 38.97
C VAL K 344 -68.85 -8.12 38.11
N ASN K 345 -68.13 -7.50 37.18
CA ASN K 345 -67.33 -8.21 36.18
C ASN K 345 -68.18 -9.17 35.36
N CYS K 346 -69.48 -8.92 35.33
CA CYS K 346 -70.37 -9.63 34.43
C CYS K 346 -70.18 -9.05 33.04
N ASP K 347 -69.47 -7.93 32.98
CA ASP K 347 -69.11 -7.30 31.72
C ASP K 347 -67.59 -7.33 31.50
N LYS K 348 -66.88 -8.09 32.33
CA LYS K 348 -65.43 -8.16 32.23
C LYS K 348 -64.90 -9.59 32.13
N LEU K 349 -64.77 -10.28 33.24
CA LEU K 349 -63.86 -11.39 33.29
C LEU K 349 -64.20 -12.40 32.24
N THR K 350 -65.48 -12.68 32.10
CA THR K 350 -66.01 -13.65 31.14
C THR K 350 -65.76 -13.22 29.72
N THR K 351 -65.90 -11.93 29.46
CA THR K 351 -65.63 -11.38 28.13
C THR K 351 -64.30 -11.93 27.65
N ILE K 352 -63.24 -11.64 28.38
CA ILE K 352 -61.93 -12.21 28.10
C ILE K 352 -62.04 -13.72 28.26
N ILE K 353 -63.04 -14.15 29.03
CA ILE K 353 -63.32 -15.56 29.22
C ILE K 353 -63.98 -16.14 27.97
N GLU K 354 -65.03 -15.47 27.51
CA GLU K 354 -65.68 -15.89 26.29
C GLU K 354 -64.69 -15.75 25.17
N SER K 355 -64.00 -14.61 25.19
CA SER K 355 -63.11 -14.21 24.10
C SER K 355 -62.23 -15.35 23.67
N SER K 356 -61.64 -16.04 24.64
CA SER K 356 -60.79 -17.17 24.34
C SER K 356 -61.60 -18.29 23.73
N LEU K 357 -62.89 -18.31 24.01
CA LEU K 357 -63.75 -19.34 23.46
C LEU K 357 -63.71 -19.21 21.94
N ASN K 358 -63.19 -18.11 21.44
CA ASN K 358 -63.30 -17.79 20.02
C ASN K 358 -62.63 -18.79 19.08
N VAL K 359 -61.68 -19.55 19.57
CA VAL K 359 -61.01 -20.52 18.71
C VAL K 359 -61.96 -21.55 18.14
N LEU K 360 -62.93 -22.01 18.92
CA LEU K 360 -63.77 -23.15 18.55
C LEU K 360 -64.80 -22.90 17.45
N GLU K 361 -65.25 -23.99 16.81
CA GLU K 361 -66.26 -23.95 15.74
C GLU K 361 -67.71 -23.81 16.25
N PRO K 362 -68.47 -22.84 15.74
CA PRO K 362 -69.77 -22.57 16.38
C PRO K 362 -70.85 -23.59 16.04
N ALA K 363 -70.81 -24.15 14.84
CA ALA K 363 -71.84 -25.06 14.36
C ALA K 363 -71.91 -26.34 15.18
N GLU K 364 -70.76 -26.85 15.59
CA GLU K 364 -70.72 -28.12 16.30
C GLU K 364 -70.09 -28.01 17.69
N TYR K 365 -69.03 -27.24 17.81
CA TYR K 365 -68.29 -27.11 19.08
C TYR K 365 -69.02 -26.21 20.06
N ARG K 366 -69.16 -24.94 19.69
CA ARG K 366 -69.69 -23.92 20.58
C ARG K 366 -71.09 -24.21 21.12
N LYS K 367 -71.99 -24.61 20.22
CA LYS K 367 -73.36 -24.94 20.60
C LYS K 367 -73.43 -26.13 21.55
N MET K 368 -72.77 -27.22 21.19
CA MET K 368 -72.74 -28.43 22.00
C MET K 368 -72.28 -28.12 23.41
N PHE K 369 -71.39 -27.12 23.49
CA PHE K 369 -70.75 -26.72 24.74
C PHE K 369 -71.70 -25.99 25.67
N ASP K 370 -72.37 -24.97 25.13
CA ASP K 370 -73.37 -24.18 25.84
C ASP K 370 -74.38 -25.06 26.57
N ARG K 371 -74.65 -26.23 25.98
CA ARG K 371 -75.60 -27.19 26.52
C ARG K 371 -75.23 -27.70 27.91
N LEU K 372 -73.96 -27.58 28.28
CA LEU K 372 -73.47 -28.12 29.56
C LEU K 372 -74.14 -27.46 30.76
N SER K 373 -74.68 -26.26 30.54
CA SER K 373 -75.29 -25.45 31.59
C SER K 373 -76.22 -26.25 32.52
N VAL K 374 -76.85 -27.29 31.99
CA VAL K 374 -77.80 -28.08 32.76
C VAL K 374 -77.11 -28.96 33.81
N PHE K 375 -75.82 -29.19 33.61
CA PHE K 375 -75.06 -30.02 34.53
C PHE K 375 -74.71 -29.26 35.80
N PRO K 376 -73.82 -29.85 36.58
CA PRO K 376 -73.35 -29.29 37.84
C PRO K 376 -72.13 -28.44 37.62
N PRO K 377 -72.07 -27.27 38.39
CA PRO K 377 -70.98 -26.37 37.97
C PRO K 377 -69.67 -27.07 38.15
N SER K 378 -69.54 -27.85 39.21
CA SER K 378 -68.29 -28.53 39.44
C SER K 378 -68.61 -29.99 39.51
N ALA K 379 -68.91 -30.56 38.36
CA ALA K 379 -69.35 -31.96 38.34
C ALA K 379 -68.82 -32.70 37.10
N HIS K 380 -69.27 -33.94 36.92
CA HIS K 380 -68.81 -34.79 35.83
C HIS K 380 -69.97 -35.12 34.88
N ILE K 381 -69.67 -35.89 33.84
CA ILE K 381 -70.68 -36.29 32.86
C ILE K 381 -70.26 -37.53 32.07
N PRO K 382 -71.12 -38.57 32.08
CA PRO K 382 -70.89 -39.83 31.36
C PRO K 382 -71.03 -39.68 29.85
N THR K 383 -70.54 -40.67 29.12
CA THR K 383 -70.57 -40.66 27.66
C THR K 383 -72.00 -40.68 27.12
N ILE K 384 -72.81 -41.59 27.65
CA ILE K 384 -74.17 -41.79 27.17
C ILE K 384 -75.04 -40.55 27.35
N LEU K 385 -74.87 -39.86 28.47
CA LEU K 385 -75.68 -38.68 28.77
C LEU K 385 -75.30 -37.49 27.89
N LEU K 386 -74.03 -37.43 27.52
CA LEU K 386 -73.53 -36.35 26.68
C LEU K 386 -74.02 -36.50 25.24
N SER K 387 -74.30 -37.73 24.87
CA SER K 387 -74.77 -38.07 23.53
C SER K 387 -76.07 -37.36 23.19
N LEU K 388 -77.09 -37.63 24.00
CA LEU K 388 -78.44 -37.15 23.77
C LEU K 388 -78.50 -35.63 23.64
N ILE K 389 -77.67 -34.94 24.40
CA ILE K 389 -77.70 -33.48 24.42
C ILE K 389 -76.78 -32.90 23.34
N SER K 396 -70.05 -42.84 17.32
CA SER K 396 -68.79 -42.38 17.91
C SER K 396 -68.60 -40.88 17.69
N ASP K 397 -69.63 -40.23 17.14
CA ASP K 397 -69.57 -38.82 16.82
C ASP K 397 -69.29 -37.98 18.07
N VAL K 398 -70.09 -38.19 19.11
CA VAL K 398 -69.97 -37.41 20.34
C VAL K 398 -68.61 -37.58 21.01
N MET K 399 -68.03 -38.76 20.90
CA MET K 399 -66.76 -39.07 21.56
C MET K 399 -65.61 -38.30 20.94
N VAL K 400 -65.71 -38.05 19.64
CA VAL K 400 -64.68 -37.34 18.90
C VAL K 400 -64.84 -35.83 19.05
N VAL K 401 -66.08 -35.37 18.96
CA VAL K 401 -66.40 -33.95 19.04
C VAL K 401 -65.97 -33.35 20.38
N VAL K 402 -66.09 -34.14 21.45
CA VAL K 402 -65.65 -33.70 22.76
C VAL K 402 -64.14 -33.88 22.92
N ASN K 403 -63.59 -34.83 22.16
CA ASN K 403 -62.16 -35.06 22.22
C ASN K 403 -61.42 -33.85 21.67
N LYS K 404 -62.02 -33.22 20.67
CA LYS K 404 -61.45 -32.00 20.10
C LYS K 404 -61.77 -30.83 21.00
N LEU K 405 -62.89 -30.93 21.71
CA LEU K 405 -63.28 -29.95 22.70
C LEU K 405 -62.34 -30.01 23.91
N HIS K 406 -61.82 -31.20 24.10
CA HIS K 406 -60.75 -31.47 25.02
C HIS K 406 -59.49 -30.77 24.61
N LYS K 407 -59.27 -30.84 23.32
CA LYS K 407 -57.98 -30.56 22.73
C LYS K 407 -57.67 -29.15 23.02
N TYR K 408 -58.65 -28.29 22.74
CA TYR K 408 -58.50 -26.88 22.98
C TYR K 408 -58.34 -26.56 24.44
N SER K 409 -59.17 -27.15 25.28
CA SER K 409 -59.08 -26.93 26.71
C SER K 409 -60.27 -27.40 27.51
N LEU K 410 -61.44 -27.19 26.94
CA LEU K 410 -62.66 -27.06 27.71
C LEU K 410 -63.18 -28.20 28.56
N VAL K 411 -63.17 -29.44 28.07
CA VAL K 411 -63.98 -30.42 28.74
C VAL K 411 -62.88 -31.40 29.02
N GLU K 412 -62.26 -31.24 30.17
CA GLU K 412 -61.20 -32.17 30.56
C GLU K 412 -61.81 -33.57 30.45
N LYS K 413 -61.37 -34.32 29.45
CA LYS K 413 -61.71 -35.73 29.36
C LYS K 413 -60.88 -36.49 30.37
N GLN K 414 -61.40 -37.63 30.85
CA GLN K 414 -60.73 -38.41 31.87
C GLN K 414 -61.09 -39.89 31.72
N PRO K 415 -60.21 -40.78 32.20
CA PRO K 415 -60.45 -42.23 32.16
C PRO K 415 -61.72 -42.63 32.93
N SER K 418 -65.41 -44.06 31.64
CA SER K 418 -65.03 -43.19 30.53
C SER K 418 -65.70 -41.82 30.69
N THR K 419 -66.03 -41.48 31.93
CA THR K 419 -66.73 -40.24 32.22
C THR K 419 -65.88 -39.00 31.91
N ILE K 420 -66.51 -37.83 31.91
CA ILE K 420 -65.81 -36.58 31.62
C ILE K 420 -66.05 -35.56 32.72
N SER K 421 -64.96 -34.95 33.20
CA SER K 421 -65.06 -33.88 34.21
C SER K 421 -64.64 -32.55 33.61
N ILE K 422 -65.49 -31.55 33.81
CA ILE K 422 -65.36 -30.27 33.15
C ILE K 422 -65.05 -29.17 34.19
N PRO K 423 -63.96 -28.39 33.99
CA PRO K 423 -63.48 -27.38 34.97
C PRO K 423 -64.20 -26.01 34.98
N SER K 424 -64.72 -25.68 36.16
CA SER K 424 -65.70 -24.60 36.39
C SER K 424 -65.51 -23.22 35.74
N ILE K 425 -64.27 -22.75 35.63
CA ILE K 425 -64.01 -21.35 35.31
C ILE K 425 -64.73 -20.84 34.05
N TYR K 426 -64.72 -21.60 32.96
CA TYR K 426 -65.51 -21.18 31.81
C TYR K 426 -66.83 -21.94 31.81
N LEU K 427 -66.97 -22.85 32.78
CA LEU K 427 -68.16 -23.68 32.89
C LEU K 427 -69.30 -22.93 33.56
N GLU K 428 -69.15 -22.69 34.86
CA GLU K 428 -70.24 -22.16 35.66
C GLU K 428 -70.61 -20.73 35.31
N LEU K 429 -69.59 -19.87 35.25
CA LEU K 429 -69.78 -18.43 35.08
C LEU K 429 -70.29 -18.08 33.70
N LYS K 430 -69.47 -18.36 32.70
CA LYS K 430 -69.69 -17.91 31.33
C LYS K 430 -71.03 -18.32 30.70
N VAL K 431 -71.36 -19.62 30.74
CA VAL K 431 -72.50 -20.13 29.98
C VAL K 431 -73.86 -19.86 30.65
N LYS K 432 -73.85 -19.66 31.97
CA LYS K 432 -75.08 -19.42 32.71
C LYS K 432 -75.72 -18.12 32.28
N LEU K 433 -74.88 -17.11 32.03
CA LEU K 433 -75.34 -15.80 31.60
C LEU K 433 -76.05 -15.86 30.24
N GLU K 434 -75.38 -16.43 29.25
CA GLU K 434 -75.94 -16.51 27.90
C GLU K 434 -76.60 -17.87 27.66
N ASN K 435 -77.93 -17.86 27.63
CA ASN K 435 -78.69 -19.08 27.35
C ASN K 435 -80.03 -18.79 26.70
N GLU K 436 -80.33 -19.55 25.66
CA GLU K 436 -81.66 -19.54 25.04
C GLU K 436 -82.43 -20.69 25.67
N TYR K 437 -83.76 -20.71 25.54
CA TYR K 437 -84.51 -21.78 26.16
C TYR K 437 -84.52 -23.04 25.31
N ALA K 438 -83.34 -23.63 25.14
CA ALA K 438 -83.22 -24.99 24.65
C ALA K 438 -83.28 -25.92 25.86
N LEU K 439 -83.39 -25.31 27.04
CA LEU K 439 -83.39 -26.04 28.31
C LEU K 439 -84.53 -27.04 28.40
N HIS K 440 -85.70 -26.64 27.90
CA HIS K 440 -86.89 -27.48 27.88
C HIS K 440 -86.57 -28.84 27.28
N ARG K 441 -85.86 -28.83 26.15
CA ARG K 441 -85.46 -30.06 25.50
C ARG K 441 -84.37 -30.77 26.28
N SER K 442 -83.42 -30.00 26.79
CA SER K 442 -82.29 -30.56 27.54
C SER K 442 -82.76 -31.21 28.83
N ILE K 443 -83.71 -30.57 29.52
CA ILE K 443 -84.15 -31.05 30.82
C ILE K 443 -85.20 -32.16 30.67
N VAL K 444 -85.97 -32.14 29.58
CA VAL K 444 -86.93 -33.20 29.34
C VAL K 444 -86.18 -34.43 28.83
N ASP K 445 -84.99 -34.20 28.29
CA ASP K 445 -84.11 -35.28 27.89
C ASP K 445 -83.64 -35.99 29.14
N HIS K 446 -83.47 -35.23 30.21
CA HIS K 446 -83.03 -35.78 31.49
C HIS K 446 -84.13 -36.55 32.18
N TYR K 447 -85.38 -36.36 31.73
CA TYR K 447 -86.44 -37.26 32.17
C TYR K 447 -86.34 -38.54 31.35
N ASN K 448 -85.98 -38.38 30.08
CA ASN K 448 -85.99 -39.50 29.14
C ASN K 448 -84.96 -40.56 29.45
N ILE K 449 -83.81 -40.19 30.00
CA ILE K 449 -82.75 -41.18 30.15
C ILE K 449 -82.94 -42.11 31.37
N PRO K 450 -83.36 -41.58 32.54
CA PRO K 450 -83.66 -42.63 33.52
C PRO K 450 -85.04 -43.26 33.32
N LYS K 451 -85.79 -42.78 32.33
CA LYS K 451 -86.99 -43.48 31.88
C LYS K 451 -86.56 -44.71 31.09
N THR K 452 -85.51 -44.53 30.28
CA THR K 452 -84.89 -45.65 29.57
C THR K 452 -84.23 -46.60 30.55
N PHE K 453 -83.38 -46.06 31.42
CA PHE K 453 -82.75 -46.83 32.48
C PHE K 453 -83.80 -47.40 33.44
N ASP K 454 -84.13 -48.68 33.27
CA ASP K 454 -85.16 -49.30 34.09
C ASP K 454 -84.99 -50.81 34.20
N SER K 455 -84.93 -51.31 35.42
CA SER K 455 -84.91 -52.75 35.67
C SER K 455 -86.26 -53.19 36.20
N ASP K 456 -86.47 -54.50 36.29
CA ASP K 456 -87.73 -55.05 36.77
C ASP K 456 -88.03 -54.59 38.20
N ASP K 457 -87.07 -54.76 39.09
CA ASP K 457 -87.23 -54.29 40.47
C ASP K 457 -86.77 -52.84 40.59
N LEU K 458 -86.51 -52.41 41.83
CA LEU K 458 -86.24 -51.00 42.10
C LEU K 458 -84.76 -50.63 42.00
N ILE K 459 -83.93 -51.58 41.55
CA ILE K 459 -82.50 -51.32 41.40
C ILE K 459 -82.16 -50.91 39.97
N PRO K 460 -81.78 -49.63 39.78
CA PRO K 460 -81.42 -49.12 38.46
C PRO K 460 -79.95 -49.31 38.13
N PRO K 461 -79.59 -49.22 36.84
CA PRO K 461 -78.19 -49.25 36.40
C PRO K 461 -77.56 -47.86 36.40
N TYR K 462 -77.37 -47.29 37.58
CA TYR K 462 -76.75 -45.97 37.75
C TYR K 462 -75.26 -46.00 37.50
N LEU K 463 -74.74 -44.99 36.80
CA LEU K 463 -73.29 -44.79 36.73
C LEU K 463 -72.85 -44.19 38.02
N ASP K 464 -71.68 -44.64 38.53
CA ASP K 464 -71.16 -44.34 39.86
C ASP K 464 -71.39 -43.06 40.59
N GLN K 465 -71.05 -41.93 39.98
CA GLN K 465 -71.23 -40.64 40.65
C GLN K 465 -72.38 -39.80 40.10
N TYR K 466 -72.35 -39.50 38.80
CA TYR K 466 -73.30 -38.59 38.17
C TYR K 466 -74.73 -38.86 38.63
N PHE K 467 -75.23 -40.03 38.26
CA PHE K 467 -76.63 -40.38 38.44
C PHE K 467 -77.13 -40.15 39.86
N TYR K 468 -76.36 -40.60 40.85
CA TYR K 468 -76.76 -40.44 42.24
C TYR K 468 -76.91 -38.99 42.65
N SER K 469 -75.96 -38.15 42.26
CA SER K 469 -75.98 -36.75 42.67
C SER K 469 -76.84 -35.87 41.78
N HIS K 470 -76.86 -36.18 40.49
CA HIS K 470 -77.41 -35.24 39.51
C HIS K 470 -78.87 -35.51 39.17
N ILE K 471 -79.31 -36.76 39.38
CA ILE K 471 -80.68 -37.11 39.04
C ILE K 471 -81.65 -36.23 39.82
N GLY K 472 -81.32 -35.98 41.08
CA GLY K 472 -82.18 -35.21 41.96
C GLY K 472 -82.37 -33.78 41.51
N HIS K 473 -81.29 -33.20 40.98
CA HIS K 473 -81.29 -31.82 40.52
C HIS K 473 -82.19 -31.66 39.29
N HIS K 474 -82.01 -32.56 38.32
CA HIS K 474 -82.78 -32.51 37.09
C HIS K 474 -84.24 -32.89 37.31
N LEU K 475 -84.48 -33.82 38.24
CA LEU K 475 -85.83 -34.25 38.57
C LEU K 475 -86.63 -33.11 39.20
N LYS K 476 -85.98 -32.32 40.04
CA LYS K 476 -86.62 -31.16 40.64
C LYS K 476 -87.04 -30.17 39.56
N ASN K 477 -86.20 -30.04 38.54
CA ASN K 477 -86.45 -29.11 37.44
C ASN K 477 -87.64 -29.55 36.58
N ILE K 478 -87.73 -30.85 36.29
CA ILE K 478 -88.78 -31.33 35.39
C ILE K 478 -90.18 -31.34 36.03
N GLU K 479 -90.36 -32.10 37.10
CA GLU K 479 -91.68 -32.32 37.72
C GLU K 479 -91.59 -33.05 39.06
N HIS K 480 -92.74 -33.23 39.70
CA HIS K 480 -92.81 -33.90 41.00
C HIS K 480 -92.95 -35.44 40.98
N PRO K 481 -93.69 -36.01 40.00
CA PRO K 481 -93.95 -37.45 40.17
C PRO K 481 -92.71 -38.33 40.07
N GLU K 482 -91.73 -37.91 39.28
CA GLU K 482 -90.51 -38.69 39.10
C GLU K 482 -89.57 -38.51 40.28
N ARG K 483 -89.59 -37.32 40.86
CA ARG K 483 -88.87 -37.07 42.09
C ARG K 483 -89.39 -37.99 43.19
N MET K 484 -90.71 -38.12 43.22
CA MET K 484 -91.39 -38.96 44.20
C MET K 484 -90.85 -40.39 44.22
N THR K 485 -90.66 -40.96 43.04
CA THR K 485 -90.22 -42.34 42.91
C THR K 485 -88.70 -42.50 42.92
N LEU K 486 -88.00 -41.70 42.13
CA LEU K 486 -86.56 -41.89 41.94
C LEU K 486 -85.72 -41.51 43.16
N PHE K 487 -86.14 -40.47 43.88
CA PHE K 487 -85.50 -40.14 45.15
C PHE K 487 -85.63 -41.30 46.10
N ARG K 488 -86.70 -42.06 45.90
CA ARG K 488 -87.05 -43.18 46.73
C ARG K 488 -87.13 -42.71 48.17
N MET K 489 -87.96 -41.70 48.35
CA MET K 489 -88.47 -41.35 49.66
C MET K 489 -89.64 -42.27 49.88
N VAL K 490 -90.24 -42.67 48.76
CA VAL K 490 -91.28 -43.67 48.73
C VAL K 490 -90.66 -45.06 48.75
N PHE K 491 -89.58 -45.23 47.99
CA PHE K 491 -88.93 -46.55 47.90
C PHE K 491 -87.81 -46.67 48.94
N LEU K 492 -87.69 -47.84 49.56
CA LEU K 492 -86.62 -48.06 50.53
C LEU K 492 -85.28 -48.29 49.83
N ASP K 493 -85.34 -48.46 48.51
CA ASP K 493 -84.20 -48.97 47.76
C ASP K 493 -83.05 -47.99 47.53
N PHE K 494 -83.33 -46.69 47.55
CA PHE K 494 -82.25 -45.71 47.37
C PHE K 494 -81.60 -45.40 48.72
N ARG K 495 -82.34 -45.65 49.80
CA ARG K 495 -81.73 -45.62 51.11
C ARG K 495 -80.66 -46.71 51.14
N PHE K 496 -80.97 -47.83 50.48
CA PHE K 496 -80.03 -48.92 50.33
C PHE K 496 -78.88 -48.50 49.42
N LEU K 497 -79.16 -48.33 48.13
CA LEU K 497 -78.14 -48.07 47.12
C LEU K 497 -77.31 -46.82 47.40
N GLU K 498 -77.90 -45.64 47.20
CA GLU K 498 -77.23 -44.34 47.35
C GLU K 498 -76.26 -44.26 48.53
N GLN K 499 -76.65 -44.84 49.65
CA GLN K 499 -75.87 -44.79 50.87
C GLN K 499 -74.60 -45.64 50.78
N LYS K 500 -74.73 -46.87 50.28
CA LYS K 500 -73.63 -47.83 50.36
C LYS K 500 -72.62 -47.69 49.22
N ILE K 501 -73.03 -47.11 48.09
CA ILE K 501 -72.09 -46.85 47.00
C ILE K 501 -71.32 -45.57 47.28
N ARG K 502 -72.02 -44.58 47.83
CA ARG K 502 -71.38 -43.35 48.29
C ARG K 502 -70.73 -43.56 49.65
N HIS K 503 -69.85 -44.55 49.73
CA HIS K 503 -69.16 -44.88 50.97
C HIS K 503 -67.65 -44.68 50.83
N ASN K 516 -70.68 -38.93 51.74
CA ASN K 516 -71.34 -40.04 52.42
C ASN K 516 -72.82 -39.76 52.64
N THR K 517 -73.26 -39.91 53.89
CA THR K 517 -74.65 -39.65 54.27
C THR K 517 -75.00 -38.19 54.04
N LEU K 518 -73.95 -37.35 54.02
CA LEU K 518 -74.10 -35.91 53.91
C LEU K 518 -74.84 -35.51 52.65
N GLN K 519 -74.24 -35.82 51.51
CA GLN K 519 -74.79 -35.42 50.24
C GLN K 519 -76.18 -36.01 50.03
N GLN K 520 -76.40 -37.20 50.59
CA GLN K 520 -77.72 -37.82 50.59
C GLN K 520 -78.68 -36.90 51.34
N LEU K 521 -78.29 -36.52 52.55
CA LEU K 521 -79.04 -35.55 53.35
C LEU K 521 -79.16 -34.23 52.61
N LYS K 522 -78.14 -33.89 51.83
CA LYS K 522 -78.13 -32.65 51.06
C LYS K 522 -79.07 -32.70 49.86
N PHE K 523 -79.40 -33.91 49.41
CA PHE K 523 -80.38 -34.05 48.35
C PHE K 523 -81.76 -33.77 48.91
N TYR K 524 -82.12 -34.55 49.92
CA TYR K 524 -83.49 -34.56 50.43
C TYR K 524 -84.02 -33.19 50.84
N LYS K 525 -83.21 -32.37 51.50
CA LYS K 525 -83.75 -31.16 52.11
C LYS K 525 -84.15 -30.04 51.12
N PRO K 526 -83.26 -29.64 50.21
CA PRO K 526 -83.76 -28.59 49.30
C PRO K 526 -84.69 -29.10 48.22
N TYR K 527 -84.75 -30.42 48.04
CA TYR K 527 -85.50 -30.98 46.92
C TYR K 527 -86.96 -31.33 47.22
N ILE K 528 -87.40 -31.23 48.49
CA ILE K 528 -88.79 -31.59 48.82
C ILE K 528 -89.82 -30.63 48.22
N CYS K 529 -89.36 -29.46 47.80
CA CYS K 529 -90.26 -28.41 47.33
C CYS K 529 -91.12 -28.88 46.16
N ASP K 530 -90.55 -29.74 45.32
CA ASP K 530 -91.24 -30.24 44.14
C ASP K 530 -92.46 -31.08 44.51
N ASP K 532 -96.89 -33.11 46.56
CA ASP K 532 -97.77 -32.20 47.29
C ASP K 532 -97.46 -32.26 48.79
N PRO K 533 -97.84 -31.22 49.56
CA PRO K 533 -97.57 -31.12 51.00
C PRO K 533 -97.78 -32.39 51.82
N LYS K 534 -98.73 -33.24 51.42
CA LYS K 534 -99.02 -34.47 52.17
C LYS K 534 -97.83 -35.42 52.11
N TYR K 535 -97.25 -35.56 50.92
CA TYR K 535 -96.04 -36.33 50.77
C TYR K 535 -94.84 -35.53 51.26
N GLU K 536 -95.00 -34.20 51.31
CA GLU K 536 -93.88 -33.31 51.69
C GLU K 536 -93.55 -33.42 53.18
N ARG K 537 -94.57 -33.40 54.02
CA ARG K 537 -94.39 -33.61 55.46
C ARG K 537 -93.80 -35.00 55.70
N LEU K 538 -94.02 -35.87 54.72
CA LEU K 538 -93.52 -37.24 54.77
C LEU K 538 -92.02 -37.28 54.46
N VAL K 539 -91.56 -36.48 53.50
CA VAL K 539 -90.13 -36.49 53.15
C VAL K 539 -89.29 -35.95 54.30
N ASN K 540 -89.82 -34.99 55.03
CA ASN K 540 -89.05 -34.39 56.12
C ASN K 540 -89.04 -35.35 57.30
N ALA K 541 -90.05 -36.19 57.36
CA ALA K 541 -90.12 -37.25 58.36
C ALA K 541 -89.06 -38.31 58.09
N ILE K 542 -88.93 -38.73 56.83
CA ILE K 542 -87.91 -39.68 56.45
C ILE K 542 -86.54 -38.99 56.39
N LEU K 543 -86.57 -37.67 56.27
CA LEU K 543 -85.35 -36.88 56.22
C LEU K 543 -84.59 -36.99 57.52
N ASP K 544 -85.29 -36.77 58.62
CA ASP K 544 -84.68 -36.76 59.94
C ASP K 544 -84.11 -38.12 60.31
N PHE K 545 -84.84 -39.18 59.96
CA PHE K 545 -84.42 -40.54 60.27
C PHE K 545 -83.18 -40.96 59.48
N LEU K 546 -82.85 -40.18 58.46
CA LEU K 546 -81.77 -40.55 57.54
C LEU K 546 -80.35 -40.36 58.13
N PRO K 547 -80.03 -39.15 58.64
CA PRO K 547 -78.67 -39.07 59.21
C PRO K 547 -78.63 -39.73 60.59
N LYS K 548 -79.80 -39.98 61.15
CA LYS K 548 -79.96 -40.60 62.45
C LYS K 548 -79.22 -41.94 62.52
N ILE K 549 -79.22 -42.66 61.41
CA ILE K 549 -78.63 -44.00 61.35
C ILE K 549 -78.05 -44.28 59.96
N TYR K 558 -79.37 -57.95 52.34
CA TYR K 558 -80.62 -57.32 51.89
C TYR K 558 -81.71 -57.10 52.95
N THR K 559 -81.87 -58.08 53.83
CA THR K 559 -82.94 -58.11 54.83
C THR K 559 -82.92 -56.90 55.77
N ASP K 560 -81.74 -56.55 56.29
CA ASP K 560 -81.61 -55.49 57.30
C ASP K 560 -82.38 -54.21 56.99
N LEU K 561 -82.25 -53.74 55.75
CA LEU K 561 -82.89 -52.51 55.30
C LEU K 561 -84.39 -52.50 55.55
N LEU K 562 -85.04 -53.63 55.28
CA LEU K 562 -86.49 -53.75 55.42
C LEU K 562 -86.91 -53.80 56.88
N ARG K 563 -86.13 -54.51 57.70
CA ARG K 563 -86.47 -54.72 59.10
C ARG K 563 -86.46 -53.43 59.91
N ILE K 564 -85.57 -52.51 59.55
CA ILE K 564 -85.48 -51.24 60.26
C ILE K 564 -86.49 -50.23 59.73
N ALA K 565 -87.05 -50.52 58.55
CA ALA K 565 -88.13 -49.71 58.00
C ALA K 565 -89.45 -50.08 58.67
N LEU K 566 -89.45 -51.25 59.33
CA LEU K 566 -90.64 -51.81 59.96
C LEU K 566 -91.07 -51.01 61.20
N MET K 567 -90.14 -50.25 61.77
CA MET K 567 -90.38 -49.58 63.05
C MET K 567 -91.48 -48.51 62.98
N ALA K 568 -91.53 -47.78 61.87
CA ALA K 568 -92.52 -46.72 61.70
C ALA K 568 -93.58 -47.12 60.68
N GLU K 569 -94.76 -47.48 61.18
CA GLU K 569 -95.87 -47.97 60.36
C GLU K 569 -96.40 -46.89 59.40
N ASP K 570 -96.19 -45.62 59.76
CA ASP K 570 -96.79 -44.50 59.06
C ASP K 570 -96.17 -44.17 57.70
N GLU K 571 -95.05 -44.80 57.38
CA GLU K 571 -94.27 -44.39 56.22
C GLU K 571 -94.33 -45.38 55.05
N ALA K 572 -94.26 -44.84 53.84
CA ALA K 572 -94.27 -45.64 52.63
C ALA K 572 -92.94 -46.34 52.42
N ILE K 573 -91.92 -45.93 53.19
CA ILE K 573 -90.61 -46.57 53.10
C ILE K 573 -90.75 -48.01 53.60
N PHE K 574 -91.74 -48.25 54.46
CA PHE K 574 -92.06 -49.60 54.89
C PHE K 574 -92.92 -50.29 53.83
N GLU K 575 -93.87 -49.55 53.26
CA GLU K 575 -94.75 -50.09 52.22
C GLU K 575 -93.95 -50.59 51.03
N GLU K 576 -92.89 -49.87 50.68
CA GLU K 576 -92.03 -50.28 49.59
C GLU K 576 -91.02 -51.31 50.05
N ALA K 577 -90.63 -51.23 51.32
CA ALA K 577 -89.78 -52.23 51.94
C ALA K 577 -90.40 -53.60 51.74
N HIS K 578 -91.71 -53.67 51.96
CA HIS K 578 -92.46 -54.90 51.83
C HIS K 578 -92.52 -55.39 50.38
N LYS K 579 -92.42 -54.45 49.43
CA LYS K 579 -92.47 -54.80 48.02
C LYS K 579 -91.14 -55.35 47.52
N GLN K 580 -90.04 -54.83 48.07
CA GLN K 580 -88.72 -55.20 47.58
C GLN K 580 -88.17 -56.47 48.24
N VAL K 581 -88.78 -56.88 49.36
CA VAL K 581 -88.50 -58.20 49.90
C VAL K 581 -89.32 -59.22 49.12
N GLN K 582 -90.54 -58.81 48.77
CA GLN K 582 -91.45 -59.61 47.94
C GLN K 582 -90.75 -60.03 46.64
N ARG K 583 -89.96 -59.12 46.08
CA ARG K 583 -89.10 -59.46 44.96
C ARG K 583 -87.65 -59.25 45.34
N UNK K 584 -75.94 -44.82 67.15
CA UNK K 584 -75.36 -43.59 67.65
C UNK K 584 -75.75 -42.46 66.71
N UNK K 585 -76.00 -41.30 67.30
CA UNK K 585 -76.40 -40.13 66.53
C UNK K 585 -75.44 -39.84 65.37
N UNK K 586 -74.16 -40.12 65.56
CA UNK K 586 -73.19 -39.86 64.50
C UNK K 586 -71.99 -40.81 64.50
N UNK K 587 -71.53 -41.17 63.31
CA UNK K 587 -70.38 -42.06 63.17
C UNK K 587 -69.42 -41.54 62.09
N UNK K 588 -68.20 -41.23 62.51
CA UNK K 588 -67.17 -40.68 61.64
C UNK K 588 -66.04 -41.64 61.31
N UNK K 589 -65.66 -41.70 60.04
CA UNK K 589 -64.59 -42.57 59.59
C UNK K 589 -63.52 -41.77 58.82
N UNK K 590 -62.57 -41.14 59.54
CA UNK K 590 -61.50 -40.34 58.94
C UNK K 590 -60.08 -40.87 59.03
N UNK K 591 -59.91 -42.06 59.61
CA UNK K 591 -58.57 -42.62 59.73
C UNK K 591 -58.47 -43.88 58.90
N UNK K 592 -57.25 -44.30 58.59
CA UNK K 592 -57.07 -45.49 57.80
C UNK K 592 -56.51 -46.56 58.69
N UNK K 593 -56.59 -47.47 62.14
CA UNK K 593 -57.26 -47.30 63.41
C UNK K 593 -57.25 -45.85 63.89
N UNK K 594 -58.34 -45.43 64.52
CA UNK K 594 -58.46 -44.09 65.08
C UNK K 594 -58.12 -44.23 66.53
N UNK K 595 -57.15 -43.47 67.02
CA UNK K 595 -56.81 -43.62 68.42
C UNK K 595 -57.53 -42.65 69.34
N UNK K 596 -57.69 -41.40 68.90
CA UNK K 596 -58.35 -40.39 69.71
C UNK K 596 -59.08 -39.43 68.80
N UNK K 597 -60.09 -38.76 69.34
CA UNK K 597 -60.89 -37.79 68.60
C UNK K 597 -61.52 -36.88 69.64
N UNK K 598 -61.86 -35.65 69.26
CA UNK K 598 -62.46 -34.72 70.21
C UNK K 598 -63.18 -33.55 69.53
N UNK K 599 -64.02 -32.86 70.30
CA UNK K 599 -64.80 -31.73 69.82
C UNK K 599 -64.06 -30.40 69.93
N UNK K 600 -64.44 -29.45 69.10
CA UNK K 600 -63.84 -28.12 69.15
C UNK K 600 -64.52 -27.50 70.37
N UNK K 601 -63.95 -26.42 70.90
CA UNK K 601 -64.55 -25.80 72.08
C UNK K 601 -66.00 -25.40 71.90
N UNK K 602 -66.42 -25.08 70.68
CA UNK K 602 -67.82 -24.72 70.45
C UNK K 602 -68.61 -25.93 69.98
N UNK K 603 -67.95 -27.09 69.94
CA UNK K 603 -68.62 -28.32 69.52
C UNK K 603 -68.96 -28.42 68.03
N UNK K 604 -68.67 -27.36 67.27
CA UNK K 604 -68.94 -27.35 65.83
C UNK K 604 -68.07 -28.26 64.98
N UNK K 605 -66.85 -28.52 65.45
CA UNK K 605 -65.92 -29.35 64.71
C UNK K 605 -65.39 -30.52 65.54
N UNK K 606 -64.73 -31.46 64.86
CA UNK K 606 -64.14 -32.63 65.49
C UNK K 606 -62.79 -32.92 64.86
N UNK K 607 -61.78 -33.19 65.68
CA UNK K 607 -60.47 -33.51 65.16
C UNK K 607 -60.20 -34.93 65.65
N UNK K 608 -59.57 -35.74 64.82
CA UNK K 608 -59.29 -37.13 65.15
C UNK K 608 -57.93 -37.50 64.63
N UNK K 609 -57.16 -38.23 65.41
CA UNK K 609 -55.82 -38.63 65.01
C UNK K 609 -55.66 -40.12 65.25
N UNK K 610 -55.11 -40.83 64.27
CA UNK K 610 -54.96 -42.26 64.46
C UNK K 610 -53.65 -42.81 63.96
N UNK K 611 -53.64 -44.12 63.72
CA UNK K 611 -52.42 -44.81 63.36
C UNK K 611 -52.07 -44.57 61.91
N UNK K 612 -52.92 -43.84 61.19
CA UNK K 612 -52.61 -43.55 59.80
C UNK K 612 -51.65 -42.37 59.68
N UNK K 613 -51.18 -41.88 60.83
CA UNK K 613 -50.22 -40.76 60.93
C UNK K 613 -50.75 -39.35 60.63
N UNK K 614 -52.02 -39.22 60.26
CA UNK K 614 -52.60 -37.91 59.92
C UNK K 614 -53.46 -37.21 60.97
N UNK K 615 -53.69 -35.91 60.78
CA UNK K 615 -54.55 -35.12 61.66
C UNK K 615 -55.74 -34.85 60.79
N UNK K 616 -56.95 -35.12 61.30
CA UNK K 616 -58.14 -34.90 60.51
C UNK K 616 -59.13 -34.02 61.23
N UNK K 617 -59.87 -33.23 60.46
CA UNK K 617 -60.86 -32.37 61.06
C UNK K 617 -62.06 -32.29 60.15
N UNK K 618 -63.24 -32.27 60.75
CA UNK K 618 -64.51 -32.24 60.03
C UNK K 618 -65.60 -31.58 60.87
N UNK K 619 -66.67 -31.14 60.20
CA UNK K 619 -67.77 -30.50 60.90
C UNK K 619 -68.44 -31.54 61.80
N UNK K 620 -68.87 -31.12 62.99
CA UNK K 620 -69.51 -32.05 63.91
C UNK K 620 -70.86 -32.48 63.32
N UNK K 621 -71.53 -31.52 62.68
CA UNK K 621 -72.83 -31.75 62.06
C UNK K 621 -72.90 -32.80 60.96
N UNK K 622 -71.99 -32.72 59.99
CA UNK K 622 -72.01 -33.63 58.85
C UNK K 622 -70.80 -34.49 58.48
N UNK K 623 -69.69 -34.35 59.20
CA UNK K 623 -68.51 -35.15 58.87
C UNK K 623 -67.78 -34.60 57.65
N UNK K 624 -68.36 -33.54 57.09
CA UNK K 624 -67.85 -32.85 55.93
C UNK K 624 -66.37 -32.54 56.21
N UNK K 625 -65.46 -33.20 55.52
CA UNK K 625 -64.04 -32.97 55.77
C UNK K 625 -63.61 -31.51 55.70
N UNK K 626 -62.83 -31.09 56.70
CA UNK K 626 -62.31 -29.73 56.78
C UNK K 626 -60.79 -29.70 56.63
N UNK K 627 -60.09 -30.61 57.29
CA UNK K 627 -58.63 -30.67 57.17
C UNK K 627 -58.13 -32.12 57.03
N UNK K 628 -57.12 -32.32 56.17
CA UNK K 628 -56.52 -33.63 55.95
C UNK K 628 -54.98 -33.45 55.96
N UNK K 629 -54.42 -33.27 57.14
CA UNK K 629 -52.99 -33.04 57.35
C UNK K 629 -52.18 -34.30 57.60
N UNK K 630 -50.92 -34.30 57.20
CA UNK K 630 -50.04 -35.45 57.43
C UNK K 630 -49.21 -35.05 58.66
N UNK K 631 -49.82 -35.04 59.84
CA UNK K 631 -49.18 -34.60 61.08
C UNK K 631 -47.83 -35.16 61.55
N UNK K 632 -47.64 -36.46 61.52
CA UNK K 632 -46.36 -37.01 61.98
C UNK K 632 -45.80 -38.12 61.14
N UNK K 633 -44.65 -38.62 61.61
CA UNK K 633 -43.92 -39.69 60.95
C UNK K 633 -44.07 -40.96 61.78
N UNK K 634 -44.87 -41.11 63.31
CA UNK K 634 -45.15 -42.27 64.14
C UNK K 634 -46.48 -42.05 64.87
N UNK K 635 -47.13 -43.16 65.23
CA UNK K 635 -48.44 -43.13 65.85
C UNK K 635 -48.63 -42.08 66.94
N UNK K 636 -49.83 -41.54 67.04
CA UNK K 636 -50.14 -40.52 68.03
C UNK K 636 -50.86 -41.14 69.21
N UNK K 637 -50.84 -40.44 70.35
CA UNK K 637 -51.47 -40.95 71.58
C UNK K 637 -52.50 -40.08 72.30
N UNK K 638 -52.51 -38.79 72.01
CA UNK K 638 -53.44 -37.90 72.68
C UNK K 638 -53.46 -36.56 71.98
N UNK K 639 -54.55 -35.81 72.18
CA UNK K 639 -54.73 -34.50 71.57
C UNK K 639 -55.76 -33.68 72.40
N UNK K 640 -55.62 -32.36 72.40
CA UNK K 640 -56.53 -31.51 73.16
C UNK K 640 -56.60 -30.12 72.61
N UNK K 641 -57.60 -29.37 73.04
CA UNK K 641 -57.82 -27.99 72.63
C UNK K 641 -57.37 -27.10 73.77
N UNK K 642 -57.05 -25.84 73.48
CA UNK K 642 -56.63 -24.90 74.52
C UNK K 642 -57.89 -24.35 75.15
N UNK K 643 -57.74 -23.46 76.12
CA UNK K 643 -58.87 -22.87 76.82
C UNK K 643 -59.82 -22.08 75.92
N UNK K 644 -59.31 -21.50 74.84
CA UNK K 644 -60.17 -20.73 73.94
C UNK K 644 -60.24 -21.38 72.56
N UNK K 645 -60.03 -22.69 72.51
CA UNK K 645 -60.08 -23.43 71.26
C UNK K 645 -59.21 -22.81 70.20
N UNK K 646 -58.32 -21.92 70.59
CA UNK K 646 -57.45 -21.27 69.62
C UNK K 646 -56.40 -22.26 69.11
N UNK K 647 -56.07 -23.23 69.96
CA UNK K 647 -55.06 -24.22 69.61
C UNK K 647 -55.49 -25.63 69.91
N UNK K 648 -54.70 -26.56 69.39
CA UNK K 648 -54.89 -27.98 69.57
C UNK K 648 -53.49 -28.54 69.69
N UNK K 649 -53.20 -29.29 70.74
CA UNK K 649 -51.89 -29.87 70.85
C UNK K 649 -52.06 -31.34 70.51
N UNK K 650 -50.94 -32.02 70.28
CA UNK K 650 -50.95 -33.45 69.99
C UNK K 650 -49.60 -33.94 70.46
N UNK K 651 -49.60 -35.06 71.16
CA UNK K 651 -48.35 -35.62 71.62
C UNK K 651 -48.32 -37.04 71.05
N UNK K 652 -47.15 -37.52 70.65
CA UNK K 652 -47.07 -38.84 70.04
C UNK K 652 -45.91 -39.71 70.46
N UNK K 653 -45.81 -40.87 69.83
CA UNK K 653 -44.76 -41.83 70.11
C UNK K 653 -43.39 -41.38 69.62
N UNK K 654 -43.36 -40.31 68.81
CA UNK K 654 -42.09 -39.81 68.33
C UNK K 654 -41.49 -38.94 69.42
N UNK K 655 -42.13 -38.98 70.58
CA UNK K 655 -41.67 -38.24 71.76
C UNK K 655 -41.86 -36.73 71.65
N UNK K 656 -42.53 -36.28 70.59
CA UNK K 656 -42.77 -34.85 70.41
C UNK K 656 -44.18 -34.42 70.81
N UNK K 657 -44.33 -33.11 71.05
CA UNK K 657 -45.59 -32.48 71.40
C UNK K 657 -45.74 -31.37 70.37
N UNK K 658 -46.95 -31.13 69.87
CA UNK K 658 -47.10 -30.10 68.86
C UNK K 658 -48.30 -29.19 69.07
N UNK K 659 -48.17 -27.94 68.63
CA UNK K 659 -49.25 -27.00 68.79
C UNK K 659 -49.72 -26.60 67.41
N UNK K 660 -51.03 -26.56 67.20
CA UNK K 660 -51.59 -26.21 65.90
C UNK K 660 -52.64 -25.12 66.01
N UNK K 661 -52.76 -24.31 64.96
CA UNK K 661 -53.75 -23.26 64.90
C UNK K 661 -54.99 -24.09 64.57
N UNK K 662 -55.92 -24.19 65.49
CA UNK K 662 -57.11 -24.98 65.26
C UNK K 662 -57.90 -24.55 64.04
N UNK K 663 -57.62 -23.35 63.55
CA UNK K 663 -58.36 -22.84 62.39
C UNK K 663 -57.75 -23.23 61.06
N UNK K 664 -54.74 -25.11 60.88
CA UNK K 664 -54.01 -26.36 60.98
C UNK K 664 -52.53 -26.21 60.75
N UNK K 665 -52.03 -24.99 60.70
CA UNK K 665 -50.61 -24.78 60.50
C UNK K 665 -49.83 -25.03 61.80
N UNK K 666 -48.75 -25.79 61.70
CA UNK K 666 -47.90 -26.12 62.84
C UNK K 666 -47.49 -24.80 63.48
N UNK K 667 -47.74 -24.65 64.77
CA UNK K 667 -47.41 -23.42 65.48
C UNK K 667 -46.28 -23.69 66.47
N UNK K 668 -43.11 -26.95 67.67
CA UNK K 668 -43.05 -28.26 68.30
C UNK K 668 -42.08 -28.28 69.48
N UNK K 669 -42.38 -29.13 70.45
CA UNK K 669 -41.57 -29.25 71.65
C UNK K 669 -41.05 -30.66 71.79
N UNK K 670 -39.77 -30.87 71.51
CA UNK K 670 -39.19 -32.20 71.67
C UNK K 670 -38.27 -32.17 72.87
N UNK K 671 -38.66 -32.86 73.94
CA UNK K 671 -37.84 -32.90 75.15
C UNK K 671 -38.08 -34.16 75.93
N UNK K 672 -42.44 -35.92 76.66
CA UNK K 672 -43.37 -35.20 77.53
C UNK K 672 -44.77 -35.81 77.39
N UNK K 673 -45.27 -36.31 78.51
CA UNK K 673 -46.58 -36.99 78.60
C UNK K 673 -47.78 -36.09 78.88
N UNK K 674 -47.65 -35.23 79.89
CA UNK K 674 -48.72 -34.31 80.25
C UNK K 674 -48.60 -32.97 79.53
N UNK K 675 -49.75 -32.39 79.18
CA UNK K 675 -49.81 -31.03 78.61
C UNK K 675 -51.24 -30.52 78.67
N UNK K 676 -51.43 -29.51 79.52
CA UNK K 676 -52.72 -28.89 79.78
C UNK K 676 -52.62 -27.35 79.84
N UNK K 677 -53.66 -26.66 79.36
CA UNK K 677 -53.68 -25.19 79.34
C UNK K 677 -54.36 -24.64 80.57
N UNK K 678 -54.30 -23.33 80.75
CA UNK K 678 -54.95 -22.67 81.88
C UNK K 678 -56.43 -22.54 81.53
N UNK K 679 -57.32 -22.66 82.52
CA UNK K 679 -58.76 -22.59 82.28
C UNK K 679 -59.32 -21.19 82.08
N UNK K 680 -58.90 -20.27 82.95
CA UNK K 680 -59.38 -18.90 82.85
C UNK K 680 -58.98 -18.21 81.54
N UNK K 681 -60.00 -17.70 80.88
CA UNK K 681 -59.88 -16.99 79.60
C UNK K 681 -59.00 -15.74 79.72
N UNK K 682 -58.45 -15.53 80.90
CA UNK K 682 -57.61 -14.38 81.14
C UNK K 682 -56.17 -14.66 80.71
N UNK K 683 -55.43 -15.38 81.55
CA UNK K 683 -54.04 -15.75 81.26
C UNK K 683 -53.97 -16.94 80.31
N UNK K 684 -52.81 -17.12 79.67
CA UNK K 684 -52.62 -18.19 78.68
C UNK K 684 -51.36 -19.00 78.89
N UNK K 685 -51.35 -19.91 79.86
CA UNK K 685 -50.17 -20.71 80.13
C UNK K 685 -50.35 -22.16 79.73
N UNK K 686 -49.23 -22.86 79.58
CA UNK K 686 -49.26 -24.26 79.21
C UNK K 686 -48.35 -25.00 80.18
N UNK K 687 -48.85 -26.11 80.71
CA UNK K 687 -48.08 -26.89 81.66
C UNK K 687 -47.78 -28.24 81.04
N UNK K 688 -46.55 -28.70 81.19
CA UNK K 688 -46.14 -29.98 80.64
C UNK K 688 -45.36 -30.81 81.65
N UNK K 689 -45.63 -32.11 81.64
CA UNK K 689 -44.94 -33.03 82.52
C UNK K 689 -44.16 -33.96 81.61
N UNK K 690 -42.95 -34.36 82.01
CA UNK K 690 -42.17 -35.25 81.15
C UNK K 690 -41.46 -36.36 81.90
N UNK K 691 -40.97 -37.34 81.14
CA UNK K 691 -40.24 -38.47 81.70
C UNK K 691 -38.92 -37.98 82.29
N UNK K 692 -38.56 -36.73 82.00
CA UNK K 692 -37.32 -36.17 82.50
C UNK K 692 -37.46 -35.68 83.93
N UNK K 693 -38.61 -35.96 84.54
CA UNK K 693 -38.91 -35.59 85.94
C UNK K 693 -39.32 -34.14 86.15
N UNK K 694 -39.33 -33.33 85.11
CA UNK K 694 -39.71 -31.94 85.30
C UNK K 694 -41.09 -31.64 84.79
N UNK K 695 -41.53 -30.46 85.17
CA UNK K 695 -42.81 -29.87 84.79
C UNK K 695 -42.41 -28.52 84.23
N UNK K 696 -43.14 -28.02 83.24
CA UNK K 696 -42.77 -26.73 82.72
C UNK K 696 -43.97 -25.84 82.45
N UNK K 697 -43.81 -24.55 82.73
CA UNK K 697 -44.86 -23.59 82.47
C UNK K 697 -44.34 -22.80 81.30
N UNK K 698 -45.16 -22.65 80.27
CA UNK K 698 -44.78 -21.89 79.08
C UNK K 698 -45.73 -20.74 78.97
N UNK K 699 -45.21 -19.59 78.57
CA UNK K 699 -46.03 -18.40 78.39
C UNK K 699 -46.07 -18.27 76.88
N UNK K 700 -47.13 -18.79 76.26
CA UNK K 700 -47.30 -18.76 74.81
C UNK K 700 -46.99 -17.41 74.19
N UNK K 701 -47.03 -16.36 75.01
CA UNK K 701 -46.75 -15.01 74.55
C UNK K 701 -45.25 -14.75 74.70
N UNK K 702 -44.45 -15.80 74.64
CA UNK K 702 -43.01 -15.65 74.80
C UNK K 702 -42.24 -16.81 74.21
N UNK K 703 -41.28 -16.51 73.34
CA UNK K 703 -40.48 -17.54 72.70
C UNK K 703 -39.77 -18.43 73.72
N UNK K 704 -39.93 -18.14 75.00
CA UNK K 704 -39.23 -18.91 76.03
C UNK K 704 -40.07 -19.62 77.09
N UNK K 705 -39.40 -20.54 77.78
CA UNK K 705 -39.98 -21.31 78.87
C UNK K 705 -40.16 -20.27 79.97
N UNK K 706 -41.12 -20.47 80.87
CA UNK K 706 -41.34 -19.49 81.93
C UNK K 706 -40.89 -20.00 83.27
N UNK K 707 -40.96 -21.31 83.44
CA UNK K 707 -40.57 -21.92 84.69
C UNK K 707 -40.31 -23.40 84.48
N UNK K 708 -39.51 -23.98 85.36
CA UNK K 708 -39.20 -25.39 85.28
C UNK K 708 -39.30 -25.93 86.69
N UNK K 709 -40.44 -26.54 87.01
CA UNK K 709 -40.63 -27.07 88.35
C UNK K 709 -39.80 -28.30 88.64
N UNK K 710 -38.77 -28.15 89.46
CA UNK K 710 -37.97 -29.31 89.81
C UNK K 710 -38.60 -29.91 91.07
N UNK K 711 -43.35 -43.46 84.63
CA UNK K 711 -44.33 -42.48 85.09
C UNK K 711 -45.26 -42.23 83.89
N UNK K 712 -46.51 -42.63 84.03
CA UNK K 712 -47.44 -42.48 82.93
C UNK K 712 -48.30 -41.26 82.91
N UNK K 713 -48.39 -40.55 84.01
CA UNK K 713 -49.27 -39.40 84.03
C UNK K 713 -48.96 -38.54 85.24
N UNK K 714 -49.33 -37.26 85.17
CA UNK K 714 -49.08 -36.30 86.25
C UNK K 714 -49.89 -35.03 86.02
N UNK K 715 -50.47 -34.50 87.09
CA UNK K 715 -51.28 -33.29 87.00
C UNK K 715 -51.01 -32.41 88.21
N UNK K 716 -50.94 -31.12 87.98
CA UNK K 716 -50.73 -30.21 89.10
C UNK K 716 -52.07 -30.13 89.79
N UNK K 717 -52.06 -29.81 91.08
CA UNK K 717 -53.32 -29.67 91.79
C UNK K 717 -53.88 -28.30 91.40
N UNK K 718 -55.19 -28.11 91.57
CA UNK K 718 -55.76 -26.82 91.22
C UNK K 718 -54.99 -25.76 91.99
N UNK K 719 -49.98 -26.16 94.65
CA UNK K 719 -49.01 -26.60 95.64
C UNK K 719 -48.61 -28.07 95.57
N UNK K 720 -49.44 -28.90 94.95
CA UNK K 720 -49.10 -30.32 94.85
C UNK K 720 -49.02 -30.81 93.43
N UNK K 721 -48.29 -31.90 93.24
CA UNK K 721 -48.14 -32.49 91.92
C UNK K 721 -48.46 -33.97 92.05
N UNK K 722 -49.60 -34.37 91.51
CA UNK K 722 -49.99 -35.75 91.59
C UNK K 722 -49.25 -36.52 90.49
N UNK K 723 -48.88 -37.75 90.78
CA UNK K 723 -48.16 -38.54 89.80
C UNK K 723 -48.64 -39.97 89.80
N UNK K 724 -48.79 -40.50 88.59
CA UNK K 724 -49.33 -41.82 88.36
C UNK K 724 -48.32 -42.67 87.59
N UNK K 725 -48.09 -43.90 88.06
CA UNK K 725 -47.11 -44.78 87.42
C UNK K 725 -47.50 -46.24 87.26
N UNK K 726 -46.56 -47.01 86.75
CA UNK K 726 -46.72 -48.44 86.53
C UNK K 726 -46.32 -49.20 87.79
N UNK K 727 -45.61 -48.53 88.69
CA UNK K 727 -45.19 -49.17 89.92
C UNK K 727 -46.35 -49.40 90.87
N UNK K 728 -47.57 -49.14 90.41
CA UNK K 728 -48.73 -49.37 91.24
C UNK K 728 -49.03 -48.31 92.29
N UNK K 729 -48.47 -47.11 92.12
CA UNK K 729 -48.71 -46.06 93.09
C UNK K 729 -49.32 -44.78 92.52
N UNK K 730 -49.85 -43.96 93.41
CA UNK K 730 -50.36 -42.63 93.07
C UNK K 730 -49.42 -41.89 93.99
N UNK K 731 -48.98 -40.69 93.62
CA UNK K 731 -48.06 -40.02 94.50
C UNK K 731 -48.23 -38.53 94.50
N UNK K 732 -48.06 -37.92 95.66
CA UNK K 732 -48.19 -36.49 95.75
C UNK K 732 -46.88 -35.81 96.12
N UNK K 733 -46.24 -35.23 95.12
CA UNK K 733 -45.01 -34.53 95.37
C UNK K 733 -45.37 -33.11 95.77
N UNK K 734 -44.45 -32.42 96.43
CA UNK K 734 -44.65 -31.04 96.87
C UNK K 734 -43.93 -30.11 95.91
N UNK K 735 -44.70 -29.41 95.08
CA UNK K 735 -44.11 -28.52 94.10
C UNK K 735 -42.99 -27.60 94.59
N UNK K 736 -43.29 -26.78 95.59
CA UNK K 736 -42.31 -25.85 96.10
C UNK K 736 -40.97 -26.47 96.45
N UNK K 737 -40.95 -27.76 96.75
CA UNK K 737 -39.69 -28.39 97.12
C UNK K 737 -39.36 -29.70 96.40
N UNK K 738 -40.21 -30.12 95.49
CA UNK K 738 -40.01 -31.36 94.73
C UNK K 738 -39.75 -32.57 95.63
N UNK K 739 -40.41 -32.63 96.79
CA UNK K 739 -40.26 -33.73 97.75
C UNK K 739 -41.45 -34.67 97.72
N UNK K 740 -41.23 -35.95 97.96
CA UNK K 740 -42.35 -36.89 97.96
C UNK K 740 -43.10 -36.73 99.29
N UNK K 741 -44.37 -36.36 99.24
CA UNK K 741 -45.17 -36.19 100.45
C UNK K 741 -45.92 -37.47 100.79
N UNK K 742 -46.56 -38.11 99.81
CA UNK K 742 -47.28 -39.34 100.06
C UNK K 742 -47.16 -40.29 98.88
N UNK K 743 -47.58 -41.53 99.11
CA UNK K 743 -47.57 -42.54 98.07
C UNK K 743 -48.74 -43.45 98.39
N UNK K 744 -49.57 -43.76 97.39
CA UNK K 744 -50.73 -44.61 97.60
C UNK K 744 -50.68 -45.85 96.75
N UNK K 745 -50.40 -46.99 97.39
CA UNK K 745 -50.33 -48.25 96.66
C UNK K 745 -51.72 -48.70 96.22
N UNK K 746 -51.83 -49.13 94.97
CA UNK K 746 -53.11 -49.63 94.51
C UNK K 746 -53.07 -51.17 94.59
N UNK K 747 -53.80 -51.64 95.60
CA UNK K 747 -53.91 -53.06 95.97
C UNK K 747 -55.34 -53.59 95.85
N UNK K 748 -56.07 -53.16 94.84
CA UNK K 748 -57.45 -53.60 94.69
C UNK K 748 -57.54 -54.73 93.71
N UNK K 749 -56.43 -55.43 93.52
CA UNK K 749 -56.38 -56.52 92.57
C UNK K 749 -55.74 -57.78 93.17
N UNK K 750 -56.36 -58.92 92.91
CA UNK K 750 -55.93 -60.20 93.46
C UNK K 750 -55.75 -61.26 92.36
N UNK K 751 -53.22 -44.15 83.60
CA UNK K 751 -54.14 -43.08 83.18
C UNK K 751 -54.39 -42.17 84.39
N UNK K 752 -54.47 -40.87 84.19
CA UNK K 752 -54.75 -39.99 85.32
C UNK K 752 -55.08 -38.59 84.90
N UNK K 753 -56.38 -38.34 84.73
CA UNK K 753 -56.89 -37.06 84.30
C UNK K 753 -57.51 -36.18 85.38
N UNK K 754 -57.55 -34.89 85.08
CA UNK K 754 -58.09 -33.85 85.96
C UNK K 754 -59.58 -33.65 85.83
N UNK K 755 -60.16 -33.00 86.82
CA UNK K 755 -61.58 -32.70 86.77
C UNK K 755 -61.73 -31.43 85.95
N UNK K 756 -62.97 -31.05 85.67
CA UNK K 756 -63.25 -29.87 84.86
C UNK K 756 -62.72 -28.59 85.48
N UNK K 757 -62.90 -28.47 86.78
CA UNK K 757 -62.46 -27.29 87.50
C UNK K 757 -60.99 -27.39 87.90
N UNK K 758 -60.35 -28.51 87.59
CA UNK K 758 -58.96 -28.68 87.93
C UNK K 758 -58.72 -28.78 89.42
N UNK K 759 -59.79 -29.03 90.17
CA UNK K 759 -59.70 -29.15 91.62
C UNK K 759 -59.76 -30.59 92.10
N UNK K 760 -59.80 -31.53 91.17
CA UNK K 760 -59.84 -32.94 91.54
C UNK K 760 -59.14 -33.75 90.48
N UNK K 761 -58.64 -34.92 90.84
CA UNK K 761 -57.93 -35.76 89.90
C UNK K 761 -58.29 -37.22 90.13
N UNK K 762 -58.54 -37.97 89.06
CA UNK K 762 -58.84 -39.38 89.29
C UNK K 762 -57.63 -40.15 88.80
N UNK K 763 -57.35 -41.29 89.43
CA UNK K 763 -56.24 -42.14 89.02
C UNK K 763 -56.64 -43.60 89.11
N UNK K 764 -55.88 -44.45 88.43
CA UNK K 764 -56.17 -45.88 88.39
C UNK K 764 -54.97 -46.75 88.74
N UNK K 765 -55.24 -47.86 89.42
CA UNK K 765 -54.21 -48.82 89.82
C UNK K 765 -54.83 -50.17 90.18
N UNK K 766 -54.14 -51.25 89.80
CA UNK K 766 -54.59 -52.61 90.06
C UNK K 766 -56.09 -52.75 89.79
N UNK K 767 -56.88 -52.79 90.86
CA UNK K 767 -58.33 -52.91 90.75
C UNK K 767 -59.17 -51.68 91.01
N UNK K 768 -58.57 -50.53 91.27
CA UNK K 768 -59.41 -49.39 91.57
C UNK K 768 -59.10 -48.08 90.89
N UNK K 769 -60.12 -47.23 90.86
CA UNK K 769 -60.03 -45.89 90.33
C UNK K 769 -60.18 -45.10 91.62
N UNK K 770 -59.40 -44.05 91.80
CA UNK K 770 -59.45 -43.26 93.03
C UNK K 770 -59.58 -41.78 92.72
N UNK K 771 -60.44 -41.09 93.45
CA UNK K 771 -60.62 -39.67 93.26
C UNK K 771 -59.97 -38.87 94.37
N UNK K 772 -59.00 -38.05 93.98
CA UNK K 772 -58.28 -37.22 94.94
C UNK K 772 -58.59 -35.75 94.86
N UNK K 773 -58.43 -35.09 96.00
CA UNK K 773 -58.64 -33.67 96.09
C UNK K 773 -57.27 -33.06 95.85
N UNK K 774 -57.09 -32.39 94.72
CA UNK K 774 -55.80 -31.79 94.35
C UNK K 774 -55.16 -30.95 95.46
N UNK K 775 -56.18 -30.63 99.46
CA UNK K 775 -56.01 -31.43 100.65
C UNK K 775 -55.30 -32.78 100.41
N UNK K 776 -55.34 -33.27 99.17
CA UNK K 776 -54.71 -34.55 98.82
C UNK K 776 -55.53 -35.68 99.45
N UNK K 777 -56.80 -35.40 99.69
CA UNK K 777 -57.67 -36.40 100.27
C UNK K 777 -58.28 -37.32 99.24
N UNK K 778 -58.58 -38.52 99.68
CA UNK K 778 -59.20 -39.52 98.82
C UNK K 778 -60.70 -39.31 98.89
N UNK K 779 -61.27 -38.68 97.87
CA UNK K 779 -62.70 -38.43 97.85
C UNK K 779 -63.55 -39.59 97.38
N UNK K 780 -62.93 -40.62 96.83
CA UNK K 780 -63.70 -41.76 96.35
C UNK K 780 -62.86 -42.96 95.95
N UNK K 781 -63.45 -44.13 96.08
CA UNK K 781 -62.77 -45.37 95.76
C UNK K 781 -63.75 -46.38 95.20
N UNK K 782 -63.87 -46.45 93.88
CA UNK K 782 -64.75 -47.43 93.29
C UNK K 782 -63.88 -48.63 92.93
N UNK K 783 -66.18 -49.54 91.47
CA UNK K 783 -65.46 -50.78 91.21
C UNK K 783 -65.94 -51.33 89.90
N UNK K 784 -64.99 -51.54 89.00
CA UNK K 784 -65.31 -52.01 87.66
C UNK K 784 -65.44 -53.51 87.52
N UNK K 785 -61.31 -56.87 85.38
CA UNK K 785 -60.62 -56.76 84.11
C UNK K 785 -59.63 -55.65 84.40
N UNK K 786 -59.25 -54.85 83.40
CA UNK K 786 -58.33 -53.74 83.64
C UNK K 786 -58.69 -52.54 82.78
N UNK K 787 -58.86 -51.39 83.42
CA UNK K 787 -59.18 -50.17 82.72
C UNK K 787 -58.04 -49.86 81.77
N UNK K 788 -58.35 -49.73 80.49
CA UNK K 788 -57.33 -49.44 79.48
C UNK K 788 -57.09 -47.93 79.29
N UNK K 789 -58.10 -47.11 79.57
CA UNK K 789 -57.95 -45.66 79.45
C UNK K 789 -59.14 -44.93 80.06
N UNK K 790 -58.96 -43.64 80.35
CA UNK K 790 -60.02 -42.82 80.95
C UNK K 790 -59.82 -41.33 80.77
N UNK K 791 -60.76 -40.52 81.25
CA UNK K 791 -60.62 -39.08 81.18
C UNK K 791 -61.67 -38.46 82.05
N UNK K 792 -61.23 -37.54 82.88
CA UNK K 792 -62.07 -36.85 83.83
C UNK K 792 -62.61 -35.56 83.21
N UNK K 793 -63.92 -35.39 83.26
CA UNK K 793 -64.59 -34.23 82.71
C UNK K 793 -64.29 -32.97 83.52
N UNK K 794 -64.74 -31.79 83.04
CA UNK K 794 -64.47 -30.59 83.82
C UNK K 794 -65.73 -30.18 84.60
N UNK K 795 -66.82 -30.93 84.38
CA UNK K 795 -68.10 -30.68 85.04
C UNK K 795 -68.76 -31.99 85.45
N UNK K 796 -69.78 -31.89 86.28
CA UNK K 796 -70.53 -33.05 86.77
C UNK K 796 -69.67 -34.20 87.28
N UNK K 797 -68.41 -33.92 87.62
CA UNK K 797 -67.47 -34.94 88.11
C UNK K 797 -67.57 -36.17 87.23
N UNK K 798 -67.84 -35.99 85.95
CA UNK K 798 -67.95 -37.13 85.05
C UNK K 798 -66.60 -37.66 84.68
N UNK K 799 -66.54 -38.97 84.49
CA UNK K 799 -65.31 -39.61 84.12
C UNK K 799 -65.65 -40.68 83.10
N UNK K 800 -64.92 -40.72 81.99
CA UNK K 800 -65.15 -41.73 80.99
C UNK K 800 -63.98 -42.65 80.97
N UNK K 801 -64.24 -43.94 80.95
CA UNK K 801 -63.16 -44.91 80.94
C UNK K 801 -63.47 -46.00 79.94
N UNK K 802 -62.45 -46.38 79.17
CA UNK K 802 -62.61 -47.46 78.23
C UNK K 802 -62.33 -48.62 79.16
N UNK K 803 -63.46 -52.91 74.08
CA UNK K 803 -64.61 -52.19 73.54
C UNK K 803 -65.79 -51.78 74.44
N UNK K 804 -65.66 -51.94 75.75
CA UNK K 804 -66.73 -51.54 76.65
C UNK K 804 -66.42 -50.13 77.07
N UNK K 805 -67.39 -49.24 76.97
CA UNK K 805 -67.14 -47.87 77.35
C UNK K 805 -68.24 -47.40 78.27
N UNK K 806 -67.87 -47.01 79.48
CA UNK K 806 -68.87 -46.52 80.41
C UNK K 806 -68.41 -45.26 81.10
N UNK K 807 -69.28 -44.27 81.24
CA UNK K 807 -68.89 -43.06 81.94
C UNK K 807 -69.54 -43.10 83.30
N UNK K 808 -68.73 -42.80 84.31
CA UNK K 808 -69.12 -42.80 85.72
C UNK K 808 -69.22 -41.41 86.32
N UNK K 809 -69.79 -41.38 87.51
CA UNK K 809 -69.99 -40.17 88.26
C UNK K 809 -69.16 -40.26 89.55
N UNK K 810 -67.96 -39.69 89.54
CA UNK K 810 -67.13 -39.70 90.75
C UNK K 810 -67.99 -38.93 91.74
N UNK K 811 -67.66 -38.98 93.03
CA UNK K 811 -68.48 -38.27 94.01
C UNK K 811 -69.75 -39.06 94.31
N UNK K 812 -69.99 -41.99 92.83
CA UNK K 812 -69.33 -43.29 92.70
C UNK K 812 -70.22 -44.35 92.06
N UNK K 813 -71.05 -43.92 91.11
CA UNK K 813 -71.98 -44.80 90.41
C UNK K 813 -71.87 -44.71 88.90
N UNK K 814 -72.15 -45.79 88.19
CA UNK K 814 -72.11 -45.72 86.74
C UNK K 814 -73.32 -44.91 86.30
N UNK K 815 -73.12 -44.08 85.28
CA UNK K 815 -74.14 -43.20 84.75
C UNK K 815 -74.66 -43.64 83.39
N UNK K 816 -73.76 -44.15 82.55
CA UNK K 816 -74.19 -44.58 81.23
C UNK K 816 -73.31 -45.64 80.63
N UNK K 817 -73.90 -46.47 79.80
CA UNK K 817 -73.17 -47.50 79.09
C UNK K 817 -73.10 -47.02 77.66
N UNK K 818 -71.90 -46.91 77.14
CA UNK K 818 -71.69 -46.43 75.79
C UNK K 818 -71.26 -47.57 74.90
N UNK K 819 -72.21 -48.14 74.18
CA UNK K 819 -71.94 -49.27 73.30
C UNK K 819 -71.72 -48.74 71.90
N UNK K 820 -70.49 -48.87 71.38
CA UNK K 820 -70.22 -48.38 70.04
C UNK K 820 -69.21 -49.20 69.26
N UNK K 821 -68.33 -49.89 69.96
CA UNK K 821 -67.30 -50.70 69.29
C UNK K 821 -67.41 -52.18 69.65
N UNK K 822 -66.89 -53.03 68.78
CA UNK K 822 -66.87 -54.48 69.04
C UNK K 822 -65.42 -54.95 68.90
N UNK K 823 -64.56 -53.88 67.93
CA UNK K 823 -63.12 -53.83 67.94
C UNK K 823 -62.74 -52.91 69.08
N UNK K 824 -61.60 -53.19 69.70
CA UNK K 824 -61.06 -52.41 70.82
C UNK K 824 -61.32 -50.92 70.91
N UNK K 825 -61.79 -50.45 72.07
CA UNK K 825 -62.10 -49.03 72.22
C UNK K 825 -60.97 -48.40 73.03
N UNK K 826 -60.22 -47.51 72.41
CA UNK K 826 -59.07 -46.89 73.04
C UNK K 826 -59.41 -45.70 73.91
N UNK K 827 -60.33 -44.88 73.44
CA UNK K 827 -60.67 -43.70 74.21
C UNK K 827 -62.15 -43.40 74.19
N UNK K 828 -62.55 -42.47 75.04
CA UNK K 828 -63.95 -42.14 75.14
C UNK K 828 -64.09 -40.90 76.02
N UNK K 829 -64.94 -39.95 75.64
CA UNK K 829 -65.13 -38.82 76.52
C UNK K 829 -66.35 -37.96 76.28
N UNK K 830 -66.72 -37.20 77.31
CA UNK K 830 -67.89 -36.33 77.24
C UNK K 830 -67.61 -35.04 76.53
N UNK K 831 -68.67 -34.45 76.00
CA UNK K 831 -68.58 -33.16 75.35
C UNK K 831 -68.37 -32.25 76.56
N UNK K 832 -68.06 -30.98 76.34
CA UNK K 832 -67.84 -30.14 77.50
C UNK K 832 -69.07 -29.96 78.41
N UNK K 833 -70.27 -29.90 77.85
CA UNK K 833 -71.46 -29.73 78.68
C UNK K 833 -71.96 -31.09 79.12
N UNK K 834 -71.17 -32.12 78.79
CA UNK K 834 -71.51 -33.48 79.15
C UNK K 834 -72.83 -33.93 78.56
N UNK K 835 -73.30 -33.22 77.54
CA UNK K 835 -74.56 -33.57 76.92
C UNK K 835 -74.38 -34.76 75.99
N UNK K 836 -73.15 -34.98 75.56
CA UNK K 836 -72.91 -36.10 74.67
C UNK K 836 -71.48 -36.59 74.90
N UNK K 837 -71.14 -37.73 74.30
CA UNK K 837 -69.80 -38.28 74.44
C UNK K 837 -69.37 -38.96 73.14
N UNK K 838 -68.06 -39.12 72.97
CA UNK K 838 -67.55 -39.76 71.76
C UNK K 838 -66.83 -41.04 72.11
N UNK K 839 -66.75 -41.93 71.13
CA UNK K 839 -66.09 -43.23 71.31
C UNK K 839 -65.02 -43.36 70.23
N UNK K 840 -63.80 -43.71 70.62
CA UNK K 840 -62.71 -43.87 69.64
C UNK K 840 -62.17 -45.30 69.65
N UNK K 841 -62.17 -45.97 68.50
CA UNK K 841 -61.70 -47.34 68.49
C UNK K 841 -60.78 -47.83 67.39
N UNK K 842 -60.40 -49.09 67.57
CA UNK K 842 -59.52 -49.81 66.68
C UNK K 842 -60.18 -50.08 65.34
N UNK K 843 -61.50 -50.09 65.32
CA UNK K 843 -62.24 -50.30 64.07
C UNK K 843 -62.15 -48.98 63.31
N UNK K 844 -61.12 -48.20 63.66
CA UNK K 844 -60.85 -46.89 63.08
C UNK K 844 -62.03 -45.96 62.88
N UNK K 845 -62.97 -45.99 63.82
CA UNK K 845 -64.10 -45.10 63.71
C UNK K 845 -64.20 -44.28 64.98
N UNK K 846 -64.95 -43.20 64.88
CA UNK K 846 -65.18 -42.31 66.01
C UNK K 846 -66.67 -42.10 65.97
N UNK K 847 -67.36 -42.40 67.05
CA UNK K 847 -68.81 -42.23 67.07
C UNK K 847 -69.28 -41.28 68.16
N UNK K 848 -70.21 -40.40 67.82
CA UNK K 848 -70.73 -39.46 68.79
C UNK K 848 -72.07 -39.91 69.28
N UNK K 849 -72.22 -39.90 70.60
CA UNK K 849 -73.45 -40.32 71.25
C UNK K 849 -74.01 -39.18 72.08
N UNK K 850 -75.32 -39.19 72.28
CA UNK K 850 -75.97 -38.19 73.11
C UNK K 850 -76.39 -38.92 74.37
N UNK K 851 -75.79 -38.53 75.49
CA UNK K 851 -76.04 -39.12 76.80
C UNK K 851 -77.50 -39.37 77.11
N UNK K 852 -78.29 -38.30 77.15
CA UNK K 852 -79.71 -38.42 77.44
C UNK K 852 -80.30 -39.66 76.76
N UNK K 853 -80.30 -39.67 75.43
CA UNK K 853 -80.85 -40.78 74.66
C UNK K 853 -80.23 -42.15 74.99
N UNK K 854 -78.95 -42.18 75.35
CA UNK K 854 -78.30 -43.45 75.66
C UNK K 854 -78.70 -44.01 77.02
N UNK K 855 -78.85 -43.13 78.01
CA UNK K 855 -79.21 -43.55 79.36
C UNK K 855 -80.67 -43.97 79.52
N UNK K 856 -81.51 -43.60 78.57
CA UNK K 856 -82.90 -43.98 78.66
C UNK K 856 -82.98 -45.50 78.70
N UNK K 857 -83.84 -45.99 79.58
CA UNK K 857 -84.06 -47.41 79.74
C UNK K 857 -84.61 -47.98 78.45
N UNK K 858 -82.19 -54.41 81.96
CA UNK K 858 -82.99 -54.84 80.83
C UNK K 858 -82.46 -56.08 80.13
N UNK K 859 -83.37 -56.70 79.39
CA UNK K 859 -83.09 -57.91 78.64
C UNK K 859 -82.60 -57.61 77.23
N UNK K 860 -82.30 -56.35 76.97
CA UNK K 860 -81.83 -56.04 75.63
C UNK K 860 -80.45 -56.64 75.41
N UNK K 861 -79.58 -56.60 76.42
CA UNK K 861 -78.25 -57.19 76.31
C UNK K 861 -78.07 -58.33 77.28
N UNK K 862 -77.70 -59.49 76.76
CA UNK K 862 -77.51 -60.66 77.59
C UNK K 862 -76.12 -61.17 77.34
N UNK K 863 -75.77 -62.23 78.05
CA UNK K 863 -74.47 -62.88 77.91
C UNK K 863 -74.76 -63.99 76.92
N UNK K 864 -73.76 -64.76 76.55
CA UNK K 864 -73.98 -65.84 75.60
C UNK K 864 -74.39 -67.15 76.28
N UNK K 865 -74.54 -67.09 77.60
CA UNK K 865 -74.97 -68.25 78.35
C UNK K 865 -76.49 -68.19 78.44
N UNK K 866 -77.14 -68.96 77.56
CA UNK K 866 -78.59 -69.01 77.51
C UNK K 866 -79.08 -70.40 77.20
N UNK K 867 -80.36 -70.65 77.47
CA UNK K 867 -80.97 -71.92 77.16
C UNK K 867 -82.37 -71.65 76.60
N UNK K 868 -82.71 -72.39 75.55
CA UNK K 868 -83.98 -72.23 74.85
C UNK K 868 -84.90 -73.45 74.87
N UNK K 869 -86.20 -73.18 74.94
CA UNK K 869 -87.20 -74.24 74.94
C UNK K 869 -88.29 -73.93 73.91
N UNK K 870 -88.24 -74.63 72.79
CA UNK K 870 -89.21 -74.45 71.71
C UNK K 870 -90.51 -75.20 72.01
N UNK K 871 -91.51 -74.50 72.55
CA UNK K 871 -92.76 -75.15 72.87
C UNK K 871 -93.92 -74.85 71.90
N UNK K 872 -94.91 -71.24 70.70
CA UNK K 872 -93.92 -70.19 70.98
C UNK K 872 -92.52 -70.68 71.39
N UNK K 873 -91.59 -69.74 71.51
CA UNK K 873 -90.21 -70.03 71.91
C UNK K 873 -89.88 -69.36 73.25
N UNK K 874 -89.07 -70.05 74.06
CA UNK K 874 -88.68 -69.56 75.37
C UNK K 874 -87.17 -69.53 75.56
N UNK K 875 -86.65 -68.35 75.93
CA UNK K 875 -85.23 -68.19 76.16
C UNK K 875 -84.95 -67.68 77.58
N UNK K 876 -84.13 -68.42 78.31
CA UNK K 876 -83.74 -68.05 79.66
C UNK K 876 -82.30 -67.63 79.46
N UNK K 877 -81.94 -66.46 79.95
CA UNK K 877 -80.57 -66.01 79.73
C UNK K 877 -79.92 -65.30 80.90
N UNK K 878 -78.61 -65.46 80.99
CA UNK K 878 -77.81 -64.80 82.03
C UNK K 878 -77.69 -63.33 81.66
N UNK K 879 -78.25 -62.44 82.47
CA UNK K 879 -78.16 -61.01 82.15
C UNK K 879 -76.72 -60.54 82.04
N UNK K 880 -76.52 -59.52 81.20
CA UNK K 880 -75.19 -58.95 80.98
C UNK K 880 -74.60 -58.29 82.22
N UNK K 881 -80.71 -63.12 85.53
CA UNK K 881 -81.06 -63.78 84.31
C UNK K 881 -82.47 -63.38 83.90
N UNK K 882 -82.70 -63.40 82.60
CA UNK K 882 -83.98 -63.00 82.03
C UNK K 882 -84.77 -64.18 81.46
N UNK K 883 -86.06 -64.19 81.73
CA UNK K 883 -86.93 -65.22 81.20
C UNK K 883 -87.57 -64.55 79.99
N UNK K 884 -86.92 -64.68 78.83
CA UNK K 884 -87.40 -64.08 77.59
C UNK K 884 -88.29 -64.99 76.78
N UNK K 885 -89.51 -64.53 76.52
CA UNK K 885 -90.47 -65.28 75.73
C UNK K 885 -90.50 -64.70 74.33
N UNK K 886 -89.81 -65.35 73.38
CA UNK K 886 -89.79 -64.86 72.02
C UNK K 886 -91.21 -64.82 71.51
N UNK K 887 -91.52 -63.95 70.56
CA UNK K 887 -92.88 -63.85 70.05
C UNK K 887 -93.73 -63.27 71.19
N UNK K 888 -92.76 -60.00 76.96
CA UNK K 888 -92.74 -60.77 78.21
C UNK K 888 -91.37 -61.15 78.75
N UNK K 889 -90.67 -60.16 79.28
CA UNK K 889 -89.36 -60.36 79.85
C UNK K 889 -89.50 -60.30 81.37
N UNK K 890 -89.07 -61.38 82.03
CA UNK K 890 -89.15 -61.46 83.47
C UNK K 890 -87.79 -61.65 84.08
N UNK K 891 -87.45 -60.68 84.93
CA UNK K 891 -86.17 -60.62 85.60
C UNK K 891 -86.14 -61.36 86.93
N UNK K 892 -85.00 -61.98 87.18
CA UNK K 892 -84.76 -62.72 88.40
C UNK K 892 -83.36 -62.31 88.84
N UNK K 893 -83.27 -61.45 89.85
CA UNK K 893 -81.98 -60.98 90.34
C UNK K 893 -81.18 -62.10 90.98
N UNK K 894 -79.86 -61.93 91.05
CA UNK K 894 -79.02 -62.95 91.67
C UNK K 894 -77.55 -62.59 91.66
N UNK K 895 -74.96 -64.89 88.10
CA UNK K 895 -74.88 -66.29 87.76
C UNK K 895 -73.82 -66.48 86.68
N UNK K 896 -73.48 -67.74 86.40
CA UNK K 896 -72.48 -68.05 85.39
C UNK K 896 -73.03 -68.94 84.29
N UNK K 897 -74.19 -69.54 84.54
CA UNK K 897 -74.78 -70.42 83.54
C UNK K 897 -76.25 -70.61 83.85
N UNK K 898 -77.03 -70.85 82.81
CA UNK K 898 -78.45 -71.01 82.99
C UNK K 898 -78.94 -72.42 82.74
N UNK K 899 -80.23 -72.64 82.98
CA UNK K 899 -80.84 -73.95 82.80
C UNK K 899 -82.36 -73.88 82.91
N UNK K 900 -83.05 -74.53 81.97
CA UNK K 900 -84.52 -74.55 81.98
C UNK K 900 -85.05 -75.98 82.10
N UNK K 901 -85.97 -76.19 83.02
CA UNK K 901 -86.54 -77.52 83.22
C UNK K 901 -87.69 -77.67 82.27
N UNK K 902 -87.62 -78.65 81.35
CA UNK K 902 -88.74 -78.82 80.42
C UNK K 902 -90.02 -78.73 81.23
N UNK K 903 -89.55 -74.35 86.58
CA UNK K 903 -88.30 -74.30 87.34
C UNK K 903 -87.16 -73.82 86.47
N UNK K 904 -86.28 -73.00 87.03
CA UNK K 904 -85.09 -72.53 86.31
C UNK K 904 -83.94 -72.76 87.28
N UNK K 905 -82.79 -73.12 86.77
CA UNK K 905 -81.65 -73.35 87.64
C UNK K 905 -80.44 -72.58 87.15
N UNK K 906 -79.52 -72.25 88.05
CA UNK K 906 -78.34 -71.53 87.58
C UNK K 906 -77.04 -71.76 88.30
N UNK K 907 -75.96 -71.57 87.54
CA UNK K 907 -74.62 -71.73 88.05
C UNK K 907 -74.20 -70.47 88.75
N UNK K 908 -73.10 -70.54 89.48
CA UNK K 908 -72.63 -69.39 90.23
C UNK K 908 -71.13 -69.24 90.08
N UNK K 909 -70.63 -68.03 90.26
CA UNK K 909 -69.21 -67.75 90.13
C UNK K 909 -68.43 -68.52 91.19
N UNK K 910 -71.97 -72.00 93.66
CA UNK K 910 -73.32 -72.25 94.14
C UNK K 910 -74.29 -72.74 93.06
N UNK K 911 -75.30 -73.49 93.49
CA UNK K 911 -76.33 -74.02 92.59
C UNK K 911 -77.70 -73.69 93.18
N UNK K 912 -78.61 -73.20 92.35
CA UNK K 912 -79.95 -72.85 92.86
C UNK K 912 -81.07 -73.09 91.86
N UNK K 913 -82.18 -73.64 92.36
CA UNK K 913 -83.34 -73.86 91.52
C UNK K 913 -84.35 -72.86 92.01
N UNK K 914 -85.02 -72.19 91.08
CA UNK K 914 -86.06 -71.24 91.43
C UNK K 914 -87.30 -71.81 90.80
N UNK K 915 -88.43 -71.73 91.48
CA UNK K 915 -89.66 -72.26 90.89
C UNK K 915 -90.52 -71.12 90.38
N UNK K 916 -90.64 -71.06 89.06
CA UNK K 916 -91.41 -70.03 88.37
C UNK K 916 -92.86 -69.87 88.79
N UNK K 917 -93.64 -70.97 88.84
CA UNK K 917 -95.04 -70.84 89.24
C UNK K 917 -95.16 -69.83 90.39
N UNK K 918 -94.15 -69.83 91.24
CA UNK K 918 -94.12 -68.92 92.37
C UNK K 918 -93.23 -67.71 92.10
N UNK K 919 -89.83 -68.63 96.07
CA UNK K 919 -89.38 -69.82 96.78
C UNK K 919 -88.46 -70.67 95.91
N UNK K 920 -87.24 -70.89 96.40
CA UNK K 920 -86.24 -71.66 95.67
C UNK K 920 -85.39 -72.40 96.68
N UNK K 921 -84.28 -72.97 96.22
CA UNK K 921 -83.49 -73.93 96.98
C UNK K 921 -82.00 -73.82 96.63
N UNK K 922 -81.13 -74.22 97.56
CA UNK K 922 -79.68 -74.16 97.35
C UNK K 922 -78.94 -75.44 97.69
N UNK K 923 -78.56 -76.20 96.66
CA UNK K 923 -77.87 -77.45 96.89
C UNK K 923 -76.36 -77.33 96.97
N UNK K 924 -75.83 -77.35 98.20
CA UNK K 924 -74.39 -77.23 98.49
C UNK K 924 -73.32 -78.04 97.72
N UNK K 925 -69.97 -74.33 85.30
CA UNK K 925 -70.01 -74.30 83.84
C UNK K 925 -71.33 -74.82 83.31
N UNK K 926 -71.32 -75.96 82.64
CA UNK K 926 -72.56 -76.52 82.11
C UNK K 926 -73.49 -76.88 83.29
N UNK K 927 -74.81 -76.89 83.08
CA UNK K 927 -75.80 -77.24 84.13
C UNK K 927 -77.15 -77.65 83.55
N UNK K 928 -77.61 -78.85 83.82
CA UNK K 928 -78.86 -79.31 83.23
C UNK K 928 -79.78 -80.12 84.15
N UNK K 929 -81.06 -80.16 83.79
CA UNK K 929 -82.07 -80.92 84.54
C UNK K 929 -82.15 -82.30 83.92
N UNK K 930 -82.70 -83.25 84.66
CA UNK K 930 -82.83 -84.61 84.16
C UNK K 930 -84.04 -84.62 83.25
N UNK K 931 -84.21 -85.68 82.46
CA UNK K 931 -85.37 -85.77 81.58
C UNK K 931 -86.59 -85.27 82.35
N UNK K 932 -80.44 -82.48 89.22
CA UNK K 932 -79.68 -81.49 88.45
C UNK K 932 -78.23 -81.84 88.23
N UNK K 933 -77.89 -82.30 87.05
CA UNK K 933 -76.50 -82.60 86.76
C UNK K 933 -75.79 -81.27 86.49
N UNK K 934 -74.57 -81.13 87.02
CA UNK K 934 -73.83 -79.90 86.83
C UNK K 934 -72.35 -80.14 86.89
N UNK K 935 -71.60 -79.39 86.11
CA UNK K 935 -70.16 -79.52 86.08
C UNK K 935 -69.51 -78.16 86.32
N UNK K 936 -68.27 -78.22 86.76
CA UNK K 936 -67.49 -77.04 87.01
C UNK K 936 -66.10 -77.27 86.41
N UNK K 937 -65.16 -76.46 86.85
CA UNK K 937 -63.82 -76.48 86.31
C UNK K 937 -62.89 -77.47 87.02
N UNK K 938 -63.46 -78.56 87.49
CA UNK K 938 -62.69 -79.62 88.15
C UNK K 938 -63.22 -80.97 87.65
N UNK K 939 -62.74 -82.09 88.20
CA UNK K 939 -63.14 -83.42 87.71
C UNK K 939 -64.40 -84.13 88.25
N UNK K 940 -65.17 -83.48 89.10
CA UNK K 940 -66.37 -84.13 89.62
C UNK K 940 -67.62 -83.58 88.92
N UNK K 941 -68.65 -84.41 88.78
CA UNK K 941 -69.90 -83.95 88.18
C UNK K 941 -71.06 -84.14 89.15
N UNK K 942 -71.46 -83.06 89.82
CA UNK K 942 -72.55 -83.13 90.79
C UNK K 942 -73.90 -83.57 90.25
N UNK K 943 -74.46 -84.63 90.84
CA UNK K 943 -75.78 -85.12 90.46
C UNK K 943 -76.71 -84.93 91.64
N UNK K 944 -77.12 -83.68 91.86
CA UNK K 944 -77.99 -83.30 92.96
C UNK K 944 -79.45 -83.55 92.72
N UNK K 945 -79.91 -84.70 93.19
CA UNK K 945 -81.31 -85.06 93.05
C UNK K 945 -82.07 -84.22 94.09
N UNK K 946 -82.23 -82.93 93.78
CA UNK K 946 -82.94 -82.01 94.67
C UNK K 946 -84.34 -82.58 94.95
N UNK K 947 -80.64 -85.71 98.14
CA UNK K 947 -79.64 -86.74 97.81
C UNK K 947 -78.62 -86.21 96.83
N UNK K 948 -77.44 -86.83 96.83
CA UNK K 948 -76.37 -86.44 95.93
C UNK K 948 -75.66 -87.66 95.41
N UNK K 949 -75.25 -87.58 94.16
CA UNK K 949 -74.51 -88.66 93.54
C UNK K 949 -73.33 -87.93 92.91
N UNK K 950 -72.12 -88.30 93.30
CA UNK K 950 -70.93 -87.66 92.79
C UNK K 950 -70.20 -88.56 91.80
N UNK K 951 -69.67 -87.96 90.76
CA UNK K 951 -68.94 -88.72 89.75
C UNK K 951 -67.49 -88.25 89.71
N UNK K 952 -66.64 -88.89 90.52
CA UNK K 952 -65.23 -88.52 90.58
C UNK K 952 -64.52 -89.09 89.38
N UNK K 953 -64.55 -88.33 88.30
CA UNK K 953 -63.93 -88.72 87.05
C UNK K 953 -62.43 -88.85 87.23
N UNK K 954 -61.90 -88.15 88.22
CA UNK K 954 -60.47 -88.16 88.50
C UNK K 954 -59.71 -87.75 87.24
N UNK K 955 -59.18 -84.49 84.55
CA UNK K 955 -58.49 -83.25 84.89
C UNK K 955 -59.56 -82.20 85.11
N UNK K 956 -60.49 -82.13 84.16
CA UNK K 956 -61.63 -81.21 84.21
C UNK K 956 -62.63 -81.69 83.19
N UNK K 957 -63.89 -81.73 83.58
CA UNK K 957 -64.94 -82.14 82.68
C UNK K 957 -65.12 -81.03 81.66
N UNK K 958 -64.76 -81.29 80.42
CA UNK K 958 -64.89 -80.29 79.36
C UNK K 958 -66.37 -79.95 79.31
N UNK K 959 -67.20 -80.99 79.22
CA UNK K 959 -68.64 -80.82 79.20
C UNK K 959 -69.33 -82.17 79.26
N UNK K 960 -70.65 -82.17 79.23
CA UNK K 960 -71.40 -83.41 79.32
C UNK K 960 -72.76 -83.22 78.74
N UNK K 961 -73.55 -84.29 78.74
CA UNK K 961 -74.91 -84.23 78.22
C UNK K 961 -75.68 -85.48 78.64
N UNK K 962 -76.95 -85.27 78.99
CA UNK K 962 -77.80 -86.38 79.40
C UNK K 962 -77.78 -87.44 78.32
N UNK K 963 -78.30 -88.62 78.64
CA UNK K 963 -78.33 -89.70 77.68
C UNK K 963 -79.61 -90.52 77.85
N UNK K 964 -81.20 -92.63 82.28
CA UNK K 964 -80.40 -92.23 83.43
C UNK K 964 -78.89 -92.36 83.20
N UNK K 965 -78.51 -92.70 81.97
CA UNK K 965 -77.10 -92.81 81.62
C UNK K 965 -76.66 -91.40 81.19
N UNK K 966 -75.39 -91.05 81.39
CA UNK K 966 -74.90 -89.72 81.03
C UNK K 966 -73.49 -89.70 80.42
N UNK K 967 -73.39 -89.18 79.20
CA UNK K 967 -72.13 -89.10 78.47
C UNK K 967 -71.27 -87.93 78.96
N UNK K 968 -69.98 -88.19 79.17
CA UNK K 968 -69.09 -87.16 79.67
C UNK K 968 -67.68 -87.21 79.10
N UNK K 969 -67.12 -86.03 78.82
CA UNK K 969 -65.78 -85.90 78.25
C UNK K 969 -65.01 -84.82 78.96
N UNK K 970 -63.77 -85.13 79.32
CA UNK K 970 -62.90 -84.18 80.00
C UNK K 970 -61.85 -83.89 78.97
N UNK K 971 -60.92 -83.01 79.27
CA UNK K 971 -59.88 -82.75 78.31
C UNK K 971 -58.62 -83.52 78.65
N UNK K 972 -58.80 -84.85 78.65
CA UNK K 972 -57.77 -85.84 78.90
C UNK K 972 -57.98 -86.95 77.88
N UNK K 973 -58.65 -86.58 76.78
CA UNK K 973 -58.94 -87.50 75.70
C UNK K 973 -59.96 -88.55 76.07
N UNK K 974 -60.34 -88.53 77.34
CA UNK K 974 -61.29 -89.50 77.84
C UNK K 974 -62.75 -89.09 77.69
N UNK K 975 -63.58 -90.10 77.44
CA UNK K 975 -65.02 -89.94 77.28
C UNK K 975 -65.60 -91.07 78.11
N UNK K 976 -66.49 -90.76 79.02
CA UNK K 976 -67.05 -91.83 79.83
C UNK K 976 -68.57 -91.91 79.71
N UNK K 977 -69.14 -93.02 80.18
CA UNK K 977 -70.60 -93.23 80.15
C UNK K 977 -71.15 -93.54 81.54
N UNK K 978 -71.18 -92.54 82.41
CA UNK K 978 -71.67 -92.72 83.77
C UNK K 978 -73.13 -93.12 83.86
N UNK K 979 -73.50 -93.64 85.03
CA UNK K 979 -74.86 -94.04 85.31
C UNK K 979 -75.26 -93.17 86.50
N UNK K 980 -76.35 -92.43 86.38
CA UNK K 980 -76.78 -91.62 87.51
C UNK K 980 -77.48 -92.60 88.44
N UNK K 981 -71.56 -94.84 88.58
CA UNK K 981 -70.74 -95.94 88.13
C UNK K 981 -70.32 -95.82 86.68
N UNK K 982 -69.02 -95.74 86.46
CA UNK K 982 -68.44 -95.62 85.14
C UNK K 982 -68.59 -96.89 84.34
N UNK K 983 -69.74 -97.03 83.68
CA UNK K 983 -69.97 -98.20 82.86
C UNK K 983 -68.89 -98.27 81.78
N UNK K 984 -68.86 -97.28 80.89
CA UNK K 984 -67.86 -97.23 79.83
C UNK K 984 -66.81 -96.15 80.05
N UNK K 985 -65.63 -96.37 79.49
CA UNK K 985 -64.51 -95.43 79.62
C UNK K 985 -63.57 -95.58 78.43
N UNK K 986 -63.43 -94.51 77.63
CA UNK K 986 -62.54 -94.51 76.46
C UNK K 986 -61.45 -93.47 76.59
N UNK K 987 -60.39 -93.65 75.79
CA UNK K 987 -59.28 -92.70 75.75
C UNK K 987 -59.13 -92.46 74.24
N UNK K 988 -60.18 -91.88 73.67
CA UNK K 988 -60.28 -91.60 72.24
C UNK K 988 -59.44 -90.45 71.63
N UNK K 989 -58.66 -89.76 72.45
CA UNK K 989 -57.81 -88.68 71.96
C UNK K 989 -56.67 -88.46 72.95
N UNK K 990 -55.53 -88.00 72.46
CA UNK K 990 -54.38 -87.76 73.34
C UNK K 990 -54.35 -86.31 73.81
N UNK K 991 -65.98 -81.04 71.44
CA UNK K 991 -67.38 -81.42 71.43
C UNK K 991 -67.55 -82.81 70.83
N UNK K 992 -68.62 -83.49 71.19
CA UNK K 992 -68.87 -84.84 70.70
C UNK K 992 -70.34 -85.12 70.94
N UNK K 993 -71.03 -85.66 69.93
CA UNK K 993 -72.46 -85.94 70.07
C UNK K 993 -72.81 -87.38 69.79
N UNK K 994 -74.06 -87.73 70.08
CA UNK K 994 -74.57 -89.08 69.87
C UNK K 994 -75.35 -89.14 68.58
N UNK K 995 -75.58 -90.37 68.10
CA UNK K 995 -76.32 -90.59 66.87
C UNK K 995 -77.81 -90.51 67.11
N UNK K 996 -78.28 -95.26 69.03
CA UNK K 996 -77.23 -94.73 69.87
C UNK K 996 -76.04 -95.58 69.53
N UNK K 997 -76.21 -96.44 68.53
CA UNK K 997 -75.14 -97.32 68.11
C UNK K 997 -73.88 -96.49 67.92
N UNK K 998 -74.06 -95.22 67.59
CA UNK K 998 -72.92 -94.33 67.35
C UNK K 998 -72.89 -93.07 68.22
N UNK K 999 -71.69 -92.63 68.58
CA UNK K 999 -71.49 -91.42 69.37
C UNK K 999 -70.05 -90.98 69.13
N UNK K 1000 -69.87 -89.96 68.30
CA UNK K 1000 -68.52 -89.53 67.97
C UNK K 1000 -68.03 -88.31 68.70
N UNK K 1001 -66.70 -88.11 68.59
CA UNK K 1001 -65.98 -87.01 69.21
C UNK K 1001 -65.36 -86.06 68.21
N UNK K 1002 -64.63 -85.10 68.76
CA UNK K 1002 -63.95 -84.07 67.99
C UNK K 1002 -62.98 -83.49 69.01
N UNK K 1003 -61.71 -83.34 68.66
CA UNK K 1003 -60.79 -82.81 69.65
C UNK K 1003 -59.42 -82.50 69.11
N UNK K 1004 -58.59 -84.56 64.86
CA UNK K 1004 -59.58 -85.05 63.92
C UNK K 1004 -60.90 -85.31 64.63
N UNK K 1005 -61.75 -86.14 64.01
CA UNK K 1005 -63.05 -86.49 64.58
C UNK K 1005 -63.24 -87.99 64.58
N UNK K 1006 -62.68 -88.66 65.60
CA UNK K 1006 -62.78 -90.11 65.75
C UNK K 1006 -64.20 -90.46 66.13
N UNK K 1007 -64.83 -91.34 65.34
CA UNK K 1007 -66.20 -91.76 65.57
C UNK K 1007 -66.28 -93.23 66.00
N UNK K 1008 -67.09 -93.54 67.03
CA UNK K 1008 -67.22 -94.93 67.47
C UNK K 1008 -68.62 -95.44 67.84
N UNK K 1009 -68.65 -96.63 68.45
CA UNK K 1009 -69.90 -97.33 68.83
C UNK K 1009 -70.19 -97.66 70.30
N UNK K 1010 -63.94 -96.47 65.44
CA UNK K 1010 -64.31 -97.11 64.18
C UNK K 1010 -63.37 -96.59 63.09
N UNK K 1011 -63.18 -95.28 63.02
CA UNK K 1011 -62.26 -94.69 62.03
C UNK K 1011 -61.89 -93.22 62.26
N UNK K 1012 -60.58 -92.96 62.24
CA UNK K 1012 -60.03 -91.62 62.43
C UNK K 1012 -60.22 -90.80 61.14
N UNK K 1013 -60.79 -89.60 61.28
CA UNK K 1013 -61.07 -88.70 60.14
C UNK K 1013 -60.13 -87.49 60.14
N UNK K 1014 -58.87 -87.70 59.79
CA UNK K 1014 -57.89 -86.61 59.79
C UNK K 1014 -58.03 -85.60 58.66
N UNK K 1015 -59.25 -85.10 58.45
CA UNK K 1015 -59.48 -84.15 57.39
C UNK K 1015 -59.08 -82.70 57.71
N UNK K 1016 -59.71 -82.13 58.73
CA UNK K 1016 -59.46 -80.75 59.13
C UNK K 1016 -58.01 -80.39 59.44
N UNK K 1017 -57.59 -79.22 58.98
CA UNK K 1017 -56.23 -78.74 59.22
C UNK K 1017 -56.21 -77.79 60.39
N UNK K 1018 -58.43 -77.93 63.17
CA UNK K 1018 -58.79 -78.69 64.38
C UNK K 1018 -60.29 -78.64 64.68
N UNK K 1019 -60.92 -79.80 64.74
CA UNK K 1019 -62.35 -79.87 64.97
C UNK K 1019 -62.76 -79.25 66.30
N UNK K 1020 -63.97 -78.71 66.33
CA UNK K 1020 -64.50 -78.07 67.52
C UNK K 1020 -65.96 -78.38 67.74
N UNK K 1021 -66.58 -79.06 66.79
CA UNK K 1021 -67.99 -79.43 66.92
C UNK K 1021 -68.38 -80.46 65.88
N UNK K 1022 -69.58 -81.03 66.00
CA UNK K 1022 -70.06 -82.02 65.05
C UNK K 1022 -71.45 -82.51 65.39
N UNK K 1023 -72.10 -83.14 64.42
CA UNK K 1023 -73.43 -83.68 64.60
C UNK K 1023 -73.72 -84.80 63.62
N UNK K 1024 -74.64 -85.66 63.99
CA UNK K 1024 -75.03 -86.78 63.15
C UNK K 1024 -76.32 -86.47 62.42
N UNK K 1025 -76.41 -86.87 61.15
CA UNK K 1025 -77.62 -86.63 60.38
C UNK K 1025 -78.71 -87.38 61.11
N UNK K 1026 -79.91 -86.81 61.17
CA UNK K 1026 -81.02 -87.45 61.86
C UNK K 1026 -81.25 -88.83 61.23
N UNK K 1027 -74.57 -89.38 57.94
CA UNK K 1027 -73.53 -88.36 57.89
C UNK K 1027 -73.18 -87.76 59.24
N UNK K 1028 -71.95 -87.27 59.31
CA UNK K 1028 -71.42 -86.65 60.51
C UNK K 1028 -70.60 -85.44 60.05
N UNK K 1029 -71.18 -84.25 60.22
CA UNK K 1029 -70.53 -83.00 59.85
C UNK K 1029 -69.67 -82.52 61.01
N UNK K 1030 -68.47 -82.06 60.70
CA UNK K 1030 -67.56 -81.60 61.73
C UNK K 1030 -67.12 -80.16 61.59
N UNK K 1031 -67.00 -79.49 62.74
CA UNK K 1031 -66.62 -78.08 62.77
C UNK K 1031 -65.14 -77.82 62.92
N UNK K 1032 -64.59 -77.10 61.95
CA UNK K 1032 -63.18 -76.74 61.91
C UNK K 1032 -62.91 -75.45 62.65
N UNK K 1033 -61.72 -75.38 63.26
CA UNK K 1033 -61.31 -74.21 64.01
C UNK K 1033 -60.99 -73.07 63.03
N UNK K 1034 -60.95 -73.39 61.74
CA UNK K 1034 -60.67 -72.39 60.72
C UNK K 1034 -61.78 -72.32 59.69
N UNK K 1035 -62.99 -72.13 60.17
CA UNK K 1035 -64.13 -72.00 59.28
C UNK K 1035 -64.35 -73.12 58.30
N UNK K 1036 -63.54 -74.18 58.38
CA UNK K 1036 -63.70 -75.31 57.47
C UNK K 1036 -64.80 -76.19 58.03
N UNK K 1037 -65.30 -77.12 57.23
CA UNK K 1037 -66.36 -77.99 57.68
C UNK K 1037 -66.36 -78.99 56.55
N UNK K 1038 -66.05 -80.24 56.89
CA UNK K 1038 -66.20 -81.38 55.99
C UNK K 1038 -67.37 -82.23 56.42
N UNK K 1039 -68.03 -82.84 55.45
CA UNK K 1039 -69.14 -83.73 55.73
C UNK K 1039 -68.53 -85.11 55.59
N UNK K 1040 -68.85 -86.01 56.52
CA UNK K 1040 -68.33 -87.38 56.45
C UNK K 1040 -69.54 -88.31 56.41
N UNK K 1041 -69.31 -89.58 56.06
CA UNK K 1041 -70.40 -90.55 55.97
C UNK K 1041 -70.35 -91.69 56.99
N UNK K 1042 -67.78 -84.93 51.27
CA UNK K 1042 -67.42 -83.66 50.66
C UNK K 1042 -67.04 -82.62 51.71
N UNK K 1043 -66.09 -81.76 51.37
CA UNK K 1043 -65.63 -80.72 52.29
C UNK K 1043 -66.14 -79.29 52.01
N UNK K 1044 -67.45 -79.11 51.97
CA UNK K 1044 -68.01 -77.78 51.73
C UNK K 1044 -67.54 -76.83 52.82
N UNK K 1045 -66.56 -75.99 52.51
CA UNK K 1045 -66.03 -75.05 53.52
C UNK K 1045 -65.24 -73.85 52.99
N UNK K 1046 -65.91 -72.86 52.39
CA UNK K 1046 -65.26 -71.66 51.86
C UNK K 1046 -64.68 -70.75 52.96
N UNK K 1047 -63.67 -69.58 63.38
CA UNK K 1047 -64.24 -70.74 64.06
C UNK K 1047 -65.55 -71.17 63.41
N UNK K 1048 -66.04 -72.32 63.86
CA UNK K 1048 -67.30 -72.93 63.43
C UNK K 1048 -67.70 -73.69 64.68
N UNK K 1049 -68.34 -73.00 65.61
CA UNK K 1049 -68.70 -73.60 66.87
C UNK K 1049 -69.99 -74.40 66.93
N UNK K 1050 -70.52 -74.82 65.79
CA UNK K 1050 -71.77 -75.57 65.86
C UNK K 1050 -72.30 -75.99 64.49
N UNK K 1051 -73.03 -77.10 64.46
CA UNK K 1051 -73.65 -77.61 63.25
C UNK K 1051 -74.94 -78.34 63.64
N UNK K 1052 -75.74 -78.68 62.65
CA UNK K 1052 -77.00 -79.38 62.90
C UNK K 1052 -77.56 -79.72 61.52
N UNK K 1053 -77.89 -80.98 61.32
CA UNK K 1053 -78.56 -81.39 60.12
C UNK K 1053 -80.04 -81.08 60.30
N UNK K 1054 -80.77 -81.07 59.19
CA UNK K 1054 -82.20 -80.80 59.23
C UNK K 1054 -82.92 -82.14 59.33
N UNK K 1055 -84.22 -82.13 59.67
CA UNK K 1055 -84.84 -83.45 59.74
C UNK K 1055 -84.60 -84.13 58.39
N UNK K 1056 -85.05 -83.49 57.31
CA UNK K 1056 -84.90 -83.99 55.94
C UNK K 1056 -83.50 -84.54 55.60
N UNK K 1057 -82.53 -84.29 56.47
CA UNK K 1057 -81.16 -84.77 56.25
C UNK K 1057 -80.53 -84.21 54.97
N UNK K 1058 -80.94 -83.00 54.58
CA UNK K 1058 -80.42 -82.37 53.37
C UNK K 1058 -79.76 -81.00 53.60
N UNK K 1059 -80.37 -80.18 54.47
CA UNK K 1059 -79.85 -78.86 54.79
C UNK K 1059 -79.06 -78.88 56.09
N UNK K 1060 -77.82 -78.43 56.02
CA UNK K 1060 -76.97 -78.37 57.21
C UNK K 1060 -76.82 -76.92 57.64
N UNK K 1061 -77.20 -76.61 58.89
CA UNK K 1061 -77.09 -75.24 59.41
C UNK K 1061 -75.76 -75.12 60.16
N UNK K 1062 -75.08 -73.99 59.96
CA UNK K 1062 -73.78 -73.75 60.57
C UNK K 1062 -73.74 -72.44 61.35
N UNK K 1063 -72.88 -72.36 62.38
CA UNK K 1063 -72.75 -71.16 63.18
C UNK K 1063 -71.33 -70.99 63.71
N UNK K 1064 -70.88 -66.23 62.10
CA UNK K 1064 -72.25 -65.94 61.68
C UNK K 1064 -72.91 -67.23 61.26
N UNK K 1065 -74.23 -67.19 61.09
CA UNK K 1065 -74.97 -68.37 60.66
C UNK K 1065 -74.76 -68.56 59.15
N UNK K 1066 -74.96 -69.77 58.65
CA UNK K 1066 -74.73 -70.04 57.23
C UNK K 1066 -75.30 -71.41 56.93
N UNK K 1067 -76.29 -71.47 56.05
CA UNK K 1067 -76.91 -72.74 55.66
C UNK K 1067 -76.22 -73.36 54.44
N UNK K 1068 -76.31 -74.69 54.31
CA UNK K 1068 -75.69 -75.39 53.18
C UNK K 1068 -76.60 -76.42 52.49
N UNK K 1069 -76.02 -77.08 51.49
CA UNK K 1069 -76.71 -78.10 50.70
C UNK K 1069 -75.91 -79.39 50.71
N UNK K 1070 -76.50 -80.45 51.28
CA UNK K 1070 -75.84 -81.76 51.35
C UNK K 1070 -75.36 -82.20 49.96
N UNK K 1071 -76.05 -62.57 58.74
CA UNK K 1071 -74.88 -61.96 59.31
C UNK K 1071 -75.39 -61.28 60.58
N UNK K 1072 -74.84 -61.67 61.71
CA UNK K 1072 -75.22 -61.07 62.97
C UNK K 1072 -74.23 -59.95 63.23
N UNK K 1073 -74.69 -58.86 63.84
CA UNK K 1073 -73.82 -57.73 64.16
C UNK K 1073 -72.50 -58.26 64.76
N UNK K 1074 -72.64 -59.13 65.77
CA UNK K 1074 -71.47 -59.69 66.40
C UNK K 1074 -71.06 -61.03 65.83
N UNK K 1075 -69.97 -61.57 66.36
CA UNK K 1075 -69.46 -62.85 65.91
C UNK K 1075 -69.28 -63.79 67.07
N UNK K 1076 -68.45 -64.80 66.84
CA UNK K 1076 -68.14 -65.82 67.82
C UNK K 1076 -69.38 -66.31 68.51
N UNK K 1077 -70.26 -66.90 67.74
CA UNK K 1077 -71.47 -67.45 68.30
C UNK K 1077 -71.04 -68.78 68.91
N UNK K 1078 -71.94 -69.43 69.63
CA UNK K 1078 -71.65 -70.75 70.20
C UNK K 1078 -72.41 -71.97 69.73
N UNK K 1079 -73.63 -72.13 70.24
CA UNK K 1079 -74.48 -73.25 69.86
C UNK K 1079 -75.79 -72.70 69.33
N UNK K 1080 -76.08 -73.00 68.07
CA UNK K 1080 -77.22 -72.38 67.42
C UNK K 1080 -78.37 -73.28 67.82
N UNK K 1081 -79.48 -72.71 68.27
CA UNK K 1081 -80.61 -73.55 68.67
C UNK K 1081 -81.66 -73.70 67.59
N UNK K 1082 -81.53 -74.74 66.76
CA UNK K 1082 -82.52 -74.99 65.70
C UNK K 1082 -83.71 -75.61 66.43
N UNK K 1083 -84.82 -75.79 65.74
CA UNK K 1083 -85.98 -76.38 66.39
C UNK K 1083 -86.47 -77.59 65.60
N UNK K 1084 -87.60 -78.18 66.03
CA UNK K 1084 -88.14 -79.34 65.32
C UNK K 1084 -88.40 -79.02 63.84
N UNK K 1085 -89.33 -78.10 63.60
CA UNK K 1085 -89.70 -77.68 62.26
C UNK K 1085 -88.55 -77.10 61.44
N UNK K 1086 -87.40 -76.85 62.07
CA UNK K 1086 -86.23 -76.27 61.39
C UNK K 1086 -86.65 -74.94 60.79
N UNK K 1087 -87.60 -74.30 61.44
CA UNK K 1087 -88.18 -73.04 60.98
C UNK K 1087 -88.11 -71.96 62.06
N UNK K 1088 -87.18 -72.13 63.02
CA UNK K 1088 -86.99 -71.17 64.10
C UNK K 1088 -85.56 -71.36 64.60
N UNK K 1089 -84.87 -70.25 64.86
CA UNK K 1089 -83.49 -70.34 65.33
C UNK K 1089 -83.25 -69.31 66.42
N UNK K 1090 -82.39 -69.64 67.37
CA UNK K 1090 -82.07 -68.72 68.46
C UNK K 1090 -80.58 -68.76 68.74
N UNK K 1091 -79.99 -67.58 68.92
CA UNK K 1091 -78.57 -67.51 69.22
C UNK K 1091 -78.24 -66.19 69.88
N UNK K 1092 -76.97 -66.02 70.22
CA UNK K 1092 -76.54 -64.80 70.89
C UNK K 1092 -75.09 -64.52 70.56
N UNK K 1093 -74.83 -63.35 69.98
CA UNK K 1093 -73.46 -62.96 69.60
C UNK K 1093 -72.75 -62.27 70.74
N UNK K 1094 -71.43 -62.15 70.63
CA UNK K 1094 -70.66 -61.50 71.69
C UNK K 1094 -71.02 -60.04 71.88
N UNK K 1095 -72.03 -59.57 71.16
CA UNK K 1095 -72.47 -58.22 71.35
C UNK K 1095 -73.66 -58.29 72.29
N UNK K 1096 -73.93 -59.51 72.77
CA UNK K 1096 -75.02 -59.71 73.71
C UNK K 1096 -76.39 -59.49 73.10
N UNK K 1097 -76.46 -59.64 71.79
CA UNK K 1097 -77.70 -59.46 71.09
C UNK K 1097 -78.41 -60.81 70.96
N UNK K 1098 -79.69 -60.84 71.33
CA UNK K 1098 -80.47 -62.06 71.27
C UNK K 1098 -81.21 -62.26 69.92
N UNK K 1099 -80.66 -63.11 69.07
CA UNK K 1099 -81.30 -63.36 67.78
C UNK K 1099 -82.28 -64.53 67.81
N UNK K 1100 -83.56 -64.23 67.59
CA UNK K 1100 -84.58 -65.26 67.51
C UNK K 1100 -85.12 -65.19 66.08
N UNK K 1101 -84.46 -65.89 65.17
CA UNK K 1101 -84.84 -65.90 63.77
C UNK K 1101 -85.95 -66.93 63.49
N UNK K 1102 -86.64 -66.79 62.38
CA UNK K 1102 -87.72 -67.71 62.05
C UNK K 1102 -88.21 -67.60 60.61
N TYR L 10 -24.01 -30.79 29.95
CA TYR L 10 -24.64 -31.55 28.89
C TYR L 10 -25.44 -32.69 29.47
N GLN L 11 -25.54 -33.81 28.77
CA GLN L 11 -26.34 -34.93 29.26
C GLN L 11 -25.71 -36.27 28.94
N TYR L 12 -25.76 -37.19 29.90
CA TYR L 12 -25.24 -38.53 29.69
C TYR L 12 -25.87 -39.31 28.57
N LYS L 13 -27.18 -39.22 28.46
CA LYS L 13 -27.87 -39.99 27.46
C LYS L 13 -27.48 -39.60 26.04
N ASP L 14 -27.38 -38.31 25.77
CA ASP L 14 -26.98 -37.85 24.46
C ASP L 14 -25.55 -38.26 24.12
N ILE L 15 -24.67 -38.19 25.09
CA ILE L 15 -23.27 -38.42 24.85
C ILE L 15 -23.08 -39.82 24.32
N LEU L 16 -23.87 -40.76 24.82
CA LEU L 16 -23.58 -42.18 24.68
C LEU L 16 -23.46 -42.62 23.26
N SER L 17 -24.43 -42.20 22.49
CA SER L 17 -24.55 -42.67 21.10
C SER L 17 -23.27 -42.43 20.29
N VAL L 18 -22.55 -41.37 20.68
CA VAL L 18 -21.32 -40.99 20.03
C VAL L 18 -20.35 -42.15 19.86
N PHE L 19 -19.92 -42.74 20.96
CA PHE L 19 -18.92 -43.80 20.89
C PHE L 19 -19.60 -45.15 20.95
N GLU L 20 -20.67 -45.29 20.17
CA GLU L 20 -21.30 -46.59 19.97
C GLU L 20 -20.39 -47.44 19.09
N ASP L 21 -19.67 -46.80 18.15
CA ASP L 21 -18.67 -47.47 17.32
C ASP L 21 -17.78 -48.41 18.14
N ALA L 22 -17.36 -47.92 19.31
CA ALA L 22 -16.51 -48.68 20.24
C ALA L 22 -17.33 -49.79 20.93
N PHE L 23 -18.50 -49.45 21.43
CA PHE L 23 -19.34 -50.38 22.18
C PHE L 23 -19.61 -51.71 21.46
N VAL L 24 -19.55 -51.69 20.13
CA VAL L 24 -19.66 -52.91 19.33
C VAL L 24 -18.36 -53.66 19.33
N ASP L 25 -17.29 -52.88 19.29
CA ASP L 25 -15.97 -53.44 19.23
C ASP L 25 -15.63 -54.31 20.43
N ASN L 26 -15.86 -53.84 21.65
CA ASN L 26 -15.59 -54.72 22.80
C ASN L 26 -16.69 -55.08 23.80
N PHE L 27 -17.65 -54.20 24.03
CA PHE L 27 -18.68 -54.48 25.02
C PHE L 27 -19.50 -55.63 24.52
N ASP L 28 -19.89 -56.52 25.44
CA ASP L 28 -21.01 -57.42 25.18
C ASP L 28 -22.00 -57.52 26.33
N CYS L 29 -23.27 -57.29 26.03
CA CYS L 29 -24.30 -57.47 27.05
C CYS L 29 -24.53 -58.90 27.49
N LYS L 30 -24.68 -59.78 26.51
CA LYS L 30 -25.14 -61.15 26.75
C LYS L 30 -24.42 -61.76 27.94
N ASP L 31 -23.11 -61.74 27.90
CA ASP L 31 -22.32 -62.17 29.05
C ASP L 31 -22.62 -61.20 30.15
N VAL L 32 -22.73 -59.95 29.73
CA VAL L 32 -22.44 -58.77 30.52
C VAL L 32 -23.59 -58.24 31.35
N GLN L 33 -24.05 -59.03 32.32
CA GLN L 33 -25.15 -58.56 33.15
C GLN L 33 -25.28 -59.09 34.56
N ASP L 34 -24.99 -58.23 35.53
CA ASP L 34 -25.71 -58.08 36.77
C ASP L 34 -27.09 -57.56 36.33
N MET L 35 -27.06 -56.66 35.35
CA MET L 35 -28.25 -56.03 34.83
C MET L 35 -29.14 -55.34 35.86
N PRO L 36 -28.51 -54.38 36.66
CA PRO L 36 -29.32 -54.00 37.84
C PRO L 36 -30.64 -53.41 37.43
N LYS L 37 -31.65 -53.92 38.09
CA LYS L 37 -32.98 -54.07 37.56
C LYS L 37 -33.54 -52.74 37.18
N SER L 38 -33.26 -51.73 37.99
CA SER L 38 -33.73 -50.38 37.68
C SER L 38 -33.05 -49.63 36.51
N ILE L 39 -31.72 -49.62 36.43
CA ILE L 39 -31.07 -49.08 35.23
C ILE L 39 -31.61 -49.74 33.94
N LEU L 40 -31.55 -51.06 33.88
CA LEU L 40 -32.12 -51.81 32.76
C LEU L 40 -33.13 -52.86 33.24
N SER L 41 -34.24 -52.97 32.52
CA SER L 41 -35.27 -53.95 32.87
C SER L 41 -34.68 -55.36 32.85
N LYS L 42 -35.47 -56.37 33.25
CA LYS L 42 -34.93 -57.71 33.37
C LYS L 42 -35.22 -58.47 32.08
N GLU L 43 -36.35 -58.14 31.45
CA GLU L 43 -36.69 -58.64 30.12
C GLU L 43 -35.76 -58.05 29.08
N GLU L 44 -35.67 -56.72 29.10
CA GLU L 44 -34.88 -55.99 28.13
C GLU L 44 -33.41 -56.42 28.15
N ILE L 45 -32.91 -56.63 29.35
CA ILE L 45 -31.70 -57.35 29.53
C ILE L 45 -32.01 -58.73 28.96
N ASP L 46 -33.23 -59.17 29.22
CA ASP L 46 -33.65 -60.45 28.74
C ASP L 46 -33.61 -60.38 27.23
N HIS L 47 -34.17 -59.31 26.68
CA HIS L 47 -34.30 -59.23 25.25
C HIS L 47 -32.97 -59.17 24.53
N ILE L 48 -32.10 -58.30 25.00
CA ILE L 48 -30.98 -57.91 24.19
C ILE L 48 -30.05 -59.05 23.84
N ILE L 49 -29.65 -59.82 24.84
CA ILE L 49 -28.57 -60.80 24.68
C ILE L 49 -28.95 -61.86 23.67
N MET L 50 -30.25 -61.95 23.44
CA MET L 50 -30.79 -62.94 22.55
C MET L 50 -30.97 -62.44 21.13
N SER L 51 -30.64 -61.19 20.87
CA SER L 51 -30.62 -60.70 19.50
C SER L 51 -29.38 -61.24 18.78
N LYS L 52 -29.42 -61.27 17.46
CA LYS L 52 -28.51 -62.11 16.70
C LYS L 52 -27.03 -61.81 16.85
N ASP L 53 -26.65 -60.56 16.79
CA ASP L 53 -25.26 -60.19 16.48
C ASP L 53 -24.58 -59.31 17.50
N ALA L 54 -23.50 -58.65 17.08
CA ALA L 54 -22.96 -57.58 17.89
C ALA L 54 -23.47 -56.21 17.49
N VAL L 55 -23.54 -55.93 16.20
CA VAL L 55 -23.91 -54.59 15.76
C VAL L 55 -25.32 -54.22 16.13
N SER L 56 -26.14 -55.23 16.35
CA SER L 56 -27.56 -55.09 16.62
C SER L 56 -27.79 -55.05 18.13
N GLY L 57 -27.01 -55.83 18.85
CA GLY L 57 -27.10 -55.79 20.29
C GLY L 57 -26.71 -54.42 20.77
N THR L 58 -25.66 -53.86 20.21
CA THR L 58 -25.32 -52.60 20.79
C THR L 58 -26.64 -51.87 20.66
N LEU L 59 -27.28 -51.96 19.50
CA LEU L 59 -28.36 -51.07 19.16
C LEU L 59 -29.57 -51.15 20.07
N ARG L 60 -29.91 -52.36 20.50
CA ARG L 60 -30.93 -52.45 21.52
C ARG L 60 -30.43 -51.82 22.80
N LEU L 61 -29.20 -52.12 23.20
CA LEU L 61 -28.75 -51.61 24.48
C LEU L 61 -28.82 -50.09 24.49
N PHE L 62 -28.18 -49.48 23.49
CA PHE L 62 -28.14 -48.03 23.40
C PHE L 62 -29.53 -47.48 23.13
N TRP L 63 -30.42 -48.29 22.58
CA TRP L 63 -31.76 -47.81 22.32
C TRP L 63 -32.59 -47.75 23.59
N THR L 64 -32.89 -48.92 24.17
CA THR L 64 -33.75 -49.01 25.35
C THR L 64 -33.27 -48.12 26.50
N LEU L 65 -31.96 -48.07 26.66
CA LEU L 65 -31.35 -47.35 27.78
C LEU L 65 -31.43 -45.83 27.62
N LEU L 66 -31.52 -45.40 26.37
CA LEU L 66 -31.91 -44.05 26.01
C LEU L 66 -33.33 -43.75 26.44
N SER L 67 -34.16 -44.79 26.43
CA SER L 67 -35.58 -44.65 26.72
C SER L 67 -35.84 -44.22 28.16
N LYS L 68 -35.03 -44.76 29.05
CA LYS L 68 -35.18 -44.56 30.48
C LYS L 68 -34.76 -43.17 30.91
N GLN L 69 -35.21 -42.75 32.09
CA GLN L 69 -34.97 -41.40 32.57
C GLN L 69 -33.47 -41.18 32.70
N GLU L 70 -33.06 -39.95 32.43
CA GLU L 70 -31.67 -39.59 32.22
C GLU L 70 -30.77 -39.83 33.42
N GLU L 71 -31.37 -40.02 34.59
CA GLU L 71 -30.62 -40.13 35.83
C GLU L 71 -30.02 -41.52 36.07
N MET L 72 -30.73 -42.57 35.63
CA MET L 72 -30.28 -43.91 35.93
C MET L 72 -29.10 -44.27 35.04
N VAL L 73 -29.19 -43.91 33.77
CA VAL L 73 -28.15 -44.33 32.87
C VAL L 73 -26.87 -44.20 33.66
N GLN L 74 -26.74 -43.08 34.38
CA GLN L 74 -25.57 -42.83 35.19
C GLN L 74 -25.21 -44.07 35.99
N LYS L 75 -26.23 -44.82 36.38
CA LYS L 75 -26.03 -46.05 37.10
C LYS L 75 -25.21 -46.92 36.18
N PHE L 76 -25.64 -46.89 34.93
CA PHE L 76 -25.06 -47.71 33.90
C PHE L 76 -23.70 -47.19 33.53
N VAL L 77 -23.67 -45.90 33.29
CA VAL L 77 -22.48 -45.23 32.84
C VAL L 77 -21.38 -45.33 33.88
N GLU L 78 -21.76 -45.27 35.14
CA GLU L 78 -20.75 -45.15 36.16
C GLU L 78 -20.48 -46.40 36.96
N GLU L 79 -21.33 -46.66 37.93
CA GLU L 79 -21.10 -47.77 38.81
C GLU L 79 -21.14 -49.11 38.12
N VAL L 80 -22.12 -49.29 37.25
CA VAL L 80 -22.25 -50.56 36.52
C VAL L 80 -21.05 -50.84 35.61
N LEU L 81 -20.96 -50.06 34.56
CA LEU L 81 -20.14 -50.40 33.43
C LEU L 81 -18.71 -50.47 33.87
N ARG L 82 -18.44 -49.73 34.94
CA ARG L 82 -17.17 -49.72 35.61
C ARG L 82 -16.81 -51.05 36.24
N ILE L 83 -17.81 -51.76 36.74
CA ILE L 83 -17.54 -52.93 37.54
C ILE L 83 -16.77 -54.02 36.79
N ASN L 84 -17.12 -54.24 35.54
CA ASN L 84 -16.33 -55.14 34.71
C ASN L 84 -15.59 -54.38 33.63
N TYR L 85 -15.65 -53.06 33.69
CA TYR L 85 -15.09 -52.27 32.61
C TYR L 85 -14.36 -51.07 33.16
N LYS L 86 -13.27 -50.74 32.45
CA LYS L 86 -12.49 -49.51 32.60
C LYS L 86 -12.31 -48.69 31.34
N PHE L 87 -11.67 -49.32 30.36
CA PHE L 87 -11.31 -48.70 29.10
C PHE L 87 -12.48 -47.90 28.60
N LEU L 88 -13.64 -48.53 28.57
CA LEU L 88 -14.82 -47.81 28.26
C LEU L 88 -15.26 -46.59 29.09
N MET L 89 -15.52 -46.80 30.38
CA MET L 89 -16.11 -45.77 31.24
C MET L 89 -15.51 -44.38 31.03
N SER L 90 -14.18 -44.32 31.00
CA SER L 90 -13.48 -43.08 30.93
C SER L 90 -13.82 -42.42 29.61
N PRO L 91 -13.77 -43.25 28.48
CA PRO L 91 -14.12 -42.55 27.24
C PRO L 91 -15.45 -41.83 27.29
N ILE L 92 -16.51 -42.40 27.81
CA ILE L 92 -17.73 -41.60 27.90
C ILE L 92 -17.54 -40.45 28.87
N LYS L 93 -17.03 -40.79 30.05
CA LYS L 93 -16.95 -39.84 31.16
C LYS L 93 -16.17 -38.59 30.77
N THR L 94 -15.21 -38.76 29.88
CA THR L 94 -14.39 -37.67 29.44
C THR L 94 -15.26 -36.83 28.54
N GLU L 95 -16.41 -37.38 28.23
CA GLU L 95 -17.38 -36.72 27.36
C GLU L 95 -18.40 -35.85 28.08
N GLN L 96 -18.93 -36.36 29.16
CA GLN L 96 -20.03 -35.68 29.71
C GLN L 96 -19.45 -34.30 29.95
N ARG L 97 -18.26 -34.19 30.51
CA ARG L 97 -17.62 -32.90 30.49
C ARG L 97 -17.08 -32.44 29.13
N GLN L 98 -16.35 -33.31 28.45
CA GLN L 98 -15.51 -32.88 27.34
C GLN L 98 -16.16 -32.38 26.06
N PRO L 99 -17.18 -33.08 25.61
CA PRO L 99 -17.96 -32.65 24.46
C PRO L 99 -17.13 -32.24 23.22
N SER L 100 -16.29 -33.14 22.71
CA SER L 100 -15.38 -32.81 21.63
C SER L 100 -16.17 -32.26 20.49
N MET L 101 -15.63 -31.28 19.78
CA MET L 101 -16.49 -30.43 18.99
C MET L 101 -17.29 -31.20 17.95
N MET L 102 -16.66 -32.06 17.19
CA MET L 102 -17.51 -32.87 16.34
C MET L 102 -18.73 -33.42 17.10
N THR L 103 -18.51 -33.87 18.34
CA THR L 103 -19.58 -34.42 19.16
C THR L 103 -20.70 -33.42 19.37
N ARG L 104 -20.39 -32.25 19.89
CA ARG L 104 -21.44 -31.30 20.11
C ARG L 104 -21.99 -31.01 18.76
N MET L 105 -21.17 -30.94 17.75
CA MET L 105 -21.79 -30.53 16.52
C MET L 105 -22.89 -31.51 16.21
N TYR L 106 -22.68 -32.81 16.44
CA TYR L 106 -23.74 -33.74 16.13
C TYR L 106 -24.97 -33.50 16.97
N ILE L 107 -24.79 -33.40 18.28
CA ILE L 107 -25.95 -33.36 19.15
C ILE L 107 -26.70 -32.14 18.79
N GLU L 108 -25.96 -31.09 18.49
CA GLU L 108 -26.57 -29.83 18.18
C GLU L 108 -27.46 -30.06 17.00
N GLN L 109 -26.91 -30.75 16.01
CA GLN L 109 -27.73 -31.06 14.89
C GLN L 109 -28.78 -32.02 15.33
N ARG L 110 -28.43 -33.03 16.09
CA ARG L 110 -29.40 -34.09 16.18
C ARG L 110 -30.69 -33.54 16.71
N ASP L 111 -30.64 -32.69 17.73
CA ASP L 111 -31.87 -32.17 18.29
C ASP L 111 -32.59 -31.40 17.22
N ARG L 112 -31.85 -30.76 16.35
CA ARG L 112 -32.52 -29.98 15.35
C ARG L 112 -33.45 -30.95 14.68
N LEU L 113 -32.97 -32.17 14.57
CA LEU L 113 -33.73 -33.21 13.89
C LEU L 113 -35.02 -33.60 14.58
N TYR L 114 -34.95 -33.80 15.88
CA TYR L 114 -36.11 -34.26 16.60
C TYR L 114 -37.08 -33.18 16.58
N ASN L 115 -36.57 -32.03 16.98
CA ASN L 115 -37.33 -30.89 17.40
C ASN L 115 -38.18 -30.46 16.24
N ASP L 116 -37.59 -30.39 15.07
CA ASP L 116 -38.38 -30.05 13.92
C ASP L 116 -39.37 -31.13 13.65
N ASN L 117 -38.95 -32.37 13.83
CA ASN L 117 -39.83 -33.51 13.64
C ASN L 117 -40.98 -33.64 14.63
N GLN L 118 -40.74 -33.23 15.87
CA GLN L 118 -41.81 -33.16 16.86
C GLN L 118 -42.35 -34.51 17.33
N VAL L 119 -43.31 -35.06 16.59
CA VAL L 119 -44.06 -36.19 17.07
C VAL L 119 -43.09 -37.32 17.21
N PHE L 120 -42.19 -37.40 16.27
CA PHE L 120 -41.32 -38.53 16.23
C PHE L 120 -40.55 -38.60 17.54
N ALA L 121 -39.99 -37.50 18.02
CA ALA L 121 -39.19 -37.62 19.23
C ALA L 121 -39.86 -38.40 20.38
N LYS L 122 -41.19 -38.54 20.35
CA LYS L 122 -41.89 -39.25 21.41
C LYS L 122 -42.35 -40.64 20.99
N TYR L 123 -43.08 -40.68 19.88
CA TYR L 123 -43.72 -41.92 19.46
C TYR L 123 -42.73 -42.81 18.71
N ASN L 124 -41.62 -42.33 18.24
CA ASN L 124 -40.89 -43.19 17.32
C ASN L 124 -40.47 -44.38 18.10
N VAL L 125 -40.54 -45.56 17.48
CA VAL L 125 -39.87 -46.75 18.00
C VAL L 125 -38.96 -47.37 16.97
N SER L 126 -37.71 -47.61 17.34
CA SER L 126 -36.70 -48.05 16.39
C SER L 126 -36.90 -49.50 15.96
N ARG L 127 -37.02 -49.71 14.64
CA ARG L 127 -37.13 -51.06 14.13
C ARG L 127 -35.78 -51.53 13.69
N LEU L 128 -35.27 -52.52 14.40
CA LEU L 128 -33.91 -52.95 14.19
C LEU L 128 -33.69 -53.51 12.83
N GLN L 129 -34.62 -54.28 12.35
CA GLN L 129 -34.36 -54.97 11.12
C GLN L 129 -34.23 -54.06 9.96
N PRO L 130 -35.11 -53.07 9.88
CA PRO L 130 -35.18 -52.19 8.71
C PRO L 130 -34.21 -51.02 8.84
N TYR L 131 -33.69 -50.78 10.04
CA TYR L 131 -32.76 -49.68 10.19
C TYR L 131 -31.44 -50.22 9.84
N LEU L 132 -31.12 -51.37 10.38
CA LEU L 132 -29.79 -51.89 10.26
C LEU L 132 -29.57 -52.12 8.80
N LYS L 133 -30.67 -52.41 8.12
CA LYS L 133 -30.64 -52.70 6.70
C LYS L 133 -30.39 -51.43 5.91
N LEU L 134 -30.99 -50.33 6.38
CA LEU L 134 -30.81 -49.04 5.76
C LEU L 134 -29.46 -48.44 6.00
N ARG L 135 -29.02 -48.49 7.24
CA ARG L 135 -27.86 -47.76 7.64
C ARG L 135 -26.67 -48.24 6.85
N GLN L 136 -26.66 -49.50 6.50
CA GLN L 136 -25.52 -49.99 5.78
C GLN L 136 -25.45 -49.20 4.50
N ALA L 137 -26.58 -48.88 3.91
CA ALA L 137 -26.55 -48.16 2.66
C ALA L 137 -25.87 -46.81 2.84
N LEU L 138 -26.24 -46.08 3.88
CA LEU L 138 -25.77 -44.70 4.02
C LEU L 138 -24.28 -44.55 4.17
N LEU L 139 -23.64 -45.49 4.84
CA LEU L 139 -22.20 -45.50 4.88
C LEU L 139 -21.55 -45.71 3.50
N GLU L 140 -22.14 -46.55 2.64
CA GLU L 140 -21.53 -46.85 1.35
C GLU L 140 -21.81 -45.76 0.33
N LEU L 141 -23.09 -45.35 0.27
CA LEU L 141 -23.61 -44.40 -0.70
C LEU L 141 -22.65 -43.27 -1.09
N ARG L 142 -22.38 -43.16 -2.38
CA ARG L 142 -21.30 -42.33 -2.91
C ARG L 142 -21.80 -40.90 -3.17
N PRO L 143 -20.89 -39.94 -3.50
CA PRO L 143 -21.43 -38.58 -3.45
C PRO L 143 -22.46 -38.29 -4.54
N ALA L 144 -22.69 -39.23 -5.46
CA ALA L 144 -23.65 -39.02 -6.53
C ALA L 144 -24.70 -40.13 -6.66
N LYS L 145 -24.46 -41.25 -5.98
CA LYS L 145 -25.46 -42.33 -5.91
C LYS L 145 -26.63 -41.91 -5.03
N ASN L 146 -27.63 -42.79 -4.89
CA ASN L 146 -28.74 -42.53 -3.98
C ASN L 146 -29.52 -43.75 -3.51
N VAL L 147 -29.70 -43.86 -2.21
CA VAL L 147 -30.29 -45.05 -1.61
C VAL L 147 -31.77 -44.88 -1.36
N LEU L 148 -32.58 -45.57 -2.12
CA LEU L 148 -34.02 -45.42 -2.06
C LEU L 148 -34.75 -46.41 -1.13
N ILE L 149 -35.75 -45.90 -0.42
CA ILE L 149 -36.64 -46.70 0.42
C ILE L 149 -38.06 -46.59 -0.09
N ASP L 150 -38.82 -47.68 -0.04
CA ASP L 150 -40.22 -47.60 -0.40
C ASP L 150 -41.02 -48.66 0.34
N GLY L 151 -42.13 -48.25 0.92
CA GLY L 151 -43.02 -49.17 1.57
C GLY L 151 -44.46 -48.83 1.26
N VAL L 152 -45.37 -49.67 1.69
CA VAL L 152 -46.76 -49.44 1.37
C VAL L 152 -47.02 -48.23 2.21
N LEU L 153 -48.09 -47.51 1.94
CA LEU L 153 -48.22 -46.21 2.54
C LEU L 153 -48.23 -46.41 4.04
N GLY L 154 -47.75 -45.44 4.78
CA GLY L 154 -47.68 -45.60 6.22
C GLY L 154 -46.85 -46.76 6.65
N SER L 155 -45.79 -47.00 5.92
CA SER L 155 -44.75 -47.86 6.41
C SER L 155 -43.72 -47.01 7.12
N GLY L 156 -44.07 -45.75 7.33
CA GLY L 156 -43.27 -44.90 8.15
C GLY L 156 -41.89 -45.07 7.61
N LYS L 157 -41.73 -44.90 6.29
CA LYS L 157 -40.40 -44.97 5.75
C LYS L 157 -39.60 -43.86 6.40
N THR L 158 -40.20 -42.70 6.47
CA THR L 158 -39.47 -41.51 6.78
C THR L 158 -38.84 -41.69 8.13
N TRP L 159 -39.69 -42.09 9.05
CA TRP L 159 -39.33 -42.32 10.44
C TRP L 159 -38.12 -43.20 10.60
N VAL L 160 -37.94 -44.17 9.70
CA VAL L 160 -36.73 -44.98 9.69
C VAL L 160 -35.56 -44.12 9.25
N ALA L 161 -35.78 -43.43 8.12
CA ALA L 161 -34.81 -42.49 7.58
C ALA L 161 -34.39 -41.51 8.66
N LEU L 162 -35.38 -40.92 9.32
CA LEU L 162 -35.13 -39.98 10.40
C LEU L 162 -34.24 -40.58 11.47
N ASP L 163 -34.40 -41.89 11.66
CA ASP L 163 -33.73 -42.55 12.75
C ASP L 163 -32.29 -42.90 12.39
N VAL L 164 -32.09 -43.42 11.19
CA VAL L 164 -30.72 -43.72 10.75
C VAL L 164 -29.95 -42.43 10.56
N CYS L 165 -30.64 -41.41 10.10
CA CYS L 165 -30.06 -40.09 9.95
C CYS L 165 -29.70 -39.53 11.32
N LEU L 166 -30.40 -39.97 12.35
CA LEU L 166 -30.11 -39.58 13.74
C LEU L 166 -28.82 -40.24 14.26
N SER L 167 -28.52 -41.43 13.78
CA SER L 167 -27.38 -42.18 14.24
C SER L 167 -26.09 -41.42 14.02
N TYR L 168 -25.28 -41.31 15.06
CA TYR L 168 -24.11 -40.53 14.92
C TYR L 168 -23.34 -41.10 13.78
N LYS L 169 -23.34 -42.41 13.65
CA LYS L 169 -22.59 -43.01 12.57
C LYS L 169 -23.12 -42.51 11.26
N VAL L 170 -24.43 -42.41 11.13
CA VAL L 170 -24.95 -41.94 9.87
C VAL L 170 -24.52 -40.54 9.69
N GLN L 171 -24.61 -39.75 10.74
CA GLN L 171 -24.40 -38.34 10.58
C GLN L 171 -23.00 -37.93 10.22
N CYS L 172 -22.02 -38.53 10.84
CA CYS L 172 -20.66 -38.10 10.58
C CYS L 172 -20.40 -38.32 9.11
N LYS L 173 -20.92 -39.41 8.58
CA LYS L 173 -20.67 -39.75 7.19
C LYS L 173 -21.37 -38.74 6.34
N MET L 174 -22.19 -37.93 6.96
CA MET L 174 -22.91 -36.91 6.24
C MET L 174 -22.55 -35.53 6.73
N ASP L 175 -21.69 -35.49 7.72
CA ASP L 175 -21.12 -34.27 8.21
C ASP L 175 -22.19 -33.31 8.63
N PHE L 176 -23.29 -33.87 9.07
CA PHE L 176 -24.27 -33.13 9.80
C PHE L 176 -25.01 -32.21 8.89
N LYS L 177 -24.98 -32.49 7.60
CA LYS L 177 -25.76 -31.63 6.71
C LYS L 177 -26.73 -32.51 5.98
N ILE L 178 -27.95 -32.60 6.49
CA ILE L 178 -28.94 -33.51 5.94
C ILE L 178 -30.23 -32.79 5.61
N PHE L 179 -30.23 -32.06 4.51
CA PHE L 179 -31.34 -31.19 4.18
C PHE L 179 -32.64 -31.95 3.85
N TRP L 180 -33.56 -32.00 4.80
CA TRP L 180 -34.85 -32.65 4.62
C TRP L 180 -35.73 -31.85 3.67
N LEU L 181 -36.53 -32.55 2.87
CA LEU L 181 -37.46 -31.90 1.96
C LEU L 181 -38.66 -32.80 1.65
N ASN L 182 -39.78 -32.61 2.32
CA ASN L 182 -40.96 -33.41 2.01
C ASN L 182 -41.57 -32.97 0.69
N LEU L 183 -41.48 -33.85 -0.31
CA LEU L 183 -41.98 -33.51 -1.63
C LEU L 183 -43.49 -33.78 -1.76
N LYS L 184 -44.27 -33.28 -0.82
CA LYS L 184 -45.71 -33.28 -0.99
C LYS L 184 -46.10 -32.13 -1.91
N ASN L 185 -47.08 -32.37 -2.77
CA ASN L 185 -47.44 -31.42 -3.82
C ASN L 185 -46.19 -31.11 -4.62
N CYS L 186 -45.69 -32.11 -5.35
CA CYS L 186 -44.43 -32.00 -6.05
C CYS L 186 -44.48 -32.60 -7.46
N ASN L 187 -45.68 -32.60 -8.04
CA ASN L 187 -45.84 -33.03 -9.43
C ASN L 187 -46.33 -31.85 -10.27
N SER L 188 -45.53 -30.81 -10.30
CA SER L 188 -45.76 -29.65 -11.15
C SER L 188 -44.36 -29.18 -11.44
N PRO L 189 -44.21 -28.35 -12.46
CA PRO L 189 -42.91 -27.78 -12.72
C PRO L 189 -42.57 -26.77 -11.69
N GLU L 190 -43.51 -25.88 -11.45
CA GLU L 190 -43.25 -24.70 -10.66
C GLU L 190 -42.93 -25.01 -9.20
N THR L 191 -43.66 -25.96 -8.64
CA THR L 191 -43.62 -26.13 -7.20
C THR L 191 -42.19 -26.44 -6.83
N VAL L 192 -41.51 -27.17 -7.69
CA VAL L 192 -40.12 -27.47 -7.42
C VAL L 192 -39.39 -26.15 -7.29
N LEU L 193 -39.87 -25.17 -8.03
CA LEU L 193 -39.31 -23.84 -7.87
C LEU L 193 -39.54 -23.36 -6.46
N GLU L 194 -40.69 -23.68 -5.91
CA GLU L 194 -40.89 -23.48 -4.48
C GLU L 194 -39.94 -24.34 -3.65
N MET L 195 -39.75 -25.58 -4.09
CA MET L 195 -38.95 -26.54 -3.34
C MET L 195 -37.46 -26.28 -3.48
N LEU L 196 -37.00 -26.17 -4.71
CA LEU L 196 -35.61 -25.83 -4.96
C LEU L 196 -35.27 -24.51 -4.29
N GLN L 197 -36.23 -23.60 -4.27
CA GLN L 197 -36.08 -22.36 -3.54
C GLN L 197 -35.78 -22.70 -2.09
N LYS L 198 -36.56 -23.60 -1.52
CA LYS L 198 -36.42 -23.94 -0.12
C LYS L 198 -35.14 -24.68 0.20
N LEU L 199 -34.65 -25.49 -0.74
CA LEU L 199 -33.39 -26.17 -0.55
C LEU L 199 -32.27 -25.14 -0.52
N LEU L 200 -32.28 -24.27 -1.52
CA LEU L 200 -31.32 -23.18 -1.59
C LEU L 200 -31.35 -22.39 -0.27
N TYR L 201 -32.55 -22.12 0.24
CA TYR L 201 -32.66 -21.43 1.53
C TYR L 201 -32.02 -22.23 2.67
N GLN L 202 -32.23 -23.54 2.68
CA GLN L 202 -31.55 -24.39 3.68
C GLN L 202 -30.05 -24.16 3.62
N ILE L 203 -29.51 -24.38 2.42
CA ILE L 203 -28.09 -24.22 2.15
C ILE L 203 -27.53 -22.87 2.65
N ASP L 204 -28.16 -21.77 2.25
CA ASP L 204 -27.67 -20.43 2.56
C ASP L 204 -28.67 -19.37 2.11
N PRO L 205 -28.90 -18.36 2.97
CA PRO L 205 -29.87 -17.30 2.66
C PRO L 205 -29.33 -16.28 1.66
N ASN L 206 -29.06 -16.74 0.44
CA ASN L 206 -28.51 -15.89 -0.61
C ASN L 206 -29.05 -16.29 -1.98
N TRP L 207 -29.44 -15.30 -2.77
CA TRP L 207 -29.57 -15.52 -4.21
C TRP L 207 -29.69 -14.22 -5.02
N THR L 208 -28.97 -14.20 -6.14
CA THR L 208 -29.10 -13.15 -7.14
C THR L 208 -30.30 -13.45 -8.04
N SER L 209 -31.49 -13.05 -7.59
CA SER L 209 -32.72 -13.40 -8.28
C SER L 209 -33.04 -12.46 -9.44
N ARG L 210 -32.03 -11.76 -9.95
CA ARG L 210 -32.20 -10.91 -11.13
C ARG L 210 -32.20 -11.75 -12.40
N SER L 211 -31.70 -12.98 -12.26
CA SER L 211 -31.67 -13.95 -13.35
C SER L 211 -33.09 -14.44 -13.64
N ASP L 212 -34.05 -14.08 -12.80
CA ASP L 212 -35.40 -14.57 -12.96
C ASP L 212 -36.01 -14.04 -14.25
N HIS L 213 -36.35 -14.97 -15.14
CA HIS L 213 -37.01 -14.63 -16.39
C HIS L 213 -38.30 -15.39 -16.46
N SER L 214 -39.40 -14.67 -16.21
CA SER L 214 -40.71 -15.29 -16.10
C SER L 214 -41.21 -15.82 -17.43
N SER L 215 -40.36 -15.81 -18.47
CA SER L 215 -40.68 -16.45 -19.74
C SER L 215 -41.03 -17.91 -19.49
N ASN L 216 -40.27 -18.54 -18.61
CA ASN L 216 -40.57 -19.89 -18.14
C ASN L 216 -40.32 -20.08 -16.66
N ILE L 217 -41.28 -20.72 -16.01
CA ILE L 217 -41.13 -21.22 -14.66
C ILE L 217 -40.30 -22.50 -14.80
N LYS L 218 -40.17 -22.94 -16.05
CA LYS L 218 -39.48 -24.19 -16.40
C LYS L 218 -38.04 -23.99 -16.88
N LEU L 219 -37.73 -22.75 -17.27
CA LEU L 219 -36.40 -22.39 -17.69
C LEU L 219 -35.65 -21.89 -16.47
N ARG L 220 -36.32 -21.05 -15.69
CA ARG L 220 -35.75 -20.52 -14.46
C ARG L 220 -35.40 -21.65 -13.49
N ILE L 221 -36.09 -22.78 -13.64
CA ILE L 221 -35.87 -23.93 -12.78
C ILE L 221 -34.48 -24.55 -13.02
N HIS L 222 -33.92 -24.31 -14.19
CA HIS L 222 -32.62 -24.89 -14.48
C HIS L 222 -31.60 -23.98 -13.83
N SER L 223 -31.93 -22.70 -13.72
CA SER L 223 -31.03 -21.77 -13.08
C SER L 223 -30.84 -22.09 -11.60
N ILE L 224 -31.90 -22.52 -10.94
CA ILE L 224 -31.81 -22.74 -9.50
C ILE L 224 -31.01 -24.02 -9.25
N GLN L 225 -31.19 -24.99 -10.13
CA GLN L 225 -30.41 -26.22 -10.06
C GLN L 225 -28.97 -25.90 -10.40
N ALA L 226 -28.81 -25.03 -11.38
CA ALA L 226 -27.50 -24.57 -11.82
C ALA L 226 -26.74 -23.96 -10.65
N GLU L 227 -27.40 -23.06 -9.93
CA GLU L 227 -26.80 -22.47 -8.74
C GLU L 227 -26.60 -23.52 -7.68
N LEU L 228 -27.66 -24.29 -7.41
CA LEU L 228 -27.62 -25.32 -6.38
C LEU L 228 -26.50 -26.33 -6.62
N ARG L 229 -26.21 -26.59 -7.89
CA ARG L 229 -25.12 -27.50 -8.24
C ARG L 229 -23.78 -26.91 -7.81
N ARG L 230 -23.48 -25.72 -8.30
CA ARG L 230 -22.25 -25.00 -7.96
C ARG L 230 -22.02 -24.93 -6.45
N LEU L 231 -23.08 -24.65 -5.71
CA LEU L 231 -22.96 -24.39 -4.29
C LEU L 231 -22.67 -25.67 -3.53
N LEU L 232 -23.20 -26.79 -4.00
CA LEU L 232 -23.07 -28.03 -3.24
C LEU L 232 -21.66 -28.63 -3.31
N LYS L 233 -21.15 -28.95 -4.51
CA LYS L 233 -19.76 -29.41 -4.58
C LYS L 233 -18.85 -28.23 -4.24
N SER L 234 -18.93 -27.94 -2.96
CA SER L 234 -18.16 -26.99 -2.25
C SER L 234 -17.75 -27.73 -0.98
N LYS L 235 -16.54 -27.53 -0.49
CA LYS L 235 -15.97 -28.62 0.26
C LYS L 235 -16.83 -29.00 1.44
N PRO L 236 -17.27 -28.02 2.23
CA PRO L 236 -17.98 -28.32 3.47
C PRO L 236 -19.22 -29.09 3.09
N TYR L 237 -19.80 -28.73 1.97
CA TYR L 237 -21.06 -29.31 1.57
C TYR L 237 -20.93 -30.53 0.73
N GLU L 238 -19.69 -30.92 0.46
CA GLU L 238 -19.37 -31.93 -0.54
C GLU L 238 -20.39 -33.04 -0.55
N ASN L 239 -20.49 -33.72 0.59
CA ASN L 239 -21.43 -34.81 0.71
C ASN L 239 -22.45 -34.46 1.74
N CYS L 240 -23.71 -34.44 1.37
CA CYS L 240 -24.75 -34.44 2.36
C CYS L 240 -25.94 -35.15 1.82
N LEU L 241 -26.50 -36.06 2.58
CA LEU L 241 -27.64 -36.82 2.12
C LEU L 241 -28.76 -35.84 2.00
N LEU L 242 -29.47 -35.76 0.91
CA LEU L 242 -30.57 -34.86 0.95
C LEU L 242 -31.56 -35.88 0.78
N VAL L 243 -32.55 -35.94 1.67
CA VAL L 243 -33.48 -37.05 1.77
C VAL L 243 -34.80 -36.56 1.28
N LEU L 244 -35.40 -37.25 0.34
CA LEU L 244 -36.68 -36.83 -0.19
C LEU L 244 -37.84 -37.70 0.24
N LEU L 245 -38.85 -37.11 0.83
CA LEU L 245 -39.87 -37.89 1.45
C LEU L 245 -41.12 -37.90 0.57
N ASN L 246 -41.58 -39.10 0.18
CA ASN L 246 -42.81 -39.25 -0.60
C ASN L 246 -42.65 -38.97 -2.07
N VAL L 247 -41.42 -38.73 -2.41
CA VAL L 247 -41.16 -38.32 -3.79
C VAL L 247 -42.32 -38.73 -4.67
N GLN L 248 -43.05 -37.75 -5.18
CA GLN L 248 -44.30 -38.02 -5.87
C GLN L 248 -44.09 -38.93 -7.06
N ASN L 249 -43.40 -38.43 -8.07
CA ASN L 249 -43.16 -39.25 -9.25
C ASN L 249 -41.73 -39.25 -9.70
N ALA L 250 -41.50 -39.89 -10.84
CA ALA L 250 -40.20 -39.90 -11.47
C ALA L 250 -39.81 -38.48 -11.84
N LYS L 251 -40.76 -37.75 -12.41
CA LYS L 251 -40.48 -36.44 -13.00
C LYS L 251 -39.90 -35.45 -11.97
N ALA L 252 -40.38 -35.53 -10.73
CA ALA L 252 -39.93 -34.62 -9.68
C ALA L 252 -38.47 -34.89 -9.35
N TRP L 253 -38.14 -36.18 -9.26
CA TRP L 253 -36.81 -36.65 -8.88
C TRP L 253 -35.75 -36.20 -9.88
N ASN L 254 -36.16 -36.08 -11.14
CA ASN L 254 -35.27 -35.66 -12.21
C ASN L 254 -34.66 -34.29 -11.90
N ALA L 255 -35.48 -33.40 -11.36
CA ALA L 255 -35.03 -32.06 -11.03
C ALA L 255 -34.17 -32.07 -9.77
N PHE L 256 -34.30 -33.08 -8.94
CA PHE L 256 -33.56 -32.98 -7.71
C PHE L 256 -32.21 -33.61 -7.70
N ASN L 257 -31.94 -34.50 -8.63
CA ASN L 257 -30.65 -35.15 -8.59
C ASN L 257 -29.60 -34.09 -8.84
N LEU L 258 -28.70 -33.90 -7.88
CA LEU L 258 -27.77 -32.80 -7.94
C LEU L 258 -26.34 -33.30 -7.88
N SER L 259 -26.11 -34.52 -8.36
CA SER L 259 -24.88 -35.23 -8.04
C SER L 259 -24.72 -35.20 -6.53
N CYS L 260 -25.84 -35.47 -5.85
CA CYS L 260 -25.96 -35.36 -4.41
C CYS L 260 -26.03 -36.75 -3.80
N LYS L 261 -25.49 -36.94 -2.60
CA LYS L 261 -25.64 -38.25 -1.94
C LYS L 261 -27.05 -38.41 -1.40
N ILE L 262 -28.06 -38.10 -2.21
CA ILE L 262 -29.44 -38.14 -1.71
C ILE L 262 -29.89 -39.57 -1.35
N LEU L 263 -31.07 -39.65 -0.75
CA LEU L 263 -31.73 -40.90 -0.44
C LEU L 263 -33.20 -40.55 -0.30
N LEU L 264 -34.09 -41.28 -0.90
CA LEU L 264 -35.43 -40.82 -0.89
C LEU L 264 -36.38 -41.84 -0.40
N THR L 265 -37.53 -41.39 0.05
CA THR L 265 -38.56 -42.30 0.44
C THR L 265 -39.60 -42.43 -0.65
N THR L 266 -39.51 -43.52 -1.38
CA THR L 266 -40.36 -43.78 -2.51
C THR L 266 -41.69 -43.98 -1.89
N ARG L 267 -42.76 -43.95 -2.67
CA ARG L 267 -44.10 -44.22 -2.15
C ARG L 267 -44.85 -45.13 -3.11
N PHE L 268 -44.63 -44.88 -4.40
CA PHE L 268 -45.19 -45.63 -5.49
C PHE L 268 -44.29 -46.73 -6.01
N LYS L 269 -44.88 -47.61 -6.80
CA LYS L 269 -44.11 -48.56 -7.53
C LYS L 269 -43.74 -47.92 -8.82
N GLN L 270 -44.23 -46.71 -9.07
CA GLN L 270 -43.83 -46.12 -10.34
C GLN L 270 -42.43 -45.52 -10.15
N VAL L 271 -42.19 -45.08 -8.92
CA VAL L 271 -40.93 -44.43 -8.57
C VAL L 271 -39.86 -45.46 -8.27
N THR L 272 -40.15 -46.39 -7.37
CA THR L 272 -39.21 -47.46 -7.05
C THR L 272 -38.97 -48.30 -8.29
N ASP L 273 -39.90 -48.23 -9.23
CA ASP L 273 -39.76 -48.90 -10.52
C ASP L 273 -38.67 -48.22 -11.33
N PHE L 274 -38.54 -46.92 -11.14
CA PHE L 274 -37.74 -46.09 -12.03
C PHE L 274 -36.28 -46.06 -11.63
N LEU L 275 -35.91 -45.70 -10.42
CA LEU L 275 -34.50 -45.78 -10.13
C LEU L 275 -34.01 -47.25 -10.11
N SER L 276 -32.96 -47.54 -10.84
CA SER L 276 -32.62 -48.92 -11.17
C SER L 276 -31.35 -49.30 -10.50
N ALA L 277 -31.33 -50.53 -10.03
CA ALA L 277 -30.61 -50.91 -8.87
C ALA L 277 -29.18 -50.52 -9.03
N ALA L 278 -28.67 -50.56 -10.25
CA ALA L 278 -27.24 -50.38 -10.42
C ALA L 278 -26.86 -49.03 -9.88
N THR L 279 -27.62 -47.99 -10.21
CA THR L 279 -27.36 -46.69 -9.61
C THR L 279 -27.61 -46.62 -8.09
N THR L 280 -28.70 -47.21 -7.62
CA THR L 280 -29.20 -46.98 -6.27
C THR L 280 -29.75 -48.26 -5.66
N THR L 281 -29.78 -48.39 -4.34
CA THR L 281 -30.03 -49.69 -3.72
C THR L 281 -31.44 -49.62 -3.17
N HIS L 282 -32.12 -50.74 -3.12
CA HIS L 282 -33.54 -50.62 -3.03
C HIS L 282 -33.95 -51.26 -1.76
N ILE L 283 -34.52 -50.47 -0.88
CA ILE L 283 -34.85 -50.95 0.42
C ILE L 283 -36.33 -50.97 0.41
N SER L 284 -36.94 -51.94 1.06
CA SER L 284 -38.37 -51.92 0.98
C SER L 284 -39.08 -52.19 2.26
N LEU L 285 -40.36 -52.40 2.14
CA LEU L 285 -41.14 -52.74 3.30
C LEU L 285 -42.38 -53.53 2.90
N ASP L 286 -42.34 -54.03 1.68
CA ASP L 286 -43.23 -55.07 1.30
C ASP L 286 -42.47 -56.29 1.77
N HIS L 287 -42.04 -56.29 3.01
CA HIS L 287 -41.16 -57.39 3.35
C HIS L 287 -41.41 -58.12 4.62
N HIS L 288 -41.14 -59.42 4.61
CA HIS L 288 -41.31 -60.19 5.80
C HIS L 288 -40.33 -59.64 6.84
N SER L 289 -39.08 -59.42 6.43
CA SER L 289 -38.10 -58.79 7.30
C SER L 289 -38.29 -57.31 7.59
N MET L 290 -38.46 -56.53 6.53
CA MET L 290 -38.59 -55.08 6.64
C MET L 290 -39.70 -54.69 7.61
N THR L 291 -40.81 -55.43 7.56
CA THR L 291 -41.93 -55.13 8.43
C THR L 291 -41.62 -55.64 9.81
N LEU L 292 -42.45 -55.22 10.76
CA LEU L 292 -42.22 -55.45 12.17
C LEU L 292 -42.41 -56.88 12.67
N THR L 293 -41.49 -57.32 13.51
CA THR L 293 -41.61 -58.56 14.24
C THR L 293 -42.74 -58.30 15.21
N PRO L 294 -43.55 -59.28 15.54
CA PRO L 294 -44.83 -58.88 16.15
C PRO L 294 -44.54 -57.92 17.26
N ASP L 295 -43.46 -58.14 17.99
CA ASP L 295 -43.30 -57.42 19.22
C ASP L 295 -43.27 -55.95 18.94
N GLU L 296 -42.53 -55.53 17.93
CA GLU L 296 -42.51 -54.12 17.70
C GLU L 296 -43.88 -53.61 18.03
N VAL L 297 -44.84 -54.38 17.59
CA VAL L 297 -46.19 -53.89 17.55
C VAL L 297 -46.71 -53.57 18.93
N LYS L 298 -46.36 -54.35 19.93
CA LYS L 298 -46.92 -53.99 21.22
C LYS L 298 -46.11 -52.86 21.85
N SER L 299 -44.82 -52.81 21.53
CA SER L 299 -43.98 -51.74 22.06
C SER L 299 -44.31 -50.43 21.37
N LEU L 300 -44.78 -50.51 20.12
CA LEU L 300 -45.20 -49.32 19.41
C LEU L 300 -46.53 -48.82 19.97
N LEU L 301 -47.47 -49.73 20.17
CA LEU L 301 -48.76 -49.38 20.74
C LEU L 301 -48.58 -48.77 22.12
N LEU L 302 -47.48 -49.10 22.78
CA LEU L 302 -47.16 -48.58 24.09
C LEU L 302 -46.85 -47.09 24.12
N LYS L 303 -46.08 -46.61 23.14
CA LYS L 303 -45.62 -45.23 23.10
C LYS L 303 -46.78 -44.25 23.27
N TYR L 304 -47.88 -44.51 22.58
CA TYR L 304 -49.08 -43.68 22.72
C TYR L 304 -49.88 -44.08 23.96
N LEU L 305 -49.87 -45.38 24.24
CA LEU L 305 -50.69 -45.96 25.31
C LEU L 305 -50.19 -45.65 26.71
N ASP L 306 -48.86 -45.71 26.87
CA ASP L 306 -48.18 -45.32 28.11
C ASP L 306 -48.56 -46.18 29.34
N CYS L 307 -48.43 -47.50 29.20
CA CYS L 307 -48.59 -48.44 30.33
C CYS L 307 -48.19 -49.87 29.93
N ARG L 308 -47.30 -50.47 30.70
CA ARG L 308 -46.73 -51.79 30.39
C ARG L 308 -47.69 -52.95 30.67
N PRO L 309 -48.58 -52.76 31.64
CA PRO L 309 -49.51 -53.81 32.02
C PRO L 309 -50.62 -53.98 30.99
N GLN L 310 -51.31 -52.88 30.70
CA GLN L 310 -52.43 -52.91 29.76
C GLN L 310 -51.99 -53.31 28.35
N ASP L 311 -50.68 -53.29 28.13
CA ASP L 311 -50.08 -53.73 26.87
C ASP L 311 -50.58 -55.12 26.49
N LEU L 312 -50.57 -56.02 27.46
CA LEU L 312 -51.04 -57.38 27.25
C LEU L 312 -52.54 -57.40 27.00
N PRO L 313 -53.15 -56.28 27.35
CA PRO L 313 -54.56 -56.03 27.16
C PRO L 313 -54.95 -56.07 25.67
N ARG L 314 -54.09 -55.61 24.77
CA ARG L 314 -54.49 -55.64 23.37
C ARG L 314 -53.86 -56.77 22.55
N GLU L 315 -54.70 -57.56 21.89
CA GLU L 315 -54.28 -58.50 20.85
C GLU L 315 -55.44 -58.86 19.91
N VAL L 316 -55.18 -59.35 18.70
CA VAL L 316 -53.92 -59.23 17.99
C VAL L 316 -54.13 -58.75 16.55
N LEU L 317 -53.46 -57.67 16.15
CA LEU L 317 -53.47 -57.26 14.74
C LEU L 317 -52.32 -56.30 14.40
N THR L 318 -52.06 -56.15 13.09
CA THR L 318 -50.81 -55.62 12.54
C THR L 318 -51.12 -54.95 11.20
N THR L 319 -50.12 -54.51 10.43
CA THR L 319 -48.70 -54.37 10.77
C THR L 319 -48.25 -52.96 10.41
N ASN L 320 -49.22 -52.26 9.83
CA ASN L 320 -49.04 -50.98 9.17
C ASN L 320 -49.11 -49.92 10.20
N PRO L 321 -48.01 -49.22 10.38
CA PRO L 321 -47.90 -48.36 11.54
C PRO L 321 -49.05 -47.38 11.47
N ARG L 322 -49.36 -46.91 10.26
CA ARG L 322 -50.45 -45.96 10.07
C ARG L 322 -51.74 -46.44 10.74
N ARG L 323 -52.04 -47.72 10.58
CA ARG L 323 -53.24 -48.28 11.17
C ARG L 323 -53.12 -48.33 12.69
N LEU L 324 -51.90 -48.60 13.10
CA LEU L 324 -51.48 -48.88 14.47
C LEU L 324 -51.32 -47.59 15.27
N SER L 325 -50.79 -46.56 14.63
CA SER L 325 -50.59 -45.27 15.28
C SER L 325 -51.91 -44.54 15.46
N ILE L 326 -52.75 -44.57 14.43
CA ILE L 326 -54.05 -43.91 14.46
C ILE L 326 -55.03 -44.69 15.34
N ILE L 327 -54.78 -45.98 15.48
CA ILE L 327 -55.57 -46.80 16.38
C ILE L 327 -55.16 -46.55 17.83
N ALA L 328 -53.86 -46.62 18.09
CA ALA L 328 -53.34 -46.53 19.46
C ALA L 328 -53.65 -45.17 20.09
N GLU L 329 -53.76 -44.14 19.27
CA GLU L 329 -54.15 -42.82 19.75
C GLU L 329 -55.66 -42.77 19.99
N SER L 330 -56.42 -43.45 19.13
CA SER L 330 -57.87 -43.51 19.25
C SER L 330 -58.32 -44.17 20.54
N ILE L 331 -57.71 -45.31 20.83
CA ILE L 331 -57.98 -46.05 22.06
C ILE L 331 -57.57 -45.23 23.27
N ARG L 332 -56.35 -44.71 23.24
CA ARG L 332 -55.82 -43.94 24.36
C ARG L 332 -56.64 -42.67 24.60
N ASP L 333 -57.18 -42.10 23.52
CA ASP L 333 -57.98 -40.90 23.63
C ASP L 333 -59.29 -41.02 22.88
N ALA L 336 -61.84 -46.66 23.76
CA ALA L 336 -62.35 -47.99 24.05
C ALA L 336 -61.79 -48.99 23.06
N THR L 337 -61.02 -49.95 23.57
CA THR L 337 -60.21 -50.84 22.74
C THR L 337 -60.98 -51.67 21.69
N TRP L 338 -62.26 -51.90 21.92
CA TRP L 338 -63.03 -52.74 21.00
C TRP L 338 -63.85 -51.97 19.98
N ASP L 339 -64.66 -51.03 20.46
CA ASP L 339 -65.39 -50.16 19.54
C ASP L 339 -64.43 -49.44 18.62
N ASN L 340 -63.37 -48.88 19.20
CA ASN L 340 -62.43 -48.06 18.45
C ASN L 340 -61.49 -48.85 17.55
N TRP L 341 -61.38 -50.16 17.77
CA TRP L 341 -60.51 -50.98 16.94
C TRP L 341 -61.08 -51.12 15.54
N LYS L 342 -62.40 -50.98 15.43
CA LYS L 342 -63.08 -51.16 14.14
C LYS L 342 -63.98 -49.98 13.76
N HIS L 343 -65.06 -49.77 14.50
CA HIS L 343 -66.08 -48.80 14.11
C HIS L 343 -65.60 -47.35 14.19
N VAL L 344 -64.76 -47.03 15.16
CA VAL L 344 -64.19 -45.69 15.23
C VAL L 344 -63.13 -45.55 14.13
N ASN L 345 -62.62 -44.32 13.94
CA ASN L 345 -61.73 -43.99 12.84
C ASN L 345 -62.37 -44.27 11.48
N CYS L 346 -63.70 -44.35 11.48
CA CYS L 346 -64.43 -44.43 10.23
C CYS L 346 -64.45 -43.04 9.61
N ASP L 347 -64.02 -42.06 10.40
CA ASP L 347 -63.89 -40.69 9.94
C ASP L 347 -62.42 -40.26 9.96
N LYS L 348 -61.51 -41.21 10.15
CA LYS L 348 -60.09 -40.90 10.20
C LYS L 348 -59.24 -41.73 9.24
N LEU L 349 -58.90 -42.94 9.60
CA LEU L 349 -57.76 -43.57 9.02
C LEU L 349 -57.90 -43.65 7.52
N THR L 350 -59.09 -44.01 7.08
CA THR L 350 -59.42 -44.16 5.68
C THR L 350 -59.35 -42.85 4.94
N THR L 351 -59.80 -41.79 5.60
CA THR L 351 -59.73 -40.45 5.02
C THR L 351 -58.33 -40.23 4.45
N ILE L 352 -57.33 -40.31 5.32
CA ILE L 352 -55.95 -40.26 4.89
C ILE L 352 -55.69 -41.46 3.98
N ILE L 353 -56.53 -42.48 4.15
CA ILE L 353 -56.46 -43.68 3.32
C ILE L 353 -57.02 -43.37 1.93
N GLU L 354 -58.22 -42.80 1.90
CA GLU L 354 -58.82 -42.40 0.65
C GLU L 354 -57.94 -41.34 0.04
N SER L 355 -57.53 -40.41 0.89
CA SER L 355 -56.82 -39.21 0.47
C SER L 355 -55.71 -39.55 -0.51
N SER L 356 -54.94 -40.57 -0.16
CA SER L 356 -53.86 -40.99 -1.04
C SER L 356 -54.42 -41.54 -2.33
N LEU L 357 -55.66 -42.01 -2.30
CA LEU L 357 -56.27 -42.53 -3.50
C LEU L 357 -56.34 -41.42 -4.52
N ASN L 358 -56.12 -40.19 -4.09
CA ASN L 358 -56.36 -39.02 -4.93
C ASN L 358 -55.53 -38.95 -6.21
N VAL L 359 -54.40 -39.64 -6.24
CA VAL L 359 -53.57 -39.61 -7.43
C VAL L 359 -54.29 -40.14 -8.66
N LEU L 360 -55.08 -41.19 -8.51
CA LEU L 360 -55.64 -41.92 -9.64
C LEU L 360 -56.75 -41.21 -10.41
N GLU L 361 -56.97 -41.63 -11.66
CA GLU L 361 -58.01 -41.10 -12.55
C GLU L 361 -59.43 -41.64 -12.27
N PRO L 362 -60.42 -40.77 -12.08
CA PRO L 362 -61.71 -41.26 -11.60
C PRO L 362 -62.55 -41.98 -12.65
N ALA L 363 -62.43 -41.55 -13.91
CA ALA L 363 -63.24 -42.07 -14.99
C ALA L 363 -62.98 -43.55 -15.25
N GLU L 364 -61.72 -43.95 -15.14
CA GLU L 364 -61.35 -45.33 -15.46
C GLU L 364 -60.70 -46.07 -14.30
N TYR L 365 -59.84 -45.38 -13.57
CA TYR L 365 -59.09 -46.00 -12.46
C TYR L 365 -59.96 -46.17 -11.22
N ARG L 366 -60.42 -45.06 -10.66
CA ARG L 366 -61.12 -45.05 -9.39
C ARG L 366 -62.38 -45.90 -9.38
N LYS L 367 -63.21 -45.75 -10.41
CA LYS L 367 -64.45 -46.52 -10.52
C LYS L 367 -64.20 -48.02 -10.61
N MET L 368 -63.31 -48.41 -11.52
CA MET L 368 -62.96 -49.82 -11.73
C MET L 368 -62.52 -50.45 -10.43
N PHE L 369 -61.89 -49.62 -9.60
CA PHE L 369 -61.30 -50.05 -8.34
C PHE L 369 -62.34 -50.36 -7.28
N ASP L 370 -63.25 -49.40 -7.08
CA ASP L 370 -64.38 -49.54 -6.15
C ASP L 370 -65.12 -50.86 -6.34
N ARG L 371 -65.13 -51.33 -7.58
CA ARG L 371 -65.81 -52.57 -7.93
C ARG L 371 -65.26 -53.80 -7.21
N LEU L 372 -64.04 -53.72 -6.70
CA LEU L 372 -63.38 -54.86 -6.06
C LEU L 372 -64.13 -55.33 -4.82
N SER L 373 -64.94 -54.45 -4.25
CA SER L 373 -65.67 -54.72 -3.01
C SER L 373 -66.34 -56.09 -2.97
N VAL L 374 -66.73 -56.60 -4.14
CA VAL L 374 -67.43 -57.88 -4.22
C VAL L 374 -66.51 -59.07 -3.95
N PHE L 375 -65.21 -58.84 -4.08
CA PHE L 375 -64.23 -59.89 -3.87
C PHE L 375 -64.01 -60.13 -2.39
N PRO L 376 -62.97 -60.91 -2.10
CA PRO L 376 -62.59 -61.26 -0.73
C PRO L 376 -61.61 -60.26 -0.19
N PRO L 377 -61.79 -59.94 1.16
CA PRO L 377 -60.96 -58.80 1.59
C PRO L 377 -59.51 -59.14 1.42
N SER L 378 -59.15 -60.39 1.70
CA SER L 378 -57.77 -60.77 1.56
C SER L 378 -57.74 -61.93 0.61
N ALA L 379 -57.95 -61.61 -0.67
CA ALA L 379 -58.05 -62.67 -1.66
C ALA L 379 -57.43 -62.26 -3.00
N HIS L 380 -57.58 -63.10 -4.01
CA HIS L 380 -57.00 -62.87 -5.32
C HIS L 380 -58.08 -62.69 -6.39
N ILE L 381 -57.67 -62.48 -7.63
CA ILE L 381 -58.61 -62.31 -8.74
C ILE L 381 -57.95 -62.57 -10.10
N PRO L 382 -58.54 -63.48 -10.88
CA PRO L 382 -58.06 -63.84 -12.23
C PRO L 382 -58.30 -62.74 -13.25
N THR L 383 -57.63 -62.85 -14.40
CA THR L 383 -57.73 -61.85 -15.46
C THR L 383 -59.14 -61.80 -16.05
N ILE L 384 -59.69 -62.97 -16.37
CA ILE L 384 -60.99 -63.06 -17.02
C ILE L 384 -62.12 -62.49 -16.17
N LEU L 385 -62.06 -62.71 -14.86
CA LEU L 385 -63.10 -62.25 -13.95
C LEU L 385 -63.05 -60.74 -13.77
N LEU L 386 -61.85 -60.18 -13.83
CA LEU L 386 -61.66 -58.74 -13.67
C LEU L 386 -62.17 -57.97 -14.89
N SER L 387 -62.17 -58.66 -16.03
CA SER L 387 -62.62 -58.08 -17.28
C SER L 387 -64.06 -57.62 -17.22
N LEU L 388 -64.95 -58.57 -16.94
CA LEU L 388 -66.39 -58.35 -16.95
C LEU L 388 -66.80 -57.19 -16.04
N ILE L 389 -66.12 -57.05 -14.91
CA ILE L 389 -66.49 -56.03 -13.93
C ILE L 389 -65.78 -54.71 -14.23
N SER L 396 -57.22 -56.30 -24.45
CA SER L 396 -56.08 -56.12 -23.56
C SER L 396 -56.25 -54.87 -22.70
N ASP L 397 -57.42 -54.25 -22.79
CA ASP L 397 -57.71 -53.02 -22.08
C ASP L 397 -57.58 -53.22 -20.56
N VAL L 398 -58.25 -54.22 -20.04
CA VAL L 398 -58.26 -54.48 -18.60
C VAL L 398 -56.87 -54.78 -18.05
N MET L 399 -56.03 -55.43 -18.86
CA MET L 399 -54.70 -55.84 -18.42
C MET L 399 -53.79 -54.63 -18.22
N VAL L 400 -54.01 -53.60 -19.02
CA VAL L 400 -53.20 -52.38 -18.97
C VAL L 400 -53.71 -51.45 -17.87
N VAL L 401 -55.03 -51.31 -17.77
CA VAL L 401 -55.66 -50.43 -16.80
C VAL L 401 -55.32 -50.83 -15.37
N VAL L 402 -55.20 -52.13 -15.13
CA VAL L 402 -54.81 -52.61 -13.81
C VAL L 402 -53.29 -52.55 -13.64
N ASN L 403 -52.57 -52.59 -14.75
CA ASN L 403 -51.12 -52.51 -14.70
C ASN L 403 -50.73 -51.13 -14.20
N LYS L 404 -51.50 -50.12 -14.59
CA LYS L 404 -51.26 -48.76 -14.13
C LYS L 404 -51.80 -48.60 -12.71
N LEU L 405 -52.82 -49.38 -12.40
CA LEU L 405 -53.39 -49.43 -11.06
C LEU L 405 -52.40 -50.10 -10.11
N HIS L 406 -51.61 -50.98 -10.69
CA HIS L 406 -50.46 -51.57 -10.06
C HIS L 406 -49.42 -50.54 -9.75
N LYS L 407 -49.25 -49.66 -10.72
CA LYS L 407 -48.10 -48.81 -10.81
C LYS L 407 -48.11 -47.94 -9.61
N TYR L 408 -49.27 -47.36 -9.37
CA TYR L 408 -49.44 -46.48 -8.23
C TYR L 408 -49.29 -47.20 -6.92
N SER L 409 -49.92 -48.36 -6.80
CA SER L 409 -49.81 -49.15 -5.59
C SER L 409 -50.82 -50.28 -5.46
N LEU L 410 -52.04 -49.98 -5.89
CA LEU L 410 -53.22 -50.66 -5.38
C LEU L 410 -53.41 -52.15 -5.58
N VAL L 411 -53.14 -52.68 -6.77
CA VAL L 411 -53.67 -54.00 -7.02
C VAL L 411 -52.35 -54.66 -7.33
N GLU L 412 -51.74 -55.20 -6.31
CA GLU L 412 -50.46 -55.90 -6.52
C GLU L 412 -50.74 -56.93 -7.61
N LYS L 413 -50.18 -56.70 -8.79
CA LYS L 413 -50.19 -57.72 -9.84
C LYS L 413 -49.16 -58.77 -9.50
N GLN L 414 -49.38 -60.00 -9.96
CA GLN L 414 -48.49 -61.11 -9.66
C GLN L 414 -48.50 -62.12 -10.81
N PRO L 415 -47.42 -62.90 -10.93
CA PRO L 415 -47.32 -63.95 -11.95
C PRO L 415 -48.42 -65.01 -11.81
N SER L 418 -51.73 -65.90 -14.17
CA SER L 418 -51.63 -64.46 -14.35
C SER L 418 -52.58 -63.74 -13.42
N THR L 419 -52.93 -64.40 -12.32
CA THR L 419 -53.88 -63.86 -11.36
C THR L 419 -53.35 -62.60 -10.66
N ILE L 420 -54.24 -61.90 -9.95
CA ILE L 420 -53.86 -60.68 -9.25
C ILE L 420 -54.28 -60.75 -7.78
N SER L 421 -53.34 -60.42 -6.88
CA SER L 421 -53.64 -60.36 -5.45
C SER L 421 -53.58 -58.94 -4.95
N ILE L 422 -54.62 -58.53 -4.24
CA ILE L 422 -54.82 -57.15 -3.86
C ILE L 422 -54.73 -57.01 -2.31
N PRO L 423 -53.86 -56.11 -1.82
CA PRO L 423 -53.58 -55.95 -0.36
C PRO L 423 -54.60 -55.15 0.47
N SER L 424 -55.13 -55.80 1.50
CA SER L 424 -56.31 -55.41 2.26
C SER L 424 -56.49 -53.96 2.73
N ILE L 425 -55.39 -53.28 3.10
CA ILE L 425 -55.48 -52.02 3.84
C ILE L 425 -56.36 -50.96 3.18
N TYR L 426 -56.23 -50.76 1.86
CA TYR L 426 -57.15 -49.84 1.19
C TYR L 426 -58.26 -50.65 0.53
N LEU L 427 -58.13 -51.97 0.61
CA LEU L 427 -59.09 -52.89 0.00
C LEU L 427 -60.33 -53.04 0.85
N GLU L 428 -60.18 -53.72 1.98
CA GLU L 428 -61.33 -54.11 2.80
C GLU L 428 -62.04 -52.93 3.45
N LEU L 429 -61.25 -52.07 4.10
CA LEU L 429 -61.78 -50.98 4.91
C LEU L 429 -62.43 -49.90 4.06
N LYS L 430 -61.61 -49.26 3.25
CA LYS L 430 -62.00 -48.06 2.51
C LYS L 430 -63.23 -48.20 1.61
N VAL L 431 -63.25 -49.21 0.75
CA VAL L 431 -64.28 -49.29 -0.30
C VAL L 431 -65.62 -49.83 0.20
N LYS L 432 -65.60 -50.57 1.30
CA LYS L 432 -66.81 -51.15 1.86
C LYS L 432 -67.76 -50.06 2.33
N LEU L 433 -67.18 -49.02 2.92
CA LEU L 433 -67.96 -47.90 3.42
C LEU L 433 -68.70 -47.17 2.30
N GLU L 434 -67.97 -46.76 1.27
CA GLU L 434 -68.55 -46.02 0.15
C GLU L 434 -68.90 -46.95 -1.01
N ASN L 435 -70.19 -47.20 -1.19
CA ASN L 435 -70.65 -48.03 -2.31
C ASN L 435 -72.06 -47.65 -2.75
N GLU L 436 -72.23 -47.55 -4.06
CA GLU L 436 -73.55 -47.40 -4.67
C GLU L 436 -74.00 -48.80 -5.07
N TYR L 437 -75.29 -48.98 -5.34
CA TYR L 437 -75.74 -50.32 -5.69
C TYR L 437 -75.50 -50.63 -7.17
N ALA L 438 -74.22 -50.69 -7.53
CA ALA L 438 -73.82 -51.30 -8.78
C ALA L 438 -73.59 -52.79 -8.53
N LEU L 439 -73.78 -53.19 -7.26
CA LEU L 439 -73.55 -54.55 -6.82
C LEU L 439 -74.43 -55.56 -7.55
N HIS L 440 -75.68 -55.16 -7.79
CA HIS L 440 -76.64 -56.00 -8.53
C HIS L 440 -76.04 -56.49 -9.83
N ARG L 441 -75.41 -55.59 -10.56
CA ARG L 441 -74.77 -55.93 -11.82
C ARG L 441 -73.50 -56.73 -11.59
N SER L 442 -72.74 -56.34 -10.57
CA SER L 442 -71.48 -57.02 -10.25
C SER L 442 -71.71 -58.45 -9.80
N ILE L 443 -72.75 -58.65 -8.98
CA ILE L 443 -73.01 -59.95 -8.41
C ILE L 443 -73.77 -60.86 -9.39
N VAL L 444 -74.58 -60.26 -10.27
CA VAL L 444 -75.28 -61.05 -11.27
C VAL L 444 -74.29 -61.42 -12.37
N ASP L 445 -73.21 -60.65 -12.46
CA ASP L 445 -72.12 -60.95 -13.38
C ASP L 445 -71.44 -62.21 -12.87
N HIS L 446 -71.40 -62.37 -11.55
CA HIS L 446 -70.78 -63.53 -10.94
C HIS L 446 -71.64 -64.77 -11.07
N TYR L 447 -72.91 -64.59 -11.43
CA TYR L 447 -73.72 -65.73 -11.84
C TYR L 447 -73.36 -66.07 -13.28
N ASN L 448 -73.11 -65.03 -14.06
CA ASN L 448 -72.91 -65.17 -15.50
C ASN L 448 -71.64 -65.93 -15.86
N ILE L 449 -70.58 -65.81 -15.05
CA ILE L 449 -69.32 -66.39 -15.48
C ILE L 449 -69.23 -67.90 -15.22
N PRO L 450 -69.70 -68.42 -14.06
CA PRO L 450 -69.71 -69.89 -14.07
C PRO L 450 -70.91 -70.48 -14.82
N LYS L 451 -71.79 -69.61 -15.33
CA LYS L 451 -72.81 -70.05 -16.27
C LYS L 451 -72.15 -70.30 -17.61
N THR L 452 -71.22 -69.42 -17.96
CA THR L 452 -70.39 -69.59 -19.14
C THR L 452 -69.48 -70.81 -18.98
N PHE L 453 -68.73 -70.83 -17.87
CA PHE L 453 -67.89 -71.97 -17.53
C PHE L 453 -68.73 -73.22 -17.34
N ASP L 454 -68.77 -74.08 -18.35
CA ASP L 454 -69.58 -75.30 -18.28
C ASP L 454 -69.05 -76.40 -19.20
N SER L 455 -68.82 -77.58 -18.62
CA SER L 455 -68.45 -78.76 -19.40
C SER L 455 -69.64 -79.70 -19.47
N ASP L 456 -69.53 -80.73 -20.31
CA ASP L 456 -70.61 -81.70 -20.47
C ASP L 456 -70.94 -82.40 -19.16
N ASP L 457 -69.92 -82.93 -18.49
CA ASP L 457 -70.11 -83.56 -17.19
C ASP L 457 -70.00 -82.53 -16.07
N LEU L 458 -69.79 -83.00 -14.85
CA LEU L 458 -69.84 -82.13 -13.68
C LEU L 458 -68.50 -81.51 -13.32
N ILE L 459 -67.50 -81.71 -14.17
CA ILE L 459 -66.17 -81.12 -13.94
C ILE L 459 -66.01 -79.80 -14.67
N PRO L 460 -65.94 -78.70 -13.92
CA PRO L 460 -65.78 -77.36 -14.50
C PRO L 460 -64.32 -76.97 -14.69
N PRO L 461 -64.05 -75.96 -15.54
CA PRO L 461 -62.71 -75.40 -15.71
C PRO L 461 -62.42 -74.29 -14.70
N TYR L 462 -62.31 -74.65 -13.43
CA TYR L 462 -62.01 -73.70 -12.35
C TYR L 462 -60.56 -73.25 -12.37
N LEU L 463 -60.33 -71.96 -12.14
CA LEU L 463 -58.98 -71.47 -11.88
C LEU L 463 -58.62 -71.83 -10.49
N ASP L 464 -57.36 -72.25 -10.26
CA ASP L 464 -56.86 -72.84 -9.01
C ASP L 464 -57.34 -72.47 -7.65
N GLN L 465 -57.31 -71.18 -7.31
CA GLN L 465 -57.74 -70.76 -5.99
C GLN L 465 -59.08 -70.03 -5.97
N TYR L 466 -59.19 -68.93 -6.72
CA TYR L 466 -60.36 -68.06 -6.69
C TYR L 466 -61.66 -68.85 -6.71
N PHE L 467 -61.89 -69.53 -7.83
CA PHE L 467 -63.16 -70.19 -8.10
C PHE L 467 -63.63 -71.08 -6.96
N TYR L 468 -62.73 -71.92 -6.44
CA TYR L 468 -63.09 -72.83 -5.36
C TYR L 468 -63.55 -72.11 -4.10
N SER L 469 -62.84 -71.05 -3.72
CA SER L 469 -63.17 -70.34 -2.48
C SER L 469 -64.25 -69.29 -2.66
N HIS L 470 -64.26 -68.64 -3.82
CA HIS L 470 -65.06 -67.43 -3.98
C HIS L 470 -66.43 -67.69 -4.59
N ILE L 471 -66.56 -68.80 -5.33
CA ILE L 471 -67.83 -69.11 -5.98
C ILE L 471 -68.93 -69.21 -4.93
N GLY L 472 -68.61 -69.82 -3.79
CA GLY L 472 -69.58 -70.04 -2.74
C GLY L 472 -70.12 -68.76 -2.15
N HIS L 473 -69.23 -67.77 -2.03
CA HIS L 473 -69.58 -66.48 -1.44
C HIS L 473 -70.55 -65.72 -2.35
N HIS L 474 -70.21 -65.66 -3.63
CA HIS L 474 -71.03 -64.96 -4.60
C HIS L 474 -72.35 -65.67 -4.86
N LEU L 475 -72.31 -67.00 -4.84
CA LEU L 475 -73.51 -67.80 -5.04
C LEU L 475 -74.53 -67.58 -3.92
N LYS L 476 -74.04 -67.46 -2.70
CA LYS L 476 -74.91 -67.18 -1.56
C LYS L 476 -75.59 -65.84 -1.74
N ASN L 477 -74.85 -64.88 -2.30
CA ASN L 477 -75.37 -63.54 -2.52
C ASN L 477 -76.46 -63.50 -3.60
N ILE L 478 -76.27 -64.25 -4.68
CA ILE L 478 -77.22 -64.19 -5.80
C ILE L 478 -78.54 -64.91 -5.50
N GLU L 479 -78.49 -66.22 -5.25
CA GLU L 479 -79.69 -67.05 -5.10
C GLU L 479 -79.37 -68.45 -4.59
N HIS L 480 -80.41 -69.25 -4.38
CA HIS L 480 -80.26 -70.62 -3.89
C HIS L 480 -80.04 -71.73 -4.94
N PRO L 481 -80.67 -71.62 -6.14
CA PRO L 481 -80.58 -72.81 -7.00
C PRO L 481 -79.18 -73.11 -7.52
N GLU L 482 -78.36 -72.08 -7.69
CA GLU L 482 -77.00 -72.27 -8.20
C GLU L 482 -76.07 -72.73 -7.09
N ARG L 483 -76.34 -72.29 -5.87
CA ARG L 483 -75.64 -72.81 -4.71
C ARG L 483 -75.88 -74.30 -4.58
N MET L 484 -77.13 -74.69 -4.80
CA MET L 484 -77.55 -76.08 -4.72
C MET L 484 -76.69 -76.99 -5.60
N THR L 485 -76.43 -76.55 -6.83
CA THR L 485 -75.68 -77.37 -7.79
C THR L 485 -74.17 -77.17 -7.70
N LEU L 486 -73.71 -75.93 -7.67
CA LEU L 486 -72.28 -75.64 -7.75
C LEU L 486 -71.50 -76.02 -6.50
N PHE L 487 -72.11 -75.87 -5.33
CA PHE L 487 -71.51 -76.36 -4.09
C PHE L 487 -71.32 -77.85 -4.18
N ARG L 488 -72.19 -78.46 -4.98
CA ARG L 488 -72.22 -79.90 -5.16
C ARG L 488 -72.34 -80.55 -3.79
N MET L 489 -73.37 -80.13 -3.08
CA MET L 489 -73.89 -80.87 -1.95
C MET L 489 -74.80 -81.91 -2.55
N VAL L 490 -75.34 -81.54 -3.72
CA VAL L 490 -76.13 -82.46 -4.53
C VAL L 490 -75.20 -83.33 -5.37
N PHE L 491 -74.14 -82.72 -5.91
CA PHE L 491 -73.21 -83.45 -6.76
C PHE L 491 -72.04 -84.01 -5.95
N LEU L 492 -71.62 -85.23 -6.26
CA LEU L 492 -70.49 -85.83 -5.57
C LEU L 492 -69.17 -85.25 -6.06
N ASP L 493 -69.24 -84.49 -7.16
CA ASP L 493 -68.05 -84.11 -7.91
C ASP L 493 -67.18 -83.03 -7.27
N PHE L 494 -67.75 -82.17 -6.44
CA PHE L 494 -66.94 -81.14 -5.78
C PHE L 494 -66.32 -81.70 -4.50
N ARG L 495 -66.92 -82.76 -3.97
CA ARG L 495 -66.27 -83.50 -2.91
C ARG L 495 -64.98 -84.08 -3.48
N PHE L 496 -65.06 -84.48 -4.75
CA PHE L 496 -63.89 -84.96 -5.47
C PHE L 496 -62.91 -83.82 -5.72
N LEU L 497 -63.29 -82.89 -6.60
CA LEU L 497 -62.41 -81.82 -7.03
C LEU L 497 -61.88 -80.95 -5.89
N GLU L 498 -62.74 -80.10 -5.33
CA GLU L 498 -62.38 -79.14 -4.27
C GLU L 498 -61.40 -79.68 -3.22
N GLN L 499 -61.60 -80.94 -2.84
CA GLN L 499 -60.79 -81.56 -1.81
C GLN L 499 -59.36 -81.84 -2.28
N LYS L 500 -59.22 -82.39 -3.49
CA LYS L 500 -57.93 -82.90 -3.94
C LYS L 500 -57.03 -81.84 -4.57
N ILE L 501 -57.62 -80.74 -5.05
CA ILE L 501 -56.83 -79.64 -5.57
C ILE L 501 -56.37 -78.76 -4.41
N ARG L 502 -57.25 -78.56 -3.43
CA ARG L 502 -56.89 -77.88 -2.19
C ARG L 502 -56.14 -78.81 -1.25
N HIS L 503 -55.05 -79.39 -1.75
CA HIS L 503 -54.24 -80.32 -0.97
C HIS L 503 -52.83 -79.78 -0.76
N ASN L 516 -57.07 -76.95 3.38
CA ASN L 516 -57.42 -78.32 3.06
C ASN L 516 -58.91 -78.58 3.22
N THR L 517 -59.24 -79.61 3.98
CA THR L 517 -60.64 -79.97 4.26
C THR L 517 -61.32 -78.85 5.03
N LEU L 518 -60.50 -78.04 5.70
CA LEU L 518 -60.99 -76.97 6.56
C LEU L 518 -61.86 -75.98 5.82
N GLN L 519 -61.27 -75.31 4.85
CA GLN L 519 -61.95 -74.27 4.10
C GLN L 519 -63.18 -74.84 3.39
N GLN L 520 -63.08 -76.11 2.98
CA GLN L 520 -64.22 -76.81 2.41
C GLN L 520 -65.33 -76.87 3.45
N LEU L 521 -64.99 -77.34 4.65
CA LEU L 521 -65.89 -77.34 5.79
C LEU L 521 -66.36 -75.93 6.11
N LYS L 522 -65.49 -74.95 5.88
CA LYS L 522 -65.80 -73.56 6.15
C LYS L 522 -66.76 -72.97 5.12
N PHE L 523 -66.83 -73.58 3.94
CA PHE L 523 -67.79 -73.16 2.95
C PHE L 523 -69.17 -73.63 3.37
N TYR L 524 -69.29 -74.93 3.55
CA TYR L 524 -70.59 -75.57 3.75
C TYR L 524 -71.40 -74.98 4.90
N LYS L 525 -70.78 -74.68 6.03
CA LYS L 525 -71.56 -74.35 7.23
C LYS L 525 -72.25 -72.97 7.19
N PRO L 526 -71.53 -71.89 6.90
CA PRO L 526 -72.30 -70.63 6.88
C PRO L 526 -73.13 -70.46 5.61
N TYR L 527 -72.90 -71.28 4.60
CA TYR L 527 -73.55 -71.06 3.32
C TYR L 527 -74.87 -71.83 3.12
N ILE L 528 -75.26 -72.70 4.06
CA ILE L 528 -76.51 -73.46 3.90
C ILE L 528 -77.76 -72.59 3.97
N CYS L 529 -77.61 -71.38 4.50
CA CYS L 529 -78.75 -70.50 4.75
C CYS L 529 -79.54 -70.22 3.46
N ASP L 530 -78.82 -70.14 2.34
CA ASP L 530 -79.43 -69.83 1.06
C ASP L 530 -80.40 -70.93 0.61
N ASP L 532 -84.13 -74.66 0.22
CA ASP L 532 -85.17 -74.69 1.25
C ASP L 532 -84.78 -75.68 2.35
N PRO L 533 -85.35 -75.54 3.57
CA PRO L 533 -85.04 -76.38 4.73
C PRO L 533 -84.91 -77.88 4.46
N LYS L 534 -85.66 -78.41 3.49
CA LYS L 534 -85.61 -79.84 3.18
C LYS L 534 -84.24 -80.23 2.65
N TYR L 535 -83.71 -79.42 1.76
CA TYR L 535 -82.35 -79.61 1.27
C TYR L 535 -81.36 -79.12 2.32
N GLU L 536 -81.81 -78.25 3.22
CA GLU L 536 -80.92 -77.66 4.23
C GLU L 536 -80.50 -78.68 5.29
N ARG L 537 -81.45 -79.44 5.80
CA ARG L 537 -81.15 -80.51 6.74
C ARG L 537 -80.25 -81.54 6.06
N LEU L 538 -80.31 -81.54 4.74
CA LEU L 538 -79.50 -82.44 3.92
C LEU L 538 -78.05 -81.96 3.85
N VAL L 539 -77.84 -80.66 3.74
CA VAL L 539 -76.46 -80.13 3.65
C VAL L 539 -75.71 -80.36 4.95
N ASN L 540 -76.42 -80.28 6.08
CA ASN L 540 -75.76 -80.43 7.36
C ASN L 540 -75.46 -81.90 7.59
N ALA L 541 -76.25 -82.75 6.95
CA ALA L 541 -76.02 -84.19 6.98
C ALA L 541 -74.76 -84.54 6.20
N ILE L 542 -74.60 -83.95 5.01
CA ILE L 542 -73.40 -84.17 4.21
C ILE L 542 -72.24 -83.37 4.80
N LEU L 543 -72.57 -82.35 5.59
CA LEU L 543 -71.58 -81.51 6.23
C LEU L 543 -70.75 -82.31 7.20
N ASP L 544 -71.43 -83.04 8.07
CA ASP L 544 -70.77 -83.79 9.13
C ASP L 544 -69.89 -84.90 8.56
N PHE L 545 -70.36 -85.56 7.50
CA PHE L 545 -69.63 -86.65 6.88
C PHE L 545 -68.36 -86.16 6.18
N LEU L 546 -68.27 -84.84 5.98
CA LEU L 546 -67.18 -84.27 5.20
C LEU L 546 -65.82 -84.24 5.93
N PRO L 547 -65.76 -83.66 7.14
CA PRO L 547 -64.44 -83.72 7.79
C PRO L 547 -64.17 -85.11 8.37
N LYS L 548 -65.23 -85.90 8.47
CA LYS L 548 -65.17 -87.26 8.99
C LYS L 548 -64.14 -88.10 8.24
N ILE L 549 -64.02 -87.86 6.94
CA ILE L 549 -63.14 -88.64 6.08
C ILE L 549 -62.58 -87.79 4.95
N TYR L 558 -61.05 -92.58 -9.94
CA TYR L 558 -62.44 -92.09 -10.00
C TYR L 558 -63.49 -92.87 -9.21
N THR L 559 -63.38 -94.19 -9.24
CA THR L 559 -64.36 -95.10 -8.65
C THR L 559 -64.58 -94.88 -7.15
N ASP L 560 -63.49 -94.74 -6.39
CA ASP L 560 -63.56 -94.65 -4.92
C ASP L 560 -64.62 -93.70 -4.40
N LEU L 561 -64.67 -92.51 -4.98
CA LEU L 561 -65.59 -91.45 -4.57
C LEU L 561 -67.04 -91.92 -4.55
N LEU L 562 -67.42 -92.67 -5.60
CA LEU L 562 -68.79 -93.15 -5.75
C LEU L 562 -69.13 -94.25 -4.75
N ARG L 563 -68.16 -95.14 -4.53
CA ARG L 563 -68.37 -96.31 -3.69
C ARG L 563 -68.62 -95.95 -2.22
N ILE L 564 -67.99 -94.87 -1.77
CA ILE L 564 -68.16 -94.43 -0.39
C ILE L 564 -69.41 -93.56 -0.24
N ALA L 565 -69.94 -93.09 -1.36
CA ALA L 565 -71.21 -92.37 -1.36
C ALA L 565 -72.36 -93.36 -1.28
N LEU L 566 -72.06 -94.61 -1.58
CA LEU L 566 -73.05 -95.69 -1.62
C LEU L 566 -73.60 -96.05 -0.23
N MET L 567 -72.84 -95.70 0.81
CA MET L 567 -73.17 -96.14 2.17
C MET L 567 -74.49 -95.56 2.69
N ALA L 568 -74.77 -94.30 2.36
CA ALA L 568 -75.98 -93.64 2.81
C ALA L 568 -76.97 -93.45 1.67
N GLU L 569 -78.01 -94.28 1.66
CA GLU L 569 -79.01 -94.29 0.59
C GLU L 569 -79.83 -93.00 0.54
N ASP L 570 -79.89 -92.30 1.67
CA ASP L 570 -80.78 -91.15 1.83
C ASP L 570 -80.32 -89.87 1.13
N GLU L 571 -79.10 -89.88 0.61
CA GLU L 571 -78.50 -88.64 0.13
C GLU L 571 -78.38 -88.56 -1.40
N ALA L 572 -78.50 -87.35 -1.91
CA ALA L 572 -78.38 -87.09 -3.34
C ALA L 572 -76.93 -87.18 -3.80
N ILE L 573 -76.00 -87.20 -2.84
CA ILE L 573 -74.59 -87.34 -3.16
C ILE L 573 -74.36 -88.71 -3.78
N PHE L 574 -75.22 -89.66 -3.42
CA PHE L 574 -75.20 -90.98 -4.06
C PHE L 574 -75.92 -90.93 -5.40
N GLU L 575 -77.05 -90.22 -5.45
CA GLU L 575 -77.83 -90.07 -6.67
C GLU L 575 -76.99 -89.46 -7.78
N GLU L 576 -76.15 -88.50 -7.42
CA GLU L 576 -75.27 -87.87 -8.40
C GLU L 576 -74.03 -88.71 -8.62
N ALA L 577 -73.60 -89.42 -7.58
CA ALA L 577 -72.51 -90.38 -7.70
C ALA L 577 -72.80 -91.34 -8.84
N HIS L 578 -74.05 -91.81 -8.88
CA HIS L 578 -74.50 -92.74 -9.89
C HIS L 578 -74.52 -92.12 -11.28
N LYS L 579 -74.69 -90.80 -11.34
CA LYS L 579 -74.72 -90.11 -12.62
C LYS L 579 -73.32 -89.89 -13.19
N GLN L 580 -72.35 -89.65 -12.30
CA GLN L 580 -71.00 -89.32 -12.75
C GLN L 580 -70.14 -90.56 -13.04
N VAL L 581 -70.58 -91.72 -12.57
CA VAL L 581 -69.98 -92.97 -13.02
C VAL L 581 -70.58 -93.32 -14.37
N GLN L 582 -71.88 -93.05 -14.50
CA GLN L 582 -72.61 -93.23 -15.76
C GLN L 582 -71.90 -92.52 -16.90
N ARG L 583 -71.37 -91.33 -16.62
CA ARG L 583 -70.51 -90.64 -17.56
C ARG L 583 -69.13 -90.45 -16.97
N UNK L 584 -60.05 -92.61 10.12
CA UNK L 584 -59.75 -91.96 11.39
C UNK L 584 -60.44 -90.60 11.41
N UNK L 585 -60.93 -90.23 12.58
CA UNK L 585 -61.63 -88.97 12.75
C UNK L 585 -60.82 -87.77 12.20
N UNK L 586 -59.50 -87.84 12.31
CA UNK L 586 -58.67 -86.75 11.82
C UNK L 586 -57.28 -87.17 11.34
N UNK L 587 -56.81 -86.52 10.29
CA UNK L 587 -55.50 -86.82 9.73
C UNK L 587 -54.74 -85.53 9.39
N UNK L 588 -53.60 -85.35 10.06
CA UNK L 588 -52.77 -84.16 9.93
C UNK L 588 -51.47 -84.39 9.17
N UNK L 589 -51.15 -83.50 8.25
CA UNK L 589 -49.92 -83.59 7.47
C UNK L 589 -49.11 -82.29 7.57
N UNK L 590 -48.30 -82.13 8.63
CA UNK L 590 -47.48 -80.94 8.87
C UNK L 590 -45.96 -81.10 8.75
N UNK L 591 -45.50 -82.29 8.40
CA UNK L 591 -44.06 -82.50 8.28
C UNK L 591 -43.71 -82.80 6.84
N UNK L 592 -42.44 -82.64 6.49
CA UNK L 592 -42.03 -82.91 5.13
C UNK L 592 -41.19 -84.16 5.14
N UNK L 593 -40.89 -87.15 7.06
CA UNK L 593 -41.52 -88.03 8.03
C UNK L 593 -41.82 -87.33 9.35
N UNK L 594 -42.95 -87.67 9.96
CA UNK L 594 -43.35 -87.12 11.24
C UNK L 594 -42.92 -88.14 12.27
N UNK L 595 -42.13 -87.74 13.24
CA UNK L 595 -41.70 -88.72 14.22
C UNK L 595 -42.58 -88.80 15.46
N UNK L 596 -43.04 -87.65 15.94
CA UNK L 596 -43.88 -87.61 17.12
C UNK L 596 -44.86 -86.47 17.00
N UNK L 597 -45.96 -86.57 17.73
CA UNK L 597 -47.01 -85.55 17.74
C UNK L 597 -47.78 -85.74 19.03
N UNK L 598 -48.41 -84.67 19.53
CA UNK L 598 -49.17 -84.78 20.77
C UNK L 598 -50.17 -83.64 20.97
N UNK L 599 -51.11 -83.85 21.89
CA UNK L 599 -52.16 -82.87 22.19
C UNK L 599 -51.74 -81.86 23.25
N UNK L 600 -52.37 -80.70 23.22
CA UNK L 600 -52.09 -79.68 24.22
C UNK L 600 -52.84 -80.20 25.45
N UNK L 601 -52.52 -79.68 26.63
CA UNK L 601 -53.19 -80.16 27.83
C UNK L 601 -54.70 -80.05 27.79
N UNK L 602 -55.24 -79.08 27.06
CA UNK L 602 -56.69 -78.94 26.95
C UNK L 602 -57.20 -79.66 25.70
N UNK L 603 -56.29 -80.32 24.98
CA UNK L 603 -56.68 -81.03 23.77
C UNK L 603 -57.05 -80.16 22.57
N UNK L 604 -57.06 -78.85 22.75
CA UNK L 604 -57.39 -77.92 21.67
C UNK L 604 -56.38 -77.82 20.55
N UNK L 605 -55.10 -78.07 20.86
CA UNK L 605 -54.04 -77.96 19.88
C UNK L 605 -53.22 -79.24 19.78
N UNK L 606 -52.39 -79.32 18.73
CA UNK L 606 -51.52 -80.46 18.49
C UNK L 606 -50.17 -79.96 17.99
N UNK L 607 -49.09 -80.50 18.55
CA UNK L 607 -47.76 -80.11 18.10
C UNK L 607 -47.15 -81.39 17.56
N UNK L 608 -46.38 -81.27 16.48
CA UNK L 608 -45.77 -82.42 15.84
C UNK L 608 -44.39 -82.05 15.37
N UNK L 609 -43.43 -82.95 15.55
CA UNK L 609 -42.06 -82.68 15.16
C UNK L 609 -41.55 -83.86 14.36
N UNK L 610 -40.90 -83.60 13.24
CA UNK L 610 -40.40 -84.70 12.44
C UNK L 610 -39.03 -84.49 11.87
N UNK L 611 -38.73 -85.25 10.82
CA UNK L 611 -37.40 -85.25 10.23
C UNK L 611 -37.18 -84.01 9.38
N UNK L 612 -38.22 -83.20 9.23
CA UNK L 612 -38.05 -82.00 8.44
C UNK L 612 -37.40 -80.88 9.26
N UNK L 613 -37.00 -81.21 10.49
CA UNK L 613 -36.33 -80.29 11.43
C UNK L 613 -37.18 -79.19 12.08
N UNK L 614 -38.47 -79.11 11.74
CA UNK L 614 -39.35 -78.06 12.30
C UNK L 614 -40.29 -78.46 13.42
N UNK L 615 -40.83 -77.46 14.12
CA UNK L 615 -41.80 -77.67 15.19
C UNK L 615 -43.07 -77.13 14.59
N UNK L 616 -44.15 -77.91 14.63
CA UNK L 616 -45.40 -77.47 14.06
C UNK L 616 -46.53 -77.53 15.04
N UNK L 617 -47.47 -76.61 14.92
CA UNK L 617 -48.60 -76.60 15.81
C UNK L 617 -49.83 -76.17 15.04
N UNK L 618 -50.96 -76.80 15.35
CA UNK L 618 -52.23 -76.55 14.69
C UNK L 618 -53.41 -76.88 15.61
N UNK L 619 -54.58 -76.34 15.29
CA UNK L 619 -55.76 -76.57 16.09
C UNK L 619 -56.13 -78.05 15.97
N UNK L 620 -56.58 -78.65 17.07
CA UNK L 620 -56.94 -80.06 17.04
C UNK L 620 -58.19 -80.24 16.17
N UNK L 621 -59.09 -79.27 16.26
CA UNK L 621 -60.33 -79.27 15.48
C UNK L 621 -60.21 -79.29 13.97
N UNK L 622 -59.39 -78.40 13.42
CA UNK L 622 -59.25 -78.27 11.97
C UNK L 622 -57.89 -78.38 11.28
N UNK L 623 -56.81 -78.54 12.03
CA UNK L 623 -55.50 -78.64 11.41
C UNK L 623 -54.97 -77.28 10.97
N UNK L 624 -55.81 -76.28 11.19
CA UNK L 624 -55.53 -74.89 10.86
C UNK L 624 -54.16 -74.56 11.46
N UNK L 625 -53.15 -74.38 10.62
CA UNK L 625 -51.81 -74.10 11.12
C UNK L 625 -51.74 -72.94 12.10
N UNK L 626 -51.03 -73.14 13.21
CA UNK L 626 -50.84 -72.13 14.25
C UNK L 626 -49.38 -71.70 14.34
N UNK L 627 -48.45 -72.65 14.31
CA UNK L 627 -47.02 -72.32 14.35
C UNK L 627 -46.21 -73.14 13.35
N UNK L 628 -45.22 -72.50 12.71
CA UNK L 628 -44.34 -73.16 11.74
C UNK L 628 -42.89 -72.72 12.06
N UNK L 629 -42.33 -73.28 13.13
CA UNK L 629 -40.99 -72.96 13.61
C UNK L 629 -39.89 -73.86 13.04
N UNK L 630 -38.69 -73.33 12.91
CA UNK L 630 -37.56 -74.13 12.42
C UNK L 630 -36.78 -74.50 13.69
N UNK L 631 -37.32 -75.42 14.49
CA UNK L 631 -36.74 -75.81 15.78
C UNK L 631 -35.27 -76.25 15.91
N UNK L 632 -34.79 -77.12 15.04
CA UNK L 632 -33.40 -77.56 15.18
C UNK L 632 -32.63 -77.67 13.89
N UNK L 633 -31.38 -78.10 14.04
CA UNK L 633 -30.46 -78.26 12.93
C UNK L 633 -30.26 -79.76 12.68
N UNK L 634 -30.93 -81.05 13.59
CA UNK L 634 -30.89 -82.50 13.40
C UNK L 634 -32.20 -83.11 13.93
N UNK L 635 -32.56 -84.26 13.37
CA UNK L 635 -33.81 -84.93 13.68
C UNK L 635 -34.17 -84.96 15.16
N UNK L 636 -35.46 -84.89 15.44
CA UNK L 636 -35.96 -84.90 16.82
C UNK L 636 -36.45 -86.29 17.18
N UNK L 637 -36.54 -86.55 18.48
CA UNK L 637 -36.98 -87.87 18.97
C UNK L 637 -38.14 -87.96 19.96
N UNK L 638 -38.47 -86.85 20.61
CA UNK L 638 -39.54 -86.86 21.58
C UNK L 638 -39.92 -85.44 21.96
N UNK L 639 -41.14 -85.28 22.47
CA UNK L 639 -41.65 -83.98 22.87
C UNK L 639 -42.79 -84.15 23.89
N UNK L 640 -42.97 -83.20 24.79
CA UNK L 640 -44.01 -83.30 25.80
C UNK L 640 -44.43 -81.96 26.32
N UNK L 641 -45.56 -81.93 27.02
CA UNK L 641 -46.11 -80.71 27.61
C UNK L 641 -45.82 -80.77 29.09
N UNK L 642 -45.82 -79.61 29.76
CA UNK L 642 -45.58 -79.56 31.20
C UNK L 642 -46.91 -79.86 31.89
N UNK L 643 -46.92 -79.85 33.21
CA UNK L 643 -48.12 -80.13 33.98
C UNK L 643 -49.27 -79.16 33.73
N UNK L 644 -48.96 -77.91 33.38
CA UNK L 644 -50.02 -76.93 33.12
C UNK L 644 -50.01 -76.48 31.67
N UNK L 645 -49.49 -77.33 30.78
CA UNK L 645 -49.44 -77.02 29.36
C UNK L 645 -48.78 -75.68 29.10
N UNK L 646 -48.11 -75.13 30.10
CA UNK L 646 -47.46 -73.84 29.92
C UNK L 646 -46.24 -73.98 29.01
N UNK L 647 -45.65 -75.18 29.04
CA UNK L 647 -44.46 -75.43 28.25
C UNK L 647 -44.53 -76.72 27.47
N UNK L 648 -43.57 -76.87 26.56
CA UNK L 648 -43.42 -78.04 25.73
C UNK L 648 -41.91 -78.23 25.61
N UNK L 649 -41.42 -79.41 25.92
CA UNK L 649 -40.00 -79.62 25.78
C UNK L 649 -39.83 -80.47 24.53
N UNK L 650 -38.61 -80.57 24.04
CA UNK L 650 -38.29 -81.39 22.87
C UNK L 650 -36.85 -81.79 23.05
N UNK L 651 -36.55 -83.04 22.83
CA UNK L 651 -35.18 -83.49 22.94
C UNK L 651 -34.86 -84.11 21.59
N UNK L 652 -33.62 -83.94 21.12
CA UNK L 652 -33.27 -84.45 19.79
C UNK L 652 -31.92 -85.11 19.66
N UNK L 653 -31.58 -85.49 18.44
CA UNK L 653 -30.32 -86.14 18.13
C UNK L 653 -29.12 -85.20 18.24
N UNK L 654 -29.38 -83.91 18.37
CA UNK L 654 -28.28 -82.96 18.50
C UNK L 654 -27.85 -82.97 19.95
N UNK L 655 -28.41 -83.90 20.70
CA UNK L 655 -28.08 -84.08 22.12
C UNK L 655 -28.62 -82.98 23.02
N UNK L 656 -29.43 -82.09 22.47
CA UNK L 656 -30.00 -81.00 23.25
C UNK L 656 -31.46 -81.25 23.66
N UNK L 657 -31.88 -80.52 24.68
CA UNK L 657 -33.25 -80.56 25.21
C UNK L 657 -33.70 -79.11 25.17
N UNK L 658 -34.96 -78.85 24.83
CA UNK L 658 -35.39 -77.47 24.75
C UNK L 658 -36.75 -77.21 25.36
N UNK L 659 -36.94 -76.01 25.89
CA UNK L 659 -38.21 -75.66 26.49
C UNK L 659 -38.82 -74.55 25.69
N UNK L 660 -40.11 -74.65 25.41
CA UNK L 660 -40.80 -73.64 24.62
C UNK L 660 -42.07 -73.14 25.30
N UNK L 661 -42.42 -71.88 25.04
CA UNK L 661 -43.64 -71.31 25.59
C UNK L 661 -44.66 -71.92 24.63
N UNK L 662 -45.50 -72.80 25.14
CA UNK L 662 -46.48 -73.45 24.28
C UNK L 662 -47.41 -72.48 23.58
N UNK L 663 -47.44 -71.24 24.05
CA UNK L 663 -48.33 -70.25 23.45
C UNK L 663 -47.71 -69.50 22.29
N UNK L 664 -44.36 -70.10 21.26
CA UNK L 664 -43.36 -70.91 20.60
C UNK L 664 -41.96 -70.34 20.72
N UNK L 665 -41.77 -69.33 21.56
CA UNK L 665 -40.44 -68.76 21.73
C UNK L 665 -39.57 -69.66 22.60
N UNK L 666 -38.34 -69.91 22.15
CA UNK L 666 -37.39 -70.74 22.88
C UNK L 666 -37.27 -70.16 24.28
N UNK L 667 -37.48 -70.97 25.30
CA UNK L 667 -37.41 -70.53 26.68
C UNK L 667 -36.20 -71.16 27.37
N UNK L 668 -32.30 -73.62 26.46
CA UNK L 668 -31.91 -74.97 26.05
C UNK L 668 -30.91 -75.58 27.03
N UNK L 669 -30.96 -76.90 27.16
CA UNK L 669 -30.08 -77.63 28.05
C UNK L 669 -29.24 -78.62 27.28
N UNK L 670 -27.96 -78.31 27.08
CA UNK L 670 -27.08 -79.24 26.38
C UNK L 670 -26.14 -79.85 27.40
N UNK L 671 -26.30 -81.14 27.68
CA UNK L 671 -25.44 -81.82 28.65
C UNK L 671 -25.34 -83.29 28.35
N UNK L 672 -29.13 -85.91 27.18
CA UNK L 672 -30.15 -86.18 28.18
C UNK L 672 -31.38 -86.80 27.50
N UNK L 673 -31.70 -88.02 27.93
CA UNK L 673 -32.81 -88.83 27.38
C UNK L 673 -34.17 -88.62 28.05
N UNK L 674 -34.19 -88.66 29.37
CA UNK L 674 -35.43 -88.48 30.12
C UNK L 674 -35.66 -87.02 30.49
N UNK L 675 -36.93 -86.60 30.48
CA UNK L 675 -37.33 -85.29 30.96
C UNK L 675 -38.84 -85.25 31.17
N UNK L 676 -39.21 -85.14 32.45
CA UNK L 676 -40.60 -85.14 32.89
C UNK L 676 -40.86 -84.07 33.97
N UNK L 677 -42.05 -83.47 33.95
CA UNK L 677 -42.41 -82.42 34.91
C UNK L 677 -43.15 -83.01 36.11
N UNK L 678 -43.38 -82.18 37.12
CA UNK L 678 -44.12 -82.62 38.31
C UNK L 678 -45.60 -82.59 37.95
N UNK L 679 -46.38 -83.52 38.49
CA UNK L 679 -47.81 -83.60 38.18
C UNK L 679 -48.69 -82.59 38.91
N UNK L 680 -48.46 -82.44 40.21
CA UNK L 680 -49.24 -81.49 41.00
C UNK L 680 -49.08 -80.05 40.55
N UNK L 681 -50.22 -79.44 40.27
CA UNK L 681 -50.33 -78.06 39.82
C UNK L 681 -49.76 -77.08 40.84
N UNK L 682 -49.22 -77.61 41.92
CA UNK L 682 -48.66 -76.78 42.96
C UNK L 682 -47.22 -76.40 42.63
N UNK L 683 -46.29 -77.33 42.86
CA UNK L 683 -44.87 -77.11 42.58
C UNK L 683 -44.57 -77.29 41.09
N UNK L 684 -43.43 -76.75 40.64
CA UNK L 684 -43.05 -76.79 39.23
C UNK L 684 -41.62 -77.26 39.00
N UNK L 685 -41.36 -78.56 39.11
CA UNK L 685 -40.01 -79.07 38.91
C UNK L 685 -39.87 -79.87 37.63
N UNK L 686 -38.63 -80.03 37.20
CA UNK L 686 -38.34 -80.78 35.99
C UNK L 686 -37.24 -81.77 36.32
N UNK L 687 -37.44 -83.01 35.91
CA UNK L 687 -36.47 -84.06 36.17
C UNK L 687 -35.89 -84.53 34.86
N UNK L 688 -34.58 -84.71 34.82
CA UNK L 688 -33.91 -85.15 33.60
C UNK L 688 -32.91 -86.27 33.89
N UNK L 689 -32.87 -87.24 32.98
CA UNK L 689 -31.95 -88.35 33.10
C UNK L 689 -31.02 -88.23 31.91
N UNK L 690 -29.73 -88.54 32.08
CA UNK L 690 -28.80 -88.42 30.96
C UNK L 690 -27.82 -89.57 30.85
N UNK L 691 -27.16 -89.65 29.70
CA UNK L 691 -26.15 -90.68 29.45
C UNK L 691 -24.95 -90.46 30.37
N UNK L 692 -24.92 -89.31 31.04
CA UNK L 692 -23.81 -89.00 31.93
C UNK L 692 -24.00 -89.64 33.30
N UNK L 693 -25.02 -90.50 33.41
CA UNK L 693 -25.32 -91.24 34.64
C UNK L 693 -26.05 -90.44 35.71
N UNK L 694 -26.29 -89.16 35.49
CA UNK L 694 -26.98 -88.38 36.51
C UNK L 694 -28.42 -88.11 36.17
N UNK L 695 -29.11 -87.62 37.19
CA UNK L 695 -30.50 -87.21 37.13
C UNK L 695 -30.46 -85.79 37.68
N UNK L 696 -31.33 -84.92 37.19
CA UNK L 696 -31.30 -83.57 37.71
C UNK L 696 -32.68 -83.00 37.96
N UNK L 697 -32.82 -82.25 39.05
CA UNK L 697 -34.06 -81.61 39.37
C UNK L 697 -33.80 -80.15 39.10
N UNK L 698 -34.69 -79.51 38.34
CA UNK L 698 -34.55 -78.11 38.02
C UNK L 698 -35.75 -77.41 38.59
N UNK L 699 -35.53 -76.21 39.13
CA UNK L 699 -36.61 -75.42 39.68
C UNK L 699 -36.76 -74.31 38.66
N UNK L 700 -37.69 -74.48 37.73
CA UNK L 700 -37.94 -73.51 36.66
C UNK L 700 -37.98 -72.06 37.14
N UNK L 701 -38.22 -71.89 38.43
CA UNK L 701 -38.29 -70.56 39.03
C UNK L 701 -36.89 -70.18 39.51
N UNK L 702 -35.86 -70.72 38.86
CA UNK L 702 -34.49 -70.42 39.26
C UNK L 702 -33.50 -70.69 38.14
N UNK L 703 -32.68 -69.69 37.83
CA UNK L 703 -31.70 -69.83 36.76
C UNK L 703 -30.75 -71.00 36.99
N UNK L 704 -30.91 -71.69 38.13
CA UNK L 704 -30.00 -72.80 38.45
C UNK L 704 -30.60 -74.19 38.66
N UNK L 705 -29.71 -75.17 38.63
CA UNK L 705 -30.04 -76.56 38.85
C UNK L 705 -30.40 -76.61 40.32
N UNK L 706 -31.24 -77.56 40.73
CA UNK L 706 -31.63 -77.63 42.14
C UNK L 706 -31.00 -78.80 42.84
N UNK L 707 -30.76 -79.86 42.08
CA UNK L 707 -30.18 -81.06 42.65
C UNK L 707 -29.59 -81.91 41.53
N UNK L 708 -28.64 -82.76 41.89
CA UNK L 708 -28.02 -83.64 40.93
C UNK L 708 -27.92 -84.98 41.60
N UNK L 709 -28.87 -85.87 41.29
CA UNK L 709 -28.86 -87.19 41.89
C UNK L 709 -27.76 -88.09 41.39
N UNK L 710 -26.75 -88.32 42.21
CA UNK L 710 -25.68 -89.22 41.80
C UNK L 710 -26.10 -90.62 42.25
N UNK L 711 -27.87 -96.82 27.89
CA UNK L 711 -29.03 -96.64 28.76
C UNK L 711 -30.04 -95.84 27.94
N UNK L 712 -31.16 -96.47 27.62
CA UNK L 712 -32.15 -95.81 26.79
C UNK L 712 -33.28 -95.11 27.49
N UNK L 713 -33.47 -95.37 28.76
CA UNK L 713 -34.59 -94.75 29.43
C UNK L 713 -34.44 -94.90 30.94
N UNK L 714 -35.10 -94.02 31.69
CA UNK L 714 -35.03 -94.02 33.15
C UNK L 714 -36.11 -93.13 33.73
N UNK L 715 -36.75 -93.60 34.79
CA UNK L 715 -37.82 -92.85 35.45
C UNK L 715 -37.71 -92.99 36.95
N UNK L 716 -37.95 -91.90 37.66
CA UNK L 716 -37.91 -91.97 39.10
C UNK L 716 -39.19 -92.66 39.50
N UNK L 717 -39.20 -93.29 40.66
CA UNK L 717 -40.41 -93.93 41.12
C UNK L 717 -41.30 -92.83 41.68
N UNK L 718 -42.61 -93.07 41.77
CA UNK L 718 -43.48 -92.03 42.31
C UNK L 718 -42.94 -91.64 43.67
N UNK L 719 -37.85 -92.71 45.98
CA UNK L 719 -36.76 -93.49 46.54
C UNK L 719 -36.03 -94.41 45.55
N UNK L 720 -36.67 -94.74 44.44
CA UNK L 720 -36.02 -95.61 43.46
C UNK L 720 -35.89 -94.98 42.10
N UNK L 721 -34.94 -95.47 41.32
CA UNK L 721 -34.72 -94.97 39.97
C UNK L 721 -34.68 -96.16 39.05
N UNK L 722 -35.72 -96.32 38.24
CA UNK L 722 -35.78 -97.44 37.34
C UNK L 722 -34.93 -97.08 36.11
N UNK L 723 -34.27 -98.07 35.55
CA UNK L 723 -33.44 -97.83 34.39
C UNK L 723 -33.57 -98.94 33.37
N UNK L 724 -33.65 -98.52 32.11
CA UNK L 724 -33.88 -99.41 31.00
C UNK L 724 -32.74 -99.29 29.98
N UNK L 725 -32.20 -100.42 29.53
CA UNK L 725 -31.08 -100.41 28.59
C UNK L 725 -31.12 -101.43 27.46
N UNK L 726 -30.05 -101.43 26.69
CA UNK L 726 -29.89 -102.32 25.56
C UNK L 726 -29.26 -103.63 26.02
N UNK L 727 -28.69 -103.62 27.22
CA UNK L 727 -28.06 -104.82 27.74
C UNK L 727 -29.09 -105.86 28.14
N UNK L 728 -30.36 -105.62 27.83
CA UNK L 728 -31.40 -106.57 28.15
C UNK L 728 -31.88 -106.60 29.59
N UNK L 729 -31.63 -105.53 30.34
CA UNK L 729 -32.06 -105.49 31.73
C UNK L 729 -32.97 -104.31 32.07
N UNK L 730 -33.64 -104.44 33.21
CA UNK L 730 -34.46 -103.38 33.78
C UNK L 730 -33.68 -103.28 35.07
N UNK L 731 -33.55 -102.10 35.65
CA UNK L 731 -32.76 -102.03 36.87
C UNK L 731 -33.27 -101.01 37.84
N UNK L 732 -33.20 -101.33 39.12
CA UNK L 732 -33.66 -100.40 40.12
C UNK L 732 -32.52 -99.90 41.00
N UNK L 733 -32.08 -98.69 40.73
CA UNK L 733 -31.04 -98.11 41.53
C UNK L 733 -31.70 -97.44 42.73
N UNK L 734 -30.93 -97.21 43.79
CA UNK L 734 -31.43 -96.58 45.01
C UNK L 734 -30.99 -95.12 45.02
N UNK L 735 -31.94 -94.22 44.78
CA UNK L 735 -31.62 -92.81 44.72
C UNK L 735 -30.73 -92.27 45.83
N UNK L 736 -31.17 -92.42 47.07
CA UNK L 736 -30.41 -91.91 48.20
C UNK L 736 -28.94 -92.31 48.21
N UNK L 737 -28.60 -93.42 47.57
CA UNK L 737 -27.21 -93.87 47.57
C UNK L 737 -26.63 -94.24 46.21
N UNK L 738 -27.40 -94.09 45.16
CA UNK L 738 -26.95 -94.42 43.81
C UNK L 738 -26.38 -95.83 43.69
N UNK L 739 -26.94 -96.79 44.42
CA UNK L 739 -26.50 -98.18 44.41
C UNK L 739 -27.44 -99.07 43.61
N UNK L 740 -26.91 -100.10 42.97
CA UNK L 740 -27.78 -100.99 42.20
C UNK L 740 -28.48 -101.93 43.18
N UNK L 741 -29.80 -101.88 43.24
CA UNK L 741 -30.56 -102.76 44.14
C UNK L 741 -30.98 -104.04 43.45
N UNK L 742 -31.49 -103.96 42.23
CA UNK L 742 -31.89 -105.16 41.49
C UNK L 742 -31.62 -105.00 40.01
N UNK L 743 -31.73 -106.11 39.30
CA UNK L 743 -31.53 -106.14 37.87
C UNK L 743 -32.44 -107.23 37.36
N UNK L 744 -33.22 -106.93 36.31
CA UNK L 744 -34.14 -107.92 35.75
C UNK L 744 -33.84 -108.22 34.31
N UNK L 745 -33.27 -109.38 34.05
CA UNK L 745 -32.95 -109.78 32.69
C UNK L 745 -34.21 -110.08 31.89
N UNK L 746 -34.28 -109.56 30.67
CA UNK L 746 -35.43 -109.86 29.84
C UNK L 746 -35.03 -111.00 28.89
N UNK L 747 -35.58 -112.17 29.21
CA UNK L 747 -35.34 -113.44 28.53
C UNK L 747 -36.62 -114.03 27.92
N UNK L 748 -37.47 -113.20 27.36
CA UNK L 748 -38.71 -113.68 26.79
C UNK L 748 -38.58 -113.84 25.30
N UNK L 749 -37.36 -113.98 24.84
CA UNK L 749 -37.10 -114.09 23.42
C UNK L 749 -36.15 -115.27 23.10
N UNK L 750 -36.51 -116.03 22.07
CA UNK L 750 -35.76 -117.21 21.68
C UNK L 750 -35.39 -117.18 20.19
N UNK L 751 -37.34 -98.64 25.46
CA UNK L 751 -38.50 -97.77 25.75
C UNK L 751 -38.90 -98.00 27.22
N UNK L 752 -39.29 -96.96 27.93
CA UNK L 752 -39.71 -97.15 29.31
C UNK L 752 -40.38 -95.95 29.90
N UNK L 753 -41.71 -95.93 29.78
CA UNK L 753 -42.53 -94.83 30.25
C UNK L 753 -43.28 -95.06 31.55
N UNK L 754 -43.64 -93.96 32.18
CA UNK L 754 -44.36 -93.93 33.46
C UNK L 754 -45.86 -94.00 33.32
N UNK L 755 -46.53 -94.32 34.41
CA UNK L 755 -47.98 -94.38 34.40
C UNK L 755 -48.46 -92.95 34.61
N UNK L 756 -49.76 -92.74 34.52
CA UNK L 756 -50.35 -91.42 34.67
C UNK L 756 -50.10 -90.82 36.05
N UNK L 757 -50.25 -91.65 37.07
CA UNK L 757 -50.06 -91.22 38.44
C UNK L 757 -48.59 -91.26 38.84
N UNK L 758 -47.72 -91.71 37.94
CA UNK L 758 -46.31 -91.78 38.25
C UNK L 758 -45.99 -92.82 39.32
N UNK L 759 -46.93 -93.71 39.56
CA UNK L 759 -46.74 -94.75 40.55
C UNK L 759 -46.44 -96.11 39.95
N UNK L 760 -46.31 -96.16 38.64
CA UNK L 760 -46.00 -97.42 37.97
C UNK L 760 -45.18 -97.12 36.72
N UNK L 761 -44.40 -98.10 36.27
CA UNK L 761 -43.56 -97.91 35.11
C UNK L 761 -43.57 -99.17 34.25
N UNK L 762 -43.69 -99.04 32.94
CA UNK L 762 -43.64 -100.24 32.13
C UNK L 762 -42.31 -100.22 31.41
N UNK L 763 -41.74 -101.39 31.15
CA UNK L 763 -40.48 -101.49 30.42
C UNK L 763 -40.53 -102.66 29.46
N UNK L 764 -39.62 -102.65 28.48
CA UNK L 764 -39.58 -103.69 27.46
C UNK L 764 -38.19 -104.30 27.30
N UNK L 765 -38.16 -105.60 27.01
CA UNK L 765 -36.92 -106.35 26.80
C UNK L 765 -37.19 -107.68 26.08
N UNK L 766 -36.29 -108.04 25.18
CA UNK L 766 -36.40 -109.27 24.40
C UNK L 766 -37.83 -109.48 23.93
N UNK L 767 -38.53 -110.40 24.59
CA UNK L 767 -39.92 -110.70 24.25
C UNK L 767 -41.01 -110.18 25.15
N UNK L 768 -40.68 -109.42 26.18
CA UNK L 768 -41.75 -108.99 27.06
C UNK L 768 -41.79 -107.53 27.48
N UNK L 769 -42.97 -107.12 27.89
CA UNK L 769 -43.23 -105.80 28.42
C UNK L 769 -43.50 -106.15 29.87
N UNK L 770 -42.97 -105.36 30.79
CA UNK L 770 -43.15 -105.64 32.22
C UNK L 770 -43.63 -104.41 32.97
N UNK L 771 -44.59 -104.60 33.86
CA UNK L 771 -45.11 -103.50 34.63
C UNK L 771 -44.61 -103.54 36.06
N UNK L 772 -43.88 -102.51 36.45
CA UNK L 772 -43.32 -102.43 37.79
C UNK L 772 -43.97 -101.39 38.67
N UNK L 773 -43.91 -101.66 39.97
CA UNK L 773 -44.45 -100.77 40.96
C UNK L 773 -43.26 -99.89 41.36
N UNK L 774 -43.30 -98.62 40.99
CA UNK L 774 -42.21 -97.67 41.28
C UNK L 774 -41.73 -97.71 42.74
N UNK L 775 -42.60 -100.38 45.77
CA UNK L 775 -42.19 -101.73 46.13
C UNK L 775 -41.20 -102.37 45.14
N UNK L 776 -41.18 -101.88 43.90
CA UNK L 776 -40.29 -102.43 42.87
C UNK L 776 -40.79 -103.82 42.47
N UNK L 777 -42.08 -104.04 42.67
CA UNK L 777 -42.66 -105.33 42.33
C UNK L 777 -43.09 -105.41 40.89
N UNK L 778 -43.08 -106.62 40.37
CA UNK L 778 -43.49 -106.85 39.00
C UNK L 778 -44.99 -107.06 39.01
N UNK L 779 -45.74 -106.05 38.61
CA UNK L 779 -47.19 -106.15 38.59
C UNK L 779 -47.77 -106.83 37.36
N UNK L 780 -46.96 -107.07 36.34
CA UNK L 780 -47.46 -107.69 35.13
C UNK L 780 -46.39 -108.10 34.15
N UNK L 781 -46.68 -109.14 33.38
CA UNK L 781 -45.75 -109.66 32.42
C UNK L 781 -46.50 -110.21 31.21
N UNK L 782 -46.65 -109.38 30.17
CA UNK L 782 -47.31 -109.85 28.97
C UNK L 782 -46.20 -110.29 28.03
N UNK L 783 -48.30 -110.41 26.06
CA UNK L 783 -47.32 -110.97 25.13
C UNK L 783 -47.72 -110.57 23.73
N UNK L 784 -46.80 -109.90 23.05
CA UNK L 784 -47.06 -109.40 21.72
C UNK L 784 -46.85 -110.41 20.60
N UNK L 785 -42.16 -110.49 17.29
CA UNK L 785 -41.57 -109.40 16.52
C UNK L 785 -40.86 -108.62 17.60
N UNK L 786 -40.72 -107.30 17.43
CA UNK L 786 -40.07 -106.49 18.46
C UNK L 786 -40.74 -105.13 18.59
N UNK L 787 -41.14 -104.79 19.81
CA UNK L 787 -41.78 -103.51 20.06
C UNK L 787 -40.78 -102.41 19.73
N UNK L 788 -41.18 -101.51 18.83
CA UNK L 788 -40.31 -100.43 18.40
C UNK L 788 -40.43 -99.17 19.29
N UNK L 789 -41.60 -99.00 19.92
CA UNK L 789 -41.80 -97.86 20.83
C UNK L 789 -43.09 -98.00 21.62
N UNK L 790 -43.20 -97.25 22.71
CA UNK L 790 -44.39 -97.28 23.56
C UNK L 790 -44.55 -96.05 24.45
N UNK L 791 -45.63 -96.01 25.22
CA UNK L 791 -45.83 -94.91 26.15
C UNK L 791 -46.96 -95.27 27.07
N UNK L 792 -46.70 -95.10 28.35
CA UNK L 792 -47.63 -95.42 29.40
C UNK L 792 -48.48 -94.19 29.75
N UNK L 793 -49.79 -94.38 29.73
CA UNK L 793 -50.74 -93.31 30.02
C UNK L 793 -50.70 -92.92 31.49
N UNK L 794 -51.44 -91.86 31.87
CA UNK L 794 -51.42 -91.47 33.29
C UNK L 794 -52.70 -91.96 33.97
N UNK L 795 -53.59 -92.56 33.18
CA UNK L 795 -54.87 -93.10 33.67
C UNK L 795 -55.18 -94.44 33.02
N UNK L 796 -56.16 -95.13 33.57
CA UNK L 796 -56.59 -96.44 33.06
C UNK L 796 -55.46 -97.43 32.78
N UNK L 797 -54.29 -97.20 33.37
CA UNK L 797 -53.11 -98.05 33.17
C UNK L 797 -52.96 -98.36 31.68
N UNK L 798 -53.33 -97.41 30.84
CA UNK L 798 -53.22 -97.64 29.40
C UNK L 798 -51.80 -97.49 28.93
N UNK L 799 -51.45 -98.27 27.94
CA UNK L 799 -50.12 -98.22 27.38
C UNK L 799 -50.25 -98.37 25.88
N UNK L 800 -49.59 -97.49 25.13
CA UNK L 800 -49.62 -97.58 23.68
C UNK L 800 -48.27 -97.98 23.20
N UNK L 801 -48.23 -98.94 22.30
CA UNK L 801 -46.96 -99.39 21.77
C UNK L 801 -47.05 -99.55 20.27
N UNK L 802 -46.01 -99.09 19.59
CA UNK L 802 -45.95 -99.25 18.15
C UNK L 802 -45.37 -100.65 18.10
N UNK L 803 -45.71 -100.47 11.37
CA UNK L 803 -47.02 -99.83 11.31
C UNK L 803 -48.23 -100.40 12.09
N UNK L 804 -48.00 -101.37 12.97
CA UNK L 804 -49.08 -101.91 13.76
C UNK L 804 -49.09 -101.14 15.05
N UNK L 805 -50.25 -100.64 15.45
CA UNK L 805 -50.31 -99.87 16.68
C UNK L 805 -51.43 -100.38 17.53
N UNK L 806 -51.11 -100.85 18.73
CA UNK L 806 -52.16 -101.34 19.62
C UNK L 806 -51.96 -100.81 21.01
N UNK L 807 -53.03 -100.40 21.66
CA UNK L 807 -52.89 -99.93 23.03
C UNK L 807 -53.46 -101.01 23.94
N UNK L 808 -52.69 -101.32 24.98
CA UNK L 808 -53.00 -102.34 25.96
C UNK L 808 -53.39 -101.80 27.32
N UNK L 809 -53.89 -102.69 28.14
CA UNK L 809 -54.33 -102.38 29.48
C UNK L 809 -53.44 -103.15 30.46
N UNK L 810 -52.41 -102.50 31.00
CA UNK L 810 -51.54 -103.14 31.97
C UNK L 810 -52.51 -103.44 33.11
N UNK L 811 -52.12 -104.28 34.06
CA UNK L 811 -53.03 -104.61 35.15
C UNK L 811 -54.07 -105.63 34.69
N UNK L 812 -53.68 -106.77 31.62
CA UNK L 812 -52.75 -107.46 30.73
C UNK L 812 -53.40 -107.95 29.45
N UNK L 813 -54.35 -107.17 28.94
CA UNK L 813 -55.08 -107.53 27.72
C UNK L 813 -55.07 -106.40 26.69
N UNK L 814 -55.13 -106.76 25.41
CA UNK L 814 -55.17 -105.71 24.40
C UNK L 814 -56.56 -105.09 24.47
N UNK L 815 -56.61 -103.77 24.29
CA UNK L 815 -57.83 -102.99 24.37
C UNK L 815 -58.30 -102.49 23.01
N UNK L 816 -57.35 -102.10 22.16
CA UNK L 816 -57.73 -101.60 20.85
C UNK L 816 -56.66 -101.76 19.82
N UNK L 817 -57.08 -101.91 18.57
CA UNK L 817 -56.17 -102.02 17.46
C UNK L 817 -56.28 -100.70 16.74
N UNK L 818 -55.16 -100.02 16.58
CA UNK L 818 -55.14 -98.73 15.93
C UNK L 818 -54.49 -98.84 14.56
N UNK L 819 -55.32 -98.95 13.54
CA UNK L 819 -54.84 -99.09 12.18
C UNK L 819 -54.81 -97.72 11.53
N UNK L 820 -53.62 -97.22 11.21
CA UNK L 820 -53.53 -95.92 10.58
C UNK L 820 -52.40 -95.75 9.59
N UNK L 821 -51.34 -96.55 9.74
CA UNK L 821 -50.19 -96.45 8.84
C UNK L 821 -49.93 -97.76 8.11
N UNK L 822 -49.27 -97.68 6.96
CA UNK L 822 -48.91 -98.88 6.19
C UNK L 822 -47.40 -98.82 5.96
N UNK L 823 -46.86 -97.24 6.06
CA UNK L 823 -45.47 -96.90 6.27
C UNK L 823 -45.25 -96.95 7.78
N UNK L 824 -44.06 -97.34 8.18
CA UNK L 824 -43.66 -97.43 9.60
C UNK L 824 -44.26 -96.49 10.63
N UNK L 825 -44.76 -97.04 11.73
CA UNK L 825 -45.39 -96.20 12.75
C UNK L 825 -44.40 -96.07 13.91
N UNK L 826 -43.91 -94.87 14.12
CA UNK L 826 -42.91 -94.62 15.15
C UNK L 826 -43.47 -94.44 16.54
N UNK L 827 -44.58 -93.73 16.64
CA UNK L 827 -45.14 -93.47 17.94
C UNK L 827 -46.66 -93.55 17.95
N UNK L 828 -47.21 -93.55 19.15
CA UNK L 828 -48.65 -93.68 19.27
C UNK L 828 -49.03 -93.42 20.72
N UNK L 829 -50.09 -92.66 20.97
CA UNK L 829 -50.50 -92.49 22.35
C UNK L 829 -51.90 -91.96 22.59
N UNK L 830 -52.38 -92.20 23.81
CA UNK L 830 -53.72 -91.78 24.19
C UNK L 830 -53.79 -90.33 24.58
N UNK L 831 -54.98 -89.77 24.45
CA UNK L 831 -55.22 -88.40 24.84
C UNK L 831 -55.17 -88.53 26.35
N UNK L 832 -55.18 -87.41 27.07
CA UNK L 832 -55.11 -87.57 28.52
C UNK L 832 -56.29 -88.30 29.16
N UNK L 833 -57.50 -88.12 28.64
CA UNK L 833 -58.66 -88.82 29.22
C UNK L 833 -58.81 -90.18 28.57
N UNK L 834 -57.82 -90.51 27.74
CA UNK L 834 -57.81 -91.80 27.06
C UNK L 834 -59.02 -91.97 26.16
N UNK L 835 -59.69 -90.88 25.82
CA UNK L 835 -60.86 -90.97 24.98
C UNK L 835 -60.45 -91.14 23.53
N UNK L 836 -59.23 -90.76 23.21
CA UNK L 836 -58.78 -90.91 21.85
C UNK L 836 -57.27 -91.12 21.86
N UNK L 837 -56.70 -91.45 20.71
CA UNK L 837 -55.26 -91.66 20.61
C UNK L 837 -54.75 -91.17 19.26
N UNK L 838 -53.44 -90.90 19.17
CA UNK L 838 -52.87 -90.44 17.93
C UNK L 838 -51.85 -91.43 17.41
N UNK L 839 -51.61 -91.38 16.11
CA UNK L 839 -50.66 -92.28 15.46
C UNK L 839 -49.64 -91.43 14.71
N UNK L 840 -48.36 -91.69 14.92
CA UNK L 840 -47.31 -90.93 14.21
C UNK L 840 -46.45 -91.83 13.34
N UNK L 841 -46.35 -91.52 12.05
CA UNK L 841 -45.57 -92.40 11.19
C UNK L 841 -44.62 -91.82 10.16
N UNK L 842 -43.95 -92.75 9.50
CA UNK L 842 -42.97 -92.47 8.47
C UNK L 842 -43.61 -91.89 7.22
N UNK L 843 -44.90 -92.16 7.05
CA UNK L 843 -45.62 -91.61 5.90
C UNK L 843 -45.88 -90.15 6.23
N UNK L 844 -45.05 -89.62 7.13
CA UNK L 844 -45.12 -88.25 7.61
C UNK L 844 -46.49 -87.70 7.93
N UNK L 845 -47.35 -88.54 8.49
CA UNK L 845 -48.66 -88.07 8.87
C UNK L 845 -48.89 -88.36 10.34
N UNK L 846 -49.87 -87.68 10.90
CA UNK L 846 -50.25 -87.86 12.29
C UNK L 846 -51.75 -87.99 12.21
N UNK L 847 -52.29 -89.08 12.73
CA UNK L 847 -53.74 -89.26 12.68
C UNK L 847 -54.36 -89.43 14.06
N UNK L 848 -55.49 -88.77 14.27
CA UNK L 848 -56.16 -88.85 15.55
C UNK L 848 -57.34 -89.78 15.44
N UNK L 849 -57.42 -90.70 16.40
CA UNK L 849 -58.49 -91.68 16.45
C UNK L 849 -59.25 -91.56 17.75
N UNK L 850 -60.52 -91.96 17.73
CA UNK L 850 -61.34 -91.95 18.92
C UNK L 850 -61.52 -93.40 19.32
N UNK L 851 -60.97 -93.76 20.47
CA UNK L 851 -61.01 -95.12 21.01
C UNK L 851 -62.36 -95.79 20.89
N UNK L 852 -63.37 -95.22 21.54
CA UNK L 852 -64.71 -95.80 21.49
C UNK L 852 -65.03 -96.34 20.10
N UNK L 853 -65.09 -95.45 19.11
CA UNK L 853 -65.40 -95.83 17.73
C UNK L 853 -64.47 -96.89 17.15
N UNK L 854 -63.20 -96.89 17.54
CA UNK L 854 -62.26 -97.87 17.01
C UNK L 854 -62.44 -99.27 17.58
N UNK L 855 -62.74 -99.34 18.88
CA UNK L 855 -62.94 -100.63 19.54
C UNK L 855 -64.25 -101.33 19.21
N UNK L 856 -65.19 -100.60 18.65
CA UNK L 856 -66.46 -101.21 18.29
C UNK L 856 -66.18 -102.33 17.31
N UNK L 857 -66.86 -103.44 17.51
CA UNK L 857 -66.73 -104.61 16.65
C UNK L 857 -67.19 -104.25 15.25
N UNK L 858 -63.17 -110.68 13.85
CA UNK L 858 -63.91 -110.39 12.64
C UNK L 858 -63.14 -110.69 11.36
N UNK L 859 -63.91 -110.81 10.29
CA UNK L 859 -63.40 -111.10 8.96
C UNK L 859 -63.05 -109.84 8.19
N UNK L 860 -63.07 -108.70 8.87
CA UNK L 860 -62.76 -107.48 8.16
C UNK L 860 -61.29 -107.48 7.76
N UNK L 861 -60.40 -107.96 8.64
CA UNK L 861 -58.98 -108.02 8.33
C UNK L 861 -58.49 -109.45 8.30
N UNK L 862 -57.88 -109.85 7.18
CA UNK L 862 -57.39 -111.20 7.04
C UNK L 862 -55.93 -111.11 6.69
N UNK L 863 -55.31 -112.28 6.56
CA UNK L 863 -53.90 -112.38 6.17
C UNK L 863 -53.97 -112.54 4.68
N UNK L 864 -52.84 -112.63 4.02
CA UNK L 864 -52.85 -112.80 2.57
C UNK L 864 -52.91 -114.27 2.13
N UNK L 865 -53.01 -115.15 3.13
CA UNK L 865 -53.11 -116.57 2.86
C UNK L 865 -54.60 -116.90 2.77
N UNK L 866 -55.10 -116.98 1.54
CA UNK L 866 -56.50 -117.29 1.29
C UNK L 866 -56.66 -118.15 0.07
N UNK L 867 -57.84 -118.76 -0.05
CA UNK L 867 -58.15 -119.58 -1.20
C UNK L 867 -59.59 -119.29 -1.61
N UNK L 868 -59.81 -119.18 -2.91
CA UNK L 868 -61.11 -118.86 -3.48
C UNK L 868 -61.72 -119.92 -4.38
N UNK L 869 -63.04 -120.04 -4.32
CA UNK L 869 -63.77 -120.99 -5.15
C UNK L 869 -64.95 -120.30 -5.82
N UNK L 870 -64.79 -120.02 -7.12
CA UNK L 870 -65.83 -119.37 -7.91
C UNK L 870 -66.90 -120.37 -8.35
N UNK L 871 -68.00 -120.44 -7.62
CA UNK L 871 -69.06 -121.37 -7.95
C UNK L 871 -70.29 -120.74 -8.62
N UNK L 872 -72.16 -117.57 -7.21
CA UNK L 872 -71.42 -116.82 -6.19
C UNK L 872 -69.93 -117.16 -6.04
N UNK L 873 -69.25 -116.38 -5.21
CA UNK L 873 -67.82 -116.57 -4.94
C UNK L 873 -67.59 -116.95 -3.47
N UNK L 874 -66.60 -117.81 -3.23
CA UNK L 874 -66.27 -118.27 -1.89
C UNK L 874 -64.80 -118.08 -1.55
N UNK L 875 -64.56 -117.40 -0.43
CA UNK L 875 -63.21 -117.13 0.02
C UNK L 875 -62.98 -117.67 1.44
N UNK L 876 -61.98 -118.52 1.58
CA UNK L 876 -61.62 -119.11 2.87
C UNK L 876 -60.32 -118.38 3.19
N UNK L 877 -60.22 -117.79 4.37
CA UNK L 877 -59.00 -117.07 4.67
C UNK L 877 -58.48 -117.21 6.09
N UNK L 878 -57.17 -117.12 6.21
CA UNK L 878 -56.50 -117.19 7.51
C UNK L 878 -56.74 -115.88 8.23
N UNK L 879 -57.45 -115.91 9.35
CA UNK L 879 -57.72 -114.66 10.09
C UNK L 879 -56.43 -113.95 10.50
N UNK L 880 -56.51 -112.62 10.58
CA UNK L 880 -55.36 -111.81 10.96
C UNK L 880 -54.89 -112.06 12.39
N UNK L 881 -59.54 -118.96 10.85
CA UNK L 881 -59.78 -118.68 9.46
C UNK L 881 -61.26 -118.40 9.25
N UNK L 882 -61.55 -117.58 8.26
CA UNK L 882 -62.91 -117.18 7.96
C UNK L 882 -63.42 -117.79 6.65
N UNK L 883 -64.67 -118.24 6.68
CA UNK L 883 -65.29 -118.79 5.49
C UNK L 883 -66.13 -117.63 4.97
N UNK L 884 -65.53 -116.81 4.12
CA UNK L 884 -66.19 -115.63 3.55
C UNK L 884 -66.89 -115.92 2.24
N UNK L 885 -68.19 -115.65 2.20
CA UNK L 885 -68.99 -115.85 1.01
C UNK L 885 -69.22 -114.49 0.35
N UNK L 886 -68.45 -114.18 -0.67
CA UNK L 886 -68.61 -112.90 -1.36
C UNK L 886 -70.02 -112.83 -1.89
N UNK L 887 -70.57 -111.62 -2.04
CA UNK L 887 -71.95 -111.48 -2.51
C UNK L 887 -72.84 -112.02 -1.39
N UNK L 888 -72.38 -113.41 5.16
CA UNK L 888 -72.13 -114.80 5.57
C UNK L 888 -70.68 -115.16 5.87
N UNK L 889 -70.20 -114.66 7.00
CA UNK L 889 -68.86 -114.93 7.46
C UNK L 889 -68.93 -115.95 8.59
N UNK L 890 -68.23 -117.06 8.41
CA UNK L 890 -68.22 -118.12 9.40
C UNK L 890 -66.83 -118.38 9.89
N UNK L 891 -66.67 -118.20 11.20
CA UNK L 891 -65.42 -118.36 11.90
C UNK L 891 -65.16 -119.76 12.38
N UNK L 892 -63.89 -120.15 12.30
CA UNK L 892 -63.42 -121.45 12.73
C UNK L 892 -62.14 -121.16 13.49
N UNK L 893 -62.19 -121.22 14.82
CA UNK L 893 -61.03 -120.96 15.66
C UNK L 893 -59.96 -122.02 15.48
N UNK L 894 -58.72 -121.68 15.80
CA UNK L 894 -57.64 -122.65 15.69
C UNK L 894 -56.29 -122.08 16.10
N UNK L 895 -53.41 -120.79 12.27
CA UNK L 895 -53.03 -121.52 11.09
C UNK L 895 -52.00 -120.71 10.31
N UNK L 896 -51.40 -121.34 9.31
CA UNK L 896 -50.40 -120.68 8.47
C UNK L 896 -50.78 -120.69 7.00
N UNK L 897 -51.75 -121.52 6.63
CA UNK L 897 -52.18 -121.58 5.25
C UNK L 897 -53.54 -122.22 5.17
N UNK L 898 -54.30 -121.85 4.14
CA UNK L 898 -55.63 -122.37 4.00
C UNK L 898 -55.79 -123.29 2.81
N UNK L 899 -56.98 -123.87 2.68
CA UNK L 899 -57.27 -124.81 1.60
C UNK L 899 -58.76 -125.16 1.54
N UNK L 900 -59.33 -125.11 0.34
CA UNK L 900 -60.75 -125.43 0.15
C UNK L 900 -60.92 -126.63 -0.78
N UNK L 901 -61.72 -127.59 -0.35
CA UNK L 901 -61.96 -128.78 -1.16
C UNK L 901 -63.09 -128.48 -2.11
N UNK L 902 -62.83 -128.54 -3.43
CA UNK L 902 -63.92 -128.25 -4.36
C UNK L 902 -65.16 -129.00 -3.86
N UNK L 903 -65.46 -129.41 3.04
CA UNK L 903 -64.22 -129.64 3.79
C UNK L 903 -63.26 -128.47 3.61
N UNK L 904 -62.57 -128.11 4.68
CA UNK L 904 -61.56 -127.04 4.61
C UNK L 904 -60.35 -127.62 5.32
N UNK L 905 -59.16 -127.30 4.83
CA UNK L 905 -57.96 -127.82 5.47
C UNK L 905 -56.99 -126.69 5.77
N UNK L 906 -56.13 -126.88 6.76
CA UNK L 906 -55.17 -125.82 7.04
C UNK L 906 -53.82 -126.21 7.58
N UNK L 907 -52.85 -125.34 7.28
CA UNK L 907 -51.49 -125.52 7.71
C UNK L 907 -51.34 -125.01 9.12
N UNK L 908 -50.22 -125.34 9.74
CA UNK L 908 -49.99 -124.93 11.11
C UNK L 908 -48.58 -124.42 11.28
N UNK L 909 -48.38 -123.59 12.30
CA UNK L 909 -47.06 -123.01 12.55
C UNK L 909 -46.08 -124.11 12.91
N UNK L 910 -48.58 -128.97 11.97
CA UNK L 910 -49.81 -129.75 12.00
C UNK L 910 -50.69 -129.56 10.76
N UNK L 911 -51.48 -130.58 10.45
CA UNK L 911 -52.39 -130.56 9.31
C UNK L 911 -53.78 -131.00 9.80
N UNK L 912 -54.82 -130.28 9.40
CA UNK L 912 -56.17 -130.64 9.84
C UNK L 912 -57.25 -130.38 8.81
N UNK L 913 -58.18 -131.32 8.67
CA UNK L 913 -59.30 -131.16 7.77
C UNK L 913 -60.48 -130.98 8.67
N UNK L 914 -61.34 -130.01 8.34
CA UNK L 914 -62.55 -129.79 9.11
C UNK L 914 -63.65 -130.01 8.11
N UNK L 915 -64.74 -130.65 8.53
CA UNK L 915 -65.84 -130.87 7.60
C UNK L 915 -66.97 -129.91 7.87
N UNK L 916 -67.16 -129.00 6.93
CA UNK L 916 -68.18 -127.95 7.01
C UNK L 916 -69.61 -128.43 7.25
N UNK L 917 -70.10 -129.40 6.46
CA UNK L 917 -71.48 -129.85 6.66
C UNK L 917 -71.77 -129.94 8.16
N UNK L 918 -70.75 -130.30 8.92
CA UNK L 918 -70.88 -130.43 10.36
C UNK L 918 -70.31 -129.20 11.07
N UNK L 919 -66.60 -131.85 13.80
CA UNK L 919 -65.85 -133.09 13.58
C UNK L 919 -64.80 -132.92 12.49
N UNK L 920 -63.54 -133.14 12.85
CA UNK L 920 -62.42 -132.99 11.93
C UNK L 920 -61.38 -134.03 12.29
N UNK L 921 -60.19 -133.88 11.69
CA UNK L 921 -59.16 -134.92 11.71
C UNK L 921 -57.75 -134.31 11.71
N UNK L 922 -56.77 -135.05 12.23
CA UNK L 922 -55.39 -134.56 12.30
C UNK L 922 -54.36 -135.56 11.78
N UNK L 923 -53.86 -135.31 10.58
CA UNK L 923 -52.89 -136.22 10.00
C UNK L 923 -51.45 -135.88 10.31
N UNK L 924 -50.86 -136.61 11.28
CA UNK L 924 -49.48 -136.43 11.75
C UNK L 924 -48.29 -136.26 10.78
N UNK L 925 -46.51 -124.55 4.53
CA UNK L 925 -46.62 -123.55 3.47
C UNK L 925 -47.81 -123.83 2.57
N UNK L 926 -47.57 -124.19 1.31
CA UNK L 926 -48.67 -124.47 0.40
C UNK L 926 -49.43 -125.72 0.92
N UNK L 927 -50.72 -125.85 0.59
CA UNK L 927 -51.54 -127.02 1.01
C UNK L 927 -52.79 -127.18 0.15
N UNK L 928 -52.94 -128.31 -0.52
CA UNK L 928 -54.08 -128.49 -1.40
C UNK L 928 -54.74 -129.87 -1.39
N UNK L 929 -55.99 -129.92 -1.83
CA UNK L 929 -56.76 -131.16 -1.92
C UNK L 929 -56.54 -131.75 -3.31
N UNK L 930 -56.82 -133.03 -3.46
CA UNK L 930 -56.65 -133.69 -4.75
C UNK L 930 -57.87 -133.32 -5.56
N UNK L 931 -57.83 -133.57 -6.87
CA UNK L 931 -58.98 -133.28 -7.74
C UNK L 931 -60.24 -133.69 -6.98
N UNK L 932 -54.58 -135.11 0.68
CA UNK L 932 -54.11 -133.73 0.88
C UNK L 932 -52.63 -133.53 0.66
N UNK L 933 -52.25 -132.99 -0.48
CA UNK L 933 -50.85 -132.74 -0.71
C UNK L 933 -50.48 -131.45 0.06
N UNK L 934 -49.31 -131.47 0.70
CA UNK L 934 -48.88 -130.32 1.47
C UNK L 934 -47.38 -130.23 1.53
N UNK L 935 -46.87 -129.01 1.54
CA UNK L 935 -45.44 -128.80 1.62
C UNK L 935 -45.12 -127.88 2.77
N UNK L 936 -43.88 -127.96 3.21
CA UNK L 936 -43.38 -127.12 4.28
C UNK L 936 -42.01 -126.60 3.86
N UNK L 937 -41.26 -126.13 4.84
CA UNK L 937 -39.98 -125.50 4.60
C UNK L 937 -38.82 -126.49 4.57
N UNK L 938 -39.09 -127.71 4.11
CA UNK L 938 -38.07 -128.74 4.00
C UNK L 938 -38.28 -129.47 2.66
N UNK L 939 -37.54 -130.53 2.38
CA UNK L 939 -37.64 -131.23 1.07
C UNK L 939 -38.67 -132.36 0.85
N UNK L 940 -39.53 -132.63 1.81
CA UNK L 940 -40.51 -133.68 1.61
C UNK L 940 -41.89 -133.08 1.32
N UNK L 941 -42.70 -133.78 0.52
CA UNK L 941 -44.05 -133.30 0.22
C UNK L 941 -45.09 -134.32 0.69
N UNK L 942 -45.70 -134.10 1.84
CA UNK L 942 -46.69 -135.02 2.37
C UNK L 942 -47.94 -135.24 1.53
N UNK L 943 -48.20 -136.50 1.19
CA UNK L 943 -49.39 -136.87 0.40
C UNK L 943 -50.28 -137.72 1.28
N UNK L 944 -50.95 -137.07 2.23
CA UNK L 944 -51.83 -137.72 3.19
C UNK L 944 -53.21 -138.03 2.66
N UNK L 945 -53.36 -139.25 2.19
CA UNK L 945 -54.64 -139.70 1.68
C UNK L 945 -55.53 -139.96 2.91
N UNK L 946 -56.00 -138.88 3.52
CA UNK L 946 -56.86 -138.97 4.69
C UNK L 946 -58.07 -139.86 4.34
N UNK L 947 -53.59 -143.46 5.05
CA UNK L 947 -52.40 -143.77 4.26
C UNK L 947 -51.58 -142.52 4.02
N UNK L 948 -50.29 -142.72 3.75
CA UNK L 948 -49.39 -141.63 3.48
C UNK L 948 -48.43 -141.99 2.37
N UNK L 949 -48.11 -141.00 1.55
CA UNK L 949 -47.17 -141.19 0.47
C UNK L 949 -46.24 -140.01 0.65
N UNK L 950 -44.95 -140.29 0.81
CA UNK L 950 -43.97 -139.24 1.02
C UNK L 950 -43.10 -139.08 -0.20
N UNK L 951 -42.77 -137.84 -0.52
CA UNK L 951 -41.93 -137.54 -1.68
C UNK L 951 -40.64 -136.89 -1.21
N UNK L 952 -39.63 -137.71 -0.93
CA UNK L 952 -38.34 -137.20 -0.47
C UNK L 952 -37.58 -136.65 -1.65
N UNK L 953 -37.84 -135.39 -1.93
CA UNK L 953 -37.21 -134.70 -3.04
C UNK L 953 -35.70 -134.60 -2.82
N UNK L 954 -35.31 -134.67 -1.55
CA UNK L 954 -33.90 -134.58 -1.18
C UNK L 954 -33.32 -133.28 -1.73
N UNK L 955 -33.70 -129.04 -1.47
CA UNK L 955 -33.29 -128.26 -0.31
C UNK L 955 -34.57 -127.88 0.42
N UNK L 956 -35.54 -127.38 -0.34
CA UNK L 956 -36.85 -126.98 0.16
C UNK L 956 -37.76 -126.85 -1.04
N UNK L 957 -38.96 -127.39 -0.92
CA UNK L 957 -39.93 -127.29 -1.99
C UNK L 957 -40.41 -125.85 -2.01
N UNK L 958 -40.06 -125.11 -3.07
CA UNK L 958 -40.47 -123.72 -3.18
C UNK L 958 -41.99 -123.75 -3.18
N UNK L 959 -42.55 -124.59 -4.04
CA UNK L 959 -44.00 -124.75 -4.13
C UNK L 959 -44.35 -125.90 -5.06
N UNK L 960 -45.63 -126.15 -5.24
CA UNK L 960 -46.07 -127.23 -6.10
C UNK L 960 -47.47 -126.98 -6.57
N UNK L 961 -47.98 -127.89 -7.38
CA UNK L 961 -49.34 -127.78 -7.89
C UNK L 961 -49.78 -129.11 -8.50
N UNK L 962 -51.04 -129.46 -8.27
CA UNK L 962 -51.59 -130.69 -8.81
C UNK L 962 -51.38 -130.71 -10.31
N UNK L 963 -51.59 -131.87 -10.93
CA UNK L 963 -51.41 -131.98 -12.36
C UNK L 963 -52.46 -132.94 -12.93
N UNK L 964 -53.29 -137.76 -11.28
CA UNK L 964 -52.56 -138.09 -10.06
C UNK L 964 -51.07 -137.72 -10.14
N UNK L 965 -50.69 -137.05 -11.21
CA UNK L 965 -49.30 -136.61 -11.38
C UNK L 965 -49.22 -135.23 -10.70
N UNK L 966 -48.06 -134.84 -10.17
CA UNK L 966 -47.92 -133.56 -9.49
C UNK L 966 -46.58 -132.85 -9.74
N UNK L 967 -46.67 -131.64 -10.28
CA UNK L 967 -45.49 -130.83 -10.61
C UNK L 967 -44.90 -130.16 -9.36
N UNK L 968 -43.59 -130.22 -9.22
CA UNK L 968 -42.93 -129.65 -8.05
C UNK L 968 -41.58 -129.01 -8.34
N UNK L 969 -41.33 -127.87 -7.70
CA UNK L 969 -40.09 -127.14 -7.86
C UNK L 969 -39.55 -126.68 -6.51
N UNK L 970 -38.26 -126.90 -6.31
CA UNK L 970 -37.60 -126.50 -5.08
C UNK L 970 -36.70 -125.39 -5.51
N UNK L 971 -35.99 -124.78 -4.58
CA UNK L 971 -35.08 -123.73 -4.99
C UNK L 971 -33.66 -124.25 -5.10
N UNK L 972 -33.53 -125.23 -5.99
CA UNK L 972 -32.28 -125.89 -6.35
C UNK L 972 -32.28 -126.02 -7.87
N UNK L 973 -33.07 -125.16 -8.51
CA UNK L 973 -33.19 -125.14 -9.96
C UNK L 973 -33.92 -126.34 -10.51
N UNK L 974 -34.23 -127.27 -9.61
CA UNK L 974 -34.91 -128.48 -10.00
C UNK L 974 -36.42 -128.39 -10.02
N UNK L 975 -37.01 -129.10 -10.97
CA UNK L 975 -38.45 -129.17 -11.17
C UNK L 975 -38.71 -130.64 -11.39
N UNK L 976 -39.61 -131.24 -10.62
CA UNK L 976 -39.86 -132.65 -10.80
C UNK L 976 -41.32 -132.93 -11.13
N UNK L 977 -41.60 -134.15 -11.60
CA UNK L 977 -42.96 -134.58 -11.95
C UNK L 977 -43.36 -135.85 -11.20
N UNK L 978 -43.58 -135.74 -9.88
CA UNK L 978 -43.95 -136.89 -9.06
C UNK L 978 -45.27 -137.53 -9.45
N UNK L 979 -45.45 -138.76 -8.98
CA UNK L 979 -46.66 -139.52 -9.21
C UNK L 979 -47.19 -139.79 -7.81
N UNK L 980 -48.43 -139.39 -7.53
CA UNK L 980 -48.98 -139.68 -6.22
C UNK L 980 -49.39 -141.15 -6.26
N UNK L 981 -43.12 -141.62 -6.93
CA UNK L 981 -42.08 -141.93 -7.90
C UNK L 981 -41.78 -140.77 -8.83
N UNK L 982 -40.54 -140.31 -8.78
CA UNK L 982 -40.06 -139.21 -9.59
C UNK L 982 -39.96 -139.60 -11.06
N UNK L 983 -41.08 -139.48 -11.78
CA UNK L 983 -41.07 -139.80 -13.18
C UNK L 983 -40.05 -138.89 -13.90
N UNK L 984 -40.30 -137.60 -13.88
CA UNK L 984 -39.39 -136.64 -14.51
C UNK L 984 -38.61 -135.81 -13.49
N UNK L 985 -37.44 -135.34 -13.91
CA UNK L 985 -36.57 -134.55 -13.05
C UNK L 985 -35.67 -133.65 -13.90
N UNK L 986 -35.82 -132.33 -13.76
CA UNK L 986 -35.02 -131.36 -14.52
C UNK L 986 -34.20 -130.48 -13.59
N UNK L 987 -33.17 -129.86 -14.17
CA UNK L 987 -32.31 -128.92 -13.42
C UNK L 987 -32.29 -127.71 -14.35
N UNK L 988 -33.48 -127.12 -14.53
CA UNK L 988 -33.71 -125.97 -15.40
C UNK L 988 -33.19 -124.59 -14.98
N UNK L 989 -32.55 -124.49 -13.82
CA UNK L 989 -32.00 -123.22 -13.35
C UNK L 989 -30.90 -123.50 -12.34
N UNK L 990 -29.92 -122.61 -12.25
CA UNK L 990 -28.82 -122.81 -11.30
C UNK L 990 -29.10 -122.08 -9.99
N UNK L 991 -41.74 -119.11 -9.65
CA UNK L 991 -43.01 -119.66 -10.08
C UNK L 991 -42.88 -120.28 -11.47
N UNK L 992 -43.75 -121.23 -11.78
CA UNK L 992 -43.70 -121.89 -13.08
C UNK L 992 -45.05 -122.56 -13.28
N UNK L 993 -45.64 -122.40 -14.46
CA UNK L 993 -46.96 -122.98 -14.71
C UNK L 993 -46.98 -123.88 -15.93
N UNK L 994 -48.10 -124.58 -16.09
CA UNK L 994 -48.28 -125.50 -17.21
C UNK L 994 -49.09 -124.83 -18.30
N UNK L 995 -49.06 -125.42 -19.50
CA UNK L 995 -49.78 -124.89 -20.64
C UNK L 995 -51.24 -125.30 -20.59
N UNK L 996 -50.49 -130.06 -22.42
CA UNK L 996 -49.55 -130.04 -21.32
C UNK L 996 -48.22 -130.17 -21.99
N UNK L 997 -48.24 -130.13 -23.31
CA UNK L 997 -47.01 -130.26 -24.08
C UNK L 997 -45.99 -129.29 -23.51
N UNK L 998 -46.47 -128.20 -22.93
CA UNK L 998 -45.59 -127.18 -22.38
C UNK L 998 -45.81 -126.86 -20.88
N UNK L 999 -44.73 -126.54 -20.18
CA UNK L 999 -44.78 -126.20 -18.76
C UNK L 999 -43.49 -125.42 -18.47
N UNK L 1000 -43.60 -124.10 -18.38
CA UNK L 1000 -42.40 -123.31 -18.17
C UNK L 1000 -42.17 -122.82 -16.75
N UNK L 1001 -40.94 -122.34 -16.54
CA UNK L 1001 -40.46 -121.84 -15.26
C UNK L 1001 -40.13 -120.37 -15.29
N UNK L 1002 -39.62 -119.90 -14.15
CA UNK L 1002 -39.23 -118.51 -13.95
C UNK L 1002 -38.38 -118.59 -12.69
N UNK L 1003 -37.20 -118.00 -12.70
CA UNK L 1003 -36.37 -118.11 -11.50
C UNK L 1003 -35.15 -117.24 -11.52
N UNK L 1004 -34.06 -115.66 -15.93
CA UNK L 1004 -34.96 -115.58 -17.05
C UNK L 1004 -36.15 -116.51 -16.87
N UNK L 1005 -36.81 -116.84 -17.98
CA UNK L 1005 -37.96 -117.73 -17.96
C UNK L 1005 -37.79 -118.85 -18.99
N UNK L 1006 -37.04 -119.88 -18.62
CA UNK L 1006 -36.79 -121.03 -19.48
C UNK L 1006 -38.08 -121.84 -19.62
N UNK L 1007 -38.52 -122.05 -20.85
CA UNK L 1007 -39.74 -122.78 -21.13
C UNK L 1007 -39.46 -124.13 -21.81
N UNK L 1008 -40.12 -125.20 -21.35
CA UNK L 1008 -39.91 -126.51 -21.97
C UNK L 1008 -41.13 -127.42 -22.22
N UNK L 1009 -40.85 -128.68 -22.56
CA UNK L 1009 -41.89 -129.68 -22.91
C UNK L 1009 -42.02 -130.97 -22.08
N UNK L 1010 -36.46 -125.56 -24.09
CA UNK L 1010 -36.73 -125.25 -25.49
C UNK L 1010 -35.98 -123.95 -25.83
N UNK L 1011 -36.12 -122.94 -24.98
CA UNK L 1011 -35.41 -121.66 -25.20
C UNK L 1011 -35.37 -120.71 -24.02
N UNK L 1012 -34.17 -120.24 -23.69
CA UNK L 1012 -33.94 -119.31 -22.60
C UNK L 1012 -34.38 -117.89 -23.01
N UNK L 1013 -35.20 -117.25 -22.18
CA UNK L 1013 -35.73 -115.90 -22.45
C UNK L 1013 -35.11 -114.85 -21.53
N UNK L 1014 -33.86 -114.51 -21.77
CA UNK L 1014 -33.15 -113.54 -20.92
C UNK L 1014 -33.58 -112.09 -21.10
N UNK L 1015 -34.89 -111.84 -21.08
CA UNK L 1015 -35.38 -110.49 -21.25
C UNK L 1015 -35.32 -109.60 -20.00
N UNK L 1016 -36.02 -110.02 -18.94
CA UNK L 1016 -36.08 -109.26 -17.69
C UNK L 1016 -34.73 -108.93 -17.05
N UNK L 1017 -34.63 -107.69 -16.55
CA UNK L 1017 -33.40 -107.24 -15.90
C UNK L 1017 -33.55 -107.36 -14.40
N UNK L 1018 -35.53 -109.79 -12.73
CA UNK L 1018 -35.65 -111.22 -12.38
C UNK L 1018 -37.10 -111.68 -12.31
N UNK L 1019 -37.44 -112.68 -13.12
CA UNK L 1019 -38.81 -113.17 -13.17
C UNK L 1019 -39.28 -113.72 -11.84
N UNK L 1020 -40.59 -113.60 -11.60
CA UNK L 1020 -41.18 -114.06 -10.36
C UNK L 1020 -42.52 -114.73 -10.59
N UNK L 1021 -43.01 -114.70 -11.82
CA UNK L 1021 -44.29 -115.33 -12.13
C UNK L 1021 -44.48 -115.43 -13.64
N UNK L 1022 -45.51 -116.17 -14.07
CA UNK L 1022 -45.79 -116.32 -15.49
C UNK L 1022 -47.01 -117.18 -15.75
N UNK L 1023 -47.53 -117.09 -16.97
CA UNK L 1023 -48.70 -117.88 -17.34
C UNK L 1023 -48.76 -118.06 -18.86
N UNK L 1024 -49.44 -119.12 -19.27
CA UNK L 1024 -49.60 -119.42 -20.69
C UNK L 1024 -50.96 -118.96 -21.17
N UNK L 1025 -51.02 -118.42 -22.37
CA UNK L 1025 -52.29 -117.97 -22.93
C UNK L 1025 -53.13 -119.21 -23.03
N UNK L 1026 -54.43 -119.09 -22.75
CA UNK L 1026 -55.33 -120.24 -22.80
C UNK L 1026 -55.26 -120.84 -24.22
N UNK L 1027 -48.80 -117.64 -26.18
CA UNK L 1027 -48.03 -116.68 -25.41
C UNK L 1027 -47.76 -117.09 -23.99
N UNK L 1028 -46.68 -116.54 -23.45
CA UNK L 1028 -46.25 -116.80 -22.09
C UNK L 1028 -45.76 -115.47 -21.52
N UNK L 1029 -46.59 -114.87 -20.67
CA UNK L 1029 -46.27 -113.59 -20.03
C UNK L 1029 -45.49 -113.86 -18.75
N UNK L 1030 -44.44 -113.09 -18.53
CA UNK L 1030 -43.61 -113.27 -17.36
C UNK L 1030 -43.53 -112.05 -16.44
N UNK L 1031 -43.52 -112.34 -15.13
CA UNK L 1031 -43.47 -111.29 -14.13
C UNK L 1031 -42.09 -110.91 -13.65
N UNK L 1032 -41.77 -109.63 -13.81
CA UNK L 1032 -40.48 -109.07 -13.44
C UNK L 1032 -40.49 -108.59 -11.99
N UNK L 1033 -39.32 -108.72 -11.36
CA UNK L 1033 -39.16 -108.31 -9.97
C UNK L 1033 -39.16 -106.78 -9.90
N UNK L 1034 -39.11 -106.12 -11.04
CA UNK L 1034 -39.12 -104.67 -11.10
C UNK L 1034 -40.26 -104.15 -11.95
N UNK L 1035 -41.46 -104.58 -11.61
CA UNK L 1035 -42.64 -104.13 -12.32
C UNK L 1035 -42.64 -104.30 -13.82
N UNK L 1036 -41.61 -104.93 -14.36
CA UNK L 1036 -41.54 -105.15 -15.81
C UNK L 1036 -42.38 -106.38 -16.12
N UNK L 1037 -42.69 -106.59 -17.38
CA UNK L 1037 -43.49 -107.73 -17.77
C UNK L 1037 -43.31 -107.68 -19.27
N UNK L 1038 -42.70 -108.73 -19.81
CA UNK L 1038 -42.63 -108.95 -21.25
C UNK L 1038 -43.55 -110.09 -21.64
N UNK L 1039 -44.09 -109.99 -22.84
CA UNK L 1039 -44.95 -111.04 -23.37
C UNK L 1039 -44.04 -111.81 -24.33
N UNK L 1040 -44.09 -113.13 -24.28
CA UNK L 1040 -43.28 -113.95 -25.17
C UNK L 1040 -44.24 -114.83 -25.98
N UNK L 1041 -43.73 -115.43 -27.05
CA UNK L 1041 -44.58 -116.29 -27.90
C UNK L 1041 -44.21 -117.78 -27.90
N UNK L 1042 -43.56 -108.60 -27.28
CA UNK L 1042 -43.54 -107.22 -26.84
C UNK L 1042 -43.37 -107.11 -25.33
N UNK L 1043 -42.65 -106.07 -24.89
CA UNK L 1043 -42.41 -105.87 -23.46
C UNK L 1043 -43.24 -104.77 -22.78
N UNK L 1044 -44.56 -104.88 -22.85
CA UNK L 1044 -45.43 -103.90 -22.21
C UNK L 1044 -45.14 -103.87 -20.72
N UNK L 1045 -44.40 -102.86 -20.26
CA UNK L 1045 -44.06 -102.77 -18.83
C UNK L 1045 -43.59 -101.41 -18.31
N UNK L 1046 -44.51 -100.44 -18.18
CA UNK L 1046 -44.18 -99.09 -17.69
C UNK L 1046 -43.77 -99.07 -16.21
N UNK L 1047 -42.56 -105.08 -7.65
CA UNK L 1047 -42.81 -106.48 -7.98
C UNK L 1047 -44.01 -106.62 -8.91
N UNK L 1048 -44.20 -107.84 -9.42
CA UNK L 1048 -45.31 -108.23 -10.28
C UNK L 1048 -45.45 -109.69 -9.92
N UNK L 1049 -46.19 -109.96 -8.86
CA UNK L 1049 -46.34 -111.32 -8.38
C UNK L 1049 -47.40 -112.18 -9.03
N UNK L 1050 -47.88 -111.82 -10.20
CA UNK L 1050 -48.90 -112.65 -10.82
C UNK L 1050 -49.40 -112.13 -12.16
N UNK L 1051 -49.84 -113.05 -13.01
CA UNK L 1051 -50.39 -112.72 -14.32
C UNK L 1051 -51.45 -113.76 -14.67
N UNK L 1052 -52.20 -113.50 -15.73
CA UNK L 1052 -53.24 -114.41 -16.17
C UNK L 1052 -53.78 -113.84 -17.48
N UNK L 1053 -53.82 -114.66 -18.50
CA UNK L 1053 -54.43 -114.27 -19.76
C UNK L 1053 -55.92 -114.48 -19.60
N UNK L 1054 -56.70 -113.86 -20.49
CA UNK L 1054 -58.14 -113.99 -20.46
C UNK L 1054 -58.53 -115.15 -21.36
N UNK L 1055 -59.77 -115.64 -21.26
CA UNK L 1055 -60.06 -116.74 -22.18
C UNK L 1055 -59.74 -116.27 -23.60
N UNK L 1056 -60.38 -115.18 -24.01
CA UNK L 1056 -60.18 -114.58 -25.33
C UNK L 1056 -58.72 -114.45 -25.77
N UNK L 1057 -57.78 -114.66 -24.86
CA UNK L 1057 -56.35 -114.58 -25.16
C UNK L 1057 -55.94 -113.18 -25.66
N UNK L 1058 -56.63 -112.15 -25.18
CA UNK L 1058 -56.34 -110.78 -25.59
C UNK L 1058 -56.00 -109.83 -24.43
N UNK L 1059 -56.74 -109.96 -23.32
CA UNK L 1059 -56.53 -109.14 -22.14
C UNK L 1059 -55.70 -109.87 -21.10
N UNK L 1060 -54.59 -109.26 -20.69
CA UNK L 1060 -53.72 -109.85 -19.68
C UNK L 1060 -53.90 -109.08 -18.37
N UNK L 1061 -54.28 -109.78 -17.30
CA UNK L 1061 -54.46 -109.14 -15.99
C UNK L 1061 -53.16 -109.29 -15.19
N UNK L 1062 -52.78 -108.22 -14.51
CA UNK L 1062 -51.54 -108.19 -13.73
C UNK L 1062 -51.77 -107.78 -12.28
N UNK L 1063 -50.90 -108.25 -11.37
CA UNK L 1063 -51.02 -107.91 -9.96
C UNK L 1063 -49.65 -107.85 -9.29
N UNK L 1064 -50.40 -103.31 -7.24
CA UNK L 1064 -51.82 -103.10 -7.51
C UNK L 1064 -52.18 -103.87 -8.76
N UNK L 1065 -53.48 -103.99 -9.04
CA UNK L 1065 -53.95 -104.68 -10.22
C UNK L 1065 -53.77 -103.76 -11.43
N UNK L 1066 -53.71 -104.32 -12.63
CA UNK L 1066 -53.49 -103.50 -13.83
C UNK L 1066 -53.74 -104.38 -15.04
N UNK L 1067 -54.73 -104.03 -15.85
CA UNK L 1067 -55.05 -104.79 -17.06
C UNK L 1067 -54.30 -104.27 -18.27
N UNK L 1068 -54.09 -105.14 -19.27
CA UNK L 1068 -53.38 -104.75 -20.49
C UNK L 1068 -54.05 -105.19 -21.80
N UNK L 1069 -53.38 -104.87 -22.90
CA UNK L 1069 -53.86 -105.19 -24.25
C UNK L 1069 -52.78 -105.95 -25.01
N UNK L 1070 -53.08 -107.21 -25.36
CA UNK L 1070 -52.13 -108.04 -26.11
C UNK L 1070 -51.63 -107.33 -27.36
N UNK L 1071 -56.44 -99.50 -7.90
CA UNK L 1071 -55.42 -99.22 -6.92
C UNK L 1071 -56.01 -99.70 -5.60
N UNK L 1072 -55.33 -100.62 -4.97
CA UNK L 1072 -55.77 -101.13 -3.69
C UNK L 1072 -55.06 -100.32 -2.63
N UNK L 1073 -55.74 -100.05 -1.51
CA UNK L 1073 -55.14 -99.29 -0.41
C UNK L 1073 -53.71 -99.81 -0.16
N UNK L 1074 -53.58 -101.12 -0.03
CA UNK L 1074 -52.29 -101.72 0.21
C UNK L 1074 -51.60 -102.20 -1.05
N UNK L 1075 -50.39 -102.71 -0.89
CA UNK L 1075 -49.62 -103.21 -2.01
C UNK L 1075 -49.17 -104.63 -1.76
N UNK L 1076 -48.14 -105.01 -2.51
CA UNK L 1076 -47.56 -106.33 -2.42
C UNK L 1076 -48.61 -107.41 -2.39
N UNK L 1077 -49.37 -107.48 -3.47
CA UNK L 1077 -50.39 -108.49 -3.56
C UNK L 1077 -49.64 -109.76 -3.95
N UNK L 1078 -50.32 -110.89 -3.96
CA UNK L 1078 -49.70 -112.14 -4.39
C UNK L 1078 -50.19 -112.86 -5.65
N UNK L 1079 -51.30 -113.55 -5.53
CA UNK L 1079 -51.88 -114.28 -6.66
C UNK L 1079 -53.31 -113.79 -6.85
N UNK L 1080 -53.59 -113.20 -8.00
CA UNK L 1080 -54.87 -112.55 -8.21
C UNK L 1080 -55.76 -113.71 -8.66
N UNK L 1081 -56.94 -113.83 -8.09
CA UNK L 1081 -57.83 -114.92 -8.49
C UNK L 1081 -58.87 -114.50 -9.51
N UNK L 1082 -58.54 -114.66 -10.80
CA UNK L 1082 -59.49 -114.33 -11.86
C UNK L 1082 -60.47 -115.49 -11.89
N UNK L 1083 -61.54 -115.39 -12.65
CA UNK L 1083 -62.50 -116.48 -12.71
C UNK L 1083 -62.73 -116.91 -14.15
N UNK L 1084 -63.67 -117.84 -14.37
CA UNK L 1084 -63.96 -118.29 -15.74
C UNK L 1084 -64.36 -117.11 -16.65
N UNK L 1085 -65.49 -116.49 -16.31
CA UNK L 1085 -66.01 -115.36 -17.06
C UNK L 1085 -65.06 -114.16 -17.14
N UNK L 1086 -63.98 -114.18 -16.37
CA UNK L 1086 -63.01 -113.07 -16.34
C UNK L 1086 -63.75 -111.80 -15.95
N UNK L 1087 -64.80 -111.99 -15.16
CA UNK L 1087 -65.68 -110.91 -14.73
C UNK L 1087 -65.81 -110.85 -13.20
N UNK L 1088 -64.82 -111.43 -12.51
CA UNK L 1088 -64.80 -111.45 -11.04
C UNK L 1088 -63.35 -111.62 -10.62
N UNK L 1089 -62.92 -110.88 -9.62
CA UNK L 1089 -61.54 -110.98 -9.15
C UNK L 1089 -61.49 -110.94 -7.63
N UNK L 1090 -60.53 -111.64 -7.05
CA UNK L 1090 -60.38 -111.66 -5.60
C UNK L 1090 -58.92 -111.58 -5.23
N UNK L 1091 -58.61 -110.74 -4.24
CA UNK L 1091 -57.23 -110.60 -3.81
C UNK L 1091 -57.18 -110.04 -2.40
N UNK L 1092 -55.97 -109.89 -1.87
CA UNK L 1092 -55.81 -109.39 -0.53
C UNK L 1092 -54.48 -108.67 -0.40
N UNK L 1093 -54.53 -107.40 -0.01
CA UNK L 1093 -53.31 -106.60 0.14
C UNK L 1093 -52.72 -106.73 1.52
N UNK L 1094 -51.47 -106.31 1.69
CA UNK L 1094 -50.83 -106.41 3.00
C UNK L 1094 -51.51 -105.58 4.06
N UNK L 1095 -52.62 -104.97 3.72
CA UNK L 1095 -53.37 -104.22 4.71
C UNK L 1095 -54.45 -105.15 5.20
N UNK L 1096 -54.42 -106.40 4.72
CA UNK L 1096 -55.38 -107.40 5.13
C UNK L 1096 -56.79 -107.11 4.66
N UNK L 1097 -56.88 -106.34 3.60
CA UNK L 1097 -58.17 -105.99 3.05
C UNK L 1097 -58.55 -107.00 1.97
N UNK L 1098 -59.77 -107.53 2.06
CA UNK L 1098 -60.24 -108.52 1.09
C UNK L 1098 -60.98 -107.90 -0.11
N UNK L 1099 -60.29 -107.82 -1.24
CA UNK L 1099 -60.91 -107.24 -2.43
C UNK L 1099 -61.59 -108.30 -3.31
N UNK L 1100 -62.91 -108.20 -3.43
CA UNK L 1100 -63.67 -109.08 -4.30
C UNK L 1100 -64.28 -108.17 -5.36
N UNK L 1101 -63.53 -107.92 -6.43
CA UNK L 1101 -63.96 -107.05 -7.50
C UNK L 1101 -64.81 -107.82 -8.52
N UNK L 1102 -65.56 -107.11 -9.35
CA UNK L 1102 -66.42 -107.77 -10.33
C UNK L 1102 -66.99 -106.80 -11.38
N TYR M 10 -14.70 -46.95 -1.46
CA TYR M 10 -15.18 -46.89 -2.84
C TYR M 10 -15.67 -48.25 -3.26
N GLN M 11 -15.53 -48.59 -4.54
CA GLN M 11 -16.03 -49.88 -5.02
C GLN M 11 -15.12 -50.48 -6.08
N TYR M 12 -14.91 -51.80 -5.99
CA TYR M 12 -14.10 -52.50 -6.97
C TYR M 12 -14.59 -52.42 -8.39
N LYS M 13 -15.89 -52.55 -8.57
CA LYS M 13 -16.42 -52.55 -9.91
C LYS M 13 -16.20 -51.24 -10.64
N ASP M 14 -16.42 -50.12 -9.97
CA ASP M 14 -16.20 -48.83 -10.58
C ASP M 14 -14.73 -48.59 -10.93
N ILE M 15 -13.85 -49.03 -10.05
CA ILE M 15 -12.45 -48.74 -10.21
C ILE M 15 -11.96 -49.35 -11.51
N LEU M 16 -12.49 -50.50 -11.88
CA LEU M 16 -11.88 -51.35 -12.88
C LEU M 16 -11.73 -50.68 -14.20
N SER M 17 -12.80 -50.06 -14.62
CA SER M 17 -12.88 -49.47 -15.96
C SER M 17 -11.74 -48.50 -16.23
N VAL M 18 -11.26 -47.86 -15.16
CA VAL M 18 -10.19 -46.90 -15.23
C VAL M 18 -8.98 -47.41 -16.01
N PHE M 19 -8.37 -48.49 -15.54
CA PHE M 19 -7.16 -48.99 -16.17
C PHE M 19 -7.51 -50.12 -17.12
N GLU M 20 -8.54 -49.91 -17.91
CA GLU M 20 -8.87 -50.82 -19.01
C GLU M 20 -7.83 -50.64 -20.10
N ASP M 21 -7.33 -49.42 -20.27
CA ASP M 21 -6.24 -49.13 -21.22
C ASP M 21 -5.11 -50.15 -21.13
N ALA M 22 -4.77 -50.52 -19.89
CA ALA M 22 -3.72 -51.51 -19.62
C ALA M 22 -4.22 -52.92 -19.95
N PHE M 23 -5.42 -53.26 -19.50
CA PHE M 23 -5.97 -54.60 -19.66
C PHE M 23 -5.96 -55.11 -21.12
N VAL M 24 -5.98 -54.19 -22.08
CA VAL M 24 -5.83 -54.53 -23.49
C VAL M 24 -4.40 -54.80 -23.83
N ASP M 25 -3.54 -54.01 -23.21
CA ASP M 25 -2.13 -54.09 -23.47
C ASP M 25 -1.54 -55.45 -23.12
N ASN M 26 -1.81 -56.00 -21.94
CA ASN M 26 -1.29 -57.32 -21.64
C ASN M 26 -2.23 -58.49 -21.28
N PHE M 27 -3.36 -58.22 -20.65
CA PHE M 27 -4.23 -59.29 -20.24
C PHE M 27 -4.80 -59.94 -21.47
N ASP M 28 -4.92 -61.26 -21.44
CA ASP M 28 -5.81 -61.96 -22.36
C ASP M 28 -6.69 -63.00 -21.71
N CYS M 29 -8.00 -62.89 -21.93
CA CYS M 29 -8.91 -63.93 -21.43
C CYS M 29 -8.78 -65.29 -22.08
N LYS M 30 -8.76 -65.28 -23.41
CA LYS M 30 -8.88 -66.50 -24.21
C LYS M 30 -7.98 -67.59 -23.65
N ASP M 31 -6.71 -67.28 -23.51
CA ASP M 31 -5.79 -68.20 -22.85
C ASP M 31 -6.26 -68.32 -21.41
N VAL M 32 -6.67 -67.17 -20.91
CA VAL M 32 -6.62 -66.81 -19.51
C VAL M 32 -7.83 -67.24 -18.69
N GLN M 33 -8.04 -68.55 -18.56
CA GLN M 33 -9.18 -69.00 -17.77
C GLN M 33 -9.12 -70.35 -17.10
N ASP M 34 -8.99 -70.33 -15.79
CA ASP M 34 -9.66 -71.22 -14.86
C ASP M 34 -11.14 -70.84 -15.01
N MET M 35 -11.37 -69.54 -15.12
CA MET M 35 -12.71 -68.98 -15.23
C MET M 35 -13.67 -69.36 -14.13
N PRO M 36 -13.24 -69.11 -12.82
CA PRO M 36 -14.06 -69.79 -11.80
C PRO M 36 -15.51 -69.36 -11.86
N LYS M 37 -16.33 -70.37 -11.85
CA LYS M 37 -17.62 -70.41 -12.50
C LYS M 37 -18.49 -69.31 -11.96
N SER M 38 -18.41 -69.08 -10.66
CA SER M 38 -19.20 -68.02 -10.05
C SER M 38 -18.77 -66.55 -10.32
N ILE M 39 -17.48 -66.21 -10.20
CA ILE M 39 -17.04 -64.90 -10.65
C ILE M 39 -17.47 -64.60 -12.10
N LEU M 40 -17.10 -65.49 -13.03
CA LEU M 40 -17.54 -65.38 -14.42
C LEU M 40 -18.26 -66.64 -14.89
N SER M 41 -19.35 -66.47 -15.62
CA SER M 41 -20.10 -67.61 -16.16
C SER M 41 -19.20 -68.47 -17.03
N LYS M 42 -19.71 -69.61 -17.51
CA LYS M 42 -18.86 -70.53 -18.25
C LYS M 42 -19.04 -70.26 -19.74
N GLU M 43 -20.24 -69.82 -20.11
CA GLU M 43 -20.52 -69.35 -21.47
C GLU M 43 -19.81 -68.04 -21.73
N GLU M 44 -20.02 -67.09 -20.82
CA GLU M 44 -19.47 -65.75 -20.95
C GLU M 44 -17.95 -65.78 -21.03
N ILE M 45 -17.35 -66.64 -20.24
CA ILE M 45 -16.00 -67.03 -20.44
C ILE M 45 -16.00 -67.68 -21.81
N ASP M 46 -17.08 -68.41 -22.06
CA ASP M 46 -17.21 -69.08 -23.32
C ASP M 46 -17.26 -68.00 -24.38
N HIS M 47 -18.08 -66.98 -24.14
CA HIS M 47 -18.30 -65.99 -25.15
C HIS M 47 -17.05 -65.19 -25.48
N ILE M 48 -16.39 -64.72 -24.45
CA ILE M 48 -15.43 -63.67 -24.64
C ILE M 48 -14.28 -64.04 -25.54
N ILE M 49 -13.66 -65.19 -25.28
CA ILE M 49 -12.39 -65.54 -25.91
C ILE M 49 -12.57 -65.70 -27.41
N MET M 50 -13.82 -65.86 -27.80
CA MET M 50 -14.15 -66.08 -29.18
C MET M 50 -14.51 -64.80 -29.92
N SER M 51 -14.50 -63.67 -29.22
CA SER M 51 -14.66 -62.39 -29.91
C SER M 51 -13.37 -62.05 -30.64
N LYS M 52 -13.46 -61.18 -31.63
CA LYS M 52 -12.42 -61.07 -32.64
C LYS M 52 -11.04 -60.66 -32.16
N ASP M 53 -10.97 -59.65 -31.31
CA ASP M 53 -9.72 -58.91 -31.12
C ASP M 53 -9.21 -58.83 -29.71
N ALA M 54 -8.33 -57.85 -29.45
CA ALA M 54 -8.02 -57.53 -28.08
C ALA M 54 -8.86 -56.39 -27.51
N VAL M 55 -9.06 -55.34 -28.29
CA VAL M 55 -9.74 -54.17 -27.76
C VAL M 55 -11.19 -54.45 -27.41
N SER M 56 -11.74 -55.48 -28.02
CA SER M 56 -13.13 -55.86 -27.91
C SER M 56 -13.29 -56.89 -26.80
N GLY M 57 -12.32 -57.77 -26.69
CA GLY M 57 -12.34 -58.74 -25.62
C GLY M 57 -12.26 -58.01 -24.31
N THR M 58 -11.40 -57.03 -24.21
CA THR M 58 -11.34 -56.46 -22.91
C THR M 58 -12.80 -56.12 -22.67
N LEU M 59 -13.45 -55.52 -23.66
CA LEU M 59 -14.73 -54.89 -23.45
C LEU M 59 -15.83 -55.81 -22.99
N ARG M 60 -15.87 -57.02 -23.52
CA ARG M 60 -16.79 -57.98 -22.96
C ARG M 60 -16.38 -58.30 -21.53
N LEU M 61 -15.09 -58.53 -21.29
CA LEU M 61 -14.72 -58.95 -19.95
C LEU M 61 -15.14 -57.88 -18.94
N PHE M 62 -14.71 -56.65 -19.19
CA PHE M 62 -15.01 -55.55 -18.29
C PHE M 62 -16.50 -55.27 -18.29
N TRP M 63 -17.20 -55.65 -19.35
CA TRP M 63 -18.63 -55.41 -19.37
C TRP M 63 -19.39 -56.40 -18.50
N THR M 64 -19.39 -57.67 -18.89
CA THR M 64 -20.13 -58.71 -18.21
C THR M 64 -19.82 -58.76 -16.70
N LEU M 65 -18.56 -58.57 -16.39
CA LEU M 65 -18.07 -58.69 -15.02
C LEU M 65 -18.52 -57.52 -14.12
N LEU M 66 -18.76 -56.40 -14.77
CA LEU M 66 -19.47 -55.27 -14.18
C LEU M 66 -20.90 -55.64 -13.83
N SER M 67 -21.47 -56.54 -14.63
CA SER M 67 -22.86 -56.93 -14.51
C SER M 67 -23.14 -57.64 -13.19
N LYS M 68 -22.19 -58.48 -12.80
CA LYS M 68 -22.31 -59.32 -11.64
C LYS M 68 -22.20 -58.54 -10.34
N GLN M 69 -22.68 -59.13 -9.25
CA GLN M 69 -22.74 -58.45 -7.97
C GLN M 69 -21.33 -58.08 -7.54
N GLU M 70 -21.23 -56.95 -6.86
CA GLU M 70 -19.97 -56.27 -6.60
C GLU M 70 -18.98 -57.06 -5.77
N GLU M 71 -19.46 -58.11 -5.12
CA GLU M 71 -18.65 -58.88 -4.19
C GLU M 71 -17.74 -59.91 -4.86
N MET M 72 -18.20 -60.49 -5.97
CA MET M 72 -17.44 -61.55 -6.59
C MET M 72 -16.25 -60.97 -7.36
N VAL M 73 -16.48 -59.86 -8.04
CA VAL M 73 -15.42 -59.34 -8.86
C VAL M 73 -14.17 -59.52 -8.03
N GLN M 74 -14.27 -59.19 -6.75
CA GLN M 74 -13.15 -59.32 -5.83
C GLN M 74 -12.47 -60.67 -6.03
N LYS M 75 -13.28 -61.67 -6.36
CA LYS M 75 -12.75 -62.98 -6.64
C LYS M 75 -11.80 -62.81 -7.80
N PHE M 76 -12.29 -62.04 -8.75
CA PHE M 76 -11.58 -61.81 -9.98
C PHE M 76 -10.40 -60.91 -9.73
N VAL M 77 -10.68 -59.83 -9.04
CA VAL M 77 -9.71 -58.80 -8.79
C VAL M 77 -8.57 -59.35 -7.95
N GLU M 78 -8.88 -60.25 -7.03
CA GLU M 78 -7.88 -60.65 -6.07
C GLU M 78 -7.29 -62.02 -6.30
N GLU M 79 -8.01 -63.02 -5.85
CA GLU M 79 -7.48 -64.36 -5.92
C GLU M 79 -7.24 -64.85 -7.32
N VAL M 80 -8.19 -64.59 -8.21
CA VAL M 80 -8.06 -65.01 -9.60
C VAL M 80 -6.88 -64.36 -10.31
N LEU M 81 -7.02 -63.08 -10.55
CA LEU M 81 -6.20 -62.39 -11.51
C LEU M 81 -4.77 -62.44 -11.05
N ARG M 82 -4.63 -62.59 -9.75
CA ARG M 82 -3.37 -62.77 -9.09
C ARG M 82 -2.68 -64.08 -9.47
N ILE M 83 -3.46 -65.12 -9.70
CA ILE M 83 -2.89 -66.45 -9.85
C ILE M 83 -1.92 -66.54 -11.04
N ASN M 84 -2.27 -65.92 -12.15
CA ASN M 84 -1.34 -65.84 -13.26
C ASN M 84 -0.85 -64.43 -13.46
N TYR M 85 -1.21 -63.53 -12.55
CA TYR M 85 -0.90 -62.13 -12.73
C TYR M 85 -0.44 -61.51 -11.45
N LYS M 86 0.50 -60.57 -11.61
CA LYS M 86 0.98 -59.64 -10.58
C LYS M 86 0.90 -58.16 -10.94
N PHE M 87 1.63 -57.83 -12.01
CA PHE M 87 1.77 -56.45 -12.48
C PHE M 87 0.42 -55.79 -12.45
N LEU M 88 -0.56 -56.45 -13.03
CA LEU M 88 -1.89 -55.97 -12.93
C LEU M 88 -2.56 -55.77 -11.56
N MET M 89 -2.70 -56.84 -10.78
CA MET M 89 -3.47 -56.81 -9.54
C MET M 89 -3.22 -55.57 -8.69
N SER M 90 -1.94 -55.24 -8.51
CA SER M 90 -1.55 -54.16 -7.65
C SER M 90 -2.11 -52.87 -8.21
N PRO M 91 -1.92 -52.68 -9.59
CA PRO M 91 -2.49 -51.43 -10.09
C PRO M 91 -3.93 -51.22 -9.74
N ILE M 92 -4.81 -52.19 -9.85
CA ILE M 92 -6.18 -51.92 -9.41
C ILE M 92 -6.21 -51.73 -7.91
N LYS M 93 -5.59 -52.66 -7.20
CA LYS M 93 -5.67 -52.72 -5.75
C LYS M 93 -5.22 -51.43 -5.09
N THR M 94 -4.30 -50.74 -5.76
CA THR M 94 -3.77 -49.50 -5.25
C THR M 94 -4.86 -48.48 -5.45
N GLU M 95 -5.87 -48.89 -6.19
CA GLU M 95 -7.00 -48.04 -6.51
C GLU M 95 -8.16 -48.12 -5.53
N GLN M 96 -8.50 -49.32 -5.14
CA GLN M 96 -9.71 -49.43 -4.41
C GLN M 96 -9.45 -48.50 -3.25
N ARG M 97 -8.29 -48.56 -2.62
CA ARG M 97 -7.97 -47.50 -1.69
C ARG M 97 -7.62 -46.15 -2.32
N GLN M 98 -6.74 -46.16 -3.31
CA GLN M 98 -6.08 -44.93 -3.73
C GLN M 98 -6.89 -43.85 -4.42
N PRO M 99 -7.75 -44.23 -5.34
CA PRO M 99 -8.65 -43.31 -6.00
C PRO M 99 -8.00 -42.02 -6.54
N SER M 100 -7.00 -42.13 -7.40
CA SER M 100 -6.25 -40.99 -7.87
C SER M 100 -7.20 -39.99 -8.43
N MET M 101 -6.94 -38.70 -8.24
CA MET M 101 -8.00 -37.74 -8.36
C MET M 101 -8.66 -37.75 -9.73
N MET M 102 -7.88 -37.71 -10.79
CA MET M 102 -8.56 -37.89 -12.06
C MET M 102 -9.58 -39.04 -12.02
N THR M 103 -9.20 -40.14 -11.38
CA THR M 103 -10.07 -41.31 -11.27
C THR M 103 -11.39 -40.97 -10.59
N ARG M 104 -11.33 -40.44 -9.39
CA ARG M 104 -12.55 -40.13 -8.74
C ARG M 104 -13.22 -39.11 -9.58
N MET M 105 -12.49 -38.22 -10.19
CA MET M 105 -13.25 -37.23 -10.88
C MET M 105 -14.10 -37.92 -11.92
N TYR M 106 -13.59 -38.96 -12.57
CA TYR M 106 -14.42 -39.62 -13.57
C TYR M 106 -15.63 -40.28 -12.93
N ILE M 107 -15.42 -41.06 -11.88
CA ILE M 107 -16.50 -41.86 -11.36
C ILE M 107 -17.54 -40.90 -10.91
N GLU M 108 -17.08 -39.81 -10.34
CA GLU M 108 -17.98 -38.83 -9.80
C GLU M 108 -18.84 -38.38 -10.93
N GLN M 109 -18.20 -38.08 -12.04
CA GLN M 109 -18.98 -37.71 -13.19
C GLN M 109 -19.76 -38.90 -13.62
N ARG M 110 -19.14 -40.06 -13.69
CA ARG M 110 -19.83 -41.05 -14.46
C ARG M 110 -21.19 -41.30 -13.85
N ASP M 111 -21.29 -41.37 -12.53
CA ASP M 111 -22.57 -41.63 -11.92
C ASP M 111 -23.51 -40.51 -12.28
N ARG M 112 -22.98 -39.32 -12.41
CA ARG M 112 -23.86 -38.22 -12.70
C ARG M 112 -24.57 -38.64 -13.96
N LEU M 113 -23.83 -39.35 -14.80
CA LEU M 113 -24.35 -39.77 -16.09
C LEU M 113 -25.48 -40.77 -15.99
N TYR M 114 -25.30 -41.79 -15.17
CA TYR M 114 -26.29 -42.84 -15.09
C TYR M 114 -27.49 -42.24 -14.49
N ASN M 115 -27.24 -41.60 -13.37
CA ASN M 115 -28.22 -41.24 -12.40
C ASN M 115 -29.20 -40.31 -13.07
N ASP M 116 -28.70 -39.36 -13.81
CA ASP M 116 -29.60 -38.50 -14.52
C ASP M 116 -30.33 -39.28 -15.56
N ASN M 117 -29.62 -40.20 -16.20
CA ASN M 117 -30.23 -41.06 -17.21
C ASN M 117 -31.26 -42.05 -16.72
N GLN M 118 -31.06 -42.56 -15.51
CA GLN M 118 -32.07 -43.39 -14.85
C GLN M 118 -32.26 -44.77 -15.47
N VAL M 119 -33.10 -44.86 -16.51
CA VAL M 119 -33.54 -46.14 -17.01
C VAL M 119 -32.33 -46.83 -17.53
N PHE M 120 -31.48 -46.07 -18.17
CA PHE M 120 -30.37 -46.67 -18.84
C PHE M 120 -29.54 -47.44 -17.84
N ALA M 121 -29.24 -46.87 -16.68
CA ALA M 121 -28.37 -47.62 -15.77
C ALA M 121 -28.79 -49.09 -15.53
N LYS M 122 -30.04 -49.44 -15.81
CA LYS M 122 -30.50 -50.80 -15.59
C LYS M 122 -30.66 -51.58 -16.87
N TYR M 123 -31.40 -51.02 -17.82
CA TYR M 123 -31.75 -51.73 -19.02
C TYR M 123 -30.63 -51.67 -20.06
N ASN M 124 -29.68 -50.77 -19.93
CA ASN M 124 -28.82 -50.61 -21.09
C ASN M 124 -28.10 -51.90 -21.26
N VAL M 125 -27.92 -52.33 -22.51
CA VAL M 125 -26.96 -53.38 -22.85
C VAL M 125 -25.98 -52.94 -23.91
N SER M 126 -24.70 -53.10 -23.64
CA SER M 126 -23.66 -52.57 -24.51
C SER M 126 -23.54 -53.34 -25.82
N ARG M 127 -23.67 -52.64 -26.94
CA ARG M 127 -23.49 -53.26 -28.23
C ARG M 127 -22.09 -53.03 -28.69
N LEU M 128 -21.33 -54.09 -28.77
CA LEU M 128 -19.92 -53.98 -29.05
C LEU M 128 -19.64 -53.40 -30.39
N GLN M 129 -20.39 -53.83 -31.38
CA GLN M 129 -20.03 -53.44 -32.71
C GLN M 129 -20.17 -51.97 -32.94
N PRO M 130 -21.26 -51.40 -32.44
CA PRO M 130 -21.60 -50.00 -32.71
C PRO M 130 -20.92 -49.07 -31.73
N TYR M 131 -20.41 -49.60 -30.62
CA TYR M 131 -19.76 -48.74 -29.66
C TYR M 131 -18.36 -48.60 -30.12
N LEU M 132 -17.76 -49.72 -30.45
CA LEU M 132 -16.36 -49.73 -30.72
C LEU M 132 -16.16 -48.87 -31.92
N LYS M 133 -17.20 -48.84 -32.74
CA LYS M 133 -17.16 -48.07 -33.99
C LYS M 133 -17.25 -46.58 -33.68
N LEU M 134 -18.07 -46.26 -32.69
CA LEU M 134 -18.23 -44.89 -32.26
C LEU M 134 -17.04 -44.35 -31.52
N ARG M 135 -16.55 -45.14 -30.58
CA ARG M 135 -15.57 -44.65 -29.65
C ARG M 135 -14.34 -44.21 -30.41
N GLN M 136 -14.05 -44.87 -31.50
CA GLN M 136 -12.87 -44.50 -32.22
C GLN M 136 -13.04 -43.06 -32.63
N ALA M 137 -14.25 -42.67 -32.98
CA ALA M 137 -14.44 -41.30 -33.42
C ALA M 137 -14.09 -40.33 -32.30
N LEU M 138 -14.57 -40.58 -31.09
CA LEU M 138 -14.42 -39.61 -30.02
C LEU M 138 -13.00 -39.31 -29.63
N LEU M 139 -12.14 -40.29 -29.68
CA LEU M 139 -10.74 -40.04 -29.48
C LEU M 139 -10.11 -39.12 -30.56
N GLU M 140 -10.53 -39.24 -31.81
CA GLU M 140 -9.94 -38.46 -32.89
C GLU M 140 -10.52 -37.06 -32.95
N LEU M 141 -11.85 -36.99 -32.88
CA LEU M 141 -12.63 -35.76 -33.03
C LEU M 141 -11.98 -34.50 -32.43
N ARG M 142 -11.80 -33.50 -33.28
CA ARG M 142 -10.97 -32.33 -32.98
C ARG M 142 -11.80 -31.24 -32.28
N PRO M 143 -11.16 -30.16 -31.78
CA PRO M 143 -12.00 -29.35 -30.89
C PRO M 143 -13.12 -28.61 -31.63
N ALA M 144 -13.17 -28.71 -32.96
CA ALA M 144 -14.21 -28.02 -33.72
C ALA M 144 -14.97 -28.94 -34.69
N LYS M 145 -14.45 -30.14 -34.90
CA LYS M 145 -15.16 -31.15 -35.70
C LYS M 145 -16.35 -31.69 -34.91
N ASN M 146 -17.11 -32.61 -35.52
CA ASN M 146 -18.21 -33.26 -34.80
C ASN M 146 -18.66 -34.60 -35.38
N VAL M 147 -18.74 -35.60 -34.52
CA VAL M 147 -19.00 -36.98 -34.95
C VAL M 147 -20.47 -37.32 -34.82
N LEU M 148 -21.13 -37.46 -35.96
CA LEU M 148 -22.57 -37.69 -35.98
C LEU M 148 -23.00 -39.16 -36.05
N ILE M 149 -24.06 -39.49 -35.31
CA ILE M 149 -24.69 -40.80 -35.33
C ILE M 149 -26.13 -40.67 -35.81
N ASP M 150 -26.60 -41.63 -36.60
CA ASP M 150 -28.00 -41.61 -36.97
C ASP M 150 -28.50 -43.02 -37.24
N GLY M 151 -29.64 -43.35 -36.67
CA GLY M 151 -30.26 -44.64 -36.93
C GLY M 151 -31.76 -44.47 -37.09
N VAL M 152 -32.43 -45.54 -37.45
CA VAL M 152 -33.84 -45.45 -37.71
C VAL M 152 -34.33 -45.21 -36.32
N LEU M 153 -35.56 -44.73 -36.17
CA LEU M 153 -35.95 -44.25 -34.88
C LEU M 153 -35.84 -45.40 -33.91
N GLY M 154 -35.56 -45.12 -32.65
CA GLY M 154 -35.40 -46.20 -31.69
C GLY M 154 -34.29 -47.15 -32.05
N SER M 155 -33.24 -46.60 -32.62
CA SER M 155 -32.01 -47.33 -32.71
C SER M 155 -31.17 -47.00 -31.48
N GLY M 156 -31.80 -46.32 -30.54
CA GLY M 156 -31.18 -46.11 -29.27
C GLY M 156 -29.83 -45.57 -29.61
N LYS M 157 -29.77 -44.54 -30.44
CA LYS M 157 -28.49 -43.95 -30.73
C LYS M 157 -27.94 -43.45 -29.42
N THR M 158 -28.79 -42.79 -28.66
CA THR M 158 -28.34 -42.01 -27.55
C THR M 158 -27.63 -42.92 -26.60
N TRP M 159 -28.31 -43.99 -26.29
CA TRP M 159 -27.85 -45.03 -25.38
C TRP M 159 -26.45 -45.50 -25.71
N VAL M 160 -26.10 -45.56 -26.99
CA VAL M 160 -24.73 -45.87 -27.38
C VAL M 160 -23.82 -44.73 -26.98
N ALA M 161 -24.25 -43.53 -27.38
CA ALA M 161 -23.55 -42.29 -27.05
C ALA M 161 -23.32 -42.24 -25.54
N LEU M 162 -24.38 -42.48 -24.79
CA LEU M 162 -24.30 -42.48 -23.34
C LEU M 162 -23.25 -43.45 -22.84
N ASP M 163 -23.09 -44.54 -23.59
CA ASP M 163 -22.23 -45.62 -23.15
C ASP M 163 -20.77 -45.33 -23.47
N VAL M 164 -20.51 -44.83 -24.68
CA VAL M 164 -19.14 -44.48 -25.03
C VAL M 164 -18.69 -43.27 -24.21
N CYS M 165 -19.63 -42.38 -23.95
CA CYS M 165 -19.38 -41.23 -23.12
C CYS M 165 -19.10 -41.68 -21.69
N LEU M 166 -19.62 -42.85 -21.31
CA LEU M 166 -19.36 -43.45 -20.01
C LEU M 166 -17.93 -44.00 -19.89
N SER M 167 -17.39 -44.46 -21.00
CA SER M 167 -16.08 -45.06 -21.03
C SER M 167 -15.01 -44.11 -20.52
N TYR M 168 -14.20 -44.57 -19.59
CA TYR M 168 -13.26 -43.69 -19.01
C TYR M 168 -12.42 -43.17 -20.16
N LYS M 169 -12.13 -44.00 -21.12
CA LYS M 169 -11.31 -43.56 -22.22
C LYS M 169 -12.01 -42.42 -22.92
N VAL M 170 -13.32 -42.53 -23.10
CA VAL M 170 -13.99 -41.45 -23.78
C VAL M 170 -13.91 -40.24 -22.92
N GLN M 171 -14.13 -40.42 -21.63
CA GLN M 171 -14.26 -39.26 -20.78
C GLN M 171 -13.02 -38.44 -20.61
N CYS M 172 -11.89 -39.09 -20.42
CA CYS M 172 -10.68 -38.34 -20.16
C CYS M 172 -10.45 -37.44 -21.37
N LYS M 173 -10.73 -37.95 -22.54
CA LYS M 173 -10.47 -37.22 -23.75
C LYS M 173 -11.43 -36.07 -23.79
N MET M 174 -12.38 -36.07 -22.90
CA MET M 174 -13.35 -35.01 -22.84
C MET M 174 -13.30 -34.30 -21.52
N ASP M 175 -12.42 -34.76 -20.67
CA ASP M 175 -12.13 -34.11 -19.41
C ASP M 175 -13.38 -33.94 -18.59
N PHE M 176 -14.29 -34.85 -18.79
CA PHE M 176 -15.39 -35.01 -17.88
C PHE M 176 -16.36 -33.91 -18.02
N LYS M 177 -16.33 -33.23 -19.14
CA LYS M 177 -17.33 -32.18 -19.33
C LYS M 177 -18.10 -32.50 -20.56
N ILE M 178 -19.25 -33.16 -20.39
CA ILE M 178 -20.02 -33.63 -21.53
C ILE M 178 -21.45 -33.16 -21.45
N PHE M 179 -21.68 -31.91 -21.77
CA PHE M 179 -22.98 -31.29 -21.58
C PHE M 179 -24.07 -31.86 -22.49
N TRP M 180 -24.91 -32.73 -21.94
CA TRP M 180 -26.02 -33.33 -22.67
C TRP M 180 -27.11 -32.31 -22.93
N LEU M 181 -27.76 -32.42 -24.09
CA LEU M 181 -28.86 -31.53 -24.44
C LEU M 181 -29.83 -32.20 -25.42
N ASN M 182 -30.93 -32.75 -24.93
CA ASN M 182 -31.90 -33.36 -25.83
C ASN M 182 -32.66 -32.28 -26.59
N LEU M 183 -32.42 -32.20 -27.90
CA LEU M 183 -33.05 -31.17 -28.71
C LEU M 183 -34.46 -31.58 -29.17
N LYS M 184 -35.29 -32.01 -28.23
CA LYS M 184 -36.70 -32.20 -28.53
C LYS M 184 -37.38 -30.84 -28.50
N ASN M 185 -38.33 -30.63 -29.42
CA ASN M 185 -38.95 -29.32 -29.58
C ASN M 185 -37.85 -28.30 -29.82
N CYS M 186 -37.16 -28.42 -30.97
CA CYS M 186 -36.00 -27.61 -31.25
C CYS M 186 -35.98 -27.10 -32.68
N ASN M 187 -37.17 -26.94 -33.27
CA ASN M 187 -37.29 -26.33 -34.59
C ASN M 187 -38.09 -25.04 -34.49
N SER M 188 -37.55 -24.12 -33.71
CA SER M 188 -38.08 -22.77 -33.59
C SER M 188 -36.85 -21.95 -33.33
N PRO M 189 -36.94 -20.65 -33.50
CA PRO M 189 -35.83 -19.79 -33.16
C PRO M 189 -35.69 -19.72 -31.67
N GLU M 190 -36.80 -19.44 -31.02
CA GLU M 190 -36.78 -19.09 -29.62
C GLU M 190 -36.32 -20.22 -28.73
N THR M 191 -36.79 -21.42 -29.02
CA THR M 191 -36.64 -22.51 -28.09
C THR M 191 -35.16 -22.69 -27.84
N VAL M 192 -34.37 -22.49 -28.87
CA VAL M 192 -32.93 -22.61 -28.71
C VAL M 192 -32.53 -21.60 -27.64
N LEU M 193 -33.25 -20.50 -27.59
CA LEU M 193 -33.01 -19.56 -26.52
C LEU M 193 -33.28 -20.22 -25.19
N GLU M 194 -34.29 -21.05 -25.13
CA GLU M 194 -34.46 -21.91 -23.97
C GLU M 194 -33.30 -22.90 -23.83
N MET M 195 -32.85 -23.44 -24.95
CA MET M 195 -31.81 -24.46 -24.95
C MET M 195 -30.44 -23.88 -24.69
N LEU M 196 -30.08 -22.87 -25.46
CA LEU M 196 -28.81 -22.18 -25.25
C LEU M 196 -28.76 -21.63 -23.83
N GLN M 197 -29.90 -21.20 -23.34
CA GLN M 197 -30.01 -20.78 -21.94
C GLN M 197 -29.57 -21.93 -21.07
N LYS M 198 -30.09 -23.12 -21.36
CA LYS M 198 -29.81 -24.29 -20.53
C LYS M 198 -28.37 -24.76 -20.63
N LEU M 199 -27.76 -24.59 -21.80
CA LEU M 199 -26.37 -24.95 -21.97
C LEU M 199 -25.52 -24.02 -21.12
N LEU M 200 -25.77 -22.72 -21.27
CA LEU M 200 -25.10 -21.71 -20.48
C LEU M 200 -25.25 -22.05 -18.98
N TYR M 201 -26.45 -22.45 -18.58
CA TYR M 201 -26.66 -22.85 -17.19
C TYR M 201 -25.80 -24.07 -16.79
N GLN M 202 -25.69 -25.04 -17.69
CA GLN M 202 -24.79 -26.18 -17.45
C GLN M 202 -23.38 -25.66 -17.15
N ILE M 203 -22.87 -24.90 -18.10
CA ILE M 203 -21.54 -24.32 -18.02
C ILE M 203 -21.29 -23.59 -16.69
N ASP M 204 -22.18 -22.66 -16.33
CA ASP M 204 -22.00 -21.83 -15.14
C ASP M 204 -23.24 -20.98 -14.88
N PRO M 205 -23.65 -20.89 -13.62
CA PRO M 205 -24.86 -20.13 -13.26
C PRO M 205 -24.62 -18.62 -13.24
N ASN M 206 -24.30 -18.06 -14.41
CA ASN M 206 -24.02 -16.65 -14.55
C ASN M 206 -24.51 -16.11 -15.89
N TRP M 207 -25.17 -14.95 -15.86
CA TRP M 207 -25.32 -14.15 -17.07
C TRP M 207 -25.77 -12.72 -16.82
N THR M 208 -25.13 -11.80 -17.54
CA THR M 208 -25.55 -10.40 -17.60
C THR M 208 -26.69 -10.25 -18.60
N SER M 209 -27.91 -10.52 -18.15
CA SER M 209 -29.07 -10.55 -19.05
C SER M 209 -29.65 -9.16 -19.31
N ARG M 210 -28.85 -8.12 -19.09
CA ARG M 210 -29.27 -6.76 -19.41
C ARG M 210 -29.14 -6.50 -20.91
N SER M 211 -28.37 -7.36 -21.56
CA SER M 211 -28.17 -7.29 -23.00
C SER M 211 -29.44 -7.74 -23.72
N ASP M 212 -30.42 -8.25 -22.98
CA ASP M 212 -31.63 -8.76 -23.60
C ASP M 212 -32.40 -7.63 -24.26
N HIS M 213 -32.56 -7.76 -25.58
CA HIS M 213 -33.34 -6.81 -26.36
C HIS M 213 -34.42 -7.56 -27.07
N SER M 214 -35.64 -7.44 -26.54
CA SER M 214 -36.77 -8.23 -27.04
C SER M 214 -37.19 -7.79 -28.44
N SER M 215 -36.42 -6.93 -29.08
CA SER M 215 -36.64 -6.58 -30.48
C SER M 215 -36.63 -7.85 -31.32
N ASN M 216 -35.70 -8.74 -30.99
CA ASN M 216 -35.66 -10.07 -31.58
C ASN M 216 -35.30 -11.16 -30.58
N ILE M 217 -36.05 -12.25 -30.66
CA ILE M 217 -35.72 -13.48 -29.98
C ILE M 217 -34.63 -14.12 -30.83
N LYS M 218 -34.46 -13.57 -32.03
CA LYS M 218 -33.52 -14.07 -33.04
C LYS M 218 -32.19 -13.32 -33.08
N LEU M 219 -32.19 -12.11 -32.51
CA LEU M 219 -31.00 -11.30 -32.41
C LEU M 219 -30.33 -11.62 -31.09
N ARG M 220 -31.14 -11.68 -30.03
CA ARG M 220 -30.65 -12.02 -28.70
C ARG M 220 -30.00 -13.41 -28.71
N ILE M 221 -30.42 -14.25 -29.65
CA ILE M 221 -29.89 -15.59 -29.76
C ILE M 221 -28.41 -15.60 -30.18
N HIS M 222 -27.98 -14.52 -30.81
CA HIS M 222 -26.59 -14.46 -31.24
C HIS M 222 -25.78 -14.05 -30.04
N SER M 223 -26.40 -13.29 -29.15
CA SER M 223 -25.70 -12.88 -27.95
C SER M 223 -25.38 -14.08 -27.05
N ILE M 224 -26.27 -15.04 -26.98
CA ILE M 224 -26.07 -16.15 -26.05
C ILE M 224 -24.99 -17.06 -26.62
N GLN M 225 -24.97 -17.20 -27.95
CA GLN M 225 -23.92 -17.96 -28.62
C GLN M 225 -22.61 -17.20 -28.47
N ALA M 226 -22.71 -15.89 -28.60
CA ALA M 226 -21.56 -15.00 -28.44
C ALA M 226 -20.92 -15.20 -27.10
N GLU M 227 -21.73 -15.18 -26.04
CA GLU M 227 -21.22 -15.45 -24.71
C GLU M 227 -20.74 -16.88 -24.60
N LEU M 228 -21.57 -17.82 -25.06
CA LEU M 228 -21.24 -19.23 -24.97
C LEU M 228 -19.93 -19.56 -25.68
N ARG M 229 -19.65 -18.83 -26.75
CA ARG M 229 -18.39 -19.01 -27.47
C ARG M 229 -17.21 -18.61 -26.61
N ARG M 230 -17.22 -17.36 -26.14
CA ARG M 230 -16.17 -16.85 -25.25
C ARG M 230 -15.89 -17.76 -24.08
N LEU M 231 -16.96 -18.28 -23.48
CA LEU M 231 -16.83 -19.04 -22.24
C LEU M 231 -16.21 -20.39 -22.50
N LEU M 232 -16.49 -20.98 -23.65
CA LEU M 232 -16.04 -22.34 -23.90
C LEU M 232 -14.53 -22.44 -24.19
N LYS M 233 -14.03 -21.76 -25.22
CA LYS M 233 -12.57 -21.75 -25.41
C LYS M 233 -11.94 -20.95 -24.27
N SER M 234 -12.03 -21.63 -23.14
CA SER M 234 -11.46 -21.28 -21.88
C SER M 234 -10.83 -22.57 -21.39
N LYS M 235 -9.67 -22.52 -20.75
CA LYS M 235 -8.84 -23.69 -20.84
C LYS M 235 -9.52 -24.93 -20.34
N PRO M 236 -10.14 -24.87 -19.17
CA PRO M 236 -10.70 -26.05 -18.55
C PRO M 236 -11.75 -26.60 -19.48
N TYR M 237 -12.45 -25.71 -20.15
CA TYR M 237 -13.56 -26.10 -20.97
C TYR M 237 -13.19 -26.37 -22.39
N GLU M 238 -11.90 -26.21 -22.70
CA GLU M 238 -11.40 -26.17 -24.06
C GLU M 238 -12.14 -27.17 -24.94
N ASN M 239 -12.02 -28.44 -24.58
CA ASN M 239 -12.67 -29.49 -25.32
C ASN M 239 -13.70 -30.14 -24.45
N CYS M 240 -14.95 -30.14 -24.88
CA CYS M 240 -15.91 -31.02 -24.27
C CYS M 240 -16.93 -31.39 -25.29
N LEU M 241 -17.22 -32.67 -25.40
CA LEU M 241 -18.17 -33.12 -26.39
C LEU M 241 -19.49 -32.57 -25.96
N LEU M 242 -20.25 -31.92 -26.80
CA LEU M 242 -21.54 -31.55 -26.29
C LEU M 242 -22.23 -32.37 -27.25
N VAL M 243 -23.10 -33.27 -26.79
CA VAL M 243 -23.77 -34.17 -27.71
C VAL M 243 -25.20 -33.78 -27.78
N LEU M 244 -25.73 -33.62 -28.95
CA LEU M 244 -27.12 -33.31 -29.09
C LEU M 244 -27.95 -34.47 -29.54
N LEU M 245 -29.02 -34.77 -28.82
CA LEU M 245 -29.77 -35.96 -29.09
C LEU M 245 -31.05 -35.61 -29.82
N ASN M 246 -31.29 -36.25 -30.97
CA ASN M 246 -32.50 -36.04 -31.77
C ASN M 246 -32.49 -34.83 -32.65
N VAL M 247 -31.33 -34.22 -32.70
CA VAL M 247 -31.24 -32.94 -33.40
C VAL M 247 -32.32 -32.88 -34.46
N GLN M 248 -33.28 -31.99 -34.27
CA GLN M 248 -34.46 -31.98 -35.12
C GLN M 248 -34.11 -31.76 -36.57
N ASN M 249 -33.60 -30.58 -36.89
CA ASN M 249 -33.23 -30.32 -38.27
C ASN M 249 -31.86 -29.72 -38.43
N ALA M 250 -31.54 -29.35 -39.67
CA ALA M 250 -30.31 -28.67 -39.97
C ALA M 250 -30.28 -27.33 -39.26
N LYS M 251 -31.41 -26.62 -39.31
CA LYS M 251 -31.47 -25.25 -38.83
C LYS M 251 -31.09 -25.13 -37.34
N ALA M 252 -31.47 -26.12 -36.54
CA ALA M 252 -31.19 -26.09 -35.11
C ALA M 252 -29.70 -26.20 -34.87
N TRP M 253 -29.07 -27.11 -35.62
CA TRP M 253 -27.65 -27.43 -35.48
C TRP M 253 -26.77 -26.23 -35.80
N ASN M 254 -27.26 -25.37 -36.69
CA ASN M 254 -26.55 -24.16 -37.08
C ASN M 254 -26.26 -23.29 -35.88
N ALA M 255 -27.24 -23.18 -34.98
CA ALA M 255 -27.10 -22.37 -33.79
C ALA M 255 -26.19 -23.05 -32.77
N PHE M 256 -26.05 -24.36 -32.85
CA PHE M 256 -25.29 -24.96 -31.78
C PHE M 256 -23.83 -25.15 -32.03
N ASN M 257 -23.41 -25.09 -33.28
CA ASN M 257 -22.00 -25.32 -33.52
C ASN M 257 -21.25 -24.18 -32.86
N LEU M 258 -20.37 -24.52 -31.93
CA LEU M 258 -19.72 -23.50 -31.12
C LEU M 258 -18.22 -23.61 -31.23
N SER M 259 -17.73 -24.10 -32.37
CA SER M 259 -16.36 -24.58 -32.46
C SER M 259 -16.13 -25.54 -31.30
N CYS M 260 -17.12 -26.42 -31.13
CA CYS M 260 -17.20 -27.34 -30.01
C CYS M 260 -16.91 -28.75 -30.49
N LYS M 261 -16.29 -29.59 -29.67
CA LYS M 261 -16.10 -30.99 -30.07
C LYS M 261 -17.40 -31.75 -29.96
N ILE M 262 -18.49 -31.20 -30.48
CA ILE M 262 -19.80 -31.84 -30.31
C ILE M 262 -19.89 -33.18 -31.05
N LEU M 263 -20.99 -33.88 -30.80
CA LEU M 263 -21.32 -35.12 -31.50
C LEU M 263 -22.82 -35.25 -31.34
N LEU M 264 -23.54 -35.55 -32.38
CA LEU M 264 -24.95 -35.50 -32.23
C LEU M 264 -25.62 -36.76 -32.67
N THR M 265 -26.81 -36.97 -32.18
CA THR M 265 -27.58 -38.10 -32.62
C THR M 265 -28.61 -37.66 -33.64
N THR M 266 -28.31 -37.92 -34.90
CA THR M 266 -29.13 -37.52 -35.99
C THR M 266 -30.35 -38.34 -35.83
N ARG M 267 -31.43 -38.01 -36.53
CA ARG M 267 -32.64 -38.83 -36.48
C ARG M 267 -33.20 -38.98 -37.89
N PHE M 268 -33.11 -37.89 -38.64
CA PHE M 268 -33.53 -37.79 -40.02
C PHE M 268 -32.43 -38.03 -41.03
N LYS M 269 -32.84 -38.25 -42.26
CA LYS M 269 -31.90 -38.27 -43.34
C LYS M 269 -31.76 -36.86 -43.82
N GLN M 270 -32.53 -35.94 -43.25
CA GLN M 270 -32.33 -34.58 -43.75
C GLN M 270 -31.11 -34.00 -43.03
N VAL M 271 -30.91 -34.47 -41.80
CA VAL M 271 -29.83 -33.99 -40.95
C VAL M 271 -28.53 -34.71 -41.30
N THR M 272 -28.56 -36.04 -41.28
CA THR M 272 -27.38 -36.82 -41.65
C THR M 272 -27.01 -36.53 -43.10
N ASP M 273 -27.98 -36.03 -43.85
CA ASP M 273 -27.75 -35.60 -45.22
C ASP M 273 -26.88 -34.35 -45.24
N PHE M 274 -27.05 -33.53 -44.21
CA PHE M 274 -26.51 -32.18 -44.21
C PHE M 274 -25.07 -32.13 -43.73
N LEU M 275 -24.75 -32.62 -42.54
CA LEU M 275 -23.34 -32.59 -42.21
C LEU M 275 -22.53 -33.54 -43.12
N SER M 276 -21.47 -33.03 -43.73
CA SER M 276 -20.84 -33.72 -44.84
C SER M 276 -19.48 -34.19 -44.44
N ALA M 277 -19.15 -35.36 -44.92
CA ALA M 277 -18.31 -36.27 -44.23
C ALA M 277 -17.02 -35.60 -43.91
N ALA M 278 -16.57 -34.70 -44.78
CA ALA M 278 -15.23 -34.16 -44.61
C ALA M 278 -15.15 -33.49 -43.26
N THR M 279 -16.15 -32.69 -42.90
CA THR M 279 -16.17 -32.12 -41.56
C THR M 279 -16.35 -33.16 -40.44
N THR M 280 -17.26 -34.12 -40.61
CA THR M 280 -17.73 -34.96 -39.52
C THR M 280 -17.93 -36.39 -40.00
N THR M 281 -17.87 -37.38 -39.12
CA THR M 281 -17.78 -38.77 -39.56
C THR M 281 -19.14 -39.39 -39.28
N HIS M 282 -19.53 -40.34 -40.08
CA HIS M 282 -20.94 -40.62 -40.10
C HIS M 282 -21.12 -42.01 -39.65
N ILE M 283 -21.82 -42.16 -38.54
CA ILE M 283 -21.97 -43.46 -37.95
C ILE M 283 -23.40 -43.76 -38.15
N SER M 284 -23.74 -45.01 -38.40
CA SER M 284 -25.13 -45.23 -38.62
C SER M 284 -25.69 -46.42 -37.94
N LEU M 285 -26.90 -46.76 -38.34
CA LEU M 285 -27.52 -47.95 -37.80
C LEU M 285 -28.56 -48.48 -38.77
N ASP M 286 -28.46 -48.00 -39.99
CA ASP M 286 -29.10 -48.66 -41.09
C ASP M 286 -28.06 -49.69 -41.45
N HIS M 287 -27.58 -50.44 -40.49
CA HIS M 287 -26.45 -51.26 -40.86
C HIS M 287 -26.47 -52.71 -40.45
N HIS M 288 -25.90 -53.55 -41.30
CA HIS M 288 -25.83 -54.95 -40.95
C HIS M 288 -24.95 -55.06 -39.71
N SER M 289 -23.81 -54.38 -39.70
CA SER M 289 -22.96 -54.32 -38.51
C SER M 289 -23.48 -53.50 -37.34
N MET M 290 -23.88 -52.26 -37.62
CA MET M 290 -24.34 -51.34 -36.59
C MET M 290 -25.46 -51.94 -35.75
N THR M 291 -26.36 -52.66 -36.42
CA THR M 291 -27.48 -53.26 -35.73
C THR M 291 -27.00 -54.50 -35.01
N LEU M 292 -27.85 -55.01 -34.13
CA LEU M 292 -27.51 -56.08 -33.22
C LEU M 292 -27.34 -57.48 -33.83
N THR M 293 -26.29 -58.16 -33.39
CA THR M 293 -26.09 -59.56 -33.70
C THR M 293 -27.20 -60.26 -32.95
N PRO M 294 -27.74 -61.35 -33.47
CA PRO M 294 -29.05 -61.73 -32.91
C PRO M 294 -28.94 -61.74 -31.41
N ASP M 295 -27.80 -62.17 -30.90
CA ASP M 295 -27.75 -62.46 -29.49
C ASP M 295 -28.08 -61.23 -28.71
N GLU M 296 -27.51 -60.11 -29.08
CA GLU M 296 -27.82 -58.93 -28.30
C GLU M 296 -29.26 -59.08 -27.89
N VAL M 297 -30.04 -59.52 -28.85
CA VAL M 297 -31.46 -59.43 -28.72
C VAL M 297 -31.97 -60.23 -27.55
N LYS M 298 -31.40 -61.39 -27.29
CA LYS M 298 -31.97 -62.13 -26.17
C LYS M 298 -31.41 -61.59 -24.86
N SER M 299 -30.19 -61.08 -24.89
CA SER M 299 -29.59 -60.50 -23.70
C SER M 299 -30.26 -59.17 -23.37
N LEU M 300 -30.75 -58.48 -24.40
CA LEU M 300 -31.48 -57.25 -24.19
C LEU M 300 -32.85 -57.54 -23.60
N LEU M 301 -33.55 -58.51 -24.18
CA LEU M 301 -34.85 -58.92 -23.68
C LEU M 301 -34.76 -59.38 -22.23
N LEU M 302 -33.57 -59.83 -21.84
CA LEU M 302 -33.33 -60.29 -20.48
C LEU M 302 -33.37 -59.19 -19.42
N LYS M 303 -32.78 -58.04 -19.75
CA LYS M 303 -32.66 -56.94 -18.79
C LYS M 303 -34.00 -56.59 -18.16
N TYR M 304 -35.05 -56.53 -18.97
CA TYR M 304 -36.39 -56.28 -18.46
C TYR M 304 -37.02 -57.56 -17.92
N LEU M 305 -36.70 -58.67 -18.57
CA LEU M 305 -37.31 -59.98 -18.28
C LEU M 305 -36.82 -60.60 -16.98
N ASP M 306 -35.51 -60.48 -16.74
CA ASP M 306 -34.88 -60.91 -15.48
C ASP M 306 -34.99 -62.41 -15.20
N CYS M 307 -34.56 -63.24 -16.16
CA CYS M 307 -34.44 -64.69 -15.98
C CYS M 307 -33.74 -65.36 -17.18
N ARG M 308 -32.69 -66.12 -16.90
CA ARG M 308 -31.85 -66.73 -17.95
C ARG M 308 -32.50 -67.94 -18.63
N PRO M 309 -33.36 -68.64 -17.90
CA PRO M 309 -34.00 -69.84 -18.43
C PRO M 309 -35.09 -69.48 -19.44
N GLN M 310 -36.03 -68.64 -19.02
CA GLN M 310 -37.16 -68.26 -19.86
C GLN M 310 -36.70 -67.49 -21.10
N ASP M 311 -35.45 -67.05 -21.09
CA ASP M 311 -34.82 -66.41 -22.24
C ASP M 311 -35.00 -67.24 -23.51
N LEU M 312 -34.74 -68.53 -23.39
CA LEU M 312 -34.89 -69.45 -24.51
C LEU M 312 -36.35 -69.60 -24.90
N PRO M 313 -37.19 -69.16 -23.96
CA PRO M 313 -38.63 -69.13 -24.11
C PRO M 313 -39.07 -68.24 -25.28
N ARG M 314 -38.38 -67.14 -25.52
CA ARG M 314 -38.83 -66.28 -26.62
C ARG M 314 -38.00 -66.41 -27.90
N GLU M 315 -38.66 -66.69 -29.02
CA GLU M 315 -38.08 -66.57 -30.36
C GLU M 315 -39.17 -66.42 -31.44
N VAL M 316 -38.87 -65.89 -32.63
CA VAL M 316 -37.70 -65.08 -32.90
C VAL M 316 -38.09 -63.80 -33.66
N LEU M 317 -37.71 -62.63 -33.17
CA LEU M 317 -37.88 -61.39 -33.92
C LEU M 317 -37.01 -60.25 -33.41
N THR M 318 -36.85 -59.21 -34.22
CA THR M 318 -35.79 -58.20 -34.12
C THR M 318 -36.31 -56.89 -34.69
N THR M 319 -35.49 -55.84 -34.84
CA THR M 319 -34.12 -55.69 -34.33
C THR M 319 -34.03 -54.36 -33.59
N ASN M 320 -35.16 -53.65 -33.68
CA ASN M 320 -35.32 -52.28 -33.28
C ASN M 320 -35.58 -52.24 -31.83
N PRO M 321 -34.67 -51.65 -31.09
CA PRO M 321 -34.70 -51.78 -29.66
C PRO M 321 -36.05 -51.28 -29.20
N ARG M 322 -36.52 -50.20 -29.81
CA ARG M 322 -37.81 -49.61 -29.45
C ARG M 322 -38.92 -50.67 -29.43
N ARG M 323 -38.92 -51.54 -30.44
CA ARG M 323 -39.93 -52.58 -30.53
C ARG M 323 -39.72 -53.61 -29.43
N LEU M 324 -38.45 -53.83 -29.16
CA LEU M 324 -37.92 -54.88 -28.29
C LEU M 324 -38.03 -54.47 -26.83
N SER M 325 -37.78 -53.20 -26.54
CA SER M 325 -37.85 -52.68 -25.18
C SER M 325 -39.30 -52.55 -24.72
N ILE M 326 -40.15 -52.05 -25.60
CA ILE M 326 -41.57 -51.87 -25.29
C ILE M 326 -42.30 -53.21 -25.30
N ILE M 327 -41.75 -54.17 -26.02
CA ILE M 327 -42.28 -55.53 -26.00
C ILE M 327 -41.88 -56.24 -24.71
N ALA M 328 -40.58 -56.21 -24.41
CA ALA M 328 -40.03 -56.95 -23.28
C ALA M 328 -40.62 -56.49 -21.95
N GLU M 329 -41.00 -55.22 -21.88
CA GLU M 329 -41.66 -54.70 -20.69
C GLU M 329 -43.13 -55.13 -20.67
N SER M 330 -43.75 -55.19 -21.85
CA SER M 330 -45.14 -55.60 -21.98
C SER M 330 -45.36 -57.04 -21.53
N ILE M 331 -44.49 -57.92 -22.00
CA ILE M 331 -44.52 -59.32 -21.63
C ILE M 331 -44.26 -59.47 -20.14
N ARG M 332 -43.20 -58.83 -19.66
CA ARG M 332 -42.81 -58.94 -18.26
C ARG M 332 -43.88 -58.38 -17.35
N ASP M 333 -44.59 -57.36 -17.82
CA ASP M 333 -45.64 -56.74 -17.03
C ASP M 333 -46.92 -56.58 -17.83
N ALA M 336 -48.04 -61.69 -21.25
CA ALA M 336 -48.22 -62.93 -21.99
C ALA M 336 -47.49 -62.86 -23.32
N THR M 337 -46.49 -63.73 -23.50
CA THR M 337 -45.53 -63.63 -24.60
C THR M 337 -46.14 -63.66 -26.00
N TRP M 338 -47.32 -64.24 -26.16
CA TRP M 338 -47.92 -64.38 -27.49
C TRP M 338 -48.94 -63.31 -27.82
N ASP M 339 -49.92 -63.12 -26.95
CA ASP M 339 -50.89 -62.04 -27.12
C ASP M 339 -50.16 -60.71 -27.20
N ASN M 340 -49.24 -60.49 -26.26
CA ASN M 340 -48.55 -59.21 -26.16
C ASN M 340 -47.49 -58.97 -27.24
N TRP M 341 -47.07 -60.02 -27.93
CA TRP M 341 -46.08 -59.87 -28.98
C TRP M 341 -46.67 -59.14 -30.19
N LYS M 342 -47.98 -59.22 -30.33
CA LYS M 342 -48.67 -58.62 -31.47
C LYS M 342 -49.83 -57.71 -31.09
N HIS M 343 -50.90 -58.29 -30.54
CA HIS M 343 -52.14 -57.54 -30.30
C HIS M 343 -52.00 -56.47 -29.21
N VAL M 344 -51.21 -56.74 -28.18
CA VAL M 344 -50.96 -55.71 -27.17
C VAL M 344 -50.02 -54.65 -27.75
N ASN M 345 -49.83 -53.56 -27.01
CA ASN M 345 -49.09 -52.39 -27.48
C ASN M 345 -49.71 -51.82 -28.75
N CYS M 346 -50.98 -52.12 -28.97
CA CYS M 346 -51.74 -51.49 -30.03
C CYS M 346 -52.11 -50.10 -29.56
N ASP M 347 -51.88 -49.85 -28.27
CA ASP M 347 -52.10 -48.54 -27.68
C ASP M 347 -50.77 -47.94 -27.20
N LYS M 348 -49.66 -48.56 -27.59
CA LYS M 348 -48.34 -48.09 -27.17
C LYS M 348 -47.38 -47.85 -28.32
N LEU M 349 -46.75 -48.89 -28.82
CA LEU M 349 -45.51 -48.71 -29.53
C LEU M 349 -45.71 -47.78 -30.70
N THR M 350 -46.80 -47.99 -31.40
CA THR M 350 -47.16 -47.20 -32.59
C THR M 350 -47.43 -45.75 -32.24
N THR M 351 -48.08 -45.54 -31.11
CA THR M 351 -48.35 -44.19 -30.62
C THR M 351 -47.07 -43.37 -30.73
N ILE M 352 -46.05 -43.81 -30.01
CA ILE M 352 -44.73 -43.20 -30.13
C ILE M 352 -44.24 -43.39 -31.56
N ILE M 353 -44.81 -44.39 -32.23
CA ILE M 353 -44.51 -44.65 -33.63
C ILE M 353 -45.19 -43.62 -34.51
N GLU M 354 -46.49 -43.44 -34.30
CA GLU M 354 -47.22 -42.43 -35.03
C GLU M 354 -46.65 -41.09 -34.67
N SER M 355 -46.43 -40.93 -33.36
CA SER M 355 -46.04 -39.64 -32.78
C SER M 355 -44.93 -39.00 -33.59
N SER M 356 -43.93 -39.79 -33.94
CA SER M 356 -42.82 -39.29 -34.72
C SER M 356 -43.30 -38.91 -36.10
N LEU M 357 -44.39 -39.52 -36.55
CA LEU M 357 -44.93 -39.21 -37.86
C LEU M 357 -45.30 -37.73 -37.87
N ASN M 358 -45.35 -37.11 -36.70
CA ASN M 358 -45.90 -35.77 -36.58
C ASN M 358 -45.17 -34.68 -37.37
N VAL M 359 -43.92 -34.92 -37.70
CA VAL M 359 -43.18 -33.92 -38.45
C VAL M 359 -43.80 -33.61 -39.80
N LEU M 360 -44.32 -34.62 -40.49
CA LEU M 360 -44.76 -34.48 -41.88
C LEU M 360 -46.04 -33.69 -42.11
N GLU M 361 -46.21 -33.19 -43.34
CA GLU M 361 -47.39 -32.42 -43.76
C GLU M 361 -48.63 -33.28 -44.09
N PRO M 362 -49.78 -32.99 -43.49
CA PRO M 362 -50.90 -33.93 -43.63
C PRO M 362 -51.59 -33.89 -44.98
N ALA M 363 -51.64 -32.72 -45.60
CA ALA M 363 -52.36 -32.52 -46.86
C ALA M 363 -51.77 -33.34 -48.00
N GLU M 364 -50.45 -33.44 -48.02
CA GLU M 364 -49.79 -34.12 -49.13
C GLU M 364 -48.93 -35.30 -48.69
N TYR M 365 -48.21 -35.14 -47.59
CA TYR M 365 -47.29 -36.17 -47.10
C TYR M 365 -48.03 -37.31 -46.41
N ARG M 366 -48.71 -36.98 -45.32
CA ARG M 366 -49.34 -37.98 -44.45
C ARG M 366 -50.37 -38.86 -45.16
N LYS M 367 -51.25 -38.22 -45.93
CA LYS M 367 -52.28 -38.95 -46.68
C LYS M 367 -51.69 -39.89 -47.72
N MET M 368 -50.78 -39.37 -48.54
CA MET M 368 -50.13 -40.15 -49.59
C MET M 368 -49.48 -41.39 -49.00
N PHE M 369 -49.02 -41.24 -47.75
CA PHE M 369 -48.29 -42.27 -47.04
C PHE M 369 -49.18 -43.42 -46.60
N ASP M 370 -50.28 -43.07 -45.93
CA ASP M 370 -51.30 -44.01 -45.47
C ASP M 370 -51.72 -44.97 -46.58
N ARG M 371 -51.68 -44.48 -47.81
CA ARG M 371 -52.07 -45.25 -48.98
C ARG M 371 -51.21 -46.50 -49.20
N LEU M 372 -50.02 -46.53 -48.62
CA LEU M 372 -49.08 -47.64 -48.83
C LEU M 372 -49.63 -48.97 -48.33
N SER M 373 -50.60 -48.90 -47.42
CA SER M 373 -51.19 -50.07 -46.77
C SER M 373 -51.52 -51.21 -47.75
N VAL M 374 -51.84 -50.86 -48.99
CA VAL M 374 -52.22 -51.85 -49.99
C VAL M 374 -51.04 -52.69 -50.47
N PHE M 375 -49.84 -52.16 -50.25
CA PHE M 375 -48.63 -52.85 -50.68
C PHE M 375 -48.29 -53.99 -49.73
N PRO M 376 -47.08 -54.51 -49.90
CA PRO M 376 -46.56 -55.61 -49.09
C PRO M 376 -45.82 -55.07 -47.90
N PRO M 377 -46.00 -55.80 -46.71
CA PRO M 377 -45.44 -55.12 -45.53
C PRO M 377 -43.96 -54.95 -45.71
N SER M 378 -43.31 -55.94 -46.30
CA SER M 378 -41.89 -55.84 -46.48
C SER M 378 -41.63 -56.00 -47.95
N ALA M 379 -41.97 -54.97 -48.69
CA ALA M 379 -41.87 -55.06 -50.15
C ALA M 379 -41.43 -53.74 -50.78
N HIS M 380 -41.44 -53.68 -52.10
CA HIS M 380 -40.98 -52.51 -52.85
C HIS M 380 -42.13 -51.89 -53.64
N ILE M 381 -41.84 -50.81 -54.36
CA ILE M 381 -42.84 -50.13 -55.17
C ILE M 381 -42.21 -49.26 -56.27
N PRO M 382 -42.61 -49.50 -57.53
CA PRO M 382 -42.13 -48.74 -58.69
C PRO M 382 -42.66 -47.32 -58.75
N THR M 383 -42.04 -46.49 -59.58
CA THR M 383 -42.43 -45.09 -59.71
C THR M 383 -43.83 -44.94 -60.28
N ILE M 384 -44.11 -45.66 -61.35
CA ILE M 384 -45.38 -45.55 -62.06
C ILE M 384 -46.57 -45.94 -61.19
N LEU M 385 -46.40 -46.98 -60.37
CA LEU M 385 -47.47 -47.48 -59.53
C LEU M 385 -47.77 -46.52 -58.38
N LEU M 386 -46.74 -45.84 -57.90
CA LEU M 386 -46.88 -44.90 -56.80
C LEU M 386 -47.61 -43.63 -57.25
N SER M 387 -47.51 -43.35 -58.54
CA SER M 387 -48.13 -42.18 -59.14
C SER M 387 -49.64 -42.18 -58.97
N LEU M 388 -50.27 -43.23 -59.49
CA LEU M 388 -51.72 -43.36 -59.53
C LEU M 388 -52.35 -43.24 -58.14
N ILE M 389 -51.66 -43.76 -57.14
CA ILE M 389 -52.21 -43.78 -55.78
C ILE M 389 -51.85 -42.50 -55.03
N SER M 396 -43.66 -34.97 -62.55
CA SER M 396 -42.55 -35.22 -61.63
C SER M 396 -42.96 -34.95 -60.19
N ASP M 397 -44.25 -34.69 -59.99
CA ASP M 397 -44.79 -34.35 -58.67
C ASP M 397 -44.53 -35.49 -57.68
N VAL M 398 -44.93 -36.69 -58.05
CA VAL M 398 -44.81 -37.86 -57.17
C VAL M 398 -43.36 -38.15 -56.79
N MET M 399 -42.44 -37.90 -57.71
CA MET M 399 -41.03 -38.21 -57.49
C MET M 399 -40.41 -37.31 -56.44
N VAL M 400 -40.91 -36.08 -56.36
CA VAL M 400 -40.41 -35.09 -55.41
C VAL M 400 -41.06 -35.28 -54.04
N VAL M 401 -42.37 -35.51 -54.05
CA VAL M 401 -43.14 -35.66 -52.82
C VAL M 401 -42.64 -36.85 -51.99
N VAL M 402 -42.21 -37.91 -52.67
CA VAL M 402 -41.65 -39.06 -51.98
C VAL M 402 -40.19 -38.82 -51.61
N ASN M 403 -39.54 -37.96 -52.38
CA ASN M 403 -38.15 -37.64 -52.10
C ASN M 403 -38.06 -36.91 -50.77
N LYS M 404 -39.06 -36.11 -50.48
CA LYS M 404 -39.12 -35.40 -49.20
C LYS M 404 -39.61 -36.36 -48.12
N LEU M 405 -40.41 -37.33 -48.54
CA LEU M 405 -40.89 -38.39 -47.66
C LEU M 405 -39.72 -39.30 -47.28
N HIS M 406 -38.78 -39.36 -48.19
CA HIS M 406 -37.50 -39.98 -47.99
C HIS M 406 -36.71 -39.25 -46.94
N LYS M 407 -36.79 -37.94 -47.05
CA LYS M 407 -35.88 -37.04 -46.41
C LYS M 407 -36.04 -37.24 -44.95
N TYR M 408 -37.29 -37.22 -44.52
CA TYR M 408 -37.60 -37.41 -43.12
C TYR M 408 -37.22 -38.77 -42.63
N SER M 409 -37.56 -39.81 -43.38
CA SER M 409 -37.21 -41.16 -43.01
C SER M 409 -37.92 -42.24 -43.79
N LEU M 410 -39.19 -42.00 -44.05
CA LEU M 410 -40.16 -43.05 -44.28
C LEU M 410 -40.01 -44.01 -45.45
N VAL M 411 -39.68 -43.54 -46.64
CA VAL M 411 -39.90 -44.40 -47.77
C VAL M 411 -38.48 -44.39 -48.27
N GLU M 412 -37.71 -45.34 -47.80
CA GLU M 412 -36.32 -45.44 -48.27
C GLU M 412 -36.39 -45.50 -49.79
N LYS M 413 -35.96 -44.42 -50.45
CA LYS M 413 -35.79 -44.43 -51.88
C LYS M 413 -34.53 -45.19 -52.22
N GLN M 414 -34.48 -45.79 -53.41
CA GLN M 414 -33.34 -46.60 -53.81
C GLN M 414 -33.17 -46.55 -55.33
N PRO M 415 -31.94 -46.79 -55.81
CA PRO M 415 -31.66 -46.82 -57.25
C PRO M 415 -32.46 -47.89 -57.99
N SER M 418 -35.59 -47.61 -60.72
CA SER M 418 -35.83 -46.44 -59.89
C SER M 418 -36.89 -46.76 -58.83
N THR M 419 -37.01 -48.04 -58.50
CA THR M 419 -38.02 -48.50 -57.56
C THR M 419 -37.76 -47.98 -56.14
N ILE M 420 -38.75 -48.14 -55.26
CA ILE M 420 -38.64 -47.67 -53.88
C ILE M 420 -38.96 -48.79 -52.90
N SER M 421 -38.08 -48.98 -51.91
CA SER M 421 -38.31 -49.97 -50.86
C SER M 421 -38.56 -49.28 -49.52
N ILE M 422 -39.64 -49.69 -48.86
CA ILE M 422 -40.13 -49.01 -47.68
C ILE M 422 -40.00 -49.94 -46.46
N PRO M 423 -39.34 -49.46 -45.37
CA PRO M 423 -39.04 -50.28 -44.16
C PRO M 423 -40.17 -50.47 -43.14
N SER M 424 -40.48 -51.74 -42.89
CA SER M 424 -41.68 -52.22 -42.21
C SER M 424 -42.17 -51.54 -40.91
N ILE M 425 -41.25 -51.10 -40.06
CA ILE M 425 -41.59 -50.73 -38.68
C ILE M 425 -42.72 -49.70 -38.58
N TYR M 426 -42.71 -48.64 -39.39
CA TYR M 426 -43.85 -47.73 -39.38
C TYR M 426 -44.76 -48.08 -40.54
N LEU M 427 -44.33 -49.05 -41.35
CA LEU M 427 -45.08 -49.47 -42.53
C LEU M 427 -46.21 -50.41 -42.17
N GLU M 428 -45.85 -51.62 -41.76
CA GLU M 428 -46.84 -52.68 -41.57
C GLU M 428 -47.77 -52.44 -40.38
N LEU M 429 -47.17 -52.10 -39.24
CA LEU M 429 -47.90 -51.99 -37.99
C LEU M 429 -48.82 -50.79 -37.97
N LYS M 430 -48.21 -49.61 -38.04
CA LYS M 430 -48.91 -48.35 -37.82
C LYS M 430 -50.11 -48.08 -38.73
N VAL M 431 -49.94 -48.21 -40.05
CA VAL M 431 -50.98 -47.78 -40.98
C VAL M 431 -52.13 -48.77 -41.14
N LYS M 432 -51.88 -50.04 -40.83
CA LYS M 432 -52.89 -51.08 -40.97
C LYS M 432 -54.04 -50.82 -40.01
N LEU M 433 -53.70 -50.36 -38.80
CA LEU M 433 -54.69 -50.06 -37.78
C LEU M 433 -55.64 -48.93 -38.21
N GLU M 434 -55.07 -47.80 -38.60
CA GLU M 434 -55.86 -46.64 -39.00
C GLU M 434 -56.04 -46.59 -40.52
N ASN M 435 -57.25 -46.91 -40.98
CA ASN M 435 -57.56 -46.83 -42.40
C ASN M 435 -59.03 -46.55 -42.66
N GLU M 436 -59.28 -45.62 -43.58
CA GLU M 436 -60.63 -45.37 -44.08
C GLU M 436 -60.76 -46.18 -45.37
N TYR M 437 -61.99 -46.40 -45.85
CA TYR M 437 -62.12 -47.20 -47.05
C TYR M 437 -61.89 -46.37 -48.31
N ALA M 438 -60.66 -45.91 -48.47
CA ALA M 438 -60.18 -45.41 -49.74
C ALA M 438 -59.61 -46.59 -50.51
N LEU M 439 -59.64 -47.76 -49.87
CA LEU M 439 -59.07 -48.99 -50.43
C LEU M 439 -59.73 -49.38 -51.75
N HIS M 440 -61.04 -49.19 -51.83
CA HIS M 440 -61.81 -49.49 -53.03
C HIS M 440 -61.18 -48.83 -54.25
N ARG M 441 -60.82 -47.56 -54.10
CA ARG M 441 -60.18 -46.82 -55.18
C ARG M 441 -58.75 -47.29 -55.39
N SER M 442 -58.04 -47.55 -54.29
CA SER M 442 -56.65 -47.98 -54.35
C SER M 442 -56.52 -49.35 -54.99
N ILE M 443 -57.44 -50.26 -54.66
CA ILE M 443 -57.36 -51.63 -55.14
C ILE M 443 -57.94 -51.76 -56.55
N VAL M 444 -58.91 -50.90 -56.90
CA VAL M 444 -59.45 -50.92 -58.25
C VAL M 444 -58.46 -50.24 -59.18
N ASP M 445 -57.60 -49.41 -58.60
CA ASP M 445 -56.51 -48.80 -59.34
C ASP M 445 -55.53 -49.89 -59.73
N HIS M 446 -55.39 -50.88 -58.86
CA HIS M 446 -54.49 -51.99 -59.10
C HIS M 446 -55.04 -52.95 -60.14
N TYR M 447 -56.34 -52.84 -60.43
CA TYR M 447 -56.87 -53.54 -61.60
C TYR M 447 -56.52 -52.72 -62.84
N ASN M 448 -56.56 -51.41 -62.68
CA ASN M 448 -56.40 -50.50 -63.81
C ASN M 448 -55.01 -50.53 -64.43
N ILE M 449 -53.97 -50.78 -63.63
CA ILE M 449 -52.62 -50.64 -64.17
C ILE M 449 -52.17 -51.87 -64.99
N PRO M 450 -52.45 -53.12 -64.53
CA PRO M 450 -52.12 -54.15 -65.52
C PRO M 450 -53.18 -54.30 -66.61
N LYS M 451 -54.27 -53.54 -66.51
CA LYS M 451 -55.21 -53.41 -67.62
C LYS M 451 -54.57 -52.55 -68.69
N THR M 452 -53.88 -51.49 -68.24
CA THR M 452 -53.09 -50.65 -69.14
C THR M 452 -51.92 -51.43 -69.71
N PHE M 453 -51.14 -52.05 -68.82
CA PHE M 453 -50.03 -52.92 -69.23
C PHE M 453 -50.55 -54.11 -70.03
N ASP M 454 -50.44 -54.03 -71.35
CA ASP M 454 -50.94 -55.10 -72.21
C ASP M 454 -50.22 -55.16 -73.55
N SER M 455 -49.69 -56.33 -73.88
CA SER M 455 -49.09 -56.57 -75.20
C SER M 455 -50.03 -57.43 -76.02
N ASP M 456 -49.73 -57.57 -77.31
CA ASP M 456 -50.55 -58.37 -78.21
C ASP M 456 -50.65 -59.82 -77.75
N ASP M 457 -49.50 -60.44 -77.49
CA ASP M 457 -49.48 -61.81 -76.98
C ASP M 457 -49.55 -61.80 -75.45
N LEU M 458 -49.18 -62.93 -74.85
CA LEU M 458 -49.38 -63.12 -73.41
C LEU M 458 -48.20 -62.64 -72.56
N ILE M 459 -47.22 -61.99 -73.20
CA ILE M 459 -46.06 -61.48 -72.48
C ILE M 459 -46.24 -60.01 -72.11
N PRO M 460 -46.40 -59.72 -70.82
CA PRO M 460 -46.58 -58.35 -70.34
C PRO M 460 -45.26 -57.65 -70.03
N PRO M 461 -45.28 -56.31 -69.96
CA PRO M 461 -44.12 -55.52 -69.54
C PRO M 461 -44.04 -55.36 -68.01
N TYR M 462 -43.80 -56.45 -67.31
CA TYR M 462 -43.67 -56.45 -65.85
C TYR M 462 -42.37 -55.82 -65.38
N LEU M 463 -42.43 -55.01 -64.32
CA LEU M 463 -41.22 -54.57 -63.64
C LEU M 463 -40.72 -55.69 -62.81
N ASP M 464 -39.39 -55.89 -62.77
CA ASP M 464 -38.70 -57.04 -62.19
C ASP M 464 -39.19 -57.80 -61.00
N GLN M 465 -39.44 -57.11 -59.90
CA GLN M 465 -39.90 -57.80 -58.69
C GLN M 465 -41.37 -57.57 -58.35
N TYR M 466 -41.76 -56.31 -58.18
CA TYR M 466 -43.11 -55.95 -57.72
C TYR M 466 -44.18 -56.76 -58.42
N PHE M 467 -44.31 -56.53 -59.73
CA PHE M 467 -45.39 -57.07 -60.52
C PHE M 467 -45.59 -58.56 -60.34
N TYR M 468 -44.50 -59.33 -60.40
CA TYR M 468 -44.58 -60.77 -60.26
C TYR M 468 -45.14 -61.21 -58.91
N SER M 469 -44.67 -60.58 -57.84
CA SER M 469 -45.09 -60.97 -56.50
C SER M 469 -46.40 -60.33 -56.07
N HIS M 470 -46.62 -59.09 -56.48
CA HIS M 470 -47.68 -58.29 -55.89
C HIS M 470 -48.99 -58.34 -56.68
N ILE M 471 -48.89 -58.66 -57.98
CA ILE M 471 -50.08 -58.68 -58.81
C ILE M 471 -51.08 -59.69 -58.24
N GLY M 472 -50.57 -60.82 -57.78
CA GLY M 472 -51.41 -61.89 -57.27
C GLY M 472 -52.20 -61.50 -56.05
N HIS M 473 -51.56 -60.71 -55.19
CA HIS M 473 -52.17 -60.26 -53.95
C HIS M 473 -53.33 -59.30 -54.22
N HIS M 474 -53.08 -58.32 -55.09
CA HIS M 474 -54.09 -57.33 -55.43
C HIS M 474 -55.22 -57.93 -56.26
N LEU M 475 -54.87 -58.89 -57.13
CA LEU M 475 -55.86 -59.56 -57.96
C LEU M 475 -56.84 -60.37 -57.12
N LYS M 476 -56.33 -61.01 -56.07
CA LYS M 476 -57.19 -61.76 -55.16
C LYS M 476 -58.18 -60.82 -54.48
N ASN M 477 -57.71 -59.61 -54.16
CA ASN M 477 -58.54 -58.62 -53.49
C ASN M 477 -59.65 -58.09 -54.40
N ILE M 478 -59.34 -57.84 -55.67
CA ILE M 478 -60.34 -57.24 -56.56
C ILE M 478 -61.44 -58.22 -56.99
N GLU M 479 -61.07 -59.30 -57.67
CA GLU M 479 -62.03 -60.24 -58.26
C GLU M 479 -61.38 -61.52 -58.79
N HIS M 480 -62.19 -62.43 -59.29
CA HIS M 480 -61.70 -63.71 -59.82
C HIS M 480 -61.28 -63.73 -61.31
N PRO M 481 -61.97 -62.98 -62.19
CA PRO M 481 -61.65 -63.21 -63.61
C PRO M 481 -60.24 -62.79 -64.01
N GLU M 482 -59.70 -61.77 -63.35
CA GLU M 482 -58.36 -61.29 -63.68
C GLU M 482 -57.30 -62.18 -63.07
N ARG M 483 -57.60 -62.75 -61.90
CA ARG M 483 -56.74 -63.75 -61.31
C ARG M 483 -56.62 -64.95 -62.25
N MET M 484 -57.76 -65.33 -62.83
CA MET M 484 -57.84 -66.45 -63.75
C MET M 484 -56.83 -66.33 -64.89
N THR M 485 -56.74 -65.14 -65.47
CA THR M 485 -55.87 -64.91 -66.62
C THR M 485 -54.45 -64.53 -66.24
N LEU M 486 -54.29 -63.58 -65.33
CA LEU M 486 -52.97 -63.02 -65.03
C LEU M 486 -52.06 -63.98 -64.27
N PHE M 487 -52.63 -64.79 -63.37
CA PHE M 487 -51.87 -65.85 -62.73
C PHE M 487 -51.35 -66.80 -63.76
N ARG M 488 -52.09 -66.88 -64.86
CA ARG M 488 -51.79 -67.78 -65.95
C ARG M 488 -51.69 -69.19 -65.40
N MET M 489 -52.76 -69.58 -64.72
CA MET M 489 -53.03 -70.97 -64.45
C MET M 489 -53.71 -71.49 -65.69
N VAL M 490 -54.37 -70.56 -66.38
CA VAL M 490 -54.96 -70.81 -67.67
C VAL M 490 -53.90 -70.67 -68.76
N PHE M 491 -53.04 -69.66 -68.62
CA PHE M 491 -52.01 -69.41 -69.63
C PHE M 491 -50.70 -70.12 -69.26
N LEU M 492 -50.02 -70.69 -70.25
CA LEU M 492 -48.75 -71.35 -69.99
C LEU M 492 -47.63 -70.33 -69.81
N ASP M 493 -47.93 -69.07 -70.11
CA ASP M 493 -46.90 -68.05 -70.27
C ASP M 493 -46.27 -67.53 -68.97
N PHE M 494 -46.99 -67.62 -67.86
CA PHE M 494 -46.41 -67.16 -66.58
C PHE M 494 -45.61 -68.29 -65.94
N ARG M 495 -45.93 -69.53 -66.33
CA ARG M 495 -45.07 -70.64 -65.97
C ARG M 495 -43.71 -70.39 -66.62
N PHE M 496 -43.75 -69.85 -67.82
CA PHE M 496 -42.54 -69.46 -68.53
C PHE M 496 -41.87 -68.28 -67.83
N LEU M 497 -42.50 -67.10 -67.91
CA LEU M 497 -41.91 -65.86 -67.40
C LEU M 497 -41.54 -65.92 -65.91
N GLU M 498 -42.55 -65.87 -65.04
CA GLU M 498 -42.37 -65.84 -63.58
C GLU M 498 -41.24 -66.73 -63.05
N GLN M 499 -41.12 -67.91 -63.63
CA GLN M 499 -40.14 -68.89 -63.19
C GLN M 499 -38.71 -68.48 -63.55
N LYS M 500 -38.51 -68.03 -64.79
CA LYS M 500 -37.15 -67.82 -65.30
C LYS M 500 -36.56 -66.46 -64.93
N ILE M 501 -37.42 -65.48 -64.63
CA ILE M 501 -36.92 -64.18 -64.18
C ILE M 501 -36.62 -64.25 -62.69
N ARG M 502 -37.48 -64.96 -61.95
CA ARG M 502 -37.23 -65.23 -60.54
C ARG M 502 -36.24 -66.38 -60.38
N HIS M 503 -35.07 -66.23 -61.00
CA HIS M 503 -34.03 -67.26 -60.95
C HIS M 503 -32.77 -66.72 -60.25
N ASN M 516 -37.35 -68.38 -55.83
CA ASN M 516 -37.38 -69.20 -57.04
C ASN M 516 -38.76 -69.80 -57.28
N THR M 517 -38.81 -71.12 -57.44
CA THR M 517 -40.07 -71.84 -57.65
C THR M 517 -40.96 -71.72 -56.41
N LEU M 518 -40.32 -71.42 -55.28
CA LEU M 518 -41.00 -71.35 -54.00
C LEU M 518 -42.11 -70.32 -53.99
N GLN M 519 -41.73 -69.06 -54.19
CA GLN M 519 -42.68 -67.97 -54.13
C GLN M 519 -43.77 -68.14 -55.19
N GLN M 520 -43.41 -68.73 -56.31
CA GLN M 520 -44.37 -69.08 -57.35
C GLN M 520 -45.39 -70.05 -56.75
N LEU M 521 -44.89 -71.12 -56.15
CA LEU M 521 -45.71 -72.08 -55.42
C LEU M 521 -46.48 -71.39 -54.31
N LYS M 522 -45.87 -70.37 -53.71
CA LYS M 522 -46.49 -69.62 -52.62
C LYS M 522 -47.61 -68.71 -53.11
N PHE M 523 -47.58 -68.36 -54.39
CA PHE M 523 -48.67 -67.59 -54.96
C PHE M 523 -49.88 -68.49 -55.12
N TYR M 524 -49.68 -69.56 -55.88
CA TYR M 524 -50.78 -70.41 -56.32
C TYR M 524 -51.66 -70.94 -55.18
N LYS M 525 -51.06 -71.36 -54.07
CA LYS M 525 -51.84 -72.09 -53.06
C LYS M 525 -52.83 -71.23 -52.26
N PRO M 526 -52.40 -70.12 -51.66
CA PRO M 526 -53.44 -69.37 -50.94
C PRO M 526 -54.36 -68.57 -51.85
N TYR M 527 -53.99 -68.41 -53.11
CA TYR M 527 -54.73 -67.52 -54.00
C TYR M 527 -55.85 -68.20 -54.81
N ILE M 528 -55.97 -69.53 -54.75
CA ILE M 528 -57.02 -70.21 -55.53
C ILE M 528 -58.43 -69.90 -55.05
N CYS M 529 -58.55 -69.38 -53.83
CA CYS M 529 -59.84 -69.15 -53.21
C CYS M 529 -60.74 -68.24 -54.06
N ASP M 530 -60.12 -67.28 -54.74
CA ASP M 530 -60.84 -66.32 -55.56
C ASP M 530 -61.55 -67.00 -56.74
N ASP M 532 -64.32 -70.13 -59.97
CA ASP M 532 -65.27 -71.07 -59.35
C ASP M 532 -64.61 -72.43 -59.15
N PRO M 533 -65.14 -73.27 -58.25
CA PRO M 533 -64.58 -74.59 -57.92
C PRO M 533 -64.12 -75.44 -59.10
N LYS M 534 -64.77 -75.30 -60.26
CA LYS M 534 -64.41 -76.10 -61.43
C LYS M 534 -63.02 -75.75 -61.91
N TYR M 535 -62.73 -74.45 -61.96
CA TYR M 535 -61.39 -73.98 -62.28
C TYR M 535 -60.48 -74.15 -61.06
N GLU M 536 -61.09 -74.24 -59.87
CA GLU M 536 -60.31 -74.31 -58.63
C GLU M 536 -59.61 -75.66 -58.47
N ARG M 537 -60.34 -76.74 -58.72
CA ARG M 537 -59.75 -78.08 -58.72
C ARG M 537 -58.67 -78.17 -59.79
N LEU M 538 -58.78 -77.28 -60.77
CA LEU M 538 -57.83 -77.21 -61.86
C LEU M 538 -56.54 -76.51 -61.43
N VAL M 539 -56.64 -75.47 -60.60
CA VAL M 539 -55.43 -74.76 -60.16
C VAL M 539 -54.59 -75.65 -59.25
N ASN M 540 -55.24 -76.49 -58.46
CA ASN M 540 -54.50 -77.34 -57.54
C ASN M 540 -53.86 -78.48 -58.32
N ALA M 541 -54.45 -78.81 -59.45
CA ALA M 541 -53.90 -79.80 -60.36
C ALA M 541 -52.62 -79.25 -61.01
N ILE M 542 -52.67 -78.01 -61.48
CA ILE M 542 -51.49 -77.38 -62.05
C ILE M 542 -50.52 -76.97 -60.94
N LEU M 543 -51.04 -76.86 -59.73
CA LEU M 543 -50.24 -76.49 -58.58
C LEU M 543 -49.20 -77.55 -58.29
N ASP M 544 -49.65 -78.79 -58.22
CA ASP M 544 -48.78 -79.91 -57.87
C ASP M 544 -47.70 -80.12 -58.92
N PHE M 545 -48.06 -79.97 -60.19
CA PHE M 545 -47.12 -80.17 -61.29
C PHE M 545 -46.04 -79.09 -61.32
N LEU M 546 -46.26 -78.01 -60.58
CA LEU M 546 -45.38 -76.85 -60.63
C LEU M 546 -44.02 -77.05 -59.91
N PRO M 547 -44.04 -77.45 -58.62
CA PRO M 547 -42.71 -77.66 -58.02
C PRO M 547 -42.11 -78.98 -58.49
N LYS M 548 -42.94 -79.82 -59.08
CA LYS M 548 -42.54 -81.13 -59.59
C LYS M 548 -41.39 -81.00 -60.58
N ILE M 549 -41.39 -79.93 -61.36
CA ILE M 549 -40.39 -79.72 -62.40
C ILE M 549 -40.10 -78.23 -62.60
N TYR M 558 -38.22 -71.25 -76.55
CA TYR M 558 -39.69 -71.14 -76.43
C TYR M 558 -40.49 -72.45 -76.51
N THR M 559 -40.08 -73.34 -77.39
CA THR M 559 -40.79 -74.58 -77.68
C THR M 559 -40.98 -75.48 -76.46
N ASP M 560 -39.92 -75.68 -75.67
CA ASP M 560 -39.94 -76.62 -74.55
C ASP M 560 -41.16 -76.51 -73.65
N LEU M 561 -41.52 -75.28 -73.29
CA LEU M 561 -42.63 -75.01 -72.40
C LEU M 561 -43.93 -75.64 -72.88
N LEU M 562 -44.18 -75.55 -74.19
CA LEU M 562 -45.41 -76.06 -74.79
C LEU M 562 -45.42 -77.58 -74.84
N ARG M 563 -44.27 -78.17 -75.16
CA ARG M 563 -44.16 -79.61 -75.34
C ARG M 563 -44.41 -80.39 -74.06
N ILE M 564 -44.04 -79.80 -72.92
CA ILE M 564 -44.24 -80.46 -71.64
C ILE M 564 -45.64 -80.21 -71.10
N ALA M 565 -46.32 -79.22 -71.67
CA ALA M 565 -47.72 -78.97 -71.34
C ALA M 565 -48.61 -79.96 -72.08
N LEU M 566 -48.04 -80.59 -73.11
CA LEU M 566 -48.75 -81.51 -73.98
C LEU M 566 -49.13 -82.82 -73.27
N MET M 567 -48.43 -83.13 -72.18
CA MET M 567 -48.58 -84.42 -71.51
C MET M 567 -49.97 -84.64 -70.90
N ALA M 568 -50.55 -83.58 -70.34
CA ALA M 568 -51.86 -83.67 -69.71
C ALA M 568 -52.92 -82.96 -70.55
N GLU M 569 -53.74 -83.75 -71.25
CA GLU M 569 -54.76 -83.24 -72.16
C GLU M 569 -55.86 -82.45 -71.44
N ASP M 570 -56.03 -82.73 -70.14
CA ASP M 570 -57.15 -82.21 -69.37
C ASP M 570 -57.04 -80.74 -68.98
N GLU M 571 -55.87 -80.14 -69.21
CA GLU M 571 -55.60 -78.82 -68.67
C GLU M 571 -55.57 -77.71 -69.72
N ALA M 572 -56.00 -76.52 -69.31
CA ALA M 572 -56.01 -75.35 -70.17
C ALA M 572 -54.61 -74.81 -70.39
N ILE M 573 -53.65 -75.29 -69.58
CA ILE M 573 -52.26 -74.87 -69.74
C ILE M 573 -51.75 -75.38 -71.08
N PHE M 574 -52.35 -76.48 -71.56
CA PHE M 574 -52.06 -76.97 -72.89
C PHE M 574 -52.83 -76.17 -73.94
N GLU M 575 -54.09 -75.87 -73.63
CA GLU M 575 -54.95 -75.09 -74.54
C GLU M 575 -54.33 -73.74 -74.84
N GLU M 576 -53.72 -73.13 -73.84
CA GLU M 576 -53.06 -71.85 -74.02
C GLU M 576 -51.67 -72.04 -74.59
N ALA M 577 -51.04 -73.16 -74.26
CA ALA M 577 -49.76 -73.54 -74.84
C ALA M 577 -49.88 -73.51 -76.36
N HIS M 578 -50.98 -74.06 -76.85
CA HIS M 578 -51.25 -74.14 -78.28
C HIS M 578 -51.48 -72.75 -78.88
N LYS M 579 -51.95 -71.81 -78.07
CA LYS M 579 -52.21 -70.46 -78.54
C LYS M 579 -50.93 -69.64 -78.64
N GLN M 580 -50.00 -69.88 -77.73
CA GLN M 580 -48.78 -69.06 -77.67
C GLN M 580 -47.68 -69.56 -78.60
N VAL M 581 -47.81 -70.80 -79.09
CA VAL M 581 -46.96 -71.25 -80.17
C VAL M 581 -47.52 -70.72 -81.48
N GLN M 582 -48.86 -70.69 -81.55
CA GLN M 582 -49.58 -70.13 -82.68
C GLN M 582 -49.12 -68.70 -82.96
N ARG M 583 -48.87 -67.94 -81.89
CA ARG M 583 -48.24 -66.65 -82.02
C ARG M 583 -46.90 -66.64 -81.29
N UNK M 584 -36.27 -84.63 -61.69
CA UNK M 584 -36.07 -84.97 -60.30
C UNK M 584 -37.06 -84.16 -59.46
N UNK M 585 -37.56 -84.78 -58.41
CA UNK M 585 -38.53 -84.14 -57.53
C UNK M 585 -38.04 -82.78 -57.04
N UNK M 586 -36.74 -82.62 -56.83
CA UNK M 586 -36.21 -81.35 -56.37
C UNK M 586 -34.79 -81.04 -56.84
N UNK M 587 -34.53 -79.77 -57.13
CA UNK M 587 -33.21 -79.34 -57.57
C UNK M 587 -32.80 -78.05 -56.86
N UNK M 588 -31.70 -78.14 -56.10
CA UNK M 588 -31.18 -77.03 -55.31
C UNK M 588 -29.89 -76.43 -55.86
N UNK M 589 -29.84 -75.10 -55.90
CA UNK M 589 -28.66 -74.39 -56.39
C UNK M 589 -28.17 -73.37 -55.35
N UNK M 590 -27.37 -73.82 -54.36
CA UNK M 590 -26.84 -72.95 -53.30
C UNK M 590 -25.34 -72.68 -53.30
N UNK M 591 -24.62 -73.20 -54.28
CA UNK M 591 -23.18 -72.97 -54.34
C UNK M 591 -22.85 -72.15 -55.56
N UNK M 592 -21.67 -71.53 -55.56
CA UNK M 592 -21.26 -70.72 -56.68
C UNK M 592 -20.16 -71.44 -57.41
N UNK M 593 -19.08 -74.80 -57.95
CA UNK M 593 -19.44 -76.19 -57.91
C UNK M 593 -19.83 -76.66 -56.50
N UNK M 594 -20.82 -77.55 -56.43
CA UNK M 594 -21.27 -78.11 -55.16
C UNK M 594 -20.57 -79.43 -55.03
N UNK M 595 -19.85 -79.65 -53.95
CA UNK M 595 -19.15 -80.91 -53.84
C UNK M 595 -19.93 -81.98 -53.09
N UNK M 596 -20.62 -81.59 -52.03
CA UNK M 596 -21.38 -82.54 -51.23
C UNK M 596 -22.61 -81.85 -50.68
N UNK M 597 -23.63 -82.64 -50.34
CA UNK M 597 -24.87 -82.12 -49.78
C UNK M 597 -25.52 -83.29 -49.06
N UNK M 598 -26.36 -83.01 -48.06
CA UNK M 598 -27.01 -84.08 -47.31
C UNK M 598 -28.24 -83.60 -46.53
N UNK M 599 -29.06 -84.56 -46.11
CA UNK M 599 -30.29 -84.30 -45.36
C UNK M 599 -30.06 -84.21 -43.86
N UNK M 600 -30.95 -83.50 -43.18
CA UNK M 600 -30.87 -83.40 -41.73
C UNK M 600 -31.41 -84.74 -41.27
N UNK M 601 -31.16 -85.11 -40.01
CA UNK M 601 -31.64 -86.40 -39.53
C UNK M 601 -33.14 -86.60 -39.67
N UNK M 602 -33.92 -85.52 -39.64
CA UNK M 602 -35.37 -85.67 -39.80
C UNK M 602 -35.75 -85.42 -41.26
N UNK M 603 -34.76 -85.22 -42.11
CA UNK M 603 -35.03 -84.99 -43.52
C UNK M 603 -35.65 -83.64 -43.88
N UNK M 604 -35.95 -82.82 -42.87
CA UNK M 604 -36.55 -81.50 -43.09
C UNK M 604 -35.64 -80.46 -43.72
N UNK M 605 -34.33 -80.60 -43.50
CA UNK M 605 -33.37 -79.65 -44.02
C UNK M 605 -32.28 -80.31 -44.84
N UNK M 606 -31.51 -79.48 -45.56
CA UNK M 606 -30.41 -79.95 -46.39
C UNK M 606 -29.24 -78.99 -46.25
N UNK M 607 -28.03 -79.52 -46.08
CA UNK M 607 -26.86 -78.68 -45.98
C UNK M 607 -25.99 -79.09 -47.16
N UNK M 608 -25.33 -78.12 -47.78
CA UNK M 608 -24.50 -78.37 -48.94
C UNK M 608 -23.26 -77.52 -48.87
N UNK M 609 -22.12 -78.08 -49.22
CA UNK M 609 -20.86 -77.35 -49.17
C UNK M 609 -20.13 -77.54 -50.48
N UNK M 610 -19.61 -76.46 -51.04
CA UNK M 610 -18.92 -76.61 -52.30
C UNK M 610 -17.66 -75.78 -52.41
N UNK M 611 -17.24 -75.55 -53.65
CA UNK M 611 -15.98 -74.89 -53.92
C UNK M 611 -16.10 -73.39 -53.70
N UNK M 612 -17.30 -72.92 -53.38
CA UNK M 612 -17.45 -71.50 -53.15
C UNK M 612 -17.05 -71.13 -51.71
N UNK M 613 -16.52 -72.12 -50.99
CA UNK M 613 -16.03 -71.96 -49.60
C UNK M 613 -17.09 -71.80 -48.50
N UNK M 614 -18.37 -71.78 -48.85
CA UNK M 614 -19.44 -71.59 -47.86
C UNK M 614 -20.22 -72.83 -47.40
N UNK M 615 -20.94 -72.70 -46.29
CA UNK M 615 -21.78 -73.78 -45.77
C UNK M 615 -23.17 -73.24 -46.01
N UNK M 616 -24.03 -74.04 -46.63
CA UNK M 616 -25.38 -73.59 -46.91
C UNK M 616 -26.41 -74.54 -46.37
N UNK M 617 -27.54 -73.99 -45.95
CA UNK M 617 -28.60 -74.82 -45.43
C UNK M 617 -29.93 -74.24 -45.87
N UNK M 618 -30.86 -75.13 -46.20
CA UNK M 618 -32.20 -74.76 -46.67
C UNK M 618 -33.21 -75.86 -46.36
N UNK M 619 -34.49 -75.49 -46.37
CA UNK M 619 -35.55 -76.44 -46.10
C UNK M 619 -35.56 -77.49 -47.21
N UNK M 620 -35.81 -78.74 -46.86
CA UNK M 620 -35.84 -79.80 -47.86
C UNK M 620 -37.04 -79.59 -48.78
N UNK M 621 -38.14 -79.14 -48.18
CA UNK M 621 -39.39 -78.88 -48.90
C UNK M 621 -39.34 -77.84 -50.01
N UNK M 622 -38.78 -76.66 -49.71
CA UNK M 622 -38.74 -75.56 -50.68
C UNK M 622 -37.43 -74.90 -51.09
N UNK M 623 -36.31 -75.31 -50.51
CA UNK M 623 -35.04 -74.69 -50.88
C UNK M 623 -34.87 -73.31 -50.23
N UNK M 624 -35.90 -72.92 -49.51
CA UNK M 624 -35.97 -71.67 -48.78
C UNK M 624 -34.69 -71.56 -47.96
N UNK M 625 -33.79 -70.66 -48.33
CA UNK M 625 -32.53 -70.53 -47.60
C UNK M 625 -32.69 -70.35 -46.10
N UNK M 626 -31.89 -71.11 -45.34
CA UNK M 626 -31.89 -71.05 -43.88
C UNK M 626 -30.57 -70.51 -43.35
N UNK M 627 -29.45 -70.97 -43.88
CA UNK M 627 -28.14 -70.47 -43.46
C UNK M 627 -27.20 -70.22 -44.65
N UNK M 628 -26.42 -69.13 -44.56
CA UNK M 628 -25.46 -68.76 -45.60
C UNK M 628 -24.14 -68.37 -44.90
N UNK M 629 -23.42 -69.37 -44.42
CA UNK M 629 -22.16 -69.20 -43.69
C UNK M 629 -20.92 -69.24 -44.57
N UNK M 630 -19.87 -68.52 -44.18
CA UNK M 630 -18.62 -68.53 -44.91
C UNK M 630 -17.71 -69.49 -44.13
N UNK M 631 -17.99 -70.79 -44.23
CA UNK M 631 -17.27 -71.82 -43.47
C UNK M 631 -15.73 -71.92 -43.49
N UNK M 632 -15.10 -71.85 -44.64
CA UNK M 632 -13.65 -71.97 -44.66
C UNK M 632 -12.94 -71.02 -45.59
N UNK M 633 -11.61 -71.17 -45.61
CA UNK M 633 -10.73 -70.35 -46.43
C UNK M 633 -10.20 -71.20 -47.58
N UNK M 634 -10.51 -72.88 -47.86
CA UNK M 634 -10.14 -73.76 -48.95
C UNK M 634 -11.24 -74.81 -49.14
N UNK M 635 -11.35 -75.33 -50.37
CA UNK M 635 -12.40 -76.26 -50.73
C UNK M 635 -12.67 -77.36 -49.71
N UNK M 636 -13.93 -77.77 -49.61
CA UNK M 636 -14.34 -78.80 -48.67
C UNK M 636 -14.48 -80.13 -49.39
N UNK M 637 -14.44 -81.22 -48.62
CA UNK M 637 -14.53 -82.58 -49.20
C UNK M 637 -15.60 -83.53 -48.67
N UNK M 638 -16.14 -83.25 -47.50
CA UNK M 638 -17.13 -84.14 -46.93
C UNK M 638 -17.81 -83.47 -45.74
N UNK M 639 -19.01 -83.94 -45.41
CA UNK M 639 -19.79 -83.39 -44.31
C UNK M 639 -20.80 -84.45 -43.82
N UNK M 640 -21.16 -84.41 -42.53
CA UNK M 640 -22.09 -85.38 -41.99
C UNK M 640 -22.79 -84.87 -40.77
N UNK M 641 -23.86 -85.54 -40.37
CA UNK M 641 -24.65 -85.20 -39.20
C UNK M 641 -24.28 -86.18 -38.10
N UNK M 642 -24.52 -85.81 -36.84
CA UNK M 642 -24.23 -86.70 -35.72
C UNK M 642 -25.42 -87.64 -35.58
N UNK M 643 -25.36 -88.54 -34.61
CA UNK M 643 -26.42 -89.50 -34.38
C UNK M 643 -27.78 -88.88 -34.05
N UNK M 644 -27.79 -87.70 -33.44
CA UNK M 644 -29.06 -87.05 -33.11
C UNK M 644 -29.22 -85.74 -33.87
N UNK M 645 -28.57 -85.64 -35.02
CA UNK M 645 -28.66 -84.45 -35.85
C UNK M 645 -28.35 -83.19 -35.07
N UNK M 646 -27.77 -83.34 -33.89
CA UNK M 646 -27.45 -82.17 -33.08
C UNK M 646 -26.27 -81.41 -33.69
N UNK M 647 -25.42 -82.15 -34.40
CA UNK M 647 -24.25 -81.55 -35.00
C UNK M 647 -24.05 -81.96 -36.44
N UNK M 648 -23.13 -81.25 -37.09
CA UNK M 648 -22.75 -81.48 -38.47
C UNK M 648 -21.25 -81.24 -38.49
N UNK M 649 -20.48 -82.18 -39.00
CA UNK M 649 -19.06 -81.95 -39.07
C UNK M 649 -18.76 -81.67 -40.53
N UNK M 650 -17.57 -81.15 -40.80
CA UNK M 650 -17.13 -80.89 -42.17
C UNK M 650 -15.63 -80.99 -42.11
N UNK M 651 -15.05 -81.67 -43.09
CA UNK M 651 -13.61 -81.79 -43.13
C UNK M 651 -13.22 -81.24 -44.50
N UNK M 652 -12.08 -80.55 -44.59
CA UNK M 652 -11.69 -79.94 -45.86
C UNK M 652 -10.23 -80.05 -46.21
N UNK M 653 -9.87 -79.42 -47.33
CA UNK M 653 -8.51 -79.42 -47.83
C UNK M 653 -7.56 -78.59 -46.99
N UNK M 654 -8.11 -77.80 -46.05
CA UNK M 654 -7.25 -77.00 -45.20
C UNK M 654 -6.76 -77.90 -44.08
N UNK M 655 -7.05 -79.19 -44.23
CA UNK M 655 -6.62 -80.20 -43.26
C UNK M 655 -7.36 -80.14 -41.92
N UNK M 656 -8.38 -79.30 -41.84
CA UNK M 656 -9.15 -79.17 -40.61
C UNK M 656 -10.48 -79.93 -40.66
N UNK M 657 -11.02 -80.19 -39.46
CA UNK M 657 -12.31 -80.85 -39.27
C UNK M 657 -13.09 -79.89 -38.40
N UNK M 658 -14.38 -79.73 -38.63
CA UNK M 658 -15.13 -78.79 -37.82
C UNK M 658 -16.49 -79.30 -37.36
N UNK M 659 -16.93 -78.84 -36.19
CA UNK M 659 -18.20 -79.27 -35.67
C UNK M 659 -19.10 -78.06 -35.60
N UNK M 660 -20.35 -78.19 -36.03
CA UNK M 660 -21.29 -77.08 -36.02
C UNK M 660 -22.60 -77.45 -35.34
N UNK M 661 -23.25 -76.46 -34.74
CA UNK M 661 -24.54 -76.67 -34.11
C UNK M 661 -25.43 -76.66 -35.34
N UNK M 662 -26.02 -77.80 -35.67
CA UNK M 662 -26.86 -77.88 -36.85
C UNK M 662 -28.03 -76.91 -36.83
N UNK M 663 -28.32 -76.36 -35.66
CA UNK M 663 -29.45 -75.43 -35.54
C UNK M 663 -29.08 -73.99 -35.82
N UNK M 664 -25.73 -73.04 -36.56
CA UNK M 664 -24.60 -72.95 -37.47
C UNK M 664 -23.37 -72.35 -36.84
N UNK M 665 -23.38 -72.17 -35.52
CA UNK M 665 -22.22 -71.61 -34.85
C UNK M 665 -21.11 -72.66 -34.71
N UNK M 666 -19.88 -72.28 -35.05
CA UNK M 666 -18.73 -73.17 -34.95
C UNK M 666 -18.68 -73.68 -33.51
N UNK M 667 -18.65 -74.99 -33.34
CA UNK M 667 -18.62 -75.59 -32.01
C UNK M 667 -17.26 -76.25 -31.78
N UNK M 668 -12.95 -76.59 -33.61
CA UNK M 668 -12.27 -77.19 -34.75
C UNK M 668 -11.11 -78.08 -34.32
N UNK M 669 -10.84 -79.10 -35.13
CA UNK M 669 -9.78 -80.05 -34.85
C UNK M 669 -8.77 -80.06 -35.97
N UNK M 670 -7.61 -79.45 -35.75
CA UNK M 670 -6.57 -79.46 -36.77
C UNK M 670 -5.46 -80.38 -36.31
N UNK M 671 -5.31 -81.51 -36.99
CA UNK M 671 -4.27 -82.47 -36.63
C UNK M 671 -3.84 -83.30 -37.82
N UNK M 672 -6.97 -85.13 -40.90
CA UNK M 672 -7.85 -86.21 -40.46
C UNK M 672 -8.93 -86.44 -41.52
N UNK M 673 -8.94 -87.66 -42.06
CA UNK M 673 -9.85 -88.08 -43.14
C UNK M 673 -11.19 -88.66 -42.69
N UNK M 674 -11.14 -89.60 -41.74
CA UNK M 674 -12.34 -90.22 -41.22
C UNK M 674 -12.89 -89.49 -40.00
N UNK M 675 -14.22 -89.44 -39.88
CA UNK M 675 -14.89 -88.91 -38.70
C UNK M 675 -16.35 -89.34 -38.71
N UNK M 676 -16.68 -90.20 -37.75
CA UNK M 676 -18.01 -90.78 -37.59
C UNK M 676 -18.46 -90.81 -36.12
N UNK M 677 -19.76 -90.61 -35.88
CA UNK M 677 -20.30 -90.59 -34.51
C UNK M 677 -20.82 -91.96 -34.12
N UNK M 678 -21.19 -92.12 -32.85
CA UNK M 678 -21.75 -93.38 -32.36
C UNK M 678 -23.21 -93.42 -32.78
N UNK M 679 -23.73 -94.60 -33.10
CA UNK M 679 -25.12 -94.74 -33.56
C UNK M 679 -26.16 -94.69 -32.47
N UNK M 680 -25.92 -95.42 -31.38
CA UNK M 680 -26.86 -95.45 -30.27
C UNK M 680 -27.06 -94.08 -29.62
N UNK M 681 -28.32 -93.70 -29.55
CA UNK M 681 -28.78 -92.43 -28.97
C UNK M 681 -28.40 -92.32 -27.49
N UNK M 682 -27.70 -93.32 -26.99
CA UNK M 682 -27.30 -93.32 -25.60
C UNK M 682 -26.00 -92.54 -25.41
N UNK M 683 -24.87 -93.16 -25.75
CA UNK M 683 -23.56 -92.52 -25.64
C UNK M 683 -23.29 -91.58 -26.82
N UNK M 684 -22.34 -90.67 -26.65
CA UNK M 684 -22.02 -89.67 -27.67
C UNK M 684 -20.54 -89.54 -27.97
N UNK M 685 -19.98 -90.48 -28.73
CA UNK M 685 -18.56 -90.44 -29.04
C UNK M 685 -18.30 -90.11 -30.49
N UNK M 686 -17.08 -89.67 -30.78
CA UNK M 686 -16.68 -89.33 -32.13
C UNK M 686 -15.37 -90.03 -32.41
N UNK M 687 -15.29 -90.68 -33.57
CA UNK M 687 -14.09 -91.39 -33.94
C UNK M 687 -13.48 -90.73 -35.15
N UNK M 688 -12.17 -90.55 -35.15
CA UNK M 688 -11.48 -89.92 -36.25
C UNK M 688 -10.23 -90.69 -36.66
N UNK M 689 -10.01 -90.76 -37.97
CA UNK M 689 -8.85 -91.44 -38.51
C UNK M 689 -8.03 -90.35 -39.19
N UNK M 690 -6.70 -90.42 -39.12
CA UNK M 690 -5.88 -89.40 -39.75
C UNK M 690 -4.66 -89.94 -40.48
N UNK M 691 -4.06 -89.08 -41.29
CA UNK M 691 -2.85 -89.44 -42.04
C UNK M 691 -1.70 -89.66 -41.06
N UNK M 692 -1.90 -89.29 -39.80
CA UNK M 692 -0.85 -89.45 -38.80
C UNK M 692 -0.82 -90.87 -38.25
N UNK M 693 -1.60 -91.76 -38.86
CA UNK M 693 -1.67 -93.18 -38.48
C UNK M 693 -2.50 -93.48 -37.26
N UNK M 694 -3.05 -92.48 -36.60
CA UNK M 694 -3.85 -92.76 -35.42
C UNK M 694 -5.32 -92.62 -35.66
N UNK M 695 -6.06 -93.11 -34.67
CA UNK M 695 -7.51 -93.06 -34.61
C UNK M 695 -7.78 -92.42 -33.25
N UNK M 696 -8.85 -91.65 -33.14
CA UNK M 696 -9.11 -91.04 -31.85
C UNK M 696 -10.57 -91.09 -31.47
N UNK M 697 -10.82 -91.32 -30.18
CA UNK M 697 -12.17 -91.33 -29.67
C UNK M 697 -12.27 -90.07 -28.86
N UNK M 698 -13.31 -89.29 -29.11
CA UNK M 698 -13.52 -88.04 -28.38
C UNK M 698 -14.82 -88.18 -27.65
N UNK M 699 -14.86 -87.65 -26.43
CA UNK M 699 -16.07 -87.69 -25.61
C UNK M 699 -16.52 -86.23 -25.65
N UNK M 700 -17.44 -85.92 -26.57
CA UNK M 700 -17.95 -84.56 -26.73
C UNK M 700 -18.30 -83.87 -25.42
N UNK M 701 -18.52 -84.67 -24.38
CA UNK M 701 -18.86 -84.15 -23.07
C UNK M 701 -17.56 -83.91 -22.30
N UNK M 702 -16.48 -83.65 -23.00
CA UNK M 702 -15.20 -83.43 -22.35
C UNK M 702 -14.22 -82.66 -23.22
N UNK M 703 -13.67 -81.57 -22.69
CA UNK M 703 -12.74 -80.74 -23.44
C UNK M 703 -11.53 -81.55 -23.93
N UNK M 704 -11.47 -82.83 -23.59
CA UNK M 704 -10.32 -83.65 -23.97
C UNK M 704 -10.57 -84.89 -24.82
N UNK M 705 -9.47 -85.39 -25.38
CA UNK M 705 -9.46 -86.59 -26.19
C UNK M 705 -9.73 -87.70 -25.19
N UNK M 706 -10.30 -88.82 -25.61
CA UNK M 706 -10.60 -89.89 -24.67
C UNK M 706 -9.68 -91.07 -24.87
N UNK M 707 -9.24 -91.26 -26.10
CA UNK M 707 -8.36 -92.37 -26.42
C UNK M 707 -7.65 -92.10 -27.73
N UNK M 708 -6.51 -92.75 -27.91
CA UNK M 708 -5.75 -92.59 -29.13
C UNK M 708 -5.31 -93.98 -29.53
N UNK M 709 -6.04 -94.59 -30.46
CA UNK M 709 -5.70 -95.93 -30.89
C UNK M 709 -4.44 -96.00 -31.73
N UNK M 710 -3.36 -96.52 -31.15
CA UNK M 710 -2.14 -96.66 -31.93
C UNK M 710 -2.19 -98.04 -32.58
N UNK M 711 -3.17 -93.08 -47.49
CA UNK M 711 -4.29 -93.78 -46.87
C UNK M 711 -5.50 -92.86 -47.07
N UNK M 712 -6.46 -93.32 -47.86
CA UNK M 712 -7.62 -92.50 -48.16
C UNK M 712 -8.84 -92.70 -47.31
N UNK M 713 -8.91 -93.78 -46.57
CA UNK M 713 -10.11 -94.02 -45.80
C UNK M 713 -9.85 -95.12 -44.78
N UNK M 714 -10.66 -95.14 -43.72
CA UNK M 714 -10.52 -96.11 -42.63
C UNK M 714 -11.75 -96.10 -41.74
N UNK M 715 -12.21 -97.28 -41.35
CA UNK M 715 -13.39 -97.40 -40.51
C UNK M 715 -13.18 -98.49 -39.48
N UNK M 716 -13.63 -98.25 -38.26
CA UNK M 716 -13.50 -99.27 -37.25
C UNK M 716 -14.57 -100.29 -37.57
N UNK M 717 -14.37 -101.53 -37.14
CA UNK M 717 -15.38 -102.54 -37.38
C UNK M 717 -16.47 -102.31 -36.34
N UNK M 718 -17.68 -102.81 -36.59
CA UNK M 718 -18.74 -102.62 -35.62
C UNK M 718 -18.24 -103.15 -34.29
N UNK M 719 -12.94 -104.44 -32.68
CA UNK M 719 -11.67 -105.14 -32.66
C UNK M 719 -10.80 -104.98 -33.91
N UNK M 720 -11.39 -104.59 -35.02
CA UNK M 720 -10.61 -104.41 -36.24
C UNK M 720 -10.70 -103.02 -36.80
N UNK M 721 -9.69 -102.65 -37.59
CA UNK M 721 -9.66 -101.34 -38.21
C UNK M 721 -9.40 -101.56 -39.68
N UNK M 722 -10.41 -101.33 -40.51
CA UNK M 722 -10.24 -101.51 -41.93
C UNK M 722 -9.57 -100.26 -42.49
N UNK M 723 -8.72 -100.44 -43.49
CA UNK M 723 -8.03 -99.32 -44.07
C UNK M 723 -7.95 -99.44 -45.57
N UNK M 724 -8.18 -98.32 -46.23
CA UNK M 724 -8.25 -98.23 -47.67
C UNK M 724 -7.22 -97.22 -48.20
N UNK M 725 -6.46 -97.63 -49.21
CA UNK M 725 -5.41 -96.76 -49.76
C UNK M 725 -5.28 -96.71 -51.27
N UNK M 726 -4.27 -95.98 -51.71
CA UNK M 726 -3.96 -95.80 -53.12
C UNK M 726 -3.03 -96.92 -53.57
N UNK M 727 -2.42 -97.61 -52.62
CA UNK M 727 -1.50 -98.68 -52.96
C UNK M 727 -2.24 -99.90 -53.48
N UNK M 728 -3.54 -99.77 -53.70
CA UNK M 728 -4.31 -100.88 -54.23
C UNK M 728 -4.71 -101.97 -53.24
N UNK M 729 -4.68 -101.66 -51.96
CA UNK M 729 -5.04 -102.65 -50.96
C UNK M 729 -6.18 -102.25 -50.03
N UNK M 730 -6.74 -103.25 -49.37
CA UNK M 730 -7.76 -103.05 -48.34
C UNK M 730 -6.96 -103.70 -47.23
N UNK M 731 -7.08 -103.22 -45.99
CA UNK M 731 -6.27 -103.83 -44.97
C UNK M 731 -6.96 -103.87 -43.63
N UNK M 732 -6.75 -104.95 -42.89
CA UNK M 732 -7.36 -105.07 -41.60
C UNK M 732 -6.33 -105.07 -40.48
N UNK M 733 -6.20 -103.95 -39.81
CA UNK M 733 -5.28 -103.86 -38.70
C UNK M 733 -6.02 -104.34 -37.46
N UNK M 734 -5.28 -104.73 -36.44
CA UNK M 734 -5.85 -105.21 -35.18
C UNK M 734 -5.76 -104.10 -34.15
N UNK M 735 -6.90 -103.49 -33.85
CA UNK M 735 -6.93 -102.38 -32.90
C UNK M 735 -6.14 -102.57 -31.61
N UNK M 736 -6.46 -103.61 -30.86
CA UNK M 736 -5.79 -103.85 -29.59
C UNK M 736 -4.26 -103.84 -29.68
N UNK M 737 -3.71 -104.13 -30.85
CA UNK M 737 -2.26 -104.16 -30.97
C UNK M 737 -1.67 -103.39 -32.14
N UNK M 738 -2.51 -102.73 -32.92
CA UNK M 738 -2.06 -101.95 -34.07
C UNK M 738 -1.18 -102.76 -35.03
N UNK M 739 -1.47 -104.04 -35.21
CA UNK M 739 -0.72 -104.94 -36.09
C UNK M 739 -1.46 -105.21 -37.38
N UNK M 740 -0.74 -105.40 -38.47
CA UNK M 740 -1.41 -105.69 -39.74
C UNK M 740 -1.83 -107.16 -39.73
N UNK M 741 -3.12 -107.44 -39.81
CA UNK M 741 -3.61 -108.82 -39.83
C UNK M 741 -3.75 -109.35 -41.25
N UNK M 742 -4.33 -108.56 -42.16
CA UNK M 742 -4.47 -109.00 -43.54
C UNK M 742 -4.32 -107.83 -44.49
N UNK M 743 -4.19 -108.16 -45.77
CA UNK M 743 -4.07 -107.16 -46.81
C UNK M 743 -4.72 -107.77 -48.04
N UNK M 744 -5.60 -107.03 -48.70
CA UNK M 744 -6.29 -107.53 -49.87
C UNK M 744 -6.00 -106.69 -51.10
N UNK M 745 -5.19 -107.24 -52.00
CA UNK M 745 -4.85 -106.53 -53.22
C UNK M 745 -6.04 -106.46 -54.17
N UNK M 746 -6.29 -105.28 -54.73
CA UNK M 746 -7.38 -105.17 -55.68
C UNK M 746 -6.77 -105.24 -57.10
N UNK M 747 -7.02 -106.41 -57.70
CA UNK M 747 -6.52 -106.80 -59.02
C UNK M 747 -7.65 -107.06 -60.02
N UNK M 748 -8.71 -106.27 -59.97
CA UNK M 748 -9.83 -106.48 -60.88
C UNK M 748 -9.74 -105.56 -62.06
N UNK M 749 -8.54 -105.10 -62.33
CA UNK M 749 -8.33 -104.16 -63.43
C UNK M 749 -7.15 -104.58 -64.33
N UNK M 750 -7.37 -104.49 -65.63
CA UNK M 750 -6.39 -104.91 -66.62
C UNK M 750 -6.11 -103.81 -67.65
N UNK M 751 -12.07 -94.65 -51.64
CA UNK M 751 -13.38 -94.47 -51.00
C UNK M 751 -13.64 -95.71 -50.13
N UNK M 752 -14.23 -95.53 -48.96
CA UNK M 752 -14.52 -96.69 -48.12
C UNK M 752 -15.43 -96.36 -46.97
N UNK M 753 -16.73 -96.54 -47.21
CA UNK M 753 -17.76 -96.25 -46.23
C UNK M 753 -18.37 -97.45 -45.52
N UNK M 754 -18.94 -97.17 -44.36
CA UNK M 754 -19.58 -98.16 -43.49
C UNK M 754 -21.04 -98.41 -43.83
N UNK M 755 -21.56 -99.52 -43.33
CA UNK M 755 -22.96 -99.84 -43.55
C UNK M 755 -23.74 -99.08 -42.49
N UNK M 756 -25.06 -99.13 -42.59
CA UNK M 756 -25.93 -98.42 -41.66
C UNK M 756 -25.76 -98.88 -40.22
N UNK M 757 -25.66 -100.18 -40.05
CA UNK M 757 -25.51 -100.76 -38.73
C UNK M 757 -24.06 -100.76 -38.27
N UNK M 758 -23.15 -100.30 -39.13
CA UNK M 758 -21.75 -100.27 -38.77
C UNK M 758 -21.14 -101.65 -38.65
N UNK M 759 -21.83 -102.65 -39.18
CA UNK M 759 -21.36 -104.02 -39.12
C UNK M 759 -20.78 -104.51 -40.43
N UNK M 760 -20.71 -103.63 -41.42
CA UNK M 760 -20.15 -104.00 -42.70
C UNK M 760 -19.49 -102.80 -43.32
N UNK M 761 -18.52 -103.02 -44.21
CA UNK M 761 -17.81 -101.93 -44.84
C UNK M 761 -17.56 -102.25 -46.30
N UNK M 762 -17.77 -101.28 -47.21
CA UNK M 762 -17.48 -101.58 -48.60
C UNK M 762 -16.23 -100.81 -48.94
N UNK M 763 -15.42 -101.34 -49.85
CA UNK M 763 -14.21 -100.66 -50.29
C UNK M 763 -14.03 -100.86 -51.78
N UNK M 764 -13.19 -100.00 -52.39
CA UNK M 764 -12.96 -100.04 -53.82
C UNK M 764 -11.48 -100.07 -54.18
N UNK M 765 -11.16 -100.80 -55.25
CA UNK M 765 -9.79 -100.92 -55.75
C UNK M 765 -9.78 -101.44 -57.20
N UNK M 766 -8.86 -100.90 -58.00
CA UNK M 766 -8.72 -101.26 -59.41
C UNK M 766 -10.09 -101.39 -60.08
N UNK M 767 -10.52 -102.63 -60.28
CA UNK M 767 -11.82 -102.90 -60.90
C UNK M 767 -12.95 -103.36 -60.02
N UNK M 768 -12.76 -103.45 -58.72
CA UNK M 768 -13.86 -103.96 -57.92
C UNK M 768 -14.21 -103.22 -56.65
N UNK M 769 -15.44 -103.45 -56.21
CA UNK M 769 -15.97 -102.92 -54.97
C UNK M 769 -16.08 -104.20 -54.17
N UNK M 770 -15.71 -104.17 -52.91
CA UNK M 770 -15.74 -105.36 -52.07
C UNK M 770 -16.46 -105.09 -50.76
N UNK M 771 -17.31 -106.02 -50.35
CA UNK M 771 -18.03 -105.88 -49.10
C UNK M 771 -17.46 -106.78 -48.02
N UNK M 772 -16.97 -106.16 -46.96
CA UNK M 772 -16.39 -106.89 -45.85
C UNK M 772 -17.21 -106.89 -44.59
N UNK M 773 -17.03 -107.94 -43.81
CA UNK M 773 -17.71 -108.09 -42.55
C UNK M 773 -16.75 -107.50 -41.52
N UNK M 774 -17.10 -106.35 -40.95
CA UNK M 774 -16.25 -105.66 -39.97
C UNK M 774 -15.70 -106.57 -38.87
N UNK M 775 -15.77 -110.69 -38.53
CA UNK M 775 -15.04 -111.80 -39.11
C UNK M 775 -13.98 -111.39 -40.14
N UNK M 776 -14.13 -110.21 -40.74
CA UNK M 776 -13.20 -109.71 -41.75
C UNK M 776 -13.38 -110.53 -43.03
N UNK M 777 -14.57 -111.09 -43.18
CA UNK M 777 -14.85 -111.88 -44.36
C UNK M 777 -15.32 -111.05 -45.53
N UNK M 778 -15.06 -111.55 -46.72
CA UNK M 778 -15.46 -110.88 -47.94
C UNK M 778 -16.87 -111.34 -48.26
N UNK M 779 -17.86 -110.50 -47.96
CA UNK M 779 -19.24 -110.85 -48.22
C UNK M 779 -19.71 -110.62 -49.65
N UNK M 780 -18.91 -109.93 -50.46
CA UNK M 780 -19.31 -109.67 -51.83
C UNK M 780 -18.22 -109.06 -52.69
N UNK M 781 -18.30 -109.35 -53.97
CA UNK M 781 -17.33 -108.87 -54.92
C UNK M 781 -17.98 -108.58 -56.26
N UNK M 782 -18.38 -107.34 -56.49
CA UNK M 782 -18.96 -107.00 -57.77
C UNK M 782 -17.83 -106.43 -58.62
N UNK M 783 -19.93 -105.62 -60.41
CA UNK M 783 -18.90 -105.18 -61.34
C UNK M 783 -19.45 -104.04 -62.15
N UNK M 784 -18.74 -102.92 -62.10
CA UNK M 784 -19.18 -101.72 -62.77
C UNK M 784 -18.79 -101.62 -64.24
N UNK M 785 -14.38 -98.50 -66.15
CA UNK M 785 -14.10 -97.09 -65.92
C UNK M 785 -13.54 -97.11 -64.52
N UNK M 786 -13.72 -96.04 -63.75
CA UNK M 786 -13.23 -96.03 -62.36
C UNK M 786 -14.19 -95.29 -61.45
N UNK M 787 -14.60 -95.95 -60.37
CA UNK M 787 -15.50 -95.35 -59.40
C UNK M 787 -14.81 -94.15 -58.80
N UNK M 788 -15.44 -92.98 -58.91
CA UNK M 788 -14.87 -91.75 -58.40
C UNK M 788 -15.24 -91.49 -56.92
N UNK M 789 -16.38 -92.02 -56.48
CA UNK M 789 -16.79 -91.87 -55.09
C UNK M 789 -17.98 -92.77 -54.76
N UNK M 790 -18.21 -92.99 -53.46
CA UNK M 790 -19.31 -93.84 -53.02
C UNK M 790 -19.71 -93.61 -51.56
N UNK M 791 -20.74 -94.32 -51.09
CA UNK M 791 -21.14 -94.21 -49.70
C UNK M 791 -22.11 -95.32 -49.40
N UNK M 792 -21.84 -96.00 -48.31
CA UNK M 792 -22.61 -97.13 -47.86
C UNK M 792 -23.71 -96.67 -46.91
N UNK M 793 -24.94 -97.06 -47.20
CA UNK M 793 -26.10 -96.70 -46.40
C UNK M 793 -26.08 -97.40 -45.05
N UNK M 794 -27.03 -97.06 -44.15
CA UNK M 794 -27.02 -97.73 -42.85
C UNK M 794 -28.12 -98.81 -42.83
N UNK M 795 -28.89 -98.88 -43.93
CA UNK M 795 -29.97 -99.85 -44.08
C UNK M 795 -30.00 -100.42 -45.49
N UNK M 796 -30.76 -101.48 -45.67
CA UNK M 796 -30.90 -102.15 -46.96
C UNK M 796 -29.58 -102.43 -47.69
N UNK M 797 -28.47 -102.43 -46.96
CA UNK M 797 -27.14 -102.66 -47.53
C UNK M 797 -27.00 -101.84 -48.81
N UNK M 798 -27.62 -100.68 -48.85
CA UNK M 798 -27.53 -99.84 -50.04
C UNK M 798 -26.21 -99.13 -50.11
N UNK M 799 -25.73 -98.94 -51.33
CA UNK M 799 -24.47 -98.26 -51.53
C UNK M 799 -24.64 -97.37 -52.75
N UNK M 800 -24.24 -96.11 -52.64
CA UNK M 800 -24.33 -95.20 -53.76
C UNK M 800 -22.94 -94.88 -54.21
N UNK M 801 -22.72 -94.94 -55.51
CA UNK M 801 -21.41 -94.65 -56.04
C UNK M 801 -21.53 -93.77 -57.26
N UNK M 802 -20.66 -92.76 -57.34
CA UNK M 802 -20.64 -91.90 -58.49
C UNK M 802 -19.75 -92.73 -59.39
N UNK M 803 -20.45 -88.13 -64.27
CA UNK M 803 -21.88 -87.90 -64.04
C UNK M 803 -22.87 -89.07 -63.99
N UNK M 804 -22.38 -90.30 -63.97
CA UNK M 804 -23.28 -91.45 -63.88
C UNK M 804 -23.40 -91.77 -62.41
N UNK M 805 -24.62 -91.92 -61.93
CA UNK M 805 -24.80 -92.23 -60.52
C UNK M 805 -25.73 -93.39 -60.38
N UNK M 806 -25.25 -94.46 -59.77
CA UNK M 806 -26.11 -95.62 -59.57
C UNK M 806 -25.97 -96.16 -58.17
N UNK M 807 -27.08 -96.52 -57.55
CA UNK M 807 -26.99 -97.10 -56.20
C UNK M 807 -27.24 -98.58 -56.33
N UNK M 808 -26.37 -99.34 -55.68
CA UNK M 808 -26.38 -100.80 -55.68
C UNK M 808 -26.82 -101.41 -54.36
N UNK M 809 -27.07 -102.70 -54.42
CA UNK M 809 -27.50 -103.47 -53.28
C UNK M 809 -26.41 -104.50 -52.96
N UNK M 810 -25.53 -104.19 -52.01
CA UNK M 810 -24.49 -105.13 -51.62
C UNK M 810 -25.30 -106.32 -51.10
N UNK M 811 -24.68 -107.47 -50.91
CA UNK M 811 -25.44 -108.63 -50.44
C UNK M 811 -26.23 -109.25 -51.59
N UNK M 812 -25.74 -107.90 -54.55
CA UNK M 812 -24.72 -107.59 -55.56
C UNK M 812 -25.30 -107.21 -56.90
N UNK M 813 -26.43 -106.51 -56.88
CA UNK M 813 -27.11 -106.08 -58.09
C UNK M 813 -27.42 -104.59 -58.10
N UNK M 814 -27.45 -103.99 -59.29
CA UNK M 814 -27.79 -102.57 -59.34
C UNK M 814 -29.28 -102.46 -59.04
N UNK M 815 -29.64 -101.41 -58.30
CA UNK M 815 -31.01 -101.17 -57.88
C UNK M 815 -31.64 -99.99 -58.60
N UNK M 816 -30.85 -98.94 -58.85
CA UNK M 816 -31.40 -97.79 -59.52
C UNK M 816 -30.37 -96.97 -60.26
N UNK M 817 -30.81 -96.33 -61.32
CA UNK M 817 -29.95 -95.46 -62.10
C UNK M 817 -30.40 -94.06 -61.76
N UNK M 818 -29.48 -93.25 -61.29
CA UNK M 818 -29.79 -91.88 -60.91
C UNK M 818 -29.20 -90.91 -61.90
N UNK M 819 -30.04 -90.47 -62.84
CA UNK M 819 -29.60 -89.55 -63.87
C UNK M 819 -29.92 -88.14 -63.43
N UNK M 820 -28.90 -87.33 -63.18
CA UNK M 820 -29.14 -85.96 -62.77
C UNK M 820 -28.13 -84.94 -63.25
N UNK M 821 -26.91 -85.39 -63.54
CA UNK M 821 -25.87 -84.48 -63.99
C UNK M 821 -25.34 -84.86 -65.37
N UNK M 822 -24.78 -83.89 -66.07
CA UNK M 822 -24.18 -84.15 -67.38
C UNK M 822 -22.74 -83.64 -67.34
N UNK M 823 -22.58 -82.47 -66.14
CA UNK M 823 -21.29 -82.10 -65.60
C UNK M 823 -21.00 -83.11 -64.50
N UNK M 824 -19.73 -83.41 -64.31
CA UNK M 824 -19.25 -84.36 -63.28
C UNK M 824 -20.00 -84.51 -61.97
N UNK M 825 -20.31 -85.74 -61.59
CA UNK M 825 -21.06 -85.96 -60.35
C UNK M 825 -20.07 -86.45 -59.30
N UNK M 826 -19.87 -85.65 -58.27
CA UNK M 826 -18.91 -85.96 -57.23
C UNK M 826 -19.42 -86.89 -56.16
N UNK M 827 -20.66 -86.68 -55.75
CA UNK M 827 -21.21 -87.50 -54.70
C UNK M 827 -22.66 -87.87 -54.93
N UNK M 828 -23.14 -88.79 -54.11
CA UNK M 828 -24.50 -89.25 -54.29
C UNK M 828 -24.86 -90.13 -53.09
N UNK M 829 -26.06 -89.98 -52.53
CA UNK M 829 -26.43 -90.88 -51.45
C UNK M 829 -27.90 -90.95 -51.10
N UNK M 830 -28.25 -92.04 -50.42
CA UNK M 830 -29.63 -92.28 -50.02
C UNK M 830 -30.02 -91.52 -48.79
N UNK M 831 -31.31 -91.28 -48.65
CA UNK M 831 -31.84 -90.62 -47.48
C UNK M 831 -31.69 -91.73 -46.45
N UNK M 832 -31.92 -91.43 -45.18
CA UNK M 832 -31.75 -92.50 -44.20
C UNK M 832 -32.70 -93.70 -44.37
N UNK M 833 -33.94 -93.46 -44.78
CA UNK M 833 -34.87 -94.58 -44.96
C UNK M 833 -34.73 -95.13 -46.36
N UNK M 834 -33.73 -94.61 -47.07
CA UNK M 834 -33.46 -95.05 -48.43
C UNK M 834 -34.63 -94.82 -49.36
N UNK M 835 -35.56 -93.96 -48.96
CA UNK M 835 -36.72 -93.68 -49.78
C UNK M 835 -36.35 -92.75 -50.92
N UNK M 836 -35.27 -92.01 -50.75
CA UNK M 836 -34.86 -91.09 -51.78
C UNK M 836 -33.34 -90.95 -51.73
N UNK M 837 -32.77 -90.28 -52.73
CA UNK M 837 -31.33 -90.07 -52.77
C UNK M 837 -31.01 -88.71 -53.37
N UNK M 838 -29.81 -88.20 -53.09
CA UNK M 838 -29.42 -86.90 -53.63
C UNK M 838 -28.23 -87.06 -54.54
N UNK M 839 -28.07 -86.10 -55.44
CA UNK M 839 -26.97 -86.10 -56.40
C UNK M 839 -26.21 -84.78 -56.26
N UNK M 840 -24.89 -84.84 -56.12
CA UNK M 840 -24.09 -83.61 -55.99
C UNK M 840 -23.09 -83.49 -57.14
N UNK M 841 -23.12 -82.38 -57.88
CA UNK M 841 -22.21 -82.26 -58.99
C UNK M 841 -21.46 -80.96 -59.24
N UNK M 842 -20.63 -81.03 -60.27
CA UNK M 842 -19.79 -79.95 -60.72
C UNK M 842 -20.61 -78.82 -61.33
N UNK M 843 -21.81 -79.14 -61.79
CA UNK M 843 -22.69 -78.13 -62.36
C UNK M 843 -23.27 -77.37 -61.17
N UNK M 844 -22.54 -77.44 -60.06
CA UNK M 844 -22.90 -76.81 -58.80
C UNK M 844 -24.35 -76.91 -58.36
N UNK M 845 -24.96 -78.07 -58.62
CA UNK M 845 -26.33 -78.25 -58.19
C UNK M 845 -26.40 -79.50 -57.33
N UNK M 846 -27.49 -79.60 -56.59
CA UNK M 846 -27.75 -80.74 -55.73
C UNK M 846 -29.18 -81.09 -56.06
N UNK M 847 -29.43 -82.31 -56.47
CA UNK M 847 -30.79 -82.71 -56.82
C UNK M 847 -31.30 -83.88 -55.98
N UNK M 848 -32.54 -83.78 -55.52
CA UNK M 848 -33.11 -84.85 -54.73
C UNK M 848 -34.04 -85.68 -55.57
N UNK M 849 -33.85 -86.99 -55.48
CA UNK M 849 -34.66 -87.93 -56.24
C UNK M 849 -35.37 -88.88 -55.29
N UNK M 850 -36.51 -89.41 -55.73
CA UNK M 850 -37.25 -90.38 -54.95
C UNK M 850 -37.06 -91.71 -55.65
N UNK M 851 -36.40 -92.64 -54.96
CA UNK M 851 -36.09 -93.97 -55.49
C UNK M 851 -37.25 -94.64 -56.19
N UNK M 852 -38.33 -94.88 -55.46
CA UNK M 852 -39.50 -95.53 -56.04
C UNK M 852 -39.75 -95.03 -57.47
N UNK M 853 -40.07 -93.75 -57.60
CA UNK M 853 -40.35 -93.15 -58.91
C UNK M 853 -39.22 -93.32 -59.93
N UNK M 854 -37.97 -93.32 -59.48
CA UNK M 854 -36.85 -93.47 -60.42
C UNK M 854 -36.68 -94.88 -60.95
N UNK M 855 -36.89 -95.87 -60.09
CA UNK M 855 -36.75 -97.27 -60.48
C UNK M 855 -37.87 -97.80 -61.36
N UNK M 856 -38.99 -97.11 -61.39
CA UNK M 856 -40.09 -97.54 -62.22
C UNK M 856 -39.61 -97.62 -63.66
N UNK M 857 -40.00 -98.69 -64.33
CA UNK M 857 -39.64 -98.90 -65.72
C UNK M 857 -40.24 -97.80 -66.56
N UNK M 858 -34.91 -100.58 -71.39
CA UNK M 858 -35.76 -99.71 -72.18
C UNK M 858 -35.00 -98.90 -73.22
N UNK M 859 -35.78 -98.41 -74.19
CA UNK M 859 -35.27 -97.62 -75.29
C UNK M 859 -35.27 -96.13 -74.97
N UNK M 860 -35.52 -95.80 -73.72
CA UNK M 860 -35.53 -94.38 -73.39
C UNK M 860 -34.12 -93.81 -73.50
N UNK M 861 -33.11 -94.57 -73.06
CA UNK M 861 -31.72 -94.11 -73.17
C UNK M 861 -30.92 -95.01 -74.08
N UNK M 862 -30.30 -94.41 -75.08
CA UNK M 862 -29.51 -95.18 -76.03
C UNK M 862 -28.13 -94.57 -76.04
N UNK M 863 -27.26 -95.17 -76.85
CA UNK M 863 -25.89 -94.70 -77.02
C UNK M 863 -25.99 -93.83 -78.25
N UNK M 864 -24.90 -93.20 -78.65
CA UNK M 864 -24.94 -92.35 -79.83
C UNK M 864 -24.68 -93.12 -81.13
N UNK M 865 -24.52 -94.43 -81.00
CA UNK M 865 -24.31 -95.27 -82.16
C UNK M 865 -25.67 -95.74 -82.63
N UNK M 866 -26.20 -95.07 -83.64
CA UNK M 866 -27.50 -95.40 -84.21
C UNK M 866 -27.52 -95.22 -85.71
N UNK M 867 -28.52 -95.82 -86.35
CA UNK M 867 -28.69 -95.68 -87.78
C UNK M 867 -30.18 -95.50 -88.06
N UNK M 868 -30.48 -94.57 -88.97
CA UNK M 868 -31.85 -94.23 -89.33
C UNK M 868 -32.23 -94.49 -90.78
N UNK M 869 -33.49 -94.89 -90.97
CA UNK M 869 -34.02 -95.15 -92.30
C UNK M 869 -35.35 -94.44 -92.48
N UNK M 870 -35.33 -93.34 -93.24
CA UNK M 870 -36.53 -92.55 -93.50
C UNK M 870 -37.35 -93.18 -94.63
N UNK M 871 -38.38 -93.96 -94.26
CA UNK M 871 -39.20 -94.60 -95.27
C UNK M 871 -40.58 -93.95 -95.49
N UNK M 872 -43.06 -93.05 -92.57
CA UNK M 872 -42.48 -93.05 -91.22
C UNK M 872 -40.94 -93.09 -91.16
N UNK M 873 -40.41 -92.97 -89.95
CA UNK M 873 -38.97 -92.99 -89.70
C UNK M 873 -38.59 -94.20 -88.84
N UNK M 874 -37.41 -94.77 -89.13
CA UNK M 874 -36.92 -95.94 -88.40
C UNK M 874 -35.52 -95.73 -87.83
N UNK M 875 -35.39 -95.95 -86.53
CA UNK M 875 -34.12 -95.80 -85.86
C UNK M 875 -33.70 -97.10 -85.16
N UNK M 876 -32.52 -97.60 -85.49
CA UNK M 876 -31.98 -98.80 -84.88
C UNK M 876 -30.87 -98.24 -84.01
N UNK M 877 -30.85 -98.61 -82.74
CA UNK M 877 -29.83 -98.04 -81.88
C UNK M 877 -29.22 -99.00 -80.88
N UNK M 878 -27.96 -98.75 -80.56
CA UNK M 878 -27.22 -99.55 -79.58
C UNK M 878 -27.73 -99.15 -78.20
N UNK M 879 -28.36 -100.08 -77.48
CA UNK M 879 -28.87 -99.74 -76.15
C UNK M 879 -27.76 -99.26 -75.21
N UNK M 880 -28.15 -98.40 -74.28
CA UNK M 880 -27.21 -97.83 -73.32
C UNK M 880 -26.61 -98.88 -72.37
N UNK M 881 -29.60 -103.68 -78.67
CA UNK M 881 -29.97 -102.58 -79.52
C UNK M 881 -31.48 -102.55 -79.69
N UNK M 882 -32.00 -101.36 -79.90
CA UNK M 882 -33.43 -101.14 -80.03
C UNK M 882 -33.85 -100.80 -81.45
N UNK M 883 -34.96 -101.39 -81.88
CA UNK M 883 -35.49 -101.10 -83.20
C UNK M 883 -36.61 -100.10 -82.91
N UNK M 884 -36.25 -98.82 -82.91
CA UNK M 884 -37.20 -97.74 -82.63
C UNK M 884 -37.87 -97.19 -83.88
N UNK M 885 -39.20 -97.25 -83.88
CA UNK M 885 -39.98 -96.74 -85.00
C UNK M 885 -40.56 -95.39 -84.60
N UNK M 886 -39.93 -94.30 -85.05
CA UNK M 886 -40.42 -92.98 -84.72
C UNK M 886 -41.83 -92.85 -85.23
N UNK M 887 -42.65 -92.01 -84.61
CA UNK M 887 -44.04 -91.87 -85.03
C UNK M 887 -44.74 -93.19 -84.68
N UNK M 888 -43.65 -98.51 -80.74
CA UNK M 888 -43.06 -99.71 -81.33
C UNK M 888 -41.55 -99.88 -81.17
N UNK M 889 -41.14 -100.20 -79.95
CA UNK M 889 -39.76 -100.42 -79.62
C UNK M 889 -39.54 -101.92 -79.48
N UNK M 890 -38.61 -102.45 -80.27
CA UNK M 890 -38.31 -103.86 -80.24
C UNK M 890 -36.86 -104.10 -79.89
N UNK M 891 -36.69 -104.83 -78.79
CA UNK M 891 -35.40 -105.15 -78.22
C UNK M 891 -34.79 -106.42 -78.77
N UNK M 892 -33.48 -106.37 -78.93
CA UNK M 892 -32.70 -107.49 -79.43
C UNK M 892 -31.49 -107.55 -78.52
N UNK M 893 -31.46 -108.50 -77.58
CA UNK M 893 -30.35 -108.64 -76.65
C UNK M 893 -29.07 -109.06 -77.36
N UNK M 894 -27.93 -108.79 -76.74
CA UNK M 894 -26.66 -109.17 -77.35
C UNK M 894 -25.46 -108.78 -76.50
N UNK M 895 -23.16 -104.67 -78.09
CA UNK M 895 -22.67 -104.33 -79.40
C UNK M 895 -21.90 -103.01 -79.31
N UNK M 896 -21.21 -102.66 -80.40
CA UNK M 896 -20.45 -101.42 -80.44
C UNK M 896 -20.88 -100.50 -81.58
N UNK M 897 -21.65 -101.05 -82.52
CA UNK M 897 -22.12 -100.24 -83.62
C UNK M 897 -23.30 -100.92 -84.28
N UNK M 898 -24.16 -100.12 -84.88
CA UNK M 898 -25.34 -100.66 -85.50
C UNK M 898 -25.34 -100.55 -87.01
N UNK M 899 -26.37 -101.11 -87.64
CA UNK M 899 -26.48 -101.10 -89.09
C UNK M 899 -27.86 -101.61 -89.54
N UNK M 900 -28.48 -100.88 -90.47
CA UNK M 900 -29.79 -101.26 -91.01
C UNK M 900 -29.73 -101.52 -92.50
N UNK M 901 -30.26 -102.65 -92.93
CA UNK M 901 -30.25 -103.00 -94.35
C UNK M 901 -31.46 -102.37 -94.98
N UNK M 902 -31.27 -101.47 -95.95
CA UNK M 902 -32.44 -100.86 -96.59
C UNK M 902 -33.44 -101.97 -96.87
N UNK M 903 -33.29 -107.00 -92.11
CA UNK M 903 -32.00 -107.41 -91.56
C UNK M 903 -31.35 -106.28 -90.80
N UNK M 904 -30.71 -106.59 -89.68
CA UNK M 904 -29.98 -105.59 -88.90
C UNK M 904 -28.64 -106.23 -88.62
N UNK M 905 -27.59 -105.44 -88.61
CA UNK M 905 -26.27 -105.98 -88.34
C UNK M 905 -25.57 -105.20 -87.25
N UNK M 906 -24.65 -105.82 -86.54
CA UNK M 906 -23.95 -105.07 -85.51
C UNK M 906 -22.52 -105.42 -85.21
N UNK M 907 -21.80 -104.41 -84.73
CA UNK M 907 -20.41 -104.56 -84.36
C UNK M 907 -20.31 -105.12 -82.97
N UNK M 908 -19.12 -105.54 -82.59
CA UNK M 908 -18.93 -106.14 -81.28
C UNK M 908 -17.66 -105.60 -80.65
N UNK M 909 -17.61 -105.65 -79.32
CA UNK M 909 -16.46 -105.15 -78.58
C UNK M 909 -15.23 -105.98 -78.93
N UNK M 910 -16.57 -109.29 -83.17
CA UNK M 910 -17.59 -110.11 -83.82
C UNK M 910 -18.55 -109.32 -84.71
N UNK M 911 -19.09 -110.00 -85.73
CA UNK M 911 -20.04 -109.39 -86.66
C UNK M 911 -21.25 -110.31 -86.77
N UNK M 912 -22.45 -109.75 -86.70
CA UNK M 912 -23.66 -110.58 -86.79
C UNK M 912 -24.82 -109.91 -87.50
N UNK M 913 -25.51 -110.68 -88.35
CA UNK M 913 -26.68 -110.17 -89.04
C UNK M 913 -27.83 -110.90 -88.41
N UNK M 914 -28.90 -110.17 -88.10
CA UNK M 914 -30.09 -110.78 -87.54
C UNK M 914 -31.15 -110.49 -88.56
N UNK M 915 -32.04 -111.44 -88.81
CA UNK M 915 -33.10 -111.19 -89.79
C UNK M 915 -34.42 -110.92 -89.07
N UNK M 916 -34.86 -109.67 -89.18
CA UNK M 916 -36.09 -109.21 -88.55
C UNK M 916 -37.36 -109.99 -88.86
N UNK M 917 -37.65 -110.23 -90.16
CA UNK M 917 -38.87 -110.99 -90.48
C UNK M 917 -39.06 -112.12 -89.47
N UNK M 918 -37.94 -112.68 -89.04
CA UNK M 918 -37.97 -113.77 -88.07
C UNK M 918 -37.67 -113.27 -86.66
N UNK M 919 -33.32 -116.23 -85.96
CA UNK M 919 -32.31 -116.81 -86.85
C UNK M 919 -31.39 -115.73 -87.42
N UNK M 920 -30.09 -115.89 -87.14
CA UNK M 920 -29.09 -114.92 -87.59
C UNK M 920 -27.81 -115.68 -87.89
N UNK M 921 -26.72 -114.95 -88.08
CA UNK M 921 -25.48 -115.48 -88.64
C UNK M 921 -24.25 -114.76 -88.05
N UNK M 922 -23.10 -115.43 -88.03
CA UNK M 922 -21.87 -114.85 -87.49
C UNK M 922 -20.66 -114.99 -88.41
N UNK M 923 -20.29 -113.91 -89.08
CA UNK M 923 -19.17 -113.95 -89.98
C UNK M 923 -17.83 -113.64 -89.35
N UNK M 924 -17.04 -114.69 -89.06
CA UNK M 924 -15.72 -114.60 -88.43
C UNK M 924 -14.65 -113.58 -88.88
N UNK M 925 -15.95 -100.71 -85.44
CA UNK M 925 -16.35 -99.30 -85.57
C UNK M 925 -17.48 -99.14 -86.56
N UNK M 926 -17.22 -98.49 -87.69
CA UNK M 926 -18.27 -98.30 -88.69
C UNK M 926 -18.69 -99.68 -89.24
N UNK M 927 -19.93 -99.82 -89.72
CA UNK M 927 -20.44 -101.09 -90.29
C UNK M 927 -21.65 -100.88 -91.19
N UNK M 928 -21.56 -101.26 -92.46
CA UNK M 928 -22.68 -101.02 -93.36
C UNK M 928 -23.00 -102.15 -94.35
N UNK M 929 -24.22 -102.13 -94.86
CA UNK M 929 -24.68 -103.11 -95.85
C UNK M 929 -24.40 -102.55 -97.23
N UNK M 930 -24.39 -103.41 -98.24
CA UNK M 930 -24.13 -102.96 -99.60
C UNK M 930 -25.44 -102.39 -100.11
N UNK M 931 -25.40 -101.68 -101.23
CA UNK M 931 -26.63 -101.13 -101.81
C UNK M 931 -27.73 -102.19 -101.68
N UNK M 932 -21.52 -107.22 -96.30
CA UNK M 932 -21.38 -106.28 -95.19
C UNK M 932 -19.99 -105.69 -95.03
N UNK M 933 -19.81 -104.46 -95.46
CA UNK M 933 -18.52 -103.83 -95.28
C UNK M 933 -18.42 -103.38 -93.82
N UNK M 934 -17.25 -103.58 -93.22
CA UNK M 934 -17.06 -103.19 -91.83
C UNK M 934 -15.62 -102.87 -91.54
N UNK M 935 -15.41 -101.92 -90.65
CA UNK M 935 -14.06 -101.52 -90.28
C UNK M 935 -13.92 -101.58 -88.77
N UNK M 936 -12.67 -101.69 -88.35
CA UNK M 936 -12.32 -101.72 -86.95
C UNK M 936 -11.14 -100.78 -86.75
N UNK M 937 -10.47 -100.97 -85.62
CA UNK M 937 -9.38 -100.09 -85.22
C UNK M 937 -8.02 -100.55 -85.76
N UNK M 938 -8.03 -101.15 -86.94
CA UNK M 938 -6.80 -101.59 -87.60
C UNK M 938 -6.91 -101.25 -89.09
N UNK M 939 -5.95 -101.66 -89.91
CA UNK M 939 -5.95 -101.29 -91.34
C UNK M 939 -6.70 -102.14 -92.38
N UNK M 940 -7.43 -103.16 -91.97
CA UNK M 940 -8.15 -103.97 -92.94
C UNK M 940 -9.64 -103.62 -92.93
N UNK M 941 -10.30 -103.75 -94.07
CA UNK M 941 -11.74 -103.49 -94.13
C UNK M 941 -12.49 -104.73 -94.61
N UNK M 942 -13.07 -105.48 -93.68
CA UNK M 942 -13.80 -106.70 -94.03
C UNK M 942 -14.99 -106.53 -94.95
N UNK M 943 -14.97 -107.25 -96.08
CA UNK M 943 -16.08 -107.22 -97.03
C UNK M 943 -16.70 -108.60 -97.07
N UNK M 944 -17.46 -108.92 -96.02
CA UNK M 944 -18.12 -110.20 -95.86
C UNK M 944 -19.41 -110.35 -96.63
N UNK M 945 -19.30 -110.93 -97.81
CA UNK M 945 -20.46 -111.16 -98.64
C UNK M 945 -21.20 -112.36 -98.02
N UNK M 946 -21.88 -112.10 -96.90
CA UNK M 946 -22.64 -113.13 -96.20
C UNK M 946 -23.62 -113.77 -97.20
N UNK M 947 -18.40 -115.89 -98.53
CA UNK M 947 -17.21 -115.32 -99.18
C UNK M 947 -16.71 -114.11 -98.43
N UNK M 948 -15.43 -113.81 -98.60
CA UNK M 948 -14.82 -112.66 -97.95
C UNK M 948 -13.87 -111.98 -98.89
N UNK M 949 -13.82 -110.66 -98.80
CA UNK M 949 -12.92 -109.88 -99.60
C UNK M 949 -12.28 -108.96 -98.58
N UNK M 950 -10.95 -109.02 -98.47
CA UNK M 950 -10.23 -108.22 -97.51
C UNK M 950 -9.49 -107.09 -98.19
N UNK M 951 -9.47 -105.94 -97.55
CA UNK M 951 -8.79 -104.78 -98.10
C UNK M 951 -7.66 -104.37 -97.17
N UNK M 952 -6.47 -104.93 -97.38
CA UNK M 952 -5.31 -104.62 -96.55
C UNK M 952 -4.76 -103.28 -96.95
N UNK M 953 -5.32 -102.24 -96.35
CA UNK M 953 -4.92 -100.87 -96.62
C UNK M 953 -3.48 -100.66 -96.21
N UNK M 954 -3.01 -101.48 -95.28
CA UNK M 954 -1.65 -101.38 -94.77
C UNK M 954 -1.41 -99.96 -94.24
N UNK M 955 -2.75 -97.22 -91.27
CA UNK M 955 -2.49 -97.37 -89.85
C UNK M 955 -3.78 -97.85 -89.21
N UNK M 956 -4.88 -97.17 -89.56
CA UNK M 956 -6.22 -97.51 -89.09
C UNK M 956 -7.19 -96.78 -89.98
N UNK M 957 -8.23 -97.49 -90.41
CA UNK M 957 -9.24 -96.89 -91.25
C UNK M 957 -10.04 -95.96 -90.37
N UNK M 958 -9.92 -94.66 -90.61
CA UNK M 958 -10.65 -93.67 -89.82
C UNK M 958 -12.12 -94.00 -90.02
N UNK M 959 -12.52 -94.14 -91.28
CA UNK M 959 -13.89 -94.48 -91.62
C UNK M 959 -14.01 -94.73 -93.12
N UNK M 960 -15.20 -95.04 -93.58
CA UNK M 960 -15.41 -95.33 -94.98
C UNK M 960 -16.86 -95.11 -95.33
N UNK M 961 -17.18 -95.32 -96.60
CA UNK M 961 -18.55 -95.17 -97.07
C UNK M 961 -18.70 -95.78 -98.46
N UNK M 962 -19.84 -96.45 -98.68
CA UNK M 962 -20.10 -97.06 -99.97
C UNK M 962 -19.96 -96.02 -101.06
N UNK M 963 -19.93 -96.47 -102.30
CA UNK M 963 -19.81 -95.54 -103.41
C UNK M 963 -20.63 -96.05 -104.59
N UNK M 964 -20.24 -100.74 -106.70
CA UNK M 964 -19.39 -101.65 -105.94
C UNK M 964 -18.03 -101.04 -105.56
N UNK M 965 -17.86 -99.75 -105.86
CA UNK M 965 -16.63 -99.04 -105.51
C UNK M 965 -16.84 -98.51 -104.09
N UNK M 966 -15.78 -98.37 -103.30
CA UNK M 966 -15.90 -97.89 -101.92
C UNK M 966 -14.78 -96.95 -101.48
N UNK M 967 -15.17 -95.73 -101.08
CA UNK M 967 -14.24 -94.70 -100.63
C UNK M 967 -13.76 -94.96 -99.19
N UNK M 968 -12.46 -94.83 -98.97
CA UNK M 968 -11.90 -95.08 -97.65
C UNK M 968 -10.75 -94.15 -97.27
N UNK M 969 -10.74 -93.74 -96.00
CA UNK M 969 -9.72 -92.85 -95.47
C UNK M 969 -9.23 -93.33 -94.12
N UNK M 970 -7.92 -93.36 -93.96
CA UNK M 970 -7.31 -93.78 -92.70
C UNK M 970 -6.72 -92.52 -92.17
N UNK M 971 -6.12 -92.57 -91.00
CA UNK M 971 -5.51 -91.37 -90.49
C UNK M 971 -4.01 -91.37 -90.73
N UNK M 972 -3.70 -91.43 -92.03
CA UNK M 972 -2.35 -91.40 -92.58
C UNK M 972 -2.39 -90.47 -93.79
N UNK M 973 -3.39 -89.58 -93.78
CA UNK M 973 -3.58 -88.61 -94.84
C UNK M 973 -4.04 -89.24 -96.13
N UNK M 974 -4.08 -90.56 -96.13
CA UNK M 974 -4.47 -91.30 -97.32
C UNK M 974 -5.97 -91.53 -97.45
N UNK M 975 -6.42 -91.50 -98.70
CA UNK M 975 -7.81 -91.72 -99.07
C UNK M 975 -7.74 -92.67 -100.24
N UNK M 976 -8.43 -93.79 -100.17
CA UNK M 976 -8.35 -94.72 -101.29
C UNK M 976 -9.72 -94.99 -101.90
N UNK M 977 -9.73 -95.60 -103.09
CA UNK M 977 -10.97 -95.94 -103.80
C UNK M 977 -11.03 -97.43 -104.14
N UNK M 978 -11.20 -98.28 -103.14
CA UNK M 978 -11.26 -99.72 -103.34
C UNK M 978 -12.41 -100.18 -104.21
N UNK M 979 -12.28 -101.41 -104.71
CA UNK M 979 -13.29 -102.04 -105.53
C UNK M 979 -13.67 -103.28 -104.75
N UNK M 980 -14.95 -103.45 -104.43
CA UNK M 980 -15.35 -104.65 -103.73
C UNK M 980 -15.41 -105.74 -104.79
N UNK M 981 -9.24 -104.34 -104.83
CA UNK M 981 -8.21 -103.70 -105.62
C UNK M 981 -8.23 -102.19 -105.50
N UNK M 982 -7.13 -101.64 -104.99
CA UNK M 982 -6.97 -100.21 -104.80
C UNK M 982 -6.84 -99.48 -106.12
N UNK M 983 -7.99 -99.14 -106.71
CA UNK M 983 -7.98 -98.41 -107.96
C UNK M 983 -7.23 -97.09 -107.75
N UNK M 984 -7.78 -96.22 -106.90
CA UNK M 984 -7.15 -94.93 -106.61
C UNK M 984 -6.53 -94.88 -105.23
N UNK M 985 -5.53 -94.03 -105.07
CA UNK M 985 -4.83 -93.87 -103.80
C UNK M 985 -4.20 -92.47 -103.72
N UNK M 986 -4.65 -91.66 -102.75
CA UNK M 986 -4.13 -90.30 -102.56
C UNK M 986 -3.49 -90.14 -101.20
N UNK M 987 -2.66 -89.10 -101.08
CA UNK M 987 -2.02 -88.77 -99.81
C UNK M 987 -2.32 -87.27 -99.68
N UNK M 988 -3.62 -86.99 -99.55
CA UNK M 988 -4.16 -85.63 -99.46
C UNK M 988 -3.96 -84.82 -98.16
N UNK M 989 -3.30 -85.41 -97.16
CA UNK M 989 -3.04 -84.71 -95.90
C UNK M 989 -1.86 -85.37 -95.21
N UNK M 990 -1.11 -84.60 -94.43
CA UNK M 990 0.05 -85.16 -93.73
C UNK M 990 -0.33 -85.60 -92.32
N UNK M 991 -13.27 -86.30 -91.65
CA UNK M 991 -14.41 -86.66 -92.49
C UNK M 991 -14.20 -86.12 -93.90
N UNK M 992 -14.84 -86.76 -94.87
CA UNK M 992 -14.70 -86.35 -96.26
C UNK M 992 -15.87 -86.96 -97.02
N UNK M 993 -16.53 -86.16 -97.86
CA UNK M 993 -17.69 -86.67 -98.60
C UNK M 993 -17.56 -86.49 -100.09
N UNK M 994 -18.49 -87.10 -100.82
CA UNK M 994 -18.51 -87.03 -102.28
C UNK M 994 -19.51 -85.98 -102.73
N UNK M 995 -19.39 -85.59 -103.99
CA UNK M 995 -20.28 -84.59 -104.57
C UNK M 995 -21.59 -85.21 -105.00
N UNK M 996 -19.85 -87.19 -109.41
CA UNK M 996 -18.89 -87.74 -108.47
C UNK M 996 -17.59 -87.10 -108.89
N UNK M 997 -17.68 -86.18 -109.84
CA UNK M 997 -16.50 -85.50 -110.33
C UNK M 997 -15.71 -84.99 -109.14
N UNK M 998 -16.40 -84.72 -108.05
CA UNK M 998 -15.75 -84.18 -106.85
C UNK M 998 -15.97 -85.02 -105.58
N UNK M 999 -14.96 -85.05 -104.71
CA UNK M 999 -15.02 -85.76 -103.44
C UNK M 999 -13.94 -85.15 -102.55
N UNK M 1000 -14.34 -84.30 -101.63
CA UNK M 1000 -13.36 -83.64 -100.78
C UNK M 1000 -13.17 -84.21 -99.40
N UNK M 1001 -12.08 -83.75 -98.77
CA UNK M 1001 -11.67 -84.17 -97.44
C UNK M 1001 -11.69 -83.04 -96.43
N UNK M 1002 -11.25 -83.37 -95.23
CA UNK M 1002 -11.19 -82.45 -94.10
C UNK M 1002 -10.28 -83.18 -93.13
N UNK M 1003 -9.27 -82.52 -92.59
CA UNK M 1003 -8.38 -83.23 -91.68
C UNK M 1003 -7.40 -82.36 -90.96
N UNK M 1004 -6.93 -78.04 -93.01
CA UNK M 1004 -7.88 -77.40 -93.90
C UNK M 1004 -8.80 -78.43 -94.53
N UNK M 1005 -9.42 -78.05 -95.65
CA UNK M 1005 -10.33 -78.93 -96.38
C UNK M 1005 -9.96 -78.99 -97.85
N UNK M 1006 -8.97 -79.83 -98.17
CA UNK M 1006 -8.50 -80.00 -99.55
C UNK M 1006 -9.57 -80.74 -100.34
N UNK M 1007 -10.01 -80.14 -101.44
CA UNK M 1007 -11.04 -80.72 -102.29
C UNK M 1007 -10.49 -81.16 -103.65
N UNK M 1008 -10.85 -82.36 -104.12
CA UNK M 1008 -10.37 -82.83 -105.42
C UNK M 1008 -11.36 -83.55 -106.35
N UNK M 1009 -10.81 -84.15 -107.41
CA UNK M 1009 -11.60 -84.84 -108.46
C UNK M 1009 -11.39 -86.34 -108.73
N UNK M 1010 -7.35 -80.02 -105.92
CA UNK M 1010 -7.75 -78.90 -106.78
C UNK M 1010 -7.35 -77.61 -106.06
N UNK M 1011 -7.67 -77.48 -104.78
CA UNK M 1011 -7.29 -76.29 -104.01
C UNK M 1011 -7.42 -76.41 -102.48
N UNK M 1012 -6.34 -76.05 -101.79
CA UNK M 1012 -6.28 -76.09 -100.33
C UNK M 1012 -7.06 -74.89 -99.75
N UNK M 1013 -7.97 -75.17 -98.81
CA UNK M 1013 -8.81 -74.14 -98.17
C UNK M 1013 -8.41 -73.89 -96.72
N UNK M 1014 -7.28 -73.23 -96.52
CA UNK M 1014 -6.78 -72.98 -95.16
C UNK M 1014 -7.55 -71.92 -94.37
N UNK M 1015 -8.87 -72.02 -94.35
CA UNK M 1015 -9.67 -71.06 -93.64
C UNK M 1015 -9.76 -71.26 -92.13
N UNK M 1016 -10.29 -72.41 -91.71
CA UNK M 1016 -10.46 -72.73 -90.30
C UNK M 1016 -9.20 -72.65 -89.43
N UNK M 1017 -9.36 -72.10 -88.23
CA UNK M 1017 -8.25 -71.97 -87.30
C UNK M 1017 -8.29 -73.10 -86.29
N UNK M 1018 -9.57 -76.35 -86.93
CA UNK M 1018 -9.33 -77.62 -87.64
C UNK M 1018 -10.63 -78.29 -88.08
N UNK M 1019 -10.76 -78.52 -89.38
CA UNK M 1019 -11.98 -79.11 -89.92
C UNK M 1019 -12.25 -80.50 -89.36
N UNK M 1020 -13.53 -80.84 -89.27
CA UNK M 1020 -13.94 -82.13 -88.74
C UNK M 1020 -15.11 -82.72 -89.51
N UNK M 1021 -15.64 -81.96 -90.45
CA UNK M 1021 -16.75 -82.45 -91.27
C UNK M 1021 -16.99 -81.55 -92.47
N UNK M 1022 -17.83 -81.98 -93.40
CA UNK M 1022 -18.14 -81.19 -94.59
C UNK M 1022 -19.14 -81.88 -95.49
N UNK M 1023 -19.73 -81.11 -96.40
CA UNK M 1023 -20.69 -81.63 -97.34
C UNK M 1023 -20.79 -80.76 -98.58
N UNK M 1024 -21.22 -81.36 -99.67
CA UNK M 1024 -21.38 -80.65 -100.93
C UNK M 1024 -22.82 -80.28 -101.15
N UNK M 1025 -23.07 -79.08 -101.68
CA UNK M 1025 -24.43 -78.65 -101.95
C UNK M 1025 -24.97 -79.64 -102.96
N UNK M 1026 -26.24 -80.00 -102.83
CA UNK M 1026 -26.85 -80.96 -103.75
C UNK M 1026 -26.71 -80.42 -105.17
N UNK M 1027 -21.28 -75.51 -103.69
CA UNK M 1027 -20.72 -75.19 -102.38
C UNK M 1027 -20.29 -76.40 -101.57
N UNK M 1028 -19.34 -76.15 -100.68
CA UNK M 1028 -18.80 -77.16 -99.81
C UNK M 1028 -18.61 -76.50 -98.44
N UNK M 1029 -19.51 -76.82 -97.52
CA UNK M 1029 -19.46 -76.29 -96.16
C UNK M 1029 -18.58 -77.18 -95.30
N UNK M 1030 -17.74 -76.57 -94.49
CA UNK M 1030 -16.83 -77.33 -93.65
C UNK M 1030 -16.99 -77.08 -92.16
N UNK M 1031 -16.84 -78.16 -91.38
CA UNK M 1031 -17.00 -78.08 -89.93
C UNK M 1031 -15.72 -77.85 -89.16
N UNK M 1032 -15.72 -76.77 -88.39
CA UNK M 1032 -14.58 -76.36 -87.58
C UNK M 1032 -14.62 -77.00 -86.20
N UNK M 1033 -13.43 -77.29 -85.67
CA UNK M 1033 -13.30 -77.90 -84.37
C UNK M 1033 -13.65 -76.87 -83.29
N UNK M 1034 -13.81 -75.62 -83.69
CA UNK M 1034 -14.16 -74.55 -82.76
C UNK M 1034 -15.44 -73.84 -83.18
N UNK M 1035 -16.48 -74.62 -83.37
CA UNK M 1035 -17.77 -74.06 -83.73
C UNK M 1035 -17.81 -73.17 -84.95
N UNK M 1036 -16.68 -73.04 -85.64
CA UNK M 1036 -16.63 -72.21 -86.84
C UNK M 1036 -17.18 -73.03 -88.00
N UNK M 1037 -17.49 -72.39 -89.11
CA UNK M 1037 -18.02 -73.10 -90.25
C UNK M 1037 -17.93 -72.01 -91.29
N UNK M 1038 -17.12 -72.27 -92.32
CA UNK M 1038 -17.07 -71.44 -93.51
C UNK M 1038 -17.72 -72.16 -94.67
N UNK M 1039 -18.32 -71.39 -95.56
CA UNK M 1039 -18.94 -71.95 -96.75
C UNK M 1039 -17.92 -71.67 -97.84
N UNK M 1040 -17.67 -72.64 -98.70
CA UNK M 1040 -16.73 -72.45 -99.81
C UNK M 1040 -17.49 -72.73 -101.10
N UNK M 1041 -16.91 -72.33 -102.24
CA UNK M 1041 -17.58 -72.53 -103.53
C UNK M 1041 -16.87 -73.50 -104.48
N UNK M 1042 -18.35 -67.30 -97.83
CA UNK M 1042 -18.64 -66.61 -96.57
C UNK M 1042 -18.41 -67.53 -95.37
N UNK M 1043 -17.94 -66.95 -94.27
CA UNK M 1043 -17.68 -67.71 -93.06
C UNK M 1043 -18.72 -67.57 -91.92
N UNK M 1044 -19.98 -67.87 -92.21
CA UNK M 1044 -21.02 -67.78 -91.19
C UNK M 1044 -20.66 -68.70 -90.04
N UNK M 1045 -20.16 -68.16 -88.93
CA UNK M 1045 -19.78 -68.99 -87.79
C UNK M 1045 -19.62 -68.27 -86.44
N UNK M 1046 -20.73 -67.87 -85.81
CA UNK M 1046 -20.70 -67.18 -84.51
C UNK M 1046 -20.23 -68.08 -83.36
N UNK M 1047 -17.24 -77.89 -80.93
CA UNK M 1047 -17.17 -78.70 -82.13
C UNK M 1047 -18.35 -78.41 -83.05
N UNK M 1048 -18.28 -78.97 -84.26
CA UNK M 1048 -19.30 -78.89 -85.30
C UNK M 1048 -19.09 -80.20 -86.03
N UNK M 1049 -19.69 -81.26 -85.52
CA UNK M 1049 -19.50 -82.57 -86.08
C UNK M 1049 -20.35 -82.97 -87.27
N UNK M 1050 -20.96 -82.00 -87.95
CA UNK M 1050 -21.80 -82.39 -89.08
C UNK M 1050 -22.46 -81.21 -89.78
N UNK M 1051 -22.73 -81.37 -91.07
CA UNK M 1051 -23.40 -80.37 -91.88
C UNK M 1051 -24.20 -81.08 -92.97
N UNK M 1052 -25.04 -80.33 -93.66
CA UNK M 1052 -25.86 -80.90 -94.72
C UNK M 1052 -26.58 -79.72 -95.36
N UNK M 1053 -26.47 -79.61 -96.68
CA UNK M 1053 -27.22 -78.62 -97.41
C UNK M 1053 -28.62 -79.17 -97.61
N UNK M 1054 -29.55 -78.30 -97.96
CA UNK M 1054 -30.93 -78.70 -98.19
C UNK M 1054 -31.07 -78.99 -99.69
N UNK M 1055 -32.16 -79.65 -100.09
CA UNK M 1055 -32.24 -79.88 -101.53
C UNK M 1055 -32.10 -78.52 -102.22
N UNK M 1056 -33.00 -77.60 -101.88
CA UNK M 1056 -33.01 -76.24 -102.42
C UNK M 1056 -31.63 -75.55 -102.48
N UNK M 1057 -30.64 -76.13 -101.83
CA UNK M 1057 -29.28 -75.57 -101.83
C UNK M 1057 -29.23 -74.17 -101.20
N UNK M 1058 -30.12 -73.89 -100.26
CA UNK M 1058 -30.17 -72.58 -99.61
C UNK M 1058 -30.01 -72.64 -98.07
N UNK M 1059 -30.64 -73.63 -97.44
CA UNK M 1059 -30.57 -73.80 -96.00
C UNK M 1059 -29.54 -74.85 -95.62
N UNK M 1060 -28.59 -74.47 -94.77
CA UNK M 1060 -27.56 -75.39 -94.31
C UNK M 1060 -27.84 -75.77 -92.86
N UNK M 1061 -28.01 -77.07 -92.59
CA UNK M 1061 -28.26 -77.54 -91.23
C UNK M 1061 -26.93 -77.92 -90.58
N UNK M 1062 -26.77 -77.55 -89.31
CA UNK M 1062 -25.54 -77.80 -88.57
C UNK M 1062 -25.79 -78.54 -87.26
N UNK M 1063 -24.79 -79.31 -86.80
CA UNK M 1063 -24.91 -80.05 -85.55
C UNK M 1063 -23.56 -80.19 -84.85
N UNK M 1064 -25.25 -78.51 -80.41
CA UNK M 1064 -26.69 -78.46 -80.65
C UNK M 1064 -26.92 -78.22 -82.13
N UNK M 1065 -28.17 -78.40 -82.56
CA UNK M 1065 -28.52 -78.18 -83.96
C UNK M 1065 -28.62 -76.67 -84.20
N UNK M 1066 -28.49 -76.24 -85.44
CA UNK M 1066 -28.53 -74.81 -85.76
C UNK M 1066 -28.62 -74.67 -87.26
N UNK M 1067 -29.71 -74.07 -87.74
CA UNK M 1067 -29.90 -73.86 -89.18
C UNK M 1067 -29.35 -72.51 -89.64
N UNK M 1068 -28.99 -72.41 -90.92
CA UNK M 1068 -28.45 -71.16 -91.47
C UNK M 1068 -29.07 -70.73 -92.81
N UNK M 1069 -28.55 -69.62 -93.32
CA UNK M 1069 -29.00 -69.03 -94.59
C UNK M 1069 -27.81 -68.84 -95.52
N UNK M 1070 -27.83 -69.55 -96.66
CA UNK M 1070 -26.74 -69.45 -97.64
C UNK M 1070 -26.48 -67.99 -98.02
N UNK M 1071 -32.04 -76.58 -79.10
CA UNK M 1071 -31.06 -76.84 -78.07
C UNK M 1071 -31.46 -78.19 -77.49
N UNK M 1072 -30.55 -79.14 -77.56
CA UNK M 1072 -30.80 -80.46 -77.01
C UNK M 1072 -30.25 -80.44 -75.59
N UNK M 1073 -30.91 -81.15 -74.68
CA UNK M 1073 -30.45 -81.24 -73.29
C UNK M 1073 -28.93 -81.48 -73.28
N UNK M 1074 -28.50 -82.48 -74.04
CA UNK M 1074 -27.10 -82.80 -74.10
C UNK M 1074 -26.38 -82.14 -75.26
N UNK M 1075 -25.07 -82.37 -75.34
CA UNK M 1075 -24.26 -81.81 -76.40
C UNK M 1075 -23.48 -82.89 -77.11
N UNK M 1076 -22.43 -82.45 -77.78
CA UNK M 1076 -21.55 -83.32 -78.53
C UNK M 1076 -22.33 -84.31 -79.35
N UNK M 1077 -23.10 -83.79 -80.28
CA UNK M 1077 -23.85 -84.66 -81.16
C UNK M 1077 -22.85 -85.14 -82.20
N UNK M 1078 -23.24 -86.06 -83.05
CA UNK M 1078 -22.38 -86.54 -84.12
C UNK M 1078 -22.74 -86.29 -85.56
N UNK M 1079 -23.66 -87.10 -86.09
CA UNK M 1079 -24.11 -86.96 -87.47
C UNK M 1079 -25.62 -86.77 -87.46
N UNK M 1080 -26.08 -85.64 -87.96
CA UNK M 1080 -27.49 -85.30 -87.83
C UNK M 1080 -28.11 -85.99 -89.04
N UNK M 1081 -29.20 -86.71 -88.85
CA UNK M 1081 -29.82 -87.39 -89.98
C UNK M 1081 -30.98 -86.62 -90.59
N UNK M 1082 -30.69 -85.79 -91.59
CA UNK M 1082 -31.74 -85.02 -92.27
C UNK M 1082 -32.42 -86.04 -93.18
N UNK M 1083 -33.52 -85.65 -93.80
CA UNK M 1083 -34.20 -86.58 -94.69
C UNK M 1083 -34.40 -85.96 -96.07
N UNK M 1084 -35.11 -86.66 -96.97
CA UNK M 1084 -35.35 -86.12 -98.31
C UNK M 1084 -36.05 -84.76 -98.24
N UNK M 1085 -37.27 -84.76 -97.72
CA UNK M 1085 -38.08 -83.56 -97.59
C UNK M 1085 -37.45 -82.47 -96.73
N UNK M 1086 -36.35 -82.78 -96.04
CA UNK M 1086 -35.67 -81.82 -95.16
C UNK M 1086 -36.66 -81.34 -94.12
N UNK M 1087 -37.60 -82.22 -93.79
CA UNK M 1087 -38.69 -81.92 -92.85
C UNK M 1087 -38.74 -82.94 -91.71
N UNK M 1088 -37.62 -83.62 -91.47
CA UNK M 1088 -37.53 -84.62 -90.40
C UNK M 1088 -36.05 -84.73 -90.03
N UNK M 1089 -35.76 -84.80 -88.73
CA UNK M 1089 -34.37 -84.90 -88.30
C UNK M 1089 -34.26 -85.89 -87.15
N UNK M 1090 -33.14 -86.59 -87.07
CA UNK M 1090 -32.92 -87.55 -86.00
C UNK M 1090 -31.50 -87.44 -85.49
N UNK M 1091 -31.35 -87.46 -84.17
CA UNK M 1091 -30.02 -87.38 -83.58
C UNK M 1091 -30.03 -87.92 -82.17
N UNK M 1092 -28.87 -87.92 -81.54
CA UNK M 1092 -28.76 -88.46 -80.19
C UNK M 1092 -27.63 -87.76 -79.46
N UNK M 1093 -27.95 -87.13 -78.33
CA UNK M 1093 -26.95 -86.41 -77.53
C UNK M 1093 -26.28 -87.32 -76.53
N UNK M 1094 -25.16 -86.88 -75.97
CA UNK M 1094 -24.44 -87.70 -75.01
C UNK M 1094 -25.25 -87.98 -73.75
N UNK M 1095 -26.49 -87.54 -73.73
CA UNK M 1095 -27.34 -87.83 -72.60
C UNK M 1095 -28.15 -89.05 -72.99
N UNK M 1096 -27.85 -89.59 -74.17
CA UNK M 1096 -28.53 -90.77 -74.65
C UNK M 1096 -29.99 -90.54 -74.97
N UNK M 1097 -30.31 -89.29 -75.26
CA UNK M 1097 -31.67 -88.94 -75.59
C UNK M 1097 -31.86 -89.00 -77.10
N UNK M 1098 -32.91 -89.68 -77.54
CA UNK M 1098 -33.19 -89.83 -78.96
C UNK M 1098 -34.11 -88.73 -79.53
N UNK M 1099 -33.51 -87.76 -80.22
CA UNK M 1099 -34.31 -86.68 -80.78
C UNK M 1099 -34.77 -86.97 -82.22
N UNK M 1100 -36.08 -87.08 -82.41
CA UNK M 1100 -36.65 -87.28 -83.73
C UNK M 1100 -37.51 -86.03 -83.98
N UNK M 1101 -36.89 -84.99 -84.50
CA UNK M 1101 -37.56 -83.73 -84.77
C UNK M 1101 -38.25 -83.75 -86.14
N UNK M 1102 -39.20 -82.85 -86.36
CA UNK M 1102 -39.92 -82.82 -87.62
C UNK M 1102 -40.75 -81.56 -87.82
N TYR N 10 -3.41 -35.23 -34.19
CA TYR N 10 -3.97 -34.37 -35.22
C TYR N 10 -4.14 -35.15 -36.50
N GLN N 11 -4.00 -34.49 -37.65
CA GLN N 11 -4.20 -35.18 -38.92
C GLN N 11 -3.23 -34.71 -39.98
N TYR N 12 -2.71 -35.65 -40.76
CA TYR N 12 -1.81 -35.32 -41.86
C TYR N 12 -2.37 -34.40 -42.91
N LYS N 13 -3.61 -34.64 -43.30
CA LYS N 13 -4.19 -33.85 -44.35
C LYS N 13 -4.33 -32.37 -43.98
N ASP N 14 -4.77 -32.08 -42.77
CA ASP N 14 -4.88 -30.72 -42.33
C ASP N 14 -3.53 -30.01 -42.24
N ILE N 15 -2.53 -30.73 -41.78
CA ILE N 15 -1.24 -30.13 -41.54
C ILE N 15 -0.69 -29.58 -42.83
N LEU N 16 -0.95 -30.26 -43.94
CA LEU N 16 -0.21 -30.06 -45.17
C LEU N 16 -0.29 -28.66 -45.67
N SER N 17 -1.49 -28.16 -45.69
CA SER N 17 -1.77 -26.86 -46.30
C SER N 17 -0.90 -25.74 -45.71
N VAL N 18 -0.53 -25.92 -44.44
CA VAL N 18 0.28 -24.97 -43.72
C VAL N 18 1.54 -24.57 -44.49
N PHE N 19 2.40 -25.52 -44.78
CA PHE N 19 3.66 -25.20 -45.43
C PHE N 19 3.54 -25.44 -46.92
N GLU N 20 2.45 -24.96 -47.50
CA GLU N 20 2.29 -24.93 -48.95
C GLU N 20 3.21 -23.85 -49.51
N ASP N 21 3.40 -22.76 -48.75
CA ASP N 21 4.35 -21.70 -49.11
C ASP N 21 5.68 -22.26 -49.60
N ALA N 22 6.17 -23.29 -48.89
CA ALA N 22 7.43 -23.96 -49.22
C ALA N 22 7.26 -24.84 -50.47
N PHE N 23 6.19 -25.62 -50.51
CA PHE N 23 5.96 -26.57 -51.59
C PHE N 23 6.02 -25.94 -53.00
N VAL N 24 5.74 -24.65 -53.09
CA VAL N 24 5.89 -23.91 -54.34
C VAL N 24 7.33 -23.57 -54.59
N ASP N 25 8.00 -23.25 -53.50
CA ASP N 25 9.38 -22.85 -53.57
C ASP N 25 10.29 -23.93 -54.15
N ASN N 26 10.21 -25.17 -53.68
CA ASN N 26 11.04 -26.21 -54.29
C ASN N 26 10.42 -27.47 -54.92
N PHE N 27 9.29 -27.93 -54.40
CA PHE N 27 8.71 -29.16 -54.93
C PHE N 27 8.25 -28.89 -56.33
N ASP N 28 8.44 -29.88 -57.21
CA ASP N 28 7.70 -29.92 -58.46
C ASP N 28 7.12 -31.29 -58.79
N CYS N 29 5.81 -31.32 -59.04
CA CYS N 29 5.19 -32.58 -59.46
C CYS N 29 5.60 -33.07 -60.84
N LYS N 30 5.55 -32.16 -61.81
CA LYS N 30 5.68 -32.52 -63.22
C LYS N 30 6.84 -33.48 -63.43
N ASP N 31 8.00 -33.10 -62.96
CA ASP N 31 9.14 -34.01 -62.98
C ASP N 31 8.79 -35.15 -62.07
N VAL N 32 8.14 -34.77 -60.98
CA VAL N 32 8.17 -35.45 -59.70
C VAL N 32 7.14 -36.55 -59.53
N GLN N 33 7.25 -37.61 -60.34
CA GLN N 33 6.28 -38.69 -60.21
C GLN N 33 6.69 -40.09 -60.60
N ASP N 34 6.88 -40.95 -59.61
CA ASP N 34 6.47 -42.33 -59.59
C ASP N 34 4.94 -42.26 -59.64
N MET N 35 4.41 -41.31 -58.88
CA MET N 35 2.98 -41.11 -58.75
C MET N 35 2.18 -42.33 -58.32
N PRO N 36 2.60 -42.94 -57.12
CA PRO N 36 2.01 -44.29 -56.93
C PRO N 36 0.51 -44.23 -56.88
N LYS N 37 -0.05 -45.13 -57.65
CA LYS N 37 -1.33 -44.97 -58.30
C LYS N 37 -2.41 -44.74 -57.28
N SER N 38 -2.31 -45.45 -56.16
CA SER N 38 -3.30 -45.26 -55.10
C SER N 38 -3.23 -43.96 -54.27
N ILE N 39 -2.06 -43.53 -53.81
CA ILE N 39 -1.96 -42.21 -53.20
C ILE N 39 -2.51 -41.10 -54.12
N LEU N 40 -2.00 -41.03 -55.34
CA LEU N 40 -2.52 -40.10 -56.34
C LEU N 40 -2.94 -40.83 -57.62
N SER N 41 -4.07 -40.42 -58.19
CA SER N 41 -4.56 -41.03 -59.43
C SER N 41 -3.53 -40.86 -60.53
N LYS N 42 -3.79 -41.45 -61.71
CA LYS N 42 -2.79 -41.43 -62.76
C LYS N 42 -3.09 -40.26 -63.70
N GLU N 43 -4.38 -39.95 -63.83
CA GLU N 43 -4.83 -38.75 -64.56
C GLU N 43 -4.45 -37.50 -63.77
N GLU N 44 -4.84 -37.49 -62.50
CA GLU N 44 -4.62 -36.35 -61.63
C GLU N 44 -3.14 -35.99 -61.53
N ILE N 45 -2.32 -37.03 -61.44
CA ILE N 45 -0.93 -36.89 -61.68
C ILE N 45 -0.85 -36.42 -63.12
N ASP N 46 -1.73 -36.99 -63.93
CA ASP N 46 -1.77 -36.64 -65.32
C ASP N 46 -2.12 -35.17 -65.38
N HIS N 47 -3.14 -34.78 -64.63
CA HIS N 47 -3.63 -33.43 -64.73
C HIS N 47 -2.62 -32.39 -64.29
N ILE N 48 -2.04 -32.62 -63.13
CA ILE N 48 -1.36 -31.54 -62.46
C ILE N 48 -0.20 -30.97 -63.23
N ILE N 49 0.68 -31.83 -63.72
CA ILE N 49 1.97 -31.40 -64.28
C ILE N 49 1.76 -30.53 -65.50
N MET N 50 0.56 -30.65 -66.05
CA MET N 50 0.22 -29.92 -67.24
C MET N 50 -0.47 -28.60 -66.98
N SER N 51 -0.68 -28.26 -65.72
CA SER N 51 -1.16 -26.92 -65.38
C SER N 51 -0.03 -25.92 -65.53
N LYS N 52 -0.37 -24.65 -65.70
CA LYS N 52 0.57 -23.69 -66.24
C LYS N 52 1.84 -23.44 -65.44
N ASP N 53 1.72 -23.28 -64.14
CA ASP N 53 2.76 -22.63 -63.34
C ASP N 53 3.31 -23.43 -62.19
N ALA N 54 3.94 -22.74 -61.24
CA ALA N 54 4.24 -23.38 -59.98
C ALA N 54 3.19 -23.13 -58.91
N VAL N 55 2.71 -21.90 -58.80
CA VAL N 55 1.80 -21.56 -57.72
C VAL N 55 0.48 -22.29 -57.82
N SER N 56 0.15 -22.72 -59.03
CA SER N 56 -1.11 -23.34 -59.37
C SER N 56 -0.96 -24.85 -59.26
N GLY N 57 0.19 -25.36 -59.65
CA GLY N 57 0.44 -26.77 -59.51
C GLY N 57 0.41 -27.12 -58.05
N THR N 58 1.03 -26.32 -57.21
CA THR N 58 1.02 -26.78 -55.87
C THR N 58 -0.47 -27.00 -55.65
N LEU N 59 -1.29 -26.04 -56.07
CA LEU N 59 -2.67 -25.99 -55.65
C LEU N 59 -3.50 -27.19 -56.06
N ARG N 60 -3.28 -27.69 -57.26
CA ARG N 60 -3.92 -28.94 -57.60
C ARG N 60 -3.39 -30.04 -56.72
N LEU N 61 -2.07 -30.11 -56.53
CA LEU N 61 -1.54 -31.23 -55.78
C LEU N 61 -2.15 -31.25 -54.38
N PHE N 62 -2.03 -30.12 -53.69
CA PHE N 62 -2.54 -30.01 -52.33
C PHE N 62 -4.05 -30.11 -52.32
N TRP N 63 -4.69 -29.82 -53.44
CA TRP N 63 -6.14 -29.91 -53.48
C TRP N 63 -6.60 -31.36 -53.58
N THR N 64 -6.32 -31.99 -54.72
CA THR N 64 -6.77 -33.35 -55.00
C THR N 64 -6.38 -34.34 -53.90
N LEU N 65 -5.18 -34.16 -53.38
CA LEU N 65 -4.62 -35.08 -52.38
C LEU N 65 -5.28 -34.94 -51.01
N LEU N 66 -5.81 -33.76 -50.76
CA LEU N 66 -6.73 -33.50 -49.66
C LEU N 66 -8.01 -34.29 -49.84
N SER N 67 -8.40 -34.50 -51.10
CA SER N 67 -9.66 -35.15 -51.43
C SER N 67 -9.70 -36.60 -50.98
N LYS N 68 -8.56 -37.25 -51.12
CA LYS N 68 -8.42 -38.67 -50.85
C LYS N 68 -8.44 -38.97 -49.36
N GLN N 69 -8.72 -40.23 -49.01
CA GLN N 69 -8.86 -40.62 -47.63
C GLN N 69 -7.56 -40.37 -46.90
N GLU N 70 -7.70 -39.99 -45.63
CA GLU N 70 -6.62 -39.43 -44.83
C GLU N 70 -5.43 -40.36 -44.62
N GLU N 71 -5.62 -41.64 -44.90
CA GLU N 71 -4.61 -42.65 -44.63
C GLU N 71 -3.52 -42.73 -45.70
N MET N 72 -3.89 -42.49 -46.96
CA MET N 72 -2.93 -42.66 -48.03
C MET N 72 -1.95 -41.50 -48.05
N VAL N 73 -2.46 -40.29 -47.86
CA VAL N 73 -1.59 -39.16 -47.98
C VAL N 73 -0.30 -39.59 -47.34
N GLN N 74 -0.40 -40.24 -46.18
CA GLN N 74 0.76 -40.73 -45.46
C GLN N 74 1.72 -41.41 -46.42
N LYS N 75 1.15 -42.06 -47.43
CA LYS N 75 1.95 -42.70 -48.44
C LYS N 75 2.78 -41.60 -49.06
N PHE N 76 2.08 -40.51 -49.30
CA PHE N 76 2.66 -39.36 -49.97
C PHE N 76 3.60 -38.65 -49.04
N VAL N 77 3.12 -38.41 -47.85
CA VAL N 77 3.83 -37.66 -46.86
C VAL N 77 5.11 -38.39 -46.47
N GLU N 78 5.06 -39.70 -46.43
CA GLU N 78 6.17 -40.43 -45.87
C GLU N 78 7.05 -41.13 -46.87
N GLU N 79 6.61 -42.29 -47.31
CA GLU N 79 7.43 -43.08 -48.19
C GLU N 79 7.71 -42.43 -49.51
N VAL N 80 6.68 -41.84 -50.11
CA VAL N 80 6.84 -41.18 -51.39
C VAL N 80 7.80 -39.99 -51.34
N LEU N 81 7.35 -38.95 -50.68
CA LEU N 81 7.94 -37.65 -50.82
C LEU N 81 9.37 -37.70 -50.35
N ARG N 82 9.60 -38.66 -49.47
CA ARG N 82 10.91 -38.98 -48.95
C ARG N 82 11.85 -39.50 -50.01
N ILE N 83 11.32 -40.24 -50.97
CA ILE N 83 12.19 -40.95 -51.89
C ILE N 83 13.09 -40.03 -52.72
N ASN N 84 12.55 -38.91 -53.16
CA ASN N 84 13.39 -37.91 -53.81
C ASN N 84 13.52 -36.68 -52.95
N TYR N 85 13.01 -36.74 -51.73
CA TYR N 85 12.97 -35.55 -50.90
C TYR N 85 13.33 -35.89 -49.48
N LYS N 86 14.03 -34.92 -48.86
CA LYS N 86 14.32 -34.86 -47.42
C LYS N 86 13.89 -33.59 -46.71
N PHE N 87 14.46 -32.48 -47.18
CA PHE N 87 14.26 -31.17 -46.59
C PHE N 87 12.79 -30.99 -46.30
N LEU N 88 11.96 -31.26 -47.30
CA LEU N 88 10.57 -31.27 -47.06
C LEU N 88 9.93 -32.18 -45.99
N MET N 89 10.09 -33.50 -46.15
CA MET N 89 9.40 -34.47 -45.31
C MET N 89 9.39 -34.11 -43.84
N SER N 90 10.56 -33.74 -43.32
CA SER N 90 10.73 -33.48 -41.92
C SER N 90 9.86 -32.30 -41.55
N PRO N 91 9.94 -31.20 -42.42
CA PRO N 91 9.07 -30.09 -42.00
C PRO N 91 7.63 -30.47 -41.79
N ILE N 92 7.00 -31.25 -42.64
CA ILE N 92 5.63 -31.65 -42.30
C ILE N 92 5.63 -32.54 -41.07
N LYS N 93 6.49 -33.55 -41.10
CA LYS N 93 6.49 -34.60 -40.08
C LYS N 93 6.65 -34.02 -38.68
N THR N 94 7.36 -32.91 -38.59
CA THR N 94 7.61 -32.27 -37.33
C THR N 94 6.30 -31.62 -36.94
N GLU N 95 5.39 -31.62 -37.87
CA GLU N 95 4.07 -31.03 -37.68
C GLU N 95 3.00 -31.99 -37.14
N GLN N 96 2.97 -33.17 -37.71
CA GLN N 96 1.87 -33.99 -37.39
C GLN N 96 1.95 -34.06 -35.88
N ARG N 97 3.13 -34.29 -35.33
CA ARG N 97 3.24 -34.11 -33.89
C ARG N 97 3.23 -32.65 -33.41
N GLN N 98 4.04 -31.81 -34.04
CA GLN N 98 4.38 -30.52 -33.45
C GLN N 98 3.30 -29.45 -33.32
N PRO N 99 2.52 -29.27 -34.37
CA PRO N 99 1.39 -28.37 -34.35
C PRO N 99 1.69 -26.95 -33.80
N SER N 100 2.65 -26.25 -34.40
CA SER N 100 3.09 -24.96 -33.88
C SER N 100 1.91 -24.07 -33.75
N MET N 101 1.87 -23.24 -32.71
CA MET N 101 0.60 -22.70 -32.29
C MET N 101 -0.09 -21.90 -33.38
N MET N 102 0.60 -21.00 -34.04
CA MET N 102 -0.08 -20.41 -35.17
C MET N 102 -0.80 -21.46 -36.04
N THR N 103 -0.14 -22.60 -36.26
CA THR N 103 -0.71 -23.67 -37.07
C THR N 103 -2.04 -24.16 -36.50
N ARG N 104 -2.04 -24.58 -35.26
CA ARG N 104 -3.28 -25.06 -34.71
C ARG N 104 -4.20 -23.90 -34.75
N MET N 105 -3.73 -22.71 -34.50
CA MET N 105 -4.73 -21.69 -34.45
C MET N 105 -5.45 -21.67 -35.78
N TYR N 106 -4.74 -21.84 -36.88
CA TYR N 106 -5.44 -21.82 -38.17
C TYR N 106 -6.43 -22.95 -38.28
N ILE N 107 -5.99 -24.17 -38.01
CA ILE N 107 -6.84 -25.31 -38.28
C ILE N 107 -8.04 -25.15 -37.44
N GLU N 108 -7.83 -24.66 -36.24
CA GLU N 108 -8.90 -24.52 -35.30
C GLU N 108 -9.90 -23.61 -35.94
N GLN N 109 -9.40 -22.51 -36.48
CA GLN N 109 -10.30 -21.64 -37.16
C GLN N 109 -10.79 -22.35 -38.37
N ARG N 110 -9.93 -22.99 -39.12
CA ARG N 110 -10.41 -23.33 -40.44
C ARG N 110 -11.64 -24.18 -40.32
N ASP N 111 -11.65 -25.14 -39.42
CA ASP N 111 -12.81 -26.01 -39.30
C ASP N 111 -14.00 -25.16 -38.93
N ARG N 112 -13.77 -24.12 -38.16
CA ARG N 112 -14.89 -23.33 -37.76
C ARG N 112 -15.55 -22.92 -39.05
N LEU N 113 -14.70 -22.70 -40.04
CA LEU N 113 -15.18 -22.23 -41.33
C LEU N 113 -16.03 -23.24 -42.08
N TYR N 114 -15.58 -24.48 -42.12
CA TYR N 114 -16.29 -25.47 -42.89
C TYR N 114 -17.57 -25.71 -42.20
N ASN N 115 -17.42 -25.96 -40.91
CA ASN N 115 -18.41 -26.55 -40.08
C ASN N 115 -19.61 -25.65 -40.08
N ASP N 116 -19.38 -24.37 -39.93
CA ASP N 116 -20.49 -23.46 -39.98
C ASP N 116 -21.07 -23.46 -41.36
N ASN N 117 -20.20 -23.53 -42.36
CA ASN N 117 -20.64 -23.58 -43.74
C ASN N 117 -21.39 -24.83 -44.17
N GLN N 118 -21.02 -25.97 -43.59
CA GLN N 118 -21.77 -27.20 -43.79
C GLN N 118 -21.66 -27.79 -45.20
N VAL N 119 -22.51 -27.32 -46.11
CA VAL N 119 -22.67 -27.99 -47.39
C VAL N 119 -21.35 -27.88 -48.09
N PHE N 120 -20.73 -26.73 -47.94
CA PHE N 120 -19.56 -26.48 -48.70
C PHE N 120 -18.52 -27.54 -48.37
N ALA N 121 -18.29 -27.85 -47.11
CA ALA N 121 -17.24 -28.82 -46.83
C ALA N 121 -17.29 -30.11 -47.68
N LYS N 122 -18.44 -30.42 -48.27
CA LYS N 122 -18.56 -31.62 -49.08
C LYS N 122 -18.59 -31.35 -50.56
N TYR N 123 -19.49 -30.47 -50.97
CA TYR N 123 -19.72 -30.22 -52.38
C TYR N 123 -18.69 -29.25 -52.95
N ASN N 124 -17.98 -28.51 -52.15
CA ASN N 124 -17.23 -27.44 -52.80
C ASN N 124 -16.24 -28.08 -53.69
N VAL N 125 -16.03 -27.50 -54.87
CA VAL N 125 -14.87 -27.84 -55.70
C VAL N 125 -14.07 -26.60 -56.08
N SER N 126 -12.77 -26.63 -55.82
CA SER N 126 -11.93 -25.46 -55.97
C SER N 126 -11.70 -25.10 -57.44
N ARG N 127 -12.05 -23.86 -57.80
CA ARG N 127 -11.78 -23.40 -59.16
C ARG N 127 -10.51 -22.63 -59.16
N LEU N 128 -9.52 -23.18 -59.84
CA LEU N 128 -8.19 -22.63 -59.80
C LEU N 128 -8.11 -21.26 -60.36
N GLN N 129 -8.80 -21.04 -61.46
CA GLN N 129 -8.61 -19.79 -62.13
C GLN N 129 -9.09 -18.62 -61.35
N PRO N 130 -10.26 -18.78 -60.73
CA PRO N 130 -10.93 -17.67 -60.04
C PRO N 130 -10.44 -17.53 -58.61
N TYR N 131 -9.77 -18.56 -58.09
CA TYR N 131 -9.29 -18.46 -56.72
C TYR N 131 -7.98 -17.78 -56.80
N LEU N 132 -7.16 -18.22 -57.71
CA LEU N 132 -5.80 -17.77 -57.74
C LEU N 132 -5.87 -16.30 -58.03
N LYS N 133 -6.92 -15.93 -58.75
CA LYS N 133 -7.13 -14.55 -59.14
C LYS N 133 -7.55 -13.72 -57.94
N LEU N 134 -8.37 -14.32 -57.09
CA LEU N 134 -8.83 -13.67 -55.88
C LEU N 134 -7.76 -13.56 -54.83
N ARG N 135 -7.05 -14.63 -54.60
CA ARG N 135 -6.17 -14.72 -53.48
C ARG N 135 -5.11 -13.65 -53.59
N GLN N 136 -4.73 -13.32 -54.80
CA GLN N 136 -3.71 -12.33 -54.94
C GLN N 136 -4.23 -11.07 -54.29
N ALA N 137 -5.51 -10.80 -54.44
CA ALA N 137 -6.04 -9.57 -53.88
C ALA N 137 -5.86 -9.57 -52.37
N LEU N 138 -6.21 -10.67 -51.71
CA LEU N 138 -6.25 -10.68 -50.25
C LEU N 138 -4.92 -10.43 -49.58
N LEU N 139 -3.85 -10.92 -50.17
CA LEU N 139 -2.54 -10.59 -49.68
C LEU N 139 -2.20 -9.08 -49.78
N GLU N 140 -2.64 -8.41 -50.85
CA GLU N 140 -2.30 -7.00 -51.04
C GLU N 140 -3.19 -6.09 -50.22
N LEU N 141 -4.50 -6.36 -50.29
CA LEU N 141 -5.55 -5.55 -49.67
C LEU N 141 -5.18 -4.93 -48.31
N ARG N 142 -5.28 -3.61 -48.25
CA ARG N 142 -4.73 -2.82 -47.15
C ARG N 142 -5.76 -2.69 -46.01
N PRO N 143 -5.36 -2.13 -44.83
CA PRO N 143 -6.33 -2.32 -43.75
C PRO N 143 -7.62 -1.53 -43.93
N ALA N 144 -7.71 -0.71 -44.98
CA ALA N 144 -8.92 0.08 -45.22
C ALA N 144 -9.49 -0.07 -46.63
N LYS N 145 -8.71 -0.67 -47.53
CA LYS N 145 -9.21 -1.00 -48.87
C LYS N 145 -10.20 -2.15 -48.80
N ASN N 146 -10.76 -2.54 -49.95
CA ASN N 146 -11.64 -3.72 -50.00
C ASN N 146 -11.79 -4.37 -51.37
N VAL N 147 -11.59 -5.68 -51.42
CA VAL N 147 -11.55 -6.41 -52.68
C VAL N 147 -12.89 -7.03 -53.00
N LEU N 148 -13.56 -6.50 -54.00
CA LEU N 148 -14.90 -6.94 -54.35
C LEU N 148 -14.97 -8.03 -55.44
N ILE N 149 -15.89 -8.97 -55.24
CA ILE N 149 -16.20 -10.02 -56.22
C ILE N 149 -17.65 -9.89 -56.65
N ASP N 150 -17.93 -10.14 -57.93
CA ASP N 150 -19.31 -10.16 -58.37
C ASP N 150 -19.48 -11.07 -59.57
N GLY N 151 -20.48 -11.93 -59.51
CA GLY N 151 -20.80 -12.79 -60.62
C GLY N 151 -22.29 -12.86 -60.82
N VAL N 152 -22.71 -13.51 -61.88
CA VAL N 152 -24.12 -13.56 -62.18
C VAL N 152 -24.59 -14.43 -61.06
N LEU N 153 -25.88 -14.45 -60.78
CA LEU N 153 -26.31 -15.06 -59.56
C LEU N 153 -25.89 -16.51 -59.61
N GLY N 154 -25.63 -17.10 -58.45
CA GLY N 154 -25.17 -18.47 -58.45
C GLY N 154 -23.89 -18.68 -59.21
N SER N 155 -23.03 -17.70 -59.14
CA SER N 155 -21.67 -17.90 -59.53
C SER N 155 -20.87 -18.32 -58.31
N GLY N 156 -21.59 -18.61 -57.24
CA GLY N 156 -20.97 -19.19 -56.09
C GLY N 156 -19.80 -18.31 -55.82
N LYS N 157 -20.03 -17.01 -55.73
CA LYS N 157 -18.93 -16.13 -55.40
C LYS N 157 -18.45 -16.55 -54.02
N THR N 158 -19.40 -16.77 -53.14
CA THR N 158 -19.09 -16.88 -51.75
C THR N 158 -18.13 -18.02 -51.57
N TRP N 159 -18.53 -19.13 -52.14
CA TRP N 159 -17.80 -20.38 -52.10
C TRP N 159 -16.34 -20.22 -52.50
N VAL N 160 -16.05 -19.31 -53.43
CA VAL N 160 -14.67 -18.99 -53.76
C VAL N 160 -14.03 -18.26 -52.59
N ALA N 161 -14.75 -17.23 -52.13
CA ALA N 161 -14.34 -16.45 -50.97
C ALA N 161 -14.06 -17.38 -49.81
N LEU N 162 -14.99 -18.27 -49.54
CA LEU N 162 -14.85 -19.25 -48.46
C LEU N 162 -13.58 -20.05 -48.62
N ASP N 163 -13.21 -20.28 -49.88
CA ASP N 163 -12.10 -21.16 -50.16
C ASP N 163 -10.77 -20.44 -50.02
N VAL N 164 -10.68 -19.23 -50.56
CA VAL N 164 -9.45 -18.46 -50.40
C VAL N 164 -9.26 -18.07 -48.95
N CYS N 165 -10.37 -17.80 -48.27
CA CYS N 165 -10.35 -17.50 -46.86
C CYS N 165 -9.90 -18.73 -46.08
N LEU N 166 -10.12 -19.91 -46.64
CA LEU N 166 -9.67 -21.18 -46.05
C LEU N 166 -8.14 -21.35 -46.16
N SER N 167 -7.56 -20.81 -47.22
CA SER N 167 -6.15 -20.95 -47.48
C SER N 167 -5.31 -20.41 -46.34
N TYR N 168 -4.37 -21.20 -45.86
CA TYR N 168 -3.62 -20.76 -44.74
C TYR N 168 -3.00 -19.47 -45.12
N LYS N 169 -2.57 -19.34 -46.35
CA LYS N 169 -1.93 -18.11 -46.76
C LYS N 169 -2.91 -16.98 -46.60
N VAL N 170 -4.15 -17.20 -46.97
CA VAL N 170 -5.10 -16.11 -46.83
C VAL N 170 -5.25 -15.82 -45.40
N GLN N 171 -5.36 -16.86 -44.59
CA GLN N 171 -5.72 -16.65 -43.21
C GLN N 171 -4.69 -15.93 -42.38
N CYS N 172 -3.44 -16.27 -42.54
CA CYS N 172 -2.43 -15.67 -41.70
C CYS N 172 -2.47 -14.19 -41.95
N LYS N 173 -2.68 -13.81 -43.20
CA LYS N 173 -2.66 -12.41 -43.56
C LYS N 173 -3.86 -11.77 -42.94
N MET N 174 -4.74 -12.57 -42.41
CA MET N 174 -5.93 -12.06 -41.77
C MET N 174 -5.98 -12.44 -40.32
N ASP N 175 -4.98 -13.17 -39.89
CA ASP N 175 -4.79 -13.49 -38.50
C ASP N 175 -6.00 -14.17 -37.94
N PHE N 176 -6.68 -14.88 -38.80
CA PHE N 176 -7.66 -15.84 -38.38
C PHE N 176 -8.88 -15.15 -37.86
N LYS N 177 -9.05 -13.90 -38.24
CA LYS N 177 -10.28 -13.24 -37.80
C LYS N 177 -11.01 -12.78 -39.01
N ILE N 178 -11.96 -13.60 -39.47
CA ILE N 178 -12.66 -13.32 -40.71
C ILE N 178 -14.16 -13.34 -40.52
N PHE N 179 -14.69 -12.27 -39.94
CA PHE N 179 -16.08 -12.24 -39.55
C PHE N 179 -17.06 -12.25 -40.73
N TRP N 180 -17.64 -13.41 -41.01
CA TRP N 180 -18.62 -13.57 -42.08
C TRP N 180 -19.93 -12.88 -41.73
N LEU N 181 -20.59 -12.31 -42.73
CA LEU N 181 -21.88 -11.68 -42.54
C LEU N 181 -22.71 -11.69 -43.82
N ASN N 182 -23.63 -12.63 -43.96
CA ASN N 182 -24.48 -12.63 -45.15
C ASN N 182 -25.50 -11.52 -45.08
N LEU N 183 -25.35 -10.53 -45.96
CA LEU N 183 -26.24 -9.38 -45.95
C LEU N 183 -27.54 -9.64 -46.73
N LYS N 184 -28.20 -10.76 -46.44
CA LYS N 184 -29.54 -10.96 -46.96
C LYS N 184 -30.52 -10.17 -46.10
N ASN N 185 -31.53 -9.60 -46.75
CA ASN N 185 -32.44 -8.68 -46.09
C ASN N 185 -31.62 -7.57 -45.44
N CYS N 186 -30.99 -6.74 -46.27
CA CYS N 186 -30.06 -5.74 -45.80
C CYS N 186 -30.22 -4.40 -46.51
N ASN N 187 -31.45 -4.14 -46.99
CA ASN N 187 -31.77 -2.84 -47.57
C ASN N 187 -32.84 -2.16 -46.72
N SER N 188 -32.50 -1.92 -45.47
CA SER N 188 -33.32 -1.15 -44.56
C SER N 188 -32.30 -0.51 -43.66
N PRO N 189 -32.71 0.52 -42.93
CA PRO N 189 -31.81 1.11 -41.97
C PRO N 189 -31.61 0.20 -40.81
N GLU N 190 -32.72 -0.27 -40.29
CA GLU N 190 -32.72 -0.96 -39.02
C GLU N 190 -31.97 -2.29 -39.06
N THR N 191 -32.16 -3.03 -40.14
CA THR N 191 -31.71 -4.40 -40.15
C THR N 191 -30.22 -4.39 -39.92
N VAL N 192 -29.55 -3.39 -40.44
CA VAL N 192 -28.12 -3.29 -40.22
C VAL N 192 -27.91 -3.22 -38.72
N LEU N 193 -28.87 -2.63 -38.04
CA LEU N 193 -28.80 -2.63 -36.60
C LEU N 193 -28.84 -4.05 -36.09
N GLU N 194 -29.63 -4.89 -36.73
CA GLU N 194 -29.54 -6.32 -36.47
C GLU N 194 -28.18 -6.87 -36.87
N MET N 195 -27.67 -6.41 -38.01
CA MET N 195 -26.42 -6.93 -38.56
C MET N 195 -25.20 -6.41 -37.81
N LEU N 196 -25.13 -5.09 -37.66
CA LEU N 196 -24.05 -4.49 -36.89
C LEU N 196 -24.06 -5.05 -35.47
N GLN N 197 -25.25 -5.31 -34.96
CA GLN N 197 -25.38 -5.98 -33.68
C GLN N 197 -24.64 -7.31 -33.75
N LYS N 198 -24.88 -8.05 -34.81
CA LYS N 198 -24.30 -9.38 -34.95
C LYS N 198 -22.79 -9.36 -35.16
N LEU N 199 -22.30 -8.32 -35.84
CA LEU N 199 -20.87 -8.18 -36.02
C LEU N 199 -20.22 -7.92 -34.67
N LEU N 200 -20.78 -6.95 -33.95
CA LEU N 200 -20.32 -6.64 -32.62
C LEU N 200 -20.31 -7.91 -31.76
N TYR N 201 -21.37 -8.72 -31.88
CA TYR N 201 -21.41 -9.98 -31.15
C TYR N 201 -20.27 -10.93 -31.56
N GLN N 202 -19.98 -11.00 -32.86
CA GLN N 202 -18.83 -11.79 -33.32
C GLN N 202 -17.57 -11.34 -32.59
N ILE N 203 -17.30 -10.04 -32.72
CA ILE N 203 -16.14 -9.42 -32.11
C ILE N 203 -16.00 -9.75 -30.61
N ASP N 204 -17.06 -9.52 -29.84
CA ASP N 204 -17.02 -9.69 -28.39
C ASP N 204 -18.41 -9.51 -27.79
N PRO N 205 -18.77 -10.40 -26.85
CA PRO N 205 -20.10 -10.34 -26.22
C PRO N 205 -20.22 -9.24 -25.18
N ASN N 206 -20.10 -7.99 -25.62
CA ASN N 206 -20.17 -6.83 -24.74
C ASN N 206 -20.83 -5.65 -25.43
N TRP N 207 -21.73 -4.98 -24.72
CA TRP N 207 -22.13 -3.63 -25.09
C TRP N 207 -22.89 -2.88 -24.01
N THR N 208 -22.51 -1.61 -23.85
CA THR N 208 -23.25 -0.67 -23.01
C THR N 208 -24.44 -0.11 -23.79
N SER N 209 -25.55 -0.85 -23.78
CA SER N 209 -26.70 -0.51 -24.60
C SER N 209 -27.61 0.53 -23.94
N ARG N 210 -27.06 1.29 -23.00
CA ARG N 210 -27.81 2.39 -22.37
C ARG N 210 -27.81 3.61 -23.28
N SER N 211 -26.89 3.60 -24.24
CA SER N 211 -26.78 4.66 -25.23
C SER N 211 -27.95 4.57 -26.21
N ASP N 212 -28.74 3.51 -26.13
CA ASP N 212 -29.83 3.32 -27.07
C ASP N 212 -30.87 4.41 -26.91
N HIS N 213 -31.06 5.18 -27.98
CA HIS N 213 -32.08 6.22 -28.00
C HIS N 213 -32.99 5.94 -29.16
N SER N 214 -34.18 5.42 -28.85
CA SER N 214 -35.11 4.97 -29.88
C SER N 214 -35.69 6.13 -30.68
N SER N 215 -35.18 7.35 -30.47
CA SER N 215 -35.54 8.50 -31.30
C SER N 215 -35.27 8.16 -32.75
N ASN N 216 -34.15 7.50 -32.99
CA ASN N 216 -33.83 6.97 -34.31
C ASN N 216 -33.18 5.60 -34.27
N ILE N 217 -33.66 4.72 -35.13
CA ILE N 217 -33.02 3.46 -35.42
C ILE N 217 -31.84 3.80 -36.34
N LYS N 218 -31.87 5.04 -36.83
CA LYS N 218 -30.89 5.56 -37.79
C LYS N 218 -29.77 6.39 -37.15
N LEU N 219 -30.03 6.86 -35.93
CA LEU N 219 -29.06 7.61 -35.16
C LEU N 219 -28.27 6.63 -34.32
N ARG N 220 -28.99 5.70 -33.69
CA ARG N 220 -28.37 4.66 -32.89
C ARG N 220 -27.42 3.81 -33.73
N ILE N 221 -27.67 3.77 -35.03
CA ILE N 221 -26.85 3.00 -35.95
C ILE N 221 -25.44 3.59 -36.07
N HIS N 222 -25.30 4.87 -35.76
CA HIS N 222 -23.98 5.48 -35.88
C HIS N 222 -23.23 5.12 -34.62
N SER N 223 -23.96 4.93 -33.54
CA SER N 223 -23.33 4.54 -32.28
C SER N 223 -22.69 3.16 -32.38
N ILE N 224 -23.33 2.25 -33.09
CA ILE N 224 -22.83 0.88 -33.13
C ILE N 224 -21.59 0.84 -34.01
N GLN N 225 -21.61 1.64 -35.08
CA GLN N 225 -20.45 1.78 -35.94
C GLN N 225 -19.34 2.47 -35.18
N ALA N 226 -19.75 3.47 -34.41
CA ALA N 226 -18.83 4.23 -33.56
C ALA N 226 -18.09 3.31 -32.63
N GLU N 227 -18.84 2.44 -31.94
CA GLU N 227 -18.22 1.45 -31.07
C GLU N 227 -17.41 0.47 -31.88
N LEU N 228 -18.02 -0.07 -32.94
CA LEU N 228 -17.37 -1.06 -33.79
C LEU N 228 -16.06 -0.54 -34.36
N ARG N 229 -16.01 0.77 -34.63
CA ARG N 229 -14.78 1.38 -35.13
C ARG N 229 -13.68 1.32 -34.08
N ARG N 230 -13.95 1.87 -32.91
CA ARG N 230 -13.02 1.86 -31.78
C ARG N 230 -12.47 0.47 -31.49
N LEU N 231 -13.36 -0.52 -31.53
CA LEU N 231 -13.00 -1.87 -31.11
C LEU N 231 -12.09 -2.53 -32.13
N LEU N 232 -12.28 -2.22 -33.41
CA LEU N 232 -11.54 -2.92 -34.44
C LEU N 232 -10.07 -2.49 -34.53
N LYS N 233 -9.78 -1.20 -34.76
CA LYS N 233 -8.39 -0.77 -34.71
C LYS N 233 -7.90 -0.86 -33.27
N SER N 234 -7.78 -2.11 -32.90
CA SER N 234 -7.24 -2.60 -31.68
C SER N 234 -6.30 -3.72 -32.10
N LYS N 235 -5.16 -3.88 -31.46
CA LYS N 235 -4.08 -4.47 -32.20
C LYS N 235 -4.43 -5.83 -32.75
N PRO N 236 -4.99 -6.70 -31.91
CA PRO N 236 -5.23 -8.08 -32.32
C PRO N 236 -6.16 -8.04 -33.50
N TYR N 237 -7.09 -7.11 -33.47
CA TYR N 237 -8.11 -7.05 -34.48
C TYR N 237 -7.76 -6.21 -35.66
N GLU N 238 -6.56 -5.63 -35.62
CA GLU N 238 -6.15 -4.58 -36.54
C GLU N 238 -6.68 -4.84 -37.94
N ASN N 239 -6.25 -5.97 -38.50
CA ASN N 239 -6.68 -6.33 -39.83
C ASN N 239 -7.47 -7.59 -39.76
N CYS N 240 -8.71 -7.56 -40.22
CA CYS N 240 -9.41 -8.78 -40.47
C CYS N 240 -10.36 -8.57 -41.60
N LEU N 241 -10.36 -9.45 -42.58
CA LEU N 241 -11.22 -9.30 -43.71
C LEU N 241 -12.61 -9.47 -43.20
N LEU N 242 -13.54 -8.61 -43.48
CA LEU N 242 -14.85 -8.93 -43.00
C LEU N 242 -15.42 -9.02 -44.33
N VAL N 243 -16.07 -10.14 -44.64
CA VAL N 243 -16.49 -10.47 -45.98
C VAL N 243 -17.97 -10.35 -46.03
N LEU N 244 -18.49 -9.59 -46.97
CA LEU N 244 -19.93 -9.41 -47.07
C LEU N 244 -20.56 -10.13 -48.24
N LEU N 245 -21.54 -10.95 -47.99
CA LEU N 245 -22.03 -11.83 -49.01
C LEU N 245 -23.36 -11.30 -49.54
N ASN N 246 -23.44 -11.04 -50.85
CA ASN N 246 -24.68 -10.61 -51.49
C ASN N 246 -25.00 -9.16 -51.32
N VAL N 247 -24.06 -8.50 -50.70
CA VAL N 247 -24.30 -7.10 -50.35
C VAL N 247 -25.41 -6.55 -51.22
N GLN N 248 -26.54 -6.24 -50.61
CA GLN N 248 -27.74 -5.90 -51.37
C GLN N 248 -27.51 -4.69 -52.25
N ASN N 249 -27.31 -3.54 -51.64
CA ASN N 249 -27.08 -2.35 -52.44
C ASN N 249 -25.90 -1.54 -51.98
N ALA N 250 -25.73 -0.37 -52.61
CA ALA N 250 -24.71 0.56 -52.23
C ALA N 250 -24.96 1.03 -50.80
N LYS N 251 -26.22 1.34 -50.51
CA LYS N 251 -26.57 1.98 -49.24
C LYS N 251 -26.16 1.14 -48.02
N ALA N 252 -26.26 -0.18 -48.14
CA ALA N 252 -25.93 -1.08 -47.04
C ALA N 252 -24.44 -1.02 -46.76
N TRP N 253 -23.66 -1.03 -47.83
CA TRP N 253 -22.20 -1.06 -47.77
C TRP N 253 -21.64 0.19 -47.09
N ASN N 254 -22.36 1.30 -47.23
CA ASN N 254 -21.97 2.56 -46.63
C ASN N 254 -21.83 2.43 -45.12
N ALA N 255 -22.76 1.70 -44.53
CA ALA N 255 -22.76 1.50 -43.08
C ALA N 255 -21.67 0.51 -42.67
N PHE N 256 -21.23 -0.33 -43.58
CA PHE N 256 -20.30 -1.32 -43.12
C PHE N 256 -18.85 -0.99 -43.24
N ASN N 257 -18.52 -0.02 -44.07
CA ASN N 257 -17.11 0.27 -44.22
C ASN N 257 -16.60 0.78 -42.89
N LEU N 258 -15.63 0.09 -42.32
CA LEU N 258 -15.20 0.40 -40.97
C LEU N 258 -13.72 0.70 -40.93
N SER N 259 -13.18 1.22 -42.04
CA SER N 259 -11.74 1.23 -42.25
C SER N 259 -11.25 -0.19 -42.02
N CYS N 260 -11.99 -1.14 -42.60
CA CYS N 260 -11.80 -2.56 -42.40
C CYS N 260 -11.22 -3.17 -43.66
N LYS N 261 -10.37 -4.19 -43.54
CA LYS N 261 -9.88 -4.87 -44.74
C LYS N 261 -10.96 -5.75 -45.33
N ILE N 262 -12.18 -5.24 -45.48
CA ILE N 262 -13.29 -6.07 -45.94
C ILE N 262 -13.10 -6.54 -47.39
N LEU N 263 -13.99 -7.43 -47.82
CA LEU N 263 -14.06 -7.90 -49.19
C LEU N 263 -15.48 -8.41 -49.34
N LEU N 264 -16.16 -8.07 -50.40
CA LEU N 264 -17.54 -8.42 -50.43
C LEU N 264 -17.91 -9.14 -51.67
N THR N 265 -19.00 -9.88 -51.60
CA THR N 265 -19.51 -10.52 -52.76
C THR N 265 -20.66 -9.73 -53.35
N THR N 266 -20.36 -9.01 -54.41
CA THR N 266 -21.31 -8.14 -55.06
C THR N 266 -22.30 -9.08 -55.64
N ARG N 267 -23.46 -8.60 -56.06
CA ARG N 267 -24.44 -9.46 -56.72
C ARG N 267 -25.02 -8.73 -57.92
N PHE N 268 -25.22 -7.42 -57.74
CA PHE N 268 -25.71 -6.51 -58.74
C PHE N 268 -24.64 -5.78 -59.50
N LYS N 269 -25.05 -5.18 -60.60
CA LYS N 269 -24.18 -4.28 -61.30
C LYS N 269 -24.40 -2.93 -60.69
N GLN N 270 -25.33 -2.81 -59.75
CA GLN N 270 -25.48 -1.48 -59.19
C GLN N 270 -24.39 -1.30 -58.13
N VAL N 271 -24.03 -2.42 -57.51
CA VAL N 271 -23.05 -2.44 -56.43
C VAL N 271 -21.64 -2.46 -57.00
N THR N 272 -21.36 -3.40 -57.89
CA THR N 272 -20.05 -3.47 -58.52
C THR N 272 -19.83 -2.21 -59.35
N ASP N 273 -20.92 -1.54 -59.69
CA ASP N 273 -20.86 -0.26 -60.39
C ASP N 273 -20.32 0.80 -59.46
N PHE N 274 -20.62 0.66 -58.18
CA PHE N 274 -20.41 1.72 -57.21
C PHE N 274 -19.00 1.72 -56.64
N LEU N 275 -18.51 0.65 -56.06
CA LEU N 275 -17.14 0.73 -55.62
C LEU N 275 -16.17 0.83 -56.83
N SER N 276 -15.29 1.82 -56.80
CA SER N 276 -14.57 2.21 -58.00
C SER N 276 -13.12 1.89 -57.86
N ALA N 277 -12.55 1.44 -58.95
CA ALA N 277 -11.49 0.50 -58.95
C ALA N 277 -10.37 1.03 -58.10
N ALA N 278 -10.19 2.34 -58.08
CA ALA N 278 -9.01 2.88 -57.43
C ALA N 278 -9.02 2.46 -55.99
N THR N 279 -10.16 2.58 -55.31
CA THR N 279 -10.25 2.07 -53.96
C THR N 279 -10.14 0.54 -53.83
N THR N 280 -10.79 -0.20 -54.72
CA THR N 280 -11.00 -1.63 -54.54
C THR N 280 -10.89 -2.36 -55.87
N THR N 281 -10.56 -3.65 -55.87
CA THR N 281 -10.17 -4.31 -57.11
C THR N 281 -11.33 -5.22 -57.49
N HIS N 282 -11.53 -5.44 -58.76
CA HIS N 282 -12.83 -5.90 -59.14
C HIS N 282 -12.67 -7.23 -59.75
N ILE N 283 -13.25 -8.23 -59.12
CA ILE N 283 -13.07 -9.57 -59.57
C ILE N 283 -14.40 -9.94 -60.10
N SER N 284 -14.45 -10.72 -61.15
CA SER N 284 -15.76 -11.02 -61.64
C SER N 284 -15.99 -12.44 -62.00
N LEU N 285 -17.11 -12.66 -62.66
CA LEU N 285 -17.40 -13.98 -63.14
C LEU N 285 -18.34 -13.91 -64.34
N ASP N 286 -18.41 -12.73 -64.90
CA ASP N 286 -18.93 -12.59 -66.23
C ASP N 286 -17.70 -12.85 -67.05
N HIS N 287 -17.01 -13.94 -66.79
CA HIS N 287 -15.74 -14.04 -67.47
C HIS N 287 -15.40 -15.34 -68.13
N HIS N 288 -14.70 -15.26 -69.24
CA HIS N 288 -14.28 -16.46 -69.92
C HIS N 288 -13.35 -17.21 -68.96
N SER N 289 -12.40 -16.49 -68.36
CA SER N 289 -11.53 -17.08 -67.35
C SER N 289 -12.16 -17.40 -66.00
N MET N 290 -12.85 -16.42 -65.43
CA MET N 290 -13.47 -16.55 -64.12
C MET N 290 -14.37 -17.77 -64.05
N THR N 291 -15.12 -18.01 -65.12
CA THR N 291 -16.02 -19.14 -65.15
C THR N 291 -15.24 -20.40 -65.39
N LEU N 292 -15.90 -21.53 -65.19
CA LEU N 292 -15.28 -22.83 -65.20
C LEU N 292 -14.82 -23.37 -66.55
N THR N 293 -13.62 -23.95 -66.56
CA THR N 293 -13.12 -24.68 -67.69
C THR N 293 -13.99 -25.92 -67.74
N PRO N 294 -14.29 -26.45 -68.91
CA PRO N 294 -15.45 -27.36 -68.92
C PRO N 294 -15.26 -28.36 -67.81
N ASP N 295 -14.03 -28.78 -67.58
CA ASP N 295 -13.84 -29.93 -66.74
C ASP N 295 -14.42 -29.65 -65.38
N GLU N 296 -14.14 -28.48 -64.83
CA GLU N 296 -14.68 -28.25 -63.52
C GLU N 296 -16.02 -28.92 -63.49
N VAL N 297 -16.72 -28.75 -64.58
CA VAL N 297 -18.12 -29.06 -64.59
C VAL N 297 -18.37 -30.52 -64.34
N LYS N 298 -17.54 -31.40 -64.85
CA LYS N 298 -17.86 -32.79 -64.60
C LYS N 298 -17.38 -33.18 -63.20
N SER N 299 -16.31 -32.54 -62.73
CA SER N 299 -15.81 -32.83 -61.40
C SER N 299 -16.75 -32.25 -60.35
N LEU N 300 -17.44 -31.16 -60.71
CA LEU N 300 -18.42 -30.58 -59.81
C LEU N 300 -19.66 -31.46 -59.75
N LEU N 301 -20.14 -31.90 -60.91
CA LEU N 301 -21.29 -32.79 -60.97
C LEU N 301 -21.02 -34.08 -60.21
N LEU N 302 -19.74 -34.42 -60.07
CA LEU N 302 -19.33 -35.61 -59.35
C LEU N 302 -19.57 -35.55 -57.85
N LYS N 303 -19.28 -34.40 -57.24
CA LYS N 303 -19.38 -34.25 -55.79
C LYS N 303 -20.73 -34.71 -55.26
N TYR N 304 -21.80 -34.32 -55.95
CA TYR N 304 -23.14 -34.77 -55.57
C TYR N 304 -23.42 -36.17 -56.11
N LEU N 305 -22.89 -36.45 -57.29
CA LEU N 305 -23.16 -37.69 -58.01
C LEU N 305 -22.48 -38.91 -57.42
N ASP N 306 -21.22 -38.72 -57.00
CA ASP N 306 -20.45 -39.74 -56.28
C ASP N 306 -20.19 -41.03 -57.10
N CYS N 307 -19.63 -40.87 -58.30
CA CYS N 307 -19.17 -42.00 -59.12
C CYS N 307 -18.39 -41.52 -60.35
N ARG N 308 -17.18 -42.04 -60.54
CA ARG N 308 -16.27 -41.59 -61.60
C ARG N 308 -16.65 -42.11 -62.99
N PRO N 309 -17.29 -43.28 -63.03
CA PRO N 309 -17.66 -43.89 -64.29
C PRO N 309 -18.85 -43.18 -64.93
N GLN N 310 -19.94 -43.07 -64.18
CA GLN N 310 -21.17 -42.46 -64.68
C GLN N 310 -20.96 -40.99 -65.03
N ASP N 311 -19.84 -40.43 -64.58
CA ASP N 311 -19.44 -39.06 -64.91
C ASP N 311 -19.49 -38.83 -66.41
N LEU N 312 -18.93 -39.77 -67.16
CA LEU N 312 -18.91 -39.69 -68.61
C LEU N 312 -20.32 -39.83 -69.17
N PRO N 313 -21.19 -40.33 -68.30
CA PRO N 313 -22.59 -40.50 -68.57
C PRO N 313 -23.29 -39.17 -68.88
N ARG N 314 -22.89 -38.08 -68.25
CA ARG N 314 -23.58 -36.82 -68.54
C ARG N 314 -22.81 -35.88 -69.46
N GLU N 315 -23.44 -35.46 -70.55
CA GLU N 315 -22.97 -34.34 -71.39
C GLU N 315 -24.11 -33.73 -72.21
N VAL N 316 -24.00 -32.50 -72.70
CA VAL N 316 -23.07 -31.49 -72.21
C VAL N 316 -23.78 -30.15 -71.97
N LEU N 317 -23.66 -29.59 -70.78
CA LEU N 317 -24.15 -28.23 -70.52
C LEU N 317 -23.55 -27.60 -69.27
N THR N 318 -23.67 -26.27 -69.17
CA THR N 318 -22.87 -25.41 -68.29
C THR N 318 -23.71 -24.20 -67.90
N THR N 319 -23.16 -23.20 -67.21
CA THR N 319 -21.84 -23.16 -66.56
C THR N 319 -22.03 -22.69 -65.12
N ASN N 320 -23.30 -22.37 -64.86
CA ASN N 320 -23.75 -21.68 -63.67
C ASN N 320 -23.95 -22.70 -62.60
N PRO N 321 -23.17 -22.59 -61.55
CA PRO N 321 -23.09 -23.67 -60.60
C PRO N 321 -24.49 -23.90 -60.10
N ARG N 322 -25.24 -22.81 -59.88
CA ARG N 322 -26.60 -22.91 -59.38
C ARG N 322 -27.43 -23.89 -60.21
N ARG N 323 -27.29 -23.82 -61.52
CA ARG N 323 -28.03 -24.70 -62.41
C ARG N 323 -27.53 -26.13 -62.27
N LEU N 324 -26.23 -26.21 -62.06
CA LEU N 324 -25.43 -27.44 -62.04
C LEU N 324 -25.56 -28.16 -60.71
N SER N 325 -25.61 -27.40 -59.62
CA SER N 325 -25.72 -27.98 -58.29
C SER N 325 -27.14 -28.49 -58.04
N ILE N 326 -28.13 -27.71 -58.46
CA ILE N 326 -29.53 -28.08 -58.29
C ILE N 326 -29.92 -29.17 -59.28
N ILE N 327 -29.20 -29.25 -60.38
CA ILE N 327 -29.40 -30.33 -61.34
C ILE N 327 -28.78 -31.63 -60.82
N ALA N 328 -27.52 -31.54 -60.41
CA ALA N 328 -26.75 -32.73 -60.02
C ALA N 328 -27.37 -33.41 -58.80
N GLU N 329 -28.03 -32.64 -57.95
CA GLU N 329 -28.74 -33.20 -56.80
C GLU N 329 -30.06 -33.83 -57.26
N SER N 330 -30.70 -33.20 -58.24
CA SER N 330 -31.96 -33.68 -58.79
C SER N 330 -31.83 -35.05 -59.44
N ILE N 331 -30.80 -35.18 -60.26
CA ILE N 331 -30.49 -36.44 -60.92
C ILE N 331 -30.12 -37.50 -59.90
N ARG N 332 -29.21 -37.15 -59.00
CA ARG N 332 -28.74 -38.10 -57.99
C ARG N 332 -29.87 -38.53 -57.07
N ASP N 333 -30.82 -37.63 -56.82
CA ASP N 333 -31.95 -37.94 -55.96
C ASP N 333 -33.27 -37.55 -56.60
N ALA N 336 -33.33 -39.08 -62.66
CA ALA N 336 -33.25 -39.50 -64.05
C ALA N 336 -32.62 -38.39 -64.89
N THR N 337 -31.46 -38.70 -65.48
CA THR N 337 -30.61 -37.69 -66.11
C THR N 337 -31.26 -36.87 -67.24
N TRP N 338 -32.28 -37.42 -67.88
CA TRP N 338 -32.89 -36.74 -69.02
C TRP N 338 -34.15 -35.96 -68.68
N ASP N 339 -35.10 -36.63 -68.03
CA ASP N 339 -36.30 -35.93 -67.56
C ASP N 339 -35.91 -34.80 -66.64
N ASN N 340 -35.02 -35.08 -65.70
CA ASN N 340 -34.64 -34.11 -64.68
C ASN N 340 -33.72 -33.00 -65.18
N TRP N 341 -33.10 -33.19 -66.34
CA TRP N 341 -32.23 -32.16 -66.89
C TRP N 341 -33.03 -30.95 -67.36
N LYS N 342 -34.29 -31.19 -67.68
CA LYS N 342 -35.15 -30.12 -68.21
C LYS N 342 -36.48 -29.98 -67.46
N HIS N 343 -37.35 -30.98 -67.57
CA HIS N 343 -38.71 -30.86 -67.05
C HIS N 343 -38.78 -30.81 -65.52
N VAL N 344 -37.90 -31.53 -64.84
CA VAL N 344 -37.85 -31.44 -63.39
C VAL N 344 -37.21 -30.11 -62.99
N ASN N 345 -37.24 -29.79 -61.69
CA ASN N 345 -36.82 -28.49 -61.17
C ASN N 345 -37.62 -27.35 -61.80
N CYS N 346 -38.79 -27.69 -62.32
CA CYS N 346 -39.73 -26.67 -62.77
C CYS N 346 -40.39 -26.08 -61.54
N ASP N 347 -40.17 -26.73 -60.39
CA ASP N 347 -40.65 -26.24 -59.12
C ASP N 347 -39.47 -25.88 -58.20
N LYS N 348 -38.27 -25.83 -58.76
CA LYS N 348 -37.08 -25.51 -57.98
C LYS N 348 -36.25 -24.37 -58.56
N LEU N 349 -35.42 -24.64 -59.53
CA LEU N 349 -34.30 -23.77 -59.78
C LEU N 349 -34.76 -22.36 -60.04
N THR N 350 -35.81 -22.25 -60.84
CA THR N 350 -36.40 -20.98 -61.22
C THR N 350 -36.98 -20.24 -60.04
N THR N 351 -37.61 -21.00 -59.14
CA THR N 351 -38.17 -20.42 -57.92
C THR N 351 -37.12 -19.51 -57.29
N ILE N 352 -35.98 -20.09 -56.93
CA ILE N 352 -34.85 -19.31 -56.45
C ILE N 352 -34.41 -18.37 -57.57
N ILE N 353 -34.76 -18.75 -58.80
CA ILE N 353 -34.47 -17.93 -59.97
C ILE N 353 -35.42 -16.74 -60.01
N GLU N 354 -36.71 -17.02 -59.90
CA GLU N 354 -37.69 -15.97 -59.85
C GLU N 354 -37.43 -15.14 -58.61
N SER N 355 -37.19 -15.86 -57.52
CA SER N 355 -37.08 -15.26 -56.19
C SER N 355 -36.20 -14.04 -56.22
N SER N 356 -35.05 -14.17 -56.88
CA SER N 356 -34.14 -13.05 -56.98
C SER N 356 -34.75 -11.94 -57.81
N LEU N 357 -35.69 -12.29 -58.67
CA LEU N 357 -36.35 -11.30 -59.49
C LEU N 357 -37.06 -10.33 -58.57
N ASN N 358 -37.20 -10.68 -57.30
CA ASN N 358 -38.03 -9.93 -56.38
C ASN N 358 -37.62 -8.48 -56.15
N VAL N 359 -36.36 -8.16 -56.40
CA VAL N 359 -35.91 -6.79 -56.20
C VAL N 359 -36.66 -5.79 -57.05
N LEU N 360 -36.96 -6.15 -58.29
CA LEU N 360 -37.48 -5.20 -59.28
C LEU N 360 -38.92 -4.74 -59.07
N GLU N 361 -39.27 -3.59 -59.67
CA GLU N 361 -40.61 -3.00 -59.61
C GLU N 361 -41.62 -3.64 -60.58
N PRO N 362 -42.79 -4.07 -60.09
CA PRO N 362 -43.66 -4.88 -60.95
C PRO N 362 -44.41 -4.08 -62.00
N ALA N 363 -44.76 -2.83 -61.69
CA ALA N 363 -45.57 -2.00 -62.56
C ALA N 363 -44.86 -1.68 -63.87
N GLU N 364 -43.55 -1.47 -63.81
CA GLU N 364 -42.81 -1.06 -65.00
C GLU N 364 -41.67 -2.02 -65.34
N TYR N 365 -40.96 -2.50 -64.33
CA TYR N 365 -39.81 -3.38 -64.55
C TYR N 365 -40.23 -4.80 -64.89
N ARG N 366 -40.90 -5.46 -63.96
CA ARG N 366 -41.24 -6.87 -64.07
C ARG N 366 -42.07 -7.21 -65.30
N LYS N 367 -43.11 -6.43 -65.55
CA LYS N 367 -43.98 -6.64 -66.70
C LYS N 367 -43.24 -6.49 -68.02
N MET N 368 -42.52 -5.38 -68.17
CA MET N 368 -41.75 -5.09 -69.38
C MET N 368 -40.81 -6.24 -69.70
N PHE N 369 -40.34 -6.88 -68.63
CA PHE N 369 -39.35 -7.94 -68.70
C PHE N 369 -39.93 -9.24 -69.25
N ASP N 370 -41.04 -9.67 -68.65
CA ASP N 370 -41.79 -10.85 -69.08
C ASP N 370 -42.03 -10.87 -70.59
N ARG N 371 -42.17 -9.67 -71.15
CA ARG N 371 -42.42 -9.51 -72.58
C ARG N 371 -41.31 -10.07 -73.47
N LEU N 372 -40.11 -10.24 -72.91
CA LEU N 372 -38.96 -10.70 -73.70
C LEU N 372 -39.16 -12.09 -74.28
N SER N 373 -40.07 -12.84 -73.68
CA SER N 373 -40.34 -14.23 -74.06
C SER N 373 -40.44 -14.44 -75.57
N VAL N 374 -40.89 -13.42 -76.29
CA VAL N 374 -41.08 -13.53 -77.74
C VAL N 374 -39.76 -13.56 -78.50
N PHE N 375 -38.71 -13.09 -77.85
CA PHE N 375 -37.40 -13.04 -78.48
C PHE N 375 -36.75 -14.42 -78.49
N PRO N 376 -35.46 -14.43 -78.82
CA PRO N 376 -34.67 -15.65 -78.90
C PRO N 376 -34.01 -15.92 -77.57
N PRO N 377 -33.96 -17.27 -77.19
CA PRO N 377 -33.52 -17.47 -75.81
C PRO N 377 -32.13 -16.93 -75.64
N SER N 378 -31.30 -17.11 -76.65
CA SER N 378 -29.94 -16.62 -76.55
C SER N 378 -29.73 -15.69 -77.71
N ALA N 379 -30.34 -14.52 -77.60
CA ALA N 379 -30.29 -13.59 -78.72
C ALA N 379 -30.19 -12.14 -78.25
N HIS N 380 -30.28 -11.20 -79.19
CA HIS N 380 -30.15 -9.78 -78.90
C HIS N 380 -31.45 -9.03 -79.20
N ILE N 381 -31.45 -7.72 -78.99
CA ILE N 381 -32.62 -6.90 -79.25
C ILE N 381 -32.26 -5.41 -79.39
N PRO N 382 -32.66 -4.81 -80.53
CA PRO N 382 -32.42 -3.39 -80.83
C PRO N 382 -33.28 -2.45 -79.98
N THR N 383 -32.91 -1.18 -79.95
CA THR N 383 -33.62 -0.18 -79.17
C THR N 383 -35.04 0.03 -79.66
N ILE N 384 -35.20 0.19 -80.97
CA ILE N 384 -36.49 0.49 -81.56
C ILE N 384 -37.52 -0.62 -81.33
N LEU N 385 -37.07 -1.87 -81.40
CA LEU N 385 -37.95 -3.02 -81.25
C LEU N 385 -38.41 -3.18 -79.80
N LEU N 386 -37.54 -2.81 -78.87
CA LEU N 386 -37.84 -2.91 -77.44
C LEU N 386 -38.87 -1.86 -77.02
N SER N 387 -38.90 -0.76 -77.77
CA SER N 387 -39.81 0.33 -77.51
C SER N 387 -41.27 -0.10 -77.57
N LEU N 388 -41.66 -0.60 -78.73
CA LEU N 388 -43.03 -0.97 -79.03
C LEU N 388 -43.61 -1.94 -78.01
N ILE N 389 -42.77 -2.86 -77.53
CA ILE N 389 -43.23 -3.90 -76.61
C ILE N 389 -43.14 -3.43 -75.16
N SER N 396 -37.31 8.65 -74.66
CA SER N 396 -36.13 8.09 -74.01
C SER N 396 -36.52 7.22 -72.83
N ASP N 397 -37.83 7.01 -72.66
CA ASP N 397 -38.36 6.25 -71.54
C ASP N 397 -37.80 4.82 -71.53
N VAL N 398 -37.92 4.13 -72.66
CA VAL N 398 -37.49 2.75 -72.77
C VAL N 398 -35.99 2.57 -72.51
N MET N 399 -35.20 3.57 -72.91
CA MET N 399 -33.75 3.48 -72.79
C MET N 399 -33.32 3.53 -71.32
N VAL N 400 -34.08 4.25 -70.51
CA VAL N 400 -33.77 4.41 -69.10
C VAL N 400 -34.30 3.22 -68.29
N VAL N 401 -35.51 2.79 -68.61
CA VAL N 401 -36.17 1.69 -67.91
C VAL N 401 -35.37 0.39 -68.03
N VAL N 402 -34.73 0.19 -69.18
CA VAL N 402 -33.89 -0.98 -69.37
C VAL N 402 -32.51 -0.76 -68.77
N ASN N 403 -32.11 0.50 -68.67
CA ASN N 403 -30.82 0.82 -68.09
C ASN N 403 -30.84 0.45 -66.61
N LYS N 404 -31.99 0.63 -65.97
CA LYS N 404 -32.15 0.25 -64.58
C LYS N 404 -32.35 -1.26 -64.48
N LEU N 405 -32.92 -1.83 -65.54
CA LEU N 405 -33.09 -3.27 -65.65
C LEU N 405 -31.73 -3.93 -65.84
N HIS N 406 -30.84 -3.17 -66.44
CA HIS N 406 -29.45 -3.48 -66.54
C HIS N 406 -28.80 -3.51 -65.19
N LYS N 407 -29.19 -2.52 -64.40
CA LYS N 407 -28.48 -2.13 -63.21
C LYS N 407 -28.52 -3.30 -62.30
N TYR N 408 -29.72 -3.83 -62.13
CA TYR N 408 -29.91 -4.98 -61.26
C TYR N 408 -29.20 -6.20 -61.75
N SER N 409 -29.33 -6.49 -63.04
CA SER N 409 -28.65 -7.63 -63.63
C SER N 409 -29.13 -8.01 -65.02
N LEU N 410 -30.43 -7.91 -65.20
CA LEU N 410 -31.13 -8.71 -66.19
C LEU N 410 -30.82 -8.57 -67.68
N VAL N 411 -30.67 -7.36 -68.19
CA VAL N 411 -30.74 -7.26 -69.62
C VAL N 411 -29.39 -6.61 -69.81
N GLU N 412 -28.39 -7.45 -70.01
CA GLU N 412 -27.04 -6.91 -70.24
C GLU N 412 -27.18 -5.93 -71.41
N LYS N 413 -27.05 -4.65 -71.11
CA LYS N 413 -26.94 -3.64 -72.16
C LYS N 413 -25.55 -3.70 -72.76
N GLN N 414 -25.42 -3.32 -74.03
CA GLN N 414 -24.15 -3.39 -74.72
C GLN N 414 -24.07 -2.28 -75.78
N PRO N 415 -22.85 -1.89 -76.15
CA PRO N 415 -22.63 -0.88 -77.19
C PRO N 415 -23.20 -1.29 -78.54
N SER N 418 -26.44 0.12 -80.75
CA SER N 418 -26.90 0.33 -79.38
C SER N 418 -27.80 -0.82 -78.95
N THR N 419 -27.61 -1.97 -79.58
CA THR N 419 -28.43 -3.15 -79.32
C THR N 419 -28.24 -3.68 -77.89
N ILE N 420 -29.12 -4.59 -77.48
CA ILE N 420 -29.05 -5.17 -76.14
C ILE N 420 -29.05 -6.69 -76.21
N SER N 421 -28.11 -7.32 -75.49
CA SER N 421 -28.05 -8.78 -75.41
C SER N 421 -28.38 -9.25 -74.00
N ILE N 422 -29.31 -10.20 -73.92
CA ILE N 422 -29.88 -10.62 -72.66
C ILE N 422 -29.48 -12.08 -72.36
N PRO N 423 -28.90 -12.34 -71.16
CA PRO N 423 -28.36 -13.67 -70.78
C PRO N 423 -29.36 -14.73 -70.31
N SER N 424 -29.36 -15.86 -71.00
CA SER N 424 -30.38 -16.91 -70.97
C SER N 424 -30.95 -17.40 -69.63
N ILE N 425 -30.11 -17.47 -68.60
CA ILE N 425 -30.47 -18.21 -67.37
C ILE N 425 -31.80 -17.79 -66.75
N TYR N 426 -32.07 -16.49 -66.64
CA TYR N 426 -33.39 -16.08 -66.17
C TYR N 426 -34.26 -15.73 -67.37
N LEU N 427 -33.65 -15.78 -68.55
CA LEU N 427 -34.33 -15.44 -69.80
C LEU N 427 -35.20 -16.58 -70.28
N GLU N 428 -34.54 -17.63 -70.76
CA GLU N 428 -35.25 -18.72 -71.44
C GLU N 428 -36.15 -19.53 -70.52
N LEU N 429 -35.59 -19.95 -69.39
CA LEU N 429 -36.27 -20.86 -68.47
C LEU N 429 -37.44 -20.21 -67.77
N LYS N 430 -37.13 -19.21 -66.96
CA LYS N 430 -38.08 -18.60 -66.06
C LYS N 430 -39.36 -18.05 -66.69
N VAL N 431 -39.22 -17.22 -67.73
CA VAL N 431 -40.38 -16.48 -68.25
C VAL N 431 -41.28 -17.32 -69.17
N LYS N 432 -40.72 -18.37 -69.75
CA LYS N 432 -41.48 -19.22 -70.67
C LYS N 432 -42.61 -19.92 -69.93
N LEU N 433 -42.32 -20.33 -68.71
CA LEU N 433 -43.30 -21.02 -67.87
C LEU N 433 -44.50 -20.13 -67.56
N GLU N 434 -44.24 -18.94 -67.02
CA GLU N 434 -45.30 -18.01 -66.64
C GLU N 434 -45.56 -16.98 -67.73
N ASN N 435 -46.68 -17.14 -68.44
CA ASN N 435 -47.07 -16.18 -69.47
C ASN N 435 -48.57 -16.12 -69.65
N GLU N 436 -49.08 -14.89 -69.73
CA GLU N 436 -50.47 -14.65 -70.11
C GLU N 436 -50.47 -14.38 -71.62
N TYR N 437 -51.63 -14.46 -72.27
CA TYR N 437 -51.64 -14.24 -73.70
C TYR N 437 -51.67 -12.75 -74.04
N ALA N 438 -50.58 -12.07 -73.69
CA ALA N 438 -50.30 -10.76 -74.24
C ALA N 438 -49.50 -10.95 -75.53
N LEU N 439 -49.23 -12.22 -75.84
CA LEU N 439 -48.42 -12.60 -76.99
C LEU N 439 -49.03 -12.12 -78.31
N HIS N 440 -50.36 -12.21 -78.40
CA HIS N 440 -51.10 -11.75 -79.58
C HIS N 440 -50.69 -10.33 -79.95
N ARG N 441 -50.63 -9.46 -78.96
CA ARG N 441 -50.23 -8.08 -79.18
C ARG N 441 -48.74 -7.98 -79.47
N SER N 442 -47.95 -8.77 -78.74
CA SER N 442 -46.49 -8.75 -78.91
C SER N 442 -46.08 -9.25 -80.29
N ILE N 443 -46.75 -10.31 -80.75
CA ILE N 443 -46.38 -10.93 -82.00
C ILE N 443 -46.98 -10.18 -83.20
N VAL N 444 -48.13 -9.54 -83.00
CA VAL N 444 -48.72 -8.76 -84.08
C VAL N 444 -47.96 -7.44 -84.19
N ASP N 445 -47.29 -7.07 -83.11
CA ASP N 445 -46.42 -5.91 -83.10
C ASP N 445 -45.23 -6.22 -83.99
N HIS N 446 -44.82 -7.49 -84.00
CA HIS N 446 -43.70 -7.92 -84.81
C HIS N 446 -44.06 -8.02 -86.28
N TYR N 447 -45.36 -8.00 -86.58
CA TYR N 447 -45.77 -7.81 -87.96
C TYR N 447 -45.68 -6.33 -88.29
N ASN N 448 -46.02 -5.51 -87.31
CA ASN N 448 -46.12 -4.07 -87.52
C ASN N 448 -44.80 -3.40 -87.82
N ILE N 449 -43.69 -3.90 -87.26
CA ILE N 449 -42.44 -3.16 -87.40
C ILE N 449 -41.76 -3.39 -88.77
N PRO N 450 -41.72 -4.64 -89.30
CA PRO N 450 -41.20 -4.63 -90.67
C PRO N 450 -42.25 -4.22 -91.70
N LYS N 451 -43.48 -3.96 -91.25
CA LYS N 451 -44.47 -3.32 -92.11
C LYS N 451 -44.11 -1.85 -92.24
N THR N 452 -43.67 -1.27 -91.13
CA THR N 452 -43.14 0.09 -91.12
C THR N 452 -41.85 0.16 -91.92
N PHE N 453 -40.90 -0.72 -91.58
CA PHE N 453 -39.64 -0.82 -92.32
C PHE N 453 -39.91 -1.24 -93.76
N ASP N 454 -39.88 -0.27 -94.67
CA ASP N 454 -40.16 -0.55 -96.08
C ASP N 454 -39.51 0.47 -97.02
N SER N 455 -38.74 -0.03 -97.98
CA SER N 455 -38.17 0.82 -99.03
C SER N 455 -38.92 0.57 -100.32
N ASP N 456 -38.66 1.41 -101.33
CA ASP N 456 -39.32 1.28 -102.62
C ASP N 456 -39.05 -0.08 -103.26
N ASP N 457 -37.78 -0.45 -103.35
CA ASP N 457 -37.41 -1.77 -103.87
C ASP N 457 -37.41 -2.82 -102.77
N LEU N 458 -36.76 -3.94 -103.02
CA LEU N 458 -36.83 -5.08 -102.11
C LEU N 458 -35.76 -5.08 -101.03
N ILE N 459 -34.99 -4.00 -100.95
CA ILE N 459 -33.95 -3.88 -99.93
C ILE N 459 -34.45 -3.12 -98.70
N PRO N 460 -34.60 -3.83 -97.58
CA PRO N 460 -35.08 -3.22 -96.33
C PRO N 460 -33.95 -2.66 -95.48
N PRO N 461 -34.27 -1.77 -94.53
CA PRO N 461 -33.31 -1.26 -93.56
C PRO N 461 -33.20 -2.16 -92.32
N TYR N 462 -32.67 -3.36 -92.50
CA TYR N 462 -32.48 -4.31 -91.41
C TYR N 462 -31.33 -3.92 -90.49
N LEU N 463 -31.53 -4.08 -89.19
CA LEU N 463 -30.43 -3.98 -88.23
C LEU N 463 -29.64 -5.23 -88.31
N ASP N 464 -28.30 -5.13 -88.25
CA ASP N 464 -27.34 -6.21 -88.50
C ASP N 464 -27.58 -7.64 -88.20
N GLN N 465 -27.93 -7.96 -86.95
CA GLN N 465 -28.15 -9.35 -86.58
C GLN N 465 -29.62 -9.72 -86.36
N TYR N 466 -30.28 -9.01 -85.44
CA TYR N 466 -31.65 -9.34 -85.03
C TYR N 466 -32.54 -9.66 -86.22
N PHE N 467 -32.78 -8.64 -87.04
CA PHE N 467 -33.75 -8.71 -88.12
C PHE N 467 -33.58 -9.93 -89.00
N TYR N 468 -32.34 -10.20 -89.43
CA TYR N 468 -32.08 -11.34 -90.30
C TYR N 468 -32.45 -12.68 -89.67
N SER N 469 -32.10 -12.86 -88.40
CA SER N 469 -32.35 -14.14 -87.74
C SER N 469 -33.75 -14.24 -87.14
N HIS N 470 -34.27 -13.12 -86.65
CA HIS N 470 -35.46 -13.17 -85.81
C HIS N 470 -36.75 -12.94 -86.59
N ILE N 471 -36.65 -12.27 -87.73
CA ILE N 471 -37.84 -11.96 -88.52
C ILE N 471 -38.55 -13.27 -88.90
N GLY N 472 -37.76 -14.28 -89.25
CA GLY N 472 -38.31 -15.55 -89.70
C GLY N 472 -39.11 -16.25 -88.62
N HIS N 473 -38.63 -16.14 -87.38
CA HIS N 473 -39.27 -16.80 -86.25
C HIS N 473 -40.63 -16.16 -85.95
N HIS N 474 -40.66 -14.83 -85.90
CA HIS N 474 -41.88 -14.12 -85.62
C HIS N 474 -42.88 -14.20 -86.77
N LEU N 475 -42.37 -14.22 -88.00
CA LEU N 475 -43.21 -14.33 -89.18
C LEU N 475 -43.94 -15.68 -89.22
N LYS N 476 -43.24 -16.73 -88.82
CA LYS N 476 -43.85 -18.05 -88.75
C LYS N 476 -45.00 -18.06 -87.75
N ASN N 477 -44.81 -17.32 -86.66
CA ASN N 477 -45.81 -17.24 -85.60
C ASN N 477 -47.06 -16.48 -86.05
N ILE N 478 -46.88 -15.39 -86.78
CA ILE N 478 -48.03 -14.55 -87.16
C ILE N 478 -48.89 -15.18 -88.27
N GLU N 479 -48.31 -15.41 -89.44
CA GLU N 479 -49.06 -15.88 -90.62
C GLU N 479 -48.15 -16.29 -91.77
N HIS N 480 -48.75 -16.76 -92.85
CA HIS N 480 -48.01 -17.20 -94.03
C HIS N 480 -47.67 -16.13 -95.09
N PRO N 481 -48.56 -15.14 -95.32
CA PRO N 481 -48.26 -14.28 -96.48
C PRO N 481 -47.01 -13.43 -96.33
N GLU N 482 -46.68 -13.05 -95.10
CA GLU N 482 -45.51 -12.20 -94.85
C GLU N 482 -44.24 -13.03 -94.86
N ARG N 483 -44.35 -14.28 -94.43
CA ARG N 483 -43.25 -15.22 -94.56
C ARG N 483 -42.90 -15.41 -96.02
N MET N 484 -43.95 -15.52 -96.84
CA MET N 484 -43.80 -15.71 -98.28
C MET N 484 -42.91 -14.65 -98.91
N THR N 485 -43.13 -13.39 -98.53
CA THR N 485 -42.39 -12.27 -99.12
C THR N 485 -41.08 -11.97 -98.41
N LEU N 486 -41.11 -11.87 -97.08
CA LEU N 486 -39.94 -11.42 -96.33
C LEU N 486 -38.79 -12.43 -96.29
N PHE N 487 -39.12 -13.72 -96.25
CA PHE N 487 -38.10 -14.76 -96.38
C PHE N 487 -37.42 -14.63 -97.72
N ARG N 488 -38.18 -14.08 -98.67
CA ARG N 488 -37.73 -13.92 -100.04
C ARG N 488 -37.28 -15.27 -100.56
N MET N 489 -38.19 -16.23 -100.46
CA MET N 489 -38.12 -17.46 -101.21
C MET N 489 -38.71 -17.11 -102.55
N VAL N 490 -39.61 -16.13 -102.51
CA VAL N 490 -40.19 -15.55 -103.71
C VAL N 490 -39.24 -14.50 -104.29
N PHE N 491 -38.64 -13.71 -103.41
CA PHE N 491 -37.74 -12.64 -103.85
C PHE N 491 -36.29 -13.12 -103.89
N LEU N 492 -35.55 -12.72 -104.91
CA LEU N 492 -34.14 -13.10 -105.02
C LEU N 492 -33.28 -12.27 -104.06
N ASP N 493 -33.89 -11.23 -103.48
CA ASP N 493 -33.13 -10.19 -102.79
C ASP N 493 -32.57 -10.59 -101.42
N PHE N 494 -33.20 -11.54 -100.74
CA PHE N 494 -32.67 -11.96 -99.43
C PHE N 494 -31.61 -13.04 -99.62
N ARG N 495 -31.64 -13.71 -100.76
CA ARG N 495 -30.54 -14.56 -101.13
C ARG N 495 -29.30 -13.69 -101.28
N PHE N 496 -29.53 -12.48 -101.80
CA PHE N 496 -28.48 -11.48 -101.92
C PHE N 496 -28.07 -10.98 -100.53
N LEU N 497 -28.96 -10.23 -99.88
CA LEU N 497 -28.65 -9.58 -98.62
C LEU N 497 -28.21 -10.54 -97.51
N GLU N 498 -29.15 -11.30 -96.96
CA GLU N 498 -28.92 -12.24 -95.84
C GLU N 498 -27.59 -12.99 -95.91
N GLN N 499 -27.22 -13.42 -97.11
CA GLN N 499 -26.02 -14.21 -97.32
C GLN N 499 -24.75 -13.38 -97.14
N LYS N 500 -24.72 -12.18 -97.71
CA LYS N 500 -23.47 -11.41 -97.79
C LYS N 500 -23.20 -10.57 -96.53
N ILE N 501 -24.24 -10.26 -95.76
CA ILE N 501 -24.04 -9.54 -94.51
C ILE N 501 -23.66 -10.55 -93.42
N ARG N 502 -24.30 -11.72 -93.45
CA ARG N 502 -23.92 -12.81 -92.57
C ARG N 502 -22.68 -13.53 -93.09
N HIS N 503 -21.61 -12.77 -93.31
CA HIS N 503 -20.36 -13.32 -93.82
C HIS N 503 -19.23 -13.16 -92.80
N ASN N 516 -23.08 -18.25 -91.22
CA ASN N 516 -22.97 -18.02 -92.67
C ASN N 516 -24.18 -18.57 -93.41
N THR N 517 -23.93 -19.40 -94.41
CA THR N 517 -25.00 -20.02 -95.20
C THR N 517 -25.83 -20.95 -94.32
N LEU N 518 -25.22 -21.37 -93.22
CA LEU N 518 -25.83 -22.33 -92.30
C LEU N 518 -27.15 -21.84 -91.75
N GLN N 519 -27.09 -20.74 -91.01
CA GLN N 519 -28.27 -20.19 -90.35
C GLN N 519 -29.33 -19.83 -91.38
N GLN N 520 -28.89 -19.41 -92.56
CA GLN N 520 -29.81 -19.16 -93.67
C GLN N 520 -30.54 -20.45 -94.01
N LEU N 521 -29.77 -21.51 -94.22
CA LEU N 521 -30.31 -22.85 -94.43
C LEU N 521 -31.17 -23.28 -93.23
N LYS N 522 -30.78 -22.83 -92.04
CA LYS N 522 -31.50 -23.17 -90.81
C LYS N 522 -32.83 -22.42 -90.70
N PHE N 523 -32.94 -21.30 -91.41
CA PHE N 523 -34.21 -20.59 -91.45
C PHE N 523 -35.18 -21.36 -92.32
N TYR N 524 -34.78 -21.56 -93.56
CA TYR N 524 -35.67 -22.10 -94.58
C TYR N 524 -36.34 -23.41 -94.20
N LYS N 525 -35.61 -24.35 -93.60
CA LYS N 525 -36.15 -25.70 -93.45
C LYS N 525 -37.27 -25.84 -92.41
N PRO N 526 -37.08 -25.37 -91.17
CA PRO N 526 -38.24 -25.54 -90.27
C PRO N 526 -39.35 -24.54 -90.52
N TYR N 527 -39.09 -23.50 -91.30
CA TYR N 527 -40.06 -22.43 -91.45
C TYR N 527 -41.03 -22.58 -92.63
N ILE N 528 -40.84 -23.59 -93.49
CA ILE N 528 -41.74 -23.77 -94.65
C ILE N 528 -43.16 -24.16 -94.26
N CYS N 529 -43.33 -24.62 -93.03
CA CYS N 529 -44.61 -25.15 -92.58
C CYS N 529 -45.73 -24.12 -92.71
N ASP N 530 -45.39 -22.84 -92.49
CA ASP N 530 -46.35 -21.77 -92.54
C ASP N 530 -46.94 -21.59 -93.95
N ASP N 532 -49.06 -22.18 -98.75
CA ASP N 532 -49.74 -23.45 -99.04
C ASP N 532 -48.77 -24.41 -99.73
N PRO N 533 -49.05 -25.74 -99.68
CA PRO N 533 -48.18 -26.79 -100.24
C PRO N 533 -47.59 -26.49 -101.63
N LYS N 534 -48.31 -25.74 -102.47
CA LYS N 534 -47.83 -25.44 -103.82
C LYS N 534 -46.58 -24.58 -103.76
N TYR N 535 -46.60 -23.57 -102.90
CA TYR N 535 -45.43 -22.76 -102.66
C TYR N 535 -44.45 -23.50 -101.76
N GLU N 536 -44.96 -24.49 -101.02
CA GLU N 536 -44.12 -25.23 -100.06
C GLU N 536 -43.12 -26.15 -100.76
N ARG N 537 -43.59 -26.90 -101.76
CA ARG N 537 -42.71 -27.73 -102.57
C ARG N 537 -41.69 -26.84 -103.28
N LEU N 538 -42.06 -25.58 -103.42
CA LEU N 538 -41.21 -24.58 -104.07
C LEU N 538 -40.09 -24.13 -103.12
N VAL N 539 -40.39 -23.97 -101.84
CA VAL N 539 -39.36 -23.53 -100.88
C VAL N 539 -38.28 -24.59 -100.71
N ASN N 540 -38.68 -25.86 -100.77
CA ASN N 540 -37.72 -26.94 -100.57
C ASN N 540 -36.88 -27.08 -101.81
N ALA N 541 -37.43 -26.67 -102.94
CA ALA N 541 -36.71 -26.64 -104.20
C ALA N 541 -35.63 -25.56 -104.16
N ILE N 542 -35.98 -24.37 -103.68
CA ILE N 542 -35.01 -23.29 -103.54
C ILE N 542 -34.11 -23.56 -102.34
N LEU N 543 -34.59 -24.40 -101.43
CA LEU N 543 -33.84 -24.76 -100.23
C LEU N 543 -32.57 -25.49 -100.61
N ASP N 544 -32.71 -26.51 -101.44
CA ASP N 544 -31.59 -27.36 -101.81
C ASP N 544 -30.54 -26.59 -102.60
N PHE N 545 -30.98 -25.69 -103.47
CA PHE N 545 -30.08 -24.90 -104.30
C PHE N 545 -29.28 -23.89 -103.47
N LEU N 546 -29.72 -23.68 -102.23
CA LEU N 546 -29.13 -22.63 -101.39
C LEU N 546 -27.74 -22.99 -100.82
N PRO N 547 -27.60 -24.15 -100.15
CA PRO N 547 -26.23 -24.42 -99.69
C PRO N 547 -25.36 -24.92 -100.83
N LYS N 548 -26.00 -25.30 -101.93
CA LYS N 548 -25.33 -25.79 -103.13
C LYS N 548 -24.28 -24.80 -103.63
N ILE N 549 -24.57 -23.51 -103.48
CA ILE N 549 -23.71 -22.46 -103.99
C ILE N 549 -23.78 -21.21 -103.11
N TYR N 558 -24.26 -6.45 -108.47
CA TYR N 558 -25.70 -6.75 -108.50
C TYR N 558 -26.19 -7.79 -109.51
N THR N 559 -25.61 -7.73 -110.72
CA THR N 559 -26.03 -8.56 -111.84
C THR N 559 -25.95 -10.07 -111.57
N ASP N 560 -24.84 -10.52 -110.99
CA ASP N 560 -24.58 -11.95 -110.80
C ASP N 560 -25.75 -12.73 -110.22
N LEU N 561 -26.36 -12.17 -109.18
CA LEU N 561 -27.47 -12.81 -108.47
C LEU N 561 -28.60 -13.20 -109.41
N LEU N 562 -28.93 -12.29 -110.34
CA LEU N 562 -30.03 -12.51 -111.28
C LEU N 562 -29.70 -13.56 -112.33
N ARG N 563 -28.46 -13.52 -112.80
CA ARG N 563 -28.03 -14.40 -113.89
C ARG N 563 -28.03 -15.87 -113.49
N ILE N 564 -27.74 -16.15 -112.23
CA ILE N 564 -27.72 -17.52 -111.75
C ILE N 564 -29.11 -17.98 -111.35
N ALA N 565 -30.04 -17.04 -111.20
CA ALA N 565 -31.44 -17.37 -110.96
C ALA N 565 -32.11 -17.75 -112.27
N LEU N 566 -31.45 -17.38 -113.38
CA LEU N 566 -31.97 -17.60 -114.73
C LEU N 566 -32.00 -19.08 -115.12
N MET N 567 -31.20 -19.89 -114.44
CA MET N 567 -31.01 -21.29 -114.83
C MET N 567 -32.28 -22.14 -114.69
N ALA N 568 -33.06 -21.89 -113.64
CA ALA N 568 -34.28 -22.63 -113.40
C ALA N 568 -35.51 -21.78 -113.68
N GLU N 569 -36.16 -22.04 -114.82
CA GLU N 569 -37.32 -21.27 -115.28
C GLU N 569 -38.53 -21.43 -114.36
N ASP N 570 -38.57 -22.53 -113.62
CA ASP N 570 -39.74 -22.92 -112.84
C ASP N 570 -39.95 -22.12 -111.56
N GLU N 571 -38.97 -21.30 -111.19
CA GLU N 571 -38.99 -20.68 -109.87
C GLU N 571 -39.28 -19.17 -109.89
N ALA N 572 -39.95 -18.70 -108.85
CA ALA N 572 -40.27 -17.29 -108.70
C ALA N 572 -39.04 -16.47 -108.34
N ILE N 573 -37.97 -17.16 -107.94
CA ILE N 573 -36.72 -16.48 -107.61
C ILE N 573 -36.17 -15.83 -108.88
N PHE N 574 -36.52 -16.40 -110.02
CA PHE N 574 -36.19 -15.79 -111.31
C PHE N 574 -37.18 -14.67 -111.63
N GLU N 575 -38.46 -14.92 -111.36
CA GLU N 575 -39.51 -13.94 -111.62
C GLU N 575 -39.24 -12.65 -110.86
N GLU N 576 -38.74 -12.78 -109.64
CA GLU N 576 -38.41 -11.61 -108.84
C GLU N 576 -37.04 -11.07 -109.21
N ALA N 577 -36.15 -11.97 -109.64
CA ALA N 577 -34.85 -11.57 -110.16
C ALA N 577 -35.05 -10.55 -111.27
N HIS N 578 -36.01 -10.84 -112.14
CA HIS N 578 -36.32 -9.98 -113.27
C HIS N 578 -36.90 -8.64 -112.83
N LYS N 579 -37.54 -8.62 -111.66
CA LYS N 579 -38.12 -7.39 -111.14
C LYS N 579 -37.08 -6.48 -110.51
N GLN N 580 -36.08 -7.08 -109.87
CA GLN N 580 -35.08 -6.30 -109.13
C GLN N 580 -33.93 -5.80 -110.02
N VAL N 581 -33.80 -6.37 -111.21
CA VAL N 581 -32.92 -5.78 -112.22
C VAL N 581 -33.66 -4.64 -112.88
N GLN N 582 -34.96 -4.84 -113.08
CA GLN N 582 -35.85 -3.82 -113.62
C GLN N 582 -35.75 -2.53 -112.82
N ARG N 583 -35.63 -2.66 -111.51
CA ARG N 583 -35.33 -1.53 -110.65
C ARG N 583 -34.00 -1.74 -109.94
N UNK N 584 -18.53 -25.57 -106.24
CA UNK N 584 -18.19 -26.71 -105.41
C UNK N 584 -19.29 -26.91 -104.38
N UNK N 585 -19.58 -28.17 -104.09
CA UNK N 585 -20.62 -28.50 -103.14
C UNK N 585 -20.45 -27.76 -101.80
N UNK N 586 -19.21 -27.53 -101.39
CA UNK N 586 -18.97 -26.84 -100.13
C UNK N 586 -17.69 -26.01 -100.09
N UNK N 587 -17.74 -24.87 -99.42
CA UNK N 587 -16.59 -23.99 -99.30
C UNK N 587 -16.45 -23.47 -97.86
N UNK N 588 -15.32 -23.82 -97.23
CA UNK N 588 -15.04 -23.48 -95.86
C UNK N 588 -13.96 -22.41 -95.69
N UNK N 589 -14.21 -21.44 -94.83
CA UNK N 589 -13.26 -20.36 -94.57
C UNK N 589 -12.97 -20.25 -93.07
N UNK N 590 -12.04 -21.06 -92.53
CA UNK N 590 -11.67 -21.08 -91.12
C UNK N 590 -10.28 -20.57 -90.75
N UNK N 591 -9.51 -20.12 -91.73
CA UNK N 591 -8.17 -19.63 -91.45
C UNK N 591 -8.09 -18.14 -91.75
N UNK N 592 -7.09 -17.48 -91.19
CA UNK N 592 -6.94 -16.06 -91.43
C UNK N 592 -5.74 -15.85 -92.31
N UNK N 593 -3.93 -17.64 -94.81
CA UNK N 593 -3.96 -18.74 -95.76
C UNK N 593 -4.16 -20.09 -95.09
N UNK N 594 -4.91 -20.98 -95.74
CA UNK N 594 -5.16 -22.31 -95.24
C UNK N 594 -4.16 -23.20 -95.94
N UNK N 595 -3.36 -23.93 -95.20
CA UNK N 595 -2.38 -24.77 -95.87
C UNK N 595 -2.85 -26.20 -96.14
N UNK N 596 -3.56 -26.77 -95.18
CA UNK N 596 -4.04 -28.14 -95.32
C UNK N 596 -5.37 -28.27 -94.60
N UNK N 597 -6.16 -29.26 -95.01
CA UNK N 597 -7.46 -29.53 -94.42
C UNK N 597 -7.78 -30.98 -94.74
N UNK N 598 -8.61 -31.62 -93.91
CA UNK N 598 -8.96 -33.02 -94.16
C UNK N 598 -10.22 -33.47 -93.42
N UNK N 599 -10.78 -34.60 -93.85
CA UNK N 599 -12.00 -35.16 -93.27
C UNK N 599 -11.73 -36.07 -92.09
N UNK N 600 -12.72 -36.21 -91.22
CA UNK N 600 -12.59 -37.10 -90.08
C UNK N 600 -12.78 -38.48 -90.70
N UNK N 601 -12.40 -39.54 -89.99
CA UNK N 601 -12.54 -40.87 -90.56
C UNK N 601 -13.95 -41.22 -90.98
N UNK N 602 -14.96 -40.65 -90.33
CA UNK N 602 -16.34 -40.92 -90.72
C UNK N 602 -16.85 -39.84 -91.68
N UNK N 603 -15.97 -38.92 -92.05
CA UNK N 603 -16.35 -37.85 -92.96
C UNK N 603 -17.29 -36.79 -92.40
N UNK N 604 -17.72 -36.96 -91.16
CA UNK N 604 -18.61 -36.00 -90.51
C UNK N 604 -18.01 -34.65 -90.17
N UNK N 605 -16.69 -34.62 -89.93
CA UNK N 605 -16.01 -33.41 -89.56
C UNK N 605 -14.83 -33.09 -90.48
N UNK N 606 -14.31 -31.87 -90.37
CA UNK N 606 -13.17 -31.42 -91.15
C UNK N 606 -12.26 -30.58 -90.26
N UNK N 607 -10.95 -30.85 -90.34
CA UNK N 607 -10.00 -30.07 -89.56
C UNK N 607 -9.12 -29.39 -90.60
N UNK N 608 -8.73 -28.15 -90.33
CA UNK N 608 -7.93 -27.37 -91.25
C UNK N 608 -6.92 -26.56 -90.47
N UNK N 609 -5.70 -26.49 -90.96
CA UNK N 609 -4.65 -25.76 -90.28
C UNK N 609 -3.95 -24.86 -91.28
N UNK N 610 -3.73 -23.60 -90.91
CA UNK N 610 -3.08 -22.71 -91.85
C UNK N 610 -2.05 -21.79 -91.23
N UNK N 611 -1.77 -20.71 -91.93
CA UNK N 611 -0.71 -19.80 -91.53
C UNK N 611 -1.16 -18.91 -90.38
N UNK N 612 -2.42 -19.04 -89.99
CA UNK N 612 -2.89 -18.22 -88.89
C UNK N 612 -2.51 -18.85 -87.54
N UNK N 613 -1.73 -19.93 -87.59
CA UNK N 613 -1.23 -20.66 -86.41
C UNK N 613 -2.24 -21.51 -85.62
N UNK N 614 -3.51 -21.51 -86.02
CA UNK N 614 -4.54 -22.28 -85.30
C UNK N 614 -4.98 -23.61 -85.89
N UNK N 615 -5.66 -24.42 -85.07
CA UNK N 615 -6.20 -25.71 -85.51
C UNK N 615 -7.69 -25.45 -85.50
N UNK N 616 -8.37 -25.77 -86.59
CA UNK N 616 -9.80 -25.54 -86.67
C UNK N 616 -10.55 -26.78 -87.02
N UNK N 617 -11.76 -26.91 -86.50
CA UNK N 617 -12.57 -28.06 -86.79
C UNK N 617 -14.02 -27.63 -86.90
N UNK N 618 -14.73 -28.23 -87.85
CA UNK N 618 -16.14 -27.91 -88.11
C UNK N 618 -16.85 -29.12 -88.73
N UNK N 619 -18.18 -29.10 -88.66
CA UNK N 619 -18.97 -30.18 -89.22
C UNK N 619 -18.80 -30.17 -90.74
N UNK N 620 -18.73 -31.35 -91.35
CA UNK N 620 -18.55 -31.42 -92.80
C UNK N 620 -19.82 -30.90 -93.48
N UNK N 621 -20.96 -31.21 -92.87
CA UNK N 621 -22.27 -30.79 -93.38
C UNK N 621 -22.52 -29.30 -93.49
N UNK N 622 -22.23 -28.55 -92.43
CA UNK N 622 -22.50 -27.11 -92.40
C UNK N 622 -21.40 -26.09 -92.10
N UNK N 623 -20.19 -26.54 -91.81
CA UNK N 623 -19.12 -25.60 -91.50
C UNK N 623 -19.24 -25.03 -90.09
N UNK N 624 -20.30 -25.46 -89.43
CA UNK N 624 -20.62 -25.06 -88.07
C UNK N 624 -19.36 -25.29 -87.23
N UNK N 625 -18.72 -24.21 -86.79
CA UNK N 625 -17.49 -24.35 -86.02
C UNK N 625 -17.61 -25.28 -84.82
N UNK N 626 -16.62 -26.16 -84.66
CA UNK N 626 -16.56 -27.12 -83.55
C UNK N 626 -15.38 -26.83 -82.63
N UNK N 627 -14.21 -26.56 -83.20
CA UNK N 627 -13.03 -26.23 -82.39
C UNK N 627 -12.24 -25.05 -82.97
N UNK N 628 -11.73 -24.18 -82.09
CA UNK N 628 -10.94 -23.02 -82.50
C UNK N 628 -9.71 -22.95 -81.56
N UNK N 629 -8.75 -23.84 -81.79
CA UNK N 629 -7.54 -23.95 -80.98
C UNK N 629 -6.36 -23.13 -81.50
N UNK N 630 -5.49 -22.68 -80.60
CA UNK N 630 -4.31 -21.92 -81.00
C UNK N 630 -3.17 -22.94 -80.95
N UNK N 631 -3.14 -23.87 -81.92
CA UNK N 631 -2.16 -24.96 -81.96
C UNK N 631 -0.65 -24.71 -81.86
N UNK N 632 -0.11 -23.74 -82.58
CA UNK N 632 1.33 -23.52 -82.50
C UNK N 632 1.75 -22.08 -82.45
N UNK N 633 3.08 -21.90 -82.41
CA UNK N 633 3.70 -20.59 -82.35
C UNK N 633 4.36 -20.30 -83.70
N UNK N 634 4.43 -21.36 -85.06
CA UNK N 634 4.94 -21.17 -86.40
C UNK N 634 4.11 -22.01 -87.38
N UNK N 635 4.07 -21.58 -88.64
CA UNK N 635 3.25 -22.20 -89.66
C UNK N 635 3.29 -23.72 -89.68
N UNK N 636 2.17 -24.33 -90.03
CA UNK N 636 2.05 -25.79 -90.08
C UNK N 636 2.19 -26.27 -91.51
N UNK N 637 2.52 -27.55 -91.66
CA UNK N 637 2.72 -28.14 -93.00
C UNK N 637 1.93 -29.40 -93.39
N UNK N 638 1.40 -30.10 -92.41
CA UNK N 638 0.67 -31.31 -92.70
C UNK N 638 -0.09 -31.77 -91.46
N UNK N 639 -1.12 -32.58 -91.68
CA UNK N 639 -1.95 -33.10 -90.61
C UNK N 639 -2.68 -34.38 -91.07
N UNK N 640 -2.96 -35.30 -90.15
CA UNK N 640 -3.62 -36.54 -90.51
C UNK N 640 -4.36 -37.15 -89.35
N UNK N 641 -5.22 -38.11 -89.65
CA UNK N 641 -6.01 -38.82 -88.65
C UNK N 641 -5.37 -40.18 -88.46
N UNK N 642 -5.63 -40.82 -87.32
CA UNK N 642 -5.08 -42.15 -87.05
C UNK N 642 -6.01 -43.16 -87.72
N UNK N 643 -5.70 -44.44 -87.59
CA UNK N 643 -6.50 -45.50 -88.20
C UNK N 643 -7.95 -45.55 -87.71
N UNK N 644 -8.20 -45.13 -86.47
CA UNK N 644 -9.57 -45.15 -85.95
C UNK N 644 -10.07 -43.74 -85.66
N UNK N 645 -9.52 -42.76 -86.35
CA UNK N 645 -9.91 -41.36 -86.19
C UNK N 645 -9.87 -40.94 -84.73
N UNK N 646 -9.22 -41.73 -83.89
CA UNK N 646 -9.14 -41.39 -82.48
C UNK N 646 -8.20 -40.19 -82.27
N UNK N 647 -7.24 -40.07 -83.19
CA UNK N 647 -6.26 -39.00 -83.09
C UNK N 647 -6.05 -38.27 -84.39
N UNK N 648 -5.35 -37.14 -84.28
CA UNK N 648 -4.99 -36.30 -85.40
C UNK N 648 -3.60 -35.80 -85.08
N UNK N 649 -2.65 -35.97 -85.98
CA UNK N 649 -1.33 -35.47 -85.70
C UNK N 649 -1.18 -34.22 -86.55
N UNK N 650 -0.15 -33.44 -86.26
CA UNK N 650 0.14 -32.23 -87.03
C UNK N 650 1.63 -32.03 -86.88
N UNK N 651 2.30 -31.74 -87.97
CA UNK N 651 3.72 -31.50 -87.91
C UNK N 651 3.91 -30.10 -88.51
N UNK N 652 4.85 -29.33 -87.96
CA UNK N 652 5.03 -27.96 -88.45
C UNK N 652 6.45 -27.49 -88.60
N UNK N 653 6.60 -26.22 -88.96
CA UNK N 653 7.90 -25.60 -89.16
C UNK N 653 8.67 -25.39 -87.86
N UNK N 654 8.00 -25.58 -86.73
CA UNK N 654 8.68 -25.42 -85.45
C UNK N 654 9.43 -26.71 -85.17
N UNK N 655 9.44 -27.58 -86.16
CA UNK N 655 10.14 -28.87 -86.08
C UNK N 655 9.48 -29.87 -85.16
N UNK N 656 8.29 -29.55 -84.66
CA UNK N 656 7.57 -30.45 -83.76
C UNK N 656 6.45 -31.22 -84.46
N UNK N 657 6.05 -32.32 -83.83
CA UNK N 657 4.96 -33.18 -84.29
C UNK N 657 4.02 -33.25 -83.09
N UNK N 658 2.71 -33.25 -83.32
CA UNK N 658 1.81 -33.28 -82.19
C UNK N 658 0.63 -34.22 -82.36
N UNK N 659 0.16 -34.78 -81.25
CA UNK N 659 -0.96 -35.69 -81.31
C UNK N 659 -2.11 -35.07 -80.56
N UNK N 660 -3.31 -35.13 -81.12
CA UNK N 660 -4.48 -34.54 -80.49
C UNK N 660 -5.64 -35.52 -80.40
N UNK N 661 -6.47 -35.37 -79.38
CA UNK N 661 -7.64 -36.20 -79.21
C UNK N 661 -8.57 -35.55 -80.22
N UNK N 662 -8.89 -36.26 -81.29
CA UNK N 662 -9.75 -35.68 -82.31
C UNK N 662 -11.11 -35.25 -81.80
N UNK N 663 -11.46 -35.70 -80.61
CA UNK N 663 -12.77 -35.36 -80.04
C UNK N 663 -12.76 -34.06 -79.24
N UNK N 664 -9.76 -32.21 -78.75
CA UNK N 664 -8.73 -31.32 -79.20
C UNK N 664 -7.65 -31.07 -78.19
N UNK N 665 -7.63 -31.83 -77.10
CA UNK N 665 -6.60 -31.64 -76.10
C UNK N 665 -5.28 -32.26 -76.55
N UNK N 666 -4.19 -31.51 -76.39
CA UNK N 666 -2.86 -31.98 -76.78
C UNK N 666 -2.62 -33.29 -76.06
N UNK N 667 -2.28 -34.33 -76.80
CA UNK N 667 -2.04 -35.65 -76.23
C UNK N 667 -0.55 -36.00 -76.33
N UNK N 668 3.62 -34.12 -77.36
CA UNK N 668 4.36 -33.63 -78.51
C UNK N 668 5.72 -34.32 -78.66
N UNK N 669 6.18 -34.46 -79.89
CA UNK N 669 7.45 -35.10 -80.19
C UNK N 669 8.37 -34.13 -80.89
N UNK N 670 9.37 -33.61 -80.19
CA UNK N 670 10.33 -32.71 -80.81
C UNK N 670 11.64 -33.46 -80.96
N UNK N 671 12.03 -33.77 -82.19
CA UNK N 671 13.28 -34.48 -82.44
C UNK N 671 13.82 -34.17 -83.80
N UNK N 672 11.07 -34.03 -87.69
CA UNK N 672 10.48 -35.26 -88.19
C UNK N 672 9.43 -34.92 -89.25
N UNK N 673 9.68 -35.42 -90.46
CA UNK N 673 8.84 -35.18 -91.65
C UNK N 673 7.70 -36.18 -91.87
N UNK N 674 8.01 -37.46 -91.79
CA UNK N 674 7.01 -38.50 -91.97
C UNK N 674 6.37 -38.92 -90.65
N UNK N 675 5.07 -39.24 -90.70
CA UNK N 675 4.36 -39.80 -89.57
C UNK N 675 3.03 -40.40 -90.03
N UNK N 676 2.96 -41.72 -89.94
CA UNK N 676 1.82 -42.52 -90.38
C UNK N 676 1.46 -43.62 -89.37
N UNK N 677 0.16 -43.90 -89.21
CA UNK N 677 -0.30 -44.93 -88.27
C UNK N 677 -0.47 -46.28 -88.96
N UNK N 678 -0.73 -47.31 -88.17
CA UNK N 678 -0.95 -48.65 -88.73
C UNK N 678 -2.39 -48.69 -89.24
N UNK N 679 -2.63 -49.41 -90.33
CA UNK N 679 -3.97 -49.49 -90.93
C UNK N 679 -4.95 -50.41 -90.22
N UNK N 680 -4.48 -51.60 -89.87
CA UNK N 680 -5.34 -52.57 -89.19
C UNK N 680 -5.82 -52.09 -87.83
N UNK N 681 -7.13 -52.11 -87.68
CA UNK N 681 -7.84 -51.70 -86.47
C UNK N 681 -7.42 -52.54 -85.26
N UNK N 682 -6.49 -53.45 -85.46
CA UNK N 682 -6.03 -54.30 -84.40
C UNK N 682 -4.94 -53.61 -83.58
N UNK N 683 -3.72 -53.59 -84.10
CA UNK N 683 -2.58 -52.95 -83.43
C UNK N 683 -2.60 -51.44 -83.64
N UNK N 684 -1.88 -50.71 -82.78
CA UNK N 684 -1.86 -49.25 -82.83
C UNK N 684 -0.46 -48.66 -82.79
N UNK N 685 0.27 -48.70 -83.90
CA UNK N 685 1.62 -48.15 -83.93
C UNK N 685 1.73 -46.89 -84.75
N UNK N 686 2.80 -46.15 -84.51
CA UNK N 686 3.03 -44.91 -85.23
C UNK N 686 4.46 -44.95 -85.74
N UNK N 687 4.63 -44.60 -87.01
CA UNK N 687 5.95 -44.61 -87.62
C UNK N 687 6.32 -43.19 -87.99
N UNK N 688 7.56 -42.82 -87.71
CA UNK N 688 8.02 -41.47 -88.01
C UNK N 688 9.40 -41.49 -88.67
N UNK N 689 9.56 -40.61 -89.65
CA UNK N 689 10.82 -40.49 -90.36
C UNK N 689 11.33 -39.09 -90.04
N UNK N 690 12.64 -38.93 -89.87
CA UNK N 690 13.17 -37.61 -89.54
C UNK N 690 14.44 -37.24 -90.28
N UNK N 691 14.80 -35.96 -90.25
CA UNK N 691 16.01 -35.47 -90.88
C UNK N 691 17.23 -36.04 -90.17
N UNK N 692 17.01 -36.68 -89.02
CA UNK N 692 18.11 -37.26 -88.27
C UNK N 692 18.51 -38.63 -88.80
N UNK N 693 17.92 -39.00 -89.95
CA UNK N 693 18.20 -40.27 -90.62
C UNK N 693 17.52 -41.49 -90.03
N UNK N 694 16.79 -41.34 -88.94
CA UNK N 694 16.13 -42.49 -88.35
C UNK N 694 14.66 -42.54 -88.63
N UNK N 695 14.10 -43.70 -88.30
CA UNK N 695 12.69 -44.00 -88.41
C UNK N 695 12.35 -44.51 -87.02
N UNK N 696 11.13 -44.27 -86.55
CA UNK N 696 10.80 -44.76 -85.23
C UNK N 696 9.41 -45.36 -85.16
N UNK N 697 9.28 -46.44 -84.40
CA UNK N 697 8.01 -47.07 -84.20
C UNK N 697 7.65 -46.74 -82.78
N UNK N 698 6.44 -46.23 -82.56
CA UNK N 698 5.99 -45.88 -81.23
C UNK N 698 4.79 -46.74 -80.94
N UNK N 699 4.69 -47.20 -79.69
CA UNK N 699 3.56 -48.02 -79.28
C UNK N 699 2.79 -47.06 -78.39
N UNK N 700 1.78 -46.40 -78.96
CA UNK N 700 0.96 -45.43 -78.24
C UNK N 700 0.51 -45.90 -76.86
N UNK N 701 0.54 -47.22 -76.66
CA UNK N 701 0.15 -47.81 -75.39
C UNK N 701 1.39 -47.90 -74.49
N UNK N 702 2.35 -47.01 -74.71
CA UNK N 702 3.58 -47.05 -73.91
C UNK N 702 4.30 -45.71 -73.93
N UNK N 703 4.61 -45.19 -72.75
CA UNK N 703 5.28 -43.91 -72.63
C UNK N 703 6.62 -43.89 -73.38
N UNK N 704 6.99 -45.02 -73.97
CA UNK N 704 8.29 -45.10 -74.66
C UNK N 704 8.30 -45.46 -76.15
N UNK N 705 9.45 -45.21 -76.75
CA UNK N 705 9.70 -45.51 -78.15
C UNK N 705 9.74 -47.03 -78.18
N UNK N 706 9.43 -47.65 -79.31
CA UNK N 706 9.44 -49.10 -79.38
C UNK N 706 10.60 -49.62 -80.20
N UNK N 707 11.01 -48.83 -81.17
CA UNK N 707 12.10 -49.23 -82.03
C UNK N 707 12.67 -48.00 -82.74
N UNK N 708 13.92 -48.11 -83.16
CA UNK N 708 14.56 -47.02 -83.86
C UNK N 708 15.29 -47.65 -85.02
N UNK N 709 14.68 -47.59 -86.21
CA UNK N 709 15.30 -48.18 -87.37
C UNK N 709 16.50 -47.41 -87.88
N UNK N 710 17.70 -47.94 -87.67
CA UNK N 710 18.88 -47.27 -88.18
C UNK N 710 19.12 -47.82 -89.59
N UNK N 711 16.29 -34.41 -97.36
CA UNK N 711 15.39 -35.56 -97.51
C UNK N 711 13.99 -35.03 -97.19
N UNK N 712 13.12 -35.01 -98.19
CA UNK N 712 11.80 -34.46 -98.00
C UNK N 712 10.70 -35.43 -97.66
N UNK N 713 10.92 -36.71 -97.86
CA UNK N 713 9.85 -37.64 -97.60
C UNK N 713 10.40 -39.06 -97.54
N UNK N 714 9.68 -39.95 -96.88
CA UNK N 714 10.09 -41.35 -96.71
C UNK N 714 8.93 -42.19 -96.20
N UNK N 715 8.78 -43.38 -96.76
CA UNK N 715 7.70 -44.29 -96.37
C UNK N 715 8.21 -45.71 -96.31
N UNK N 716 7.77 -46.45 -95.31
CA UNK N 716 8.19 -47.83 -95.23
C UNK N 716 7.37 -48.56 -96.28
N UNK N 717 7.88 -49.68 -96.76
CA UNK N 717 7.12 -50.44 -97.74
C UNK N 717 6.05 -51.21 -96.96
N UNK N 718 4.98 -51.63 -97.62
CA UNK N 718 3.95 -52.37 -96.91
C UNK N 718 4.63 -53.55 -96.22
N UNK N 719 10.16 -54.47 -95.24
CA UNK N 719 11.56 -54.72 -95.55
C UNK N 719 12.30 -53.59 -96.24
N UNK N 720 11.58 -52.67 -96.88
CA UNK N 720 12.24 -51.57 -97.56
C UNK N 720 11.81 -50.22 -97.06
N UNK N 721 12.66 -49.22 -97.26
CA UNK N 721 12.35 -47.86 -96.84
C UNK N 721 12.59 -46.96 -98.03
N UNK N 722 11.51 -46.45 -98.61
CA UNK N 722 11.65 -45.59 -99.76
C UNK N 722 11.98 -44.19 -99.25
N UNK N 723 12.80 -43.48 -100.00
CA UNK N 723 13.19 -42.14 -99.60
C UNK N 723 13.22 -41.19 -100.78
N UNK N 724 12.69 -40.00 -100.54
CA UNK N 724 12.54 -38.98 -101.55
C UNK N 724 13.28 -37.71 -101.14
N UNK N 725 14.06 -37.14 -102.06
CA UNK N 725 14.85 -35.94 -101.75
C UNK N 725 14.90 -34.86 -102.82
N UNK N 726 15.68 -33.84 -102.53
CA UNK N 726 15.87 -32.71 -103.41
C UNK N 726 17.02 -33.00 -104.37
N UNK N 727 17.82 -34.00 -104.05
CA UNK N 727 18.94 -34.35 -104.90
C UNK N 727 18.48 -35.01 -106.19
N UNK N 728 17.18 -35.04 -106.44
CA UNK N 728 16.66 -35.61 -107.66
C UNK N 728 16.58 -37.13 -107.71
N UNK N 729 16.60 -37.78 -106.55
CA UNK N 729 16.54 -39.24 -106.53
C UNK N 729 15.37 -39.80 -105.71
N UNK N 730 15.09 -41.07 -105.95
CA UNK N 730 14.11 -41.83 -105.20
C UNK N 730 15.09 -42.88 -104.71
N UNK N 731 14.92 -43.41 -103.51
CA UNK N 731 15.90 -44.37 -103.05
C UNK N 731 15.31 -45.44 -102.19
N UNK N 732 15.79 -46.66 -102.34
CA UNK N 732 15.29 -47.75 -101.53
C UNK N 732 16.35 -48.30 -100.59
N UNK N 733 16.24 -47.92 -99.33
CA UNK N 733 17.17 -48.42 -98.35
C UNK N 733 16.63 -49.75 -97.84
N UNK N 734 17.49 -50.57 -97.26
CA UNK N 734 17.10 -51.88 -96.73
C UNK N 734 16.98 -51.77 -95.21
N UNK N 735 15.74 -51.78 -94.73
CA UNK N 735 15.51 -51.64 -93.31
C UNK N 735 16.39 -52.48 -92.39
N UNK N 736 16.35 -53.79 -92.56
CA UNK N 736 17.12 -54.68 -91.71
C UNK N 736 18.59 -54.31 -91.57
N UNK N 737 19.14 -53.61 -92.56
CA UNK N 737 20.55 -53.25 -92.50
C UNK N 737 20.89 -51.79 -92.77
N UNK N 738 19.88 -50.97 -93.00
CA UNK N 738 20.08 -49.55 -93.28
C UNK N 738 21.08 -49.29 -94.41
N UNK N 739 21.08 -50.15 -95.43
CA UNK N 739 21.98 -50.03 -96.58
C UNK N 739 21.26 -49.50 -97.80
N UNK N 740 21.95 -48.75 -98.65
CA UNK N 740 21.30 -48.23 -99.86
C UNK N 740 21.25 -49.37 -100.88
N UNK N 741 20.05 -49.76 -101.29
CA UNK N 741 19.89 -50.83 -102.28
C UNK N 741 19.81 -50.28 -103.69
N UNK N 742 19.02 -49.23 -103.90
CA UNK N 742 18.92 -48.63 -105.23
C UNK N 742 18.75 -47.12 -105.13
N UNK N 743 18.88 -46.47 -106.27
CA UNK N 743 18.72 -45.04 -106.37
C UNK N 743 18.17 -44.78 -107.75
N UNK N 744 17.11 -43.97 -107.84
CA UNK N 744 16.50 -43.67 -109.13
C UNK N 744 16.53 -42.20 -109.45
N UNK N 745 17.40 -41.80 -110.36
CA UNK N 745 17.50 -40.41 -110.75
C UNK N 745 16.28 -39.96 -111.55
N UNK N 746 15.74 -38.80 -111.20
CA UNK N 746 14.61 -38.29 -111.95
C UNK N 746 15.15 -37.28 -112.97
N UNK N 747 15.15 -37.73 -114.23
CA UNK N 747 15.67 -37.02 -115.40
C UNK N 747 14.58 -36.76 -116.44
N UNK N 748 13.37 -36.44 -116.01
CA UNK N 748 12.29 -36.21 -116.95
C UNK N 748 12.10 -34.74 -117.19
N UNK N 749 13.14 -33.98 -116.94
CA UNK N 749 13.08 -32.53 -117.10
C UNK N 749 14.28 -31.98 -117.89
N UNK N 750 13.98 -31.09 -118.83
CA UNK N 750 14.98 -30.52 -119.71
C UNK N 750 14.95 -28.98 -119.70
N UNK N 751 7.81 -34.53 -102.55
CA UNK N 751 6.52 -35.11 -102.13
C UNK N 751 6.60 -36.63 -102.33
N UNK N 752 6.04 -37.41 -101.43
CA UNK N 752 6.06 -38.86 -101.62
C UNK N 752 5.17 -39.59 -100.67
N UNK N 753 3.93 -39.82 -101.13
CA UNK N 753 2.92 -40.49 -100.34
C UNK N 753 2.63 -41.94 -100.69
N UNK N 754 2.07 -42.64 -99.72
CA UNK N 754 1.72 -44.06 -99.82
C UNK N 754 0.35 -44.31 -100.42
N UNK N 755 0.13 -45.54 -100.85
CA UNK N 755 -1.17 -45.91 -101.41
C UNK N 755 -2.06 -46.23 -100.21
N UNK N 756 -3.33 -46.48 -100.48
CA UNK N 756 -4.30 -46.77 -99.44
C UNK N 756 -3.96 -48.04 -98.66
N UNK N 757 -3.54 -49.06 -99.39
CA UNK N 757 -3.20 -50.33 -98.79
C UNK N 757 -1.76 -50.34 -98.28
N UNK N 758 -1.04 -49.25 -98.49
CA UNK N 758 0.34 -49.19 -98.04
C UNK N 758 1.25 -50.14 -98.78
N UNK N 759 0.79 -50.61 -99.93
CA UNK N 759 1.57 -51.53 -100.74
C UNK N 759 2.18 -50.87 -101.96
N UNK N 760 2.00 -49.57 -102.09
CA UNK N 760 2.57 -48.85 -103.22
C UNK N 760 2.90 -47.43 -102.77
N UNK N 761 3.85 -46.79 -103.47
CA UNK N 761 4.26 -45.46 -103.11
C UNK N 761 4.50 -44.64 -104.37
N UNK N 762 4.03 -43.40 -104.41
CA UNK N 762 4.31 -42.61 -105.60
C UNK N 762 5.32 -41.57 -105.18
N UNK N 763 6.19 -41.17 -106.11
CA UNK N 763 7.19 -40.14 -105.84
C UNK N 763 7.34 -39.23 -107.03
N UNK N 764 7.92 -38.05 -106.80
CA UNK N 764 8.09 -37.06 -107.86
C UNK N 764 9.52 -36.54 -107.96
N UNK N 765 9.94 -36.26 -109.19
CA UNK N 765 11.27 -35.74 -109.47
C UNK N 765 11.33 -35.12 -110.88
N UNK N 766 12.06 -34.01 -111.00
CA UNK N 766 12.22 -33.29 -112.26
C UNK N 766 10.88 -33.20 -112.99
N UNK N 767 10.74 -34.03 -114.03
CA UNK N 767 9.51 -34.06 -114.82
C UNK N 767 8.57 -35.21 -114.63
N UNK N 768 8.84 -36.12 -113.71
CA UNK N 768 7.93 -37.24 -113.59
C UNK N 768 7.47 -37.65 -112.20
N UNK N 769 6.36 -38.36 -112.19
CA UNK N 769 5.78 -38.93 -111.00
C UNK N 769 6.01 -40.40 -111.28
N UNK N 770 6.42 -41.16 -110.27
CA UNK N 770 6.71 -42.58 -110.45
C UNK N 770 6.01 -43.42 -109.40
N UNK N 771 5.43 -44.53 -109.83
CA UNK N 771 4.75 -45.41 -108.90
C UNK N 771 5.56 -46.66 -108.64
N UNK N 772 5.95 -46.85 -107.39
CA UNK N 772 6.74 -47.99 -106.98
C UNK N 772 6.00 -49.01 -106.16
N UNK N 773 6.46 -50.25 -106.27
CA UNK N 773 5.89 -51.35 -105.52
C UNK N 773 6.74 -51.43 -104.26
N UNK N 774 6.16 -51.07 -103.12
CA UNK N 774 6.88 -51.07 -101.83
C UNK N 774 7.68 -52.35 -101.56
N UNK N 775 8.58 -55.51 -104.07
CA UNK N 775 9.52 -55.75 -105.15
C UNK N 775 10.40 -54.55 -105.50
N UNK N 776 9.95 -53.34 -105.16
CA UNK N 776 10.69 -52.12 -105.46
C UNK N 776 10.65 -51.87 -106.97
N UNK N 777 9.62 -52.39 -107.60
CA UNK N 777 9.47 -52.22 -109.03
C UNK N 777 8.76 -50.94 -109.39
N UNK N 778 9.08 -50.44 -110.57
CA UNK N 778 8.46 -49.22 -111.06
C UNK N 778 7.19 -49.62 -111.78
N UNK N 779 6.05 -49.42 -111.13
CA UNK N 779 4.77 -49.78 -111.73
C UNK N 779 4.20 -48.74 -112.68
N UNK N 780 4.78 -47.55 -112.71
CA UNK N 780 4.26 -46.51 -113.59
C UNK N 780 5.13 -45.29 -113.69
N UNK N 781 5.06 -44.63 -114.84
CA UNK N 781 5.85 -43.45 -115.09
C UNK N 781 5.08 -42.48 -115.97
N UNK N 782 4.40 -41.52 -115.35
CA UNK N 782 3.69 -40.53 -116.14
C UNK N 782 4.61 -39.33 -116.25
N UNK N 783 2.29 -37.97 -117.28
CA UNK N 783 3.15 -36.83 -117.55
C UNK N 783 2.31 -35.58 -117.43
N UNK N 784 2.74 -34.68 -116.57
CA UNK N 784 2.00 -33.46 -116.32
C UNK N 784 2.28 -32.32 -117.29
N UNK N 785 5.75 -27.92 -116.06
CA UNK N 785 5.70 -27.01 -114.92
C UNK N 785 6.33 -27.87 -113.84
N UNK N 786 5.94 -27.67 -112.58
CA UNK N 786 6.48 -28.50 -111.49
C UNK N 786 5.42 -28.79 -110.45
N UNK N 787 5.23 -30.07 -110.15
CA UNK N 787 4.26 -30.48 -109.15
C UNK N 787 4.68 -29.89 -107.81
N UNK N 788 3.78 -29.12 -107.20
CA UNK N 788 4.08 -28.49 -105.92
C UNK N 788 3.73 -29.37 -104.71
N UNK N 789 2.77 -30.28 -104.89
CA UNK N 789 2.40 -31.20 -103.81
C UNK N 789 1.47 -32.30 -104.31
N UNK N 790 1.37 -33.39 -103.54
CA UNK N 790 0.51 -34.51 -103.91
C UNK N 790 0.14 -35.41 -102.73
N UNK N 791 -0.66 -36.44 -102.99
CA UNK N 791 -1.01 -37.38 -101.94
C UNK N 791 -1.68 -38.56 -102.58
N UNK N 792 -1.21 -39.74 -102.21
CA UNK N 792 -1.67 -40.99 -102.73
C UNK N 792 -2.80 -41.54 -101.85
N UNK N 793 -3.92 -41.86 -102.48
CA UNK N 793 -5.09 -42.39 -101.78
C UNK N 793 -4.84 -43.80 -101.26
N UNK N 794 -5.80 -44.35 -100.49
CA UNK N 794 -5.57 -45.71 -99.99
C UNK N 794 -6.39 -46.70 -100.83
N UNK N 795 -7.17 -46.17 -101.77
CA UNK N 795 -8.01 -46.98 -102.66
C UNK N 795 -7.97 -46.43 -104.08
N UNK N 796 -8.47 -47.22 -105.01
CA UNK N 796 -8.51 -46.85 -106.43
C UNK N 796 -7.21 -46.29 -106.99
N UNK N 797 -6.09 -46.55 -106.32
CA UNK N 797 -4.77 -46.05 -106.73
C UNK N 797 -4.88 -44.58 -107.11
N UNK N 798 -5.76 -43.85 -106.43
CA UNK N 798 -5.93 -42.44 -106.74
C UNK N 798 -4.81 -41.62 -106.15
N UNK N 799 -4.45 -40.57 -106.85
CA UNK N 799 -3.40 -39.69 -106.40
C UNK N 799 -3.83 -38.27 -106.73
N UNK N 800 -3.72 -37.38 -105.75
CA UNK N 800 -4.08 -35.98 -105.99
C UNK N 800 -2.83 -35.17 -105.93
N UNK N 801 -2.66 -34.29 -106.90
CA UNK N 801 -1.48 -33.46 -106.93
C UNK N 801 -1.87 -32.03 -107.26
N UNK N 802 -1.26 -31.10 -106.53
CA UNK N 802 -1.49 -29.70 -106.80
C UNK N 802 -0.48 -29.50 -107.91
N UNK N 803 -2.47 -23.09 -108.51
CA UNK N 803 -3.90 -23.37 -108.36
C UNK N 803 -4.59 -24.43 -109.23
N UNK N 804 -3.82 -25.22 -109.98
CA UNK N 804 -4.42 -26.27 -110.79
C UNK N 804 -4.40 -27.52 -109.95
N UNK N 805 -5.52 -28.21 -109.84
CA UNK N 805 -5.56 -29.41 -109.02
C UNK N 805 -6.19 -30.52 -109.81
N UNK N 806 -5.44 -31.59 -110.03
CA UNK N 806 -5.99 -32.73 -110.76
C UNK N 806 -5.67 -34.02 -110.06
N UNK N 807 -6.62 -34.92 -109.99
CA UNK N 807 -6.34 -36.21 -109.37
C UNK N 807 -6.24 -37.23 -110.49
N UNK N 808 -5.19 -38.04 -110.41
CA UNK N 808 -4.86 -39.07 -111.38
C UNK N 808 -5.09 -40.48 -110.87
N UNK N 809 -5.02 -41.41 -111.81
CA UNK N 809 -5.21 -42.81 -111.54
C UNK N 809 -3.89 -43.54 -111.85
N UNK N 810 -3.07 -43.79 -110.84
CA UNK N 810 -1.82 -44.50 -111.05
C UNK N 810 -2.31 -45.85 -111.56
N UNK N 811 -1.42 -46.67 -112.11
CA UNK N 811 -1.86 -47.97 -112.63
C UNK N 811 -2.55 -47.79 -113.99
N UNK N 812 -2.53 -44.73 -115.21
CA UNK N 812 -1.66 -43.63 -115.62
C UNK N 812 -2.38 -42.57 -116.42
N UNK N 813 -3.64 -42.32 -116.07
CA UNK N 813 -4.46 -41.33 -116.77
C UNK N 813 -5.10 -40.32 -115.81
N UNK N 814 -5.33 -39.10 -116.29
CA UNK N 814 -5.99 -38.13 -115.43
C UNK N 814 -7.45 -38.56 -115.32
N UNK N 815 -8.01 -38.40 -114.12
CA UNK N 815 -9.38 -38.79 -113.80
C UNK N 815 -10.30 -37.59 -113.63
N UNK N 816 -9.79 -36.53 -113.02
CA UNK N 816 -10.63 -35.36 -112.81
C UNK N 816 -9.85 -34.08 -112.68
N UNK N 817 -10.48 -32.99 -113.09
CA UNK N 817 -9.88 -31.68 -112.98
C UNK N 817 -10.63 -31.01 -111.86
N UNK N 818 -9.90 -30.57 -110.85
CA UNK N 818 -10.50 -29.93 -109.70
C UNK N 818 -10.21 -28.44 -109.71
N UNK N 819 -11.16 -27.67 -110.20
CA UNK N 819 -11.00 -26.23 -110.30
C UNK N 819 -11.63 -25.59 -109.07
N UNK N 820 -10.81 -24.97 -108.22
CA UNK N 820 -11.35 -24.34 -107.03
C UNK N 820 -10.62 -23.09 -106.58
N UNK N 821 -9.35 -22.96 -106.94
CA UNK N 821 -8.57 -21.80 -106.54
C UNK N 821 -8.04 -21.02 -107.74
N UNK N 822 -7.74 -19.74 -107.55
CA UNK N 822 -7.18 -18.91 -108.61
C UNK N 822 -5.89 -18.29 -108.06
N UNK N 823 -5.94 -18.25 -106.39
CA UNK N 823 -4.76 -18.09 -105.57
C UNK N 823 -4.19 -19.50 -105.40
N UNK N 824 -2.87 -19.58 -105.31
CA UNK N 824 -2.14 -20.84 -105.13
C UNK N 824 -2.77 -21.98 -104.35
N UNK N 825 -2.76 -23.18 -104.94
CA UNK N 825 -3.38 -24.33 -104.27
C UNK N 825 -2.25 -25.19 -103.70
N UNK N 826 -2.19 -25.27 -102.38
CA UNK N 826 -1.13 -26.00 -101.71
C UNK N 826 -1.37 -27.48 -101.61
N UNK N 827 -2.60 -27.87 -101.32
CA UNK N 827 -2.89 -29.27 -101.15
C UNK N 827 -4.22 -29.67 -101.74
N UNK N 828 -4.44 -30.97 -101.82
CA UNK N 828 -5.66 -31.46 -102.42
C UNK N 828 -5.75 -32.96 -102.18
N UNK N 829 -6.92 -33.47 -101.81
CA UNK N 829 -7.01 -34.91 -101.67
C UNK N 829 -8.40 -35.50 -101.63
N UNK N 830 -8.46 -36.80 -101.90
CA UNK N 830 -9.73 -37.52 -101.94
C UNK N 830 -10.22 -37.91 -100.57
N UNK N 831 -11.52 -38.09 -100.47
CA UNK N 831 -12.14 -38.53 -99.24
C UNK N 831 -11.68 -39.97 -99.20
N UNK N 832 -11.92 -40.67 -98.09
CA UNK N 832 -11.45 -42.05 -98.07
C UNK N 832 -12.10 -42.98 -99.11
N UNK N 833 -13.38 -42.78 -99.41
CA UNK N 833 -14.03 -43.65 -100.40
C UNK N 833 -13.84 -43.06 -101.79
N UNK N 834 -13.02 -42.01 -101.84
CA UNK N 834 -12.73 -41.35 -103.09
C UNK N 834 -13.96 -40.79 -103.76
N UNK N 835 -15.04 -40.64 -103.01
CA UNK N 835 -16.27 -40.13 -103.57
C UNK N 835 -16.19 -38.62 -103.74
N UNK N 836 -15.30 -37.99 -102.98
CA UNK N 836 -15.17 -36.56 -103.10
C UNK N 836 -13.73 -36.19 -102.77
N UNK N 837 -13.37 -34.93 -102.99
CA UNK N 837 -12.02 -34.46 -102.70
C UNK N 837 -12.06 -33.02 -102.20
N UNK N 838 -11.00 -32.60 -101.49
CA UNK N 838 -10.95 -31.25 -100.98
C UNK N 838 -9.80 -30.49 -101.61
N UNK N 839 -9.91 -29.17 -101.61
CA UNK N 839 -8.89 -28.30 -102.18
C UNK N 839 -8.46 -27.30 -101.11
N UNK N 840 -7.15 -27.17 -100.88
CA UNK N 840 -6.65 -26.22 -99.88
C UNK N 840 -5.76 -25.16 -100.51
N UNK N 841 -6.10 -23.89 -100.30
CA UNK N 841 -5.28 -22.86 -100.94
C UNK N 841 -4.88 -21.62 -100.16
N UNK N 842 -4.10 -20.81 -100.86
CA UNK N 842 -3.56 -19.56 -100.36
C UNK N 842 -4.65 -18.52 -100.17
N UNK N 843 -5.76 -18.68 -100.88
CA UNK N 843 -6.88 -17.76 -100.72
C UNK N 843 -7.56 -18.14 -99.41
N UNK N 844 -6.78 -18.79 -98.55
CA UNK N 844 -7.22 -19.27 -97.25
C UNK N 844 -8.58 -19.93 -97.17
N UNK N 845 -8.92 -20.69 -98.20
CA UNK N 845 -10.18 -21.40 -98.19
C UNK N 845 -9.92 -22.88 -98.39
N UNK N 846 -10.92 -23.67 -98.05
CA UNK N 846 -10.87 -25.11 -98.21
C UNK N 846 -12.19 -25.42 -98.85
N UNK N 847 -12.17 -26.07 -100.01
CA UNK N 847 -13.42 -26.40 -100.69
C UNK N 847 -13.59 -27.89 -100.93
N UNK N 848 -14.79 -28.39 -100.69
CA UNK N 848 -15.06 -29.79 -100.87
C UNK N 848 -15.81 -30.00 -102.16
N UNK N 849 -15.32 -30.95 -102.95
CA UNK N 849 -15.93 -31.28 -104.23
C UNK N 849 -16.35 -32.73 -104.25
N UNK N 850 -17.35 -33.04 -105.07
CA UNK N 850 -17.81 -34.40 -105.23
C UNK N 850 -17.35 -34.84 -106.61
N UNK N 851 -16.46 -35.81 -106.65
CA UNK N 851 -15.87 -36.35 -107.88
C UNK N 851 -16.88 -36.58 -108.98
N UNK N 852 -17.84 -37.47 -108.74
CA UNK N 852 -18.85 -37.77 -109.75
C UNK N 852 -19.28 -36.50 -110.49
N UNK N 853 -19.89 -35.56 -109.78
CA UNK N 853 -20.36 -34.31 -110.37
C UNK N 853 -19.28 -33.51 -111.09
N UNK N 854 -18.04 -33.56 -110.62
CA UNK N 854 -16.97 -32.81 -111.26
C UNK N 854 -16.50 -33.41 -112.57
N UNK N 855 -16.43 -34.74 -112.62
CA UNK N 855 -15.99 -35.44 -113.83
C UNK N 855 -17.00 -35.45 -114.97
N UNK N 856 -18.25 -35.16 -114.66
CA UNK N 856 -19.26 -35.14 -115.70
C UNK N 856 -18.84 -34.12 -116.75
N UNK N 857 -19.00 -34.50 -118.00
CA UNK N 857 -18.67 -33.64 -119.13
C UNK N 857 -19.55 -32.41 -119.09
N UNK N 858 -13.96 -30.02 -123.84
CA UNK N 858 -15.02 -29.05 -123.93
C UNK N 858 -14.53 -27.62 -124.07
N UNK N 859 -15.45 -26.78 -124.55
CA UNK N 859 -15.19 -25.37 -124.77
C UNK N 859 -15.52 -24.53 -123.54
N UNK N 860 -15.78 -25.19 -122.43
CA UNK N 860 -16.10 -24.42 -121.24
C UNK N 860 -14.88 -23.65 -120.77
N UNK N 861 -13.69 -24.27 -120.83
CA UNK N 861 -12.46 -23.60 -120.43
C UNK N 861 -11.51 -23.46 -121.60
N UNK N 862 -11.09 -22.22 -121.87
CA UNK N 862 -10.20 -21.96 -122.97
C UNK N 862 -9.00 -21.24 -122.41
N UNK N 863 -8.05 -20.95 -123.30
CA UNK N 863 -6.84 -20.22 -122.94
C UNK N 863 -7.21 -18.79 -123.26
N UNK N 864 -6.31 -17.86 -123.02
CA UNK N 864 -6.61 -16.47 -123.32
C UNK N 864 -6.23 -16.07 -124.76
N UNK N 865 -5.77 -17.05 -125.51
CA UNK N 865 -5.42 -16.82 -126.90
C UNK N 865 -6.66 -17.12 -127.73
N UNK N 866 -7.38 -16.07 -128.10
CA UNK N 866 -8.59 -16.19 -128.89
C UNK N 866 -8.73 -15.05 -129.87
N UNK N 867 -9.60 -15.24 -130.86
CA UNK N 867 -9.86 -14.21 -131.84
C UNK N 867 -11.36 -14.19 -132.11
N UNK N 868 -11.91 -12.99 -132.20
CA UNK N 868 -13.34 -12.78 -132.41
C UNK N 868 -13.72 -12.07 -133.69
N UNK N 869 -14.86 -12.47 -134.26
CA UNK N 869 -15.37 -11.86 -135.48
C UNK N 869 -16.84 -11.51 -135.30
N UNK N 870 -17.12 -10.22 -135.11
CA UNK N 870 -18.47 -9.72 -134.94
C UNK N 870 -19.19 -9.58 -136.28
N UNK N 871 -19.98 -10.57 -136.66
CA UNK N 871 -20.69 -10.52 -137.92
C UNK N 871 -22.18 -10.20 -137.82
N UNK N 872 -24.66 -12.03 -135.38
CA UNK N 872 -24.03 -12.82 -134.32
C UNK N 872 -22.52 -12.58 -134.11
N UNK N 873 -21.98 -13.21 -133.07
CA UNK N 873 -20.56 -13.10 -132.73
C UNK N 873 -19.86 -14.46 -132.86
N UNK N 874 -18.60 -14.43 -133.30
CA UNK N 874 -17.82 -15.64 -133.49
C UNK N 874 -16.48 -15.60 -132.77
N UNK N 875 -16.24 -16.62 -131.93
CA UNK N 875 -15.01 -16.70 -131.18
C UNK N 875 -14.27 -18.01 -131.47
N UNK N 876 -13.02 -17.89 -131.91
CA UNK N 876 -12.18 -19.04 -132.21
C UNK N 876 -11.20 -19.01 -131.05
N UNK N 877 -11.03 -20.13 -130.36
CA UNK N 877 -10.12 -20.10 -129.23
C UNK N 877 -9.26 -21.34 -129.05
N UNK N 878 -8.08 -21.12 -128.50
CA UNK N 878 -7.14 -22.19 -128.21
C UNK N 878 -7.65 -22.95 -127.00
N UNK N 879 -8.01 -24.22 -127.17
CA UNK N 879 -8.52 -24.99 -126.02
C UNK N 879 -7.52 -25.05 -124.88
N UNK N 880 -8.04 -25.15 -123.66
CA UNK N 880 -7.21 -25.22 -122.46
C UNK N 880 -6.35 -26.48 -122.40
N UNK N 881 -8.44 -26.22 -130.59
CA UNK N 881 -9.09 -24.93 -130.54
C UNK N 881 -10.58 -25.12 -130.82
N UNK N 882 -11.37 -24.23 -130.25
CA UNK N 882 -12.81 -24.28 -130.37
C UNK N 882 -13.38 -23.16 -131.24
N UNK N 883 -14.33 -23.51 -132.09
CA UNK N 883 -14.98 -22.53 -132.93
C UNK N 883 -16.28 -22.23 -132.19
N UNK N 884 -16.23 -21.26 -131.29
CA UNK N 884 -17.39 -20.88 -130.48
C UNK N 884 -18.23 -19.79 -131.11
N UNK N 885 -19.51 -20.09 -131.32
CA UNK N 885 -20.45 -19.14 -131.90
C UNK N 885 -21.30 -18.57 -130.77
N UNK N 886 -20.96 -17.37 -130.31
CA UNK N 886 -21.73 -16.75 -129.24
C UNK N 886 -23.16 -16.61 -129.70
N UNK N 887 -24.12 -16.59 -128.78
CA UNK N 887 -25.52 -16.50 -129.17
C UNK N 887 -25.87 -17.81 -129.88
N UNK N 888 -23.39 -24.02 -130.39
CA UNK N 888 -22.56 -24.35 -131.57
C UNK N 888 -21.05 -24.27 -131.37
N UNK N 889 -20.52 -25.24 -130.63
CA UNK N 889 -19.11 -25.34 -130.37
C UNK N 889 -18.54 -26.45 -131.24
N UNK N 890 -17.55 -26.10 -132.06
CA UNK N 890 -16.92 -27.06 -132.95
C UNK N 890 -15.45 -27.17 -132.67
N UNK N 891 -15.07 -28.39 -132.31
CA UNK N 891 -13.70 -28.74 -131.96
C UNK N 891 -12.85 -29.15 -133.14
N UNK N 892 -11.58 -28.74 -133.07
CA UNK N 892 -10.60 -29.04 -134.08
C UNK N 892 -9.36 -29.45 -133.30
N UNK N 893 -9.07 -30.74 -133.24
CA UNK N 893 -7.91 -31.26 -132.52
C UNK N 893 -6.61 -30.80 -133.15
N UNK N 894 -5.53 -30.79 -132.38
CA UNK N 894 -4.24 -30.41 -132.92
C UNK N 894 -3.13 -30.45 -131.88
N UNK N 895 -1.92 -26.01 -130.04
CA UNK N 895 -1.59 -24.77 -130.71
C UNK N 895 -1.14 -23.74 -129.68
N UNK N 896 -0.61 -22.62 -130.15
CA UNK N 896 -0.16 -21.56 -129.26
C UNK N 896 -0.84 -20.23 -129.55
N UNK N 897 -1.51 -20.13 -130.69
CA UNK N 897 -2.21 -18.91 -131.02
C UNK N 897 -3.23 -19.18 -132.10
N UNK N 898 -4.29 -18.38 -132.12
CA UNK N 898 -5.34 -18.60 -133.07
C UNK N 898 -5.43 -17.49 -134.11
N UNK N 899 -6.33 -17.67 -135.07
CA UNK N 899 -6.52 -16.71 -136.15
C UNK N 899 -7.76 -17.04 -136.99
N UNK N 900 -8.57 -16.02 -137.26
CA UNK N 900 -9.78 -16.20 -138.07
C UNK N 900 -9.73 -15.35 -139.33
N UNK N 901 -10.01 -15.98 -140.47
CA UNK N 901 -9.99 -15.26 -141.74
C UNK N 901 -11.34 -14.63 -141.94
N UNK N 902 -11.41 -13.30 -142.03
CA UNK N 902 -12.72 -12.68 -142.23
C UNK N 902 -13.45 -13.48 -143.31
N UNK N 903 -11.91 -20.23 -143.14
CA UNK N 903 -10.53 -20.64 -142.85
C UNK N 903 -10.13 -20.21 -141.45
N UNK N 904 -9.37 -21.06 -140.77
CA UNK N 904 -8.86 -20.73 -139.43
C UNK N 904 -7.39 -21.10 -139.49
N UNK N 905 -6.56 -20.32 -138.82
CA UNK N 905 -5.14 -20.63 -138.83
C UNK N 905 -4.59 -20.67 -137.41
N UNK N 906 -3.51 -21.40 -137.20
CA UNK N 906 -2.96 -21.43 -135.85
C UNK N 906 -1.47 -21.60 -135.69
N UNK N 907 -0.98 -21.05 -134.57
CA UNK N 907 0.42 -21.12 -134.24
C UNK N 907 0.71 -22.44 -133.57
N UNK N 908 1.98 -22.75 -133.43
CA UNK N 908 2.38 -24.02 -132.84
C UNK N 908 3.51 -23.81 -131.86
N UNK N 909 3.64 -24.74 -130.92
CA UNK N 909 4.68 -24.64 -129.90
C UNK N 909 6.05 -24.74 -130.55
N UNK N 910 5.31 -24.49 -136.04
CA UNK N 910 4.48 -24.84 -137.19
C UNK N 910 3.32 -23.87 -137.44
N UNK N 911 2.90 -23.78 -138.70
CA UNK N 911 1.79 -22.92 -139.09
C UNK N 911 0.82 -23.74 -139.94
N UNK N 912 -0.47 -23.63 -139.67
CA UNK N 912 -1.45 -24.40 -140.43
C UNK N 912 -2.77 -23.68 -140.66
N UNK N 913 -3.30 -23.79 -141.87
CA UNK N 913 -4.59 -23.21 -142.19
C UNK N 913 -5.51 -24.38 -142.35
N UNK N 914 -6.70 -24.29 -141.77
CA UNK N 914 -7.69 -25.35 -141.91
C UNK N 914 -8.84 -24.66 -142.59
N UNK N 915 -9.50 -25.35 -143.52
CA UNK N 915 -10.63 -24.73 -144.20
C UNK N 915 -11.93 -25.29 -143.66
N UNK N 916 -12.66 -24.43 -142.97
CA UNK N 916 -13.93 -24.77 -142.34
C UNK N 916 -15.00 -25.37 -143.25
N UNK N 917 -15.28 -24.73 -144.40
CA UNK N 917 -16.31 -25.29 -145.28
C UNK N 917 -16.18 -26.81 -145.33
N UNK N 918 -14.95 -27.28 -145.24
CA UNK N 918 -14.67 -28.70 -145.27
C UNK N 918 -14.43 -29.24 -143.85
N UNK N 919 -9.48 -30.93 -144.78
CA UNK N 919 -8.41 -30.53 -145.70
C UNK N 919 -7.79 -29.20 -145.28
N UNK N 920 -6.48 -29.22 -145.02
CA UNK N 920 -5.75 -28.04 -144.59
C UNK N 920 -4.35 -28.12 -145.16
N UNK N 921 -3.47 -27.24 -144.67
CA UNK N 921 -2.17 -26.99 -145.28
C UNK N 921 -1.12 -26.62 -144.22
N UNK N 922 0.16 -26.88 -144.52
CA UNK N 922 1.25 -26.58 -143.58
C UNK N 922 2.41 -25.81 -144.20
N UNK N 923 2.48 -24.53 -143.92
CA UNK N 923 3.54 -23.72 -144.48
C UNK N 923 4.80 -23.65 -143.64
N UNK N 924 5.82 -24.43 -144.03
CA UNK N 924 7.12 -24.52 -143.34
C UNK N 924 7.89 -23.28 -142.86
N UNK N 925 3.80 -16.75 -131.91
CA UNK N 925 3.08 -15.76 -131.12
C UNK N 925 1.90 -15.19 -131.87
N UNK N 926 1.94 -13.92 -132.25
CA UNK N 926 0.83 -13.33 -132.98
C UNK N 926 0.71 -14.02 -134.35
N UNK N 927 -0.48 -14.04 -134.95
CA UNK N 927 -0.70 -14.66 -136.29
C UNK N 927 -1.97 -14.15 -136.96
N UNK N 928 -1.87 -13.55 -138.12
CA UNK N 928 -3.05 -12.99 -138.77
C UNK N 928 -3.15 -13.18 -140.28
N UNK N 929 -4.36 -13.08 -140.81
CA UNK N 929 -4.63 -13.19 -142.24
C UNK N 929 -4.55 -11.80 -142.85
N UNK N 930 -4.39 -11.73 -144.15
CA UNK N 930 -4.31 -10.44 -144.83
C UNK N 930 -5.74 -9.97 -144.98
N UNK N 931 -5.92 -8.69 -145.33
CA UNK N 931 -7.27 -8.15 -145.54
C UNK N 931 -8.08 -9.21 -146.28
N UNK N 932 -0.62 -15.16 -144.92
CA UNK N 932 -0.65 -15.22 -143.46
C UNK N 932 0.57 -14.63 -142.78
N UNK N 933 0.44 -13.42 -142.25
CA UNK N 933 1.56 -12.84 -141.55
C UNK N 933 1.62 -13.48 -140.15
N UNK N 934 2.83 -13.79 -139.70
CA UNK N 934 2.99 -14.42 -138.40
C UNK N 934 4.32 -14.10 -137.80
N UNK N 935 4.35 -13.97 -136.48
CA UNK N 935 5.59 -13.68 -135.78
C UNK N 935 5.82 -14.71 -134.69
N UNK N 936 7.08 -14.81 -134.30
CA UNK N 936 7.48 -15.71 -133.24
C UNK N 936 8.43 -14.95 -132.33
N UNK N 937 9.17 -15.71 -131.54
CA UNK N 937 10.05 -15.14 -130.53
C UNK N 937 11.44 -14.81 -131.06
N UNK N 938 11.52 -14.44 -132.33
CA UNK N 938 12.79 -14.07 -132.96
C UNK N 938 12.53 -12.83 -133.84
N UNK N 939 13.52 -12.37 -134.60
CA UNK N 939 13.37 -11.14 -135.40
C UNK N 939 12.78 -11.20 -136.83
N UNK N 940 12.34 -12.35 -137.30
CA UNK N 940 11.78 -12.40 -138.64
C UNK N 940 10.25 -12.48 -138.58
N UNK N 941 9.57 -11.93 -139.59
CA UNK N 941 8.12 -11.98 -139.64
C UNK N 941 7.66 -12.70 -140.91
N UNK N 942 7.31 -13.97 -140.80
CA UNK N 942 6.87 -14.75 -141.95
C UNK N 942 5.62 -14.26 -142.67
N UNK N 943 5.76 -14.00 -143.97
CA UNK N 943 4.63 -13.54 -144.79
C UNK N 943 4.34 -14.63 -145.81
N UNK N 944 3.73 -15.72 -145.35
CA UNK N 944 3.40 -16.87 -146.17
C UNK N 944 2.14 -16.72 -146.98
N UNK N 945 2.33 -16.31 -148.23
CA UNK N 945 1.21 -16.14 -149.13
C UNK N 945 0.80 -17.56 -149.57
N UNK N 946 0.14 -18.27 -148.66
CA UNK N 946 -0.33 -19.63 -148.93
C UNK N 946 -1.18 -19.61 -150.20
N UNK N 947 4.32 -19.14 -151.96
CA UNK N 947 5.31 -18.07 -151.91
C UNK N 947 5.55 -17.62 -150.49
N UNK N 948 6.72 -17.03 -150.25
CA UNK N 948 7.07 -16.53 -148.94
C UNK N 948 7.79 -15.22 -149.06
N UNK N 949 7.53 -14.34 -148.11
CA UNK N 949 8.19 -13.05 -148.06
C UNK N 949 8.65 -12.97 -146.62
N UNK N 950 9.96 -12.81 -146.42
CA UNK N 950 10.51 -12.75 -145.08
C UNK N 950 10.94 -11.34 -144.74
N UNK N 951 10.72 -10.94 -143.50
CA UNK N 951 11.09 -9.61 -143.05
C UNK N 951 12.14 -9.73 -141.95
N UNK N 952 13.41 -9.74 -142.34
CA UNK N 952 14.50 -9.85 -141.37
C UNK N 952 14.71 -8.51 -140.71
N UNK N 953 13.95 -8.30 -139.64
CA UNK N 953 14.01 -7.06 -138.89
C UNK N 953 15.38 -6.89 -138.26
N UNK N 954 16.07 -8.01 -138.06
CA UNK N 954 17.40 -8.01 -137.46
C UNK N 954 17.32 -7.33 -136.10
N UNK N 955 15.52 -7.66 -132.25
CA UNK N 955 15.88 -8.67 -131.26
C UNK N 955 14.77 -9.71 -131.29
N UNK N 956 13.54 -9.22 -131.22
CA UNK N 956 12.33 -10.04 -131.26
C UNK N 956 11.18 -9.12 -131.56
N UNK N 957 10.31 -9.55 -132.47
CA UNK N 957 9.15 -8.76 -132.82
C UNK N 957 8.19 -8.86 -131.64
N UNK N 958 7.99 -7.75 -130.93
CA UNK N 958 7.09 -7.74 -129.78
C UNK N 958 5.74 -8.13 -130.34
N UNK N 959 5.32 -7.45 -131.40
CA UNK N 959 4.05 -7.74 -132.05
C UNK N 959 3.92 -6.93 -133.34
N UNK N 960 2.81 -7.09 -134.02
CA UNK N 960 2.60 -6.38 -135.27
C UNK N 960 1.14 -6.29 -135.57
N UNK N 961 0.81 -5.64 -136.67
CA UNK N 961 -0.58 -5.50 -137.08
C UNK N 961 -0.65 -5.03 -138.54
N UNK N 962 -1.61 -5.58 -139.28
CA UNK N 962 -1.79 -5.20 -140.67
C UNK N 962 -1.95 -3.70 -140.76
N UNK N 963 -1.87 -3.15 -141.97
CA UNK N 963 -2.02 -1.73 -142.14
C UNK N 963 -2.76 -1.45 -143.46
N UNK N 964 -1.39 -3.27 -148.09
CA UNK N 964 -0.31 -4.26 -148.03
C UNK N 964 0.88 -3.80 -147.18
N UNK N 965 0.73 -2.66 -146.52
CA UNK N 965 1.78 -2.15 -145.64
C UNK N 965 1.51 -2.77 -144.26
N UNK N 966 2.56 -2.99 -143.45
CA UNK N 966 2.39 -3.60 -142.14
C UNK N 966 3.28 -3.01 -141.04
N UNK N 967 2.64 -2.51 -139.99
CA UNK N 967 3.33 -1.89 -138.86
C UNK N 967 3.92 -2.93 -137.92
N UNK N 968 5.16 -2.74 -137.50
CA UNK N 968 5.83 -3.69 -136.63
C UNK N 968 6.75 -3.06 -135.59
N UNK N 969 6.72 -3.61 -134.38
CA UNK N 969 7.54 -3.13 -133.28
C UNK N 969 8.18 -4.30 -132.54
N UNK N 970 9.47 -4.16 -132.28
CA UNK N 970 10.23 -5.18 -131.56
C UNK N 970 10.53 -4.52 -130.26
N UNK N 971 11.18 -5.24 -129.36
CA UNK N 971 11.52 -4.60 -128.10
C UNK N 971 12.96 -4.13 -128.11
N UNK N 972 13.22 -3.24 -129.06
CA UNK N 972 14.49 -2.57 -129.28
C UNK N 972 14.17 -1.10 -129.54
N UNK N 973 13.00 -0.69 -129.07
CA UNK N 973 12.54 0.68 -129.23
C UNK N 973 12.18 1.02 -130.66
N UNK N 974 12.45 0.08 -131.55
CA UNK N 974 12.18 0.27 -132.95
C UNK N 974 10.77 -0.11 -133.39
N UNK N 975 10.26 0.67 -134.35
CA UNK N 975 8.95 0.48 -134.93
C UNK N 975 9.19 0.62 -136.42
N UNK N 976 8.78 -0.36 -137.21
CA UNK N 976 9.02 -0.25 -138.63
C UNK N 976 7.71 -0.31 -139.43
N UNK N 977 7.79 0.07 -140.71
CA UNK N 977 6.63 0.05 -141.61
C UNK N 977 6.91 -0.78 -142.86
N UNK N 978 6.99 -2.11 -142.71
CA UNK N 978 7.26 -3.00 -143.84
C UNK N 978 6.20 -2.97 -144.92
N UNK N 979 6.60 -3.47 -146.09
CA UNK N 979 5.72 -3.57 -147.24
C UNK N 979 5.68 -5.05 -147.54
N UNK N 980 4.48 -5.64 -147.57
CA UNK N 980 4.41 -7.06 -147.91
C UNK N 980 4.55 -7.12 -149.43
N UNK N 981 10.22 -4.86 -147.76
CA UNK N 981 11.04 -3.65 -147.79
C UNK N 981 10.67 -2.67 -146.69
N UNK N 982 11.63 -2.40 -145.82
CA UNK N 982 11.47 -1.48 -144.71
C UNK N 982 11.35 -0.04 -145.18
N UNK N 983 10.13 0.36 -145.52
CA UNK N 983 9.91 1.72 -145.95
C UNK N 983 10.34 2.68 -144.82
N UNK N 984 9.65 2.60 -143.68
CA UNK N 984 9.98 3.44 -142.54
C UNK N 984 10.63 2.67 -141.41
N UNK N 985 11.42 3.37 -140.60
CA UNK N 985 12.12 2.77 -139.48
C UNK N 985 12.40 3.83 -138.41
N UNK N 986 11.83 3.66 -137.22
CA UNK N 986 12.02 4.60 -136.11
C UNK N 986 12.67 3.92 -134.91
N UNK N 987 13.24 4.74 -134.02
CA UNK N 987 13.85 4.25 -132.79
C UNK N 987 13.21 5.15 -131.74
N UNK N 988 11.89 5.02 -131.62
CA UNK N 988 11.06 5.80 -130.71
C UNK N 988 11.14 5.53 -129.20
N UNK N 989 11.96 4.58 -128.77
CA UNK N 989 12.11 4.28 -127.35
C UNK N 989 13.44 3.58 -127.13
N UNK N 990 14.03 3.75 -125.96
CA UNK N 990 15.32 3.12 -125.67
C UNK N 990 15.12 1.78 -124.96
N UNK N 991 2.74 -1.81 -126.53
CA UNK N 991 1.68 -1.72 -127.53
C UNK N 991 1.69 -0.35 -128.19
N UNK N 992 1.17 -0.27 -129.41
CA UNK N 992 1.14 0.99 -130.13
C UNK N 992 0.12 0.83 -131.24
N UNK N 993 -0.75 1.82 -131.41
CA UNK N 993 -1.80 1.72 -132.43
C UNK N 993 -1.79 2.89 -133.39
N UNK N 994 -2.59 2.75 -134.45
CA UNK N 994 -2.69 3.79 -135.48
C UNK N 994 -3.92 4.63 -135.24
N UNK N 995 -3.97 5.79 -135.89
CA UNK N 995 -5.08 6.71 -135.76
C UNK N 995 -6.24 6.29 -136.64
N UNK N 996 -4.30 8.23 -141.00
CA UNK N 996 -3.19 7.41 -140.55
C UNK N 996 -2.10 8.40 -140.27
N UNK N 997 -2.45 9.67 -140.37
CA UNK N 997 -1.49 10.73 -140.13
C UNK N 997 -0.77 10.45 -138.82
N UNK N 998 -1.46 9.77 -137.92
CA UNK N 998 -0.90 9.47 -136.61
C UNK N 998 -0.85 7.96 -136.25
N UNK N 999 0.18 7.57 -135.51
CA UNK N 999 0.35 6.19 -135.07
C UNK N 999 1.30 6.25 -133.87
N UNK N 1000 0.75 6.13 -132.66
CA UNK N 1000 1.60 6.24 -131.49
C UNK N 1000 1.98 4.93 -130.82
N UNK N 1001 2.96 5.04 -129.93
CA UNK N 1001 3.52 3.94 -129.17
C UNK N 1001 3.29 4.05 -127.69
N UNK N 1002 3.85 3.08 -126.97
CA UNK N 1002 3.75 2.99 -125.51
C UNK N 1002 4.85 2.00 -125.18
N UNK N 1003 5.70 2.31 -124.21
CA UNK N 1003 6.78 1.37 -123.92
C UNK N 1003 7.56 1.71 -122.68
N UNK N 1004 6.92 6.25 -121.25
CA UNK N 1004 5.81 7.11 -121.60
C UNK N 1004 5.11 6.62 -122.86
N UNK N 1005 4.37 7.52 -123.50
CA UNK N 1005 3.66 7.20 -124.74
C UNK N 1005 3.96 8.23 -125.81
N UNK N 1006 5.10 8.07 -126.48
CA UNK N 1006 5.53 8.96 -127.55
C UNK N 1006 4.62 8.76 -128.77
N UNK N 1007 4.00 9.84 -129.23
CA UNK N 1007 3.10 9.79 -130.37
C UNK N 1007 3.67 10.51 -131.59
N UNK N 1008 3.57 9.90 -132.77
CA UNK N 1008 4.08 10.55 -133.98
C UNK N 1008 3.24 10.47 -135.27
N UNK N 1009 3.87 10.87 -136.39
CA UNK N 1009 3.21 10.93 -137.71
C UNK N 1009 3.75 10.09 -138.88
N UNK N 1010 6.34 13.49 -132.10
CA UNK N 1010 5.65 14.78 -132.04
C UNK N 1010 5.77 15.30 -130.60
N UNK N 1011 5.49 14.44 -129.62
CA UNK N 1011 5.62 14.85 -128.21
C UNK N 1011 5.60 13.72 -127.19
N UNK N 1012 6.59 13.71 -126.30
CA UNK N 1012 6.73 12.72 -125.25
C UNK N 1012 5.73 13.01 -124.12
N UNK N 1013 4.96 11.99 -123.73
CA UNK N 1013 3.93 12.12 -122.68
C UNK N 1013 4.33 11.39 -121.39
N UNK N 1014 5.29 11.95 -120.66
CA UNK N 1014 5.78 11.32 -119.43
C UNK N 1014 4.83 11.38 -118.24
N UNK N 1015 3.56 11.03 -118.46
CA UNK N 1015 2.59 11.06 -117.39
C UNK N 1015 2.63 9.87 -116.42
N UNK N 1016 2.40 8.67 -116.95
CA UNK N 1016 2.38 7.45 -116.15
C UNK N 1016 3.63 7.18 -115.31
N UNK N 1017 3.40 6.73 -114.07
CA UNK N 1017 4.50 6.42 -113.16
C UNK N 1017 4.77 4.93 -113.18
N UNK N 1018 4.26 2.80 -115.98
CA UNK N 1018 4.75 2.43 -117.32
C UNK N 1018 3.62 1.98 -118.24
N UNK N 1019 3.48 2.67 -119.37
CA UNK N 1019 2.41 2.36 -120.31
C UNK N 1019 2.50 0.95 -120.86
N UNK N 1020 1.34 0.39 -121.17
CA UNK N 1020 1.26 -0.97 -121.70
C UNK N 1020 0.24 -1.09 -122.81
N UNK N 1021 -0.51 -0.03 -123.06
CA UNK N 1021 -1.51 -0.06 -124.12
C UNK N 1021 -2.01 1.35 -124.42
N UNK N 1022 -2.78 1.49 -125.51
CA UNK N 1022 -3.32 2.80 -125.89
C UNK N 1022 -4.17 2.72 -127.13
N UNK N 1023 -4.97 3.77 -127.35
CA UNK N 1023 -5.82 3.83 -128.52
C UNK N 1023 -6.18 5.27 -128.86
N UNK N 1024 -6.52 5.49 -130.12
CA UNK N 1024 -6.89 6.82 -130.59
C UNK N 1024 -8.40 6.93 -130.68
N UNK N 1025 -8.94 8.09 -130.30
CA UNK N 1025 -10.38 8.29 -130.38
C UNK N 1025 -10.72 8.17 -131.84
N UNK N 1026 -11.86 7.56 -132.15
CA UNK N 1026 -12.27 7.38 -133.54
C UNK N 1026 -12.34 8.76 -134.20
N UNK N 1027 -8.13 12.34 -129.18
CA UNK N 1027 -7.60 11.80 -127.94
C UNK N 1027 -6.86 10.49 -128.09
N UNK N 1028 -5.96 10.26 -127.15
CA UNK N 1028 -5.15 9.05 -127.12
C UNK N 1028 -5.05 8.63 -125.66
N UNK N 1029 -5.81 7.59 -125.30
CA UNK N 1029 -5.82 7.06 -123.93
C UNK N 1029 -4.71 6.02 -123.80
N UNK N 1030 -3.99 6.09 -122.69
CA UNK N 1030 -2.90 5.17 -122.46
C UNK N 1030 -3.04 4.30 -121.21
N UNK N 1031 -2.61 3.05 -121.35
CA UNK N 1031 -2.70 2.09 -120.26
C UNK N 1031 -1.48 1.99 -119.38
N UNK N 1032 -1.69 2.23 -118.09
CA UNK N 1032 -0.64 2.20 -117.08
C UNK N 1032 -0.46 0.81 -116.50
N UNK N 1033 0.79 0.50 -116.16
CA UNK N 1033 1.12 -0.80 -115.58
C UNK N 1033 0.58 -0.87 -114.15
N UNK N 1034 0.12 0.25 -113.63
CA UNK N 1034 -0.42 0.31 -112.28
C UNK N 1034 -1.85 0.84 -112.27
N UNK N 1035 -2.69 0.20 -113.06
CA UNK N 1035 -4.08 0.58 -113.11
C UNK N 1035 -4.39 2.03 -113.41
N UNK N 1036 -3.36 2.82 -113.70
CA UNK N 1036 -3.57 4.23 -114.02
C UNK N 1036 -3.96 4.31 -115.49
N UNK N 1037 -4.47 5.45 -115.91
CA UNK N 1037 -4.87 5.61 -117.29
C UNK N 1037 -5.09 7.11 -117.32
N UNK N 1038 -4.29 7.79 -118.14
CA UNK N 1038 -4.49 9.19 -118.46
C UNK N 1038 -5.01 9.33 -119.88
N UNK N 1039 -5.82 10.35 -120.09
CA UNK N 1039 -6.35 10.63 -121.41
C UNK N 1039 -5.48 11.79 -121.90
N UNK N 1040 -5.05 11.73 -123.16
CA UNK N 1040 -4.23 12.80 -123.73
C UNK N 1040 -4.97 13.33 -124.95
N UNK N 1041 -4.56 14.50 -125.45
CA UNK N 1041 -5.22 15.09 -126.62
C UNK N 1041 -4.35 15.19 -127.88
N UNK N 1042 -6.91 14.78 -119.03
CA UNK N 1042 -7.29 14.36 -117.68
C UNK N 1042 -6.80 12.95 -117.38
N UNK N 1043 -6.42 12.71 -116.13
CA UNK N 1043 -5.94 11.40 -115.71
C UNK N 1043 -6.92 10.52 -114.92
N UNK N 1044 -8.09 10.25 -115.48
CA UNK N 1044 -9.07 9.41 -114.80
C UNK N 1044 -8.45 8.05 -114.53
N UNK N 1045 -8.04 7.80 -113.29
CA UNK N 1045 -7.42 6.51 -112.96
C UNK N 1045 -7.36 6.13 -111.47
N UNK N 1046 -8.51 5.76 -110.87
CA UNK N 1046 -8.58 5.38 -109.45
C UNK N 1046 -7.85 4.06 -109.16
N UNK N 1047 -2.54 -3.92 -113.53
CA UNK N 1047 -2.35 -3.66 -114.95
C UNK N 1047 -3.61 -3.07 -115.59
N UNK N 1048 -3.46 -2.64 -116.84
CA UNK N 1048 -4.53 -2.09 -117.67
C UNK N 1048 -4.05 -2.48 -119.05
N UNK N 1049 -4.37 -3.70 -119.45
CA UNK N 1049 -3.90 -4.21 -120.73
C UNK N 1049 -4.70 -3.85 -121.96
N UNK N 1050 -5.54 -2.84 -121.91
CA UNK N 1050 -6.32 -2.51 -123.09
C UNK N 1050 -7.28 -1.34 -122.90
N UNK N 1051 -7.55 -0.64 -123.99
CA UNK N 1051 -8.48 0.48 -124.00
C UNK N 1051 -9.15 0.55 -125.37
N UNK N 1052 -10.17 1.37 -125.49
CA UNK N 1052 -10.89 1.53 -126.74
C UNK N 1052 -11.89 2.65 -126.52
N UNK N 1053 -11.88 3.63 -127.40
CA UNK N 1053 -12.87 4.69 -127.36
C UNK N 1053 -14.11 4.14 -128.06
N UNK N 1054 -15.24 4.81 -127.84
CA UNK N 1054 -16.49 4.40 -128.45
C UNK N 1054 -16.64 5.17 -129.75
N UNK N 1055 -17.57 4.75 -130.63
CA UNK N 1055 -17.65 5.56 -131.85
C UNK N 1055 -17.87 7.02 -131.43
N UNK N 1056 -18.94 7.25 -130.67
CA UNK N 1056 -19.29 8.58 -130.17
C UNK N 1056 -18.12 9.39 -129.59
N UNK N 1057 -16.98 8.75 -129.38
CA UNK N 1057 -15.80 9.40 -128.83
C UNK N 1057 -16.04 10.00 -127.43
N UNK N 1058 -16.93 9.36 -126.66
CA UNK N 1058 -17.25 9.83 -125.32
C UNK N 1058 -17.01 8.80 -124.21
N UNK N 1059 -17.36 7.54 -124.48
CA UNK N 1059 -17.18 6.46 -123.52
C UNK N 1059 -15.92 5.66 -123.82
N UNK N 1060 -15.04 5.56 -122.83
CA UNK N 1060 -13.80 4.81 -122.98
C UNK N 1060 -13.92 3.50 -122.20
N UNK N 1061 -13.76 2.37 -122.89
CA UNK N 1061 -13.84 1.05 -122.23
C UNK N 1061 -12.42 0.61 -121.84
N UNK N 1062 -12.29 0.06 -120.64
CA UNK N 1062 -11.00 -0.37 -120.12
C UNK N 1062 -11.00 -1.83 -119.67
N UNK N 1063 -9.84 -2.48 -119.72
CA UNK N 1063 -9.72 -3.88 -119.32
C UNK N 1063 -8.35 -4.18 -118.73
N UNK N 1064 -10.16 -6.34 -114.55
CA UNK N 1064 -11.58 -6.44 -114.87
C UNK N 1064 -11.93 -5.32 -115.83
N UNK N 1065 -13.12 -5.39 -116.41
CA UNK N 1065 -13.59 -4.38 -117.34
C UNK N 1065 -14.05 -3.15 -116.53
N UNK N 1066 -14.08 -1.98 -117.15
CA UNK N 1066 -14.46 -0.77 -116.43
C UNK N 1066 -14.66 0.34 -117.44
N UNK N 1067 -15.88 0.86 -117.54
CA UNK N 1067 -16.19 1.95 -118.47
C UNK N 1067 -15.99 3.31 -117.85
N UNK N 1068 -15.73 4.33 -118.68
CA UNK N 1068 -15.52 5.69 -118.18
C UNK N 1068 -16.28 6.78 -118.95
N UNK N 1069 -16.06 8.02 -118.52
CA UNK N 1069 -16.69 9.19 -119.12
C UNK N 1069 -15.63 10.21 -119.53
N UNK N 1070 -15.54 10.47 -120.84
CA UNK N 1070 -14.56 11.43 -121.36
C UNK N 1070 -14.66 12.77 -120.64
N UNK N 1071 -17.13 -7.24 -113.14
CA UNK N 1071 -16.07 -7.92 -112.44
C UNK N 1071 -16.12 -9.36 -112.96
N UNK N 1072 -15.02 -9.79 -113.52
CA UNK N 1072 -14.93 -11.14 -114.03
C UNK N 1072 -14.33 -11.98 -112.93
N UNK N 1073 -14.76 -13.24 -112.81
CA UNK N 1073 -14.23 -14.14 -111.79
C UNK N 1073 -12.70 -14.01 -111.75
N UNK N 1074 -12.08 -14.12 -112.92
CA UNK N 1074 -10.65 -14.01 -113.00
C UNK N 1074 -10.16 -12.62 -113.34
N UNK N 1075 -8.84 -12.47 -113.38
CA UNK N 1075 -8.24 -11.18 -113.68
C UNK N 1075 -7.26 -11.31 -114.83
N UNK N 1076 -6.37 -10.32 -114.90
CA UNK N 1076 -5.35 -10.27 -115.93
C UNK N 1076 -5.91 -10.57 -117.29
N UNK N 1077 -6.83 -9.72 -117.72
CA UNK N 1077 -7.41 -9.90 -119.03
C UNK N 1077 -6.37 -9.33 -119.99
N UNK N 1078 -6.58 -9.50 -121.29
CA UNK N 1078 -5.68 -8.93 -122.28
C UNK N 1078 -6.16 -7.84 -123.23
N UNK N 1079 -6.89 -8.24 -124.26
CA UNK N 1079 -7.42 -7.31 -125.24
C UNK N 1079 -8.93 -7.50 -125.29
N UNK N 1080 -9.67 -6.45 -124.95
CA UNK N 1080 -11.11 -6.58 -124.81
C UNK N 1080 -11.61 -6.38 -126.24
N UNK N 1081 -12.49 -7.24 -126.71
CA UNK N 1081 -13.00 -7.08 -128.07
C UNK N 1081 -14.33 -6.36 -128.14
N UNK N 1082 -14.29 -5.03 -128.29
CA UNK N 1082 -15.52 -4.26 -128.41
C UNK N 1082 -15.99 -4.48 -129.84
N UNK N 1083 -17.18 -4.02 -130.18
CA UNK N 1083 -17.66 -4.22 -131.54
C UNK N 1083 -18.07 -2.88 -132.16
N UNK N 1084 -18.64 -2.92 -133.38
CA UNK N 1084 -19.06 -1.67 -134.03
C UNK N 1084 -20.06 -0.89 -133.15
N UNK N 1085 -21.22 -1.51 -132.93
CA UNK N 1085 -22.28 -0.91 -132.13
C UNK N 1085 -21.88 -0.59 -130.69
N UNK N 1086 -20.70 -1.05 -130.26
CA UNK N 1086 -20.22 -0.83 -128.89
C UNK N 1086 -21.25 -1.39 -127.91
N UNK N 1087 -21.94 -2.43 -128.38
CA UNK N 1087 -23.02 -3.08 -127.63
C UNK N 1087 -22.78 -4.59 -127.48
N UNK N 1088 -21.52 -4.99 -127.61
CA UNK N 1088 -21.14 -6.41 -127.48
C UNK N 1088 -19.67 -6.44 -127.10
N UNK N 1089 -19.31 -7.30 -126.16
CA UNK N 1089 -17.91 -7.39 -125.74
C UNK N 1089 -17.52 -8.84 -125.54
N UNK N 1090 -16.26 -9.16 -125.81
CA UNK N 1090 -15.77 -10.52 -125.64
C UNK N 1090 -14.39 -10.50 -125.02
N UNK N 1091 -14.18 -11.37 -124.04
CA UNK N 1091 -12.88 -11.44 -123.38
C UNK N 1091 -12.70 -12.78 -122.71
N UNK N 1092 -11.54 -12.98 -122.11
CA UNK N 1092 -11.24 -14.23 -121.46
C UNK N 1092 -10.27 -14.01 -120.31
N UNK N 1093 -10.67 -14.40 -119.11
CA UNK N 1093 -9.83 -14.22 -117.92
C UNK N 1093 -8.92 -15.40 -117.71
N UNK N 1094 -7.90 -15.24 -116.86
CA UNK N 1094 -6.97 -16.34 -116.62
C UNK N 1094 -7.62 -17.54 -115.97
N UNK N 1095 -8.93 -17.50 -115.82
CA UNK N 1095 -9.63 -18.64 -115.29
C UNK N 1095 -10.16 -19.40 -116.48
N UNK N 1096 -9.80 -18.93 -117.68
CA UNK N 1096 -10.21 -19.59 -118.90
C UNK N 1096 -11.69 -19.49 -119.17
N UNK N 1097 -12.31 -18.48 -118.58
CA UNK N 1097 -13.73 -18.29 -118.75
C UNK N 1097 -13.97 -17.34 -119.93
N UNK N 1098 -14.86 -17.75 -120.83
CA UNK N 1098 -15.17 -16.94 -122.02
C UNK N 1098 -16.34 -15.97 -121.81
N UNK N 1099 -16.02 -14.70 -121.60
CA UNK N 1099 -17.07 -13.71 -121.40
C UNK N 1099 -17.52 -13.04 -122.70
N UNK N 1100 -18.78 -13.26 -123.07
CA UNK N 1100 -19.35 -12.63 -124.24
C UNK N 1100 -20.49 -11.75 -123.70
N UNK N 1101 -20.15 -10.53 -123.31
CA UNK N 1101 -21.11 -9.60 -122.75
C UNK N 1101 -21.84 -8.83 -123.86
N UNK N 1102 -22.98 -8.23 -123.54
CA UNK N 1102 -23.75 -7.50 -124.54
C UNK N 1102 -24.87 -6.63 -123.94
N TYR O 10 3.23 -2.52 -49.04
CA TYR O 10 2.43 -1.32 -49.28
C TYR O 10 2.38 -1.04 -50.76
N GLN O 11 2.32 0.23 -51.16
CA GLN O 11 2.22 0.56 -52.57
C GLN O 11 3.00 1.81 -52.92
N TYR O 12 3.69 1.78 -54.07
CA TYR O 12 4.43 2.94 -54.54
C TYR O 12 3.62 4.18 -54.77
N LYS O 13 2.45 4.02 -55.36
CA LYS O 13 1.65 5.18 -55.68
C LYS O 13 1.20 5.94 -54.44
N ASP O 14 0.76 5.24 -53.41
CA ASP O 14 0.35 5.89 -52.18
C ASP O 14 1.51 6.61 -51.49
N ILE O 15 2.67 5.99 -51.51
CA ILE O 15 3.79 6.51 -50.77
C ILE O 15 4.13 7.88 -51.29
N LEU O 16 3.99 8.10 -52.58
CA LEU O 16 4.60 9.23 -53.27
C LEU O 16 4.17 10.54 -52.71
N SER O 17 2.88 10.67 -52.54
CA SER O 17 2.28 11.95 -52.15
C SER O 17 2.90 12.50 -50.88
N VAL O 18 3.36 11.59 -50.01
CA VAL O 18 3.96 11.94 -48.75
C VAL O 18 5.05 13.01 -48.88
N PHE O 19 6.10 12.71 -49.64
CA PHE O 19 7.21 13.63 -49.74
C PHE O 19 7.08 14.45 -51.01
N GLU O 20 5.88 14.95 -51.24
CA GLU O 20 5.65 15.92 -52.32
C GLU O 20 6.26 17.25 -51.89
N ASP O 21 6.23 17.55 -50.59
CA ASP O 21 6.88 18.74 -50.03
C ASP O 21 8.29 18.94 -50.59
N ALA O 22 9.03 17.84 -50.70
CA ALA O 22 10.40 17.84 -51.24
C ALA O 22 10.37 18.03 -52.76
N PHE O 23 9.52 17.28 -53.45
CA PHE O 23 9.46 17.29 -54.90
C PHE O 23 9.31 18.70 -55.51
N VAL O 24 8.73 19.63 -54.75
CA VAL O 24 8.64 21.03 -55.15
C VAL O 24 9.95 21.72 -54.94
N ASP O 25 10.58 21.35 -53.84
CA ASP O 25 11.83 21.96 -53.46
C ASP O 25 12.93 21.78 -54.49
N ASN O 26 13.16 20.56 -54.98
CA ASN O 26 14.19 20.41 -56.02
C ASN O 26 13.84 19.81 -57.39
N PHE O 27 12.88 18.91 -57.47
CA PHE O 27 12.57 18.28 -58.73
C PHE O 27 12.00 19.32 -59.65
N ASP O 28 12.37 19.26 -60.93
CA ASP O 28 11.60 19.92 -61.97
C ASP O 28 11.33 19.06 -63.18
N CYS O 29 10.06 18.93 -63.56
CA CYS O 29 9.74 18.21 -64.79
C CYS O 29 10.18 18.87 -66.08
N LYS O 30 9.88 20.16 -66.19
CA LYS O 30 10.01 20.90 -67.45
C LYS O 30 11.35 20.59 -68.10
N ASP O 31 12.42 20.78 -67.35
CA ASP O 31 13.73 20.39 -67.84
C ASP O 31 13.70 18.87 -67.97
N VAL O 32 13.03 18.28 -66.99
CA VAL O 32 13.29 16.95 -66.51
C VAL O 32 12.55 15.84 -67.25
N GLN O 33 12.86 15.65 -68.53
CA GLN O 33 12.18 14.60 -69.27
C GLN O 33 12.89 13.96 -70.45
N ASP O 34 13.31 12.73 -70.26
CA ASP O 34 13.25 11.66 -71.24
C ASP O 34 11.74 11.42 -71.40
N MET O 35 11.04 11.47 -70.28
CA MET O 35 9.61 11.23 -70.23
C MET O 35 9.14 9.92 -70.82
N PRO O 36 9.75 8.76 -70.30
CA PRO O 36 9.50 7.57 -71.13
C PRO O 36 8.03 7.25 -71.24
N LYS O 37 7.65 7.03 -72.46
CA LYS O 37 6.34 7.32 -73.00
C LYS O 37 5.29 6.57 -72.23
N SER O 38 5.60 5.35 -71.86
CA SER O 38 4.65 4.55 -71.08
C SER O 38 4.45 4.92 -69.59
N ILE O 39 5.52 5.15 -68.82
CA ILE O 39 5.34 5.70 -67.48
C ILE O 39 4.50 6.99 -67.49
N LEU O 40 4.92 7.98 -68.29
CA LEU O 40 4.15 9.21 -68.46
C LEU O 40 3.85 9.47 -69.94
N SER O 41 2.63 9.90 -70.22
CA SER O 41 2.23 10.22 -71.59
C SER O 41 3.14 11.29 -72.17
N LYS O 42 2.97 11.62 -73.45
CA LYS O 42 3.88 12.55 -74.09
C LYS O 42 3.27 13.95 -74.04
N GLU O 43 1.94 13.99 -74.09
CA GLU O 43 1.19 15.24 -73.88
C GLU O 43 1.30 15.67 -72.43
N GLU O 44 0.99 14.75 -71.53
CA GLU O 44 0.97 15.01 -70.10
C GLU O 44 2.34 15.49 -69.61
N ILE O 45 3.38 14.87 -70.12
CA ILE O 45 4.68 15.42 -70.04
C ILE O 45 4.59 16.73 -70.78
N ASP O 46 3.82 16.70 -71.86
CA ASP O 46 3.64 17.88 -72.65
C ASP O 46 2.95 18.89 -71.76
N HIS O 47 1.91 18.46 -71.08
CA HIS O 47 1.11 19.37 -70.31
C HIS O 47 1.87 20.02 -69.17
N ILE O 48 2.54 19.19 -68.40
CA ILE O 48 2.98 19.63 -67.11
C ILE O 48 3.94 20.80 -67.15
N ILE O 49 4.97 20.71 -67.98
CA ILE O 49 6.09 21.64 -67.93
C ILE O 49 5.63 23.04 -68.28
N MET O 50 4.47 23.09 -68.90
CA MET O 50 3.91 24.34 -69.35
C MET O 50 2.95 24.96 -68.35
N SER O 51 2.72 24.30 -67.22
CA SER O 51 1.96 24.92 -66.15
C SER O 51 2.82 25.97 -65.45
N LYS O 52 2.19 26.90 -64.77
CA LYS O 52 2.84 28.15 -64.41
C LYS O 52 4.06 28.04 -63.50
N ASP O 53 3.97 27.24 -62.45
CA ASP O 53 4.87 27.38 -61.31
C ASP O 53 5.64 26.15 -60.93
N ALA O 54 6.15 26.13 -59.69
CA ALA O 54 6.64 24.88 -59.15
C ALA O 54 5.61 24.12 -58.32
N VAL O 55 4.87 24.82 -57.48
CA VAL O 55 3.96 24.14 -56.58
C VAL O 55 2.84 23.43 -57.30
N SER O 56 2.57 23.87 -58.51
CA SER O 56 1.47 23.41 -59.34
C SER O 56 1.97 22.29 -60.25
N GLY O 57 3.18 22.44 -60.72
CA GLY O 57 3.77 21.39 -61.54
C GLY O 57 3.89 20.15 -60.70
N THR O 58 4.34 20.27 -59.47
CA THR O 58 4.50 19.03 -58.79
C THR O 58 3.13 18.43 -58.96
N LEU O 59 2.08 19.22 -58.73
CA LEU O 59 0.75 18.69 -58.56
C LEU O 59 0.20 17.95 -59.75
N ARG O 60 0.48 18.46 -60.95
CA ARG O 60 0.13 17.67 -62.11
C ARG O 60 0.95 16.40 -62.13
N LEU O 61 2.25 16.50 -61.88
CA LEU O 61 3.06 15.30 -62.01
C LEU O 61 2.54 14.22 -61.07
N PHE O 62 2.43 14.57 -59.78
CA PHE O 62 1.98 13.63 -58.78
C PHE O 62 0.53 13.24 -59.03
N TRP O 63 -0.21 14.09 -59.73
CA TRP O 63 -1.60 13.74 -60.01
C TRP O 63 -1.72 12.69 -61.11
N THR O 64 -1.35 13.07 -62.33
CA THR O 64 -1.48 12.21 -63.49
C THR O 64 -0.83 10.84 -63.29
N LEU O 65 0.32 10.86 -62.64
CA LEU O 65 1.13 9.66 -62.45
C LEU O 65 0.53 8.69 -61.44
N LEU O 66 -0.25 9.26 -60.53
CA LEU O 66 -1.15 8.50 -59.67
C LEU O 66 -2.23 7.80 -60.48
N SER O 67 -2.61 8.42 -61.59
CA SER O 67 -3.70 7.94 -62.42
C SER O 67 -3.38 6.59 -63.06
N LYS O 68 -2.13 6.46 -63.47
CA LYS O 68 -1.65 5.30 -64.19
C LYS O 68 -1.52 4.08 -63.30
N GLN O 69 -1.49 2.90 -63.91
CA GLN O 69 -1.47 1.65 -63.18
C GLN O 69 -0.23 1.60 -62.31
N GLU O 70 -0.38 0.97 -61.15
CA GLU O 70 0.57 1.05 -60.06
C GLU O 70 1.95 0.50 -60.37
N GLU O 71 2.05 -0.26 -61.45
CA GLU O 71 3.28 -0.94 -61.81
C GLU O 71 4.31 -0.06 -62.51
N MET O 72 3.83 0.89 -63.32
CA MET O 72 4.75 1.68 -64.10
C MET O 72 5.43 2.73 -63.22
N VAL O 73 4.66 3.33 -62.34
CA VAL O 73 5.24 4.40 -61.57
C VAL O 73 6.63 3.92 -61.22
N GLN O 74 6.73 2.66 -60.83
CA GLN O 74 8.00 2.06 -60.47
C GLN O 74 9.05 2.43 -61.52
N LYS O 75 8.61 2.54 -62.76
CA LYS O 75 9.48 2.93 -63.83
C LYS O 75 10.00 4.30 -63.45
N PHE O 76 9.05 5.09 -62.99
CA PHE O 76 9.31 6.47 -62.65
C PHE O 76 10.12 6.54 -61.38
N VAL O 77 9.64 5.80 -60.39
CA VAL O 77 10.21 5.82 -59.08
C VAL O 77 11.64 5.30 -59.12
N GLU O 78 11.90 4.32 -59.98
CA GLU O 78 13.18 3.65 -59.91
C GLU O 78 14.14 4.02 -61.01
N GLU O 79 13.96 3.40 -62.15
CA GLU O 79 14.90 3.60 -63.22
C GLU O 79 14.96 5.02 -63.73
N VAL O 80 13.79 5.63 -63.90
CA VAL O 80 13.73 7.00 -64.39
C VAL O 80 14.39 7.99 -63.44
N LEU O 81 13.75 8.19 -62.31
CA LEU O 81 14.01 9.34 -61.48
C LEU O 81 15.43 9.26 -60.99
N ARG O 82 15.92 8.04 -60.95
CA ARG O 82 17.29 7.73 -60.62
C ARG O 82 18.28 8.27 -61.64
N ILE O 83 17.89 8.29 -62.90
CA ILE O 83 18.85 8.58 -63.96
C ILE O 83 19.47 9.97 -63.83
N ASN O 84 18.67 10.97 -63.47
CA ASN O 84 19.21 12.28 -63.18
C ASN O 84 19.10 12.60 -61.71
N TYR O 85 18.67 11.63 -60.91
CA TYR O 85 18.40 11.89 -59.51
C TYR O 85 18.90 10.77 -58.65
N LYS O 86 19.38 11.18 -57.47
CA LYS O 86 19.72 10.31 -56.34
C LYS O 86 19.04 10.64 -55.01
N PHE O 87 19.31 11.86 -54.56
CA PHE O 87 18.84 12.35 -53.27
C PHE O 87 17.39 11.97 -53.12
N LEU O 88 16.60 12.28 -54.13
CA LEU O 88 15.26 11.84 -54.13
C LEU O 88 14.90 10.34 -54.03
N MET O 89 15.35 9.55 -55.01
CA MET O 89 14.95 8.16 -55.13
C MET O 89 14.93 7.40 -53.81
N SER O 90 16.00 7.56 -53.03
CA SER O 90 16.18 6.84 -51.81
C SER O 90 15.08 7.24 -50.86
N PRO O 91 14.85 8.62 -50.75
CA PRO O 91 13.77 8.95 -49.83
C PRO O 91 12.47 8.24 -50.09
N ILE O 92 12.00 8.12 -51.31
CA ILE O 92 10.78 7.34 -51.50
C ILE O 92 11.04 5.89 -51.18
N LYS O 93 12.11 5.36 -51.77
CA LYS O 93 12.40 3.94 -51.72
C LYS O 93 12.50 3.42 -50.29
N THR O 94 12.93 4.31 -49.39
CA THR O 94 13.08 3.95 -48.01
C THR O 94 11.69 3.87 -47.45
N GLU O 95 10.75 4.32 -48.25
CA GLU O 95 9.35 4.34 -47.88
C GLU O 95 8.56 3.09 -48.26
N GLN O 96 8.78 2.63 -49.46
CA GLN O 96 7.91 1.61 -49.92
C GLN O 96 8.08 0.55 -48.84
N ARG O 97 9.30 0.25 -48.44
CA ARG O 97 9.44 -0.56 -47.25
C ARG O 97 9.11 0.14 -45.93
N GLN O 98 9.67 1.32 -45.73
CA GLN O 98 9.73 1.90 -44.39
C GLN O 98 8.45 2.36 -43.73
N PRO O 99 7.59 3.03 -44.47
CA PRO O 99 6.28 3.43 -43.99
C PRO O 99 6.27 4.13 -42.61
N SER O 100 7.01 5.22 -42.45
CA SER O 100 7.17 5.87 -41.17
C SER O 100 5.81 6.17 -40.61
N MET O 101 5.63 6.05 -39.31
CA MET O 101 4.30 5.90 -38.79
C MET O 101 3.38 7.05 -39.14
N MET O 102 3.82 8.28 -38.95
CA MET O 102 2.96 9.33 -39.47
C MET O 102 2.47 9.02 -40.89
N THR O 103 3.36 8.50 -41.73
CA THR O 103 3.02 8.17 -43.11
C THR O 103 1.87 7.17 -43.18
N ARG O 104 2.02 6.02 -42.56
CA ARG O 104 0.96 5.08 -42.63
C ARG O 104 -0.21 5.73 -41.99
N MET O 105 -0.02 6.50 -40.95
CA MET O 105 -1.23 6.98 -40.37
C MET O 105 -1.99 7.76 -41.42
N TYR O 106 -1.32 8.52 -42.26
CA TYR O 106 -2.06 9.26 -43.27
C TYR O 106 -2.77 8.33 -44.23
N ILE O 107 -2.04 7.38 -44.78
CA ILE O 107 -2.61 6.59 -45.86
C ILE O 107 -3.77 5.88 -45.28
N GLU O 108 -3.62 5.45 -44.04
CA GLU O 108 -4.65 4.70 -43.39
C GLU O 108 -5.86 5.58 -43.37
N GLN O 109 -5.66 6.82 -42.98
CA GLN O 109 -6.77 7.72 -43.00
C GLN O 109 -7.15 7.93 -44.43
N ARG O 110 -6.20 8.16 -45.31
CA ARG O 110 -6.64 8.72 -46.56
C ARG O 110 -7.64 7.78 -47.19
N ASP O 111 -7.38 6.48 -47.17
CA ASP O 111 -8.30 5.56 -47.80
C ASP O 111 -9.63 5.67 -47.11
N ARG O 112 -9.62 5.93 -45.82
CA ARG O 112 -10.87 5.99 -45.13
C ARG O 112 -11.66 7.01 -45.89
N LEU O 113 -10.95 8.02 -46.37
CA LEU O 113 -11.57 9.13 -47.07
C LEU O 113 -12.21 8.74 -48.39
N TYR O 114 -11.48 7.99 -49.20
CA TYR O 114 -11.98 7.65 -50.51
C TYR O 114 -13.14 6.77 -50.31
N ASN O 115 -12.87 5.75 -49.52
CA ASN O 115 -13.65 4.56 -49.42
C ASN O 115 -15.03 4.95 -48.97
N ASP O 116 -15.10 5.80 -47.97
CA ASP O 116 -16.39 6.26 -47.55
C ASP O 116 -17.01 7.07 -48.63
N ASN O 117 -16.20 7.88 -49.30
CA ASN O 117 -16.68 8.69 -50.41
C ASN O 117 -17.14 7.94 -51.65
N GLN O 118 -16.49 6.82 -51.94
CA GLN O 118 -16.94 5.93 -53.00
C GLN O 118 -16.77 6.47 -54.41
N VAL O 119 -17.74 7.26 -54.88
CA VAL O 119 -17.80 7.62 -56.28
C VAL O 119 -16.58 8.44 -56.55
N PHE O 120 -16.24 9.27 -55.61
CA PHE O 120 -15.20 10.21 -55.85
C PHE O 120 -13.93 9.45 -56.19
N ALA O 121 -13.58 8.41 -55.45
CA ALA O 121 -12.31 7.76 -55.76
C ALA O 121 -12.10 7.41 -57.25
N LYS O 122 -13.17 7.36 -58.03
CA LYS O 122 -13.05 7.02 -59.44
C LYS O 122 -13.21 8.22 -60.35
N TYR O 123 -14.32 8.94 -60.17
CA TYR O 123 -14.67 10.02 -61.07
C TYR O 123 -13.92 11.31 -60.72
N ASN O 124 -13.36 11.43 -59.55
CA ASN O 124 -12.92 12.78 -59.21
C ASN O 124 -11.85 13.12 -60.18
N VAL O 125 -11.83 14.37 -60.64
CA VAL O 125 -10.67 14.94 -61.32
C VAL O 125 -10.20 16.22 -60.68
N SER O 126 -8.92 16.29 -60.35
CA SER O 126 -8.38 17.41 -59.59
C SER O 126 -8.32 18.70 -60.39
N ARG O 127 -8.96 19.75 -59.88
CA ARG O 127 -8.88 21.04 -60.52
C ARG O 127 -7.82 21.85 -59.87
N LEU O 128 -6.76 22.12 -60.60
CA LEU O 128 -5.59 22.75 -60.04
C LEU O 128 -5.87 24.13 -59.53
N GLN O 129 -6.64 24.88 -60.28
CA GLN O 129 -6.77 26.26 -59.92
C GLN O 129 -7.48 26.45 -58.62
N PRO O 130 -8.55 25.69 -58.41
CA PRO O 130 -9.42 25.87 -57.25
C PRO O 130 -8.91 25.10 -56.05
N TYR O 131 -7.99 24.16 -56.27
CA TYR O 131 -7.48 23.40 -55.15
C TYR O 131 -6.38 24.20 -54.58
N LEU O 132 -5.51 24.68 -55.45
CA LEU O 132 -4.31 25.30 -55.00
C LEU O 132 -4.73 26.51 -54.24
N LYS O 133 -5.87 27.04 -54.65
CA LYS O 133 -6.42 28.25 -54.04
C LYS O 133 -6.96 27.93 -52.65
N LEU O 134 -7.58 26.77 -52.54
CA LEU O 134 -8.11 26.32 -51.27
C LEU O 134 -7.05 25.91 -50.29
N ARG O 135 -6.10 25.13 -50.76
CA ARG O 135 -5.17 24.49 -49.88
C ARG O 135 -4.40 25.54 -49.12
N GLN O 136 -4.16 26.67 -49.74
CA GLN O 136 -3.41 27.67 -49.05
C GLN O 136 -4.17 28.02 -47.80
N ALA O 137 -5.49 28.05 -47.89
CA ALA O 137 -6.26 28.43 -46.72
C ALA O 137 -6.02 27.44 -45.59
N LEU O 138 -6.07 26.15 -45.88
CA LEU O 138 -6.03 25.16 -44.82
C LEU O 138 -4.76 25.15 -44.00
N LEU O 139 -3.64 25.42 -44.63
CA LEU O 139 -2.42 25.59 -43.89
C LEU O 139 -2.45 26.79 -42.92
N GLU O 140 -3.08 27.90 -43.31
CA GLU O 140 -3.09 29.09 -42.46
C GLU O 140 -4.12 29.00 -41.36
N LEU O 141 -5.34 28.59 -41.76
CA LEU O 141 -6.51 28.53 -40.89
C LEU O 141 -6.23 28.13 -39.43
N ARG O 142 -6.64 29.00 -38.51
CA ARG O 142 -6.24 28.92 -37.10
C ARG O 142 -7.21 28.04 -36.31
N PRO O 143 -6.90 27.72 -35.03
CA PRO O 143 -7.73 26.65 -34.48
C PRO O 143 -9.19 27.07 -34.25
N ALA O 144 -9.51 28.35 -34.49
CA ALA O 144 -10.88 28.82 -34.27
C ALA O 144 -11.47 29.55 -35.48
N LYS O 145 -10.62 29.89 -36.46
CA LYS O 145 -11.09 30.47 -37.71
C LYS O 145 -11.78 29.40 -38.56
N ASN O 146 -12.29 29.79 -39.74
CA ASN O 146 -12.87 28.82 -40.66
C ASN O 146 -12.93 29.25 -42.11
N VAL O 147 -12.44 28.40 -43.00
CA VAL O 147 -12.29 28.73 -44.41
C VAL O 147 -13.46 28.23 -45.23
N LEU O 148 -14.28 29.16 -45.69
CA LEU O 148 -15.50 28.81 -46.41
C LEU O 148 -15.37 28.77 -47.94
N ILE O 149 -16.03 27.78 -48.53
CA ILE O 149 -16.14 27.62 -49.99
C ILE O 149 -17.60 27.72 -50.40
N ASP O 150 -17.87 28.35 -51.54
CA ASP O 150 -19.23 28.35 -52.04
C ASP O 150 -19.24 28.48 -53.56
N GLY O 151 -20.01 27.63 -54.20
CA GLY O 151 -20.17 27.72 -55.65
C GLY O 151 -21.62 27.49 -56.02
N VAL O 152 -21.93 27.66 -57.28
CA VAL O 152 -23.30 27.54 -57.71
C VAL O 152 -23.49 26.08 -57.53
N LEU O 153 -24.73 25.61 -57.49
CA LEU O 153 -24.95 24.27 -57.05
C LEU O 153 -24.21 23.35 -58.00
N GLY O 154 -23.75 22.21 -57.52
CA GLY O 154 -22.99 21.32 -58.38
C GLY O 154 -21.73 21.96 -58.91
N SER O 155 -21.12 22.78 -58.09
CA SER O 155 -19.77 23.18 -58.36
C SER O 155 -18.84 22.21 -57.64
N GLY O 156 -19.42 21.14 -57.13
CA GLY O 156 -18.63 20.08 -56.60
C GLY O 156 -17.68 20.76 -55.67
N LYS O 157 -18.21 21.58 -54.76
CA LYS O 157 -17.33 22.19 -53.80
C LYS O 157 -16.70 21.06 -53.01
N THR O 158 -17.52 20.11 -52.62
CA THR O 158 -17.13 19.16 -51.63
C THR O 158 -15.93 18.43 -52.15
N TRP O 159 -16.09 17.95 -53.35
CA TRP O 159 -15.08 17.18 -54.07
C TRP O 159 -13.72 17.86 -54.06
N VAL O 160 -13.70 19.19 -54.11
CA VAL O 160 -12.45 19.92 -53.98
C VAL O 160 -11.94 19.78 -52.55
N ALA O 161 -12.85 20.05 -51.62
CA ALA O 161 -12.58 19.92 -50.19
C ALA O 161 -12.03 18.52 -49.92
N LEU O 162 -12.72 17.52 -50.43
CA LEU O 162 -12.30 16.13 -50.27
C LEU O 162 -10.89 15.92 -50.77
N ASP O 163 -10.53 16.68 -51.80
CA ASP O 163 -9.26 16.48 -52.47
C ASP O 163 -8.13 17.17 -51.73
N VAL O 164 -8.36 18.41 -51.28
CA VAL O 164 -7.33 19.10 -50.52
C VAL O 164 -7.17 18.43 -49.16
N CYS O 165 -8.27 17.94 -48.63
CA CYS O 165 -8.26 17.20 -47.38
C CYS O 165 -7.50 15.89 -47.57
N LEU O 166 -7.46 15.38 -48.80
CA LEU O 166 -6.70 14.19 -49.15
C LEU O 166 -5.18 14.45 -49.16
N SER O 167 -4.80 15.66 -49.51
CA SER O 167 -3.40 16.02 -49.62
C SER O 167 -2.66 15.81 -48.32
N TYR O 168 -1.54 15.12 -48.38
CA TYR O 168 -0.86 14.81 -47.18
C TYR O 168 -0.57 16.13 -46.51
N LYS O 169 -0.25 17.14 -47.28
CA LYS O 169 0.07 18.41 -46.68
C LYS O 169 -1.14 18.91 -45.93
N VAL O 170 -2.32 18.75 -46.50
CA VAL O 170 -3.48 19.23 -45.79
C VAL O 170 -3.63 18.43 -44.55
N GLN O 171 -3.46 17.13 -44.67
CA GLN O 171 -3.78 16.27 -43.55
C GLN O 171 -2.91 16.43 -42.34
N CYS O 172 -1.62 16.54 -42.54
CA CYS O 172 -0.74 16.60 -41.39
C CYS O 172 -1.14 17.83 -40.60
N LYS O 173 -1.49 18.89 -41.28
CA LYS O 173 -1.81 20.13 -40.62
C LYS O 173 -3.10 19.92 -39.88
N MET O 174 -3.74 18.82 -40.13
CA MET O 174 -4.98 18.51 -39.47
C MET O 174 -4.88 17.25 -38.65
N ASP O 175 -3.71 16.65 -38.71
CA ASP O 175 -3.38 15.51 -37.88
C ASP O 175 -4.37 14.40 -38.07
N PHE O 176 -4.91 14.35 -39.26
CA PHE O 176 -5.62 13.19 -39.70
C PHE O 176 -6.94 13.07 -39.02
N LYS O 177 -7.42 14.17 -38.49
CA LYS O 177 -8.74 14.09 -37.86
C LYS O 177 -9.62 15.09 -38.55
N ILE O 178 -10.37 14.63 -39.55
CA ILE O 178 -11.17 15.53 -40.37
C ILE O 178 -12.62 15.08 -40.41
N PHE O 179 -13.35 15.33 -39.35
CA PHE O 179 -14.70 14.81 -39.20
C PHE O 179 -15.70 15.41 -40.20
N TRP O 180 -16.01 14.65 -41.26
CA TRP O 180 -16.98 15.07 -42.26
C TRP O 180 -18.39 15.05 -41.71
N LEU O 181 -19.21 16.00 -42.15
CA LEU O 181 -20.61 16.05 -41.73
C LEU O 181 -21.47 16.75 -42.79
N ASN O 182 -22.15 15.99 -43.64
CA ASN O 182 -23.03 16.61 -44.62
C ASN O 182 -24.28 17.14 -43.95
N LEU O 183 -24.41 18.47 -43.92
CA LEU O 183 -25.54 19.09 -43.25
C LEU O 183 -26.78 19.17 -44.17
N LYS O 184 -27.15 18.05 -44.77
CA LYS O 184 -28.42 17.98 -45.45
C LYS O 184 -29.52 17.77 -44.42
N ASN O 185 -30.67 18.41 -44.63
CA ASN O 185 -31.73 18.42 -43.65
C ASN O 185 -31.16 18.94 -42.33
N CYS O 186 -30.78 20.22 -42.32
CA CYS O 186 -30.09 20.79 -41.18
C CYS O 186 -30.60 22.19 -40.84
N ASN O 187 -31.87 22.45 -41.16
CA ASN O 187 -32.52 23.69 -40.76
C ASN O 187 -33.67 23.39 -39.82
N SER O 188 -33.33 22.78 -38.70
CA SER O 188 -34.27 22.53 -37.61
C SER O 188 -33.38 22.60 -36.40
N PRO O 189 -33.98 22.74 -35.23
CA PRO O 189 -33.20 22.71 -34.01
C PRO O 189 -32.74 21.30 -33.75
N GLU O 190 -33.68 20.39 -33.82
CA GLU O 190 -33.46 19.05 -33.35
C GLU O 190 -32.42 18.30 -34.16
N THR O 191 -32.48 18.46 -35.47
CA THR O 191 -31.73 17.59 -36.35
C THR O 191 -30.27 17.74 -35.99
N VAL O 192 -29.88 18.93 -35.61
CA VAL O 192 -28.51 19.14 -35.21
C VAL O 192 -28.24 18.23 -34.04
N LEU O 193 -29.28 17.99 -33.26
CA LEU O 193 -29.15 17.02 -32.18
C LEU O 193 -28.83 15.66 -32.77
N GLU O 194 -29.43 15.35 -33.90
CA GLU O 194 -29.00 14.18 -34.65
C GLU O 194 -27.56 14.33 -35.15
N MET O 195 -27.23 15.54 -35.61
CA MET O 195 -25.93 15.80 -36.20
C MET O 195 -24.83 15.90 -35.16
N LEU O 196 -25.05 16.75 -34.17
CA LEU O 196 -24.11 16.87 -33.06
C LEU O 196 -23.92 15.52 -32.40
N GLN O 197 -24.99 14.74 -32.34
CA GLN O 197 -24.90 13.37 -31.85
C GLN O 197 -23.87 12.64 -32.70
N LYS O 198 -23.99 12.78 -34.01
CA LYS O 198 -23.12 12.05 -34.93
C LYS O 198 -21.67 12.52 -34.88
N LEU O 199 -21.47 13.80 -34.62
CA LEU O 199 -20.12 14.33 -34.49
C LEU O 199 -19.48 13.73 -33.25
N LEU O 200 -20.22 13.81 -32.14
CA LEU O 200 -19.78 13.22 -30.89
C LEU O 200 -19.43 11.74 -31.12
N TYR O 201 -20.28 11.04 -31.87
CA TYR O 201 -19.98 9.64 -32.18
C TYR O 201 -18.68 9.48 -32.98
N GLN O 202 -18.45 10.37 -33.94
CA GLN O 202 -17.17 10.36 -34.67
C GLN O 202 -16.01 10.45 -33.68
N ILE O 203 -16.06 11.50 -32.87
CA ILE O 203 -15.04 11.76 -31.86
C ILE O 203 -14.76 10.55 -30.96
N ASP O 204 -15.81 9.97 -30.37
CA ASP O 204 -15.66 8.87 -29.42
C ASP O 204 -17.02 8.31 -29.03
N PRO O 205 -17.12 6.98 -28.97
CA PRO O 205 -18.39 6.32 -28.64
C PRO O 205 -18.72 6.37 -27.15
N ASN O 206 -18.91 7.58 -26.63
CA ASN O 206 -19.20 7.79 -25.22
C ASN O 206 -20.16 8.96 -25.02
N TRP O 207 -21.15 8.76 -24.16
CA TRP O 207 -21.87 9.89 -23.58
C TRP O 207 -22.73 9.54 -22.38
N THR O 208 -22.66 10.40 -21.37
CA THR O 208 -23.55 10.36 -20.21
C THR O 208 -24.87 11.03 -20.57
N SER O 209 -25.77 10.28 -21.19
CA SER O 209 -27.02 10.85 -21.70
C SER O 209 -28.11 10.95 -20.64
N ARG O 210 -27.71 10.95 -19.37
CA ARG O 210 -28.65 11.16 -18.27
C ARG O 210 -28.99 12.63 -18.13
N SER O 211 -28.14 13.47 -18.72
CA SER O 211 -28.33 14.91 -18.73
C SER O 211 -29.49 15.27 -19.66
N ASP O 212 -30.01 14.30 -20.40
CA ASP O 212 -31.06 14.58 -21.35
C ASP O 212 -32.32 15.03 -20.63
N HIS O 213 -32.74 16.26 -20.93
CA HIS O 213 -33.97 16.81 -20.38
C HIS O 213 -34.85 17.22 -21.53
N SER O 214 -35.86 16.40 -21.80
CA SER O 214 -36.72 16.58 -22.96
C SER O 214 -37.59 17.82 -22.83
N SER O 215 -37.36 18.65 -21.82
CA SER O 215 -38.02 19.94 -21.71
C SER O 215 -37.76 20.76 -22.97
N ASN O 216 -36.52 20.68 -23.45
CA ASN O 216 -36.15 21.25 -24.73
C ASN O 216 -35.20 20.38 -25.53
N ILE O 217 -35.50 20.25 -26.81
CA ILE O 217 -34.60 19.68 -27.78
C ILE O 217 -33.59 20.79 -28.09
N LYS O 218 -33.92 21.98 -27.63
CA LYS O 218 -33.13 23.20 -27.86
C LYS O 218 -32.22 23.59 -26.70
N LEU O 219 -32.51 23.04 -25.53
CA LEU O 219 -31.71 23.25 -24.35
C LEU O 219 -30.67 22.15 -24.29
N ARG O 220 -31.12 20.92 -24.53
CA ARG O 220 -30.24 19.76 -24.55
C ARG O 220 -29.16 19.93 -25.62
N ILE O 221 -29.46 20.73 -26.64
CA ILE O 221 -28.52 20.97 -27.72
C ILE O 221 -27.29 21.76 -27.25
N HIS O 222 -27.44 22.48 -26.16
CA HIS O 222 -26.31 23.26 -25.67
C HIS O 222 -25.44 22.31 -24.89
N SER O 223 -26.05 21.29 -24.31
CA SER O 223 -25.29 20.31 -23.56
C SER O 223 -24.35 19.52 -24.48
N ILE O 224 -24.80 19.22 -25.69
CA ILE O 224 -23.99 18.38 -26.56
C ILE O 224 -22.82 19.20 -27.10
N GLN O 225 -23.08 20.49 -27.34
CA GLN O 225 -22.02 21.41 -27.75
C GLN O 225 -21.08 21.60 -26.58
N ALA O 226 -21.67 21.71 -25.40
CA ALA O 226 -20.91 21.85 -24.16
C ALA O 226 -19.94 20.72 -23.99
N GLU O 227 -20.42 19.49 -24.16
CA GLU O 227 -19.55 18.33 -24.11
C GLU O 227 -18.57 18.35 -25.26
N LEU O 228 -19.09 18.57 -26.47
CA LEU O 228 -18.27 18.57 -27.67
C LEU O 228 -17.15 19.59 -27.59
N ARG O 229 -17.41 20.70 -26.91
CA ARG O 229 -16.38 21.73 -26.72
C ARG O 229 -15.25 21.20 -25.85
N ARG O 230 -15.59 20.74 -24.65
CA ARG O 230 -14.62 20.16 -23.72
C ARG O 230 -13.76 19.10 -24.36
N LEU O 231 -14.39 18.24 -25.16
CA LEU O 231 -13.70 17.08 -25.71
C LEU O 231 -12.72 17.48 -26.78
N LEU O 232 -13.04 18.52 -27.54
CA LEU O 232 -12.21 18.87 -28.67
C LEU O 232 -10.88 19.54 -28.27
N LYS O 233 -10.91 20.67 -27.56
CA LYS O 233 -9.66 21.23 -27.06
C LYS O 233 -9.10 20.29 -26.00
N SER O 234 -8.66 19.17 -26.55
CA SER O 234 -7.97 18.11 -25.90
C SER O 234 -6.82 17.79 -26.84
N LYS O 235 -5.64 17.48 -26.34
CA LYS O 235 -4.49 17.78 -27.15
C LYS O 235 -4.54 17.11 -28.50
N PRO O 236 -4.84 15.82 -28.54
CA PRO O 236 -4.77 15.07 -29.78
C PRO O 236 -5.74 15.70 -30.74
N TYR O 237 -6.86 16.17 -30.21
CA TYR O 237 -7.92 16.67 -31.04
C TYR O 237 -7.83 18.14 -31.30
N GLU O 238 -6.80 18.77 -30.74
CA GLU O 238 -6.69 20.22 -30.67
C GLU O 238 -7.21 20.87 -31.93
N ASN O 239 -6.56 20.55 -33.04
CA ASN O 239 -6.95 21.09 -34.32
C ASN O 239 -7.43 19.99 -35.20
N CYS O 240 -8.66 20.08 -35.66
CA CYS O 240 -9.07 19.24 -36.76
C CYS O 240 -10.09 19.96 -37.56
N LEU O 241 -9.93 19.99 -38.87
CA LEU O 241 -10.86 20.70 -39.71
C LEU O 241 -12.14 19.95 -39.61
N LEU O 242 -13.26 20.56 -39.34
CA LEU O 242 -14.44 19.74 -39.39
C LEU O 242 -15.00 20.48 -40.50
N VAL O 243 -15.35 19.81 -41.59
CA VAL O 243 -15.85 20.52 -42.75
C VAL O 243 -17.30 20.21 -42.88
N LEU O 244 -18.12 21.21 -43.03
CA LEU O 244 -19.52 20.99 -43.24
C LEU O 244 -19.96 21.21 -44.65
N LEU O 245 -20.64 20.23 -45.23
CA LEU O 245 -20.96 20.30 -46.62
C LEU O 245 -22.41 20.67 -46.81
N ASN O 246 -22.68 21.72 -47.60
CA ASN O 246 -24.04 22.18 -47.90
C ASN O 246 -24.67 23.04 -46.85
N VAL O 247 -23.86 23.38 -45.89
CA VAL O 247 -24.41 24.08 -44.72
C VAL O 247 -25.65 24.83 -45.15
N GLN O 248 -26.79 24.40 -44.62
CA GLN O 248 -28.07 24.92 -45.10
C GLN O 248 -28.17 26.41 -44.92
N ASN O 249 -28.22 26.86 -43.67
CA ASN O 249 -28.31 28.29 -43.44
C ASN O 249 -27.33 28.79 -42.41
N ALA O 250 -27.47 30.08 -42.08
CA ALA O 250 -26.68 30.69 -41.05
C ALA O 250 -26.96 30.01 -39.72
N LYS O 251 -28.24 29.77 -39.45
CA LYS O 251 -28.67 29.29 -38.14
C LYS O 251 -28.01 27.96 -37.76
N ALA O 252 -27.81 27.08 -38.74
CA ALA O 252 -27.23 25.77 -38.48
C ALA O 252 -25.78 25.93 -38.04
N TRP O 253 -25.07 26.81 -38.75
CA TRP O 253 -23.64 27.04 -38.54
C TRP O 253 -23.36 27.58 -37.15
N ASN O 254 -24.32 28.32 -36.60
CA ASN O 254 -24.20 28.88 -35.26
C ASN O 254 -23.97 27.80 -34.23
N ALA O 255 -24.67 26.68 -34.38
CA ALA O 255 -24.55 25.56 -33.46
C ALA O 255 -23.24 24.81 -33.69
N PHE O 256 -22.67 24.92 -34.86
CA PHE O 256 -21.51 24.09 -35.07
C PHE O 256 -20.18 24.70 -34.76
N ASN O 257 -20.13 26.02 -34.68
CA ASN O 257 -18.83 26.61 -34.43
C ASN O 257 -18.40 26.17 -33.04
N LEU O 258 -17.26 25.50 -32.97
CA LEU O 258 -16.85 24.89 -31.71
C LEU O 258 -15.48 25.39 -31.31
N SER O 259 -15.14 26.61 -31.70
CA SER O 259 -13.75 27.05 -31.68
C SER O 259 -12.92 25.99 -32.40
N CYS O 260 -13.46 25.56 -33.53
CA CYS O 260 -12.93 24.46 -34.32
C CYS O 260 -12.28 25.00 -35.59
N LYS O 261 -11.22 24.36 -36.07
CA LYS O 261 -10.64 24.80 -37.35
C LYS O 261 -11.51 24.35 -38.50
N ILE O 262 -12.83 24.57 -38.41
CA ILE O 262 -13.73 24.06 -39.45
C ILE O 262 -13.51 24.75 -40.80
N LEU O 263 -14.19 24.23 -41.81
CA LEU O 263 -14.21 24.81 -43.15
C LEU O 263 -15.48 24.27 -43.78
N LEU O 264 -16.27 25.09 -44.40
CA LEU O 264 -17.53 24.57 -44.83
C LEU O 264 -17.79 24.83 -46.27
N THR O 265 -18.67 24.04 -46.84
CA THR O 265 -19.06 24.27 -48.20
C THR O 265 -20.40 24.99 -48.25
N THR O 266 -20.33 26.28 -48.50
CA THR O 266 -21.48 27.13 -48.52
C THR O 266 -22.25 26.65 -49.69
N ARG O 267 -23.51 27.05 -49.82
CA ARG O 267 -24.30 26.68 -51.00
C ARG O 267 -25.09 27.90 -51.47
N PHE O 268 -25.57 28.66 -50.49
CA PHE O 268 -26.32 29.88 -50.68
C PHE O 268 -25.48 31.14 -50.61
N LYS O 269 -26.07 32.21 -51.07
CA LYS O 269 -25.47 33.50 -50.88
C LYS O 269 -25.97 34.01 -49.56
N GLN O 270 -26.86 33.26 -48.91
CA GLN O 270 -27.28 33.79 -47.62
C GLN O 270 -26.22 33.42 -46.59
N VAL O 271 -25.58 32.28 -46.84
CA VAL O 271 -24.57 31.74 -45.94
C VAL O 271 -23.22 32.42 -46.19
N THR O 272 -22.77 32.39 -47.44
CA THR O 272 -21.51 33.04 -47.79
C THR O 272 -21.63 34.54 -47.53
N ASP O 273 -22.86 35.02 -47.47
CA ASP O 273 -23.14 36.41 -47.13
C ASP O 273 -22.82 36.65 -45.66
N PHE O 274 -23.01 35.61 -44.86
CA PHE O 274 -23.01 35.75 -43.41
C PHE O 274 -21.61 35.66 -42.82
N LEU O 275 -20.86 34.60 -43.05
CA LEU O 275 -19.52 34.65 -42.50
C LEU O 275 -18.67 35.73 -43.20
N SER O 276 -18.04 36.59 -42.41
CA SER O 276 -17.49 37.82 -42.95
C SER O 276 -16.00 37.79 -42.87
N ALA O 277 -15.40 38.33 -43.90
CA ALA O 277 -14.14 37.89 -44.40
C ALA O 277 -13.14 37.91 -43.29
N ALA O 278 -13.27 38.87 -42.38
CA ALA O 278 -12.22 39.05 -41.40
C ALA O 278 -12.06 37.77 -40.61
N THR O 279 -13.16 37.17 -40.18
CA THR O 279 -13.07 35.87 -39.53
C THR O 279 -12.59 34.74 -40.45
N THR O 280 -13.10 34.67 -41.68
CA THR O 280 -12.96 33.49 -42.53
C THR O 280 -12.75 33.89 -43.97
N THR O 281 -12.12 33.06 -44.80
CA THR O 281 -11.65 33.50 -46.10
C THR O 281 -12.59 32.88 -47.12
N HIS O 282 -12.79 33.55 -48.22
CA HIS O 282 -13.97 33.21 -48.97
C HIS O 282 -13.53 32.71 -50.29
N ILE O 283 -13.83 31.46 -50.57
CA ILE O 283 -13.36 30.85 -51.77
C ILE O 283 -14.59 30.68 -52.57
N SER O 284 -14.51 30.82 -53.87
CA SER O 284 -15.74 30.67 -54.58
C SER O 284 -15.65 29.88 -55.83
N LEU O 285 -16.72 29.94 -56.60
CA LEU O 285 -16.72 29.26 -57.86
C LEU O 285 -17.70 29.93 -58.81
N ASP O 286 -18.08 31.13 -58.45
CA ASP O 286 -18.68 32.02 -59.40
C ASP O 286 -17.46 32.64 -60.03
N HIS O 287 -16.53 31.83 -60.47
CA HIS O 287 -15.31 32.48 -60.88
C HIS O 287 -14.70 32.08 -62.20
N HIS O 288 -14.09 33.04 -62.87
CA HIS O 288 -13.44 32.72 -64.12
C HIS O 288 -12.32 31.75 -63.80
N SER O 289 -11.53 32.03 -62.77
CA SER O 289 -10.50 31.11 -62.31
C SER O 289 -10.98 29.84 -61.61
N MET O 290 -11.85 30.02 -60.62
CA MET O 290 -12.35 28.90 -59.82
C MET O 290 -12.94 27.81 -60.69
N THR O 291 -13.66 28.21 -61.74
CA THR O 291 -14.28 27.25 -62.62
C THR O 291 -13.23 26.68 -63.54
N LEU O 292 -13.60 25.61 -64.22
CA LEU O 292 -12.69 24.82 -65.02
C LEU O 292 -12.18 25.44 -66.32
N THR O 293 -10.89 25.29 -66.56
CA THR O 293 -10.29 25.64 -67.82
C THR O 293 -10.85 24.62 -68.79
N PRO O 294 -11.08 24.98 -70.04
CA PRO O 294 -11.98 24.10 -70.80
C PRO O 294 -11.52 22.68 -70.63
N ASP O 295 -10.22 22.48 -70.58
CA ASP O 295 -9.72 21.13 -70.71
C ASP O 295 -10.28 20.29 -69.59
N GLU O 296 -10.26 20.80 -68.38
CA GLU O 296 -10.77 19.98 -67.32
C GLU O 296 -11.92 19.21 -67.92
N VAL O 297 -12.69 19.93 -68.69
CA VAL O 297 -13.98 19.43 -69.08
C VAL O 297 -13.87 18.17 -69.90
N LYS O 298 -12.88 18.06 -70.76
CA LYS O 298 -12.85 16.84 -71.54
C LYS O 298 -12.23 15.71 -70.71
N SER O 299 -11.32 16.07 -69.82
CA SER O 299 -10.70 15.07 -68.96
C SER O 299 -11.70 14.58 -67.92
N LEU O 300 -12.64 15.45 -67.54
CA LEU O 300 -13.68 15.06 -66.62
C LEU O 300 -14.68 14.13 -67.31
N LEU O 301 -15.10 14.51 -68.52
CA LEU O 301 -16.01 13.69 -69.30
C LEU O 301 -15.41 12.32 -69.56
N LEU O 302 -14.08 12.24 -69.53
CA LEU O 302 -13.37 10.99 -69.74
C LEU O 302 -13.55 9.96 -68.63
N LYS O 303 -13.50 10.43 -67.39
CA LYS O 303 -13.56 9.54 -66.22
C LYS O 303 -14.74 8.58 -66.31
N TYR O 304 -15.91 9.10 -66.69
CA TYR O 304 -17.08 8.26 -66.87
C TYR O 304 -17.06 7.58 -68.23
N LEU O 305 -16.53 8.28 -69.22
CA LEU O 305 -16.54 7.83 -70.62
C LEU O 305 -15.57 6.70 -70.91
N ASP O 306 -14.37 6.81 -70.32
CA ASP O 306 -13.34 5.76 -70.38
C ASP O 306 -12.84 5.46 -71.80
N CYS O 307 -12.39 6.50 -72.52
CA CYS O 307 -11.71 6.35 -73.81
C CYS O 307 -11.13 7.68 -74.30
N ARG O 308 -9.85 7.69 -74.63
CA ARG O 308 -9.12 8.91 -75.01
C ARG O 308 -9.43 9.39 -76.42
N PRO O 309 -9.79 8.47 -77.31
CA PRO O 309 -10.06 8.81 -78.70
C PRO O 309 -11.41 9.50 -78.83
N GLN O 310 -12.46 8.86 -78.34
CA GLN O 310 -13.82 9.38 -78.45
C GLN O 310 -13.98 10.70 -77.70
N ASP O 311 -13.00 11.02 -76.85
CA ASP O 311 -12.94 12.28 -76.14
C ASP O 311 -13.11 13.46 -77.10
N LEU O 312 -12.39 13.41 -78.21
CA LEU O 312 -12.47 14.45 -79.22
C LEU O 312 -13.82 14.45 -79.90
N PRO O 313 -14.51 13.33 -79.69
CA PRO O 313 -15.85 13.10 -80.17
C PRO O 313 -16.85 14.12 -79.61
N ARG O 314 -16.69 14.53 -78.37
CA ARG O 314 -17.66 15.48 -77.83
C ARG O 314 -17.18 16.93 -77.78
N GLU O 315 -17.94 17.84 -78.38
CA GLU O 315 -17.79 19.29 -78.19
C GLU O 315 -19.08 20.05 -78.53
N VAL O 316 -19.28 21.28 -78.05
CA VAL O 316 -18.59 21.84 -76.91
C VAL O 316 -19.58 22.48 -75.93
N LEU O 317 -19.54 22.11 -74.65
CA LEU O 317 -20.32 22.80 -73.63
C LEU O 317 -19.81 22.53 -72.21
N THR O 318 -20.24 23.36 -71.27
CA THR O 318 -19.62 23.54 -69.95
C THR O 318 -20.70 23.95 -68.95
N THR O 319 -20.37 24.32 -67.71
CA THR O 319 -19.06 24.18 -67.04
C THR O 319 -19.29 23.49 -65.70
N ASN O 320 -20.58 23.29 -65.44
CA ASN O 320 -21.12 22.87 -64.17
C ASN O 320 -21.02 21.39 -64.09
N PRO O 321 -20.23 20.91 -63.15
CA PRO O 321 -19.87 19.52 -63.15
C PRO O 321 -21.15 18.74 -63.11
N ARG O 322 -22.11 19.21 -62.32
CA ARG O 322 -23.40 18.53 -62.18
C ARG O 322 -24.01 18.22 -63.55
N ARG O 323 -23.95 19.19 -64.46
CA ARG O 323 -24.51 19.01 -65.79
C ARG O 323 -23.69 18.00 -66.57
N LEU O 324 -22.40 18.07 -66.31
CA LEU O 324 -21.33 17.36 -67.02
C LEU O 324 -21.22 15.92 -66.55
N SER O 325 -21.39 15.71 -65.24
CA SER O 325 -21.31 14.39 -64.66
C SER O 325 -22.55 13.56 -64.99
N ILE O 326 -23.71 14.20 -64.90
CA ILE O 326 -24.98 13.53 -65.19
C ILE O 326 -25.16 13.35 -66.70
N ILE O 327 -24.49 14.18 -67.47
CA ILE O 327 -24.48 14.02 -68.92
C ILE O 327 -23.55 12.88 -69.33
N ALA O 328 -22.32 12.93 -68.82
CA ALA O 328 -21.28 11.98 -69.22
C ALA O 328 -21.66 10.54 -68.86
N GLU O 329 -22.45 10.38 -67.80
CA GLU O 329 -22.95 9.06 -67.43
C GLU O 329 -24.10 8.66 -68.34
N SER O 330 -24.92 9.63 -68.72
CA SER O 330 -26.06 9.40 -69.60
C SER O 330 -25.64 8.90 -70.97
N ILE O 331 -24.66 9.58 -71.54
CA ILE O 331 -24.09 9.21 -72.82
C ILE O 331 -23.44 7.84 -72.73
N ARG O 332 -22.60 7.65 -71.72
CA ARG O 332 -21.87 6.40 -71.56
C ARG O 332 -22.82 5.24 -71.31
N ASP O 333 -23.94 5.51 -70.65
CA ASP O 333 -24.92 4.48 -70.37
C ASP O 333 -26.32 4.93 -70.73
N ALA O 336 -26.32 7.93 -76.21
CA ALA O 336 -26.21 8.59 -77.51
C ALA O 336 -25.90 10.06 -77.31
N THR O 337 -24.73 10.49 -77.80
CA THR O 337 -24.17 11.81 -77.48
C THR O 337 -25.05 13.00 -77.85
N TRP O 338 -25.94 12.85 -78.81
CA TRP O 338 -26.75 13.98 -79.28
C TRP O 338 -28.14 14.03 -78.66
N ASP O 339 -28.88 12.94 -78.74
CA ASP O 339 -30.18 12.86 -78.09
C ASP O 339 -30.02 13.13 -76.59
N ASN O 340 -29.04 12.46 -75.99
CA ASN O 340 -28.85 12.54 -74.54
C ASN O 340 -28.25 13.86 -74.05
N TRP O 341 -27.65 14.64 -74.96
CA TRP O 341 -27.07 15.91 -74.57
C TRP O 341 -28.15 16.92 -74.21
N LYS O 342 -29.34 16.72 -74.75
CA LYS O 342 -30.45 17.65 -74.54
C LYS O 342 -31.73 16.98 -74.06
N HIS O 343 -32.35 16.17 -74.91
CA HIS O 343 -33.68 15.62 -74.62
C HIS O 343 -33.68 14.61 -73.47
N VAL O 344 -32.63 13.81 -73.34
CA VAL O 344 -32.53 12.91 -72.21
C VAL O 344 -32.20 13.71 -70.95
N ASN O 345 -32.23 13.05 -69.79
CA ASN O 345 -32.10 13.70 -68.49
C ASN O 345 -33.17 14.77 -68.29
N CYS O 346 -34.26 14.65 -69.04
CA CYS O 346 -35.43 15.48 -68.81
C CYS O 346 -36.15 14.93 -67.59
N ASP O 347 -35.72 13.74 -67.16
CA ASP O 347 -36.25 13.12 -65.95
C ASP O 347 -35.15 13.01 -64.89
N LYS O 348 -34.01 13.67 -65.12
CA LYS O 348 -32.90 13.60 -64.18
C LYS O 348 -32.39 14.97 -63.74
N LEU O 349 -31.57 15.61 -64.54
CA LEU O 349 -30.69 16.62 -64.01
C LEU O 349 -31.48 17.69 -63.32
N THR O 350 -32.56 18.09 -63.96
CA THR O 350 -33.45 19.14 -63.46
C THR O 350 -34.13 18.75 -62.17
N THR O 351 -34.52 17.48 -62.09
CA THR O 351 -35.14 16.95 -60.88
C THR O 351 -34.30 17.38 -59.68
N ILE O 352 -33.04 16.95 -59.67
CA ILE O 352 -32.11 17.41 -58.65
C ILE O 352 -31.94 18.92 -58.80
N ILE O 353 -32.25 19.42 -60.00
CA ILE O 353 -32.22 20.84 -60.27
C ILE O 353 -33.43 21.52 -59.62
N GLU O 354 -34.61 20.98 -59.89
CA GLU O 354 -35.81 21.50 -59.27
C GLU O 354 -35.68 21.30 -57.78
N SER O 355 -35.23 20.10 -57.42
CA SER O 355 -35.20 19.64 -56.04
C SER O 355 -34.62 20.71 -55.14
N SER O 356 -33.52 21.31 -55.56
CA SER O 356 -32.89 22.35 -54.78
C SER O 356 -33.79 23.56 -54.72
N LEU O 357 -34.66 23.71 -55.71
CA LEU O 357 -35.57 24.84 -55.73
C LEU O 357 -36.44 24.75 -54.48
N ASN O 358 -36.43 23.61 -53.81
CA ASN O 358 -37.37 23.36 -52.73
C ASN O 358 -37.30 24.32 -51.55
N VAL O 359 -36.16 24.96 -51.36
CA VAL O 359 -36.03 25.88 -50.25
C VAL O 359 -37.03 27.02 -50.31
N LEU O 360 -37.30 27.55 -51.49
CA LEU O 360 -38.08 28.78 -51.65
C LEU O 360 -39.58 28.67 -51.37
N GLU O 361 -40.21 29.82 -51.08
CA GLU O 361 -41.65 29.92 -50.81
C GLU O 361 -42.53 29.91 -52.08
N PRO O 362 -43.54 29.04 -52.14
CA PRO O 362 -44.24 28.88 -53.42
C PRO O 362 -45.20 30.01 -53.75
N ALA O 363 -45.82 30.60 -52.73
CA ALA O 363 -46.84 31.62 -52.92
C ALA O 363 -46.29 32.87 -53.59
N GLU O 364 -45.07 33.24 -53.23
CA GLU O 364 -44.49 34.48 -53.74
C GLU O 364 -43.19 34.27 -54.50
N TYR O 365 -42.34 33.39 -54.00
CA TYR O 365 -41.02 33.16 -54.59
C TYR O 365 -41.11 32.30 -55.84
N ARG O 366 -41.57 31.07 -55.67
CA ARG O 366 -41.58 30.07 -56.74
C ARG O 366 -42.36 30.49 -57.98
N LYS O 367 -43.57 31.01 -57.77
CA LYS O 367 -44.42 31.45 -58.87
C LYS O 367 -43.80 32.61 -59.64
N MET O 368 -43.36 33.64 -58.93
CA MET O 368 -42.74 34.82 -59.53
C MET O 368 -41.58 34.41 -60.40
N PHE O 369 -40.92 33.33 -59.98
CA PHE O 369 -39.72 32.83 -60.63
C PHE O 369 -40.00 32.17 -61.97
N ASP O 370 -40.95 31.24 -61.95
CA ASP O 370 -41.43 30.53 -63.15
C ASP O 370 -41.73 31.48 -64.29
N ARG O 371 -42.17 32.69 -63.93
CA ARG O 371 -42.52 33.72 -64.90
C ARG O 371 -41.36 34.15 -65.79
N LEU O 372 -40.12 33.89 -65.36
CA LEU O 372 -38.93 34.34 -66.08
C LEU O 372 -38.84 33.71 -67.47
N SER O 373 -39.51 32.58 -67.65
CA SER O 373 -39.47 31.80 -68.88
C SER O 373 -39.59 32.65 -70.15
N VAL O 374 -40.31 33.77 -70.06
CA VAL O 374 -40.54 34.63 -71.21
C VAL O 374 -39.28 35.40 -71.63
N PHE O 375 -38.34 35.50 -70.70
CA PHE O 375 -37.10 36.23 -70.97
C PHE O 375 -36.16 35.39 -71.83
N PRO O 376 -34.92 35.87 -71.91
CA PRO O 376 -33.87 35.22 -72.69
C PRO O 376 -33.10 34.26 -71.81
N PRO O 377 -32.72 33.07 -72.44
CA PRO O 377 -32.17 32.07 -71.49
C PRO O 377 -30.94 32.63 -70.84
N SER O 378 -30.14 33.36 -71.60
CA SER O 378 -28.94 33.90 -71.03
C SER O 378 -29.00 35.39 -71.23
N ALA O 379 -29.86 36.02 -70.46
CA ALA O 379 -30.09 37.45 -70.65
C ALA O 379 -30.31 38.18 -69.31
N HIS O 380 -30.65 39.46 -69.40
CA HIS O 380 -30.85 40.30 -68.21
C HIS O 380 -32.30 40.77 -68.11
N ILE O 381 -32.59 41.55 -67.07
CA ILE O 381 -33.93 42.08 -66.86
C ILE O 381 -33.94 43.30 -65.92
N PRO O 382 -34.52 44.41 -66.41
CA PRO O 382 -34.64 45.66 -65.65
C PRO O 382 -35.64 45.58 -64.51
N THR O 383 -35.58 46.54 -63.60
CA THR O 383 -36.46 46.57 -62.44
C THR O 383 -37.92 46.76 -62.84
N ILE O 384 -38.17 47.73 -63.71
CA ILE O 384 -39.53 48.08 -64.11
C ILE O 384 -40.25 46.93 -64.81
N LEU O 385 -39.53 46.18 -65.64
CA LEU O 385 -40.11 45.09 -66.39
C LEU O 385 -40.45 43.90 -65.50
N LEU O 386 -39.65 43.71 -64.46
CA LEU O 386 -39.85 42.62 -63.52
C LEU O 386 -41.07 42.86 -62.64
N SER O 387 -41.39 44.13 -62.46
CA SER O 387 -42.52 44.56 -61.64
C SER O 387 -43.84 44.00 -62.15
N LEU O 388 -44.15 44.34 -63.40
CA LEU O 388 -45.42 44.00 -64.02
C LEU O 388 -45.70 42.50 -64.00
N ILE O 389 -44.65 41.70 -64.15
CA ILE O 389 -44.81 40.25 -64.23
C ILE O 389 -44.76 39.62 -62.84
N SER O 396 -41.89 49.03 -53.69
CA SER O 396 -40.57 48.43 -53.45
C SER O 396 -40.70 46.93 -53.20
N ASP O 397 -41.91 46.40 -53.39
CA ASP O 397 -42.19 44.99 -53.13
C ASP O 397 -41.32 44.09 -54.01
N VAL O 398 -41.33 44.35 -55.31
CA VAL O 398 -40.59 43.52 -56.27
C VAL O 398 -39.09 43.53 -56.00
N MET O 399 -38.57 44.66 -55.54
CA MET O 399 -37.13 44.82 -55.32
C MET O 399 -36.65 43.96 -54.17
N VAL O 400 -37.52 43.76 -53.18
CA VAL O 400 -37.19 42.97 -52.00
C VAL O 400 -37.39 41.48 -52.27
N VAL O 401 -38.48 41.15 -52.93
CA VAL O 401 -38.83 39.76 -53.23
C VAL O 401 -37.76 39.09 -54.09
N VAL O 402 -37.15 39.85 -54.99
CA VAL O 402 -36.07 39.33 -55.81
C VAL O 402 -34.75 39.35 -55.05
N ASN O 403 -34.65 40.26 -54.08
CA ASN O 403 -33.44 40.35 -53.28
C ASN O 403 -33.30 39.09 -52.45
N LYS O 404 -34.43 38.55 -52.01
CA LYS O 404 -34.43 37.31 -51.25
C LYS O 404 -34.27 36.14 -52.21
N LEU O 405 -34.74 36.33 -53.43
CA LEU O 405 -34.58 35.35 -54.50
C LEU O 405 -33.11 35.28 -54.92
N HIS O 406 -32.45 36.41 -54.74
CA HIS O 406 -31.03 36.54 -54.85
C HIS O 406 -30.33 35.73 -53.79
N LYS O 407 -30.90 35.82 -52.60
CA LYS O 407 -30.24 35.44 -51.39
C LYS O 407 -29.96 33.99 -51.50
N TYR O 408 -31.00 33.25 -51.87
CA TYR O 408 -30.87 31.82 -52.02
C TYR O 408 -29.93 31.44 -53.12
N SER O 409 -30.04 32.07 -54.27
CA SER O 409 -29.15 31.80 -55.38
C SER O 409 -29.59 32.37 -56.71
N LEU O 410 -30.89 32.30 -56.94
CA LEU O 410 -31.43 32.26 -58.28
C LEU O 410 -31.24 33.43 -59.24
N VAL O 411 -31.40 34.66 -58.80
CA VAL O 411 -31.56 35.70 -59.79
C VAL O 411 -30.40 36.55 -59.34
N GLU O 412 -29.25 36.29 -59.91
CA GLU O 412 -28.07 37.10 -59.56
C GLU O 412 -28.49 38.56 -59.79
N LYS O 413 -28.65 39.30 -58.69
CA LYS O 413 -28.83 40.73 -58.78
C LYS O 413 -27.50 41.38 -59.09
N GLN O 414 -27.53 42.54 -59.74
CA GLN O 414 -26.30 43.22 -60.15
C GLN O 414 -26.53 44.73 -60.19
N PRO O 415 -25.46 45.51 -60.03
CA PRO O 415 -25.53 46.98 -60.10
C PRO O 415 -26.06 47.49 -61.45
N SER O 418 -29.64 49.31 -62.52
CA SER O 418 -30.07 48.45 -61.44
C SER O 418 -30.66 47.15 -62.00
N THR O 419 -30.23 46.80 -63.21
CA THR O 419 -30.74 45.63 -63.89
C THR O 419 -30.36 44.32 -63.18
N ILE O 420 -30.99 43.22 -63.59
CA ILE O 420 -30.72 41.92 -62.98
C ILE O 420 -30.37 40.89 -64.05
N SER O 421 -29.27 40.16 -63.82
CA SER O 421 -28.87 39.08 -64.73
C SER O 421 -29.02 37.72 -64.05
N ILE O 422 -29.69 36.80 -64.73
CA ILE O 422 -30.09 35.54 -64.16
C ILE O 422 -29.35 34.39 -64.86
N PRO O 423 -28.66 33.51 -64.09
CA PRO O 423 -27.80 32.42 -64.63
C PRO O 423 -28.51 31.14 -65.11
N SER O 424 -28.27 30.82 -66.37
CA SER O 424 -29.03 29.84 -67.17
C SER O 424 -29.40 28.47 -66.58
N ILE O 425 -28.52 27.88 -65.77
CA ILE O 425 -28.63 26.47 -65.41
C ILE O 425 -30.00 26.08 -64.83
N TYR O 426 -30.55 26.87 -63.92
CA TYR O 426 -31.91 26.56 -63.46
C TYR O 426 -32.89 27.45 -64.21
N LEU O 427 -32.35 28.34 -65.05
CA LEU O 427 -33.15 29.29 -65.81
C LEU O 427 -33.75 28.63 -67.04
N GLU O 428 -32.89 28.34 -68.01
CA GLU O 428 -33.35 27.89 -69.32
C GLU O 428 -33.99 26.50 -69.30
N LEU O 429 -33.30 25.56 -68.68
CA LEU O 429 -33.70 24.16 -68.70
C LEU O 429 -34.95 23.90 -67.90
N LYS O 430 -34.85 24.13 -66.60
CA LYS O 430 -35.88 23.75 -65.64
C LYS O 430 -37.28 24.31 -65.89
N VAL O 431 -37.39 25.63 -66.08
CA VAL O 431 -38.71 26.27 -66.12
C VAL O 431 -39.43 26.12 -67.46
N LYS O 432 -38.67 25.88 -68.53
CA LYS O 432 -39.25 25.75 -69.86
C LYS O 432 -40.15 24.53 -69.92
N LEU O 433 -39.72 23.45 -69.26
CA LEU O 433 -40.47 22.21 -69.23
C LEU O 433 -41.83 22.38 -68.54
N GLU O 434 -41.82 22.91 -67.33
CA GLU O 434 -43.04 23.09 -66.56
C GLU O 434 -43.59 24.51 -66.72
N ASN O 435 -44.67 24.64 -67.47
CA ASN O 435 -45.33 25.94 -67.64
C ASN O 435 -46.81 25.80 -67.92
N GLU O 436 -47.59 26.63 -67.23
CA GLU O 436 -49.02 26.77 -67.51
C GLU O 436 -49.16 27.97 -68.43
N TYR O 437 -50.30 28.12 -69.10
CA TYR O 437 -50.43 29.25 -70.01
C TYR O 437 -50.82 30.53 -69.28
N ALA O 438 -49.91 31.00 -68.44
CA ALA O 438 -49.97 32.36 -67.92
C ALA O 438 -49.21 33.24 -68.91
N LEU O 439 -48.66 32.61 -69.95
CA LEU O 439 -47.85 33.30 -70.95
C LEU O 439 -48.62 34.40 -71.66
N HIS O 440 -49.88 34.14 -71.96
CA HIS O 440 -50.77 35.10 -72.61
C HIS O 440 -50.72 36.44 -71.89
N ARG O 441 -50.82 36.39 -70.57
CA ARG O 441 -50.76 37.60 -69.76
C ARG O 441 -49.35 38.17 -69.73
N SER O 442 -48.36 37.29 -69.62
CA SER O 442 -46.96 37.71 -69.54
C SER O 442 -46.52 38.36 -70.84
N ILE O 443 -46.94 37.79 -71.97
CA ILE O 443 -46.49 38.28 -73.27
C ILE O 443 -47.30 39.49 -73.73
N VAL O 444 -48.57 39.59 -73.30
CA VAL O 444 -49.37 40.74 -73.63
C VAL O 444 -48.94 41.90 -72.74
N ASP O 445 -48.33 41.57 -71.61
CA ASP O 445 -47.75 42.56 -70.73
C ASP O 445 -46.57 43.19 -71.45
N HIS O 446 -45.88 42.38 -72.24
CA HIS O 446 -44.72 42.84 -73.00
C HIS O 446 -45.13 43.70 -74.18
N TYR O 447 -46.41 43.65 -74.55
CA TYR O 447 -46.92 44.64 -75.50
C TYR O 447 -47.19 45.93 -74.74
N ASN O 448 -47.66 45.77 -73.51
CA ASN O 448 -48.11 46.90 -72.71
C ASN O 448 -46.99 47.86 -72.32
N ILE O 449 -45.77 47.36 -72.11
CA ILE O 449 -44.74 48.23 -71.57
C ILE O 449 -44.09 49.13 -72.65
N PRO O 450 -43.79 48.61 -73.86
CA PRO O 450 -43.35 49.65 -74.80
C PRO O 450 -44.52 50.43 -75.41
N LYS O 451 -45.75 50.06 -75.07
CA LYS O 451 -46.90 50.89 -75.38
C LYS O 451 -46.90 52.09 -74.45
N THR O 452 -46.55 51.84 -73.19
CA THR O 452 -46.36 52.91 -72.22
C THR O 452 -45.16 53.76 -72.60
N PHE O 453 -44.01 53.10 -72.82
CA PHE O 453 -42.80 53.78 -73.28
C PHE O 453 -43.04 54.42 -74.65
N ASP O 454 -43.28 55.72 -74.67
CA ASP O 454 -43.56 56.42 -75.92
C ASP O 454 -43.20 57.90 -75.85
N SER O 455 -42.39 58.36 -76.80
CA SER O 455 -42.09 59.78 -76.93
C SER O 455 -42.82 60.33 -78.14
N ASP O 456 -42.80 61.66 -78.29
CA ASP O 456 -43.48 62.31 -79.41
C ASP O 456 -42.93 61.84 -80.75
N ASP O 457 -41.61 61.88 -80.91
CA ASP O 457 -40.98 61.38 -82.13
C ASP O 457 -40.68 59.89 -82.01
N LEU O 458 -39.80 59.40 -82.87
CA LEU O 458 -39.56 57.96 -82.97
C LEU O 458 -38.47 57.45 -82.04
N ILE O 459 -37.97 58.32 -81.16
CA ILE O 459 -36.93 57.92 -80.21
C ILE O 459 -37.54 57.53 -78.87
N PRO O 460 -37.47 56.24 -78.52
CA PRO O 460 -38.01 55.73 -77.27
C PRO O 460 -37.00 55.77 -76.13
N PRO O 461 -37.47 55.70 -74.87
CA PRO O 461 -36.61 55.60 -73.70
C PRO O 461 -36.24 54.15 -73.38
N TYR O 462 -35.45 53.53 -74.24
CA TYR O 462 -34.99 52.15 -74.06
C TYR O 462 -33.92 52.04 -72.98
N LEU O 463 -34.02 51.00 -72.14
CA LEU O 463 -32.92 50.65 -71.25
C LEU O 463 -31.87 49.98 -72.04
N ASP O 464 -30.58 50.29 -71.76
CA ASP O 464 -29.41 49.90 -72.54
C ASP O 464 -29.30 48.62 -73.31
N GLN O 465 -29.50 47.49 -72.65
CA GLN O 465 -29.38 46.21 -73.34
C GLN O 465 -30.71 45.50 -73.59
N TYR O 466 -31.47 45.24 -72.54
CA TYR O 466 -32.70 44.45 -72.62
C TYR O 466 -33.55 44.85 -73.82
N PHE O 467 -34.06 46.07 -73.77
CA PHE O 467 -35.04 46.56 -74.73
C PHE O 467 -34.63 46.33 -76.17
N TYR O 468 -33.39 46.67 -76.51
CA TYR O 468 -32.91 46.51 -77.88
C TYR O 468 -32.93 45.06 -78.35
N SER O 469 -32.48 44.15 -77.50
CA SER O 469 -32.40 42.74 -77.88
C SER O 469 -33.70 41.99 -77.70
N HIS O 470 -34.45 42.33 -76.65
CA HIS O 470 -35.55 41.49 -76.21
C HIS O 470 -36.90 41.92 -76.79
N ILE O 471 -37.01 43.20 -77.17
CA ILE O 471 -38.28 43.69 -77.69
C ILE O 471 -38.68 42.88 -78.92
N GLY O 472 -37.70 42.56 -79.76
CA GLY O 472 -37.96 41.85 -81.00
C GLY O 472 -38.51 40.46 -80.79
N HIS O 473 -38.01 39.80 -79.75
CA HIS O 473 -38.43 38.45 -79.42
C HIS O 473 -39.89 38.42 -78.95
N HIS O 474 -40.22 39.32 -78.03
CA HIS O 474 -41.56 39.39 -77.49
C HIS O 474 -42.57 39.90 -78.52
N LEU O 475 -42.12 40.82 -79.38
CA LEU O 475 -42.97 41.37 -80.43
C LEU O 475 -43.36 40.30 -81.44
N LYS O 476 -42.42 39.42 -81.76
CA LYS O 476 -42.71 38.31 -82.67
C LYS O 476 -43.77 37.41 -82.07
N ASN O 477 -43.71 37.22 -80.75
CA ASN O 477 -44.65 36.37 -80.04
C ASN O 477 -46.06 36.95 -80.02
N ILE O 478 -46.18 38.26 -79.81
CA ILE O 478 -47.50 38.87 -79.67
C ILE O 478 -48.25 38.99 -81.01
N GLU O 479 -47.69 39.74 -81.96
CA GLU O 479 -48.37 40.06 -83.23
C GLU O 479 -47.44 40.74 -84.24
N HIS O 480 -47.97 41.01 -85.42
CA HIS O 480 -47.20 41.64 -86.50
C HIS O 480 -47.17 43.19 -86.51
N PRO O 481 -48.28 43.86 -86.13
CA PRO O 481 -48.24 45.32 -86.37
C PRO O 481 -47.22 46.07 -85.54
N GLU O 482 -46.93 45.58 -84.33
CA GLU O 482 -45.98 46.25 -83.45
C GLU O 482 -44.55 45.92 -83.86
N ARG O 483 -44.34 44.72 -84.38
CA ARG O 483 -43.07 44.37 -84.96
C ARG O 483 -42.75 45.30 -86.13
N MET O 484 -43.78 45.56 -86.93
CA MET O 484 -43.67 46.43 -88.09
C MET O 484 -43.08 47.79 -87.74
N THR O 485 -43.57 48.39 -86.66
CA THR O 485 -43.14 49.72 -86.25
C THR O 485 -41.90 49.72 -85.36
N LEU O 486 -41.89 48.88 -84.33
CA LEU O 486 -40.82 48.94 -83.33
C LEU O 486 -39.47 48.43 -83.83
N PHE O 487 -39.49 47.42 -84.70
CA PHE O 487 -38.26 46.99 -85.37
C PHE O 487 -37.70 48.12 -86.18
N ARG O 488 -38.60 48.99 -86.61
CA ARG O 488 -38.28 50.11 -87.45
C ARG O 488 -37.55 49.61 -88.68
N MET O 489 -38.20 48.68 -89.35
CA MET O 489 -37.88 48.34 -90.72
C MET O 489 -38.61 49.36 -91.55
N VAL O 490 -39.70 49.85 -90.98
CA VAL O 490 -40.46 50.95 -91.54
C VAL O 490 -39.81 52.28 -91.15
N PHE O 491 -39.37 52.37 -89.89
CA PHE O 491 -38.77 53.61 -89.40
C PHE O 491 -37.25 53.59 -89.58
N LEU O 492 -36.67 54.72 -89.97
CA LEU O 492 -35.22 54.80 -90.12
C LEU O 492 -34.53 54.92 -88.76
N ASP O 493 -35.33 55.13 -87.72
CA ASP O 493 -34.80 55.56 -86.43
C ASP O 493 -34.11 54.46 -85.60
N PHE O 494 -34.46 53.20 -85.82
CA PHE O 494 -33.79 52.12 -85.08
C PHE O 494 -32.51 51.71 -85.80
N ARG O 495 -32.45 51.99 -87.09
CA ARG O 495 -31.19 51.87 -87.80
C ARG O 495 -30.21 52.84 -87.16
N PHE O 496 -30.73 54.00 -86.78
CA PHE O 496 -29.95 55.00 -86.07
C PHE O 496 -29.60 54.50 -84.67
N LEU O 497 -30.60 54.41 -83.79
CA LEU O 497 -30.40 54.08 -82.39
C LEU O 497 -29.69 52.74 -82.17
N GLU O 498 -30.40 51.63 -82.39
CA GLU O 498 -29.90 50.27 -82.16
C GLU O 498 -28.44 50.05 -82.55
N GLN O 499 -28.04 50.63 -83.67
CA GLN O 499 -26.70 50.46 -84.20
C GLN O 499 -25.65 51.18 -83.35
N LYS O 500 -25.92 52.43 -82.98
CA LYS O 500 -24.90 53.27 -82.37
C LYS O 500 -24.77 53.08 -80.86
N ILE O 501 -25.81 52.57 -80.22
CA ILE O 501 -25.73 52.26 -78.78
C ILE O 501 -25.07 50.90 -78.60
N ARG O 502 -25.42 49.96 -79.49
CA ARG O 502 -24.75 48.67 -79.52
C ARG O 502 -23.41 48.76 -80.23
N HIS O 503 -22.56 49.66 -79.75
CA HIS O 503 -21.24 49.88 -80.34
C HIS O 503 -20.12 49.54 -79.35
N ASN O 516 -22.60 44.08 -82.06
CA ASN O 516 -22.63 45.23 -82.95
C ASN O 516 -23.71 45.11 -84.01
N THR O 517 -23.32 45.25 -85.27
CA THR O 517 -24.25 45.12 -86.39
C THR O 517 -24.80 43.70 -86.47
N LEU O 518 -24.06 42.77 -85.87
CA LEU O 518 -24.38 41.36 -85.91
C LEU O 518 -25.76 41.06 -85.34
N GLN O 519 -25.91 41.36 -84.06
CA GLN O 519 -27.15 41.05 -83.36
C GLN O 519 -28.32 41.79 -83.99
N GLN O 520 -28.05 42.97 -84.53
CA GLN O 520 -29.05 43.72 -85.28
C GLN O 520 -29.47 42.88 -86.49
N LEU O 521 -28.49 42.43 -87.25
CA LEU O 521 -28.72 41.51 -88.36
C LEU O 521 -29.39 40.23 -87.88
N LYS O 522 -29.06 39.82 -86.66
CA LYS O 522 -29.62 38.61 -86.07
C LYS O 522 -31.08 38.79 -85.65
N PHE O 523 -31.49 40.04 -85.44
CA PHE O 523 -32.88 40.31 -85.15
C PHE O 523 -33.69 40.15 -86.42
N TYR O 524 -33.31 40.93 -87.43
CA TYR O 524 -34.11 41.07 -88.64
C TYR O 524 -34.43 39.74 -89.33
N LYS O 525 -33.47 38.82 -89.41
CA LYS O 525 -33.67 37.64 -90.27
C LYS O 525 -34.68 36.61 -89.73
N PRO O 526 -34.54 36.15 -88.49
CA PRO O 526 -35.58 35.19 -88.08
C PRO O 526 -36.91 35.83 -87.73
N TYR O 527 -36.94 37.15 -87.59
CA TYR O 527 -38.14 37.82 -87.09
C TYR O 527 -39.10 38.30 -88.19
N ILE O 528 -38.72 38.21 -89.47
CA ILE O 528 -39.61 38.69 -90.54
C ILE O 528 -40.88 37.86 -90.69
N CYS O 529 -40.88 36.66 -90.12
CA CYS O 529 -41.98 35.73 -90.30
C CYS O 529 -43.32 36.32 -89.84
N ASP O 530 -43.26 37.14 -88.80
CA ASP O 530 -44.46 37.74 -88.23
C ASP O 530 -45.14 38.70 -89.22
N ASP O 532 -47.30 41.09 -93.41
CA ASP O 532 -47.67 40.25 -94.55
C ASP O 532 -46.53 40.23 -95.59
N PRO O 533 -46.49 39.21 -96.46
CA PRO O 533 -45.44 39.03 -97.46
C PRO O 533 -45.00 40.29 -98.21
N LYS O 534 -45.91 41.24 -98.42
CA LYS O 534 -45.58 42.47 -99.15
C LYS O 534 -44.57 43.29 -98.39
N TYR O 535 -44.79 43.42 -97.08
CA TYR O 535 -43.82 44.07 -96.21
C TYR O 535 -42.65 43.13 -95.94
N GLU O 536 -42.88 41.82 -96.12
CA GLU O 536 -41.85 40.82 -95.80
C GLU O 536 -40.70 40.85 -96.80
N ARG O 537 -41.03 40.90 -98.08
CA ARG O 537 -40.02 41.04 -99.13
C ARG O 537 -39.27 42.36 -98.94
N LEU O 538 -39.93 43.28 -98.24
CA LEU O 538 -39.36 44.58 -97.95
C LEU O 538 -38.34 44.49 -96.82
N VAL O 539 -38.61 43.68 -95.80
CA VAL O 539 -37.66 43.56 -94.68
C VAL O 539 -36.36 42.90 -95.13
N ASN O 540 -36.45 41.97 -96.07
CA ASN O 540 -35.26 41.27 -96.51
C ASN O 540 -34.46 42.18 -97.43
N ALA O 541 -35.16 43.12 -98.05
CA ALA O 541 -34.52 44.14 -98.86
C ALA O 541 -33.72 45.10 -97.98
N ILE O 542 -34.32 45.54 -96.88
CA ILE O 542 -33.62 46.40 -95.94
C ILE O 542 -32.62 45.59 -95.12
N LEU O 543 -32.85 44.28 -95.07
CA LEU O 543 -31.98 43.37 -94.34
C LEU O 543 -30.59 43.36 -94.95
N ASP O 544 -30.54 43.18 -96.25
CA ASP O 544 -29.27 43.06 -96.96
C ASP O 544 -28.46 44.35 -96.89
N PHE O 545 -29.15 45.49 -97.00
CA PHE O 545 -28.50 46.79 -96.96
C PHE O 545 -27.92 47.10 -95.57
N LEU O 546 -28.33 46.33 -94.58
CA LEU O 546 -27.96 46.62 -93.20
C LEU O 546 -26.49 46.27 -92.84
N PRO O 547 -26.06 45.02 -93.11
CA PRO O 547 -24.64 44.78 -92.78
C PRO O 547 -23.73 45.39 -93.85
N LYS O 548 -24.32 45.74 -94.98
CA LYS O 548 -23.62 46.33 -96.11
C LYS O 548 -22.85 47.58 -95.69
N ILE O 549 -23.43 48.34 -94.76
CA ILE O 549 -22.86 49.61 -94.32
C ILE O 549 -23.17 49.88 -92.85
N TYR O 558 -27.34 63.86 -87.01
CA TYR O 558 -28.67 63.37 -87.40
C TYR O 558 -28.95 63.22 -88.91
N THR O 559 -28.47 64.19 -89.68
CA THR O 559 -28.73 64.28 -91.11
C THR O 559 -28.29 63.05 -91.91
N ASP O 560 -27.07 62.56 -91.65
CA ASP O 560 -26.48 61.47 -92.43
C ASP O 560 -27.41 60.29 -92.66
N LEU O 561 -28.08 59.85 -91.60
CA LEU O 561 -28.97 58.69 -91.65
C LEU O 561 -30.03 58.83 -92.73
N LEU O 562 -30.60 60.03 -92.86
CA LEU O 562 -31.68 60.29 -93.81
C LEU O 562 -31.16 60.33 -95.25
N ARG O 563 -29.98 60.93 -95.43
CA ARG O 563 -29.41 61.13 -96.75
C ARG O 563 -29.05 59.82 -97.44
N ILE O 564 -28.64 58.82 -96.66
CA ILE O 564 -28.28 57.53 -97.22
C ILE O 564 -29.51 56.65 -97.42
N ALA O 565 -30.62 57.03 -96.79
CA ALA O 565 -31.89 56.35 -97.00
C ALA O 565 -32.51 56.83 -98.30
N LEU O 566 -32.02 57.96 -98.80
CA LEU O 566 -32.54 58.62 -99.99
C LEU O 566 -32.24 57.83 -101.27
N MET O 567 -31.24 56.96 -101.21
CA MET O 567 -30.75 56.28 -102.41
C MET O 567 -31.78 55.32 -103.03
N ALA O 568 -32.54 54.64 -102.19
CA ALA O 568 -33.54 53.69 -102.67
C ALA O 568 -34.95 54.23 -102.45
N GLU O 569 -35.58 54.69 -103.54
CA GLU O 569 -36.90 55.31 -103.50
C GLU O 569 -38.00 54.33 -103.08
N ASP O 570 -37.74 53.03 -103.27
CA ASP O 570 -38.75 52.00 -103.10
C ASP O 570 -39.08 51.65 -101.66
N GLU O 571 -38.31 52.18 -100.71
CA GLU O 571 -38.40 51.73 -99.33
C GLU O 571 -39.03 52.76 -98.39
N ALA O 572 -39.74 52.25 -97.39
CA ALA O 572 -40.38 53.08 -96.38
C ALA O 572 -39.36 53.66 -95.41
N ILE O 573 -38.13 53.12 -95.45
CA ILE O 573 -37.07 53.64 -94.59
C ILE O 573 -36.74 55.06 -95.03
N PHE O 574 -37.01 55.37 -96.30
CA PHE O 574 -36.89 56.73 -96.79
C PHE O 574 -38.12 57.54 -96.41
N GLU O 575 -39.30 56.92 -96.53
CA GLU O 575 -40.56 57.58 -96.19
C GLU O 575 -40.57 58.03 -94.74
N GLU O 576 -39.99 57.22 -93.87
CA GLU O 576 -39.90 57.58 -92.46
C GLU O 576 -38.71 58.48 -92.21
N ALA O 577 -37.66 58.32 -93.00
CA ALA O 577 -36.52 59.22 -92.97
C ALA O 577 -37.00 60.65 -93.13
N HIS O 578 -37.91 60.84 -94.08
CA HIS O 578 -38.47 62.15 -94.37
C HIS O 578 -39.32 62.68 -93.21
N LYS O 579 -39.89 61.77 -92.43
CA LYS O 579 -40.72 62.17 -91.30
C LYS O 579 -39.88 62.60 -90.10
N GLN O 580 -38.74 61.95 -89.92
CA GLN O 580 -37.92 62.21 -88.73
C GLN O 580 -36.97 63.39 -88.90
N VAL O 581 -36.76 63.83 -90.15
CA VAL O 581 -36.09 65.09 -90.38
C VAL O 581 -37.10 66.21 -90.20
N GLN O 582 -38.33 65.94 -90.64
CA GLN O 582 -39.46 66.85 -90.47
C GLN O 582 -39.62 67.24 -89.01
N ARG O 583 -39.41 66.28 -88.12
CA ARG O 583 -39.34 66.56 -86.70
C ARG O 583 -37.97 66.20 -86.15
N UNK O 584 -17.21 49.97 -97.41
CA UNK O 584 -16.57 48.67 -97.52
C UNK O 584 -17.55 47.61 -97.03
N UNK O 585 -17.53 46.47 -97.69
CA UNK O 585 -18.42 45.37 -97.34
C UNK O 585 -18.35 45.03 -95.85
N UNK O 586 -17.18 45.16 -95.24
CA UNK O 586 -17.05 44.85 -93.82
C UNK O 586 -15.99 45.68 -93.08
N UNK O 587 -16.28 46.03 -91.84
CA UNK O 587 -15.36 46.80 -91.02
C UNK O 587 -15.27 46.22 -89.60
N UNK O 588 -14.07 45.78 -89.24
CA UNK O 588 -13.80 45.15 -87.95
C UNK O 588 -12.99 46.01 -86.99
N UNK O 589 -13.43 46.07 -85.74
CA UNK O 589 -12.74 46.84 -84.72
C UNK O 589 -12.42 45.97 -83.50
N UNK O 590 -11.29 45.22 -83.54
CA UNK O 590 -10.87 44.34 -82.45
C UNK O 590 -9.61 44.72 -81.68
N UNK O 591 -9.02 45.86 -82.01
CA UNK O 591 -7.81 46.29 -81.30
C UNK O 591 -8.10 47.55 -80.53
N UNK O 592 -7.25 47.86 -79.55
CA UNK O 592 -7.45 49.05 -78.76
C UNK O 592 -6.38 50.04 -79.12
N UNK O 593 -4.33 50.83 -81.93
CA UNK O 593 -4.14 50.69 -83.36
C UNK O 593 -3.99 49.23 -83.79
N UNK O 594 -4.55 48.90 -84.96
CA UNK O 594 -4.45 47.56 -85.52
C UNK O 594 -3.30 47.62 -86.50
N UNK O 595 -2.32 46.76 -86.33
CA UNK O 595 -1.21 46.82 -87.27
C UNK O 595 -1.35 45.90 -88.47
N UNK O 596 -1.86 44.69 -88.24
CA UNK O 596 -2.01 43.72 -89.32
C UNK O 596 -3.23 42.87 -89.04
N UNK O 597 -3.79 42.29 -90.10
CA UNK O 597 -4.96 41.42 -90.00
C UNK O 597 -4.96 40.55 -91.24
N UNK O 598 -5.57 39.37 -91.17
CA UNK O 598 -5.59 38.48 -92.32
C UNK O 598 -6.68 37.41 -92.23
N UNK O 599 -6.98 36.78 -93.37
CA UNK O 599 -8.00 35.75 -93.48
C UNK O 599 -7.47 34.35 -93.17
N UNK O 600 -8.36 33.47 -92.75
CA UNK O 600 -7.98 32.09 -92.49
C UNK O 600 -7.87 31.50 -93.89
N UNK O 601 -7.22 30.35 -94.03
CA UNK O 601 -7.07 29.76 -95.35
C UNK O 601 -8.38 29.51 -96.07
N UNK O 602 -9.46 29.27 -95.33
CA UNK O 602 -10.76 29.06 -95.98
C UNK O 602 -11.55 30.37 -96.03
N UNK O 603 -10.93 31.45 -95.57
CA UNK O 603 -11.59 32.74 -95.58
C UNK O 603 -12.72 32.93 -94.57
N UNK O 604 -13.04 31.87 -93.82
CA UNK O 604 -14.10 31.94 -92.81
C UNK O 604 -13.81 32.78 -91.59
N UNK O 605 -12.53 32.91 -91.24
CA UNK O 605 -12.13 33.67 -90.07
C UNK O 605 -11.10 34.74 -90.39
N UNK O 606 -10.88 35.64 -89.43
CA UNK O 606 -9.92 36.72 -89.56
C UNK O 606 -9.18 36.90 -88.24
N UNK O 607 -7.85 37.04 -88.31
CA UNK O 607 -7.07 37.24 -87.10
C UNK O 607 -6.43 38.61 -87.30
N UNK O 608 -6.32 39.38 -86.23
CA UNK O 608 -5.77 40.72 -86.29
C UNK O 608 -4.94 40.97 -85.05
N UNK O 609 -3.79 41.60 -85.21
CA UNK O 609 -2.91 41.88 -84.09
C UNK O 609 -2.49 43.33 -84.15
N UNK O 610 -2.55 44.02 -83.01
CA UNK O 610 -2.17 45.41 -83.03
C UNK O 610 -1.36 45.85 -81.83
N UNK O 611 -1.37 47.15 -81.59
CA UNK O 611 -0.53 47.74 -80.56
C UNK O 611 -1.12 47.50 -79.18
N UNK O 612 -2.29 46.88 -79.13
CA UNK O 612 -2.89 46.63 -77.83
C UNK O 612 -2.31 45.34 -77.21
N UNK O 613 -1.30 44.78 -77.88
CA UNK O 613 -0.59 43.56 -77.44
C UNK O 613 -1.33 42.23 -77.55
N UNK O 614 -2.58 42.24 -78.00
CA UNK O 614 -3.38 41.00 -78.10
C UNK O 614 -3.52 40.35 -79.49
N UNK O 615 -3.95 39.10 -79.51
CA UNK O 615 -4.20 38.37 -80.75
C UNK O 615 -5.70 38.24 -80.75
N UNK O 616 -6.34 38.61 -81.86
CA UNK O 616 -7.79 38.54 -81.93
C UNK O 616 -8.25 37.74 -83.11
N UNK O 617 -9.37 37.06 -82.96
CA UNK O 617 -9.90 36.28 -84.05
C UNK O 617 -11.41 36.36 -84.02
N UNK O 618 -12.01 36.43 -85.20
CA UNK O 618 -13.46 36.55 -85.36
C UNK O 618 -13.91 35.98 -86.70
N UNK O 619 -15.20 35.65 -86.80
CA UNK O 619 -15.74 35.12 -88.03
C UNK O 619 -15.65 36.19 -89.12
N UNK O 620 -15.33 35.78 -90.34
CA UNK O 620 -15.22 36.74 -91.44
C UNK O 620 -16.61 37.31 -91.74
N UNK O 621 -17.61 36.45 -91.65
CA UNK O 621 -19.00 36.82 -91.90
C UNK O 621 -19.60 37.91 -91.02
N UNK O 622 -19.45 37.77 -89.70
CA UNK O 622 -20.04 38.72 -88.75
C UNK O 622 -19.19 39.46 -87.72
N UNK O 623 -17.89 39.19 -87.65
CA UNK O 623 -17.06 39.88 -86.67
C UNK O 623 -17.24 39.30 -85.28
N UNK O 624 -18.14 38.34 -85.19
CA UNK O 624 -18.48 37.61 -83.97
C UNK O 624 -17.16 37.15 -83.35
N UNK O 625 -16.76 37.75 -82.24
CA UNK O 625 -15.50 37.37 -81.62
C UNK O 625 -15.34 35.87 -81.36
N UNK O 626 -14.17 35.34 -81.72
CA UNK O 626 -13.84 33.94 -81.52
C UNK O 626 -12.71 33.77 -80.51
N UNK O 627 -11.67 34.57 -80.61
CA UNK O 627 -10.56 34.51 -79.65
C UNK O 627 -10.10 35.89 -79.20
N UNK O 628 -9.76 36.02 -77.90
CA UNK O 628 -9.28 37.27 -77.33
C UNK O 628 -8.06 36.93 -76.44
N UNK O 629 -6.93 36.66 -77.08
CA UNK O 629 -5.68 36.28 -76.41
C UNK O 629 -4.76 37.45 -76.10
N UNK O 630 -3.98 37.34 -75.03
CA UNK O 630 -3.02 38.38 -74.69
C UNK O 630 -1.67 37.85 -75.19
N UNK O 631 -1.48 37.87 -76.51
CA UNK O 631 -0.28 37.33 -77.15
C UNK O 631 1.14 37.73 -76.72
N UNK O 632 1.41 39.01 -76.54
CA UNK O 632 2.76 39.41 -76.15
C UNK O 632 2.83 40.49 -75.10
N UNK O 633 4.08 40.85 -74.79
CA UNK O 633 4.38 41.87 -73.79
C UNK O 633 4.88 43.12 -74.51
N UNK O 634 5.14 43.30 -76.22
CA UNK O 634 5.53 44.46 -77.02
C UNK O 634 4.86 44.35 -78.40
N UNK O 635 4.66 45.51 -79.03
CA UNK O 635 3.96 45.58 -80.30
C UNK O 635 4.35 44.52 -81.33
N UNK O 636 3.39 44.10 -82.13
CA UNK O 636 3.61 43.09 -83.15
C UNK O 636 3.79 43.74 -84.50
N UNK O 637 4.40 43.00 -85.43
CA UNK O 637 4.67 43.53 -86.79
C UNK O 637 4.18 42.74 -88.00
N UNK O 638 3.87 41.47 -87.81
CA UNK O 638 3.43 40.66 -88.93
C UNK O 638 2.86 39.34 -88.42
N UNK O 639 2.03 38.71 -89.24
CA UNK O 639 1.40 37.45 -88.90
C UNK O 639 0.98 36.71 -90.20
N UNK O 640 0.96 35.38 -90.16
CA UNK O 640 0.59 34.60 -91.34
C UNK O 640 0.07 33.25 -90.98
N UNK O 641 -0.55 32.58 -91.95
CA UNK O 641 -1.12 31.24 -91.78
C UNK O 641 -0.17 30.28 -92.47
N UNK O 642 -0.21 29.00 -92.09
CA UNK O 642 0.64 28.00 -92.71
C UNK O 642 -0.06 27.55 -93.98
N UNK O 643 0.55 26.62 -94.71
CA UNK O 643 -0.01 26.12 -95.95
C UNK O 643 -1.38 25.46 -95.81
N UNK O 644 -1.66 24.86 -94.65
CA UNK O 644 -2.96 24.22 -94.45
C UNK O 644 -3.76 24.92 -93.36
N UNK O 645 -3.49 26.20 -93.15
CA UNK O 645 -4.19 26.98 -92.15
C UNK O 645 -4.17 26.31 -90.79
N UNK O 646 -3.32 25.32 -90.62
CA UNK O 646 -3.25 24.62 -89.34
C UNK O 646 -2.61 25.52 -88.29
N UNK O 647 -1.75 26.42 -88.75
CA UNK O 647 -1.05 27.30 -87.84
C UNK O 647 -1.07 28.75 -88.29
N UNK O 648 -0.65 29.62 -87.37
CA UNK O 648 -0.55 31.05 -87.59
C UNK O 648 0.70 31.45 -86.84
N UNK O 649 1.62 32.14 -87.50
CA UNK O 649 2.80 32.58 -86.80
C UNK O 649 2.62 34.07 -86.58
N UNK O 650 3.44 34.64 -85.71
CA UNK O 650 3.41 36.07 -85.44
C UNK O 650 4.82 36.41 -85.01
N UNK O 651 5.34 37.50 -85.53
CA UNK O 651 6.68 37.91 -85.16
C UNK O 651 6.50 39.34 -84.64
N UNK O 652 7.26 39.72 -83.61
CA UNK O 652 7.09 41.05 -83.03
C UNK O 652 8.36 41.77 -82.66
N UNK O 653 8.19 42.94 -82.05
CA UNK O 653 9.30 43.78 -81.64
C UNK O 653 10.06 43.21 -80.45
N UNK O 654 9.51 42.17 -79.81
CA UNK O 654 10.20 41.57 -78.69
C UNK O 654 11.23 40.61 -79.25
N UNK O 655 11.40 40.67 -80.56
CA UNK O 655 12.38 39.85 -81.27
C UNK O 655 12.02 38.37 -81.34
N UNK O 656 10.81 38.02 -80.90
CA UNK O 656 10.37 36.63 -80.93
C UNK O 656 9.43 36.34 -82.10
N UNK O 657 9.32 35.04 -82.42
CA UNK O 657 8.44 34.52 -83.47
C UNK O 657 7.61 33.48 -82.75
N UNK O 658 6.32 33.37 -83.07
CA UNK O 658 5.51 32.39 -82.38
C UNK O 658 4.58 31.61 -83.28
N UNK O 659 4.30 30.36 -82.89
CA UNK O 659 3.42 29.52 -83.68
C UNK O 659 2.20 29.22 -82.85
N UNK O 660 1.02 29.32 -83.45
CA UNK O 660 -0.23 29.07 -82.74
C UNK O 660 -1.11 28.07 -83.48
N UNK O 661 -1.91 27.33 -82.72
CA UNK O 661 -2.85 26.39 -83.29
C UNK O 661 -3.95 27.34 -83.72
N UNK O 662 -4.15 27.50 -85.01
CA UNK O 662 -5.17 28.42 -85.49
C UNK O 662 -6.56 28.11 -84.98
N UNK O 663 -6.75 26.91 -84.46
CA UNK O 663 -8.06 26.50 -83.98
C UNK O 663 -8.31 26.88 -82.53
N UNK O 664 -5.81 28.46 -80.56
CA UNK O 664 -5.04 29.62 -80.17
C UNK O 664 -4.00 29.33 -79.12
N UNK O 665 -3.75 28.07 -78.83
CA UNK O 665 -2.74 27.72 -77.84
C UNK O 665 -1.34 27.86 -78.43
N UNK O 666 -0.45 28.51 -77.68
CA UNK O 666 0.93 28.71 -78.10
C UNK O 666 1.51 27.33 -78.41
N UNK O 667 2.05 27.17 -79.62
CA UNK O 667 2.61 25.90 -80.04
C UNK O 667 4.13 26.02 -80.17
N UNK O 668 7.70 28.90 -79.17
CA UNK O 668 8.25 30.18 -79.60
C UNK O 668 9.72 30.06 -79.99
N UNK O 669 10.13 30.90 -80.93
CA UNK O 669 11.50 30.91 -81.42
C UNK O 669 12.14 32.26 -81.18
N UNK O 670 13.03 32.34 -80.20
CA UNK O 670 13.72 33.60 -79.94
C UNK O 670 15.16 33.44 -80.38
N UNK O 671 15.54 34.13 -81.44
CA UNK O 671 16.91 34.05 -81.94
C UNK O 671 17.31 35.30 -82.68
N UNK O 672 14.41 37.46 -85.76
CA UNK O 672 14.10 36.81 -87.04
C UNK O 672 12.95 37.56 -87.72
N UNK O 673 13.25 38.07 -88.92
CA UNK O 673 12.32 38.87 -89.73
C UNK O 673 11.43 38.09 -90.70
N UNK O 674 12.04 37.19 -91.46
CA UNK O 674 11.30 36.37 -92.41
C UNK O 674 10.84 35.06 -91.79
N UNK O 675 9.65 34.60 -92.20
CA UNK O 675 9.14 33.28 -91.83
C UNK O 675 7.97 32.91 -92.73
N UNK O 676 8.22 31.89 -93.56
CA UNK O 676 7.27 31.40 -94.55
C UNK O 676 7.23 29.86 -94.59
N UNK O 677 6.04 29.29 -94.83
CA UNK O 677 5.87 27.83 -94.87
C UNK O 677 5.99 27.31 -96.29
N UNK O 678 6.01 25.99 -96.44
CA UNK O 678 6.08 25.37 -97.76
C UNK O 678 4.67 25.40 -98.34
N UNK O 679 4.55 25.57 -99.66
CA UNK O 679 3.24 25.66 -100.31
C UNK O 679 2.54 24.33 -100.53
N UNK O 680 3.29 23.34 -101.02
CA UNK O 680 2.72 22.03 -101.26
C UNK O 680 2.20 21.35 -99.99
N UNK O 681 0.94 20.96 -100.06
CA UNK O 681 0.22 20.28 -98.99
C UNK O 681 0.87 18.95 -98.61
N UNK O 682 1.98 18.64 -99.25
CA UNK O 682 2.68 17.41 -98.98
C UNK O 682 3.62 17.56 -97.79
N UNK O 683 4.78 18.18 -98.01
CA UNK O 683 5.76 18.41 -96.95
C UNK O 683 5.38 19.62 -96.09
N UNK O 684 5.95 19.71 -94.89
CA UNK O 684 5.63 20.78 -93.95
C UNK O 684 6.85 21.46 -93.35
N UNK O 685 7.52 22.33 -94.10
CA UNK O 685 8.70 23.00 -93.60
C UNK O 685 8.47 24.47 -93.34
N UNK O 686 9.35 25.06 -92.54
CA UNK O 686 9.26 26.47 -92.21
C UNK O 686 10.63 27.08 -92.44
N UNK O 687 10.65 28.22 -93.12
CA UNK O 687 11.90 28.89 -93.41
C UNK O 687 11.92 30.21 -92.69
N UNK O 688 13.05 30.55 -92.09
CA UNK O 688 13.17 31.79 -91.35
C UNK O 688 14.47 32.51 -91.68
N UNK O 689 14.38 33.83 -91.79
CA UNK O 689 15.54 34.65 -92.08
C UNK O 689 15.73 35.53 -90.84
N UNK O 690 16.97 35.80 -90.45
CA UNK O 690 17.19 36.62 -89.26
C UNK O 690 18.31 37.64 -89.42
N UNK O 691 18.35 38.58 -88.48
CA UNK O 691 19.39 39.62 -88.47
C UNK O 691 20.74 38.97 -88.19
N UNK O 692 20.73 37.71 -87.79
CA UNK O 692 21.97 37.01 -87.48
C UNK O 692 22.65 36.48 -88.75
N UNK O 693 22.11 36.87 -89.90
CA UNK O 693 22.65 36.48 -91.22
C UNK O 693 22.30 35.08 -91.67
N UNK O 694 21.61 34.30 -90.87
CA UNK O 694 21.27 32.96 -91.29
C UNK O 694 19.83 32.81 -91.69
N UNK O 695 19.58 31.66 -92.31
CA UNK O 695 18.27 31.22 -92.76
C UNK O 695 18.12 29.85 -92.12
N UNK O 696 16.91 29.46 -91.76
CA UNK O 696 16.77 28.16 -91.16
C UNK O 696 15.56 27.41 -91.68
N UNK O 697 15.72 26.10 -91.85
CA UNK O 697 14.64 25.26 -92.29
C UNK O 697 14.29 24.45 -91.06
N UNK O 698 13.01 24.42 -90.71
CA UNK O 698 12.55 23.67 -89.55
C UNK O 698 11.60 22.62 -90.06
N UNK O 699 11.67 21.44 -89.47
CA UNK O 699 10.78 20.34 -89.84
C UNK O 699 9.85 20.27 -88.65
N UNK O 700 8.69 20.91 -88.75
CA UNK O 700 7.70 20.94 -87.68
C UNK O 700 7.45 19.59 -87.04
N UNK O 701 7.79 18.53 -87.76
CA UNK O 701 7.61 17.17 -87.27
C UNK O 701 8.88 16.76 -86.52
N UNK O 702 9.60 17.72 -85.96
CA UNK O 702 10.84 17.42 -85.26
C UNK O 702 11.22 18.52 -84.28
N UNK O 703 11.46 18.15 -83.03
CA UNK O 703 11.82 19.11 -82.01
C UNK O 703 13.08 19.90 -82.39
N UNK O 704 13.68 19.58 -83.53
CA UNK O 704 14.92 20.25 -83.93
C UNK O 704 14.94 21.00 -85.26
N UNK O 705 15.97 21.83 -85.40
CA UNK O 705 16.22 22.61 -86.59
C UNK O 705 16.61 21.57 -87.62
N UNK O 706 16.39 21.83 -88.90
CA UNK O 706 16.74 20.84 -89.92
C UNK O 706 17.94 21.27 -90.73
N UNK O 707 18.11 22.57 -90.86
CA UNK O 707 19.22 23.10 -91.63
C UNK O 707 19.46 24.55 -91.26
N UNK O 708 20.67 25.01 -91.48
CA UNK O 708 21.01 26.39 -91.19
C UNK O 708 21.81 26.89 -92.37
N UNK O 709 21.14 27.60 -93.28
CA UNK O 709 21.83 28.10 -94.46
C UNK O 709 22.79 29.23 -94.17
N UNK O 710 24.09 28.95 -94.22
CA UNK O 710 25.05 30.01 -94.01
C UNK O 710 25.34 30.63 -95.37
N UNK O 711 19.10 44.79 -92.51
CA UNK O 711 18.48 43.90 -93.48
C UNK O 711 17.01 43.78 -93.07
N UNK O 712 16.12 44.30 -93.90
CA UNK O 712 14.72 44.29 -93.56
C UNK O 712 13.89 43.16 -94.09
N UNK O 713 14.39 42.42 -95.05
CA UNK O 713 13.58 41.37 -95.62
C UNK O 713 14.45 40.44 -96.45
N UNK O 714 13.99 39.21 -96.65
CA UNK O 714 14.72 38.19 -97.41
C UNK O 714 13.82 37.01 -97.74
N UNK O 715 13.92 36.51 -98.96
CA UNK O 715 13.10 35.39 -99.41
C UNK O 715 13.94 34.45 -100.25
N UNK O 716 13.73 33.16 -100.07
CA UNK O 716 14.46 32.21 -100.88
C UNK O 716 13.78 32.24 -102.23
N UNK O 717 14.51 31.88 -103.28
CA UNK O 717 13.90 31.84 -104.59
C UNK O 717 13.09 30.55 -104.66
N UNK O 718 12.12 30.48 -105.57
CA UNK O 718 11.32 29.27 -105.66
C UNK O 718 12.29 28.12 -105.86
N UNK O 719 17.92 27.92 -105.07
CA UNK O 719 19.32 28.23 -105.29
C UNK O 719 19.75 29.66 -104.95
N UNK O 720 18.80 30.59 -104.90
CA UNK O 720 19.15 31.97 -104.58
C UNK O 720 18.44 32.49 -103.37
N UNK O 721 19.02 33.51 -102.75
CA UNK O 721 18.43 34.13 -101.57
C UNK O 721 18.39 35.61 -101.82
N UNK O 722 17.20 36.15 -102.04
CA UNK O 722 17.07 37.57 -102.29
C UNK O 722 17.10 38.29 -100.94
N UNK O 723 17.69 39.47 -100.91
CA UNK O 723 17.77 40.21 -99.68
C UNK O 723 17.53 41.68 -99.91
N UNK O 724 16.75 42.26 -99.00
CA UNK O 724 16.32 43.64 -99.08
C UNK O 724 16.76 44.42 -97.84
N UNK O 725 17.34 45.59 -98.05
CA UNK O 725 17.84 46.39 -96.93
C UNK O 725 17.59 47.89 -96.98
N UNK O 726 18.12 48.57 -95.99
CA UNK O 726 18.00 50.02 -95.86
C UNK O 726 19.14 50.69 -96.61
N UNK O 727 20.16 49.93 -96.96
CA UNK O 727 21.29 50.49 -97.68
C UNK O 727 20.94 50.80 -99.12
N UNK O 728 19.67 50.68 -99.47
CA UNK O 728 19.24 50.99 -100.82
C UNK O 728 19.51 49.93 -101.89
N UNK O 729 19.74 48.69 -101.46
CA UNK O 729 20.01 47.63 -102.42
C UNK O 729 19.06 46.44 -102.35
N UNK O 730 19.07 45.65 -103.41
CA UNK O 730 18.32 44.40 -103.48
C UNK O 730 19.55 43.53 -103.70
N UNK O 731 19.56 42.31 -103.18
CA UNK O 731 20.76 41.52 -103.37
C UNK O 731 20.48 40.06 -103.52
N UNK O 732 21.23 39.39 -104.38
CA UNK O 732 21.03 37.99 -104.58
C UNK O 732 22.23 37.17 -104.12
N UNK O 733 22.10 36.56 -102.96
CA UNK O 733 23.17 35.73 -102.46
C UNK O 733 22.97 34.34 -103.04
N UNK O 734 24.03 33.54 -103.06
CA UNK O 734 23.99 32.18 -103.58
C UNK O 734 23.91 31.21 -102.42
N UNK O 735 22.74 30.62 -102.21
CA UNK O 735 22.55 29.70 -101.10
C UNK O 735 23.64 28.67 -100.89
N UNK O 736 23.90 27.85 -101.89
CA UNK O 736 24.90 26.80 -101.76
C UNK O 736 26.25 27.28 -101.23
N UNK O 737 26.57 28.55 -101.42
CA UNK O 737 27.86 29.04 -100.96
C UNK O 737 27.83 30.32 -100.14
N UNK O 738 26.65 30.86 -99.89
CA UNK O 738 26.50 32.10 -99.12
C UNK O 738 27.35 33.25 -99.66
N UNK O 739 27.51 33.33 -100.98
CA UNK O 739 28.30 34.38 -101.64
C UNK O 739 27.42 35.44 -102.27
N UNK O 740 27.87 36.68 -102.30
CA UNK O 740 27.06 37.73 -102.92
C UNK O 740 27.22 37.60 -104.44
N UNK O 741 26.14 37.35 -105.16
CA UNK O 741 26.18 37.23 -106.62
C UNK O 741 25.91 38.57 -107.29
N UNK O 742 24.89 39.30 -106.85
CA UNK O 742 24.58 40.60 -107.43
C UNK O 742 24.07 41.56 -106.38
N UNK O 743 23.99 42.82 -106.77
CA UNK O 743 23.49 43.87 -105.90
C UNK O 743 22.83 44.88 -106.81
N UNK O 744 21.61 45.29 -106.48
CA UNK O 744 20.89 46.25 -107.30
C UNK O 744 20.55 47.51 -106.54
N UNK O 745 21.26 48.59 -106.85
CA UNK O 745 21.02 49.86 -106.19
C UNK O 745 19.69 50.46 -106.62
N UNK O 746 18.91 50.94 -105.66
CA UNK O 746 17.66 51.58 -106.02
C UNK O 746 17.89 53.11 -106.02
N UNK O 747 17.95 53.63 -107.25
CA UNK O 747 18.22 55.02 -107.57
C UNK O 747 17.05 55.70 -108.29
N UNK O 748 15.83 55.38 -107.92
CA UNK O 748 14.68 55.96 -108.59
C UNK O 748 14.14 57.13 -107.81
N UNK O 749 14.99 57.71 -106.99
CA UNK O 749 14.58 58.83 -106.15
C UNK O 749 15.58 60.00 -106.22
N UNK O 750 15.03 61.19 -106.34
CA UNK O 750 15.83 62.41 -106.49
C UNK O 750 15.44 63.48 -105.46
N UNK O 751 10.63 46.49 -97.44
CA UNK O 751 9.54 45.54 -97.67
C UNK O 751 9.96 44.63 -98.82
N UNK O 752 9.64 43.35 -98.75
CA UNK O 752 9.99 42.45 -99.85
C UNK O 752 9.34 41.11 -99.76
N UNK O 753 8.18 41.00 -100.40
CA UNK O 753 7.38 39.79 -100.39
C UNK O 753 7.43 38.95 -101.65
N UNK O 754 7.09 37.68 -101.47
CA UNK O 754 7.07 36.67 -102.53
C UNK O 754 5.77 36.62 -103.31
N UNK O 755 5.82 36.00 -104.48
CA UNK O 755 4.62 35.85 -105.28
C UNK O 755 3.89 34.63 -104.74
N UNK O 756 2.70 34.38 -105.25
CA UNK O 756 1.88 33.26 -104.80
C UNK O 756 2.54 31.90 -105.03
N UNK O 757 3.15 31.77 -106.20
CA UNK O 757 3.81 30.53 -106.56
C UNK O 757 5.23 30.46 -106.02
N UNK O 758 5.67 31.53 -105.35
CA UNK O 758 7.01 31.55 -104.80
C UNK O 758 8.08 31.58 -105.88
N UNK O 759 7.69 31.91 -107.10
CA UNK O 759 8.62 31.97 -108.21
C UNK O 759 9.00 33.39 -108.59
N UNK O 760 8.52 34.36 -107.83
CA UNK O 760 8.84 35.74 -108.12
C UNK O 760 8.86 36.52 -106.82
N UNK O 761 9.60 37.63 -106.78
CA UNK O 761 9.70 38.42 -105.57
C UNK O 761 9.69 39.90 -105.92
N UNK O 762 8.93 40.72 -105.18
CA UNK O 762 8.97 42.14 -105.49
C UNK O 762 9.73 42.80 -104.37
N UNK O 763 10.44 43.89 -104.67
CA UNK O 763 11.18 44.63 -103.66
C UNK O 763 11.06 46.11 -103.93
N UNK O 764 11.36 46.91 -102.89
CA UNK O 764 11.24 48.36 -102.99
C UNK O 764 12.50 49.09 -102.54
N UNK O 765 12.79 50.20 -103.21
CA UNK O 765 13.94 51.04 -102.90
C UNK O 765 13.79 52.44 -103.51
N UNK O 766 14.24 53.45 -102.77
CA UNK O 766 14.16 54.84 -103.19
C UNK O 766 12.81 55.14 -103.85
N UNK O 767 12.81 55.22 -105.18
CA UNK O 767 11.59 55.48 -105.93
C UNK O 767 10.94 54.34 -106.68
N UNK O 768 11.46 53.13 -106.57
CA UNK O 768 10.85 52.07 -107.35
C UNK O 768 10.57 50.75 -106.66
N UNK O 769 9.65 50.02 -107.26
CA UNK O 769 9.28 48.68 -106.82
C UNK O 769 9.83 47.88 -107.98
N UNK O 770 10.46 46.75 -107.70
CA UNK O 770 11.05 45.92 -108.74
C UNK O 770 10.63 44.48 -108.62
N UNK O 771 10.30 43.86 -109.74
CA UNK O 771 9.89 42.47 -109.74
C UNK O 771 10.99 41.57 -110.28
N UNK O 772 11.46 40.67 -109.43
CA UNK O 772 12.52 39.75 -109.80
C UNK O 772 12.07 38.32 -109.97
N UNK O 773 12.81 37.61 -110.82
CA UNK O 773 12.55 36.22 -111.07
C UNK O 773 13.45 35.47 -110.09
N UNK O 774 12.86 34.84 -109.09
CA UNK O 774 13.62 34.11 -108.05
C UNK O 774 14.70 33.19 -108.61
N UNK O 775 16.20 32.83 -112.45
CA UNK O 775 17.11 33.58 -113.29
C UNK O 775 17.67 34.85 -112.63
N UNK O 776 16.97 35.38 -111.64
CA UNK O 776 17.39 36.61 -110.95
C UNK O 776 17.22 37.80 -111.89
N UNK O 777 16.31 37.64 -112.84
CA UNK O 777 16.05 38.70 -113.79
C UNK O 777 15.05 39.70 -113.29
N UNK O 778 15.18 40.92 -113.78
CA UNK O 778 14.28 42.00 -113.41
C UNK O 778 13.10 41.94 -114.36
N UNK O 779 11.98 41.40 -113.89
CA UNK O 779 10.79 41.29 -114.72
C UNK O 779 9.95 42.55 -114.80
N UNK O 780 10.22 43.54 -113.95
CA UNK O 780 9.44 44.76 -113.98
C UNK O 780 10.00 45.88 -113.12
N UNK O 781 9.72 47.10 -113.54
CA UNK O 781 10.20 48.27 -112.84
C UNK O 781 9.18 49.39 -112.93
N UNK O 782 8.33 49.51 -111.93
CA UNK O 782 7.37 50.60 -111.93
C UNK O 782 7.98 51.72 -111.10
N UNK O 783 5.36 52.90 -111.23
CA UNK O 783 5.91 54.07 -110.56
C UNK O 783 4.82 54.71 -109.76
N UNK O 784 5.07 54.85 -108.47
CA UNK O 784 4.08 55.39 -107.56
C UNK O 784 4.04 56.90 -107.48
N UNK O 785 6.44 59.90 -103.21
CA UNK O 785 6.24 59.76 -101.78
C UNK O 785 7.09 58.55 -101.47
N UNK O 786 6.73 57.76 -100.46
CA UNK O 786 7.50 56.55 -100.15
C UNK O 786 6.59 55.42 -99.70
N UNK O 787 6.72 54.27 -100.36
CA UNK O 787 5.92 53.10 -100.02
C UNK O 787 6.26 52.70 -98.60
N UNK O 788 5.24 52.65 -97.74
CA UNK O 788 5.44 52.31 -96.34
C UNK O 788 5.37 50.79 -96.09
N UNK O 789 4.64 50.06 -96.94
CA UNK O 789 4.54 48.61 -96.81
C UNK O 789 3.87 47.98 -98.02
N UNK O 790 4.06 46.67 -98.19
CA UNK O 790 3.48 45.95 -99.32
C UNK O 790 3.39 44.44 -99.10
N UNK O 791 2.83 43.72 -100.08
CA UNK O 791 2.76 42.28 -99.98
C UNK O 791 2.35 41.74 -101.32
N UNK O 792 3.11 40.74 -101.76
CA UNK O 792 2.92 40.11 -103.04
C UNK O 792 2.00 38.91 -102.90
N UNK O 793 0.95 38.87 -103.72
CA UNK O 793 -0.03 37.80 -103.70
C UNK O 793 0.57 36.49 -104.23
N UNK O 794 -0.20 35.38 -104.14
CA UNK O 794 0.36 34.13 -104.65
C UNK O 794 -0.24 33.82 -106.03
N UNK O 795 -1.16 34.68 -106.47
CA UNK O 795 -1.84 34.55 -107.76
C UNK O 795 -1.99 35.90 -108.44
N UNK O 796 -2.34 35.87 -109.71
CA UNK O 796 -2.54 37.08 -110.50
C UNK O 796 -1.43 38.13 -110.38
N UNK O 797 -0.25 37.71 -109.93
CA UNK O 797 0.90 38.61 -109.74
C UNK O 797 0.42 39.88 -109.04
N UNK O 798 -0.56 39.76 -108.17
CA UNK O 798 -1.07 40.94 -107.47
C UNK O 798 -0.14 41.35 -106.37
N UNK O 799 -0.07 42.65 -106.14
CA UNK O 799 0.76 43.17 -105.09
C UNK O 799 0.00 44.31 -104.43
N UNK O 800 -0.06 44.31 -103.11
CA UNK O 800 -0.74 45.37 -102.40
C UNK O 800 0.29 46.17 -101.66
N UNK O 801 0.20 47.48 -101.76
CA UNK O 801 1.15 48.33 -101.09
C UNK O 801 0.43 49.48 -100.42
N UNK O 802 0.84 49.78 -99.20
CA UNK O 802 0.27 50.90 -98.49
C UNK O 802 1.15 52.00 -99.05
N UNK O 803 -2.30 56.54 -95.44
CA UNK O 803 -3.62 55.96 -95.71
C UNK O 803 -4.08 55.65 -97.15
N UNK O 804 -3.19 55.75 -98.12
CA UNK O 804 -3.57 55.43 -99.49
C UNK O 804 -3.21 53.98 -99.70
N UNK O 805 -4.14 53.20 -100.21
CA UNK O 805 -3.85 51.79 -100.42
C UNK O 805 -4.24 51.40 -101.82
N UNK O 806 -3.28 50.94 -102.60
CA UNK O 806 -3.59 50.52 -103.96
C UNK O 806 -2.94 49.20 -104.28
N UNK O 807 -3.65 48.31 -104.94
CA UNK O 807 -3.04 47.04 -105.31
C UNK O 807 -2.77 47.09 -106.80
N UNK O 808 -1.55 46.68 -107.15
CA UNK O 808 -1.05 46.67 -108.51
C UNK O 808 -0.91 45.29 -109.11
N UNK O 809 -0.68 45.28 -110.40
CA UNK O 809 -0.52 44.06 -111.17
C UNK O 809 0.91 44.03 -111.72
N UNK O 810 1.82 43.34 -111.03
CA UNK O 810 3.19 43.23 -111.52
C UNK O 810 3.01 42.52 -112.86
N UNK O 811 4.03 42.49 -113.70
CA UNK O 811 3.88 41.84 -115.00
C UNK O 811 3.10 42.75 -115.96
N UNK O 812 2.35 45.73 -114.81
CA UNK O 812 2.93 46.97 -114.27
C UNK O 812 1.94 48.12 -114.24
N UNK O 813 0.68 47.81 -113.98
CA UNK O 813 -0.39 48.80 -113.93
C UNK O 813 -1.20 48.74 -112.64
N UNK O 814 -1.73 49.88 -112.20
CA UNK O 814 -2.56 49.85 -111.00
C UNK O 814 -3.87 49.17 -111.38
N UNK O 815 -4.39 48.36 -110.46
CA UNK O 815 -5.61 47.60 -110.66
C UNK O 815 -6.78 48.14 -109.85
N UNK O 816 -6.50 48.59 -108.63
CA UNK O 816 -7.58 49.09 -107.80
C UNK O 816 -7.11 50.08 -106.76
N UNK O 817 -8.00 50.99 -106.41
CA UNK O 817 -7.72 51.97 -105.38
C UNK O 817 -8.55 51.53 -104.19
N UNK O 818 -7.90 51.32 -103.07
CA UNK O 818 -8.57 50.87 -101.88
C UNK O 818 -8.63 51.99 -100.85
N UNK O 819 -9.76 52.67 -100.82
CA UNK O 819 -9.95 53.79 -99.90
C UNK O 819 -10.64 53.29 -98.66
N UNK O 820 -9.95 53.31 -97.52
CA UNK O 820 -10.56 52.85 -96.29
C UNK O 820 -10.13 53.58 -95.04
N UNK O 821 -8.94 54.17 -95.06
CA UNK O 821 -8.43 54.88 -93.90
C UNK O 821 -8.15 56.35 -94.20
N UNK O 822 -8.16 57.18 -93.17
CA UNK O 822 -7.85 58.60 -93.32
C UNK O 822 -6.72 58.93 -92.34
N UNK O 823 -6.70 57.82 -91.10
CA UNK O 823 -5.54 57.62 -90.25
C UNK O 823 -4.66 56.63 -90.97
N UNK O 824 -3.36 56.78 -90.80
CA UNK O 824 -2.34 55.91 -91.42
C UNK O 824 -2.65 54.45 -91.70
N UNK O 825 -2.39 53.99 -92.92
CA UNK O 825 -2.69 52.60 -93.27
C UNK O 825 -1.37 51.85 -93.28
N UNK O 826 -1.22 50.91 -92.37
CA UNK O 826 0.00 50.15 -92.23
C UNK O 826 0.13 48.98 -93.17
N UNK O 827 -0.97 48.26 -93.36
CA UNK O 827 -0.91 47.10 -94.22
C UNK O 827 -2.14 46.95 -95.08
N UNK O 828 -2.05 46.04 -96.03
CA UNK O 828 -3.15 45.85 -96.95
C UNK O 828 -2.88 44.60 -97.78
N UNK O 829 -3.88 43.75 -98.00
CA UNK O 829 -3.62 42.61 -98.88
C UNK O 829 -4.84 41.89 -99.41
N UNK O 830 -4.61 41.14 -100.48
CA UNK O 830 -5.67 40.39 -101.14
C UNK O 830 -5.99 39.10 -100.45
N UNK O 831 -7.21 38.64 -100.66
CA UNK O 831 -7.65 37.37 -100.12
C UNK O 831 -6.87 36.41 -101.00
N UNK O 832 -6.87 35.12 -100.68
CA UNK O 832 -6.10 34.23 -101.53
C UNK O 832 -6.57 34.14 -102.99
N UNK O 833 -7.87 34.22 -103.24
CA UNK O 833 -8.35 34.15 -104.62
C UNK O 833 -8.37 35.53 -105.22
N UNK O 834 -7.82 36.48 -104.46
CA UNK O 834 -7.75 37.86 -104.90
C UNK O 834 -9.11 38.46 -105.18
N UNK O 835 -10.16 37.83 -104.66
CA UNK O 835 -11.50 38.33 -104.88
C UNK O 835 -11.78 39.52 -103.99
N UNK O 836 -11.03 39.64 -102.91
CA UNK O 836 -11.24 40.75 -102.01
C UNK O 836 -9.91 41.09 -101.35
N UNK O 837 -9.87 42.20 -100.62
CA UNK O 837 -8.65 42.62 -99.93
C UNK O 837 -9.00 43.28 -98.61
N UNK O 838 -8.03 43.32 -97.69
CA UNK O 838 -8.27 43.95 -96.39
C UNK O 838 -7.36 45.14 -96.21
N UNK O 839 -7.78 46.05 -95.35
CA UNK O 839 -7.02 47.27 -95.06
C UNK O 839 -6.78 47.33 -93.56
N UNK O 840 -5.53 47.54 -93.15
CA UNK O 840 -5.21 47.62 -91.71
C UNK O 840 -4.63 48.99 -91.36
N UNK O 841 -5.24 49.69 -90.40
CA UNK O 841 -4.72 51.00 -90.08
C UNK O 841 -4.58 51.44 -88.63
N UNK O 842 -4.05 52.65 -88.51
CA UNK O 842 -3.79 53.30 -87.25
C UNK O 842 -5.08 53.69 -86.54
N UNK O 843 -6.15 53.83 -87.31
CA UNK O 843 -7.45 54.15 -86.71
C UNK O 843 -7.96 52.86 -86.09
N UNK O 844 -7.01 51.97 -85.80
CA UNK O 844 -7.26 50.66 -85.21
C UNK O 844 -8.42 49.86 -85.77
N UNK O 845 -8.62 49.95 -87.08
CA UNK O 845 -9.68 49.18 -87.69
C UNK O 845 -9.10 48.33 -88.79
N UNK O 846 -9.87 47.33 -89.19
CA UNK O 846 -9.48 46.43 -90.27
C UNK O 846 -10.73 46.38 -91.12
N UNK O 847 -10.61 46.71 -92.38
CA UNK O 847 -11.78 46.69 -93.26
C UNK O 847 -11.62 45.75 -94.45
N UNK O 848 -12.66 44.98 -94.74
CA UNK O 848 -12.60 44.06 -95.86
C UNK O 848 -13.34 44.63 -97.03
N UNK O 849 -12.69 44.60 -98.19
CA UNK O 849 -13.26 45.11 -99.42
C UNK O 849 -13.33 44.01 -100.46
N UNK O 850 -14.27 44.14 -101.39
CA UNK O 850 -14.40 43.19 -102.47
C UNK O 850 -13.93 43.91 -103.72
N UNK O 851 -12.83 43.42 -104.29
CA UNK O 851 -12.20 44.00 -105.48
C UNK O 851 -13.18 44.38 -106.57
N UNK O 852 -13.89 43.39 -107.10
CA UNK O 852 -14.86 43.65 -108.17
C UNK O 852 -15.60 44.96 -107.92
N UNK O 853 -16.38 45.02 -106.84
CA UNK O 853 -17.16 46.20 -106.51
C UNK O 853 -16.33 47.48 -106.37
N UNK O 854 -15.09 47.38 -105.90
CA UNK O 854 -14.26 48.57 -105.74
C UNK O 854 -13.73 49.12 -107.05
N UNK O 855 -13.35 48.23 -107.96
CA UNK O 855 -12.81 48.64 -109.26
C UNK O 855 -13.85 49.20 -110.23
N UNK O 856 -15.11 48.94 -109.97
CA UNK O 856 -16.15 49.46 -110.84
C UNK O 856 -16.03 50.98 -110.88
N UNK O 857 -16.16 51.52 -112.08
CA UNK O 857 -16.10 52.95 -112.28
C UNK O 857 -17.24 53.61 -111.54
N UNK O 858 -12.59 59.65 -112.76
CA UNK O 858 -13.86 60.19 -112.30
C UNK O 858 -13.72 61.40 -111.39
N UNK O 859 -14.83 62.13 -111.30
CA UNK O 859 -14.92 63.33 -110.49
C UNK O 859 -15.38 63.03 -109.07
N UNK O 860 -15.42 61.75 -108.71
CA UNK O 860 -15.86 61.44 -107.37
C UNK O 860 -14.82 61.91 -106.37
N UNK O 861 -13.53 61.74 -106.68
CA UNK O 861 -12.47 62.21 -105.78
C UNK O 861 -11.64 63.29 -106.43
N UNK O 862 -11.53 64.42 -105.75
CA UNK O 862 -10.77 65.54 -106.28
C UNK O 862 -9.75 65.92 -105.24
N UNK O 863 -8.94 66.91 -105.58
CA UNK O 863 -7.92 67.44 -104.68
C UNK O 863 -8.62 68.60 -104.02
N UNK O 864 -7.96 69.27 -103.10
CA UNK O 864 -8.58 70.40 -102.43
C UNK O 864 -8.38 71.73 -103.18
N UNK O 865 -7.74 71.64 -104.33
CA UNK O 865 -7.52 72.80 -105.15
C UNK O 865 -8.70 72.91 -106.12
N UNK O 866 -9.66 73.75 -105.77
CA UNK O 866 -10.85 73.96 -106.57
C UNK O 866 -11.29 75.41 -106.56
N UNK O 867 -12.14 75.76 -107.52
CA UNK O 867 -12.69 77.10 -107.59
C UNK O 867 -14.16 76.99 -107.96
N UNK O 868 -14.98 77.80 -107.29
CA UNK O 868 -16.42 77.79 -107.48
C UNK O 868 -17.03 79.08 -107.99
N UNK O 869 -18.06 78.95 -108.82
CA UNK O 869 -18.76 80.10 -109.37
C UNK O 869 -20.27 79.93 -109.19
N UNK O 870 -20.82 80.66 -108.23
CA UNK O 870 -22.25 80.61 -107.93
C UNK O 870 -23.04 81.48 -108.91
N UNK O 871 -23.60 80.86 -109.95
CA UNK O 871 -24.35 81.62 -110.93
C UNK O 871 -25.88 81.47 -110.82
N UNK O 872 -27.74 78.02 -110.56
CA UNK O 872 -26.89 76.87 -110.23
C UNK O 872 -25.47 77.21 -109.73
N UNK O 873 -24.75 76.17 -109.31
CA UNK O 873 -23.38 76.31 -108.82
C UNK O 873 -22.39 75.57 -109.73
N UNK O 874 -21.19 76.15 -109.88
CA UNK O 874 -20.16 75.58 -110.73
C UNK O 874 -18.84 75.39 -110.02
N UNK O 875 -18.32 74.16 -110.05
CA UNK O 875 -17.07 73.84 -109.40
C UNK O 875 -16.06 73.27 -110.40
N UNK O 876 -14.90 73.90 -110.49
CA UNK O 876 -13.83 73.45 -111.36
C UNK O 876 -12.83 72.89 -110.37
N UNK O 877 -12.37 71.67 -110.59
CA UNK O 877 -11.44 71.10 -109.63
C UNK O 877 -10.30 70.29 -110.21
N UNK O 878 -9.18 70.31 -109.52
CA UNK O 878 -8.00 69.55 -109.91
C UNK O 878 -8.26 68.08 -109.59
N UNK O 879 -8.33 67.22 -110.60
CA UNK O 879 -8.59 65.81 -110.34
C UNK O 879 -7.54 65.19 -109.42
N UNK O 880 -7.97 64.19 -108.65
CA UNK O 880 -7.10 63.51 -107.70
C UNK O 880 -5.95 62.75 -108.40
N UNK O 881 -8.45 68.04 -114.50
CA UNK O 881 -9.37 68.78 -113.69
C UNK O 881 -10.79 68.55 -114.20
N UNK O 882 -11.74 68.62 -113.28
CA UNK O 882 -13.14 68.37 -113.59
C UNK O 882 -13.98 69.64 -113.55
N UNK O 883 -14.87 69.77 -114.53
CA UNK O 883 -15.77 70.90 -114.57
C UNK O 883 -17.07 70.34 -113.99
N UNK O 884 -17.21 70.44 -112.67
CA UNK O 884 -18.38 69.92 -111.96
C UNK O 884 -19.48 70.95 -111.80
N UNK O 885 -20.66 70.62 -112.31
CA UNK O 885 -21.82 71.49 -112.22
C UNK O 885 -22.72 70.96 -111.12
N UNK O 886 -22.66 71.56 -109.93
CA UNK O 886 -23.49 71.12 -108.83
C UNK O 886 -24.94 71.25 -109.25
N UNK O 887 -25.83 70.44 -108.69
CA UNK O 887 -27.24 70.49 -109.08
C UNK O 887 -27.30 69.96 -110.52
N UNK O 888 -23.47 66.43 -114.73
CA UNK O 888 -22.64 67.15 -115.71
C UNK O 888 -21.19 67.37 -115.33
N UNK O 889 -20.41 66.30 -115.37
CA UNK O 889 -19.00 66.35 -115.06
C UNK O 889 -18.23 66.26 -116.37
N UNK O 890 -17.39 67.27 -116.62
CA UNK O 890 -16.61 67.31 -117.83
C UNK O 890 -15.13 67.35 -117.53
N UNK O 891 -14.46 66.32 -118.04
CA UNK O 891 -13.04 66.11 -117.85
C UNK O 891 -12.17 66.79 -118.87
N UNK O 892 -11.04 67.29 -118.38
CA UNK O 892 -10.06 67.97 -119.21
C UNK O 892 -8.72 67.39 -118.75
N UNK O 893 -8.13 66.50 -119.55
CA UNK O 893 -6.86 65.89 -119.20
C UNK O 893 -5.72 66.90 -119.22
N UNK O 894 -4.64 66.60 -118.51
CA UNK O 894 -3.50 67.51 -118.49
C UNK O 894 -2.36 67.01 -117.62
N UNK O 895 -2.14 69.15 -113.15
CA UNK O 895 -2.14 70.54 -112.78
C UNK O 895 -1.89 70.66 -111.28
N UNK O 896 -1.66 71.89 -110.82
CA UNK O 896 -1.42 72.13 -109.40
C UNK O 896 -2.41 73.12 -108.80
N UNK O 897 -3.14 73.83 -109.66
CA UNK O 897 -4.12 74.78 -109.18
C UNK O 897 -5.10 75.10 -110.28
N UNK O 898 -6.31 75.46 -109.89
CA UNK O 898 -7.33 75.75 -110.86
C UNK O 898 -7.73 77.21 -110.90
N UNK O 899 -8.60 77.55 -111.84
CA UNK O 899 -9.06 78.92 -112.01
C UNK O 899 -10.23 79.00 -113.00
N UNK O 900 -11.27 79.74 -112.62
CA UNK O 900 -12.45 79.92 -113.49
C UNK O 900 -12.66 81.38 -113.85
N UNK O 901 -12.84 81.65 -115.13
CA UNK O 901 -13.04 83.02 -115.58
C UNK O 901 -14.51 83.32 -115.48
N UNK O 902 -14.90 84.31 -114.66
CA UNK O 902 -16.32 84.63 -114.56
C UNK O 902 -16.89 84.64 -115.97
N UNK O 903 -13.82 80.07 -120.16
CA UNK O 903 -12.37 79.87 -120.05
C UNK O 903 -12.01 79.30 -118.69
N UNK O 904 -11.05 78.38 -118.66
CA UNK O 904 -10.57 77.82 -117.39
C UNK O 904 -9.05 77.90 -117.50
N UNK O 905 -8.39 78.16 -116.40
CA UNK O 905 -6.94 78.24 -116.43
C UNK O 905 -6.33 77.38 -115.34
N UNK O 906 -5.10 76.93 -115.54
CA UNK O 906 -4.49 76.11 -114.50
C UNK O 906 -3.00 76.19 -114.31
N UNK O 907 -2.60 75.91 -113.07
CA UNK O 907 -1.21 75.92 -112.69
C UNK O 907 -0.58 74.60 -113.05
N UNK O 908 0.73 74.54 -112.99
CA UNK O 908 1.44 73.32 -113.36
C UNK O 908 2.54 73.04 -112.36
N UNK O 909 2.92 71.77 -112.26
CA UNK O 909 3.96 71.35 -111.32
C UNK O 909 5.28 72.01 -111.71
N UNK O 910 4.24 75.74 -115.67
CA UNK O 910 3.46 76.11 -116.84
C UNK O 910 2.09 76.73 -116.52
N UNK O 911 1.61 77.56 -117.44
CA UNK O 911 0.31 78.22 -117.28
C UNK O 911 -0.48 78.01 -118.58
N UNK O 912 -1.75 77.64 -118.47
CA UNK O 912 -2.57 77.40 -119.66
C UNK O 912 -4.02 77.80 -119.51
N UNK O 913 -4.57 78.43 -120.54
CA UNK O 913 -5.97 78.80 -120.54
C UNK O 913 -6.60 77.89 -121.56
N UNK O 914 -7.75 77.32 -121.22
CA UNK O 914 -8.47 76.47 -122.15
C UNK O 914 -9.78 77.18 -122.34
N UNK O 915 -10.30 77.18 -123.56
CA UNK O 915 -11.58 77.86 -123.79
C UNK O 915 -12.69 76.83 -123.92
N UNK O 916 -13.56 76.82 -122.91
CA UNK O 916 -14.69 75.90 -122.85
C UNK O 916 -15.63 75.87 -124.04
N UNK O 917 -16.11 77.04 -124.50
CA UNK O 917 -17.02 77.03 -125.66
C UNK O 917 -16.54 76.01 -126.68
N UNK O 918 -15.24 75.88 -126.78
CA UNK O 918 -14.64 74.94 -127.71
C UNK O 918 -14.20 73.65 -127.00
N UNK O 919 -9.05 74.09 -128.20
CA UNK O 919 -8.15 75.21 -128.48
C UNK O 919 -7.84 76.00 -127.20
N UNK O 920 -6.55 76.07 -126.88
CA UNK O 920 -6.09 76.76 -125.67
C UNK O 920 -4.74 77.38 -125.97
N UNK O 921 -4.06 77.85 -124.92
CA UNK O 921 -2.89 78.71 -125.04
C UNK O 921 -1.90 78.46 -123.89
N UNK O 922 -0.62 78.74 -124.12
CA UNK O 922 0.42 78.54 -123.10
C UNK O 922 1.33 79.73 -122.90
N UNK O 923 1.12 80.48 -121.82
CA UNK O 923 1.93 81.64 -121.57
C UNK O 923 3.18 81.37 -120.75
N UNK O 924 4.33 81.30 -121.43
CA UNK O 924 5.65 81.03 -120.83
C UNK O 924 6.14 81.75 -119.55
N UNK O 925 1.18 78.13 -107.66
CA UNK O 925 0.28 78.15 -106.49
C UNK O 925 -1.04 78.82 -106.82
N UNK O 926 -1.31 79.98 -106.25
CA UNK O 926 -2.56 80.67 -106.52
C UNK O 926 -2.58 81.08 -108.01
N UNK O 927 -3.76 81.23 -108.61
CA UNK O 927 -3.90 81.65 -110.03
C UNK O 927 -5.29 82.20 -110.34
N UNK O 928 -5.38 83.45 -110.78
CA UNK O 928 -6.69 84.03 -111.03
C UNK O 928 -6.81 84.91 -112.28
N UNK O 929 -8.04 85.08 -112.74
CA UNK O 929 -8.34 85.91 -113.91
C UNK O 929 -8.62 87.32 -113.42
N UNK O 930 -8.54 88.30 -114.31
CA UNK O 930 -8.80 89.68 -113.93
C UNK O 930 -10.31 89.83 -113.91
N UNK O 931 -10.80 90.93 -113.34
CA UNK O 931 -12.24 91.17 -113.30
C UNK O 931 -12.82 90.76 -114.66
N UNK O 932 -4.13 87.16 -116.69
CA UNK O 932 -4.07 86.12 -115.66
C UNK O 932 -2.99 86.33 -114.62
N UNK O 933 -3.37 86.79 -113.44
CA UNK O 933 -2.39 86.96 -112.39
C UNK O 933 -2.11 85.57 -111.80
N UNK O 934 -0.83 85.29 -111.52
CA UNK O 934 -0.48 84.01 -110.97
C UNK O 934 0.78 84.10 -110.14
N UNK O 935 0.84 83.29 -109.09
CA UNK O 935 2.01 83.29 -108.23
C UNK O 935 2.52 81.86 -108.09
N UNK O 936 3.79 81.78 -107.71
CA UNK O 936 4.44 80.52 -107.49
C UNK O 936 5.23 80.64 -106.19
N UNK O 937 6.17 79.72 -106.02
CA UNK O 937 6.93 79.62 -104.79
C UNK O 937 8.19 80.48 -104.80
N UNK O 938 8.11 81.62 -105.47
CA UNK O 938 9.23 82.57 -105.53
C UNK O 938 8.65 83.99 -105.38
N UNK O 939 9.46 85.03 -105.51
CA UNK O 939 8.99 86.41 -105.31
C UNK O 939 8.36 87.22 -106.45
N UNK O 940 8.18 86.63 -107.63
CA UNK O 940 7.58 87.38 -108.72
C UNK O 940 6.12 86.98 -108.91
N UNK O 941 5.28 87.91 -109.36
CA UNK O 941 3.88 87.60 -109.63
C UNK O 941 3.54 87.87 -111.09
N UNK O 942 3.50 86.82 -111.91
CA UNK O 942 3.20 86.96 -113.32
C UNK O 942 1.84 87.55 -113.66
N UNK O 943 1.85 88.64 -114.44
CA UNK O 943 0.60 89.27 -114.88
C UNK O 943 0.53 89.14 -116.39
N UNK O 944 0.21 87.93 -116.85
CA UNK O 944 0.11 87.60 -118.26
C UNK O 944 -1.18 88.01 -118.91
N UNK O 945 -1.15 89.18 -119.54
CA UNK O 945 -2.32 89.68 -120.23
C UNK O 945 -2.41 88.88 -121.55
N UNK O 946 -2.85 87.63 -121.43
CA UNK O 946 -2.99 86.75 -122.58
C UNK O 946 -3.89 87.46 -123.62
N UNK O 947 1.26 90.10 -123.93
CA UNK O 947 1.97 91.03 -123.05
C UNK O 947 2.17 90.44 -121.67
N UNK O 948 3.18 90.93 -120.96
CA UNK O 948 3.47 90.47 -119.62
C UNK O 948 3.86 91.62 -118.74
N UNK O 949 3.45 91.55 -117.48
CA UNK O 949 3.79 92.56 -116.51
C UNK O 949 4.29 91.74 -115.34
N UNK O 950 5.53 91.98 -114.93
CA UNK O 950 6.12 91.24 -113.84
C UNK O 950 6.23 92.09 -112.59
N UNK O 951 5.98 91.48 -111.45
CA UNK O 951 6.05 92.20 -110.18
C UNK O 951 7.15 91.59 -109.32
N UNK O 952 8.37 92.10 -109.46
CA UNK O 952 9.50 91.60 -108.69
C UNK O 952 9.42 92.13 -107.28
N UNK O 953 8.69 91.41 -106.45
CA UNK O 953 8.49 91.77 -105.07
C UNK O 953 9.82 91.76 -104.32
N UNK O 954 10.75 90.97 -104.84
CA UNK O 954 12.07 90.83 -104.23
C UNK O 954 11.90 90.39 -102.77
N UNK O 955 10.43 87.18 -100.40
CA UNK O 955 11.06 85.87 -100.30
C UNK O 955 10.22 84.92 -101.15
N UNK O 956 8.91 84.98 -100.92
CA UNK O 956 7.93 84.17 -101.65
C UNK O 956 6.58 84.79 -101.40
N UNK O 957 5.79 84.93 -102.46
CA UNK O 957 4.46 85.48 -102.33
C UNK O 957 3.62 84.43 -101.65
N UNK O 958 3.20 84.69 -100.42
CA UNK O 958 2.38 83.74 -99.67
C UNK O 958 1.12 83.56 -100.51
N UNK O 959 0.51 84.67 -100.89
CA UNK O 959 -0.69 84.65 -101.72
C UNK O 959 -1.06 86.06 -102.14
N UNK O 960 -2.14 86.20 -102.88
CA UNK O 960 -2.57 87.49 -103.36
C UNK O 960 -4.03 87.46 -103.69
N UNK O 961 -4.55 88.60 -104.11
CA UNK O 961 -5.95 88.70 -104.49
C UNK O 961 -6.20 90.01 -105.25
N UNK O 962 -7.04 89.92 -106.28
CA UNK O 962 -7.37 91.09 -107.07
C UNK O 962 -7.88 92.19 -106.15
N UNK O 963 -7.99 93.39 -106.68
CA UNK O 963 -8.48 94.50 -105.88
C UNK O 963 -9.32 95.43 -106.75
N UNK O 964 -7.79 97.55 -111.20
CA UNK O 964 -6.52 97.03 -111.67
C UNK O 964 -5.42 97.02 -110.60
N UNK O 965 -5.80 97.36 -109.37
CA UNK O 965 -4.86 97.34 -108.25
C UNK O 965 -4.90 95.91 -107.69
N UNK O 966 -3.80 95.43 -107.12
CA UNK O 966 -3.76 94.06 -106.57
C UNK O 966 -2.98 93.92 -105.26
N UNK O 967 -3.67 93.44 -104.23
CA UNK O 967 -3.09 93.25 -102.91
C UNK O 967 -2.22 91.99 -102.84
N UNK O 968 -1.04 92.11 -102.24
CA UNK O 968 -0.13 90.98 -102.16
C UNK O 968 0.67 90.91 -100.87
N UNK O 969 0.84 89.69 -100.36
CA UNK O 969 1.57 89.45 -99.12
C UNK O 969 2.50 88.27 -99.27
N UNK O 970 3.73 88.45 -98.83
CA UNK O 970 4.74 87.39 -98.90
C UNK O 970 4.94 87.03 -97.45
N UNK O 971 5.78 86.05 -97.19
CA UNK O 971 6.03 85.72 -95.81
C UNK O 971 7.32 86.35 -95.32
N UNK O 972 7.31 87.68 -95.39
CA UNK O 972 8.38 88.56 -94.95
C UNK O 972 7.72 89.72 -94.20
N UNK O 973 6.51 89.46 -93.72
CA UNK O 973 5.73 90.44 -92.98
C UNK O 973 5.24 91.57 -93.85
N UNK O 974 5.67 91.55 -95.10
CA UNK O 974 5.30 92.59 -96.04
C UNK O 974 4.00 92.33 -96.78
N UNK O 975 3.28 93.43 -97.03
CA UNK O 975 2.01 93.42 -97.75
C UNK O 975 2.14 94.57 -98.72
N UNK O 976 1.94 94.32 -100.01
CA UNK O 976 2.07 95.42 -100.95
C UNK O 976 0.78 95.65 -101.73
N UNK O 977 0.71 96.80 -102.42
CA UNK O 977 -0.46 97.16 -103.24
C UNK O 977 -0.06 97.47 -104.67
N UNK O 978 0.33 96.46 -105.43
CA UNK O 978 0.75 96.63 -106.82
C UNK O 978 -0.33 97.18 -107.73
N UNK O 979 0.11 97.68 -108.88
CA UNK O 979 -0.78 98.22 -109.89
C UNK O 979 -0.49 97.36 -111.12
N UNK O 980 -1.51 96.72 -111.68
CA UNK O 980 -1.27 95.93 -112.87
C UNK O 980 -1.19 96.94 -114.01
N UNK O 981 3.87 98.58 -110.58
CA UNK O 981 4.38 99.61 -109.69
C UNK O 981 3.85 99.49 -108.28
N UNK O 982 4.76 99.29 -107.34
CA UNK O 982 4.44 99.15 -105.93
C UNK O 982 3.97 100.46 -105.33
N UNK O 983 2.68 100.73 -105.48
CA UNK O 983 2.13 101.94 -104.90
C UNK O 983 2.37 101.94 -103.39
N UNK O 984 1.77 100.98 -102.68
CA UNK O 984 1.95 100.87 -101.24
C UNK O 984 2.82 99.69 -100.84
N UNK O 985 3.46 99.80 -99.68
CA UNK O 985 4.35 98.75 -99.18
C UNK O 985 4.42 98.84 -97.65
N UNK O 986 3.96 97.80 -96.95
CA UNK O 986 3.98 97.75 -95.49
C UNK O 986 4.83 96.59 -94.98
N UNK O 987 5.23 96.70 -93.72
CA UNK O 987 6.01 95.64 -93.06
C UNK O 987 5.22 95.44 -91.76
N UNK O 988 3.98 94.98 -91.93
CA UNK O 988 3.03 94.76 -90.84
C UNK O 988 3.24 93.56 -89.89
N UNK O 989 4.28 92.76 -90.11
CA UNK O 989 4.57 91.62 -89.26
C UNK O 989 6.04 91.25 -89.40
N UNK O 990 6.62 90.70 -88.36
CA UNK O 990 8.04 90.32 -88.40
C UNK O 990 8.19 88.85 -88.80
N UNK O 991 -3.07 84.85 -93.87
CA UNK O 991 -4.17 85.37 -94.68
C UNK O 991 -4.51 86.79 -94.24
N UNK O 992 -5.09 87.56 -95.15
CA UNK O 992 -5.45 88.94 -94.85
C UNK O 992 -6.47 89.37 -95.89
N UNK O 993 -7.55 90.02 -95.46
CA UNK O 993 -8.59 90.42 -96.41
C UNK O 993 -8.90 91.90 -96.34
N UNK O 994 -9.70 92.36 -97.30
CA UNK O 994 -10.09 93.76 -97.38
C UNK O 994 -11.47 93.94 -96.79
N UNK O 995 -11.81 95.20 -96.50
CA UNK O 995 -13.11 95.53 -95.92
C UNK O 995 -14.17 95.60 -97.00
N UNK O 996 -12.95 100.31 -98.67
CA UNK O 996 -11.66 99.65 -98.76
C UNK O 996 -10.82 100.38 -97.76
N UNK O 997 -11.46 101.29 -97.02
CA UNK O 997 -10.77 102.07 -96.02
C UNK O 997 -9.94 101.13 -95.15
N UNK O 998 -10.41 99.89 -95.04
CA UNK O 998 -9.72 98.90 -94.20
C UNK O 998 -9.31 97.61 -94.93
N UNK O 999 -8.18 97.04 -94.53
CA UNK O 999 -7.68 95.80 -95.10
C UNK O 999 -6.70 95.22 -94.07
N UNK O 1000 -7.15 94.22 -93.32
CA UNK O 1000 -6.30 93.66 -92.29
C UNK O 1000 -5.60 92.37 -92.61
N UNK O 1001 -4.62 92.05 -91.76
CA UNK O 1001 -3.78 90.87 -91.88
C UNK O 1001 -3.97 89.89 -90.74
N UNK O 1002 -3.16 88.84 -90.78
CA UNK O 1002 -3.16 87.77 -89.79
C UNK O 1002 -1.84 87.07 -90.07
N UNK O 1003 -1.04 86.81 -89.05
CA UNK O 1003 0.23 86.16 -89.32
C UNK O 1003 0.98 85.72 -88.10
N UNK O 1004 -0.64 87.83 -84.10
CA UNK O 1004 -1.94 88.45 -83.91
C UNK O 1004 -2.55 88.82 -85.25
N UNK O 1005 -3.51 89.74 -85.22
CA UNK O 1005 -4.19 90.20 -86.42
C UNK O 1005 -4.19 91.72 -86.49
N UNK O 1006 -3.08 92.29 -86.96
CA UNK O 1006 -2.92 93.74 -87.10
C UNK O 1006 -3.81 94.22 -88.23
N UNK O 1007 -4.69 95.17 -87.92
CA UNK O 1007 -5.62 95.73 -88.91
C UNK O 1007 -5.29 97.18 -89.25
N UNK O 1008 -5.30 97.54 -90.55
CA UNK O 1008 -5.01 98.92 -90.94
C UNK O 1008 -5.87 99.55 -92.04
N UNK O 1009 -5.41 100.72 -92.52
CA UNK O 1009 -6.13 101.53 -93.53
C UNK O 1009 -5.46 101.84 -94.88
N UNK O 1010 -3.41 100.19 -87.32
CA UNK O 1010 -4.38 100.92 -86.49
C UNK O 1010 -4.31 100.33 -85.07
N UNK O 1011 -4.34 99.01 -84.96
CA UNK O 1011 -4.23 98.37 -83.64
C UNK O 1011 -3.95 96.86 -83.65
N UNK O 1012 -2.93 96.47 -82.88
CA UNK O 1012 -2.51 95.08 -82.75
C UNK O 1012 -3.50 94.32 -81.84
N UNK O 1013 -4.00 93.18 -82.33
CA UNK O 1013 -4.98 92.34 -81.60
C UNK O 1013 -4.35 91.05 -81.09
N UNK O 1014 -3.52 91.14 -80.07
CA UNK O 1014 -2.84 89.96 -79.52
C UNK O 1014 -3.72 89.01 -78.72
N UNK O 1015 -4.87 88.64 -79.28
CA UNK O 1015 -5.77 87.75 -78.59
C UNK O 1015 -5.40 86.27 -78.66
N UNK O 1016 -5.38 85.73 -79.88
CA UNK O 1016 -5.08 84.32 -80.10
C UNK O 1016 -3.76 83.80 -79.51
N UNK O 1017 -3.81 82.61 -78.94
CA UNK O 1017 -2.63 81.99 -78.34
C UNK O 1017 -2.02 81.00 -79.32
N UNK O 1018 -2.16 81.28 -82.86
CA UNK O 1018 -1.66 82.02 -84.03
C UNK O 1018 -2.70 82.12 -85.14
N UNK O 1019 -3.05 83.34 -85.53
CA UNK O 1019 -4.07 83.54 -86.55
C UNK O 1019 -3.68 82.92 -87.88
N UNK O 1020 -4.69 82.50 -88.64
CA UNK O 1020 -4.47 81.88 -89.93
C UNK O 1020 -5.49 82.32 -90.96
N UNK O 1021 -6.47 83.10 -90.53
CA UNK O 1021 -7.50 83.60 -91.44
C UNK O 1021 -8.32 84.70 -90.80
N UNK O 1022 -9.15 85.38 -91.58
CA UNK O 1022 -10.00 86.45 -91.06
C UNK O 1022 -10.87 87.06 -92.14
N UNK O 1023 -11.90 87.79 -91.71
CA UNK O 1023 -12.80 88.45 -92.62
C UNK O 1023 -13.50 89.62 -91.96
N UNK O 1024 -13.94 90.56 -92.77
CA UNK O 1024 -14.64 91.74 -92.29
C UNK O 1024 -16.13 91.58 -92.46
N UNK O 1025 -16.91 92.03 -91.47
CA UNK O 1025 -18.36 91.94 -91.57
C UNK O 1025 -18.73 92.77 -92.78
N UNK O 1026 -19.71 92.32 -93.54
CA UNK O 1026 -20.14 93.04 -94.73
C UNK O 1026 -20.55 94.46 -94.32
N UNK O 1027 -17.06 94.44 -87.72
CA UNK O 1027 -16.35 93.33 -87.09
C UNK O 1027 -15.34 92.65 -88.00
N UNK O 1028 -14.36 92.04 -87.35
CA UNK O 1028 -13.29 91.33 -88.03
C UNK O 1028 -13.03 90.06 -87.22
N UNK O 1029 -13.51 88.93 -87.74
CA UNK O 1029 -13.33 87.64 -87.10
C UNK O 1029 -12.00 87.03 -87.55
N UNK O 1030 -11.27 86.47 -86.60
CA UNK O 1030 -9.98 85.89 -86.92
C UNK O 1030 -9.85 84.41 -86.60
N UNK O 1031 -9.15 83.69 -87.47
CA UNK O 1031 -8.96 82.26 -87.33
C UNK O 1031 -7.71 81.84 -86.59
N UNK O 1032 -7.91 81.10 -85.51
CA UNK O 1032 -6.83 80.61 -84.66
C UNK O 1032 -6.31 79.27 -85.14
N UNK O 1033 -5.00 79.06 -84.94
CA UNK O 1033 -4.35 77.84 -85.35
C UNK O 1033 -4.78 76.70 -84.40
N UNK O 1034 -5.47 77.06 -83.33
CA UNK O 1034 -5.95 76.07 -82.36
C UNK O 1034 -7.45 76.15 -82.19
N UNK O 1035 -8.16 76.06 -83.29
CA UNK O 1035 -9.61 76.07 -83.24
C UNK O 1035 -10.26 77.25 -82.54
N UNK O 1036 -9.45 78.21 -82.10
CA UNK O 1036 -10.00 79.38 -81.42
C UNK O 1036 -10.47 80.35 -82.49
N UNK O 1037 -11.25 81.35 -82.10
CA UNK O 1037 -11.74 82.31 -83.06
C UNK O 1037 -12.31 83.34 -82.11
N UNK O 1038 -11.73 84.54 -82.17
CA UNK O 1038 -12.27 85.71 -81.49
C UNK O 1038 -12.88 86.66 -82.50
N UNK O 1039 -13.91 87.37 -82.07
CA UNK O 1039 -14.55 88.35 -82.92
C UNK O 1039 -14.00 89.67 -82.41
N UNK O 1040 -13.62 90.57 -83.32
CA UNK O 1040 -13.11 91.88 -82.92
C UNK O 1040 -14.02 92.93 -83.56
N UNK O 1041 -13.91 94.18 -83.10
CA UNK O 1041 -14.75 95.26 -83.64
C UNK O 1041 -13.99 96.35 -84.39
N UNK O 1042 -15.95 89.56 -78.48
CA UNK O 1042 -16.15 88.28 -77.82
C UNK O 1042 -15.33 87.17 -78.48
N UNK O 1043 -14.85 86.23 -77.67
CA UNK O 1043 -14.05 85.13 -78.18
C UNK O 1043 -14.76 83.76 -78.29
N UNK O 1044 -15.86 83.71 -79.04
CA UNK O 1044 -16.59 82.46 -79.22
C UNK O 1044 -15.66 81.43 -79.85
N UNK O 1045 -15.14 80.50 -79.06
CA UNK O 1045 -14.22 79.49 -79.59
C UNK O 1045 -14.01 78.23 -78.74
N UNK O 1046 -15.00 77.33 -78.69
CA UNK O 1046 -14.91 76.09 -77.91
C UNK O 1046 -13.88 75.10 -78.48
N UNK O 1047 -7.08 73.49 -86.37
CA UNK O 1047 -7.03 74.67 -87.22
C UNK O 1047 -8.42 75.26 -87.44
N UNK O 1048 -8.44 76.44 -88.05
CA UNK O 1048 -9.64 77.18 -88.43
C UNK O 1048 -9.15 77.94 -89.65
N UNK O 1049 -9.19 77.28 -90.81
CA UNK O 1049 -8.68 77.87 -92.01
C UNK O 1049 -9.60 78.80 -92.79
N UNK O 1050 -10.66 79.30 -92.17
CA UNK O 1050 -11.54 80.18 -92.92
C UNK O 1050 -12.73 80.69 -92.12
N UNK O 1051 -13.22 81.86 -92.48
CA UNK O 1051 -14.38 82.48 -91.86
C UNK O 1051 -15.11 83.32 -92.90
N UNK O 1052 -16.31 83.77 -92.56
CA UNK O 1052 -17.10 84.58 -93.48
C UNK O 1052 -18.32 85.02 -92.68
N UNK O 1053 -18.58 86.32 -92.67
CA UNK O 1053 -19.79 86.83 -92.07
C UNK O 1053 -20.90 86.66 -93.09
N UNK O 1054 -22.14 86.76 -92.63
CA UNK O 1054 -23.30 86.63 -93.50
C UNK O 1054 -23.68 88.04 -93.97
N UNK O 1055 -24.52 88.14 -95.00
CA UNK O 1055 -24.85 89.52 -95.38
C UNK O 1055 -25.38 90.21 -94.12
N UNK O 1056 -26.44 89.66 -93.54
CA UNK O 1056 -27.07 90.18 -92.33
C UNK O 1056 -26.09 90.60 -91.21
N UNK O 1057 -24.83 90.23 -91.35
CA UNK O 1057 -23.80 90.58 -90.36
C UNK O 1057 -24.11 89.99 -88.97
N UNK O 1058 -24.78 88.85 -88.93
CA UNK O 1058 -25.15 88.21 -87.67
C UNK O 1058 -24.61 86.77 -87.52
N UNK O 1059 -24.67 85.99 -88.60
CA UNK O 1059 -24.20 84.61 -88.59
C UNK O 1059 -22.80 84.51 -89.19
N UNK O 1060 -21.88 83.94 -88.42
CA UNK O 1060 -20.51 83.76 -88.88
C UNK O 1060 -20.28 82.29 -89.20
N UNK O 1061 -19.89 81.98 -90.44
CA UNK O 1061 -19.63 80.59 -90.84
C UNK O 1061 -18.13 80.31 -90.67
N UNK O 1062 -17.82 79.13 -90.14
CA UNK O 1062 -16.44 78.73 -89.89
C UNK O 1062 -16.08 77.40 -90.53
N UNK O 1063 -14.80 77.21 -90.86
CA UNK O 1063 -14.34 75.98 -91.48
C UNK O 1063 -12.91 75.64 -91.08
N UNK O 1064 -13.96 70.92 -89.67
CA UNK O 1064 -15.34 70.78 -90.14
C UNK O 1064 -15.99 72.15 -90.14
N UNK O 1065 -17.15 72.24 -90.78
CA UNK O 1065 -17.89 73.50 -90.83
C UNK O 1065 -18.58 73.72 -89.48
N UNK O 1066 -18.91 74.95 -89.15
CA UNK O 1066 -19.54 75.25 -87.86
C UNK O 1066 -20.03 76.68 -87.90
N UNK O 1067 -21.34 76.86 -87.77
CA UNK O 1067 -21.94 78.21 -87.77
C UNK O 1067 -22.03 78.79 -86.37
N UNK O 1068 -22.06 80.13 -86.27
CA UNK O 1068 -22.15 80.79 -84.97
C UNK O 1068 -23.18 81.94 -84.91
N UNK O 1069 -23.23 82.56 -83.74
CA UNK O 1069 -24.15 83.68 -83.47
C UNK O 1069 -23.37 84.88 -82.97
N UNK O 1070 -23.41 85.97 -83.74
CA UNK O 1070 -22.70 87.20 -83.37
C UNK O 1070 -23.09 87.64 -81.95
N UNK O 1071 -20.46 67.90 -90.09
CA UNK O 1071 -19.24 67.16 -89.90
C UNK O 1071 -18.97 66.49 -91.24
N UNK O 1072 -17.83 66.79 -91.82
CA UNK O 1072 -17.46 66.20 -93.08
C UNK O 1072 -16.62 64.97 -92.75
N UNK O 1073 -16.75 63.91 -93.55
CA UNK O 1073 -15.97 62.69 -93.34
C UNK O 1073 -14.51 63.08 -93.03
N UNK O 1074 -13.94 63.91 -93.90
CA UNK O 1074 -12.57 64.34 -93.71
C UNK O 1074 -12.44 65.65 -92.96
N UNK O 1075 -11.20 66.06 -92.73
CA UNK O 1075 -10.93 67.29 -92.02
C UNK O 1075 -10.01 68.18 -92.83
N UNK O 1076 -9.37 69.10 -92.12
CA UNK O 1076 -8.45 70.05 -92.70
C UNK O 1076 -8.99 70.64 -93.97
N UNK O 1077 -10.10 71.34 -93.85
CA UNK O 1077 -10.68 71.99 -95.00
C UNK O 1077 -9.85 73.25 -95.20
N UNK O 1078 -10.08 73.96 -96.28
CA UNK O 1078 -9.38 75.22 -96.53
C UNK O 1078 -10.15 76.53 -96.56
N UNK O 1079 -10.82 76.80 -97.68
CA UNK O 1079 -11.60 78.01 -97.84
C UNK O 1079 -13.03 77.61 -98.18
N UNK O 1080 -13.97 77.98 -97.33
CA UNK O 1080 -15.33 77.49 -97.49
C UNK O 1080 -15.93 78.50 -98.46
N UNK O 1081 -16.61 78.03 -99.49
CA UNK O 1081 -17.21 78.96 -100.45
C UNK O 1081 -18.67 79.25 -100.19
N UNK O 1082 -18.95 80.30 -99.41
CA UNK O 1082 -20.33 80.68 -99.13
C UNK O 1082 -20.80 81.38 -100.39
N UNK O 1083 -22.08 81.70 -100.47
CA UNK O 1083 -22.58 82.38 -101.66
C UNK O 1083 -23.31 83.66 -101.28
N UNK O 1084 -23.91 84.35 -102.27
CA UNK O 1084 -24.65 85.58 -101.97
C UNK O 1084 -25.75 85.34 -100.94
N UNK O 1085 -26.73 84.51 -101.31
CA UNK O 1085 -27.86 84.18 -100.46
C UNK O 1085 -27.47 83.52 -99.14
N UNK O 1086 -26.20 83.14 -98.99
CA UNK O 1086 -25.72 82.47 -97.77
C UNK O 1086 -26.54 81.20 -97.57
N UNK O 1087 -26.99 80.64 -98.68
CA UNK O 1087 -27.85 79.45 -98.68
C UNK O 1087 -27.27 78.34 -99.55
N UNK O 1088 -25.95 78.39 -99.77
CA UNK O 1088 -25.25 77.38 -100.57
C UNK O 1088 -23.79 77.40 -100.13
N UNK O 1089 -23.19 76.22 -99.97
CA UNK O 1089 -21.80 76.16 -99.54
C UNK O 1089 -21.07 75.08 -100.32
N UNK O 1090 -19.78 75.29 -100.57
CA UNK O 1090 -18.98 74.31 -101.29
C UNK O 1090 -17.62 74.19 -100.65
N UNK O 1091 -17.16 72.95 -100.49
CA UNK O 1091 -15.85 72.73 -99.90
C UNK O 1091 -15.33 71.36 -100.28
N UNK O 1092 -14.12 71.05 -99.82
CA UNK O 1092 -13.51 69.77 -100.14
C UNK O 1092 -12.57 69.36 -99.04
N UNK O 1093 -12.81 68.19 -98.45
CA UNK O 1093 -11.97 67.68 -97.36
C UNK O 1093 -10.80 66.88 -97.88
N UNK O 1094 -9.81 66.64 -97.03
CA UNK O 1094 -8.64 65.88 -97.45
C UNK O 1094 -8.96 64.46 -97.87
N UNK O 1095 -10.24 64.12 -97.89
CA UNK O 1095 -10.63 62.81 -98.35
C UNK O 1095 -11.02 62.98 -99.80
N UNK O 1096 -10.84 64.19 -100.32
CA UNK O 1096 -11.14 64.48 -101.70
C UNK O 1096 -12.62 64.41 -102.02
N UNK O 1097 -13.42 64.61 -101.00
CA UNK O 1097 -14.86 64.58 -101.17
C UNK O 1097 -15.37 65.98 -101.43
N UNK O 1098 -16.18 66.14 -102.47
CA UNK O 1098 -16.72 67.44 -102.85
C UNK O 1098 -18.08 67.75 -102.18
N UNK O 1099 -18.05 68.57 -101.14
CA UNK O 1099 -19.30 68.92 -100.47
C UNK O 1099 -19.95 70.18 -101.03
N UNK O 1100 -21.14 70.02 -101.60
CA UNK O 1100 -21.90 71.16 -102.11
C UNK O 1100 -23.19 71.17 -101.27
N UNK O 1101 -23.12 71.84 -100.13
CA UNK O 1101 -24.24 71.94 -99.21
C UNK O 1101 -25.19 73.07 -99.61
N UNK O 1102 -26.42 73.05 -99.11
CA UNK O 1102 -27.38 74.07 -99.46
C UNK O 1102 -28.64 74.06 -98.58
N TYR P 10 1.33 32.04 -37.32
CA TYR P 10 0.27 32.89 -36.80
C TYR P 10 0.09 34.08 -37.71
N GLN P 11 -0.29 35.23 -37.16
CA GLN P 11 -0.53 36.40 -37.99
C GLN P 11 -0.08 37.69 -37.32
N TYR P 12 0.54 38.57 -38.10
CA TYR P 12 0.97 39.87 -37.58
C TYR P 12 -0.13 40.74 -37.01
N LYS P 13 -1.25 40.79 -37.70
CA LYS P 13 -2.31 41.66 -37.27
C LYS P 13 -2.87 41.27 -35.91
N ASP P 14 -3.08 39.99 -35.67
CA ASP P 14 -3.57 39.54 -34.38
C ASP P 14 -2.58 39.80 -33.26
N ILE P 15 -1.31 39.62 -33.54
CA ILE P 15 -0.30 39.72 -32.50
C ILE P 15 -0.32 41.11 -31.92
N LEU P 16 -0.57 42.11 -32.76
CA LEU P 16 -0.27 43.49 -32.43
C LEU P 16 -0.97 43.96 -31.19
N SER P 17 -2.24 43.67 -31.14
CA SER P 17 -3.11 44.19 -30.08
C SER P 17 -2.58 43.85 -28.69
N VAL P 18 -1.88 42.72 -28.61
CA VAL P 18 -1.30 42.23 -27.37
C VAL P 18 -0.51 43.30 -26.63
N PHE P 19 0.54 43.80 -27.25
CA PHE P 19 1.41 44.76 -26.58
C PHE P 19 1.03 46.17 -26.98
N GLU P 20 -0.26 46.44 -26.97
CA GLU P 20 -0.77 47.80 -27.14
C GLU P 20 -0.46 48.58 -25.87
N ASP P 21 -0.50 47.90 -24.71
CA ASP P 21 -0.11 48.50 -23.43
C ASP P 21 1.18 49.32 -23.53
N ALA P 22 2.15 48.75 -24.26
CA ALA P 22 3.45 49.40 -24.48
C ALA P 22 3.31 50.56 -25.48
N PHE P 23 2.63 50.31 -26.58
CA PHE P 23 2.49 51.30 -27.65
C PHE P 23 1.98 52.68 -27.18
N VAL P 24 1.24 52.70 -26.08
CA VAL P 24 0.82 53.94 -25.45
C VAL P 24 1.93 54.56 -24.67
N ASP P 25 2.69 53.68 -24.03
CA ASP P 25 3.77 54.11 -23.18
C ASP P 25 4.84 54.90 -23.94
N ASN P 26 5.32 54.42 -25.08
CA ASN P 26 6.30 55.22 -25.81
C ASN P 26 6.04 55.66 -27.26
N PHE P 27 5.31 54.87 -28.04
CA PHE P 27 5.10 55.23 -29.43
C PHE P 27 4.25 56.47 -29.48
N ASP P 28 4.56 57.36 -30.41
CA ASP P 28 3.61 58.38 -30.83
C ASP P 28 3.50 58.54 -32.34
N CYS P 29 2.27 58.44 -32.85
CA CYS P 29 2.06 58.69 -34.28
C CYS P 29 2.28 60.12 -34.72
N LYS P 30 1.68 61.05 -33.98
CA LYS P 30 1.57 62.44 -34.41
C LYS P 30 2.92 62.94 -34.92
N ASP P 31 3.94 62.79 -34.12
CA ASP P 31 5.29 63.11 -34.58
C ASP P 31 5.60 62.13 -35.68
N VAL P 32 5.14 60.91 -35.44
CA VAL P 32 5.72 59.68 -35.95
C VAL P 32 5.23 59.25 -37.32
N GLN P 33 5.51 60.05 -38.35
CA GLN P 33 5.06 59.67 -39.68
C GLN P 33 5.84 60.16 -40.88
N ASP P 34 6.55 59.24 -41.52
CA ASP P 34 6.68 59.12 -42.95
C ASP P 34 5.27 58.76 -43.42
N MET P 35 4.63 57.90 -42.64
CA MET P 35 3.30 57.40 -42.93
C MET P 35 3.12 56.77 -44.31
N PRO P 36 4.01 55.73 -44.62
CA PRO P 36 4.00 55.39 -46.06
C PRO P 36 2.64 54.95 -46.53
N LYS P 37 2.27 55.54 -47.63
CA LYS P 37 0.90 55.84 -47.99
C LYS P 37 0.10 54.58 -48.05
N SER P 38 0.70 53.52 -48.57
CA SER P 38 0.00 52.24 -48.64
C SER P 38 -0.21 51.46 -47.31
N ILE P 39 0.81 51.32 -46.47
CA ILE P 39 0.57 50.76 -45.14
C ILE P 39 -0.55 51.51 -44.39
N LEU P 40 -0.40 52.83 -44.26
CA LEU P 40 -1.44 53.66 -43.66
C LEU P 40 -1.87 54.79 -44.62
N SER P 41 -3.17 55.04 -44.68
CA SER P 41 -3.70 56.11 -45.53
C SER P 41 -3.09 57.44 -45.13
N LYS P 42 -3.39 58.51 -45.88
CA LYS P 42 -2.75 59.79 -45.61
C LYS P 42 -3.67 60.61 -44.72
N GLU P 43 -4.98 60.41 -44.88
CA GLU P 43 -5.98 61.00 -43.99
C GLU P 43 -5.91 60.34 -42.62
N GLU P 44 -5.95 59.01 -42.62
CA GLU P 44 -5.96 58.24 -41.39
C GLU P 44 -4.73 58.52 -40.54
N ILE P 45 -3.60 58.63 -41.20
CA ILE P 45 -2.45 59.23 -40.62
C ILE P 45 -2.89 60.65 -40.30
N ASP P 46 -3.68 61.20 -41.21
CA ASP P 46 -4.17 62.54 -41.02
C ASP P 46 -5.03 62.50 -39.78
N HIS P 47 -5.91 61.52 -39.70
CA HIS P 47 -6.86 61.50 -38.62
C HIS P 47 -6.21 61.33 -37.26
N ILE P 48 -5.33 60.36 -37.16
CA ILE P 48 -4.94 59.89 -35.87
C ILE P 48 -4.29 60.94 -35.00
N ILE P 49 -3.30 61.64 -35.54
CA ILE P 49 -2.43 62.51 -34.75
C ILE P 49 -3.22 63.63 -34.12
N MET P 50 -4.39 63.86 -34.70
CA MET P 50 -5.24 64.93 -34.26
C MET P 50 -6.27 64.50 -33.23
N SER P 51 -6.29 63.23 -32.86
CA SER P 51 -7.12 62.78 -31.76
C SER P 51 -6.50 63.22 -30.44
N LYS P 52 -7.29 63.30 -29.39
CA LYS P 52 -6.93 64.06 -28.22
C LYS P 52 -5.68 63.62 -27.47
N ASP P 53 -5.53 62.33 -27.24
CA ASP P 53 -4.63 61.84 -26.19
C ASP P 53 -3.57 60.86 -26.65
N ALA P 54 -3.02 60.11 -25.69
CA ALA P 54 -2.22 58.97 -26.07
C ALA P 54 -3.00 57.66 -26.09
N VAL P 55 -3.84 57.44 -25.10
CA VAL P 55 -4.53 56.15 -25.00
C VAL P 55 -5.49 55.91 -26.14
N SER P 56 -5.92 56.99 -26.77
CA SER P 56 -6.91 56.99 -27.82
C SER P 56 -6.21 56.92 -29.18
N GLY P 57 -5.09 57.60 -29.28
CA GLY P 57 -4.32 57.52 -30.50
C GLY P 57 -3.87 56.10 -30.70
N THR P 58 -3.40 55.46 -29.66
CA THR P 58 -2.92 54.16 -29.96
C THR P 58 -4.13 53.56 -30.66
N LEU P 59 -5.31 53.75 -30.09
CA LEU P 59 -6.47 52.99 -30.48
C LEU P 59 -6.90 53.16 -31.92
N ARG P 60 -6.80 54.38 -32.43
CA ARG P 60 -7.02 54.54 -33.85
C ARG P 60 -5.92 53.82 -34.61
N LEU P 61 -4.67 53.98 -34.20
CA LEU P 61 -3.61 53.39 -34.99
C LEU P 61 -3.81 51.88 -35.09
N PHE P 62 -3.94 51.25 -33.93
CA PHE P 62 -4.11 49.80 -33.87
C PHE P 62 -5.44 49.41 -34.49
N TRP P 63 -6.39 50.32 -34.53
CA TRP P 63 -7.67 49.99 -35.13
C TRP P 63 -7.60 49.96 -36.65
N THR P 64 -7.39 51.13 -37.26
CA THR P 64 -7.37 51.28 -38.71
C THR P 64 -6.41 50.31 -39.39
N LEU P 65 -5.26 50.12 -38.76
CA LEU P 65 -4.19 49.30 -39.32
C LEU P 65 -4.50 47.81 -39.29
N LEU P 66 -5.35 47.44 -38.35
CA LEU P 66 -6.01 46.14 -38.32
C LEU P 66 -6.92 45.97 -39.52
N SER P 67 -7.49 47.09 -39.97
CA SER P 67 -8.48 47.08 -41.04
C SER P 67 -7.89 46.63 -42.37
N LYS P 68 -6.66 47.06 -42.60
CA LYS P 68 -5.96 46.83 -43.84
C LYS P 68 -5.51 45.39 -43.99
N GLN P 69 -5.23 44.98 -45.23
CA GLN P 69 -4.88 43.60 -45.52
C GLN P 69 -3.62 43.23 -44.76
N GLU P 70 -3.58 41.97 -44.33
CA GLU P 70 -2.62 41.48 -43.36
C GLU P 70 -1.16 41.58 -43.80
N GLU P 71 -0.94 41.80 -45.09
CA GLU P 71 0.40 41.80 -45.65
C GLU P 71 1.16 43.11 -45.45
N MET P 72 0.44 44.24 -45.48
CA MET P 72 1.11 45.52 -45.41
C MET P 72 1.56 45.79 -43.98
N VAL P 73 0.72 45.47 -43.02
CA VAL P 73 1.06 45.82 -41.67
C VAL P 73 2.54 45.54 -41.56
N GLN P 74 2.96 44.39 -42.10
CA GLN P 74 4.35 43.99 -42.08
C GLN P 74 5.23 45.16 -42.48
N LYS P 75 4.72 45.99 -43.38
CA LYS P 75 5.42 47.18 -43.79
C LYS P 75 5.63 47.99 -42.54
N PHE P 76 4.54 48.04 -41.79
CA PHE P 76 4.49 48.84 -40.58
C PHE P 76 5.32 48.19 -39.50
N VAL P 77 5.07 46.92 -39.33
CA VAL P 77 5.69 46.15 -38.29
C VAL P 77 7.19 46.10 -38.48
N GLU P 78 7.63 46.05 -39.73
CA GLU P 78 9.03 45.79 -39.97
C GLU P 78 9.83 46.98 -40.41
N GLU P 79 9.75 47.29 -41.69
CA GLU P 79 10.56 48.35 -42.23
C GLU P 79 10.26 49.70 -41.65
N VAL P 80 8.98 50.01 -41.51
CA VAL P 80 8.57 51.30 -40.96
C VAL P 80 9.03 51.50 -39.52
N LEU P 81 8.41 50.74 -38.64
CA LEU P 81 8.44 51.04 -37.23
C LEU P 81 9.86 50.95 -36.74
N ARG P 82 10.62 50.15 -37.48
CA ARG P 82 12.04 49.99 -37.27
C ARG P 82 12.83 51.26 -37.54
N ILE P 83 12.38 52.05 -38.50
CA ILE P 83 13.19 53.16 -38.96
C ILE P 83 13.49 54.19 -37.86
N ASN P 84 12.49 54.49 -37.04
CA ASN P 84 12.73 55.33 -35.88
C ASN P 84 12.61 54.54 -34.60
N TYR P 85 12.46 53.23 -34.72
CA TYR P 85 12.21 52.42 -33.54
C TYR P 85 12.99 51.14 -33.60
N LYS P 86 13.42 50.72 -32.40
CA LYS P 86 14.01 49.41 -32.10
C LYS P 86 13.34 48.62 -31.00
N PHE P 87 13.34 49.22 -29.81
CA PHE P 87 12.83 48.61 -28.60
C PHE P 87 11.52 47.94 -28.91
N LEU P 88 10.63 48.69 -29.55
CA LEU P 88 9.43 48.10 -30.01
C LEU P 88 9.44 46.90 -30.98
N MET P 89 10.01 47.09 -32.17
CA MET P 89 9.94 46.10 -33.24
C MET P 89 10.16 44.68 -32.77
N SER P 90 11.20 44.48 -31.97
CA SER P 90 11.60 43.17 -31.53
C SER P 90 10.48 42.59 -30.69
N PRO P 91 9.95 43.45 -29.72
CA PRO P 91 8.87 42.83 -28.96
C PRO P 91 7.76 42.26 -29.78
N ILE P 92 7.26 42.90 -30.81
CA ILE P 92 6.26 42.22 -31.62
C ILE P 92 6.86 41.03 -32.33
N LYS P 93 8.00 41.28 -32.98
CA LYS P 93 8.62 40.29 -33.86
C LYS P 93 8.90 38.98 -33.14
N THR P 94 9.16 39.08 -31.84
CA THR P 94 9.45 37.93 -31.04
C THR P 94 8.14 37.22 -30.85
N GLU P 95 7.09 37.89 -31.26
CA GLU P 95 5.74 37.36 -31.14
C GLU P 95 5.24 36.56 -32.36
N GLN P 96 5.51 37.10 -33.52
CA GLN P 96 4.88 36.51 -34.64
C GLN P 96 5.34 35.07 -34.53
N ARG P 97 6.62 34.84 -34.28
CA ARG P 97 7.00 33.47 -33.94
C ARG P 97 6.58 33.01 -32.54
N GLN P 98 6.86 33.83 -31.55
CA GLN P 98 6.85 33.35 -30.16
C GLN P 98 5.52 32.96 -29.52
N PRO P 99 4.50 33.77 -29.73
CA PRO P 99 3.16 33.46 -29.27
C PRO P 99 3.06 33.01 -27.79
N SER P 100 3.53 33.84 -26.86
CA SER P 100 3.59 33.45 -25.46
C SER P 100 2.23 33.02 -25.02
N MET P 101 2.15 32.01 -24.16
CA MET P 101 0.92 31.28 -24.05
C MET P 101 -0.26 32.16 -23.65
N MET P 102 -0.11 32.98 -22.64
CA MET P 102 -1.22 33.90 -22.42
C MET P 102 -1.69 34.54 -23.73
N THR P 103 -0.75 34.92 -24.59
CA THR P 103 -1.07 35.55 -25.87
C THR P 103 -1.95 34.66 -26.73
N ARG P 104 -1.51 33.46 -27.01
CA ARG P 104 -2.32 32.61 -27.83
C ARG P 104 -3.58 32.41 -27.07
N MET P 105 -3.52 32.29 -25.77
CA MET P 105 -4.78 31.99 -25.16
C MET P 105 -5.75 33.09 -25.52
N TYR P 106 -5.32 34.34 -25.54
CA TYR P 106 -6.27 35.40 -25.88
C TYR P 106 -6.78 35.25 -27.29
N ILE P 107 -5.88 35.09 -28.25
CA ILE P 107 -6.30 35.14 -29.63
C ILE P 107 -7.24 34.01 -29.82
N GLU P 108 -6.93 32.91 -29.18
CA GLU P 108 -7.73 31.72 -29.33
C GLU P 108 -9.11 32.09 -28.88
N GLN P 109 -9.18 32.74 -27.73
CA GLN P 109 -10.46 33.17 -27.30
C GLN P 109 -10.95 34.21 -28.24
N ARG P 110 -10.13 35.16 -28.61
CA ARG P 110 -10.75 36.30 -29.22
C ARG P 110 -11.53 35.86 -30.43
N ASP P 111 -10.98 34.99 -31.25
CA ASP P 111 -11.68 34.57 -32.44
C ASP P 111 -12.97 33.91 -32.03
N ARG P 112 -12.95 33.23 -30.91
CA ARG P 112 -14.15 32.55 -30.51
C ARG P 112 -15.19 33.63 -30.49
N LEU P 113 -14.76 34.81 -30.08
CA LEU P 113 -15.66 35.93 -29.93
C LEU P 113 -16.25 36.43 -31.24
N TYR P 114 -15.41 36.58 -32.24
CA TYR P 114 -15.88 37.14 -33.49
C TYR P 114 -16.78 36.14 -34.08
N ASN P 115 -16.25 34.94 -34.15
CA ASN P 115 -16.73 33.87 -34.96
C ASN P 115 -18.13 33.57 -34.54
N ASP P 116 -18.35 33.48 -33.24
CA ASP P 116 -19.69 33.25 -32.79
C ASP P 116 -20.54 34.44 -33.12
N ASN P 117 -19.97 35.63 -32.98
CA ASN P 117 -20.68 36.85 -33.31
C ASN P 117 -21.02 37.06 -34.76
N GLN P 118 -20.13 36.60 -35.65
CA GLN P 118 -20.42 36.59 -37.08
C GLN P 118 -20.44 37.97 -37.73
N VAL P 119 -21.59 38.64 -37.67
CA VAL P 119 -21.81 39.83 -38.47
C VAL P 119 -20.83 40.85 -37.98
N PHE P 120 -20.65 40.87 -36.68
CA PHE P 120 -19.86 41.90 -36.11
C PHE P 120 -18.46 41.85 -36.71
N ALA P 121 -17.84 40.70 -36.81
CA ALA P 121 -16.48 40.69 -37.32
C ALA P 121 -16.26 41.50 -38.62
N LYS P 122 -17.34 41.77 -39.36
CA LYS P 122 -17.20 42.51 -40.61
C LYS P 122 -17.69 43.94 -40.50
N TYR P 123 -18.92 44.11 -40.03
CA TYR P 123 -19.56 45.41 -40.00
C TYR P 123 -19.11 46.23 -38.81
N ASN P 124 -18.54 45.64 -37.79
CA ASN P 124 -18.41 46.46 -36.59
C ASN P 124 -17.50 47.58 -36.94
N VAL P 125 -17.79 48.78 -36.43
CA VAL P 125 -16.83 49.88 -36.42
C VAL P 125 -16.64 50.45 -35.03
N SER P 126 -15.40 50.54 -34.59
CA SER P 126 -15.10 50.91 -33.22
C SER P 126 -15.37 52.38 -32.94
N ARG P 127 -16.22 52.65 -31.94
CA ARG P 127 -16.47 54.03 -31.54
C ARG P 127 -15.59 54.36 -30.39
N LEU P 128 -14.67 55.28 -30.62
CA LEU P 128 -13.65 55.58 -29.64
C LEU P 128 -14.22 56.15 -28.38
N GLN P 129 -15.18 57.02 -28.53
CA GLN P 129 -15.61 57.73 -27.36
C GLN P 129 -16.28 56.85 -26.37
N PRO P 130 -17.13 55.95 -26.86
CA PRO P 130 -17.96 55.12 -25.98
C PRO P 130 -17.22 53.86 -25.55
N TYR P 131 -16.13 53.53 -26.23
CA TYR P 131 -15.40 52.34 -25.84
C TYR P 131 -14.49 52.75 -24.76
N LEU P 132 -13.80 53.84 -24.97
CA LEU P 132 -12.75 54.22 -24.08
C LEU P 132 -13.41 54.48 -22.77
N LYS P 133 -14.66 54.91 -22.85
CA LYS P 133 -15.44 55.24 -21.67
C LYS P 133 -15.83 53.98 -20.93
N LEU P 134 -16.15 52.93 -21.70
CA LEU P 134 -16.50 51.65 -21.13
C LEU P 134 -15.33 50.91 -20.55
N ARG P 135 -14.25 50.87 -21.29
CA ARG P 135 -13.15 50.02 -20.96
C ARG P 135 -12.61 50.40 -19.61
N GLN P 136 -12.68 51.67 -19.28
CA GLN P 136 -12.14 52.07 -18.02
C GLN P 136 -12.90 51.32 -16.96
N ALA P 137 -14.20 51.13 -17.16
CA ALA P 137 -14.97 50.45 -16.16
C ALA P 137 -14.46 49.04 -15.94
N LEU P 138 -14.22 48.31 -17.03
CA LEU P 138 -13.89 46.89 -16.91
C LEU P 138 -12.62 46.59 -16.16
N LEU P 139 -11.63 47.43 -16.30
CA LEU P 139 -10.44 47.30 -15.49
C LEU P 139 -10.70 47.49 -13.98
N GLU P 140 -11.60 48.41 -13.60
CA GLU P 140 -11.84 48.69 -12.19
C GLU P 140 -12.77 47.66 -11.57
N LEU P 141 -13.87 47.39 -12.28
CA LEU P 141 -14.96 46.52 -11.83
C LEU P 141 -14.52 45.31 -10.98
N ARG P 142 -15.08 45.22 -9.78
CA ARG P 142 -14.60 44.30 -8.75
C ARG P 142 -15.30 42.94 -8.88
N PRO P 143 -14.86 41.91 -8.11
CA PRO P 143 -15.40 40.61 -8.51
C PRO P 143 -16.89 40.46 -8.25
N ALA P 144 -17.52 41.45 -7.62
CA ALA P 144 -18.95 41.37 -7.31
C ALA P 144 -19.75 42.58 -7.78
N LYS P 145 -19.05 43.65 -8.16
CA LYS P 145 -19.71 44.82 -8.76
C LYS P 145 -20.17 44.49 -10.18
N ASN P 146 -20.80 45.46 -10.85
CA ASN P 146 -21.19 45.27 -12.25
C ASN P 146 -21.42 46.56 -13.04
N VAL P 147 -20.79 46.65 -14.20
CA VAL P 147 -20.79 47.88 -14.99
C VAL P 147 -21.85 47.84 -16.06
N LEU P 148 -22.88 48.63 -15.90
CA LEU P 148 -24.02 48.62 -16.80
C LEU P 148 -23.96 49.65 -17.95
N ILE P 149 -24.40 49.22 -19.13
CA ILE P 149 -24.54 50.08 -20.30
C ILE P 149 -26.00 50.12 -20.72
N ASP P 150 -26.47 51.29 -21.17
CA ASP P 150 -27.81 51.36 -21.71
C ASP P 150 -27.92 52.47 -22.74
N GLY P 151 -28.51 52.15 -23.87
CA GLY P 151 -28.75 53.14 -24.90
C GLY P 151 -30.13 52.95 -25.50
N VAL P 152 -30.52 53.86 -26.36
CA VAL P 152 -31.85 53.79 -26.91
C VAL P 152 -31.69 52.58 -27.79
N LEU P 153 -32.78 51.98 -28.22
CA LEU P 153 -32.66 50.68 -28.82
C LEU P 153 -31.77 50.83 -30.03
N GLY P 154 -31.04 49.79 -30.39
CA GLY P 154 -30.14 49.90 -31.50
C GLY P 154 -29.09 50.96 -31.33
N SER P 155 -28.65 51.11 -30.11
CA SER P 155 -27.44 51.85 -29.87
C SER P 155 -26.28 50.87 -29.87
N GLY P 156 -26.57 49.65 -30.28
CA GLY P 156 -25.53 48.70 -30.50
C GLY P 156 -24.72 48.75 -29.25
N LYS P 157 -25.37 48.60 -28.10
CA LYS P 157 -24.62 48.57 -26.87
C LYS P 157 -23.70 47.36 -26.97
N THR P 158 -24.26 46.26 -27.41
CA THR P 158 -23.61 45.00 -27.28
C THR P 158 -22.30 45.07 -27.99
N TRP P 159 -22.40 45.52 -29.22
CA TRP P 159 -21.27 45.66 -30.14
C TRP P 159 -20.12 46.42 -29.51
N VAL P 160 -20.41 47.40 -28.66
CA VAL P 160 -19.36 48.08 -27.91
C VAL P 160 -18.76 47.11 -26.90
N ALA P 161 -19.66 46.49 -26.14
CA ALA P 161 -19.30 45.48 -25.16
C ALA P 161 -18.43 44.43 -25.81
N LEU P 162 -18.89 43.92 -26.95
CA LEU P 162 -18.15 42.92 -27.71
C LEU P 162 -16.76 43.39 -28.04
N ASP P 163 -16.64 44.70 -28.24
CA ASP P 163 -15.39 45.26 -28.71
C ASP P 163 -14.41 45.48 -27.56
N VAL P 164 -14.90 46.02 -26.45
CA VAL P 164 -14.03 46.19 -25.29
C VAL P 164 -13.64 44.84 -24.73
N CYS P 165 -14.58 43.90 -24.80
CA CYS P 165 -14.33 42.54 -24.37
C CYS P 165 -13.30 41.90 -25.29
N LEU P 166 -13.21 42.38 -26.52
CA LEU P 166 -12.20 41.92 -27.49
C LEU P 166 -10.79 42.42 -27.13
N SER P 167 -10.72 43.59 -26.53
CA SER P 167 -9.45 44.21 -26.20
C SER P 167 -8.61 43.33 -25.30
N TYR P 168 -7.37 43.11 -25.66
CA TYR P 168 -6.59 42.22 -24.89
C TYR P 168 -6.58 42.75 -23.50
N LYS P 169 -6.53 44.05 -23.34
CA LYS P 169 -6.49 44.61 -22.02
C LYS P 169 -7.74 44.21 -21.28
N VAL P 170 -8.88 44.25 -21.96
CA VAL P 170 -10.09 43.87 -21.25
C VAL P 170 -9.99 42.44 -20.90
N GLN P 171 -9.52 41.63 -21.83
CA GLN P 171 -9.58 40.21 -21.62
C GLN P 171 -8.72 39.68 -20.52
N CYS P 172 -7.50 40.15 -20.43
CA CYS P 172 -6.60 39.60 -19.44
C CYS P 172 -7.23 39.84 -18.09
N LYS P 173 -7.85 40.99 -17.93
CA LYS P 173 -8.43 41.35 -16.65
C LYS P 173 -9.59 40.44 -16.40
N MET P 174 -9.97 39.70 -17.41
CA MET P 174 -11.07 38.78 -17.28
C MET P 174 -10.63 37.36 -17.51
N ASP P 175 -9.37 37.20 -17.81
CA ASP P 175 -8.74 35.91 -17.91
C ASP P 175 -9.45 35.06 -18.92
N PHE P 176 -10.02 35.71 -19.89
CA PHE P 176 -10.46 35.04 -21.08
C PHE P 176 -11.68 34.23 -20.81
N LYS P 177 -12.38 34.55 -19.74
CA LYS P 177 -13.61 33.81 -19.50
C LYS P 177 -14.73 34.80 -19.45
N ILE P 178 -15.41 34.99 -20.58
CA ILE P 178 -16.44 36.01 -20.68
C ILE P 178 -17.73 35.44 -21.20
N PHE P 179 -18.45 34.75 -20.34
CA PHE P 179 -19.63 34.01 -20.74
C PHE P 179 -20.79 34.90 -21.21
N TRP P 180 -20.97 35.01 -22.52
CA TRP P 180 -22.05 35.79 -23.10
C TRP P 180 -23.39 35.12 -22.88
N LEU P 181 -24.44 35.92 -22.68
CA LEU P 181 -25.79 35.39 -22.51
C LEU P 181 -26.84 36.42 -22.92
N ASN P 182 -27.36 36.32 -24.14
CA ASN P 182 -28.41 37.24 -24.55
C ASN P 182 -29.72 36.91 -23.85
N LEU P 183 -30.15 37.81 -22.97
CA LEU P 183 -31.36 37.57 -22.20
C LEU P 183 -32.62 37.99 -22.97
N LYS P 184 -32.75 37.53 -24.20
CA LYS P 184 -34.01 37.69 -24.91
C LYS P 184 -34.97 36.61 -24.43
N ASN P 185 -36.24 36.98 -24.31
CA ASN P 185 -37.24 36.10 -23.70
C ASN P 185 -36.74 35.69 -22.32
N CYS P 186 -36.67 36.66 -21.41
CA CYS P 186 -36.07 36.45 -20.10
C CYS P 186 -36.87 37.10 -18.98
N ASN P 187 -38.18 37.24 -19.21
CA ASN P 187 -39.08 37.72 -18.16
C ASN P 187 -40.09 36.63 -17.81
N SER P 188 -39.56 35.51 -17.35
CA SER P 188 -40.36 34.42 -16.83
C SER P 188 -39.46 33.81 -15.79
N PRO P 189 -40.01 33.00 -14.92
CA PRO P 189 -39.18 32.31 -13.95
C PRO P 189 -38.40 31.24 -14.62
N GLU P 190 -39.11 30.45 -15.40
CA GLU P 190 -38.56 29.22 -15.92
C GLU P 190 -37.41 29.45 -16.90
N THR P 191 -37.57 30.45 -17.76
CA THR P 191 -36.68 30.57 -18.89
C THR P 191 -35.28 30.73 -18.34
N VAL P 192 -35.17 31.41 -17.22
CA VAL P 192 -33.86 31.56 -16.62
C VAL P 192 -33.33 30.17 -16.34
N LEU P 193 -34.25 29.26 -16.05
CA LEU P 193 -33.84 27.89 -15.89
C LEU P 193 -33.24 27.38 -17.19
N GLU P 194 -33.81 27.79 -18.30
CA GLU P 194 -33.15 27.57 -19.58
C GLU P 194 -31.82 28.30 -19.66
N MET P 195 -31.80 29.54 -19.16
CA MET P 195 -30.62 30.39 -19.27
C MET P 195 -29.53 29.99 -18.29
N LEU P 196 -29.90 29.86 -17.02
CA LEU P 196 -28.95 29.39 -16.02
C LEU P 196 -28.42 28.03 -16.40
N GLN P 197 -29.28 27.22 -17.01
CA GLN P 197 -28.84 25.95 -17.56
C GLN P 197 -27.72 26.20 -18.55
N LYS P 198 -27.93 27.16 -19.43
CA LYS P 198 -26.96 27.44 -20.48
C LYS P 198 -25.66 28.04 -19.96
N LEU P 199 -25.75 28.83 -18.89
CA LEU P 199 -24.56 29.37 -18.27
C LEU P 199 -23.74 28.24 -17.68
N LEU P 200 -24.42 27.40 -16.90
CA LEU P 200 -23.80 26.23 -16.32
C LEU P 200 -23.13 25.40 -17.42
N TYR P 201 -23.82 25.24 -18.55
CA TYR P 201 -23.22 24.52 -19.68
C TYR P 201 -21.96 25.21 -20.21
N GLN P 202 -21.98 26.54 -20.30
CA GLN P 202 -20.78 27.28 -20.68
C GLN P 202 -19.62 26.90 -19.76
N ILE P 203 -19.87 27.10 -18.47
CA ILE P 203 -18.90 26.81 -17.42
C ILE P 203 -18.30 25.40 -17.54
N ASP P 204 -19.15 24.38 -17.62
CA ASP P 204 -18.71 22.99 -17.63
C ASP P 204 -19.88 22.05 -17.89
N PRO P 205 -19.66 21.04 -18.75
CA PRO P 205 -20.73 20.10 -19.10
C PRO P 205 -20.98 19.06 -18.01
N ASN P 206 -21.43 19.53 -16.85
CA ASN P 206 -21.69 18.66 -15.70
C ASN P 206 -22.88 19.16 -14.90
N TRP P 207 -23.76 18.24 -14.51
CA TRP P 207 -24.69 18.50 -13.43
C TRP P 207 -25.39 17.26 -12.88
N THR P 208 -25.47 17.20 -11.55
CA THR P 208 -26.27 16.21 -10.85
C THR P 208 -27.73 16.65 -10.82
N SER P 209 -28.46 16.36 -11.89
CA SER P 209 -29.82 16.85 -12.04
C SER P 209 -30.85 15.99 -11.32
N ARG P 210 -30.41 15.21 -10.33
CA ARG P 210 -31.32 14.42 -9.51
C ARG P 210 -31.98 15.30 -8.46
N SER P 211 -31.38 16.46 -8.23
CA SER P 211 -31.90 17.45 -7.31
C SER P 211 -33.16 18.10 -7.89
N ASP P 212 -33.47 17.81 -9.14
CA ASP P 212 -34.61 18.44 -9.79
C ASP P 212 -35.90 18.01 -9.11
N HIS P 213 -36.60 19.00 -8.57
CA HIS P 213 -37.90 18.77 -7.95
C HIS P 213 -38.91 19.65 -8.63
N SER P 214 -39.71 19.04 -9.49
CA SER P 214 -40.64 19.79 -10.34
C SER P 214 -41.77 20.41 -9.53
N SER P 215 -41.69 20.35 -8.19
CA SER P 215 -42.63 21.06 -7.33
C SER P 215 -42.62 22.53 -7.69
N ASN P 216 -41.43 23.05 -7.94
CA ASN P 216 -41.27 24.41 -8.45
C ASN P 216 -40.18 24.53 -9.50
N ILE P 217 -40.51 25.24 -10.57
CA ILE P 217 -39.54 25.68 -11.56
C ILE P 217 -38.83 26.87 -10.92
N LYS P 218 -39.41 27.34 -9.81
CA LYS P 218 -38.94 28.52 -9.08
C LYS P 218 -38.08 28.20 -7.86
N LEU P 219 -38.19 26.96 -7.39
CA LEU P 219 -37.39 26.47 -6.29
C LEU P 219 -36.13 25.85 -6.85
N ARG P 220 -36.30 25.06 -7.90
CA ARG P 220 -35.17 24.44 -8.59
C ARG P 220 -34.21 25.50 -9.13
N ILE P 221 -34.73 26.69 -9.38
CA ILE P 221 -33.94 27.78 -9.90
C ILE P 221 -32.91 28.27 -8.88
N HIS P 222 -33.17 28.01 -7.60
CA HIS P 222 -32.23 28.47 -6.59
C HIS P 222 -31.12 27.45 -6.55
N SER P 223 -31.45 26.21 -6.87
CA SER P 223 -30.44 25.16 -6.89
C SER P 223 -29.39 25.42 -7.97
N ILE P 224 -29.81 25.93 -9.11
CA ILE P 224 -28.87 26.09 -10.22
C ILE P 224 -27.96 27.27 -9.91
N GLN P 225 -28.52 28.29 -9.27
CA GLN P 225 -27.73 29.43 -8.83
C GLN P 225 -26.80 28.98 -7.72
N ALA P 226 -27.34 28.13 -6.85
CA ALA P 226 -26.58 27.55 -5.75
C ALA P 226 -25.36 26.84 -6.27
N GLU P 227 -25.55 25.98 -7.27
CA GLU P 227 -24.43 25.30 -7.90
C GLU P 227 -23.54 26.29 -8.61
N LEU P 228 -24.16 27.15 -9.42
CA LEU P 228 -23.41 28.14 -10.21
C LEU P 228 -22.56 29.03 -9.32
N ARG P 229 -23.04 29.31 -8.12
CA ARG P 229 -22.27 30.12 -7.16
C ARG P 229 -21.01 29.38 -6.74
N ARG P 230 -21.18 28.18 -6.20
CA ARG P 230 -20.05 27.33 -5.79
C ARG P 230 -18.99 27.19 -6.87
N LEU P 231 -19.45 26.99 -8.09
CA LEU P 231 -18.54 26.68 -9.19
C LEU P 231 -17.73 27.90 -9.60
N LEU P 232 -18.32 29.08 -9.49
CA LEU P 232 -17.65 30.27 -9.99
C LEU P 232 -16.50 30.74 -9.09
N LYS P 233 -16.76 31.04 -7.81
CA LYS P 233 -15.64 31.35 -6.92
C LYS P 233 -14.82 30.08 -6.70
N SER P 234 -14.17 29.76 -7.79
CA SER P 234 -13.22 28.71 -7.94
C SER P 234 -12.07 29.37 -8.70
N LYS P 235 -10.83 29.04 -8.40
CA LYS P 235 -9.83 30.03 -8.64
C LYS P 235 -9.78 30.47 -10.09
N PRO P 236 -9.78 29.51 -11.02
CA PRO P 236 -9.60 29.84 -12.43
C PRO P 236 -10.73 30.74 -12.82
N TYR P 237 -11.90 30.48 -12.27
CA TYR P 237 -13.08 31.19 -12.67
C TYR P 237 -13.35 32.42 -11.87
N GLU P 238 -12.47 32.69 -10.91
CA GLU P 238 -12.70 33.69 -9.88
C GLU P 238 -13.42 34.90 -10.43
N ASN P 239 -12.76 35.55 -11.39
CA ASN P 239 -13.33 36.72 -12.01
C ASN P 239 -13.58 36.45 -13.45
N CYS P 240 -14.82 36.57 -13.89
CA CYS P 240 -15.08 36.63 -15.30
C CYS P 240 -16.28 37.48 -15.53
N LEU P 241 -16.19 38.42 -16.45
CA LEU P 241 -17.30 39.30 -16.72
C LEU P 241 -18.37 38.44 -17.31
N LEU P 242 -19.59 38.47 -16.85
CA LEU P 242 -20.54 37.67 -17.56
C LEU P 242 -21.33 38.80 -17.96
N VAL P 243 -21.60 38.93 -19.26
CA VAL P 243 -22.18 40.12 -19.85
C VAL P 243 -23.57 39.78 -20.25
N LEU P 244 -24.54 40.56 -19.81
CA LEU P 244 -25.92 40.28 -20.15
C LEU P 244 -26.51 41.25 -21.15
N LEU P 245 -27.04 40.75 -22.23
CA LEU P 245 -27.42 41.60 -23.32
C LEU P 245 -28.93 41.78 -23.33
N ASN P 246 -29.42 43.02 -23.25
CA ASN P 246 -30.85 43.32 -23.33
C ASN P 246 -31.61 43.07 -22.07
N VAL P 247 -30.85 42.73 -21.07
CA VAL P 247 -31.49 42.33 -19.82
C VAL P 247 -32.89 42.89 -19.77
N GLN P 248 -33.87 42.00 -19.82
CA GLN P 248 -35.26 42.42 -19.98
C GLN P 248 -35.70 43.34 -18.86
N ASN P 249 -35.79 42.81 -17.66
CA ASN P 249 -36.20 43.64 -16.54
C ASN P 249 -35.31 43.51 -15.33
N ALA P 250 -35.73 44.16 -14.25
CA ALA P 250 -35.05 44.06 -12.99
C ALA P 250 -35.10 42.62 -12.50
N LYS P 251 -36.28 42.01 -12.62
CA LYS P 251 -36.52 40.70 -12.03
C LYS P 251 -35.56 39.62 -12.55
N ALA P 252 -35.20 39.71 -13.83
CA ALA P 252 -34.32 38.73 -14.44
C ALA P 252 -32.93 38.84 -13.85
N TRP P 253 -32.48 40.08 -13.69
CA TRP P 253 -31.13 40.39 -13.20
C TRP P 253 -30.92 39.88 -11.78
N ASN P 254 -31.99 39.84 -11.00
CA ASN P 254 -31.95 39.37 -9.64
C ASN P 254 -31.42 37.94 -9.57
N ALA P 255 -31.85 37.12 -10.51
CA ALA P 255 -31.43 35.73 -10.57
C ALA P 255 -29.99 35.61 -11.08
N PHE P 256 -29.52 36.60 -11.80
CA PHE P 256 -28.21 36.39 -12.36
C PHE P 256 -27.05 36.88 -11.55
N ASN P 257 -27.30 37.77 -10.62
CA ASN P 257 -26.16 38.29 -9.87
C ASN P 257 -25.58 37.13 -9.09
N LEU P 258 -24.31 36.83 -9.35
CA LEU P 258 -23.70 35.64 -8.78
C LEU P 258 -22.47 35.99 -7.98
N SER P 259 -22.44 37.20 -7.42
CA SER P 259 -21.20 37.78 -6.93
C SER P 259 -20.18 37.68 -8.06
N CYS P 260 -20.66 38.04 -9.26
CA CYS P 260 -19.93 37.90 -10.50
C CYS P 260 -19.48 39.26 -10.99
N LYS P 261 -18.33 39.36 -11.64
CA LYS P 261 -17.93 40.64 -12.22
C LYS P 261 -18.73 40.93 -13.47
N ILE P 262 -20.05 40.76 -13.43
CA ILE P 262 -20.86 40.91 -14.63
C ILE P 262 -20.88 42.37 -15.14
N LEU P 263 -21.46 42.55 -16.32
CA LEU P 263 -21.68 43.85 -16.91
C LEU P 263 -22.82 43.63 -17.90
N LEU P 264 -23.81 44.48 -17.91
CA LEU P 264 -24.93 44.15 -18.72
C LEU P 264 -25.31 45.25 -19.64
N THR P 265 -26.01 44.90 -20.69
CA THR P 265 -26.51 45.89 -21.59
C THR P 265 -27.98 46.16 -21.31
N THR P 266 -28.23 47.26 -20.63
CA THR P 266 -29.54 47.65 -20.21
C THR P 266 -30.24 47.95 -21.48
N ARG P 267 -31.56 48.05 -21.47
CA ARG P 267 -32.29 48.44 -22.68
C ARG P 267 -33.37 49.45 -22.31
N PHE P 268 -33.97 49.22 -21.14
CA PHE P 268 -34.99 50.07 -20.57
C PHE P 268 -34.46 51.08 -19.57
N LYS P 269 -35.31 52.04 -19.26
CA LYS P 269 -35.02 52.94 -18.18
C LYS P 269 -35.56 52.30 -16.94
N GLN P 270 -36.21 51.15 -17.07
CA GLN P 270 -36.69 50.57 -15.82
C GLN P 270 -35.52 49.83 -15.18
N VAL P 271 -34.64 49.33 -16.04
CA VAL P 271 -33.49 48.54 -15.61
C VAL P 271 -32.36 49.45 -15.19
N THR P 272 -31.97 50.38 -16.07
CA THR P 272 -30.92 51.33 -15.73
C THR P 272 -31.36 52.19 -14.57
N ASP P 273 -32.67 52.24 -14.35
CA ASP P 273 -33.25 52.93 -13.20
C ASP P 273 -32.92 52.18 -11.93
N PHE P 274 -32.82 50.86 -12.05
CA PHE P 274 -32.79 49.98 -10.89
C PHE P 274 -31.38 49.80 -10.35
N LEU P 275 -30.42 49.36 -11.13
CA LEU P 275 -29.10 49.29 -10.54
C LEU P 275 -28.55 50.71 -10.23
N SER P 276 -28.11 50.91 -9.00
CA SER P 276 -27.89 52.26 -8.49
C SER P 276 -26.43 52.49 -8.27
N ALA P 277 -26.02 53.69 -8.60
CA ALA P 277 -24.72 53.97 -9.11
C ALA P 277 -23.70 53.44 -8.15
N ALA P 278 -24.00 53.47 -6.86
CA ALA P 278 -22.98 53.15 -5.89
C ALA P 278 -22.49 51.75 -6.15
N THR P 279 -23.40 50.81 -6.37
CA THR P 279 -22.97 49.47 -6.75
C THR P 279 -22.28 49.38 -8.12
N THR P 280 -22.83 50.06 -9.12
CA THR P 280 -22.46 49.83 -10.52
C THR P 280 -22.41 51.14 -11.28
N THR P 281 -21.65 51.23 -12.37
CA THR P 281 -21.36 52.52 -12.98
C THR P 281 -22.18 52.58 -14.26
N HIS P 282 -22.58 53.76 -14.65
CA HIS P 282 -23.68 53.78 -15.57
C HIS P 282 -23.20 54.41 -16.81
N ILE P 283 -23.22 53.66 -17.88
CA ILE P 283 -22.68 54.13 -19.12
C ILE P 283 -23.88 54.30 -19.97
N SER P 284 -23.89 55.29 -20.82
CA SER P 284 -25.09 55.43 -21.60
C SER P 284 -24.88 55.72 -23.04
N LEU P 285 -25.96 56.06 -23.68
CA LEU P 285 -25.87 56.45 -25.07
C LEU P 285 -27.02 57.36 -25.45
N ASP P 286 -27.66 57.89 -24.42
CA ASP P 286 -28.49 59.03 -24.60
C ASP P 286 -27.49 60.15 -24.50
N HIS P 287 -26.41 60.08 -25.25
CA HIS P 287 -25.40 61.06 -24.97
C HIS P 287 -24.78 61.78 -26.13
N HIS P 288 -24.44 63.04 -25.92
CA HIS P 288 -23.80 63.79 -26.96
C HIS P 288 -22.46 63.11 -27.24
N SER P 289 -21.72 62.78 -26.18
CA SER P 289 -20.48 62.02 -26.34
C SER P 289 -20.61 60.56 -26.73
N MET P 290 -21.45 59.83 -26.00
CA MET P 290 -21.63 58.40 -26.21
C MET P 290 -21.99 58.10 -27.65
N THR P 291 -22.84 58.94 -28.24
CA THR P 291 -23.26 58.73 -29.61
C THR P 291 -22.15 59.17 -30.54
N LEU P 292 -22.30 58.79 -31.80
CA LEU P 292 -21.27 58.96 -32.80
C LEU P 292 -20.99 60.38 -33.27
N THR P 293 -19.71 60.70 -33.40
CA THR P 293 -19.26 61.92 -34.01
C THR P 293 -19.62 61.74 -35.47
N PRO P 294 -19.98 62.79 -36.19
CA PRO P 294 -20.70 62.50 -37.44
C PRO P 294 -19.90 61.47 -38.21
N ASP P 295 -18.59 61.57 -38.15
CA ASP P 295 -17.81 60.80 -39.07
C ASP P 295 -18.10 59.34 -38.88
N GLU P 296 -18.13 58.89 -37.65
CA GLU P 296 -18.39 57.48 -37.48
C GLU P 296 -19.35 57.11 -38.57
N VAL P 297 -20.31 57.98 -38.76
CA VAL P 297 -21.46 57.62 -39.54
C VAL P 297 -21.10 57.31 -40.96
N LYS P 298 -20.16 58.02 -41.54
CA LYS P 298 -19.88 57.68 -42.93
C LYS P 298 -18.98 56.46 -43.00
N SER P 299 -18.13 56.29 -41.99
CA SER P 299 -17.26 55.12 -41.96
C SER P 299 -18.06 53.87 -41.64
N LEU P 300 -19.16 54.05 -40.89
CA LEU P 300 -20.04 52.92 -40.60
C LEU P 300 -20.82 52.54 -41.85
N LEU P 301 -21.38 53.54 -42.54
CA LEU P 301 -22.11 53.30 -43.77
C LEU P 301 -21.22 52.62 -44.80
N LEU P 302 -19.91 52.82 -44.67
CA LEU P 302 -18.94 52.23 -45.57
C LEU P 302 -18.82 50.71 -45.46
N LYS P 303 -18.82 50.21 -44.23
CA LYS P 303 -18.62 48.78 -43.98
C LYS P 303 -19.55 47.92 -44.82
N TYR P 304 -20.82 48.31 -44.90
CA TYR P 304 -21.77 47.60 -45.74
C TYR P 304 -21.65 48.03 -47.20
N LEU P 305 -21.35 49.31 -47.39
CA LEU P 305 -21.33 49.94 -48.71
C LEU P 305 -20.13 49.54 -49.56
N ASP P 306 -18.97 49.46 -48.91
CA ASP P 306 -17.73 48.96 -49.52
C ASP P 306 -17.23 49.81 -50.71
N CYS P 307 -17.08 51.12 -50.48
CA CYS P 307 -16.45 52.03 -51.46
C CYS P 307 -16.22 53.42 -50.86
N ARG P 308 -14.98 53.91 -50.94
CA ARG P 308 -14.58 55.17 -50.31
C ARG P 308 -15.07 56.42 -51.06
N PRO P 309 -15.24 56.29 -52.38
CA PRO P 309 -15.66 57.41 -53.20
C PRO P 309 -17.13 57.73 -53.01
N GLN P 310 -17.98 56.71 -53.21
CA GLN P 310 -19.42 56.88 -53.10
C GLN P 310 -19.85 57.28 -51.70
N ASP P 311 -18.93 57.13 -50.74
CA ASP P 311 -19.14 57.56 -49.36
C ASP P 311 -19.63 59.00 -49.30
N LEU P 312 -18.96 59.86 -50.06
CA LEU P 312 -19.33 61.27 -50.12
C LEU P 312 -20.68 61.45 -50.79
N PRO P 313 -21.08 60.38 -51.47
CA PRO P 313 -22.35 60.28 -52.14
C PRO P 313 -23.53 60.40 -51.17
N ARG P 314 -23.41 59.90 -49.95
CA ARG P 314 -24.55 60.00 -49.05
C ARG P 314 -24.41 61.09 -47.99
N GLU P 315 -25.40 61.98 -47.92
CA GLU P 315 -25.57 62.92 -46.79
C GLU P 315 -27.02 63.42 -46.70
N VAL P 316 -27.48 63.92 -45.55
CA VAL P 316 -26.88 63.70 -44.24
C VAL P 316 -27.95 63.28 -43.21
N LEU P 317 -27.76 62.16 -42.54
CA LEU P 317 -28.62 61.79 -41.42
C LEU P 317 -28.00 60.74 -40.50
N THR P 318 -28.57 60.61 -39.29
CA THR P 318 -27.94 59.97 -38.12
C THR P 318 -29.04 59.38 -37.25
N THR P 319 -28.74 58.87 -36.06
CA THR P 319 -27.41 58.57 -35.50
C THR P 319 -27.40 57.14 -34.99
N ASN P 320 -28.59 56.56 -35.11
CA ASN P 320 -28.96 55.29 -34.51
C ASN P 320 -28.52 54.21 -35.43
N PRO P 321 -27.60 53.40 -34.96
CA PRO P 321 -26.92 52.49 -35.85
C PRO P 321 -27.98 51.65 -36.49
N ARG P 322 -28.99 51.24 -35.72
CA ARG P 322 -30.07 50.41 -36.23
C ARG P 322 -30.66 50.99 -37.50
N ARG P 323 -30.87 52.30 -37.53
CA ARG P 323 -31.43 52.96 -38.69
C ARG P 323 -30.44 52.95 -39.83
N LEU P 324 -29.19 53.08 -39.45
CA LEU P 324 -28.02 53.28 -40.31
C LEU P 324 -27.56 51.95 -40.90
N SER P 325 -27.61 50.89 -40.10
CA SER P 325 -27.19 49.57 -40.55
C SER P 325 -28.22 48.97 -41.50
N ILE P 326 -29.50 49.11 -41.15
CA ILE P 326 -30.59 48.59 -41.96
C ILE P 326 -30.79 49.43 -43.22
N ILE P 327 -30.37 50.69 -43.15
CA ILE P 327 -30.40 51.56 -44.31
C ILE P 327 -29.25 51.21 -45.26
N ALA P 328 -28.04 51.15 -44.70
CA ALA P 328 -26.83 50.96 -45.51
C ALA P 328 -26.85 49.62 -46.24
N GLU P 329 -27.52 48.64 -45.67
CA GLU P 329 -27.68 47.34 -46.33
C GLU P 329 -28.75 47.44 -47.42
N SER P 330 -29.80 48.22 -47.15
CA SER P 330 -30.89 48.42 -48.09
C SER P 330 -30.44 49.08 -49.38
N ILE P 331 -29.66 50.14 -49.22
CA ILE P 331 -29.09 50.86 -50.35
C ILE P 331 -28.13 49.97 -51.12
N ARG P 332 -27.22 49.33 -50.39
CA ARG P 332 -26.21 48.47 -51.02
C ARG P 332 -26.86 47.29 -51.73
N ASP P 333 -27.97 46.81 -51.19
CA ASP P 333 -28.67 45.69 -51.79
C ASP P 333 -30.16 45.97 -51.94
N ALA P 336 -31.12 51.80 -53.97
CA ALA P 336 -31.23 53.16 -54.46
C ALA P 336 -31.26 54.14 -53.29
N THR P 337 -30.25 55.00 -53.23
CA THR P 337 -29.99 55.83 -52.05
C THR P 337 -31.15 56.76 -51.62
N TRP P 338 -32.02 57.11 -52.55
CA TRP P 338 -33.10 58.06 -52.23
C TRP P 338 -34.43 57.41 -51.91
N ASP P 339 -34.89 56.53 -52.80
CA ASP P 339 -36.11 55.77 -52.52
C ASP P 339 -35.94 54.99 -51.24
N ASN P 340 -34.81 54.31 -51.11
CA ASN P 340 -34.57 53.42 -49.97
C ASN P 340 -34.26 54.14 -48.66
N TRP P 341 -33.92 55.42 -48.74
CA TRP P 341 -33.63 56.18 -47.53
C TRP P 341 -34.89 56.43 -46.72
N LYS P 342 -36.03 56.42 -47.41
CA LYS P 342 -37.31 56.71 -46.76
C LYS P 342 -38.38 55.64 -47.02
N HIS P 343 -38.84 55.52 -48.26
CA HIS P 343 -39.98 54.67 -48.57
C HIS P 343 -39.69 53.17 -48.40
N VAL P 344 -38.48 52.74 -48.71
CA VAL P 344 -38.11 51.35 -48.47
C VAL P 344 -37.92 51.14 -46.96
N ASN P 345 -37.75 49.87 -46.55
CA ASN P 345 -37.71 49.49 -45.15
C ASN P 345 -38.99 49.89 -44.41
N CYS P 346 -40.05 50.09 -45.19
CA CYS P 346 -41.37 50.28 -44.60
C CYS P 346 -41.88 48.92 -44.16
N ASP P 347 -41.17 47.87 -44.58
CA ASP P 347 -41.47 46.52 -44.17
C ASP P 347 -40.32 45.94 -43.34
N LYS P 348 -39.39 46.79 -42.93
CA LYS P 348 -38.25 46.34 -42.15
C LYS P 348 -38.04 47.11 -40.85
N LEU P 349 -37.44 48.27 -40.91
CA LEU P 349 -36.80 48.80 -39.74
C LEU P 349 -37.77 48.95 -38.62
N THR P 350 -38.96 49.44 -38.94
CA THR P 350 -40.03 49.66 -37.99
C THR P 350 -40.54 48.37 -37.39
N THR P 351 -40.62 47.34 -38.22
CA THR P 351 -41.04 46.02 -37.76
C THR P 351 -40.27 45.68 -36.49
N ILE P 352 -38.95 45.63 -36.61
CA ILE P 352 -38.09 45.46 -35.44
C ILE P 352 -38.29 46.66 -34.53
N ILE P 353 -38.77 47.75 -35.12
CA ILE P 353 -39.08 48.96 -34.36
C ILE P 353 -40.38 48.76 -33.58
N GLU P 354 -41.42 48.31 -34.28
CA GLU P 354 -42.67 48.01 -33.63
C GLU P 354 -42.43 46.89 -32.65
N SER P 355 -41.69 45.90 -33.13
CA SER P 355 -41.49 44.64 -32.41
C SER P 355 -41.13 44.90 -30.97
N SER P 356 -40.22 45.83 -30.76
CA SER P 356 -39.82 46.17 -29.40
C SER P 356 -40.97 46.81 -28.66
N LEU P 357 -41.90 47.40 -29.40
CA LEU P 357 -43.05 48.03 -28.77
C LEU P 357 -43.81 46.95 -28.02
N ASN P 358 -43.50 45.70 -28.28
CA ASN P 358 -44.31 44.59 -27.78
C ASN P 358 -44.39 44.48 -26.26
N VAL P 359 -43.44 45.05 -25.55
CA VAL P 359 -43.47 44.97 -24.10
C VAL P 359 -44.71 45.61 -23.50
N LEU P 360 -45.15 46.73 -24.06
CA LEU P 360 -46.20 47.55 -23.46
C LEU P 360 -47.62 46.98 -23.50
N GLU P 361 -48.48 47.47 -22.61
CA GLU P 361 -49.89 47.07 -22.52
C GLU P 361 -50.81 47.74 -23.56
N PRO P 362 -51.59 46.96 -24.31
CA PRO P 362 -52.29 47.57 -25.45
C PRO P 362 -53.51 48.39 -25.06
N ALA P 363 -54.20 48.00 -23.98
CA ALA P 363 -55.43 48.64 -23.57
C ALA P 363 -55.22 50.09 -23.16
N GLU P 364 -54.11 50.37 -22.50
CA GLU P 364 -53.86 51.71 -21.97
C GLU P 364 -52.58 52.33 -22.51
N TYR P 365 -51.53 51.54 -22.62
CA TYR P 365 -50.22 52.04 -23.06
C TYR P 365 -50.17 52.26 -24.56
N ARG P 366 -50.32 51.18 -25.31
CA ARG P 366 -50.14 51.20 -26.77
C ARG P 366 -51.07 52.17 -27.49
N LYS P 367 -52.35 52.14 -27.14
CA LYS P 367 -53.33 53.03 -27.75
C LYS P 367 -53.04 54.50 -27.48
N MET P 368 -52.82 54.84 -26.21
CA MET P 368 -52.52 56.21 -25.79
C MET P 368 -51.33 56.75 -26.57
N PHE P 369 -50.42 55.84 -26.90
CA PHE P 369 -49.17 56.16 -27.56
C PHE P 369 -49.36 56.54 -29.02
N ASP P 370 -50.07 55.67 -29.74
CA ASP P 370 -50.42 55.89 -31.15
C ASP P 370 -50.99 57.28 -31.39
N ARG P 371 -51.68 57.79 -30.38
CA ARG P 371 -52.31 59.10 -30.45
C ARG P 371 -51.32 60.25 -30.67
N LEU P 372 -50.04 60.02 -30.37
CA LEU P 372 -49.03 61.08 -30.47
C LEU P 372 -48.85 61.58 -31.89
N SER P 373 -49.26 60.77 -32.85
CA SER P 373 -49.09 61.06 -34.28
C SER P 373 -49.47 62.50 -34.65
N VAL P 374 -50.42 63.08 -33.93
CA VAL P 374 -50.90 64.43 -34.23
C VAL P 374 -49.89 65.50 -33.87
N PHE P 375 -48.94 65.15 -33.01
CA PHE P 375 -47.93 66.09 -32.57
C PHE P 375 -46.86 66.27 -33.64
N PRO P 376 -45.77 66.92 -33.23
CA PRO P 376 -44.63 67.19 -34.10
C PRO P 376 -43.62 66.08 -34.00
N PRO P 377 -43.01 65.73 -35.21
CA PRO P 377 -42.20 64.50 -35.11
C PRO P 377 -41.10 64.71 -34.11
N SER P 378 -40.53 65.90 -34.09
CA SER P 378 -39.46 66.15 -33.15
C SER P 378 -39.88 67.32 -32.32
N ALA P 379 -40.82 67.07 -31.43
CA ALA P 379 -41.38 68.17 -30.65
C ALA P 379 -41.71 67.74 -29.21
N HIS P 380 -42.34 68.63 -28.46
CA HIS P 380 -42.66 68.38 -27.06
C HIS P 380 -44.18 68.34 -26.84
N ILE P 381 -44.60 68.14 -25.60
CA ILE P 381 -46.01 68.10 -25.26
C ILE P 381 -46.26 68.33 -23.76
N PRO P 382 -47.11 69.32 -23.44
CA PRO P 382 -47.47 69.68 -22.06
C PRO P 382 -48.37 68.63 -21.41
N THR P 383 -48.49 68.71 -20.08
CA THR P 383 -49.30 67.77 -19.32
C THR P 383 -50.78 67.88 -19.66
N ILE P 384 -51.29 69.10 -19.70
CA ILE P 384 -52.71 69.35 -19.92
C ILE P 384 -53.18 68.85 -21.29
N LEU P 385 -52.34 69.04 -22.31
CA LEU P 385 -52.69 68.65 -23.67
C LEU P 385 -52.70 67.14 -23.84
N LEU P 386 -51.83 66.46 -23.11
CA LEU P 386 -51.72 65.01 -23.17
C LEU P 386 -52.92 64.34 -22.50
N SER P 387 -53.52 65.06 -21.56
CA SER P 387 -54.67 64.57 -20.83
C SER P 387 -55.85 64.25 -21.74
N LEU P 388 -56.29 65.27 -22.46
CA LEU P 388 -57.48 65.20 -23.30
C LEU P 388 -57.40 64.07 -24.32
N ILE P 389 -56.20 63.82 -24.83
CA ILE P 389 -56.03 62.81 -25.87
C ILE P 389 -55.76 61.43 -25.27
N SER P 396 -54.71 62.49 -11.92
CA SER P 396 -53.29 62.17 -11.98
C SER P 396 -53.04 60.92 -12.82
N ASP P 397 -54.11 60.42 -13.45
CA ASP P 397 -54.05 59.20 -14.24
C ASP P 397 -53.03 59.32 -15.38
N VAL P 398 -53.17 60.38 -16.17
CA VAL P 398 -52.30 60.60 -17.32
C VAL P 398 -50.83 60.74 -16.94
N MET P 399 -50.56 61.33 -15.78
CA MET P 399 -49.20 61.58 -15.33
C MET P 399 -48.47 60.28 -15.01
N VAL P 400 -49.22 59.30 -14.52
CA VAL P 400 -48.66 58.02 -14.14
C VAL P 400 -48.52 57.10 -15.35
N VAL P 401 -49.53 57.10 -16.20
CA VAL P 401 -49.56 56.24 -17.39
C VAL P 401 -48.41 56.56 -18.34
N VAL P 402 -48.04 57.84 -18.41
CA VAL P 402 -46.91 58.24 -19.24
C VAL P 402 -45.59 58.01 -18.49
N ASN P 403 -45.66 58.02 -17.17
CA ASN P 403 -44.47 57.80 -16.38
C ASN P 403 -44.00 56.36 -16.57
N LYS P 404 -44.95 55.45 -16.75
CA LYS P 404 -44.62 54.07 -17.03
C LYS P 404 -44.24 53.91 -18.50
N LEU P 405 -44.81 54.78 -19.32
CA LEU P 405 -44.47 54.84 -20.74
C LEU P 405 -43.05 55.38 -20.91
N HIS P 406 -42.66 56.19 -19.94
CA HIS P 406 -41.32 56.65 -19.76
C HIS P 406 -40.40 55.51 -19.44
N LYS P 407 -40.92 54.65 -18.57
CA LYS P 407 -40.13 53.68 -17.85
C LYS P 407 -39.53 52.79 -18.87
N TYR P 408 -40.38 52.31 -19.76
CA TYR P 408 -39.93 51.42 -20.81
C TYR P 408 -38.97 52.08 -21.76
N SER P 409 -39.29 53.29 -22.19
CA SER P 409 -38.41 54.03 -23.08
C SER P 409 -39.04 55.24 -23.73
N LEU P 410 -40.29 55.09 -24.11
CA LEU P 410 -40.88 55.86 -25.19
C LEU P 410 -41.01 57.38 -25.09
N VAL P 411 -41.43 57.91 -23.96
CA VAL P 411 -41.87 59.28 -24.03
C VAL P 411 -40.93 59.82 -22.97
N GLU P 412 -39.78 60.26 -23.43
CA GLU P 412 -38.81 60.84 -22.49
C GLU P 412 -39.56 61.93 -21.73
N LYS P 413 -39.83 61.68 -20.46
CA LYS P 413 -40.35 62.72 -19.58
C LYS P 413 -39.22 63.66 -19.22
N GLN P 414 -39.55 64.92 -18.93
CA GLN P 414 -38.54 65.92 -18.62
C GLN P 414 -39.12 66.97 -17.67
N PRO P 415 -38.25 67.64 -16.91
CA PRO P 415 -38.66 68.70 -15.99
C PRO P 415 -39.36 69.86 -16.70
N SER P 418 -43.31 71.16 -16.72
CA SER P 418 -43.48 69.72 -16.55
C SER P 418 -43.77 69.07 -17.89
N THR P 419 -43.34 69.72 -18.96
CA THR P 419 -43.60 69.25 -20.32
C THR P 419 -42.89 67.92 -20.61
N ILE P 420 -43.26 67.29 -21.73
CA ILE P 420 -42.66 66.02 -22.12
C ILE P 420 -42.13 66.08 -23.54
N SER P 421 -40.89 65.63 -23.73
CA SER P 421 -40.29 65.56 -25.06
C SER P 421 -40.08 64.11 -25.49
N ILE P 422 -40.55 63.79 -26.69
CA ILE P 422 -40.62 62.42 -27.16
C ILE P 422 -39.67 62.24 -28.36
N PRO P 423 -38.76 61.23 -28.28
CA PRO P 423 -37.70 61.00 -29.30
C PRO P 423 -38.11 60.27 -30.59
N SER P 424 -37.87 60.94 -31.71
CA SER P 424 -38.41 60.64 -33.04
C SER P 424 -38.43 59.20 -33.57
N ILE P 425 -37.39 58.42 -33.25
CA ILE P 425 -37.15 57.14 -33.94
C ILE P 425 -38.36 56.19 -33.95
N TYR P 426 -39.04 56.03 -32.82
CA TYR P 426 -40.27 55.23 -32.85
C TYR P 426 -41.46 56.17 -32.94
N LEU P 427 -41.19 57.46 -32.89
CA LEU P 427 -42.22 58.50 -32.92
C LEU P 427 -42.71 58.73 -34.34
N GLU P 428 -41.86 59.36 -35.13
CA GLU P 428 -42.26 59.84 -36.46
C GLU P 428 -42.56 58.71 -37.44
N LEU P 429 -41.64 57.76 -37.53
CA LEU P 429 -41.70 56.70 -38.53
C LEU P 429 -42.82 55.72 -38.26
N LYS P 430 -42.71 55.02 -37.14
CA LYS P 430 -43.57 53.90 -36.82
C LYS P 430 -45.07 54.19 -36.81
N VAL P 431 -45.50 55.22 -36.07
CA VAL P 431 -46.93 55.44 -35.84
C VAL P 431 -47.66 56.09 -37.02
N LYS P 432 -46.92 56.79 -37.86
CA LYS P 432 -47.52 57.48 -39.00
C LYS P 432 -48.11 56.47 -39.98
N LEU P 433 -47.41 55.36 -40.15
CA LEU P 433 -47.85 54.30 -41.05
C LEU P 433 -49.18 53.69 -40.60
N GLU P 434 -49.23 53.24 -39.35
CA GLU P 434 -50.43 52.61 -38.81
C GLU P 434 -51.29 53.59 -38.05
N ASN P 435 -52.41 53.99 -38.66
CA ASN P 435 -53.36 54.89 -37.99
C ASN P 435 -54.79 54.67 -38.46
N GLU P 436 -55.70 54.62 -37.51
CA GLU P 436 -57.13 54.63 -37.79
C GLU P 436 -57.59 56.08 -37.69
N TYR P 437 -58.77 56.41 -38.22
CA TYR P 437 -59.20 57.79 -38.16
C TYR P 437 -59.84 58.12 -36.81
N ALA P 438 -59.02 58.06 -35.77
CA ALA P 438 -59.37 58.67 -34.50
C ALA P 438 -58.89 60.12 -34.53
N LEU P 439 -58.26 60.49 -35.65
CA LEU P 439 -57.68 61.81 -35.83
C LEU P 439 -58.72 62.93 -35.72
N HIS P 440 -59.90 62.66 -36.27
CA HIS P 440 -61.02 63.61 -36.20
C HIS P 440 -61.25 64.09 -34.78
N ARG P 441 -61.27 63.15 -33.85
CA ARG P 441 -61.46 63.46 -32.45
C ARG P 441 -60.22 64.13 -31.86
N SER P 442 -59.04 63.63 -32.25
CA SER P 442 -57.78 64.17 -31.75
C SER P 442 -57.56 65.61 -32.21
N ILE P 443 -57.89 65.88 -33.47
CA ILE P 443 -57.64 67.18 -34.04
C ILE P 443 -58.73 68.19 -33.66
N VAL P 444 -59.96 67.70 -33.45
CA VAL P 444 -61.03 68.59 -33.02
C VAL P 444 -60.84 68.89 -31.54
N ASP P 445 -60.11 68.02 -30.86
CA ASP P 445 -59.74 68.25 -29.47
C ASP P 445 -58.76 69.42 -29.44
N HIS P 446 -57.95 69.52 -30.48
CA HIS P 446 -56.97 70.59 -30.58
C HIS P 446 -57.62 71.92 -30.93
N TYR P 447 -58.87 71.88 -31.39
CA TYR P 447 -59.64 73.10 -31.49
C TYR P 447 -60.17 73.45 -30.11
N ASN P 448 -60.53 72.42 -29.36
CA ASN P 448 -61.19 72.59 -28.08
C ASN P 448 -60.31 73.23 -27.02
N ILE P 449 -59.00 72.97 -27.05
CA ILE P 449 -58.17 73.44 -25.94
C ILE P 449 -57.80 74.93 -26.06
N PRO P 450 -57.45 75.45 -27.25
CA PRO P 450 -57.31 76.92 -27.20
C PRO P 450 -58.65 77.64 -27.28
N LYS P 451 -59.75 76.89 -27.41
CA LYS P 451 -61.08 77.45 -27.24
C LYS P 451 -61.30 77.68 -25.76
N THR P 452 -60.85 76.72 -24.95
CA THR P 452 -60.86 76.85 -23.50
C THR P 452 -59.91 77.96 -23.06
N PHE P 453 -58.66 77.87 -23.53
CA PHE P 453 -57.66 78.92 -23.27
C PHE P 453 -58.11 80.24 -23.88
N ASP P 454 -58.64 81.13 -23.05
CA ASP P 454 -59.14 82.42 -23.54
C ASP P 454 -59.14 83.49 -22.46
N SER P 455 -58.50 84.62 -22.74
CA SER P 455 -58.54 85.78 -21.86
C SER P 455 -59.44 86.83 -22.47
N ASP P 456 -59.74 87.88 -21.69
CA ASP P 456 -60.60 88.96 -22.16
C ASP P 456 -60.03 89.64 -23.40
N ASP P 457 -58.77 90.05 -23.32
CA ASP P 457 -58.10 90.65 -24.47
C ASP P 457 -57.45 89.58 -25.35
N LEU P 458 -56.52 89.99 -26.19
CA LEU P 458 -55.96 89.09 -27.20
C LEU P 458 -54.74 88.32 -26.72
N ILE P 459 -54.41 88.45 -25.44
CA ILE P 459 -53.26 87.73 -24.87
C ILE P 459 -53.70 86.42 -24.22
N PRO P 460 -53.31 85.29 -24.83
CA PRO P 460 -53.66 83.97 -24.31
C PRO P 460 -52.63 83.44 -23.31
N PRO P 461 -53.01 82.44 -22.50
CA PRO P 461 -52.09 81.75 -21.60
C PRO P 461 -51.38 80.58 -22.28
N TYR P 462 -50.51 80.89 -23.24
CA TYR P 462 -49.73 79.88 -23.96
C TYR P 462 -48.62 79.29 -23.10
N LEU P 463 -48.43 77.98 -23.20
CA LEU P 463 -47.24 77.34 -22.63
C LEU P 463 -46.10 77.62 -23.54
N ASP P 464 -44.91 77.91 -22.97
CA ASP P 464 -43.72 78.40 -23.67
C ASP P 464 -43.35 78.04 -25.06
N GLN P 465 -43.25 76.74 -25.36
CA GLN P 465 -42.87 76.32 -26.70
C GLN P 465 -44.00 75.73 -27.53
N TYR P 466 -44.64 74.67 -27.01
CA TYR P 466 -45.65 73.92 -27.76
C TYR P 466 -46.63 74.84 -28.48
N PHE P 467 -47.40 75.57 -27.68
CA PHE P 467 -48.51 76.36 -28.19
C PHE P 467 -48.13 77.26 -29.35
N TYR P 468 -47.02 77.99 -29.22
CA TYR P 468 -46.59 78.89 -30.27
C TYR P 468 -46.29 78.19 -31.59
N SER P 469 -45.60 77.05 -31.51
CA SER P 469 -45.21 76.34 -32.73
C SER P 469 -46.29 75.40 -33.26
N HIS P 470 -47.04 74.80 -32.35
CA HIS P 470 -47.90 73.68 -32.72
C HIS P 470 -49.34 74.09 -33.03
N ILE P 471 -49.76 75.23 -32.47
CA ILE P 471 -51.13 75.69 -32.67
C ILE P 471 -51.40 75.86 -34.17
N GLY P 472 -50.41 76.40 -34.88
CA GLY P 472 -50.55 76.69 -36.29
C GLY P 472 -50.76 75.44 -37.13
N HIS P 473 -50.07 74.37 -36.74
CA HIS P 473 -50.14 73.10 -37.46
C HIS P 473 -51.53 72.47 -37.31
N HIS P 474 -52.02 72.42 -36.08
CA HIS P 474 -53.31 71.83 -35.81
C HIS P 474 -54.46 72.68 -36.34
N LEU P 475 -54.28 74.01 -36.30
CA LEU P 475 -55.28 74.93 -36.82
C LEU P 475 -55.47 74.77 -38.32
N LYS P 476 -54.36 74.57 -39.02
CA LYS P 476 -54.43 74.34 -40.46
C LYS P 476 -55.22 73.07 -40.77
N ASN P 477 -55.05 72.07 -39.91
CA ASN P 477 -55.73 70.79 -40.08
C ASN P 477 -57.24 70.90 -39.85
N ILE P 478 -57.64 71.66 -38.83
CA ILE P 478 -59.07 71.73 -38.48
C ILE P 478 -59.89 72.57 -39.48
N GLU P 479 -59.56 73.85 -39.60
CA GLU P 479 -60.36 74.80 -40.41
C GLU P 479 -59.67 76.15 -40.59
N HIS P 480 -60.30 77.03 -41.34
CA HIS P 480 -59.75 78.37 -41.60
C HIS P 480 -60.08 79.48 -40.59
N PRO P 481 -61.30 79.48 -39.99
CA PRO P 481 -61.61 80.67 -39.20
C PRO P 481 -60.76 80.85 -37.95
N GLU P 482 -60.30 79.75 -37.37
CA GLU P 482 -59.49 79.82 -36.15
C GLU P 482 -58.05 80.15 -36.49
N ARG P 483 -57.59 79.70 -37.65
CA ARG P 483 -56.30 80.11 -38.16
C ARG P 483 -56.27 81.61 -38.36
N MET P 484 -57.37 82.13 -38.90
CA MET P 484 -57.52 83.56 -39.16
C MET P 484 -57.24 84.40 -37.92
N THR P 485 -57.80 83.98 -36.79
CA THR P 485 -57.68 84.74 -35.54
C THR P 485 -56.43 84.40 -34.74
N LEU P 486 -56.17 83.11 -34.54
CA LEU P 486 -55.10 82.69 -33.64
C LEU P 486 -53.70 82.94 -34.18
N PHE P 487 -53.52 82.81 -35.50
CA PHE P 487 -52.26 83.20 -36.12
C PHE P 487 -52.01 84.67 -35.89
N ARG P 488 -53.12 85.39 -35.74
CA ARG P 488 -53.10 86.83 -35.57
C ARG P 488 -52.34 87.45 -36.72
N MET P 489 -52.79 87.11 -37.92
CA MET P 489 -52.47 87.85 -39.10
C MET P 489 -53.45 89.00 -39.12
N VAL P 490 -54.60 88.73 -38.51
CA VAL P 490 -55.62 89.74 -38.28
C VAL P 490 -55.28 90.54 -37.03
N PHE P 491 -54.81 89.85 -36.00
CA PHE P 491 -54.49 90.52 -34.73
C PHE P 491 -53.02 90.93 -34.68
N LEU P 492 -52.73 92.11 -34.15
CA LEU P 492 -51.36 92.57 -34.03
C LEU P 492 -50.65 91.88 -32.87
N ASP P 493 -51.43 91.16 -32.05
CA ASP P 493 -50.95 90.70 -30.75
C ASP P 493 -49.98 89.51 -30.80
N PHE P 494 -50.03 88.68 -31.84
CA PHE P 494 -49.10 87.56 -31.93
C PHE P 494 -47.80 88.01 -32.58
N ARG P 495 -47.86 89.10 -33.33
CA ARG P 495 -46.65 89.74 -33.78
C ARG P 495 -45.88 90.21 -32.55
N PHE P 496 -46.65 90.66 -31.55
CA PHE P 496 -46.09 91.05 -30.26
C PHE P 496 -45.56 89.82 -29.53
N LEU P 497 -46.47 88.96 -29.07
CA LEU P 497 -46.12 87.82 -28.23
C LEU P 497 -45.11 86.86 -28.87
N GLU P 498 -45.56 86.08 -29.86
CA GLU P 498 -44.75 85.06 -30.54
C GLU P 498 -43.29 85.46 -30.79
N GLN P 499 -43.10 86.72 -31.18
CA GLN P 499 -41.78 87.23 -31.52
C GLN P 499 -40.89 87.39 -30.29
N LYS P 500 -41.42 87.96 -29.22
CA LYS P 500 -40.60 88.35 -28.08
C LYS P 500 -40.35 87.21 -27.08
N ILE P 501 -41.22 86.20 -27.07
CA ILE P 501 -40.99 85.04 -26.22
C ILE P 501 -40.03 84.09 -26.92
N ARG P 502 -40.19 83.95 -28.23
CA ARG P 502 -39.24 83.19 -29.04
C ARG P 502 -37.99 84.02 -29.34
N HIS P 503 -37.35 84.50 -28.27
CA HIS P 503 -36.15 85.32 -28.40
C HIS P 503 -34.94 84.63 -27.76
N ASN P 516 -36.21 82.09 -33.70
CA ASN P 516 -36.55 83.52 -33.59
C ASN P 516 -37.62 83.92 -34.58
N THR P 517 -37.34 84.95 -35.37
CA THR P 517 -38.27 85.43 -36.39
C THR P 517 -38.47 84.37 -37.46
N LEU P 518 -37.50 83.46 -37.55
CA LEU P 518 -37.50 82.42 -38.56
C LEU P 518 -38.73 81.54 -38.50
N GLN P 519 -38.89 80.85 -37.39
CA GLN P 519 -39.99 79.91 -37.22
C GLN P 519 -41.33 80.62 -37.35
N GLN P 520 -41.36 81.88 -36.92
CA GLN P 520 -42.55 82.71 -37.10
C GLN P 520 -42.82 82.85 -38.59
N LEU P 521 -41.80 83.25 -39.34
CA LEU P 521 -41.86 83.30 -40.80
C LEU P 521 -42.19 81.93 -41.38
N LYS P 522 -41.71 80.88 -40.72
CA LYS P 522 -41.95 79.50 -41.16
C LYS P 522 -43.38 79.06 -40.91
N PHE P 523 -44.06 79.72 -39.98
CA PHE P 523 -45.47 79.42 -39.75
C PHE P 523 -46.28 80.02 -40.88
N TYR P 524 -46.14 81.32 -41.06
CA TYR P 524 -47.00 82.07 -41.96
C TYR P 524 -47.04 81.53 -43.39
N LYS P 525 -45.90 81.14 -43.95
CA LYS P 525 -45.87 80.85 -45.38
C LYS P 525 -46.58 79.55 -45.80
N PRO P 526 -46.28 78.40 -45.18
CA PRO P 526 -47.04 77.23 -45.65
C PRO P 526 -48.47 77.18 -45.12
N TYR P 527 -48.79 78.01 -44.15
CA TYR P 527 -50.09 77.91 -43.49
C TYR P 527 -51.19 78.80 -44.08
N ILE P 528 -50.86 79.67 -45.04
CA ILE P 528 -51.89 80.56 -45.62
C ILE P 528 -52.94 79.82 -46.44
N CYS P 529 -52.63 78.58 -46.82
CA CYS P 529 -53.49 77.82 -47.71
C CYS P 529 -54.91 77.65 -47.14
N ASP P 530 -54.99 77.54 -45.82
CA ASP P 530 -56.26 77.33 -45.15
C ASP P 530 -57.19 78.54 -45.32
N ASP P 532 -60.05 82.64 -47.07
CA ASP P 532 -60.27 82.73 -48.51
C ASP P 532 -59.22 83.65 -49.14
N PRO P 533 -58.98 83.52 -50.47
CA PRO P 533 -57.97 84.29 -51.20
C PRO P 533 -57.87 85.78 -50.85
N LYS P 534 -58.98 86.41 -50.50
CA LYS P 534 -58.99 87.84 -50.17
C LYS P 534 -58.16 88.11 -48.92
N TYR P 535 -58.33 87.27 -47.91
CA TYR P 535 -57.51 87.35 -46.72
C TYR P 535 -56.14 86.73 -47.00
N GLU P 536 -56.07 85.88 -48.02
CA GLU P 536 -54.82 85.17 -48.33
C GLU P 536 -53.76 86.10 -48.91
N ARG P 537 -54.14 86.94 -49.87
CA ARG P 537 -53.25 87.95 -50.41
C ARG P 537 -52.82 88.90 -49.30
N LEU P 538 -53.64 88.95 -48.26
CA LEU P 538 -53.38 89.79 -47.10
C LEU P 538 -52.31 89.17 -46.20
N VAL P 539 -52.33 87.86 -46.03
CA VAL P 539 -51.33 87.20 -45.17
C VAL P 539 -49.94 87.31 -45.78
N ASN P 540 -49.86 87.26 -47.11
CA ASN P 540 -48.56 87.31 -47.76
C ASN P 540 -48.04 88.73 -47.72
N ALA P 541 -48.96 89.68 -47.63
CA ALA P 541 -48.62 91.08 -47.48
C ALA P 541 -48.02 91.33 -46.09
N ILE P 542 -48.65 90.77 -45.06
CA ILE P 542 -48.13 90.90 -43.70
C ILE P 542 -46.93 89.96 -43.52
N LEU P 543 -46.84 88.96 -44.39
CA LEU P 543 -45.75 87.99 -44.35
C LEU P 543 -44.43 88.68 -44.63
N ASP P 544 -44.40 89.45 -45.72
CA ASP P 544 -43.17 90.10 -46.16
C ASP P 544 -42.69 91.13 -45.14
N PHE P 545 -43.62 91.86 -44.54
CA PHE P 545 -43.29 92.90 -43.57
C PHE P 545 -42.73 92.30 -42.28
N LEU P 546 -42.90 90.99 -42.11
CA LEU P 546 -42.55 90.34 -40.85
C LEU P 546 -41.02 90.15 -40.65
N PRO P 547 -40.32 89.53 -41.61
CA PRO P 547 -38.87 89.44 -41.36
C PRO P 547 -38.19 90.77 -41.63
N LYS P 548 -38.89 91.66 -42.31
CA LYS P 548 -38.41 92.99 -42.65
C LYS P 548 -37.93 93.75 -41.41
N ILE P 549 -38.62 93.54 -40.30
CA ILE P 549 -38.34 94.26 -39.06
C ILE P 549 -38.64 93.39 -37.84
N TYR P 558 -45.66 98.48 -24.74
CA TYR P 558 -46.86 98.14 -25.51
C TYR P 558 -47.17 98.99 -26.75
N THR P 559 -46.96 100.30 -26.61
CA THR P 559 -47.31 101.27 -27.64
C THR P 559 -46.63 101.03 -28.99
N ASP P 560 -45.33 100.75 -28.97
CA ASP P 560 -44.53 100.63 -30.20
C ASP P 560 -45.17 99.77 -31.28
N LEU P 561 -45.67 98.61 -30.87
CA LEU P 561 -46.27 97.64 -31.78
C LEU P 561 -47.38 98.25 -32.63
N LEU P 562 -48.22 99.07 -31.98
CA LEU P 562 -49.37 99.68 -32.65
C LEU P 562 -48.94 100.78 -33.61
N ARG P 563 -47.95 101.56 -33.20
CA ARG P 563 -47.51 102.72 -33.97
C ARG P 563 -46.88 102.33 -35.31
N ILE P 564 -46.22 101.18 -35.34
CA ILE P 564 -45.59 100.72 -36.57
C ILE P 564 -46.59 99.98 -37.45
N ALA P 565 -47.73 99.60 -36.88
CA ALA P 565 -48.82 99.00 -37.64
C ALA P 565 -49.60 100.09 -38.36
N LEU P 566 -49.40 101.33 -37.90
CA LEU P 566 -50.12 102.50 -38.41
C LEU P 566 -49.71 102.87 -39.83
N MET P 567 -48.53 102.41 -40.25
CA MET P 567 -47.95 102.84 -41.53
C MET P 567 -48.76 102.37 -42.74
N ALA P 568 -49.30 101.16 -42.68
CA ALA P 568 -50.08 100.61 -43.78
C ALA P 568 -51.57 100.56 -43.43
N GLU P 569 -52.33 101.49 -44.01
CA GLU P 569 -53.76 101.64 -43.73
C GLU P 569 -54.57 100.43 -44.21
N ASP P 570 -54.03 99.71 -45.18
CA ASP P 570 -54.76 98.65 -45.88
C ASP P 570 -54.94 97.36 -45.08
N GLU P 571 -54.26 97.26 -43.93
CA GLU P 571 -54.18 95.98 -43.24
C GLU P 571 -54.98 95.94 -41.94
N ALA P 572 -55.51 94.76 -41.63
CA ALA P 572 -56.27 94.53 -40.41
C ALA P 572 -55.37 94.50 -39.19
N ILE P 573 -54.05 94.40 -39.42
CA ILE P 573 -53.09 94.40 -38.32
C ILE P 573 -53.13 95.77 -37.65
N PHE P 574 -53.52 96.78 -38.41
CA PHE P 574 -53.75 98.11 -37.85
C PHE P 574 -55.12 98.17 -37.18
N GLU P 575 -56.12 97.58 -37.82
CA GLU P 575 -57.48 97.56 -37.30
C GLU P 575 -57.52 96.90 -35.93
N GLU P 576 -56.73 95.85 -35.76
CA GLU P 576 -56.66 95.17 -34.48
C GLU P 576 -55.71 95.88 -33.53
N ALA P 577 -54.68 96.52 -34.10
CA ALA P 577 -53.78 97.36 -33.34
C ALA P 577 -54.59 98.38 -32.56
N HIS P 578 -55.57 98.98 -33.24
CA HIS P 578 -56.43 99.99 -32.65
C HIS P 578 -57.32 99.42 -31.56
N LYS P 579 -57.63 98.12 -31.65
CA LYS P 579 -58.47 97.48 -30.66
C LYS P 579 -57.70 97.13 -29.39
N GLN P 580 -56.43 96.78 -29.54
CA GLN P 580 -55.63 96.32 -28.40
C GLN P 580 -54.99 97.48 -27.62
N VAL P 581 -54.95 98.66 -28.22
CA VAL P 581 -54.60 99.86 -27.46
C VAL P 581 -55.85 100.31 -26.71
N GLN P 582 -57.00 100.18 -27.37
CA GLN P 582 -58.30 100.47 -26.78
C GLN P 582 -58.47 99.73 -25.46
N ARG P 583 -58.00 98.49 -25.43
CA ARG P 583 -57.93 97.74 -24.17
C ARG P 583 -56.48 97.40 -23.85
N UNK P 584 -33.09 97.76 -40.39
CA UNK P 584 -32.18 97.04 -41.26
C UNK P 584 -32.86 95.76 -41.72
N UNK P 585 -32.60 95.40 -42.97
CA UNK P 585 -33.19 94.21 -43.56
C UNK P 585 -32.97 92.96 -42.68
N UNK P 586 -31.84 92.89 -41.99
CA UNK P 586 -31.57 91.74 -41.15
C UNK P 586 -30.70 92.04 -39.93
N UNK P 587 -31.00 91.38 -38.82
CA UNK P 587 -30.24 91.56 -37.59
C UNK P 587 -29.96 90.21 -36.91
N UNK P 588 -28.67 89.89 -36.79
CA UNK P 588 -28.20 88.64 -36.24
C UNK P 588 -27.57 88.76 -34.85
N UNK P 589 -27.94 87.87 -33.95
CA UNK P 589 -27.40 87.87 -32.59
C UNK P 589 -26.83 86.49 -32.24
N UNK P 590 -25.57 86.21 -32.63
CA UNK P 590 -24.89 84.93 -32.38
C UNK P 590 -23.72 84.95 -31.39
N UNK P 591 -23.43 86.09 -30.80
CA UNK P 591 -22.33 86.16 -29.85
C UNK P 591 -22.86 86.48 -28.47
N UNK P 592 -22.06 86.20 -27.45
CA UNK P 592 -22.50 86.48 -26.10
C UNK P 592 -21.70 87.64 -25.57
N UNK P 593 -21.59 87.39 -25.92
CA UNK P 593 -20.75 88.54 -25.64
C UNK P 593 -20.71 89.38 -26.92
N UNK P 594 -20.03 90.51 -26.85
CA UNK P 594 -19.88 91.42 -27.98
C UNK P 594 -19.42 90.71 -29.25
N UNK P 595 -19.94 91.14 -30.38
CA UNK P 595 -19.56 90.60 -31.68
C UNK P 595 -18.51 91.53 -32.23
N UNK P 596 -17.34 91.02 -32.56
CA UNK P 596 -16.33 91.92 -33.07
C UNK P 596 -16.30 92.05 -34.59
N UNK P 597 -16.50 90.94 -35.28
CA UNK P 597 -16.49 90.95 -36.74
C UNK P 597 -17.46 89.91 -37.25
N UNK P 598 -17.91 90.10 -38.48
CA UNK P 598 -18.85 89.19 -39.14
C UNK P 598 -18.69 89.41 -40.63
N UNK P 599 -19.02 88.40 -41.43
CA UNK P 599 -18.88 88.54 -42.88
C UNK P 599 -19.69 87.50 -43.67
N UNK P 600 -19.89 87.77 -44.96
CA UNK P 600 -20.65 86.89 -45.85
C UNK P 600 -19.79 85.82 -46.49
N UNK P 601 -20.43 84.72 -46.88
CA UNK P 601 -19.72 83.65 -47.56
C UNK P 601 -19.55 84.20 -48.97
N UNK P 602 -18.65 83.61 -49.76
CA UNK P 602 -18.44 84.12 -51.10
C UNK P 602 -19.69 84.15 -51.96
N UNK P 603 -20.65 83.27 -51.71
CA UNK P 603 -21.89 83.29 -52.48
C UNK P 603 -22.96 84.09 -51.75
N UNK P 604 -22.59 84.68 -50.61
CA UNK P 604 -23.54 85.46 -49.84
C UNK P 604 -24.62 84.68 -49.11
N UNK P 605 -24.66 83.37 -49.30
CA UNK P 605 -25.65 82.51 -48.65
C UNK P 605 -25.51 82.34 -47.15
N UNK P 606 -24.27 82.45 -46.65
CA UNK P 606 -24.00 82.27 -45.24
C UNK P 606 -23.27 83.47 -44.63
N UNK P 607 -23.22 83.50 -43.30
CA UNK P 607 -22.54 84.55 -42.56
C UNK P 607 -21.80 83.93 -41.38
N UNK P 608 -20.55 84.35 -41.17
CA UNK P 608 -19.78 83.84 -40.05
C UNK P 608 -19.48 85.07 -39.21
N UNK P 609 -19.51 84.91 -37.89
CA UNK P 609 -19.28 86.01 -36.97
C UNK P 609 -18.48 85.52 -35.79
N UNK P 610 -17.52 86.31 -35.35
CA UNK P 610 -16.67 85.93 -34.24
C UNK P 610 -16.61 87.08 -33.26
N UNK P 611 -16.77 86.78 -31.97
CA UNK P 611 -16.73 87.86 -31.00
C UNK P 611 -15.98 87.53 -29.74
N UNK P 612 -16.28 88.28 -28.70
CA UNK P 612 -15.55 88.17 -27.44
C UNK P 612 -16.00 86.95 -26.66
N UNK P 613 -17.00 86.24 -27.17
CA UNK P 613 -17.45 85.06 -26.47
C UNK P 613 -16.56 83.86 -26.80
N UNK P 614 -15.48 84.11 -27.55
CA UNK P 614 -14.48 83.09 -27.94
C UNK P 614 -14.90 82.06 -29.00
N UNK P 615 -16.14 82.13 -29.49
CA UNK P 615 -16.63 81.15 -30.48
C UNK P 615 -16.68 81.61 -31.95
N UNK P 616 -16.81 80.64 -32.85
CA UNK P 616 -16.94 80.92 -34.28
C UNK P 616 -18.37 80.53 -34.56
N UNK P 617 -19.14 81.41 -35.19
CA UNK P 617 -20.53 81.11 -35.47
C UNK P 617 -20.84 81.25 -36.93
N UNK P 618 -21.76 80.43 -37.42
CA UNK P 618 -22.15 80.51 -38.80
C UNK P 618 -23.64 80.23 -38.91
N UNK P 619 -24.30 80.96 -39.81
CA UNK P 619 -25.74 80.86 -40.02
C UNK P 619 -26.11 81.27 -41.44
N UNK P 620 -27.29 80.86 -41.89
CA UNK P 620 -27.75 81.19 -43.22
C UNK P 620 -27.96 82.70 -43.30
N UNK P 621 -27.62 83.30 -44.43
CA UNK P 621 -27.79 84.75 -44.57
C UNK P 621 -29.28 85.08 -44.59
N UNK P 622 -30.05 84.20 -45.22
CA UNK P 622 -31.51 84.35 -45.32
C UNK P 622 -32.29 84.40 -44.03
N UNK P 623 -32.05 83.45 -43.13
CA UNK P 623 -32.80 83.36 -41.88
C UNK P 623 -32.10 83.36 -40.52
N UNK P 624 -30.77 83.38 -40.49
CA UNK P 624 -30.07 83.37 -39.21
C UNK P 624 -30.05 81.98 -38.59
N UNK P 625 -30.69 81.06 -39.29
CA UNK P 625 -30.80 79.66 -38.91
C UNK P 625 -29.38 79.18 -38.60
N UNK P 626 -29.08 78.92 -37.33
CA UNK P 626 -27.73 78.49 -36.97
C UNK P 626 -27.22 77.30 -37.76
N UNK P 627 -25.97 77.40 -38.23
CA UNK P 627 -25.31 76.35 -38.99
C UNK P 627 -24.13 75.76 -38.23
N UNK P 628 -23.31 76.62 -37.63
CA UNK P 628 -22.17 76.14 -36.83
C UNK P 628 -22.02 76.91 -35.51
N UNK P 629 -21.66 76.19 -34.44
CA UNK P 629 -21.45 76.79 -33.12
C UNK P 629 -20.15 76.20 -32.54
N UNK P 630 -19.02 76.67 -33.06
CA UNK P 630 -17.69 76.20 -32.67
C UNK P 630 -17.05 77.01 -31.54
N UNK P 631 -16.21 76.36 -30.74
CA UNK P 631 -15.51 77.06 -29.66
C UNK P 631 -14.10 77.31 -30.22
N UNK P 632 -13.98 78.25 -31.16
CA UNK P 632 -12.72 78.54 -31.85
C UNK P 632 -11.41 78.83 -31.08
N UNK P 633 -11.44 79.67 -30.06
CA UNK P 633 -10.21 79.96 -29.35
C UNK P 633 -10.33 80.04 -27.85
N UNK P 634 -9.19 80.33 -27.22
CA UNK P 634 -9.09 80.44 -25.78
C UNK P 634 -8.92 81.92 -25.41
N UNK P 635 -8.80 83.24 -26.50
CA UNK P 635 -8.73 84.68 -26.27
C UNK P 635 -9.42 85.40 -27.45
N UNK P 636 -9.91 86.61 -27.17
CA UNK P 636 -10.67 87.38 -28.14
C UNK P 636 -10.10 87.41 -29.54
N UNK P 637 -10.98 87.46 -30.53
CA UNK P 637 -10.57 87.46 -31.94
C UNK P 637 -10.61 88.88 -32.48
N UNK P 638 -9.89 89.12 -33.58
CA UNK P 638 -9.83 90.45 -34.18
C UNK P 638 -10.18 90.62 -35.66
N UNK P 639 -10.17 89.54 -36.41
CA UNK P 639 -10.47 89.62 -37.83
C UNK P 639 -10.68 88.24 -38.40
N UNK P 640 -11.38 88.18 -39.53
CA UNK P 640 -11.69 86.92 -40.20
C UNK P 640 -11.99 87.18 -41.69
N UNK P 641 -11.70 86.22 -42.55
CA UNK P 641 -11.93 86.39 -43.98
C UNK P 641 -12.10 85.08 -44.69
N UNK P 642 -12.60 85.14 -45.91
CA UNK P 642 -12.83 83.96 -46.76
C UNK P 642 -11.71 83.94 -47.79
N UNK P 643 -11.44 82.77 -48.37
CA UNK P 643 -10.41 82.65 -49.39
C UNK P 643 -11.04 83.06 -50.71
N UNK P 644 -10.27 83.01 -51.79
CA UNK P 644 -10.76 83.38 -53.11
C UNK P 644 -11.93 82.54 -53.62
N UNK P 645 -12.01 81.28 -53.19
CA UNK P 645 -13.11 80.42 -53.64
C UNK P 645 -14.00 80.02 -52.47
N UNK P 646 -14.02 80.83 -51.42
CA UNK P 646 -14.84 80.57 -50.24
C UNK P 646 -14.60 79.18 -49.70
N UNK P 647 -13.53 78.54 -50.12
CA UNK P 647 -13.24 77.19 -49.64
C UNK P 647 -12.78 77.24 -48.19
N UNK P 648 -12.17 78.37 -47.82
CA UNK P 648 -11.65 78.53 -46.48
C UNK P 648 -12.03 79.85 -45.85
N UNK P 649 -11.78 79.92 -44.54
CA UNK P 649 -12.03 81.10 -43.74
C UNK P 649 -10.87 81.15 -42.76
N UNK P 650 -10.17 82.26 -42.68
CA UNK P 650 -9.10 82.33 -41.73
C UNK P 650 -9.61 83.20 -40.59
N UNK P 651 -8.90 83.19 -39.48
CA UNK P 651 -9.25 84.02 -38.32
C UNK P 651 -7.94 84.26 -37.61
N UNK P 652 -7.71 85.48 -37.21
CA UNK P 652 -6.49 85.79 -36.48
C UNK P 652 -6.97 86.42 -35.17
N UNK P 653 -6.27 86.13 -34.07
CA UNK P 653 -6.71 86.66 -32.78
C UNK P 653 -5.63 87.18 -31.86
N UNK P 654 -6.04 87.56 -30.66
CA UNK P 654 -5.14 88.10 -29.66
C UNK P 654 -4.21 87.04 -29.07
N UNK P 655 -4.47 85.77 -29.37
CA UNK P 655 -3.61 84.72 -28.86
C UNK P 655 -2.41 84.63 -29.78
N UNK P 656 -2.32 85.59 -30.69
CA UNK P 656 -1.21 85.69 -31.64
C UNK P 656 -1.22 84.62 -32.71
N UNK P 657 -2.29 83.83 -32.77
CA UNK P 657 -2.40 82.78 -33.78
C UNK P 657 -3.30 83.16 -34.95
N UNK P 658 -3.12 82.44 -36.06
CA UNK P 658 -3.90 82.61 -37.28
C UNK P 658 -4.44 81.21 -37.56
N UNK P 659 -5.67 81.09 -38.03
CA UNK P 659 -6.20 79.76 -38.26
C UNK P 659 -6.97 79.63 -39.56
N UNK P 660 -6.93 78.43 -40.15
CA UNK P 660 -7.63 78.19 -41.39
C UNK P 660 -8.70 77.17 -41.13
N UNK P 661 -9.90 77.40 -41.65
CA UNK P 661 -11.01 76.50 -41.45
C UNK P 661 -11.68 76.11 -42.77
N UNK P 662 -12.24 74.90 -42.80
CA UNK P 662 -12.96 74.44 -43.98
C UNK P 662 -14.28 75.17 -43.78
N UNK P 663 -14.57 76.12 -44.66
CA UNK P 663 -15.80 76.89 -44.52
C UNK P 663 -17.05 76.04 -44.53
N UNK P 664 -16.93 74.80 -44.96
CA UNK P 664 -18.09 73.91 -45.04
C UNK P 664 -18.35 73.15 -43.75
N UNK P 665 -16.19 73.45 -40.94
CA UNK P 665 -15.70 74.16 -39.79
C UNK P 665 -14.56 73.46 -39.08
N UNK P 666 -14.01 72.41 -39.69
CA UNK P 666 -12.91 71.71 -39.06
C UNK P 666 -11.60 72.49 -39.23
N UNK P 667 -10.85 72.62 -38.13
CA UNK P 667 -9.58 73.34 -38.14
C UNK P 667 -8.72 72.70 -39.22
N UNK P 668 -8.22 73.49 -40.14
CA UNK P 668 -7.39 73.00 -41.24
C UNK P 668 -5.95 73.48 -41.06
N UNK P 669 -3.10 75.57 -37.96
CA UNK P 669 -2.89 76.87 -37.36
C UNK P 669 -1.45 77.36 -37.55
N UNK P 670 -1.29 78.67 -37.63
CA UNK P 670 0.02 79.28 -37.82
C UNK P 670 0.34 80.21 -36.67
N UNK P 671 1.22 79.79 -35.77
CA UNK P 671 1.61 80.64 -34.66
C UNK P 671 3.03 81.12 -34.91
N UNK P 672 3.19 82.41 -35.19
CA UNK P 672 4.51 82.96 -35.44
C UNK P 672 4.56 84.43 -35.10
N UNK P 673 1.10 87.47 -36.28
CA UNK P 673 0.89 87.79 -37.68
C UNK P 673 -0.44 88.56 -37.83
N UNK P 674 -0.32 89.78 -38.33
CA UNK P 674 -1.45 90.72 -38.51
C UNK P 674 -2.18 90.62 -39.85
N UNK P 675 -1.42 90.63 -40.94
CA UNK P 675 -1.99 90.55 -42.27
C UNK P 675 -2.10 89.10 -42.76
N UNK P 676 -3.17 88.81 -43.51
CA UNK P 676 -3.34 87.53 -44.17
C UNK P 676 -4.43 87.63 -45.23
N UNK P 677 -4.00 87.53 -46.48
CA UNK P 677 -4.85 87.65 -47.66
C UNK P 677 -4.54 86.58 -48.72
N UNK P 678 -5.57 86.09 -49.42
CA UNK P 678 -5.40 85.06 -50.44
C UNK P 678 -5.23 85.68 -51.83
N UNK P 679 -4.90 84.84 -52.81
CA UNK P 679 -4.76 85.32 -54.19
C UNK P 679 -6.16 85.45 -54.77
N UNK P 680 -6.38 86.43 -55.63
CA UNK P 680 -7.70 86.66 -56.22
C UNK P 680 -8.08 85.72 -57.35
N UNK P 681 -7.15 85.51 -58.28
CA UNK P 681 -7.42 84.62 -59.41
C UNK P 681 -7.69 83.18 -58.99
N UNK P 682 -8.83 82.70 -59.46
CA UNK P 682 -9.33 81.35 -59.20
C UNK P 682 -8.36 80.29 -59.72
N UNK P 683 -7.25 80.72 -60.27
CA UNK P 683 -6.27 79.81 -60.81
C UNK P 683 -5.34 79.30 -59.71
N UNK P 684 -4.37 80.12 -59.32
CA UNK P 684 -3.41 79.78 -58.26
C UNK P 684 -4.02 79.97 -56.88
N UNK P 685 -3.43 79.33 -55.86
CA UNK P 685 -3.94 79.39 -54.50
C UNK P 685 -2.88 79.71 -53.46
N UNK P 686 -2.48 80.98 -53.35
CA UNK P 686 -1.46 81.35 -52.38
C UNK P 686 -2.01 82.18 -51.24
N UNK P 687 -1.26 82.23 -50.15
CA UNK P 687 -1.66 82.98 -48.98
C UNK P 687 -0.48 83.85 -48.58
N UNK P 688 -0.76 85.12 -48.32
CA UNK P 688 0.28 86.05 -47.93
C UNK P 688 0.03 86.51 -46.51
N UNK P 689 1.08 86.56 -45.71
CA UNK P 689 0.94 86.97 -44.32
C UNK P 689 2.02 87.97 -43.92
N UNK P 690 1.63 88.96 -43.13
CA UNK P 690 2.55 89.97 -42.65
C UNK P 690 2.58 89.79 -41.14
N UNK P 691 3.75 89.97 -40.52
CA UNK P 691 3.83 89.79 -39.07
C UNK P 691 4.67 90.84 -38.37
N UNK P 692 4.54 90.90 -37.05
CA UNK P 692 5.30 91.83 -36.23
C UNK P 692 6.78 91.46 -36.27
N UNK P 693 7.08 90.28 -36.83
CA UNK P 693 8.47 89.84 -36.92
C UNK P 693 9.18 90.45 -38.11
N UNK P 694 8.52 91.41 -38.77
CA UNK P 694 9.06 92.13 -39.92
C UNK P 694 9.03 91.38 -41.24
N UNK P 695 8.57 90.13 -41.25
CA UNK P 695 8.54 89.40 -42.51
C UNK P 695 7.16 89.28 -43.08
N UNK P 696 7.15 88.82 -44.33
CA UNK P 696 5.96 88.56 -45.11
C UNK P 696 6.17 87.13 -45.57
N UNK P 697 5.10 86.36 -45.71
CA UNK P 697 5.29 85.00 -46.16
C UNK P 697 4.27 84.57 -47.19
N UNK P 698 4.73 83.80 -48.17
CA UNK P 698 3.85 83.28 -49.19
C UNK P 698 3.75 81.81 -48.86
N UNK P 699 2.53 81.28 -48.79
CA UNK P 699 2.31 79.88 -48.49
C UNK P 699 1.62 79.29 -49.68
N UNK P 700 1.99 78.06 -50.03
CA UNK P 700 1.36 77.36 -51.14
C UNK P 700 0.54 76.31 -50.43
N UNK P 701 -0.75 76.60 -50.22
CA UNK P 701 -1.67 75.69 -49.53
C UNK P 701 -1.56 74.24 -49.99
N UNK P 702 -1.02 74.05 -51.18
CA UNK P 702 -0.85 72.72 -51.75
C UNK P 702 0.51 72.18 -51.32
N UNK P 703 1.01 72.64 -50.18
CA UNK P 703 2.32 72.19 -49.72
C UNK P 703 2.49 72.40 -48.22
N UNK P 704 2.86 71.34 -47.51
CA UNK P 704 3.04 71.40 -46.07
C UNK P 704 4.06 72.47 -45.66
N UNK P 705 4.66 73.13 -46.65
CA UNK P 705 5.69 74.14 -46.35
C UNK P 705 5.47 75.57 -46.82
N UNK P 706 6.27 76.46 -46.25
CA UNK P 706 6.28 77.87 -46.57
C UNK P 706 6.85 77.90 -47.97
N UNK P 707 6.51 78.92 -48.77
CA UNK P 707 7.03 78.98 -50.13
C UNK P 707 8.06 80.07 -50.29
N UNK P 708 7.91 81.11 -49.50
CA UNK P 708 8.83 82.23 -49.58
C UNK P 708 8.74 83.06 -48.31
N UNK P 709 9.80 83.79 -48.01
CA UNK P 709 9.83 84.64 -46.84
C UNK P 709 10.43 85.94 -47.28
N UNK P 710 9.57 86.93 -47.56
CA UNK P 710 10.06 88.22 -48.00
C UNK P 710 10.74 89.02 -46.91
N UNK P 711 12.07 89.13 -46.98
CA UNK P 711 12.77 89.92 -45.99
C UNK P 711 12.84 91.34 -46.55
N UNK P 712 3.61 98.16 -35.76
CA UNK P 712 3.18 98.07 -37.16
C UNK P 712 1.80 97.40 -37.11
N UNK P 713 0.78 98.15 -37.49
CA UNK P 713 -0.57 97.62 -37.42
C UNK P 713 -1.14 97.00 -38.67
N UNK P 714 -0.52 97.24 -39.81
CA UNK P 714 -1.09 96.71 -41.02
C UNK P 714 -0.07 96.80 -42.15
N UNK P 715 -0.25 95.97 -43.17
CA UNK P 715 0.67 95.91 -44.31
C UNK P 715 0.05 95.12 -45.45
N UNK P 716 0.20 95.61 -46.67
CA UNK P 716 -0.35 94.95 -47.85
C UNK P 716 0.63 95.03 -49.00
N UNK P 717 0.75 93.95 -49.75
CA UNK P 717 1.63 93.97 -50.89
C UNK P 717 0.90 94.77 -51.94
N UNK P 718 1.65 95.36 -52.86
CA UNK P 718 1.00 96.11 -53.93
C UNK P 718 0.50 95.08 -54.94
N UNK P 719 -0.47 95.44 -55.77
CA UNK P 719 -0.96 94.48 -56.75
C UNK P 719 0.24 93.99 -57.54
N UNK P 720 5.79 94.48 -56.40
CA UNK P 720 7.07 95.14 -56.18
C UNK P 720 7.16 95.99 -54.93
N UNK P 721 6.03 96.43 -54.39
CA UNK P 721 6.07 97.26 -53.20
C UNK P 721 5.31 96.66 -52.03
N UNK P 722 5.67 97.09 -50.83
CA UNK P 722 5.01 96.60 -49.62
C UNK P 722 4.62 97.82 -48.83
N UNK P 723 3.32 98.10 -48.77
CA UNK P 723 2.86 99.25 -48.03
C UNK P 723 2.78 98.85 -46.55
N UNK P 724 3.08 99.79 -45.68
CA UNK P 724 3.05 99.50 -44.26
C UNK P 724 2.46 100.65 -43.48
N UNK P 725 1.61 100.29 -42.52
CA UNK P 725 0.87 101.23 -41.72
C UNK P 725 1.17 101.03 -40.24
N UNK P 726 1.45 102.11 -39.52
CA UNK P 726 1.81 102.03 -38.10
C UNK P 726 1.21 103.08 -37.18
N UNK P 727 1.62 102.99 -35.93
CA UNK P 727 1.17 103.90 -34.89
C UNK P 727 2.08 105.12 -34.85
N UNK P 728 3.24 105.02 -35.49
CA UNK P 728 4.17 106.13 -35.50
C UNK P 728 3.68 107.26 -36.40
N UNK P 729 2.46 107.16 -36.90
CA UNK P 729 1.91 108.21 -37.73
C UNK P 729 2.37 108.23 -39.18
N UNK P 730 2.90 107.11 -39.67
CA UNK P 730 3.36 107.06 -41.04
C UNK P 730 2.72 105.97 -41.90
N UNK P 731 2.85 106.13 -43.21
CA UNK P 731 2.42 105.14 -44.19
C UNK P 731 3.80 104.93 -44.78
N UNK P 732 4.13 103.72 -45.21
CA UNK P 732 5.47 103.53 -45.73
C UNK P 732 5.52 102.54 -46.85
N UNK P 733 6.36 102.81 -47.84
CA UNK P 733 6.50 101.90 -48.95
C UNK P 733 7.87 101.26 -49.01
N UNK P 734 7.94 100.01 -48.57
CA UNK P 734 9.20 99.31 -48.63
C UNK P 734 9.30 98.67 -50.01
N UNK P 735 10.51 98.33 -50.42
CA UNK P 735 10.77 97.71 -51.72
C UNK P 735 10.98 96.22 -51.52
N UNK P 736 9.98 95.43 -51.91
CA UNK P 736 10.07 93.99 -51.72
C UNK P 736 11.38 93.33 -52.12
N UNK P 737 11.77 93.49 -53.37
CA UNK P 737 12.99 92.86 -53.85
C UNK P 737 14.22 93.11 -52.99
N UNK P 738 14.22 94.21 -52.24
CA UNK P 738 15.38 94.52 -51.41
C UNK P 738 15.10 94.86 -49.96
N UNK P 739 13.84 94.83 -49.56
CA UNK P 739 13.45 95.16 -48.19
C UNK P 739 13.98 96.51 -47.71
N UNK P 740 14.05 97.49 -48.61
CA UNK P 740 14.54 98.83 -48.29
C UNK P 740 13.40 99.83 -48.17
N UNK P 741 13.56 100.83 -47.30
CA UNK P 741 12.49 101.83 -47.16
C UNK P 741 12.60 102.80 -48.34
N UNK P 742 11.57 102.88 -49.16
CA UNK P 742 11.57 103.80 -50.31
C UNK P 742 10.96 105.14 -49.95
N UNK P 743 9.82 105.15 -49.27
CA UNK P 743 9.19 106.40 -48.87
C UNK P 743 8.52 106.27 -47.51
N UNK P 744 8.14 107.41 -46.97
CA UNK P 744 7.45 107.46 -45.69
C UNK P 744 6.53 108.65 -45.78
N UNK P 745 5.26 108.47 -45.40
CA UNK P 745 4.30 109.56 -45.45
C UNK P 745 3.72 109.88 -44.09
N UNK P 746 4.14 110.99 -43.52
CA UNK P 746 3.64 111.39 -42.21
C UNK P 746 2.19 111.85 -42.29
N UNK P 747 1.36 111.38 -41.36
CA UNK P 747 -0.02 111.81 -41.35
C UNK P 747 -0.14 112.94 -40.31
N UNK P 748 -0.28 114.15 -40.86
CA UNK P 748 -0.35 115.41 -40.13
C UNK P 748 -1.68 116.14 -40.36
N UNK P 749 -2.78 115.41 -40.44
CA UNK P 749 -4.06 116.04 -40.69
C UNK P 749 -4.82 116.23 -39.40
N UNK P 750 -4.08 116.26 -38.31
CA UNK P 750 -4.70 116.40 -37.00
C UNK P 750 -4.00 117.48 -36.14
N UNK P 751 -4.82 118.31 -35.50
CA UNK P 751 -4.33 119.42 -34.70
C UNK P 751 -4.91 119.41 -33.28
N UNK P 752 -5.24 100.98 -39.30
CA UNK P 752 -6.09 100.24 -40.24
C UNK P 752 -5.53 100.45 -41.65
N UNK P 753 -5.53 99.43 -42.49
CA UNK P 753 -5.04 99.62 -43.85
C UNK P 753 -5.35 98.47 -44.76
N UNK P 754 -6.49 98.59 -45.44
CA UNK P 754 -6.99 97.57 -46.34
C UNK P 754 -6.80 97.83 -47.82
N UNK P 755 -6.83 96.74 -48.58
CA UNK P 755 -6.66 96.74 -50.04
C UNK P 755 -7.95 96.97 -50.80
N UNK P 756 -7.81 97.32 -52.07
CA UNK P 756 -8.98 97.52 -52.91
C UNK P 756 -9.38 96.14 -53.40
N UNK P 757 -10.50 96.07 -54.10
CA UNK P 757 -11.02 94.81 -54.61
C UNK P 757 -10.07 94.14 -55.60
N UNK P 758 -9.51 94.95 -56.49
CA UNK P 758 -8.60 94.46 -57.49
C UNK P 758 -7.18 94.34 -56.96
N UNK P 759 -6.96 94.73 -55.70
CA UNK P 759 -5.64 94.65 -55.13
C UNK P 759 -4.65 95.60 -55.78
N UNK P 760 -5.17 96.59 -56.49
CA UNK P 760 -4.34 97.57 -57.15
C UNK P 760 -4.31 98.91 -56.44
N UNK P 761 -4.97 98.99 -55.30
CA UNK P 761 -5.00 100.23 -54.54
C UNK P 761 -5.09 99.89 -53.06
N UNK P 762 -4.64 100.81 -52.20
CA UNK P 762 -4.66 100.57 -50.78
C UNK P 762 -5.04 101.85 -50.05
N UNK P 763 -5.92 101.78 -49.06
CA UNK P 763 -6.24 102.99 -48.33
C UNK P 763 -5.59 102.86 -46.97
N UNK P 764 -5.17 103.98 -46.39
CA UNK P 764 -4.57 103.98 -45.06
C UNK P 764 -5.06 105.18 -44.27
N UNK P 765 -4.90 105.11 -42.95
CA UNK P 765 -5.36 106.17 -42.07
C UNK P 765 -4.28 106.64 -41.10
N UNK P 766 -4.29 107.94 -40.80
CA UNK P 766 -3.35 108.56 -39.88
C UNK P 766 -3.85 109.94 -39.42
N UNK P 767 -3.62 110.24 -38.14
CA UNK P 767 -4.04 111.50 -37.54
C UNK P 767 -5.45 111.87 -37.99
N UNK P 768 -5.53 112.83 -38.91
CA UNK P 768 -6.82 113.28 -39.43
C UNK P 768 -7.22 112.84 -40.82
N UNK P 769 -6.42 112.02 -41.49
CA UNK P 769 -6.82 111.67 -42.84
C UNK P 769 -6.74 110.21 -43.24
N UNK P 770 -7.49 109.91 -44.29
CA UNK P 770 -7.52 108.60 -44.91
C UNK P 770 -6.86 108.93 -46.23
N UNK P 771 -5.97 108.06 -46.70
CA UNK P 771 -5.25 108.31 -47.94
C UNK P 771 -5.32 107.11 -48.86
N UNK P 772 -5.55 107.37 -50.15
CA UNK P 772 -5.62 106.29 -51.12
C UNK P 772 -4.38 106.25 -51.98
N UNK P 773 -3.66 105.14 -51.90
CA UNK P 773 -2.44 104.95 -52.65
C UNK P 773 -2.55 103.96 -53.79
N UNK P 774 -1.71 104.18 -54.80
CA UNK P 774 -1.65 103.31 -55.94
C UNK P 774 -0.55 102.31 -55.60
N UNK P 775 -0.93 101.06 -55.36
CA UNK P 775 0.02 100.00 -54.99
C UNK P 775 1.27 99.94 -55.89
N UNK P 776 2.61 102.59 -58.76
CA UNK P 776 3.29 103.87 -58.76
C UNK P 776 3.57 104.44 -57.37
N UNK P 777 2.81 104.00 -56.37
CA UNK P 777 2.97 104.49 -54.99
C UNK P 777 2.48 105.94 -54.92
N UNK P 778 1.58 106.28 -55.83
CA UNK P 778 1.04 107.62 -55.86
C UNK P 778 -0.14 107.79 -54.94
N UNK P 779 -0.32 109.01 -54.47
CA UNK P 779 -1.43 109.33 -53.59
C UNK P 779 -2.61 109.69 -54.47
N UNK P 780 -3.55 108.77 -54.62
CA UNK P 780 -4.72 109.02 -55.45
C UNK P 780 -5.83 109.79 -54.77
N UNK P 781 -5.75 109.98 -53.46
CA UNK P 781 -6.80 110.70 -52.76
C UNK P 781 -6.47 111.02 -51.33
N UNK P 782 -7.05 112.11 -50.84
CA UNK P 782 -6.83 112.56 -49.49
C UNK P 782 -8.07 113.22 -48.94
N UNK P 783 -8.89 112.44 -48.22
CA UNK P 783 -10.07 113.02 -47.62
C UNK P 783 -9.70 113.38 -46.19
N UNK P 784 -12.52 113.77 -45.82
CA UNK P 784 -12.23 114.26 -44.48
C UNK P 784 -13.40 113.93 -43.59
N UNK P 785 -13.13 113.21 -42.53
CA UNK P 785 -14.17 112.78 -41.62
C UNK P 785 -14.56 113.80 -40.55
N UNK P 786 -12.72 113.51 -35.12
CA UNK P 786 -12.81 112.40 -34.19
C UNK P 786 -11.68 111.52 -34.67
N UNK P 787 -11.80 110.20 -34.49
CA UNK P 787 -10.76 109.29 -34.98
C UNK P 787 -11.36 108.01 -35.52
N UNK P 788 -11.00 107.66 -36.75
CA UNK P 788 -11.48 106.45 -37.37
C UNK P 788 -10.99 105.27 -36.55
N UNK P 789 -11.93 104.45 -36.08
CA UNK P 789 -11.58 103.29 -35.26
C UNK P 789 -11.29 102.03 -36.10
N UNK P 790 -11.87 101.95 -37.29
CA UNK P 790 -11.62 100.81 -38.18
C UNK P 790 -12.18 101.05 -39.58
N UNK P 791 -11.70 100.27 -40.55
CA UNK P 791 -12.16 100.40 -41.93
C UNK P 791 -11.88 99.17 -42.78
N UNK P 792 -12.30 99.21 -44.05
CA UNK P 792 -12.03 98.10 -44.95
C UNK P 792 -12.36 98.55 -46.35
N UNK P 793 -11.42 98.30 -47.24
CA UNK P 793 -11.52 98.68 -48.62
C UNK P 793 -12.13 97.54 -49.44
N UNK P 794 -13.17 97.86 -50.18
CA UNK P 794 -13.87 96.88 -51.02
C UNK P 794 -13.02 96.44 -52.20
N UNK P 795 -13.50 95.44 -52.97
CA UNK P 795 -12.69 95.02 -54.12
C UNK P 795 -13.27 95.61 -55.40
N UNK P 796 -14.39 96.32 -55.27
CA UNK P 796 -15.07 96.96 -56.40
C UNK P 796 -15.57 98.35 -56.00
N UNK P 797 -15.96 99.11 -57.01
CA UNK P 797 -16.48 100.47 -56.80
C UNK P 797 -15.64 101.35 -55.87
N UNK P 798 -14.37 100.99 -55.68
CA UNK P 798 -13.46 101.73 -54.80
C UNK P 798 -14.18 102.07 -53.50
N UNK P 799 -15.07 101.19 -53.06
CA UNK P 799 -15.80 101.45 -51.83
C UNK P 799 -14.94 101.17 -50.62
N UNK P 800 -15.17 101.95 -49.58
CA UNK P 800 -14.43 101.79 -48.35
C UNK P 800 -15.40 102.00 -47.21
N UNK P 801 -15.39 101.08 -46.25
CA UNK P 801 -16.27 101.22 -45.09
C UNK P 801 -15.42 101.50 -43.90
N UNK P 802 -15.82 102.48 -43.11
CA UNK P 802 -15.06 102.81 -41.92
C UNK P 802 -15.99 103.03 -40.75
N UNK P 803 -15.61 102.49 -39.61
CA UNK P 803 -16.39 102.69 -38.41
C UNK P 803 -15.81 104.03 -37.98
N UNK P 804 -20.05 104.11 -32.73
CA UNK P 804 -21.20 103.60 -33.48
C UNK P 804 -21.65 104.26 -34.80
N UNK P 805 -20.86 105.18 -35.34
CA UNK P 805 -21.21 105.80 -36.60
C UNK P 805 -20.54 104.99 -37.68
N UNK P 806 -21.28 104.59 -38.70
CA UNK P 806 -20.69 103.79 -39.75
C UNK P 806 -21.05 104.38 -41.08
N UNK P 807 -20.04 104.78 -41.85
CA UNK P 807 -20.31 105.34 -43.17
C UNK P 807 -19.38 104.75 -44.19
N UNK P 808 -19.91 104.43 -45.36
CA UNK P 808 -19.04 103.90 -46.41
C UNK P 808 -18.85 105.00 -47.43
N UNK P 809 -17.59 105.20 -47.81
CA UNK P 809 -17.17 106.22 -48.76
C UNK P 809 -16.74 105.67 -50.10
N UNK P 810 -16.57 106.58 -51.04
CA UNK P 810 -16.17 106.27 -52.39
C UNK P 810 -14.80 106.92 -52.64
N UNK P 811 -13.73 106.15 -52.49
CA UNK P 811 -12.39 106.67 -52.74
C UNK P 811 -12.47 107.03 -54.22
N UNK P 812 -11.51 107.80 -54.73
CA UNK P 812 -11.57 108.18 -56.15
C UNK P 812 -12.58 109.32 -56.35
N UNK P 813 -13.95 110.51 -53.60
CA UNK P 813 -13.65 111.13 -52.31
C UNK P 813 -14.88 111.73 -51.64
N UNK P 814 -16.02 111.06 -51.81
CA UNK P 814 -17.29 111.52 -51.24
C UNK P 814 -18.00 110.44 -50.43
N UNK P 815 -18.76 110.84 -49.42
CA UNK P 815 -19.49 109.84 -48.66
C UNK P 815 -20.63 109.35 -49.55
N UNK P 816 -20.90 108.06 -49.48
CA UNK P 816 -21.92 107.39 -50.29
C UNK P 816 -23.14 106.99 -49.47
N UNK P 817 -22.92 106.54 -48.24
CA UNK P 817 -24.04 106.12 -47.42
C UNK P 817 -23.77 106.20 -45.95
N UNK P 818 -24.82 106.44 -45.18
CA UNK P 818 -24.73 106.49 -43.74
C UNK P 818 -25.38 105.21 -43.27
N UNK P 819 -24.63 104.43 -42.51
CA UNK P 819 -25.13 103.17 -42.01
C UNK P 819 -25.40 103.25 -40.52
N UNK P 820 -26.65 103.49 -40.18
CA UNK P 820 -27.05 103.62 -38.79
C UNK P 820 -27.54 102.27 -38.29
N UNK P 821 -26.82 101.67 -37.35
CA UNK P 821 -27.25 100.38 -36.83
C UNK P 821 -26.94 100.14 -35.37
N UNK P 822 -25.92 100.82 -34.84
CA UNK P 822 -25.53 100.63 -33.45
C UNK P 822 -25.63 101.94 -32.66
N UNK P 823 -25.77 101.83 -31.35
CA UNK P 823 -25.81 103.00 -30.48
C UNK P 823 -24.74 102.80 -29.40
N UNK P 824 -24.41 101.17 -29.22
CA UNK P 824 -23.20 100.70 -28.58
C UNK P 824 -22.14 100.67 -29.68
N UNK P 825 -20.90 100.93 -29.29
CA UNK P 825 -19.74 100.93 -30.20
C UNK P 825 -19.71 100.02 -31.41
N UNK P 826 -19.42 100.58 -32.58
CA UNK P 826 -19.40 99.77 -33.80
C UNK P 826 -17.94 99.51 -34.15
N UNK P 827 -17.54 98.26 -34.09
CA UNK P 827 -16.16 97.88 -34.34
C UNK P 827 -15.81 97.71 -35.80
N UNK P 828 -16.72 97.12 -36.56
CA UNK P 828 -16.44 96.88 -37.95
C UNK P 828 -17.64 97.10 -38.84
N UNK P 829 -17.39 97.12 -40.13
CA UNK P 829 -18.46 97.38 -41.07
C UNK P 829 -17.94 97.13 -42.48
N UNK P 830 -18.72 96.46 -43.33
CA UNK P 830 -18.26 96.29 -44.69
C UNK P 830 -19.29 95.89 -45.72
N UNK P 831 -18.94 96.14 -46.98
CA UNK P 831 -19.84 95.85 -48.09
C UNK P 831 -19.81 94.40 -48.49
N UNK P 832 -20.90 93.96 -49.10
CA UNK P 832 -21.00 92.61 -49.61
C UNK P 832 -20.06 92.68 -50.80
N UNK P 833 -19.76 91.55 -51.42
CA UNK P 833 -18.84 91.65 -52.55
C UNK P 833 -19.34 92.48 -53.74
N UNK P 834 -20.64 92.44 -54.03
CA UNK P 834 -21.16 93.23 -55.14
C UNK P 834 -21.52 94.62 -54.67
N UNK P 835 -21.18 94.88 -53.41
CA UNK P 835 -21.45 96.17 -52.82
C UNK P 835 -22.92 96.50 -52.78
N UNK P 836 -23.77 95.49 -52.94
CA UNK P 836 -25.20 95.72 -52.94
C UNK P 836 -25.70 95.91 -51.53
N UNK P 837 -24.95 95.41 -50.56
CA UNK P 837 -25.37 95.56 -49.18
C UNK P 837 -24.12 95.62 -48.31
N UNK P 838 -24.31 95.92 -47.03
CA UNK P 838 -23.19 95.99 -46.10
C UNK P 838 -23.62 95.50 -44.72
N UNK P 839 -22.65 95.10 -43.90
CA UNK P 839 -22.96 94.63 -42.56
C UNK P 839 -22.34 95.53 -41.52
N UNK P 840 -22.92 95.50 -40.33
CA UNK P 840 -22.45 96.32 -39.21
C UNK P 840 -22.15 95.40 -38.03
N UNK P 841 -20.97 95.52 -37.44
CA UNK P 841 -20.62 94.68 -36.28
C UNK P 841 -20.35 95.52 -35.04
N UNK P 842 -21.06 95.24 -33.95
CA UNK P 842 -20.85 96.07 -32.77
C UNK P 842 -20.74 95.42 -31.39
N UNK P 843 -20.50 96.30 -30.43
CA UNK P 843 -20.34 95.97 -29.04
C UNK P 843 -21.65 95.50 -28.43
N UNK P 844 -22.76 95.90 -29.03
CA UNK P 844 -24.07 95.46 -28.54
C UNK P 844 -24.23 94.02 -29.01
N UNK P 845 -23.08 93.39 -29.28
CA UNK P 845 -22.99 92.01 -29.74
C UNK P 845 -23.96 91.59 -30.82
N UNK P 846 -24.24 92.49 -31.75
CA UNK P 846 -25.13 92.15 -32.84
C UNK P 846 -24.41 92.41 -34.16
N UNK P 847 -24.95 91.82 -35.21
CA UNK P 847 -24.42 91.98 -36.55
C UNK P 847 -25.65 92.26 -37.36
N UNK P 848 -25.68 93.39 -38.06
CA UNK P 848 -26.85 93.72 -38.86
C UNK P 848 -26.53 93.90 -40.34
N UNK P 849 -27.38 93.35 -41.19
CA UNK P 849 -27.16 93.46 -42.62
C UNK P 849 -28.08 94.50 -43.20
N UNK P 850 -27.48 95.39 -43.99
CA UNK P 850 -28.22 96.47 -44.63
C UNK P 850 -28.08 96.38 -46.13
N UNK P 851 -29.08 96.91 -46.84
CA UNK P 851 -29.04 96.95 -48.29
C UNK P 851 -28.80 98.40 -48.67
N UNK P 852 -27.65 98.66 -49.27
CA UNK P 852 -27.23 100.00 -49.69
C UNK P 852 -28.32 100.80 -50.36
N UNK P 853 -28.81 100.31 -51.48
CA UNK P 853 -29.86 101.03 -52.22
C UNK P 853 -30.87 101.64 -51.26
N UNK P 854 -31.59 100.79 -50.52
CA UNK P 854 -32.61 101.25 -49.57
C UNK P 854 -32.10 102.23 -48.53
N UNK P 855 -30.84 102.09 -48.10
CA UNK P 855 -30.30 102.99 -47.09
C UNK P 855 -29.98 104.38 -47.61
N UNK P 856 -29.45 104.44 -48.84
CA UNK P 856 -29.09 105.72 -49.44
C UNK P 856 -30.27 106.56 -49.92
N UNK P 857 -31.43 105.94 -50.05
CA UNK P 857 -32.60 106.68 -50.48
C UNK P 857 -32.84 107.81 -49.48
N UNK P 858 -33.15 108.97 -50.01
CA UNK P 858 -33.43 110.15 -49.20
C UNK P 858 -34.66 109.88 -48.35
N UNK P 859 -31.61 115.92 -44.64
CA UNK P 859 -32.94 115.75 -44.11
C UNK P 859 -33.04 116.01 -42.62
N UNK P 860 -34.28 116.24 -42.19
CA UNK P 860 -34.61 116.52 -40.81
C UNK P 860 -34.92 115.25 -40.03
N UNK P 861 -34.65 114.10 -40.62
CA UNK P 861 -34.93 112.88 -39.91
C UNK P 861 -33.99 112.74 -38.71
N UNK P 862 -32.71 113.10 -38.90
CA UNK P 862 -31.74 113.04 -37.80
C UNK P 862 -31.22 114.41 -37.45
N UNK P 863 -31.35 114.79 -36.18
CA UNK P 863 -30.90 116.08 -35.73
C UNK P 863 -29.94 115.85 -34.59
N UNK P 864 -29.40 116.96 -34.08
CA UNK P 864 -28.49 116.93 -32.95
C UNK P 864 -29.41 117.14 -31.77
N UNK P 865 -28.87 117.15 -30.57
CA UNK P 865 -29.72 117.37 -29.39
C UNK P 865 -29.87 118.85 -29.03
N UNK P 866 -29.28 119.70 -29.86
CA UNK P 866 -29.38 121.12 -29.66
C UNK P 866 -30.59 121.61 -30.45
N UNK P 867 -31.71 121.78 -29.75
CA UNK P 867 -32.95 122.23 -30.35
C UNK P 867 -33.71 123.15 -29.43
N UNK P 868 -34.66 123.88 -30.00
CA UNK P 868 -35.51 124.76 -29.23
C UNK P 868 -36.93 124.63 -29.76
N UNK P 869 -37.88 124.58 -28.83
CA UNK P 869 -39.29 124.41 -29.14
C UNK P 869 -40.21 125.55 -28.73
N UNK P 870 -41.22 125.81 -29.55
CA UNK P 870 -42.20 126.85 -29.28
C UNK P 870 -43.61 126.31 -29.45
N UNK P 871 -44.27 126.05 -28.32
CA UNK P 871 -45.63 125.53 -28.31
C UNK P 871 -46.65 126.65 -28.55
N UNK P 872 -47.10 126.81 -29.80
CA UNK P 872 -48.06 127.85 -30.10
C UNK P 872 -49.50 127.36 -30.31
N UNK P 873 -50.49 124.36 -32.64
CA UNK P 873 -49.38 123.50 -33.06
C UNK P 873 -48.06 123.68 -32.30
N UNK P 874 -47.09 122.82 -32.60
CA UNK P 874 -45.77 122.85 -31.97
C UNK P 874 -44.69 123.15 -33.00
N UNK P 875 -43.66 123.91 -32.60
CA UNK P 875 -42.57 124.29 -33.47
C UNK P 875 -41.21 123.94 -32.90
N UNK P 876 -40.42 123.19 -33.69
CA UNK P 876 -39.10 122.79 -33.27
C UNK P 876 -38.03 123.26 -34.27
N UNK P 877 -37.06 124.00 -33.76
CA UNK P 877 -35.96 124.50 -34.57
C UNK P 877 -34.80 123.64 -34.09
N UNK P 878 -34.08 123.01 -35.01
CA UNK P 878 -33.00 122.15 -34.57
C UNK P 878 -31.74 122.20 -35.41
N UNK P 879 -30.62 121.98 -34.74
CA UNK P 879 -29.31 121.94 -35.39
C UNK P 879 -29.21 120.63 -36.16
N UNK P 880 -29.13 120.70 -37.48
CA UNK P 880 -29.03 119.46 -38.27
C UNK P 880 -27.83 118.61 -37.87
N UNK P 881 -27.98 117.29 -38.03
CA UNK P 881 -26.92 116.35 -37.69
C UNK P 881 -25.67 116.51 -38.57
N UNK P 882 -29.62 123.89 -39.82
CA UNK P 882 -30.65 123.68 -38.84
C UNK P 882 -32.00 123.56 -39.56
N UNK P 883 -32.89 122.80 -38.94
CA UNK P 883 -34.21 122.55 -39.51
C UNK P 883 -35.33 123.25 -38.73
N UNK P 884 -36.26 123.82 -39.48
CA UNK P 884 -37.41 124.47 -38.86
C UNK P 884 -38.50 123.41 -38.97
N UNK P 885 -38.60 122.56 -37.96
CA UNK P 885 -39.58 121.48 -37.92
C UNK P 885 -40.88 121.88 -37.26
N UNK P 886 -41.98 121.75 -38.00
CA UNK P 886 -43.30 122.06 -37.49
C UNK P 886 -44.00 120.75 -37.14
N UNK P 887 -44.02 120.40 -35.87
CA UNK P 887 -44.67 119.17 -35.45
C UNK P 887 -46.13 119.25 -35.86
N UNK P 888 -46.78 118.11 -36.09
CA UNK P 888 -48.18 118.12 -36.51
C UNK P 888 -48.19 118.71 -37.93
N UNK P 889 -43.84 119.84 -42.92
CA UNK P 889 -43.26 121.19 -43.06
C UNK P 889 -41.88 121.38 -42.44
N UNK P 890 -40.88 120.80 -43.09
CA UNK P 890 -39.50 120.92 -42.67
C UNK P 890 -38.80 121.91 -43.60
N UNK P 891 -38.23 122.95 -43.01
CA UNK P 891 -37.54 123.97 -43.76
C UNK P 891 -36.10 124.07 -43.34
N UNK P 892 -35.23 123.83 -44.31
CA UNK P 892 -33.79 123.84 -44.13
C UNK P 892 -33.16 125.20 -44.32
N UNK P 893 -32.15 125.46 -43.50
CA UNK P 893 -31.39 126.69 -43.54
C UNK P 893 -29.94 126.25 -43.41
N UNK P 894 -29.20 126.27 -44.52
CA UNK P 894 -27.80 125.87 -44.53
C UNK P 894 -26.94 126.82 -43.71
N UNK P 895 -25.78 126.36 -43.27
CA UNK P 895 -24.89 127.21 -42.50
C UNK P 895 -23.62 126.50 -42.06
N UNK P 896 -23.68 125.04 -37.32
CA UNK P 896 -23.99 125.78 -36.11
C UNK P 896 -23.71 124.90 -34.91
N UNK P 897 -23.74 125.50 -33.72
CA UNK P 897 -23.50 124.76 -32.48
C UNK P 897 -24.66 124.86 -31.51
N UNK P 898 -25.58 125.79 -31.76
CA UNK P 898 -26.72 125.94 -30.89
C UNK P 898 -27.81 126.71 -31.60
N UNK P 899 -29.05 126.46 -31.22
CA UNK P 899 -30.15 127.11 -31.87
C UNK P 899 -30.88 128.09 -30.97
N UNK P 900 -31.86 128.78 -31.55
CA UNK P 900 -32.63 129.78 -30.81
C UNK P 900 -33.83 130.27 -31.63
N UNK P 901 -35.00 130.32 -30.99
CA UNK P 901 -36.22 130.79 -31.65
C UNK P 901 -36.79 132.03 -30.96
N UNK P 902 -37.08 133.05 -31.75
CA UNK P 902 -37.63 134.29 -31.20
C UNK P 902 -39.12 134.13 -31.10
N UNK P 903 -39.68 134.20 -29.88
CA UNK P 903 -41.13 134.06 -29.77
C UNK P 903 -41.76 134.91 -30.87
N UNK P 904 -37.91 135.13 -36.63
CA UNK P 904 -36.45 135.21 -36.50
C UNK P 904 -35.91 133.96 -35.83
N UNK P 905 -34.76 133.49 -36.30
CA UNK P 905 -34.09 132.33 -35.69
C UNK P 905 -32.65 132.76 -35.53
N UNK P 906 -32.01 132.34 -34.46
CA UNK P 906 -30.62 132.72 -34.25
C UNK P 906 -29.78 131.49 -33.96
N UNK P 907 -28.49 131.56 -34.25
CA UNK P 907 -27.66 130.40 -33.96
C UNK P 907 -26.22 130.63 -33.59
N UNK P 908 -25.70 129.68 -32.80
CA UNK P 908 -24.33 129.71 -32.35
C UNK P 908 -23.44 129.14 -33.42
N UNK P 909 -22.14 129.33 -33.26
CA UNK P 909 -21.20 128.87 -34.25
C UNK P 909 -20.01 128.21 -33.56
N UNK P 910 -19.34 127.33 -34.30
CA UNK P 910 -18.18 126.61 -33.75
C UNK P 910 -17.07 127.61 -33.44
N UNK P 911 -19.15 132.72 -33.98
CA UNK P 911 -20.05 133.60 -34.70
C UNK P 911 -21.50 133.55 -34.22
N UNK P 912 -22.22 134.66 -34.40
CA UNK P 912 -23.62 134.76 -34.01
C UNK P 912 -24.40 135.32 -35.20
N UNK P 913 -25.54 134.73 -35.52
CA UNK P 913 -26.34 135.21 -36.65
C UNK P 913 -27.84 135.08 -36.45
N UNK P 914 -28.57 136.12 -36.86
CA UNK P 914 -30.01 136.10 -36.79
C UNK P 914 -30.46 136.01 -38.22
N UNK P 915 -31.43 135.14 -38.49
CA UNK P 915 -31.98 135.01 -39.83
C UNK P 915 -33.43 135.38 -39.66
N UNK P 916 -33.99 136.11 -40.61
CA UNK P 916 -35.40 136.47 -40.49
C UNK P 916 -36.25 135.61 -41.41
N UNK P 917 -37.04 134.76 -40.79
CA UNK P 917 -37.92 133.82 -41.49
C UNK P 917 -38.88 134.43 -42.50
N UNK P 918 -39.65 135.46 -42.12
CA UNK P 918 -40.59 136.04 -43.08
C UNK P 918 -39.93 136.12 -44.46
N UNK P 919 -38.64 136.35 -44.46
CA UNK P 919 -37.88 136.45 -45.70
C UNK P 919 -37.12 135.14 -45.98
N UNK P 920 -32.28 137.31 -45.93
CA UNK P 920 -31.68 138.48 -45.28
C UNK P 920 -31.50 138.24 -43.78
N UNK P 921 -30.25 138.32 -43.33
CA UNK P 921 -29.91 138.10 -41.93
C UNK P 921 -28.75 139.02 -41.57
N UNK P 922 -28.16 138.77 -40.40
CA UNK P 922 -27.22 139.70 -39.77
C UNK P 922 -26.15 138.95 -38.97
N UNK P 923 -24.98 139.56 -38.79
CA UNK P 923 -23.87 138.94 -38.05
C UNK P 923 -23.25 139.84 -36.99
N UNK P 924 -23.58 139.59 -35.74
CA UNK P 924 -23.05 140.41 -34.67
C UNK P 924 -21.74 139.92 -34.09
N UNK P 925 -20.63 140.56 -34.51
CA UNK P 925 -19.26 140.23 -34.09
C UNK P 925 -18.89 139.97 -32.60
N UNK P 926 -22.29 128.36 -26.88
CA UNK P 926 -23.10 127.40 -26.12
C UNK P 926 -24.56 127.83 -26.08
N UNK P 927 -25.07 128.21 -24.91
CA UNK P 927 -26.45 128.63 -24.81
C UNK P 927 -26.64 129.92 -25.63
N UNK P 928 -27.86 130.19 -26.12
CA UNK P 928 -28.16 131.42 -26.90
C UNK P 928 -29.65 131.74 -26.93
N UNK P 929 -30.05 132.90 -26.44
CA UNK P 929 -31.47 133.22 -26.39
C UNK P 929 -31.85 134.65 -26.75
N UNK P 930 -33.11 134.85 -27.12
CA UNK P 930 -33.65 136.16 -27.46
C UNK P 930 -34.23 136.77 -26.19
N UNK P 931 -34.42 138.07 -26.19
CA UNK P 931 -34.97 138.75 -25.02
C UNK P 931 -36.47 138.53 -25.09
N UNK P 932 -37.18 138.82 -24.00
CA UNK P 932 -38.63 138.68 -23.98
C UNK P 932 -39.17 139.18 -25.32
N UNK P 933 -29.98 139.78 -28.15
CA UNK P 933 -29.63 138.36 -28.09
C UNK P 933 -28.59 138.02 -27.05
N UNK P 934 -29.00 137.48 -25.92
CA UNK P 934 -28.03 137.10 -24.92
C UNK P 934 -27.41 135.76 -25.37
N UNK P 935 -26.10 135.63 -25.20
CA UNK P 935 -25.42 134.42 -25.61
C UNK P 935 -24.19 134.18 -24.79
N UNK P 936 -23.89 132.91 -24.53
CA UNK P 936 -22.71 132.56 -23.76
C UNK P 936 -21.87 131.57 -24.54
N UNK P 937 -20.61 131.52 -24.17
CA UNK P 937 -19.66 130.60 -24.76
C UNK P 937 -18.86 129.96 -23.64
N UNK P 938 -17.73 129.38 -24.01
CA UNK P 938 -16.91 128.64 -23.08
C UNK P 938 -15.89 129.51 -22.35
N UNK P 939 -16.26 130.77 -22.09
CA UNK P 939 -15.40 131.70 -21.37
C UNK P 939 -16.29 132.49 -20.39
N UNK P 940 -15.74 133.47 -19.69
CA UNK P 940 -16.52 134.22 -18.67
C UNK P 940 -17.36 135.45 -19.06
N UNK P 941 -17.47 135.78 -20.33
CA UNK P 941 -18.27 136.93 -20.71
C UNK P 941 -19.61 136.48 -21.30
N UNK P 942 -20.66 137.27 -21.11
CA UNK P 942 -21.97 136.95 -21.68
C UNK P 942 -22.43 138.05 -22.63
N UNK P 943 -22.26 137.86 -23.92
CA UNK P 943 -22.66 138.85 -24.90
C UNK P 943 -24.13 139.22 -24.95
N UNK P 944 -24.41 140.52 -24.78
CA UNK P 944 -25.79 141.02 -24.83
C UNK P 944 -25.91 141.93 -26.04
N UNK P 945 -25.96 141.32 -27.22
CA UNK P 945 -26.04 142.03 -28.49
C UNK P 945 -27.42 142.49 -28.86
N UNK P 946 -27.70 143.73 -28.53
CA UNK P 946 -28.99 144.32 -28.85
C UNK P 946 -28.96 144.63 -30.36
N UNK P 947 -29.08 143.58 -31.16
CA UNK P 947 -29.07 143.72 -32.61
C UNK P 947 -30.16 144.73 -33.02
N UNK P 948 -25.79 147.85 -30.84
CA UNK P 948 -25.27 148.06 -29.49
C UNK P 948 -24.87 146.75 -28.86
N UNK P 949 -23.97 146.83 -27.88
CA UNK P 949 -23.51 145.65 -27.17
C UNK P 949 -23.36 145.95 -25.70
N UNK P 950 -23.69 144.97 -24.87
CA UNK P 950 -23.54 145.10 -23.45
C UNK P 950 -22.81 143.83 -23.08
N UNK P 951 -21.64 143.97 -22.45
CA UNK P 951 -20.84 142.82 -22.08
C UNK P 951 -20.87 142.61 -20.58
N UNK P 952 -20.92 141.36 -20.17
CA UNK P 952 -20.95 141.02 -18.76
C UNK P 952 -19.70 140.22 -18.40
N UNK P 953 -18.64 140.93 -18.00
CA UNK P 953 -17.39 140.28 -17.64
C UNK P 953 -17.52 139.70 -16.25
N UNK P 954 -18.02 138.47 -16.22
CA UNK P 954 -18.24 137.76 -14.97
C UNK P 954 -16.91 137.51 -14.28
N UNK P 955 -15.84 137.49 -15.07
CA UNK P 955 -14.50 137.25 -14.55
C UNK P 955 -14.48 135.92 -13.81
N UNK P 956 -15.06 131.74 -14.37
CA UNK P 956 -14.13 130.87 -15.10
C UNK P 956 -14.77 130.61 -16.45
N UNK P 957 -16.05 130.23 -16.42
CA UNK P 957 -16.84 129.95 -17.61
C UNK P 957 -18.29 129.95 -17.18
N UNK P 958 -19.14 130.59 -17.96
CA UNK P 958 -20.55 130.63 -17.66
C UNK P 958 -21.09 129.25 -17.97
N UNK P 959 -21.50 128.51 -16.93
CA UNK P 959 -22.04 127.17 -17.13
C UNK P 959 -23.26 127.36 -18.02
N UNK P 960 -24.13 128.28 -17.63
CA UNK P 960 -25.33 128.58 -18.41
C UNK P 960 -26.04 129.79 -17.81
N UNK P 961 -27.15 130.17 -18.41
CA UNK P 961 -27.90 131.32 -17.94
C UNK P 961 -29.32 131.23 -18.38
N UNK P 962 -30.12 132.21 -17.99
CA UNK P 962 -31.52 132.25 -18.38
C UNK P 962 -32.10 133.63 -18.11
N UNK P 963 -32.95 134.10 -19.02
CA UNK P 963 -33.58 135.40 -18.87
C UNK P 963 -34.29 135.45 -17.52
N UNK P 964 -34.70 136.64 -17.11
CA UNK P 964 -35.39 136.77 -15.84
C UNK P 964 -36.47 137.85 -15.97
N UNK P 965 -35.69 142.68 -17.64
CA UNK P 965 -34.36 142.89 -18.18
C UNK P 965 -33.24 142.38 -17.26
N UNK P 966 -33.63 141.71 -16.19
CA UNK P 966 -32.66 141.14 -15.25
C UNK P 966 -32.34 139.73 -15.80
N UNK P 967 -31.13 139.22 -15.56
CA UNK P 967 -30.74 137.90 -16.07
C UNK P 967 -29.89 137.08 -15.10
N UNK P 968 -30.39 135.90 -14.76
CA UNK P 968 -29.72 134.99 -13.83
C UNK P 968 -28.58 134.22 -14.51
N UNK P 969 -27.43 134.14 -13.86
CA UNK P 969 -26.28 133.48 -14.44
C UNK P 969 -25.43 132.71 -13.43
N UNK P 970 -24.96 131.54 -13.85
CA UNK P 970 -24.13 130.68 -13.01
C UNK P 970 -22.96 130.13 -13.80
N UNK P 971 -21.78 130.21 -13.20
CA UNK P 971 -20.56 129.71 -13.82
C UNK P 971 -20.21 128.53 -12.98
N UNK P 972 -19.15 127.83 -13.34
CA UNK P 972 -18.77 126.70 -12.51
C UNK P 972 -17.64 127.08 -11.57
N UNK P 973 -17.96 128.07 -10.74
CA UNK P 973 -17.10 128.62 -9.69
C UNK P 973 -17.98 128.79 -8.46
N UNK P 974 -19.07 128.04 -8.43
CA UNK P 974 -20.01 128.07 -7.33
C UNK P 974 -20.80 129.36 -7.27
N UNK P 975 -20.44 130.29 -8.15
CA UNK P 975 -21.09 131.58 -8.20
C UNK P 975 -22.33 131.63 -9.07
N UNK P 976 -23.29 132.43 -8.62
CA UNK P 976 -24.55 132.65 -9.30
C UNK P 976 -24.75 134.15 -9.23
N UNK P 977 -24.95 134.80 -10.36
CA UNK P 977 -25.12 136.24 -10.31
C UNK P 977 -26.47 136.68 -10.89
N UNK P 978 -26.84 137.93 -10.64
CA UNK P 978 -28.10 138.51 -11.14
C UNK P 978 -27.85 139.78 -11.94
N UNK P 979 -27.27 139.65 -13.13
CA UNK P 979 -26.97 140.81 -13.98
C UNK P 979 -28.20 141.58 -14.42
N UNK P 980 -27.94 142.81 -14.87
CA UNK P 980 -28.97 143.70 -15.37
C UNK P 980 -28.55 143.97 -16.80
N UNK P 981 -29.43 143.69 -17.76
CA UNK P 981 -29.07 143.99 -19.14
C UNK P 981 -29.28 145.49 -19.30
N UNK P 982 -24.58 145.36 -15.07
CA UNK P 982 -24.28 145.60 -13.67
C UNK P 982 -24.70 144.45 -12.77
N UNK P 983 -23.72 143.86 -12.10
CA UNK P 983 -23.93 142.74 -11.20
C UNK P 983 -24.66 143.17 -9.94
N UNK P 984 -25.99 143.18 -10.02
CA UNK P 984 -26.78 143.55 -8.86
C UNK P 984 -26.47 142.57 -7.72
N UNK P 985 -26.79 141.29 -7.92
CA UNK P 985 -26.52 140.28 -6.91
C UNK P 985 -25.38 139.35 -7.30
N UNK P 986 -24.73 138.78 -6.29
CA UNK P 986 -23.60 137.87 -6.50
C UNK P 986 -23.47 136.91 -5.32
N UNK P 987 -23.65 135.61 -5.56
CA UNK P 987 -23.54 134.59 -4.51
C UNK P 987 -22.42 133.60 -4.80
N UNK P 988 -21.99 132.90 -3.76
CA UNK P 988 -20.96 131.86 -3.89
C UNK P 988 -21.61 130.68 -3.16
N UNK P 989 -22.73 130.22 -3.73
CA UNK P 989 -23.54 129.14 -3.20
C UNK P 989 -23.01 127.69 -3.29
N UNK P 990 -21.83 127.49 -3.85
CA UNK P 990 -21.24 126.16 -3.95
C UNK P 990 -19.74 126.29 -4.12
N UNK P 991 -18.98 125.31 -3.65
CA UNK P 991 -17.52 125.36 -3.76
C UNK P 991 -17.05 124.62 -5.01
N UNK P 992 -27.31 122.92 -12.79
CA UNK P 992 -28.54 123.61 -13.17
C UNK P 992 -29.18 124.26 -11.95
N UNK P 993 -29.97 125.30 -12.17
CA UNK P 993 -30.62 126.00 -11.08
C UNK P 993 -31.76 126.81 -11.68
N UNK P 994 -32.94 126.75 -11.07
CA UNK P 994 -34.09 127.46 -11.62
C UNK P 994 -34.73 128.39 -10.62
N UNK P 995 -35.66 129.21 -11.13
CA UNK P 995 -36.37 130.18 -10.29
C UNK P 995 -37.73 129.63 -9.91
N UNK P 996 -38.34 130.25 -8.90
CA UNK P 996 -39.64 129.84 -8.42
C UNK P 996 -40.75 130.39 -9.30
N UNK P 997 -40.74 135.10 -7.22
CA UNK P 997 -39.34 134.95 -7.57
C UNK P 997 -38.64 134.98 -6.24
N UNK P 998 -39.44 134.98 -5.18
CA UNK P 998 -38.90 135.00 -3.84
C UNK P 998 -37.83 133.92 -3.73
N UNK P 999 -37.99 132.87 -4.53
CA UNK P 999 -37.06 131.75 -4.48
C UNK P 999 -36.39 131.41 -5.83
N UNK P 1000 -35.14 130.96 -5.77
CA UNK P 1000 -34.39 130.57 -6.96
C UNK P 1000 -33.26 129.66 -6.47
N UNK P 1001 -33.43 128.36 -6.64
CA UNK P 1001 -32.41 127.44 -6.15
C UNK P 1001 -31.45 126.89 -7.16
N UNK P 1002 -30.39 126.28 -6.63
CA UNK P 1002 -29.30 125.70 -7.40
C UNK P 1002 -29.20 124.20 -7.24
N UNK P 1003 -28.17 123.65 -7.88
CA UNK P 1003 -27.87 122.22 -7.86
C UNK P 1003 -26.45 122.17 -8.37
N UNK P 1004 -25.56 121.46 -7.70
CA UNK P 1004 -24.18 121.45 -8.17
C UNK P 1004 -23.30 120.46 -7.47
N UNK P 1005 -25.16 118.93 -3.32
CA UNK P 1005 -26.56 118.98 -2.93
C UNK P 1005 -27.31 120.01 -3.75
N UNK P 1006 -28.46 120.45 -3.23
CA UNK P 1006 -29.28 121.46 -3.89
C UNK P 1006 -29.64 122.57 -2.92
N UNK P 1007 -28.71 123.52 -2.76
CA UNK P 1007 -28.91 124.66 -1.87
C UNK P 1007 -29.94 125.60 -2.48
N UNK P 1008 -31.00 125.89 -1.74
CA UNK P 1008 -32.07 126.75 -2.20
C UNK P 1008 -32.11 128.09 -1.45
N UNK P 1009 -32.26 129.20 -2.17
CA UNK P 1009 -32.33 130.51 -1.50
C UNK P 1009 -33.36 131.53 -1.99
N UNK P 1010 -33.21 132.77 -1.50
CA UNK P 1010 -34.15 133.88 -1.80
C UNK P 1010 -33.64 135.15 -2.50
N UNK P 1011 -30.89 129.28 2.21
CA UNK P 1011 -31.96 129.04 3.18
C UNK P 1011 -31.69 127.69 3.85
N UNK P 1012 -31.40 126.66 3.05
CA UNK P 1012 -31.09 125.33 3.60
C UNK P 1012 -30.46 124.34 2.63
N UNK P 1013 -29.35 123.74 3.05
CA UNK P 1013 -28.61 122.76 2.27
C UNK P 1013 -29.35 121.41 2.31
N UNK P 1014 -29.59 120.83 1.13
CA UNK P 1014 -30.31 119.55 0.99
C UNK P 1014 -29.37 118.41 0.58
N UNK P 1015 -28.54 117.95 1.50
CA UNK P 1015 -27.57 116.89 1.19
C UNK P 1015 -28.17 115.50 1.04
N UNK P 1016 -29.23 115.38 0.25
CA UNK P 1016 -29.86 114.10 0.04
C UNK P 1016 -29.17 113.16 -0.96
N UNK P 1017 -29.07 113.62 -2.21
CA UNK P 1017 -28.46 112.83 -3.28
C UNK P 1017 -27.04 112.34 -3.02
N UNK P 1018 -26.78 111.08 -3.40
CA UNK P 1018 -25.46 110.49 -3.22
C UNK P 1018 -24.69 110.57 -4.53
N UNK P 1019 -25.06 113.14 -6.97
CA UNK P 1019 -24.81 114.56 -7.26
C UNK P 1019 -25.88 115.16 -8.16
N UNK P 1020 -26.53 116.21 -7.67
CA UNK P 1020 -27.61 116.84 -8.41
C UNK P 1020 -27.16 117.39 -9.75
N UNK P 1021 -28.08 117.39 -10.71
CA UNK P 1021 -27.78 117.87 -12.05
C UNK P 1021 -28.93 118.68 -12.63
N UNK P 1022 -30.04 118.73 -11.92
CA UNK P 1022 -31.19 119.50 -12.39
C UNK P 1022 -32.22 119.67 -11.28
N UNK P 1023 -33.23 120.51 -11.50
CA UNK P 1023 -34.27 120.75 -10.52
C UNK P 1023 -35.31 121.73 -11.00
N UNK P 1024 -36.46 121.74 -10.33
CA UNK P 1024 -37.54 122.65 -10.68
C UNK P 1024 -38.46 122.88 -9.49
N UNK P 1025 -39.14 124.02 -9.51
CA UNK P 1025 -40.07 124.38 -8.45
C UNK P 1025 -41.49 124.07 -8.87
N UNK P 1026 -42.30 123.57 -7.95
CA UNK P 1026 -43.69 123.28 -8.25
C UNK P 1026 -44.31 124.60 -8.63
N UNK P 1027 -45.20 124.60 -9.62
CA UNK P 1027 -45.84 125.83 -10.07
C UNK P 1027 -46.55 126.47 -8.86
N UNK P 1028 -42.83 122.71 -3.59
CA UNK P 1028 -41.85 121.64 -3.79
C UNK P 1028 -40.76 121.98 -4.77
N UNK P 1029 -39.63 121.31 -4.60
CA UNK P 1029 -38.46 121.49 -5.43
C UNK P 1029 -37.87 120.09 -5.65
N UNK P 1030 -38.10 119.55 -6.85
CA UNK P 1030 -37.59 118.23 -7.22
C UNK P 1030 -36.19 118.38 -7.79
N UNK P 1031 -35.29 117.49 -7.38
CA UNK P 1031 -33.92 117.56 -7.83
C UNK P 1031 -33.43 116.31 -8.58
N UNK P 1032 -32.63 116.55 -9.61
CA UNK P 1032 -32.11 115.47 -10.43
C UNK P 1032 -30.76 114.93 -10.01
N UNK P 1033 -30.73 113.64 -9.73
CA UNK P 1033 -29.53 112.94 -9.31
C UNK P 1033 -28.73 112.42 -10.50
N UNK P 1034 -27.41 112.41 -10.32
CA UNK P 1034 -26.51 111.93 -11.36
C UNK P 1034 -26.62 110.41 -11.48
N UNK P 1035 -27.32 109.78 -10.53
CA UNK P 1035 -27.50 108.35 -10.54
C UNK P 1035 -28.97 107.97 -10.54
N UNK P 1036 -29.69 108.51 -11.51
CA UNK P 1036 -31.10 108.20 -11.64
C UNK P 1036 -31.96 108.42 -10.42
N UNK P 1037 -31.39 108.96 -9.34
CA UNK P 1037 -32.16 109.22 -8.13
C UNK P 1037 -32.89 110.54 -8.34
N UNK P 1038 -33.86 110.81 -7.48
CA UNK P 1038 -34.61 112.05 -7.61
C UNK P 1038 -35.36 112.03 -6.29
N UNK P 1039 -35.08 113.03 -5.46
CA UNK P 1039 -35.84 113.29 -4.25
C UNK P 1039 -36.70 114.53 -4.43
N UNK P 1040 -37.85 114.52 -3.77
CA UNK P 1040 -38.74 115.66 -3.83
C UNK P 1040 -38.49 116.37 -2.49
N UNK P 1041 -38.38 117.69 -2.52
CA UNK P 1041 -38.17 118.45 -1.29
C UNK P 1041 -39.32 119.45 -1.17
N UNK P 1042 -39.48 120.04 0.01
CA UNK P 1042 -40.57 121.00 0.23
C UNK P 1042 -40.13 122.44 0.50
N UNK P 1043 -40.16 113.23 0.07
CA UNK P 1043 -40.03 111.83 -0.32
C UNK P 1043 -39.01 111.66 -1.44
N UNK P 1044 -38.28 110.55 -1.41
CA UNK P 1044 -37.27 110.27 -2.43
C UNK P 1044 -37.65 109.24 -3.51
N UNK P 1045 -38.74 109.48 -4.22
CA UNK P 1045 -39.17 108.57 -5.28
C UNK P 1045 -38.06 108.47 -6.31
N UNK P 1046 -37.29 107.38 -6.29
CA UNK P 1046 -36.19 107.21 -7.24
C UNK P 1046 -35.65 105.79 -7.43
N UNK P 1047 -36.40 104.91 -8.11
CA UNK P 1047 -35.99 103.52 -8.36
C UNK P 1047 -34.79 103.42 -9.31
N UNK P 1048 -28.20 108.99 -15.34
CA UNK P 1048 -28.46 110.41 -15.18
C UNK P 1048 -29.95 110.71 -15.12
N UNK P 1049 -30.28 111.95 -14.78
CA UNK P 1049 -31.64 112.49 -14.72
C UNK P 1049 -31.40 113.94 -15.05
N UNK P 1050 -31.34 114.24 -16.33
CA UNK P 1050 -31.04 115.59 -16.77
C UNK P 1050 -32.19 116.58 -16.83
N UNK P 1051 -33.30 116.31 -16.17
CA UNK P 1051 -34.40 117.26 -16.25
C UNK P 1051 -35.64 116.83 -15.47
N UNK P 1052 -36.41 117.81 -15.01
CA UNK P 1052 -37.65 117.58 -14.28
C UNK P 1052 -38.60 118.74 -14.59
N UNK P 1053 -39.85 118.59 -14.18
CA UNK P 1053 -40.85 119.61 -14.41
C UNK P 1053 -42.11 119.14 -13.68
N UNK P 1054 -42.66 120.00 -12.84
CA UNK P 1054 -43.92 119.71 -12.20
C UNK P 1054 -45.01 120.06 -13.20
N UNK P 1055 -46.21 119.55 -12.95
CA UNK P 1055 -47.35 119.82 -13.82
C UNK P 1055 -48.07 121.04 -13.28
N UNK P 1056 -48.97 121.65 -14.07
CA UNK P 1056 -49.63 122.81 -13.46
C UNK P 1056 -50.24 122.35 -12.14
N UNK P 1057 -51.11 121.34 -12.22
CA UNK P 1057 -51.79 120.77 -11.05
C UNK P 1057 -50.88 120.51 -9.84
N UNK P 1058 -49.57 120.60 -10.02
CA UNK P 1058 -48.61 120.38 -8.95
C UNK P 1058 -48.70 118.97 -8.35
N UNK P 1059 -49.09 117.99 -9.17
CA UNK P 1059 -49.23 116.61 -8.72
C UNK P 1059 -48.37 115.60 -9.49
N UNK P 1060 -48.30 115.77 -10.81
CA UNK P 1060 -47.52 114.89 -11.67
C UNK P 1060 -46.17 115.50 -12.00
N UNK P 1061 -45.11 114.77 -11.70
CA UNK P 1061 -43.75 115.23 -11.99
C UNK P 1061 -43.20 114.45 -13.18
N UNK P 1062 -42.82 115.15 -14.25
CA UNK P 1062 -42.26 114.49 -15.43
C UNK P 1062 -40.72 114.48 -15.32
N UNK P 1063 -40.12 113.35 -15.68
CA UNK P 1063 -38.68 113.18 -15.59
C UNK P 1063 -38.05 112.75 -16.91
N UNK P 1064 -36.78 113.09 -17.11
CA UNK P 1064 -36.07 112.73 -18.34
C UNK P 1064 -34.59 112.51 -18.09
N UNK P 1065 -34.44 108.00 -20.33
CA UNK P 1065 -35.76 107.94 -20.95
C UNK P 1065 -36.71 108.79 -20.12
N UNK P 1066 -37.90 109.04 -20.66
CA UNK P 1066 -38.91 109.81 -19.95
C UNK P 1066 -39.57 108.92 -18.89
N UNK P 1067 -40.16 109.51 -17.87
CA UNK P 1067 -40.77 108.72 -16.80
C UNK P 1067 -41.59 109.65 -15.94
N UNK P 1068 -42.90 109.43 -15.88
CA UNK P 1068 -43.79 110.26 -15.06
C UNK P 1068 -43.95 109.71 -13.65
N UNK P 1069 -44.28 110.58 -12.69
CA UNK P 1069 -44.46 110.16 -11.30
C UNK P 1069 -45.72 110.71 -10.62
N UNK P 1070 -45.86 110.35 -9.35
CA UNK P 1070 -47.00 110.76 -8.52
C UNK P 1070 -46.51 111.44 -7.25
N UNK P 1071 -46.83 112.73 -7.10
CA UNK P 1071 -46.42 113.49 -5.91
C UNK P 1071 -46.82 112.77 -4.63
N UNK P 1072 -40.07 104.83 -23.45
CA UNK P 1072 -38.70 104.43 -23.65
C UNK P 1072 -38.35 104.91 -25.06
N UNK P 1073 -37.34 105.75 -25.15
CA UNK P 1073 -36.90 106.26 -26.42
C UNK P 1073 -35.79 105.34 -26.89
N UNK P 1074 -35.70 105.11 -28.20
CA UNK P 1074 -34.65 104.26 -28.76
C UNK P 1074 -33.30 104.62 -28.11
N UNK P 1075 -32.99 105.91 -28.10
CA UNK P 1075 -31.76 106.36 -27.52
C UNK P 1075 -31.89 106.81 -26.08
N UNK P 1076 -30.77 107.20 -25.49
CA UNK P 1076 -30.76 107.65 -24.12
C UNK P 1076 -30.11 109.01 -24.00
N UNK P 1077 -29.68 109.31 -22.78
CA UNK P 1077 -29.03 110.56 -22.47
C UNK P 1077 -29.75 111.74 -23.07
N UNK P 1078 -30.99 111.91 -22.64
CA UNK P 1078 -31.76 113.03 -23.13
C UNK P 1078 -31.26 114.23 -22.33
N UNK P 1079 -31.70 115.43 -22.69
CA UNK P 1079 -31.33 116.62 -21.94
C UNK P 1079 -32.38 117.42 -21.18
N UNK P 1080 -33.14 118.22 -21.92
CA UNK P 1080 -34.20 119.03 -21.31
C UNK P 1080 -35.50 118.69 -22.01
N UNK P 1081 -36.46 118.18 -21.26
CA UNK P 1081 -37.68 117.67 -21.87
C UNK P 1081 -38.54 118.92 -21.99
N UNK P 1082 -39.15 119.14 -23.14
CA UNK P 1082 -39.99 120.33 -23.29
C UNK P 1082 -41.46 120.05 -23.09
N UNK P 1083 -41.94 120.21 -21.85
CA UNK P 1083 -43.36 120.01 -21.56
C UNK P 1083 -44.04 121.27 -22.07
N UNK P 1084 -45.36 121.29 -22.09
CA UNK P 1084 -46.06 122.48 -22.57
C UNK P 1084 -47.05 122.98 -21.52
N UNK P 1085 -47.84 124.01 -21.87
CA UNK P 1085 -48.83 124.53 -20.91
C UNK P 1085 -49.80 123.43 -20.45
N UNK P 1086 -50.57 122.91 -21.40
CA UNK P 1086 -51.55 121.86 -21.13
C UNK P 1086 -50.95 120.58 -20.55
N UNK P 1087 -49.63 120.46 -20.54
CA UNK P 1087 -48.94 119.27 -20.03
C UNK P 1087 -49.43 118.06 -20.83
N UNK P 1088 -49.79 118.32 -22.07
CA UNK P 1088 -50.36 117.32 -22.98
C UNK P 1088 -49.57 117.23 -24.28
N UNK P 1089 -48.31 117.68 -24.25
CA UNK P 1089 -47.44 117.65 -25.43
C UNK P 1089 -46.00 117.67 -24.91
N UNK P 1090 -45.14 116.85 -25.50
CA UNK P 1090 -43.75 116.80 -25.06
C UNK P 1090 -42.83 116.71 -26.26
N UNK P 1091 -41.64 117.29 -26.15
CA UNK P 1091 -40.67 117.25 -27.23
C UNK P 1091 -39.29 117.00 -26.67
N UNK P 1092 -38.54 116.11 -27.32
CA UNK P 1092 -37.19 115.82 -26.87
C UNK P 1092 -36.39 115.21 -28.00
N UNK P 1093 -35.12 114.93 -27.72
CA UNK P 1093 -34.24 114.37 -28.74
C UNK P 1093 -33.18 113.52 -28.08
N UNK P 1094 -33.11 112.25 -28.47
CA UNK P 1094 -32.13 111.32 -27.90
C UNK P 1094 -30.83 111.35 -28.67
N UNK P 1095 -29.77 110.80 -28.08
CA UNK P 1095 -28.47 110.80 -28.76
C UNK P 1095 -28.48 110.00 -30.05
N UNK P 1096 -29.64 109.51 -30.45
CA UNK P 1096 -29.73 108.82 -31.71
C UNK P 1096 -30.22 109.83 -32.72
N UNK P 1097 -30.35 111.08 -32.26
CA UNK P 1097 -30.78 112.17 -33.13
C UNK P 1097 -32.22 112.03 -33.58
N UNK P 1098 -33.00 111.30 -32.80
CA UNK P 1098 -34.39 111.11 -33.12
C UNK P 1098 -35.23 112.18 -32.43
N UNK P 1099 -36.10 112.83 -33.21
CA UNK P 1099 -36.95 113.89 -32.67
C UNK P 1099 -38.31 113.39 -32.15
N UNK P 1100 -38.42 113.27 -30.83
CA UNK P 1100 -39.68 112.81 -30.26
C UNK P 1100 -40.64 113.95 -29.91
N UNK P 1101 -41.78 113.99 -30.58
CA UNK P 1101 -42.81 114.97 -30.30
C UNK P 1101 -44.02 114.16 -29.83
N UNK P 1102 -44.06 113.87 -28.53
CA UNK P 1102 -45.12 113.08 -27.94
C UNK P 1102 -46.33 113.97 -27.59
N UNK P 1103 -47.49 113.36 -27.38
CA UNK P 1103 -48.69 114.13 -27.07
C UNK P 1103 -49.86 113.27 -26.59
PG DTP Q . 49.32 -30.06 -24.38
O1G DTP Q . 50.64 -30.68 -23.99
O2G DTP Q . 49.45 -28.82 -25.23
O3G DTP Q . 48.34 -29.94 -23.24
PB DTP Q . 47.13 -30.97 -25.85
O1B DTP Q . 46.48 -29.91 -24.99
O2B DTP Q . 46.50 -32.35 -25.94
O3B DTP Q . 48.65 -31.15 -25.36
PA DTP Q . 47.89 -28.91 -27.57
O1A DTP Q . 49.37 -29.02 -27.81
O2A DTP Q . 47.36 -28.01 -26.47
O3A DTP Q . 47.30 -30.39 -27.34
O5' DTP Q . 47.18 -28.47 -28.95
C5' DTP Q . 47.74 -27.42 -29.75
C4' DTP Q . 49.07 -27.89 -30.34
O4' DTP Q . 48.82 -28.70 -31.50
C3' DTP Q . 49.92 -26.71 -30.78
O3' DTP Q . 51.17 -26.73 -30.07
C2' DTP Q . 50.16 -26.88 -32.26
C1' DTP Q . 49.44 -28.16 -32.67
N9 DTP Q . 48.41 -27.85 -33.69
C8 DTP Q . 48.42 -26.80 -34.52
N7 DTP Q . 47.33 -26.80 -35.33
C5 DTP Q . 46.59 -27.89 -35.02
C6 DTP Q . 45.32 -28.50 -35.49
N6 DTP Q . 44.61 -27.93 -36.49
N1 DTP Q . 44.92 -29.63 -34.88
C2 DTP Q . 45.63 -30.21 -33.89
N3 DTP Q . 46.78 -29.71 -33.42
C4 DTP Q . 47.31 -28.57 -33.93
PG DTP R . 53.72 5.25 -31.89
O1G DTP R . 55.16 4.81 -31.85
O2G DTP R . 53.51 6.73 -31.67
O3G DTP R . 52.79 4.37 -31.09
PB DTP R . 51.73 5.14 -33.85
O1B DTP R . 50.89 5.20 -32.59
O2B DTP R . 51.44 4.11 -34.91
O3B DTP R . 53.28 5.01 -33.42
PA DTP R . 51.90 7.93 -33.65
O1A DTP R . 53.36 8.32 -33.72
O2A DTP R . 51.23 7.72 -32.30
O3A DTP R . 51.68 6.60 -34.53
O5' DTP R . 51.05 9.04 -34.46
C5' DTP R . 51.31 10.43 -34.27
C4' DTP R . 52.67 10.77 -34.86
O4' DTP R . 52.56 10.93 -36.28
C3' DTP R . 53.21 12.07 -34.28
O3' DTP R . 54.46 11.84 -33.63
C2' DTP R . 53.41 13.00 -35.46
C1' DTP R . 52.98 12.22 -36.69
N9 DTP R . 51.86 12.93 -37.37
C8 DTP R . 51.59 14.23 -37.28
N7 DTP R . 50.49 14.56 -38.02
C5 DTP R . 50.04 13.42 -38.59
C6 DTP R . 48.93 13.06 -39.50
N6 DTP R . 48.05 13.98 -39.94
N1 DTP R . 48.83 11.76 -39.87
C2 DTP R . 49.70 10.83 -39.43
N3 DTP R . 50.73 11.10 -38.62
C4 DTP R . 50.95 12.35 -38.17
PG DTP S . 49.40 36.22 -13.32
O1G DTP S . 50.90 36.19 -13.41
O2G DTP S . 48.87 37.08 -12.21
O3G DTP S . 48.75 34.87 -13.44
PB DTP S . 47.40 37.07 -15.07
O1B DTP S . 46.63 36.07 -14.22
O2B DTP S . 47.30 36.99 -16.58
O3B DTP S . 48.95 36.99 -14.66
PA DTP S . 46.93 38.93 -13.05
O1A DTP S . 48.25 39.55 -12.67
O2A DTP S . 46.39 37.74 -12.29
O3A DTP S . 46.98 38.56 -14.61
O5' DTP S . 45.80 40.09 -13.02
C5' DTP S . 45.74 41.00 -11.92
C4' DTP S . 46.96 41.92 -11.96
O4' DTP S . 46.75 42.97 -12.90
C3' DTP S . 47.20 42.56 -10.60
O3' DTP S . 48.50 42.21 -10.12
C2' DTP S . 47.12 44.06 -10.82
C1' DTP S . 46.83 44.26 -12.30
N9 DTP S . 45.55 44.98 -12.47
C8 DTP S . 44.98 45.79 -11.56
N7 DTP S . 43.80 46.29 -12.02
C5 DTP S . 43.60 45.79 -13.25
C6 DTP S . 42.56 45.92 -14.31
N6 DTP S . 41.47 46.70 -14.12
N1 DTP S . 42.75 45.23 -15.45
C2 DTP S . 43.83 44.45 -15.65
N3 DTP S . 44.81 44.29 -14.74
C4 DTP S . 44.76 44.93 -13.54
PG DTP T . 38.90 44.71 20.44
O1G DTP T . 40.36 45.05 20.53
O2G DTP T . 38.23 44.45 21.77
O3G DTP T . 38.57 43.70 19.38
PB DTP T . 36.67 46.09 19.47
O1B DTP T . 36.20 44.66 19.35
O2B DTP T . 36.52 47.03 18.30
O3B DTP T . 38.22 46.07 19.91
PA DTP T . 35.88 45.94 22.15
O1A DTP T . 37.03 46.39 23.01
O2A DTP T . 35.67 44.47 21.84
O3A DTP T . 35.94 46.74 20.75
O5' DTP T . 34.52 46.51 22.81
C5' DTP T . 34.29 46.40 24.21
C4' DTP T . 35.26 47.32 24.95
O4' DTP T . 34.77 48.66 24.92
C3' DTP T . 35.42 46.91 26.40
O3' DTP T . 36.79 46.60 26.68
C2' DTP T . 34.98 48.10 27.23
C1' DTP T . 34.58 49.18 26.24
N9 DTP T . 33.16 49.55 26.43
C8 DTP T . 32.46 49.39 27.58
N7 DTP T . 31.18 49.82 27.43
C5 DTP T . 31.04 50.26 26.16
C6 DTP T . 29.95 50.84 25.35
N6 DTP T . 28.72 51.05 25.87
N1 DTP T . 30.24 51.17 24.06
C2 DTP T . 31.46 50.97 23.53
N3 DTP T . 32.49 50.45 24.23
C4 DTP T . 32.35 50.08 25.51
PG DTP U . 28.37 25.74 49.63
O1G DTP U . 29.71 26.22 50.11
O2G DTP U . 27.84 24.53 50.35
O3G DTP U . 28.23 25.69 48.13
PB DTP U . 25.83 26.92 49.56
O1B DTP U . 25.71 25.90 48.45
O2B DTP U . 25.41 28.35 49.31
O3B DTP U . 27.36 26.93 50.06
PA DTP U . 25.23 24.85 51.33
O1A DTP U . 26.29 24.82 52.40
O2A DTP U . 25.35 23.97 50.10
O3A DTP U . 25.04 26.37 50.85
O5' DTP U . 23.80 24.53 52.02
C5' DTP U . 23.68 23.46 52.96
C4' DTP U . 24.45 23.81 54.23
O4' DTP U . 23.65 24.67 55.05
C3' DTP U . 24.76 22.56 55.05
O3' DTP U . 26.18 22.43 55.21
C2' DTP U . 24.10 22.76 56.39
C1' DTP U . 23.41 24.11 56.34
N9 DTP U . 21.95 23.95 56.55
C8 DTP U . 21.37 22.92 57.20
N7 DTP U . 20.01 23.06 57.22
C5 DTP U . 19.72 24.20 56.57
C6 DTP U . 18.48 24.95 56.22
N6 DTP U . 17.26 24.49 56.59
N1 DTP U . 18.62 26.10 55.53
C2 DTP U . 19.83 26.57 55.16
N3 DTP U . 20.99 25.95 55.44
C4 DTP U . 21.00 24.78 56.13
PG DTP V . 23.97 -9.56 57.14
O1G DTP V . 25.19 -9.27 57.97
O2G DTP V . 23.78 -11.02 56.79
O3G DTP V . 23.78 -8.62 55.98
PB DTP V . 21.23 -9.20 57.56
O1B DTP V . 21.29 -9.20 56.05
O2B DTP V . 20.48 -8.11 58.28
O3B DTP V . 22.74 -9.23 58.12
PA DTP V . 21.21 -11.99 57.41
O1A DTP V . 22.30 -12.52 58.30
O2A DTP V . 21.48 -11.75 55.93
O3A DTP V . 20.65 -10.62 58.04
O5' DTP V . 19.94 -12.98 57.53
C5' DTP V . 20.11 -14.40 57.48
C4' DTP V . 20.84 -14.85 58.75
O4' DTP V . 19.90 -14.95 59.83
C3' DTP V . 21.48 -16.22 58.55
O3' DTP V . 22.89 -16.13 58.76
C2' DTP V . 20.85 -17.13 59.59
C1' DTP V . 19.86 -16.27 60.37
N9 DTP V . 18.50 -16.83 60.24
C8 DTP V . 18.20 -18.11 59.96
N7 DTP V . 16.85 -18.30 59.90
C5 DTP V . 16.27 -17.11 60.15
C6 DTP V . 14.88 -16.60 60.23
N6 DTP V . 13.82 -17.42 60.05
N1 DTP V . 14.71 -15.29 60.52
C2 DTP V . 15.76 -14.46 60.71
N3 DTP V . 17.04 -14.86 60.63
C4 DTP V . 17.35 -16.14 60.37
PG DTP W . 28.29 -40.53 38.57
O1G DTP W . 29.45 -40.65 39.53
O2G DTP W . 28.42 -41.37 37.33
O3G DTP W . 27.82 -39.12 38.33
PB DTP W . 25.56 -41.12 38.79
O1B DTP W . 25.55 -40.08 37.68
O2B DTP W . 24.61 -40.99 39.96
O3B DTP W . 27.06 -41.21 39.37
PA DTP W . 26.19 -42.99 36.81
O1A DTP W . 27.41 -43.75 37.26
O2A DTP W . 26.32 -41.78 35.92
O3A DTP W . 25.35 -42.57 38.12
O5' DTP W . 25.19 -44.03 36.08
C5' DTP W . 25.68 -44.97 35.13
C4' DTP W . 26.55 -46.00 35.85
O4' DTP W . 25.72 -47.00 36.46
C3' DTP W . 27.48 -46.71 34.87
O3' DTP W . 28.85 -46.50 35.25
C2' DTP W . 27.13 -48.18 34.95
C1' DTP W . 26.02 -48.30 35.97
N9 DTP W . 24.81 -48.89 35.33
C8 DTP W . 24.81 -49.67 34.24
N7 DTP W . 23.54 -50.03 33.90
C5 DTP W . 22.71 -49.48 34.80
C6 DTP W . 21.24 -49.46 35.04
N6 DTP W . 20.40 -50.14 34.23
N1 DTP W . 20.79 -48.76 36.10
C2 DTP W . 21.63 -48.09 36.92
N3 DTP W . 22.96 -48.06 36.77
C4 DTP W . 23.55 -48.72 35.74
PG DTP X . 38.79 -49.02 4.81
O1G DTP X . 39.98 -49.51 5.58
O2G DTP X . 39.06 -48.74 3.35
O3G DTP X . 38.00 -47.95 5.51
PB DTP X . 36.29 -50.14 4.24
O1B DTP X . 35.98 -48.67 4.11
O2B DTP X . 35.39 -51.03 5.07
O3B DTP X . 37.80 -50.29 4.79
PA DTP X . 37.24 -50.00 1.61
O1A DTP X . 38.62 -50.59 1.58
O2A DTP X . 37.04 -48.51 1.79
O3A DTP X . 36.39 -50.75 2.76
O5' DTP X . 36.47 -50.45 0.26
C5' DTP X . 37.13 -50.37 -1.00
C4' DTP X . 38.25 -51.40 -1.06
O4' DTP X . 37.70 -52.69 -1.37
C3' DTP X . 39.27 -51.05 -2.13
O3' DTP X . 40.56 -50.89 -1.54
C2' DTP X . 39.28 -52.22 -3.10
C1' DTP X . 38.27 -53.22 -2.57
N9 DTP X . 37.20 -53.45 -3.58
C8 DTP X . 37.33 -53.26 -4.90
N7 DTP X . 36.16 -53.56 -5.54
C5 DTP X . 35.27 -53.95 -4.61
C6 DTP X . 33.86 -54.39 -4.61
N6 DTP X . 33.15 -54.48 -5.76
N1 DTP X . 33.30 -54.70 -3.41
C2 DTP X . 34.00 -54.61 -2.27
N3 DTP X . 35.28 -54.21 -2.20
C4 DTP X . 35.96 -53.88 -3.32
PG DTP Y . -51.47 20.45 29.37
O1G DTP Y . -50.72 19.28 28.77
O2G DTP Y . -51.02 21.80 28.88
O3G DTP Y . -52.97 20.27 29.40
PB DTP Y . -49.50 20.39 31.34
O1B DTP Y . -49.37 19.54 32.59
O2B DTP Y . -48.68 20.04 30.11
O3B DTP Y . -51.05 20.43 30.92
PA DTP Y . -49.19 23.06 30.60
O1A DTP Y . -48.59 22.48 29.34
O2A DTP Y . -50.56 23.70 30.57
O3A DTP Y . -49.19 21.92 31.73
O5' DTP Y . -48.15 24.14 31.20
C5' DTP Y . -48.17 25.49 30.75
C4' DTP Y . -49.45 26.17 31.24
O4' DTP Y . -49.29 26.58 32.60
C3' DTP Y . -49.76 27.41 30.41
O3' DTP Y . -51.04 27.27 29.79
C2' DTP Y . -49.77 28.57 31.38
C1' DTP Y . -49.47 27.99 32.75
N9 DTP Y . -48.23 28.59 33.30
C8 DTP Y . -47.73 29.80 32.96
N7 DTP Y . -46.59 30.07 33.64
C5 DTP Y . -46.34 29.01 34.43
C6 DTP Y . -45.29 28.63 35.41
N6 DTP Y . -44.25 29.47 35.68
N1 DTP Y . -45.40 27.44 36.02
C2 DTP Y . -46.43 26.60 35.76
N3 DTP Y . -47.41 26.87 34.89
C4 DTP Y . -47.42 28.05 34.20
PG DTP Z . -53.33 -15.87 28.89
O1G DTP Z . -52.36 -16.13 27.77
O2G DTP Z . -53.23 -14.49 29.48
O3G DTP Z . -54.74 -16.32 28.60
PB DTP Z . -51.30 -16.85 30.54
O1B DTP Z . -50.92 -18.26 30.91
O2B DTP Z . -50.49 -16.09 29.52
O3B DTP Z . -52.84 -16.84 30.07
PA DTP Z . -51.66 -14.39 31.82
O1A DTP Z . -51.01 -13.82 30.58
O2A DTP Z . -53.14 -14.19 32.06
O3A DTP Z . -51.34 -15.96 31.89
O5' DTP Z . -50.87 -13.82 33.11
C5' DTP Z . -51.23 -12.55 33.68
C4' DTP Z . -52.60 -12.66 34.33
O4' DTP Z . -52.48 -13.26 35.62
C3' DTP Z . -53.24 -11.29 34.51
O3' DTP Z . -54.48 -11.23 33.80
C2' DTP Z . -53.47 -11.13 36.00
C1' DTP Z . -52.97 -12.41 36.65
N9 DTP Z . -51.89 -12.09 37.61
C8 DTP Z . -51.70 -10.92 38.23
N7 DTP Z . -50.62 -10.95 39.04
C5 DTP Z . -50.09 -12.19 38.96
C6 DTP Z . -48.93 -12.90 39.55
N6 DTP Z . -48.11 -12.28 40.43
N1 DTP Z . -48.74 -14.19 39.19
C2 DTP Z . -49.55 -14.80 38.31
N3 DTP Z . -50.60 -14.22 37.73
C4 DTP Z . -50.93 -12.94 38.01
PG DTP AA . -46.70 -41.63 4.09
O1G DTP AA . -45.75 -40.87 3.21
O2G DTP AA . -46.89 -41.04 5.47
O3G DTP AA . -47.98 -42.05 3.42
PB DTP AA . -44.42 -43.03 4.91
O1B DTP AA . -43.70 -44.20 4.28
O2B DTP AA . -43.86 -41.63 4.75
O3B DTP AA . -45.94 -43.02 4.37
PA DTP AA . -45.28 -42.22 7.44
O1A DTP AA . -44.84 -40.85 6.99
O2A DTP AA . -46.75 -42.55 7.56
O3A DTP AA . -44.60 -43.32 6.48
O5' DTP AA . -44.58 -42.53 8.86
C5' DTP AA . -45.19 -42.09 10.08
C4' DTP AA . -46.47 -42.89 10.32
O4' DTP AA . -46.15 -44.17 10.88
C3' DTP AA . -47.40 -42.17 11.29
O3' DTP AA . -48.66 -41.90 10.65
C2' DTP AA . -47.59 -43.11 12.46
C1' DTP AA . -46.78 -44.36 12.15
N9 DTP AA . -45.75 -44.57 13.19
C8 DTP AA . -45.81 -44.11 14.46
N7 DTP AA . -44.72 -44.46 15.17
C5 DTP AA . -43.92 -45.17 14.35
C6 DTP AA . -42.60 -45.85 14.45
N6 DTP AA . -41.90 -45.84 15.61
N1 DTP AA . -42.13 -46.46 13.35
C2 DTP AA . -42.82 -46.48 12.19
N3 DTP AA . -44.01 -45.90 12.03
C4 DTP AA . -44.61 -45.23 13.05
PG DTP BA . -35.47 -41.75 -30.50
O1G DTP BA . -34.77 -40.42 -30.51
O2G DTP BA . -35.72 -42.29 -29.11
O3G DTP BA . -36.64 -41.84 -31.43
PB DTP BA . -32.89 -42.82 -30.55
O1B DTP BA . -31.95 -43.09 -31.70
O2B DTP BA . -32.68 -41.62 -29.66
O3B DTP BA . -34.39 -42.77 -31.12
PA DTP BA . -33.79 -44.15 -28.25
O1A DTP BA . -33.70 -42.78 -27.62
O2A DTP BA . -35.13 -44.76 -28.56
O3A DTP BA . -32.92 -44.13 -29.61
O5' DTP BA . -32.97 -45.18 -27.32
C5' DTP BA . -33.61 -45.82 -26.22
C4' DTP BA . -34.65 -46.81 -26.73
O4' DTP BA . -34.01 -48.02 -27.13
C3' DTP BA . -35.67 -47.14 -25.65
O3' DTP BA . -36.99 -46.78 -26.09
C2' DTP BA . -35.58 -48.64 -25.44
C1' DTP BA . -34.52 -49.14 -26.40
N9 DTP BA . -33.42 -49.79 -25.65
C8 DTP BA . -33.53 -50.33 -24.42
N7 DTP BA . -32.34 -50.84 -24.00
C5 DTP BA . -31.44 -50.63 -24.98
C6 DTP BA . -30.00 -50.90 -25.18
N6 DTP BA . -29.27 -51.54 -24.24
N1 DTP BA . -29.45 -50.51 -26.36
C2 DTP BA . -30.17 -49.87 -27.30
N3 DTP BA . -31.47 -49.58 -27.17
C4 DTP BA . -32.16 -49.93 -26.06
PG DTP CA . -26.21 -16.15 -54.61
O1G DTP CA . -25.84 -15.05 -53.65
O2G DTP CA . -26.27 -17.53 -53.99
O3G DTP CA . -27.38 -15.83 -55.50
PB DTP CA . -23.46 -16.36 -55.05
O1B DTP CA . -22.54 -15.57 -55.95
O2B DTP CA . -23.49 -16.05 -53.56
O3B DTP CA . -24.96 -16.23 -55.62
PA DTP CA . -23.92 -19.02 -54.36
O1A DTP CA . -24.12 -18.47 -52.97
O2A DTP CA . -25.09 -19.52 -55.16
O3A DTP CA . -23.14 -17.92 -55.24
O5' DTP CA . -22.83 -20.22 -54.26
C5' DTP CA . -23.25 -21.55 -53.95
C4' DTP CA . -24.06 -22.11 -55.12
O4' DTP CA . -23.17 -22.58 -56.14
C3' DTP CA . -24.92 -23.28 -54.68
O3' DTP CA . -26.30 -23.00 -54.92
C2' DTP CA . -24.47 -24.47 -55.51
C1' DTP CA . -23.37 -23.96 -56.42
N9 DTP CA . -22.12 -24.71 -56.16
C8 DTP CA . -22.03 -25.95 -55.63
N7 DTP CA . -20.74 -26.35 -55.51
C5 DTP CA . -19.97 -25.35 -55.98
C6 DTP CA . -18.51 -25.11 -56.14
N6 DTP CA . -17.61 -26.05 -55.78
N1 DTP CA . -18.13 -23.93 -56.66
C2 DTP CA . -19.02 -22.99 -57.03
N3 DTP CA . -20.34 -23.13 -56.91
C4 DTP CA . -20.88 -24.27 -56.40
PG DTP DA . -24.36 20.16 -54.13
O1G DTP DA . -24.21 20.36 -52.65
O2G DTP DA . -24.06 18.76 -54.60
O3G DTP DA . -25.61 20.76 -54.71
PB DTP DA . -21.66 20.88 -54.25
O1B DTP DA . -20.99 22.23 -54.28
O2B DTP DA . -21.69 20.08 -52.97
O3B DTP DA . -23.17 21.04 -54.77
PA DTP DA . -21.44 18.43 -55.58
O1A DTP DA . -21.70 17.84 -54.21
O2A DTP DA . -22.51 18.37 -56.64
O3A DTP DA . -20.99 19.96 -55.39
O5' DTP DA . -20.11 17.74 -56.17
C5' DTP DA . -20.19 16.50 -56.88
C4' DTP DA . -20.90 16.73 -58.21
O4' DTP DA . -19.98 17.27 -59.16
C3' DTP DA . -21.45 15.42 -58.77
O3' DTP DA . -22.86 15.51 -58.93
C2' DTP DA . -20.78 15.23 -60.12
C1' DTP DA . -19.87 16.43 -60.32
N9 DTP DA . -18.46 15.99 -60.47
C8 DTP DA . -18.07 14.77 -60.89
N7 DTP DA . -16.71 14.67 -60.92
C5 DTP DA . -16.22 15.85 -60.49
C6 DTP DA . -14.87 16.42 -60.28
N6 DTP DA . -13.75 15.70 -60.53
N1 DTP DA . -14.80 17.70 -59.83
C2 DTP DA . -15.90 18.43 -59.58
N3 DTP DA . -17.14 17.97 -59.76
C4 DTP DA . -17.37 16.71 -60.20
PG DTP EA . -30.99 45.92 -29.34
O1G DTP EA . -30.82 45.10 -28.09
O2G DTP EA . -30.40 45.31 -30.58
O3G DTP EA . -32.37 46.49 -29.52
PB DTP EA . -28.54 47.06 -28.62
O1B DTP EA . -28.21 48.17 -27.65
O2B DTP EA . -28.32 45.62 -28.20
O3B DTP EA . -30.07 47.22 -29.07
PA DTP EA . -27.83 46.26 -31.20
O1A DTP EA . -27.87 44.87 -30.61
O2A DTP EA . -28.90 46.73 -32.14
O3A DTP EA . -27.73 47.32 -29.99
O5' DTP EA . -26.40 46.45 -31.93
C5' DTP EA . -26.22 46.04 -33.28
C4' DTP EA . -27.03 46.96 -34.20
O4' DTP EA . -26.31 48.17 -34.43
C3' DTP EA . -27.28 46.30 -35.55
O3' DTP EA . -28.69 46.18 -35.78
C2' DTP EA . -26.65 47.22 -36.58
C1' DTP EA . -26.06 48.38 -35.82
N9 DTP EA . -24.60 48.45 -36.05
C8 DTP EA . -23.95 47.96 -37.13
N7 DTP EA . -22.62 48.18 -37.05
C5 DTP EA . -22.39 48.83 -35.89
C6 DTP EA . -21.20 49.37 -35.18
N6 DTP EA . -19.96 49.25 -35.71
N1 DTP EA . -21.40 49.97 -34.00
C2 DTP EA . -22.63 50.10 -33.46
N3 DTP EA . -23.74 49.64 -34.04
C4 DTP EA . -23.69 49.00 -35.24
#